data_9K89
#
_entry.id   9K89
#
_cell.length_a   1.00
_cell.length_b   1.00
_cell.length_c   1.00
_cell.angle_alpha   90.00
_cell.angle_beta   90.00
_cell.angle_gamma   90.00
#
_symmetry.space_group_name_H-M   'P 1'
#
loop_
_entity.id
_entity.type
_entity.pdbx_description
1 polymer Cage-i53-Zn1-HEHE-6
2 non-polymer 'ZINC ION'
#
_entity_poly.entity_id   1
_entity_poly.type   'polypeptide(L)'
_entity_poly.pdbx_seq_one_letter_code
;MGHHHHHHHHSSGLEVLFQGPGGTVVEEVRRFAEELAEEVLRVGGEAMRPYAEMVRHLGEAAVAALEGRAEEADRLVRDV
LEMAREVGAEGLARLLERVHREARELLREGRREEAAALVLAAALAAGAVAVAEAYVRLGQPIRLIAEYVAERLVELAELL
RRLGVPLRRIIRLLEEVLRVVAEALRRAGVPEPEIRKVEAAAYIRLAAYLLRQLGYEALAKRLLEARELLLEGRVEEAAH
LLEDVYALFHREIERLGFEAPEELRVADLLLARAIALIKAI
;
_entity_poly.pdbx_strand_id   A,B,C,D,E,F,Q,b,m,x,G,R,c,n,y,H,S,d,o,z,I,T,e,p,0,J,U,f,q,1,K,V,g,r,2,L,W,h,s,3,M,X,i,t,4,N,Y,j,u,5,O,Z,k,v,6,P,a,l,w,7
#
# COMPACT_ATOMS: atom_id res chain seq x y z
N THR A 24 51.59 87.24 -58.01
CA THR A 24 50.94 86.16 -58.75
C THR A 24 50.69 84.96 -57.84
N VAL A 25 51.33 84.97 -56.67
CA VAL A 25 51.27 83.82 -55.78
C VAL A 25 49.85 83.58 -55.32
N VAL A 26 49.13 84.63 -54.92
CA VAL A 26 47.75 84.47 -54.52
C VAL A 26 46.89 84.04 -55.69
N GLU A 27 47.21 84.52 -56.90
CA GLU A 27 46.51 84.04 -58.08
C GLU A 27 46.79 82.56 -58.32
N GLU A 28 48.02 82.12 -58.07
CA GLU A 28 48.34 80.70 -58.20
C GLU A 28 47.55 79.87 -57.20
N VAL A 29 47.42 80.35 -55.96
CA VAL A 29 46.65 79.61 -54.96
C VAL A 29 45.17 79.55 -55.36
N ARG A 30 44.63 80.67 -55.84
CA ARG A 30 43.24 80.66 -56.30
C ARG A 30 43.05 79.70 -57.46
N ARG A 31 43.96 79.73 -58.44
CA ARG A 31 43.85 78.84 -59.59
C ARG A 31 43.95 77.38 -59.16
N PHE A 32 44.87 77.07 -58.25
CA PHE A 32 45.01 75.72 -57.75
C PHE A 32 43.72 75.23 -57.08
N ALA A 33 43.15 76.07 -56.22
CA ALA A 33 41.93 75.67 -55.52
C ALA A 33 40.77 75.48 -56.48
N GLU A 34 40.58 76.42 -57.42
CA GLU A 34 39.47 76.31 -58.35
C GLU A 34 39.63 75.11 -59.27
N GLU A 35 40.85 74.85 -59.75
CA GLU A 35 41.06 73.69 -60.61
C GLU A 35 40.78 72.40 -59.87
N LEU A 36 41.22 72.30 -58.61
CA LEU A 36 40.93 71.09 -57.85
C LEU A 36 39.43 70.93 -57.63
N ALA A 37 38.72 72.02 -57.35
CA ALA A 37 37.28 71.95 -57.15
C ALA A 37 36.55 71.55 -58.43
N GLU A 38 36.96 72.11 -59.57
CA GLU A 38 36.35 71.73 -60.85
C GLU A 38 36.59 70.26 -61.14
N GLU A 39 37.80 69.75 -60.87
CA GLU A 39 38.05 68.33 -61.09
C GLU A 39 37.22 67.48 -60.16
N VAL A 40 37.03 67.91 -58.93
CA VAL A 40 36.17 67.16 -58.01
C VAL A 40 34.76 67.06 -58.57
N LEU A 41 34.25 68.19 -59.08
CA LEU A 41 32.90 68.20 -59.64
C LEU A 41 32.79 67.35 -60.90
N ARG A 42 33.81 67.42 -61.76
CA ARG A 42 33.78 66.62 -62.99
C ARG A 42 33.80 65.13 -62.68
N VAL A 43 34.66 64.70 -61.77
CA VAL A 43 34.76 63.28 -61.47
C VAL A 43 33.52 62.80 -60.73
N GLY A 44 33.07 63.53 -59.73
CA GLY A 44 31.97 63.09 -58.90
C GLY A 44 30.62 63.69 -59.20
N GLY A 45 30.56 64.68 -60.10
CA GLY A 45 29.28 65.26 -60.43
C GLY A 45 28.68 66.07 -59.29
N GLU A 46 27.35 66.09 -59.27
CA GLU A 46 26.61 66.76 -58.22
C GLU A 46 26.45 65.89 -56.99
N ALA A 47 26.96 64.66 -57.00
CA ALA A 47 26.89 63.81 -55.83
C ALA A 47 27.63 64.44 -54.66
N MET A 48 28.83 64.97 -54.90
CA MET A 48 29.64 65.63 -53.89
C MET A 48 29.86 67.08 -54.32
N ARG A 49 28.89 67.92 -53.99
CA ARG A 49 29.01 69.37 -54.05
C ARG A 49 29.69 69.94 -52.80
N PRO A 50 29.44 69.39 -51.59
CA PRO A 50 30.15 69.91 -50.41
C PRO A 50 31.65 70.00 -50.56
N TYR A 51 32.28 69.01 -51.18
CA TYR A 51 33.75 69.00 -51.28
C TYR A 51 34.25 70.14 -52.16
N ALA A 52 33.50 70.48 -53.21
CA ALA A 52 33.88 71.64 -54.02
C ALA A 52 33.82 72.92 -53.18
N GLU A 53 32.82 73.05 -52.33
CA GLU A 53 32.74 74.21 -51.46
C GLU A 53 33.87 74.23 -50.44
N MET A 54 34.22 73.08 -49.87
CA MET A 54 35.34 73.04 -48.94
C MET A 54 36.63 73.45 -49.63
N VAL A 55 36.87 72.94 -50.83
CA VAL A 55 38.09 73.30 -51.55
C VAL A 55 38.11 74.80 -51.83
N ARG A 56 36.98 75.35 -52.27
CA ARG A 56 36.96 76.76 -52.65
C ARG A 56 37.13 77.68 -51.43
N HIS A 57 36.49 77.34 -50.30
CA HIS A 57 36.69 78.14 -49.09
C HIS A 57 38.09 77.99 -48.52
N LEU A 58 38.69 76.80 -48.59
CA LEU A 58 40.06 76.67 -48.11
C LEU A 58 41.02 77.45 -48.99
N GLY A 59 40.78 77.48 -50.30
CA GLY A 59 41.54 78.36 -51.16
C GLY A 59 41.36 79.83 -50.78
N GLU A 60 40.14 80.22 -50.45
CA GLU A 60 39.90 81.61 -50.04
C GLU A 60 40.60 81.94 -48.73
N ALA A 61 40.57 81.03 -47.76
CA ALA A 61 41.26 81.26 -46.50
C ALA A 61 42.76 81.39 -46.72
N ALA A 62 43.32 80.54 -47.59
CA ALA A 62 44.74 80.62 -47.89
C ALA A 62 45.10 81.95 -48.53
N VAL A 63 44.30 82.41 -49.50
CA VAL A 63 44.66 83.67 -50.16
C VAL A 63 44.45 84.85 -49.22
N ALA A 64 43.46 84.77 -48.32
CA ALA A 64 43.31 85.78 -47.29
C ALA A 64 44.55 85.86 -46.42
N ALA A 65 45.05 84.69 -45.99
CA ALA A 65 46.25 84.68 -45.15
C ALA A 65 47.46 85.25 -45.90
N LEU A 66 47.59 84.91 -47.19
CA LEU A 66 48.67 85.48 -47.99
C LEU A 66 48.51 86.98 -48.22
N GLU A 67 47.30 87.52 -48.11
CA GLU A 67 47.10 88.95 -48.37
C GLU A 67 46.70 89.71 -47.11
N GLY A 68 47.43 89.48 -46.03
CA GLY A 68 47.10 90.09 -44.76
C GLY A 68 46.19 89.20 -43.95
N ARG A 69 45.43 89.83 -43.04
CA ARG A 69 44.34 89.19 -42.32
C ARG A 69 44.80 88.07 -41.38
N ALA A 70 44.04 87.86 -40.31
CA ALA A 70 44.20 86.70 -39.45
C ALA A 70 42.88 86.15 -38.93
N GLU A 71 41.80 86.91 -39.03
CA GLU A 71 40.49 86.54 -38.52
C GLU A 71 39.60 85.92 -39.58
N GLU A 72 39.69 86.41 -40.81
CA GLU A 72 38.95 85.80 -41.91
C GLU A 72 39.41 84.37 -42.14
N ALA A 73 40.72 84.14 -42.04
CA ALA A 73 41.23 82.78 -42.16
C ALA A 73 40.67 81.89 -41.06
N ASP A 74 40.62 82.39 -39.84
CA ASP A 74 40.02 81.66 -38.73
C ASP A 74 38.57 81.30 -39.03
N ARG A 75 37.79 82.28 -39.49
CA ARG A 75 36.36 82.05 -39.73
C ARG A 75 36.16 81.03 -40.85
N LEU A 76 36.89 81.17 -41.95
CA LEU A 76 36.72 80.26 -43.07
C LEU A 76 37.12 78.84 -42.69
N VAL A 77 38.21 78.69 -41.92
CA VAL A 77 38.62 77.36 -41.51
C VAL A 77 37.58 76.75 -40.56
N ARG A 78 36.98 77.57 -39.70
CA ARG A 78 35.92 77.06 -38.82
C ARG A 78 34.68 76.64 -39.62
N ASP A 79 34.31 77.42 -40.63
CA ASP A 79 33.19 77.06 -41.48
C ASP A 79 33.45 75.74 -42.20
N VAL A 80 34.65 75.59 -42.75
CA VAL A 80 35.01 74.36 -43.46
C VAL A 80 35.03 73.19 -42.49
N LEU A 81 35.46 73.42 -41.25
CA LEU A 81 35.40 72.37 -40.24
C LEU A 81 33.94 71.97 -39.98
N GLU A 82 33.03 72.94 -39.96
CA GLU A 82 31.62 72.62 -39.78
C GLU A 82 31.09 71.75 -40.93
N MET A 83 31.44 72.11 -42.18
CA MET A 83 31.03 71.29 -43.31
C MET A 83 31.60 69.88 -43.19
N ALA A 84 32.87 69.78 -42.82
CA ALA A 84 33.47 68.47 -42.66
C ALA A 84 32.76 67.66 -41.58
N ARG A 85 32.34 68.32 -40.51
CA ARG A 85 31.60 67.64 -39.45
C ARG A 85 30.27 67.09 -39.97
N GLU A 86 29.54 67.92 -40.73
CA GLU A 86 28.21 67.46 -41.14
C GLU A 86 28.27 66.40 -42.23
N VAL A 87 29.21 66.53 -43.17
CA VAL A 87 29.32 65.57 -44.26
C VAL A 87 29.66 64.18 -43.74
N GLY A 88 30.60 64.11 -42.80
CA GLY A 88 31.05 62.85 -42.25
C GLY A 88 32.53 62.60 -42.40
N ALA A 89 33.30 63.54 -42.97
CA ALA A 89 34.73 63.37 -43.11
C ALA A 89 35.39 63.48 -41.75
N GLU A 90 36.01 62.40 -41.28
CA GLU A 90 36.64 62.39 -39.97
C GLU A 90 38.07 62.88 -40.02
N GLY A 91 38.91 62.23 -40.84
CA GLY A 91 40.30 62.64 -40.94
C GLY A 91 40.44 64.07 -41.42
N LEU A 92 39.58 64.47 -42.36
CA LEU A 92 39.60 65.85 -42.82
C LEU A 92 39.25 66.81 -41.70
N ALA A 93 38.27 66.46 -40.87
CA ALA A 93 37.90 67.32 -39.75
C ALA A 93 39.06 67.45 -38.76
N ARG A 94 39.73 66.33 -38.45
CA ARG A 94 40.87 66.40 -37.54
C ARG A 94 41.95 67.31 -38.10
N LEU A 95 42.30 67.13 -39.37
CA LEU A 95 43.33 67.98 -39.95
C LEU A 95 42.89 69.43 -39.97
N LEU A 96 41.58 69.67 -40.09
CA LEU A 96 41.10 71.05 -40.12
C LEU A 96 41.22 71.70 -38.75
N GLU A 97 40.94 70.96 -37.68
CA GLU A 97 41.21 71.48 -36.33
C GLU A 97 42.69 71.80 -36.17
N ARG A 98 43.56 70.90 -36.63
CA ARG A 98 44.99 71.10 -36.48
C ARG A 98 45.47 72.33 -37.24
N VAL A 99 45.02 72.51 -38.49
CA VAL A 99 45.44 73.70 -39.24
C VAL A 99 44.87 74.95 -38.58
N HIS A 100 43.67 74.85 -37.99
CA HIS A 100 43.11 75.99 -37.28
C HIS A 100 44.05 76.46 -36.18
N ARG A 101 44.44 75.55 -35.28
CA ARG A 101 45.29 75.93 -34.15
C ARG A 101 46.64 76.44 -34.61
N GLU A 102 47.31 75.68 -35.49
CA GLU A 102 48.62 76.14 -35.95
C GLU A 102 48.52 77.48 -36.68
N ALA A 103 47.60 77.61 -37.63
CA ALA A 103 47.46 78.87 -38.36
C ALA A 103 47.31 80.02 -37.39
N ARG A 104 46.56 79.84 -36.30
CA ARG A 104 46.52 80.87 -35.27
C ARG A 104 47.91 81.16 -34.73
N GLU A 105 48.65 80.11 -34.37
CA GLU A 105 49.96 80.32 -33.73
C GLU A 105 50.94 81.05 -34.65
N LEU A 106 51.11 80.55 -35.87
CA LEU A 106 52.06 81.19 -36.77
C LEU A 106 51.58 82.55 -37.26
N LEU A 107 50.27 82.78 -37.35
CA LEU A 107 49.82 84.12 -37.70
C LEU A 107 50.08 85.09 -36.56
N ARG A 108 50.03 84.62 -35.32
CA ARG A 108 50.48 85.46 -34.20
C ARG A 108 51.96 85.76 -34.29
N GLU A 109 52.77 84.75 -34.66
CA GLU A 109 54.20 84.93 -34.78
C GLU A 109 54.60 85.77 -36.00
N GLY A 110 53.65 86.07 -36.88
CA GLY A 110 53.94 86.92 -38.03
C GLY A 110 54.38 86.19 -39.28
N ARG A 111 54.57 84.87 -39.23
CA ARG A 111 54.94 84.09 -40.40
C ARG A 111 53.66 83.74 -41.17
N ARG A 112 53.63 84.08 -42.45
CA ARG A 112 52.42 83.93 -43.26
C ARG A 112 52.48 82.77 -44.25
N GLU A 113 53.66 82.51 -44.83
CA GLU A 113 53.74 81.50 -45.87
C GLU A 113 53.38 80.12 -45.35
N GLU A 114 53.84 79.78 -44.15
CA GLU A 114 53.60 78.44 -43.63
C GLU A 114 52.13 78.22 -43.25
N ALA A 115 51.43 79.25 -42.79
CA ALA A 115 50.01 79.11 -42.50
C ALA A 115 49.22 78.81 -43.77
N ALA A 116 49.50 79.56 -44.84
CA ALA A 116 48.89 79.26 -46.13
C ALA A 116 49.32 77.89 -46.64
N ALA A 117 50.53 77.45 -46.30
CA ALA A 117 50.96 76.12 -46.69
C ALA A 117 50.12 75.05 -46.01
N LEU A 118 49.84 75.21 -44.73
CA LEU A 118 48.95 74.28 -44.05
C LEU A 118 47.55 74.31 -44.66
N VAL A 119 47.06 75.50 -44.98
CA VAL A 119 45.72 75.60 -45.57
C VAL A 119 45.66 74.94 -46.94
N LEU A 120 46.69 75.15 -47.77
CA LEU A 120 46.74 74.53 -49.09
C LEU A 120 46.82 73.02 -48.98
N ALA A 121 47.60 72.51 -48.03
CA ALA A 121 47.61 71.07 -47.79
C ALA A 121 46.23 70.57 -47.42
N ALA A 122 45.50 71.34 -46.60
CA ALA A 122 44.14 70.95 -46.22
C ALA A 122 43.21 70.91 -47.42
N ALA A 123 43.29 71.91 -48.29
CA ALA A 123 42.46 71.94 -49.49
C ALA A 123 42.76 70.75 -50.38
N LEU A 124 44.05 70.44 -50.58
CA LEU A 124 44.42 69.29 -51.39
C LEU A 124 43.94 68.00 -50.77
N ALA A 125 44.00 67.88 -49.44
CA ALA A 125 43.49 66.68 -48.80
C ALA A 125 41.99 66.53 -49.06
N ALA A 126 41.24 67.62 -48.95
CA ALA A 126 39.79 67.55 -49.19
C ALA A 126 39.48 67.14 -50.64
N GLY A 127 40.14 67.79 -51.60
CA GLY A 127 39.90 67.46 -52.99
C GLY A 127 40.29 66.04 -53.34
N ALA A 128 41.46 65.61 -52.88
CA ALA A 128 41.92 64.26 -53.17
C ALA A 128 41.04 63.22 -52.50
N VAL A 129 40.55 63.50 -51.30
CA VAL A 129 39.60 62.59 -50.65
C VAL A 129 38.33 62.46 -51.47
N ALA A 130 37.81 63.59 -51.96
CA ALA A 130 36.60 63.54 -52.78
C ALA A 130 36.83 62.70 -54.03
N VAL A 131 37.89 62.98 -54.77
CA VAL A 131 38.12 62.28 -56.04
C VAL A 131 38.40 60.80 -55.80
N ALA A 132 39.15 60.48 -54.75
CA ALA A 132 39.44 59.08 -54.47
C ALA A 132 38.18 58.32 -54.10
N GLU A 133 37.29 58.93 -53.31
CA GLU A 133 36.03 58.26 -52.99
C GLU A 133 35.17 58.09 -54.24
N ALA A 134 35.22 59.07 -55.15
CA ALA A 134 34.51 58.92 -56.41
C ALA A 134 35.04 57.74 -57.21
N TYR A 135 36.37 57.62 -57.31
CA TYR A 135 36.98 56.53 -58.05
C TYR A 135 36.63 55.19 -57.44
N VAL A 136 36.64 55.11 -56.11
CA VAL A 136 36.31 53.86 -55.45
C VAL A 136 34.84 53.50 -55.64
N ARG A 137 33.96 54.52 -55.64
CA ARG A 137 32.53 54.25 -55.78
C ARG A 137 32.20 53.61 -57.12
N LEU A 138 32.82 54.10 -58.20
CA LEU A 138 32.57 53.56 -59.53
C LEU A 138 33.59 52.52 -59.95
N GLY A 139 34.38 52.00 -59.01
CA GLY A 139 35.20 50.81 -59.25
C GLY A 139 36.31 50.92 -60.27
N GLN A 140 37.05 52.02 -60.28
CA GLN A 140 38.20 52.13 -61.16
C GLN A 140 39.42 51.47 -60.52
N PRO A 141 40.42 51.08 -61.33
CA PRO A 141 41.57 50.36 -60.77
C PRO A 141 42.40 51.24 -59.86
N ILE A 142 43.19 50.57 -59.01
CA ILE A 142 44.00 51.26 -58.00
C ILE A 142 45.19 52.01 -58.61
N ARG A 143 45.68 51.57 -59.77
CA ARG A 143 46.73 52.33 -60.43
C ARG A 143 46.32 53.77 -60.65
N LEU A 144 45.05 53.99 -60.99
CA LEU A 144 44.57 55.35 -61.26
C LEU A 144 44.61 56.21 -60.02
N ILE A 145 44.13 55.69 -58.89
CA ILE A 145 44.18 56.45 -57.64
C ILE A 145 45.63 56.74 -57.27
N ALA A 146 46.50 55.74 -57.38
CA ALA A 146 47.90 55.94 -56.98
C ALA A 146 48.58 56.99 -57.83
N GLU A 147 48.40 56.92 -59.15
CA GLU A 147 49.04 57.90 -60.03
C GLU A 147 48.46 59.28 -59.82
N TYR A 148 47.14 59.38 -59.64
CA TYR A 148 46.51 60.67 -59.38
C TYR A 148 47.08 61.32 -58.14
N VAL A 149 47.08 60.59 -57.02
CA VAL A 149 47.54 61.16 -55.77
C VAL A 149 49.00 61.55 -55.85
N ALA A 150 49.84 60.69 -56.43
CA ALA A 150 51.26 60.99 -56.52
C ALA A 150 51.51 62.25 -57.35
N GLU A 151 50.81 62.41 -58.47
CA GLU A 151 51.03 63.59 -59.29
C GLU A 151 50.53 64.84 -58.58
N ARG A 152 49.43 64.73 -57.84
CA ARG A 152 48.95 65.88 -57.08
C ARG A 152 49.96 66.29 -56.02
N LEU A 153 50.55 65.32 -55.32
CA LEU A 153 51.55 65.64 -54.32
C LEU A 153 52.76 66.32 -54.94
N VAL A 154 53.18 65.86 -56.11
CA VAL A 154 54.32 66.49 -56.77
C VAL A 154 53.99 67.94 -57.14
N GLU A 155 52.78 68.19 -57.66
CA GLU A 155 52.40 69.55 -58.00
C GLU A 155 52.36 70.45 -56.77
N LEU A 156 51.79 69.96 -55.67
CA LEU A 156 51.77 70.73 -54.44
C LEU A 156 53.17 71.02 -53.93
N ALA A 157 54.08 70.03 -54.02
CA ALA A 157 55.45 70.25 -53.57
C ALA A 157 56.12 71.33 -54.41
N GLU A 158 55.85 71.34 -55.71
CA GLU A 158 56.40 72.41 -56.55
C GLU A 158 55.86 73.76 -56.13
N LEU A 159 54.55 73.84 -55.84
CA LEU A 159 53.97 75.10 -55.41
C LEU A 159 54.59 75.58 -54.10
N LEU A 160 54.70 74.69 -53.11
CA LEU A 160 55.26 75.07 -51.82
C LEU A 160 56.72 75.47 -51.94
N ARG A 161 57.46 74.83 -52.86
CA ARG A 161 58.81 75.29 -53.14
C ARG A 161 58.80 76.70 -53.72
N ARG A 162 57.80 77.01 -54.56
CA ARG A 162 57.71 78.36 -55.10
C ARG A 162 57.44 79.39 -54.00
N LEU A 163 56.55 79.07 -53.06
CA LEU A 163 56.22 80.01 -51.99
C LEU A 163 57.44 80.32 -51.12
N GLY A 164 58.09 79.28 -50.61
CA GLY A 164 59.26 79.48 -49.78
C GLY A 164 59.34 78.63 -48.53
N VAL A 165 58.41 77.69 -48.37
CA VAL A 165 58.42 76.83 -47.19
C VAL A 165 59.68 75.98 -47.19
N PRO A 166 60.32 75.75 -46.04
CA PRO A 166 61.46 74.84 -45.99
C PRO A 166 61.05 73.40 -46.30
N LEU A 167 62.01 72.65 -46.82
CA LEU A 167 61.71 71.37 -47.48
C LEU A 167 61.15 70.35 -46.49
N ARG A 168 61.63 70.34 -45.27
CA ARG A 168 61.20 69.31 -44.34
C ARG A 168 59.80 69.55 -43.89
N ARG A 169 59.36 70.79 -43.83
CA ARG A 169 57.94 71.09 -43.63
C ARG A 169 57.12 70.65 -44.84
N ILE A 170 57.66 70.81 -46.04
CA ILE A 170 56.97 70.34 -47.24
C ILE A 170 56.68 68.85 -47.11
N ILE A 171 57.71 68.07 -46.77
CA ILE A 171 57.54 66.62 -46.72
C ILE A 171 56.58 66.23 -45.60
N ARG A 172 56.62 66.98 -44.48
CA ARG A 172 55.69 66.68 -43.39
C ARG A 172 54.24 66.94 -43.80
N LEU A 173 54.00 68.05 -44.50
CA LEU A 173 52.64 68.32 -44.97
C LEU A 173 52.18 67.28 -45.98
N LEU A 174 53.07 66.87 -46.88
CA LEU A 174 52.71 65.87 -47.88
C LEU A 174 52.37 64.54 -47.21
N GLU A 175 53.11 64.17 -46.16
CA GLU A 175 52.77 62.96 -45.43
C GLU A 175 51.44 63.09 -44.70
N GLU A 176 51.11 64.29 -44.21
CA GLU A 176 49.79 64.47 -43.60
C GLU A 176 48.68 64.28 -44.63
N VAL A 177 48.87 64.83 -45.83
CA VAL A 177 47.90 64.65 -46.91
C VAL A 177 47.74 63.17 -47.22
N LEU A 178 48.85 62.45 -47.33
CA LEU A 178 48.80 61.02 -47.63
C LEU A 178 48.06 60.26 -46.53
N ARG A 179 48.27 60.66 -45.27
CA ARG A 179 47.58 59.99 -44.18
C ARG A 179 46.07 60.20 -44.27
N VAL A 180 45.64 61.43 -44.58
CA VAL A 180 44.22 61.68 -44.73
C VAL A 180 43.63 60.86 -45.87
N VAL A 181 44.33 60.81 -47.00
CA VAL A 181 43.85 60.06 -48.16
C VAL A 181 43.75 58.58 -47.82
N ALA A 182 44.75 58.04 -47.11
CA ALA A 182 44.70 56.63 -46.73
C ALA A 182 43.53 56.35 -45.80
N GLU A 183 43.25 57.25 -44.85
CA GLU A 183 42.09 57.07 -43.99
C GLU A 183 40.79 57.08 -44.79
N ALA A 184 40.69 58.00 -45.76
CA ALA A 184 39.50 58.06 -46.60
C ALA A 184 39.31 56.75 -47.36
N LEU A 185 40.39 56.23 -47.96
CA LEU A 185 40.30 54.98 -48.70
C LEU A 185 39.97 53.81 -47.78
N ARG A 186 40.44 53.86 -46.53
CA ARG A 186 40.08 52.82 -45.59
C ARG A 186 38.59 52.85 -45.27
N ARG A 187 38.02 54.04 -45.10
CA ARG A 187 36.59 54.14 -44.81
C ARG A 187 35.73 53.69 -45.99
N ALA A 188 36.27 53.75 -47.21
CA ALA A 188 35.53 53.32 -48.38
C ALA A 188 35.64 51.82 -48.63
N GLY A 189 36.30 51.08 -47.74
CA GLY A 189 36.39 49.64 -47.87
C GLY A 189 37.52 49.12 -48.73
N VAL A 190 38.42 49.98 -49.19
CA VAL A 190 39.55 49.51 -50.01
C VAL A 190 40.44 48.61 -49.16
N PRO A 191 40.84 47.45 -49.64
CA PRO A 191 41.67 46.55 -48.82
C PRO A 191 43.02 47.19 -48.49
N GLU A 192 43.55 46.80 -47.33
CA GLU A 192 44.76 47.43 -46.81
C GLU A 192 45.96 47.33 -47.75
N PRO A 193 46.27 46.18 -48.37
CA PRO A 193 47.43 46.14 -49.27
C PRO A 193 47.37 47.15 -50.39
N GLU A 194 46.19 47.45 -50.92
CA GLU A 194 46.10 48.47 -51.95
C GLU A 194 46.42 49.86 -51.40
N ILE A 195 46.03 50.13 -50.15
CA ILE A 195 46.40 51.39 -49.52
C ILE A 195 47.92 51.48 -49.37
N ARG A 196 48.55 50.39 -48.94
CA ARG A 196 50.00 50.39 -48.82
C ARG A 196 50.66 50.59 -50.17
N LYS A 197 50.11 49.99 -51.23
CA LYS A 197 50.65 50.21 -52.57
C LYS A 197 50.52 51.67 -52.97
N VAL A 198 49.40 52.30 -52.65
CA VAL A 198 49.22 53.71 -52.96
C VAL A 198 50.29 54.55 -52.28
N GLU A 199 50.47 54.34 -50.98
CA GLU A 199 51.45 55.14 -50.24
C GLU A 199 52.87 54.89 -50.73
N ALA A 200 53.23 53.62 -50.97
CA ALA A 200 54.58 53.31 -51.43
C ALA A 200 54.85 53.92 -52.79
N ALA A 201 53.86 53.90 -53.69
CA ALA A 201 54.02 54.58 -54.96
C ALA A 201 54.21 56.07 -54.77
N ALA A 202 53.47 56.66 -53.84
CA ALA A 202 53.63 58.10 -53.57
C ALA A 202 55.02 58.41 -53.08
N TYR A 203 55.56 57.59 -52.18
CA TYR A 203 56.89 57.83 -51.63
C TYR A 203 57.97 57.66 -52.69
N ILE A 204 57.83 56.65 -53.56
CA ILE A 204 58.82 56.46 -54.61
C ILE A 204 58.76 57.62 -55.61
N ARG A 205 57.56 58.12 -55.90
CA ARG A 205 57.46 59.28 -56.79
C ARG A 205 58.10 60.51 -56.16
N LEU A 206 57.85 60.74 -54.86
CA LEU A 206 58.46 61.89 -54.20
C LEU A 206 59.97 61.77 -54.15
N ALA A 207 60.49 60.57 -53.87
CA ALA A 207 61.93 60.35 -53.83
C ALA A 207 62.55 60.59 -55.19
N ALA A 208 61.92 60.10 -56.25
CA ALA A 208 62.42 60.34 -57.60
C ALA A 208 62.41 61.82 -57.93
N TYR A 209 61.34 62.52 -57.54
CA TYR A 209 61.26 63.96 -57.77
C TYR A 209 62.39 64.70 -57.07
N LEU A 210 62.67 64.33 -55.82
CA LEU A 210 63.77 64.98 -55.09
C LEU A 210 65.11 64.68 -55.74
N LEU A 211 65.31 63.43 -56.16
CA LEU A 211 66.60 63.04 -56.75
C LEU A 211 66.84 63.72 -58.09
N ARG A 212 65.77 64.04 -58.82
CA ARG A 212 65.95 64.60 -60.15
C ARG A 212 66.55 66.00 -60.11
N GLN A 213 66.20 66.80 -59.09
CA GLN A 213 66.64 68.19 -59.06
C GLN A 213 68.16 68.29 -58.97
N LEU A 214 68.79 67.42 -58.18
CA LEU A 214 70.22 67.47 -57.96
C LEU A 214 71.02 66.84 -59.09
N GLY A 215 70.35 66.25 -60.08
CA GLY A 215 71.06 65.74 -61.23
C GLY A 215 71.42 64.28 -61.13
N TYR A 216 70.52 63.48 -60.57
CA TYR A 216 70.65 62.03 -60.55
C TYR A 216 69.51 61.49 -61.39
N GLU A 217 69.72 61.48 -62.71
CA GLU A 217 68.68 61.04 -63.62
C GLU A 217 68.51 59.53 -63.58
N ALA A 218 69.62 58.79 -63.69
CA ALA A 218 69.54 57.33 -63.74
C ALA A 218 68.87 56.77 -62.50
N LEU A 219 69.19 57.33 -61.34
CA LEU A 219 68.53 56.91 -60.11
C LEU A 219 67.03 57.09 -60.18
N ALA A 220 66.59 58.23 -60.71
CA ALA A 220 65.16 58.49 -60.82
C ALA A 220 64.48 57.52 -61.79
N LYS A 221 65.13 57.25 -62.93
CA LYS A 221 64.54 56.31 -63.88
C LYS A 221 64.41 54.92 -63.26
N ARG A 222 65.42 54.47 -62.53
CA ARG A 222 65.33 53.14 -61.92
C ARG A 222 64.25 53.10 -60.84
N LEU A 223 64.12 54.18 -60.06
CA LEU A 223 63.04 54.22 -59.07
C LEU A 223 61.68 54.18 -59.73
N LEU A 224 61.52 54.86 -60.86
CA LEU A 224 60.24 54.86 -61.54
C LEU A 224 59.96 53.53 -62.23
N GLU A 225 61.00 52.84 -62.71
CA GLU A 225 60.82 51.47 -63.21
C GLU A 225 60.33 50.54 -62.12
N ALA A 226 60.93 50.63 -60.93
CA ALA A 226 60.45 49.84 -59.81
C ALA A 226 59.02 50.18 -59.45
N ARG A 227 58.66 51.47 -59.52
CA ARG A 227 57.28 51.85 -59.24
C ARG A 227 56.32 51.27 -60.27
N GLU A 228 56.71 51.29 -61.55
CA GLU A 228 55.89 50.70 -62.59
C GLU A 228 55.66 49.21 -62.35
N LEU A 229 56.73 48.50 -61.99
CA LEU A 229 56.56 47.08 -61.67
C LEU A 229 55.69 46.89 -60.44
N LEU A 230 55.68 47.85 -59.52
CA LEU A 230 54.85 47.71 -58.33
C LEU A 230 53.39 47.91 -58.64
N LEU A 231 53.05 48.93 -59.43
CA LEU A 231 51.64 49.23 -59.70
C LEU A 231 50.96 48.16 -60.54
N GLU A 232 51.74 47.31 -61.22
CA GLU A 232 51.21 46.24 -62.04
C GLU A 232 50.93 44.97 -61.24
N GLY A 233 51.21 44.97 -59.94
CA GLY A 233 51.01 43.80 -59.12
C GLY A 233 52.23 42.92 -58.95
N ARG A 234 53.28 43.14 -59.75
CA ARG A 234 54.54 42.42 -59.59
C ARG A 234 55.29 43.00 -58.40
N VAL A 235 54.91 42.54 -57.21
CA VAL A 235 55.52 43.05 -55.98
C VAL A 235 56.96 42.56 -55.84
N GLU A 236 57.22 41.31 -56.20
CA GLU A 236 58.52 40.70 -55.94
C GLU A 236 59.62 41.33 -56.76
N GLU A 237 59.38 41.50 -58.07
CA GLU A 237 60.37 42.15 -58.91
C GLU A 237 60.55 43.61 -58.50
N ALA A 238 59.47 44.26 -58.07
CA ALA A 238 59.57 45.63 -57.59
C ALA A 238 60.47 45.71 -56.36
N ALA A 239 60.30 44.79 -55.42
CA ALA A 239 61.13 44.79 -54.22
C ALA A 239 62.58 44.48 -54.55
N HIS A 240 62.84 43.54 -55.46
CA HIS A 240 64.22 43.23 -55.83
C HIS A 240 64.89 44.43 -56.49
N LEU A 241 64.23 45.06 -57.45
CA LEU A 241 64.84 46.19 -58.14
C LEU A 241 64.99 47.39 -57.21
N LEU A 242 64.02 47.59 -56.32
CA LEU A 242 64.11 48.66 -55.34
C LEU A 242 65.29 48.46 -54.41
N GLU A 243 65.49 47.24 -53.92
CA GLU A 243 66.61 47.00 -53.02
C GLU A 243 67.94 47.16 -53.75
N ASP A 244 68.02 46.79 -55.02
CA ASP A 244 69.27 47.00 -55.75
C ASP A 244 69.58 48.48 -55.90
N VAL A 245 68.60 49.27 -56.33
CA VAL A 245 68.86 50.69 -56.53
C VAL A 245 69.11 51.38 -55.18
N TYR A 246 68.44 50.95 -54.13
CA TYR A 246 68.68 51.50 -52.79
C TYR A 246 70.09 51.19 -52.32
N ALA A 247 70.58 49.97 -52.57
CA ALA A 247 71.93 49.65 -52.17
C ALA A 247 72.95 50.52 -52.89
N LEU A 248 72.77 50.73 -54.18
CA LEU A 248 73.70 51.59 -54.90
C LEU A 248 73.64 53.03 -54.38
N PHE A 249 72.42 53.54 -54.16
CA PHE A 249 72.24 54.89 -53.64
C PHE A 249 72.87 55.04 -52.26
N HIS A 250 72.71 54.05 -51.40
CA HIS A 250 73.19 54.19 -50.03
C HIS A 250 74.70 54.10 -49.98
N ARG A 251 75.30 53.28 -50.85
CA ARG A 251 76.75 53.33 -50.99
C ARG A 251 77.20 54.72 -51.42
N GLU A 252 76.47 55.33 -52.36
CA GLU A 252 76.82 56.69 -52.78
C GLU A 252 76.70 57.68 -51.63
N ILE A 253 75.69 57.51 -50.78
CA ILE A 253 75.52 58.39 -49.62
C ILE A 253 76.69 58.24 -48.66
N GLU A 254 77.02 57.00 -48.31
CA GLU A 254 78.14 56.74 -47.40
C GLU A 254 79.47 57.16 -47.99
N ARG A 255 79.55 57.32 -49.31
CA ARG A 255 80.77 57.85 -49.90
C ARG A 255 81.07 59.25 -49.39
N LEU A 256 80.05 60.09 -49.26
CA LEU A 256 80.24 61.49 -48.89
C LEU A 256 80.45 61.69 -47.39
N GLY A 257 80.37 60.63 -46.59
CA GLY A 257 80.73 60.75 -45.18
C GLY A 257 79.76 61.61 -44.41
N PHE A 258 80.29 62.58 -43.67
CA PHE A 258 79.49 63.52 -42.88
C PHE A 258 79.26 64.82 -43.64
N GLU A 259 78.71 64.68 -44.85
CA GLU A 259 78.35 65.81 -45.69
C GLU A 259 77.51 65.28 -46.84
N ALA A 260 76.40 65.97 -47.14
CA ALA A 260 75.53 65.64 -48.26
C ALA A 260 74.45 66.70 -48.40
N PRO A 261 74.04 67.04 -49.62
CA PRO A 261 72.93 67.97 -49.80
C PRO A 261 71.69 67.43 -49.09
N GLU A 262 70.89 68.36 -48.57
CA GLU A 262 69.84 67.96 -47.63
C GLU A 262 68.79 67.09 -48.30
N GLU A 263 68.58 67.27 -49.61
CA GLU A 263 67.60 66.45 -50.31
C GLU A 263 68.01 64.99 -50.38
N LEU A 264 69.31 64.70 -50.43
CA LEU A 264 69.76 63.32 -50.28
C LEU A 264 69.32 62.76 -48.95
N ARG A 265 69.48 63.54 -47.88
CA ARG A 265 69.12 63.07 -46.56
C ARG A 265 67.62 62.81 -46.44
N VAL A 266 66.81 63.65 -47.07
CA VAL A 266 65.36 63.43 -47.02
C VAL A 266 64.96 62.23 -47.87
N ALA A 267 65.54 62.14 -49.07
CA ALA A 267 65.22 61.04 -49.97
C ALA A 267 65.60 59.70 -49.37
N ASP A 268 66.64 59.66 -48.54
CA ASP A 268 67.01 58.41 -47.89
C ASP A 268 65.89 57.91 -47.00
N LEU A 269 65.29 58.78 -46.20
CA LEU A 269 64.19 58.35 -45.36
C LEU A 269 62.95 58.01 -46.17
N LEU A 270 62.71 58.76 -47.27
CA LEU A 270 61.59 58.44 -48.14
C LEU A 270 61.73 57.03 -48.72
N LEU A 271 62.94 56.71 -49.21
CA LEU A 271 63.18 55.39 -49.78
C LEU A 271 63.08 54.30 -48.74
N ALA A 272 63.58 54.56 -47.52
CA ALA A 272 63.47 53.55 -46.47
C ALA A 272 62.02 53.25 -46.16
N ARG A 273 61.17 54.28 -46.05
CA ARG A 273 59.76 54.05 -45.76
C ARG A 273 59.07 53.36 -46.93
N ALA A 274 59.42 53.72 -48.16
CA ALA A 274 58.84 53.05 -49.32
C ALA A 274 59.16 51.56 -49.31
N ILE A 275 60.41 51.22 -49.01
CA ILE A 275 60.81 49.81 -48.97
C ILE A 275 60.09 49.09 -47.83
N ALA A 276 59.96 49.74 -46.67
CA ALA A 276 59.24 49.10 -45.57
C ALA A 276 57.79 48.83 -45.94
N LEU A 277 57.13 49.80 -46.60
CA LEU A 277 55.74 49.61 -47.00
C LEU A 277 55.59 48.49 -48.00
N ILE A 278 56.49 48.44 -49.00
CA ILE A 278 56.42 47.37 -49.98
C ILE A 278 56.60 46.01 -49.31
N LYS A 279 57.55 45.90 -48.39
CA LYS A 279 57.76 44.65 -47.68
C LYS A 279 56.56 44.27 -46.84
N ALA A 280 55.83 45.26 -46.32
CA ALA A 280 54.67 44.96 -45.47
C ALA A 280 53.41 44.64 -46.24
N ILE A 281 53.39 44.81 -47.57
CA ILE A 281 52.24 44.44 -48.38
C ILE A 281 51.90 42.97 -48.21
N THR B 24 86.75 78.04 -4.78
CA THR B 24 85.48 78.32 -5.43
C THR B 24 84.67 77.06 -5.62
N VAL B 25 85.32 75.91 -5.45
CA VAL B 25 84.67 74.63 -5.71
C VAL B 25 83.50 74.42 -4.76
N VAL B 26 83.71 74.67 -3.47
CA VAL B 26 82.63 74.53 -2.49
C VAL B 26 81.55 75.56 -2.75
N GLU B 27 81.92 76.75 -3.18
CA GLU B 27 80.93 77.74 -3.58
C GLU B 27 80.13 77.25 -4.79
N GLU B 28 80.80 76.60 -5.74
CA GLU B 28 80.09 76.03 -6.87
C GLU B 28 79.10 74.95 -6.44
N VAL B 29 79.50 74.10 -5.50
CA VAL B 29 78.60 73.07 -5.01
C VAL B 29 77.40 73.68 -4.30
N ARG B 30 77.65 74.69 -3.46
CA ARG B 30 76.54 75.38 -2.80
C ARG B 30 75.61 76.03 -3.80
N ARG B 31 76.16 76.71 -4.80
CA ARG B 31 75.33 77.37 -5.81
C ARG B 31 74.51 76.36 -6.59
N PHE B 32 75.12 75.23 -6.96
CA PHE B 32 74.42 74.18 -7.69
C PHE B 32 73.25 73.65 -6.86
N ALA B 33 73.49 73.33 -5.59
CA ALA B 33 72.42 72.79 -4.76
C ALA B 33 71.31 73.81 -4.55
N GLU B 34 71.66 75.06 -4.27
CA GLU B 34 70.64 76.08 -4.03
C GLU B 34 69.82 76.36 -5.30
N GLU B 35 70.47 76.43 -6.46
CA GLU B 35 69.75 76.65 -7.69
C GLU B 35 68.79 75.51 -7.98
N LEU B 36 69.24 74.27 -7.75
CA LEU B 36 68.34 73.13 -7.97
C LEU B 36 67.16 73.18 -7.00
N ALA B 37 67.39 73.55 -5.74
CA ALA B 37 66.30 73.65 -4.78
C ALA B 37 65.31 74.75 -5.15
N GLU B 38 65.81 75.91 -5.59
CA GLU B 38 64.94 76.99 -6.02
C GLU B 38 64.09 76.56 -7.21
N GLU B 39 64.70 75.88 -8.19
CA GLU B 39 63.92 75.40 -9.33
C GLU B 39 62.89 74.38 -8.90
N VAL B 40 63.23 73.51 -7.94
CA VAL B 40 62.26 72.54 -7.46
C VAL B 40 61.06 73.25 -6.86
N LEU B 41 61.31 74.28 -6.06
CA LEU B 41 60.22 75.03 -5.43
C LEU B 41 59.40 75.80 -6.47
N ARG B 42 60.06 76.38 -7.47
CA ARG B 42 59.33 77.12 -8.49
C ARG B 42 58.42 76.20 -9.29
N VAL B 43 58.93 75.06 -9.73
CA VAL B 43 58.12 74.15 -10.53
C VAL B 43 57.00 73.53 -9.70
N GLY B 44 57.32 73.05 -8.51
CA GLY B 44 56.36 72.35 -7.70
C GLY B 44 55.67 73.15 -6.62
N GLY B 45 56.10 74.39 -6.37
CA GLY B 45 55.43 75.17 -5.36
C GLY B 45 55.71 74.67 -3.96
N GLU B 46 54.72 74.87 -3.10
CA GLU B 46 54.80 74.38 -1.72
C GLU B 46 54.26 72.98 -1.57
N ALA B 47 53.86 72.32 -2.67
CA ALA B 47 53.39 70.95 -2.57
C ALA B 47 54.50 70.02 -2.09
N MET B 48 55.71 70.20 -2.62
CA MET B 48 56.90 69.47 -2.18
C MET B 48 57.96 70.46 -1.72
N ARG B 49 57.86 70.84 -0.46
CA ARG B 49 58.92 71.51 0.29
C ARG B 49 59.98 70.53 0.79
N PRO B 50 59.62 69.28 1.15
CA PRO B 50 60.67 68.33 1.58
C PRO B 50 61.81 68.18 0.59
N TYR B 51 61.54 68.15 -0.71
CA TYR B 51 62.60 67.91 -1.67
C TYR B 51 63.60 69.05 -1.70
N ALA B 52 63.14 70.27 -1.48
CA ALA B 52 64.06 71.40 -1.38
C ALA B 52 64.98 71.23 -0.17
N GLU B 53 64.45 70.73 0.95
CA GLU B 53 65.28 70.49 2.11
C GLU B 53 66.29 69.38 1.85
N MET B 54 65.86 68.31 1.16
CA MET B 54 66.80 67.25 0.81
C MET B 54 67.93 67.77 -0.07
N VAL B 55 67.60 68.56 -1.08
CA VAL B 55 68.63 69.10 -1.95
C VAL B 55 69.58 69.98 -1.16
N ARG B 56 69.05 70.82 -0.27
CA ARG B 56 69.90 71.75 0.46
C ARG B 56 70.80 71.03 1.45
N HIS B 57 70.29 70.02 2.16
CA HIS B 57 71.15 69.24 3.06
C HIS B 57 72.16 68.40 2.31
N LEU B 58 71.82 67.85 1.14
CA LEU B 58 72.82 67.10 0.39
C LEU B 58 73.91 68.04 -0.15
N GLY B 59 73.54 69.25 -0.53
CA GLY B 59 74.56 70.24 -0.85
C GLY B 59 75.44 70.55 0.33
N GLU B 60 74.85 70.66 1.53
CA GLU B 60 75.65 70.92 2.72
C GLU B 60 76.57 69.75 3.06
N ALA B 61 76.09 68.52 2.94
CA ALA B 61 76.94 67.36 3.18
C ALA B 61 78.09 67.32 2.20
N ALA B 62 77.82 67.63 0.93
CA ALA B 62 78.89 67.66 -0.07
C ALA B 62 79.94 68.70 0.28
N VAL B 63 79.51 69.92 0.65
CA VAL B 63 80.52 70.94 0.94
C VAL B 63 81.26 70.63 2.23
N ALA B 64 80.60 69.98 3.20
CA ALA B 64 81.30 69.52 4.38
C ALA B 64 82.39 68.54 4.02
N ALA B 65 82.07 67.57 3.15
CA ALA B 65 83.08 66.60 2.72
C ALA B 65 84.23 67.28 2.00
N LEU B 66 83.93 68.24 1.13
CA LEU B 66 85.01 68.96 0.45
C LEU B 66 85.83 69.84 1.37
N GLU B 67 85.30 70.23 2.53
CA GLU B 67 86.04 71.12 3.42
C GLU B 67 86.44 70.43 4.72
N GLY B 68 86.98 69.22 4.62
CA GLY B 68 87.32 68.44 5.80
C GLY B 68 86.18 67.52 6.17
N ARG B 69 86.15 67.14 7.44
CA ARG B 69 85.02 66.44 8.06
C ARG B 69 84.77 65.05 7.48
N ALA B 70 84.23 64.17 8.31
CA ALA B 70 83.71 62.88 7.88
C ALA B 70 82.44 62.46 8.60
N GLU B 71 82.13 63.07 9.74
CA GLU B 71 81.00 62.70 10.59
C GLU B 71 79.77 63.55 10.29
N GLU B 72 79.96 64.84 10.00
CA GLU B 72 78.85 65.68 9.59
C GLU B 72 78.23 65.17 8.29
N ALA B 73 79.07 64.71 7.36
CA ALA B 73 78.56 64.13 6.14
C ALA B 73 77.69 62.92 6.42
N ASP B 74 78.15 62.03 7.30
CA ASP B 74 77.37 60.86 7.67
C ASP B 74 76.04 61.26 8.29
N ARG B 75 76.07 62.24 9.20
CA ARG B 75 74.84 62.63 9.87
C ARG B 75 73.85 63.25 8.90
N LEU B 76 74.31 64.15 8.04
CA LEU B 76 73.40 64.79 7.09
C LEU B 76 72.82 63.77 6.12
N VAL B 77 73.64 62.83 5.65
CA VAL B 77 73.13 61.81 4.73
C VAL B 77 72.10 60.93 5.43
N ARG B 78 72.31 60.64 6.71
CA ARG B 78 71.32 59.87 7.46
C ARG B 78 70.03 60.65 7.64
N ASP B 79 70.13 61.96 7.87
CA ASP B 79 68.94 62.80 7.97
C ASP B 79 68.13 62.79 6.67
N VAL B 80 68.81 62.97 5.54
CA VAL B 80 68.12 62.94 4.25
C VAL B 80 67.56 61.56 3.98
N LEU B 81 68.24 60.51 4.44
CA LEU B 81 67.70 59.16 4.28
C LEU B 81 66.41 59.02 5.08
N GLU B 82 66.35 59.59 6.28
CA GLU B 82 65.12 59.55 7.06
C GLU B 82 63.99 60.31 6.36
N MET B 83 64.30 61.48 5.78
CA MET B 83 63.28 62.21 5.04
C MET B 83 62.77 61.40 3.87
N ALA B 84 63.68 60.74 3.14
CA ALA B 84 63.26 59.88 2.05
C ALA B 84 62.37 58.75 2.55
N ARG B 85 62.69 58.21 3.72
CA ARG B 85 61.84 57.16 4.30
C ARG B 85 60.43 57.66 4.55
N GLU B 86 60.30 58.85 5.13
CA GLU B 86 58.96 59.31 5.52
C GLU B 86 58.16 59.78 4.31
N VAL B 87 58.80 60.48 3.36
CA VAL B 87 58.07 61.00 2.20
C VAL B 87 57.51 59.87 1.36
N GLY B 88 58.32 58.85 1.11
CA GLY B 88 57.93 57.75 0.25
C GLY B 88 58.85 57.52 -0.93
N ALA B 89 59.91 58.31 -1.08
CA ALA B 89 60.85 58.10 -2.17
C ALA B 89 61.66 56.84 -1.90
N GLU B 90 61.46 55.81 -2.73
CA GLU B 90 62.12 54.53 -2.53
C GLU B 90 63.50 54.50 -3.20
N GLY B 91 63.55 54.77 -4.50
CA GLY B 91 64.83 54.74 -5.19
C GLY B 91 65.81 55.75 -4.63
N LEU B 92 65.31 56.93 -4.26
CA LEU B 92 66.16 57.93 -3.63
C LEU B 92 66.69 57.43 -2.29
N ALA B 93 65.86 56.73 -1.51
CA ALA B 93 66.31 56.19 -0.23
C ALA B 93 67.40 55.14 -0.43
N ARG B 94 67.22 54.23 -1.38
CA ARG B 94 68.24 53.24 -1.65
C ARG B 94 69.55 53.90 -2.07
N LEU B 95 69.45 54.87 -2.98
CA LEU B 95 70.66 55.56 -3.41
C LEU B 95 71.33 56.25 -2.23
N LEU B 96 70.53 56.80 -1.30
CA LEU B 96 71.12 57.50 -0.17
C LEU B 96 71.83 56.55 0.78
N GLU B 97 71.28 55.35 1.00
CA GLU B 97 72.02 54.37 1.79
C GLU B 97 73.35 54.01 1.12
N ARG B 98 73.32 53.82 -0.21
CA ARG B 98 74.57 53.52 -0.92
C ARG B 98 75.57 54.65 -0.79
N VAL B 99 75.11 55.90 -0.91
CA VAL B 99 76.00 57.04 -0.68
C VAL B 99 76.57 57.01 0.72
N HIS B 100 75.75 56.65 1.70
CA HIS B 100 76.23 56.60 3.08
C HIS B 100 77.40 55.65 3.21
N ARG B 101 77.22 54.40 2.77
CA ARG B 101 78.26 53.39 2.92
C ARG B 101 79.52 53.77 2.15
N GLU B 102 79.37 54.07 0.85
CA GLU B 102 80.55 54.45 0.09
C GLU B 102 81.25 55.67 0.67
N ALA B 103 80.52 56.77 0.90
CA ALA B 103 81.14 57.96 1.45
C ALA B 103 81.95 57.63 2.70
N ARG B 104 81.43 56.74 3.55
CA ARG B 104 82.23 56.31 4.69
C ARG B 104 83.53 55.64 4.24
N GLU B 105 83.44 54.71 3.29
CA GLU B 105 84.64 53.99 2.86
C GLU B 105 85.69 54.94 2.28
N LEU B 106 85.29 55.79 1.34
CA LEU B 106 86.26 56.67 0.69
C LEU B 106 86.75 57.77 1.64
N LEU B 107 85.94 58.15 2.64
CA LEU B 107 86.45 59.09 3.62
C LEU B 107 87.47 58.44 4.53
N ARG B 108 87.29 57.15 4.84
CA ARG B 108 88.32 56.41 5.56
C ARG B 108 89.60 56.33 4.74
N GLU B 109 89.48 56.07 3.44
CA GLU B 109 90.65 56.00 2.57
C GLU B 109 91.28 57.35 2.30
N GLY B 110 90.65 58.45 2.70
CA GLY B 110 91.23 59.76 2.54
C GLY B 110 90.90 60.48 1.25
N ARG B 111 90.21 59.84 0.31
CA ARG B 111 89.79 60.47 -0.93
C ARG B 111 88.52 61.26 -0.67
N ARG B 112 88.52 62.54 -1.02
CA ARG B 112 87.41 63.42 -0.70
C ARG B 112 86.54 63.78 -1.90
N GLU B 113 87.14 63.94 -3.08
CA GLU B 113 86.38 64.41 -4.23
C GLU B 113 85.29 63.43 -4.62
N GLU B 114 85.59 62.14 -4.58
CA GLU B 114 84.61 61.15 -5.03
C GLU B 114 83.43 61.02 -4.07
N ALA B 115 83.65 61.19 -2.76
CA ALA B 115 82.53 61.18 -1.83
C ALA B 115 81.59 62.36 -2.08
N ALA B 116 82.16 63.55 -2.26
CA ALA B 116 81.34 64.69 -2.64
C ALA B 116 80.66 64.46 -3.99
N ALA B 117 81.31 63.73 -4.89
CA ALA B 117 80.69 63.42 -6.17
C ALA B 117 79.46 62.54 -5.99
N LEU B 118 79.56 61.52 -5.14
CA LEU B 118 78.38 60.70 -4.86
C LEU B 118 77.27 61.54 -4.25
N VAL B 119 77.62 62.43 -3.32
CA VAL B 119 76.62 63.26 -2.67
C VAL B 119 75.95 64.20 -3.68
N LEU B 120 76.75 64.81 -4.56
CA LEU B 120 76.20 65.71 -5.57
C LEU B 120 75.27 64.97 -6.52
N ALA B 121 75.65 63.75 -6.93
CA ALA B 121 74.75 62.96 -7.75
C ALA B 121 73.46 62.66 -7.00
N ALA B 122 73.54 62.43 -5.69
CA ALA B 122 72.33 62.21 -4.90
C ALA B 122 71.43 63.44 -4.88
N ALA B 123 72.04 64.62 -4.71
CA ALA B 123 71.26 65.85 -4.73
C ALA B 123 70.58 66.06 -6.08
N LEU B 124 71.30 65.79 -7.16
CA LEU B 124 70.72 65.91 -8.49
C LEU B 124 69.58 64.92 -8.67
N ALA B 125 69.71 63.71 -8.14
CA ALA B 125 68.62 62.75 -8.24
C ALA B 125 67.39 63.27 -7.49
N ALA B 126 67.59 63.86 -6.31
CA ALA B 126 66.45 64.39 -5.55
C ALA B 126 65.76 65.55 -6.28
N GLY B 127 66.55 66.50 -6.77
CA GLY B 127 65.97 67.61 -7.53
C GLY B 127 65.24 67.14 -8.77
N ALA B 128 65.85 66.21 -9.52
CA ALA B 128 65.24 65.74 -10.75
C ALA B 128 63.97 64.95 -10.49
N VAL B 129 63.95 64.13 -9.43
CA VAL B 129 62.72 63.40 -9.13
C VAL B 129 61.61 64.37 -8.73
N ALA B 130 61.94 65.40 -7.96
CA ALA B 130 60.92 66.39 -7.60
C ALA B 130 60.35 67.05 -8.85
N VAL B 131 61.22 67.58 -9.71
CA VAL B 131 60.74 68.31 -10.88
C VAL B 131 59.99 67.38 -11.83
N ALA B 132 60.47 66.15 -11.99
CA ALA B 132 59.81 65.21 -12.89
C ALA B 132 58.41 64.85 -12.40
N GLU B 133 58.26 64.62 -11.09
CA GLU B 133 56.92 64.34 -10.57
C GLU B 133 56.02 65.55 -10.71
N ALA B 134 56.57 66.75 -10.54
CA ALA B 134 55.77 67.95 -10.76
C ALA B 134 55.28 68.02 -12.21
N TYR B 135 56.18 67.80 -13.17
CA TYR B 135 55.80 67.85 -14.57
C TYR B 135 54.76 66.80 -14.90
N VAL B 136 54.90 65.60 -14.33
CA VAL B 136 53.94 64.54 -14.62
C VAL B 136 52.57 64.85 -14.03
N ARG B 137 52.53 65.47 -12.84
CA ARG B 137 51.23 65.76 -12.23
C ARG B 137 50.43 66.76 -13.05
N LEU B 138 51.06 67.81 -13.55
CA LEU B 138 50.35 68.82 -14.32
C LEU B 138 50.39 68.53 -15.82
N GLY B 139 50.75 67.32 -16.22
CA GLY B 139 50.55 66.84 -17.58
C GLY B 139 51.30 67.54 -18.69
N GLN B 140 52.57 67.85 -18.48
CA GLN B 140 53.37 68.43 -19.55
C GLN B 140 53.96 67.33 -20.44
N PRO B 141 54.27 67.65 -21.69
CA PRO B 141 54.73 66.61 -22.63
C PRO B 141 56.10 66.06 -22.23
N ILE B 142 56.36 64.83 -22.68
CA ILE B 142 57.55 64.10 -22.32
C ILE B 142 58.83 64.73 -22.88
N ARG B 143 58.73 65.47 -23.99
CA ARG B 143 59.90 66.17 -24.51
C ARG B 143 60.53 67.06 -23.44
N LEU B 144 59.70 67.73 -22.65
CA LEU B 144 60.23 68.64 -21.64
C LEU B 144 60.98 67.90 -20.55
N ILE B 145 60.45 66.78 -20.07
CA ILE B 145 61.16 65.99 -19.08
C ILE B 145 62.48 65.49 -19.65
N ALA B 146 62.46 64.96 -20.88
CA ALA B 146 63.67 64.41 -21.47
C ALA B 146 64.74 65.48 -21.64
N GLU B 147 64.36 66.64 -22.17
CA GLU B 147 65.35 67.70 -22.37
C GLU B 147 65.87 68.23 -21.04
N TYR B 148 64.99 68.35 -20.04
CA TYR B 148 65.41 68.80 -18.73
C TYR B 148 66.46 67.88 -18.15
N VAL B 149 66.17 66.59 -18.09
CA VAL B 149 67.09 65.64 -17.48
C VAL B 149 68.40 65.57 -18.25
N ALA B 150 68.33 65.56 -19.59
CA ALA B 150 69.57 65.50 -20.36
C ALA B 150 70.45 66.70 -20.10
N GLU B 151 69.87 67.91 -20.05
CA GLU B 151 70.69 69.08 -19.80
C GLU B 151 71.27 69.08 -18.39
N ARG B 152 70.48 68.61 -17.41
CA ARG B 152 71.00 68.54 -16.05
C ARG B 152 72.16 67.57 -15.95
N LEU B 153 72.05 66.42 -16.61
CA LEU B 153 73.14 65.45 -16.60
C LEU B 153 74.40 66.03 -17.23
N VAL B 154 74.25 66.78 -18.32
CA VAL B 154 75.42 67.39 -18.94
C VAL B 154 76.06 68.41 -18.00
N GLU B 155 75.24 69.22 -17.32
CA GLU B 155 75.79 70.19 -16.38
C GLU B 155 76.53 69.53 -15.22
N LEU B 156 75.96 68.45 -14.68
CA LEU B 156 76.63 67.71 -13.61
C LEU B 156 77.93 67.09 -14.11
N ALA B 157 77.94 66.58 -15.34
CA ALA B 157 79.17 66.02 -15.89
C ALA B 157 80.24 67.09 -16.01
N GLU B 158 79.86 68.30 -16.41
CA GLU B 158 80.84 69.38 -16.47
C GLU B 158 81.38 69.70 -15.09
N LEU B 159 80.50 69.73 -14.08
CA LEU B 159 80.95 70.00 -12.71
C LEU B 159 81.92 68.94 -12.22
N LEU B 160 81.56 67.67 -12.41
CA LEU B 160 82.42 66.58 -11.94
C LEU B 160 83.74 66.55 -12.70
N ARG B 161 83.75 66.97 -13.95
CA ARG B 161 85.01 67.13 -14.66
C ARG B 161 85.83 68.25 -14.04
N ARG B 162 85.17 69.31 -13.59
CA ARG B 162 85.89 70.40 -12.93
C ARG B 162 86.52 69.93 -11.62
N LEU B 163 85.80 69.13 -10.83
CA LEU B 163 86.34 68.66 -9.56
C LEU B 163 87.58 67.80 -9.76
N GLY B 164 87.48 66.78 -10.60
CA GLY B 164 88.61 65.91 -10.86
C GLY B 164 88.30 64.42 -10.85
N VAL B 165 87.02 64.07 -10.73
CA VAL B 165 86.63 62.66 -10.75
C VAL B 165 86.96 62.05 -12.10
N PRO B 166 87.44 60.81 -12.18
CA PRO B 166 87.71 60.19 -13.48
C PRO B 166 86.42 59.93 -14.26
N LEU B 167 86.59 59.87 -15.59
CA LEU B 167 85.44 59.90 -16.50
C LEU B 167 84.54 58.68 -16.32
N ARG B 168 85.12 57.50 -16.14
CA ARG B 168 84.30 56.29 -16.03
C ARG B 168 83.39 56.37 -14.82
N ARG B 169 83.91 56.88 -13.70
CA ARG B 169 83.07 57.11 -12.52
C ARG B 169 81.98 58.14 -12.82
N ILE B 170 82.30 59.18 -13.59
CA ILE B 170 81.30 60.16 -13.97
C ILE B 170 80.14 59.48 -14.66
N ILE B 171 80.44 58.62 -15.64
CA ILE B 171 79.38 57.99 -16.41
C ILE B 171 78.59 57.04 -15.53
N ARG B 172 79.26 56.35 -14.59
CA ARG B 172 78.55 55.46 -13.69
C ARG B 172 77.58 56.23 -12.80
N LEU B 173 78.00 57.37 -12.27
CA LEU B 173 77.11 58.21 -11.46
C LEU B 173 75.93 58.70 -12.28
N LEU B 174 76.18 59.14 -13.51
CA LEU B 174 75.11 59.65 -14.35
C LEU B 174 74.09 58.56 -14.64
N GLU B 175 74.55 57.33 -14.87
CA GLU B 175 73.62 56.23 -15.08
C GLU B 175 72.83 55.92 -13.82
N GLU B 176 73.44 56.04 -12.64
CA GLU B 176 72.67 55.85 -11.41
C GLU B 176 71.57 56.90 -11.28
N VAL B 177 71.89 58.15 -11.59
CA VAL B 177 70.89 59.22 -11.53
C VAL B 177 69.76 58.92 -12.51
N LEU B 178 70.10 58.49 -13.71
CA LEU B 178 69.08 58.16 -14.70
C LEU B 178 68.20 57.02 -14.22
N ARG B 179 68.79 56.04 -13.55
CA ARG B 179 68.02 54.92 -13.04
C ARG B 179 67.01 55.38 -12.00
N VAL B 180 67.44 56.27 -11.10
CA VAL B 180 66.52 56.80 -10.09
C VAL B 180 65.38 57.57 -10.75
N VAL B 181 65.71 58.41 -11.74
CA VAL B 181 64.69 59.19 -12.41
C VAL B 181 63.69 58.28 -13.12
N ALA B 182 64.18 57.23 -13.78
CA ALA B 182 63.30 56.30 -14.46
C ALA B 182 62.39 55.58 -13.48
N GLU B 183 62.93 55.16 -12.32
CA GLU B 183 62.10 54.53 -11.31
C GLU B 183 61.00 55.48 -10.83
N ALA B 184 61.37 56.75 -10.61
CA ALA B 184 60.40 57.74 -10.19
C ALA B 184 59.28 57.88 -11.22
N LEU B 185 59.65 58.04 -12.49
CA LEU B 185 58.64 58.19 -13.54
C LEU B 185 57.78 56.94 -13.67
N ARG B 186 58.34 55.78 -13.35
CA ARG B 186 57.52 54.57 -13.31
C ARG B 186 56.50 54.61 -12.19
N ARG B 187 56.90 55.12 -11.02
CA ARG B 187 55.96 55.18 -9.90
C ARG B 187 54.84 56.19 -10.16
N ALA B 188 55.09 57.20 -10.99
CA ALA B 188 54.09 58.21 -11.31
C ALA B 188 53.16 57.77 -12.43
N GLY B 189 53.29 56.55 -12.92
CA GLY B 189 52.38 56.03 -13.93
C GLY B 189 52.75 56.34 -15.36
N VAL B 190 53.91 56.93 -15.62
CA VAL B 190 54.31 57.21 -17.01
C VAL B 190 54.50 55.89 -17.75
N PRO B 191 53.97 55.73 -18.95
CA PRO B 191 54.12 54.45 -19.66
C PRO B 191 55.57 54.16 -20.00
N GLU B 192 55.89 52.87 -20.05
CA GLU B 192 57.28 52.44 -20.21
C GLU B 192 57.96 52.98 -21.45
N PRO B 193 57.36 52.95 -22.65
CA PRO B 193 58.07 53.48 -23.82
C PRO B 193 58.52 54.91 -23.68
N GLU B 194 57.75 55.75 -22.98
CA GLU B 194 58.20 57.12 -22.75
C GLU B 194 59.42 57.16 -21.83
N ILE B 195 59.48 56.26 -20.86
CA ILE B 195 60.67 56.18 -20.01
C ILE B 195 61.89 55.78 -20.83
N ARG B 196 61.72 54.81 -21.72
CA ARG B 196 62.83 54.42 -22.59
C ARG B 196 63.25 55.58 -23.49
N LYS B 197 62.28 56.34 -23.99
CA LYS B 197 62.62 57.52 -24.79
C LYS B 197 63.42 58.52 -23.98
N VAL B 198 63.03 58.73 -22.72
CA VAL B 198 63.77 59.64 -21.86
C VAL B 198 65.22 59.19 -21.72
N GLU B 199 65.41 57.90 -21.39
CA GLU B 199 66.77 57.40 -21.17
C GLU B 199 67.59 57.46 -22.45
N ALA B 200 67.01 57.08 -23.58
CA ALA B 200 67.74 57.10 -24.84
C ALA B 200 68.13 58.52 -25.23
N ALA B 201 67.25 59.49 -25.00
CA ALA B 201 67.61 60.87 -25.26
C ALA B 201 68.77 61.30 -24.38
N ALA B 202 68.75 60.89 -23.11
CA ALA B 202 69.86 61.23 -22.21
C ALA B 202 71.17 60.64 -22.71
N TYR B 203 71.13 59.38 -23.15
CA TYR B 203 72.35 58.72 -23.64
C TYR B 203 72.89 59.38 -24.89
N ILE B 204 72.00 59.74 -25.82
CA ILE B 204 72.46 60.39 -27.05
C ILE B 204 73.03 61.76 -26.75
N ARG B 205 72.43 62.49 -25.81
CA ARG B 205 72.98 63.78 -25.43
C ARG B 205 74.34 63.63 -24.78
N LEU B 206 74.50 62.63 -23.90
CA LEU B 206 75.80 62.40 -23.28
C LEU B 206 76.85 62.01 -24.31
N ALA B 207 76.49 61.15 -25.25
CA ALA B 207 77.43 60.74 -26.30
C ALA B 207 77.85 61.94 -27.14
N ALA B 208 76.91 62.79 -27.51
CA ALA B 208 77.24 63.99 -28.27
C ALA B 208 78.16 64.91 -27.49
N TYR B 209 77.88 65.07 -26.19
CA TYR B 209 78.72 65.92 -25.35
C TYR B 209 80.14 65.39 -25.26
N LEU B 210 80.30 64.07 -25.11
CA LEU B 210 81.65 63.50 -25.09
C LEU B 210 82.34 63.67 -26.44
N LEU B 211 81.62 63.45 -27.54
CA LEU B 211 82.24 63.52 -28.86
C LEU B 211 82.66 64.93 -29.21
N ARG B 212 81.98 65.95 -28.68
CA ARG B 212 82.28 67.30 -29.09
C ARG B 212 83.64 67.77 -28.57
N GLN B 213 84.06 67.29 -27.40
CA GLN B 213 85.32 67.75 -26.82
C GLN B 213 86.51 67.38 -27.68
N LEU B 214 86.50 66.18 -28.25
CA LEU B 214 87.61 65.69 -29.06
C LEU B 214 87.65 66.29 -30.46
N GLY B 215 86.63 67.04 -30.85
CA GLY B 215 86.67 67.68 -32.14
C GLY B 215 85.99 66.88 -33.24
N TYR B 216 84.87 66.25 -32.92
CA TYR B 216 84.03 65.58 -33.92
C TYR B 216 82.70 66.31 -33.92
N GLU B 217 82.64 67.42 -34.65
CA GLU B 217 81.45 68.26 -34.62
C GLU B 217 80.33 67.65 -35.45
N ALA B 218 80.64 67.23 -36.68
CA ALA B 218 79.60 66.70 -37.56
C ALA B 218 78.92 65.49 -36.94
N LEU B 219 79.69 64.63 -36.28
CA LEU B 219 79.13 63.48 -35.57
C LEU B 219 78.13 63.94 -34.52
N ALA B 220 78.47 64.97 -33.75
CA ALA B 220 77.56 65.47 -32.72
C ALA B 220 76.28 66.04 -33.34
N LYS B 221 76.41 66.78 -34.44
CA LYS B 221 75.20 67.30 -35.08
C LYS B 221 74.30 66.17 -35.57
N ARG B 222 74.87 65.13 -36.17
CA ARG B 222 74.03 64.03 -36.64
C ARG B 222 73.36 63.31 -35.47
N LEU B 223 74.08 63.13 -34.36
CA LEU B 223 73.47 62.48 -33.21
C LEU B 223 72.34 63.32 -32.63
N LEU B 224 72.50 64.64 -32.59
CA LEU B 224 71.45 65.47 -32.06
C LEU B 224 70.26 65.57 -33.02
N GLU B 225 70.50 65.49 -34.34
CA GLU B 225 69.39 65.38 -35.27
C GLU B 225 68.59 64.11 -35.03
N ALA B 226 69.27 62.99 -34.84
CA ALA B 226 68.58 61.75 -34.51
C ALA B 226 67.79 61.89 -33.22
N ARG B 227 68.36 62.58 -32.23
CA ARG B 227 67.64 62.80 -30.98
C ARG B 227 66.38 63.63 -31.20
N GLU B 228 66.48 64.68 -32.02
CA GLU B 228 65.30 65.50 -32.31
C GLU B 228 64.23 64.67 -32.99
N LEU B 229 64.61 63.86 -33.98
CA LEU B 229 63.62 62.99 -34.62
C LEU B 229 63.03 62.00 -33.62
N LEU B 230 63.79 61.61 -32.61
CA LEU B 230 63.26 60.67 -31.62
C LEU B 230 62.24 61.33 -30.72
N LEU B 231 62.54 62.53 -30.23
CA LEU B 231 61.65 63.20 -29.28
C LEU B 231 60.32 63.59 -29.91
N GLU B 232 60.26 63.69 -31.24
CA GLU B 232 59.05 64.07 -31.95
C GLU B 232 58.11 62.90 -32.20
N GLY B 233 58.49 61.69 -31.78
CA GLY B 233 57.69 60.52 -32.02
C GLY B 233 58.04 59.75 -33.27
N ARG B 234 58.85 60.32 -34.16
CA ARG B 234 59.34 59.61 -35.34
C ARG B 234 60.45 58.68 -34.90
N VAL B 235 60.05 57.51 -34.41
CA VAL B 235 61.03 56.54 -33.90
C VAL B 235 61.82 55.93 -35.05
N GLU B 236 61.15 55.64 -36.17
CA GLU B 236 61.78 54.87 -37.24
C GLU B 236 62.88 55.66 -37.93
N GLU B 237 62.60 56.93 -38.25
CA GLU B 237 63.64 57.76 -38.85
C GLU B 237 64.79 57.99 -37.86
N ALA B 238 64.47 58.10 -36.58
CA ALA B 238 65.51 58.21 -35.56
C ALA B 238 66.41 56.99 -35.55
N ALA B 239 65.82 55.80 -35.60
CA ALA B 239 66.61 54.58 -35.62
C ALA B 239 67.45 54.47 -36.88
N HIS B 240 66.90 54.85 -38.04
CA HIS B 240 67.66 54.74 -39.28
C HIS B 240 68.85 55.72 -39.28
N LEU B 241 68.60 56.97 -38.90
CA LEU B 241 69.69 57.94 -38.90
C LEU B 241 70.73 57.60 -37.82
N LEU B 242 70.27 57.07 -36.69
CA LEU B 242 71.18 56.64 -35.64
C LEU B 242 72.06 55.49 -36.11
N GLU B 243 71.50 54.50 -36.79
CA GLU B 243 72.33 53.39 -37.23
C GLU B 243 73.30 53.82 -38.32
N ASP B 244 72.91 54.76 -39.18
CA ASP B 244 73.86 55.26 -40.17
C ASP B 244 75.04 55.95 -39.50
N VAL B 245 74.76 56.87 -38.56
CA VAL B 245 75.87 57.58 -37.93
C VAL B 245 76.70 56.63 -37.07
N TYR B 246 76.07 55.65 -36.42
CA TYR B 246 76.83 54.68 -35.64
C TYR B 246 77.73 53.84 -36.53
N ALA B 247 77.25 53.46 -37.72
CA ALA B 247 78.08 52.69 -38.63
C ALA B 247 79.31 53.46 -39.04
N LEU B 248 79.14 54.74 -39.40
CA LEU B 248 80.31 55.53 -39.77
C LEU B 248 81.27 55.70 -38.60
N PHE B 249 80.73 55.97 -37.41
CA PHE B 249 81.56 56.11 -36.22
C PHE B 249 82.32 54.84 -35.91
N HIS B 250 81.66 53.68 -36.02
CA HIS B 250 82.30 52.43 -35.67
C HIS B 250 83.38 52.06 -36.66
N ARG B 251 83.18 52.37 -37.94
CA ARG B 251 84.27 52.21 -38.91
C ARG B 251 85.44 53.09 -38.53
N GLU B 252 85.17 54.31 -38.08
CA GLU B 252 86.27 55.17 -37.64
C GLU B 252 86.99 54.59 -36.42
N ILE B 253 86.23 53.98 -35.50
CA ILE B 253 86.82 53.35 -34.32
C ILE B 253 87.74 52.21 -34.74
N GLU B 254 87.25 51.31 -35.59
CA GLU B 254 88.05 50.18 -36.05
C GLU B 254 89.23 50.63 -36.91
N ARG B 255 89.18 51.84 -37.46
CA ARG B 255 90.35 52.36 -38.17
C ARG B 255 91.55 52.47 -37.26
N LEU B 256 91.34 52.93 -36.03
CA LEU B 256 92.45 53.17 -35.11
C LEU B 256 92.98 51.90 -34.44
N GLY B 257 92.35 50.75 -34.68
CA GLY B 257 92.90 49.50 -34.21
C GLY B 257 92.88 49.39 -32.70
N PHE B 258 94.03 49.02 -32.13
CA PHE B 258 94.18 48.88 -30.67
C PHE B 258 94.74 50.17 -30.07
N GLU B 259 94.06 51.27 -30.35
CA GLU B 259 94.39 52.57 -29.80
C GLU B 259 93.24 53.52 -30.09
N ALA B 260 92.78 54.24 -29.07
CA ALA B 260 91.74 55.25 -29.19
C ALA B 260 91.57 55.98 -27.87
N PRO B 261 91.32 57.28 -27.88
CA PRO B 261 91.09 57.99 -26.62
C PRO B 261 89.90 57.40 -25.87
N GLU B 262 89.97 57.45 -24.54
CA GLU B 262 88.98 56.77 -23.72
C GLU B 262 87.58 57.29 -23.96
N GLU B 263 87.43 58.56 -24.34
CA GLU B 263 86.08 59.07 -24.57
C GLU B 263 85.44 58.43 -25.79
N LEU B 264 86.22 58.06 -26.81
CA LEU B 264 85.66 57.27 -27.90
C LEU B 264 85.15 55.93 -27.38
N ARG B 265 85.93 55.29 -26.50
CA ARG B 265 85.55 53.98 -25.99
C ARG B 265 84.27 54.07 -25.16
N VAL B 266 84.12 55.12 -24.36
CA VAL B 266 82.91 55.28 -23.56
C VAL B 266 81.72 55.64 -24.44
N ALA B 267 81.93 56.52 -25.42
CA ALA B 267 80.86 56.89 -26.33
C ALA B 267 80.36 55.69 -27.11
N ASP B 268 81.23 54.74 -27.42
CA ASP B 268 80.81 53.54 -28.14
C ASP B 268 79.77 52.78 -27.33
N LEU B 269 80.00 52.61 -26.03
CA LEU B 269 79.04 51.89 -25.20
C LEU B 269 77.77 52.71 -25.00
N LEU B 270 77.91 54.03 -24.88
CA LEU B 270 76.73 54.89 -24.74
C LEU B 270 75.84 54.78 -25.97
N LEU B 271 76.44 54.83 -27.15
CA LEU B 271 75.68 54.74 -28.39
C LEU B 271 75.06 53.36 -28.55
N ALA B 272 75.77 52.31 -28.17
CA ALA B 272 75.18 50.97 -28.22
C ALA B 272 73.95 50.89 -27.33
N ARG B 273 74.03 51.43 -26.11
CA ARG B 273 72.87 51.37 -25.22
C ARG B 273 71.72 52.22 -25.73
N ALA B 274 72.03 53.38 -26.32
CA ALA B 274 70.98 54.21 -26.91
C ALA B 274 70.25 53.46 -28.00
N ILE B 275 71.00 52.79 -28.88
CA ILE B 275 70.38 52.04 -29.97
C ILE B 275 69.54 50.91 -29.42
N ALA B 276 70.04 50.21 -28.40
CA ALA B 276 69.26 49.11 -27.81
C ALA B 276 67.96 49.62 -27.23
N LEU B 277 68.00 50.75 -26.51
CA LEU B 277 66.78 51.30 -25.93
C LEU B 277 65.79 51.72 -27.01
N ILE B 278 66.28 52.38 -28.06
CA ILE B 278 65.38 52.82 -29.14
C ILE B 278 64.73 51.62 -29.81
N LYS B 279 65.51 50.56 -30.06
CA LYS B 279 64.92 49.36 -30.66
C LYS B 279 63.91 48.71 -29.73
N ALA B 280 64.10 48.84 -28.41
CA ALA B 280 63.18 48.23 -27.47
C ALA B 280 61.92 49.05 -27.22
N ILE B 281 61.85 50.28 -27.73
CA ILE B 281 60.65 51.11 -27.58
C ILE B 281 59.44 50.40 -28.15
N THR C 24 114.67 20.02 -9.23
CA THR C 24 113.83 20.94 -8.46
C THR C 24 112.36 20.75 -8.80
N VAL C 25 112.10 20.02 -9.89
CA VAL C 25 110.73 19.87 -10.37
C VAL C 25 109.87 19.16 -9.34
N VAL C 26 110.38 18.08 -8.75
CA VAL C 26 109.62 17.37 -7.73
C VAL C 26 109.46 18.23 -6.49
N GLU C 27 110.47 19.05 -6.16
CA GLU C 27 110.31 20.01 -5.08
C GLU C 27 109.23 21.04 -5.41
N GLU C 28 109.16 21.45 -6.68
CA GLU C 28 108.10 22.38 -7.08
C GLU C 28 106.72 21.74 -6.93
N VAL C 29 106.58 20.47 -7.29
CA VAL C 29 105.31 19.79 -7.13
C VAL C 29 104.94 19.67 -5.65
N ARG C 30 105.91 19.32 -4.81
CA ARG C 30 105.65 19.24 -3.38
C ARG C 30 105.24 20.59 -2.82
N ARG C 31 105.96 21.65 -3.19
CA ARG C 31 105.63 22.99 -2.69
C ARG C 31 104.25 23.42 -3.15
N PHE C 32 103.91 23.15 -4.41
CA PHE C 32 102.59 23.49 -4.93
C PHE C 32 101.50 22.78 -4.14
N ALA C 33 101.66 21.47 -3.91
CA ALA C 33 100.64 20.71 -3.20
C ALA C 33 100.49 21.19 -1.77
N GLU C 34 101.62 21.38 -1.06
CA GLU C 34 101.52 21.82 0.33
C GLU C 34 100.94 23.21 0.44
N GLU C 35 101.30 24.12 -0.45
CA GLU C 35 100.73 25.47 -0.41
C GLU C 35 99.23 25.43 -0.64
N LEU C 36 98.78 24.63 -1.61
CA LEU C 36 97.35 24.52 -1.84
C LEU C 36 96.63 23.93 -0.63
N ALA C 37 97.22 22.92 0.02
CA ALA C 37 96.60 22.32 1.20
C ALA C 37 96.55 23.30 2.36
N GLU C 38 97.62 24.06 2.56
CA GLU C 38 97.61 25.08 3.61
C GLU C 38 96.54 26.13 3.36
N GLU C 39 96.39 26.57 2.10
CA GLU C 39 95.35 27.54 1.79
C GLU C 39 93.96 26.95 2.01
N VAL C 40 93.79 25.66 1.69
CA VAL C 40 92.50 25.02 1.93
C VAL C 40 92.19 25.04 3.42
N LEU C 41 93.18 24.73 4.25
CA LEU C 41 92.96 24.71 5.69
C LEU C 41 92.72 26.12 6.24
N ARG C 42 93.44 27.12 5.72
CA ARG C 42 93.24 28.48 6.18
C ARG C 42 91.83 28.98 5.86
N VAL C 43 91.38 28.75 4.62
CA VAL C 43 90.07 29.25 4.23
C VAL C 43 88.96 28.48 4.93
N GLY C 44 89.06 27.14 4.96
CA GLY C 44 88.01 26.32 5.49
C GLY C 44 88.21 25.81 6.90
N GLY C 45 89.38 26.05 7.50
CA GLY C 45 89.58 25.64 8.87
C GLY C 45 89.66 24.12 9.01
N GLU C 46 89.22 23.67 10.19
CA GLU C 46 89.14 22.25 10.47
C GLU C 46 87.86 21.63 9.96
N ALA C 47 86.98 22.42 9.35
CA ALA C 47 85.75 21.86 8.79
C ALA C 47 86.05 20.89 7.65
N MET C 48 87.01 21.23 6.79
CA MET C 48 87.42 20.39 5.67
C MET C 48 88.90 20.05 5.86
N ARG C 49 89.16 19.04 6.68
CA ARG C 49 90.47 18.42 6.81
C ARG C 49 90.70 17.35 5.74
N PRO C 50 89.68 16.54 5.37
CA PRO C 50 89.91 15.55 4.30
C PRO C 50 90.53 16.12 3.03
N TYR C 51 90.10 17.31 2.60
CA TYR C 51 90.60 17.85 1.34
C TYR C 51 92.07 18.18 1.42
N ALA C 52 92.55 18.62 2.58
CA ALA C 52 93.99 18.82 2.75
C ALA C 52 94.75 17.51 2.60
N GLU C 53 94.19 16.42 3.13
CA GLU C 53 94.83 15.12 2.98
C GLU C 53 94.82 14.66 1.53
N MET C 54 93.72 14.87 0.82
CA MET C 54 93.69 14.52 -0.60
C MET C 54 94.72 15.30 -1.38
N VAL C 55 94.83 16.60 -1.12
CA VAL C 55 95.81 17.40 -1.85
C VAL C 55 97.22 16.92 -1.54
N ARG C 56 97.51 16.61 -0.28
CA ARG C 56 98.86 16.21 0.09
C ARG C 56 99.21 14.84 -0.48
N HIS C 57 98.28 13.89 -0.45
CA HIS C 57 98.55 12.58 -1.05
C HIS C 57 98.64 12.65 -2.56
N LEU C 58 97.86 13.51 -3.22
CA LEU C 58 97.98 13.63 -4.66
C LEU C 58 99.30 14.30 -5.06
N GLY C 59 99.77 15.26 -4.26
CA GLY C 59 101.12 15.75 -4.46
C GLY C 59 102.16 14.66 -4.27
N GLU C 60 101.95 13.79 -3.29
CA GLU C 60 102.89 12.69 -3.05
C GLU C 60 102.89 11.69 -4.21
N ALA C 61 101.71 11.34 -4.73
CA ALA C 61 101.64 10.44 -5.87
C ALA C 61 102.31 11.05 -7.10
N ALA C 62 102.10 12.36 -7.32
CA ALA C 62 102.75 13.02 -8.44
C ALA C 62 104.26 12.98 -8.32
N VAL C 63 104.79 13.28 -7.13
CA VAL C 63 106.25 13.28 -7.00
C VAL C 63 106.79 11.86 -7.07
N ALA C 64 106.02 10.87 -6.60
CA ALA C 64 106.40 9.48 -6.79
C ALA C 64 106.53 9.15 -8.26
N ALA C 65 105.54 9.54 -9.06
CA ALA C 65 105.58 9.29 -10.50
C ALA C 65 106.77 9.98 -11.16
N LEU C 66 107.05 11.23 -10.77
CA LEU C 66 108.19 11.93 -11.33
C LEU C 66 109.52 11.35 -10.88
N GLU C 67 109.55 10.60 -9.78
CA GLU C 67 110.81 10.04 -9.29
C GLU C 67 110.83 8.53 -9.40
N GLY C 68 110.40 8.00 -10.54
CA GLY C 68 110.32 6.57 -10.73
C GLY C 68 108.93 6.05 -10.39
N ARG C 69 108.88 4.77 -10.04
CA ARG C 69 107.69 4.13 -9.49
C ARG C 69 106.51 4.10 -10.45
N ALA C 70 105.64 3.10 -10.27
CA ALA C 70 104.35 3.05 -10.93
C ALA C 70 103.25 2.46 -10.07
N GLU C 71 103.59 1.84 -8.94
CA GLU C 71 102.65 1.17 -8.06
C GLU C 71 102.26 2.04 -6.87
N GLU C 72 103.22 2.81 -6.34
CA GLU C 72 102.91 3.73 -5.26
C GLU C 72 101.92 4.80 -5.73
N ALA C 73 102.10 5.29 -6.95
CA ALA C 73 101.15 6.23 -7.51
C ALA C 73 99.76 5.60 -7.62
N ASP C 74 99.70 4.35 -8.06
CA ASP C 74 98.43 3.63 -8.14
C ASP C 74 97.76 3.54 -6.77
N ARG C 75 98.54 3.17 -5.76
CA ARG C 75 97.98 2.99 -4.43
C ARG C 75 97.48 4.32 -3.85
N LEU C 76 98.29 5.37 -3.97
CA LEU C 76 97.90 6.66 -3.43
C LEU C 76 96.66 7.20 -4.14
N VAL C 77 96.58 7.03 -5.46
CA VAL C 77 95.41 7.49 -6.18
C VAL C 77 94.17 6.71 -5.77
N ARG C 78 94.32 5.41 -5.53
CA ARG C 78 93.19 4.61 -5.05
C ARG C 78 92.75 5.04 -3.66
N ASP C 79 93.70 5.35 -2.78
CA ASP C 79 93.37 5.84 -1.45
C ASP C 79 92.62 7.18 -1.52
N VAL C 80 93.10 8.08 -2.37
CA VAL C 80 92.44 9.37 -2.52
C VAL C 80 91.05 9.18 -3.13
N LEU C 81 90.90 8.21 -4.03
CA LEU C 81 89.59 7.89 -4.55
C LEU C 81 88.66 7.41 -3.45
N GLU C 82 89.18 6.61 -2.52
CA GLU C 82 88.36 6.18 -1.39
C GLU C 82 87.93 7.36 -0.53
N MET C 83 88.85 8.28 -0.25
CA MET C 83 88.47 9.48 0.52
C MET C 83 87.39 10.27 -0.20
N ALA C 84 87.55 10.45 -1.50
CA ALA C 84 86.54 11.17 -2.26
C ALA C 84 85.20 10.47 -2.20
N ARG C 85 85.21 9.14 -2.22
CA ARG C 85 83.97 8.38 -2.11
C ARG C 85 83.30 8.63 -0.77
N GLU C 86 84.07 8.60 0.32
CA GLU C 86 83.44 8.72 1.63
C GLU C 86 82.97 10.14 1.91
N VAL C 87 83.75 11.15 1.51
CA VAL C 87 83.38 12.54 1.78
C VAL C 87 82.08 12.89 1.07
N GLY C 88 81.94 12.47 -0.19
CA GLY C 88 80.79 12.81 -1.00
C GLY C 88 81.12 13.52 -2.28
N ALA C 89 82.40 13.77 -2.57
CA ALA C 89 82.79 14.44 -3.81
C ALA C 89 82.57 13.49 -4.99
N GLU C 90 81.63 13.84 -5.86
CA GLU C 90 81.32 12.99 -7.01
C GLU C 90 82.23 13.28 -8.19
N GLY C 91 82.24 14.53 -8.66
CA GLY C 91 83.07 14.88 -9.80
C GLY C 91 84.54 14.63 -9.52
N LEU C 92 84.97 14.91 -8.30
CA LEU C 92 86.36 14.62 -7.93
C LEU C 92 86.63 13.13 -8.01
N ALA C 93 85.69 12.29 -7.56
CA ALA C 93 85.87 10.85 -7.63
C ALA C 93 85.98 10.37 -9.07
N ARG C 94 85.11 10.88 -9.95
CA ARG C 94 85.17 10.47 -11.35
C ARG C 94 86.50 10.88 -11.97
N LEU C 95 86.93 12.12 -11.73
CA LEU C 95 88.20 12.56 -12.25
C LEU C 95 89.34 11.71 -11.70
N LEU C 96 89.23 11.25 -10.46
CA LEU C 96 90.29 10.44 -9.87
C LEU C 96 90.35 9.06 -10.51
N GLU C 97 89.20 8.46 -10.83
CA GLU C 97 89.22 7.20 -11.56
C GLU C 97 89.87 7.36 -12.92
N ARG C 98 89.52 8.44 -13.64
CA ARG C 98 90.14 8.68 -14.93
C ARG C 98 91.64 8.88 -14.80
N VAL C 99 92.07 9.63 -13.78
CA VAL C 99 93.49 9.79 -13.52
C VAL C 99 94.13 8.43 -13.28
N HIS C 100 93.44 7.55 -12.56
CA HIS C 100 93.99 6.23 -12.26
C HIS C 100 94.26 5.44 -13.54
N ARG C 101 93.25 5.34 -14.41
CA ARG C 101 93.40 4.53 -15.63
C ARG C 101 94.46 5.11 -16.56
N GLU C 102 94.37 6.40 -16.85
CA GLU C 102 95.37 7.01 -17.74
C GLU C 102 96.76 7.01 -17.12
N ALA C 103 96.87 7.12 -15.80
CA ALA C 103 98.18 7.02 -15.18
C ALA C 103 98.78 5.64 -15.43
N ARG C 104 97.96 4.59 -15.28
CA ARG C 104 98.44 3.25 -15.57
C ARG C 104 98.91 3.12 -17.01
N GLU C 105 98.08 3.58 -17.96
CA GLU C 105 98.44 3.44 -19.37
C GLU C 105 99.74 4.17 -19.69
N LEU C 106 99.84 5.43 -19.28
CA LEU C 106 101.01 6.22 -19.63
C LEU C 106 102.26 5.73 -18.91
N LEU C 107 102.11 5.20 -17.70
CA LEU C 107 103.27 4.67 -17.01
C LEU C 107 103.73 3.35 -17.65
N ARG C 108 102.79 2.57 -18.19
CA ARG C 108 103.18 1.40 -18.97
C ARG C 108 103.93 1.82 -20.23
N GLU C 109 103.46 2.87 -20.89
CA GLU C 109 104.15 3.37 -22.09
C GLU C 109 105.47 4.03 -21.77
N GLY C 110 105.79 4.28 -20.50
CA GLY C 110 107.06 4.85 -20.12
C GLY C 110 107.11 6.36 -20.05
N ARG C 111 106.03 7.05 -20.39
CA ARG C 111 105.97 8.51 -20.32
C ARG C 111 105.60 8.92 -18.90
N ARG C 112 106.43 9.74 -18.28
CA ARG C 112 106.26 10.08 -16.87
C ARG C 112 105.68 11.47 -16.64
N GLU C 113 106.06 12.45 -17.46
CA GLU C 113 105.64 13.83 -17.19
C GLU C 113 104.13 13.97 -17.25
N GLU C 114 103.48 13.35 -18.24
CA GLU C 114 102.06 13.55 -18.41
C GLU C 114 101.24 12.85 -17.32
N ALA C 115 101.72 11.74 -16.78
CA ALA C 115 101.01 11.11 -15.66
C ALA C 115 101.04 12.00 -14.43
N ALA C 116 102.22 12.55 -14.10
CA ALA C 116 102.30 13.54 -13.02
C ALA C 116 101.45 14.76 -13.34
N ALA C 117 101.32 15.10 -14.62
CA ALA C 117 100.48 16.23 -14.99
C ALA C 117 99.02 15.96 -14.68
N LEU C 118 98.53 14.75 -15.01
CA LEU C 118 97.16 14.40 -14.65
C LEU C 118 96.96 14.43 -13.14
N VAL C 119 97.95 13.91 -12.40
CA VAL C 119 97.83 13.90 -10.94
C VAL C 119 97.79 15.32 -10.39
N LEU C 120 98.65 16.21 -10.91
CA LEU C 120 98.66 17.59 -10.45
C LEU C 120 97.35 18.30 -10.75
N ALA C 121 96.79 18.04 -11.93
CA ALA C 121 95.48 18.61 -12.25
C ALA C 121 94.42 18.11 -11.28
N ALA C 122 94.48 16.84 -10.91
CA ALA C 122 93.50 16.30 -9.95
C ALA C 122 93.67 16.93 -8.57
N ALA C 123 94.92 17.14 -8.13
CA ALA C 123 95.17 17.79 -6.85
C ALA C 123 94.64 19.21 -6.85
N LEU C 124 94.88 19.94 -7.93
CA LEU C 124 94.35 21.29 -8.04
C LEU C 124 92.84 21.29 -8.03
N ALA C 125 92.21 20.32 -8.70
CA ALA C 125 90.76 20.24 -8.68
C ALA C 125 90.25 20.03 -7.27
N ALA C 126 90.90 19.15 -6.51
CA ALA C 126 90.47 18.89 -5.14
C ALA C 126 90.59 20.14 -4.26
N GLY C 127 91.77 20.77 -4.29
CA GLY C 127 91.97 21.97 -3.47
C GLY C 127 91.03 23.10 -3.85
N ALA C 128 90.90 23.36 -5.16
CA ALA C 128 90.04 24.43 -5.62
C ALA C 128 88.58 24.16 -5.29
N VAL C 129 88.16 22.90 -5.38
CA VAL C 129 86.80 22.54 -4.99
C VAL C 129 86.57 22.84 -3.52
N ALA C 130 87.52 22.46 -2.68
CA ALA C 130 87.39 22.74 -1.25
C ALA C 130 87.26 24.23 -0.98
N VAL C 131 88.16 25.03 -1.57
CA VAL C 131 88.12 26.47 -1.34
C VAL C 131 86.84 27.08 -1.88
N ALA C 132 86.34 26.58 -3.01
CA ALA C 132 85.12 27.11 -3.58
C ALA C 132 83.92 26.86 -2.68
N GLU C 133 83.80 25.65 -2.14
CA GLU C 133 82.68 25.40 -1.23
C GLU C 133 82.85 26.18 0.07
N ALA C 134 84.09 26.41 0.50
CA ALA C 134 84.31 27.23 1.68
C ALA C 134 83.81 28.65 1.45
N TYR C 135 84.13 29.23 0.29
CA TYR C 135 83.66 30.58 -0.01
C TYR C 135 82.14 30.62 -0.10
N VAL C 136 81.54 29.61 -0.74
CA VAL C 136 80.09 29.61 -0.90
C VAL C 136 79.40 29.46 0.45
N ARG C 137 79.99 28.68 1.37
CA ARG C 137 79.35 28.47 2.66
C ARG C 137 79.23 29.77 3.45
N LEU C 138 80.28 30.57 3.47
CA LEU C 138 80.27 31.84 4.19
C LEU C 138 79.84 33.01 3.30
N GLY C 139 79.28 32.73 2.13
CA GLY C 139 78.59 33.74 1.34
C GLY C 139 79.42 34.89 0.80
N GLN C 140 80.62 34.62 0.30
CA GLN C 140 81.40 35.66 -0.35
C GLN C 140 80.95 35.81 -1.81
N PRO C 141 81.18 36.98 -2.40
CA PRO C 141 80.69 37.22 -3.77
C PRO C 141 81.47 36.41 -4.80
N ILE C 142 80.90 36.35 -6.00
CA ILE C 142 81.41 35.47 -7.06
C ILE C 142 82.68 36.00 -7.70
N ARG C 143 82.95 37.31 -7.60
CA ARG C 143 84.18 37.83 -8.16
C ARG C 143 85.40 37.13 -7.57
N LEU C 144 85.41 36.90 -6.26
CA LEU C 144 86.54 36.23 -5.63
C LEU C 144 86.69 34.80 -6.11
N ILE C 145 85.59 34.06 -6.24
CA ILE C 145 85.70 32.69 -6.74
C ILE C 145 86.29 32.69 -8.14
N ALA C 146 85.78 33.57 -9.01
CA ALA C 146 86.24 33.60 -10.39
C ALA C 146 87.71 33.99 -10.47
N GLU C 147 88.12 35.03 -9.76
CA GLU C 147 89.51 35.47 -9.81
C GLU C 147 90.44 34.42 -9.21
N TYR C 148 90.02 33.80 -8.10
CA TYR C 148 90.83 32.75 -7.49
C TYR C 148 91.07 31.60 -8.45
N VAL C 149 89.98 31.08 -9.03
CA VAL C 149 90.11 29.92 -9.90
C VAL C 149 90.94 30.26 -11.13
N ALA C 150 90.70 31.43 -11.73
CA ALA C 150 91.47 31.81 -12.92
C ALA C 150 92.95 31.92 -12.61
N GLU C 151 93.30 32.51 -11.47
CA GLU C 151 94.71 32.67 -11.15
C GLU C 151 95.36 31.32 -10.86
N ARG C 152 94.63 30.41 -10.19
CA ARG C 152 95.17 29.08 -9.96
C ARG C 152 95.41 28.35 -11.27
N LEU C 153 94.47 28.48 -12.22
CA LEU C 153 94.65 27.83 -13.51
C LEU C 153 95.85 28.38 -14.24
N VAL C 154 96.07 29.69 -14.18
CA VAL C 154 97.24 30.26 -14.85
C VAL C 154 98.53 29.75 -14.20
N GLU C 155 98.57 29.67 -12.88
CA GLU C 155 99.76 29.16 -12.19
C GLU C 155 100.03 27.71 -12.56
N LEU C 156 98.99 26.89 -12.59
CA LEU C 156 99.16 25.49 -13.01
C LEU C 156 99.62 25.39 -14.45
N ALA C 157 99.11 26.25 -15.33
CA ALA C 157 99.55 26.25 -16.72
C ALA C 157 101.03 26.59 -16.82
N GLU C 158 101.48 27.54 -16.01
CA GLU C 158 102.91 27.85 -15.99
C GLU C 158 103.73 26.67 -15.52
N LEU C 159 103.25 25.98 -14.47
CA LEU C 159 103.98 24.80 -13.98
C LEU C 159 104.05 23.71 -15.05
N LEU C 160 102.92 23.41 -15.68
CA LEU C 160 102.89 22.37 -16.70
C LEU C 160 103.75 22.75 -17.91
N ARG C 161 103.82 24.03 -18.24
CA ARG C 161 104.77 24.47 -19.25
C ARG C 161 106.20 24.20 -18.82
N ARG C 162 106.50 24.42 -17.53
CA ARG C 162 107.84 24.14 -17.05
C ARG C 162 108.18 22.66 -17.13
N LEU C 163 107.23 21.78 -16.82
CA LEU C 163 107.48 20.35 -16.88
C LEU C 163 107.81 19.90 -18.30
N GLY C 164 106.94 20.23 -19.26
CA GLY C 164 107.17 19.87 -20.64
C GLY C 164 105.98 19.28 -21.38
N VAL C 165 104.82 19.27 -20.74
CA VAL C 165 103.62 18.74 -21.39
C VAL C 165 103.27 19.60 -22.59
N PRO C 166 102.82 19.04 -23.71
CA PRO C 166 102.40 19.88 -24.85
C PRO C 166 101.17 20.72 -24.52
N LEU C 167 101.06 21.85 -25.21
CA LEU C 167 100.12 22.89 -24.80
C LEU C 167 98.68 22.43 -24.89
N ARG C 168 98.32 21.68 -25.93
CA ARG C 168 96.94 21.27 -26.08
C ARG C 168 96.50 20.37 -24.94
N ARG C 169 97.40 19.50 -24.47
CA ARG C 169 97.11 18.72 -23.27
C ARG C 169 96.93 19.60 -22.06
N ILE C 170 97.73 20.67 -21.95
CA ILE C 170 97.56 21.62 -20.85
C ILE C 170 96.15 22.18 -20.86
N ILE C 171 95.70 22.61 -22.03
CA ILE C 171 94.37 23.22 -22.12
C ILE C 171 93.29 22.20 -21.80
N ARG C 172 93.49 20.94 -22.22
CA ARG C 172 92.51 19.90 -21.91
C ARG C 172 92.43 19.64 -20.41
N LEU C 173 93.57 19.59 -19.73
CA LEU C 173 93.57 19.39 -18.28
C LEU C 173 92.91 20.57 -17.57
N LEU C 174 93.20 21.78 -18.03
CA LEU C 174 92.60 22.96 -17.41
C LEU C 174 91.09 22.96 -17.57
N GLU C 175 90.61 22.53 -18.73
CA GLU C 175 89.17 22.42 -18.91
C GLU C 175 88.56 21.34 -18.01
N GLU C 176 89.30 20.25 -17.78
CA GLU C 176 88.80 19.24 -16.84
C GLU C 176 88.68 19.81 -15.43
N VAL C 177 89.70 20.55 -15.00
CA VAL C 177 89.67 21.19 -13.67
C VAL C 177 88.47 22.13 -13.58
N LEU C 178 88.26 22.94 -14.62
CA LEU C 178 87.13 23.86 -14.62
C LEU C 178 85.81 23.11 -14.55
N ARG C 179 85.71 21.97 -15.24
CA ARG C 179 84.48 21.19 -15.19
C ARG C 179 84.21 20.67 -13.79
N VAL C 180 85.25 20.18 -13.11
CA VAL C 180 85.06 19.70 -11.74
C VAL C 180 84.63 20.84 -10.84
N VAL C 181 85.27 22.00 -10.98
CA VAL C 181 84.93 23.16 -10.14
C VAL C 181 83.49 23.59 -10.38
N ALA C 182 83.07 23.63 -11.64
CA ALA C 182 81.69 24.01 -11.95
C ALA C 182 80.70 23.01 -11.36
N GLU C 183 81.02 21.71 -11.42
CA GLU C 183 80.15 20.72 -10.81
C GLU C 183 80.06 20.94 -9.30
N ALA C 184 81.18 21.23 -8.66
CA ALA C 184 81.18 21.48 -7.22
C ALA C 184 80.31 22.67 -6.88
N LEU C 185 80.46 23.76 -7.63
CA LEU C 185 79.63 24.95 -7.39
C LEU C 185 78.16 24.67 -7.64
N ARG C 186 77.85 23.82 -8.61
CA ARG C 186 76.45 23.46 -8.85
C ARG C 186 75.89 22.68 -7.66
N ARG C 187 76.67 21.76 -7.10
CA ARG C 187 76.18 21.00 -5.95
C ARG C 187 75.99 21.88 -4.72
N ALA C 188 76.71 23.01 -4.65
CA ALA C 188 76.59 23.93 -3.53
C ALA C 188 75.43 24.89 -3.69
N GLY C 189 74.65 24.77 -4.74
CA GLY C 189 73.48 25.63 -4.94
C GLY C 189 73.74 26.95 -5.63
N VAL C 190 74.96 27.19 -6.11
CA VAL C 190 75.24 28.45 -6.81
C VAL C 190 74.41 28.51 -8.09
N PRO C 191 73.74 29.62 -8.39
CA PRO C 191 72.90 29.67 -9.59
C PRO C 191 73.74 29.52 -10.86
N GLU C 192 73.11 28.95 -11.89
CA GLU C 192 73.83 28.64 -13.13
C GLU C 192 74.51 29.85 -13.78
N PRO C 193 73.87 31.03 -13.89
CA PRO C 193 74.57 32.17 -14.51
C PRO C 193 75.87 32.52 -13.84
N GLU C 194 75.97 32.38 -12.53
CA GLU C 194 77.25 32.67 -11.87
C GLU C 194 78.30 31.62 -12.21
N ILE C 195 77.90 30.37 -12.40
CA ILE C 195 78.83 29.34 -12.86
C ILE C 195 79.35 29.69 -14.25
N ARG C 196 78.45 30.11 -15.14
CA ARG C 196 78.88 30.51 -16.47
C ARG C 196 79.80 31.71 -16.42
N LYS C 197 79.52 32.66 -15.52
CA LYS C 197 80.41 33.80 -15.35
C LYS C 197 81.79 33.36 -14.91
N VAL C 198 81.86 32.41 -13.98
CA VAL C 198 83.15 31.89 -13.53
C VAL C 198 83.91 31.29 -14.70
N GLU C 199 83.25 30.42 -15.47
CA GLU C 199 83.94 29.75 -16.56
C GLU C 199 84.38 30.73 -17.64
N ALA C 200 83.53 31.69 -18.00
CA ALA C 200 83.88 32.67 -19.03
C ALA C 200 85.06 33.52 -18.57
N ALA C 201 85.08 33.92 -17.30
CA ALA C 201 86.23 34.65 -16.79
C ALA C 201 87.50 33.82 -16.88
N ALA C 202 87.40 32.53 -16.55
CA ALA C 202 88.58 31.66 -16.64
C ALA C 202 89.09 31.55 -18.08
N TYR C 203 88.17 31.41 -19.03
CA TYR C 203 88.57 31.28 -20.43
C TYR C 203 89.20 32.55 -20.95
N ILE C 204 88.65 33.71 -20.58
CA ILE C 204 89.23 34.98 -21.04
C ILE C 204 90.60 35.19 -20.41
N ARG C 205 90.77 34.79 -19.14
CA ARG C 205 92.08 34.88 -18.51
C ARG C 205 93.10 33.99 -19.20
N LEU C 206 92.70 32.76 -19.53
CA LEU C 206 93.60 31.85 -20.23
C LEU C 206 93.95 32.37 -21.62
N ALA C 207 92.96 32.91 -22.33
CA ALA C 207 93.21 33.46 -23.66
C ALA C 207 94.19 34.63 -23.59
N ALA C 208 93.99 35.53 -22.62
CA ALA C 208 94.90 36.66 -22.45
C ALA C 208 96.30 36.19 -22.10
N TYR C 209 96.40 35.19 -21.22
CA TYR C 209 97.71 34.65 -20.84
C TYR C 209 98.43 34.04 -22.03
N LEU C 210 97.71 33.31 -22.87
CA LEU C 210 98.33 32.75 -24.07
C LEU C 210 98.76 33.85 -25.03
N LEU C 211 97.92 34.87 -25.20
CA LEU C 211 98.24 35.94 -26.14
C LEU C 211 99.45 36.74 -25.71
N ARG C 212 99.66 36.87 -24.39
CA ARG C 212 100.74 37.73 -23.93
C ARG C 212 102.12 37.18 -24.28
N GLN C 213 102.26 35.85 -24.33
CA GLN C 213 103.58 35.27 -24.56
C GLN C 213 104.12 35.64 -25.94
N LEU C 214 103.25 35.67 -26.95
CA LEU C 214 103.67 36.00 -28.31
C LEU C 214 103.78 37.49 -28.57
N GLY C 215 103.44 38.32 -27.59
CA GLY C 215 103.66 39.74 -27.75
C GLY C 215 102.49 40.47 -28.34
N TYR C 216 101.28 40.15 -27.88
CA TYR C 216 100.08 40.91 -28.22
C TYR C 216 99.59 41.53 -26.93
N GLU C 217 100.21 42.65 -26.56
CA GLU C 217 99.92 43.26 -25.28
C GLU C 217 98.57 43.98 -25.30
N ALA C 218 98.32 44.76 -26.35
CA ALA C 218 97.07 45.51 -26.43
C ALA C 218 95.88 44.57 -26.44
N LEU C 219 95.98 43.47 -27.17
CA LEU C 219 94.91 42.47 -27.19
C LEU C 219 94.63 41.94 -25.80
N ALA C 220 95.68 41.62 -25.04
CA ALA C 220 95.49 41.11 -23.69
C ALA C 220 94.86 42.14 -22.78
N LYS C 221 95.28 43.40 -22.89
CA LYS C 221 94.67 44.45 -22.07
C LYS C 221 93.19 44.60 -22.38
N ARG C 222 92.82 44.58 -23.66
CA ARG C 222 91.41 44.73 -23.99
C ARG C 222 90.59 43.54 -23.53
N LEU C 223 91.15 42.33 -23.62
CA LEU C 223 90.44 41.17 -23.12
C LEU C 223 90.23 41.24 -21.62
N LEU C 224 91.23 41.74 -20.89
CA LEU C 224 91.07 41.85 -19.46
C LEU C 224 90.13 42.98 -19.07
N GLU C 225 90.06 44.05 -19.87
CA GLU C 225 89.03 45.06 -19.67
C GLU C 225 87.64 44.46 -19.82
N ALA C 226 87.45 43.65 -20.86
CA ALA C 226 86.17 42.97 -21.04
C ALA C 226 85.85 42.05 -19.87
N ARG C 227 86.86 41.35 -19.35
CA ARG C 227 86.64 40.49 -18.18
C ARG C 227 86.25 41.31 -16.97
N GLU C 228 86.90 42.45 -16.76
CA GLU C 228 86.57 43.30 -15.62
C GLU C 228 85.14 43.79 -15.71
N LEU C 229 84.72 44.22 -16.89
CA LEU C 229 83.31 44.60 -17.05
C LEU C 229 82.39 43.41 -16.81
N LEU C 230 82.81 42.22 -17.19
CA LEU C 230 81.95 41.05 -17.00
C LEU C 230 81.76 40.71 -15.53
N LEU C 231 82.83 40.76 -14.74
CA LEU C 231 82.73 40.37 -13.34
C LEU C 231 81.93 41.37 -12.51
N GLU C 232 81.74 42.59 -13.01
CA GLU C 232 80.98 43.63 -12.33
C GLU C 232 79.48 43.52 -12.58
N GLY C 233 79.05 42.56 -13.39
CA GLY C 233 77.65 42.43 -13.74
C GLY C 233 77.23 43.11 -15.02
N ARG C 234 78.07 43.99 -15.57
CA ARG C 234 77.79 44.64 -16.84
C ARG C 234 78.04 43.65 -17.96
N VAL C 235 77.05 42.79 -18.20
CA VAL C 235 77.20 41.75 -19.21
C VAL C 235 77.19 42.35 -20.61
N GLU C 236 76.35 43.37 -20.84
CA GLU C 236 76.16 43.87 -22.20
C GLU C 236 77.40 44.58 -22.71
N GLU C 237 78.00 45.43 -21.89
CA GLU C 237 79.25 46.07 -22.27
C GLU C 237 80.37 45.05 -22.43
N ALA C 238 80.36 44.01 -21.58
CA ALA C 238 81.35 42.95 -21.72
C ALA C 238 81.24 42.25 -23.06
N ALA C 239 80.02 41.90 -23.46
CA ALA C 239 79.81 41.21 -24.74
C ALA C 239 80.16 42.12 -25.92
N HIS C 240 79.79 43.41 -25.86
CA HIS C 240 80.11 44.30 -26.97
C HIS C 240 81.61 44.48 -27.12
N LEU C 241 82.31 44.73 -26.02
CA LEU C 241 83.75 44.93 -26.09
C LEU C 241 84.47 43.64 -26.48
N LEU C 242 83.97 42.50 -26.00
CA LEU C 242 84.53 41.21 -26.38
C LEU C 242 84.36 40.95 -27.87
N GLU C 243 83.19 41.24 -28.43
CA GLU C 243 82.99 41.00 -29.85
C GLU C 243 83.86 41.92 -30.69
N ASP C 244 84.05 43.17 -30.26
CA ASP C 244 84.94 44.06 -31.03
C ASP C 244 86.37 43.53 -31.04
N VAL C 245 86.89 43.15 -29.86
CA VAL C 245 88.27 42.67 -29.83
C VAL C 245 88.41 41.33 -30.56
N TYR C 246 87.40 40.46 -30.47
CA TYR C 246 87.43 39.20 -31.21
C TYR C 246 87.43 39.44 -32.72
N ALA C 247 86.65 40.41 -33.18
CA ALA C 247 86.64 40.70 -34.61
C ALA C 247 88.01 41.16 -35.09
N LEU C 248 88.65 42.06 -34.33
CA LEU C 248 89.98 42.51 -34.75
C LEU C 248 90.98 41.36 -34.74
N PHE C 249 90.94 40.53 -33.69
CA PHE C 249 91.83 39.38 -33.59
C PHE C 249 91.60 38.40 -34.73
N HIS C 250 90.34 38.15 -35.09
CA HIS C 250 90.06 37.16 -36.13
C HIS C 250 90.49 37.66 -37.49
N ARG C 251 90.34 38.96 -37.74
CA ARG C 251 90.91 39.52 -38.96
C ARG C 251 92.42 39.33 -38.99
N GLU C 252 93.07 39.51 -37.84
CA GLU C 252 94.52 39.28 -37.79
C GLU C 252 94.86 37.82 -38.07
N ILE C 253 94.05 36.89 -37.57
CA ILE C 253 94.29 35.47 -37.85
C ILE C 253 94.14 35.19 -39.35
N GLU C 254 93.05 35.66 -39.94
CA GLU C 254 92.82 35.43 -41.37
C GLU C 254 93.85 36.13 -42.23
N ARG C 255 94.53 37.15 -41.70
CA ARG C 255 95.61 37.78 -42.46
C ARG C 255 96.73 36.78 -42.75
N LEU C 256 97.04 35.93 -41.79
CA LEU C 256 98.14 34.99 -41.93
C LEU C 256 97.79 33.74 -42.75
N GLY C 257 96.53 33.61 -43.17
CA GLY C 257 96.18 32.55 -44.10
C GLY C 257 96.28 31.18 -43.48
N PHE C 258 96.96 30.27 -44.19
CA PHE C 258 97.20 28.90 -43.71
C PHE C 258 98.55 28.80 -43.01
N GLU C 259 98.72 29.65 -41.99
CA GLU C 259 99.90 29.66 -41.14
C GLU C 259 99.63 30.53 -39.94
N ALA C 260 99.93 30.03 -38.75
CA ALA C 260 99.81 30.77 -37.50
C ALA C 260 100.40 29.96 -36.36
N PRO C 261 101.07 30.60 -35.40
CA PRO C 261 101.56 29.86 -34.23
C PRO C 261 100.42 29.17 -33.51
N GLU C 262 100.74 28.04 -32.87
CA GLU C 262 99.69 27.20 -32.31
C GLU C 262 98.92 27.90 -31.19
N GLU C 263 99.58 28.82 -30.48
CA GLU C 263 98.86 29.52 -29.41
C GLU C 263 97.77 30.43 -29.95
N LEU C 264 97.95 31.01 -31.13
CA LEU C 264 96.86 31.73 -31.78
C LEU C 264 95.70 30.79 -32.05
N ARG C 265 96.00 29.58 -32.54
CA ARG C 265 94.95 28.63 -32.87
C ARG C 265 94.19 28.19 -31.62
N VAL C 266 94.89 28.03 -30.50
CA VAL C 266 94.19 27.65 -29.27
C VAL C 266 93.38 28.81 -28.73
N ALA C 267 93.95 30.02 -28.74
CA ALA C 267 93.26 31.19 -28.22
C ALA C 267 92.01 31.50 -29.02
N ASP C 268 92.00 31.20 -30.32
CA ASP C 268 90.81 31.46 -31.12
C ASP C 268 89.65 30.61 -30.60
N LEU C 269 89.91 29.34 -30.30
CA LEU C 269 88.86 28.48 -29.77
C LEU C 269 88.46 28.90 -28.36
N LEU C 270 89.44 29.32 -27.55
CA LEU C 270 89.13 29.79 -26.19
C LEU C 270 88.22 31.01 -26.23
N LEU C 271 88.54 31.98 -27.09
CA LEU C 271 87.73 33.18 -27.21
C LEU C 271 86.34 32.86 -27.73
N ALA C 272 86.24 31.94 -28.70
CA ALA C 272 84.92 31.55 -29.18
C ALA C 272 84.08 30.94 -28.06
N ARG C 273 84.67 30.07 -27.25
CA ARG C 273 83.92 29.47 -26.14
C ARG C 273 83.54 30.52 -25.10
N ALA C 274 84.44 31.46 -24.82
CA ALA C 274 84.13 32.53 -23.88
C ALA C 274 82.95 33.36 -24.35
N ILE C 275 82.93 33.70 -25.65
CA ILE C 275 81.84 34.47 -26.20
C ILE C 275 80.54 33.68 -26.15
N ALA C 276 80.59 32.38 -26.45
CA ALA C 276 79.39 31.56 -26.38
C ALA C 276 78.84 31.53 -24.96
N LEU C 277 79.71 31.36 -23.96
CA LEU C 277 79.26 31.32 -22.57
C LEU C 277 78.65 32.65 -22.14
N ILE C 278 79.29 33.76 -22.50
CA ILE C 278 78.74 35.06 -22.14
C ILE C 278 77.37 35.28 -22.78
N LYS C 279 77.24 34.89 -24.05
CA LYS C 279 75.94 35.00 -24.71
C LYS C 279 74.89 34.13 -24.05
N ALA C 280 75.30 32.99 -23.50
CA ALA C 280 74.34 32.07 -22.89
C ALA C 280 73.99 32.45 -21.44
N ILE C 281 74.66 33.43 -20.86
CA ILE C 281 74.33 33.88 -19.51
C ILE C 281 72.87 34.33 -19.44
N THR D 24 96.72 -6.43 -65.13
CA THR D 24 96.80 -6.58 -63.69
C THR D 24 95.53 -6.08 -63.02
N VAL D 25 94.68 -5.41 -63.80
CA VAL D 25 93.48 -4.79 -63.25
C VAL D 25 92.54 -5.84 -62.68
N VAL D 26 92.32 -6.93 -63.42
CA VAL D 26 91.47 -8.00 -62.91
C VAL D 26 92.09 -8.65 -61.70
N GLU D 27 93.43 -8.79 -61.69
CA GLU D 27 94.09 -9.29 -60.50
C GLU D 27 93.91 -8.34 -59.32
N GLU D 28 93.94 -7.02 -59.58
CA GLU D 28 93.70 -6.06 -58.51
C GLU D 28 92.29 -6.17 -57.97
N VAL D 29 91.31 -6.37 -58.83
CA VAL D 29 89.93 -6.54 -58.38
C VAL D 29 89.79 -7.82 -57.55
N ARG D 30 90.39 -8.91 -58.02
CA ARG D 30 90.36 -10.16 -57.25
C ARG D 30 91.01 -9.98 -55.88
N ARG D 31 92.18 -9.34 -55.86
CA ARG D 31 92.88 -9.12 -54.59
C ARG D 31 92.06 -8.26 -53.65
N PHE D 32 91.44 -7.20 -54.17
CA PHE D 32 90.60 -6.33 -53.35
C PHE D 32 89.45 -7.10 -52.74
N ALA D 33 88.76 -7.90 -53.56
CA ALA D 33 87.61 -8.65 -53.06
C ALA D 33 88.02 -9.68 -52.02
N GLU D 34 89.09 -10.43 -52.30
CA GLU D 34 89.51 -11.47 -51.35
C GLU D 34 90.03 -10.87 -50.05
N GLU D 35 90.77 -9.76 -50.13
CA GLU D 35 91.23 -9.11 -48.91
C GLU D 35 90.07 -8.61 -48.07
N LEU D 36 89.06 -8.00 -48.72
CA LEU D 36 87.89 -7.56 -47.97
C LEU D 36 87.18 -8.74 -47.32
N ALA D 37 87.04 -9.86 -48.05
CA ALA D 37 86.37 -11.03 -47.49
C ALA D 37 87.14 -11.62 -46.31
N GLU D 38 88.47 -11.68 -46.43
CA GLU D 38 89.29 -12.16 -45.32
C GLU D 38 89.12 -11.26 -44.10
N GLU D 39 89.07 -9.94 -44.31
CA GLU D 39 88.87 -9.03 -43.18
C GLU D 39 87.50 -9.24 -42.55
N VAL D 40 86.48 -9.49 -43.36
CA VAL D 40 85.16 -9.80 -42.81
C VAL D 40 85.23 -11.02 -41.92
N LEU D 41 85.91 -12.07 -42.41
CA LEU D 41 85.99 -13.32 -41.64
C LEU D 41 86.82 -13.15 -40.37
N ARG D 42 87.89 -12.35 -40.43
CA ARG D 42 88.69 -12.12 -39.23
C ARG D 42 87.90 -11.33 -38.19
N VAL D 43 87.23 -10.26 -38.60
CA VAL D 43 86.54 -9.42 -37.63
C VAL D 43 85.33 -10.15 -37.05
N GLY D 44 84.55 -10.80 -37.90
CA GLY D 44 83.33 -11.44 -37.45
C GLY D 44 83.36 -12.94 -37.29
N GLY D 45 84.45 -13.59 -37.67
CA GLY D 45 84.53 -15.02 -37.49
C GLY D 45 83.58 -15.78 -38.41
N GLU D 46 83.10 -16.91 -37.92
CA GLU D 46 82.14 -17.73 -38.63
C GLU D 46 80.71 -17.27 -38.41
N ALA D 47 80.51 -16.21 -37.61
CA ALA D 47 79.16 -15.70 -37.39
C ALA D 47 78.56 -15.20 -38.69
N MET D 48 79.35 -14.47 -39.49
CA MET D 48 78.93 -13.96 -40.80
C MET D 48 79.86 -14.55 -41.85
N ARG D 49 79.53 -15.77 -42.28
CA ARG D 49 80.10 -16.41 -43.45
C ARG D 49 79.38 -15.99 -44.74
N PRO D 50 78.06 -15.79 -44.72
CA PRO D 50 77.40 -15.31 -45.96
C PRO D 50 78.03 -14.07 -46.57
N TYR D 51 78.47 -13.11 -45.75
CA TYR D 51 79.01 -11.87 -46.30
C TYR D 51 80.34 -12.11 -47.01
N ALA D 52 81.14 -13.05 -46.53
CA ALA D 52 82.35 -13.41 -47.25
C ALA D 52 82.01 -13.99 -48.62
N GLU D 53 80.96 -14.80 -48.69
CA GLU D 53 80.53 -15.34 -49.98
C GLU D 53 80.02 -14.25 -50.91
N MET D 54 79.24 -13.30 -50.37
CA MET D 54 78.77 -12.20 -51.20
C MET D 54 79.94 -11.39 -51.75
N VAL D 55 80.91 -11.07 -50.91
CA VAL D 55 82.07 -10.30 -51.38
C VAL D 55 82.83 -11.08 -52.43
N ARG D 56 83.02 -12.38 -52.22
CA ARG D 56 83.80 -13.16 -53.17
C ARG D 56 83.09 -13.30 -54.52
N HIS D 57 81.78 -13.56 -54.51
CA HIS D 57 81.06 -13.63 -55.79
C HIS D 57 80.96 -12.28 -56.48
N LEU D 58 80.85 -11.18 -55.74
CA LEU D 58 80.86 -9.88 -56.39
C LEU D 58 82.23 -9.60 -57.00
N GLY D 59 83.30 -10.06 -56.35
CA GLY D 59 84.61 -9.99 -56.99
C GLY D 59 84.66 -10.79 -58.28
N GLU D 60 84.12 -12.01 -58.27
CA GLU D 60 84.12 -12.81 -59.49
C GLU D 60 83.27 -12.17 -60.59
N ALA D 61 82.12 -11.60 -60.24
CA ALA D 61 81.28 -10.93 -61.22
C ALA D 61 81.99 -9.73 -61.82
N ALA D 62 82.68 -8.95 -60.99
CA ALA D 62 83.42 -7.79 -61.51
C ALA D 62 84.52 -8.22 -62.46
N VAL D 63 85.28 -9.26 -62.10
CA VAL D 63 86.36 -9.67 -63.00
C VAL D 63 85.81 -10.32 -64.26
N ALA D 64 84.66 -10.99 -64.16
CA ALA D 64 84.00 -11.50 -65.36
C ALA D 64 83.63 -10.37 -66.30
N ALA D 65 83.06 -9.29 -65.75
CA ALA D 65 82.71 -8.14 -66.58
C ALA D 65 83.95 -7.51 -67.20
N LEU D 66 85.03 -7.40 -66.44
CA LEU D 66 86.28 -6.86 -66.99
C LEU D 66 86.91 -7.77 -68.03
N GLU D 67 86.60 -9.06 -68.03
CA GLU D 67 87.23 -9.99 -68.96
C GLU D 67 86.24 -10.51 -69.99
N GLY D 68 85.43 -9.63 -70.55
CA GLY D 68 84.38 -10.04 -71.47
C GLY D 68 83.08 -10.28 -70.74
N ARG D 69 82.25 -11.12 -71.35
CA ARG D 69 81.05 -11.66 -70.72
C ARG D 69 79.99 -10.60 -70.42
N ALA D 70 78.72 -11.01 -70.43
CA ALA D 70 77.63 -10.19 -69.93
C ALA D 70 76.58 -11.00 -69.19
N GLU D 71 76.56 -12.32 -69.34
CA GLU D 71 75.55 -13.19 -68.75
C GLU D 71 76.02 -13.78 -67.42
N GLU D 72 77.30 -14.12 -67.32
CA GLU D 72 77.84 -14.60 -66.04
C GLU D 72 77.74 -13.51 -64.98
N ALA D 73 78.01 -12.26 -65.35
CA ALA D 73 77.84 -11.15 -64.42
C ALA D 73 76.40 -11.06 -63.93
N ASP D 74 75.45 -11.18 -64.85
CA ASP D 74 74.04 -11.15 -64.47
C ASP D 74 73.70 -12.28 -63.50
N ARG D 75 74.17 -13.49 -63.81
CA ARG D 75 73.85 -14.63 -62.96
C ARG D 75 74.45 -14.48 -61.57
N LEU D 76 75.71 -14.07 -61.49
CA LEU D 76 76.36 -13.92 -60.20
C LEU D 76 75.68 -12.83 -59.38
N VAL D 77 75.34 -11.70 -60.01
CA VAL D 77 74.68 -10.63 -59.28
C VAL D 77 73.31 -11.08 -58.79
N ARG D 78 72.61 -11.90 -59.58
CA ARG D 78 71.33 -12.44 -59.12
C ARG D 78 71.51 -13.40 -57.94
N ASP D 79 72.58 -14.20 -57.98
CA ASP D 79 72.88 -15.10 -56.86
C ASP D 79 73.13 -14.31 -55.58
N VAL D 80 73.98 -13.27 -55.67
CA VAL D 80 74.24 -12.43 -54.51
C VAL D 80 72.98 -11.71 -54.05
N LEU D 81 72.12 -11.34 -54.99
CA LEU D 81 70.85 -10.74 -54.60
C LEU D 81 70.01 -11.73 -53.80
N GLU D 82 70.01 -13.00 -54.20
CA GLU D 82 69.27 -14.01 -53.45
C GLU D 82 69.85 -14.18 -52.04
N MET D 83 71.19 -14.21 -51.92
CA MET D 83 71.78 -14.31 -50.59
C MET D 83 71.42 -13.11 -49.73
N ALA D 84 71.47 -11.92 -50.30
CA ALA D 84 71.09 -10.73 -49.55
C ALA D 84 69.63 -10.81 -49.12
N ARG D 85 68.77 -11.37 -49.96
CA ARG D 85 67.37 -11.54 -49.59
C ARG D 85 67.23 -12.47 -48.41
N GLU D 86 67.93 -13.60 -48.42
CA GLU D 86 67.72 -14.58 -47.36
C GLU D 86 68.34 -14.14 -46.04
N VAL D 87 69.53 -13.53 -46.09
CA VAL D 87 70.21 -13.12 -44.86
C VAL D 87 69.40 -12.08 -44.10
N GLY D 88 68.86 -11.10 -44.82
CA GLY D 88 68.11 -10.01 -44.22
C GLY D 88 68.63 -8.64 -44.57
N ALA D 89 69.67 -8.52 -45.38
CA ALA D 89 70.20 -7.22 -45.77
C ALA D 89 69.23 -6.55 -46.73
N GLU D 90 68.65 -5.42 -46.32
CA GLU D 90 67.69 -4.71 -47.15
C GLU D 90 68.37 -3.73 -48.10
N GLY D 91 69.13 -2.78 -47.54
CA GLY D 91 69.81 -1.80 -48.37
C GLY D 91 70.76 -2.44 -49.36
N LEU D 92 71.46 -3.49 -48.92
CA LEU D 92 72.34 -4.21 -49.83
C LEU D 92 71.55 -4.85 -50.96
N ALA D 93 70.38 -5.42 -50.65
CA ALA D 93 69.56 -6.02 -51.70
C ALA D 93 69.09 -4.98 -52.70
N ARG D 94 68.66 -3.81 -52.22
CA ARG D 94 68.22 -2.75 -53.13
C ARG D 94 69.37 -2.32 -54.04
N LEU D 95 70.55 -2.09 -53.45
CA LEU D 95 71.68 -1.69 -54.27
C LEU D 95 72.05 -2.78 -55.26
N LEU D 96 71.82 -4.05 -54.89
CA LEU D 96 72.15 -5.15 -55.80
C LEU D 96 71.20 -5.20 -56.99
N GLU D 97 69.91 -4.96 -56.76
CA GLU D 97 69.00 -4.84 -57.89
C GLU D 97 69.41 -3.69 -58.80
N ARG D 98 69.76 -2.55 -58.20
CA ARG D 98 70.16 -1.39 -59.00
C ARG D 98 71.40 -1.68 -59.83
N VAL D 99 72.42 -2.30 -59.23
CA VAL D 99 73.63 -2.59 -60.00
C VAL D 99 73.32 -3.61 -61.08
N HIS D 100 72.40 -4.54 -60.81
CA HIS D 100 72.00 -5.51 -61.83
C HIS D 100 71.48 -4.80 -63.07
N ARG D 101 70.49 -3.92 -62.89
CA ARG D 101 69.88 -3.24 -64.05
C ARG D 101 70.89 -2.36 -64.76
N GLU D 102 71.62 -1.52 -64.01
CA GLU D 102 72.58 -0.63 -64.64
C GLU D 102 73.69 -1.39 -65.35
N ALA D 103 74.14 -2.50 -64.78
CA ALA D 103 75.16 -3.30 -65.43
C ALA D 103 74.64 -3.86 -66.74
N ARG D 104 73.38 -4.30 -66.76
CA ARG D 104 72.79 -4.75 -68.03
C ARG D 104 72.81 -3.63 -69.06
N GLU D 105 72.37 -2.43 -68.68
CA GLU D 105 72.31 -1.33 -69.63
C GLU D 105 73.70 -0.98 -70.17
N LEU D 106 74.67 -0.85 -69.28
CA LEU D 106 76.00 -0.43 -69.72
C LEU D 106 76.69 -1.52 -70.54
N LEU D 107 76.48 -2.79 -70.18
CA LEU D 107 77.06 -3.86 -70.97
C LEU D 107 76.41 -3.94 -72.35
N ARG D 108 75.12 -3.63 -72.46
CA ARG D 108 74.49 -3.52 -73.77
C ARG D 108 75.12 -2.38 -74.56
N GLU D 109 75.39 -1.25 -73.90
CA GLU D 109 76.06 -0.14 -74.56
C GLU D 109 77.54 -0.40 -74.85
N GLY D 110 78.09 -1.50 -74.33
CA GLY D 110 79.46 -1.87 -74.63
C GLY D 110 80.51 -1.34 -73.68
N ARG D 111 80.14 -0.51 -72.70
CA ARG D 111 81.08 0.03 -71.74
C ARG D 111 81.26 -0.98 -70.61
N ARG D 112 82.51 -1.29 -70.28
CA ARG D 112 82.81 -2.34 -69.31
C ARG D 112 83.30 -1.80 -67.98
N GLU D 113 84.07 -0.71 -67.99
CA GLU D 113 84.68 -0.24 -66.75
C GLU D 113 83.63 0.19 -65.73
N GLU D 114 82.57 0.87 -66.18
CA GLU D 114 81.58 1.38 -65.24
C GLU D 114 80.74 0.26 -64.62
N ALA D 115 80.44 -0.80 -65.37
CA ALA D 115 79.71 -1.92 -64.79
C ALA D 115 80.53 -2.60 -63.70
N ALA D 116 81.82 -2.83 -63.96
CA ALA D 116 82.70 -3.35 -62.93
C ALA D 116 82.81 -2.39 -61.76
N ALA D 117 82.74 -1.08 -62.03
CA ALA D 117 82.79 -0.10 -60.96
C ALA D 117 81.59 -0.24 -60.04
N LEU D 118 80.39 -0.39 -60.62
CA LEU D 118 79.22 -0.61 -59.78
C LEU D 118 79.33 -1.90 -59.00
N VAL D 119 79.85 -2.95 -59.63
CA VAL D 119 79.99 -4.23 -58.92
C VAL D 119 80.98 -4.10 -57.76
N LEU D 120 82.10 -3.41 -57.98
CA LEU D 120 83.09 -3.23 -56.92
C LEU D 120 82.52 -2.40 -55.77
N ALA D 121 81.75 -1.36 -56.10
CA ALA D 121 81.09 -0.58 -55.06
C ALA D 121 80.13 -1.46 -54.26
N ALA D 122 79.43 -2.37 -54.93
CA ALA D 122 78.52 -3.26 -54.22
C ALA D 122 79.28 -4.21 -53.30
N ALA D 123 80.40 -4.74 -53.76
CA ALA D 123 81.22 -5.62 -52.92
C ALA D 123 81.72 -4.89 -51.69
N LEU D 124 82.21 -3.66 -51.89
CA LEU D 124 82.67 -2.86 -50.74
C LEU D 124 81.53 -2.58 -49.79
N ALA D 125 80.34 -2.28 -50.31
CA ALA D 125 79.21 -2.04 -49.43
C ALA D 125 78.91 -3.27 -48.59
N ALA D 126 78.93 -4.45 -49.21
CA ALA D 126 78.65 -5.68 -48.47
C ALA D 126 79.69 -5.95 -47.38
N GLY D 127 80.96 -5.86 -47.75
CA GLY D 127 82.02 -6.10 -46.76
C GLY D 127 82.01 -5.10 -45.63
N ALA D 128 81.87 -3.81 -45.95
CA ALA D 128 81.86 -2.79 -44.92
C ALA D 128 80.63 -2.90 -44.05
N VAL D 129 79.49 -3.28 -44.61
CA VAL D 129 78.30 -3.50 -43.81
C VAL D 129 78.53 -4.63 -42.80
N ALA D 130 79.14 -5.73 -43.26
CA ALA D 130 79.41 -6.84 -42.36
C ALA D 130 80.35 -6.43 -41.24
N VAL D 131 81.46 -5.76 -41.59
CA VAL D 131 82.43 -5.37 -40.57
C VAL D 131 81.82 -4.37 -39.60
N ALA D 132 80.99 -3.45 -40.10
CA ALA D 132 80.35 -2.49 -39.23
C ALA D 132 79.39 -3.15 -38.25
N GLU D 133 78.61 -4.13 -38.70
CA GLU D 133 77.73 -4.83 -37.77
C GLU D 133 78.55 -5.62 -36.75
N ALA D 134 79.68 -6.18 -37.17
CA ALA D 134 80.55 -6.87 -36.21
C ALA D 134 81.04 -5.89 -35.14
N TYR D 135 81.48 -4.70 -35.55
CA TYR D 135 81.95 -3.71 -34.58
C TYR D 135 80.84 -3.30 -33.64
N VAL D 136 79.63 -3.13 -34.16
CA VAL D 136 78.51 -2.70 -33.31
C VAL D 136 78.14 -3.80 -32.32
N ARG D 137 78.19 -5.06 -32.75
CA ARG D 137 77.78 -6.16 -31.88
C ARG D 137 78.67 -6.25 -30.65
N LEU D 138 79.99 -6.16 -30.82
CA LEU D 138 80.91 -6.25 -29.70
C LEU D 138 81.27 -4.89 -29.12
N GLY D 139 80.52 -3.85 -29.46
CA GLY D 139 80.59 -2.56 -28.78
C GLY D 139 81.89 -1.80 -28.85
N GLN D 140 82.53 -1.77 -30.01
CA GLN D 140 83.72 -0.95 -30.17
C GLN D 140 83.35 0.51 -30.43
N PRO D 141 84.25 1.45 -30.16
CA PRO D 141 83.91 2.88 -30.28
C PRO D 141 83.65 3.27 -31.73
N ILE D 142 82.93 4.39 -31.87
CA ILE D 142 82.51 4.88 -33.19
C ILE D 142 83.68 5.45 -33.99
N ARG D 143 84.72 5.95 -33.34
CA ARG D 143 85.90 6.40 -34.07
C ARG D 143 86.42 5.29 -34.98
N LEU D 144 86.38 4.05 -34.51
CA LEU D 144 86.91 2.94 -35.30
C LEU D 144 86.09 2.72 -36.55
N ILE D 145 84.76 2.73 -36.42
CA ILE D 145 83.89 2.59 -37.60
C ILE D 145 84.15 3.71 -38.58
N ALA D 146 84.21 4.96 -38.10
CA ALA D 146 84.38 6.10 -38.99
C ALA D 146 85.71 6.02 -39.73
N GLU D 147 86.80 5.75 -39.01
CA GLU D 147 88.11 5.68 -39.65
C GLU D 147 88.19 4.52 -40.63
N TYR D 148 87.63 3.37 -40.26
CA TYR D 148 87.63 2.22 -41.16
C TYR D 148 86.91 2.55 -42.46
N VAL D 149 85.69 3.07 -42.36
CA VAL D 149 84.90 3.35 -43.56
C VAL D 149 85.58 4.39 -44.43
N ALA D 150 86.09 5.46 -43.81
CA ALA D 150 86.74 6.51 -44.60
C ALA D 150 87.95 5.99 -45.34
N GLU D 151 88.76 5.16 -44.68
CA GLU D 151 89.95 4.65 -45.35
C GLU D 151 89.59 3.69 -46.48
N ARG D 152 88.56 2.87 -46.27
CA ARG D 152 88.11 1.98 -47.34
C ARG D 152 87.59 2.76 -48.53
N LEU D 153 86.85 3.85 -48.29
CA LEU D 153 86.36 4.67 -49.38
C LEU D 153 87.51 5.29 -50.16
N VAL D 154 88.54 5.75 -49.45
CA VAL D 154 89.69 6.33 -50.16
C VAL D 154 90.38 5.28 -51.02
N GLU D 155 90.53 4.06 -50.48
CA GLU D 155 91.16 3.00 -51.27
C GLU D 155 90.36 2.66 -52.51
N LEU D 156 89.03 2.56 -52.38
CA LEU D 156 88.17 2.30 -53.53
C LEU D 156 88.25 3.43 -54.54
N ALA D 157 88.31 4.68 -54.08
CA ALA D 157 88.43 5.80 -55.00
C ALA D 157 89.73 5.72 -55.77
N GLU D 158 90.82 5.34 -55.10
CA GLU D 158 92.08 5.18 -55.81
C GLU D 158 91.98 4.08 -56.85
N LEU D 159 91.32 2.97 -56.51
CA LEU D 159 91.16 1.88 -57.47
C LEU D 159 90.36 2.32 -58.69
N LEU D 160 89.22 2.98 -58.46
CA LEU D 160 88.39 3.43 -59.58
C LEU D 160 89.10 4.46 -60.43
N ARG D 161 89.93 5.31 -59.81
CA ARG D 161 90.75 6.22 -60.59
C ARG D 161 91.74 5.45 -61.45
N ARG D 162 92.27 4.34 -60.93
CA ARG D 162 93.16 3.52 -61.74
C ARG D 162 92.44 2.89 -62.93
N LEU D 163 91.21 2.42 -62.73
CA LEU D 163 90.46 1.80 -63.81
C LEU D 163 90.17 2.81 -64.92
N GLY D 164 89.59 3.95 -64.58
CA GLY D 164 89.29 4.97 -65.57
C GLY D 164 87.91 5.59 -65.47
N VAL D 165 87.17 5.26 -64.42
CA VAL D 165 85.83 5.82 -64.24
C VAL D 165 85.94 7.33 -64.05
N PRO D 166 85.05 8.14 -64.62
CA PRO D 166 85.09 9.58 -64.38
C PRO D 166 84.79 9.94 -62.93
N LEU D 167 85.34 11.08 -62.50
CA LEU D 167 85.41 11.39 -61.08
C LEU D 167 84.02 11.57 -60.46
N ARG D 168 83.12 12.26 -61.16
CA ARG D 168 81.79 12.49 -60.58
C ARG D 168 81.06 11.19 -60.35
N ARG D 169 81.22 10.22 -61.27
CA ARG D 169 80.68 8.89 -61.02
C ARG D 169 81.33 8.25 -59.81
N ILE D 170 82.63 8.46 -59.62
CA ILE D 170 83.30 7.93 -58.43
C ILE D 170 82.61 8.44 -57.17
N ILE D 171 82.39 9.76 -57.11
CA ILE D 171 81.81 10.34 -55.92
C ILE D 171 80.38 9.86 -55.72
N ARG D 172 79.64 9.65 -56.81
CA ARG D 172 78.29 9.13 -56.69
C ARG D 172 78.27 7.72 -56.13
N LEU D 173 79.19 6.87 -56.61
CA LEU D 173 79.27 5.51 -56.08
C LEU D 173 79.67 5.50 -54.62
N LEU D 174 80.62 6.35 -54.25
CA LEU D 174 81.05 6.43 -52.86
C LEU D 174 79.91 6.86 -51.95
N GLU D 175 79.09 7.80 -52.41
CA GLU D 175 77.93 8.21 -51.63
C GLU D 175 76.90 7.09 -51.52
N GLU D 176 76.75 6.28 -52.57
CA GLU D 176 75.86 5.13 -52.47
C GLU D 176 76.35 4.15 -51.41
N VAL D 177 77.66 3.87 -51.41
CA VAL D 177 78.25 2.99 -50.41
C VAL D 177 77.98 3.54 -49.01
N LEU D 178 78.20 4.84 -48.83
CA LEU D 178 77.98 5.46 -47.53
C LEU D 178 76.52 5.37 -47.11
N ARG D 179 75.60 5.51 -48.06
CA ARG D 179 74.18 5.40 -47.73
C ARG D 179 73.84 4.00 -47.25
N VAL D 180 74.38 2.97 -47.92
CA VAL D 180 74.13 1.60 -47.48
C VAL D 180 74.70 1.37 -46.09
N VAL D 181 75.92 1.87 -45.84
CA VAL D 181 76.54 1.68 -44.53
C VAL D 181 75.73 2.37 -43.45
N ALA D 182 75.24 3.58 -43.73
CA ALA D 182 74.42 4.29 -42.75
C ALA D 182 73.12 3.55 -42.48
N GLU D 183 72.50 2.97 -43.51
CA GLU D 183 71.29 2.18 -43.30
C GLU D 183 71.59 0.95 -42.42
N ALA D 184 72.72 0.29 -42.68
CA ALA D 184 73.09 -0.87 -41.88
C ALA D 184 73.28 -0.48 -40.42
N LEU D 185 73.98 0.62 -40.18
CA LEU D 185 74.20 1.07 -38.81
C LEU D 185 72.89 1.48 -38.15
N ARG D 186 71.95 2.02 -38.92
CA ARG D 186 70.64 2.34 -38.36
C ARG D 186 69.90 1.08 -37.93
N ARG D 187 69.96 0.02 -38.75
CA ARG D 187 69.29 -1.23 -38.38
C ARG D 187 69.92 -1.87 -37.16
N ALA D 188 71.20 -1.60 -36.89
CA ALA D 188 71.88 -2.17 -35.74
C ALA D 188 71.67 -1.37 -34.46
N GLY D 189 70.83 -0.33 -34.50
CA GLY D 189 70.50 0.43 -33.31
C GLY D 189 71.45 1.56 -32.97
N VAL D 190 72.43 1.85 -33.82
CA VAL D 190 73.35 2.96 -33.54
C VAL D 190 72.59 4.27 -33.56
N PRO D 191 72.76 5.14 -32.57
CA PRO D 191 72.00 6.40 -32.55
C PRO D 191 72.34 7.29 -33.74
N GLU D 192 71.36 8.09 -34.15
CA GLU D 192 71.51 8.90 -35.37
C GLU D 192 72.70 9.85 -35.34
N PRO D 193 72.97 10.61 -34.26
CA PRO D 193 74.12 11.51 -34.30
C PRO D 193 75.44 10.81 -34.59
N GLU D 194 75.63 9.58 -34.12
CA GLU D 194 76.85 8.86 -34.46
C GLU D 194 76.89 8.52 -35.95
N ILE D 195 75.75 8.19 -36.55
CA ILE D 195 75.72 7.95 -37.99
C ILE D 195 76.10 9.21 -38.75
N ARG D 196 75.58 10.35 -38.33
CA ARG D 196 75.94 11.61 -38.99
C ARG D 196 77.42 11.90 -38.83
N LYS D 197 77.98 11.62 -37.65
CA LYS D 197 79.41 11.82 -37.46
C LYS D 197 80.22 10.93 -38.37
N VAL D 198 79.78 9.68 -38.55
CA VAL D 198 80.45 8.77 -39.48
C VAL D 198 80.46 9.35 -40.88
N GLU D 199 79.28 9.78 -41.35
CA GLU D 199 79.20 10.32 -42.71
C GLU D 199 80.04 11.57 -42.87
N ALA D 200 79.99 12.49 -41.90
CA ALA D 200 80.74 13.73 -41.99
C ALA D 200 82.24 13.47 -42.00
N ALA D 201 82.70 12.52 -41.20
CA ALA D 201 84.12 12.15 -41.23
C ALA D 201 84.50 11.60 -42.60
N ALA D 202 83.61 10.78 -43.19
CA ALA D 202 83.89 10.26 -44.52
C ALA D 202 84.00 11.38 -45.55
N TYR D 203 83.09 12.36 -45.49
CA TYR D 203 83.09 13.44 -46.46
C TYR D 203 84.32 14.33 -46.29
N ILE D 204 84.71 14.62 -45.05
CA ILE D 204 85.90 15.43 -44.81
C ILE D 204 87.15 14.70 -45.28
N ARG D 205 87.22 13.39 -45.07
CA ARG D 205 88.35 12.62 -45.58
C ARG D 205 88.40 12.65 -47.10
N LEU D 206 87.26 12.48 -47.75
CA LEU D 206 87.22 12.53 -49.21
C LEU D 206 87.61 13.90 -49.74
N ALA D 207 87.12 14.96 -49.12
CA ALA D 207 87.49 16.30 -49.54
C ALA D 207 88.98 16.54 -49.39
N ALA D 208 89.55 16.10 -48.27
CA ALA D 208 90.99 16.25 -48.06
C ALA D 208 91.77 15.46 -49.11
N TYR D 209 91.31 14.25 -49.43
CA TYR D 209 91.98 13.43 -50.43
C TYR D 209 91.95 14.11 -51.79
N LEU D 210 90.81 14.69 -52.17
CA LEU D 210 90.74 15.40 -53.45
C LEU D 210 91.63 16.64 -53.44
N LEU D 211 91.66 17.36 -52.32
CA LEU D 211 92.46 18.58 -52.26
C LEU D 211 93.95 18.30 -52.32
N ARG D 212 94.38 17.13 -51.85
CA ARG D 212 95.81 16.86 -51.83
C ARG D 212 96.38 16.70 -53.23
N GLN D 213 95.61 16.15 -54.17
CA GLN D 213 96.15 15.86 -55.50
C GLN D 213 96.52 17.16 -56.23
N LEU D 214 95.69 18.19 -56.13
CA LEU D 214 96.02 19.47 -56.73
C LEU D 214 97.17 20.18 -56.03
N GLY D 215 97.58 19.72 -54.86
CA GLY D 215 98.71 20.31 -54.19
C GLY D 215 98.34 21.39 -53.21
N TYR D 216 97.31 21.15 -52.41
CA TYR D 216 96.91 22.03 -51.30
C TYR D 216 97.13 21.25 -50.01
N GLU D 217 98.37 21.27 -49.52
CA GLU D 217 98.69 20.48 -48.34
C GLU D 217 98.13 21.13 -47.08
N ALA D 218 98.23 22.46 -46.97
CA ALA D 218 97.75 23.14 -45.78
C ALA D 218 96.26 22.96 -45.60
N LEU D 219 95.50 23.08 -46.69
CA LEU D 219 94.06 22.87 -46.64
C LEU D 219 93.72 21.46 -46.16
N ALA D 220 94.41 20.45 -46.68
CA ALA D 220 94.14 19.08 -46.26
C ALA D 220 94.47 18.88 -44.79
N LYS D 221 95.58 19.44 -44.32
CA LYS D 221 95.93 19.31 -42.92
C LYS D 221 94.89 19.95 -42.02
N ARG D 222 94.41 21.14 -42.38
CA ARG D 222 93.41 21.80 -41.53
C ARG D 222 92.09 21.04 -41.53
N LEU D 223 91.70 20.48 -42.68
CA LEU D 223 90.50 19.67 -42.72
C LEU D 223 90.63 18.44 -41.85
N LEU D 224 91.80 17.80 -41.86
CA LEU D 224 91.98 16.61 -41.06
C LEU D 224 92.09 16.93 -39.56
N GLU D 225 92.61 18.11 -39.21
CA GLU D 225 92.55 18.56 -37.83
C GLU D 225 91.11 18.74 -37.37
N ALA D 226 90.28 19.37 -38.21
CA ALA D 226 88.87 19.50 -37.89
C ALA D 226 88.21 18.14 -37.71
N ARG D 227 88.58 17.18 -38.57
CA ARG D 227 88.04 15.83 -38.44
C ARG D 227 88.45 15.19 -37.13
N GLU D 228 89.72 15.34 -36.75
CA GLU D 228 90.19 14.77 -35.49
C GLU D 228 89.44 15.36 -34.31
N LEU D 229 89.22 16.67 -34.32
CA LEU D 229 88.42 17.28 -33.26
C LEU D 229 86.99 16.75 -33.28
N LEU D 230 86.44 16.48 -34.47
CA LEU D 230 85.08 15.99 -34.54
C LEU D 230 84.95 14.58 -33.96
N LEU D 231 85.89 13.70 -34.29
CA LEU D 231 85.78 12.31 -33.86
C LEU D 231 85.94 12.15 -32.36
N GLU D 232 86.53 13.13 -31.68
CA GLU D 232 86.72 13.10 -30.23
C GLU D 232 85.50 13.59 -29.46
N GLY D 233 84.44 14.01 -30.15
CA GLY D 233 83.26 14.53 -29.51
C GLY D 233 83.21 16.03 -29.40
N ARG D 234 84.32 16.73 -29.65
CA ARG D 234 84.34 18.18 -29.63
C ARG D 234 83.72 18.70 -30.92
N VAL D 235 82.39 18.75 -30.93
CA VAL D 235 81.67 19.18 -32.12
C VAL D 235 81.86 20.66 -32.37
N GLU D 236 81.87 21.47 -31.32
CA GLU D 236 81.85 22.92 -31.48
C GLU D 236 83.16 23.43 -32.05
N GLU D 237 84.28 22.97 -31.52
CA GLU D 237 85.57 23.36 -32.08
C GLU D 237 85.74 22.84 -33.50
N ALA D 238 85.23 21.64 -33.78
CA ALA D 238 85.27 21.10 -35.14
C ALA D 238 84.51 21.99 -36.10
N ALA D 239 83.30 22.41 -35.73
CA ALA D 239 82.51 23.28 -36.59
C ALA D 239 83.16 24.64 -36.77
N HIS D 240 83.75 25.21 -35.72
CA HIS D 240 84.39 26.51 -35.86
C HIS D 240 85.59 26.43 -36.79
N LEU D 241 86.45 25.43 -36.60
CA LEU D 241 87.63 25.33 -37.44
C LEU D 241 87.26 24.95 -38.87
N LEU D 242 86.21 24.13 -39.03
CA LEU D 242 85.71 23.80 -40.36
C LEU D 242 85.20 25.03 -41.08
N GLU D 243 84.45 25.89 -40.39
CA GLU D 243 83.92 27.08 -41.04
C GLU D 243 85.05 28.05 -41.40
N ASP D 244 86.08 28.16 -40.58
CA ASP D 244 87.20 29.03 -40.94
C ASP D 244 87.92 28.51 -42.19
N VAL D 245 88.22 27.21 -42.22
CA VAL D 245 88.93 26.69 -43.39
C VAL D 245 88.06 26.74 -44.64
N TYR D 246 86.75 26.52 -44.49
CA TYR D 246 85.84 26.64 -45.62
C TYR D 246 85.77 28.06 -46.13
N ALA D 247 85.78 29.05 -45.24
CA ALA D 247 85.77 30.44 -45.68
C ALA D 247 87.01 30.76 -46.51
N LEU D 248 88.18 30.34 -46.04
CA LEU D 248 89.40 30.60 -46.81
C LEU D 248 89.36 29.90 -48.15
N PHE D 249 88.93 28.63 -48.15
CA PHE D 249 88.84 27.87 -49.40
C PHE D 249 87.86 28.50 -50.36
N HIS D 250 86.72 28.97 -49.88
CA HIS D 250 85.70 29.52 -50.75
C HIS D 250 86.14 30.84 -51.34
N ARG D 251 86.85 31.67 -50.57
CA ARG D 251 87.45 32.86 -51.14
C ARG D 251 88.44 32.49 -52.24
N GLU D 252 89.21 31.43 -52.03
CA GLU D 252 90.14 31.01 -53.07
C GLU D 252 89.40 30.55 -54.32
N ILE D 253 88.28 29.85 -54.15
CA ILE D 253 87.48 29.41 -55.29
C ILE D 253 86.94 30.61 -56.06
N GLU D 254 86.34 31.56 -55.35
CA GLU D 254 85.80 32.75 -56.00
C GLU D 254 86.88 33.62 -56.62
N ARG D 255 88.13 33.46 -56.19
CA ARG D 255 89.22 34.19 -56.83
C ARG D 255 89.34 33.82 -58.30
N LEU D 256 89.20 32.54 -58.62
CA LEU D 256 89.38 32.06 -59.98
C LEU D 256 88.17 32.31 -60.88
N GLY D 257 87.08 32.85 -60.33
CA GLY D 257 85.97 33.26 -61.18
C GLY D 257 85.26 32.08 -61.81
N PHE D 258 85.11 32.16 -63.14
CA PHE D 258 84.47 31.11 -63.92
C PHE D 258 85.51 30.16 -64.52
N GLU D 259 86.35 29.62 -63.64
CA GLU D 259 87.34 28.63 -64.02
C GLU D 259 87.90 28.02 -62.75
N ALA D 260 87.97 26.68 -62.71
CA ALA D 260 88.56 25.93 -61.61
C ALA D 260 88.60 24.45 -61.95
N PRO D 261 89.67 23.74 -61.58
CA PRO D 261 89.72 22.31 -61.86
C PRO D 261 88.55 21.59 -61.22
N GLU D 262 88.09 20.51 -61.87
CA GLU D 262 86.85 19.88 -61.45
C GLU D 262 86.95 19.31 -60.03
N GLU D 263 88.16 18.96 -59.58
CA GLU D 263 88.30 18.48 -58.21
C GLU D 263 87.95 19.56 -57.20
N LEU D 264 88.29 20.82 -57.49
CA LEU D 264 87.86 21.93 -56.63
C LEU D 264 86.34 22.02 -56.58
N ARG D 265 85.69 21.88 -57.73
CA ARG D 265 84.24 21.99 -57.78
C ARG D 265 83.57 20.87 -57.00
N VAL D 266 84.10 19.65 -57.08
CA VAL D 266 83.51 18.55 -56.32
C VAL D 266 83.78 18.73 -54.83
N ALA D 267 85.00 19.19 -54.48
CA ALA D 267 85.36 19.38 -53.09
C ALA D 267 84.48 20.43 -52.43
N ASP D 268 84.07 21.46 -53.18
CA ASP D 268 83.20 22.47 -52.60
C ASP D 268 81.87 21.86 -52.14
N LEU D 269 81.29 20.99 -52.97
CA LEU D 269 80.03 20.36 -52.59
C LEU D 269 80.24 19.38 -51.45
N LEU D 270 81.36 18.65 -51.45
CA LEU D 270 81.66 17.73 -50.36
C LEU D 270 81.78 18.47 -49.04
N LEU D 271 82.50 19.59 -49.04
CA LEU D 271 82.68 20.39 -47.83
C LEU D 271 81.37 20.99 -47.36
N ALA D 272 80.53 21.45 -48.29
CA ALA D 272 79.23 21.97 -47.88
C ALA D 272 78.39 20.90 -47.21
N ARG D 273 78.38 19.69 -47.76
CA ARG D 273 77.61 18.62 -47.13
C ARG D 273 78.17 18.22 -45.79
N ALA D 274 79.51 18.19 -45.67
CA ALA D 274 80.12 17.88 -44.37
C ALA D 274 79.72 18.91 -43.32
N ILE D 275 79.73 20.18 -43.69
CA ILE D 275 79.34 21.23 -42.75
C ILE D 275 77.88 21.09 -42.36
N ALA D 276 77.02 20.78 -43.34
CA ALA D 276 75.61 20.58 -43.02
C ALA D 276 75.41 19.43 -42.05
N LEU D 277 76.11 18.31 -42.28
CA LEU D 277 75.97 17.16 -41.39
C LEU D 277 76.45 17.47 -39.99
N ILE D 278 77.60 18.14 -39.87
CA ILE D 278 78.10 18.49 -38.54
C ILE D 278 77.12 19.41 -37.83
N LYS D 279 76.59 20.40 -38.54
CA LYS D 279 75.63 21.32 -37.93
C LYS D 279 74.36 20.61 -37.52
N ALA D 280 73.98 19.54 -38.22
CA ALA D 280 72.75 18.82 -37.89
C ALA D 280 72.93 17.79 -36.78
N ILE D 281 74.16 17.53 -36.33
CA ILE D 281 74.39 16.60 -35.23
C ILE D 281 73.68 17.09 -33.98
N THR E 24 57.67 34.99 -95.31
CA THR E 24 57.94 33.67 -94.76
C THR E 24 57.43 33.56 -93.33
N VAL E 25 57.14 34.72 -92.72
CA VAL E 25 56.75 34.75 -91.31
C VAL E 25 55.46 33.99 -91.09
N VAL E 26 54.47 34.21 -91.95
CA VAL E 26 53.21 33.49 -91.82
C VAL E 26 53.42 32.00 -92.10
N GLU E 27 54.33 31.68 -93.03
CA GLU E 27 54.68 30.28 -93.24
C GLU E 27 55.34 29.69 -92.00
N GLU E 28 56.17 30.47 -91.31
CA GLU E 28 56.77 29.99 -90.07
C GLU E 28 55.72 29.74 -89.01
N VAL E 29 54.73 30.62 -88.91
CA VAL E 29 53.66 30.42 -87.92
C VAL E 29 52.85 29.18 -88.25
N ARG E 30 52.51 28.99 -89.54
CA ARG E 30 51.80 27.79 -89.94
C ARG E 30 52.60 26.54 -89.63
N ARG E 31 53.89 26.55 -89.97
CA ARG E 31 54.73 25.38 -89.71
C ARG E 31 54.82 25.09 -88.22
N PHE E 32 54.97 26.12 -87.40
CA PHE E 32 55.04 25.96 -85.96
C PHE E 32 53.77 25.31 -85.43
N ALA E 33 52.61 25.82 -85.87
CA ALA E 33 51.34 25.28 -85.38
C ALA E 33 51.14 23.84 -85.81
N GLU E 34 51.42 23.54 -87.09
CA GLU E 34 51.21 22.18 -87.57
C GLU E 34 52.17 21.20 -86.91
N GLU E 35 53.43 21.60 -86.71
CA GLU E 35 54.38 20.73 -86.05
C GLU E 35 53.95 20.43 -84.61
N LEU E 36 53.50 21.45 -83.90
CA LEU E 36 53.02 21.22 -82.54
C LEU E 36 51.80 20.32 -82.53
N ALA E 37 50.89 20.49 -83.49
CA ALA E 37 49.70 19.64 -83.57
C ALA E 37 50.07 18.19 -83.87
N GLU E 38 51.00 17.98 -84.81
CA GLU E 38 51.45 16.62 -85.11
C GLU E 38 52.10 15.98 -83.89
N GLU E 39 52.91 16.73 -83.16
CA GLU E 39 53.52 16.18 -81.95
C GLU E 39 52.47 15.83 -80.91
N VAL E 40 51.45 16.68 -80.77
CA VAL E 40 50.36 16.38 -79.83
C VAL E 40 49.71 15.06 -80.19
N LEU E 41 49.43 14.87 -81.49
CA LEU E 41 48.78 13.64 -81.94
C LEU E 41 49.69 12.42 -81.76
N ARG E 42 50.97 12.56 -82.07
CA ARG E 42 51.88 11.42 -81.93
C ARG E 42 52.02 11.00 -80.48
N VAL E 43 52.16 11.96 -79.56
CA VAL E 43 52.31 11.62 -78.16
C VAL E 43 51.01 11.06 -77.60
N GLY E 44 49.88 11.72 -77.87
CA GLY E 44 48.62 11.35 -77.28
C GLY E 44 47.72 10.49 -78.12
N GLY E 45 48.05 10.28 -79.40
CA GLY E 45 47.20 9.45 -80.22
C GLY E 45 45.87 10.14 -80.55
N GLU E 46 44.86 9.30 -80.75
CA GLU E 46 43.51 9.77 -80.99
C GLU E 46 42.76 10.07 -79.70
N ALA E 47 43.38 9.85 -78.54
CA ALA E 47 42.73 10.17 -77.28
C ALA E 47 42.46 11.67 -77.18
N MET E 48 43.42 12.49 -77.61
CA MET E 48 43.29 13.95 -77.60
C MET E 48 43.41 14.43 -79.03
N ARG E 49 42.29 14.37 -79.75
CA ARG E 49 42.10 15.01 -81.05
C ARG E 49 41.69 16.47 -80.91
N PRO E 50 40.84 16.83 -79.93
CA PRO E 50 40.51 18.27 -79.76
C PRO E 50 41.71 19.20 -79.70
N TYR E 51 42.80 18.79 -79.03
CA TYR E 51 43.92 19.70 -78.85
C TYR E 51 44.65 19.96 -80.17
N ALA E 52 44.72 18.95 -81.04
CA ALA E 52 45.30 19.19 -82.36
C ALA E 52 44.48 20.19 -83.14
N GLU E 53 43.15 20.09 -83.05
CA GLU E 53 42.29 21.06 -83.73
C GLU E 53 42.44 22.46 -83.14
N MET E 54 42.55 22.56 -81.81
CA MET E 54 42.72 23.85 -81.18
C MET E 54 44.04 24.50 -81.61
N VAL E 55 45.11 23.72 -81.63
CA VAL E 55 46.40 24.23 -82.08
C VAL E 55 46.32 24.68 -83.53
N ARG E 56 45.68 23.88 -84.38
CA ARG E 56 45.61 24.24 -85.79
C ARG E 56 44.78 25.51 -86.01
N HIS E 57 43.64 25.63 -85.33
CA HIS E 57 42.84 26.84 -85.45
C HIS E 57 43.54 28.07 -84.91
N LEU E 58 44.27 27.95 -83.79
CA LEU E 58 45.04 29.09 -83.32
C LEU E 58 46.16 29.46 -84.29
N GLY E 59 46.73 28.47 -84.97
CA GLY E 59 47.66 28.78 -86.04
C GLY E 59 47.02 29.58 -87.16
N GLU E 60 45.81 29.17 -87.59
CA GLU E 60 45.11 29.93 -88.62
C GLU E 60 44.72 31.32 -88.14
N ALA E 61 44.29 31.46 -86.89
CA ALA E 61 43.94 32.78 -86.38
C ALA E 61 45.16 33.70 -86.35
N ALA E 62 46.31 33.17 -85.93
CA ALA E 62 47.53 33.97 -85.92
C ALA E 62 47.92 34.40 -87.33
N VAL E 63 47.88 33.47 -88.29
CA VAL E 63 48.30 33.87 -89.64
C VAL E 63 47.29 34.82 -90.27
N ALA E 64 46.00 34.67 -89.93
CA ALA E 64 45.01 35.64 -90.36
C ALA E 64 45.35 37.02 -89.84
N ALA E 65 45.70 37.12 -88.55
CA ALA E 65 46.07 38.40 -87.97
C ALA E 65 47.31 38.98 -88.66
N LEU E 66 48.30 38.15 -88.94
CA LEU E 66 49.49 38.62 -89.64
C LEU E 66 49.21 39.00 -91.09
N GLU E 67 48.12 38.51 -91.68
CA GLU E 67 47.84 38.81 -93.08
C GLU E 67 46.59 39.67 -93.24
N GLY E 68 46.48 40.73 -92.46
CA GLY E 68 45.30 41.55 -92.47
C GLY E 68 44.28 41.08 -91.44
N ARG E 69 43.02 41.42 -91.69
CA ARG E 69 41.88 40.88 -90.96
C ARG E 69 41.86 41.26 -89.49
N ALA E 70 40.66 41.34 -88.92
CA ALA E 70 40.47 41.43 -87.48
C ALA E 70 39.28 40.65 -86.99
N GLU E 71 38.34 40.28 -87.86
CA GLU E 71 37.11 39.59 -87.51
C GLU E 71 37.26 38.08 -87.60
N GLU E 72 38.02 37.59 -88.57
CA GLU E 72 38.30 36.16 -88.64
C GLU E 72 39.07 35.70 -87.40
N ALA E 73 40.02 36.51 -86.95
CA ALA E 73 40.74 36.19 -85.72
C ALA E 73 39.79 36.13 -84.54
N ASP E 74 38.87 37.10 -84.46
CA ASP E 74 37.84 37.09 -83.42
C ASP E 74 37.05 35.80 -83.45
N ARG E 75 36.57 35.41 -84.62
CA ARG E 75 35.72 34.23 -84.73
C ARG E 75 36.48 32.96 -84.37
N LEU E 76 37.71 32.81 -84.88
CA LEU E 76 38.47 31.61 -84.61
C LEU E 76 38.81 31.51 -83.12
N VAL E 77 39.18 32.62 -82.49
CA VAL E 77 39.49 32.58 -81.08
C VAL E 77 38.25 32.23 -80.26
N ARG E 78 37.08 32.74 -80.67
CA ARG E 78 35.84 32.37 -79.98
C ARG E 78 35.53 30.88 -80.16
N ASP E 79 35.77 30.33 -81.35
CA ASP E 79 35.55 28.91 -81.58
C ASP E 79 36.48 28.06 -80.71
N VAL E 80 37.76 28.44 -80.64
CA VAL E 80 38.70 27.72 -79.79
C VAL E 80 38.32 27.87 -78.33
N LEU E 81 37.77 29.01 -77.94
CA LEU E 81 37.30 29.18 -76.58
C LEU E 81 36.16 28.21 -76.29
N GLU E 82 35.26 28.02 -77.26
CA GLU E 82 34.17 27.06 -77.09
C GLU E 82 34.72 25.63 -76.96
N MET E 83 35.73 25.28 -77.76
CA MET E 83 36.34 23.96 -77.65
C MET E 83 36.94 23.77 -76.26
N ALA E 84 37.65 24.77 -75.77
CA ALA E 84 38.23 24.69 -74.43
C ALA E 84 37.14 24.55 -73.37
N ARG E 85 36.01 25.23 -73.56
CA ARG E 85 34.91 25.10 -72.62
C ARG E 85 34.38 23.68 -72.59
N GLU E 86 34.19 23.07 -73.75
CA GLU E 86 33.56 21.74 -73.77
C GLU E 86 34.52 20.65 -73.30
N VAL E 87 35.79 20.73 -73.70
CA VAL E 87 36.76 19.69 -73.32
C VAL E 87 36.95 19.66 -71.81
N GLY E 88 37.09 20.83 -71.19
CA GLY E 88 37.36 20.92 -69.77
C GLY E 88 38.61 21.69 -69.43
N ALA E 89 39.34 22.22 -70.41
CA ALA E 89 40.53 23.02 -70.15
C ALA E 89 40.13 24.35 -69.54
N GLU E 90 40.49 24.56 -68.28
CA GLU E 90 40.09 25.77 -67.57
C GLU E 90 41.07 26.92 -67.78
N GLY E 91 42.34 26.72 -67.40
CA GLY E 91 43.33 27.76 -67.56
C GLY E 91 43.49 28.17 -69.01
N LEU E 92 43.40 27.21 -69.92
CA LEU E 92 43.45 27.52 -71.34
C LEU E 92 42.25 28.38 -71.74
N ALA E 93 41.08 28.10 -71.19
CA ALA E 93 39.91 28.93 -71.49
C ALA E 93 40.12 30.35 -70.99
N ARG E 94 40.65 30.52 -69.79
CA ARG E 94 40.91 31.86 -69.28
C ARG E 94 41.89 32.60 -70.17
N LEU E 95 42.99 31.94 -70.54
CA LEU E 95 43.98 32.59 -71.39
C LEU E 95 43.39 32.92 -72.74
N LEU E 96 42.44 32.11 -73.22
CA LEU E 96 41.85 32.39 -74.52
C LEU E 96 40.92 33.59 -74.46
N GLU E 97 40.17 33.74 -73.37
CA GLU E 97 39.37 34.97 -73.20
C GLU E 97 40.27 36.21 -73.16
N ARG E 98 41.36 36.13 -72.39
CA ARG E 98 42.30 37.25 -72.32
C ARG E 98 42.89 37.54 -73.70
N VAL E 99 43.26 36.49 -74.43
CA VAL E 99 43.78 36.65 -75.78
C VAL E 99 42.77 37.35 -76.65
N HIS E 100 41.49 36.98 -76.51
CA HIS E 100 40.44 37.58 -77.33
C HIS E 100 40.34 39.09 -77.09
N ARG E 101 40.21 39.48 -75.82
CA ARG E 101 40.05 40.90 -75.50
C ARG E 101 41.25 41.72 -75.94
N GLU E 102 42.45 41.28 -75.55
CA GLU E 102 43.63 42.02 -75.98
C GLU E 102 43.73 42.08 -77.50
N ALA E 103 43.65 40.93 -78.18
CA ALA E 103 43.76 40.93 -79.63
C ALA E 103 42.82 41.94 -80.25
N ARG E 104 41.60 42.06 -79.72
CA ARG E 104 40.69 43.11 -80.19
C ARG E 104 41.29 44.50 -79.99
N GLU E 105 41.80 44.77 -78.78
CA GLU E 105 42.33 46.10 -78.50
C GLU E 105 43.50 46.46 -79.42
N LEU E 106 44.49 45.57 -79.50
CA LEU E 106 45.67 45.88 -80.31
C LEU E 106 45.37 45.86 -81.80
N LEU E 107 44.36 45.10 -82.24
CA LEU E 107 43.98 45.20 -83.64
C LEU E 107 43.28 46.52 -83.93
N ARG E 108 42.52 47.03 -82.96
CA ARG E 108 41.97 48.37 -83.11
C ARG E 108 43.07 49.42 -83.18
N GLU E 109 44.10 49.27 -82.35
CA GLU E 109 45.22 50.20 -82.37
C GLU E 109 46.11 50.05 -83.60
N GLY E 110 45.91 49.02 -84.40
CA GLY E 110 46.65 48.85 -85.63
C GLY E 110 47.92 48.03 -85.52
N ARG E 111 48.31 47.62 -84.32
CA ARG E 111 49.51 46.79 -84.14
C ARG E 111 49.14 45.33 -84.38
N ARG E 112 49.90 44.66 -85.24
CA ARG E 112 49.57 43.30 -85.66
C ARG E 112 50.48 42.25 -85.07
N GLU E 113 51.78 42.53 -84.92
CA GLU E 113 52.72 41.51 -84.48
C GLU E 113 52.38 41.02 -83.08
N GLU E 114 52.02 41.92 -82.18
CA GLU E 114 51.77 41.52 -80.80
C GLU E 114 50.51 40.69 -80.65
N ALA E 115 49.47 40.96 -81.46
CA ALA E 115 48.26 40.14 -81.39
C ALA E 115 48.54 38.70 -81.84
N ALA E 116 49.28 38.56 -82.95
CA ALA E 116 49.70 37.23 -83.36
C ALA E 116 50.63 36.60 -82.34
N ALA E 117 51.41 37.40 -81.63
CA ALA E 117 52.25 36.87 -80.56
C ALA E 117 51.40 36.27 -79.45
N LEU E 118 50.35 36.98 -79.05
CA LEU E 118 49.44 36.42 -78.04
C LEU E 118 48.78 35.15 -78.54
N VAL E 119 48.37 35.12 -79.81
CA VAL E 119 47.73 33.93 -80.35
C VAL E 119 48.71 32.75 -80.37
N LEU E 120 49.95 32.98 -80.77
CA LEU E 120 50.94 31.91 -80.80
C LEU E 120 51.24 31.40 -79.40
N ALA E 121 51.32 32.31 -78.42
CA ALA E 121 51.47 31.87 -77.04
C ALA E 121 50.30 31.00 -76.61
N ALA E 122 49.08 31.35 -77.05
CA ALA E 122 47.91 30.54 -76.71
C ALA E 122 48.00 29.15 -77.34
N ALA E 123 48.41 29.08 -78.60
CA ALA E 123 48.54 27.79 -79.28
C ALA E 123 49.58 26.92 -78.60
N LEU E 124 50.71 27.52 -78.23
CA LEU E 124 51.76 26.77 -77.53
C LEU E 124 51.26 26.30 -76.16
N ALA E 125 50.50 27.13 -75.46
CA ALA E 125 49.94 26.67 -74.19
C ALA E 125 49.04 25.47 -74.39
N ALA E 126 48.20 25.50 -75.43
CA ALA E 126 47.29 24.38 -75.69
C ALA E 126 48.06 23.11 -76.02
N GLY E 127 49.02 23.20 -76.94
CA GLY E 127 49.78 22.03 -77.33
C GLY E 127 50.60 21.46 -76.18
N ALA E 128 51.28 22.33 -75.42
CA ALA E 128 52.08 21.86 -74.30
C ALA E 128 51.21 21.28 -73.20
N VAL E 129 50.01 21.81 -73.01
CA VAL E 129 49.09 21.23 -72.04
C VAL E 129 48.71 19.81 -72.46
N ALA E 130 48.41 19.63 -73.74
CA ALA E 130 48.06 18.30 -74.23
C ALA E 130 49.22 17.32 -74.02
N VAL E 131 50.42 17.73 -74.43
CA VAL E 131 51.55 16.81 -74.35
C VAL E 131 51.90 16.50 -72.89
N ALA E 132 51.82 17.49 -72.01
CA ALA E 132 52.12 17.26 -70.60
C ALA E 132 51.11 16.31 -69.98
N GLU E 133 49.82 16.48 -70.30
CA GLU E 133 48.82 15.55 -69.77
C GLU E 133 49.05 14.14 -70.31
N ALA E 134 49.45 14.02 -71.57
CA ALA E 134 49.76 12.70 -72.11
C ALA E 134 50.92 12.06 -71.38
N TYR E 135 51.98 12.84 -71.11
CA TYR E 135 53.13 12.31 -70.38
C TYR E 135 52.73 11.88 -68.98
N VAL E 136 51.87 12.65 -68.33
CA VAL E 136 51.45 12.30 -66.97
C VAL E 136 50.59 11.04 -66.98
N ARG E 137 49.73 10.88 -68.00
CA ARG E 137 48.85 9.72 -68.03
C ARG E 137 49.61 8.41 -68.12
N LEU E 138 50.63 8.34 -68.99
CA LEU E 138 51.41 7.13 -69.13
C LEU E 138 52.63 7.11 -68.22
N GLY E 139 52.70 8.00 -67.23
CA GLY E 139 53.68 7.92 -66.16
C GLY E 139 55.14 8.08 -66.54
N GLN E 140 55.47 9.03 -67.40
CA GLN E 140 56.87 9.29 -67.71
C GLN E 140 57.48 10.21 -66.65
N PRO E 141 58.80 10.15 -66.47
CA PRO E 141 59.43 10.96 -65.41
C PRO E 141 59.36 12.45 -65.71
N ILE E 142 59.56 13.23 -64.65
CA ILE E 142 59.39 14.68 -64.71
C ILE E 142 60.51 15.37 -65.48
N ARG E 143 61.70 14.77 -65.58
CA ARG E 143 62.76 15.37 -66.37
C ARG E 143 62.32 15.62 -67.80
N LEU E 144 61.58 14.67 -68.38
CA LEU E 144 61.15 14.82 -69.77
C LEU E 144 60.16 15.96 -69.93
N ILE E 145 59.20 16.10 -69.00
CA ILE E 145 58.28 17.22 -69.07
C ILE E 145 59.02 18.54 -68.95
N ALA E 146 59.95 18.64 -67.98
CA ALA E 146 60.67 19.88 -67.78
C ALA E 146 61.52 20.25 -68.99
N GLU E 147 62.23 19.28 -69.55
CA GLU E 147 63.07 19.56 -70.71
C GLU E 147 62.24 19.91 -71.93
N TYR E 148 61.12 19.20 -72.13
CA TYR E 148 60.24 19.50 -73.25
C TYR E 148 59.71 20.92 -73.16
N VAL E 149 59.15 21.29 -72.00
CA VAL E 149 58.57 22.61 -71.85
C VAL E 149 59.63 23.69 -72.03
N ALA E 150 60.81 23.51 -71.42
CA ALA E 150 61.85 24.52 -71.53
C ALA E 150 62.29 24.70 -72.97
N GLU E 151 62.45 23.61 -73.72
CA GLU E 151 62.91 23.74 -75.09
C GLU E 151 61.84 24.39 -75.97
N ARG E 152 60.57 24.07 -75.73
CA ARG E 152 59.51 24.73 -76.49
C ARG E 152 59.47 26.22 -76.19
N LEU E 153 59.66 26.60 -74.93
CA LEU E 153 59.70 28.03 -74.59
C LEU E 153 60.86 28.72 -75.29
N VAL E 154 62.02 28.07 -75.36
CA VAL E 154 63.15 28.70 -76.04
C VAL E 154 62.85 28.88 -77.52
N GLU E 155 62.23 27.86 -78.15
CA GLU E 155 61.87 27.99 -79.57
C GLU E 155 60.87 29.11 -79.80
N LEU E 156 59.86 29.21 -78.94
CA LEU E 156 58.88 30.29 -79.07
C LEU E 156 59.52 31.65 -78.89
N ALA E 157 60.42 31.78 -77.91
CA ALA E 157 61.10 33.05 -77.70
C ALA E 157 61.94 33.42 -78.92
N GLU E 158 62.57 32.44 -79.55
CA GLU E 158 63.31 32.70 -80.77
C GLU E 158 62.38 33.20 -81.87
N LEU E 159 61.22 32.57 -82.02
CA LEU E 159 60.27 33.01 -83.03
C LEU E 159 59.79 34.43 -82.77
N LEU E 160 59.41 34.73 -81.53
CA LEU E 160 58.91 36.06 -81.19
C LEU E 160 60.01 37.11 -81.36
N ARG E 161 61.26 36.75 -81.12
CA ARG E 161 62.36 37.64 -81.44
C ARG E 161 62.43 37.89 -82.94
N ARG E 162 62.17 36.84 -83.74
CA ARG E 162 62.18 37.03 -85.19
C ARG E 162 61.07 37.96 -85.64
N LEU E 163 59.88 37.86 -85.06
CA LEU E 163 58.77 38.71 -85.47
C LEU E 163 59.06 40.18 -85.20
N GLY E 164 59.44 40.51 -83.96
CA GLY E 164 59.73 41.88 -83.61
C GLY E 164 59.14 42.34 -82.29
N VAL E 165 58.54 41.42 -81.55
CA VAL E 165 57.95 41.78 -80.25
C VAL E 165 59.07 42.21 -79.30
N PRO E 166 58.87 43.24 -78.47
CA PRO E 166 59.89 43.60 -77.48
C PRO E 166 60.08 42.52 -76.43
N LEU E 167 61.29 42.49 -75.88
CA LEU E 167 61.74 41.35 -75.08
C LEU E 167 60.91 41.19 -73.81
N ARG E 168 60.55 42.29 -73.16
CA ARG E 168 59.79 42.18 -71.91
C ARG E 168 58.44 41.54 -72.14
N ARG E 169 57.79 41.88 -73.24
CA ARG E 169 56.55 41.21 -73.61
C ARG E 169 56.81 39.72 -73.88
N ILE E 170 57.94 39.41 -74.50
CA ILE E 170 58.31 38.01 -74.73
C ILE E 170 58.32 37.27 -73.40
N ILE E 171 58.99 37.83 -72.40
CA ILE E 171 59.11 37.14 -71.12
C ILE E 171 57.76 37.03 -70.44
N ARG E 172 56.92 38.06 -70.57
CA ARG E 172 55.59 38.01 -69.97
C ARG E 172 54.74 36.91 -70.59
N LEU E 173 54.78 36.77 -71.93
CA LEU E 173 54.03 35.71 -72.58
C LEU E 173 54.55 34.34 -72.19
N LEU E 174 55.88 34.19 -72.10
CA LEU E 174 56.47 32.91 -71.70
C LEU E 174 56.03 32.53 -70.30
N GLU E 175 55.98 33.50 -69.39
CA GLU E 175 55.50 33.20 -68.05
C GLU E 175 54.03 32.83 -68.04
N GLU E 176 53.22 33.45 -68.91
CA GLU E 176 51.82 33.04 -69.01
C GLU E 176 51.70 31.59 -69.47
N VAL E 177 52.49 31.21 -70.48
CA VAL E 177 52.50 29.83 -70.96
C VAL E 177 52.87 28.89 -69.82
N LEU E 178 53.91 29.24 -69.07
CA LEU E 178 54.33 28.40 -67.95
C LEU E 178 53.26 28.29 -66.89
N ARG E 179 52.53 29.37 -66.63
CA ARG E 179 51.47 29.33 -65.64
C ARG E 179 50.35 28.38 -66.07
N VAL E 180 49.98 28.44 -67.35
CA VAL E 180 48.96 27.52 -67.85
C VAL E 180 49.42 26.07 -67.74
N VAL E 181 50.69 25.82 -68.10
CA VAL E 181 51.22 24.46 -68.03
C VAL E 181 51.23 23.97 -66.59
N ALA E 182 51.62 24.82 -65.65
CA ALA E 182 51.63 24.43 -64.25
C ALA E 182 50.22 24.13 -63.75
N GLU E 183 49.23 24.93 -64.17
CA GLU E 183 47.86 24.64 -63.79
C GLU E 183 47.40 23.30 -64.36
N ALA E 184 47.76 23.02 -65.61
CA ALA E 184 47.37 21.74 -66.21
C ALA E 184 47.99 20.57 -65.45
N LEU E 185 49.28 20.69 -65.10
CA LEU E 185 49.93 19.62 -64.36
C LEU E 185 49.33 19.47 -62.97
N ARG E 186 48.90 20.57 -62.35
CA ARG E 186 48.24 20.47 -61.06
C ARG E 186 46.92 19.73 -61.17
N ARG E 187 46.15 19.99 -62.24
CA ARG E 187 44.87 19.30 -62.41
C ARG E 187 45.06 17.82 -62.67
N ALA E 188 46.22 17.41 -63.19
CA ALA E 188 46.51 16.00 -63.43
C ALA E 188 47.03 15.28 -62.20
N GLY E 189 47.14 15.96 -61.06
CA GLY E 189 47.56 15.33 -59.84
C GLY E 189 49.06 15.30 -59.61
N VAL E 190 49.85 15.95 -60.45
CA VAL E 190 51.31 15.97 -60.23
C VAL E 190 51.60 16.71 -58.93
N PRO E 191 52.45 16.17 -58.04
CA PRO E 191 52.70 16.84 -56.76
C PRO E 191 53.36 18.19 -56.96
N GLU E 192 53.10 19.10 -56.02
CA GLU E 192 53.55 20.49 -56.16
C GLU E 192 55.06 20.63 -56.32
N PRO E 193 55.91 19.95 -55.54
CA PRO E 193 57.37 20.13 -55.74
C PRO E 193 57.82 19.82 -57.16
N GLU E 194 57.21 18.85 -57.84
CA GLU E 194 57.59 18.59 -59.22
C GLU E 194 57.19 19.75 -60.13
N ILE E 195 56.05 20.39 -59.86
CA ILE E 195 55.65 21.56 -60.63
C ILE E 195 56.67 22.69 -60.43
N ARG E 196 57.11 22.90 -59.20
CA ARG E 196 58.11 23.91 -58.93
C ARG E 196 59.42 23.57 -59.64
N LYS E 197 59.78 22.28 -59.67
CA LYS E 197 60.97 21.87 -60.42
C LYS E 197 60.82 22.20 -61.89
N VAL E 198 59.64 21.97 -62.46
CA VAL E 198 59.40 22.29 -63.86
C VAL E 198 59.62 23.77 -64.11
N GLU E 199 58.99 24.61 -63.29
CA GLU E 199 59.08 26.06 -63.51
C GLU E 199 60.51 26.56 -63.32
N ALA E 200 61.19 26.09 -62.26
CA ALA E 200 62.55 26.53 -62.00
C ALA E 200 63.49 26.13 -63.13
N ALA E 201 63.33 24.91 -63.64
CA ALA E 201 64.13 24.51 -64.79
C ALA E 201 63.86 25.40 -65.98
N ALA E 202 62.59 25.77 -66.20
CA ALA E 202 62.26 26.66 -67.30
C ALA E 202 62.92 28.02 -67.15
N TYR E 203 62.89 28.58 -65.93
CA TYR E 203 63.48 29.90 -65.71
C TYR E 203 64.99 29.88 -65.86
N ILE E 204 65.66 28.82 -65.39
CA ILE E 204 67.11 28.73 -65.54
C ILE E 204 67.48 28.55 -67.01
N ARG E 205 66.68 27.78 -67.76
CA ARG E 205 66.93 27.66 -69.18
C ARG E 205 66.78 28.99 -69.90
N LEU E 206 65.73 29.73 -69.55
CA LEU E 206 65.51 31.04 -70.17
C LEU E 206 66.62 32.03 -69.82
N ALA E 207 67.04 32.04 -68.56
CA ALA E 207 68.14 32.91 -68.15
C ALA E 207 69.42 32.57 -68.90
N ALA E 208 69.73 31.28 -69.04
CA ALA E 208 70.91 30.88 -69.79
C ALA E 208 70.80 31.30 -71.25
N TYR E 209 69.62 31.13 -71.84
CA TYR E 209 69.42 31.54 -73.22
C TYR E 209 69.64 33.02 -73.41
N LEU E 210 69.11 33.85 -72.50
CA LEU E 210 69.33 35.29 -72.60
C LEU E 210 70.80 35.64 -72.42
N LEU E 211 71.47 34.99 -71.46
CA LEU E 211 72.86 35.33 -71.18
C LEU E 211 73.77 34.95 -72.33
N ARG E 212 73.41 33.91 -73.09
CA ARG E 212 74.32 33.48 -74.16
C ARG E 212 74.41 34.50 -75.29
N GLN E 213 73.35 35.25 -75.55
CA GLN E 213 73.39 36.23 -76.64
C GLN E 213 74.39 37.33 -76.36
N LEU E 214 74.46 37.79 -75.11
CA LEU E 214 75.42 38.82 -74.72
C LEU E 214 76.86 38.32 -74.75
N GLY E 215 77.08 37.01 -74.84
CA GLY E 215 78.42 36.50 -74.91
C GLY E 215 79.00 36.14 -73.55
N TYR E 216 78.18 35.52 -72.71
CA TYR E 216 78.62 35.00 -71.42
C TYR E 216 78.46 33.49 -71.46
N GLU E 217 79.44 32.81 -72.05
CA GLU E 217 79.33 31.37 -72.22
C GLU E 217 79.56 30.64 -70.89
N ALA E 218 80.54 31.08 -70.11
CA ALA E 218 80.83 30.42 -68.84
C ALA E 218 79.63 30.49 -67.90
N LEU E 219 79.01 31.67 -67.82
CA LEU E 219 77.82 31.83 -66.97
C LEU E 219 76.71 30.88 -67.37
N ALA E 220 76.44 30.78 -68.68
CA ALA E 220 75.37 29.90 -69.14
C ALA E 220 75.71 28.44 -68.88
N LYS E 221 76.97 28.04 -69.06
CA LYS E 221 77.36 26.68 -68.76
C LYS E 221 77.14 26.35 -67.30
N ARG E 222 77.52 27.25 -66.39
CA ARG E 222 77.35 26.97 -64.97
C ARG E 222 75.88 26.92 -64.58
N LEU E 223 75.05 27.78 -65.20
CA LEU E 223 73.62 27.73 -64.93
C LEU E 223 73.02 26.42 -65.39
N LEU E 224 73.47 25.92 -66.54
CA LEU E 224 72.90 24.66 -67.03
C LEU E 224 73.43 23.47 -66.25
N GLU E 225 74.65 23.55 -65.72
CA GLU E 225 75.12 22.53 -64.77
C GLU E 225 74.23 22.50 -63.53
N ALA E 226 73.89 23.67 -63.00
CA ALA E 226 72.99 23.72 -61.86
C ALA E 226 71.63 23.12 -62.21
N ARG E 227 71.14 23.40 -63.42
CA ARG E 227 69.86 22.82 -63.85
C ARG E 227 69.94 21.30 -63.93
N GLU E 228 71.05 20.78 -64.46
CA GLU E 228 71.21 19.33 -64.53
C GLU E 228 71.20 18.71 -63.15
N LEU E 229 71.91 19.33 -62.19
CA LEU E 229 71.86 18.83 -60.83
C LEU E 229 70.47 18.93 -60.24
N LEU E 230 69.67 19.92 -60.66
CA LEU E 230 68.34 20.05 -60.11
C LEU E 230 67.41 18.96 -60.63
N LEU E 231 67.46 18.69 -61.93
CA LEU E 231 66.52 17.72 -62.53
C LEU E 231 66.82 16.30 -62.07
N GLU E 232 68.02 16.03 -61.54
CA GLU E 232 68.39 14.71 -61.05
C GLU E 232 67.94 14.47 -59.62
N GLY E 233 67.29 15.44 -58.98
CA GLY E 233 66.86 15.30 -57.62
C GLY E 233 67.80 15.86 -56.58
N ARG E 234 69.04 16.18 -56.96
CA ARG E 234 70.00 16.78 -56.05
C ARG E 234 69.68 18.26 -55.90
N VAL E 235 68.73 18.56 -55.02
CA VAL E 235 68.28 19.94 -54.84
C VAL E 235 69.35 20.77 -54.16
N GLU E 236 70.04 20.20 -53.18
CA GLU E 236 70.95 20.99 -52.35
C GLU E 236 72.17 21.45 -53.14
N GLU E 237 72.77 20.55 -53.92
CA GLU E 237 73.89 20.96 -54.76
C GLU E 237 73.43 21.95 -55.82
N ALA E 238 72.21 21.79 -56.33
CA ALA E 238 71.66 22.76 -57.27
C ALA E 238 71.56 24.14 -56.66
N ALA E 239 71.01 24.24 -55.46
CA ALA E 239 70.87 25.54 -54.80
C ALA E 239 72.22 26.15 -54.48
N HIS E 240 73.18 25.34 -54.02
CA HIS E 240 74.50 25.88 -53.70
C HIS E 240 75.20 26.42 -54.95
N LEU E 241 75.22 25.62 -56.01
CA LEU E 241 75.90 26.06 -57.22
C LEU E 241 75.18 27.25 -57.86
N LEU E 242 73.85 27.26 -57.78
CA LEU E 242 73.09 28.41 -58.27
C LEU E 242 73.42 29.66 -57.49
N GLU E 243 73.50 29.58 -56.16
CA GLU E 243 73.82 30.76 -55.38
C GLU E 243 75.22 31.26 -55.66
N ASP E 244 76.18 30.35 -55.91
CA ASP E 244 77.53 30.80 -56.24
C ASP E 244 77.55 31.54 -57.58
N VAL E 245 76.93 30.96 -58.60
CA VAL E 245 76.95 31.63 -59.90
C VAL E 245 76.15 32.94 -59.84
N TYR E 246 75.07 32.98 -59.07
CA TYR E 246 74.29 34.20 -58.93
C TYR E 246 75.09 35.28 -58.22
N ALA E 247 75.87 34.91 -57.21
CA ALA E 247 76.70 35.91 -56.53
C ALA E 247 77.72 36.51 -57.46
N LEU E 248 78.39 35.68 -58.26
CA LEU E 248 79.35 36.24 -59.22
C LEU E 248 78.66 37.14 -60.24
N PHE E 249 77.51 36.69 -60.74
CA PHE E 249 76.76 37.47 -61.72
C PHE E 249 76.29 38.80 -61.14
N HIS E 250 75.84 38.80 -59.90
CA HIS E 250 75.33 40.02 -59.30
C HIS E 250 76.46 41.00 -59.03
N ARG E 251 77.63 40.51 -58.63
CA ARG E 251 78.78 41.40 -58.53
C ARG E 251 79.10 42.02 -59.88
N GLU E 252 79.02 41.22 -60.94
CA GLU E 252 79.28 41.77 -62.28
C GLU E 252 78.24 42.81 -62.66
N ILE E 253 76.99 42.60 -62.28
CA ILE E 253 75.94 43.57 -62.57
C ILE E 253 76.18 44.87 -61.82
N GLU E 254 76.47 44.77 -60.52
CA GLU E 254 76.76 45.96 -59.72
C GLU E 254 78.02 46.67 -60.18
N ARG E 255 78.91 45.97 -60.90
CA ARG E 255 80.08 46.62 -61.45
C ARG E 255 79.70 47.72 -62.42
N LEU E 256 78.69 47.49 -63.25
CA LEU E 256 78.30 48.43 -64.28
C LEU E 256 77.47 49.61 -63.76
N GLY E 257 77.11 49.61 -62.48
CA GLY E 257 76.48 50.78 -61.89
C GLY E 257 75.08 51.02 -62.43
N PHE E 258 74.83 52.25 -62.84
CA PHE E 258 73.54 52.64 -63.44
C PHE E 258 73.61 52.59 -64.97
N GLU E 259 73.98 51.41 -65.46
CA GLU E 259 74.01 51.12 -66.88
C GLU E 259 74.18 49.61 -67.04
N ALA E 260 73.35 49.01 -67.89
CA ALA E 260 73.43 47.59 -68.21
C ALA E 260 72.48 47.25 -69.34
N PRO E 261 72.86 46.37 -70.26
CA PRO E 261 71.93 45.95 -71.31
C PRO E 261 70.67 45.36 -70.71
N GLU E 262 69.57 45.49 -71.46
CA GLU E 262 68.27 45.08 -70.94
C GLU E 262 68.21 43.59 -70.64
N GLU E 263 68.92 42.78 -71.43
CA GLU E 263 68.88 41.33 -71.21
C GLU E 263 69.51 40.95 -69.87
N LEU E 264 70.56 41.67 -69.44
CA LEU E 264 71.09 41.44 -68.10
C LEU E 264 70.05 41.75 -67.04
N ARG E 265 69.31 42.85 -67.22
CA ARG E 265 68.30 43.22 -66.24
C ARG E 265 67.19 42.18 -66.16
N VAL E 266 66.77 41.64 -67.30
CA VAL E 266 65.73 40.62 -67.29
C VAL E 266 66.24 39.32 -66.69
N ALA E 267 67.47 38.94 -67.03
CA ALA E 267 68.08 37.73 -66.49
C ALA E 267 68.20 37.81 -64.98
N ASP E 268 68.46 39.01 -64.44
CA ASP E 268 68.55 39.16 -62.99
C ASP E 268 67.25 38.74 -62.32
N LEU E 269 66.11 39.23 -62.84
CA LEU E 269 64.83 38.87 -62.24
C LEU E 269 64.50 37.39 -62.46
N LEU E 270 64.86 36.86 -63.63
CA LEU E 270 64.63 35.44 -63.89
C LEU E 270 65.41 34.57 -62.92
N LEU E 271 66.69 34.89 -62.69
CA LEU E 271 67.51 34.15 -61.75
C LEU E 271 66.97 34.26 -60.33
N ALA E 272 66.52 35.45 -59.93
CA ALA E 272 65.94 35.60 -58.60
C ALA E 272 64.73 34.70 -58.44
N ARG E 273 63.85 34.64 -59.44
CA ARG E 273 62.67 33.80 -59.33
C ARG E 273 63.04 32.32 -59.32
N ALA E 274 64.02 31.93 -60.12
CA ALA E 274 64.48 30.54 -60.11
C ALA E 274 65.00 30.14 -58.74
N ILE E 275 65.78 31.02 -58.13
CA ILE E 275 66.32 30.73 -56.80
C ILE E 275 65.19 30.63 -55.78
N ALA E 276 64.21 31.53 -55.87
CA ALA E 276 63.08 31.47 -54.93
C ALA E 276 62.32 30.16 -55.08
N LEU E 277 62.07 29.73 -56.31
CA LEU E 277 61.34 28.48 -56.53
C LEU E 277 62.12 27.29 -56.02
N ILE E 278 63.43 27.24 -56.29
CA ILE E 278 64.23 26.11 -55.81
C ILE E 278 64.23 26.07 -54.28
N LYS E 279 64.38 27.23 -53.65
CA LYS E 279 64.33 27.27 -52.19
C LYS E 279 62.97 26.83 -51.65
N ALA E 280 61.90 27.09 -52.38
CA ALA E 280 60.57 26.72 -51.91
C ALA E 280 60.20 25.27 -52.17
N ILE E 281 61.01 24.53 -52.92
CA ILE E 281 60.74 23.11 -53.16
C ILE E 281 60.67 22.35 -51.85
N THR F 24 -27.98 101.96 49.54
CA THR F 24 -28.34 101.72 48.16
C THR F 24 -27.55 100.55 47.59
N VAL F 25 -26.51 100.14 48.31
CA VAL F 25 -25.61 99.11 47.83
C VAL F 25 -26.35 97.78 47.63
N VAL F 26 -27.17 97.40 48.61
CA VAL F 26 -27.94 96.17 48.48
C VAL F 26 -28.96 96.29 47.36
N GLU F 27 -29.54 97.49 47.20
CA GLU F 27 -30.42 97.71 46.06
C GLU F 27 -29.66 97.59 44.74
N GLU F 28 -28.40 98.05 44.71
CA GLU F 28 -27.59 97.89 43.51
C GLU F 28 -27.33 96.41 43.22
N VAL F 29 -27.05 95.63 44.25
CA VAL F 29 -26.83 94.19 44.04
C VAL F 29 -28.11 93.53 43.53
N ARG F 30 -29.25 93.88 44.12
CA ARG F 30 -30.52 93.32 43.65
C ARG F 30 -30.78 93.69 42.20
N ARG F 31 -30.58 94.98 41.85
CA ARG F 31 -30.82 95.42 40.49
C ARG F 31 -29.90 94.72 39.51
N PHE F 32 -28.62 94.57 39.88
CA PHE F 32 -27.66 93.87 39.03
C PHE F 32 -28.10 92.43 38.78
N ALA F 33 -28.48 91.72 39.84
CA ALA F 33 -28.88 90.32 39.68
C ALA F 33 -30.14 90.18 38.84
N GLU F 34 -31.15 91.01 39.12
CA GLU F 34 -32.39 90.91 38.35
C GLU F 34 -32.17 91.28 36.89
N GLU F 35 -31.38 92.31 36.60
CA GLU F 35 -31.11 92.67 35.21
C GLU F 35 -30.39 91.54 34.49
N LEU F 36 -29.41 90.92 35.14
CA LEU F 36 -28.71 89.81 34.51
C LEU F 36 -29.67 88.65 34.25
N ALA F 37 -30.56 88.35 35.20
CA ALA F 37 -31.51 87.25 35.01
C ALA F 37 -32.49 87.55 33.90
N GLU F 38 -32.98 88.80 33.82
CA GLU F 38 -33.87 89.18 32.73
C GLU F 38 -33.18 89.06 31.39
N GLU F 39 -31.91 89.47 31.30
CA GLU F 39 -31.19 89.33 30.04
C GLU F 39 -30.98 87.87 29.68
N VAL F 40 -30.74 87.02 30.68
CA VAL F 40 -30.59 85.60 30.42
C VAL F 40 -31.88 85.04 29.83
N LEU F 41 -33.02 85.44 30.40
CA LEU F 41 -34.31 84.95 29.90
C LEU F 41 -34.60 85.50 28.51
N ARG F 42 -34.27 86.77 28.26
CA ARG F 42 -34.52 87.34 26.94
C ARG F 42 -33.69 86.63 25.87
N VAL F 43 -32.40 86.41 26.13
CA VAL F 43 -31.55 85.80 25.12
C VAL F 43 -31.92 84.33 24.94
N GLY F 44 -32.10 83.60 26.03
CA GLY F 44 -32.34 82.17 25.95
C GLY F 44 -33.77 81.73 26.10
N GLY F 45 -34.69 82.63 26.40
CA GLY F 45 -36.08 82.24 26.48
C GLY F 45 -36.37 81.34 27.68
N GLU F 46 -37.35 80.46 27.48
CA GLU F 46 -37.71 79.48 28.47
C GLU F 46 -36.85 78.23 28.39
N ALA F 47 -35.90 78.18 27.44
CA ALA F 47 -35.03 77.01 27.35
C ALA F 47 -34.18 76.86 28.60
N MET F 48 -33.61 77.96 29.10
CA MET F 48 -32.82 77.97 30.33
C MET F 48 -33.49 78.91 31.31
N ARG F 49 -34.46 78.38 32.04
CA ARG F 49 -35.07 78.98 33.21
C ARG F 49 -34.25 78.74 34.47
N PRO F 50 -33.63 77.56 34.65
CA PRO F 50 -32.79 77.37 35.86
C PRO F 50 -31.76 78.46 36.09
N TYR F 51 -31.10 78.93 35.03
CA TYR F 51 -30.03 79.91 35.22
C TYR F 51 -30.57 81.24 35.75
N ALA F 52 -31.78 81.62 35.35
CA ALA F 52 -32.39 82.80 35.93
C ALA F 52 -32.62 82.62 37.42
N GLU F 53 -33.03 81.42 37.83
CA GLU F 53 -33.23 81.15 39.26
C GLU F 53 -31.90 81.19 40.01
N MET F 54 -30.84 80.61 39.43
CA MET F 54 -29.53 80.68 40.07
C MET F 54 -29.08 82.13 40.23
N VAL F 55 -29.24 82.94 39.19
CA VAL F 55 -28.82 84.33 39.29
C VAL F 55 -29.62 85.05 40.37
N ARG F 56 -30.93 84.81 40.42
CA ARG F 56 -31.76 85.53 41.38
C ARG F 56 -31.46 85.10 42.82
N HIS F 57 -31.27 83.80 43.05
CA HIS F 57 -30.90 83.34 44.38
C HIS F 57 -29.51 83.79 44.79
N LEU F 58 -28.56 83.84 43.86
CA LEU F 58 -27.23 84.33 44.22
C LEU F 58 -27.25 85.82 44.53
N GLY F 59 -28.07 86.59 43.81
CA GLY F 59 -28.28 87.97 44.22
C GLY F 59 -28.90 88.07 45.60
N GLU F 60 -29.83 87.16 45.91
CA GLU F 60 -30.47 87.16 47.22
C GLU F 60 -29.48 86.81 48.33
N ALA F 61 -28.63 85.81 48.11
CA ALA F 61 -27.62 85.46 49.09
C ALA F 61 -26.63 86.60 49.30
N ALA F 62 -26.24 87.28 48.22
CA ALA F 62 -25.34 88.42 48.34
C ALA F 62 -25.97 89.53 49.18
N VAL F 63 -27.24 89.87 48.90
CA VAL F 63 -27.85 90.95 49.68
C VAL F 63 -28.10 90.53 51.12
N ALA F 64 -28.36 89.24 51.35
CA ALA F 64 -28.44 88.74 52.71
C ALA F 64 -27.13 88.95 53.43
N ALA F 65 -26.01 88.60 52.79
CA ALA F 65 -24.70 88.79 53.41
C ALA F 65 -24.41 90.26 53.69
N LEU F 66 -24.76 91.14 52.75
CA LEU F 66 -24.54 92.56 52.98
C LEU F 66 -25.47 93.13 54.05
N GLU F 67 -26.59 92.47 54.35
CA GLU F 67 -27.52 92.98 55.34
C GLU F 67 -27.56 92.09 56.59
N GLY F 68 -26.40 91.71 57.08
CA GLY F 68 -26.32 90.80 58.22
C GLY F 68 -26.22 89.36 57.77
N ARG F 69 -26.63 88.47 58.67
CA ARG F 69 -26.81 87.05 58.36
C ARG F 69 -25.51 86.33 58.01
N ALA F 70 -25.48 85.03 58.29
CA ALA F 70 -24.40 84.16 57.82
C ALA F 70 -24.89 82.78 57.41
N GLU F 71 -26.09 82.38 57.83
CA GLU F 71 -26.65 81.06 57.57
C GLU F 71 -27.55 81.03 56.35
N GLU F 72 -28.31 82.10 56.13
CA GLU F 72 -29.13 82.19 54.93
C GLU F 72 -28.26 82.20 53.67
N ALA F 73 -27.13 82.88 53.72
CA ALA F 73 -26.20 82.87 52.60
C ALA F 73 -25.71 81.45 52.34
N ASP F 74 -25.35 80.71 53.39
CA ASP F 74 -24.91 79.33 53.23
C ASP F 74 -26.00 78.48 52.60
N ARG F 75 -27.24 78.65 53.08
CA ARG F 75 -28.33 77.82 52.58
C ARG F 75 -28.61 78.12 51.11
N LEU F 76 -28.69 79.40 50.74
CA LEU F 76 -28.95 79.75 49.36
C LEU F 76 -27.84 79.28 48.44
N VAL F 77 -26.59 79.40 48.89
CA VAL F 77 -25.47 78.94 48.06
C VAL F 77 -25.51 77.43 47.89
N ARG F 78 -25.90 76.70 48.94
CA ARG F 78 -26.05 75.25 48.81
C ARG F 78 -27.18 74.87 47.86
N ASP F 79 -28.29 75.61 47.92
CA ASP F 79 -29.39 75.37 46.99
C ASP F 79 -28.96 75.61 45.54
N VAL F 80 -28.24 76.72 45.31
CA VAL F 80 -27.77 77.02 43.96
C VAL F 80 -26.75 75.97 43.51
N LEU F 81 -25.95 75.47 44.45
CA LEU F 81 -25.04 74.37 44.12
C LEU F 81 -25.80 73.14 43.68
N GLU F 82 -26.92 72.84 44.36
CA GLU F 82 -27.76 71.71 43.95
C GLU F 82 -28.32 71.91 42.55
N MET F 83 -28.79 73.14 42.25
CA MET F 83 -29.29 73.40 40.90
C MET F 83 -28.19 73.21 39.86
N ALA F 84 -26.99 73.71 40.16
CA ALA F 84 -25.88 73.54 39.24
C ALA F 84 -25.55 72.07 39.04
N ARG F 85 -25.66 71.27 40.10
CA ARG F 85 -25.42 69.84 39.99
C ARG F 85 -26.43 69.19 39.07
N GLU F 86 -27.71 69.54 39.21
CA GLU F 86 -28.72 68.84 38.42
C GLU F 86 -28.70 69.29 36.96
N VAL F 87 -28.50 70.59 36.70
CA VAL F 87 -28.50 71.09 35.33
C VAL F 87 -27.37 70.46 34.53
N GLY F 88 -26.18 70.37 35.13
CA GLY F 88 -25.00 69.86 34.45
C GLY F 88 -23.84 70.83 34.42
N ALA F 89 -23.97 72.02 35.01
CA ALA F 89 -22.89 72.99 35.03
C ALA F 89 -21.79 72.50 35.98
N GLU F 90 -20.63 72.19 35.43
CA GLU F 90 -19.52 71.68 36.24
C GLU F 90 -18.69 72.81 36.83
N GLY F 91 -18.13 73.67 35.97
CA GLY F 91 -17.32 74.77 36.46
C GLY F 91 -18.08 75.69 37.39
N LEU F 92 -19.35 75.93 37.07
CA LEU F 92 -20.19 76.73 37.96
C LEU F 92 -20.35 76.05 39.32
N ALA F 93 -20.52 74.72 39.33
CA ALA F 93 -20.66 74.02 40.60
C ALA F 93 -19.39 74.11 41.43
N ARG F 94 -18.22 73.93 40.80
CA ARG F 94 -16.97 74.04 41.54
C ARG F 94 -16.80 75.44 42.11
N LEU F 95 -17.05 76.47 41.29
CA LEU F 95 -16.96 77.83 41.78
C LEU F 95 -17.92 78.06 42.93
N LEU F 96 -19.10 77.43 42.88
CA LEU F 96 -20.07 77.64 43.96
C LEU F 96 -19.62 76.98 45.25
N GLU F 97 -19.00 75.81 45.18
CA GLU F 97 -18.44 75.21 46.39
C GLU F 97 -17.36 76.10 47.00
N ARG F 98 -16.47 76.63 46.15
CA ARG F 98 -15.43 77.52 46.65
C ARG F 98 -16.04 78.78 47.26
N VAL F 99 -17.07 79.34 46.63
CA VAL F 99 -17.78 80.47 47.20
C VAL F 99 -18.33 80.11 48.57
N HIS F 100 -18.88 78.91 48.71
CA HIS F 100 -19.46 78.50 49.98
C HIS F 100 -18.42 78.49 51.09
N ARG F 101 -17.29 77.82 50.86
CA ARG F 101 -16.27 77.70 51.89
C ARG F 101 -15.68 79.07 52.27
N GLU F 102 -15.29 79.85 51.27
CA GLU F 102 -14.72 81.16 51.56
C GLU F 102 -15.76 82.09 52.18
N ALA F 103 -17.03 81.97 51.81
CA ALA F 103 -18.05 82.78 52.45
C ALA F 103 -18.14 82.45 53.93
N ARG F 104 -18.10 81.17 54.26
CA ARG F 104 -18.10 80.78 55.67
C ARG F 104 -16.91 81.37 56.42
N GLU F 105 -15.71 81.22 55.85
CA GLU F 105 -14.52 81.70 56.54
C GLU F 105 -14.57 83.22 56.76
N LEU F 106 -14.88 83.96 55.70
CA LEU F 106 -14.87 85.42 55.80
C LEU F 106 -16.01 85.93 56.69
N LEU F 107 -17.14 85.23 56.70
CA LEU F 107 -18.22 85.66 57.59
C LEU F 107 -17.89 85.35 59.04
N ARG F 108 -17.14 84.27 59.30
CA ARG F 108 -16.64 84.03 60.64
C ARG F 108 -15.67 85.12 61.07
N GLU F 109 -14.80 85.54 60.15
CA GLU F 109 -13.87 86.63 60.45
C GLU F 109 -14.55 87.99 60.56
N GLY F 110 -15.83 88.09 60.20
CA GLY F 110 -16.57 89.32 60.33
C GLY F 110 -16.51 90.26 59.15
N ARG F 111 -15.76 89.92 58.10
CA ARG F 111 -15.68 90.74 56.90
C ARG F 111 -16.85 90.39 55.99
N ARG F 112 -17.64 91.40 55.62
CA ARG F 112 -18.88 91.17 54.88
C ARG F 112 -18.77 91.51 53.40
N GLU F 113 -18.05 92.57 53.05
CA GLU F 113 -18.03 93.02 51.66
C GLU F 113 -17.46 91.96 50.73
N GLU F 114 -16.38 91.31 51.14
CA GLU F 114 -15.72 90.37 50.25
C GLU F 114 -16.52 89.09 50.05
N ALA F 115 -17.29 88.66 51.05
CA ALA F 115 -18.16 87.51 50.86
C ALA F 115 -19.25 87.79 49.84
N ALA F 116 -19.90 88.95 49.96
CA ALA F 116 -20.85 89.37 48.93
C ALA F 116 -20.16 89.53 47.58
N ALA F 117 -18.89 89.92 47.59
CA ALA F 117 -18.15 90.04 46.33
C ALA F 117 -17.98 88.69 45.66
N LEU F 118 -17.62 87.66 46.44
CA LEU F 118 -17.52 86.32 45.87
C LEU F 118 -18.87 85.86 45.33
N VAL F 119 -19.94 86.14 46.08
CA VAL F 119 -21.27 85.73 45.63
C VAL F 119 -21.65 86.44 44.33
N LEU F 120 -21.37 87.74 44.24
CA LEU F 120 -21.69 88.49 43.03
C LEU F 120 -20.90 87.97 41.83
N ALA F 121 -19.62 87.65 42.05
CA ALA F 121 -18.84 87.06 40.96
C ALA F 121 -19.45 85.74 40.52
N ALA F 122 -19.93 84.93 41.46
CA ALA F 122 -20.54 83.65 41.08
C ALA F 122 -21.84 83.86 40.31
N ALA F 123 -22.65 84.85 40.71
CA ALA F 123 -23.88 85.15 39.99
C ALA F 123 -23.58 85.61 38.57
N LEU F 124 -22.58 86.47 38.42
CA LEU F 124 -22.18 86.91 37.09
C LEU F 124 -21.68 85.74 36.26
N ALA F 125 -20.93 84.83 36.86
CA ALA F 125 -20.47 83.67 36.12
C ALA F 125 -21.63 82.83 35.63
N ALA F 126 -22.65 82.64 36.48
CA ALA F 126 -23.82 81.85 36.08
C ALA F 126 -24.57 82.52 34.92
N GLY F 127 -24.88 83.80 35.06
CA GLY F 127 -25.61 84.50 34.01
C GLY F 127 -24.84 84.55 32.71
N ALA F 128 -23.55 84.89 32.78
CA ALA F 128 -22.73 84.98 31.58
C ALA F 128 -22.57 83.62 30.91
N VAL F 129 -22.46 82.56 31.70
CA VAL F 129 -22.40 81.22 31.13
C VAL F 129 -23.68 80.90 30.37
N ALA F 130 -24.83 81.22 30.97
CA ALA F 130 -26.10 80.98 30.29
C ALA F 130 -26.17 81.73 28.97
N VAL F 131 -25.85 83.02 28.99
CA VAL F 131 -25.92 83.81 27.76
C VAL F 131 -24.93 83.32 26.72
N ALA F 132 -23.74 82.88 27.16
CA ALA F 132 -22.75 82.39 26.21
C ALA F 132 -23.23 81.12 25.51
N GLU F 133 -23.80 80.17 26.26
CA GLU F 133 -24.31 78.97 25.59
C GLU F 133 -25.51 79.30 24.71
N ALA F 134 -26.30 80.29 25.11
CA ALA F 134 -27.42 80.71 24.25
C ALA F 134 -26.92 81.23 22.92
N TYR F 135 -25.87 82.08 22.95
CA TYR F 135 -25.31 82.60 21.71
C TYR F 135 -24.72 81.48 20.87
N VAL F 136 -24.00 80.55 21.51
CA VAL F 136 -23.37 79.47 20.76
C VAL F 136 -24.42 78.56 20.13
N ARG F 137 -25.54 78.34 20.81
CA ARG F 137 -26.56 77.45 20.29
C ARG F 137 -27.14 77.97 18.98
N LEU F 138 -27.45 79.26 18.92
CA LEU F 138 -28.01 79.86 17.71
C LEU F 138 -26.93 80.42 16.79
N GLY F 139 -25.67 80.08 17.01
CA GLY F 139 -24.60 80.34 16.07
C GLY F 139 -24.27 81.79 15.75
N GLN F 140 -24.23 82.65 16.76
CA GLN F 140 -23.79 84.01 16.54
C GLN F 140 -22.26 84.09 16.57
N PRO F 141 -21.68 85.10 15.93
CA PRO F 141 -20.21 85.16 15.84
C PRO F 141 -19.58 85.48 17.19
N ILE F 142 -18.26 85.27 17.25
CA ILE F 142 -17.52 85.36 18.50
C ILE F 142 -17.30 86.80 18.96
N ARG F 143 -17.35 87.77 18.04
CA ARG F 143 -17.20 89.15 18.45
C ARG F 143 -18.23 89.54 19.52
N LEU F 144 -19.48 89.11 19.35
CA LEU F 144 -20.51 89.44 20.34
C LEU F 144 -20.23 88.79 21.68
N ILE F 145 -19.81 87.53 21.70
CA ILE F 145 -19.50 86.90 22.97
C ILE F 145 -18.38 87.65 23.67
N ALA F 146 -17.31 87.98 22.94
CA ALA F 146 -16.18 88.65 23.54
C ALA F 146 -16.56 90.02 24.07
N GLU F 147 -17.27 90.82 23.26
CA GLU F 147 -17.64 92.16 23.69
C GLU F 147 -18.61 92.10 24.87
N TYR F 148 -19.57 91.17 24.83
CA TYR F 148 -20.51 91.02 25.93
C TYR F 148 -19.79 90.72 27.24
N VAL F 149 -18.93 89.69 27.22
CA VAL F 149 -18.25 89.28 28.43
C VAL F 149 -17.35 90.39 28.96
N ALA F 150 -16.61 91.05 28.06
CA ALA F 150 -15.71 92.12 28.50
C ALA F 150 -16.48 93.26 29.14
N GLU F 151 -17.61 93.64 28.56
CA GLU F 151 -18.38 94.74 29.12
C GLU F 151 -18.98 94.37 30.47
N ARG F 152 -19.45 93.11 30.60
CA ARG F 152 -19.97 92.67 31.90
C ARG F 152 -18.88 92.69 32.96
N LEU F 153 -17.67 92.25 32.60
CA LEU F 153 -16.57 92.27 33.56
C LEU F 153 -16.24 93.69 33.98
N VAL F 154 -16.26 94.64 33.04
CA VAL F 154 -15.97 96.02 33.41
C VAL F 154 -17.05 96.56 34.35
N GLU F 155 -18.32 96.25 34.08
CA GLU F 155 -19.40 96.71 34.95
C GLU F 155 -19.27 96.12 36.35
N LEU F 156 -18.97 94.83 36.44
CA LEU F 156 -18.76 94.20 37.74
C LEU F 156 -17.58 94.82 38.46
N ALA F 157 -16.49 95.13 37.74
CA ALA F 157 -15.34 95.76 38.36
C ALA F 157 -15.71 97.13 38.93
N GLU F 158 -16.54 97.88 38.21
CA GLU F 158 -17.01 99.15 38.74
C GLU F 158 -17.83 98.96 40.00
N LEU F 159 -18.71 97.95 40.00
CA LEU F 159 -19.52 97.69 41.20
C LEU F 159 -18.64 97.32 42.39
N LEU F 160 -17.69 96.41 42.18
CA LEU F 160 -16.82 95.98 43.26
C LEU F 160 -15.94 97.12 43.76
N ARG F 161 -15.54 98.03 42.87
CA ARG F 161 -14.88 99.24 43.32
C ARG F 161 -15.78 100.07 44.20
N ARG F 162 -17.07 100.16 43.85
CA ARG F 162 -17.99 100.92 44.67
C ARG F 162 -18.16 100.30 46.05
N LEU F 163 -18.21 98.97 46.14
CA LEU F 163 -18.37 98.31 47.43
C LEU F 163 -17.19 98.59 48.35
N GLY F 164 -15.97 98.33 47.87
CA GLY F 164 -14.78 98.60 48.66
C GLY F 164 -13.74 97.49 48.67
N VAL F 165 -13.95 96.45 47.86
CA VAL F 165 -12.98 95.35 47.80
C VAL F 165 -11.67 95.87 47.24
N PRO F 166 -10.51 95.42 47.75
CA PRO F 166 -9.23 95.85 47.17
C PRO F 166 -9.05 95.35 45.74
N LEU F 167 -8.27 96.10 44.97
CA LEU F 167 -8.25 95.94 43.52
C LEU F 167 -7.73 94.57 43.11
N ARG F 168 -6.70 94.06 43.79
CA ARG F 168 -6.12 92.78 43.40
C ARG F 168 -7.13 91.65 43.57
N ARG F 169 -7.95 91.72 44.62
CA ARG F 169 -9.04 90.76 44.75
C ARG F 169 -10.04 90.90 43.63
N ILE F 170 -10.32 92.13 43.20
CA ILE F 170 -11.21 92.34 42.05
C ILE F 170 -10.67 91.60 40.84
N ILE F 171 -9.39 91.76 40.57
CA ILE F 171 -8.80 91.14 39.38
C ILE F 171 -8.83 89.62 39.52
N ARG F 172 -8.62 89.10 40.73
CA ARG F 172 -8.67 87.66 40.93
C ARG F 172 -10.08 87.12 40.68
N LEU F 173 -11.11 87.81 41.17
CA LEU F 173 -12.48 87.37 40.94
C LEU F 173 -12.82 87.43 39.45
N LEU F 174 -12.38 88.48 38.76
CA LEU F 174 -12.66 88.61 37.34
C LEU F 174 -12.00 87.48 36.55
N GLU F 175 -10.78 87.09 36.95
CA GLU F 175 -10.14 85.96 36.29
C GLU F 175 -10.88 84.66 36.57
N GLU F 176 -11.45 84.51 37.78
CA GLU F 176 -12.25 83.32 38.04
C GLU F 176 -13.48 83.27 37.15
N VAL F 177 -14.16 84.41 36.99
CA VAL F 177 -15.33 84.48 36.12
C VAL F 177 -14.94 84.11 34.70
N LEU F 178 -13.82 84.66 34.22
CA LEU F 178 -13.37 84.35 32.87
C LEU F 178 -13.05 82.87 32.72
N ARG F 179 -12.47 82.26 33.76
CA ARG F 179 -12.17 80.84 33.69
C ARG F 179 -13.44 80.01 33.57
N VAL F 180 -14.47 80.35 34.34
CA VAL F 180 -15.74 79.64 34.25
C VAL F 180 -16.34 79.79 32.86
N VAL F 181 -16.32 81.02 32.33
CA VAL F 181 -16.89 81.28 31.01
C VAL F 181 -16.15 80.49 29.93
N ALA F 182 -14.82 80.46 30.02
CA ALA F 182 -14.03 79.70 29.05
C ALA F 182 -14.34 78.21 29.14
N GLU F 183 -14.51 77.69 30.35
CA GLU F 183 -14.89 76.28 30.49
C GLU F 183 -16.25 76.01 29.86
N ALA F 184 -17.20 76.92 30.08
CA ALA F 184 -18.53 76.76 29.49
C ALA F 184 -18.45 76.73 27.97
N LEU F 185 -17.69 77.67 27.39
CA LEU F 185 -17.54 77.71 25.94
C LEU F 185 -16.83 76.46 25.42
N ARG F 186 -15.89 75.92 26.19
CA ARG F 186 -15.24 74.68 25.78
C ARG F 186 -16.23 73.52 25.75
N ARG F 187 -17.11 73.43 26.75
CA ARG F 187 -18.09 72.36 26.78
C ARG F 187 -19.10 72.49 25.66
N ALA F 188 -19.30 73.70 25.14
CA ALA F 188 -20.23 73.93 24.04
C ALA F 188 -19.61 73.66 22.68
N GLY F 189 -18.37 73.21 22.63
CA GLY F 189 -17.72 72.88 21.37
C GLY F 189 -17.05 74.03 20.65
N VAL F 190 -16.98 75.21 21.26
CA VAL F 190 -16.30 76.33 20.61
C VAL F 190 -14.82 76.01 20.45
N PRO F 191 -14.22 76.22 19.28
CA PRO F 191 -12.80 75.89 19.11
C PRO F 191 -11.91 76.71 20.02
N GLU F 192 -10.79 76.12 20.41
CA GLU F 192 -9.89 76.74 21.38
C GLU F 192 -9.40 78.13 20.97
N PRO F 193 -8.98 78.37 19.73
CA PRO F 193 -8.52 79.74 19.37
C PRO F 193 -9.56 80.81 19.63
N GLU F 194 -10.85 80.52 19.44
CA GLU F 194 -11.86 81.52 19.74
C GLU F 194 -11.98 81.76 21.24
N ILE F 195 -11.78 80.74 22.06
CA ILE F 195 -11.76 80.93 23.50
C ILE F 195 -10.59 81.84 23.89
N ARG F 196 -9.42 81.60 23.31
CA ARG F 196 -8.28 82.46 23.58
C ARG F 196 -8.53 83.88 23.11
N LYS F 197 -9.20 84.05 21.98
CA LYS F 197 -9.55 85.38 21.51
C LYS F 197 -10.46 86.08 22.51
N VAL F 198 -11.44 85.35 23.04
CA VAL F 198 -12.34 85.92 24.03
C VAL F 198 -11.55 86.40 25.25
N GLU F 199 -10.69 85.54 25.78
CA GLU F 199 -9.95 85.89 26.99
C GLU F 199 -9.00 87.06 26.75
N ALA F 200 -8.29 87.05 25.61
CA ALA F 200 -7.36 88.14 25.31
C ALA F 200 -8.10 89.47 25.16
N ALA F 201 -9.27 89.45 24.52
CA ALA F 201 -10.06 90.66 24.43
C ALA F 201 -10.48 91.16 25.81
N ALA F 202 -10.86 90.23 26.69
CA ALA F 202 -11.26 90.61 28.04
C ALA F 202 -10.09 91.25 28.80
N TYR F 203 -8.90 90.67 28.67
CA TYR F 203 -7.74 91.20 29.37
C TYR F 203 -7.35 92.57 28.84
N ILE F 204 -7.41 92.77 27.52
CA ILE F 204 -7.06 94.08 26.96
C ILE F 204 -8.10 95.12 27.38
N ARG F 205 -9.37 94.73 27.44
CA ARG F 205 -10.39 95.66 27.92
C ARG F 205 -10.17 96.05 29.37
N LEU F 206 -9.84 95.07 30.22
CA LEU F 206 -9.56 95.36 31.62
C LEU F 206 -8.33 96.24 31.78
N ALA F 207 -7.28 95.97 31.00
CA ALA F 207 -6.08 96.79 31.06
C ALA F 207 -6.36 98.22 30.64
N ALA F 208 -7.12 98.40 29.57
CA ALA F 208 -7.49 99.75 29.12
C ALA F 208 -8.33 100.46 30.17
N TYR F 209 -9.28 99.75 30.78
CA TYR F 209 -10.13 100.33 31.82
C TYR F 209 -9.30 100.77 33.01
N LEU F 210 -8.33 99.97 33.43
CA LEU F 210 -7.46 100.36 34.54
C LEU F 210 -6.61 101.56 34.16
N LEU F 211 -6.07 101.57 32.93
CA LEU F 211 -5.20 102.67 32.52
C LEU F 211 -5.95 103.99 32.44
N ARG F 212 -7.24 103.95 32.10
CA ARG F 212 -7.96 105.20 31.87
C ARG F 212 -8.15 105.99 33.17
N GLN F 213 -8.26 105.31 34.31
CA GLN F 213 -8.54 106.01 35.56
C GLN F 213 -7.39 106.95 35.93
N LEU F 214 -6.15 106.52 35.71
CA LEU F 214 -4.99 107.33 36.04
C LEU F 214 -4.65 108.37 34.99
N GLY F 215 -5.38 108.41 33.89
CA GLY F 215 -5.18 109.47 32.93
C GLY F 215 -4.17 109.14 31.86
N TYR F 216 -4.22 107.92 31.33
CA TYR F 216 -3.43 107.53 30.17
C TYR F 216 -4.42 107.26 29.05
N GLU F 217 -4.88 108.33 28.41
CA GLU F 217 -5.94 108.20 27.41
C GLU F 217 -5.40 107.62 26.12
N ALA F 218 -4.26 108.12 25.65
CA ALA F 218 -3.69 107.63 24.39
C ALA F 218 -3.37 106.15 24.47
N LEU F 219 -2.82 105.71 25.60
CA LEU F 219 -2.52 104.30 25.82
C LEU F 219 -3.78 103.46 25.70
N ALA F 220 -4.87 103.91 26.32
CA ALA F 220 -6.12 103.16 26.27
C ALA F 220 -6.67 103.11 24.85
N LYS F 221 -6.61 104.21 24.12
CA LYS F 221 -7.08 104.21 22.73
C LYS F 221 -6.28 103.23 21.88
N ARG F 222 -4.95 103.21 22.04
CA ARG F 222 -4.15 102.29 21.24
C ARG F 222 -4.41 100.84 21.61
N LEU F 223 -4.62 100.56 22.90
CA LEU F 223 -4.97 99.20 23.29
C LEU F 223 -6.29 98.77 22.71
N LEU F 224 -7.27 99.67 22.68
CA LEU F 224 -8.56 99.31 22.12
C LEU F 224 -8.50 99.18 20.60
N GLU F 225 -7.64 99.95 19.94
CA GLU F 225 -7.38 99.73 18.51
C GLU F 225 -6.83 98.33 18.26
N ALA F 226 -5.87 97.92 19.09
CA ALA F 226 -5.32 96.57 18.96
C ALA F 226 -6.41 95.52 19.19
N ARG F 227 -7.28 95.76 20.17
CA ARG F 227 -8.38 94.82 20.40
C ARG F 227 -9.32 94.75 19.21
N GLU F 228 -9.63 95.90 18.61
CA GLU F 228 -10.51 95.91 17.45
C GLU F 228 -9.90 95.13 16.28
N LEU F 229 -8.61 95.33 16.05
CA LEU F 229 -7.95 94.51 15.02
C LEU F 229 -7.97 93.04 15.39
N LEU F 230 -7.89 92.71 16.67
CA LEU F 230 -7.88 91.31 17.07
C LEU F 230 -9.22 90.64 16.83
N LEU F 231 -10.31 91.32 17.18
CA LEU F 231 -11.63 90.70 17.05
C LEU F 231 -12.05 90.52 15.59
N GLU F 232 -11.41 91.22 14.66
CA GLU F 232 -11.70 91.10 13.24
C GLU F 232 -10.97 89.95 12.57
N GLY F 233 -10.15 89.21 13.31
CA GLY F 233 -9.38 88.12 12.74
C GLY F 233 -7.98 88.50 12.32
N ARG F 234 -7.66 89.80 12.25
CA ARG F 234 -6.32 90.25 11.91
C ARG F 234 -5.43 90.08 13.14
N VAL F 235 -4.95 88.86 13.33
CA VAL F 235 -4.15 88.57 14.51
C VAL F 235 -2.78 89.22 14.41
N GLU F 236 -2.19 89.23 13.21
CA GLU F 236 -0.81 89.69 13.07
C GLU F 236 -0.68 91.19 13.33
N GLU F 237 -1.59 91.98 12.76
CA GLU F 237 -1.58 93.40 13.04
C GLU F 237 -1.90 93.68 14.51
N ALA F 238 -2.79 92.87 15.10
CA ALA F 238 -3.09 93.01 16.52
C ALA F 238 -1.84 92.80 17.37
N ALA F 239 -1.09 91.73 17.08
CA ALA F 239 0.11 91.44 17.85
C ALA F 239 1.19 92.50 17.65
N HIS F 240 1.37 92.99 16.42
CA HIS F 240 2.38 94.01 16.19
C HIS F 240 2.03 95.31 16.91
N LEU F 241 0.79 95.76 16.80
CA LEU F 241 0.39 97.00 17.45
C LEU F 241 0.40 96.85 18.97
N LEU F 242 0.02 95.67 19.46
CA LEU F 242 0.07 95.41 20.90
C LEU F 242 1.50 95.45 21.41
N GLU F 243 2.44 94.84 20.69
CA GLU F 243 3.82 94.86 21.16
C GLU F 243 4.41 96.26 21.13
N ASP F 244 4.04 97.08 20.14
CA ASP F 244 4.53 98.46 20.12
C ASP F 244 4.02 99.23 21.33
N VAL F 245 2.72 99.14 21.60
CA VAL F 245 2.18 99.90 22.72
C VAL F 245 2.70 99.36 24.05
N TYR F 246 2.88 98.05 24.16
CA TYR F 246 3.44 97.47 25.38
C TYR F 246 4.87 97.95 25.59
N ALA F 247 5.67 98.03 24.53
CA ALA F 247 7.03 98.51 24.68
C ALA F 247 7.05 99.95 25.20
N LEU F 248 6.21 100.81 24.63
CA LEU F 248 6.21 102.19 25.12
C LEU F 248 5.75 102.27 26.57
N PHE F 249 4.69 101.52 26.91
CA PHE F 249 4.20 101.49 28.29
C PHE F 249 5.26 100.97 29.25
N HIS F 250 5.99 99.94 28.85
CA HIS F 250 6.93 99.31 29.76
C HIS F 250 8.14 100.20 29.98
N ARG F 251 8.57 100.93 28.94
CA ARG F 251 9.57 101.96 29.15
C ARG F 251 9.08 103.01 30.12
N GLU F 252 7.80 103.38 30.02
CA GLU F 252 7.26 104.34 30.98
C GLU F 252 7.28 103.79 32.40
N ILE F 253 6.99 102.50 32.57
CA ILE F 253 7.05 101.87 33.88
C ILE F 253 8.47 101.92 34.43
N GLU F 254 9.44 101.49 33.62
CA GLU F 254 10.84 101.48 34.06
C GLU F 254 11.36 102.88 34.31
N ARG F 255 10.73 103.91 33.74
CA ARG F 255 11.13 105.28 34.03
C ARG F 255 10.96 105.60 35.52
N LEU F 256 9.87 105.12 36.11
CA LEU F 256 9.56 105.43 37.50
C LEU F 256 10.33 104.58 38.50
N GLY F 257 11.14 103.63 38.03
CA GLY F 257 12.04 102.92 38.93
C GLY F 257 11.29 102.03 39.90
N PHE F 258 11.66 102.16 41.18
CA PHE F 258 11.00 101.41 42.26
C PHE F 258 9.89 102.23 42.90
N GLU F 259 8.95 102.65 42.04
CA GLU F 259 7.76 103.38 42.46
C GLU F 259 6.80 103.43 41.29
N ALA F 260 5.53 103.11 41.54
CA ALA F 260 4.47 103.20 40.54
C ALA F 260 3.12 102.91 41.20
N PRO F 261 2.05 103.61 40.81
CA PRO F 261 0.74 103.28 41.35
C PRO F 261 0.38 101.84 41.07
N GLU F 262 -0.43 101.26 41.97
CA GLU F 262 -0.69 99.82 41.90
C GLU F 262 -1.42 99.43 40.63
N GLU F 263 -2.22 100.33 40.06
CA GLU F 263 -2.92 99.96 38.83
C GLU F 263 -1.97 99.79 37.66
N LEU F 264 -0.88 100.55 37.62
CA LEU F 264 0.17 100.29 36.63
C LEU F 264 0.73 98.88 36.82
N ARG F 265 0.99 98.49 38.05
CA ARG F 265 1.56 97.18 38.33
C ARG F 265 0.61 96.06 37.92
N VAL F 266 -0.70 96.25 38.13
CA VAL F 266 -1.65 95.23 37.72
C VAL F 266 -1.78 95.19 36.20
N ALA F 267 -1.86 96.36 35.57
CA ALA F 267 -2.01 96.42 34.13
C ALA F 267 -0.82 95.83 33.40
N ASP F 268 0.38 95.92 33.99
CA ASP F 268 1.55 95.34 33.34
C ASP F 268 1.38 93.83 33.23
N LEU F 269 0.91 93.20 34.30
CA LEU F 269 0.69 91.75 34.27
C LEU F 269 -0.47 91.41 33.33
N LEU F 270 -1.52 92.23 33.32
CA LEU F 270 -2.64 91.99 32.41
C LEU F 270 -2.20 92.03 30.95
N LEU F 271 -1.42 93.05 30.59
CA LEU F 271 -0.92 93.19 29.23
C LEU F 271 0.01 92.04 28.86
N ALA F 272 0.85 91.61 29.79
CA ALA F 272 1.72 90.47 29.51
C ALA F 272 0.91 89.22 29.23
N ARG F 273 -0.14 88.96 30.02
CA ARG F 273 -0.97 87.79 29.78
C ARG F 273 -1.73 87.91 28.46
N ALA F 274 -2.21 89.10 28.14
CA ALA F 274 -2.90 89.31 26.87
C ALA F 274 -1.98 89.00 25.69
N ILE F 275 -0.74 89.48 25.76
CA ILE F 275 0.22 89.23 24.70
C ILE F 275 0.53 87.74 24.60
N ALA F 276 0.68 87.06 25.74
CA ALA F 276 0.94 85.63 25.71
C ALA F 276 -0.21 84.88 25.05
N LEU F 277 -1.45 85.23 25.39
CA LEU F 277 -2.60 84.56 24.80
C LEU F 277 -2.68 84.81 23.31
N ILE F 278 -2.46 86.05 22.86
CA ILE F 278 -2.50 86.34 21.43
C ILE F 278 -1.43 85.55 20.69
N LYS F 279 -0.22 85.49 21.26
CA LYS F 279 0.84 84.71 20.64
C LYS F 279 0.49 83.22 20.59
N ALA F 280 -0.27 82.73 21.57
CA ALA F 280 -0.62 81.31 21.60
C ALA F 280 -1.81 80.95 20.72
N ILE F 281 -2.50 81.94 20.15
CA ILE F 281 -3.61 81.67 19.24
C ILE F 281 -3.13 80.82 18.07
N THR G 24 28.10 84.36 75.69
CA THR G 24 26.71 84.01 75.48
C THR G 24 26.54 83.18 74.22
N VAL G 25 27.62 83.13 73.42
CA VAL G 25 27.56 82.44 72.13
C VAL G 25 27.29 80.95 72.33
N VAL G 26 27.96 80.33 73.31
CA VAL G 26 27.71 78.93 73.60
C VAL G 26 26.28 78.74 74.09
N GLU G 27 25.79 79.65 74.93
CA GLU G 27 24.40 79.58 75.35
C GLU G 27 23.45 79.76 74.17
N GLU G 28 23.82 80.63 73.22
CA GLU G 28 22.98 80.81 72.03
C GLU G 28 22.92 79.54 71.20
N VAL G 29 24.06 78.85 71.04
CA VAL G 29 24.07 77.60 70.29
C VAL G 29 23.23 76.54 71.00
N ARG G 30 23.37 76.44 72.33
CA ARG G 30 22.56 75.49 73.08
C ARG G 30 21.07 75.81 72.93
N ARG G 31 20.70 77.08 73.06
CA ARG G 31 19.31 77.47 72.92
C ARG G 31 18.77 77.15 71.53
N PHE G 32 19.57 77.43 70.50
CA PHE G 32 19.16 77.15 69.13
C PHE G 32 18.90 75.65 68.95
N ALA G 33 19.84 74.82 69.43
CA ALA G 33 19.68 73.38 69.25
C ALA G 33 18.47 72.85 70.01
N GLU G 34 18.30 73.28 71.27
CA GLU G 34 17.19 72.77 72.06
C GLU G 34 15.85 73.24 71.52
N GLU G 35 15.76 74.50 71.06
CA GLU G 35 14.52 74.98 70.47
C GLU G 35 14.18 74.20 69.22
N LEU G 36 15.17 73.94 68.36
CA LEU G 36 14.90 73.15 67.16
C LEU G 36 14.43 71.74 67.53
N ALA G 37 15.05 71.12 68.53
CA ALA G 37 14.66 69.78 68.96
C ALA G 37 13.24 69.76 69.53
N GLU G 38 12.89 70.76 70.33
CA GLU G 38 11.54 70.86 70.85
C GLU G 38 10.53 71.02 69.72
N GLU G 39 10.86 71.82 68.70
CA GLU G 39 9.95 71.97 67.57
C GLU G 39 9.80 70.66 66.81
N VAL G 40 10.88 69.90 66.67
CA VAL G 40 10.77 68.58 66.03
C VAL G 40 9.82 67.70 66.82
N LEU G 41 9.94 67.70 68.15
CA LEU G 41 9.09 66.84 68.97
C LEU G 41 7.64 67.30 68.94
N ARG G 42 7.40 68.61 68.91
CA ARG G 42 6.03 69.10 68.84
C ARG G 42 5.39 68.75 67.51
N VAL G 43 6.09 68.99 66.41
CA VAL G 43 5.49 68.75 65.10
C VAL G 43 5.28 67.26 64.86
N GLY G 44 6.28 66.44 65.17
CA GLY G 44 6.21 65.02 64.88
C GLY G 44 5.92 64.11 66.05
N GLY G 45 5.86 64.63 67.26
CA GLY G 45 5.54 63.78 68.39
C GLY G 45 6.66 62.80 68.72
N GLU G 46 6.25 61.65 69.22
CA GLU G 46 7.16 60.57 69.53
C GLU G 46 7.47 59.71 68.32
N ALA G 47 6.89 60.01 67.16
CA ALA G 47 7.18 59.24 65.96
C ALA G 47 8.65 59.37 65.58
N MET G 48 9.19 60.59 65.65
CA MET G 48 10.61 60.85 65.38
C MET G 48 11.23 61.43 66.63
N ARG G 49 11.63 60.55 67.53
CA ARG G 49 12.49 60.86 68.68
C ARG G 49 13.97 60.84 68.29
N PRO G 50 14.43 59.95 67.40
CA PRO G 50 15.84 59.99 67.00
C PRO G 50 16.31 61.36 66.54
N TYR G 51 15.48 62.10 65.79
CA TYR G 51 15.93 63.38 65.26
C TYR G 51 16.13 64.41 66.36
N ALA G 52 15.31 64.35 67.42
CA ALA G 52 15.56 65.22 68.56
C ALA G 52 16.90 64.90 69.21
N GLU G 53 17.24 63.62 69.28
CA GLU G 53 18.55 63.24 69.82
C GLU G 53 19.69 63.71 68.94
N MET G 54 19.54 63.58 67.62
CA MET G 54 20.58 64.07 66.72
C MET G 54 20.77 65.57 66.87
N VAL G 55 19.68 66.33 66.91
CA VAL G 55 19.79 67.78 67.05
C VAL G 55 20.45 68.13 68.37
N ARG G 56 20.05 67.46 69.46
CA ARG G 56 20.62 67.79 70.76
C ARG G 56 22.11 67.45 70.84
N HIS G 57 22.51 66.28 70.32
CA HIS G 57 23.92 65.93 70.33
C HIS G 57 24.75 66.83 69.43
N LEU G 58 24.22 67.24 68.27
CA LEU G 58 24.97 68.18 67.43
C LEU G 58 25.09 69.53 68.12
N GLY G 59 24.09 69.94 68.89
CA GLY G 59 24.25 71.11 69.72
C GLY G 59 25.37 70.96 70.74
N GLU G 60 25.42 69.80 71.41
CA GLU G 60 26.50 69.57 72.37
C GLU G 60 27.87 69.56 71.69
N ALA G 61 27.97 68.94 70.51
CA ALA G 61 29.24 68.91 69.80
C ALA G 61 29.69 70.31 69.40
N ALA G 62 28.75 71.14 68.93
CA ALA G 62 29.08 72.51 68.56
C ALA G 62 29.56 73.31 69.77
N VAL G 63 28.87 73.18 70.91
CA VAL G 63 29.31 73.97 72.07
C VAL G 63 30.62 73.42 72.63
N ALA G 64 30.86 72.12 72.50
CA ALA G 64 32.17 71.57 72.84
C ALA G 64 33.25 72.19 72.00
N ALA G 65 33.02 72.31 70.68
CA ALA G 65 34.01 72.93 69.81
C ALA G 65 34.24 74.38 70.18
N LEU G 66 33.18 75.13 70.50
CA LEU G 66 33.34 76.51 70.94
C LEU G 66 34.02 76.63 72.30
N GLU G 67 34.01 75.57 73.11
CA GLU G 67 34.60 75.67 74.45
C GLU G 67 35.85 74.81 74.57
N GLY G 68 36.75 74.89 73.60
CA GLY G 68 37.92 74.05 73.58
C GLY G 68 37.64 72.75 72.86
N ARG G 69 38.40 71.73 73.23
CA ARG G 69 38.17 70.34 72.82
C ARG G 69 38.33 70.11 71.32
N ALA G 70 38.72 68.90 70.95
CA ALA G 70 38.67 68.44 69.57
C ALA G 70 38.27 66.99 69.44
N GLU G 71 38.32 66.21 70.52
CA GLU G 71 38.02 64.78 70.52
C GLU G 71 36.57 64.51 70.88
N GLU G 72 36.00 65.27 71.82
CA GLU G 72 34.58 65.12 72.13
C GLU G 72 33.72 65.47 70.93
N ALA G 73 34.09 66.51 70.19
CA ALA G 73 33.37 66.84 68.97
C ALA G 73 33.43 65.69 67.97
N ASP G 74 34.61 65.08 67.81
CA ASP G 74 34.77 63.93 66.94
C ASP G 74 33.84 62.80 67.36
N ARG G 75 33.84 62.47 68.65
CA ARG G 75 33.05 61.35 69.14
C ARG G 75 31.56 61.61 68.96
N LEU G 76 31.10 62.82 69.31
CA LEU G 76 29.69 63.12 69.19
C LEU G 76 29.24 63.09 67.74
N VAL G 77 30.05 63.64 66.83
CA VAL G 77 29.69 63.63 65.42
C VAL G 77 29.63 62.20 64.90
N ARG G 78 30.54 61.34 65.37
CA ARG G 78 30.50 59.93 64.97
C ARG G 78 29.25 59.24 65.51
N ASP G 79 28.85 59.57 66.73
CA ASP G 79 27.64 58.99 67.31
C ASP G 79 26.41 59.40 66.50
N VAL G 80 26.30 60.69 66.16
CA VAL G 80 25.19 61.16 65.34
C VAL G 80 25.24 60.54 63.96
N LEU G 81 26.44 60.31 63.43
CA LEU G 81 26.55 59.62 62.15
C LEU G 81 25.99 58.21 62.25
N GLU G 82 26.27 57.51 63.36
CA GLU G 82 25.71 56.17 63.55
C GLU G 82 24.19 56.22 63.64
N MET G 83 23.64 57.20 64.35
CA MET G 83 22.19 57.33 64.42
C MET G 83 21.59 57.56 63.04
N ALA G 84 22.21 58.45 62.26
CA ALA G 84 21.73 58.70 60.91
C ALA G 84 21.80 57.44 60.06
N ARG G 85 22.84 56.63 60.27
CA ARG G 85 22.95 55.37 59.53
C ARG G 85 21.80 54.43 59.87
N GLU G 86 21.48 54.31 61.16
CA GLU G 86 20.47 53.32 61.54
C GLU G 86 19.05 53.79 61.17
N VAL G 87 18.76 55.07 61.35
CA VAL G 87 17.41 55.58 61.07
C VAL G 87 17.08 55.41 59.59
N GLY G 88 18.02 55.75 58.72
CA GLY G 88 17.79 55.69 57.28
C GLY G 88 18.07 57.00 56.56
N ALA G 89 18.50 58.05 57.25
CA ALA G 89 18.79 59.32 56.60
C ALA G 89 20.08 59.19 55.80
N GLU G 90 19.98 59.34 54.48
CA GLU G 90 21.14 59.21 53.61
C GLU G 90 21.88 60.53 53.46
N GLY G 91 21.19 61.57 52.98
CA GLY G 91 21.84 62.86 52.80
C GLY G 91 22.39 63.42 54.09
N LEU G 92 21.65 63.23 55.19
CA LEU G 92 22.14 63.66 56.49
C LEU G 92 23.41 62.91 56.87
N ALA G 93 23.47 61.60 56.59
CA ALA G 93 24.67 60.84 56.90
C ALA G 93 25.87 61.33 56.08
N ARG G 94 25.65 61.60 54.79
CA ARG G 94 26.75 62.10 53.97
C ARG G 94 27.26 63.43 54.50
N LEU G 95 26.33 64.35 54.80
CA LEU G 95 26.76 65.64 55.32
C LEU G 95 27.47 65.47 56.66
N LEU G 96 27.09 64.46 57.44
CA LEU G 96 27.72 64.26 58.73
C LEU G 96 29.16 63.75 58.58
N GLU G 97 29.40 62.84 57.62
CA GLU G 97 30.78 62.47 57.32
C GLU G 97 31.59 63.67 56.88
N ARG G 98 31.01 64.51 56.01
CA ARG G 98 31.73 65.67 55.51
C ARG G 98 32.08 66.63 56.64
N VAL G 99 31.13 66.92 57.54
CA VAL G 99 31.42 67.83 58.64
C VAL G 99 32.44 67.21 59.58
N HIS G 100 32.40 65.89 59.73
CA HIS G 100 33.40 65.21 60.55
C HIS G 100 34.81 65.49 60.06
N ARG G 101 35.05 65.23 58.78
CA ARG G 101 36.40 65.43 58.22
C ARG G 101 36.80 66.90 58.28
N GLU G 102 35.91 67.80 57.84
CA GLU G 102 36.25 69.21 57.81
C GLU G 102 36.50 69.75 59.21
N ALA G 103 35.71 69.32 60.19
CA ALA G 103 35.94 69.76 61.56
C ALA G 103 37.29 69.29 62.06
N ARG G 104 37.68 68.06 61.72
CA ARG G 104 39.02 67.61 62.08
C ARG G 104 40.08 68.54 61.50
N GLU G 105 39.97 68.84 60.20
CA GLU G 105 41.00 69.67 59.56
C GLU G 105 41.07 71.05 60.19
N LEU G 106 39.92 71.70 60.38
CA LEU G 106 39.93 73.06 60.89
C LEU G 106 40.35 73.11 62.35
N LEU G 107 39.99 72.09 63.14
CA LEU G 107 40.44 72.06 64.52
C LEU G 107 41.94 71.82 64.60
N ARG G 108 42.50 71.05 63.67
CA ARG G 108 43.96 70.94 63.58
C ARG G 108 44.58 72.29 63.25
N GLU G 109 43.96 73.03 62.32
CA GLU G 109 44.45 74.36 61.98
C GLU G 109 44.19 75.39 63.09
N GLY G 110 43.43 75.04 64.12
CA GLY G 110 43.21 75.92 65.24
C GLY G 110 42.03 76.85 65.13
N ARG G 111 41.30 76.84 64.02
CA ARG G 111 40.12 77.68 63.84
C ARG G 111 38.92 76.97 64.43
N ARG G 112 38.18 77.66 65.28
CA ARG G 112 37.08 77.03 66.02
C ARG G 112 35.70 77.45 65.51
N GLU G 113 35.55 78.70 65.06
CA GLU G 113 34.22 79.19 64.69
C GLU G 113 33.65 78.42 63.51
N GLU G 114 34.49 78.13 62.50
CA GLU G 114 33.99 77.48 61.30
C GLU G 114 33.60 76.02 61.53
N ALA G 115 34.32 75.31 62.41
CA ALA G 115 33.92 73.94 62.72
C ALA G 115 32.56 73.90 63.41
N ALA G 116 32.36 74.78 64.39
CA ALA G 116 31.04 74.90 65.00
C ALA G 116 29.99 75.35 64.00
N ALA G 117 30.39 76.16 63.01
CA ALA G 117 29.45 76.57 61.97
C ALA G 117 28.98 75.37 61.16
N LEU G 118 29.91 74.48 60.79
CA LEU G 118 29.50 73.27 60.09
C LEU G 118 28.61 72.40 60.96
N VAL G 119 28.93 72.30 62.25
CA VAL G 119 28.11 71.49 63.14
C VAL G 119 26.70 72.06 63.27
N LEU G 120 26.59 73.39 63.40
CA LEU G 120 25.27 74.02 63.51
C LEU G 120 24.47 73.84 62.23
N ALA G 121 25.13 73.96 61.08
CA ALA G 121 24.44 73.70 59.82
C ALA G 121 23.94 72.26 59.77
N ALA G 122 24.73 71.31 60.28
CA ALA G 122 24.28 69.92 60.31
C ALA G 122 23.08 69.73 61.22
N ALA G 123 23.09 70.37 62.39
CA ALA G 123 21.95 70.27 63.31
C ALA G 123 20.69 70.84 62.67
N LEU G 124 20.82 71.99 62.02
CA LEU G 124 19.66 72.59 61.33
C LEU G 124 19.17 71.68 60.22
N ALA G 125 20.09 71.06 59.48
CA ALA G 125 19.65 70.15 58.43
C ALA G 125 18.87 68.99 59.00
N ALA G 126 19.34 68.43 60.12
CA ALA G 126 18.63 67.31 60.75
C ALA G 126 17.24 67.71 61.23
N GLY G 127 17.15 68.82 61.96
CA GLY G 127 15.86 69.27 62.46
C GLY G 127 14.89 69.62 61.36
N ALA G 128 15.35 70.37 60.35
CA ALA G 128 14.48 70.75 59.26
C ALA G 128 14.07 69.55 58.43
N VAL G 129 14.94 68.57 58.26
CA VAL G 129 14.56 67.35 57.56
C VAL G 129 13.45 66.63 58.31
N ALA G 130 13.58 66.53 59.64
CA ALA G 130 12.53 65.87 60.42
C ALA G 130 11.21 66.59 60.31
N VAL G 131 11.22 67.92 60.49
CA VAL G 131 9.97 68.68 60.43
C VAL G 131 9.37 68.62 59.04
N ALA G 132 10.20 68.63 58.00
CA ALA G 132 9.67 68.54 56.64
C ALA G 132 9.02 67.20 56.38
N GLU G 133 9.62 66.11 56.85
CA GLU G 133 8.98 64.81 56.67
C GLU G 133 7.67 64.72 57.47
N ALA G 134 7.63 65.35 58.65
CA ALA G 134 6.39 65.39 59.40
C ALA G 134 5.30 66.12 58.62
N TYR G 135 5.64 67.27 58.03
CA TYR G 135 4.67 68.02 57.24
C TYR G 135 4.19 67.22 56.04
N VAL G 136 5.10 66.51 55.39
CA VAL G 136 4.71 65.73 54.21
C VAL G 136 3.82 64.56 54.61
N ARG G 137 4.09 63.93 55.75
CA ARG G 137 3.31 62.76 56.16
C ARG G 137 1.85 63.12 56.39
N LEU G 138 1.58 64.22 57.09
CA LEU G 138 0.21 64.63 57.36
C LEU G 138 -0.33 65.61 56.32
N GLY G 139 0.32 65.74 55.18
CA GLY G 139 -0.22 66.42 54.02
C GLY G 139 -0.53 67.89 54.15
N GLN G 140 0.35 68.66 54.77
CA GLN G 140 0.18 70.10 54.83
C GLN G 140 0.68 70.74 53.54
N PRO G 141 0.20 71.95 53.22
CA PRO G 141 0.57 72.57 51.94
C PRO G 141 2.04 72.93 51.87
N ILE G 142 2.52 73.08 50.64
CA ILE G 142 3.93 73.35 50.38
C ILE G 142 4.35 74.76 50.78
N ARG G 143 3.43 75.73 50.78
CA ARG G 143 3.76 77.05 51.27
C ARG G 143 4.34 76.99 52.67
N LEU G 144 3.80 76.10 53.51
CA LEU G 144 4.27 76.00 54.89
C LEU G 144 5.70 75.51 54.96
N ILE G 145 6.02 74.47 54.18
CA ILE G 145 7.40 73.98 54.14
C ILE G 145 8.34 75.06 53.66
N ALA G 146 7.98 75.76 52.57
CA ALA G 146 8.85 76.78 52.00
C ALA G 146 9.10 77.91 52.99
N GLU G 147 8.03 78.42 53.61
CA GLU G 147 8.19 79.52 54.56
C GLU G 147 8.98 79.10 55.78
N TYR G 148 8.72 77.89 56.29
CA TYR G 148 9.46 77.39 57.43
C TYR G 148 10.95 77.32 57.14
N VAL G 149 11.31 76.68 56.03
CA VAL G 149 12.73 76.49 55.70
C VAL G 149 13.40 77.84 55.48
N ALA G 150 12.75 78.74 54.75
CA ALA G 150 13.35 80.04 54.48
C ALA G 150 13.60 80.81 55.77
N GLU G 151 12.64 80.80 56.69
CA GLU G 151 12.83 81.54 57.93
C GLU G 151 13.92 80.93 58.78
N ARG G 152 14.00 79.60 58.81
CA ARG G 152 15.08 78.95 59.57
C ARG G 152 16.44 79.29 58.98
N LEU G 153 16.55 79.32 57.65
CA LEU G 153 17.81 79.68 57.02
C LEU G 153 18.21 81.10 57.37
N VAL G 154 17.24 82.02 57.39
CA VAL G 154 17.58 83.40 57.75
C VAL G 154 18.05 83.48 59.19
N GLU G 155 17.39 82.75 60.09
CA GLU G 155 17.82 82.75 61.50
C GLU G 155 19.24 82.20 61.66
N LEU G 156 19.54 81.09 60.97
CA LEU G 156 20.88 80.53 61.02
C LEU G 156 21.91 81.50 60.46
N ALA G 157 21.56 82.19 59.36
CA ALA G 157 22.48 83.17 58.79
C ALA G 157 22.77 84.29 59.77
N GLU G 158 21.75 84.74 60.49
CA GLU G 158 21.97 85.76 61.50
C GLU G 158 22.89 85.24 62.60
N LEU G 159 22.68 83.99 63.02
CA LEU G 159 23.55 83.42 64.05
C LEU G 159 25.00 83.34 63.60
N LEU G 160 25.22 82.82 62.39
CA LEU G 160 26.58 82.69 61.88
C LEU G 160 27.24 84.05 61.68
N ARG G 161 26.46 85.06 61.30
CA ARG G 161 26.99 86.41 61.24
C ARG G 161 27.40 86.88 62.63
N ARG G 162 26.64 86.50 63.66
CA ARG G 162 27.02 86.87 65.02
C ARG G 162 28.33 86.19 65.43
N LEU G 163 28.50 84.91 65.07
CA LEU G 163 29.73 84.21 65.44
C LEU G 163 30.95 84.84 64.80
N GLY G 164 30.93 85.01 63.47
CA GLY G 164 32.05 85.61 62.78
C GLY G 164 32.47 84.91 61.50
N VAL G 165 31.70 83.91 61.08
CA VAL G 165 32.03 83.18 59.84
C VAL G 165 31.95 84.13 58.66
N PRO G 166 32.85 84.06 57.68
CA PRO G 166 32.74 84.93 56.50
C PRO G 166 31.51 84.59 55.66
N LEU G 167 31.04 85.61 54.94
CA LEU G 167 29.72 85.55 54.32
C LEU G 167 29.62 84.47 53.27
N ARG G 168 30.64 84.31 52.42
CA ARG G 168 30.55 83.34 51.36
C ARG G 168 30.46 81.92 51.92
N ARG G 169 31.18 81.67 53.03
CA ARG G 169 31.02 80.40 53.72
C ARG G 169 29.60 80.23 54.26
N ILE G 170 29.01 81.32 54.75
CA ILE G 170 27.63 81.26 55.20
C ILE G 170 26.72 80.78 54.09
N ILE G 171 26.84 81.40 52.91
CA ILE G 171 25.97 81.04 51.81
C ILE G 171 26.22 79.61 51.36
N ARG G 172 27.47 79.16 51.41
CA ARG G 172 27.76 77.78 51.04
C ARG G 172 27.13 76.79 52.01
N LEU G 173 27.19 77.08 53.32
CA LEU G 173 26.55 76.20 54.30
C LEU G 173 25.04 76.19 54.12
N LEU G 174 24.45 77.36 53.86
CA LEU G 174 23.01 77.43 53.67
C LEU G 174 22.58 76.61 52.46
N GLU G 175 23.36 76.67 51.38
CA GLU G 175 23.05 75.85 50.22
C GLU G 175 23.20 74.36 50.51
N GLU G 176 24.17 73.98 51.35
CA GLU G 176 24.27 72.57 51.74
C GLU G 176 23.03 72.12 52.51
N VAL G 177 22.57 72.97 53.45
CA VAL G 177 21.35 72.67 54.19
C VAL G 177 20.17 72.50 53.23
N LEU G 178 20.05 73.41 52.27
CA LEU G 178 18.96 73.34 51.31
C LEU G 178 19.04 72.07 50.47
N ARG G 179 20.25 71.66 50.11
CA ARG G 179 20.41 70.43 49.33
C ARG G 179 19.95 69.22 50.12
N VAL G 180 20.31 69.15 51.40
CA VAL G 180 19.86 68.04 52.23
C VAL G 180 18.34 68.04 52.35
N VAL G 181 17.75 69.22 52.56
CA VAL G 181 16.29 69.31 52.69
C VAL G 181 15.61 68.86 51.41
N ALA G 182 16.14 69.28 50.26
CA ALA G 182 15.56 68.86 48.99
C ALA G 182 15.67 67.36 48.80
N GLU G 183 16.80 66.76 49.18
CA GLU G 183 16.93 65.32 49.09
C GLU G 183 15.91 64.61 49.98
N ALA G 184 15.71 65.12 51.20
CA ALA G 184 14.74 64.54 52.10
C ALA G 184 13.34 64.60 51.50
N LEU G 185 12.97 65.76 50.95
CA LEU G 185 11.65 65.89 50.35
C LEU G 185 11.51 64.99 49.12
N ARG G 186 12.59 64.77 48.39
CA ARG G 186 12.54 63.84 47.27
C ARG G 186 12.27 62.42 47.74
N ARG G 187 12.92 62.00 48.84
CA ARG G 187 12.69 60.65 49.36
C ARG G 187 11.28 60.48 49.88
N ALA G 188 10.62 61.56 50.30
CA ALA G 188 9.26 61.50 50.82
C ALA G 188 8.22 61.54 49.72
N GLY G 189 8.62 61.53 48.45
CA GLY G 189 7.68 61.49 47.35
C GLY G 189 7.15 62.81 46.88
N VAL G 190 7.64 63.93 47.41
CA VAL G 190 7.16 65.25 46.97
C VAL G 190 7.55 65.45 45.51
N PRO G 191 6.64 65.90 44.65
CA PRO G 191 6.99 66.07 43.23
C PRO G 191 8.06 67.13 43.04
N GLU G 192 8.85 66.96 41.98
CA GLU G 192 10.02 67.82 41.75
C GLU G 192 9.67 69.30 41.65
N PRO G 193 8.64 69.74 40.90
CA PRO G 193 8.36 71.18 40.83
C PRO G 193 8.14 71.83 42.18
N GLU G 194 7.53 71.12 43.13
CA GLU G 194 7.37 71.68 44.46
C GLU G 194 8.71 71.84 45.16
N ILE G 195 9.64 70.91 44.95
CA ILE G 195 10.97 71.04 45.51
C ILE G 195 11.67 72.26 44.94
N ARG G 196 11.54 72.47 43.63
CA ARG G 196 12.15 73.65 43.01
C ARG G 196 11.53 74.92 43.55
N LYS G 197 10.22 74.93 43.77
CA LYS G 197 9.56 76.09 44.35
C LYS G 197 10.08 76.37 45.76
N VAL G 198 10.28 75.31 46.55
CA VAL G 198 10.86 75.48 47.88
C VAL G 198 12.22 76.15 47.80
N GLU G 199 13.08 75.61 46.93
CA GLU G 199 14.44 76.14 46.81
C GLU G 199 14.43 77.60 46.34
N ALA G 200 13.61 77.90 45.32
CA ALA G 200 13.56 79.25 44.78
C ALA G 200 13.05 80.24 45.81
N ALA G 201 12.05 79.85 46.60
CA ALA G 201 11.58 80.71 47.67
C ALA G 201 12.68 80.97 48.69
N ALA G 202 13.46 79.93 49.01
CA ALA G 202 14.58 80.11 49.94
C ALA G 202 15.61 81.09 49.40
N TYR G 203 15.93 80.97 48.10
CA TYR G 203 16.94 81.85 47.51
C TYR G 203 16.45 83.28 47.43
N ILE G 204 15.18 83.49 47.09
CA ILE G 204 14.63 84.85 47.02
C ILE G 204 14.59 85.47 48.42
N ARG G 205 14.25 84.67 49.44
CA ARG G 205 14.29 85.19 50.80
C ARG G 205 15.69 85.58 51.22
N LEU G 206 16.68 84.74 50.90
CA LEU G 206 18.06 85.05 51.24
C LEU G 206 18.55 86.30 50.51
N ALA G 207 18.22 86.43 49.23
CA ALA G 207 18.62 87.61 48.48
C ALA G 207 17.99 88.86 49.06
N ALA G 208 16.71 88.80 49.43
CA ALA G 208 16.05 89.95 50.05
C ALA G 208 16.70 90.30 51.38
N TYR G 209 17.04 89.28 52.18
CA TYR G 209 17.70 89.50 53.46
C TYR G 209 19.05 90.20 53.28
N LEU G 210 19.83 89.75 52.30
CA LEU G 210 21.11 90.41 52.03
C LEU G 210 20.92 91.83 51.54
N LEU G 211 19.93 92.06 50.68
CA LEU G 211 19.71 93.38 50.13
C LEU G 211 19.24 94.37 51.19
N ARG G 212 18.55 93.90 52.22
CA ARG G 212 18.03 94.84 53.21
C ARG G 212 19.14 95.47 54.05
N GLN G 213 20.22 94.73 54.31
CA GLN G 213 21.26 95.27 55.19
C GLN G 213 21.94 96.50 54.59
N LEU G 214 22.21 96.48 53.29
CA LEU G 214 22.77 97.65 52.63
C LEU G 214 21.78 98.80 52.52
N GLY G 215 20.50 98.57 52.77
CA GLY G 215 19.56 99.65 52.74
C GLY G 215 18.86 99.81 51.40
N TYR G 216 18.43 98.69 50.81
CA TYR G 216 17.62 98.69 49.60
C TYR G 216 16.26 98.11 49.98
N GLU G 217 15.39 98.95 50.52
CA GLU G 217 14.10 98.48 50.99
C GLU G 217 13.17 98.15 49.82
N ALA G 218 13.14 99.02 48.81
CA ALA G 218 12.24 98.79 47.69
C ALA G 218 12.56 97.50 46.96
N LEU G 219 13.85 97.23 46.74
CA LEU G 219 14.26 95.98 46.11
C LEU G 219 13.79 94.78 46.91
N ALA G 220 13.95 94.80 48.23
CA ALA G 220 13.53 93.67 49.04
C ALA G 220 12.02 93.48 48.99
N LYS G 221 11.26 94.59 49.03
CA LYS G 221 9.81 94.47 48.94
C LYS G 221 9.38 93.86 47.62
N ARG G 222 9.99 94.28 46.51
CA ARG G 222 9.60 93.73 45.22
C ARG G 222 9.97 92.27 45.09
N LEU G 223 11.13 91.88 45.63
CA LEU G 223 11.51 90.47 45.63
C LEU G 223 10.52 89.64 46.43
N LEU G 224 10.09 90.15 47.58
CA LEU G 224 9.16 89.38 48.40
C LEU G 224 7.76 89.35 47.79
N GLU G 225 7.36 90.39 47.05
CA GLU G 225 6.12 90.32 46.28
C GLU G 225 6.20 89.22 45.23
N ALA G 226 7.32 89.15 44.51
CA ALA G 226 7.50 88.07 43.55
C ALA G 226 7.44 86.72 44.22
N ARG G 227 8.03 86.60 45.41
CA ARG G 227 7.98 85.34 46.15
C ARG G 227 6.55 84.98 46.53
N GLU G 228 5.78 85.96 46.99
CA GLU G 228 4.39 85.70 47.36
C GLU G 228 3.59 85.22 46.15
N LEU G 229 3.78 85.87 45.00
CA LEU G 229 3.11 85.39 43.79
C LEU G 229 3.56 83.99 43.43
N LEU G 230 4.83 83.66 43.69
CA LEU G 230 5.32 82.32 43.35
C LEU G 230 4.70 81.25 44.24
N LEU G 231 4.61 81.50 45.54
CA LEU G 231 4.13 80.48 46.47
C LEU G 231 2.64 80.18 46.28
N GLU G 232 1.89 81.09 45.64
CA GLU G 232 0.47 80.90 45.38
C GLU G 232 0.21 80.10 44.11
N GLY G 233 1.24 79.69 43.39
CA GLY G 233 1.08 78.96 42.16
C GLY G 233 1.13 79.81 40.91
N ARG G 234 1.05 81.13 41.03
CA ARG G 234 1.15 82.03 39.88
C ARG G 234 2.62 82.14 39.49
N VAL G 235 3.08 81.15 38.72
CA VAL G 235 4.47 81.13 38.31
C VAL G 235 4.78 82.23 37.31
N GLU G 236 3.86 82.48 36.39
CA GLU G 236 4.14 83.38 35.27
C GLU G 236 4.28 84.83 35.74
N GLU G 237 3.37 85.29 36.58
CA GLU G 237 3.50 86.64 37.13
C GLU G 237 4.73 86.75 38.02
N ALA G 238 5.05 85.69 38.76
CA ALA G 238 6.27 85.70 39.58
C ALA G 238 7.51 85.85 38.72
N ALA G 239 7.59 85.11 37.62
CA ALA G 239 8.75 85.21 36.73
C ALA G 239 8.82 86.58 36.07
N HIS G 240 7.69 87.14 35.65
CA HIS G 240 7.72 88.45 35.01
C HIS G 240 8.19 89.52 35.99
N LEU G 241 7.63 89.55 37.20
CA LEU G 241 8.00 90.57 38.16
C LEU G 241 9.44 90.36 38.64
N LEU G 242 9.87 89.10 38.75
CA LEU G 242 11.25 88.81 39.10
C LEU G 242 12.22 89.32 38.04
N GLU G 243 11.89 89.11 36.76
CA GLU G 243 12.78 89.57 35.71
C GLU G 243 12.84 91.09 35.65
N ASP G 244 11.71 91.77 35.91
CA ASP G 244 11.76 93.23 35.93
C ASP G 244 12.65 93.74 37.07
N VAL G 245 12.47 93.19 38.27
CA VAL G 245 13.27 93.68 39.39
C VAL G 245 14.73 93.30 39.21
N TYR G 246 15.02 92.14 38.63
CA TYR G 246 16.40 91.76 38.35
C TYR G 246 17.03 92.67 37.32
N ALA G 247 16.27 93.09 36.31
CA ALA G 247 16.82 94.02 35.32
C ALA G 247 17.20 95.34 35.96
N LEU G 248 16.33 95.88 36.81
CA LEU G 248 16.67 97.13 37.48
C LEU G 248 17.88 96.97 38.38
N PHE G 249 17.92 95.88 39.15
CA PHE G 249 19.05 95.62 40.04
C PHE G 249 20.34 95.46 39.26
N HIS G 250 20.29 94.76 38.13
CA HIS G 250 21.51 94.51 37.37
C HIS G 250 22.03 95.78 36.74
N ARG G 251 21.13 96.65 36.26
CA ARG G 251 21.59 97.95 35.79
C ARG G 251 22.26 98.72 36.93
N GLU G 252 21.70 98.63 38.14
CA GLU G 252 22.33 99.31 39.26
C GLU G 252 23.71 98.74 39.56
N ILE G 253 23.87 97.42 39.44
CA ILE G 253 25.17 96.79 39.67
C ILE G 253 26.17 97.26 38.63
N GLU G 254 25.79 97.22 37.36
CA GLU G 254 26.68 97.67 36.29
C GLU G 254 26.99 99.15 36.37
N ARG G 255 26.15 99.93 37.06
CA ARG G 255 26.45 101.35 37.25
C ARG G 255 27.75 101.53 38.01
N LEU G 256 27.98 100.72 39.03
CA LEU G 256 29.16 100.86 39.87
C LEU G 256 30.42 100.28 39.26
N GLY G 257 30.33 99.64 38.09
CA GLY G 257 31.53 99.23 37.37
C GLY G 257 32.26 98.12 38.10
N PHE G 258 33.56 98.33 38.31
CA PHE G 258 34.42 97.37 39.00
C PHE G 258 34.55 97.73 40.49
N GLU G 259 33.40 97.85 41.13
CA GLU G 259 33.33 98.10 42.56
C GLU G 259 31.89 97.88 43.01
N ALA G 260 31.72 97.12 44.11
CA ALA G 260 30.42 96.88 44.71
C ALA G 260 30.60 96.09 46.00
N PRO G 261 29.84 96.39 47.05
CA PRO G 261 29.95 95.63 48.30
C PRO G 261 29.67 94.16 48.04
N GLU G 262 30.33 93.30 48.82
CA GLU G 262 30.30 91.87 48.53
C GLU G 262 28.89 91.30 48.64
N GLU G 263 28.03 91.91 49.45
CA GLU G 263 26.66 91.43 49.54
C GLU G 263 25.92 91.60 48.22
N LEU G 264 26.19 92.69 47.49
CA LEU G 264 25.63 92.84 46.15
C LEU G 264 26.10 91.72 45.23
N ARG G 265 27.38 91.39 45.30
CA ARG G 265 27.93 90.35 44.43
C ARG G 265 27.32 89.00 44.73
N VAL G 266 27.10 88.68 46.01
CA VAL G 266 26.49 87.40 46.35
C VAL G 266 25.02 87.39 45.96
N ALA G 267 24.33 88.52 46.17
CA ALA G 267 22.92 88.62 45.83
C ALA G 267 22.69 88.43 44.35
N ASP G 268 23.62 88.90 43.52
CA ASP G 268 23.47 88.72 42.07
C ASP G 268 23.43 87.24 41.72
N LEU G 269 24.31 86.44 42.31
CA LEU G 269 24.33 85.02 42.02
C LEU G 269 23.09 84.32 42.58
N LEU G 270 22.66 84.74 43.78
CA LEU G 270 21.45 84.18 44.38
C LEU G 270 20.24 84.44 43.50
N LEU G 271 20.10 85.67 43.01
CA LEU G 271 18.98 86.04 42.14
C LEU G 271 19.02 85.28 40.83
N ALA G 272 20.21 85.12 40.24
CA ALA G 272 20.32 84.35 39.02
C ALA G 272 19.87 82.92 39.22
N ARG G 273 20.28 82.30 40.33
CA ARG G 273 19.87 80.93 40.58
C ARG G 273 18.37 80.82 40.84
N ALA G 274 17.81 81.80 41.56
CA ALA G 274 16.37 81.81 41.80
C ALA G 274 15.61 81.89 40.48
N ILE G 275 16.06 82.76 39.57
CA ILE G 275 15.40 82.89 38.28
C ILE G 275 15.52 81.60 37.49
N ALA G 276 16.69 80.95 37.53
CA ALA G 276 16.86 79.68 36.82
C ALA G 276 15.90 78.63 37.36
N LEU G 277 15.78 78.53 38.69
CA LEU G 277 14.89 77.54 39.28
C LEU G 277 13.44 77.80 38.92
N ILE G 278 13.01 79.05 38.98
CA ILE G 278 11.63 79.37 38.63
C ILE G 278 11.36 79.02 37.18
N LYS G 279 12.31 79.36 36.29
CA LYS G 279 12.13 79.06 34.87
C LYS G 279 12.11 77.55 34.62
N ALA G 280 12.80 76.77 35.45
CA ALA G 280 12.84 75.33 35.26
C ALA G 280 11.65 74.60 35.87
N ILE G 281 10.80 75.29 36.63
CA ILE G 281 9.59 74.67 37.19
C ILE G 281 8.71 74.14 36.07
N THR H 24 73.18 86.00 29.71
CA THR H 24 72.46 85.29 30.76
C THR H 24 71.28 84.53 30.18
N VAL H 25 70.91 84.86 28.94
CA VAL H 25 69.72 84.29 28.32
C VAL H 25 69.87 82.79 28.15
N VAL H 26 71.03 82.35 27.65
CA VAL H 26 71.27 80.91 27.51
C VAL H 26 71.34 80.24 28.87
N GLU H 27 71.87 80.95 29.87
CA GLU H 27 71.83 80.41 31.23
C GLU H 27 70.40 80.29 31.73
N GLU H 28 69.54 81.25 31.38
CA GLU H 28 68.14 81.16 31.75
C GLU H 28 67.46 79.96 31.09
N VAL H 29 67.78 79.72 29.81
CA VAL H 29 67.19 78.57 29.13
C VAL H 29 67.67 77.27 29.76
N ARG H 30 68.96 77.18 30.07
CA ARG H 30 69.48 75.98 30.74
C ARG H 30 68.81 75.79 32.09
N ARG H 31 68.70 76.85 32.88
CA ARG H 31 68.08 76.73 34.20
C ARG H 31 66.62 76.30 34.08
N PHE H 32 65.89 76.87 33.11
CA PHE H 32 64.50 76.50 32.89
C PHE H 32 64.38 75.02 32.56
N ALA H 33 65.21 74.53 31.64
CA ALA H 33 65.13 73.14 31.25
C ALA H 33 65.49 72.20 32.40
N GLU H 34 66.56 72.51 33.13
CA GLU H 34 66.96 71.64 34.23
C GLU H 34 65.93 71.64 35.34
N GLU H 35 65.36 72.80 35.66
CA GLU H 35 64.33 72.86 36.69
C GLU H 35 63.12 72.03 36.30
N LEU H 36 62.68 72.15 35.05
CA LEU H 36 61.54 71.35 34.61
C LEU H 36 61.87 69.86 34.64
N ALA H 37 63.09 69.49 34.27
CA ALA H 37 63.48 68.07 34.31
C ALA H 37 63.52 67.54 35.74
N GLU H 38 64.06 68.34 36.68
CA GLU H 38 64.08 67.93 38.07
C GLU H 38 62.67 67.76 38.61
N GLU H 39 61.77 68.68 38.27
CA GLU H 39 60.39 68.55 38.72
C GLU H 39 59.73 67.30 38.13
N VAL H 40 60.03 67.00 36.87
CA VAL H 40 59.48 65.80 36.25
C VAL H 40 59.92 64.57 37.03
N LEU H 41 61.21 64.53 37.38
CA LEU H 41 61.74 63.38 38.11
C LEU H 41 61.17 63.29 39.52
N ARG H 42 61.05 64.43 40.21
CA ARG H 42 60.50 64.41 41.57
C ARG H 42 59.06 63.94 41.59
N VAL H 43 58.25 64.43 40.65
CA VAL H 43 56.84 64.03 40.63
C VAL H 43 56.71 62.57 40.21
N GLY H 44 57.39 62.18 39.14
CA GLY H 44 57.22 60.85 38.58
C GLY H 44 58.25 59.83 38.99
N GLY H 45 59.31 60.23 39.68
CA GLY H 45 60.31 59.26 40.09
C GLY H 45 61.11 58.73 38.92
N GLU H 46 61.57 57.49 39.09
CA GLU H 46 62.29 56.79 38.03
C GLU H 46 61.35 56.12 37.05
N ALA H 47 60.04 56.22 37.26
CA ALA H 47 59.10 55.64 36.30
C ALA H 47 59.22 56.31 34.94
N MET H 48 59.37 57.63 34.93
CA MET H 48 59.54 58.41 33.71
C MET H 48 60.90 59.11 33.76
N ARG H 49 61.93 58.36 33.40
CA ARG H 49 63.27 58.90 33.15
C ARG H 49 63.41 59.44 31.72
N PRO H 50 62.81 58.80 30.70
CA PRO H 50 62.90 59.38 29.35
C PRO H 50 62.51 60.85 29.26
N TYR H 51 61.49 61.28 29.99
CA TYR H 51 61.03 62.66 29.84
C TYR H 51 62.04 63.66 30.39
N ALA H 52 62.75 63.30 31.46
CA ALA H 52 63.80 64.17 31.94
C ALA H 52 64.92 64.32 30.91
N GLU H 53 65.27 63.23 30.24
CA GLU H 53 66.27 63.30 29.18
C GLU H 53 65.79 64.13 28.00
N MET H 54 64.52 63.99 27.63
CA MET H 54 63.98 64.76 26.53
C MET H 54 63.98 66.25 26.86
N VAL H 55 63.59 66.61 28.07
CA VAL H 55 63.62 68.01 28.48
C VAL H 55 65.04 68.53 28.46
N ARG H 56 66.00 67.74 28.97
CA ARG H 56 67.38 68.22 29.03
C ARG H 56 67.97 68.38 27.63
N HIS H 57 67.70 67.44 26.72
CA HIS H 57 68.17 67.58 25.34
C HIS H 57 67.52 68.74 24.61
N LEU H 58 66.23 68.98 24.82
CA LEU H 58 65.60 70.13 24.17
C LEU H 58 66.15 71.45 24.74
N GLY H 59 66.45 71.49 26.03
CA GLY H 59 67.16 72.64 26.56
C GLY H 59 68.52 72.83 25.90
N GLU H 60 69.25 71.73 25.70
CA GLU H 60 70.55 71.82 25.05
C GLU H 60 70.42 72.30 23.60
N ALA H 61 69.43 71.79 22.87
CA ALA H 61 69.22 72.23 21.49
C ALA H 61 68.87 73.71 21.43
N ALA H 62 68.03 74.17 22.37
CA ALA H 62 67.68 75.59 22.40
C ALA H 62 68.90 76.45 22.67
N VAL H 63 69.74 76.07 23.65
CA VAL H 63 70.89 76.91 23.93
C VAL H 63 71.91 76.83 22.79
N ALA H 64 72.00 75.69 22.12
CA ALA H 64 72.83 75.61 20.92
C ALA H 64 72.37 76.60 19.87
N ALA H 65 71.05 76.66 19.64
CA ALA H 65 70.52 77.61 18.66
C ALA H 65 70.79 79.05 19.07
N LEU H 66 70.63 79.37 20.35
CA LEU H 66 70.93 80.72 20.82
C LEU H 66 72.41 81.05 20.78
N GLU H 67 73.29 80.04 20.73
CA GLU H 67 74.73 80.31 20.71
C GLU H 67 75.37 79.89 19.39
N GLY H 68 74.76 80.28 18.28
CA GLY H 68 75.24 79.88 16.97
C GLY H 68 74.58 78.60 16.53
N ARG H 69 75.26 77.89 15.62
CA ARG H 69 74.91 76.54 15.22
C ARG H 69 73.56 76.43 14.51
N ALA H 70 73.45 75.44 13.63
CA ALA H 70 72.16 75.04 13.07
C ALA H 70 72.03 73.54 12.90
N GLU H 71 73.14 72.80 12.91
CA GLU H 71 73.16 71.35 12.68
C GLU H 71 73.07 70.57 13.99
N GLU H 72 73.68 71.07 15.06
CA GLU H 72 73.53 70.43 16.36
C GLU H 72 72.07 70.47 16.82
N ALA H 73 71.40 71.60 16.57
CA ALA H 73 69.98 71.68 16.89
C ALA H 73 69.18 70.66 16.08
N ASP H 74 69.50 70.53 14.79
CA ASP H 74 68.87 69.51 13.95
C ASP H 74 69.04 68.12 14.55
N ARG H 75 70.27 67.77 14.91
CA ARG H 75 70.55 66.44 15.41
C ARG H 75 69.84 66.18 16.74
N LEU H 76 69.91 67.13 17.65
CA LEU H 76 69.28 66.94 18.96
C LEU H 76 67.78 66.82 18.84
N VAL H 77 67.16 67.63 17.98
CA VAL H 77 65.71 67.54 17.80
C VAL H 77 65.33 66.20 17.18
N ARG H 78 66.16 65.70 16.25
CA ARG H 78 65.89 64.37 15.68
C ARG H 78 66.03 63.27 16.73
N ASP H 79 67.02 63.39 17.61
CA ASP H 79 67.19 62.41 18.68
C ASP H 79 66.00 62.42 19.63
N VAL H 80 65.53 63.61 20.01
CA VAL H 80 64.36 63.72 20.87
C VAL H 80 63.12 63.18 20.16
N LEU H 81 63.05 63.38 18.84
CA LEU H 81 61.94 62.82 18.09
C LEU H 81 61.97 61.30 18.16
N GLU H 82 63.17 60.70 18.06
CA GLU H 82 63.28 59.25 18.20
C GLU H 82 62.85 58.78 19.58
N MET H 83 63.25 59.50 20.63
CA MET H 83 62.82 59.15 21.98
C MET H 83 61.30 59.18 22.09
N ALA H 84 60.69 60.24 21.56
CA ALA H 84 59.24 60.34 21.58
C ALA H 84 58.60 59.20 20.81
N ARG H 85 59.21 58.79 19.71
CA ARG H 85 58.68 57.66 18.94
C ARG H 85 58.69 56.39 19.77
N GLU H 86 59.81 56.12 20.47
CA GLU H 86 59.90 54.85 21.17
C GLU H 86 59.04 54.82 22.43
N VAL H 87 59.00 55.93 23.17
CA VAL H 87 58.23 55.96 24.42
C VAL H 87 56.75 55.77 24.14
N GLY H 88 56.23 56.45 23.13
CA GLY H 88 54.81 56.40 22.82
C GLY H 88 54.13 57.75 22.79
N ALA H 89 54.86 58.84 23.03
CA ALA H 89 54.28 60.18 22.98
C ALA H 89 53.95 60.54 21.54
N GLU H 90 52.67 60.67 21.23
CA GLU H 90 52.24 60.94 19.86
C GLU H 90 52.21 62.43 19.55
N GLY H 91 51.41 63.19 20.30
CA GLY H 91 51.32 64.62 20.05
C GLY H 91 52.66 65.31 20.22
N LEU H 92 53.45 64.85 21.18
CA LEU H 92 54.80 65.39 21.34
C LEU H 92 55.65 65.09 20.12
N ALA H 93 55.51 63.89 19.54
CA ALA H 93 56.25 63.58 18.33
C ALA H 93 55.85 64.48 17.17
N ARG H 94 54.55 64.73 17.01
CA ARG H 94 54.11 65.63 15.95
C ARG H 94 54.69 67.02 16.15
N LEU H 95 54.60 67.55 17.38
CA LEU H 95 55.11 68.88 17.63
C LEU H 95 56.61 68.92 17.43
N LEU H 96 57.30 67.81 17.67
CA LEU H 96 58.75 67.80 17.48
C LEU H 96 59.12 67.81 16.01
N GLU H 97 58.36 67.10 15.17
CA GLU H 97 58.58 67.21 13.72
C GLU H 97 58.34 68.63 13.23
N ARG H 98 57.25 69.25 13.67
CA ARG H 98 56.98 70.63 13.29
C ARG H 98 58.08 71.57 13.77
N VAL H 99 58.56 71.36 15.00
CA VAL H 99 59.65 72.15 15.53
C VAL H 99 60.88 71.99 14.66
N HIS H 100 61.15 70.76 14.21
CA HIS H 100 62.32 70.50 13.39
C HIS H 100 62.26 71.29 12.08
N ARG H 101 61.15 71.18 11.35
CA ARG H 101 61.04 71.85 10.07
C ARG H 101 61.12 73.37 10.22
N GLU H 102 60.33 73.93 11.13
CA GLU H 102 60.36 75.39 11.32
C GLU H 102 61.72 75.86 11.83
N ALA H 103 62.39 75.05 12.66
CA ALA H 103 63.72 75.44 13.12
C ALA H 103 64.67 75.54 11.95
N ARG H 104 64.60 74.57 11.03
CA ARG H 104 65.43 74.63 9.83
C ARG H 104 65.14 75.89 9.02
N GLU H 105 63.86 76.17 8.77
CA GLU H 105 63.51 77.34 7.95
C GLU H 105 63.99 78.63 8.58
N LEU H 106 63.70 78.83 9.87
CA LEU H 106 64.04 80.08 10.53
C LEU H 106 65.55 80.21 10.71
N LEU H 107 66.26 79.10 10.89
CA LEU H 107 67.70 79.19 10.98
C LEU H 107 68.31 79.53 9.62
N ARG H 108 67.72 79.03 8.53
CA ARG H 108 68.16 79.45 7.21
C ARG H 108 67.93 80.94 7.00
N GLU H 109 66.79 81.45 7.46
CA GLU H 109 66.52 82.87 7.35
C GLU H 109 67.36 83.72 8.29
N GLY H 110 68.10 83.11 9.21
CA GLY H 110 68.99 83.83 10.08
C GLY H 110 68.39 84.30 11.40
N ARG H 111 67.10 84.08 11.62
CA ARG H 111 66.44 84.47 12.86
C ARG H 111 66.66 83.35 13.89
N ARG H 112 67.18 83.71 15.06
CA ARG H 112 67.57 82.72 16.06
C ARG H 112 66.62 82.66 17.25
N GLU H 113 66.08 83.80 17.68
CA GLU H 113 65.28 83.81 18.90
C GLU H 113 64.03 82.95 18.75
N GLU H 114 63.37 83.02 17.60
CA GLU H 114 62.11 82.30 17.43
C GLU H 114 62.32 80.79 17.34
N ALA H 115 63.44 80.35 16.76
CA ALA H 115 63.71 78.91 16.72
C ALA H 115 63.93 78.35 18.13
N ALA H 116 64.71 79.06 18.95
CA ALA H 116 64.83 78.67 20.34
C ALA H 116 63.51 78.77 21.07
N ALA H 117 62.64 79.70 20.67
CA ALA H 117 61.33 79.80 21.27
C ALA H 117 60.50 78.54 20.97
N LEU H 118 60.55 78.08 19.72
CA LEU H 118 59.85 76.83 19.39
C LEU H 118 60.42 75.66 20.18
N VAL H 119 61.75 75.61 20.31
CA VAL H 119 62.37 74.51 21.05
C VAL H 119 61.97 74.54 22.52
N LEU H 120 61.95 75.72 23.13
CA LEU H 120 61.55 75.84 24.53
C LEU H 120 60.09 75.45 24.72
N ALA H 121 59.23 75.85 23.79
CA ALA H 121 57.85 75.41 23.85
C ALA H 121 57.76 73.89 23.77
N ALA H 122 58.61 73.26 22.94
CA ALA H 122 58.61 71.80 22.85
C ALA H 122 59.06 71.17 24.16
N ALA H 123 60.09 71.71 24.78
CA ALA H 123 60.57 71.18 26.06
C ALA H 123 59.51 71.30 27.14
N LEU H 124 58.83 72.45 27.19
CA LEU H 124 57.76 72.63 28.15
C LEU H 124 56.61 71.68 27.90
N ALA H 125 56.27 71.45 26.63
CA ALA H 125 55.23 70.47 26.35
C ALA H 125 55.61 69.09 26.85
N ALA H 126 56.87 68.68 26.65
CA ALA H 126 57.32 67.37 27.11
C ALA H 126 57.26 67.27 28.63
N GLY H 127 57.82 68.26 29.33
CA GLY H 127 57.81 68.22 30.78
C GLY H 127 56.41 68.25 31.36
N ALA H 128 55.55 69.12 30.84
CA ALA H 128 54.20 69.22 31.36
C ALA H 128 53.40 67.96 31.04
N VAL H 129 53.67 67.32 29.91
CA VAL H 129 53.01 66.06 29.60
C VAL H 129 53.41 65.00 30.63
N ALA H 130 54.70 64.93 30.96
CA ALA H 130 55.15 63.97 31.95
C ALA H 130 54.49 64.22 33.30
N VAL H 131 54.50 65.48 33.75
CA VAL H 131 53.96 65.77 35.07
C VAL H 131 52.46 65.53 35.12
N ALA H 132 51.74 65.88 34.05
CA ALA H 132 50.31 65.67 34.03
C ALA H 132 49.98 64.18 34.04
N GLU H 133 50.72 63.37 33.29
CA GLU H 133 50.48 61.93 33.34
C GLU H 133 50.78 61.36 34.72
N ALA H 134 51.82 61.87 35.38
CA ALA H 134 52.11 61.43 36.74
C ALA H 134 50.97 61.78 37.69
N TYR H 135 50.43 62.99 37.58
CA TYR H 135 49.31 63.40 38.43
C TYR H 135 48.10 62.53 38.18
N VAL H 136 47.84 62.19 36.91
CA VAL H 136 46.68 61.37 36.60
C VAL H 136 46.86 59.95 37.13
N ARG H 137 48.09 59.42 37.05
CA ARG H 137 48.32 58.04 37.49
C ARG H 137 48.04 57.86 38.97
N LEU H 138 48.49 58.79 39.81
CA LEU H 138 48.26 58.69 41.25
C LEU H 138 47.00 59.41 41.69
N GLY H 139 46.13 59.78 40.76
CA GLY H 139 44.78 60.25 41.07
C GLY H 139 44.65 61.54 41.85
N GLN H 140 45.44 62.55 41.51
CA GLN H 140 45.28 63.85 42.16
C GLN H 140 44.17 64.64 41.48
N PRO H 141 43.56 65.58 42.19
CA PRO H 141 42.43 66.33 41.62
C PRO H 141 42.87 67.23 40.47
N ILE H 142 41.86 67.65 39.69
CA ILE H 142 42.11 68.41 38.47
C ILE H 142 42.52 69.86 38.73
N ARG H 143 42.16 70.41 39.89
CA ARG H 143 42.60 71.77 40.21
C ARG H 143 44.11 71.88 40.16
N LEU H 144 44.83 70.86 40.66
CA LEU H 144 46.28 70.93 40.67
C LEU H 144 46.86 70.89 39.27
N ILE H 145 46.32 70.05 38.39
CA ILE H 145 46.79 70.03 37.01
C ILE H 145 46.55 71.38 36.34
N ALA H 146 45.34 71.93 36.52
CA ALA H 146 45.01 73.20 35.88
C ALA H 146 45.91 74.32 36.37
N GLU H 147 46.10 74.42 37.69
CA GLU H 147 46.93 75.48 38.24
C GLU H 147 48.39 75.31 37.83
N TYR H 148 48.89 74.07 37.84
CA TYR H 148 50.26 73.82 37.42
C TYR H 148 50.49 74.26 35.98
N VAL H 149 49.62 73.81 35.07
CA VAL H 149 49.78 74.13 33.66
C VAL H 149 49.69 75.63 33.44
N ALA H 150 48.70 76.29 34.06
CA ALA H 150 48.55 77.71 33.86
C ALA H 150 49.78 78.48 34.35
N GLU H 151 50.33 78.09 35.51
CA GLU H 151 51.48 78.83 36.03
C GLU H 151 52.71 78.60 35.17
N ARG H 152 52.88 77.37 34.65
CA ARG H 152 54.00 77.12 33.76
C ARG H 152 53.88 77.93 32.47
N LEU H 153 52.65 78.04 31.94
CA LEU H 153 52.46 78.85 30.74
C LEU H 153 52.78 80.31 31.01
N VAL H 154 52.40 80.82 32.18
CA VAL H 154 52.72 82.22 32.49
C VAL H 154 54.23 82.41 32.58
N GLU H 155 54.93 81.46 33.20
CA GLU H 155 56.39 81.57 33.31
C GLU H 155 57.04 81.54 31.92
N LEU H 156 56.58 80.64 31.05
CA LEU H 156 57.13 80.56 29.70
C LEU H 156 56.86 81.84 28.92
N ALA H 157 55.65 82.40 29.06
CA ALA H 157 55.35 83.65 28.38
C ALA H 157 56.24 84.77 28.86
N GLU H 158 56.53 84.79 30.16
CA GLU H 158 57.46 85.79 30.69
C GLU H 158 58.85 85.62 30.08
N LEU H 159 59.31 84.37 29.98
CA LEU H 159 60.62 84.12 29.37
C LEU H 159 60.67 84.57 27.92
N LEU H 160 59.65 84.18 27.15
CA LEU H 160 59.61 84.55 25.73
C LEU H 160 59.50 86.05 25.55
N ARG H 161 58.83 86.74 26.46
CA ARG H 161 58.84 88.19 26.43
C ARG H 161 60.24 88.72 26.69
N ARG H 162 60.99 88.07 27.59
CA ARG H 162 62.36 88.51 27.84
C ARG H 162 63.24 88.32 26.62
N LEU H 163 63.07 87.22 25.89
CA LEU H 163 63.92 86.96 24.72
C LEU H 163 63.69 88.02 23.64
N GLY H 164 62.43 88.24 23.25
CA GLY H 164 62.13 89.22 22.23
C GLY H 164 61.13 88.77 21.18
N VAL H 165 60.55 87.58 21.38
CA VAL H 165 59.56 87.07 20.43
C VAL H 165 58.34 87.98 20.44
N PRO H 166 57.72 88.26 19.29
CA PRO H 166 56.48 89.05 19.29
C PRO H 166 55.33 88.31 19.97
N LEU H 167 54.40 89.10 20.52
CA LEU H 167 53.40 88.58 21.44
C LEU H 167 52.47 87.58 20.77
N ARG H 168 52.08 87.83 19.53
CA ARG H 168 51.15 86.92 18.87
C ARG H 168 51.76 85.54 18.69
N ARG H 169 53.05 85.48 18.37
CA ARG H 169 53.74 84.20 18.32
C ARG H 169 53.80 83.56 19.70
N ILE H 170 53.96 84.38 20.74
CA ILE H 170 53.93 83.86 22.11
C ILE H 170 52.61 83.13 22.34
N ILE H 171 51.50 83.77 21.99
CA ILE H 171 50.20 83.16 22.27
C ILE H 171 50.00 81.92 21.42
N ARG H 172 50.50 81.92 20.18
CA ARG H 172 50.37 80.74 19.34
C ARG H 172 51.15 79.56 19.90
N LEU H 173 52.37 79.80 20.40
CA LEU H 173 53.15 78.72 21.00
C LEU H 173 52.48 78.21 22.27
N LEU H 174 51.94 79.11 23.09
CA LEU H 174 51.26 78.70 24.32
C LEU H 174 50.05 77.83 24.00
N GLU H 175 49.31 78.19 22.96
CA GLU H 175 48.18 77.36 22.57
C GLU H 175 48.64 76.00 22.05
N GLU H 176 49.77 75.94 21.35
CA GLU H 176 50.30 74.64 20.94
C GLU H 176 50.64 73.77 22.15
N VAL H 177 51.30 74.37 23.15
CA VAL H 177 51.61 73.64 24.38
C VAL H 177 50.35 73.11 25.02
N LEU H 178 49.32 73.95 25.11
CA LEU H 178 48.06 73.54 25.70
C LEU H 178 47.41 72.41 24.92
N ARG H 179 47.51 72.45 23.59
CA ARG H 179 46.93 71.39 22.77
C ARG H 179 47.62 70.07 23.03
N VAL H 180 48.95 70.09 23.12
CA VAL H 180 49.68 68.85 23.42
C VAL H 180 49.29 68.31 24.79
N VAL H 181 49.19 69.20 25.79
CA VAL H 181 48.83 68.78 27.13
C VAL H 181 47.44 68.17 27.15
N ALA H 182 46.49 68.79 26.43
CA ALA H 182 45.14 68.25 26.37
C ALA H 182 45.12 66.88 25.70
N GLU H 183 45.91 66.70 24.64
CA GLU H 183 45.99 65.39 24.00
C GLU H 183 46.56 64.35 24.96
N ALA H 184 47.59 64.72 25.73
CA ALA H 184 48.16 63.80 26.69
C ALA H 184 47.15 63.39 27.74
N LEU H 185 46.40 64.37 28.27
CA LEU H 185 45.39 64.06 29.26
C LEU H 185 44.28 63.21 28.68
N ARG H 186 43.94 63.41 27.41
CA ARG H 186 42.94 62.57 26.77
C ARG H 186 43.42 61.13 26.67
N ARG H 187 44.70 60.94 26.33
CA ARG H 187 45.23 59.57 26.22
C ARG H 187 45.28 58.87 27.58
N ALA H 188 45.34 59.63 28.66
CA ALA H 188 45.35 59.06 30.01
C ALA H 188 43.96 58.76 30.54
N GLY H 189 42.92 59.00 29.75
CA GLY H 189 41.57 58.68 30.16
C GLY H 189 40.85 59.75 30.94
N VAL H 190 41.43 60.94 31.08
CA VAL H 190 40.73 62.02 31.79
C VAL H 190 39.49 62.41 31.02
N PRO H 191 38.32 62.53 31.67
CA PRO H 191 37.09 62.86 30.93
C PRO H 191 37.17 64.24 30.29
N GLU H 192 36.46 64.37 29.17
CA GLU H 192 36.56 65.58 28.36
C GLU H 192 36.22 66.86 29.11
N PRO H 193 35.15 66.94 29.90
CA PRO H 193 34.87 68.19 30.62
C PRO H 193 36.00 68.67 31.49
N GLU H 194 36.77 67.77 32.10
CA GLU H 194 37.92 68.20 32.89
C GLU H 194 39.01 68.78 32.00
N ILE H 195 39.18 68.24 30.79
CA ILE H 195 40.14 68.81 29.86
C ILE H 195 39.73 70.23 29.47
N ARG H 196 38.43 70.42 29.21
CA ARG H 196 37.94 71.76 28.90
C ARG H 196 38.13 72.70 30.08
N LYS H 197 37.93 72.19 31.30
CA LYS H 197 38.21 73.01 32.49
C LYS H 197 39.66 73.43 32.53
N VAL H 198 40.57 72.51 32.22
CA VAL H 198 42.00 72.83 32.21
C VAL H 198 42.28 73.96 31.23
N GLU H 199 41.80 73.80 29.99
CA GLU H 199 42.09 74.80 28.96
C GLU H 199 41.46 76.15 29.29
N ALA H 200 40.22 76.16 29.76
CA ALA H 200 39.54 77.40 30.07
C ALA H 200 40.25 78.13 31.22
N ALA H 201 40.69 77.39 32.24
CA ALA H 201 41.46 78.00 33.30
C ALA H 201 42.75 78.59 32.76
N ALA H 202 43.40 77.89 31.82
CA ALA H 202 44.63 78.41 31.23
C ALA H 202 44.38 79.71 30.48
N TYR H 203 43.31 79.77 29.68
CA TYR H 203 43.02 80.99 28.92
C TYR H 203 42.65 82.15 29.82
N ILE H 204 41.88 81.89 30.89
CA ILE H 204 41.54 82.99 31.81
C ILE H 204 42.78 83.49 32.54
N ARG H 205 43.68 82.57 32.91
CA ARG H 205 44.92 83.00 33.53
C ARG H 205 45.76 83.84 32.59
N LEU H 206 45.85 83.41 31.32
CA LEU H 206 46.62 84.17 30.33
C LEU H 206 46.01 85.54 30.07
N ALA H 207 44.68 85.61 29.96
CA ALA H 207 44.02 86.89 29.76
C ALA H 207 44.26 87.82 30.94
N ALA H 208 44.18 87.30 32.16
CA ALA H 208 44.45 88.13 33.34
C ALA H 208 45.89 88.62 33.33
N TYR H 209 46.83 87.73 32.98
CA TYR H 209 48.24 88.12 32.93
C TYR H 209 48.46 89.24 31.92
N LEU H 210 47.86 89.13 30.73
CA LEU H 210 48.00 90.19 29.74
C LEU H 210 47.37 91.49 30.21
N LEU H 211 46.19 91.41 30.83
CA LEU H 211 45.49 92.61 31.26
C LEU H 211 46.23 93.34 32.38
N ARG H 212 46.98 92.61 33.20
CA ARG H 212 47.63 93.25 34.32
C ARG H 212 48.75 94.20 33.88
N GLN H 213 49.42 93.88 32.77
CA GLN H 213 50.50 94.74 32.31
C GLN H 213 50.01 96.12 31.91
N LEU H 214 48.85 96.18 31.24
CA LEU H 214 48.26 97.46 30.86
C LEU H 214 47.76 98.26 32.04
N GLY H 215 47.66 97.66 33.22
CA GLY H 215 47.22 98.39 34.38
C GLY H 215 45.73 98.32 34.61
N TYR H 216 45.16 97.13 34.46
CA TYR H 216 43.75 96.87 34.76
C TYR H 216 43.72 95.84 35.87
N GLU H 217 43.88 96.31 37.11
CA GLU H 217 43.94 95.39 38.24
C GLU H 217 42.56 94.84 38.59
N ALA H 218 41.53 95.69 38.55
CA ALA H 218 40.19 95.24 38.88
C ALA H 218 39.71 94.17 37.92
N LEU H 219 39.95 94.37 36.61
CA LEU H 219 39.56 93.39 35.61
C LEU H 219 40.23 92.05 35.86
N ALA H 220 41.54 92.06 36.13
CA ALA H 220 42.25 90.80 36.35
C ALA H 220 41.76 90.12 37.62
N LYS H 221 41.48 90.89 38.68
CA LYS H 221 40.95 90.30 39.90
C LYS H 221 39.62 89.62 39.66
N ARG H 222 38.73 90.26 38.91
CA ARG H 222 37.42 89.64 38.67
C ARG H 222 37.56 88.41 37.78
N LEU H 223 38.48 88.44 36.82
CA LEU H 223 38.69 87.25 36.00
C LEU H 223 39.22 86.09 36.83
N LEU H 224 40.11 86.38 37.78
CA LEU H 224 40.64 85.29 38.60
C LEU H 224 39.63 84.80 39.62
N GLU H 225 38.73 85.68 40.08
CA GLU H 225 37.60 85.21 40.89
C GLU H 225 36.73 84.24 40.10
N ALA H 226 36.44 84.57 38.84
CA ALA H 226 35.68 83.67 37.99
C ALA H 226 36.41 82.34 37.82
N ARG H 227 37.73 82.39 37.66
CA ARG H 227 38.51 81.15 37.52
C ARG H 227 38.44 80.32 38.79
N GLU H 228 38.52 80.97 39.96
CA GLU H 228 38.40 80.23 41.21
C GLU H 228 37.04 79.55 41.32
N LEU H 229 35.98 80.26 40.96
CA LEU H 229 34.66 79.62 40.97
C LEU H 229 34.59 78.49 39.96
N LEU H 230 35.33 78.58 38.87
CA LEU H 230 35.28 77.50 37.88
C LEU H 230 35.98 76.25 38.37
N LEU H 231 37.17 76.40 38.96
CA LEU H 231 37.94 75.24 39.38
C LEU H 231 37.30 74.49 40.54
N GLU H 232 36.38 75.14 41.27
CA GLU H 232 35.67 74.53 42.38
C GLU H 232 34.45 73.73 41.95
N GLY H 233 34.16 73.67 40.65
CA GLY H 233 33.02 72.96 40.14
C GLY H 233 31.77 73.79 39.95
N ARG H 234 31.74 75.02 40.47
CA ARG H 234 30.61 75.92 40.27
C ARG H 234 30.73 76.54 38.89
N VAL H 235 30.23 75.80 37.89
CA VAL H 235 30.34 76.25 36.51
C VAL H 235 29.42 77.43 36.25
N GLU H 236 28.21 77.40 36.81
CA GLU H 236 27.20 78.39 36.47
C GLU H 236 27.57 79.78 36.98
N GLU H 237 28.02 79.87 38.23
CA GLU H 237 28.47 81.15 38.75
C GLU H 237 29.71 81.63 38.00
N ALA H 238 30.58 80.70 37.60
CA ALA H 238 31.74 81.07 36.79
C ALA H 238 31.32 81.70 35.47
N ALA H 239 30.38 81.08 34.77
CA ALA H 239 29.94 81.62 33.48
C ALA H 239 29.22 82.95 33.65
N HIS H 240 28.40 83.09 34.69
CA HIS H 240 27.70 84.36 34.90
C HIS H 240 28.68 85.49 35.20
N LEU H 241 29.61 85.26 36.12
CA LEU H 241 30.56 86.31 36.49
C LEU H 241 31.50 86.62 35.33
N LEU H 242 31.87 85.58 34.56
CA LEU H 242 32.69 85.80 33.38
C LEU H 242 31.96 86.65 32.34
N GLU H 243 30.68 86.38 32.11
CA GLU H 243 29.94 87.17 31.13
C GLU H 243 29.79 88.61 31.59
N ASP H 244 29.62 88.84 32.89
CA ASP H 244 29.52 90.22 33.37
C ASP H 244 30.83 90.97 33.15
N VAL H 245 31.95 90.37 33.55
CA VAL H 245 33.23 91.07 33.37
C VAL H 245 33.54 91.24 31.89
N TYR H 246 33.18 90.26 31.06
CA TYR H 246 33.42 90.37 29.62
C TYR H 246 32.58 91.48 29.02
N ALA H 247 31.34 91.64 29.46
CA ALA H 247 30.51 92.73 28.94
C ALA H 247 31.11 94.08 29.28
N LEU H 248 31.55 94.27 30.52
CA LEU H 248 32.17 95.54 30.86
C LEU H 248 33.44 95.78 30.05
N PHE H 249 34.26 94.74 29.90
CA PHE H 249 35.50 94.85 29.14
C PHE H 249 35.23 95.17 27.68
N HIS H 250 34.22 94.55 27.09
CA HIS H 250 33.94 94.77 25.69
C HIS H 250 33.39 96.17 25.46
N ARG H 251 32.58 96.68 26.38
CA ARG H 251 32.18 98.08 26.28
C ARG H 251 33.39 98.99 26.33
N GLU H 252 34.34 98.68 27.21
CA GLU H 252 35.55 99.49 27.28
C GLU H 252 36.35 99.42 25.98
N ILE H 253 36.40 98.25 25.36
CA ILE H 253 37.11 98.09 24.09
C ILE H 253 36.44 98.91 22.99
N GLU H 254 35.11 98.79 22.88
CA GLU H 254 34.37 99.55 21.88
C GLU H 254 34.45 101.05 22.14
N ARG H 255 34.76 101.46 23.37
CA ARG H 255 34.93 102.88 23.65
C ARG H 255 36.07 103.46 22.83
N LEU H 256 37.16 102.71 22.68
CA LEU H 256 38.35 103.22 22.00
C LEU H 256 38.23 103.17 20.48
N GLY H 257 37.15 102.63 19.94
CA GLY H 257 36.92 102.73 18.50
C GLY H 257 37.92 101.92 17.70
N PHE H 258 38.50 102.56 16.68
CA PHE H 258 39.52 101.93 15.83
C PHE H 258 40.92 102.28 16.33
N GLU H 259 41.16 101.96 17.60
CA GLU H 259 42.45 102.12 18.23
C GLU H 259 42.42 101.37 19.56
N ALA H 260 43.44 100.55 19.80
CA ALA H 260 43.58 99.82 21.05
C ALA H 260 44.94 99.13 21.11
N PRO H 261 45.59 99.09 22.26
CA PRO H 261 46.86 98.35 22.37
C PRO H 261 46.67 96.90 21.99
N GLU H 262 47.75 96.30 21.49
CA GLU H 262 47.66 94.94 20.96
C GLU H 262 47.26 93.93 22.03
N GLU H 263 47.70 94.16 23.27
CA GLU H 263 47.38 93.20 24.33
C GLU H 263 45.88 93.16 24.61
N LEU H 264 45.18 94.30 24.51
CA LEU H 264 43.73 94.29 24.61
C LEU H 264 43.11 93.44 23.51
N ARG H 265 43.61 93.59 22.29
CA ARG H 265 43.07 92.83 21.17
C ARG H 265 43.28 91.33 21.37
N VAL H 266 44.45 90.93 21.87
CA VAL H 266 44.69 89.51 22.10
C VAL H 266 43.85 88.99 23.25
N ALA H 267 43.72 89.79 24.32
CA ALA H 267 42.90 89.39 25.46
C ALA H 267 41.45 89.20 25.06
N ASP H 268 40.97 90.00 24.11
CA ASP H 268 39.59 89.85 23.65
C ASP H 268 39.36 88.46 23.08
N LEU H 269 40.25 87.99 22.22
CA LEU H 269 40.10 86.67 21.63
C LEU H 269 40.28 85.57 22.68
N LEU H 270 41.22 85.78 23.61
CA LEU H 270 41.42 84.80 24.68
C LEU H 270 40.17 84.65 25.54
N LEU H 271 39.56 85.78 25.92
CA LEU H 271 38.33 85.76 26.70
C LEU H 271 37.19 85.11 25.94
N ALA H 272 37.07 85.39 24.64
CA ALA H 272 36.03 84.75 23.85
C ALA H 272 36.20 83.24 23.85
N ARG H 273 37.43 82.75 23.68
CA ARG H 273 37.65 81.31 23.67
C ARG H 273 37.38 80.70 25.04
N ALA H 274 37.78 81.39 26.12
CA ALA H 274 37.49 80.89 27.45
C ALA H 274 36.00 80.76 27.69
N ILE H 275 35.23 81.75 27.27
CA ILE H 275 33.78 81.70 27.42
C ILE H 275 33.20 80.56 26.60
N ALA H 276 33.69 80.37 25.38
CA ALA H 276 33.18 79.27 24.57
C ALA H 276 33.45 77.92 25.23
N LEU H 277 34.66 77.73 25.75
CA LEU H 277 35.00 76.47 26.39
C LEU H 277 34.15 76.22 27.64
N ILE H 278 33.96 77.27 28.46
CA ILE H 278 33.14 77.11 29.66
C ILE H 278 31.72 76.74 29.28
N LYS H 279 31.17 77.41 28.27
CA LYS H 279 29.81 77.09 27.83
C LYS H 279 29.73 75.66 27.29
N ALA H 280 30.80 75.16 26.69
CA ALA H 280 30.77 73.81 26.12
C ALA H 280 31.01 72.71 27.14
N ILE H 281 31.38 73.04 28.38
CA ILE H 281 31.58 72.04 29.42
C ILE H 281 30.30 71.23 29.62
N THR I 24 44.85 104.86 -25.05
CA THR I 24 45.66 103.88 -24.34
C THR I 24 44.78 102.77 -23.78
N VAL I 25 43.47 103.02 -23.76
CA VAL I 25 42.54 102.07 -23.12
C VAL I 25 42.56 100.73 -23.82
N VAL I 26 42.53 100.75 -25.17
CA VAL I 26 42.60 99.49 -25.91
C VAL I 26 43.96 98.83 -25.72
N GLU I 27 45.01 99.63 -25.61
CA GLU I 27 46.33 99.06 -25.28
C GLU I 27 46.31 98.43 -23.90
N GLU I 28 45.63 99.05 -22.94
CA GLU I 28 45.52 98.46 -21.61
C GLU I 28 44.77 97.14 -21.65
N VAL I 29 43.70 97.07 -22.44
CA VAL I 29 42.97 95.81 -22.55
C VAL I 29 43.82 94.74 -23.19
N ARG I 30 44.55 95.09 -24.26
CA ARG I 30 45.44 94.13 -24.89
C ARG I 30 46.51 93.65 -23.91
N ARG I 31 47.13 94.58 -23.18
CA ARG I 31 48.16 94.21 -22.21
C ARG I 31 47.61 93.30 -21.13
N PHE I 32 46.41 93.62 -20.63
CA PHE I 32 45.78 92.80 -19.60
C PHE I 32 45.54 91.39 -20.11
N ALA I 33 45.00 91.26 -21.32
CA ALA I 33 44.71 89.93 -21.86
C ALA I 33 45.99 89.13 -22.09
N GLU I 34 47.01 89.76 -22.69
CA GLU I 34 48.25 89.04 -22.95
C GLU I 34 48.95 88.64 -21.67
N GLU I 35 48.97 89.52 -20.67
CA GLU I 35 49.60 89.18 -19.40
C GLU I 35 48.90 88.01 -18.74
N LEU I 36 47.56 88.02 -18.74
CA LEU I 36 46.83 86.89 -18.16
C LEU I 36 47.11 85.61 -18.91
N ALA I 37 47.19 85.67 -20.25
CA ALA I 37 47.47 84.46 -21.03
C ALA I 37 48.88 83.94 -20.77
N GLU I 38 49.87 84.85 -20.68
CA GLU I 38 51.22 84.44 -20.37
C GLU I 38 51.29 83.78 -18.99
N GLU I 39 50.60 84.34 -18.01
CA GLU I 39 50.59 83.74 -16.68
C GLU I 39 49.93 82.37 -16.70
N VAL I 40 48.86 82.21 -17.49
CA VAL I 40 48.23 80.91 -17.62
C VAL I 40 49.22 79.90 -18.16
N LEU I 41 49.96 80.29 -19.19
CA LEU I 41 50.94 79.38 -19.79
C LEU I 41 52.08 79.07 -18.83
N ARG I 42 52.56 80.07 -18.09
CA ARG I 42 53.65 79.83 -17.15
C ARG I 42 53.23 78.88 -16.05
N VAL I 43 52.04 79.08 -15.49
CA VAL I 43 51.60 78.23 -14.39
C VAL I 43 51.29 76.83 -14.89
N GLY I 44 50.55 76.71 -15.98
CA GLY I 44 50.11 75.42 -16.47
C GLY I 44 50.90 74.83 -17.60
N GLY I 45 51.84 75.56 -18.17
CA GLY I 45 52.64 75.00 -19.24
C GLY I 45 51.83 74.78 -20.52
N GLU I 46 52.27 73.78 -21.27
CA GLU I 46 51.58 73.38 -22.49
C GLU I 46 50.40 72.47 -22.22
N ALA I 47 50.14 72.13 -20.96
CA ALA I 47 48.99 71.30 -20.65
C ALA I 47 47.69 71.99 -21.05
N MET I 48 47.57 73.29 -20.75
CA MET I 48 46.41 74.09 -21.10
C MET I 48 46.86 75.22 -22.01
N ARG I 49 46.95 74.92 -23.30
CA ARG I 49 47.10 75.91 -24.36
C ARG I 49 45.75 76.50 -24.77
N PRO I 50 44.65 75.72 -24.80
CA PRO I 50 43.36 76.32 -25.15
C PRO I 50 42.99 77.57 -24.36
N TYR I 51 43.29 77.59 -23.05
CA TYR I 51 42.88 78.71 -22.23
C TYR I 51 43.64 79.98 -22.60
N ALA I 52 44.90 79.85 -23.01
CA ALA I 52 45.64 81.01 -23.50
C ALA I 52 44.98 81.57 -24.76
N GLU I 53 44.52 80.67 -25.64
CA GLU I 53 43.84 81.13 -26.85
C GLU I 53 42.51 81.80 -26.52
N MET I 54 41.75 81.24 -25.58
CA MET I 54 40.50 81.88 -25.18
C MET I 54 40.75 83.26 -24.61
N VAL I 55 41.76 83.40 -23.75
CA VAL I 55 42.06 84.70 -23.18
C VAL I 55 42.46 85.68 -24.28
N ARG I 56 43.29 85.24 -25.22
CA ARG I 56 43.77 86.17 -26.23
C ARG I 56 42.66 86.59 -27.19
N HIS I 57 41.78 85.65 -27.59
CA HIS I 57 40.65 86.04 -28.43
C HIS I 57 39.62 86.90 -27.69
N LEU I 58 39.39 86.64 -26.40
CA LEU I 58 38.48 87.51 -25.67
C LEU I 58 39.05 88.91 -25.52
N GLY I 59 40.37 89.02 -25.33
CA GLY I 59 40.99 90.34 -25.38
C GLY I 59 40.82 91.00 -26.74
N GLU I 60 40.96 90.22 -27.81
CA GLU I 60 40.78 90.79 -29.16
C GLU I 60 39.34 91.25 -29.39
N ALA I 61 38.36 90.46 -28.95
CA ALA I 61 36.97 90.86 -29.09
C ALA I 61 36.69 92.13 -28.31
N ALA I 62 37.24 92.23 -27.10
CA ALA I 62 37.05 93.43 -26.30
C ALA I 62 37.65 94.66 -26.98
N VAL I 63 38.87 94.53 -27.52
CA VAL I 63 39.47 95.71 -28.14
C VAL I 63 38.76 96.05 -29.45
N ALA I 64 38.25 95.05 -30.17
CA ALA I 64 37.43 95.33 -31.33
C ALA I 64 36.19 96.13 -30.95
N ALA I 65 35.51 95.72 -29.88
CA ALA I 65 34.33 96.44 -29.42
C ALA I 65 34.68 97.87 -29.01
N LEU I 66 35.81 98.05 -28.33
CA LEU I 66 36.25 99.40 -27.97
C LEU I 66 36.66 100.23 -29.18
N GLU I 67 37.00 99.61 -30.30
CA GLU I 67 37.44 100.37 -31.47
C GLU I 67 36.46 100.26 -32.63
N GLY I 68 35.18 100.44 -32.35
CA GLY I 68 34.16 100.29 -33.36
C GLY I 68 33.62 98.88 -33.37
N ARG I 69 33.08 98.48 -34.52
CA ARG I 69 32.70 97.09 -34.81
C ARG I 69 31.58 96.58 -33.92
N ALA I 70 30.81 95.62 -34.45
CA ALA I 70 29.86 94.86 -33.67
C ALA I 70 29.74 93.41 -34.12
N GLU I 71 30.29 93.06 -35.27
CA GLU I 71 30.20 91.72 -35.85
C GLU I 71 31.44 90.89 -35.56
N GLU I 72 32.62 91.52 -35.56
CA GLU I 72 33.84 90.82 -35.19
C GLU I 72 33.77 90.36 -33.74
N ALA I 73 33.23 91.20 -32.86
CA ALA I 73 33.04 90.79 -31.48
C ALA I 73 32.12 89.58 -31.39
N ASP I 74 31.03 89.59 -32.15
CA ASP I 74 30.13 88.44 -32.20
C ASP I 74 30.87 87.18 -32.63
N ARG I 75 31.65 87.28 -33.70
CA ARG I 75 32.33 86.10 -34.22
C ARG I 75 33.37 85.57 -33.24
N LEU I 76 34.16 86.46 -32.64
CA LEU I 76 35.18 86.01 -31.71
C LEU I 76 34.57 85.38 -30.47
N VAL I 77 33.47 85.95 -29.96
CA VAL I 77 32.81 85.37 -28.80
C VAL I 77 32.23 84.01 -29.15
N ARG I 78 31.69 83.85 -30.36
CA ARG I 78 31.18 82.55 -30.78
C ARG I 78 32.30 81.52 -30.91
N ASP I 79 33.44 81.93 -31.47
CA ASP I 79 34.59 81.02 -31.57
C ASP I 79 35.07 80.59 -30.18
N VAL I 80 35.16 81.54 -29.26
CA VAL I 80 35.61 81.24 -27.91
C VAL I 80 34.59 80.33 -27.22
N LEU I 81 33.30 80.52 -27.49
CA LEU I 81 32.29 79.62 -26.97
C LEU I 81 32.49 78.21 -27.50
N GLU I 82 32.84 78.09 -28.78
CA GLU I 82 33.11 76.77 -29.35
C GLU I 82 34.29 76.09 -28.66
N MET I 83 35.38 76.84 -28.43
CA MET I 83 36.50 76.26 -27.69
C MET I 83 36.09 75.84 -26.30
N ALA I 84 35.32 76.67 -25.62
CA ALA I 84 34.85 76.32 -24.28
C ALA I 84 34.01 75.05 -24.31
N ARG I 85 33.19 74.89 -25.36
CA ARG I 85 32.38 73.69 -25.50
C ARG I 85 33.27 72.45 -25.65
N GLU I 86 34.29 72.54 -26.51
CA GLU I 86 35.08 71.34 -26.78
C GLU I 86 35.98 70.98 -25.61
N VAL I 87 36.57 71.99 -24.95
CA VAL I 87 37.48 71.71 -23.83
C VAL I 87 36.75 71.03 -22.69
N GLY I 88 35.55 71.50 -22.37
CA GLY I 88 34.78 70.96 -21.27
C GLY I 88 34.40 71.98 -20.21
N ALA I 89 34.75 73.24 -20.39
CA ALA I 89 34.38 74.28 -19.42
C ALA I 89 32.89 74.55 -19.52
N GLU I 90 32.15 74.28 -18.46
CA GLU I 90 30.71 74.47 -18.46
C GLU I 90 30.33 75.88 -18.04
N GLY I 91 30.75 76.30 -16.84
CA GLY I 91 30.43 77.63 -16.37
C GLY I 91 30.96 78.71 -17.30
N LEU I 92 32.15 78.50 -17.83
CA LEU I 92 32.71 79.44 -18.79
C LEU I 92 31.86 79.52 -20.04
N ALA I 93 31.38 78.38 -20.53
CA ALA I 93 30.52 78.39 -21.71
C ALA I 93 29.21 79.14 -21.45
N ARG I 94 28.60 78.91 -20.29
CA ARG I 94 27.37 79.63 -19.97
C ARG I 94 27.61 81.13 -19.92
N LEU I 95 28.67 81.55 -19.23
CA LEU I 95 28.96 82.97 -19.15
C LEU I 95 29.25 83.52 -20.54
N LEU I 96 29.83 82.72 -21.43
CA LEU I 96 30.15 83.22 -22.76
C LEU I 96 28.89 83.40 -23.60
N GLU I 97 27.91 82.50 -23.45
CA GLU I 97 26.63 82.73 -24.11
C GLU I 97 25.98 84.02 -23.61
N ARG I 98 26.01 84.24 -22.29
CA ARG I 98 25.44 85.46 -21.73
C ARG I 98 26.15 86.70 -22.25
N VAL I 99 27.49 86.64 -22.35
CA VAL I 99 28.23 87.74 -22.94
C VAL I 99 27.78 87.97 -24.38
N HIS I 100 27.58 86.89 -25.13
CA HIS I 100 27.17 87.03 -26.52
C HIS I 100 25.87 87.82 -26.63
N ARG I 101 24.83 87.38 -25.90
CA ARG I 101 23.53 88.03 -26.00
C ARG I 101 23.57 89.48 -25.53
N GLU I 102 24.13 89.71 -24.34
CA GLU I 102 24.18 91.08 -23.86
C GLU I 102 25.01 91.97 -24.78
N ALA I 103 26.22 91.54 -25.14
CA ALA I 103 27.06 92.35 -26.01
C ALA I 103 26.30 92.74 -27.26
N ARG I 104 25.50 91.83 -27.82
CA ARG I 104 24.64 92.20 -28.93
C ARG I 104 23.70 93.34 -28.55
N GLU I 105 23.01 93.18 -27.40
CA GLU I 105 22.00 94.17 -27.02
C GLU I 105 22.61 95.56 -26.81
N LEU I 106 23.65 95.66 -25.99
CA LEU I 106 24.23 96.96 -25.73
C LEU I 106 24.98 97.52 -26.93
N LEU I 107 25.50 96.67 -27.81
CA LEU I 107 26.10 97.21 -29.02
C LEU I 107 25.03 97.77 -29.95
N ARG I 108 23.83 97.18 -29.95
CA ARG I 108 22.72 97.78 -30.67
C ARG I 108 22.34 99.12 -30.06
N GLU I 109 22.31 99.20 -28.73
CA GLU I 109 21.96 100.45 -28.05
C GLU I 109 23.04 101.52 -28.17
N GLY I 110 24.22 101.18 -28.69
CA GLY I 110 25.28 102.15 -28.89
C GLY I 110 26.24 102.33 -27.74
N ARG I 111 26.02 101.65 -26.60
CA ARG I 111 26.92 101.71 -25.47
C ARG I 111 28.04 100.70 -25.68
N ARG I 112 29.28 101.16 -25.63
CA ARG I 112 30.43 100.32 -25.96
C ARG I 112 31.23 99.88 -24.74
N GLU I 113 31.36 100.75 -23.73
CA GLU I 113 32.23 100.43 -22.59
C GLU I 113 31.73 99.20 -21.85
N GLU I 114 30.42 99.08 -21.66
CA GLU I 114 29.89 97.97 -20.87
C GLU I 114 30.00 96.64 -21.60
N ALA I 115 29.90 96.62 -22.92
CA ALA I 115 30.10 95.38 -23.67
C ALA I 115 31.53 94.88 -23.52
N ALA I 116 32.50 95.78 -23.67
CA ALA I 116 33.89 95.40 -23.41
C ALA I 116 34.10 95.02 -21.97
N ALA I 117 33.34 95.61 -21.04
CA ALA I 117 33.44 95.21 -19.65
C ALA I 117 33.01 93.77 -19.45
N LEU I 118 31.89 93.38 -20.08
CA LEU I 118 31.48 91.98 -20.01
C LEU I 118 32.52 91.07 -20.63
N VAL I 119 33.10 91.48 -21.76
CA VAL I 119 34.10 90.64 -22.42
C VAL I 119 35.35 90.49 -21.56
N LEU I 120 35.79 91.59 -20.94
CA LEU I 120 36.97 91.53 -20.06
C LEU I 120 36.71 90.66 -18.85
N ALA I 121 35.51 90.75 -18.28
CA ALA I 121 35.16 89.83 -17.19
C ALA I 121 35.21 88.39 -17.66
N ALA I 122 34.76 88.12 -18.88
CA ALA I 122 34.82 86.76 -19.42
C ALA I 122 36.25 86.27 -19.57
N ALA I 123 37.13 87.14 -20.10
CA ALA I 123 38.53 86.77 -20.24
C ALA I 123 39.18 86.48 -18.90
N LEU I 124 38.90 87.32 -17.90
CA LEU I 124 39.44 87.09 -16.57
C LEU I 124 38.91 85.80 -15.98
N ALA I 125 37.64 85.49 -16.20
CA ALA I 125 37.09 84.23 -15.71
C ALA I 125 37.82 83.05 -16.35
N ALA I 126 38.06 83.10 -17.65
CA ALA I 126 38.78 82.02 -18.32
C ALA I 126 40.19 81.84 -17.78
N GLY I 127 40.93 82.94 -17.68
CA GLY I 127 42.30 82.86 -17.17
C GLY I 127 42.37 82.38 -15.73
N ALA I 128 41.51 82.92 -14.87
CA ALA I 128 41.51 82.51 -13.48
C ALA I 128 41.08 81.07 -13.32
N VAL I 129 40.15 80.60 -14.14
CA VAL I 129 39.77 79.18 -14.10
C VAL I 129 40.96 78.31 -14.47
N ALA I 130 41.68 78.70 -15.52
CA ALA I 130 42.85 77.92 -15.93
C ALA I 130 43.88 77.85 -14.80
N VAL I 131 44.24 79.00 -14.23
CA VAL I 131 45.30 79.03 -13.22
C VAL I 131 44.85 78.30 -11.96
N ALA I 132 43.58 78.44 -11.58
CA ALA I 132 43.09 77.76 -10.39
C ALA I 132 43.10 76.25 -10.57
N GLU I 133 42.71 75.77 -11.76
CA GLU I 133 42.78 74.33 -12.01
C GLU I 133 44.22 73.84 -12.01
N ALA I 134 45.14 74.66 -12.51
CA ALA I 134 46.55 74.30 -12.44
C ALA I 134 47.01 74.17 -11.00
N TYR I 135 46.66 75.15 -10.15
CA TYR I 135 47.06 75.11 -8.75
C TYR I 135 46.48 73.90 -8.04
N VAL I 136 45.23 73.57 -8.34
CA VAL I 136 44.60 72.41 -7.71
C VAL I 136 45.25 71.12 -8.18
N ARG I 137 45.64 71.06 -9.47
CA ARG I 137 46.21 69.83 -10.01
C ARG I 137 47.52 69.48 -9.31
N LEU I 138 48.37 70.47 -9.08
CA LEU I 138 49.65 70.25 -8.43
C LEU I 138 49.61 70.49 -6.92
N GLY I 139 48.43 70.57 -6.33
CA GLY I 139 48.27 70.54 -4.88
C GLY I 139 48.87 71.67 -4.08
N GLN I 140 48.73 72.91 -4.54
CA GLN I 140 49.18 74.04 -3.76
C GLN I 140 48.11 74.45 -2.75
N PRO I 141 48.50 75.13 -1.67
CA PRO I 141 47.54 75.46 -0.62
C PRO I 141 46.48 76.45 -1.10
N ILE I 142 45.36 76.47 -0.37
CA ILE I 142 44.21 77.28 -0.75
C ILE I 142 44.44 78.78 -0.53
N ARG I 143 45.32 79.15 0.41
CA ARG I 143 45.66 80.56 0.57
C ARG I 143 46.12 81.16 -0.74
N LEU I 144 46.88 80.39 -1.53
CA LEU I 144 47.43 80.91 -2.78
C LEU I 144 46.32 81.19 -3.78
N ILE I 145 45.38 80.26 -3.93
CA ILE I 145 44.26 80.48 -4.84
C ILE I 145 43.45 81.70 -4.39
N ALA I 146 43.17 81.79 -3.09
CA ALA I 146 42.35 82.88 -2.59
C ALA I 146 43.01 84.23 -2.82
N GLU I 147 44.30 84.34 -2.50
CA GLU I 147 44.99 85.61 -2.68
C GLU I 147 45.12 85.95 -4.16
N TYR I 148 45.40 84.96 -5.00
CA TYR I 148 45.48 85.20 -6.44
C TYR I 148 44.18 85.77 -6.98
N VAL I 149 43.07 85.08 -6.69
CA VAL I 149 41.78 85.50 -7.24
C VAL I 149 41.41 86.88 -6.72
N ALA I 150 41.60 87.13 -5.42
CA ALA I 150 41.24 88.43 -4.87
C ALA I 150 42.04 89.55 -5.50
N GLU I 151 43.34 89.35 -5.70
CA GLU I 151 44.14 90.42 -6.30
C GLU I 151 43.75 90.64 -7.75
N ARG I 152 43.42 89.57 -8.47
CA ARG I 152 42.96 89.73 -9.84
C ARG I 152 41.66 90.52 -9.90
N LEU I 153 40.73 90.24 -9.00
CA LEU I 153 39.48 90.98 -8.97
C LEU I 153 39.72 92.45 -8.68
N VAL I 154 40.64 92.75 -7.77
CA VAL I 154 40.93 94.15 -7.47
C VAL I 154 41.51 94.85 -8.70
N GLU I 155 42.42 94.19 -9.41
CA GLU I 155 43.00 94.79 -10.61
C GLU I 155 41.93 95.04 -11.68
N LEU I 156 41.05 94.07 -11.89
CA LEU I 156 39.97 94.26 -12.85
C LEU I 156 39.04 95.39 -12.44
N ALA I 157 38.75 95.50 -11.15
CA ALA I 157 37.89 96.59 -10.69
C ALA I 157 38.54 97.94 -10.95
N GLU I 158 39.85 98.02 -10.75
CA GLU I 158 40.55 99.27 -11.06
C GLU I 158 40.46 99.58 -12.55
N LEU I 159 40.62 98.57 -13.41
CA LEU I 159 40.52 98.79 -14.84
C LEU I 159 39.14 99.28 -15.23
N LEU I 160 38.10 98.60 -14.73
CA LEU I 160 36.73 98.99 -15.08
C LEU I 160 36.39 100.36 -14.55
N ARG I 161 36.94 100.74 -13.40
CA ARG I 161 36.80 102.13 -12.94
C ARG I 161 37.46 103.08 -13.91
N ARG I 162 38.61 102.69 -14.47
CA ARG I 162 39.27 103.56 -15.45
C ARG I 162 38.43 103.73 -16.71
N LEU I 163 37.81 102.66 -17.20
CA LEU I 163 37.01 102.75 -18.41
C LEU I 163 35.81 103.67 -18.22
N GLY I 164 35.02 103.44 -17.18
CA GLY I 164 33.86 104.28 -16.91
C GLY I 164 32.58 103.54 -16.55
N VAL I 165 32.67 102.23 -16.35
CA VAL I 165 31.48 101.45 -15.98
C VAL I 165 30.97 101.91 -14.62
N PRO I 166 29.66 102.00 -14.40
CA PRO I 166 29.16 102.32 -13.06
C PRO I 166 29.46 101.20 -12.07
N LEU I 167 29.58 101.59 -10.80
CA LEU I 167 30.18 100.73 -9.79
C LEU I 167 29.33 99.48 -9.53
N ARG I 168 28.01 99.62 -9.52
CA ARG I 168 27.17 98.47 -9.23
C ARG I 168 27.33 97.40 -10.31
N ARG I 169 27.46 97.82 -11.57
CA ARG I 169 27.77 96.87 -12.62
C ARG I 169 29.14 96.23 -12.40
N ILE I 170 30.11 97.00 -11.92
CA ILE I 170 31.42 96.44 -11.61
C ILE I 170 31.28 95.30 -10.63
N ILE I 171 30.54 95.53 -9.55
CA ILE I 171 30.42 94.51 -8.51
C ILE I 171 29.65 93.31 -9.03
N ARG I 172 28.65 93.54 -9.89
CA ARG I 172 27.92 92.42 -10.47
C ARG I 172 28.82 91.55 -11.36
N LEU I 173 29.65 92.19 -12.18
CA LEU I 173 30.57 91.42 -13.02
C LEU I 173 31.58 90.65 -12.17
N LEU I 174 32.10 91.29 -11.12
CA LEU I 174 33.06 90.61 -10.26
C LEU I 174 32.44 89.40 -9.58
N GLU I 175 31.18 89.52 -9.17
CA GLU I 175 30.50 88.37 -8.59
C GLU I 175 30.27 87.27 -9.62
N GLU I 176 30.02 87.63 -10.87
CA GLU I 176 29.92 86.61 -11.91
C GLU I 176 31.24 85.86 -12.08
N VAL I 177 32.35 86.60 -12.09
CA VAL I 177 33.67 85.97 -12.18
C VAL I 177 33.88 85.02 -11.03
N LEU I 178 33.54 85.46 -9.82
CA LEU I 178 33.72 84.63 -8.64
C LEU I 178 32.87 83.37 -8.74
N ARG I 179 31.66 83.50 -9.28
CA ARG I 179 30.80 82.32 -9.42
C ARG I 179 31.41 81.31 -10.37
N VAL I 180 31.95 81.78 -11.50
CA VAL I 180 32.59 80.86 -12.45
C VAL I 180 33.78 80.17 -11.80
N VAL I 181 34.60 80.94 -11.07
CA VAL I 181 35.79 80.37 -10.43
C VAL I 181 35.38 79.32 -9.41
N ALA I 182 34.33 79.59 -8.63
CA ALA I 182 33.87 78.63 -7.65
C ALA I 182 33.35 77.36 -8.32
N GLU I 183 32.64 77.50 -9.44
CA GLU I 183 32.20 76.31 -10.16
C GLU I 183 33.39 75.49 -10.67
N ALA I 184 34.41 76.18 -11.19
CA ALA I 184 35.60 75.47 -11.66
C ALA I 184 36.27 74.70 -10.53
N LEU I 185 36.41 75.34 -9.37
CA LEU I 185 37.03 74.68 -8.23
C LEU I 185 36.18 73.52 -7.74
N ARG I 186 34.85 73.63 -7.85
CA ARG I 186 33.99 72.53 -7.47
C ARG I 186 34.20 71.33 -8.40
N ARG I 187 34.34 71.59 -9.71
CA ARG I 187 34.54 70.49 -10.65
C ARG I 187 35.89 69.81 -10.45
N ALA I 188 36.86 70.52 -9.88
CA ALA I 188 38.18 69.96 -9.61
C ALA I 188 38.24 69.18 -8.30
N GLY I 189 37.12 69.06 -7.59
CA GLY I 189 37.08 68.28 -6.37
C GLY I 189 37.46 69.02 -5.10
N VAL I 190 37.68 70.33 -5.17
CA VAL I 190 38.03 71.08 -3.97
C VAL I 190 36.85 71.03 -2.99
N PRO I 191 37.07 70.75 -1.71
CA PRO I 191 35.94 70.66 -0.77
C PRO I 191 35.23 72.01 -0.63
N GLU I 192 33.93 71.93 -0.35
CA GLU I 192 33.09 73.13 -0.31
C GLU I 192 33.57 74.19 0.67
N PRO I 193 33.95 73.87 1.92
CA PRO I 193 34.40 74.93 2.83
C PRO I 193 35.57 75.74 2.30
N GLU I 194 36.48 75.12 1.56
CA GLU I 194 37.58 75.90 0.98
C GLU I 194 37.06 76.86 -0.08
N ILE I 195 36.05 76.45 -0.86
CA ILE I 195 35.44 77.37 -1.82
C ILE I 195 34.80 78.55 -1.11
N ARG I 196 34.10 78.29 -0.01
CA ARG I 196 33.50 79.38 0.75
C ARG I 196 34.56 80.30 1.32
N LYS I 197 35.68 79.73 1.78
CA LYS I 197 36.77 80.57 2.27
C LYS I 197 37.33 81.44 1.15
N VAL I 198 37.45 80.89 -0.05
CA VAL I 198 37.94 81.67 -1.19
C VAL I 198 37.02 82.85 -1.45
N GLU I 199 35.71 82.59 -1.52
CA GLU I 199 34.76 83.66 -1.82
C GLU I 199 34.73 84.71 -0.71
N ALA I 200 34.71 84.27 0.55
CA ALA I 200 34.67 85.21 1.66
C ALA I 200 35.91 86.09 1.69
N ALA I 201 37.08 85.51 1.41
CA ALA I 201 38.29 86.30 1.31
C ALA I 201 38.17 87.32 0.18
N ALA I 202 37.60 86.91 -0.95
CA ALA I 202 37.42 87.83 -2.07
C ALA I 202 36.53 89.00 -1.69
N TYR I 203 35.42 88.71 -0.98
CA TYR I 203 34.49 89.76 -0.59
C TYR I 203 35.10 90.71 0.42
N ILE I 204 35.87 90.18 1.37
CA ILE I 204 36.52 91.05 2.35
C ILE I 204 37.57 91.93 1.68
N ARG I 205 38.29 91.38 0.70
CA ARG I 205 39.26 92.18 -0.03
C ARG I 205 38.56 93.29 -0.83
N LEU I 206 37.45 92.96 -1.50
CA LEU I 206 36.72 93.97 -2.25
C LEU I 206 36.16 95.05 -1.34
N ALA I 207 35.62 94.66 -0.18
CA ALA I 207 35.08 95.62 0.77
C ALA I 207 36.17 96.54 1.29
N ALA I 208 37.34 95.99 1.62
CA ALA I 208 38.45 96.81 2.07
C ALA I 208 38.91 97.77 0.98
N TYR I 209 38.95 97.29 -0.27
CA TYR I 209 39.32 98.13 -1.39
C TYR I 209 38.35 99.30 -1.55
N LEU I 210 37.05 99.03 -1.43
CA LEU I 210 36.07 100.11 -1.54
C LEU I 210 36.20 101.10 -0.39
N LEU I 211 36.41 100.58 0.82
CA LEU I 211 36.49 101.46 1.99
C LEU I 211 37.73 102.33 1.95
N ARG I 212 38.80 101.87 1.31
CA ARG I 212 40.04 102.65 1.33
C ARG I 212 39.92 103.93 0.52
N GLN I 213 39.16 103.93 -0.57
CA GLN I 213 39.10 105.11 -1.43
C GLN I 213 38.50 106.30 -0.70
N LEU I 214 37.50 106.07 0.13
CA LEU I 214 36.79 107.14 0.82
C LEU I 214 37.51 107.63 2.06
N GLY I 215 38.63 107.02 2.42
CA GLY I 215 39.41 107.52 3.53
C GLY I 215 39.06 106.87 4.85
N TYR I 216 38.80 105.56 4.83
CA TYR I 216 38.61 104.78 6.05
C TYR I 216 39.74 103.77 6.09
N GLU I 217 40.90 104.21 6.56
CA GLU I 217 42.07 103.33 6.58
C GLU I 217 41.95 102.29 7.67
N ALA I 218 41.62 102.71 8.89
CA ALA I 218 41.57 101.77 10.02
C ALA I 218 40.58 100.65 9.76
N LEU I 219 39.42 100.98 9.17
CA LEU I 219 38.46 99.96 8.83
C LEU I 219 39.04 98.93 7.86
N ALA I 220 39.79 99.40 6.86
CA ALA I 220 40.39 98.48 5.91
C ALA I 220 41.45 97.59 6.56
N LYS I 221 42.27 98.17 7.44
CA LYS I 221 43.27 97.35 8.12
C LYS I 221 42.62 96.28 8.98
N ARG I 222 41.55 96.62 9.69
CA ARG I 222 40.90 95.62 10.53
C ARG I 222 40.24 94.53 9.68
N LEU I 223 39.65 94.91 8.54
CA LEU I 223 39.09 93.90 7.65
C LEU I 223 40.16 92.97 7.11
N LEU I 224 41.33 93.52 6.80
CA LEU I 224 42.39 92.68 6.27
C LEU I 224 43.01 91.80 7.36
N GLU I 225 43.06 92.28 8.61
CA GLU I 225 43.47 91.43 9.72
C GLU I 225 42.52 90.26 9.89
N ALA I 226 41.22 90.51 9.83
CA ALA I 226 40.26 89.42 9.90
C ALA I 226 40.43 88.46 8.75
N ARG I 227 40.73 88.97 7.55
CA ARG I 227 40.96 88.09 6.41
C ARG I 227 42.20 87.23 6.62
N GLU I 228 43.27 87.81 7.17
CA GLU I 228 44.47 87.04 7.46
C GLU I 228 44.19 85.93 8.45
N LEU I 229 43.43 86.24 9.50
CA LEU I 229 43.06 85.18 10.45
C LEU I 229 42.18 84.13 9.78
N LEU I 230 41.40 84.51 8.77
CA LEU I 230 40.55 83.53 8.10
C LEU I 230 41.36 82.59 7.23
N LEU I 231 42.30 83.12 6.45
CA LEU I 231 43.05 82.29 5.51
C LEU I 231 43.97 81.29 6.22
N GLU I 232 44.27 81.52 7.49
CA GLU I 232 45.12 80.65 8.28
C GLU I 232 44.35 79.49 8.91
N GLY I 233 43.04 79.41 8.71
CA GLY I 233 42.23 78.38 9.31
C GLY I 233 41.59 78.76 10.62
N ARG I 234 42.00 79.86 11.24
CA ARG I 234 41.37 80.35 12.46
C ARG I 234 40.05 81.02 12.10
N VAL I 235 39.02 80.19 11.93
CA VAL I 235 37.72 80.71 11.52
C VAL I 235 37.06 81.48 12.66
N GLU I 236 37.21 81.00 13.90
CA GLU I 236 36.46 81.57 15.02
C GLU I 236 36.93 82.98 15.35
N GLU I 237 38.25 83.18 15.44
CA GLU I 237 38.76 84.52 15.69
C GLU I 237 38.45 85.45 14.53
N ALA I 238 38.47 84.92 13.30
CA ALA I 238 38.09 85.72 12.14
C ALA I 238 36.65 86.19 12.24
N ALA I 239 35.74 85.30 12.62
CA ALA I 239 34.34 85.68 12.75
C ALA I 239 34.14 86.67 13.89
N HIS I 240 34.82 86.50 15.01
CA HIS I 240 34.68 87.45 16.12
C HIS I 240 35.17 88.83 15.71
N LEU I 241 36.35 88.92 15.11
CA LEU I 241 36.90 90.22 14.74
C LEU I 241 36.09 90.85 13.62
N LEU I 242 35.59 90.04 12.69
CA LEU I 242 34.74 90.55 11.63
C LEU I 242 33.45 91.13 12.18
N GLU I 243 32.82 90.43 13.13
CA GLU I 243 31.58 90.95 13.69
C GLU I 243 31.83 92.23 14.47
N ASP I 244 32.96 92.34 15.17
CA ASP I 244 33.24 93.58 15.88
C ASP I 244 33.41 94.76 14.92
N VAL I 245 34.22 94.57 13.88
CA VAL I 245 34.44 95.67 12.95
C VAL I 245 33.16 96.00 12.18
N TYR I 246 32.36 94.99 11.86
CA TYR I 246 31.08 95.21 11.20
C TYR I 246 30.13 96.01 12.09
N ALA I 247 30.09 95.70 13.39
CA ALA I 247 29.22 96.46 14.28
C ALA I 247 29.64 97.92 14.34
N LEU I 248 30.94 98.19 14.43
CA LEU I 248 31.38 99.59 14.44
C LEU I 248 31.04 100.29 13.13
N PHE I 249 31.28 99.61 12.01
CA PHE I 249 30.97 100.18 10.70
C PHE I 249 29.49 100.46 10.54
N HIS I 250 28.65 99.54 11.01
CA HIS I 250 27.21 99.68 10.79
C HIS I 250 26.64 100.78 11.67
N ARG I 251 27.19 100.95 12.88
CA ARG I 251 26.84 102.12 13.67
C ARG I 251 27.22 103.40 12.93
N GLU I 252 28.39 103.40 12.29
CA GLU I 252 28.78 104.57 11.52
C GLU I 252 27.83 104.82 10.36
N ILE I 253 27.35 103.77 9.72
CA ILE I 253 26.38 103.90 8.62
C ILE I 253 25.09 104.52 9.14
N GLU I 254 24.55 103.96 10.22
CA GLU I 254 23.30 104.46 10.78
C GLU I 254 23.45 105.87 11.34
N ARG I 255 24.68 106.32 11.61
CA ARG I 255 24.88 107.70 12.02
C ARG I 255 24.42 108.67 10.95
N LEU I 256 24.71 108.36 9.69
CA LEU I 256 24.43 109.26 8.58
C LEU I 256 22.98 109.23 8.13
N GLY I 257 22.14 108.36 8.71
CA GLY I 257 20.72 108.40 8.43
C GLY I 257 20.40 108.00 7.01
N PHE I 258 19.60 108.84 6.34
CA PHE I 258 19.22 108.61 4.94
C PHE I 258 20.12 109.40 3.99
N GLU I 259 21.43 109.16 4.13
CA GLU I 259 22.44 109.75 3.27
C GLU I 259 23.75 109.05 3.53
N ALA I 260 24.45 108.66 2.45
CA ALA I 260 25.76 108.04 2.53
C ALA I 260 26.33 107.87 1.12
N PRO I 261 27.64 107.99 0.94
CA PRO I 261 28.22 107.71 -0.38
C PRO I 261 27.90 106.29 -0.82
N GLU I 262 27.76 106.12 -2.14
CA GLU I 262 27.27 104.86 -2.67
C GLU I 262 28.20 103.70 -2.35
N GLU I 263 29.51 103.97 -2.23
CA GLU I 263 30.44 102.90 -1.93
C GLU I 263 30.25 102.36 -0.52
N LEU I 264 29.82 103.19 0.43
CA LEU I 264 29.42 102.68 1.74
C LEU I 264 28.27 101.71 1.60
N ARG I 265 27.28 102.06 0.78
CA ARG I 265 26.12 101.21 0.62
C ARG I 265 26.48 99.89 -0.02
N VAL I 266 27.40 99.89 -0.99
CA VAL I 266 27.82 98.63 -1.60
C VAL I 266 28.65 97.81 -0.64
N ALA I 267 29.58 98.45 0.07
CA ALA I 267 30.43 97.74 1.01
C ALA I 267 29.62 97.09 2.10
N ASP I 268 28.49 97.69 2.48
CA ASP I 268 27.64 97.08 3.50
C ASP I 268 27.13 95.71 3.05
N LEU I 269 26.67 95.62 1.80
CA LEU I 269 26.20 94.33 1.31
C LEU I 269 27.35 93.36 1.12
N LEU I 270 28.52 93.85 0.69
CA LEU I 270 29.68 92.98 0.57
C LEU I 270 30.06 92.37 1.91
N LEU I 271 30.09 93.20 2.96
CA LEU I 271 30.43 92.72 4.29
C LEU I 271 29.38 91.75 4.81
N ALA I 272 28.10 92.03 4.56
CA ALA I 272 27.06 91.10 5.01
C ALA I 272 27.22 89.74 4.37
N ARG I 273 27.50 89.69 3.06
CA ARG I 273 27.68 88.41 2.40
C ARG I 273 28.94 87.71 2.87
N ALA I 274 30.02 88.46 3.11
CA ALA I 274 31.24 87.86 3.63
C ALA I 274 30.99 87.20 4.97
N ILE I 275 30.26 87.89 5.86
CA ILE I 275 29.96 87.33 7.17
C ILE I 275 29.09 86.10 7.05
N ALA I 276 28.09 86.15 6.16
CA ALA I 276 27.24 84.98 5.97
C ALA I 276 28.05 83.78 5.48
N LEU I 277 28.96 84.00 4.54
CA LEU I 277 29.78 82.90 4.03
C LEU I 277 30.69 82.34 5.10
N ILE I 278 31.31 83.21 5.91
CA ILE I 278 32.17 82.71 6.98
C ILE I 278 31.37 81.88 7.98
N LYS I 279 30.17 82.36 8.33
CA LYS I 279 29.32 81.61 9.25
C LYS I 279 28.90 80.26 8.66
N ALA I 280 28.74 80.20 7.34
CA ALA I 280 28.30 78.95 6.71
C ALA I 280 29.42 77.94 6.48
N ILE I 281 30.67 78.32 6.70
CA ILE I 281 31.80 77.40 6.56
C ILE I 281 31.61 76.21 7.50
N THR J 24 -17.69 114.66 -12.87
CA THR J 24 -16.63 114.01 -13.62
C THR J 24 -16.29 112.65 -13.00
N VAL J 25 -16.78 112.43 -11.78
CA VAL J 25 -16.43 111.21 -11.05
C VAL J 25 -16.96 109.98 -11.79
N VAL J 26 -18.21 110.03 -12.23
CA VAL J 26 -18.77 108.91 -12.97
C VAL J 26 -18.07 108.75 -14.31
N GLU J 27 -17.68 109.87 -14.93
CA GLU J 27 -16.85 109.78 -16.14
C GLU J 27 -15.50 109.14 -15.82
N GLU J 28 -14.93 109.46 -14.66
CA GLU J 28 -13.68 108.82 -14.27
C GLU J 28 -13.85 107.33 -14.12
N VAL J 29 -14.94 106.89 -13.50
CA VAL J 29 -15.18 105.46 -13.34
C VAL J 29 -15.38 104.79 -14.70
N ARG J 30 -16.14 105.42 -15.60
CA ARG J 30 -16.35 104.85 -16.93
C ARG J 30 -15.03 104.73 -17.68
N ARG J 31 -14.22 105.78 -17.69
CA ARG J 31 -12.95 105.71 -18.42
C ARG J 31 -12.02 104.69 -17.79
N PHE J 32 -11.99 104.61 -16.46
CA PHE J 32 -11.17 103.60 -15.80
C PHE J 32 -11.57 102.19 -16.24
N ALA J 33 -12.87 101.87 -16.17
CA ALA J 33 -13.32 100.53 -16.52
C ALA J 33 -13.07 100.24 -18.00
N GLU J 34 -13.36 101.22 -18.87
CA GLU J 34 -13.17 100.99 -20.30
C GLU J 34 -11.71 100.82 -20.65
N GLU J 35 -10.82 101.62 -20.05
CA GLU J 35 -9.39 101.46 -20.31
C GLU J 35 -8.89 100.11 -19.84
N LEU J 36 -9.36 99.65 -18.68
CA LEU J 36 -8.96 98.33 -18.21
C LEU J 36 -9.45 97.24 -19.16
N ALA J 37 -10.68 97.38 -19.66
CA ALA J 37 -11.22 96.39 -20.59
C ALA J 37 -10.45 96.38 -21.91
N GLU J 38 -10.11 97.56 -22.43
CA GLU J 38 -9.32 97.64 -23.65
C GLU J 38 -7.96 96.98 -23.46
N GLU J 39 -7.30 97.24 -22.32
CA GLU J 39 -6.02 96.62 -22.06
C GLU J 39 -6.15 95.10 -21.94
N VAL J 40 -7.24 94.64 -21.33
CA VAL J 40 -7.47 93.20 -21.22
C VAL J 40 -7.56 92.58 -22.60
N LEU J 41 -8.31 93.24 -23.50
CA LEU J 41 -8.46 92.71 -24.86
C LEU J 41 -7.15 92.78 -25.64
N ARG J 42 -6.38 93.86 -25.46
CA ARG J 42 -5.11 93.96 -26.17
C ARG J 42 -4.13 92.89 -25.73
N VAL J 43 -3.99 92.68 -24.43
CA VAL J 43 -3.04 91.68 -23.95
C VAL J 43 -3.51 90.28 -24.29
N GLY J 44 -4.78 89.97 -24.05
CA GLY J 44 -5.28 88.63 -24.23
C GLY J 44 -5.99 88.36 -25.53
N GLY J 45 -6.25 89.38 -26.35
CA GLY J 45 -6.91 89.12 -27.60
C GLY J 45 -8.37 88.72 -27.42
N GLU J 46 -8.83 87.89 -28.36
CA GLU J 46 -10.18 87.36 -28.30
C GLU J 46 -10.26 86.06 -27.52
N ALA J 47 -9.15 85.59 -26.94
CA ALA J 47 -9.19 84.38 -26.13
C ALA J 47 -10.10 84.56 -24.92
N MET J 48 -10.01 85.72 -24.26
CA MET J 48 -10.87 86.09 -23.14
C MET J 48 -11.58 87.40 -23.48
N ARG J 49 -12.70 87.28 -24.18
CA ARG J 49 -13.69 88.33 -24.34
C ARG J 49 -14.62 88.42 -23.13
N PRO J 50 -14.95 87.32 -22.44
CA PRO J 50 -15.77 87.45 -21.23
C PRO J 50 -15.25 88.46 -20.22
N TYR J 51 -13.94 88.51 -19.99
CA TYR J 51 -13.40 89.38 -18.96
C TYR J 51 -13.61 90.85 -19.31
N ALA J 52 -13.56 91.19 -20.60
CA ALA J 52 -13.86 92.56 -21.01
C ALA J 52 -15.30 92.92 -20.70
N GLU J 53 -16.22 91.99 -20.94
CA GLU J 53 -17.62 92.25 -20.62
C GLU J 53 -17.82 92.39 -19.12
N MET J 54 -17.13 91.54 -18.33
CA MET J 54 -17.24 91.63 -16.88
C MET J 54 -16.74 92.97 -16.37
N VAL J 55 -15.60 93.43 -16.88
CA VAL J 55 -15.08 94.73 -16.49
C VAL J 55 -16.05 95.84 -16.88
N ARG J 56 -16.61 95.75 -18.09
CA ARG J 56 -17.48 96.83 -18.55
C ARG J 56 -18.80 96.87 -17.76
N HIS J 57 -19.37 95.72 -17.43
CA HIS J 57 -20.57 95.72 -16.58
C HIS J 57 -20.27 96.14 -15.16
N LEU J 58 -19.12 95.79 -14.59
CA LEU J 58 -18.82 96.27 -13.25
C LEU J 58 -18.60 97.78 -13.25
N GLY J 59 -18.01 98.32 -14.30
CA GLY J 59 -17.97 99.77 -14.43
C GLY J 59 -19.35 100.39 -14.52
N GLU J 60 -20.24 99.73 -15.26
CA GLU J 60 -21.62 100.23 -15.39
C GLU J 60 -22.36 100.17 -14.07
N ALA J 61 -22.21 99.09 -13.31
CA ALA J 61 -22.84 98.98 -11.99
C ALA J 61 -22.31 100.06 -11.05
N ALA J 62 -21.00 100.31 -11.10
CA ALA J 62 -20.42 101.36 -10.26
C ALA J 62 -21.00 102.72 -10.60
N VAL J 63 -21.09 103.05 -11.89
CA VAL J 63 -21.61 104.37 -12.23
C VAL J 63 -23.10 104.47 -11.93
N ALA J 64 -23.83 103.37 -12.06
CA ALA J 64 -25.22 103.35 -11.63
C ALA J 64 -25.33 103.68 -10.14
N ALA J 65 -24.50 103.04 -9.32
CA ALA J 65 -24.52 103.32 -7.88
C ALA J 65 -24.17 104.78 -7.59
N LEU J 66 -23.17 105.32 -8.28
CA LEU J 66 -22.81 106.72 -8.06
C LEU J 66 -23.88 107.69 -8.56
N GLU J 67 -24.75 107.27 -9.47
CA GLU J 67 -25.76 108.19 -10.01
C GLU J 67 -27.17 107.80 -9.59
N GLY J 68 -27.36 107.52 -8.31
CA GLY J 68 -28.63 107.05 -7.82
C GLY J 68 -28.69 105.53 -7.81
N ARG J 69 -29.91 105.01 -7.87
CA ARG J 69 -30.17 103.59 -8.10
C ARG J 69 -29.67 102.68 -6.99
N ALA J 70 -30.35 101.56 -6.81
CA ALA J 70 -29.87 100.48 -5.95
C ALA J 70 -30.17 99.09 -6.51
N GLU J 71 -31.08 98.98 -7.47
CA GLU J 71 -31.53 97.71 -8.03
C GLU J 71 -30.77 97.33 -9.29
N GLU J 72 -30.45 98.33 -10.12
CA GLU J 72 -29.62 98.07 -11.30
C GLU J 72 -28.24 97.57 -10.88
N ALA J 73 -27.69 98.14 -9.80
CA ALA J 73 -26.41 97.66 -9.29
C ALA J 73 -26.50 96.20 -8.90
N ASP J 74 -27.56 95.82 -8.18
CA ASP J 74 -27.74 94.43 -7.77
C ASP J 74 -27.85 93.52 -8.99
N ARG J 75 -28.63 93.95 -10.00
CA ARG J 75 -28.82 93.10 -11.16
C ARG J 75 -27.51 92.92 -11.94
N LEU J 76 -26.78 94.00 -12.17
CA LEU J 76 -25.53 93.91 -12.91
C LEU J 76 -24.52 93.06 -12.16
N VAL J 77 -24.43 93.22 -10.83
CA VAL J 77 -23.49 92.41 -10.06
C VAL J 77 -23.87 90.94 -10.12
N ARG J 78 -25.18 90.64 -10.11
CA ARG J 78 -25.61 89.25 -10.25
C ARG J 78 -25.27 88.69 -11.63
N ASP J 79 -25.41 89.52 -12.67
CA ASP J 79 -25.03 89.10 -14.02
C ASP J 79 -23.55 88.76 -14.10
N VAL J 80 -22.69 89.64 -13.57
CA VAL J 80 -21.26 89.38 -13.56
C VAL J 80 -20.93 88.16 -12.71
N LEU J 81 -21.69 87.95 -11.63
CA LEU J 81 -21.48 86.75 -10.82
C LEU J 81 -21.78 85.50 -11.63
N GLU J 82 -22.84 85.54 -12.44
CA GLU J 82 -23.16 84.41 -13.32
C GLU J 82 -22.06 84.16 -14.35
N MET J 83 -21.53 85.25 -14.94
CA MET J 83 -20.43 85.08 -15.89
C MET J 83 -19.22 84.44 -15.21
N ALA J 84 -18.89 84.92 -14.01
CA ALA J 84 -17.77 84.32 -13.28
C ALA J 84 -18.02 82.86 -12.97
N ARG J 85 -19.28 82.51 -12.67
CA ARG J 85 -19.62 81.11 -12.45
C ARG J 85 -19.35 80.27 -13.68
N GLU J 86 -19.79 80.75 -14.86
CA GLU J 86 -19.67 79.91 -16.04
C GLU J 86 -18.22 79.83 -16.55
N VAL J 87 -17.49 80.94 -16.51
CA VAL J 87 -16.11 80.96 -17.01
C VAL J 87 -15.23 80.02 -16.19
N GLY J 88 -15.36 80.07 -14.87
CA GLY J 88 -14.52 79.28 -13.98
C GLY J 88 -13.75 80.10 -12.97
N ALA J 89 -13.90 81.42 -12.95
CA ALA J 89 -13.21 82.25 -11.97
C ALA J 89 -13.85 82.03 -10.60
N GLU J 90 -13.09 81.43 -9.68
CA GLU J 90 -13.62 81.11 -8.36
C GLU J 90 -13.46 82.29 -7.40
N GLY J 91 -12.23 82.76 -7.21
CA GLY J 91 -12.01 83.87 -6.29
C GLY J 91 -12.78 85.11 -6.70
N LEU J 92 -12.85 85.38 -8.00
CA LEU J 92 -13.62 86.51 -8.48
C LEU J 92 -15.11 86.33 -8.19
N ALA J 93 -15.62 85.10 -8.32
CA ALA J 93 -17.02 84.85 -8.00
C ALA J 93 -17.31 85.08 -6.52
N ARG J 94 -16.43 84.60 -5.64
CA ARG J 94 -16.61 84.85 -4.22
C ARG J 94 -16.59 86.33 -3.92
N LEU J 95 -15.63 87.05 -4.49
CA LEU J 95 -15.56 88.48 -4.26
C LEU J 95 -16.83 89.15 -4.77
N LEU J 96 -17.38 88.68 -5.87
CA LEU J 96 -18.58 89.30 -6.43
C LEU J 96 -19.80 89.07 -5.54
N GLU J 97 -19.92 87.88 -4.95
CA GLU J 97 -21.00 87.68 -3.98
C GLU J 97 -20.85 88.63 -2.80
N ARG J 98 -19.62 88.78 -2.30
CA ARG J 98 -19.39 89.71 -1.19
C ARG J 98 -19.75 91.14 -1.57
N VAL J 99 -19.37 91.56 -2.78
CA VAL J 99 -19.78 92.88 -3.26
C VAL J 99 -21.29 92.99 -3.29
N HIS J 100 -21.97 91.93 -3.72
CA HIS J 100 -23.43 91.97 -3.81
C HIS J 100 -24.04 92.27 -2.43
N ARG J 101 -23.66 91.47 -1.43
CA ARG J 101 -24.24 91.62 -0.10
C ARG J 101 -23.90 92.99 0.50
N GLU J 102 -22.61 93.34 0.53
CA GLU J 102 -22.26 94.64 1.09
C GLU J 102 -22.94 95.78 0.34
N ALA J 103 -22.80 95.83 -0.99
CA ALA J 103 -23.42 96.91 -1.74
C ALA J 103 -24.89 97.06 -1.38
N ARG J 104 -25.59 95.95 -1.18
CA ARG J 104 -26.98 96.04 -0.71
C ARG J 104 -27.05 96.73 0.65
N GLU J 105 -26.21 96.32 1.60
CA GLU J 105 -26.27 96.88 2.94
C GLU J 105 -26.00 98.39 2.92
N LEU J 106 -24.90 98.80 2.30
CA LEU J 106 -24.55 100.22 2.30
C LEU J 106 -25.49 101.05 1.44
N LEU J 107 -26.13 100.45 0.44
CA LEU J 107 -27.13 101.20 -0.30
C LEU J 107 -28.38 101.38 0.53
N ARG J 108 -28.73 100.39 1.37
CA ARG J 108 -29.82 100.59 2.32
C ARG J 108 -29.49 101.69 3.31
N GLU J 109 -28.24 101.72 3.79
CA GLU J 109 -27.83 102.76 4.74
C GLU J 109 -27.66 104.12 4.10
N GLY J 110 -27.73 104.23 2.77
CA GLY J 110 -27.66 105.50 2.09
C GLY J 110 -26.28 105.96 1.69
N ARG J 111 -25.22 105.23 2.06
CA ARG J 111 -23.87 105.58 1.66
C ARG J 111 -23.61 105.02 0.27
N ARG J 112 -23.17 105.87 -0.64
CA ARG J 112 -23.02 105.48 -2.04
C ARG J 112 -21.58 105.31 -2.47
N GLU J 113 -20.65 106.12 -1.95
CA GLU J 113 -19.28 106.07 -2.43
C GLU J 113 -18.62 104.73 -2.15
N GLU J 114 -18.88 104.15 -0.97
CA GLU J 114 -18.22 102.91 -0.60
C GLU J 114 -18.73 101.72 -1.41
N ALA J 115 -20.02 101.72 -1.78
CA ALA J 115 -20.53 100.64 -2.63
C ALA J 115 -19.88 100.69 -4.02
N ALA J 116 -19.78 101.89 -4.59
CA ALA J 116 -19.05 102.04 -5.84
C ALA J 116 -17.58 101.67 -5.67
N ALA J 117 -17.02 101.91 -4.49
CA ALA J 117 -15.64 101.53 -4.23
C ALA J 117 -15.47 100.02 -4.27
N LEU J 118 -16.39 99.29 -3.64
CA LEU J 118 -16.34 97.83 -3.71
C LEU J 118 -16.47 97.36 -5.15
N VAL J 119 -17.38 97.96 -5.91
CA VAL J 119 -17.58 97.56 -7.30
C VAL J 119 -16.33 97.83 -8.14
N LEU J 120 -15.71 99.00 -7.94
CA LEU J 120 -14.49 99.33 -8.68
C LEU J 120 -13.36 98.39 -8.35
N ALA J 121 -13.22 98.03 -7.07
CA ALA J 121 -12.21 97.04 -6.71
C ALA J 121 -12.50 95.70 -7.39
N ALA J 122 -13.78 95.35 -7.51
CA ALA J 122 -14.14 94.11 -8.22
C ALA J 122 -13.75 94.17 -9.69
N ALA J 123 -14.00 95.30 -10.34
CA ALA J 123 -13.61 95.46 -11.73
C ALA J 123 -12.11 95.36 -11.90
N LEU J 124 -11.36 95.99 -11.00
CA LEU J 124 -9.91 95.90 -11.06
C LEU J 124 -9.44 94.47 -10.85
N ALA J 125 -10.09 93.73 -9.96
CA ALA J 125 -9.72 92.33 -9.78
C ALA J 125 -9.95 91.54 -11.06
N ALA J 126 -11.07 91.79 -11.75
CA ALA J 126 -11.37 91.08 -12.99
C ALA J 126 -10.34 91.41 -14.09
N GLY J 127 -10.06 92.70 -14.28
CA GLY J 127 -9.07 93.08 -15.27
C GLY J 127 -7.69 92.50 -14.96
N ALA J 128 -7.28 92.57 -13.69
CA ALA J 128 -5.97 92.09 -13.31
C ALA J 128 -5.86 90.58 -13.46
N VAL J 129 -6.91 89.83 -13.11
CA VAL J 129 -6.85 88.38 -13.29
C VAL J 129 -6.77 88.03 -14.77
N ALA J 130 -7.51 88.75 -15.62
CA ALA J 130 -7.41 88.49 -17.05
C ALA J 130 -6.00 88.72 -17.56
N VAL J 131 -5.43 89.89 -17.26
CA VAL J 131 -4.10 90.22 -17.78
C VAL J 131 -3.05 89.29 -17.20
N ALA J 132 -3.17 88.94 -15.92
CA ALA J 132 -2.18 88.07 -15.30
C ALA J 132 -2.21 86.67 -15.91
N GLU J 133 -3.40 86.12 -16.16
CA GLU J 133 -3.47 84.83 -16.81
C GLU J 133 -2.93 84.89 -18.23
N ALA J 134 -3.17 86.00 -18.93
CA ALA J 134 -2.58 86.17 -20.25
C ALA J 134 -1.05 86.15 -20.18
N TYR J 135 -0.48 86.91 -19.26
CA TYR J 135 0.97 86.96 -19.12
C TYR J 135 1.53 85.59 -18.78
N VAL J 136 0.85 84.85 -17.91
CA VAL J 136 1.34 83.53 -17.51
C VAL J 136 1.29 82.56 -18.68
N ARG J 137 0.23 82.63 -19.51
CA ARG J 137 0.12 81.68 -20.61
C ARG J 137 1.25 81.85 -21.63
N LEU J 138 1.58 83.08 -21.98
CA LEU J 138 2.63 83.32 -22.96
C LEU J 138 4.00 83.50 -22.31
N GLY J 139 4.15 83.12 -21.05
CA GLY J 139 5.46 82.97 -20.41
C GLY J 139 6.31 84.21 -20.26
N GLN J 140 5.72 85.32 -19.83
CA GLN J 140 6.50 86.52 -19.57
C GLN J 140 7.04 86.50 -18.14
N PRO J 141 8.14 87.20 -17.89
CA PRO J 141 8.77 87.13 -16.55
C PRO J 141 7.89 87.76 -15.48
N ILE J 142 8.12 87.32 -14.25
CA ILE J 142 7.32 87.71 -13.10
C ILE J 142 7.47 89.20 -12.76
N ARG J 143 8.61 89.80 -13.10
CA ARG J 143 8.77 91.24 -12.87
C ARG J 143 7.64 92.03 -13.51
N LEU J 144 7.23 91.63 -14.72
CA LEU J 144 6.19 92.36 -15.42
C LEU J 144 4.84 92.26 -14.71
N ILE J 145 4.48 91.06 -14.25
CA ILE J 145 3.24 90.92 -13.50
C ILE J 145 3.28 91.75 -12.23
N ALA J 146 4.40 91.68 -11.49
CA ALA J 146 4.50 92.40 -10.23
C ALA J 146 4.40 93.91 -10.44
N GLU J 147 5.12 94.44 -11.42
CA GLU J 147 5.07 95.88 -11.67
C GLU J 147 3.70 96.30 -12.16
N TYR J 148 3.07 95.48 -13.01
CA TYR J 148 1.74 95.80 -13.49
C TYR J 148 0.75 95.92 -12.35
N VAL J 149 0.69 94.89 -11.49
CA VAL J 149 -0.28 94.90 -10.41
C VAL J 149 0.00 96.03 -9.42
N ALA J 150 1.28 96.27 -9.09
CA ALA J 150 1.58 97.34 -8.16
C ALA J 150 1.14 98.69 -8.69
N GLU J 151 1.39 98.96 -9.98
CA GLU J 151 1.00 100.25 -10.53
C GLU J 151 -0.52 100.38 -10.59
N ARG J 152 -1.23 99.28 -10.92
CA ARG J 152 -2.68 99.35 -10.95
C ARG J 152 -3.26 99.62 -9.57
N LEU J 153 -2.69 98.99 -8.53
CA LEU J 153 -3.15 99.24 -7.17
C LEU J 153 -2.93 100.69 -6.77
N VAL J 154 -1.79 101.26 -7.16
CA VAL J 154 -1.54 102.66 -6.83
C VAL J 154 -2.56 103.57 -7.53
N GLU J 155 -2.85 103.28 -8.81
CA GLU J 155 -3.83 104.09 -9.54
C GLU J 155 -5.22 104.00 -8.91
N LEU J 156 -5.63 102.79 -8.53
CA LEU J 156 -6.92 102.63 -7.85
C LEU J 156 -6.95 103.36 -6.52
N ALA J 157 -5.84 103.32 -5.77
CA ALA J 157 -5.78 104.04 -4.51
C ALA J 157 -5.94 105.53 -4.72
N GLU J 158 -5.32 106.06 -5.78
CA GLU J 158 -5.50 107.48 -6.08
C GLU J 158 -6.95 107.79 -6.42
N LEU J 159 -7.60 106.92 -7.20
CA LEU J 159 -9.01 107.13 -7.54
C LEU J 159 -9.89 107.12 -6.29
N LEU J 160 -9.71 106.11 -5.44
CA LEU J 160 -10.52 106.01 -4.23
C LEU J 160 -10.26 107.17 -3.29
N ARG J 161 -9.04 107.69 -3.27
CA ARG J 161 -8.79 108.90 -2.51
C ARG J 161 -9.55 110.08 -3.09
N ARG J 162 -9.65 110.14 -4.42
CA ARG J 162 -10.42 111.23 -5.04
C ARG J 162 -11.91 111.14 -4.69
N LEU J 163 -12.47 109.93 -4.69
CA LEU J 163 -13.90 109.77 -4.37
C LEU J 163 -14.21 110.24 -2.95
N GLY J 164 -13.47 109.72 -1.97
CA GLY J 164 -13.69 110.12 -0.58
C GLY J 164 -13.72 108.97 0.41
N VAL J 165 -13.45 107.76 -0.05
CA VAL J 165 -13.41 106.61 0.85
C VAL J 165 -12.30 106.80 1.87
N PRO J 166 -12.50 106.43 3.15
CA PRO J 166 -11.41 106.54 4.13
C PRO J 166 -10.26 105.58 3.84
N LEU J 167 -9.08 105.96 4.34
CA LEU J 167 -7.84 105.32 3.92
C LEU J 167 -7.80 103.84 4.30
N ARG J 168 -8.24 103.50 5.51
CA ARG J 168 -8.14 102.12 5.95
C ARG J 168 -9.02 101.20 5.11
N ARG J 169 -10.20 101.69 4.71
CA ARG J 169 -11.02 100.94 3.77
C ARG J 169 -10.31 100.77 2.43
N ILE J 170 -9.60 101.82 1.99
CA ILE J 170 -8.83 101.71 0.76
C ILE J 170 -7.84 100.55 0.86
N ILE J 171 -7.11 100.50 1.96
CA ILE J 171 -6.08 99.46 2.10
C ILE J 171 -6.72 98.09 2.17
N ARG J 172 -7.88 97.98 2.83
CA ARG J 172 -8.56 96.70 2.90
C ARG J 172 -9.01 96.23 1.52
N LEU J 173 -9.55 97.15 0.71
CA LEU J 173 -9.94 96.78 -0.65
C LEU J 173 -8.73 96.35 -1.48
N LEU J 174 -7.62 97.08 -1.35
CA LEU J 174 -6.42 96.74 -2.12
C LEU J 174 -5.91 95.37 -1.73
N GLU J 175 -5.96 95.03 -0.44
CA GLU J 175 -5.54 93.69 -0.03
C GLU J 175 -6.49 92.62 -0.55
N GLU J 176 -7.79 92.91 -0.63
CA GLU J 176 -8.71 91.94 -1.24
C GLU J 176 -8.37 91.70 -2.71
N VAL J 177 -8.08 92.78 -3.44
CA VAL J 177 -7.70 92.64 -4.84
C VAL J 177 -6.43 91.81 -4.97
N LEU J 178 -5.45 92.07 -4.11
CA LEU J 178 -4.22 91.30 -4.15
C LEU J 178 -4.47 89.83 -3.85
N ARG J 179 -5.39 89.54 -2.93
CA ARG J 179 -5.70 88.17 -2.61
C ARG J 179 -6.30 87.45 -3.81
N VAL J 180 -7.21 88.12 -4.52
CA VAL J 180 -7.80 87.50 -5.71
C VAL J 180 -6.73 87.25 -6.77
N VAL J 181 -5.84 88.22 -6.98
CA VAL J 181 -4.80 88.05 -7.99
C VAL J 181 -3.88 86.90 -7.62
N ALA J 182 -3.52 86.79 -6.35
CA ALA J 182 -2.66 85.69 -5.91
C ALA J 182 -3.35 84.34 -6.09
N GLU J 183 -4.65 84.26 -5.79
CA GLU J 183 -5.38 83.02 -6.02
C GLU J 183 -5.38 82.65 -7.50
N ALA J 184 -5.59 83.65 -8.36
CA ALA J 184 -5.57 83.41 -9.80
C ALA J 184 -4.22 82.86 -10.24
N LEU J 185 -3.14 83.52 -9.83
CA LEU J 185 -1.80 83.07 -10.21
C LEU J 185 -1.51 81.68 -9.66
N ARG J 186 -2.10 81.34 -8.51
CA ARG J 186 -1.96 79.97 -8.01
C ARG J 186 -2.66 78.98 -8.92
N ARG J 187 -3.86 79.33 -9.40
CA ARG J 187 -4.59 78.41 -10.28
C ARG J 187 -3.88 78.21 -11.61
N ALA J 188 -3.10 79.20 -12.05
CA ALA J 188 -2.37 79.10 -13.32
C ALA J 188 -1.04 78.36 -13.18
N GLY J 189 -0.73 77.83 -12.01
CA GLY J 189 0.47 77.05 -11.82
C GLY J 189 1.72 77.82 -11.47
N VAL J 190 1.62 79.13 -11.24
CA VAL J 190 2.81 79.90 -10.87
C VAL J 190 3.32 79.42 -9.51
N PRO J 191 4.62 79.17 -9.36
CA PRO J 191 5.13 78.67 -8.08
C PRO J 191 4.92 79.68 -6.95
N GLU J 192 4.76 79.15 -5.74
CA GLU J 192 4.40 79.99 -4.60
C GLU J 192 5.40 81.11 -4.31
N PRO J 193 6.71 80.89 -4.30
CA PRO J 193 7.63 82.01 -4.01
C PRO J 193 7.46 83.19 -4.94
N GLU J 194 7.14 82.95 -6.21
CA GLU J 194 6.89 84.08 -7.11
C GLU J 194 5.64 84.83 -6.73
N ILE J 195 4.61 84.13 -6.24
CA ILE J 195 3.40 84.81 -5.76
C ILE J 195 3.73 85.68 -4.56
N ARG J 196 4.54 85.15 -3.63
CA ARG J 196 4.95 85.95 -2.48
C ARG J 196 5.75 87.17 -2.92
N LYS J 197 6.61 87.00 -3.92
CA LYS J 197 7.35 88.13 -4.45
C LYS J 197 6.42 89.19 -5.03
N VAL J 198 5.39 88.75 -5.74
CA VAL J 198 4.41 89.69 -6.29
C VAL J 198 3.76 90.49 -5.18
N GLU J 199 3.27 89.78 -4.15
CA GLU J 199 2.57 90.48 -3.07
C GLU J 199 3.49 91.42 -2.32
N ALA J 200 4.72 90.98 -2.02
CA ALA J 200 5.65 91.83 -1.30
C ALA J 200 6.01 93.07 -2.09
N ALA J 201 6.18 92.92 -3.42
CA ALA J 201 6.42 94.10 -4.24
C ALA J 201 5.25 95.05 -4.19
N ALA J 202 4.02 94.52 -4.22
CA ALA J 202 2.84 95.38 -4.12
C ALA J 202 2.81 96.14 -2.80
N TYR J 203 3.13 95.44 -1.69
CA TYR J 203 3.12 96.08 -0.38
C TYR J 203 4.18 97.16 -0.26
N ILE J 204 5.38 96.90 -0.78
CA ILE J 204 6.44 97.91 -0.72
C ILE J 204 6.08 99.12 -1.58
N ARG J 205 5.47 98.89 -2.73
CA ARG J 205 5.04 100.01 -3.56
C ARG J 205 3.96 100.83 -2.87
N LEU J 206 3.01 100.16 -2.22
CA LEU J 206 1.95 100.87 -1.49
C LEU J 206 2.53 101.66 -0.33
N ALA J 207 3.46 101.07 0.41
CA ALA J 207 4.10 101.77 1.53
C ALA J 207 4.85 103.00 1.04
N ALA J 208 5.59 102.87 -0.06
CA ALA J 208 6.30 104.02 -0.61
C ALA J 208 5.33 105.11 -1.05
N TYR J 209 4.22 104.71 -1.68
CA TYR J 209 3.23 105.68 -2.12
C TYR J 209 2.63 106.44 -0.94
N LEU J 210 2.31 105.73 0.15
CA LEU J 210 1.79 106.41 1.34
C LEU J 210 2.84 107.34 1.95
N LEU J 211 4.10 106.89 2.02
CA LEU J 211 5.13 107.69 2.66
C LEU J 211 5.45 108.95 1.87
N ARG J 212 5.27 108.91 0.55
CA ARG J 212 5.68 110.07 -0.26
C ARG J 212 4.77 111.28 -0.02
N GLN J 213 3.48 111.05 0.27
CA GLN J 213 2.56 112.17 0.44
C GLN J 213 2.94 113.05 1.62
N LEU J 214 3.38 112.43 2.71
CA LEU J 214 3.72 113.16 3.94
C LEU J 214 5.06 113.85 3.87
N GLY J 215 5.84 113.62 2.82
CA GLY J 215 7.10 114.31 2.69
C GLY J 215 8.29 113.55 3.25
N TYR J 216 8.31 112.24 3.04
CA TYR J 216 9.46 111.41 3.38
C TYR J 216 9.97 110.83 2.07
N GLU J 217 10.77 111.62 1.37
CA GLU J 217 11.22 111.20 0.04
C GLU J 217 12.32 110.15 0.13
N ALA J 218 13.33 110.40 0.96
CA ALA J 218 14.46 109.48 1.05
C ALA J 218 14.00 108.09 1.46
N LEU J 219 13.05 108.02 2.39
CA LEU J 219 12.47 106.74 2.79
C LEU J 219 11.86 106.02 1.60
N ALA J 220 11.11 106.74 0.76
CA ALA J 220 10.50 106.12 -0.41
C ALA J 220 11.54 105.62 -1.39
N LYS J 221 12.61 106.41 -1.61
CA LYS J 221 13.66 105.93 -2.51
C LYS J 221 14.32 104.67 -1.98
N ARG J 222 14.60 104.60 -0.68
CA ARG J 222 15.22 103.39 -0.15
C ARG J 222 14.29 102.19 -0.26
N LEU J 223 13.00 102.39 -0.02
CA LEU J 223 12.06 101.28 -0.15
C LEU J 223 11.98 100.80 -1.59
N LEU J 224 11.99 101.72 -2.56
CA LEU J 224 11.92 101.30 -3.94
C LEU J 224 13.23 100.66 -4.41
N GLU J 225 14.38 101.08 -3.86
CA GLU J 225 15.62 100.37 -4.13
C GLU J 225 15.55 98.93 -3.63
N ALA J 226 15.04 98.74 -2.42
CA ALA J 226 14.86 97.38 -1.91
C ALA J 226 13.92 96.58 -2.80
N ARG J 227 12.86 97.22 -3.30
CA ARG J 227 11.95 96.54 -4.20
C ARG J 227 12.65 96.12 -5.50
N GLU J 228 13.48 97.01 -6.05
CA GLU J 228 14.22 96.66 -7.27
C GLU J 228 15.15 95.49 -7.02
N LEU J 229 15.87 95.50 -5.90
CA LEU J 229 16.72 94.35 -5.58
C LEU J 229 15.90 93.09 -5.39
N LEU J 230 14.66 93.21 -4.94
CA LEU J 230 13.83 92.03 -4.75
C LEU J 230 13.38 91.45 -6.07
N LEU J 231 12.93 92.30 -7.00
CA LEU J 231 12.40 91.81 -8.27
C LEU J 231 13.47 91.18 -9.15
N GLU J 232 14.75 91.48 -8.89
CA GLU J 232 15.85 90.93 -9.67
C GLU J 232 16.29 89.57 -9.18
N GLY J 233 15.67 89.03 -8.14
CA GLY J 233 16.06 87.74 -7.59
C GLY J 233 17.04 87.83 -6.44
N ARG J 234 17.66 88.98 -6.21
CA ARG J 234 18.54 89.19 -5.06
C ARG J 234 17.67 89.38 -3.83
N VAL J 235 17.24 88.26 -3.26
CA VAL J 235 16.35 88.31 -2.09
C VAL J 235 17.11 88.79 -0.87
N GLU J 236 18.36 88.35 -0.70
CA GLU J 236 19.08 88.60 0.54
C GLU J 236 19.44 90.07 0.71
N GLU J 237 19.94 90.70 -0.36
CA GLU J 237 20.22 92.13 -0.29
C GLU J 237 18.94 92.93 -0.11
N ALA J 238 17.84 92.47 -0.71
CA ALA J 238 16.56 93.12 -0.51
C ALA J 238 16.14 93.07 0.95
N ALA J 239 16.28 91.91 1.58
CA ALA J 239 15.92 91.78 2.98
C ALA J 239 16.81 92.63 3.88
N HIS J 240 18.11 92.68 3.59
CA HIS J 240 19.01 93.47 4.42
C HIS J 240 18.71 94.97 4.30
N LEU J 241 18.55 95.46 3.08
CA LEU J 241 18.26 96.87 2.91
C LEU J 241 16.88 97.23 3.45
N LEU J 242 15.92 96.31 3.31
CA LEU J 242 14.59 96.52 3.88
C LEU J 242 14.63 96.60 5.39
N GLU J 243 15.37 95.73 6.05
CA GLU J 243 15.41 95.79 7.51
C GLU J 243 16.15 97.02 7.99
N ASP J 244 17.17 97.48 7.26
CA ASP J 244 17.82 98.72 7.66
C ASP J 244 16.85 99.91 7.57
N VAL J 245 16.15 100.04 6.44
CA VAL J 245 15.26 101.18 6.32
C VAL J 245 14.08 101.07 7.29
N TYR J 246 13.59 99.85 7.54
CA TYR J 246 12.53 99.67 8.52
C TYR J 246 12.99 100.04 9.92
N ALA J 247 14.23 99.70 10.27
CA ALA J 247 14.73 100.06 11.60
C ALA J 247 14.77 101.58 11.77
N LEU J 248 15.28 102.29 10.76
CA LEU J 248 15.31 103.74 10.86
C LEU J 248 13.90 104.32 10.95
N PHE J 249 12.99 103.81 10.12
CA PHE J 249 11.61 104.29 10.13
C PHE J 249 10.95 104.03 11.48
N HIS J 250 11.19 102.85 12.06
CA HIS J 250 10.53 102.50 13.31
C HIS J 250 11.06 103.34 14.46
N ARG J 251 12.35 103.64 14.45
CA ARG J 251 12.89 104.58 15.43
C ARG J 251 12.21 105.94 15.29
N GLU J 252 11.98 106.36 14.04
CA GLU J 252 11.28 107.63 13.84
C GLU J 252 9.85 107.56 14.36
N ILE J 253 9.18 106.42 14.18
CA ILE J 253 7.82 106.23 14.69
C ILE J 253 7.80 106.35 16.21
N GLU J 254 8.69 105.61 16.88
CA GLU J 254 8.75 105.64 18.33
C GLU J 254 9.20 107.00 18.86
N ARG J 255 9.84 107.81 18.03
CA ARG J 255 10.18 109.17 18.45
C ARG J 255 8.92 109.97 18.78
N LEU J 256 7.88 109.83 17.95
CA LEU J 256 6.66 110.62 18.12
C LEU J 256 5.76 110.11 19.23
N GLY J 257 6.09 108.99 19.86
CA GLY J 257 5.35 108.56 21.04
C GLY J 257 3.93 108.14 20.70
N PHE J 258 2.98 108.67 21.47
CA PHE J 258 1.55 108.39 21.27
C PHE J 258 0.91 109.47 20.39
N GLU J 259 1.50 109.68 19.22
CA GLU J 259 0.98 110.59 18.22
C GLU J 259 1.72 110.35 16.92
N ALA J 260 0.98 110.21 15.83
CA ALA J 260 1.55 110.06 14.49
C ALA J 260 0.43 110.08 13.46
N PRO J 261 0.65 110.69 12.30
CA PRO J 261 -0.39 110.67 11.26
C PRO J 261 -0.76 109.25 10.88
N GLU J 262 -2.02 109.05 10.53
CA GLU J 262 -2.54 107.70 10.35
C GLU J 262 -1.83 106.95 9.23
N GLU J 263 -1.31 107.68 8.23
CA GLU J 263 -0.61 107.01 7.16
C GLU J 263 0.70 106.38 7.63
N LEU J 264 1.38 106.98 8.62
CA LEU J 264 2.51 106.31 9.23
C LEU J 264 2.08 105.01 9.87
N ARG J 265 0.95 105.03 10.57
CA ARG J 265 0.48 103.82 11.24
C ARG J 265 0.13 102.73 10.25
N VAL J 266 -0.47 103.08 9.12
CA VAL J 266 -0.81 102.08 8.11
C VAL J 266 0.45 101.56 7.43
N ALA J 267 1.38 102.47 7.10
CA ALA J 267 2.62 102.07 6.46
C ALA J 267 3.43 101.14 7.35
N ASP J 268 3.33 101.30 8.67
CA ASP J 268 4.04 100.40 9.57
C ASP J 268 3.57 98.96 9.38
N LEU J 269 2.26 98.76 9.30
CA LEU J 269 1.74 97.41 9.12
C LEU J 269 2.04 96.88 7.72
N LEU J 270 2.01 97.77 6.72
CA LEU J 270 2.34 97.35 5.36
C LEU J 270 3.79 96.88 5.28
N LEU J 271 4.71 97.62 5.89
CA LEU J 271 6.12 97.25 5.90
C LEU J 271 6.35 95.97 6.68
N ALA J 272 5.66 95.80 7.79
CA ALA J 272 5.79 94.55 8.54
C ALA J 272 5.36 93.36 7.69
N ARG J 273 4.24 93.49 6.98
CA ARG J 273 3.78 92.38 6.15
C ARG J 273 4.72 92.12 4.99
N ALA J 274 5.27 93.18 4.39
CA ALA J 274 6.24 93.01 3.32
C ALA J 274 7.46 92.23 3.81
N ILE J 275 7.97 92.60 4.99
CA ILE J 275 9.13 91.91 5.54
C ILE J 275 8.80 90.45 5.82
N ALA J 276 7.62 90.19 6.38
CA ALA J 276 7.23 88.81 6.66
C ALA J 276 7.16 87.99 5.38
N LEU J 277 6.57 88.55 4.32
CA LEU J 277 6.48 87.82 3.05
C LEU J 277 7.86 87.55 2.47
N ILE J 278 8.75 88.56 2.50
CA ILE J 278 10.09 88.36 1.96
C ILE J 278 10.84 87.28 2.73
N LYS J 279 10.73 87.30 4.06
CA LYS J 279 11.37 86.25 4.85
C LYS J 279 10.78 84.88 4.57
N ALA J 280 9.50 84.82 4.21
CA ALA J 280 8.87 83.53 3.94
C ALA J 280 9.13 83.01 2.52
N ILE J 281 9.73 83.81 1.65
CA ILE J 281 10.06 83.36 0.29
C ILE J 281 10.95 82.13 0.34
N THR K 24 53.39 5.66 103.70
CA THR K 24 52.81 6.86 103.13
C THR K 24 52.53 6.69 101.65
N VAL K 25 53.14 5.65 101.06
CA VAL K 25 53.06 5.44 99.62
C VAL K 25 51.62 5.20 99.18
N VAL K 26 50.90 4.34 99.91
CA VAL K 26 49.49 4.11 99.58
C VAL K 26 48.68 5.36 99.82
N GLU K 27 49.03 6.14 100.84
CA GLU K 27 48.37 7.43 101.03
C GLU K 27 48.65 8.37 99.87
N GLU K 28 49.88 8.34 99.33
CA GLU K 28 50.19 9.15 98.16
C GLU K 28 49.37 8.72 96.96
N VAL K 29 49.20 7.41 96.76
CA VAL K 29 48.39 6.94 95.64
C VAL K 29 46.94 7.35 95.81
N ARG K 30 46.40 7.21 97.01
CA ARG K 30 45.03 7.65 97.26
C ARG K 30 44.88 9.14 97.00
N ARG K 31 45.81 9.95 97.52
CA ARG K 31 45.74 11.39 97.32
C ARG K 31 45.81 11.75 95.84
N PHE K 32 46.70 11.09 95.10
CA PHE K 32 46.83 11.33 93.67
C PHE K 32 45.52 11.03 92.95
N ALA K 33 44.91 9.88 93.24
CA ALA K 33 43.68 9.51 92.57
C ALA K 33 42.54 10.45 92.92
N GLU K 34 42.40 10.81 94.21
CA GLU K 34 41.31 11.69 94.59
C GLU K 34 41.49 13.08 94.01
N GLU K 35 42.73 13.59 93.99
CA GLU K 35 42.97 14.92 93.41
C GLU K 35 42.64 14.93 91.92
N LEU K 36 43.05 13.89 91.20
CA LEU K 36 42.72 13.82 89.78
C LEU K 36 41.21 13.72 89.57
N ALA K 37 40.52 12.96 90.41
CA ALA K 37 39.06 12.85 90.29
C ALA K 37 38.37 14.18 90.56
N GLU K 38 38.81 14.90 91.60
CA GLU K 38 38.24 16.21 91.90
C GLU K 38 38.47 17.17 90.75
N GLU K 39 39.66 17.16 90.16
CA GLU K 39 39.93 18.04 89.03
C GLU K 39 39.05 17.67 87.84
N VAL K 40 38.83 16.38 87.61
CA VAL K 40 37.96 15.95 86.52
C VAL K 40 36.56 16.51 86.74
N LEU K 41 36.06 16.42 87.97
CA LEU K 41 34.72 16.92 88.26
C LEU K 41 34.64 18.44 88.15
N ARG K 42 35.66 19.15 88.64
CA ARG K 42 35.64 20.61 88.56
C ARG K 42 35.66 21.09 87.12
N VAL K 43 36.51 20.49 86.29
CA VAL K 43 36.58 20.92 84.89
C VAL K 43 35.32 20.54 84.14
N GLY K 44 34.85 19.29 84.29
CA GLY K 44 33.74 18.80 83.52
C GLY K 44 32.39 18.84 84.20
N GLY K 45 32.34 19.14 85.49
CA GLY K 45 31.06 19.19 86.15
C GLY K 45 30.45 17.81 86.33
N GLU K 46 29.13 17.80 86.38
CA GLU K 46 28.37 16.55 86.45
C GLU K 46 28.17 15.91 85.09
N ALA K 47 28.66 16.53 84.02
CA ALA K 47 28.53 15.92 82.69
C ALA K 47 29.30 14.62 82.63
N MET K 48 30.50 14.58 83.22
CA MET K 48 31.34 13.39 83.26
C MET K 48 31.55 13.01 84.72
N ARG K 49 30.58 12.31 85.28
CA ARG K 49 30.67 11.65 86.57
C ARG K 49 31.32 10.27 86.45
N PRO K 50 31.05 9.49 85.39
CA PRO K 50 31.73 8.19 85.27
C PRO K 50 33.25 8.26 85.40
N TYR K 51 33.89 9.29 84.87
CA TYR K 51 35.35 9.33 84.88
C TYR K 51 35.88 9.53 86.29
N ALA K 52 35.19 10.30 87.12
CA ALA K 52 35.60 10.43 88.51
C ALA K 52 35.52 9.09 89.23
N GLU K 53 34.46 8.32 88.97
CA GLU K 53 34.35 6.99 89.57
C GLU K 53 35.44 6.05 89.07
N MET K 54 35.75 6.12 87.77
CA MET K 54 36.81 5.27 87.23
C MET K 54 38.15 5.61 87.84
N VAL K 55 38.46 6.90 87.99
CA VAL K 55 39.71 7.29 88.62
C VAL K 55 39.74 6.81 90.07
N ARG K 56 38.64 6.97 90.79
CA ARG K 56 38.64 6.57 92.19
C ARG K 56 38.78 5.07 92.36
N HIS K 57 38.10 4.28 91.51
CA HIS K 57 38.25 2.83 91.57
C HIS K 57 39.65 2.37 91.17
N LEU K 58 40.27 2.99 90.16
CA LEU K 58 41.63 2.61 89.82
C LEU K 58 42.61 2.99 90.91
N GLY K 59 42.39 4.11 91.60
CA GLY K 59 43.17 4.40 92.78
C GLY K 59 43.00 3.34 93.86
N GLU K 60 41.76 2.89 94.07
CA GLU K 60 41.51 1.85 95.05
C GLU K 60 42.18 0.53 94.67
N ALA K 61 42.13 0.16 93.39
CA ALA K 61 42.78 -1.07 92.95
C ALA K 61 44.30 -0.98 93.12
N ALA K 62 44.87 0.19 92.82
CA ALA K 62 46.31 0.36 93.01
C ALA K 62 46.70 0.23 94.48
N VAL K 63 45.95 0.87 95.38
CA VAL K 63 46.32 0.77 96.78
C VAL K 63 46.07 -0.63 97.32
N ALA K 64 45.06 -1.32 96.80
CA ALA K 64 44.88 -2.72 97.15
C ALA K 64 46.09 -3.55 96.76
N ALA K 65 46.60 -3.34 95.54
CA ALA K 65 47.79 -4.07 95.10
C ALA K 65 49.00 -3.74 95.97
N LEU K 66 49.19 -2.46 96.32
CA LEU K 66 50.29 -2.10 97.19
C LEU K 66 50.12 -2.63 98.61
N GLU K 67 48.90 -2.98 99.03
CA GLU K 67 48.70 -3.46 100.39
C GLU K 67 48.27 -4.93 100.43
N GLY K 68 48.98 -5.76 99.69
CA GLY K 68 48.62 -7.16 99.58
C GLY K 68 47.69 -7.39 98.41
N ARG K 69 46.92 -8.48 98.51
CA ARG K 69 45.81 -8.77 97.60
C ARG K 69 46.23 -9.00 96.16
N ALA K 70 45.45 -9.81 95.45
CA ALA K 70 45.57 -9.94 94.00
C ALA K 70 44.22 -10.09 93.31
N GLU K 71 43.16 -10.44 94.04
CA GLU K 71 41.85 -10.70 93.49
C GLU K 71 40.96 -9.45 93.52
N GLU K 72 41.10 -8.63 94.56
CA GLU K 72 40.38 -7.36 94.60
C GLU K 72 40.83 -6.45 93.47
N ALA K 73 42.14 -6.44 93.18
CA ALA K 73 42.63 -5.67 92.04
C ALA K 73 42.03 -6.19 90.74
N ASP K 74 41.97 -7.52 90.58
CA ASP K 74 41.33 -8.11 89.42
C ASP K 74 39.89 -7.64 89.27
N ARG K 75 39.12 -7.71 90.36
CA ARG K 75 37.72 -7.35 90.29
C ARG K 75 37.53 -5.87 89.97
N LEU K 76 38.29 -5.01 90.64
CA LEU K 76 38.13 -3.57 90.41
C LEU K 76 38.51 -3.20 88.99
N VAL K 77 39.59 -3.79 88.46
CA VAL K 77 39.99 -3.48 87.09
C VAL K 77 38.94 -3.98 86.11
N ARG K 78 38.32 -5.13 86.39
CA ARG K 78 37.23 -5.60 85.53
C ARG K 78 36.02 -4.67 85.59
N ASP K 79 35.70 -4.16 86.78
CA ASP K 79 34.60 -3.23 86.91
C ASP K 79 34.86 -1.94 86.14
N VAL K 80 36.08 -1.41 86.25
CA VAL K 80 36.44 -0.20 85.50
C VAL K 80 36.44 -0.49 84.01
N LEU K 81 36.81 -1.70 83.61
CA LEU K 81 36.73 -2.06 82.21
C LEU K 81 35.28 -2.03 81.73
N GLU K 82 34.36 -2.51 82.56
CA GLU K 82 32.94 -2.45 82.22
C GLU K 82 32.47 -1.01 82.10
N MET K 83 32.91 -0.14 83.01
CA MET K 83 32.54 1.28 82.91
C MET K 83 33.04 1.88 81.60
N ALA K 84 34.28 1.58 81.25
CA ALA K 84 34.83 2.08 79.99
C ALA K 84 34.06 1.54 78.80
N ARG K 85 33.61 0.28 78.87
CA ARG K 85 32.80 -0.28 77.80
C ARG K 85 31.51 0.47 77.63
N GLU K 86 30.81 0.77 78.74
CA GLU K 86 29.50 1.38 78.60
C GLU K 86 29.60 2.86 78.21
N VAL K 87 30.57 3.59 78.77
CA VAL K 87 30.68 5.01 78.47
C VAL K 87 31.00 5.23 76.99
N GLY K 88 31.92 4.45 76.45
CA GLY K 88 32.37 4.61 75.09
C GLY K 88 33.86 4.84 74.94
N ALA K 89 34.61 4.85 76.02
CA ALA K 89 36.06 5.03 75.95
C ALA K 89 36.69 3.78 75.36
N GLU K 90 37.28 3.90 74.17
CA GLU K 90 37.84 2.75 73.47
C GLU K 90 39.29 2.50 73.86
N GLY K 91 40.16 3.48 73.64
CA GLY K 91 41.57 3.30 73.98
C GLY K 91 41.77 3.04 75.45
N LEU K 92 40.95 3.67 76.29
CA LEU K 92 40.99 3.40 77.72
C LEU K 92 40.60 1.96 78.01
N ALA K 93 39.60 1.43 77.30
CA ALA K 93 39.23 0.03 77.48
C ALA K 93 40.36 -0.89 77.09
N ARG K 94 41.03 -0.63 75.97
CA ARG K 94 42.16 -1.46 75.57
C ARG K 94 43.26 -1.44 76.62
N LEU K 95 43.61 -0.24 77.09
CA LEU K 95 44.67 -0.14 78.09
C LEU K 95 44.25 -0.83 79.37
N LEU K 96 42.96 -0.85 79.68
CA LEU K 96 42.51 -1.50 80.90
C LEU K 96 42.59 -3.01 80.79
N GLU K 97 42.27 -3.57 79.62
CA GLU K 97 42.48 -5.00 79.41
C GLU K 97 43.97 -5.36 79.54
N ARG K 98 44.84 -4.58 78.92
CA ARG K 98 46.28 -4.82 79.03
C ARG K 98 46.73 -4.72 80.48
N VAL K 99 46.22 -3.72 81.20
CA VAL K 99 46.56 -3.56 82.61
C VAL K 99 46.12 -4.79 83.39
N HIS K 100 44.94 -5.32 83.07
CA HIS K 100 44.43 -6.49 83.76
C HIS K 100 45.36 -7.68 83.60
N ARG K 101 45.70 -8.02 82.35
CA ARG K 101 46.54 -9.18 82.09
C ARG K 101 47.92 -9.04 82.73
N GLU K 102 48.58 -7.90 82.51
CA GLU K 102 49.91 -7.71 83.09
C GLU K 102 49.85 -7.66 84.62
N ALA K 103 48.77 -7.10 85.19
CA ALA K 103 48.65 -7.11 86.64
C ALA K 103 48.59 -8.53 87.16
N ARG K 104 47.82 -9.39 86.49
CA ARG K 104 47.77 -10.79 86.89
C ARG K 104 49.15 -11.44 86.82
N GLU K 105 49.86 -11.25 85.70
CA GLU K 105 51.16 -11.89 85.55
C GLU K 105 52.14 -11.42 86.61
N LEU K 106 52.26 -10.10 86.80
CA LEU K 106 53.23 -9.58 87.74
C LEU K 106 52.85 -9.90 89.18
N LEU K 107 51.56 -9.98 89.49
CA LEU K 107 51.17 -10.37 90.83
C LEU K 107 51.47 -11.84 91.08
N ARG K 108 51.33 -12.69 90.05
CA ARG K 108 51.75 -14.08 90.19
C ARG K 108 53.24 -14.17 90.43
N GLU K 109 54.03 -13.35 89.73
CA GLU K 109 55.48 -13.34 89.95
C GLU K 109 55.87 -12.71 91.27
N GLY K 110 54.94 -12.11 92.00
CA GLY K 110 55.23 -11.55 93.30
C GLY K 110 55.68 -10.10 93.33
N ARG K 111 55.87 -9.47 92.17
CA ARG K 111 56.27 -8.08 92.10
C ARG K 111 55.03 -7.20 92.20
N ARG K 112 55.05 -6.26 93.15
CA ARG K 112 53.86 -5.46 93.46
C ARG K 112 53.95 -4.03 92.96
N GLU K 113 55.15 -3.41 93.00
CA GLU K 113 55.25 -2.00 92.66
C GLU K 113 54.87 -1.75 91.20
N GLU K 114 55.29 -2.62 90.29
CA GLU K 114 55.05 -2.38 88.88
C GLU K 114 53.57 -2.57 88.51
N ALA K 115 52.88 -3.48 89.17
CA ALA K 115 51.44 -3.64 88.92
C ALA K 115 50.66 -2.39 89.33
N ALA K 116 50.97 -1.86 90.51
CA ALA K 116 50.38 -0.59 90.92
C ALA K 116 50.81 0.53 90.00
N ALA K 117 52.01 0.46 89.43
CA ALA K 117 52.45 1.45 88.47
C ALA K 117 51.57 1.42 87.22
N LEU K 118 51.28 0.21 86.72
CA LEU K 118 50.37 0.10 85.57
C LEU K 118 48.99 0.64 85.92
N VAL K 119 48.51 0.33 87.12
CA VAL K 119 47.17 0.80 87.51
C VAL K 119 47.14 2.33 87.61
N LEU K 120 48.18 2.94 88.19
CA LEU K 120 48.24 4.38 88.30
C LEU K 120 48.32 5.04 86.92
N ALA K 121 49.09 4.45 86.01
CA ALA K 121 49.11 4.95 84.65
C ALA K 121 47.72 4.88 84.02
N ALA K 122 46.97 3.81 84.31
CA ALA K 122 45.61 3.69 83.78
C ALA K 122 44.70 4.77 84.35
N ALA K 123 44.80 5.03 85.65
CA ALA K 123 43.98 6.06 86.28
C ALA K 123 44.29 7.44 85.70
N LEU K 124 45.58 7.73 85.51
CA LEU K 124 45.97 8.99 84.91
C LEU K 124 45.48 9.11 83.48
N ALA K 125 45.53 8.02 82.72
CA ALA K 125 44.99 8.08 81.37
C ALA K 125 43.51 8.40 81.39
N ALA K 126 42.75 7.79 82.30
CA ALA K 126 41.31 8.05 82.39
C ALA K 126 41.04 9.50 82.76
N GLY K 127 41.69 10.00 83.81
CA GLY K 127 41.47 11.38 84.22
C GLY K 127 41.88 12.39 83.17
N ALA K 128 43.04 12.19 82.55
CA ALA K 128 43.50 13.13 81.53
C ALA K 128 42.61 13.07 80.30
N VAL K 129 42.07 11.89 79.97
CA VAL K 129 41.14 11.80 78.86
C VAL K 129 39.88 12.61 79.16
N ALA K 130 39.36 12.50 80.38
CA ALA K 130 38.19 13.27 80.75
C ALA K 130 38.46 14.77 80.65
N VAL K 131 39.58 15.22 81.23
CA VAL K 131 39.85 16.65 81.25
C VAL K 131 40.10 17.18 79.86
N ALA K 132 40.80 16.41 79.02
CA ALA K 132 41.06 16.85 77.66
C ALA K 132 39.77 16.95 76.85
N GLU K 133 38.87 15.98 77.00
CA GLU K 133 37.59 16.08 76.31
C GLU K 133 36.78 17.28 76.80
N ALA K 134 36.84 17.56 78.10
CA ALA K 134 36.15 18.75 78.61
C ALA K 134 36.72 20.03 78.00
N TYR K 135 38.05 20.12 77.92
CA TYR K 135 38.68 21.30 77.33
C TYR K 135 38.29 21.44 75.87
N VAL K 136 38.22 20.33 75.14
CA VAL K 136 37.86 20.39 73.73
C VAL K 136 36.40 20.81 73.56
N ARG K 137 35.52 20.33 74.44
CA ARG K 137 34.09 20.64 74.30
C ARG K 137 33.82 22.13 74.43
N LEU K 138 34.43 22.79 75.42
CA LEU K 138 34.22 24.21 75.61
C LEU K 138 35.26 25.07 74.87
N GLY K 139 36.00 24.47 73.94
CA GLY K 139 36.83 25.22 73.01
C GLY K 139 37.98 26.02 73.57
N GLN K 140 38.72 25.47 74.53
CA GLN K 140 39.90 26.15 75.04
C GLN K 140 41.09 25.89 74.12
N PRO K 141 42.08 26.78 74.11
CA PRO K 141 43.21 26.63 73.19
C PRO K 141 44.08 25.42 73.53
N ILE K 142 44.88 25.02 72.55
CA ILE K 142 45.68 23.79 72.66
C ILE K 142 46.87 23.94 73.60
N ARG K 143 47.38 25.15 73.82
CA ARG K 143 48.46 25.33 74.77
C ARG K 143 48.08 24.79 76.15
N LEU K 144 46.84 25.02 76.57
CA LEU K 144 46.41 24.56 77.89
C LEU K 144 46.38 23.04 77.98
N ILE K 145 45.89 22.37 76.94
CA ILE K 145 45.90 20.91 76.94
C ILE K 145 47.32 20.38 76.99
N ALA K 146 48.20 20.96 76.17
CA ALA K 146 49.59 20.48 76.12
C ALA K 146 50.29 20.68 77.44
N GLU K 147 50.14 21.86 78.05
CA GLU K 147 50.80 22.13 79.32
C GLU K 147 50.22 21.26 80.43
N TYR K 148 48.91 21.09 80.45
CA TYR K 148 48.28 20.23 81.46
C TYR K 148 48.81 18.81 81.38
N VAL K 149 48.78 18.23 80.18
CA VAL K 149 49.22 16.84 80.01
C VAL K 149 50.68 16.70 80.37
N ALA K 150 51.53 17.61 79.91
CA ALA K 150 52.95 17.50 80.21
C ALA K 150 53.22 17.58 81.71
N GLU K 151 52.52 18.48 82.41
CA GLU K 151 52.77 18.61 83.85
C GLU K 151 52.28 17.39 84.60
N ARG K 152 51.14 16.82 84.18
CA ARG K 152 50.66 15.60 84.82
C ARG K 152 51.63 14.44 84.60
N LEU K 153 52.19 14.34 83.38
CA LEU K 153 53.17 13.29 83.13
C LEU K 153 54.40 13.47 84.00
N VAL K 154 54.85 14.71 84.19
CA VAL K 154 56.02 14.92 85.05
C VAL K 154 55.71 14.51 86.49
N GLU K 155 54.51 14.86 86.98
CA GLU K 155 54.13 14.47 88.34
C GLU K 155 54.07 12.95 88.49
N LEU K 156 53.48 12.27 87.51
CA LEU K 156 53.42 10.81 87.56
C LEU K 156 54.80 10.18 87.52
N ALA K 157 55.69 10.72 86.69
CA ALA K 157 57.05 10.20 86.64
C ALA K 157 57.76 10.39 87.97
N GLU K 158 57.52 11.52 88.62
CA GLU K 158 58.09 11.72 89.95
C GLU K 158 57.55 10.70 90.95
N LEU K 159 56.25 10.42 90.90
CA LEU K 159 55.68 9.42 91.79
C LEU K 159 56.27 8.04 91.54
N LEU K 160 56.33 7.64 90.28
CA LEU K 160 56.86 6.32 89.94
C LEU K 160 58.34 6.21 90.31
N ARG K 161 59.09 7.30 90.21
CA ARG K 161 60.45 7.31 90.72
C ARG K 161 60.46 7.10 92.22
N ARG K 162 59.50 7.69 92.93
CA ARG K 162 59.43 7.49 94.38
C ARG K 162 59.14 6.04 94.73
N LEU K 163 58.25 5.38 93.99
CA LEU K 163 57.89 4.00 94.29
C LEU K 163 59.09 3.07 94.13
N GLY K 164 59.76 3.13 92.97
CA GLY K 164 60.91 2.27 92.73
C GLY K 164 60.94 1.61 91.37
N VAL K 165 59.99 1.96 90.51
CA VAL K 165 59.95 1.38 89.16
C VAL K 165 61.19 1.80 88.39
N PRO K 166 61.80 0.93 87.59
CA PRO K 166 62.94 1.35 86.77
C PRO K 166 62.52 2.36 85.70
N LEU K 167 63.49 3.19 85.31
CA LEU K 167 63.20 4.38 84.52
C LEU K 167 62.65 4.04 83.14
N ARG K 168 63.17 3.00 82.51
CA ARG K 168 62.69 2.66 81.16
C ARG K 168 61.23 2.27 81.18
N ARG K 169 60.80 1.53 82.21
CA ARG K 169 59.39 1.24 82.37
C ARG K 169 58.60 2.52 82.61
N ILE K 170 59.17 3.46 83.35
CA ILE K 170 58.52 4.75 83.56
C ILE K 170 58.23 5.39 82.21
N ILE K 171 59.23 5.44 81.34
CA ILE K 171 59.04 6.11 80.05
C ILE K 171 58.04 5.35 79.19
N ARG K 172 58.05 4.03 79.26
CA ARG K 172 57.10 3.24 78.49
C ARG K 172 55.66 3.50 78.94
N LEU K 173 55.43 3.57 80.26
CA LEU K 173 54.09 3.87 80.76
C LEU K 173 53.65 5.28 80.37
N LEU K 174 54.58 6.24 80.45
CA LEU K 174 54.25 7.62 80.07
C LEU K 174 53.86 7.70 78.60
N GLU K 175 54.57 6.97 77.74
CA GLU K 175 54.19 6.95 76.34
C GLU K 175 52.85 6.29 76.13
N GLU K 176 52.52 5.26 76.90
CA GLU K 176 51.18 4.67 76.80
C GLU K 176 50.10 5.68 77.17
N VAL K 177 50.32 6.42 78.25
CA VAL K 177 49.38 7.46 78.66
C VAL K 177 49.20 8.48 77.55
N LEU K 178 50.31 8.91 76.95
CA LEU K 178 50.25 9.88 75.86
C LEU K 178 49.50 9.33 74.66
N ARG K 179 49.68 8.04 74.36
CA ARG K 179 48.98 7.45 73.24
C ARG K 179 47.47 7.43 73.47
N VAL K 180 47.06 7.09 74.69
CA VAL K 180 45.63 7.11 75.00
C VAL K 180 45.07 8.52 74.88
N VAL K 181 45.81 9.51 75.40
CA VAL K 181 45.35 10.89 75.33
C VAL K 181 45.23 11.35 73.89
N ALA K 182 46.20 10.99 73.05
CA ALA K 182 46.14 11.37 71.64
C ALA K 182 44.95 10.72 70.96
N GLU K 183 44.66 9.45 71.27
CA GLU K 183 43.49 8.80 70.70
C GLU K 183 42.20 9.51 71.13
N ALA K 184 42.13 9.89 72.41
CA ALA K 184 40.95 10.60 72.89
C ALA K 184 40.75 11.92 72.16
N LEU K 185 41.84 12.68 72.00
CA LEU K 185 41.75 13.95 71.29
C LEU K 185 41.38 13.74 69.84
N ARG K 186 41.85 12.66 69.22
CA ARG K 186 41.46 12.36 67.85
C ARG K 186 39.97 12.09 67.75
N ARG K 187 39.42 11.34 68.72
CA ARG K 187 37.98 11.05 68.69
C ARG K 187 37.14 12.30 68.90
N ALA K 188 37.69 13.32 69.55
CA ALA K 188 36.97 14.57 69.76
C ALA K 188 37.07 15.52 68.58
N GLY K 189 37.72 15.12 67.50
CA GLY K 189 37.81 15.94 66.31
C GLY K 189 38.95 16.94 66.28
N VAL K 190 39.86 16.90 67.24
CA VAL K 190 40.99 17.82 67.21
C VAL K 190 41.86 17.51 66.01
N PRO K 191 42.27 18.51 65.21
CA PRO K 191 43.07 18.22 64.01
C PRO K 191 44.41 17.61 64.35
N GLU K 192 44.92 16.78 63.44
CA GLU K 192 46.13 16.01 63.70
C GLU K 192 47.34 16.86 64.06
N PRO K 193 47.65 17.96 63.37
CA PRO K 193 48.83 18.75 63.77
C PRO K 193 48.80 19.20 65.22
N GLU K 194 47.63 19.52 65.76
CA GLU K 194 47.56 19.90 67.17
C GLU K 194 47.87 18.71 68.07
N ILE K 195 47.46 17.50 67.68
CA ILE K 195 47.82 16.32 68.45
C ILE K 195 49.32 16.11 68.45
N ARG K 196 49.95 16.29 67.28
CA ARG K 196 51.40 16.19 67.21
C ARG K 196 52.08 17.25 68.07
N LYS K 197 51.52 18.46 68.09
CA LYS K 197 52.05 19.50 68.96
C LYS K 197 51.96 19.08 70.42
N VAL K 198 50.84 18.47 70.82
CA VAL K 198 50.68 18.01 72.19
C VAL K 198 51.77 17.00 72.54
N GLU K 199 51.94 15.99 71.68
CA GLU K 199 52.91 14.94 71.98
C GLU K 199 54.33 15.48 71.99
N ALA K 200 54.68 16.34 71.03
CA ALA K 200 56.03 16.88 70.97
C ALA K 200 56.33 17.73 72.17
N ALA K 201 55.37 18.54 72.62
CA ALA K 201 55.56 19.31 73.84
C ALA K 201 55.77 18.39 75.02
N ALA K 202 55.02 17.29 75.09
CA ALA K 202 55.19 16.33 76.17
C ALA K 202 56.59 15.73 76.17
N TYR K 203 57.08 15.34 75.00
CA TYR K 203 58.40 14.72 74.91
C TYR K 203 59.51 15.70 75.27
N ILE K 204 59.40 16.96 74.83
CA ILE K 204 60.42 17.95 75.17
C ILE K 204 60.38 18.25 76.67
N ARG K 205 59.19 18.30 77.26
CA ARG K 205 59.10 18.48 78.71
C ARG K 205 59.75 17.32 79.46
N LEU K 206 59.48 16.09 79.01
CA LEU K 206 60.07 14.93 79.66
C LEU K 206 61.59 14.90 79.50
N ALA K 207 62.10 15.22 78.31
CA ALA K 207 63.53 15.28 78.10
C ALA K 207 64.18 16.33 78.99
N ALA K 208 63.56 17.50 79.10
CA ALA K 208 64.10 18.54 79.98
C ALA K 208 64.09 18.07 81.43
N TYR K 209 63.03 17.40 81.86
CA TYR K 209 62.95 16.90 83.22
C TYR K 209 64.05 15.90 83.51
N LEU K 210 64.30 14.98 82.57
CA LEU K 210 65.37 14.01 82.77
C LEU K 210 66.73 14.69 82.79
N LEU K 211 66.97 15.64 81.89
CA LEU K 211 68.25 16.31 81.81
C LEU K 211 68.53 17.15 83.05
N ARG K 212 67.49 17.63 83.72
CA ARG K 212 67.71 18.51 84.86
C ARG K 212 68.35 17.77 86.02
N GLN K 213 67.99 16.49 86.22
CA GLN K 213 68.51 15.74 87.36
C GLN K 213 70.02 15.55 87.27
N LEU K 214 70.54 15.29 86.08
CA LEU K 214 71.97 15.14 85.87
C LEU K 214 72.73 16.44 86.06
N GLY K 215 72.05 17.57 86.11
CA GLY K 215 72.72 18.83 86.34
C GLY K 215 73.09 19.54 85.05
N TYR K 216 72.19 19.52 84.07
CA TYR K 216 72.36 20.27 82.83
C TYR K 216 71.26 21.32 82.78
N GLU K 217 71.49 22.44 83.46
CA GLU K 217 70.47 23.48 83.53
C GLU K 217 70.34 24.23 82.23
N ALA K 218 71.47 24.56 81.59
CA ALA K 218 71.42 25.31 80.34
C ALA K 218 70.70 24.53 79.26
N LEU K 219 70.97 23.23 79.15
CA LEU K 219 70.31 22.40 78.16
C LEU K 219 68.80 22.38 78.37
N ALA K 220 68.36 22.22 79.63
CA ALA K 220 66.93 22.19 79.90
C ALA K 220 66.28 23.53 79.61
N LYS K 221 66.95 24.63 79.94
CA LYS K 221 66.41 25.94 79.63
C LYS K 221 66.22 26.13 78.14
N ARG K 222 67.21 25.72 77.33
CA ARG K 222 67.08 25.90 75.89
C ARG K 222 65.99 25.01 75.32
N LEU K 223 65.85 23.79 75.85
CA LEU K 223 64.77 22.93 75.39
C LEU K 223 63.40 23.53 75.71
N LEU K 224 63.27 24.13 76.89
CA LEU K 224 61.98 24.72 77.24
C LEU K 224 61.71 26.00 76.46
N GLU K 225 62.75 26.74 76.11
CA GLU K 225 62.58 27.86 75.17
C GLU K 225 62.05 27.38 73.83
N ALA K 226 62.62 26.30 73.32
CA ALA K 226 62.12 25.72 72.07
C ALA K 226 60.67 25.30 72.21
N ARG K 227 60.31 24.72 73.35
CA ARG K 227 58.92 24.32 73.57
C ARG K 227 58.00 25.53 73.60
N GLU K 228 58.43 26.61 74.25
CA GLU K 228 57.61 27.82 74.27
C GLU K 228 57.39 28.36 72.87
N LEU K 229 58.45 28.38 72.06
CA LEU K 229 58.27 28.81 70.67
C LEU K 229 57.36 27.86 69.91
N LEU K 230 57.34 26.57 70.26
CA LEU K 230 56.48 25.63 69.55
C LEU K 230 55.02 25.86 69.89
N LEU K 231 54.71 26.03 71.18
CA LEU K 231 53.30 26.14 71.58
C LEU K 231 52.67 27.45 71.10
N GLU K 232 53.47 28.44 70.74
CA GLU K 232 52.97 29.71 70.23
C GLU K 232 52.67 29.69 68.74
N GLY K 233 52.89 28.55 68.07
CA GLY K 233 52.65 28.44 66.65
C GLY K 233 53.86 28.68 65.78
N ARG K 234 54.96 29.21 66.34
CA ARG K 234 56.19 29.41 65.59
C ARG K 234 56.91 28.08 65.47
N VAL K 235 56.51 27.28 64.48
CA VAL K 235 57.07 25.95 64.32
C VAL K 235 58.51 26.03 63.83
N GLU K 236 58.79 26.96 62.92
CA GLU K 236 60.09 26.98 62.26
C GLU K 236 61.20 27.37 63.22
N GLU K 237 60.99 28.40 64.03
CA GLU K 237 61.97 28.77 65.03
C GLU K 237 62.13 27.67 66.07
N ALA K 238 61.03 26.98 66.40
CA ALA K 238 61.11 25.85 67.31
C ALA K 238 62.01 24.75 66.76
N ALA K 239 61.81 24.38 65.50
CA ALA K 239 62.62 23.32 64.90
C ALA K 239 64.09 23.74 64.78
N HIS K 240 64.35 25.00 64.41
CA HIS K 240 65.73 25.45 64.29
C HIS K 240 66.45 25.44 65.64
N LEU K 241 65.81 26.00 66.67
CA LEU K 241 66.44 26.05 67.98
C LEU K 241 66.58 24.65 68.58
N LEU K 242 65.59 23.78 68.32
CA LEU K 242 65.69 22.40 68.76
C LEU K 242 66.85 21.68 68.10
N GLU K 243 67.03 21.88 66.78
CA GLU K 243 68.13 21.20 66.11
C GLU K 243 69.49 21.72 66.61
N ASP K 244 69.59 23.01 66.94
CA ASP K 244 70.84 23.51 67.47
C ASP K 244 71.16 22.89 68.83
N VAL K 245 70.19 22.89 69.73
CA VAL K 245 70.46 22.32 71.05
C VAL K 245 70.71 20.81 70.95
N TYR K 246 70.01 20.13 70.04
CA TYR K 246 70.23 18.70 69.86
C TYR K 246 71.62 18.42 69.31
N ALA K 247 72.11 19.26 68.39
CA ALA K 247 73.46 19.06 67.88
C ALA K 247 74.50 19.21 68.98
N LEU K 248 74.37 20.24 69.81
CA LEU K 248 75.32 20.38 70.91
C LEU K 248 75.24 19.20 71.87
N PHE K 249 74.01 18.78 72.19
CA PHE K 249 73.83 17.65 73.11
C PHE K 249 74.40 16.36 72.53
N HIS K 250 74.22 16.13 71.24
CA HIS K 250 74.70 14.90 70.64
C HIS K 250 76.22 14.88 70.57
N ARG K 251 76.84 16.03 70.30
CA ARG K 251 78.29 16.10 70.39
C ARG K 251 78.76 15.76 71.81
N GLU K 252 78.04 16.27 72.82
CA GLU K 252 78.41 15.96 74.20
C GLU K 252 78.25 14.47 74.49
N ILE K 253 77.22 13.84 73.94
CA ILE K 253 77.01 12.41 74.13
C ILE K 253 78.13 11.61 73.48
N GLU K 254 78.46 11.93 72.23
CA GLU K 254 79.54 11.25 71.54
C GLU K 254 80.89 11.50 72.20
N ARG K 255 81.01 12.56 72.99
CA ARG K 255 82.25 12.79 73.71
C ARG K 255 82.54 11.65 74.68
N LEU K 256 81.51 11.14 75.34
CA LEU K 256 81.69 10.12 76.37
C LEU K 256 81.89 8.72 75.79
N GLY K 257 81.79 8.55 74.48
CA GLY K 257 82.15 7.27 73.87
C GLY K 257 81.16 6.18 74.23
N PHE K 258 81.71 5.04 74.66
CA PHE K 258 80.91 3.89 75.10
C PHE K 258 80.73 3.90 76.61
N GLU K 259 80.18 5.01 77.09
CA GLU K 259 79.83 5.19 78.49
C GLU K 259 78.97 6.44 78.60
N ALA K 260 77.84 6.32 79.31
CA ALA K 260 76.95 7.45 79.56
C ALA K 260 75.86 7.04 80.54
N PRO K 261 75.46 7.92 81.46
CA PRO K 261 74.35 7.59 82.36
C PRO K 261 73.10 7.25 81.58
N GLU K 262 72.25 6.43 82.18
CA GLU K 262 71.08 5.92 81.47
C GLU K 262 70.12 7.05 81.10
N GLU K 263 70.03 8.08 81.93
CA GLU K 263 69.10 9.17 81.64
C GLU K 263 69.51 9.92 80.37
N LEU K 264 70.81 10.08 80.12
CA LEU K 264 71.25 10.66 78.86
C LEU K 264 70.80 9.81 77.69
N ARG K 265 70.93 8.49 77.81
CA ARG K 265 70.54 7.60 76.74
C ARG K 265 69.04 7.69 76.46
N VAL K 266 68.23 7.77 77.51
CA VAL K 266 66.78 7.88 77.30
C VAL K 266 66.41 9.24 76.72
N ALA K 267 67.07 10.30 77.20
CA ALA K 267 66.81 11.64 76.69
C ALA K 267 67.15 11.74 75.21
N ASP K 268 68.19 11.01 74.77
CA ASP K 268 68.53 11.02 73.35
C ASP K 268 67.38 10.54 72.49
N LEU K 269 66.77 9.42 72.88
CA LEU K 269 65.65 8.89 72.10
C LEU K 269 64.42 9.80 72.21
N LEU K 270 64.20 10.38 73.38
CA LEU K 270 63.08 11.31 73.55
C LEU K 270 63.24 12.52 72.64
N LEU K 271 64.43 13.10 72.60
CA LEU K 271 64.70 14.24 71.74
C LEU K 271 64.56 13.89 70.27
N ALA K 272 65.03 12.71 69.88
CA ALA K 272 64.87 12.28 68.49
C ALA K 272 63.40 12.20 68.12
N ARG K 273 62.57 11.63 68.99
CA ARG K 273 61.14 11.53 68.69
C ARG K 273 60.48 12.89 68.65
N ALA K 274 60.86 13.78 69.56
CA ALA K 274 60.31 15.14 69.55
C ALA K 274 60.63 15.85 68.24
N ILE K 275 61.87 15.71 67.77
CA ILE K 275 62.26 16.33 66.52
C ILE K 275 61.49 15.74 65.36
N ALA K 276 61.31 14.42 65.35
CA ALA K 276 60.54 13.78 64.28
C ALA K 276 59.11 14.29 64.25
N LEU K 277 58.48 14.40 65.42
CA LEU K 277 57.10 14.87 65.48
C LEU K 277 56.99 16.32 65.03
N ILE K 278 57.91 17.18 65.46
CA ILE K 278 57.87 18.58 65.05
C ILE K 278 58.03 18.68 63.54
N LYS K 279 58.96 17.92 62.97
CA LYS K 279 59.15 17.93 61.52
C LYS K 279 57.91 17.43 60.79
N ALA K 280 57.16 16.50 61.39
CA ALA K 280 55.99 15.95 60.72
C ALA K 280 54.75 16.81 60.86
N ILE K 281 54.78 17.87 61.68
CA ILE K 281 53.63 18.77 61.82
C ILE K 281 53.27 19.36 60.47
N THR L 24 87.27 -36.41 68.52
CA THR L 24 85.99 -36.04 69.10
C THR L 24 85.15 -35.24 68.11
N VAL L 25 85.80 -34.78 67.04
CA VAL L 25 85.14 -33.89 66.09
C VAL L 25 83.96 -34.59 65.43
N VAL L 26 84.15 -35.85 65.00
CA VAL L 26 83.07 -36.60 64.40
C VAL L 26 81.98 -36.87 65.43
N GLU L 27 82.37 -37.09 66.69
CA GLU L 27 81.38 -37.23 67.75
C GLU L 27 80.61 -35.92 67.95
N GLU L 28 81.29 -34.79 67.83
CA GLU L 28 80.60 -33.50 67.94
C GLU L 28 79.60 -33.32 66.80
N VAL L 29 79.98 -33.72 65.59
CA VAL L 29 79.05 -33.60 64.47
C VAL L 29 77.85 -34.51 64.66
N ARG L 30 78.09 -35.74 65.11
CA ARG L 30 76.98 -36.66 65.39
C ARG L 30 76.06 -36.10 66.46
N ARG L 31 76.64 -35.58 67.56
CA ARG L 31 75.83 -35.02 68.63
C ARG L 31 75.02 -33.83 68.15
N PHE L 32 75.64 -32.96 67.35
CA PHE L 32 74.95 -31.80 66.81
C PHE L 32 73.76 -32.23 65.96
N ALA L 33 73.97 -33.20 65.07
CA ALA L 33 72.88 -33.64 64.19
C ALA L 33 71.76 -34.29 64.99
N GLU L 34 72.09 -35.17 65.92
CA GLU L 34 71.06 -35.85 66.70
C GLU L 34 70.29 -34.87 67.57
N GLU L 35 70.98 -33.91 68.19
CA GLU L 35 70.29 -32.92 69.02
C GLU L 35 69.33 -32.09 68.18
N LEU L 36 69.77 -31.66 66.99
CA LEU L 36 68.88 -30.89 66.14
C LEU L 36 67.67 -31.72 65.72
N ALA L 37 67.88 -33.00 65.40
CA ALA L 37 66.76 -33.86 65.01
C ALA L 37 65.79 -34.08 66.16
N GLU L 38 66.31 -34.30 67.37
CA GLU L 38 65.44 -34.46 68.53
C GLU L 38 64.63 -33.20 68.79
N GLU L 39 65.25 -32.03 68.66
CA GLU L 39 64.51 -30.78 68.85
C GLU L 39 63.45 -30.62 67.77
N VAL L 40 63.75 -31.01 66.54
CA VAL L 40 62.75 -30.95 65.47
C VAL L 40 61.55 -31.81 65.85
N LEU L 41 61.81 -33.02 66.33
CA LEU L 41 60.72 -33.92 66.71
C LEU L 41 59.94 -33.40 67.90
N ARG L 42 60.63 -32.84 68.90
CA ARG L 42 59.93 -32.31 70.07
C ARG L 42 59.03 -31.14 69.69
N VAL L 43 59.52 -30.22 68.88
CA VAL L 43 58.72 -29.06 68.53
C VAL L 43 57.58 -29.45 67.61
N GLY L 44 57.85 -30.25 66.59
CA GLY L 44 56.84 -30.58 65.60
C GLY L 44 56.17 -31.92 65.75
N GLY L 45 56.64 -32.77 66.68
CA GLY L 45 55.99 -34.04 66.87
C GLY L 45 56.21 -34.99 65.69
N GLU L 46 55.23 -35.86 65.51
CA GLU L 46 55.24 -36.79 64.39
C GLU L 46 54.73 -36.17 63.10
N ALA L 47 54.32 -34.90 63.14
CA ALA L 47 53.87 -34.24 61.92
C ALA L 47 54.99 -34.18 60.88
N MET L 48 56.21 -33.83 61.32
CA MET L 48 57.38 -33.77 60.46
C MET L 48 58.42 -34.75 60.98
N ARG L 49 58.27 -36.01 60.57
CA ARG L 49 59.29 -37.05 60.72
C ARG L 49 60.33 -36.98 59.60
N PRO L 50 59.95 -36.66 58.34
CA PRO L 50 60.98 -36.56 57.29
C PRO L 50 62.16 -35.66 57.65
N TYR L 51 61.92 -34.53 58.31
CA TYR L 51 63.00 -33.59 58.59
C TYR L 51 63.99 -34.18 59.58
N ALA L 52 63.52 -34.98 60.53
CA ALA L 52 64.44 -35.66 61.44
C ALA L 52 65.33 -36.63 60.67
N GLU L 53 64.76 -37.33 59.69
CA GLU L 53 65.56 -38.24 58.88
C GLU L 53 66.57 -37.48 58.03
N MET L 54 66.16 -36.35 57.44
CA MET L 54 67.10 -35.54 56.67
C MET L 54 68.26 -35.06 57.54
N VAL L 55 67.95 -34.57 58.74
CA VAL L 55 69.00 -34.11 59.63
C VAL L 55 69.94 -35.26 59.98
N ARG L 56 69.38 -36.43 60.30
CA ARG L 56 70.23 -37.54 60.73
C ARG L 56 71.11 -38.06 59.60
N HIS L 57 70.57 -38.17 58.38
CA HIS L 57 71.41 -38.58 57.26
C HIS L 57 72.43 -37.52 56.87
N LEU L 58 72.10 -36.24 56.95
CA LEU L 58 73.11 -35.22 56.67
C LEU L 58 74.22 -35.26 57.71
N GLY L 59 73.88 -35.50 58.97
CA GLY L 59 74.93 -35.73 59.96
C GLY L 59 75.78 -36.94 59.64
N GLU L 60 75.14 -38.02 59.16
CA GLU L 60 75.91 -39.21 58.79
C GLU L 60 76.83 -38.95 57.61
N ALA L 61 76.34 -38.23 56.59
CA ALA L 61 77.19 -37.90 55.45
C ALA L 61 78.38 -37.05 55.88
N ALA L 62 78.13 -36.09 56.77
CA ALA L 62 79.22 -35.25 57.26
C ALA L 62 80.26 -36.07 58.01
N VAL L 63 79.82 -36.97 58.89
CA VAL L 63 80.81 -37.73 59.64
C VAL L 63 81.53 -38.73 58.75
N ALA L 64 80.85 -39.25 57.72
CA ALA L 64 81.53 -40.08 56.73
C ALA L 64 82.63 -39.30 56.03
N ALA L 65 82.32 -38.06 55.63
CA ALA L 65 83.34 -37.22 54.97
C ALA L 65 84.51 -36.94 55.90
N LEU L 66 84.23 -36.65 57.17
CA LEU L 66 85.32 -36.46 58.14
C LEU L 66 86.10 -37.73 58.42
N GLU L 67 85.54 -38.91 58.16
CA GLU L 67 86.26 -40.15 58.46
C GLU L 67 86.61 -40.92 57.20
N GLY L 68 87.15 -40.24 56.20
CA GLY L 68 87.47 -40.86 54.94
C GLY L 68 86.31 -40.71 53.96
N ARG L 69 86.27 -41.63 53.00
CA ARG L 69 85.13 -41.81 52.10
C ARG L 69 84.89 -40.61 51.18
N ALA L 70 84.32 -40.88 50.01
CA ALA L 70 83.82 -39.84 49.13
C ALA L 70 82.54 -40.24 48.41
N GLU L 71 82.18 -41.53 48.40
CA GLU L 71 81.03 -42.06 47.70
C GLU L 71 79.82 -42.19 48.61
N GLU L 72 80.03 -42.58 49.88
CA GLU L 72 78.94 -42.64 50.83
C GLU L 72 78.34 -41.26 51.05
N ALA L 73 79.19 -40.23 51.11
CA ALA L 73 78.68 -38.87 51.22
C ALA L 73 77.83 -38.51 50.02
N ASP L 74 78.29 -38.88 48.82
CA ASP L 74 77.51 -38.65 47.61
C ASP L 74 76.13 -39.32 47.71
N ARG L 75 76.12 -40.59 48.11
CA ARG L 75 74.86 -41.33 48.15
C ARG L 75 73.91 -40.75 49.18
N LEU L 76 74.41 -40.42 50.37
CA LEU L 76 73.54 -39.89 51.42
C LEU L 76 72.99 -38.53 51.02
N VAL L 77 73.81 -37.68 50.40
CA VAL L 77 73.32 -36.37 49.97
C VAL L 77 72.28 -36.54 48.88
N ARG L 78 72.46 -37.51 47.98
CA ARG L 78 71.46 -37.77 46.94
C ARG L 78 70.14 -38.27 47.55
N ASP L 79 70.23 -39.15 48.55
CA ASP L 79 69.02 -39.64 49.22
C ASP L 79 68.29 -38.50 49.92
N VAL L 80 69.03 -37.62 50.61
CA VAL L 80 68.42 -36.49 51.29
C VAL L 80 67.81 -35.52 50.28
N LEU L 81 68.46 -35.37 49.12
CA LEU L 81 67.90 -34.54 48.07
C LEU L 81 66.58 -35.13 47.58
N GLU L 82 66.51 -36.46 47.47
CA GLU L 82 65.26 -37.09 47.07
C GLU L 82 64.15 -36.86 48.10
N MET L 83 64.49 -36.97 49.39
CA MET L 83 63.50 -36.67 50.44
C MET L 83 63.03 -35.23 50.32
N ALA L 84 63.96 -34.30 50.13
CA ALA L 84 63.58 -32.90 49.97
C ALA L 84 62.67 -32.70 48.77
N ARG L 85 62.92 -33.44 47.68
CA ARG L 85 62.06 -33.35 46.52
C ARG L 85 60.65 -33.82 46.84
N GLU L 86 60.52 -34.95 47.53
CA GLU L 86 59.17 -35.49 47.75
C GLU L 86 58.40 -34.69 48.79
N VAL L 87 59.07 -34.23 49.84
CA VAL L 87 58.38 -33.48 50.90
C VAL L 87 57.81 -32.18 50.34
N GLY L 88 58.59 -31.47 49.54
CA GLY L 88 58.18 -30.19 49.00
C GLY L 88 59.12 -29.05 49.32
N ALA L 89 60.23 -29.30 50.02
CA ALA L 89 61.18 -28.25 50.34
C ALA L 89 61.93 -27.85 49.08
N GLU L 90 61.78 -26.60 48.67
CA GLU L 90 62.43 -26.12 47.45
C GLU L 90 63.82 -25.57 47.71
N GLY L 91 63.92 -24.57 48.60
CA GLY L 91 65.22 -24.00 48.92
C GLY L 91 66.18 -25.03 49.48
N LEU L 92 65.66 -25.93 50.32
CA LEU L 92 66.49 -26.99 50.86
C LEU L 92 67.00 -27.90 49.74
N ALA L 93 66.14 -28.23 48.77
CA ALA L 93 66.58 -29.07 47.65
C ALA L 93 67.67 -28.38 46.84
N ARG L 94 67.50 -27.08 46.56
CA ARG L 94 68.53 -26.37 45.81
C ARG L 94 69.86 -26.37 46.56
N LEU L 95 69.82 -26.06 47.85
CA LEU L 95 71.06 -26.05 48.62
C LEU L 95 71.66 -27.44 48.66
N LEU L 96 70.84 -28.49 48.64
CA LEU L 96 71.38 -29.84 48.70
C LEU L 96 72.06 -30.22 47.39
N GLU L 97 71.51 -29.78 46.25
CA GLU L 97 72.22 -29.98 44.98
C GLU L 97 73.57 -29.27 44.99
N ARG L 98 73.59 -28.03 45.49
CA ARG L 98 74.84 -27.29 45.56
C ARG L 98 75.85 -27.99 46.47
N VAL L 99 75.38 -28.50 47.60
CA VAL L 99 76.26 -29.29 48.47
C VAL L 99 76.80 -30.50 47.72
N HIS L 100 75.96 -31.15 46.94
CA HIS L 100 76.39 -32.33 46.20
C HIS L 100 77.56 -32.00 45.28
N ARG L 101 77.39 -30.98 44.44
CA ARG L 101 78.43 -30.63 43.46
C ARG L 101 79.72 -30.18 44.15
N GLU L 102 79.60 -29.23 45.08
CA GLU L 102 80.82 -28.76 45.75
C GLU L 102 81.50 -29.88 46.52
N ALA L 103 80.75 -30.63 47.33
CA ALA L 103 81.37 -31.71 48.09
C ALA L 103 82.14 -32.64 47.17
N ARG L 104 81.60 -32.93 45.99
CA ARG L 104 82.38 -33.69 45.01
C ARG L 104 83.69 -32.99 44.68
N GLU L 105 83.63 -31.68 44.37
CA GLU L 105 84.83 -30.97 43.93
C GLU L 105 85.90 -30.95 45.01
N LEU L 106 85.55 -30.52 46.22
CA LEU L 106 86.55 -30.44 47.28
C LEU L 106 87.00 -31.81 47.75
N LEU L 107 86.15 -32.83 47.66
CA LEU L 107 86.63 -34.16 48.01
C LEU L 107 87.60 -34.69 46.98
N ARG L 108 87.43 -34.29 45.71
CA ARG L 108 88.45 -34.60 44.72
C ARG L 108 89.75 -33.87 45.02
N GLU L 109 89.66 -32.61 45.44
CA GLU L 109 90.86 -31.84 45.76
C GLU L 109 91.52 -32.29 47.06
N GLY L 110 90.90 -33.16 47.82
CA GLY L 110 91.50 -33.68 49.03
C GLY L 110 91.19 -32.90 50.30
N ARG L 111 90.50 -31.77 50.21
CA ARG L 111 90.11 -31.00 51.38
C ARG L 111 88.83 -31.59 51.95
N ARG L 112 88.85 -31.93 53.23
CA ARG L 112 87.74 -32.63 53.86
C ARG L 112 86.92 -31.75 54.78
N GLU L 113 87.55 -30.82 55.50
CA GLU L 113 86.82 -30.04 56.50
C GLU L 113 85.73 -29.19 55.87
N GLU L 114 86.02 -28.59 54.71
CA GLU L 114 85.06 -27.69 54.10
C GLU L 114 83.86 -28.43 53.51
N ALA L 115 84.05 -29.65 53.01
CA ALA L 115 82.91 -30.43 52.53
C ALA L 115 81.96 -30.77 53.67
N ALA L 116 82.50 -31.22 54.80
CA ALA L 116 81.68 -31.44 55.97
C ALA L 116 81.07 -30.14 56.48
N ALA L 117 81.75 -29.01 56.28
CA ALA L 117 81.17 -27.73 56.66
C ALA L 117 79.93 -27.44 55.84
N LEU L 118 80.00 -27.67 54.53
CA LEU L 118 78.81 -27.51 53.69
C LEU L 118 77.70 -28.44 54.12
N VAL L 119 78.05 -29.70 54.43
CA VAL L 119 77.03 -30.67 54.84
C VAL L 119 76.38 -30.27 56.16
N LEU L 120 77.18 -29.80 57.12
CA LEU L 120 76.63 -29.37 58.41
C LEU L 120 75.74 -28.14 58.24
N ALA L 121 76.14 -27.21 57.38
CA ALA L 121 75.25 -26.09 57.08
C ALA L 121 73.93 -26.58 56.49
N ALA L 122 73.99 -27.59 55.63
CA ALA L 122 72.76 -28.14 55.05
C ALA L 122 71.87 -28.77 56.11
N ALA L 123 72.47 -29.53 57.03
CA ALA L 123 71.69 -30.14 58.11
C ALA L 123 71.03 -29.08 58.98
N LEU L 124 71.79 -28.04 59.32
CA LEU L 124 71.22 -26.96 60.13
C LEU L 124 70.10 -26.25 59.38
N ALA L 125 70.26 -26.05 58.07
CA ALA L 125 69.18 -25.44 57.31
C ALA L 125 67.92 -26.29 57.35
N ALA L 126 68.06 -27.61 57.21
CA ALA L 126 66.90 -28.50 57.26
C ALA L 126 66.21 -28.45 58.62
N GLY L 127 66.99 -28.58 59.70
CA GLY L 127 66.41 -28.55 61.03
C GLY L 127 65.75 -27.22 61.35
N ALA L 128 66.42 -26.12 61.04
CA ALA L 128 65.86 -24.81 61.32
C ALA L 128 64.62 -24.54 60.48
N VAL L 129 64.59 -25.01 59.24
CA VAL L 129 63.38 -24.89 58.43
C VAL L 129 62.23 -25.64 59.07
N ALA L 130 62.49 -26.86 59.54
CA ALA L 130 61.44 -27.65 60.18
C ALA L 130 60.90 -26.93 61.41
N VAL L 131 61.79 -26.48 62.30
CA VAL L 131 61.34 -25.87 63.56
C VAL L 131 60.64 -24.55 63.29
N ALA L 132 61.12 -23.77 62.33
CA ALA L 132 60.49 -22.50 62.01
C ALA L 132 59.09 -22.70 61.45
N GLU L 133 58.93 -23.71 60.57
CA GLU L 133 57.59 -23.99 60.06
C GLU L 133 56.67 -24.47 61.16
N ALA L 134 57.20 -25.23 62.13
CA ALA L 134 56.40 -25.64 63.27
C ALA L 134 55.94 -24.43 64.07
N TYR L 135 56.86 -23.50 64.35
CA TYR L 135 56.52 -22.31 65.11
C TYR L 135 55.48 -21.48 64.39
N VAL L 136 55.61 -21.33 63.07
CA VAL L 136 54.64 -20.55 62.32
C VAL L 136 53.29 -21.24 62.29
N ARG L 137 53.27 -22.58 62.23
CA ARG L 137 52.00 -23.31 62.15
C ARG L 137 51.17 -23.09 63.41
N LEU L 138 51.80 -23.11 64.58
CA LEU L 138 51.09 -22.94 65.83
C LEU L 138 51.13 -21.50 66.34
N GLY L 139 51.51 -20.55 65.49
CA GLY L 139 51.34 -19.13 65.78
C GLY L 139 52.11 -18.55 66.95
N GLN L 140 53.37 -18.92 67.10
CA GLN L 140 54.19 -18.30 68.13
C GLN L 140 54.78 -16.99 67.63
N PRO L 141 55.17 -16.08 68.53
CA PRO L 141 55.65 -14.77 68.11
C PRO L 141 56.98 -14.86 67.36
N ILE L 142 57.26 -13.80 66.60
CA ILE L 142 58.45 -13.77 65.73
C ILE L 142 59.73 -13.59 66.53
N ARG L 143 59.68 -13.01 67.72
CA ARG L 143 60.87 -12.94 68.56
C ARG L 143 61.46 -14.32 68.78
N LEU L 144 60.60 -15.32 68.97
CA LEU L 144 61.07 -16.67 69.24
C LEU L 144 61.82 -17.25 68.05
N ILE L 145 61.27 -17.10 66.85
CA ILE L 145 61.95 -17.59 65.65
C ILE L 145 63.28 -16.88 65.49
N ALA L 146 63.30 -15.55 65.67
CA ALA L 146 64.52 -14.79 65.47
C ALA L 146 65.60 -15.20 66.45
N GLU L 147 65.25 -15.31 67.74
CA GLU L 147 66.24 -15.69 68.74
C GLU L 147 66.72 -17.12 68.53
N TYR L 148 65.81 -18.03 68.16
CA TYR L 148 66.20 -19.41 67.90
C TYR L 148 67.22 -19.48 66.78
N VAL L 149 66.89 -18.86 65.64
CA VAL L 149 67.77 -18.94 64.47
C VAL L 149 69.11 -18.30 64.78
N ALA L 150 69.11 -17.15 65.43
CA ALA L 150 70.38 -16.47 65.72
C ALA L 150 71.26 -17.31 66.62
N GLU L 151 70.68 -17.94 67.65
CA GLU L 151 71.50 -18.74 68.55
C GLU L 151 72.03 -19.98 67.84
N ARG L 152 71.21 -20.57 66.96
CA ARG L 152 71.70 -21.72 66.20
C ARG L 152 72.86 -21.33 65.30
N LEU L 153 72.78 -20.18 64.64
CA LEU L 153 73.87 -19.73 63.80
C LEU L 153 75.14 -19.51 64.61
N VAL L 154 75.00 -18.94 65.80
CA VAL L 154 76.18 -18.72 66.63
C VAL L 154 76.81 -20.06 67.02
N GLU L 155 76.00 -21.05 67.38
CA GLU L 155 76.52 -22.36 67.75
C GLU L 155 77.25 -23.01 66.56
N LEU L 156 76.65 -22.94 65.38
CA LEU L 156 77.29 -23.49 64.20
C LEU L 156 78.60 -22.78 63.89
N ALA L 157 78.63 -21.46 64.05
CA ALA L 157 79.86 -20.72 63.80
C ALA L 157 80.95 -21.16 64.76
N GLU L 158 80.59 -21.40 66.03
CA GLU L 158 81.57 -21.90 66.98
C GLU L 158 82.09 -23.27 66.56
N LEU L 159 81.20 -24.15 66.10
CA LEU L 159 81.63 -25.47 65.65
C LEU L 159 82.58 -25.37 64.47
N LEU L 160 82.22 -24.57 63.46
CA LEU L 160 83.06 -24.44 62.28
C LEU L 160 84.39 -23.81 62.61
N ARG L 161 84.42 -22.90 63.58
CA ARG L 161 85.70 -22.39 64.06
C ARG L 161 86.52 -23.51 64.69
N ARG L 162 85.86 -24.42 65.42
CA ARG L 162 86.58 -25.54 66.00
C ARG L 162 87.18 -26.45 64.93
N LEU L 163 86.42 -26.73 63.87
CA LEU L 163 86.94 -27.62 62.82
C LEU L 163 88.16 -27.03 62.14
N GLY L 164 88.06 -25.79 61.65
CA GLY L 164 89.18 -25.16 60.99
C GLY L 164 88.86 -24.40 59.73
N VAL L 165 87.58 -24.26 59.42
CA VAL L 165 87.17 -23.53 58.20
C VAL L 165 87.59 -22.07 58.33
N PRO L 166 88.08 -21.43 57.28
CA PRO L 166 88.34 -19.99 57.34
C PRO L 166 87.07 -19.18 57.53
N LEU L 167 87.25 -18.01 58.16
CA LEU L 167 86.10 -17.27 58.69
C LEU L 167 85.17 -16.77 57.59
N ARG L 168 85.70 -16.41 56.45
CA ARG L 168 84.86 -15.82 55.42
C ARG L 168 84.02 -16.88 54.78
N ARG L 169 84.48 -18.11 54.72
CA ARG L 169 83.63 -19.23 54.34
C ARG L 169 82.57 -19.49 55.39
N ILE L 170 82.92 -19.34 56.67
CA ILE L 170 81.93 -19.48 57.74
C ILE L 170 80.77 -18.52 57.51
N ILE L 171 81.08 -17.25 57.27
CA ILE L 171 80.04 -16.26 57.12
C ILE L 171 79.22 -16.51 55.86
N ARG L 172 79.87 -16.99 54.79
CA ARG L 172 79.13 -17.32 53.58
C ARG L 172 78.15 -18.47 53.80
N LEU L 173 78.57 -19.51 54.52
CA LEU L 173 77.67 -20.61 54.82
C LEU L 173 76.51 -20.16 55.70
N LEU L 174 76.80 -19.33 56.70
CA LEU L 174 75.76 -18.84 57.58
C LEU L 174 74.74 -18.02 56.81
N GLU L 175 75.19 -17.21 55.86
CA GLU L 175 74.25 -16.46 55.03
C GLU L 175 73.43 -17.39 54.14
N GLU L 176 74.01 -18.48 53.66
CA GLU L 176 73.22 -19.45 52.91
C GLU L 176 72.12 -20.05 53.76
N VAL L 177 72.45 -20.42 55.00
CA VAL L 177 71.47 -20.95 55.93
C VAL L 177 70.35 -19.94 56.15
N LEU L 178 70.72 -18.68 56.37
CA LEU L 178 69.72 -17.64 56.59
C LEU L 178 68.83 -17.48 55.37
N ARG L 179 69.40 -17.59 54.17
CA ARG L 179 68.60 -17.46 52.96
C ARG L 179 67.57 -18.58 52.87
N VAL L 180 67.99 -19.81 53.16
CA VAL L 180 67.05 -20.93 53.13
C VAL L 180 65.94 -20.73 54.15
N VAL L 181 66.30 -20.31 55.36
CA VAL L 181 65.29 -20.10 56.41
C VAL L 181 64.31 -19.02 55.99
N ALA L 182 64.81 -17.93 55.39
CA ALA L 182 63.92 -16.87 54.94
C ALA L 182 62.98 -17.36 53.85
N GLU L 183 63.48 -18.19 52.92
CA GLU L 183 62.60 -18.75 51.90
C GLU L 183 61.52 -19.62 52.53
N ALA L 184 61.90 -20.44 53.51
CA ALA L 184 60.92 -21.28 54.18
C ALA L 184 59.84 -20.44 54.85
N LEU L 185 60.25 -19.39 55.56
CA LEU L 185 59.27 -18.52 56.22
C LEU L 185 58.40 -17.80 55.21
N ARG L 186 58.94 -17.47 54.05
CA ARG L 186 58.13 -16.87 53.00
C ARG L 186 57.07 -17.83 52.49
N ARG L 187 57.43 -19.10 52.31
CA ARG L 187 56.46 -20.08 51.82
C ARG L 187 55.35 -20.34 52.86
N ALA L 188 55.63 -20.11 54.13
CA ALA L 188 54.65 -20.29 55.18
C ALA L 188 53.73 -19.09 55.36
N GLY L 189 53.88 -18.06 54.53
CA GLY L 189 53.01 -16.91 54.60
C GLY L 189 53.41 -15.83 55.57
N VAL L 190 54.58 -15.93 56.20
CA VAL L 190 55.01 -14.89 57.13
C VAL L 190 55.22 -13.59 56.37
N PRO L 191 54.72 -12.45 56.85
CA PRO L 191 54.88 -11.21 56.11
C PRO L 191 56.35 -10.81 55.98
N GLU L 192 56.66 -10.12 54.89
CA GLU L 192 58.05 -9.80 54.57
C GLU L 192 58.76 -9.00 55.66
N PRO L 193 58.18 -7.95 56.26
CA PRO L 193 58.91 -7.21 57.30
C PRO L 193 59.36 -8.08 58.45
N GLU L 194 58.59 -9.10 58.83
CA GLU L 194 59.04 -9.99 59.89
C GLU L 194 60.25 -10.81 59.45
N ILE L 195 60.29 -11.21 58.18
CA ILE L 195 61.47 -11.90 57.67
C ILE L 195 62.69 -11.00 57.72
N ARG L 196 62.53 -9.73 57.34
CA ARG L 196 63.64 -8.79 57.40
C ARG L 196 64.09 -8.59 58.85
N LYS L 197 63.14 -8.54 59.78
CA LYS L 197 63.51 -8.42 61.19
C LYS L 197 64.30 -9.64 61.65
N VAL L 198 63.89 -10.83 61.20
CA VAL L 198 64.62 -12.04 61.57
C VAL L 198 66.06 -11.96 61.07
N GLU L 199 66.24 -11.61 59.79
CA GLU L 199 67.59 -11.56 59.23
C GLU L 199 68.44 -10.48 59.89
N ALA L 200 67.87 -9.30 60.11
CA ALA L 200 68.62 -8.22 60.74
C ALA L 200 69.04 -8.58 62.15
N ALA L 201 68.16 -9.23 62.90
CA ALA L 201 68.53 -9.71 64.23
C ALA L 201 69.67 -10.72 64.14
N ALA L 202 69.62 -11.61 63.14
CA ALA L 202 70.68 -12.59 62.96
C ALA L 202 72.02 -11.91 62.68
N TYR L 203 72.01 -10.89 61.82
CA TYR L 203 73.24 -10.20 61.47
C TYR L 203 73.81 -9.43 62.65
N ILE L 204 72.94 -8.79 63.44
CA ILE L 204 73.41 -8.06 64.61
C ILE L 204 73.99 -9.01 65.64
N ARG L 205 73.37 -10.19 65.80
CA ARG L 205 73.91 -11.19 66.72
C ARG L 205 75.27 -11.69 66.24
N LEU L 206 75.41 -11.97 64.94
CA LEU L 206 76.69 -12.42 64.40
C LEU L 206 77.76 -11.34 64.56
N ALA L 207 77.42 -10.09 64.28
CA ALA L 207 78.37 -9.00 64.43
C ALA L 207 78.82 -8.84 65.87
N ALA L 208 77.88 -8.93 66.82
CA ALA L 208 78.24 -8.85 68.23
C ALA L 208 79.13 -10.01 68.63
N TYR L 209 78.83 -11.21 68.13
CA TYR L 209 79.65 -12.38 68.42
C TYR L 209 81.07 -12.19 67.91
N LEU L 210 81.23 -11.66 66.70
CA LEU L 210 82.57 -11.42 66.16
C LEU L 210 83.30 -10.35 66.97
N LEU L 211 82.59 -9.28 67.35
CA LEU L 211 83.24 -8.20 68.07
C LEU L 211 83.67 -8.63 69.46
N ARG L 212 82.97 -9.59 70.06
CA ARG L 212 83.29 -9.97 71.44
C ARG L 212 84.65 -10.65 71.55
N GLN L 213 85.03 -11.44 70.54
CA GLN L 213 86.27 -12.21 70.64
C GLN L 213 87.49 -11.31 70.74
N LEU L 214 87.49 -10.21 70.00
CA LEU L 214 88.64 -9.30 69.96
C LEU L 214 88.69 -8.36 71.15
N GLY L 215 87.70 -8.39 72.03
CA GLY L 215 87.76 -7.59 73.23
C GLY L 215 87.10 -6.24 73.10
N TYR L 216 85.98 -6.19 72.39
CA TYR L 216 85.14 -5.00 72.32
C TYR L 216 83.82 -5.35 72.99
N GLU L 217 83.81 -5.27 74.31
CA GLU L 217 82.61 -5.66 75.06
C GLU L 217 81.52 -4.60 74.92
N ALA L 218 81.87 -3.34 75.14
CA ALA L 218 80.86 -2.28 75.11
C ALA L 218 80.16 -2.22 73.77
N LEU L 219 80.91 -2.39 72.68
CA LEU L 219 80.31 -2.42 71.36
C LEU L 219 79.29 -3.54 71.24
N ALA L 220 79.62 -4.72 71.76
CA ALA L 220 78.69 -5.84 71.69
C ALA L 220 77.43 -5.58 72.52
N LYS L 221 77.59 -5.01 73.71
CA LYS L 221 76.42 -4.71 74.53
C LYS L 221 75.50 -3.71 73.84
N ARG L 222 76.08 -2.68 73.23
CA ARG L 222 75.23 -1.69 72.55
C ARG L 222 74.53 -2.30 71.33
N LEU L 223 75.23 -3.17 70.60
CA LEU L 223 74.58 -3.85 69.47
C LEU L 223 73.43 -4.72 69.95
N LEU L 224 73.62 -5.39 71.09
CA LEU L 224 72.55 -6.25 71.58
C LEU L 224 71.39 -5.45 72.15
N GLU L 225 71.66 -4.28 72.74
CA GLU L 225 70.58 -3.37 73.15
C GLU L 225 69.76 -2.92 71.95
N ALA L 226 70.44 -2.55 70.86
CA ALA L 226 69.71 -2.19 69.65
C ALA L 226 68.90 -3.35 69.12
N ARG L 227 69.45 -4.58 69.20
CA ARG L 227 68.69 -5.75 68.76
C ARG L 227 67.45 -5.97 69.63
N GLU L 228 67.59 -5.79 70.95
CA GLU L 228 66.44 -5.92 71.83
C GLU L 228 65.36 -4.91 71.49
N LEU L 229 65.75 -3.66 71.24
CA LEU L 229 64.76 -2.67 70.84
C LEU L 229 64.14 -3.03 69.49
N LEU L 230 64.88 -3.72 68.63
CA LEU L 230 64.32 -4.09 67.33
C LEU L 230 63.29 -5.20 67.46
N LEU L 231 63.59 -6.23 68.25
CA LEU L 231 62.69 -7.38 68.34
C LEU L 231 61.37 -7.03 69.02
N GLU L 232 61.32 -5.93 69.76
CA GLU L 232 60.12 -5.48 70.44
C GLU L 232 59.20 -4.66 69.54
N GLY L 233 59.58 -4.41 68.29
CA GLY L 233 58.80 -3.60 67.40
C GLY L 233 59.18 -2.14 67.35
N ARG L 234 60.02 -1.67 68.29
CA ARG L 234 60.51 -0.30 68.27
C ARG L 234 61.61 -0.21 67.22
N VAL L 235 61.18 -0.04 65.97
CA VAL L 235 62.13 0.02 64.86
C VAL L 235 62.92 1.33 64.89
N GLU L 236 62.27 2.43 65.24
CA GLU L 236 62.90 3.75 65.10
C GLU L 236 64.02 3.93 66.11
N GLU L 237 63.78 3.58 67.37
CA GLU L 237 64.83 3.68 68.36
C GLU L 237 65.95 2.70 68.06
N ALA L 238 65.62 1.53 67.53
CA ALA L 238 66.64 0.57 67.12
C ALA L 238 67.53 1.14 66.03
N ALA L 239 66.94 1.79 65.03
CA ALA L 239 67.72 2.38 63.96
C ALA L 239 68.58 3.53 64.46
N HIS L 240 68.04 4.37 65.35
CA HIS L 240 68.83 5.48 65.89
C HIS L 240 70.03 4.96 66.68
N LEU L 241 69.81 4.01 67.58
CA LEU L 241 70.90 3.50 68.40
C LEU L 241 71.91 2.72 67.56
N LEU L 242 71.42 1.98 66.56
CA LEU L 242 72.31 1.27 65.66
C LEU L 242 73.19 2.23 64.88
N GLU L 243 72.62 3.32 64.36
CA GLU L 243 73.43 4.27 63.60
C GLU L 243 74.44 4.96 64.51
N ASP L 244 74.10 5.23 65.76
CA ASP L 244 75.08 5.84 66.66
C ASP L 244 76.25 4.90 66.92
N VAL L 245 75.96 3.65 67.26
CA VAL L 245 77.04 2.72 67.56
C VAL L 245 77.85 2.41 66.29
N TYR L 246 77.21 2.36 65.14
CA TYR L 246 77.92 2.16 63.89
C TYR L 246 78.84 3.32 63.58
N ALA L 247 78.40 4.55 63.84
CA ALA L 247 79.27 5.70 63.60
C ALA L 247 80.50 5.65 64.49
N LEU L 248 80.33 5.31 65.76
CA LEU L 248 81.50 5.20 66.64
C LEU L 248 82.44 4.09 66.19
N PHE L 249 81.88 2.93 65.82
CA PHE L 249 82.67 1.82 65.36
C PHE L 249 83.43 2.16 64.08
N HIS L 250 82.78 2.86 63.16
CA HIS L 250 83.40 3.13 61.87
C HIS L 250 84.50 4.16 62.01
N ARG L 251 84.32 5.13 62.91
CA ARG L 251 85.44 6.01 63.25
C ARG L 251 86.61 5.22 63.80
N GLU L 252 86.32 4.22 64.66
CA GLU L 252 87.39 3.39 65.17
C GLU L 252 88.08 2.61 64.06
N ILE L 253 87.33 2.14 63.08
CA ILE L 253 87.91 1.43 61.95
C ILE L 253 88.84 2.35 61.16
N GLU L 254 88.34 3.54 60.81
CA GLU L 254 89.14 4.49 60.05
C GLU L 254 90.34 5.00 60.82
N ARG L 255 90.33 4.86 62.16
CA ARG L 255 91.51 5.21 62.94
C ARG L 255 92.71 4.36 62.53
N LEU L 256 92.49 3.07 62.30
CA LEU L 256 93.57 2.13 62.03
C LEU L 256 94.06 2.19 60.58
N GLY L 257 93.43 2.99 59.72
CA GLY L 257 93.97 3.20 58.39
C GLY L 257 93.89 1.95 57.53
N PHE L 258 95.01 1.60 56.92
CA PHE L 258 95.11 0.41 56.07
C PHE L 258 95.68 -0.78 56.85
N GLU L 259 95.02 -1.08 57.97
CA GLU L 259 95.36 -2.22 58.82
C GLU L 259 94.23 -2.42 59.81
N ALA L 260 93.78 -3.66 59.95
CA ALA L 260 92.75 -4.04 60.92
C ALA L 260 92.58 -5.55 60.93
N PRO L 261 92.32 -6.17 62.08
CA PRO L 261 92.07 -7.61 62.11
C PRO L 261 90.89 -7.96 61.20
N GLU L 262 90.93 -9.18 60.67
CA GLU L 262 89.97 -9.56 59.64
C GLU L 262 88.54 -9.55 60.17
N GLU L 263 88.36 -9.85 61.46
CA GLU L 263 87.02 -9.88 62.01
C GLU L 263 86.38 -8.49 62.08
N LEU L 264 87.19 -7.44 62.28
CA LEU L 264 86.67 -6.09 62.13
C LEU L 264 86.14 -5.86 60.72
N ARG L 265 86.90 -6.31 59.73
CA ARG L 265 86.49 -6.09 58.34
C ARG L 265 85.21 -6.85 58.01
N VAL L 266 85.05 -8.05 58.55
CA VAL L 266 83.82 -8.81 58.30
C VAL L 266 82.65 -8.19 59.05
N ALA L 267 82.86 -7.81 60.31
CA ALA L 267 81.81 -7.20 61.11
C ALA L 267 81.31 -5.91 60.49
N ASP L 268 82.18 -5.18 59.80
CA ASP L 268 81.76 -3.95 59.15
C ASP L 268 80.70 -4.24 58.08
N LEU L 269 80.91 -5.26 57.27
CA LEU L 269 79.93 -5.60 56.25
C LEU L 269 78.66 -6.18 56.88
N LEU L 270 78.81 -6.95 57.97
CA LEU L 270 77.64 -7.47 58.67
C LEU L 270 76.77 -6.33 59.19
N LEU L 271 77.40 -5.34 59.82
CA LEU L 271 76.68 -4.19 60.36
C LEU L 271 76.03 -3.37 59.25
N ALA L 272 76.73 -3.19 58.14
CA ALA L 272 76.15 -2.45 57.03
C ALA L 272 74.89 -3.13 56.51
N ARG L 273 74.94 -4.46 56.34
CA ARG L 273 73.76 -5.17 55.86
C ARG L 273 72.63 -5.14 56.87
N ALA L 274 72.97 -5.25 58.17
CA ALA L 274 71.95 -5.17 59.20
C ALA L 274 71.23 -3.83 59.16
N ILE L 275 72.00 -2.75 59.02
CA ILE L 275 71.40 -1.42 58.96
C ILE L 275 70.54 -1.27 57.71
N ALA L 276 71.01 -1.79 56.57
CA ALA L 276 70.21 -1.72 55.35
C ALA L 276 68.89 -2.46 55.52
N LEU L 277 68.94 -3.65 56.13
CA LEU L 277 67.71 -4.42 56.33
C LEU L 277 66.75 -3.71 57.25
N ILE L 278 67.26 -3.14 58.35
CA ILE L 278 66.38 -2.41 59.27
C ILE L 278 65.73 -1.23 58.56
N LYS L 279 66.52 -0.49 57.76
CA LYS L 279 65.96 0.64 57.03
C LYS L 279 64.92 0.19 56.01
N ALA L 280 65.07 -1.00 55.45
CA ALA L 280 64.13 -1.47 54.44
C ALA L 280 62.86 -2.08 55.02
N ILE L 281 62.78 -2.28 56.33
CA ILE L 281 61.57 -2.78 56.97
C ILE L 281 60.39 -1.86 56.67
N THR M 24 114.98 -4.18 20.03
CA THR M 24 114.12 -5.26 20.51
C THR M 24 112.67 -4.82 20.54
N VAL M 25 112.44 -3.51 20.40
CA VAL M 25 111.09 -2.97 20.51
C VAL M 25 110.21 -3.51 19.39
N VAL M 26 110.70 -3.51 18.16
CA VAL M 26 109.92 -4.03 17.05
C VAL M 26 109.73 -5.54 17.20
N GLU M 27 110.73 -6.23 17.74
CA GLU M 27 110.55 -7.65 18.05
C GLU M 27 109.48 -7.84 19.11
N GLU M 28 109.43 -6.95 20.11
CA GLU M 28 108.39 -7.04 21.13
C GLU M 28 107.01 -6.83 20.52
N VAL M 29 106.89 -5.88 19.59
CA VAL M 29 105.60 -5.63 18.94
C VAL M 29 105.19 -6.84 18.10
N ARG M 30 106.13 -7.41 17.35
CA ARG M 30 105.83 -8.61 16.58
C ARG M 30 105.40 -9.76 17.49
N ARG M 31 106.13 -9.98 18.58
CA ARG M 31 105.80 -11.06 19.50
C ARG M 31 104.42 -10.85 20.12
N PHE M 32 104.11 -9.61 20.51
CA PHE M 32 102.82 -9.31 21.08
C PHE M 32 101.70 -9.60 20.09
N ALA M 33 101.85 -9.15 18.85
CA ALA M 33 100.80 -9.38 17.85
C ALA M 33 100.63 -10.86 17.55
N GLU M 34 101.75 -11.58 17.38
CA GLU M 34 101.66 -13.00 17.05
C GLU M 34 101.06 -13.80 18.20
N GLU M 35 101.44 -13.50 19.44
CA GLU M 35 100.87 -14.20 20.59
C GLU M 35 99.38 -13.95 20.69
N LEU M 36 98.95 -12.71 20.47
CA LEU M 36 97.52 -12.42 20.50
C LEU M 36 96.78 -13.18 19.40
N ALA M 37 97.37 -13.25 18.20
CA ALA M 37 96.73 -13.98 17.10
C ALA M 37 96.64 -15.47 17.39
N GLU M 38 97.72 -16.05 17.95
CA GLU M 38 97.68 -17.46 18.31
C GLU M 38 96.62 -17.74 19.36
N GLU M 39 96.50 -16.88 20.37
CA GLU M 39 95.47 -17.06 21.38
C GLU M 39 94.08 -16.93 20.77
N VAL M 40 93.91 -16.01 19.83
CA VAL M 40 92.62 -15.87 19.16
C VAL M 40 92.25 -17.15 18.45
N LEU M 41 93.22 -17.74 17.73
CA LEU M 41 92.96 -18.98 17.02
C LEU M 41 92.70 -20.15 17.96
N ARG M 42 93.43 -20.21 19.07
CA ARG M 42 93.23 -21.30 20.02
C ARG M 42 91.85 -21.22 20.66
N VAL M 43 91.44 -20.04 21.10
CA VAL M 43 90.14 -19.92 21.75
C VAL M 43 89.01 -20.12 20.75
N GLY M 44 89.10 -19.48 19.59
CA GLY M 44 88.03 -19.52 18.62
C GLY M 44 88.17 -20.51 17.50
N GLY M 45 89.31 -21.17 17.38
CA GLY M 45 89.48 -22.16 16.32
C GLY M 45 89.56 -21.53 14.94
N GLU M 46 89.10 -22.30 13.97
CA GLU M 46 89.02 -21.83 12.59
C GLU M 46 87.70 -21.13 12.30
N ALA M 47 86.85 -20.94 13.30
CA ALA M 47 85.59 -20.24 13.07
C ALA M 47 85.84 -18.81 12.62
N MET M 48 86.79 -18.13 13.25
CA MET M 48 87.17 -16.76 12.88
C MET M 48 88.68 -16.72 12.66
N ARG M 49 89.08 -17.06 11.44
CA ARG M 49 90.42 -16.84 10.92
C ARG M 49 90.66 -15.39 10.52
N PRO M 50 89.64 -14.64 10.07
CA PRO M 50 89.87 -13.21 9.77
C PRO M 50 90.53 -12.44 10.90
N TYR M 51 90.12 -12.64 12.15
CA TYR M 51 90.63 -11.82 13.24
C TYR M 51 92.12 -12.05 13.46
N ALA M 52 92.60 -13.28 13.23
CA ALA M 52 94.03 -13.53 13.30
C ALA M 52 94.77 -12.73 12.23
N GLU M 53 94.20 -12.65 11.04
CA GLU M 53 94.82 -11.85 9.98
C GLU M 53 94.82 -10.38 10.32
N MET M 54 93.73 -9.87 10.89
CA MET M 54 93.68 -8.47 11.31
C MET M 54 94.74 -8.18 12.35
N VAL M 55 94.88 -9.06 13.34
CA VAL M 55 95.89 -8.86 14.38
C VAL M 55 97.28 -8.88 13.77
N ARG M 56 97.53 -9.82 12.85
CA ARG M 56 98.88 -9.95 12.30
C ARG M 56 99.24 -8.76 11.39
N HIS M 57 98.29 -8.29 10.57
CA HIS M 57 98.57 -7.11 9.78
C HIS M 57 98.69 -5.84 10.61
N LEU M 58 97.91 -5.70 11.70
CA LEU M 58 98.10 -4.53 12.54
C LEU M 58 99.45 -4.58 13.25
N GLY M 59 99.90 -5.76 13.64
CA GLY M 59 101.26 -5.88 14.14
C GLY M 59 102.29 -5.48 13.10
N GLU M 60 102.07 -5.88 11.85
CA GLU M 60 103.00 -5.52 10.78
C GLU M 60 103.00 -4.01 10.52
N ALA M 61 101.82 -3.39 10.51
CA ALA M 61 101.75 -1.94 10.33
C ALA M 61 102.47 -1.21 11.47
N ALA M 62 102.29 -1.69 12.69
CA ALA M 62 102.99 -1.08 13.82
C ALA M 62 104.49 -1.19 13.67
N VAL M 63 105.00 -2.37 13.30
CA VAL M 63 106.46 -2.50 13.20
C VAL M 63 106.99 -1.71 12.01
N ALA M 64 106.20 -1.61 10.93
CA ALA M 64 106.60 -0.74 9.82
C ALA M 64 106.73 0.70 10.28
N ALA M 65 105.77 1.18 11.05
CA ALA M 65 105.84 2.55 11.57
C ALA M 65 107.05 2.74 12.47
N LEU M 66 107.33 1.77 13.33
CA LEU M 66 108.52 1.88 14.19
C LEU M 66 109.83 1.78 13.42
N GLU M 67 109.83 1.20 12.22
CA GLU M 67 111.07 1.03 11.48
C GLU M 67 111.10 1.88 10.21
N GLY M 68 110.74 3.15 10.32
CA GLY M 68 110.63 4.02 9.18
C GLY M 68 109.24 4.02 8.61
N ARG M 69 109.14 4.35 7.32
CA ARG M 69 107.92 4.20 6.54
C ARG M 69 106.76 5.07 7.00
N ALA M 70 105.91 5.44 6.06
CA ALA M 70 104.62 6.07 6.37
C ALA M 70 103.50 5.61 5.46
N GLU M 71 103.81 5.00 4.31
CA GLU M 71 102.84 4.60 3.31
C GLU M 71 102.41 3.15 3.47
N GLU M 72 103.35 2.27 3.86
CA GLU M 72 103.00 0.89 4.15
C GLU M 72 102.03 0.81 5.32
N ALA M 73 102.24 1.66 6.34
CA ALA M 73 101.32 1.71 7.46
C ALA M 73 99.92 2.10 7.00
N ASP M 74 99.82 3.11 6.14
CA ASP M 74 98.52 3.52 5.62
C ASP M 74 97.86 2.40 4.84
N ARG M 75 98.63 1.71 4.00
CA ARG M 75 98.06 0.66 3.19
C ARG M 75 97.56 -0.50 4.04
N LEU M 76 98.38 -0.94 5.00
CA LEU M 76 97.98 -2.05 5.86
C LEU M 76 96.76 -1.70 6.69
N VAL M 77 96.71 -0.48 7.22
CA VAL M 77 95.56 -0.07 8.01
C VAL M 77 94.30 -0.03 7.14
N ARG M 78 94.44 0.41 5.89
CA ARG M 78 93.29 0.38 4.98
C ARG M 78 92.84 -1.03 4.68
N ASP M 79 93.80 -1.96 4.52
CA ASP M 79 93.46 -3.36 4.30
C ASP M 79 92.68 -3.93 5.48
N VAL M 80 93.16 -3.70 6.70
CA VAL M 80 92.46 -4.19 7.88
C VAL M 80 91.10 -3.51 8.02
N LEU M 81 91.00 -2.25 7.60
CA LEU M 81 89.71 -1.58 7.63
C LEU M 81 88.74 -2.26 6.67
N GLU M 82 89.22 -2.67 5.50
CA GLU M 82 88.38 -3.40 4.56
C GLU M 82 87.93 -4.74 5.15
N MET M 83 88.84 -5.45 5.81
CA MET M 83 88.45 -6.71 6.46
C MET M 83 87.38 -6.48 7.51
N ALA M 84 87.56 -5.44 8.33
CA ALA M 84 86.54 -5.12 9.32
C ALA M 84 85.21 -4.79 8.67
N ARG M 85 85.25 -4.10 7.52
CA ARG M 85 84.02 -3.80 6.80
C ARG M 85 83.31 -5.09 6.38
N GLU M 86 84.05 -6.04 5.81
CA GLU M 86 83.38 -7.23 5.28
C GLU M 86 82.92 -8.17 6.37
N VAL M 87 83.71 -8.34 7.43
CA VAL M 87 83.35 -9.26 8.50
C VAL M 87 82.08 -8.80 9.20
N GLY M 88 81.99 -7.51 9.51
CA GLY M 88 80.87 -6.97 10.26
C GLY M 88 81.26 -6.26 11.52
N ALA M 89 82.55 -6.16 11.86
CA ALA M 89 82.98 -5.45 13.06
C ALA M 89 82.80 -3.96 12.82
N GLU M 90 81.88 -3.34 13.57
CA GLU M 90 81.59 -1.93 13.40
C GLU M 90 82.53 -1.05 14.23
N GLY M 91 82.55 -1.28 15.54
CA GLY M 91 83.41 -0.48 16.40
C GLY M 91 84.87 -0.60 16.02
N LEU M 92 85.31 -1.80 15.64
CA LEU M 92 86.68 -1.98 15.18
C LEU M 92 86.93 -1.20 13.91
N ALA M 93 85.96 -1.16 12.99
CA ALA M 93 86.13 -0.40 11.76
C ALA M 93 86.24 1.09 12.04
N ARG M 94 85.39 1.63 12.92
CA ARG M 94 85.49 3.03 13.27
C ARG M 94 86.85 3.35 13.89
N LEU M 95 87.29 2.50 14.82
CA LEU M 95 88.58 2.73 15.45
C LEU M 95 89.68 2.68 14.40
N LEU M 96 89.55 1.80 13.40
CA LEU M 96 90.60 1.69 12.40
C LEU M 96 90.65 2.92 11.50
N GLU M 97 89.51 3.50 11.16
CA GLU M 97 89.52 4.76 10.43
C GLU M 97 90.21 5.86 11.24
N ARG M 98 89.90 5.93 12.55
CA ARG M 98 90.54 6.92 13.40
C ARG M 98 92.05 6.71 13.46
N VAL M 99 92.48 5.45 13.58
CA VAL M 99 93.92 5.15 13.53
C VAL M 99 94.51 5.62 12.21
N HIS M 100 93.79 5.41 11.11
CA HIS M 100 94.32 5.82 9.82
C HIS M 100 94.61 7.32 9.79
N ARG M 101 93.60 8.13 10.14
CA ARG M 101 93.76 9.58 10.08
C ARG M 101 94.85 10.06 11.03
N GLU M 102 94.77 9.67 12.31
CA GLU M 102 95.79 10.10 13.24
C GLU M 102 97.18 9.64 12.81
N ALA M 103 97.36 8.35 12.55
CA ALA M 103 98.67 7.86 12.13
C ALA M 103 99.24 8.68 11.00
N ARG M 104 98.39 9.08 10.05
CA ARG M 104 98.85 9.99 8.99
C ARG M 104 99.35 11.30 9.58
N GLU M 105 98.56 11.91 10.47
CA GLU M 105 98.95 13.21 11.02
C GLU M 105 100.28 13.14 11.78
N LEU M 106 100.40 12.18 12.70
CA LEU M 106 101.62 12.10 13.50
C LEU M 106 102.81 11.61 12.70
N LEU M 107 102.58 10.86 11.61
CA LEU M 107 103.70 10.51 10.75
C LEU M 107 104.17 11.72 9.96
N ARG M 108 103.24 12.60 9.58
CA ARG M 108 103.65 13.85 8.96
C ARG M 108 104.44 14.71 9.94
N GLU M 109 104.01 14.75 11.20
CA GLU M 109 104.72 15.53 12.21
C GLU M 109 106.04 14.89 12.63
N GLY M 110 106.33 13.67 12.20
CA GLY M 110 107.59 13.04 12.51
C GLY M 110 107.63 12.21 13.77
N ARG M 111 106.56 12.20 14.56
CA ARG M 111 106.50 11.39 15.78
C ARG M 111 106.06 9.98 15.38
N ARG M 112 106.86 8.98 15.79
CA ARG M 112 106.62 7.61 15.37
C ARG M 112 106.04 6.72 16.46
N GLU M 113 106.44 6.93 17.72
CA GLU M 113 106.02 6.01 18.78
C GLU M 113 104.51 6.04 18.97
N GLU M 114 103.91 7.23 18.91
CA GLU M 114 102.47 7.33 19.17
C GLU M 114 101.63 6.72 18.07
N ALA M 115 102.08 6.80 16.80
CA ALA M 115 101.35 6.14 15.73
C ALA M 115 101.36 4.62 15.90
N ALA M 116 102.53 4.07 16.22
CA ALA M 116 102.60 2.65 16.55
C ALA M 116 101.77 2.32 17.77
N ALA M 117 101.66 3.25 18.71
CA ALA M 117 100.83 3.03 19.89
C ALA M 117 99.36 2.92 19.50
N LEU M 118 98.89 3.80 18.63
CA LEU M 118 97.51 3.68 18.16
C LEU M 118 97.29 2.36 17.44
N VAL M 119 98.25 1.95 16.61
CA VAL M 119 98.12 0.70 15.88
C VAL M 119 98.09 -0.49 16.83
N LEU M 120 98.96 -0.49 17.85
CA LEU M 120 98.99 -1.58 18.82
C LEU M 120 97.68 -1.65 19.60
N ALA M 121 97.14 -0.50 19.98
CA ALA M 121 95.84 -0.52 20.64
C ALA M 121 94.77 -1.08 19.72
N ALA M 122 94.86 -0.79 18.42
CA ALA M 122 93.91 -1.35 17.46
C ALA M 122 94.03 -2.87 17.38
N ALA M 123 95.26 -3.38 17.36
CA ALA M 123 95.47 -4.83 17.34
C ALA M 123 94.91 -5.48 18.59
N LEU M 124 95.14 -4.86 19.74
CA LEU M 124 94.60 -5.40 20.99
C LEU M 124 93.08 -5.38 20.97
N ALA M 125 92.48 -4.34 20.40
CA ALA M 125 91.03 -4.33 20.30
C ALA M 125 90.52 -5.47 19.44
N ALA M 126 91.21 -5.75 18.32
CA ALA M 126 90.80 -6.84 17.44
C ALA M 126 90.92 -8.20 18.13
N GLY M 127 92.08 -8.45 18.77
CA GLY M 127 92.24 -9.71 19.48
C GLY M 127 91.22 -9.88 20.60
N ALA M 128 90.99 -8.81 21.37
CA ALA M 128 90.06 -8.91 22.49
C ALA M 128 88.63 -9.10 22.02
N VAL M 129 88.23 -8.44 20.93
CA VAL M 129 86.87 -8.66 20.43
C VAL M 129 86.71 -10.09 19.94
N ALA M 130 87.73 -10.63 19.27
CA ALA M 130 87.65 -12.03 18.84
C ALA M 130 87.47 -12.96 20.03
N VAL M 131 88.35 -12.85 21.03
CA VAL M 131 88.30 -13.76 22.16
C VAL M 131 87.01 -13.58 22.96
N ALA M 132 86.55 -12.33 23.11
CA ALA M 132 85.33 -12.10 23.86
C ALA M 132 84.12 -12.69 23.16
N GLU M 133 84.04 -12.55 21.84
CA GLU M 133 82.92 -13.17 21.12
C GLU M 133 83.00 -14.68 21.20
N ALA M 134 84.20 -15.24 21.21
CA ALA M 134 84.34 -16.68 21.42
C ALA M 134 83.79 -17.08 22.78
N TYR M 135 84.21 -16.39 23.84
CA TYR M 135 83.78 -16.74 25.19
C TYR M 135 82.26 -16.62 25.32
N VAL M 136 81.69 -15.57 24.74
CA VAL M 136 80.23 -15.40 24.82
C VAL M 136 79.51 -16.49 24.03
N ARG M 137 80.09 -16.92 22.90
CA ARG M 137 79.43 -17.94 22.09
C ARG M 137 79.30 -19.26 22.83
N LEU M 138 80.36 -19.70 23.49
CA LEU M 138 80.35 -20.98 24.20
C LEU M 138 79.97 -20.82 25.67
N GLY M 139 79.40 -19.70 26.06
CA GLY M 139 78.76 -19.54 27.36
C GLY M 139 79.63 -19.65 28.59
N GLN M 140 80.81 -19.04 28.57
CA GLN M 140 81.65 -19.01 29.75
C GLN M 140 81.26 -17.84 30.66
N PRO M 141 81.54 -17.93 31.96
CA PRO M 141 81.09 -16.88 32.89
C PRO M 141 81.83 -15.57 32.64
N ILE M 142 81.18 -14.49 33.09
CA ILE M 142 81.67 -13.14 32.84
C ILE M 142 82.96 -12.83 33.61
N ARG M 143 83.21 -13.51 34.73
CA ARG M 143 84.48 -13.32 35.43
C ARG M 143 85.66 -13.55 34.50
N LEU M 144 85.58 -14.56 33.63
CA LEU M 144 86.69 -14.87 32.74
C LEU M 144 86.92 -13.76 31.74
N ILE M 145 85.87 -13.23 31.14
CA ILE M 145 86.02 -12.12 30.21
C ILE M 145 86.64 -10.91 30.92
N ALA M 146 86.11 -10.58 32.11
CA ALA M 146 86.59 -9.41 32.83
C ALA M 146 88.07 -9.55 33.20
N GLU M 147 88.46 -10.70 33.73
CA GLU M 147 89.85 -10.90 34.10
C GLU M 147 90.76 -10.90 32.89
N TYR M 148 90.30 -11.51 31.79
CA TYR M 148 91.09 -11.53 30.56
C TYR M 148 91.37 -10.11 30.08
N VAL M 149 90.32 -9.30 29.92
CA VAL M 149 90.50 -7.96 29.39
C VAL M 149 91.33 -7.11 30.33
N ALA M 150 91.11 -7.21 31.64
CA ALA M 150 91.89 -6.40 32.57
C ALA M 150 93.37 -6.74 32.48
N GLU M 151 93.71 -8.03 32.41
CA GLU M 151 95.12 -8.39 32.34
C GLU M 151 95.73 -7.95 31.01
N ARG M 152 94.97 -8.05 29.92
CA ARG M 152 95.49 -7.60 28.63
C ARG M 152 95.76 -6.11 28.64
N LEU M 153 94.85 -5.32 29.23
CA LEU M 153 95.06 -3.88 29.32
C LEU M 153 96.29 -3.55 30.13
N VAL M 154 96.52 -4.28 31.23
CA VAL M 154 97.72 -4.02 32.03
C VAL M 154 98.97 -4.34 31.23
N GLU M 155 98.97 -5.46 30.48
CA GLU M 155 100.14 -5.81 29.68
C GLU M 155 100.41 -4.76 28.60
N LEU M 156 99.36 -4.27 27.94
CA LEU M 156 99.53 -3.23 26.94
C LEU M 156 100.06 -1.95 27.57
N ALA M 157 99.57 -1.60 28.76
CA ALA M 157 100.06 -0.42 29.44
C ALA M 157 101.55 -0.55 29.75
N GLU M 158 101.97 -1.74 30.16
CA GLU M 158 103.40 -1.94 30.40
C GLU M 158 104.20 -1.77 29.12
N LEU M 159 103.69 -2.30 28.01
CA LEU M 159 104.39 -2.16 26.72
C LEU M 159 104.50 -0.70 26.31
N LEU M 160 103.39 0.03 26.39
CA LEU M 160 103.40 1.44 25.99
C LEU M 160 104.29 2.27 26.91
N ARG M 161 104.38 1.90 28.19
CA ARG M 161 105.35 2.55 29.06
C ARG M 161 106.77 2.25 28.60
N ARG M 162 107.02 1.04 28.12
CA ARG M 162 108.35 0.70 27.62
C ARG M 162 108.70 1.53 26.39
N LEU M 163 107.74 1.71 25.47
CA LEU M 163 108.02 2.48 24.25
C LEU M 163 108.37 3.92 24.57
N GLY M 164 107.52 4.60 25.34
CA GLY M 164 107.79 5.98 25.70
C GLY M 164 106.59 6.92 25.58
N VAL M 165 105.42 6.37 25.29
CA VAL M 165 104.22 7.20 25.17
C VAL M 165 103.90 7.81 26.54
N PRO M 166 103.46 9.06 26.61
CA PRO M 166 103.08 9.64 27.91
C PRO M 166 101.84 8.99 28.49
N LEU M 167 101.75 9.06 29.83
CA LEU M 167 100.78 8.27 30.58
C LEU M 167 99.34 8.62 30.22
N ARG M 168 99.04 9.91 30.06
CA ARG M 168 97.67 10.31 29.78
C ARG M 168 97.19 9.73 28.47
N ARG M 169 98.06 9.72 27.45
CA ARG M 169 97.73 9.07 26.20
C ARG M 169 97.53 7.57 26.39
N ILE M 170 98.33 6.95 27.24
CA ILE M 170 98.16 5.53 27.53
C ILE M 170 96.75 5.27 28.03
N ILE M 171 96.31 6.08 29.00
CA ILE M 171 94.99 5.84 29.59
C ILE M 171 93.90 6.10 28.57
N ARG M 172 94.09 7.10 27.71
CA ARG M 172 93.10 7.37 26.67
C ARG M 172 92.98 6.20 25.69
N LEU M 173 94.11 5.62 25.29
CA LEU M 173 94.08 4.46 24.40
C LEU M 173 93.39 3.28 25.08
N LEU M 174 93.70 3.04 26.36
CA LEU M 174 93.11 1.92 27.08
C LEU M 174 91.60 2.09 27.17
N GLU M 175 91.13 3.31 27.40
CA GLU M 175 89.69 3.54 27.43
C GLU M 175 89.06 3.34 26.06
N GLU M 176 89.75 3.70 24.98
CA GLU M 176 89.22 3.41 23.65
C GLU M 176 89.08 1.91 23.42
N VAL M 177 90.08 1.14 23.83
CA VAL M 177 90.02 -0.32 23.70
C VAL M 177 88.85 -0.86 24.50
N LEU M 178 88.67 -0.37 25.72
CA LEU M 178 87.55 -0.82 26.54
C LEU M 178 86.22 -0.49 25.89
N ARG M 179 86.13 0.67 25.26
CA ARG M 179 84.89 1.05 24.60
C ARG M 179 84.57 0.11 23.46
N VAL M 180 85.58 -0.25 22.67
CA VAL M 180 85.36 -1.20 21.57
C VAL M 180 84.90 -2.55 22.11
N VAL M 181 85.57 -3.03 23.17
CA VAL M 181 85.20 -4.32 23.74
C VAL M 181 83.78 -4.31 24.27
N ALA M 182 83.39 -3.22 24.93
CA ALA M 182 82.03 -3.12 25.45
C ALA M 182 81.01 -3.09 24.32
N GLU M 183 81.32 -2.37 23.23
CA GLU M 183 80.40 -2.38 22.08
C GLU M 183 80.26 -3.78 21.50
N ALA M 184 81.38 -4.50 21.40
CA ALA M 184 81.33 -5.87 20.90
C ALA M 184 80.44 -6.74 21.79
N LEU M 185 80.66 -6.69 23.09
CA LEU M 185 79.86 -7.50 24.01
C LEU M 185 78.39 -7.11 23.96
N ARG M 186 78.10 -5.84 23.66
CA ARG M 186 76.72 -5.43 23.47
C ARG M 186 76.13 -6.08 22.22
N ARG M 187 76.90 -6.14 21.13
CA ARG M 187 76.39 -6.74 19.90
C ARG M 187 76.16 -8.24 20.06
N ALA M 188 76.88 -8.90 20.96
CA ALA M 188 76.72 -10.33 21.20
C ALA M 188 75.59 -10.65 22.16
N GLY M 189 74.83 -9.65 22.61
CA GLY M 189 73.69 -9.88 23.46
C GLY M 189 73.97 -9.95 24.94
N VAL M 190 75.19 -9.67 25.38
CA VAL M 190 75.48 -9.70 26.82
C VAL M 190 74.69 -8.60 27.51
N PRO M 191 74.02 -8.88 28.63
CA PRO M 191 73.22 -7.84 29.29
C PRO M 191 74.09 -6.70 29.80
N GLU M 192 73.49 -5.51 29.83
CA GLU M 192 74.25 -4.30 30.15
C GLU M 192 74.95 -4.33 31.51
N PRO M 193 74.31 -4.76 32.61
CA PRO M 193 75.03 -4.76 33.89
C PRO M 193 76.31 -5.56 33.87
N GLU M 194 76.36 -6.66 33.12
CA GLU M 194 77.61 -7.41 33.02
C GLU M 194 78.67 -6.61 32.28
N ILE M 195 78.28 -5.83 31.27
CA ILE M 195 79.23 -4.97 30.58
C ILE M 195 79.79 -3.92 31.54
N ARG M 196 78.92 -3.33 32.36
CA ARG M 196 79.39 -2.35 33.34
C ARG M 196 80.32 -3.01 34.34
N LYS M 197 80.03 -4.25 34.75
CA LYS M 197 80.93 -4.98 35.64
C LYS M 197 82.28 -5.19 35.00
N VAL M 198 82.30 -5.53 33.71
CA VAL M 198 83.56 -5.71 33.00
C VAL M 198 84.38 -4.42 33.04
N GLU M 199 83.74 -3.31 32.66
CA GLU M 199 84.48 -2.04 32.61
C GLU M 199 84.96 -1.61 33.98
N ALA M 200 84.12 -1.75 35.01
CA ALA M 200 84.51 -1.37 36.36
C ALA M 200 85.67 -2.21 36.85
N ALA M 201 85.66 -3.52 36.56
CA ALA M 201 86.78 -4.35 36.92
C ALA M 201 88.05 -3.89 36.23
N ALA M 202 87.95 -3.51 34.95
CA ALA M 202 89.12 -3.02 34.23
C ALA M 202 89.67 -1.75 34.87
N TYR M 203 88.78 -0.83 35.24
CA TYR M 203 89.21 0.43 35.86
C TYR M 203 89.87 0.20 37.21
N ILE M 204 89.31 -0.69 38.03
CA ILE M 204 89.89 -0.96 39.33
C ILE M 204 91.25 -1.63 39.18
N ARG M 205 91.39 -2.54 38.19
CA ARG M 205 92.69 -3.15 37.96
C ARG M 205 93.71 -2.12 37.49
N LEU M 206 93.31 -1.21 36.60
CA LEU M 206 94.21 -0.17 36.14
C LEU M 206 94.63 0.76 37.27
N ALA M 207 93.67 1.14 38.12
CA ALA M 207 93.98 2.00 39.26
C ALA M 207 94.96 1.32 40.20
N ALA M 208 94.74 0.03 40.49
CA ALA M 208 95.66 -0.70 41.35
C ALA M 208 97.05 -0.77 40.73
N TYR M 209 97.12 -1.01 39.43
CA TYR M 209 98.41 -1.08 38.74
C TYR M 209 99.15 0.24 38.82
N LEU M 210 98.45 1.36 38.63
CA LEU M 210 99.10 2.66 38.76
C LEU M 210 99.56 2.92 40.19
N LEU M 211 98.72 2.56 41.17
CA LEU M 211 99.05 2.84 42.56
C LEU M 211 100.24 2.02 43.04
N ARG M 212 100.44 0.83 42.47
CA ARG M 212 101.49 -0.04 42.99
C ARG M 212 102.89 0.51 42.67
N GLN M 213 103.04 1.20 41.54
CA GLN M 213 104.36 1.68 41.16
C GLN M 213 104.91 2.69 42.15
N LEU M 214 104.06 3.58 42.66
CA LEU M 214 104.47 4.62 43.58
C LEU M 214 104.70 4.12 44.99
N GLY M 215 104.35 2.87 45.28
CA GLY M 215 104.63 2.34 46.60
C GLY M 215 103.47 2.47 47.56
N TYR M 216 102.25 2.24 47.07
CA TYR M 216 101.06 2.17 47.91
C TYR M 216 100.52 0.76 47.77
N GLU M 217 101.10 -0.17 48.54
CA GLU M 217 100.74 -1.57 48.39
C GLU M 217 99.39 -1.87 49.04
N ALA M 218 99.19 -1.40 50.27
CA ALA M 218 97.95 -1.70 50.99
C ALA M 218 96.74 -1.19 50.22
N LEU M 219 96.86 0.00 49.63
CA LEU M 219 95.79 0.54 48.80
C LEU M 219 95.47 -0.40 47.64
N ALA M 220 96.49 -0.93 46.97
CA ALA M 220 96.26 -1.84 45.86
C ALA M 220 95.58 -3.13 46.33
N LYS M 221 96.00 -3.67 47.47
CA LYS M 221 95.35 -4.87 47.97
C LYS M 221 93.87 -4.61 48.28
N ARG M 222 93.55 -3.48 48.90
CA ARG M 222 92.15 -3.20 49.20
C ARG M 222 91.33 -3.02 47.92
N LEU M 223 91.92 -2.36 46.91
CA LEU M 223 91.19 -2.20 45.65
C LEU M 223 90.95 -3.54 44.98
N LEU M 224 91.93 -4.43 45.02
CA LEU M 224 91.74 -5.74 44.39
C LEU M 224 90.79 -6.62 45.19
N GLU M 225 90.73 -6.46 46.52
CA GLU M 225 89.70 -7.14 47.30
C GLU M 225 88.31 -6.67 46.90
N ALA M 226 88.14 -5.36 46.73
CA ALA M 226 86.85 -4.85 46.26
C ALA M 226 86.52 -5.39 44.88
N ARG M 227 87.52 -5.50 44.01
CA ARG M 227 87.28 -6.08 42.69
C ARG M 227 86.84 -7.54 42.79
N GLU M 228 87.48 -8.31 43.66
CA GLU M 228 87.08 -9.70 43.85
C GLU M 228 85.65 -9.80 44.34
N LEU M 229 85.28 -8.98 45.31
CA LEU M 229 83.88 -9.00 45.76
C LEU M 229 82.95 -8.57 44.66
N LEU M 230 83.40 -7.72 43.73
CA LEU M 230 82.52 -7.29 42.64
C LEU M 230 82.30 -8.42 41.64
N LEU M 231 83.37 -9.12 41.26
CA LEU M 231 83.25 -10.16 40.24
C LEU M 231 82.43 -11.35 40.70
N GLU M 232 82.27 -11.52 42.02
CA GLU M 232 81.50 -12.63 42.58
C GLU M 232 80.02 -12.34 42.64
N GLY M 233 79.58 -11.17 42.22
CA GLY M 233 78.18 -10.80 42.30
C GLY M 233 77.78 -10.04 43.53
N ARG M 234 78.64 -10.00 44.56
CA ARG M 234 78.40 -9.20 45.75
C ARG M 234 78.70 -7.75 45.43
N VAL M 235 77.71 -7.10 44.82
CA VAL M 235 77.89 -5.71 44.41
C VAL M 235 77.94 -4.78 45.61
N GLU M 236 77.11 -5.04 46.62
CA GLU M 236 76.94 -4.09 47.72
C GLU M 236 78.19 -4.03 48.60
N GLU M 237 78.76 -5.19 48.94
CA GLU M 237 79.99 -5.19 49.70
C GLU M 237 81.13 -4.58 48.90
N ALA M 238 81.13 -4.81 47.58
CA ALA M 238 82.13 -4.17 46.72
C ALA M 238 82.02 -2.66 46.78
N ALA M 239 80.81 -2.13 46.69
CA ALA M 239 80.62 -0.69 46.75
C ALA M 239 81.01 -0.12 48.10
N HIS M 240 80.69 -0.83 49.19
CA HIS M 240 81.04 -0.31 50.52
C HIS M 240 82.55 -0.30 50.73
N LEU M 241 83.23 -1.39 50.38
CA LEU M 241 84.67 -1.43 50.56
C LEU M 241 85.37 -0.46 49.62
N LEU M 242 84.84 -0.30 48.40
CA LEU M 242 85.40 0.68 47.47
C LEU M 242 85.26 2.09 47.99
N GLU M 243 84.10 2.44 48.55
CA GLU M 243 83.94 3.80 49.04
C GLU M 243 84.81 4.05 50.26
N ASP M 244 85.02 3.04 51.12
CA ASP M 244 85.92 3.23 52.24
C ASP M 244 87.36 3.49 51.77
N VAL M 245 87.85 2.66 50.86
CA VAL M 245 89.23 2.86 50.40
C VAL M 245 89.37 4.16 49.61
N TYR M 246 88.35 4.54 48.84
CA TYR M 246 88.39 5.80 48.13
C TYR M 246 88.40 6.98 49.09
N ALA M 247 87.64 6.89 50.18
CA ALA M 247 87.65 7.99 51.16
C ALA M 247 89.03 8.16 51.77
N LEU M 248 89.67 7.06 52.15
CA LEU M 248 91.01 7.18 52.72
C LEU M 248 92.00 7.74 51.69
N PHE M 249 91.91 7.24 50.45
CA PHE M 249 92.80 7.73 49.39
C PHE M 249 92.58 9.21 49.12
N HIS M 250 91.33 9.66 49.09
CA HIS M 250 91.06 11.05 48.78
C HIS M 250 91.53 11.97 49.89
N ARG M 251 91.40 11.53 51.15
CA ARG M 251 91.99 12.30 52.24
C ARG M 251 93.50 12.41 52.06
N GLU M 252 94.14 11.32 51.63
CA GLU M 252 95.58 11.39 51.38
C GLU M 252 95.90 12.35 50.24
N ILE M 253 95.06 12.38 49.21
CA ILE M 253 95.27 13.30 48.09
C ILE M 253 95.17 14.74 48.56
N GLU M 254 94.11 15.06 49.30
CA GLU M 254 93.93 16.42 49.81
C GLU M 254 94.99 16.80 50.84
N ARG M 255 95.66 15.82 51.43
CA ARG M 255 96.77 16.12 52.32
C ARG M 255 97.88 16.86 51.58
N LEU M 256 98.18 16.44 50.36
CA LEU M 256 99.29 17.00 49.60
C LEU M 256 98.97 18.34 48.96
N GLY M 257 97.72 18.81 49.06
CA GLY M 257 97.39 20.16 48.60
C GLY M 257 97.51 20.29 47.10
N PHE M 258 98.21 21.34 46.67
CA PHE M 258 98.43 21.62 45.24
C PHE M 258 99.75 21.03 44.77
N GLU M 259 99.90 19.73 45.00
CA GLU M 259 101.07 18.97 44.56
C GLU M 259 100.77 17.50 44.75
N ALA M 260 101.01 16.69 43.71
CA ALA M 260 100.88 15.25 43.76
C ALA M 260 101.39 14.65 42.46
N PRO M 261 102.04 13.48 42.49
CA PRO M 261 102.48 12.85 41.26
C PRO M 261 101.30 12.59 40.32
N GLU M 262 101.57 12.65 39.02
CA GLU M 262 100.49 12.58 38.05
C GLU M 262 99.73 11.28 38.11
N GLU M 263 100.38 10.19 38.53
CA GLU M 263 99.68 8.92 38.62
C GLU M 263 98.61 8.94 39.70
N LEU M 264 98.82 9.66 40.80
CA LEU M 264 97.75 9.87 41.77
C LEU M 264 96.58 10.59 41.12
N ARG M 265 96.87 11.62 40.32
CA ARG M 265 95.81 12.40 39.70
C ARG M 265 95.01 11.56 38.71
N VAL M 266 95.68 10.69 37.95
CA VAL M 266 94.97 9.84 37.00
C VAL M 266 94.18 8.75 37.74
N ALA M 267 94.77 8.16 38.77
CA ALA M 267 94.08 7.15 39.56
C ALA M 267 92.84 7.71 40.20
N ASP M 268 92.85 8.98 40.58
CA ASP M 268 91.67 9.59 41.17
C ASP M 268 90.49 9.54 40.20
N LEU M 269 90.74 9.89 38.93
CA LEU M 269 89.65 9.87 37.95
C LEU M 269 89.24 8.43 37.62
N LEU M 270 90.22 7.52 37.59
CA LEU M 270 89.90 6.12 37.32
C LEU M 270 89.00 5.55 38.42
N LEU M 271 89.33 5.85 39.68
CA LEU M 271 88.53 5.37 40.80
C LEU M 271 87.15 6.02 40.81
N ALA M 272 87.06 7.30 40.47
CA ALA M 272 85.75 7.93 40.38
C ALA M 272 84.88 7.25 39.34
N ARG M 273 85.45 6.95 38.17
CA ARG M 273 84.66 6.30 37.12
C ARG M 273 84.27 4.88 37.53
N ALA M 274 85.18 4.16 38.20
CA ALA M 274 84.84 2.83 38.68
C ALA M 274 83.67 2.88 39.65
N ILE M 275 83.69 3.82 40.57
CA ILE M 275 82.60 3.95 41.53
C ILE M 275 81.30 4.29 40.82
N ALA M 276 81.35 5.20 39.84
CA ALA M 276 80.16 5.56 39.11
C ALA M 276 79.56 4.36 38.39
N LEU M 277 80.42 3.57 37.73
CA LEU M 277 79.93 2.39 37.03
C LEU M 277 79.32 1.37 37.97
N ILE M 278 79.98 1.12 39.10
CA ILE M 278 79.45 0.15 40.06
C ILE M 278 78.11 0.61 40.59
N LYS M 279 77.99 1.91 40.90
CA LYS M 279 76.70 2.43 41.38
C LYS M 279 75.63 2.35 40.31
N ALA M 280 76.02 2.41 39.03
CA ALA M 280 75.04 2.35 37.95
C ALA M 280 74.65 0.92 37.57
N ILE M 281 75.31 -0.10 38.12
CA ILE M 281 74.97 -1.49 37.83
C ILE M 281 73.52 -1.75 38.22
N THR N 24 98.19 57.89 25.31
CA THR N 24 98.26 56.68 24.49
C THR N 24 96.98 55.87 24.61
N VAL N 25 96.17 56.21 25.62
CA VAL N 25 94.97 55.42 25.92
C VAL N 25 94.00 55.46 24.74
N VAL N 26 93.78 56.64 24.18
CA VAL N 26 92.88 56.75 23.03
C VAL N 26 93.48 56.04 21.83
N GLU N 27 94.79 56.09 21.68
CA GLU N 27 95.44 55.31 20.63
C GLU N 27 95.25 53.81 20.87
N GLU N 28 95.28 53.38 22.13
CA GLU N 28 95.02 51.98 22.42
C GLU N 28 93.60 51.59 22.07
N VAL N 29 92.64 52.45 22.35
CA VAL N 29 91.25 52.16 21.99
C VAL N 29 91.10 52.09 20.47
N ARG N 30 91.72 53.02 19.75
CA ARG N 30 91.67 52.99 18.30
C ARG N 30 92.28 51.71 17.75
N ARG N 31 93.47 51.35 18.26
CA ARG N 31 94.15 50.14 17.79
C ARG N 31 93.31 48.90 18.08
N PHE N 32 92.71 48.83 19.27
CA PHE N 32 91.86 47.70 19.62
C PHE N 32 90.69 47.57 18.67
N ALA N 33 90.01 48.70 18.39
CA ALA N 33 88.84 48.65 17.52
C ALA N 33 89.22 48.26 16.10
N GLU N 34 90.29 48.86 15.57
CA GLU N 34 90.69 48.54 14.19
C GLU N 34 91.15 47.10 14.08
N GLU N 35 91.90 46.60 15.06
CA GLU N 35 92.34 45.21 15.00
C GLU N 35 91.15 44.26 15.03
N LEU N 36 90.16 44.54 15.89
CA LEU N 36 88.98 43.69 15.92
C LEU N 36 88.22 43.73 14.60
N ALA N 37 88.11 44.92 13.99
CA ALA N 37 87.41 45.04 12.71
C ALA N 37 88.15 44.31 11.60
N GLU N 38 89.48 44.42 11.58
CA GLU N 38 90.27 43.69 10.59
C GLU N 38 90.10 42.19 10.76
N GLU N 39 90.11 41.70 12.00
CA GLU N 39 89.91 40.27 12.21
C GLU N 39 88.51 39.84 11.78
N VAL N 40 87.51 40.69 12.01
CA VAL N 40 86.15 40.36 11.57
C VAL N 40 86.13 40.22 10.05
N LEU N 41 86.79 41.14 9.35
CA LEU N 41 86.81 41.08 7.89
C LEU N 41 87.61 39.88 7.39
N ARG N 42 88.72 39.56 8.05
CA ARG N 42 89.50 38.40 7.63
C ARG N 42 88.72 37.11 7.80
N VAL N 43 88.07 36.93 8.94
CA VAL N 43 87.34 35.68 9.18
C VAL N 43 86.11 35.60 8.29
N GLY N 44 85.34 36.67 8.21
CA GLY N 44 84.08 36.66 7.48
C GLY N 44 84.11 37.26 6.10
N GLY N 45 85.21 37.87 5.69
CA GLY N 45 85.28 38.39 4.35
C GLY N 45 84.37 39.59 4.13
N GLU N 46 83.89 39.71 2.90
CA GLU N 46 82.94 40.75 2.54
C GLU N 46 81.51 40.36 2.85
N ALA N 47 81.28 39.16 3.39
CA ALA N 47 79.92 38.76 3.74
C ALA N 47 79.34 39.65 4.82
N MET N 48 80.14 39.96 5.85
CA MET N 48 79.73 40.85 6.93
C MET N 48 80.69 42.03 6.96
N ARG N 49 80.40 43.03 6.12
CA ARG N 49 81.03 44.35 6.14
C ARG N 49 80.37 45.26 7.18
N PRO N 50 79.04 45.21 7.37
CA PRO N 50 78.43 46.07 8.41
C PRO N 50 79.09 45.97 9.78
N TYR N 51 79.48 44.77 10.20
CA TYR N 51 80.02 44.61 11.55
C TYR N 51 81.37 45.31 11.69
N ALA N 52 82.16 45.34 10.63
CA ALA N 52 83.40 46.11 10.66
C ALA N 52 83.11 47.59 10.85
N GLU N 53 82.06 48.09 10.19
CA GLU N 53 81.69 49.49 10.36
C GLU N 53 81.19 49.77 11.78
N MET N 54 80.39 48.86 12.34
CA MET N 54 79.96 49.05 13.73
C MET N 54 81.14 49.07 14.68
N VAL N 55 82.10 48.16 14.50
CA VAL N 55 83.26 48.14 15.38
C VAL N 55 84.04 49.43 15.25
N ARG N 56 84.24 49.91 14.02
CA ARG N 56 85.05 51.10 13.82
C ARG N 56 84.36 52.35 14.37
N HIS N 57 83.05 52.48 14.16
CA HIS N 57 82.33 53.62 14.73
C HIS N 57 82.24 53.55 16.24
N LEU N 58 82.12 52.36 16.82
CA LEU N 58 82.10 52.27 18.28
C LEU N 58 83.47 52.61 18.87
N GLY N 59 84.54 52.21 18.20
CA GLY N 59 85.85 52.69 18.60
C GLY N 59 85.96 54.19 18.50
N GLU N 60 85.38 54.78 17.46
CA GLU N 60 85.40 56.22 17.29
C GLU N 60 84.61 56.94 18.38
N ALA N 61 83.43 56.43 18.72
CA ALA N 61 82.65 57.02 19.80
C ALA N 61 83.38 56.92 21.14
N ALA N 62 84.03 55.78 21.39
CA ALA N 62 84.80 55.63 22.62
C ALA N 62 85.93 56.64 22.69
N VAL N 63 86.69 56.81 21.60
CA VAL N 63 87.80 57.75 21.67
C VAL N 63 87.29 59.19 21.74
N ALA N 64 86.14 59.46 21.13
CA ALA N 64 85.51 60.77 21.28
C ALA N 64 85.19 61.03 22.75
N ALA N 65 84.59 60.05 23.43
CA ALA N 65 84.27 60.21 24.85
C ALA N 65 85.52 60.41 25.68
N LEU N 66 86.59 59.66 25.40
CA LEU N 66 87.82 59.83 26.15
C LEU N 66 88.52 61.14 25.85
N GLU N 67 88.21 61.78 24.73
CA GLU N 67 88.86 63.05 24.37
C GLU N 67 87.89 64.21 24.41
N GLY N 68 87.07 64.29 25.46
CA GLY N 68 86.07 65.32 25.56
C GLY N 68 84.74 64.84 25.02
N ARG N 69 83.92 65.80 24.62
CA ARG N 69 82.68 65.54 23.87
C ARG N 69 81.63 64.77 24.66
N ALA N 70 80.37 64.99 24.33
CA ALA N 70 79.28 64.17 24.81
C ALA N 70 78.18 63.96 23.79
N GLU N 71 78.18 64.70 22.69
CA GLU N 71 77.14 64.65 21.67
C GLU N 71 77.58 63.80 20.48
N GLU N 72 78.85 63.85 20.11
CA GLU N 72 79.36 62.99 19.05
C GLU N 72 79.23 61.52 19.44
N ALA N 73 79.52 61.20 20.70
CA ALA N 73 79.34 59.85 21.18
C ALA N 73 77.89 59.41 21.05
N ASP N 74 76.96 60.29 21.43
CA ASP N 74 75.53 59.99 21.30
C ASP N 74 75.16 59.73 19.85
N ARG N 75 75.65 60.58 18.93
CA ARG N 75 75.28 60.43 17.54
C ARG N 75 75.83 59.13 16.95
N LEU N 76 77.11 58.84 17.23
CA LEU N 76 77.71 57.62 16.71
C LEU N 76 77.02 56.38 17.27
N VAL N 77 76.67 56.39 18.55
CA VAL N 77 76.00 55.24 19.14
C VAL N 77 74.62 55.07 18.53
N ARG N 78 73.93 56.17 18.25
CA ARG N 78 72.63 56.07 17.58
C ARG N 78 72.75 55.54 16.16
N ASP N 79 73.79 55.96 15.44
CA ASP N 79 74.04 55.44 14.11
C ASP N 79 74.31 53.93 14.14
N VAL N 80 75.14 53.50 15.09
CA VAL N 80 75.45 52.08 15.21
C VAL N 80 74.20 51.30 15.62
N LEU N 81 73.35 51.92 16.44
CA LEU N 81 72.08 51.29 16.77
C LEU N 81 71.23 51.10 15.53
N GLU N 82 71.22 52.10 14.64
CA GLU N 82 70.47 51.97 13.40
C GLU N 82 71.02 50.83 12.53
N MET N 83 72.35 50.71 12.44
CA MET N 83 72.93 49.61 11.68
C MET N 83 72.53 48.27 12.29
N ALA N 84 72.60 48.17 13.61
CA ALA N 84 72.20 46.93 14.26
C ALA N 84 70.73 46.61 13.99
N ARG N 85 69.89 47.64 13.94
CA ARG N 85 68.48 47.43 13.63
C ARG N 85 68.31 46.87 12.23
N GLU N 86 69.02 47.44 11.25
CA GLU N 86 68.79 47.01 9.87
C GLU N 86 69.40 45.63 9.60
N VAL N 87 70.58 45.34 10.15
CA VAL N 87 71.23 44.06 9.90
C VAL N 87 70.38 42.91 10.45
N GLY N 88 69.84 43.08 11.65
CA GLY N 88 69.08 42.05 12.31
C GLY N 88 69.62 41.64 13.67
N ALA N 89 70.69 42.28 14.15
CA ALA N 89 71.25 41.95 15.45
C ALA N 89 70.31 42.48 16.54
N GLU N 90 69.74 41.56 17.32
CA GLU N 90 68.80 41.96 18.36
C GLU N 90 69.51 42.26 19.68
N GLY N 91 70.26 41.28 20.20
CA GLY N 91 70.97 41.49 21.44
C GLY N 91 71.95 42.64 21.36
N LEU N 92 72.62 42.77 20.22
CA LEU N 92 73.52 43.90 20.02
C LEU N 92 72.76 45.22 20.06
N ALA N 93 71.57 45.26 19.45
CA ALA N 93 70.77 46.49 19.47
C ALA N 93 70.35 46.85 20.89
N ARG N 94 69.90 45.86 21.68
CA ARG N 94 69.51 46.14 23.06
C ARG N 94 70.69 46.66 23.86
N LEU N 95 71.84 45.99 23.74
CA LEU N 95 73.02 46.45 24.44
C LEU N 95 73.39 47.87 24.01
N LEU N 96 73.19 48.20 22.74
CA LEU N 96 73.55 49.53 22.27
C LEU N 96 72.62 50.60 22.82
N GLU N 97 71.32 50.30 22.95
CA GLU N 97 70.44 51.24 23.61
C GLU N 97 70.85 51.47 25.07
N ARG N 98 71.18 50.39 25.78
CA ARG N 98 71.63 50.54 27.16
C ARG N 98 72.92 51.35 27.23
N VAL N 99 73.86 51.10 26.32
CA VAL N 99 75.08 51.91 26.26
C VAL N 99 74.72 53.37 26.05
N HIS N 100 73.73 53.64 25.20
CA HIS N 100 73.34 55.02 24.92
C HIS N 100 72.87 55.73 26.18
N ARG N 101 71.92 55.12 26.88
CA ARG N 101 71.34 55.78 28.07
C ARG N 101 72.39 55.97 29.16
N GLU N 102 73.12 54.91 29.51
CA GLU N 102 74.15 55.05 30.54
C GLU N 102 75.27 55.98 30.11
N ALA N 103 75.61 56.02 28.83
CA ALA N 103 76.60 56.97 28.38
C ALA N 103 76.14 58.39 28.64
N ARG N 104 74.86 58.68 28.34
CA ARG N 104 74.32 60.00 28.63
C ARG N 104 74.40 60.33 30.11
N GLU N 105 73.96 59.40 30.96
CA GLU N 105 73.95 59.67 32.40
C GLU N 105 75.35 59.93 32.93
N LEU N 106 76.30 59.04 32.60
CA LEU N 106 77.64 59.17 33.14
C LEU N 106 78.36 60.38 32.57
N LEU N 107 78.07 60.75 31.31
CA LEU N 107 78.69 61.95 30.77
C LEU N 107 78.12 63.21 31.39
N ARG N 108 76.83 63.19 31.77
CA ARG N 108 76.27 64.29 32.53
C ARG N 108 76.94 64.40 33.90
N GLU N 109 77.17 63.25 34.55
CA GLU N 109 77.85 63.26 35.84
C GLU N 109 79.33 63.61 35.74
N GLY N 110 79.89 63.68 34.53
CA GLY N 110 81.26 64.08 34.35
C GLY N 110 82.28 62.96 34.35
N ARG N 111 81.86 61.72 34.58
CA ARG N 111 82.76 60.58 34.57
C ARG N 111 82.93 60.09 33.14
N ARG N 112 84.17 60.03 32.69
CA ARG N 112 84.45 59.73 31.28
C ARG N 112 84.94 58.31 31.04
N GLU N 113 85.74 57.75 31.95
CA GLU N 113 86.35 56.44 31.70
C GLU N 113 85.29 55.37 31.57
N GLU N 114 84.27 55.38 32.43
CA GLU N 114 83.30 54.30 32.42
C GLU N 114 82.38 54.36 31.21
N ALA N 115 82.10 55.54 30.68
CA ALA N 115 81.31 55.63 29.44
C ALA N 115 82.07 55.02 28.27
N ALA N 116 83.35 55.37 28.13
CA ALA N 116 84.17 54.72 27.12
C ALA N 116 84.29 53.23 27.37
N ALA N 117 84.23 52.82 28.64
CA ALA N 117 84.28 51.40 28.96
C ALA N 117 83.04 50.69 28.44
N LEU N 118 81.86 51.28 28.64
CA LEU N 118 80.65 50.68 28.09
C LEU N 118 80.71 50.61 26.57
N VAL N 119 81.23 51.68 25.95
CA VAL N 119 81.32 51.68 24.49
C VAL N 119 82.28 50.59 24.01
N LEU N 120 83.43 50.44 24.68
CA LEU N 120 84.39 49.41 24.28
C LEU N 120 83.80 48.01 24.45
N ALA N 121 83.06 47.79 25.54
CA ALA N 121 82.40 46.50 25.70
C ALA N 121 81.42 46.25 24.57
N ALA N 122 80.68 47.28 24.15
CA ALA N 122 79.73 47.11 23.05
C ALA N 122 80.44 46.81 21.73
N ALA N 123 81.58 47.47 21.47
CA ALA N 123 82.35 47.19 20.27
C ALA N 123 82.87 45.77 20.27
N LEU N 124 83.37 45.31 21.40
CA LEU N 124 83.83 43.93 21.51
C LEU N 124 82.69 42.96 21.30
N ALA N 125 81.51 43.27 21.83
CA ALA N 125 80.36 42.39 21.63
C ALA N 125 80.02 42.29 20.15
N ALA N 126 80.05 43.43 19.43
CA ALA N 126 79.74 43.42 18.00
C ALA N 126 80.75 42.59 17.21
N GLY N 127 82.04 42.85 17.42
CA GLY N 127 83.06 42.10 16.70
C GLY N 127 83.04 40.62 17.01
N ALA N 128 82.93 40.28 18.30
CA ALA N 128 82.92 38.87 18.69
C ALA N 128 81.68 38.16 18.16
N VAL N 129 80.54 38.86 18.13
CA VAL N 129 79.34 38.27 17.56
C VAL N 129 79.54 37.97 16.07
N ALA N 130 80.13 38.91 15.35
CA ALA N 130 80.40 38.68 13.93
C ALA N 130 81.30 37.47 13.72
N VAL N 131 82.41 37.41 14.46
CA VAL N 131 83.34 36.29 14.30
C VAL N 131 82.68 34.97 14.70
N ALA N 132 81.85 34.99 15.73
CA ALA N 132 81.19 33.77 16.15
C ALA N 132 80.25 33.23 15.09
N GLU N 133 79.44 34.11 14.48
CA GLU N 133 78.56 33.63 13.42
C GLU N 133 79.37 33.20 12.19
N ALA N 134 80.51 33.84 11.94
CA ALA N 134 81.36 33.41 10.84
C ALA N 134 81.86 32.00 11.06
N TYR N 135 82.32 31.70 12.29
CA TYR N 135 82.79 30.35 12.60
C TYR N 135 81.65 29.34 12.48
N VAL N 136 80.47 29.69 12.99
CA VAL N 136 79.36 28.76 12.95
C VAL N 136 78.91 28.49 11.53
N ARG N 137 78.99 29.50 10.65
CA ARG N 137 78.54 29.33 9.27
C ARG N 137 79.39 28.29 8.55
N LEU N 138 80.71 28.36 8.70
CA LEU N 138 81.60 27.40 8.05
C LEU N 138 81.91 26.20 8.92
N GLY N 139 81.15 25.99 9.99
CA GLY N 139 81.18 24.74 10.74
C GLY N 139 82.46 24.37 11.44
N GLN N 140 83.14 25.32 12.07
CA GLN N 140 84.30 25.00 12.87
C GLN N 140 83.87 24.52 14.26
N PRO N 141 84.71 23.75 14.94
CA PRO N 141 84.32 23.19 16.24
C PRO N 141 84.25 24.26 17.32
N ILE N 142 83.61 23.87 18.43
CA ILE N 142 83.29 24.82 19.50
C ILE N 142 84.52 25.20 20.33
N ARG N 143 85.57 24.38 20.34
CA ARG N 143 86.77 24.74 21.08
C ARG N 143 87.31 26.09 20.63
N LEU N 144 87.33 26.33 19.32
CA LEU N 144 87.84 27.60 18.81
C LEU N 144 86.98 28.77 19.24
N ILE N 145 85.66 28.63 19.18
CA ILE N 145 84.79 29.71 19.63
C ILE N 145 85.05 30.02 21.10
N ALA N 146 85.11 28.98 21.93
CA ALA N 146 85.31 29.19 23.36
C ALA N 146 86.65 29.85 23.65
N GLU N 147 87.72 29.33 23.05
CA GLU N 147 89.04 29.89 23.30
C GLU N 147 89.15 31.32 22.79
N TYR N 148 88.59 31.58 21.60
CA TYR N 148 88.61 32.93 21.04
C TYR N 148 87.91 33.91 21.97
N VAL N 149 86.68 33.59 22.38
CA VAL N 149 85.91 34.51 23.22
C VAL N 149 86.61 34.72 24.56
N ALA N 150 87.10 33.65 25.17
CA ALA N 150 87.76 33.79 26.47
C ALA N 150 89.00 34.68 26.37
N GLU N 151 89.79 34.51 25.31
CA GLU N 151 91.00 35.31 25.19
C GLU N 151 90.66 36.77 24.92
N ARG N 152 89.62 37.03 24.12
CA ARG N 152 89.20 38.41 23.90
C ARG N 152 88.73 39.05 25.19
N LEU N 153 87.98 38.31 26.01
CA LEU N 153 87.53 38.86 27.28
C LEU N 153 88.70 39.17 28.19
N VAL N 154 89.71 38.31 28.22
CA VAL N 154 90.87 38.59 29.07
C VAL N 154 91.61 39.83 28.57
N GLU N 155 91.76 39.99 27.25
CA GLU N 155 92.42 41.18 26.72
C GLU N 155 91.64 42.45 27.05
N LEU N 156 90.32 42.41 26.90
CA LEU N 156 89.50 43.56 27.27
C LEU N 156 89.60 43.86 28.75
N ALA N 157 89.64 42.84 29.60
CA ALA N 157 89.78 43.06 31.03
C ALA N 157 91.11 43.74 31.34
N GLU N 158 92.17 43.34 30.65
CA GLU N 158 93.45 44.02 30.83
C GLU N 158 93.37 45.48 30.41
N LEU N 159 92.71 45.75 29.29
CA LEU N 159 92.55 47.13 28.84
C LEU N 159 91.78 47.97 29.85
N LEU N 160 90.64 47.44 30.31
CA LEU N 160 89.82 48.17 31.27
C LEU N 160 90.55 48.38 32.59
N ARG N 161 91.39 47.43 32.99
CA ARG N 161 92.24 47.65 34.14
C ARG N 161 93.21 48.79 33.89
N ARG N 162 93.74 48.88 32.67
CA ARG N 162 94.65 49.98 32.35
C ARG N 162 93.94 51.33 32.41
N LEU N 163 92.69 51.40 31.93
CA LEU N 163 91.96 52.66 31.96
C LEU N 163 91.72 53.14 33.38
N GLY N 164 91.16 52.28 34.23
CA GLY N 164 90.93 52.64 35.61
C GLY N 164 89.55 52.28 36.15
N VAL N 165 88.75 51.58 35.37
CA VAL N 165 87.40 51.19 35.83
C VAL N 165 87.55 50.25 37.02
N PRO N 166 86.69 50.34 38.04
CA PRO N 166 86.75 49.37 39.15
C PRO N 166 86.41 47.95 38.70
N LEU N 167 86.97 46.98 39.42
CA LEU N 167 86.99 45.60 38.95
C LEU N 167 85.59 45.02 38.81
N ARG N 168 84.71 45.32 39.75
CA ARG N 168 83.37 44.74 39.70
C ARG N 168 82.62 45.20 38.46
N ARG N 169 82.80 46.47 38.08
CA ARG N 169 82.23 46.94 36.82
C ARG N 169 82.84 46.20 35.64
N ILE N 170 84.14 45.91 35.68
CA ILE N 170 84.76 45.12 34.62
C ILE N 170 84.06 43.79 34.48
N ILE N 171 83.83 43.11 35.60
CA ILE N 171 83.21 41.80 35.54
C ILE N 171 81.78 41.90 35.03
N ARG N 172 81.07 42.96 35.40
CA ARG N 172 79.70 43.14 34.92
C ARG N 172 79.67 43.36 33.41
N LEU N 173 80.60 44.17 32.89
CA LEU N 173 80.66 44.39 31.44
C LEU N 173 81.00 43.10 30.71
N LEU N 174 81.95 42.33 31.26
CA LEU N 174 82.33 41.07 30.62
C LEU N 174 81.16 40.09 30.59
N GLU N 175 80.37 40.06 31.66
CA GLU N 175 79.19 39.21 31.63
C GLU N 175 78.17 39.69 30.61
N GLU N 176 78.04 41.01 30.43
CA GLU N 176 77.15 41.51 29.38
C GLU N 176 77.62 41.07 28.00
N VAL N 177 78.93 41.16 27.75
CA VAL N 177 79.47 40.72 26.46
C VAL N 177 79.19 39.24 26.25
N LEU N 178 79.41 38.44 27.29
CA LEU N 178 79.15 37.01 27.18
C LEU N 178 77.68 36.73 26.91
N ARG N 179 76.79 37.51 27.52
CA ARG N 179 75.36 37.32 27.28
C ARG N 179 75.01 37.61 25.83
N VAL N 180 75.57 38.69 25.27
CA VAL N 180 75.31 39.00 23.86
C VAL N 180 75.83 37.89 22.96
N VAL N 181 77.04 37.41 23.24
CA VAL N 181 77.64 36.35 22.43
C VAL N 181 76.80 35.08 22.49
N ALA N 182 76.34 34.72 23.69
CA ALA N 182 75.51 33.53 23.83
C ALA N 182 74.19 33.68 23.07
N GLU N 183 73.59 34.88 23.11
CA GLU N 183 72.38 35.11 22.34
C GLU N 183 72.64 34.95 20.84
N ALA N 184 73.77 35.49 20.37
CA ALA N 184 74.11 35.37 18.96
C ALA N 184 74.26 33.91 18.56
N LEU N 185 74.97 33.13 19.38
CA LEU N 185 75.15 31.71 19.09
C LEU N 185 73.83 30.96 19.13
N ARG N 186 72.92 31.36 20.01
CA ARG N 186 71.60 30.74 20.04
C ARG N 186 70.83 31.01 18.75
N ARG N 187 70.91 32.25 18.25
CA ARG N 187 70.20 32.58 17.01
C ARG N 187 70.79 31.85 15.81
N ALA N 188 72.05 31.45 15.90
CA ALA N 188 72.71 30.72 14.82
C ALA N 188 72.44 29.23 14.86
N GLY N 189 71.62 28.76 15.81
CA GLY N 189 71.28 27.36 15.88
C GLY N 189 72.22 26.48 16.66
N VAL N 190 73.23 27.06 17.31
CA VAL N 190 74.15 26.24 18.10
C VAL N 190 73.40 25.60 19.26
N PRO N 191 73.56 24.30 19.52
CA PRO N 191 72.81 23.67 20.61
C PRO N 191 73.18 24.26 21.97
N GLU N 192 72.21 24.24 22.88
CA GLU N 192 72.39 24.88 24.18
C GLU N 192 73.59 24.36 24.97
N PRO N 193 73.85 23.04 25.06
CA PRO N 193 75.02 22.59 25.82
C PRO N 193 76.33 23.19 25.34
N GLU N 194 76.49 23.42 24.05
CA GLU N 194 77.71 24.05 23.58
C GLU N 194 77.79 25.52 24.01
N ILE N 195 76.66 26.21 24.08
CA ILE N 195 76.65 27.57 24.60
C ILE N 195 77.07 27.57 26.07
N ARG N 196 76.55 26.63 26.86
CA ARG N 196 76.95 26.53 28.25
C ARG N 196 78.43 26.21 28.38
N LYS N 197 78.95 25.35 27.50
CA LYS N 197 80.37 25.05 27.50
C LYS N 197 81.19 26.30 27.23
N VAL N 198 80.76 27.11 26.27
CA VAL N 198 81.45 28.36 25.97
C VAL N 198 81.49 29.26 27.20
N GLU N 199 80.32 29.45 27.83
CA GLU N 199 80.27 30.36 28.98
C GLU N 199 81.10 29.84 30.15
N ALA N 200 81.01 28.54 30.44
CA ALA N 200 81.77 27.97 31.55
C ALA N 200 83.27 28.10 31.30
N ALA N 201 83.71 27.87 30.06
CA ALA N 201 85.12 28.07 29.75
C ALA N 201 85.53 29.51 29.97
N ALA N 202 84.67 30.46 29.57
CA ALA N 202 84.98 31.87 29.76
C ALA N 202 85.11 32.22 31.24
N TYR N 203 84.20 31.70 32.07
CA TYR N 203 84.23 31.98 33.50
C TYR N 203 85.46 31.38 34.16
N ILE N 204 85.84 30.16 33.77
CA ILE N 204 87.03 29.54 34.36
C ILE N 204 88.28 30.29 33.93
N ARG N 205 88.32 30.76 32.68
CA ARG N 205 89.46 31.57 32.24
C ARG N 205 89.55 32.87 33.01
N LEU N 206 88.42 33.54 33.23
CA LEU N 206 88.41 34.78 34.00
C LEU N 206 88.83 34.54 35.44
N ALA N 207 88.34 33.45 36.05
CA ALA N 207 88.72 33.12 37.41
C ALA N 207 90.22 32.86 37.53
N ALA N 208 90.77 32.10 36.58
CA ALA N 208 92.21 31.83 36.58
C ALA N 208 93.00 33.12 36.40
N TYR N 209 92.55 34.00 35.50
CA TYR N 209 93.22 35.27 35.29
C TYR N 209 93.23 36.11 36.55
N LEU N 210 92.10 36.18 37.25
CA LEU N 210 92.05 36.94 38.51
C LEU N 210 92.95 36.32 39.56
N LEU N 211 92.96 34.98 39.66
CA LEU N 211 93.76 34.33 40.67
C LEU N 211 95.25 34.52 40.43
N ARG N 212 95.67 34.63 39.17
CA ARG N 212 97.10 34.66 38.88
C ARG N 212 97.75 35.96 39.39
N GLN N 213 97.00 37.06 39.40
CA GLN N 213 97.59 38.34 39.77
C GLN N 213 98.06 38.34 41.22
N LEU N 214 97.30 37.71 42.10
CA LEU N 214 97.63 37.67 43.53
C LEU N 214 98.63 36.59 43.87
N GLY N 215 99.06 35.78 42.91
CA GLY N 215 100.12 34.84 43.18
C GLY N 215 99.63 33.48 43.63
N TYR N 216 98.56 33.00 43.00
CA TYR N 216 98.07 31.64 43.20
C TYR N 216 98.27 30.92 41.88
N GLU N 217 99.50 30.47 41.66
CA GLU N 217 99.84 29.87 40.37
C GLU N 217 99.30 28.45 40.26
N ALA N 218 99.48 27.65 41.30
CA ALA N 218 99.01 26.26 41.26
C ALA N 218 97.51 26.21 41.06
N LEU N 219 96.77 27.09 41.74
CA LEU N 219 95.33 27.17 41.57
C LEU N 219 94.96 27.46 40.13
N ALA N 220 95.66 28.41 39.50
CA ALA N 220 95.36 28.75 38.12
C ALA N 220 95.66 27.59 37.18
N LYS N 221 96.78 26.89 37.40
CA LYS N 221 97.09 25.75 36.56
C LYS N 221 96.04 24.66 36.68
N ARG N 222 95.57 24.38 37.90
CA ARG N 222 94.55 23.34 38.05
C ARG N 222 93.23 23.75 37.42
N LEU N 223 92.87 25.03 37.53
CA LEU N 223 91.65 25.49 36.88
C LEU N 223 91.75 25.37 35.36
N LEU N 224 92.92 25.68 34.82
CA LEU N 224 93.07 25.57 33.37
C LEU N 224 93.13 24.12 32.92
N GLU N 225 93.64 23.20 33.76
CA GLU N 225 93.53 21.78 33.46
C GLU N 225 92.09 21.34 33.40
N ALA N 226 91.27 21.78 34.36
CA ALA N 226 89.86 21.46 34.34
C ALA N 226 89.19 22.02 33.09
N ARG N 227 89.56 23.24 32.69
CA ARG N 227 88.99 23.81 31.46
C ARG N 227 89.39 22.98 30.24
N GLU N 228 90.64 22.54 30.18
CA GLU N 228 91.10 21.74 29.05
C GLU N 228 90.32 20.43 28.97
N LEU N 229 90.11 19.78 30.11
CA LEU N 229 89.28 18.58 30.10
C LEU N 229 87.85 18.90 29.68
N LEU N 230 87.35 20.08 30.04
CA LEU N 230 85.97 20.42 29.70
C LEU N 230 85.80 20.62 28.20
N LEU N 231 86.75 21.32 27.56
CA LEU N 231 86.61 21.61 26.14
C LEU N 231 86.76 20.37 25.26
N GLU N 232 87.34 19.29 25.80
CA GLU N 232 87.51 18.05 25.06
C GLU N 232 86.28 17.16 25.11
N GLY N 233 85.23 17.57 25.81
CA GLY N 233 84.05 16.76 25.96
C GLY N 233 84.00 15.91 27.21
N ARG N 234 85.12 15.75 27.91
CA ARG N 234 85.16 15.01 29.16
C ARG N 234 84.57 15.87 30.26
N VAL N 235 83.24 15.88 30.32
CA VAL N 235 82.55 16.72 31.29
C VAL N 235 82.73 16.19 32.70
N GLU N 236 82.71 14.86 32.86
CA GLU N 236 82.72 14.29 34.21
C GLU N 236 84.05 14.52 34.92
N GLU N 237 85.16 14.29 34.22
CA GLU N 237 86.46 14.58 34.80
C GLU N 237 86.62 16.08 35.04
N ALA N 238 86.07 16.91 34.16
CA ALA N 238 86.11 18.36 34.37
C ALA N 238 85.40 18.75 35.66
N ALA N 239 84.20 18.21 35.87
CA ALA N 239 83.44 18.53 37.07
C ALA N 239 84.11 18.01 38.34
N HIS N 240 84.68 16.80 38.30
CA HIS N 240 85.35 16.27 39.48
C HIS N 240 86.58 17.09 39.83
N LEU N 241 87.42 17.40 38.85
CA LEU N 241 88.62 18.17 39.12
C LEU N 241 88.28 19.59 39.54
N LEU N 242 87.23 20.16 38.94
CA LEU N 242 86.77 21.49 39.33
C LEU N 242 86.29 21.51 40.77
N GLU N 243 85.51 20.51 41.18
CA GLU N 243 85.03 20.50 42.55
C GLU N 243 86.16 20.31 43.55
N ASP N 244 87.17 19.51 43.21
CA ASP N 244 88.31 19.36 44.11
C ASP N 244 89.04 20.68 44.29
N VAL N 245 89.34 21.36 43.18
CA VAL N 245 90.08 22.61 43.30
C VAL N 245 89.23 23.68 43.98
N TYR N 246 87.93 23.71 43.72
CA TYR N 246 87.05 24.67 44.39
C TYR N 246 87.01 24.40 45.89
N ALA N 247 86.97 23.14 46.31
CA ALA N 247 86.97 22.85 47.73
C ALA N 247 88.24 23.36 48.40
N LEU N 248 89.40 23.11 47.78
CA LEU N 248 90.64 23.60 48.40
C LEU N 248 90.66 25.12 48.45
N PHE N 249 90.25 25.77 47.36
CA PHE N 249 90.20 27.23 47.33
C PHE N 249 89.26 27.79 48.38
N HIS N 250 88.10 27.16 48.55
CA HIS N 250 87.09 27.69 49.45
C HIS N 250 87.51 27.52 50.89
N ARG N 251 88.19 26.42 51.20
CA ARG N 251 88.80 26.30 52.53
C ARG N 251 89.83 27.40 52.75
N GLU N 252 90.60 27.73 51.71
CA GLU N 252 91.55 28.83 51.85
C GLU N 252 90.84 30.16 52.09
N ILE N 253 89.70 30.38 51.44
CA ILE N 253 88.93 31.60 51.68
C ILE N 253 88.43 31.65 53.12
N GLU N 254 87.83 30.55 53.59
CA GLU N 254 87.32 30.52 54.96
C GLU N 254 88.44 30.60 56.00
N ARG N 255 89.67 30.29 55.61
CA ARG N 255 90.79 30.46 56.53
C ARG N 255 90.95 31.92 56.93
N LEU N 256 90.77 32.83 55.99
CA LEU N 256 90.99 34.26 56.23
C LEU N 256 89.82 34.93 56.92
N GLY N 257 88.73 34.21 57.18
CA GLY N 257 87.66 34.75 58.00
C GLY N 257 86.93 35.90 57.33
N PHE N 258 86.77 36.98 58.08
CA PHE N 258 86.14 38.20 57.57
C PHE N 258 87.18 39.19 57.04
N GLU N 259 87.98 38.69 56.10
CA GLU N 259 88.99 39.49 55.41
C GLU N 259 89.51 38.69 54.23
N ALA N 260 89.59 39.34 53.06
CA ALA N 260 90.15 38.75 51.86
C ALA N 260 90.24 39.80 50.76
N PRO N 261 91.30 39.79 49.94
CA PRO N 261 91.37 40.72 48.81
C PRO N 261 90.15 40.54 47.90
N GLU N 262 89.73 41.64 47.28
CA GLU N 262 88.47 41.63 46.57
C GLU N 262 88.48 40.68 45.38
N GLU N 263 89.64 40.44 44.78
CA GLU N 263 89.68 39.51 43.66
C GLU N 263 89.36 38.08 44.09
N LEU N 264 89.74 37.70 45.31
CA LEU N 264 89.28 36.41 45.84
C LEU N 264 87.76 36.37 45.92
N ARG N 265 87.16 37.46 46.39
CA ARG N 265 85.70 37.49 46.53
C ARG N 265 85.02 37.41 45.18
N VAL N 266 85.58 38.03 44.15
CA VAL N 266 84.99 37.94 42.82
C VAL N 266 85.18 36.55 42.23
N ALA N 267 86.39 35.98 42.38
CA ALA N 267 86.69 34.67 41.82
C ALA N 267 85.84 33.60 42.46
N ASP N 268 85.47 33.76 43.74
CA ASP N 268 84.62 32.76 44.38
C ASP N 268 83.27 32.69 43.67
N LEU N 269 82.69 33.84 43.35
CA LEU N 269 81.42 33.85 42.64
C LEU N 269 81.57 33.34 41.21
N LEU N 270 82.69 33.69 40.56
CA LEU N 270 82.95 33.20 39.20
C LEU N 270 83.03 31.68 39.17
N LEU N 271 83.78 31.10 40.11
CA LEU N 271 83.93 29.65 40.19
C LEU N 271 82.60 28.98 40.50
N ALA N 272 81.81 29.57 41.40
CA ALA N 272 80.50 29.00 41.69
C ALA N 272 79.62 28.98 40.44
N ARG N 273 79.61 30.06 39.67
CA ARG N 273 78.81 30.09 38.44
C ARG N 273 79.34 29.09 37.42
N ALA N 274 80.65 28.97 37.30
CA ALA N 274 81.23 28.00 36.39
C ALA N 274 80.80 26.58 36.73
N ILE N 275 80.84 26.25 38.03
CA ILE N 275 80.44 24.92 38.47
C ILE N 275 78.95 24.70 38.20
N ALA N 276 78.13 25.72 38.45
CA ALA N 276 76.70 25.58 38.17
C ALA N 276 76.45 25.31 36.70
N LEU N 277 77.14 26.05 35.81
CA LEU N 277 76.95 25.86 34.38
C LEU N 277 77.39 24.47 33.95
N ILE N 278 78.54 24.00 34.44
CA ILE N 278 79.02 22.67 34.07
C ILE N 278 78.04 21.61 34.53
N LYS N 279 77.52 21.75 35.75
CA LYS N 279 76.52 20.81 36.24
C LYS N 279 75.25 20.84 35.40
N ALA N 280 74.91 22.01 34.85
CA ALA N 280 73.68 22.14 34.07
C ALA N 280 73.84 21.67 32.62
N ILE N 281 75.06 21.39 32.17
CA ILE N 281 75.27 20.88 30.81
C ILE N 281 74.48 19.60 30.59
N THR O 24 60.25 63.90 76.98
CA THR O 24 60.40 64.13 75.55
C THR O 24 59.85 62.96 74.75
N VAL O 25 59.53 61.86 75.45
CA VAL O 25 59.10 60.64 74.79
C VAL O 25 57.79 60.87 74.04
N VAL O 26 56.83 61.53 74.68
CA VAL O 26 55.56 61.82 74.02
C VAL O 26 55.77 62.79 72.87
N GLU O 27 56.69 63.74 73.02
CA GLU O 27 57.04 64.61 71.91
C GLU O 27 57.67 63.82 70.78
N GLU O 28 58.50 62.82 71.09
CA GLU O 28 59.08 61.98 70.06
C GLU O 28 58.01 61.19 69.32
N VAL O 29 57.02 60.66 70.05
CA VAL O 29 55.94 59.93 69.40
C VAL O 29 55.12 60.86 68.50
N ARG O 30 54.81 62.06 68.99
CA ARG O 30 54.09 63.02 68.16
C ARG O 30 54.89 63.37 66.91
N ARG O 31 56.18 63.64 67.06
CA ARG O 31 57.01 63.98 65.92
C ARG O 31 57.06 62.83 64.91
N PHE O 32 57.21 61.60 65.40
CA PHE O 32 57.25 60.45 64.53
C PHE O 32 55.96 60.32 63.73
N ALA O 33 54.81 60.45 64.42
CA ALA O 33 53.53 60.31 63.73
C ALA O 33 53.32 61.42 62.70
N GLU O 34 53.60 62.66 63.08
CA GLU O 34 53.37 63.77 62.15
C GLU O 34 54.32 63.71 60.97
N GLU O 35 55.59 63.34 61.19
CA GLU O 35 56.52 63.19 60.08
C GLU O 35 56.06 62.11 59.12
N LEU O 36 55.61 60.97 59.65
CA LEU O 36 55.11 59.92 58.77
C LEU O 36 53.89 60.38 57.98
N ALA O 37 52.99 61.12 58.62
CA ALA O 37 51.81 61.62 57.93
C ALA O 37 52.18 62.62 56.84
N GLU O 38 53.13 63.51 57.12
CA GLU O 38 53.59 64.45 56.12
C GLU O 38 54.20 63.72 54.93
N GLU O 39 55.00 62.68 55.17
CA GLU O 39 55.57 61.93 54.07
C GLU O 39 54.49 61.22 53.27
N VAL O 40 53.46 60.71 53.94
CA VAL O 40 52.35 60.09 53.22
C VAL O 40 51.71 61.09 52.29
N LEU O 41 51.48 62.31 52.79
CA LEU O 41 50.82 63.34 51.96
C LEU O 41 51.73 63.80 50.83
N ARG O 42 53.03 63.90 51.07
CA ARG O 42 53.95 64.30 50.01
C ARG O 42 54.01 63.26 48.91
N VAL O 43 54.14 61.99 49.27
CA VAL O 43 54.28 60.95 48.26
C VAL O 43 52.97 60.75 47.50
N GLY O 44 51.84 60.71 48.21
CA GLY O 44 50.57 60.44 47.59
C GLY O 44 49.67 61.61 47.34
N GLY O 45 50.02 62.79 47.82
CA GLY O 45 49.18 63.95 47.58
C GLY O 45 47.87 63.87 48.33
N GLU O 46 46.85 64.48 47.73
CA GLU O 46 45.50 64.44 48.27
C GLU O 46 44.75 63.18 47.89
N ALA O 47 45.37 62.29 47.11
CA ALA O 47 44.70 61.04 46.76
C ALA O 47 44.40 60.21 47.99
N MET O 48 45.36 60.12 48.91
CA MET O 48 45.19 59.39 50.17
C MET O 48 45.37 60.39 51.31
N ARG O 49 44.30 61.09 51.64
CA ARG O 49 44.15 61.90 52.84
C ARG O 49 43.72 61.04 54.04
N PRO O 50 42.84 60.03 53.86
CA PRO O 50 42.49 59.18 55.02
C PRO O 50 43.68 58.61 55.76
N TYR O 51 44.74 58.20 55.06
CA TYR O 51 45.86 57.58 55.73
C TYR O 51 46.62 58.57 56.61
N ALA O 52 46.69 59.83 56.19
CA ALA O 52 47.28 60.86 57.05
C ALA O 52 46.46 61.01 58.33
N GLU O 53 45.14 60.94 58.22
CA GLU O 53 44.29 61.03 59.40
C GLU O 53 44.49 59.82 60.31
N MET O 54 44.58 58.62 59.73
CA MET O 54 44.84 57.43 60.54
C MET O 54 46.16 57.55 61.29
N VAL O 55 47.21 57.97 60.59
CA VAL O 55 48.51 58.09 61.23
C VAL O 55 48.45 59.14 62.35
N ARG O 56 47.78 60.26 62.10
CA ARG O 56 47.74 61.32 63.11
C ARG O 56 46.94 60.89 64.33
N HIS O 57 45.79 60.26 64.14
CA HIS O 57 45.03 59.78 65.30
C HIS O 57 45.74 58.66 66.05
N LEU O 58 46.45 57.78 65.35
CA LEU O 58 47.21 56.76 66.07
C LEU O 58 48.35 57.39 66.87
N GLY O 59 48.93 58.46 66.35
CA GLY O 59 49.89 59.22 67.16
C GLY O 59 49.25 59.80 68.40
N GLU O 60 48.05 60.39 68.25
CA GLU O 60 47.37 60.94 69.43
C GLU O 60 47.00 59.86 70.43
N ALA O 61 46.55 58.70 69.95
CA ALA O 61 46.21 57.60 70.85
C ALA O 61 47.44 57.11 71.61
N ALA O 62 48.57 56.99 70.91
CA ALA O 62 49.80 56.56 71.58
C ALA O 62 50.23 57.56 72.64
N VAL O 63 50.19 58.85 72.34
CA VAL O 63 50.62 59.81 73.35
C VAL O 63 49.62 59.89 74.49
N ALA O 64 48.33 59.68 74.21
CA ALA O 64 47.35 59.60 75.28
C ALA O 64 47.68 58.44 76.21
N ALA O 65 48.01 57.27 75.66
CA ALA O 65 48.37 56.13 76.49
C ALA O 65 49.63 56.41 77.30
N LEU O 66 50.62 57.06 76.69
CA LEU O 66 51.83 57.43 77.43
C LEU O 66 51.59 58.47 78.51
N GLU O 67 50.52 59.26 78.39
CA GLU O 67 50.28 60.33 79.35
C GLU O 67 49.05 60.06 80.22
N GLY O 68 48.94 58.84 80.72
CA GLY O 68 47.77 58.43 81.47
C GLY O 68 46.73 57.82 80.56
N ARG O 69 45.47 57.89 81.00
CA ARG O 69 44.30 57.55 80.20
C ARG O 69 44.23 56.08 79.80
N ALA O 70 43.02 55.58 79.63
CA ALA O 70 42.78 54.28 79.02
C ALA O 70 41.57 54.25 78.12
N GLU O 71 40.69 55.25 78.19
CA GLU O 71 39.45 55.31 77.43
C GLU O 71 39.59 56.13 76.16
N GLU O 72 40.35 57.21 76.20
CA GLU O 72 40.62 57.98 74.99
C GLU O 72 41.39 57.14 73.97
N ALA O 73 42.34 56.34 74.45
CA ALA O 73 43.05 55.43 73.56
C ALA O 73 42.08 54.45 72.90
N ASP O 74 41.17 53.90 73.70
CA ASP O 74 40.15 52.99 73.16
C ASP O 74 39.32 53.67 72.08
N ARG O 75 38.85 54.89 72.36
CA ARG O 75 37.98 55.58 71.42
C ARG O 75 38.73 55.91 70.13
N LEU O 76 39.95 56.41 70.25
CA LEU O 76 40.71 56.78 69.05
C LEU O 76 41.01 55.55 68.21
N VAL O 77 41.39 54.44 68.85
CA VAL O 77 41.68 53.22 68.09
C VAL O 77 40.42 52.72 67.40
N ARG O 78 39.26 52.85 68.05
CA ARG O 78 38.01 52.46 67.40
C ARG O 78 37.69 53.37 66.21
N ASP O 79 37.96 54.66 66.33
CA ASP O 79 37.76 55.59 65.22
C ASP O 79 38.64 55.22 64.03
N VAL O 80 39.92 54.95 64.29
CA VAL O 80 40.82 54.55 63.21
C VAL O 80 40.40 53.20 62.63
N LEU O 81 39.86 52.32 63.46
CA LEU O 81 39.34 51.07 62.94
C LEU O 81 38.18 51.32 61.98
N GLU O 82 37.31 52.28 62.32
CA GLU O 82 36.21 52.62 61.42
C GLU O 82 36.71 53.19 60.10
N MET O 83 37.72 54.07 60.15
CA MET O 83 38.28 54.60 58.91
C MET O 83 38.89 53.49 58.06
N ALA O 84 39.62 52.58 58.70
CA ALA O 84 40.20 51.45 57.97
C ALA O 84 39.10 50.60 57.35
N ARG O 85 37.98 50.44 58.04
CA ARG O 85 36.87 49.68 57.48
C ARG O 85 36.32 50.36 56.23
N GLU O 86 36.12 51.68 56.28
CA GLU O 86 35.47 52.35 55.16
C GLU O 86 36.40 52.47 53.96
N VAL O 87 37.68 52.78 54.20
CA VAL O 87 38.62 52.96 53.08
C VAL O 87 38.76 51.67 52.28
N GLY O 88 38.90 50.55 52.97
CA GLY O 88 39.12 49.26 52.32
C GLY O 88 40.35 48.52 52.80
N ALA O 89 41.10 49.05 53.76
CA ALA O 89 42.27 48.38 54.28
C ALA O 89 41.84 47.19 55.12
N GLU O 90 42.20 45.98 54.69
CA GLU O 90 41.82 44.79 55.42
C GLU O 90 42.85 44.43 56.49
N GLY O 91 44.10 44.23 56.09
CA GLY O 91 45.12 43.87 57.06
C GLY O 91 45.31 44.93 58.13
N LEU O 92 45.21 46.20 57.74
CA LEU O 92 45.29 47.27 58.72
C LEU O 92 44.14 47.19 59.70
N ALA O 93 42.94 46.89 59.21
CA ALA O 93 41.78 46.77 60.11
C ALA O 93 41.97 45.61 61.09
N ARG O 94 42.47 44.48 60.61
CA ARG O 94 42.69 43.35 61.50
C ARG O 94 43.72 43.71 62.57
N LEU O 95 44.83 44.32 62.17
CA LEU O 95 45.83 44.71 63.16
C LEU O 95 45.26 45.72 64.13
N LEU O 96 44.32 46.56 63.68
CA LEU O 96 43.75 47.56 64.57
C LEU O 96 42.83 46.93 65.61
N GLU O 97 42.04 45.93 65.22
CA GLU O 97 41.28 45.18 66.22
C GLU O 97 42.21 44.53 67.23
N ARG O 98 43.29 43.91 66.74
CA ARG O 98 44.23 43.23 67.64
C ARG O 98 44.86 44.20 68.62
N VAL O 99 45.32 45.37 68.14
CA VAL O 99 45.94 46.33 69.05
C VAL O 99 44.91 46.87 70.01
N HIS O 100 43.66 46.99 69.57
CA HIS O 100 42.59 47.43 70.47
C HIS O 100 42.48 46.50 71.67
N ARG O 101 42.31 45.20 71.41
CA ARG O 101 42.16 44.24 72.51
C ARG O 101 43.40 44.19 73.39
N GLU O 102 44.57 44.09 72.78
CA GLU O 102 45.80 43.99 73.56
C GLU O 102 46.05 45.23 74.39
N ALA O 103 45.76 46.41 73.83
CA ALA O 103 45.93 47.64 74.60
C ALA O 103 45.00 47.67 75.79
N ARG O 104 43.75 47.19 75.61
CA ARG O 104 42.85 47.08 76.76
C ARG O 104 43.46 46.20 77.84
N GLU O 105 43.94 45.02 77.46
CA GLU O 105 44.47 44.09 78.45
C GLU O 105 45.67 44.69 79.19
N LEU O 106 46.62 45.26 78.45
CA LEU O 106 47.83 45.76 79.08
C LEU O 106 47.54 47.01 79.92
N LEU O 107 46.60 47.86 79.48
CA LEU O 107 46.26 49.01 80.28
C LEU O 107 45.54 48.59 81.56
N ARG O 108 44.75 47.51 81.51
CA ARG O 108 44.18 46.96 82.73
C ARG O 108 45.28 46.46 83.66
N GLU O 109 46.29 45.80 83.09
CA GLU O 109 47.44 45.35 83.88
C GLU O 109 48.33 46.49 84.34
N GLY O 110 48.12 47.70 83.86
CA GLY O 110 48.87 48.86 84.31
C GLY O 110 50.14 49.16 83.53
N ARG O 111 50.52 48.34 82.57
CA ARG O 111 51.71 48.58 81.76
C ARG O 111 51.36 49.51 80.61
N ARG O 112 52.13 50.58 80.46
CA ARG O 112 51.81 51.63 79.49
C ARG O 112 52.71 51.60 78.26
N GLU O 113 53.99 51.26 78.42
CA GLU O 113 54.92 51.36 77.31
C GLU O 113 54.55 50.40 76.18
N GLU O 114 54.14 49.18 76.51
CA GLU O 114 53.84 48.20 75.47
C GLU O 114 52.57 48.53 74.70
N ALA O 115 51.56 49.11 75.36
CA ALA O 115 50.36 49.53 74.63
C ALA O 115 50.69 50.62 73.62
N ALA O 116 51.45 51.63 74.04
CA ALA O 116 51.92 52.64 73.11
C ALA O 116 52.79 52.04 72.01
N ALA O 117 53.54 50.98 72.34
CA ALA O 117 54.35 50.31 71.33
C ALA O 117 53.48 49.68 70.25
N LEU O 118 52.40 49.00 70.66
CA LEU O 118 51.49 48.44 69.66
C LEU O 118 50.84 49.55 68.84
N VAL O 119 50.48 50.66 69.48
CA VAL O 119 49.85 51.76 68.73
C VAL O 119 50.83 52.35 67.72
N LEU O 120 52.09 52.54 68.12
CA LEU O 120 53.09 53.08 67.21
C LEU O 120 53.35 52.12 66.04
N ALA O 121 53.40 50.83 66.32
CA ALA O 121 53.54 49.87 65.24
C ALA O 121 52.36 49.96 64.28
N ALA O 122 51.15 50.15 64.80
CA ALA O 122 49.98 50.30 63.94
C ALA O 122 50.07 51.55 63.07
N ALA O 123 50.51 52.66 63.66
CA ALA O 123 50.67 53.90 62.90
C ALA O 123 51.70 53.72 61.79
N LEU O 124 52.82 53.09 62.09
CA LEU O 124 53.83 52.83 61.06
C LEU O 124 53.28 51.93 59.98
N ALA O 125 52.51 50.91 60.35
CA ALA O 125 51.93 50.04 59.34
C ALA O 125 51.02 50.82 58.41
N ALA O 126 50.19 51.72 58.97
CA ALA O 126 49.28 52.52 58.14
C ALA O 126 50.05 53.43 57.19
N GLY O 127 51.02 54.18 57.73
CA GLY O 127 51.79 55.08 56.89
C GLY O 127 52.58 54.36 55.80
N ALA O 128 53.25 53.28 56.17
CA ALA O 128 54.05 52.54 55.20
C ALA O 128 53.16 51.88 54.17
N VAL O 129 51.97 51.41 54.55
CA VAL O 129 51.04 50.86 53.59
C VAL O 129 50.62 51.92 52.57
N ALA O 130 50.32 53.13 53.05
CA ALA O 130 49.93 54.20 52.14
C ALA O 130 51.06 54.53 51.18
N VAL O 131 52.28 54.72 51.69
CA VAL O 131 53.39 55.09 50.83
C VAL O 131 53.71 53.96 49.85
N ALA O 132 53.59 52.71 50.28
CA ALA O 132 53.84 51.60 49.38
C ALA O 132 52.82 51.54 48.25
N GLU O 133 51.54 51.78 48.54
CA GLU O 133 50.56 51.80 47.46
C GLU O 133 50.81 52.97 46.53
N ALA O 134 51.25 54.11 47.06
CA ALA O 134 51.60 55.24 46.20
C ALA O 134 52.72 54.86 45.25
N TYR O 135 53.77 54.21 45.77
CA TYR O 135 54.89 53.80 44.93
C TYR O 135 54.44 52.81 43.86
N VAL O 136 53.57 51.88 44.22
CA VAL O 136 53.11 50.88 43.27
C VAL O 136 52.26 51.52 42.18
N ARG O 137 51.43 52.51 42.55
CA ARG O 137 50.53 53.13 41.57
C ARG O 137 51.31 53.83 40.46
N LEU O 138 52.33 54.60 40.82
CA LEU O 138 53.12 55.31 39.82
C LEU O 138 54.34 54.53 39.36
N GLY O 139 54.40 53.23 39.65
CA GLY O 139 55.37 52.33 39.04
C GLY O 139 56.84 52.57 39.33
N GLN O 140 57.18 52.91 40.57
CA GLN O 140 58.58 53.04 40.92
C GLN O 140 59.19 51.67 41.20
N PRO O 141 60.53 51.55 41.10
CA PRO O 141 61.16 50.23 41.25
C PRO O 141 61.04 49.69 42.67
N ILE O 142 61.18 48.37 42.77
CA ILE O 142 61.02 47.67 44.04
C ILE O 142 62.15 47.93 45.02
N ARG O 143 63.35 48.25 44.53
CA ARG O 143 64.44 48.63 45.44
C ARG O 143 64.00 49.77 46.35
N LEU O 144 63.23 50.71 45.82
CA LEU O 144 62.81 51.86 46.61
C LEU O 144 61.88 51.45 47.74
N ILE O 145 60.90 50.59 47.43
CA ILE O 145 60.00 50.08 48.47
C ILE O 145 60.78 49.34 49.54
N ALA O 146 61.69 48.45 49.13
CA ALA O 146 62.44 47.65 50.09
C ALA O 146 63.30 48.52 51.00
N GLU O 147 64.03 49.46 50.41
CA GLU O 147 64.90 50.32 51.22
C GLU O 147 64.08 51.21 52.14
N TYR O 148 62.97 51.75 51.65
CA TYR O 148 62.11 52.59 52.48
C TYR O 148 61.61 51.82 53.68
N VAL O 149 61.03 50.64 53.45
CA VAL O 149 60.46 49.87 54.55
C VAL O 149 61.52 49.46 55.54
N ALA O 150 62.68 49.00 55.06
CA ALA O 150 63.74 48.57 55.97
C ALA O 150 64.22 49.72 56.84
N GLU O 151 64.39 50.90 56.26
CA GLU O 151 64.87 52.02 57.06
C GLU O 151 63.83 52.46 58.07
N ARG O 152 62.55 52.44 57.69
CA ARG O 152 61.50 52.79 58.65
C ARG O 152 61.46 51.79 59.80
N LEU O 153 61.62 50.50 59.51
CA LEU O 153 61.64 49.50 60.56
C LEU O 153 62.80 49.72 61.52
N VAL O 154 63.97 50.08 60.98
CA VAL O 154 65.11 50.33 61.86
C VAL O 154 64.85 51.54 62.75
N GLU O 155 64.26 52.60 62.18
CA GLU O 155 63.94 53.78 62.99
C GLU O 155 62.95 53.46 64.10
N LEU O 156 61.90 52.69 63.78
CA LEU O 156 60.93 52.28 64.80
C LEU O 156 61.58 51.43 65.87
N ALA O 157 62.49 50.52 65.47
CA ALA O 157 63.18 49.70 66.46
C ALA O 157 64.02 50.55 67.39
N GLU O 158 64.68 51.57 66.86
CA GLU O 158 65.43 52.48 67.71
C GLU O 158 64.51 53.21 68.68
N LEU O 159 63.35 53.65 68.20
CA LEU O 159 62.39 54.33 69.08
C LEU O 159 61.91 53.42 70.20
N LEU O 160 61.51 52.19 69.85
CA LEU O 160 61.02 51.26 70.87
C LEU O 160 62.11 50.89 71.86
N ARG O 161 63.36 50.80 71.40
CA ARG O 161 64.46 50.60 72.32
C ARG O 161 64.60 51.78 73.27
N ARG O 162 64.35 53.00 72.77
CA ARG O 162 64.39 54.16 73.64
C ARG O 162 63.28 54.11 74.70
N LEU O 163 62.08 53.69 74.30
CA LEU O 163 60.96 53.62 75.26
C LEU O 163 61.26 52.63 76.37
N GLY O 164 61.60 51.39 76.01
CA GLY O 164 61.89 50.38 77.00
C GLY O 164 61.27 49.02 76.75
N VAL O 165 60.63 48.85 75.59
CA VAL O 165 60.00 47.56 75.27
C VAL O 165 61.08 46.49 75.16
N PRO O 166 60.85 45.27 75.64
CA PRO O 166 61.84 44.20 75.49
C PRO O 166 62.03 43.81 74.02
N LEU O 167 63.23 43.31 73.74
CA LEU O 167 63.68 43.15 72.36
C LEU O 167 62.83 42.17 71.58
N ARG O 168 62.48 41.04 72.18
CA ARG O 168 61.72 40.04 71.44
C ARG O 168 60.35 40.57 71.04
N ARG O 169 59.74 41.38 71.92
CA ARG O 169 58.51 42.06 71.55
C ARG O 169 58.74 43.03 70.40
N ILE O 170 59.89 43.71 70.39
CA ILE O 170 60.22 44.59 69.28
C ILE O 170 60.20 43.83 67.98
N ILE O 171 60.89 42.68 67.94
CA ILE O 171 60.98 41.92 66.71
C ILE O 171 59.62 41.39 66.30
N ARG O 172 58.78 41.02 67.27
CA ARG O 172 57.44 40.55 66.95
C ARG O 172 56.59 41.66 66.33
N LEU O 173 56.67 42.87 66.88
CA LEU O 173 55.93 43.99 66.30
C LEU O 173 56.42 44.32 64.90
N LEU O 174 57.74 44.29 64.71
CA LEU O 174 58.30 44.58 63.39
C LEU O 174 57.83 43.56 62.36
N GLU O 175 57.76 42.29 62.75
CA GLU O 175 57.25 41.28 61.85
C GLU O 175 55.77 41.47 61.55
N GLU O 176 54.99 41.94 62.53
CA GLU O 176 53.60 42.26 62.24
C GLU O 176 53.47 43.38 61.23
N VAL O 177 54.29 44.43 61.39
CA VAL O 177 54.30 45.53 60.42
C VAL O 177 54.64 45.01 59.03
N LEU O 178 55.66 44.16 58.95
CA LEU O 178 56.06 43.61 57.66
C LEU O 178 54.96 42.76 57.05
N ARG O 179 54.23 42.01 57.88
CA ARG O 179 53.13 41.20 57.36
C ARG O 179 52.04 42.08 56.77
N VAL O 180 51.70 43.17 57.45
CA VAL O 180 50.68 44.09 56.91
C VAL O 180 51.15 44.70 55.60
N VAL O 181 52.43 45.12 55.54
CA VAL O 181 52.96 45.72 54.32
C VAL O 181 52.92 44.72 53.17
N ALA O 182 53.29 43.47 53.44
CA ALA O 182 53.26 42.45 52.40
C ALA O 182 51.84 42.19 51.92
N GLU O 183 50.86 42.19 52.84
CA GLU O 183 49.48 42.03 52.43
C GLU O 183 49.02 43.19 51.54
N ALA O 184 49.41 44.42 51.91
CA ALA O 184 49.06 45.58 51.10
C ALA O 184 49.64 45.47 49.71
N LEU O 185 50.92 45.10 49.62
CA LEU O 185 51.55 44.95 48.31
C LEU O 185 50.91 43.82 47.50
N ARG O 186 50.44 42.78 48.17
CA ARG O 186 49.73 41.72 47.46
C ARG O 186 48.43 42.23 46.88
N ARG O 187 47.69 43.04 47.64
CA ARG O 187 46.43 43.58 47.13
C ARG O 187 46.65 44.53 45.97
N ALA O 188 47.81 45.16 45.89
CA ALA O 188 48.13 46.10 44.81
C ALA O 188 48.65 45.41 43.56
N GLY O 189 48.68 44.07 43.54
CA GLY O 189 49.08 43.34 42.36
C GLY O 189 50.55 43.10 42.20
N VAL O 190 51.37 43.47 43.18
CA VAL O 190 52.82 43.23 43.07
C VAL O 190 53.08 41.73 43.06
N PRO O 191 53.91 41.21 42.14
CA PRO O 191 54.14 39.77 42.08
C PRO O 191 54.82 39.26 43.35
N GLU O 192 54.54 37.98 43.66
CA GLU O 192 55.00 37.41 44.93
C GLU O 192 56.52 37.45 45.10
N PRO O 193 57.35 37.10 44.11
CA PRO O 193 58.80 37.15 44.34
C PRO O 193 59.31 38.51 44.78
N GLU O 194 58.72 39.59 44.28
CA GLU O 194 59.13 40.91 44.73
C GLU O 194 58.74 41.14 46.19
N ILE O 195 57.60 40.62 46.63
CA ILE O 195 57.22 40.71 48.03
C ILE O 195 58.23 39.96 48.90
N ARG O 196 58.63 38.77 48.46
CA ARG O 196 59.62 38.01 49.22
C ARG O 196 60.95 38.75 49.27
N LYS O 197 61.33 39.39 48.17
CA LYS O 197 62.57 40.18 48.17
C LYS O 197 62.48 41.34 49.15
N VAL O 198 61.32 42.00 49.20
CA VAL O 198 61.12 43.07 50.17
C VAL O 198 61.32 42.56 51.59
N GLU O 199 60.65 41.44 51.91
CA GLU O 199 60.74 40.90 53.26
C GLU O 199 62.16 40.48 53.61
N ALA O 200 62.84 39.80 52.69
CA ALA O 200 64.20 39.33 52.95
C ALA O 200 65.16 40.50 53.15
N ALA O 201 65.00 41.55 52.35
CA ALA O 201 65.83 42.74 52.57
C ALA O 201 65.58 43.33 53.95
N ALA O 202 64.31 43.37 54.37
CA ALA O 202 64.00 43.88 55.70
C ALA O 202 64.66 43.05 56.79
N TYR O 203 64.61 41.72 56.66
CA TYR O 203 65.19 40.84 57.67
C TYR O 203 66.71 40.95 57.71
N ILE O 204 67.35 41.06 56.54
CA ILE O 204 68.81 41.21 56.51
C ILE O 204 69.22 42.54 57.10
N ARG O 205 68.46 43.61 56.84
CA ARG O 205 68.76 44.89 57.46
C ARG O 205 68.62 44.83 58.97
N LEU O 206 67.54 44.19 59.46
CA LEU O 206 67.36 44.06 60.90
C LEU O 206 68.46 43.23 61.54
N ALA O 207 68.85 42.13 60.91
CA ALA O 207 69.93 41.31 61.44
C ALA O 207 71.24 42.08 61.50
N ALA O 208 71.54 42.85 60.44
CA ALA O 208 72.75 43.67 60.45
C ALA O 208 72.70 44.72 61.55
N TYR O 209 71.53 45.33 61.74
CA TYR O 209 71.37 46.33 62.79
C TYR O 209 71.61 45.73 64.17
N LEU O 210 71.06 44.55 64.43
CA LEU O 210 71.29 43.88 65.70
C LEU O 210 72.75 43.50 65.88
N LEU O 211 73.39 43.01 64.82
CA LEU O 211 74.78 42.58 64.91
C LEU O 211 75.71 43.74 65.17
N ARG O 212 75.36 44.94 64.71
CA ARG O 212 76.27 46.07 64.87
C ARG O 212 76.41 46.50 66.33
N GLN O 213 75.33 46.40 67.11
CA GLN O 213 75.37 46.90 68.49
C GLN O 213 76.40 46.14 69.33
N LEU O 214 76.46 44.82 69.18
CA LEU O 214 77.48 44.03 69.87
C LEU O 214 78.88 44.28 69.35
N GLY O 215 79.03 44.94 68.22
CA GLY O 215 80.36 45.25 67.72
C GLY O 215 80.90 44.22 66.75
N TYR O 216 80.08 43.79 65.81
CA TYR O 216 80.50 42.91 64.72
C TYR O 216 80.32 43.69 63.44
N GLU O 217 81.31 44.52 63.11
CA GLU O 217 81.21 45.37 61.94
C GLU O 217 81.37 44.57 60.65
N ALA O 218 82.34 43.65 60.62
CA ALA O 218 82.58 42.88 59.41
C ALA O 218 81.36 42.06 59.03
N LEU O 219 80.71 41.44 60.01
CA LEU O 219 79.49 40.68 59.76
C LEU O 219 78.41 41.56 59.15
N ALA O 220 78.21 42.76 59.70
CA ALA O 220 77.18 43.64 59.17
C ALA O 220 77.49 44.09 57.75
N LYS O 221 78.76 44.39 57.47
CA LYS O 221 79.13 44.77 56.12
C LYS O 221 78.86 43.64 55.13
N ARG O 222 79.22 42.41 55.49
CA ARG O 222 78.99 41.30 54.57
C ARG O 222 77.52 41.04 54.36
N LEU O 223 76.72 41.17 55.41
CA LEU O 223 75.27 41.00 55.25
C LEU O 223 74.70 42.07 54.33
N LEU O 224 75.16 43.31 54.46
CA LEU O 224 74.63 44.36 53.62
C LEU O 224 75.13 44.25 52.18
N GLU O 225 76.33 43.71 51.97
CA GLU O 225 76.77 43.39 50.61
C GLU O 225 75.85 42.34 49.98
N ALA O 226 75.52 41.30 50.74
CA ALA O 226 74.57 40.31 50.23
C ALA O 226 73.23 40.95 49.91
N ARG O 227 72.78 41.87 50.76
CA ARG O 227 71.52 42.56 50.50
C ARG O 227 71.59 43.39 49.22
N GLU O 228 72.69 44.09 49.01
CA GLU O 228 72.84 44.89 47.79
C GLU O 228 72.82 44.01 46.56
N LEU O 229 73.52 42.87 46.61
CA LEU O 229 73.44 41.94 45.49
C LEU O 229 72.02 41.41 45.30
N LEU O 230 71.27 41.26 46.37
CA LEU O 230 69.91 40.75 46.24
C LEU O 230 68.99 41.77 45.60
N LEU O 231 69.08 43.04 45.99
CA LEU O 231 68.15 44.04 45.48
C LEU O 231 68.37 44.34 44.01
N GLU O 232 69.55 44.00 43.47
CA GLU O 232 69.86 44.22 42.06
C GLU O 232 69.36 43.09 41.17
N GLY O 233 68.73 42.06 41.73
CA GLY O 233 68.26 40.94 40.96
C GLY O 233 69.20 39.76 40.92
N ARG O 234 70.46 39.93 41.34
CA ARG O 234 71.42 38.82 41.40
C ARG O 234 71.10 37.97 42.62
N VAL O 235 70.13 37.08 42.46
CA VAL O 235 69.70 36.23 43.57
C VAL O 235 70.77 35.21 43.91
N GLU O 236 71.43 34.64 42.90
CA GLU O 236 72.33 33.51 43.13
C GLU O 236 73.57 33.94 43.90
N GLU O 237 74.19 35.04 43.50
CA GLU O 237 75.34 35.54 44.24
C GLU O 237 74.94 35.98 45.65
N ALA O 238 73.75 36.55 45.79
CA ALA O 238 73.26 36.93 47.12
C ALA O 238 73.12 35.71 48.01
N ALA O 239 72.54 34.62 47.50
CA ALA O 239 72.38 33.42 48.30
C ALA O 239 73.72 32.79 48.63
N HIS O 240 74.67 32.78 47.69
CA HIS O 240 75.98 32.19 47.98
C HIS O 240 76.70 32.98 49.07
N LEU O 241 76.74 34.30 48.94
CA LEU O 241 77.45 35.10 49.92
C LEU O 241 76.74 35.08 51.26
N LEU O 242 75.40 35.02 51.25
CA LEU O 242 74.64 34.89 52.48
C LEU O 242 74.94 33.58 53.19
N GLU O 243 75.02 32.48 52.44
CA GLU O 243 75.30 31.20 53.07
C GLU O 243 76.72 31.16 53.63
N ASP O 244 77.69 31.79 52.96
CA ASP O 244 79.04 31.82 53.51
C ASP O 244 79.08 32.61 54.82
N VAL O 245 78.47 33.81 54.82
CA VAL O 245 78.52 34.60 56.04
C VAL O 245 77.72 33.94 57.17
N TYR O 246 76.61 33.28 56.84
CA TYR O 246 75.85 32.55 57.85
C TYR O 246 76.65 31.39 58.42
N ALA O 247 77.41 30.69 57.57
CA ALA O 247 78.23 29.60 58.08
C ALA O 247 79.27 30.10 59.08
N LEU O 248 79.94 31.20 58.74
CA LEU O 248 80.93 31.75 59.69
C LEU O 248 80.27 32.21 60.98
N PHE O 249 79.13 32.89 60.86
CA PHE O 249 78.40 33.35 62.04
C PHE O 249 77.94 32.19 62.90
N HIS O 250 77.45 31.12 62.29
CA HIS O 250 76.92 30.00 63.04
C HIS O 250 78.02 29.25 63.75
N ARG O 251 79.19 29.11 63.12
CA ARG O 251 80.34 28.55 63.82
C ARG O 251 80.70 29.42 65.02
N GLU O 252 80.63 30.74 64.87
CA GLU O 252 80.92 31.62 66.00
C GLU O 252 79.90 31.42 67.12
N ILE O 253 78.63 31.24 66.76
CA ILE O 253 77.59 31.01 67.77
C ILE O 253 77.85 29.71 68.52
N GLU O 254 78.11 28.64 67.78
CA GLU O 254 78.37 27.34 68.41
C GLU O 254 79.67 27.35 69.21
N ARG O 255 80.57 28.30 68.94
CA ARG O 255 81.77 28.40 69.75
C ARG O 255 81.43 28.69 71.21
N LEU O 256 80.47 29.57 71.44
CA LEU O 256 80.10 29.99 72.79
C LEU O 256 79.25 28.97 73.52
N GLY O 257 78.83 27.88 72.88
CA GLY O 257 78.15 26.81 73.57
C GLY O 257 76.78 27.23 74.06
N PHE O 258 76.54 27.01 75.36
CA PHE O 258 75.26 27.37 76.00
C PHE O 258 75.37 28.73 76.68
N GLU O 259 75.77 29.73 75.90
CA GLU O 259 75.84 31.11 76.35
C GLU O 259 76.03 32.00 75.14
N ALA O 260 75.23 33.07 75.05
CA ALA O 260 75.34 34.06 73.99
C ALA O 260 74.37 35.21 74.28
N PRO O 261 74.77 36.45 74.01
CA PRO O 261 73.85 37.57 74.22
C PRO O 261 72.59 37.39 73.39
N GLU O 262 71.47 37.90 73.92
CA GLU O 262 70.19 37.61 73.30
C GLU O 262 70.08 38.16 71.89
N GLU O 263 70.82 39.23 71.58
CA GLU O 263 70.80 39.75 70.22
C GLU O 263 71.37 38.75 69.23
N LEU O 264 72.40 37.98 69.62
CA LEU O 264 72.90 36.91 68.78
C LEU O 264 71.81 35.87 68.53
N ARG O 265 71.08 35.51 69.57
CA ARG O 265 70.04 34.48 69.44
C ARG O 265 68.93 34.94 68.52
N VAL O 266 68.53 36.22 68.60
CA VAL O 266 67.49 36.72 67.72
C VAL O 266 68.01 36.83 66.29
N ALA O 267 69.26 37.28 66.13
CA ALA O 267 69.84 37.42 64.81
C ALA O 267 69.95 36.09 64.10
N ASP O 268 70.18 35.01 64.83
CA ASP O 268 70.24 33.69 64.21
C ASP O 268 68.91 33.34 63.54
N LEU O 269 67.81 33.59 64.24
CA LEU O 269 66.50 33.29 63.66
C LEU O 269 66.18 34.23 62.51
N LEU O 270 66.56 35.50 62.62
CA LEU O 270 66.33 36.45 61.53
C LEU O 270 67.09 36.02 60.28
N LEU O 271 68.35 35.63 60.44
CA LEU O 271 69.16 35.18 59.30
C LEU O 271 68.61 33.91 58.69
N ALA O 272 68.16 32.96 59.51
CA ALA O 272 67.56 31.76 58.97
C ALA O 272 66.33 32.07 58.14
N ARG O 273 65.48 32.98 58.62
CA ARG O 273 64.29 33.32 57.86
C ARG O 273 64.64 34.06 56.57
N ALA O 274 65.64 34.94 56.62
CA ALA O 274 66.08 35.63 55.42
C ALA O 274 66.57 34.64 54.37
N ILE O 275 67.36 33.65 54.80
CA ILE O 275 67.86 32.65 53.88
C ILE O 275 66.71 31.84 53.29
N ALA O 276 65.72 31.48 54.13
CA ALA O 276 64.57 30.74 53.62
C ALA O 276 63.82 31.54 52.57
N LEU O 277 63.60 32.83 52.83
CA LEU O 277 62.86 33.66 51.88
C LEU O 277 63.63 33.80 50.57
N ILE O 278 64.93 34.04 50.64
CA ILE O 278 65.72 34.16 49.41
C ILE O 278 65.66 32.86 48.61
N LYS O 279 65.80 31.72 49.31
CA LYS O 279 65.75 30.43 48.61
C LYS O 279 64.38 30.17 48.00
N ALA O 280 63.31 30.72 48.59
CA ALA O 280 61.97 30.49 48.07
C ALA O 280 61.60 31.44 46.95
N ILE O 281 62.41 32.46 46.66
CA ILE O 281 62.15 33.37 45.54
C ILE O 281 62.08 32.59 44.23
N THR P 24 58.66 -99.73 15.94
CA THR P 24 58.92 -98.59 16.80
C THR P 24 58.39 -97.30 16.19
N VAL P 25 58.04 -97.37 14.90
CA VAL P 25 57.62 -96.17 14.17
C VAL P 25 56.34 -95.62 14.76
N VAL P 26 55.36 -96.48 15.03
CA VAL P 26 54.11 -96.02 15.63
C VAL P 26 54.35 -95.51 17.04
N GLU P 27 55.28 -96.15 17.77
CA GLU P 27 55.66 -95.63 19.08
C GLU P 27 56.30 -94.25 18.96
N GLU P 28 57.11 -94.05 17.92
CA GLU P 28 57.71 -92.73 17.69
C GLU P 28 56.64 -91.69 17.40
N VAL P 29 55.63 -92.04 16.61
CA VAL P 29 54.56 -91.11 16.31
C VAL P 29 53.77 -90.77 17.56
N ARG P 30 53.46 -91.79 18.38
CA ARG P 30 52.77 -91.54 19.63
C ARG P 30 53.59 -90.64 20.55
N ARG P 31 54.89 -90.92 20.68
CA ARG P 31 55.74 -90.12 21.54
C ARG P 31 55.83 -88.68 21.05
N PHE P 32 55.95 -88.49 19.74
CA PHE P 32 56.00 -87.15 19.17
C PHE P 32 54.72 -86.38 19.48
N ALA P 33 53.56 -87.01 19.25
CA ALA P 33 52.30 -86.32 19.51
C ALA P 33 52.13 -85.99 20.99
N GLU P 34 52.43 -86.95 21.86
CA GLU P 34 52.25 -86.72 23.29
C GLU P 34 53.21 -85.64 23.81
N GLU P 35 54.47 -85.66 23.35
CA GLU P 35 55.41 -84.63 23.78
C GLU P 35 54.96 -83.25 23.32
N LEU P 36 54.47 -83.15 22.09
CA LEU P 36 53.98 -81.86 21.62
C LEU P 36 52.79 -81.40 22.44
N ALA P 37 51.87 -82.31 22.78
CA ALA P 37 50.72 -81.94 23.59
C ALA P 37 51.12 -81.49 24.99
N GLU P 38 52.06 -82.21 25.60
CA GLU P 38 52.54 -81.81 26.92
C GLU P 38 53.18 -80.44 26.87
N GLU P 39 53.99 -80.16 25.85
CA GLU P 39 54.60 -78.84 25.72
C GLU P 39 53.55 -77.76 25.51
N VAL P 40 52.50 -78.07 24.74
CA VAL P 40 51.42 -77.10 24.54
C VAL P 40 50.77 -76.76 25.87
N LEU P 41 50.51 -77.78 26.68
CA LEU P 41 49.88 -77.56 27.98
C LEU P 41 50.81 -76.80 28.93
N ARG P 42 52.10 -77.12 28.92
CA ARG P 42 53.03 -76.43 29.80
C ARG P 42 53.14 -74.96 29.44
N VAL P 43 53.29 -74.64 28.16
CA VAL P 43 53.44 -73.26 27.76
C VAL P 43 52.14 -72.49 27.97
N GLY P 44 51.02 -73.05 27.55
CA GLY P 44 49.75 -72.35 27.61
C GLY P 44 48.86 -72.68 28.79
N GLY P 45 49.23 -73.66 29.61
CA GLY P 45 48.41 -73.95 30.76
C GLY P 45 47.09 -74.60 30.40
N GLU P 46 46.11 -74.35 31.26
CA GLU P 46 44.75 -74.83 31.02
C GLU P 46 43.94 -73.84 30.20
N ALA P 47 44.55 -72.76 29.74
CA ALA P 47 43.82 -71.79 28.93
C ALA P 47 43.32 -72.41 27.64
N MET P 48 44.16 -73.22 26.99
CA MET P 48 43.80 -73.92 25.76
C MET P 48 44.11 -75.41 25.95
N ARG P 49 43.15 -76.11 26.54
CA ARG P 49 43.10 -77.57 26.58
C ARG P 49 42.66 -78.17 25.25
N PRO P 50 41.80 -77.50 24.46
CA PRO P 50 41.44 -78.06 23.15
C PRO P 50 42.63 -78.46 22.29
N TYR P 51 43.68 -77.63 22.23
CA TYR P 51 44.79 -77.90 21.32
C TYR P 51 45.52 -79.18 21.70
N ALA P 52 45.61 -79.47 23.00
CA ALA P 52 46.20 -80.74 23.43
C ALA P 52 45.36 -81.91 22.92
N GLU P 53 44.04 -81.78 22.96
CA GLU P 53 43.18 -82.84 22.43
C GLU P 53 43.34 -83.00 20.94
N MET P 54 43.44 -81.89 20.20
CA MET P 54 43.66 -81.96 18.76
C MET P 54 44.97 -82.67 18.44
N VAL P 55 46.03 -82.32 19.16
CA VAL P 55 47.32 -82.96 18.93
C VAL P 55 47.23 -84.44 19.23
N ARG P 56 46.57 -84.81 20.33
CA ARG P 56 46.53 -86.21 20.73
C ARG P 56 45.69 -87.05 19.77
N HIS P 57 44.55 -86.52 19.32
CA HIS P 57 43.76 -87.25 18.33
C HIS P 57 44.43 -87.32 16.97
N LEU P 58 45.15 -86.28 16.55
CA LEU P 58 45.87 -86.39 15.29
C LEU P 58 47.01 -87.40 15.40
N GLY P 59 47.67 -87.47 16.55
CA GLY P 59 48.62 -88.56 16.75
C GLY P 59 47.96 -89.92 16.68
N GLU P 60 46.76 -90.05 17.25
CA GLU P 60 46.04 -91.32 17.19
C GLU P 60 45.63 -91.68 15.76
N ALA P 61 45.15 -90.70 14.99
CA ALA P 61 44.80 -90.95 13.60
C ALA P 61 46.01 -91.39 12.80
N ALA P 62 47.16 -90.74 13.03
CA ALA P 62 48.38 -91.14 12.35
C ALA P 62 48.77 -92.57 12.68
N VAL P 63 48.73 -92.94 13.97
CA VAL P 63 49.16 -94.31 14.29
C VAL P 63 48.13 -95.33 13.80
N ALA P 64 46.85 -94.96 13.76
CA ALA P 64 45.86 -95.83 13.15
C ALA P 64 46.18 -96.08 11.69
N ALA P 65 46.51 -95.01 10.96
CA ALA P 65 46.87 -95.16 9.55
C ALA P 65 48.10 -96.04 9.38
N LEU P 66 49.12 -95.85 10.23
CA LEU P 66 50.30 -96.70 10.13
C LEU P 66 50.04 -98.14 10.54
N GLU P 67 48.99 -98.42 11.30
CA GLU P 67 48.74 -99.79 11.74
C GLU P 67 47.47 -100.37 11.12
N GLY P 68 47.32 -100.22 9.82
CA GLY P 68 46.11 -100.65 9.15
C GLY P 68 45.10 -99.54 9.06
N ARG P 69 43.84 -99.93 8.93
CA ARG P 69 42.70 -99.02 9.05
C ARG P 69 42.64 -97.94 7.96
N ALA P 70 41.43 -97.51 7.64
CA ALA P 70 41.20 -96.34 6.81
C ALA P 70 40.02 -95.51 7.26
N GLU P 71 39.12 -96.06 8.08
CA GLU P 71 37.90 -95.39 8.51
C GLU P 71 38.07 -94.69 9.85
N GLU P 72 38.84 -95.27 10.76
CA GLU P 72 39.15 -94.61 12.02
C GLU P 72 39.92 -93.32 11.76
N ALA P 73 40.85 -93.35 10.81
CA ALA P 73 41.57 -92.13 10.45
C ALA P 73 40.62 -91.04 9.97
N ASP P 74 39.68 -91.41 9.09
CA ASP P 74 38.70 -90.44 8.60
C ASP P 74 37.87 -89.88 9.75
N ARG P 75 37.42 -90.75 10.66
CA ARG P 75 36.57 -90.29 11.74
C ARG P 75 37.33 -89.34 12.67
N LEU P 76 38.56 -89.71 13.05
CA LEU P 76 39.33 -88.87 13.96
C LEU P 76 39.65 -87.53 13.31
N VAL P 77 40.00 -87.53 12.02
CA VAL P 77 40.30 -86.28 11.35
C VAL P 77 39.06 -85.40 11.27
N ARG P 78 37.88 -86.00 11.07
CA ARG P 78 36.65 -85.23 11.09
C ARG P 78 36.36 -84.65 12.48
N ASP P 79 36.65 -85.42 13.52
CA ASP P 79 36.48 -84.93 14.89
C ASP P 79 37.38 -83.72 15.16
N VAL P 80 38.65 -83.83 14.79
CA VAL P 80 39.57 -82.70 14.97
C VAL P 80 39.15 -81.52 14.11
N LEU P 81 38.60 -81.79 12.93
CA LEU P 81 38.09 -80.69 12.11
C LEU P 81 36.95 -79.97 12.80
N GLU P 82 36.07 -80.73 13.47
CA GLU P 82 34.98 -80.11 14.23
C GLU P 82 35.53 -79.26 15.38
N MET P 83 36.54 -79.77 16.08
CA MET P 83 37.15 -78.98 17.15
C MET P 83 37.73 -77.69 16.61
N ALA P 84 38.44 -77.77 15.49
CA ALA P 84 38.99 -76.56 14.88
C ALA P 84 37.88 -75.60 14.49
N ARG P 85 36.75 -76.12 14.01
CA ARG P 85 35.62 -75.26 13.68
C ARG P 85 35.13 -74.51 14.90
N GLU P 86 34.96 -75.22 16.03
CA GLU P 86 34.36 -74.56 17.19
C GLU P 86 35.33 -73.60 17.87
N VAL P 87 36.61 -73.97 17.97
CA VAL P 87 37.59 -73.11 18.64
C VAL P 87 37.75 -71.80 17.91
N GLY P 88 37.86 -71.85 16.58
CA GLY P 88 38.10 -70.66 15.78
C GLY P 88 39.35 -70.73 14.93
N ALA P 89 40.09 -71.83 14.94
CA ALA P 89 41.28 -71.98 14.10
C ALA P 89 40.83 -72.15 12.65
N GLU P 90 41.14 -71.18 11.81
CA GLU P 90 40.73 -71.21 10.41
C GLU P 90 41.72 -71.97 9.55
N GLY P 91 42.98 -71.53 9.55
CA GLY P 91 43.99 -72.20 8.75
C GLY P 91 44.15 -73.66 9.12
N LEU P 92 44.07 -73.96 10.42
CA LEU P 92 44.14 -75.34 10.86
C LEU P 92 42.95 -76.14 10.33
N ALA P 93 41.76 -75.54 10.31
CA ALA P 93 40.58 -76.23 9.78
C ALA P 93 40.73 -76.52 8.30
N ARG P 94 41.20 -75.54 7.52
CA ARG P 94 41.41 -75.77 6.10
C ARG P 94 42.42 -76.89 5.88
N LEU P 95 43.53 -76.84 6.60
CA LEU P 95 44.53 -77.89 6.46
C LEU P 95 43.94 -79.24 6.82
N LEU P 96 43.07 -79.29 7.83
CA LEU P 96 42.49 -80.56 8.25
C LEU P 96 41.55 -81.12 7.19
N GLU P 97 40.76 -80.26 6.53
CA GLU P 97 39.95 -80.75 5.42
C GLU P 97 40.83 -81.31 4.31
N ARG P 98 41.93 -80.63 3.98
CA ARG P 98 42.83 -81.13 2.96
C ARG P 98 43.44 -82.46 3.36
N VAL P 99 43.83 -82.61 4.62
CA VAL P 99 44.31 -83.91 5.11
C VAL P 99 43.24 -84.97 4.95
N HIS P 100 41.99 -84.61 5.24
CA HIS P 100 40.90 -85.59 5.12
C HIS P 100 40.81 -86.13 3.70
N ARG P 101 40.71 -85.24 2.72
CA ARG P 101 40.55 -85.66 1.33
C ARG P 101 41.76 -86.46 0.84
N GLU P 102 42.96 -85.90 1.00
CA GLU P 102 44.14 -86.63 0.57
C GLU P 102 44.27 -87.98 1.27
N ALA P 103 44.22 -88.00 2.60
CA ALA P 103 44.35 -89.26 3.33
C ALA P 103 43.38 -90.30 2.78
N ARG P 104 42.16 -89.89 2.44
CA ARG P 104 41.24 -90.83 1.78
C ARG P 104 41.81 -91.34 0.46
N GLU P 105 42.30 -90.43 -0.39
CA GLU P 105 42.81 -90.84 -1.70
C GLU P 105 43.98 -91.82 -1.57
N LEU P 106 44.98 -91.46 -0.78
CA LEU P 106 46.16 -92.31 -0.66
C LEU P 106 45.87 -93.59 0.10
N LEU P 107 44.87 -93.59 0.99
CA LEU P 107 44.50 -94.85 1.61
C LEU P 107 43.77 -95.76 0.63
N ARG P 108 43.00 -95.18 -0.29
CA ARG P 108 42.42 -95.98 -1.37
C ARG P 108 43.51 -96.57 -2.25
N GLU P 109 44.54 -95.77 -2.56
CA GLU P 109 45.64 -96.25 -3.39
C GLU P 109 46.56 -97.22 -2.66
N GLY P 110 46.40 -97.39 -1.35
CA GLY P 110 47.18 -98.36 -0.61
C GLY P 110 48.46 -97.84 -0.01
N ARG P 111 48.84 -96.59 -0.29
CA ARG P 111 50.03 -96.01 0.30
C ARG P 111 49.68 -95.48 1.69
N ARG P 112 50.43 -95.92 2.71
CA ARG P 112 50.12 -95.59 4.08
C ARG P 112 51.03 -94.53 4.69
N GLU P 113 52.32 -94.55 4.35
CA GLU P 113 53.27 -93.65 5.01
C GLU P 113 52.93 -92.19 4.74
N GLU P 114 52.54 -91.86 3.51
CA GLU P 114 52.28 -90.47 3.17
C GLU P 114 51.02 -89.92 3.84
N ALA P 115 49.99 -90.76 4.03
CA ALA P 115 48.80 -90.30 4.76
C ALA P 115 49.14 -89.99 6.21
N ALA P 116 49.89 -90.87 6.86
CA ALA P 116 50.37 -90.57 8.20
C ALA P 116 51.27 -89.35 8.22
N ALA P 117 52.01 -89.12 7.14
CA ALA P 117 52.86 -87.93 7.06
C ALA P 117 52.00 -86.67 7.03
N LEU P 118 50.93 -86.67 6.24
CA LEU P 118 50.03 -85.52 6.25
C LEU P 118 49.43 -85.31 7.63
N VAL P 119 49.03 -86.40 8.30
CA VAL P 119 48.43 -86.27 9.62
C VAL P 119 49.44 -85.72 10.63
N LEU P 120 50.69 -86.21 10.58
CA LEU P 120 51.71 -85.72 11.49
C LEU P 120 52.01 -84.25 11.27
N ALA P 121 52.07 -83.83 10.01
CA ALA P 121 52.23 -82.41 9.73
C ALA P 121 51.07 -81.61 10.30
N ALA P 122 49.86 -82.17 10.23
CA ALA P 122 48.70 -81.49 10.81
C ALA P 122 48.83 -81.34 12.33
N ALA P 123 49.28 -82.40 13.00
CA ALA P 123 49.47 -82.33 14.45
C ALA P 123 50.52 -81.29 14.81
N LEU P 124 51.62 -81.25 14.05
CA LEU P 124 52.65 -80.26 14.30
C LEU P 124 52.12 -78.85 14.08
N ALA P 125 51.30 -78.65 13.04
CA ALA P 125 50.72 -77.34 12.83
C ALA P 125 49.84 -76.94 14.01
N ALA P 126 49.02 -77.86 14.51
CA ALA P 126 48.15 -77.55 15.64
C ALA P 126 48.96 -77.18 16.90
N GLY P 127 49.94 -78.01 17.25
CA GLY P 127 50.74 -77.74 18.43
C GLY P 127 51.54 -76.46 18.32
N ALA P 128 52.20 -76.25 17.18
CA ALA P 128 53.00 -75.05 17.01
C ALA P 128 52.13 -73.81 16.99
N VAL P 129 50.93 -73.90 16.42
CA VAL P 129 50.01 -72.76 16.44
C VAL P 129 49.62 -72.42 17.88
N ALA P 130 49.31 -73.44 18.69
CA ALA P 130 48.96 -73.19 20.08
C ALA P 130 50.11 -72.51 20.81
N VAL P 131 51.32 -73.06 20.69
CA VAL P 131 52.46 -72.50 21.40
C VAL P 131 52.77 -71.09 20.92
N ALA P 132 52.61 -70.84 19.62
CA ALA P 132 52.87 -69.50 19.10
C ALA P 132 51.88 -68.49 19.65
N GLU P 133 50.59 -68.86 19.75
CA GLU P 133 49.64 -67.93 20.34
C GLU P 133 49.93 -67.71 21.82
N ALA P 134 50.40 -68.75 22.51
CA ALA P 134 50.81 -68.56 23.90
C ALA P 134 51.94 -67.55 24.00
N TYR P 135 52.99 -67.71 23.19
CA TYR P 135 54.14 -66.81 23.25
C TYR P 135 53.73 -65.39 22.90
N VAL P 136 52.86 -65.23 21.92
CA VAL P 136 52.42 -63.89 21.53
C VAL P 136 51.58 -63.26 22.64
N ARG P 137 50.76 -64.08 23.33
CA ARG P 137 49.88 -63.53 24.37
C ARG P 137 50.68 -62.93 25.52
N LEU P 138 51.70 -63.64 25.99
CA LEU P 138 52.50 -63.17 27.12
C LEU P 138 53.73 -62.38 26.68
N GLY P 139 53.76 -61.92 25.44
CA GLY P 139 54.75 -60.93 24.99
C GLY P 139 56.20 -61.34 25.01
N GLN P 140 56.52 -62.55 24.58
CA GLN P 140 57.90 -62.96 24.47
C GLN P 140 58.47 -62.53 23.12
N PRO P 141 59.80 -62.34 23.04
CA PRO P 141 60.38 -61.81 21.80
C PRO P 141 60.27 -62.81 20.65
N ILE P 142 60.34 -62.25 19.43
CA ILE P 142 60.14 -63.03 18.22
C ILE P 142 61.25 -64.04 17.96
N ARG P 143 62.46 -63.80 18.47
CA ARG P 143 63.53 -64.79 18.33
C ARG P 143 63.10 -66.14 18.86
N LEU P 144 62.38 -66.15 19.99
CA LEU P 144 61.96 -67.42 20.58
C LEU P 144 60.98 -68.17 19.69
N ILE P 145 60.00 -67.47 19.13
CA ILE P 145 59.06 -68.11 18.21
C ILE P 145 59.80 -68.66 17.00
N ALA P 146 60.70 -67.85 16.41
CA ALA P 146 61.40 -68.28 15.21
C ALA P 146 62.26 -69.51 15.47
N GLU P 147 63.02 -69.50 16.56
CA GLU P 147 63.87 -70.64 16.87
C GLU P 147 63.04 -71.87 17.19
N TYR P 148 61.91 -71.69 17.89
CA TYR P 148 61.05 -72.80 18.22
C TYR P 148 60.53 -73.49 16.97
N VAL P 149 59.93 -72.71 16.05
CA VAL P 149 59.36 -73.32 14.86
C VAL P 149 60.44 -73.93 13.99
N ALA P 150 61.60 -73.26 13.84
CA ALA P 150 62.65 -73.83 13.01
C ALA P 150 63.11 -75.18 13.55
N GLU P 151 63.30 -75.29 14.87
CA GLU P 151 63.75 -76.56 15.42
C GLU P 151 62.68 -77.63 15.29
N ARG P 152 61.41 -77.26 15.46
CA ARG P 152 60.34 -78.24 15.30
C ARG P 152 60.28 -78.76 13.87
N LEU P 153 60.43 -77.86 12.89
CA LEU P 153 60.42 -78.28 11.50
C LEU P 153 61.58 -79.23 11.20
N VAL P 154 62.76 -78.94 11.76
CA VAL P 154 63.89 -79.85 11.54
C VAL P 154 63.60 -81.22 12.15
N GLU P 155 63.02 -81.26 13.35
CA GLU P 155 62.71 -82.54 13.98
C GLU P 155 61.69 -83.33 13.17
N LEU P 156 60.65 -82.66 12.67
CA LEU P 156 59.67 -83.33 11.83
C LEU P 156 60.30 -83.84 10.55
N ALA P 157 61.20 -83.06 9.96
CA ALA P 157 61.87 -83.51 8.75
C ALA P 157 62.69 -84.77 9.01
N GLU P 158 63.35 -84.82 10.16
CA GLU P 158 64.09 -86.03 10.52
C GLU P 158 63.14 -87.22 10.67
N LEU P 159 61.99 -87.01 11.31
CA LEU P 159 61.03 -88.10 11.47
C LEU P 159 60.52 -88.59 10.12
N LEU P 160 60.12 -87.67 9.25
CA LEU P 160 59.60 -88.06 7.94
C LEU P 160 60.66 -88.74 7.09
N ARG P 161 61.93 -88.35 7.26
CA ARG P 161 63.00 -89.08 6.61
C ARG P 161 63.10 -90.50 7.16
N ARG P 162 62.87 -90.67 8.46
CA ARG P 162 62.90 -92.01 9.05
C ARG P 162 61.77 -92.88 8.49
N LEU P 163 60.57 -92.31 8.33
CA LEU P 163 59.45 -93.10 7.82
C LEU P 163 59.71 -93.58 6.39
N GLY P 164 60.07 -92.67 5.50
CA GLY P 164 60.34 -93.04 4.12
C GLY P 164 59.71 -92.14 3.08
N VAL P 165 59.09 -91.04 3.50
CA VAL P 165 58.48 -90.11 2.55
C VAL P 165 59.58 -89.49 1.69
N PRO P 166 59.35 -89.28 0.40
CA PRO P 166 60.37 -88.62 -0.43
C PRO P 166 60.56 -87.15 -0.05
N LEU P 167 61.77 -86.66 -0.36
CA LEU P 167 62.22 -85.38 0.17
C LEU P 167 61.35 -84.22 -0.31
N ARG P 168 60.96 -84.23 -1.59
CA ARG P 168 60.19 -83.10 -2.12
C ARG P 168 58.85 -82.98 -1.39
N ARG P 169 58.22 -84.10 -1.10
CA ARG P 169 57.00 -84.09 -0.30
C ARG P 169 57.27 -83.57 1.11
N ILE P 170 58.42 -83.94 1.68
CA ILE P 170 58.79 -83.43 2.99
C ILE P 170 58.79 -81.91 2.98
N ILE P 171 59.46 -81.33 1.98
CA ILE P 171 59.58 -79.87 1.94
C ILE P 171 58.22 -79.23 1.71
N ARG P 172 57.37 -79.88 0.90
CA ARG P 172 56.03 -79.33 0.67
C ARG P 172 55.20 -79.32 1.96
N LEU P 173 55.28 -80.41 2.74
CA LEU P 173 54.59 -80.45 4.02
C LEU P 173 55.11 -79.38 4.97
N LEU P 174 56.43 -79.22 5.03
CA LEU P 174 57.01 -78.24 5.92
C LEU P 174 56.57 -76.82 5.56
N GLU P 175 56.49 -76.54 4.26
CA GLU P 175 55.99 -75.24 3.84
C GLU P 175 54.52 -75.04 4.18
N GLU P 176 53.72 -76.11 4.10
CA GLU P 176 52.32 -75.98 4.54
C GLU P 176 52.23 -75.66 6.02
N VAL P 177 53.03 -76.33 6.83
CA VAL P 177 53.06 -76.06 8.27
C VAL P 177 53.46 -74.61 8.53
N LEU P 178 54.49 -74.14 7.82
CA LEU P 178 54.92 -72.76 7.97
C LEU P 178 53.81 -71.79 7.59
N ARG P 179 53.06 -72.10 6.54
CA ARG P 179 51.97 -71.24 6.13
C ARG P 179 50.90 -71.14 7.22
N VAL P 180 50.57 -72.27 7.83
CA VAL P 180 49.57 -72.26 8.91
C VAL P 180 50.08 -71.44 10.09
N VAL P 181 51.35 -71.63 10.46
CA VAL P 181 51.91 -70.89 11.59
C VAL P 181 51.91 -69.40 11.31
N ALA P 182 52.27 -69.01 10.09
CA ALA P 182 52.25 -67.59 9.73
C ALA P 182 50.84 -67.03 9.78
N GLU P 183 49.85 -67.79 9.33
CA GLU P 183 48.46 -67.33 9.43
C GLU P 183 48.05 -67.14 10.89
N ALA P 184 48.43 -68.09 11.75
CA ALA P 184 48.12 -67.97 13.17
C ALA P 184 48.74 -66.71 13.76
N LEU P 185 50.00 -66.47 13.45
CA LEU P 185 50.67 -65.27 13.96
C LEU P 185 50.03 -64.01 13.41
N ARG P 186 49.53 -64.05 12.18
CA ARG P 186 48.84 -62.89 11.64
C ARG P 186 47.54 -62.61 12.39
N ARG P 187 46.79 -63.67 12.72
CA ARG P 187 45.54 -63.46 13.44
C ARG P 187 45.77 -62.93 14.85
N ALA P 188 46.96 -63.15 15.41
CA ALA P 188 47.29 -62.67 16.75
C ALA P 188 47.82 -61.25 16.74
N GLY P 189 47.86 -60.58 15.60
CA GLY P 189 48.28 -59.20 15.52
C GLY P 189 49.76 -58.97 15.38
N VAL P 190 50.55 -60.02 15.19
CA VAL P 190 52.01 -59.84 15.02
C VAL P 190 52.26 -59.07 13.72
N PRO P 191 53.10 -58.05 13.73
CA PRO P 191 53.33 -57.27 12.50
C PRO P 191 53.98 -58.12 11.40
N GLU P 192 53.67 -57.76 10.16
CA GLU P 192 54.09 -58.58 9.02
C GLU P 192 55.59 -58.79 8.93
N PRO P 193 56.45 -57.77 9.07
CA PRO P 193 57.89 -58.02 8.96
C PRO P 193 58.41 -59.08 9.92
N GLU P 194 57.85 -59.18 11.13
CA GLU P 194 58.27 -60.23 12.03
C GLU P 194 57.85 -61.60 11.52
N ILE P 195 56.69 -61.70 10.88
CA ILE P 195 56.28 -62.96 10.27
C ILE P 195 57.25 -63.36 9.16
N ARG P 196 57.64 -62.39 8.33
CA ARG P 196 58.62 -62.68 7.28
C ARG P 196 59.95 -63.12 7.88
N LYS P 197 60.35 -62.50 8.98
CA LYS P 197 61.57 -62.91 9.66
C LYS P 197 61.47 -64.34 10.16
N VAL P 198 60.32 -64.71 10.70
CA VAL P 198 60.11 -66.08 11.17
C VAL P 198 60.28 -67.05 10.02
N GLU P 199 59.59 -66.78 8.90
CA GLU P 199 59.65 -67.71 7.77
C GLU P 199 61.05 -67.80 7.19
N ALA P 200 61.74 -66.66 7.04
CA ALA P 200 63.08 -66.67 6.49
C ALA P 200 64.04 -67.43 7.39
N ALA P 201 63.91 -67.28 8.71
CA ALA P 201 64.72 -68.06 9.63
C ALA P 201 64.47 -69.54 9.46
N ALA P 202 63.19 -69.93 9.29
CA ALA P 202 62.86 -71.33 9.08
C ALA P 202 63.51 -71.86 7.80
N TYR P 203 63.45 -71.08 6.72
CA TYR P 203 64.03 -71.51 5.45
C TYR P 203 65.54 -71.64 5.53
N ILE P 204 66.21 -70.70 6.19
CA ILE P 204 67.67 -70.78 6.32
C ILE P 204 68.06 -71.98 7.18
N ARG P 205 67.29 -72.26 8.23
CA ARG P 205 67.59 -73.43 9.05
C ARG P 205 67.39 -74.71 8.26
N LEU P 206 66.31 -74.79 7.46
CA LEU P 206 66.07 -75.97 6.63
C LEU P 206 67.18 -76.15 5.60
N ALA P 207 67.59 -75.06 4.96
CA ALA P 207 68.67 -75.13 3.97
C ALA P 207 69.96 -75.62 4.61
N ALA P 208 70.30 -75.10 5.79
CA ALA P 208 71.50 -75.54 6.49
C ALA P 208 71.40 -77.02 6.85
N TYR P 209 70.24 -77.46 7.30
CA TYR P 209 70.05 -78.87 7.66
C TYR P 209 70.23 -79.77 6.45
N LEU P 210 69.69 -79.37 5.30
CA LEU P 210 69.88 -80.17 4.08
C LEU P 210 71.35 -80.18 3.66
N LEU P 211 72.01 -79.03 3.73
CA LEU P 211 73.40 -78.94 3.27
C LEU P 211 74.34 -79.74 4.16
N ARG P 212 74.01 -79.89 5.45
CA ARG P 212 74.95 -80.56 6.34
C ARG P 212 75.08 -82.05 6.05
N GLN P 213 74.00 -82.68 5.57
CA GLN P 213 74.04 -84.13 5.33
C GLN P 213 75.05 -84.48 4.24
N LEU P 214 75.11 -83.68 3.18
CA LEU P 214 76.01 -83.94 2.07
C LEU P 214 77.46 -83.63 2.35
N GLY P 215 77.76 -83.00 3.49
CA GLY P 215 79.13 -82.75 3.84
C GLY P 215 79.62 -81.39 3.40
N TYR P 216 78.77 -80.36 3.54
CA TYR P 216 79.15 -78.97 3.32
C TYR P 216 79.00 -78.26 4.65
N GLU P 217 80.01 -78.39 5.51
CA GLU P 217 79.91 -77.85 6.85
C GLU P 217 80.08 -76.34 6.86
N ALA P 218 81.11 -75.84 6.18
CA ALA P 218 81.38 -74.40 6.19
C ALA P 218 80.20 -73.62 5.66
N LEU P 219 79.55 -74.12 4.61
CA LEU P 219 78.35 -73.50 4.07
C LEU P 219 77.26 -73.40 5.14
N ALA P 220 77.05 -74.47 5.90
CA ALA P 220 76.04 -74.44 6.94
C ALA P 220 76.39 -73.44 8.03
N LYS P 221 77.65 -73.37 8.43
CA LYS P 221 78.02 -72.37 9.44
C LYS P 221 77.78 -70.96 8.94
N ARG P 222 78.12 -70.67 7.69
CA ARG P 222 77.89 -69.31 7.18
C ARG P 222 76.40 -69.00 7.11
N LEU P 223 75.58 -69.97 6.71
CA LEU P 223 74.14 -69.74 6.66
C LEU P 223 73.58 -69.48 8.05
N LEU P 224 74.06 -70.23 9.05
CA LEU P 224 73.55 -70.02 10.40
C LEU P 224 74.06 -68.72 11.01
N GLU P 225 75.26 -68.27 10.62
CA GLU P 225 75.71 -66.93 11.02
C GLU P 225 74.81 -65.86 10.45
N ALA P 226 74.45 -65.99 9.17
CA ALA P 226 73.51 -65.03 8.58
C ALA P 226 72.17 -65.07 9.30
N ARG P 227 71.71 -66.26 9.67
CA ARG P 227 70.46 -66.35 10.43
C ARG P 227 70.57 -65.66 11.78
N GLU P 228 71.69 -65.84 12.47
CA GLU P 228 71.88 -65.15 13.75
C GLU P 228 71.85 -63.64 13.58
N LEU P 229 72.54 -63.13 12.57
CA LEU P 229 72.49 -61.69 12.33
C LEU P 229 71.08 -61.24 11.97
N LEU P 230 70.28 -62.12 11.35
CA LEU P 230 68.92 -61.73 10.99
C LEU P 230 68.04 -61.65 12.23
N LEU P 231 68.12 -62.64 13.12
CA LEU P 231 67.24 -62.67 14.29
C LEU P 231 67.52 -61.54 15.26
N GLU P 232 68.72 -60.94 15.20
CA GLU P 232 69.11 -59.85 16.08
C GLU P 232 68.62 -58.50 15.60
N GLY P 233 67.94 -58.43 14.46
CA GLY P 233 67.49 -57.17 13.91
C GLY P 233 68.43 -56.55 12.91
N ARG P 234 69.67 -57.02 12.82
CA ARG P 234 70.62 -56.56 11.82
C ARG P 234 70.26 -57.20 10.48
N VAL P 235 69.27 -56.59 9.81
CA VAL P 235 68.80 -57.14 8.55
C VAL P 235 69.84 -56.97 7.45
N GLU P 236 70.52 -55.82 7.43
CA GLU P 236 71.39 -55.49 6.29
C GLU P 236 72.62 -56.38 6.26
N GLU P 237 73.27 -56.59 7.41
CA GLU P 237 74.40 -57.49 7.44
C GLU P 237 73.98 -58.92 7.13
N ALA P 238 72.77 -59.30 7.57
CA ALA P 238 72.25 -60.62 7.22
C ALA P 238 72.09 -60.77 5.72
N ALA P 239 71.53 -59.77 5.06
CA ALA P 239 71.36 -59.83 3.61
C ALA P 239 72.70 -59.86 2.89
N HIS P 240 73.68 -59.08 3.35
CA HIS P 240 74.98 -59.07 2.68
C HIS P 240 75.68 -60.41 2.83
N LEU P 241 75.72 -60.95 4.05
CA LEU P 241 76.39 -62.24 4.25
C LEU P 241 75.65 -63.36 3.54
N LEU P 242 74.32 -63.29 3.51
CA LEU P 242 73.53 -64.29 2.80
C LEU P 242 73.81 -64.25 1.31
N GLU P 243 73.89 -63.05 0.72
CA GLU P 243 74.15 -62.98 -0.72
C GLU P 243 75.57 -63.44 -1.04
N ASP P 244 76.54 -63.17 -0.17
CA ASP P 244 77.88 -63.69 -0.42
C ASP P 244 77.90 -65.23 -0.41
N VAL P 245 77.31 -65.83 0.61
CA VAL P 245 77.34 -67.29 0.68
C VAL P 245 76.51 -67.91 -0.44
N TYR P 246 75.40 -67.28 -0.82
CA TYR P 246 74.61 -67.77 -1.94
C TYR P 246 75.38 -67.68 -3.24
N ALA P 247 76.14 -66.61 -3.44
CA ALA P 247 76.93 -66.50 -4.67
C ALA P 247 77.96 -67.62 -4.75
N LEU P 248 78.66 -67.90 -3.66
CA LEU P 248 79.64 -68.99 -3.69
C LEU P 248 78.95 -70.33 -3.94
N PHE P 249 77.82 -70.56 -3.27
CA PHE P 249 77.09 -71.81 -3.45
C PHE P 249 76.60 -71.96 -4.88
N HIS P 250 76.09 -70.89 -5.48
CA HIS P 250 75.56 -70.99 -6.82
C HIS P 250 76.65 -71.23 -7.84
N ARG P 251 77.82 -70.62 -7.63
CA ARG P 251 78.96 -70.96 -8.49
C ARG P 251 79.30 -72.44 -8.37
N GLU P 252 79.25 -72.98 -7.15
CA GLU P 252 79.49 -74.40 -6.98
C GLU P 252 78.44 -75.25 -7.70
N ILE P 253 77.18 -74.80 -7.67
CA ILE P 253 76.10 -75.52 -8.35
C ILE P 253 76.35 -75.54 -9.86
N GLU P 254 76.64 -74.38 -10.43
CA GLU P 254 76.91 -74.28 -11.86
C GLU P 254 78.17 -75.01 -12.26
N ARG P 255 79.07 -75.27 -11.31
CA ARG P 255 80.25 -76.07 -11.62
C ARG P 255 79.86 -77.46 -12.07
N LEU P 256 78.88 -78.07 -11.42
CA LEU P 256 78.48 -79.43 -11.70
C LEU P 256 77.63 -79.58 -12.95
N GLY P 257 77.24 -78.47 -13.58
CA GLY P 257 76.55 -78.57 -14.86
C GLY P 257 75.17 -79.17 -14.74
N PHE P 258 74.89 -80.15 -15.60
CA PHE P 258 73.61 -80.86 -15.61
C PHE P 258 73.70 -82.14 -14.78
N GLU P 259 74.10 -81.97 -13.52
CA GLU P 259 74.17 -83.06 -12.56
C GLU P 259 74.41 -82.46 -11.18
N ALA P 260 73.62 -82.88 -10.21
CA ALA P 260 73.77 -82.47 -8.80
C ALA P 260 72.80 -83.26 -7.94
N PRO P 261 73.19 -83.65 -6.72
CA PRO P 261 72.25 -84.35 -5.84
C PRO P 261 71.01 -83.50 -5.59
N GLU P 262 69.88 -84.18 -5.41
CA GLU P 262 68.60 -83.48 -5.32
C GLU P 262 68.56 -82.52 -4.14
N GLU P 263 69.29 -82.80 -3.07
CA GLU P 263 69.27 -81.89 -1.94
C GLU P 263 69.91 -80.55 -2.27
N LEU P 264 70.92 -80.53 -3.14
CA LEU P 264 71.43 -79.25 -3.63
C LEU P 264 70.35 -78.50 -4.39
N ARG P 265 69.59 -79.21 -5.23
CA ARG P 265 68.56 -78.56 -6.03
C ARG P 265 67.46 -77.98 -5.14
N VAL P 266 67.08 -78.70 -4.09
CA VAL P 266 66.04 -78.19 -3.19
C VAL P 266 66.57 -77.02 -2.36
N ALA P 267 67.81 -77.14 -1.87
CA ALA P 267 68.41 -76.07 -1.09
C ALA P 267 68.53 -74.80 -1.91
N ASP P 268 68.75 -74.92 -3.22
CA ASP P 268 68.83 -73.73 -4.06
C ASP P 268 67.52 -72.94 -4.01
N LEU P 269 66.38 -73.64 -4.11
CA LEU P 269 65.10 -72.94 -4.07
C LEU P 269 64.81 -72.41 -2.67
N LEU P 270 65.21 -73.17 -1.64
CA LEU P 270 65.01 -72.70 -0.27
C LEU P 270 65.79 -71.41 -0.01
N LEU P 271 67.05 -71.37 -0.47
CA LEU P 271 67.87 -70.18 -0.30
C LEU P 271 67.33 -69.01 -1.11
N ALA P 272 66.84 -69.27 -2.32
CA ALA P 272 66.24 -68.19 -3.09
C ALA P 272 65.04 -67.59 -2.37
N ARG P 273 64.18 -68.45 -1.81
CA ARG P 273 63.01 -67.93 -1.10
C ARG P 273 63.41 -67.18 0.16
N ALA P 274 64.42 -67.68 0.87
CA ALA P 274 64.90 -66.98 2.06
C ALA P 274 65.40 -65.59 1.71
N ILE P 275 66.16 -65.48 0.62
CA ILE P 275 66.67 -64.18 0.20
C ILE P 275 65.52 -63.26 -0.19
N ALA P 276 64.53 -63.78 -0.91
CA ALA P 276 63.39 -62.96 -1.30
C ALA P 276 62.65 -62.44 -0.08
N LEU P 277 62.42 -63.29 0.91
CA LEU P 277 61.71 -62.87 2.11
C LEU P 277 62.51 -61.81 2.87
N ILE P 278 63.82 -62.01 3.02
CA ILE P 278 64.64 -61.04 3.74
C ILE P 278 64.62 -59.70 3.02
N LYS P 279 64.72 -59.71 1.69
CA LYS P 279 64.67 -58.47 0.93
C LYS P 279 63.30 -57.80 1.05
N ALA P 280 62.24 -58.58 1.24
CA ALA P 280 60.91 -58.01 1.36
C ALA P 280 60.58 -57.51 2.76
N ILE P 281 61.43 -57.77 3.75
CA ILE P 281 61.20 -57.29 5.11
C ILE P 281 61.09 -55.77 5.12
N THR Q 24 50.94 -93.56 -47.81
CA THR Q 24 50.32 -93.67 -46.49
C THR Q 24 50.10 -92.30 -45.88
N VAL Q 25 50.72 -91.28 -46.48
CA VAL Q 25 50.68 -89.93 -45.92
C VAL Q 25 49.24 -89.41 -45.89
N VAL Q 26 48.51 -89.59 -46.99
CA VAL Q 26 47.12 -89.14 -47.02
C VAL Q 26 46.27 -89.96 -46.06
N GLU Q 27 46.59 -91.25 -45.90
CA GLU Q 27 45.91 -92.04 -44.88
C GLU Q 27 46.23 -91.52 -43.48
N GLU Q 28 47.47 -91.07 -43.26
CA GLU Q 28 47.81 -90.48 -41.97
C GLU Q 28 47.04 -89.20 -41.72
N VAL Q 29 46.87 -88.36 -42.75
CA VAL Q 29 46.09 -87.14 -42.58
C VAL Q 29 44.63 -87.47 -42.28
N ARG Q 30 44.07 -88.44 -43.00
CA ARG Q 30 42.70 -88.86 -42.73
C ARG Q 30 42.54 -89.38 -41.30
N ARG Q 31 43.46 -90.25 -40.88
CA ARG Q 31 43.40 -90.82 -39.54
C ARG Q 31 43.51 -89.72 -38.48
N PHE Q 32 44.42 -88.78 -38.68
CA PHE Q 32 44.58 -87.67 -37.75
C PHE Q 32 43.31 -86.86 -37.63
N ALA Q 33 42.69 -86.52 -38.77
CA ALA Q 33 41.48 -85.70 -38.73
C ALA Q 33 40.33 -86.44 -38.07
N GLU Q 34 40.13 -87.72 -38.43
CA GLU Q 34 39.03 -88.47 -37.84
C GLU Q 34 39.23 -88.69 -36.34
N GLU Q 35 40.46 -88.98 -35.91
CA GLU Q 35 40.71 -89.14 -34.49
C GLU Q 35 40.43 -87.86 -33.73
N LEU Q 36 40.87 -86.72 -34.27
CA LEU Q 36 40.59 -85.45 -33.61
C LEU Q 36 39.09 -85.19 -33.53
N ALA Q 37 38.35 -85.48 -34.60
CA ALA Q 37 36.90 -85.27 -34.60
C ALA Q 37 36.20 -86.19 -33.61
N GLU Q 38 36.63 -87.45 -33.53
CA GLU Q 38 36.06 -88.37 -32.57
C GLU Q 38 36.32 -87.90 -31.14
N GLU Q 39 37.53 -87.41 -30.87
CA GLU Q 39 37.82 -86.89 -29.54
C GLU Q 39 36.99 -85.66 -29.23
N VAL Q 40 36.77 -84.81 -30.22
CA VAL Q 40 35.92 -83.63 -30.01
C VAL Q 40 34.52 -84.06 -29.63
N LEU Q 41 33.99 -85.07 -30.32
CA LEU Q 41 32.64 -85.55 -30.02
C LEU Q 41 32.58 -86.23 -28.66
N ARG Q 42 33.61 -87.00 -28.30
CA ARG Q 42 33.62 -87.66 -27.00
C ARG Q 42 33.65 -86.64 -25.87
N VAL Q 43 34.50 -85.63 -25.97
CA VAL Q 43 34.62 -84.67 -24.89
C VAL Q 43 33.38 -83.79 -24.82
N GLY Q 44 32.92 -83.29 -25.96
CA GLY Q 44 31.81 -82.35 -25.99
C GLY Q 44 30.47 -82.93 -26.35
N GLY Q 45 30.39 -84.19 -26.72
CA GLY Q 45 29.10 -84.77 -27.00
C GLY Q 45 28.46 -84.23 -28.27
N GLU Q 46 27.14 -84.19 -28.25
CA GLU Q 46 26.36 -83.62 -29.33
C GLU Q 46 26.20 -82.11 -29.20
N ALA Q 47 26.75 -81.51 -28.13
CA ALA Q 47 26.66 -80.07 -27.98
C ALA Q 47 27.37 -79.34 -29.11
N MET Q 48 28.57 -79.80 -29.47
CA MET Q 48 29.34 -79.23 -30.58
C MET Q 48 29.56 -80.33 -31.61
N ARG Q 49 28.58 -80.52 -32.48
CA ARG Q 49 28.66 -81.32 -33.70
C ARG Q 49 29.30 -80.54 -34.84
N PRO Q 50 29.03 -79.23 -35.00
CA PRO Q 50 29.70 -78.49 -36.08
C PRO Q 50 31.21 -78.64 -36.13
N TYR Q 51 31.87 -78.65 -34.97
CA TYR Q 51 33.33 -78.70 -34.95
C TYR Q 51 33.85 -80.03 -35.50
N ALA Q 52 33.13 -81.11 -35.25
CA ALA Q 52 33.50 -82.39 -35.85
C ALA Q 52 33.41 -82.32 -37.36
N GLU Q 53 32.38 -81.65 -37.87
CA GLU Q 53 32.25 -81.50 -39.32
C GLU Q 53 33.37 -80.64 -39.90
N MET Q 54 33.73 -79.55 -39.21
CA MET Q 54 34.84 -78.73 -39.67
C MET Q 54 36.14 -79.53 -39.70
N VAL Q 55 36.40 -80.31 -38.65
CA VAL Q 55 37.63 -81.10 -38.62
C VAL Q 55 37.62 -82.11 -39.76
N ARG Q 56 36.49 -82.76 -40.00
CA ARG Q 56 36.45 -83.80 -41.03
C ARG Q 56 36.58 -83.21 -42.43
N HIS Q 57 35.92 -82.08 -42.70
CA HIS Q 57 36.09 -81.43 -44.00
C HIS Q 57 37.49 -80.86 -44.19
N LEU Q 58 38.12 -80.35 -43.14
CA LEU Q 58 39.48 -79.84 -43.29
C LEU Q 58 40.46 -80.98 -43.54
N GLY Q 59 40.25 -82.13 -42.88
CA GLY Q 59 41.02 -83.30 -43.25
C GLY Q 59 40.80 -83.70 -44.70
N GLU Q 60 39.55 -83.59 -45.16
CA GLU Q 60 39.25 -83.94 -46.56
C GLU Q 60 39.91 -82.98 -47.54
N ALA Q 61 39.89 -81.68 -47.24
CA ALA Q 61 40.56 -80.71 -48.11
C ALA Q 61 42.07 -80.95 -48.14
N ALA Q 62 42.65 -81.27 -46.98
CA ALA Q 62 44.08 -81.56 -46.93
C ALA Q 62 44.42 -82.78 -47.78
N VAL Q 63 43.65 -83.85 -47.66
CA VAL Q 63 43.99 -85.03 -48.45
C VAL Q 63 43.72 -84.80 -49.94
N ALA Q 64 42.71 -83.97 -50.25
CA ALA Q 64 42.51 -83.58 -51.64
C ALA Q 64 43.75 -82.86 -52.18
N ALA Q 65 44.28 -81.91 -51.41
CA ALA Q 65 45.47 -81.18 -51.84
C ALA Q 65 46.66 -82.11 -52.01
N LEU Q 66 46.84 -83.05 -51.08
CA LEU Q 66 47.95 -83.99 -51.20
C LEU Q 66 47.76 -84.98 -52.37
N GLU Q 67 46.53 -85.17 -52.84
CA GLU Q 67 46.28 -86.11 -53.92
C GLU Q 67 45.86 -85.41 -55.20
N GLY Q 68 46.55 -84.34 -55.56
CA GLY Q 68 46.19 -83.56 -56.71
C GLY Q 68 45.28 -82.41 -56.33
N ARG Q 69 44.50 -81.94 -57.32
CA ARG Q 69 43.42 -80.98 -57.11
C ARG Q 69 43.88 -79.62 -56.62
N ALA Q 70 43.11 -78.59 -56.95
CA ALA Q 70 43.28 -77.26 -56.37
C ALA Q 70 41.97 -76.54 -56.13
N GLU Q 71 40.87 -77.04 -56.68
CA GLU Q 71 39.56 -76.40 -56.60
C GLU Q 71 38.68 -77.03 -55.52
N GLU Q 72 38.79 -78.34 -55.34
CA GLU Q 72 38.06 -79.00 -54.26
C GLU Q 72 38.54 -78.50 -52.90
N ALA Q 73 39.85 -78.31 -52.76
CA ALA Q 73 40.39 -77.73 -51.53
C ALA Q 73 39.82 -76.34 -51.30
N ASP Q 74 39.76 -75.53 -52.35
CA ASP Q 74 39.18 -74.19 -52.25
C ASP Q 74 37.74 -74.26 -51.78
N ARG Q 75 36.94 -75.14 -52.38
CA ARG Q 75 35.53 -75.23 -52.04
C ARG Q 75 35.32 -75.69 -50.61
N LEU Q 76 36.06 -76.73 -50.19
CA LEU Q 76 35.91 -77.23 -48.84
C LEU Q 76 36.34 -76.20 -47.81
N VAL Q 77 37.41 -75.45 -48.09
CA VAL Q 77 37.86 -74.44 -47.15
C VAL Q 77 36.83 -73.31 -47.06
N ARG Q 78 36.21 -72.96 -48.19
CA ARG Q 78 35.15 -71.94 -48.16
C ARG Q 78 33.94 -72.43 -47.38
N ASP Q 79 33.57 -73.69 -47.54
CA ASP Q 79 32.47 -74.26 -46.77
C ASP Q 79 32.76 -74.23 -45.28
N VAL Q 80 33.98 -74.63 -44.89
CA VAL Q 80 34.35 -74.61 -43.48
C VAL Q 80 34.39 -73.18 -42.96
N LEU Q 81 34.79 -72.23 -43.80
CA LEU Q 81 34.74 -70.83 -43.40
C LEU Q 81 33.31 -70.40 -43.14
N GLU Q 82 32.37 -70.85 -43.97
CA GLU Q 82 30.96 -70.54 -43.73
C GLU Q 82 30.47 -71.13 -42.41
N MET Q 83 30.86 -72.37 -42.11
CA MET Q 83 30.49 -72.97 -40.83
C MET Q 83 31.05 -72.17 -39.67
N ALA Q 84 32.31 -71.76 -39.77
CA ALA Q 84 32.91 -70.97 -38.71
C ALA Q 84 32.18 -69.64 -38.55
N ARG Q 85 31.74 -69.05 -39.66
CA ARG Q 85 30.99 -67.81 -39.59
C ARG Q 85 29.68 -68.00 -38.84
N GLU Q 86 28.95 -69.09 -39.14
CA GLU Q 86 27.64 -69.24 -38.52
C GLU Q 86 27.75 -69.65 -37.06
N VAL Q 87 28.71 -70.52 -36.71
CA VAL Q 87 28.84 -70.97 -35.33
C VAL Q 87 29.19 -69.81 -34.42
N GLY Q 88 30.10 -68.94 -34.85
CA GLY Q 88 30.56 -67.83 -34.04
C GLY Q 88 32.06 -67.82 -33.80
N ALA Q 89 32.81 -68.77 -34.34
CA ALA Q 89 34.25 -68.81 -34.17
C ALA Q 89 34.88 -67.69 -34.98
N GLU Q 90 35.51 -66.74 -34.29
CA GLU Q 90 36.12 -65.60 -34.96
C GLU Q 90 37.56 -65.90 -35.38
N GLY Q 91 38.41 -66.25 -34.42
CA GLY Q 91 39.79 -66.54 -34.74
C GLY Q 91 39.93 -67.69 -35.72
N LEU Q 92 39.08 -68.70 -35.57
CA LEU Q 92 39.07 -69.81 -36.53
C LEU Q 92 38.70 -69.32 -37.92
N ALA Q 93 37.73 -68.42 -38.02
CA ALA Q 93 37.33 -67.89 -39.32
C ALA Q 93 38.47 -67.10 -39.96
N ARG Q 94 39.15 -66.26 -39.19
CA ARG Q 94 40.27 -65.50 -39.74
C ARG Q 94 41.37 -66.43 -40.23
N LEU Q 95 41.73 -67.42 -39.40
CA LEU Q 95 42.74 -68.38 -39.82
C LEU Q 95 42.31 -69.11 -41.07
N LEU Q 96 41.02 -69.39 -41.21
CA LEU Q 96 40.55 -70.12 -42.39
C LEU Q 96 40.64 -69.27 -43.65
N GLU Q 97 40.35 -67.96 -43.55
CA GLU Q 97 40.55 -67.09 -44.70
C GLU Q 97 42.02 -67.05 -45.11
N ARG Q 98 42.92 -66.94 -44.12
CA ARG Q 98 44.35 -66.95 -44.43
C ARG Q 98 44.77 -68.26 -45.08
N VAL Q 99 44.26 -69.38 -44.55
CA VAL Q 99 44.53 -70.67 -45.18
C VAL Q 99 44.05 -70.67 -46.62
N HIS Q 100 42.89 -70.08 -46.86
CA HIS Q 100 42.33 -70.05 -48.22
C HIS Q 100 43.27 -69.32 -49.19
N ARG Q 101 43.68 -68.11 -48.84
CA ARG Q 101 44.51 -67.32 -49.74
C ARG Q 101 45.87 -67.98 -49.98
N GLU Q 102 46.57 -68.35 -48.90
CA GLU Q 102 47.86 -68.99 -49.07
C GLU Q 102 47.75 -70.35 -49.76
N ALA Q 103 46.66 -71.08 -49.54
CA ALA Q 103 46.48 -72.33 -50.27
C ALA Q 103 46.40 -72.07 -51.76
N ARG Q 104 45.66 -71.03 -52.15
CA ARG Q 104 45.58 -70.68 -53.57
C ARG Q 104 46.96 -70.34 -54.13
N GLU Q 105 47.71 -69.48 -53.42
CA GLU Q 105 49.01 -69.06 -53.92
C GLU Q 105 49.96 -70.23 -54.07
N LEU Q 106 50.08 -71.06 -53.02
CA LEU Q 106 51.03 -72.16 -53.06
C LEU Q 106 50.61 -73.23 -54.06
N LEU Q 107 49.30 -73.43 -54.25
CA LEU Q 107 48.88 -74.41 -55.24
C LEU Q 107 49.12 -73.89 -56.66
N ARG Q 108 49.03 -72.58 -56.86
CA ARG Q 108 49.43 -72.01 -58.15
C ARG Q 108 50.91 -72.20 -58.39
N GLU Q 109 51.73 -72.02 -57.35
CA GLU Q 109 53.16 -72.23 -57.48
C GLU Q 109 53.54 -73.70 -57.62
N GLY Q 110 52.59 -74.62 -57.42
CA GLY Q 110 52.85 -76.03 -57.60
C GLY Q 110 53.33 -76.77 -56.37
N ARG Q 111 53.55 -76.09 -55.24
CA ARG Q 111 53.98 -76.73 -54.01
C ARG Q 111 52.75 -77.25 -53.28
N ARG Q 112 52.75 -78.55 -52.96
CA ARG Q 112 51.58 -79.20 -52.40
C ARG Q 112 51.69 -79.47 -50.90
N GLU Q 113 52.87 -79.83 -50.41
CA GLU Q 113 52.99 -80.23 -49.00
C GLU Q 113 52.62 -79.09 -48.07
N GLU Q 114 53.08 -77.88 -48.37
CA GLU Q 114 52.85 -76.78 -47.44
C GLU Q 114 51.40 -76.32 -47.41
N ALA Q 115 50.67 -76.44 -48.53
CA ALA Q 115 49.24 -76.12 -48.51
C ALA Q 115 48.47 -77.09 -47.63
N ALA Q 116 48.75 -78.39 -47.77
CA ALA Q 116 48.16 -79.37 -46.86
C ALA Q 116 48.60 -79.12 -45.43
N ALA Q 117 49.81 -78.59 -45.24
CA ALA Q 117 50.28 -78.28 -43.90
C ALA Q 117 49.45 -77.16 -43.28
N LEU Q 118 49.17 -76.11 -44.06
CA LEU Q 118 48.30 -75.05 -43.54
C LEU Q 118 46.92 -75.59 -43.21
N VAL Q 119 46.39 -76.46 -44.08
CA VAL Q 119 45.06 -77.02 -43.83
C VAL Q 119 45.07 -77.87 -42.56
N LEU Q 120 46.10 -78.69 -42.38
CA LEU Q 120 46.18 -79.53 -41.18
C LEU Q 120 46.28 -78.68 -39.92
N ALA Q 121 47.07 -77.60 -39.97
CA ALA Q 121 47.13 -76.71 -38.82
C ALA Q 121 45.77 -76.10 -38.53
N ALA Q 122 45.01 -75.75 -39.56
CA ALA Q 122 43.68 -75.18 -39.34
C ALA Q 122 42.73 -76.21 -38.73
N ALA Q 123 42.81 -77.47 -39.19
CA ALA Q 123 41.98 -78.53 -38.62
C ALA Q 123 42.31 -78.75 -37.16
N LEU Q 124 43.59 -78.77 -36.83
CA LEU Q 124 44.00 -78.92 -35.43
C LEU Q 124 43.52 -77.74 -34.60
N ALA Q 125 43.58 -76.54 -35.15
CA ALA Q 125 43.08 -75.38 -34.41
C ALA Q 125 41.60 -75.52 -34.12
N ALA Q 126 40.82 -75.98 -35.10
CA ALA Q 126 39.38 -76.14 -34.90
C ALA Q 126 39.09 -77.19 -33.82
N GLY Q 127 39.70 -78.37 -33.95
CA GLY Q 127 39.45 -79.42 -32.96
C GLY Q 127 39.90 -79.04 -31.57
N ALA Q 128 41.10 -78.46 -31.46
CA ALA Q 128 41.62 -78.07 -30.15
C ALA Q 128 40.78 -76.96 -29.54
N VAL Q 129 40.28 -76.04 -30.36
CA VAL Q 129 39.39 -75.00 -29.85
C VAL Q 129 38.12 -75.60 -29.28
N ALA Q 130 37.54 -76.56 -30.01
CA ALA Q 130 36.34 -77.22 -29.51
C ALA Q 130 36.58 -77.90 -28.18
N VAL Q 131 37.66 -78.69 -28.09
CA VAL Q 131 37.95 -79.41 -26.85
C VAL Q 131 38.24 -78.43 -25.71
N ALA Q 132 38.92 -77.33 -26.00
CA ALA Q 132 39.22 -76.36 -24.97
C ALA Q 132 37.97 -75.73 -24.40
N GLU Q 133 37.02 -75.33 -25.26
CA GLU Q 133 35.78 -74.77 -24.72
C GLU Q 133 34.97 -75.84 -24.00
N ALA Q 134 35.05 -77.09 -24.45
CA ALA Q 134 34.36 -78.16 -23.73
C ALA Q 134 34.91 -78.30 -22.32
N TYR Q 135 36.23 -78.27 -22.16
CA TYR Q 135 36.83 -78.37 -20.84
C TYR Q 135 36.45 -77.18 -19.98
N VAL Q 136 36.49 -75.98 -20.56
CA VAL Q 136 36.17 -74.77 -19.79
C VAL Q 136 34.71 -74.78 -19.35
N ARG Q 137 33.81 -75.31 -20.18
CA ARG Q 137 32.40 -75.31 -19.84
C ARG Q 137 32.13 -76.14 -18.58
N LEU Q 138 32.72 -77.33 -18.50
CA LEU Q 138 32.53 -78.20 -17.35
C LEU Q 138 33.59 -78.00 -16.27
N GLY Q 139 34.37 -76.92 -16.35
CA GLY Q 139 35.23 -76.49 -15.25
C GLY Q 139 36.35 -77.41 -14.84
N GLN Q 140 37.07 -77.99 -15.79
CA GLN Q 140 38.24 -78.79 -15.46
C GLN Q 140 39.47 -77.88 -15.29
N PRO Q 141 40.47 -78.34 -14.54
CA PRO Q 141 41.62 -77.47 -14.23
C PRO Q 141 42.45 -77.17 -15.47
N ILE Q 142 43.26 -76.11 -15.34
CA ILE Q 142 44.04 -75.62 -16.47
C ILE Q 142 45.22 -76.53 -16.82
N ARG Q 143 45.70 -77.33 -15.87
CA ARG Q 143 46.76 -78.29 -16.20
C ARG Q 143 46.33 -79.19 -17.35
N LEU Q 144 45.07 -79.61 -17.36
CA LEU Q 144 44.60 -80.50 -18.41
C LEU Q 144 44.61 -79.82 -19.77
N ILE Q 145 44.13 -78.58 -19.85
CA ILE Q 145 44.15 -77.85 -21.11
C ILE Q 145 45.58 -77.68 -21.60
N ALA Q 146 46.48 -77.29 -20.71
CA ALA Q 146 47.86 -77.04 -21.11
C ALA Q 146 48.53 -78.32 -21.62
N GLU Q 147 48.38 -79.41 -20.88
CA GLU Q 147 49.01 -80.66 -21.29
C GLU Q 147 48.40 -81.19 -22.59
N TYR Q 148 47.07 -81.08 -22.73
CA TYR Q 148 46.41 -81.53 -23.95
C TYR Q 148 46.94 -80.76 -25.16
N VAL Q 149 46.92 -79.44 -25.09
CA VAL Q 149 47.34 -78.62 -26.22
C VAL Q 149 48.80 -78.87 -26.56
N ALA Q 150 49.67 -78.94 -25.55
CA ALA Q 150 51.08 -79.16 -25.81
C ALA Q 150 51.32 -80.50 -26.49
N GLU Q 151 50.63 -81.55 -26.04
CA GLU Q 151 50.83 -82.85 -26.66
C GLU Q 151 50.31 -82.88 -28.09
N ARG Q 152 49.18 -82.22 -28.34
CA ARG Q 152 48.67 -82.15 -29.70
C ARG Q 152 49.65 -81.42 -30.61
N LEU Q 153 50.23 -80.32 -30.13
CA LEU Q 153 51.21 -79.58 -30.93
C LEU Q 153 52.42 -80.45 -31.23
N VAL Q 154 52.89 -81.22 -30.26
CA VAL Q 154 54.05 -82.07 -30.52
C VAL Q 154 53.71 -83.14 -31.57
N GLU Q 155 52.51 -83.73 -31.48
CA GLU Q 155 52.11 -84.73 -32.47
C GLU Q 155 52.02 -84.13 -33.86
N LEU Q 156 51.43 -82.94 -33.98
CA LEU Q 156 51.35 -82.26 -35.27
C LEU Q 156 52.74 -81.94 -35.80
N ALA Q 157 53.65 -81.52 -34.92
CA ALA Q 157 55.01 -81.24 -35.37
C ALA Q 157 55.68 -82.49 -35.90
N GLU Q 158 55.44 -83.63 -35.27
CA GLU Q 158 55.99 -84.88 -35.78
C GLU Q 158 55.40 -85.20 -37.16
N LEU Q 159 54.10 -85.00 -37.33
CA LEU Q 159 53.48 -85.25 -38.63
C LEU Q 159 54.06 -84.34 -39.70
N LEU Q 160 54.16 -83.05 -39.41
CA LEU Q 160 54.69 -82.11 -40.39
C LEU Q 160 56.15 -82.39 -40.71
N ARG Q 161 56.92 -82.89 -39.74
CA ARG Q 161 58.26 -83.35 -40.04
C ARG Q 161 58.22 -84.54 -40.99
N ARG Q 162 57.26 -85.44 -40.81
CA ARG Q 162 57.16 -86.59 -41.70
C ARG Q 162 56.82 -86.15 -43.12
N LEU Q 163 55.94 -85.16 -43.29
CA LEU Q 163 55.57 -84.70 -44.62
C LEU Q 163 56.77 -84.11 -45.36
N GLY Q 164 57.46 -83.15 -44.73
CA GLY Q 164 58.62 -82.56 -45.36
C GLY Q 164 58.69 -81.05 -45.28
N VAL Q 165 57.76 -80.43 -44.57
CA VAL Q 165 57.78 -78.96 -44.43
C VAL Q 165 59.04 -78.55 -43.68
N PRO Q 166 59.69 -77.45 -44.04
CA PRO Q 166 60.86 -77.00 -43.26
C PRO Q 166 60.48 -76.56 -41.86
N LEU Q 167 61.46 -76.70 -40.96
CA LEU Q 167 61.18 -76.59 -39.53
C LEU Q 167 60.66 -75.22 -39.14
N ARG Q 168 61.21 -74.16 -39.72
CA ARG Q 168 60.79 -72.82 -39.35
C ARG Q 168 59.31 -72.61 -39.65
N ARG Q 169 58.84 -73.11 -40.79
CA ARG Q 169 57.41 -73.05 -41.10
C ARG Q 169 56.60 -73.86 -40.10
N ILE Q 170 57.12 -75.01 -39.66
CA ILE Q 170 56.44 -75.79 -38.64
C ILE Q 170 56.21 -74.94 -37.40
N ILE Q 171 57.25 -74.23 -36.97
CA ILE Q 171 57.13 -73.42 -35.76
C ILE Q 171 56.14 -72.28 -35.97
N ARG Q 172 56.12 -71.70 -37.17
CA ARG Q 172 55.16 -70.63 -37.43
C ARG Q 172 53.72 -71.14 -37.38
N LEU Q 173 53.47 -72.32 -37.96
CA LEU Q 173 52.13 -72.88 -37.93
C LEU Q 173 51.71 -73.22 -36.50
N LEU Q 174 52.64 -73.76 -35.70
CA LEU Q 174 52.32 -74.10 -34.32
C LEU Q 174 51.98 -72.85 -33.52
N GLU Q 175 52.71 -71.76 -33.77
CA GLU Q 175 52.37 -70.52 -33.10
C GLU Q 175 51.01 -69.98 -33.54
N GLU Q 176 50.65 -70.16 -34.81
CA GLU Q 176 49.31 -69.76 -35.24
C GLU Q 176 48.23 -70.56 -34.53
N VAL Q 177 48.43 -71.87 -34.41
CA VAL Q 177 47.48 -72.71 -33.69
C VAL Q 177 47.34 -72.25 -32.24
N LEU Q 178 48.48 -71.97 -31.60
CA LEU Q 178 48.45 -71.50 -30.22
C LEU Q 178 47.72 -70.17 -30.10
N ARG Q 179 47.90 -69.29 -31.08
CA ARG Q 179 47.20 -68.01 -31.04
C ARG Q 179 45.70 -68.20 -31.13
N VAL Q 180 45.25 -69.09 -32.02
CA VAL Q 180 43.81 -69.35 -32.13
C VAL Q 180 43.28 -69.93 -30.82
N VAL Q 181 44.01 -70.87 -30.23
CA VAL Q 181 43.58 -71.50 -28.99
C VAL Q 181 43.49 -70.48 -27.87
N ALA Q 182 44.48 -69.59 -27.78
CA ALA Q 182 44.45 -68.56 -26.75
C ALA Q 182 43.28 -67.61 -26.95
N GLU Q 183 42.98 -67.26 -28.20
CA GLU Q 183 41.81 -66.42 -28.45
C GLU Q 183 40.52 -67.12 -28.03
N ALA Q 184 40.41 -68.42 -28.32
CA ALA Q 184 39.24 -69.17 -27.92
C ALA Q 184 39.07 -69.17 -26.41
N LEU Q 185 40.17 -69.43 -25.69
CA LEU Q 185 40.11 -69.44 -24.23
C LEU Q 185 39.78 -68.06 -23.69
N ARG Q 186 40.24 -67.00 -24.34
CA ARG Q 186 39.89 -65.65 -23.91
C ARG Q 186 38.39 -65.40 -24.07
N ARG Q 187 37.81 -65.84 -25.19
CA ARG Q 187 36.38 -65.65 -25.40
C ARG Q 187 35.54 -66.46 -24.41
N ALA Q 188 36.10 -67.53 -23.86
CA ALA Q 188 35.40 -68.36 -22.89
C ALA Q 188 35.52 -67.83 -21.47
N GLY Q 189 36.17 -66.68 -21.27
CA GLY Q 189 36.26 -66.07 -19.97
C GLY Q 189 37.42 -66.55 -19.11
N VAL Q 190 38.31 -67.38 -19.65
CA VAL Q 190 39.46 -67.84 -18.86
C VAL Q 190 40.35 -66.65 -18.52
N PRO Q 191 40.79 -66.49 -17.27
CA PRO Q 191 41.61 -65.33 -16.93
C PRO Q 191 42.94 -65.34 -17.68
N GLU Q 192 43.46 -64.14 -17.95
CA GLU Q 192 44.67 -63.99 -18.76
C GLU Q 192 45.87 -64.77 -18.22
N PRO Q 193 46.19 -64.74 -16.91
CA PRO Q 193 47.35 -65.51 -16.44
C PRO Q 193 47.30 -66.99 -16.78
N GLU Q 194 46.11 -67.60 -16.77
CA GLU Q 194 46.03 -69.00 -17.15
C GLU Q 194 46.31 -69.20 -18.64
N ILE Q 195 45.90 -68.25 -19.48
CA ILE Q 195 46.23 -68.31 -20.90
C ILE Q 195 47.74 -68.23 -21.08
N ARG Q 196 48.40 -67.33 -20.36
CA ARG Q 196 49.85 -67.24 -20.45
C ARG Q 196 50.51 -68.51 -19.95
N LYS Q 197 49.96 -69.12 -18.90
CA LYS Q 197 50.50 -70.39 -18.42
C LYS Q 197 50.38 -71.47 -19.49
N VAL Q 198 49.24 -71.50 -20.18
CA VAL Q 198 49.06 -72.47 -21.26
C VAL Q 198 50.13 -72.28 -22.34
N GLU Q 199 50.29 -71.03 -22.79
CA GLU Q 199 51.24 -70.78 -23.87
C GLU Q 199 52.67 -71.08 -23.44
N ALA Q 200 53.06 -70.66 -22.23
CA ALA Q 200 54.41 -70.92 -21.75
C ALA Q 200 54.69 -72.41 -21.64
N ALA Q 201 53.71 -73.17 -21.16
CA ALA Q 201 53.88 -74.62 -21.12
C ALA Q 201 54.07 -75.19 -22.51
N ALA Q 202 53.30 -74.70 -23.48
CA ALA Q 202 53.43 -75.18 -24.85
C ALA Q 202 54.81 -74.88 -25.42
N TYR Q 203 55.33 -73.68 -25.16
CA TYR Q 203 56.65 -73.30 -25.68
C TYR Q 203 57.74 -74.12 -25.03
N ILE Q 204 57.65 -74.38 -23.73
CA ILE Q 204 58.68 -75.18 -23.06
C ILE Q 204 58.62 -76.62 -23.56
N ARG Q 205 57.42 -77.14 -23.81
CA ARG Q 205 57.30 -78.49 -24.37
C ARG Q 205 57.92 -78.56 -25.76
N LEU Q 206 57.65 -77.55 -26.60
CA LEU Q 206 58.24 -77.53 -27.94
C LEU Q 206 59.75 -77.41 -27.89
N ALA Q 207 60.27 -76.56 -26.99
CA ALA Q 207 61.71 -76.42 -26.84
C ALA Q 207 62.36 -77.73 -26.40
N ALA Q 208 61.74 -78.41 -25.44
CA ALA Q 208 62.27 -79.70 -24.98
C ALA Q 208 62.23 -80.73 -26.11
N TYR Q 209 61.14 -80.75 -26.88
CA TYR Q 209 61.03 -81.67 -28.00
C TYR Q 209 62.13 -81.42 -29.03
N LEU Q 210 62.38 -80.16 -29.36
CA LEU Q 210 63.45 -79.84 -30.31
C LEU Q 210 64.81 -80.23 -29.76
N LEU Q 211 65.05 -79.97 -28.48
CA LEU Q 211 66.35 -80.28 -27.89
C LEU Q 211 66.61 -81.77 -27.84
N ARG Q 212 65.57 -82.59 -27.68
CA ARG Q 212 65.79 -84.01 -27.49
C ARG Q 212 66.34 -84.68 -28.74
N GLN Q 213 65.97 -84.19 -29.93
CA GLN Q 213 66.38 -84.86 -31.16
C GLN Q 213 67.89 -84.82 -31.33
N LEU Q 214 68.52 -83.71 -30.98
CA LEU Q 214 69.96 -83.56 -31.12
C LEU Q 214 70.76 -84.18 -29.99
N GLY Q 215 70.10 -84.74 -28.99
CA GLY Q 215 70.81 -85.47 -27.96
C GLY Q 215 71.21 -84.62 -26.78
N TYR Q 216 70.31 -83.74 -26.35
CA TYR Q 216 70.48 -82.99 -25.11
C TYR Q 216 69.40 -83.46 -24.16
N GLU Q 217 69.66 -84.60 -23.52
CA GLU Q 217 68.64 -85.23 -22.68
C GLU Q 217 68.51 -84.51 -21.34
N ALA Q 218 69.64 -84.19 -20.71
CA ALA Q 218 69.59 -83.52 -19.41
C ALA Q 218 68.89 -82.18 -19.52
N LEU Q 219 69.18 -81.43 -20.59
CA LEU Q 219 68.52 -80.16 -20.83
C LEU Q 219 67.01 -80.33 -20.93
N ALA Q 220 66.56 -81.35 -21.66
CA ALA Q 220 65.13 -81.58 -21.81
C ALA Q 220 64.48 -81.96 -20.48
N LYS Q 221 65.16 -82.79 -19.70
CA LYS Q 221 64.62 -83.16 -18.39
C LYS Q 221 64.47 -81.94 -17.50
N ARG Q 222 65.48 -81.06 -17.47
CA ARG Q 222 65.40 -79.88 -16.62
C ARG Q 222 64.30 -78.93 -17.09
N LEU Q 223 64.14 -78.79 -18.41
CA LEU Q 223 63.07 -77.94 -18.90
C LEU Q 223 61.71 -78.50 -18.53
N LEU Q 224 61.55 -79.82 -18.59
CA LEU Q 224 60.27 -80.40 -18.23
C LEU Q 224 60.03 -80.34 -16.72
N GLU Q 225 61.09 -80.39 -15.90
CA GLU Q 225 60.94 -80.13 -14.46
C GLU Q 225 60.43 -78.72 -14.22
N ALA Q 226 61.00 -77.74 -14.92
CA ALA Q 226 60.52 -76.37 -14.80
C ALA Q 226 59.07 -76.24 -15.21
N ARG Q 227 58.68 -76.94 -16.29
CA ARG Q 227 57.28 -76.92 -16.71
C ARG Q 227 56.37 -77.53 -15.65
N GLU Q 228 56.80 -78.63 -15.05
CA GLU Q 228 56.00 -79.27 -14.01
C GLU Q 228 55.80 -78.34 -12.83
N LEU Q 229 56.87 -77.66 -12.40
CA LEU Q 229 56.70 -76.67 -11.34
C LEU Q 229 55.79 -75.54 -11.77
N LEU Q 230 55.80 -75.17 -13.05
CA LEU Q 230 54.97 -74.07 -13.51
C LEU Q 230 53.50 -74.43 -13.48
N LEU Q 231 53.15 -75.63 -13.94
CA LEU Q 231 51.74 -76.01 -14.02
C LEU Q 231 51.11 -76.21 -12.65
N GLU Q 232 51.92 -76.37 -11.60
CA GLU Q 232 51.44 -76.54 -10.23
C GLU Q 232 51.17 -75.23 -9.53
N GLY Q 233 51.40 -74.10 -10.19
CA GLY Q 233 51.22 -72.80 -9.57
C GLY Q 233 52.46 -72.21 -8.95
N ARG Q 234 53.52 -73.00 -8.78
CA ARG Q 234 54.78 -72.50 -8.24
C ARG Q 234 55.51 -71.75 -9.36
N VAL Q 235 55.11 -70.50 -9.54
CA VAL Q 235 55.68 -69.70 -10.61
C VAL Q 235 57.12 -69.32 -10.30
N GLU Q 236 57.42 -69.01 -9.04
CA GLU Q 236 58.73 -68.48 -8.69
C GLU Q 236 59.83 -69.53 -8.85
N GLU Q 237 59.57 -70.75 -8.38
CA GLU Q 237 60.54 -71.82 -8.58
C GLU Q 237 60.65 -72.16 -10.06
N ALA Q 238 59.55 -72.09 -10.80
CA ALA Q 238 59.61 -72.32 -12.25
C ALA Q 238 60.52 -71.31 -12.93
N ALA Q 239 60.37 -70.03 -12.60
CA ALA Q 239 61.19 -69.00 -13.23
C ALA Q 239 62.65 -69.13 -12.83
N HIS Q 240 62.93 -69.45 -11.56
CA HIS Q 240 64.33 -69.59 -11.15
C HIS Q 240 65.00 -70.78 -11.84
N LEU Q 241 64.32 -71.92 -11.87
CA LEU Q 241 64.92 -73.10 -12.51
C LEU Q 241 65.03 -72.90 -14.02
N LEU Q 242 64.05 -72.22 -14.63
CA LEU Q 242 64.11 -71.90 -16.04
C LEU Q 242 65.28 -71.00 -16.36
N GLU Q 243 65.51 -69.97 -15.54
CA GLU Q 243 66.62 -69.07 -15.82
C GLU Q 243 67.96 -69.77 -15.65
N ASP Q 244 68.08 -70.68 -14.68
CA ASP Q 244 69.34 -71.42 -14.54
C ASP Q 244 69.60 -72.28 -15.77
N VAL Q 245 68.60 -73.04 -16.21
CA VAL Q 245 68.83 -73.91 -17.36
C VAL Q 245 69.05 -73.09 -18.62
N TYR Q 246 68.36 -71.96 -18.77
CA TYR Q 246 68.57 -71.11 -19.94
C TYR Q 246 69.99 -70.53 -19.93
N ALA Q 247 70.49 -70.15 -18.78
CA ALA Q 247 71.86 -69.64 -18.72
C ALA Q 247 72.86 -70.69 -19.15
N LEU Q 248 72.71 -71.92 -18.66
CA LEU Q 248 73.66 -72.96 -19.08
C LEU Q 248 73.56 -73.24 -20.58
N PHE Q 249 72.32 -73.33 -21.09
CA PHE Q 249 72.12 -73.56 -22.51
C PHE Q 249 72.71 -72.43 -23.35
N HIS Q 250 72.54 -71.19 -22.91
CA HIS Q 250 72.97 -70.06 -23.72
C HIS Q 250 74.48 -69.95 -23.74
N ARG Q 251 75.13 -70.28 -22.61
CA ARG Q 251 76.58 -70.41 -22.63
C ARG Q 251 77.02 -71.49 -23.61
N GLU Q 252 76.28 -72.60 -23.67
CA GLU Q 252 76.61 -73.64 -24.64
C GLU Q 252 76.46 -73.14 -26.07
N ILE Q 253 75.44 -72.33 -26.34
CA ILE Q 253 75.25 -71.74 -27.66
C ILE Q 253 76.43 -70.84 -28.02
N GLU Q 254 76.78 -69.93 -27.10
CA GLU Q 254 77.88 -69.01 -27.36
C GLU Q 254 79.22 -69.73 -27.47
N ARG Q 255 79.31 -70.94 -26.94
CA ARG Q 255 80.54 -71.72 -27.11
C ARG Q 255 80.81 -72.00 -28.58
N LEU Q 256 79.77 -72.30 -29.34
CA LEU Q 256 79.91 -72.68 -30.74
C LEU Q 256 80.08 -71.49 -31.66
N GLY Q 257 80.02 -70.26 -31.14
CA GLY Q 257 80.36 -69.10 -31.95
C GLY Q 257 79.36 -68.85 -33.06
N PHE Q 258 79.87 -68.65 -34.27
CA PHE Q 258 79.05 -68.44 -35.45
C PHE Q 258 78.81 -69.75 -36.19
N GLU Q 259 78.27 -70.72 -35.45
CA GLU Q 259 77.89 -72.02 -35.98
C GLU Q 259 77.05 -72.75 -34.94
N ALA Q 260 75.94 -73.33 -35.38
CA ALA Q 260 75.07 -74.15 -34.54
C ALA Q 260 73.98 -74.78 -35.38
N PRO Q 261 73.55 -76.00 -35.09
CA PRO Q 261 72.40 -76.58 -35.80
C PRO Q 261 71.18 -75.71 -35.63
N GLU Q 262 70.32 -75.70 -36.66
CA GLU Q 262 69.21 -74.76 -36.70
C GLU Q 262 68.23 -74.98 -35.56
N GLU Q 263 68.11 -76.21 -35.07
CA GLU Q 263 67.17 -76.45 -33.97
C GLU Q 263 67.62 -75.75 -32.69
N LEU Q 264 68.93 -75.63 -32.46
CA LEU Q 264 69.41 -74.81 -31.36
C LEU Q 264 68.96 -73.36 -31.53
N ARG Q 265 69.07 -72.85 -32.76
CA ARG Q 265 68.69 -71.46 -33.02
C ARG Q 265 67.20 -71.24 -32.79
N VAL Q 266 66.37 -72.22 -33.16
CA VAL Q 266 64.94 -72.08 -32.93
C VAL Q 266 64.61 -72.19 -31.44
N ALA Q 267 65.22 -73.17 -30.77
CA ALA Q 267 64.95 -73.38 -29.36
C ALA Q 267 65.38 -72.19 -28.52
N ASP Q 268 66.42 -71.47 -28.94
CA ASP Q 268 66.84 -70.30 -28.17
C ASP Q 268 65.73 -69.26 -28.16
N LEU Q 269 65.11 -69.03 -29.31
CA LEU Q 269 64.00 -68.08 -29.37
C LEU Q 269 62.78 -68.60 -28.62
N LEU Q 270 62.52 -69.91 -28.71
CA LEU Q 270 61.40 -70.49 -27.97
C LEU Q 270 61.56 -70.30 -26.48
N LEU Q 271 62.76 -70.59 -25.96
CA LEU Q 271 63.03 -70.45 -24.54
C LEU Q 271 62.96 -68.99 -24.10
N ALA Q 272 63.44 -68.07 -24.94
CA ALA Q 272 63.33 -66.66 -24.60
C ALA Q 272 61.87 -66.24 -24.48
N ARG Q 273 61.03 -66.68 -25.42
CA ARG Q 273 59.60 -66.33 -25.35
C ARG Q 273 58.93 -66.97 -24.14
N ALA Q 274 59.30 -68.21 -23.83
CA ALA Q 274 58.75 -68.87 -22.65
C ALA Q 274 59.09 -68.11 -21.38
N ILE Q 275 60.34 -67.67 -21.26
CA ILE Q 275 60.76 -66.91 -20.09
C ILE Q 275 60.02 -65.57 -20.02
N ALA Q 276 59.85 -64.91 -21.16
CA ALA Q 276 59.12 -63.64 -21.18
C ALA Q 276 57.69 -63.84 -20.71
N LEU Q 277 57.03 -64.90 -21.19
CA LEU Q 277 55.64 -65.15 -20.79
C LEU Q 277 55.54 -65.45 -19.31
N ILE Q 278 56.46 -66.27 -18.78
CA ILE Q 278 56.42 -66.60 -17.35
C ILE Q 278 56.63 -65.34 -16.52
N LYS Q 279 57.58 -64.49 -16.92
CA LYS Q 279 57.79 -63.24 -16.21
C LYS Q 279 56.56 -62.34 -16.29
N ALA Q 280 55.80 -62.41 -17.37
CA ALA Q 280 54.64 -61.55 -17.53
C ALA Q 280 53.39 -62.07 -16.83
N ILE Q 281 53.42 -63.30 -16.30
CA ILE Q 281 52.28 -63.84 -15.57
C ILE Q 281 51.95 -62.94 -14.39
N THR R 24 85.45 -42.75 -67.16
CA THR R 24 84.14 -43.39 -67.15
C THR R 24 83.33 -42.93 -65.94
N VAL R 25 84.00 -42.22 -65.03
CA VAL R 25 83.36 -41.80 -63.78
C VAL R 25 82.19 -40.87 -64.05
N VAL R 26 82.39 -39.88 -64.93
CA VAL R 26 81.30 -38.97 -65.27
C VAL R 26 80.20 -39.71 -66.00
N GLU R 27 80.55 -40.69 -66.84
CA GLU R 27 79.54 -41.53 -67.46
C GLU R 27 78.78 -42.33 -66.42
N GLU R 28 79.47 -42.83 -65.39
CA GLU R 28 78.79 -43.55 -64.32
C GLU R 28 77.83 -42.65 -63.57
N VAL R 29 78.22 -41.41 -63.31
CA VAL R 29 77.33 -40.47 -62.62
C VAL R 29 76.12 -40.16 -63.49
N ARG R 30 76.32 -39.94 -64.80
CA ARG R 30 75.19 -39.71 -65.68
C ARG R 30 74.26 -40.91 -65.72
N ARG R 31 74.83 -42.12 -65.84
CA ARG R 31 74.00 -43.32 -65.87
C ARG R 31 73.22 -43.48 -64.58
N PHE R 32 73.86 -43.23 -63.44
CA PHE R 32 73.19 -43.35 -62.15
C PHE R 32 72.01 -42.38 -62.07
N ALA R 33 72.23 -41.12 -62.47
CA ALA R 33 71.17 -40.13 -62.38
C ALA R 33 70.02 -40.46 -63.32
N GLU R 34 70.33 -40.83 -64.57
CA GLU R 34 69.27 -41.12 -65.53
C GLU R 34 68.50 -42.37 -65.14
N GLU R 35 69.18 -43.41 -64.65
CA GLU R 35 68.47 -44.60 -64.21
C GLU R 35 67.54 -44.29 -63.04
N LEU R 36 68.01 -43.49 -62.08
CA LEU R 36 67.14 -43.12 -60.97
C LEU R 36 65.93 -42.33 -61.46
N ALA R 37 66.14 -41.41 -62.40
CA ALA R 37 65.03 -40.61 -62.92
C ALA R 37 64.02 -41.48 -63.69
N GLU R 38 64.52 -42.43 -64.48
CA GLU R 38 63.62 -43.35 -65.17
C GLU R 38 62.82 -44.18 -64.18
N GLU R 39 63.45 -44.63 -63.10
CA GLU R 39 62.71 -45.37 -62.09
C GLU R 39 61.65 -44.50 -61.42
N VAL R 40 61.96 -43.24 -61.16
CA VAL R 40 60.94 -42.33 -60.62
C VAL R 40 59.76 -42.23 -61.56
N LEU R 41 60.03 -42.09 -62.86
CA LEU R 41 58.95 -41.94 -63.83
C LEU R 41 58.14 -43.22 -63.97
N ARG R 42 58.80 -44.38 -63.91
CA ARG R 42 58.08 -45.65 -64.00
C ARG R 42 57.19 -45.86 -62.78
N VAL R 43 57.72 -45.63 -61.58
CA VAL R 43 56.94 -45.90 -60.38
C VAL R 43 55.80 -44.91 -60.24
N GLY R 44 56.07 -43.62 -60.46
CA GLY R 44 55.08 -42.59 -60.25
C GLY R 44 54.41 -42.04 -61.49
N GLY R 45 54.86 -42.42 -62.68
CA GLY R 45 54.23 -41.92 -63.87
C GLY R 45 54.49 -40.43 -64.10
N GLU R 46 53.50 -39.78 -64.71
CA GLU R 46 53.54 -38.35 -64.94
C GLU R 46 53.06 -37.55 -63.74
N ALA R 47 52.66 -38.22 -62.67
CA ALA R 47 52.22 -37.49 -61.48
C ALA R 47 53.37 -36.68 -60.89
N MET R 48 54.57 -37.26 -60.83
CA MET R 48 55.77 -36.56 -60.36
C MET R 48 56.78 -36.55 -61.49
N ARG R 49 56.63 -35.57 -62.39
CA ARG R 49 57.62 -35.19 -63.38
C ARG R 49 58.68 -34.24 -62.80
N PRO R 50 58.33 -33.31 -61.92
CA PRO R 50 59.37 -32.45 -61.32
C PRO R 50 60.54 -33.22 -60.73
N TYR R 51 60.30 -34.36 -60.07
CA TYR R 51 61.38 -35.08 -59.42
C TYR R 51 62.35 -35.68 -60.43
N ALA R 52 61.84 -36.11 -61.58
CA ALA R 52 62.72 -36.57 -62.64
C ALA R 52 63.63 -35.43 -63.12
N GLU R 53 63.07 -34.22 -63.21
CA GLU R 53 63.88 -33.07 -63.60
C GLU R 53 64.92 -32.74 -62.54
N MET R 54 64.55 -32.80 -61.26
CA MET R 54 65.53 -32.55 -60.21
C MET R 54 66.66 -33.57 -60.26
N VAL R 55 66.32 -34.85 -60.42
CA VAL R 55 67.36 -35.88 -60.47
C VAL R 55 68.26 -35.65 -61.67
N ARG R 56 67.68 -35.35 -62.83
CA ARG R 56 68.49 -35.17 -64.02
C ARG R 56 69.40 -33.96 -63.93
N HIS R 57 68.89 -32.83 -63.41
CA HIS R 57 69.73 -31.64 -63.25
C HIS R 57 70.82 -31.85 -62.20
N LEU R 58 70.52 -32.56 -61.11
CA LEU R 58 71.58 -32.84 -60.14
C LEU R 58 72.63 -33.76 -60.73
N GLY R 59 72.23 -34.68 -61.62
CA GLY R 59 73.23 -35.43 -62.36
C GLY R 59 74.10 -34.55 -63.22
N GLU R 60 73.50 -33.59 -63.93
CA GLU R 60 74.29 -32.68 -64.75
C GLU R 60 75.21 -31.82 -63.90
N ALA R 61 74.74 -31.33 -62.76
CA ALA R 61 75.58 -30.53 -61.87
C ALA R 61 76.76 -31.34 -61.35
N ALA R 62 76.53 -32.60 -60.97
CA ALA R 62 77.61 -33.44 -60.49
C ALA R 62 78.65 -33.68 -61.58
N VAL R 63 78.20 -33.98 -62.81
CA VAL R 63 79.19 -34.23 -63.85
C VAL R 63 79.90 -32.95 -64.26
N ALA R 64 79.22 -31.80 -64.17
CA ALA R 64 79.89 -30.52 -64.38
C ALA R 64 81.00 -30.33 -63.36
N ALA R 65 80.72 -30.60 -62.09
CA ALA R 65 81.75 -30.47 -61.06
C ALA R 65 82.90 -31.43 -61.30
N LEU R 66 82.61 -32.66 -61.71
CA LEU R 66 83.67 -33.62 -62.03
C LEU R 66 84.48 -33.23 -63.26
N GLU R 67 83.92 -32.42 -64.15
CA GLU R 67 84.62 -32.07 -65.39
C GLU R 67 85.04 -30.61 -65.42
N GLY R 68 85.59 -30.13 -64.32
CA GLY R 68 85.94 -28.73 -64.20
C GLY R 68 84.80 -27.93 -63.60
N ARG R 69 84.78 -26.64 -63.91
CA ARG R 69 83.66 -25.75 -63.60
C ARG R 69 83.44 -25.54 -62.11
N ALA R 70 82.91 -24.38 -61.75
CA ALA R 70 82.41 -24.11 -60.40
C ALA R 70 81.15 -23.28 -60.39
N GLU R 71 80.81 -22.60 -61.49
CA GLU R 71 79.66 -21.70 -61.58
C GLU R 71 78.44 -22.40 -62.15
N GLU R 72 78.62 -23.30 -63.12
CA GLU R 72 77.51 -24.07 -63.63
C GLU R 72 76.91 -24.95 -62.55
N ALA R 73 77.77 -25.54 -61.72
CA ALA R 73 77.28 -26.33 -60.60
C ALA R 73 76.44 -25.48 -59.66
N ASP R 74 76.91 -24.28 -59.35
CA ASP R 74 76.14 -23.36 -58.50
C ASP R 74 74.79 -23.04 -59.11
N ARG R 75 74.78 -22.72 -60.42
CA ARG R 75 73.53 -22.34 -61.06
C ARG R 75 72.54 -23.50 -61.08
N LEU R 76 73.01 -24.70 -61.44
CA LEU R 76 72.12 -25.85 -61.49
C LEU R 76 71.58 -26.18 -60.12
N VAL R 77 72.42 -26.14 -59.09
CA VAL R 77 71.94 -26.43 -57.73
C VAL R 77 70.92 -25.39 -57.30
N ARG R 78 71.11 -24.13 -57.68
CA ARG R 78 70.11 -23.10 -57.36
C ARG R 78 68.81 -23.35 -58.10
N ASP R 79 68.88 -23.80 -59.36
CA ASP R 79 67.67 -24.13 -60.11
C ASP R 79 66.91 -25.27 -59.44
N VAL R 80 67.61 -26.33 -59.06
CA VAL R 80 66.96 -27.45 -58.36
C VAL R 80 66.42 -27.00 -57.01
N LEU R 81 67.11 -26.07 -56.35
CA LEU R 81 66.57 -25.53 -55.10
C LEU R 81 65.26 -24.81 -55.35
N GLU R 82 65.17 -24.05 -56.44
CA GLU R 82 63.91 -23.38 -56.78
C GLU R 82 62.80 -24.39 -57.07
N MET R 83 63.12 -25.46 -57.79
CA MET R 83 62.10 -26.48 -58.04
C MET R 83 61.63 -27.11 -56.75
N ALA R 84 62.56 -27.43 -55.85
CA ALA R 84 62.18 -27.99 -54.56
C ALA R 84 61.31 -27.02 -53.77
N ARG R 85 61.60 -25.72 -53.87
CA ARG R 85 60.78 -24.73 -53.19
C ARG R 85 59.36 -24.73 -53.73
N GLU R 86 59.20 -24.77 -55.06
CA GLU R 86 57.85 -24.66 -55.61
C GLU R 86 57.04 -25.93 -55.41
N VAL R 87 57.68 -27.10 -55.57
CA VAL R 87 56.94 -28.36 -55.44
C VAL R 87 56.38 -28.52 -54.03
N GLY R 88 57.20 -28.22 -53.02
CA GLY R 88 56.81 -28.40 -51.64
C GLY R 88 57.75 -29.25 -50.82
N ALA R 89 58.85 -29.74 -51.40
CA ALA R 89 59.81 -30.55 -50.66
C ALA R 89 60.58 -29.66 -49.70
N GLU R 90 60.43 -29.91 -48.40
CA GLU R 90 61.10 -29.11 -47.39
C GLU R 90 62.50 -29.66 -47.09
N GLY R 91 62.58 -30.91 -46.65
CA GLY R 91 63.87 -31.48 -46.32
C GLY R 91 64.82 -31.50 -47.50
N LEU R 92 64.28 -31.78 -48.69
CA LEU R 92 65.10 -31.73 -49.89
C LEU R 92 65.63 -30.32 -50.14
N ALA R 93 64.80 -29.30 -49.92
CA ALA R 93 65.25 -27.92 -50.10
C ALA R 93 66.36 -27.57 -49.11
N ARG R 94 66.20 -27.98 -47.85
CA ARG R 94 67.24 -27.70 -46.86
C ARG R 94 68.55 -28.36 -47.25
N LEU R 95 68.48 -29.65 -47.63
CA LEU R 95 69.70 -30.33 -48.03
C LEU R 95 70.31 -29.68 -49.27
N LEU R 96 69.48 -29.11 -50.14
CA LEU R 96 70.00 -28.48 -51.34
C LEU R 96 70.73 -27.18 -51.03
N GLU R 97 70.21 -26.38 -50.09
CA GLU R 97 70.97 -25.22 -49.63
C GLU R 97 72.30 -25.64 -49.03
N ARG R 98 72.28 -26.69 -48.20
CA ARG R 98 73.51 -27.15 -47.57
C ARG R 98 74.53 -27.60 -48.60
N VAL R 99 74.12 -28.39 -49.58
CA VAL R 99 75.07 -28.85 -50.59
C VAL R 99 75.56 -27.68 -51.40
N HIS R 100 74.72 -26.69 -51.64
CA HIS R 100 75.15 -25.50 -52.36
C HIS R 100 76.32 -24.83 -51.66
N ARG R 101 76.17 -24.53 -50.37
CA ARG R 101 77.23 -23.85 -49.64
C ARG R 101 78.49 -24.70 -49.55
N GLU R 102 78.33 -25.98 -49.20
CA GLU R 102 79.49 -26.85 -49.05
C GLU R 102 80.22 -27.03 -50.38
N ALA R 103 79.48 -27.16 -51.48
CA ALA R 103 80.10 -27.29 -52.79
C ALA R 103 80.90 -26.04 -53.12
N ARG R 104 80.36 -24.87 -52.79
CA ARG R 104 81.13 -23.64 -53.00
C ARG R 104 82.45 -23.69 -52.23
N GLU R 105 82.39 -24.05 -50.94
CA GLU R 105 83.60 -24.06 -50.13
C GLU R 105 84.63 -25.04 -50.68
N LEU R 106 84.20 -26.27 -50.99
CA LEU R 106 85.15 -27.29 -51.43
C LEU R 106 85.70 -26.96 -52.82
N LEU R 107 84.87 -26.39 -53.70
CA LEU R 107 85.38 -26.00 -55.00
C LEU R 107 86.37 -24.86 -54.90
N ARG R 108 86.17 -23.95 -53.94
CA ARG R 108 87.18 -22.93 -53.67
C ARG R 108 88.47 -23.59 -53.18
N GLU R 109 88.36 -24.59 -52.32
CA GLU R 109 89.54 -25.32 -51.85
C GLU R 109 90.15 -26.21 -52.93
N GLY R 110 89.49 -26.39 -54.07
CA GLY R 110 90.04 -27.15 -55.16
C GLY R 110 89.73 -28.63 -55.17
N ARG R 111 89.03 -29.14 -54.16
CA ARG R 111 88.67 -30.54 -54.10
C ARG R 111 87.37 -30.74 -54.87
N ARG R 112 87.36 -31.71 -55.79
CA ARG R 112 86.24 -31.90 -56.69
C ARG R 112 85.40 -33.14 -56.36
N GLU R 113 86.02 -34.21 -55.88
CA GLU R 113 85.29 -35.44 -55.67
C GLU R 113 84.22 -35.29 -54.60
N GLU R 114 84.52 -34.58 -53.52
CA GLU R 114 83.56 -34.46 -52.43
C GLU R 114 82.37 -33.58 -52.80
N ALA R 115 82.57 -32.54 -53.61
CA ALA R 115 81.43 -31.73 -54.05
C ALA R 115 80.48 -32.56 -54.91
N ALA R 116 81.03 -33.32 -55.86
CA ALA R 116 80.19 -34.23 -56.63
C ALA R 116 79.55 -35.28 -55.74
N ALA R 117 80.22 -35.68 -54.67
CA ALA R 117 79.64 -36.64 -53.74
C ALA R 117 78.41 -36.06 -53.06
N LEU R 118 78.49 -34.81 -52.60
CA LEU R 118 77.31 -34.18 -52.02
C LEU R 118 76.19 -34.05 -53.05
N VAL R 119 76.54 -33.70 -54.30
CA VAL R 119 75.52 -33.56 -55.32
C VAL R 119 74.84 -34.90 -55.60
N LEU R 120 75.63 -35.98 -55.69
CA LEU R 120 75.06 -37.30 -55.94
C LEU R 120 74.17 -37.74 -54.79
N ALA R 121 74.59 -37.47 -53.55
CA ALA R 121 73.73 -37.77 -52.41
C ALA R 121 72.42 -37.00 -52.50
N ALA R 122 72.47 -35.74 -52.95
CA ALA R 122 71.25 -34.95 -53.09
C ALA R 122 70.33 -35.53 -54.17
N ALA R 123 70.91 -35.96 -55.28
CA ALA R 123 70.11 -36.58 -56.35
C ALA R 123 69.45 -37.85 -55.86
N LEU R 124 70.19 -38.69 -55.14
CA LEU R 124 69.61 -39.91 -54.58
C LEU R 124 68.50 -39.59 -53.60
N ALA R 125 68.70 -38.57 -52.77
CA ALA R 125 67.66 -38.19 -51.83
C ALA R 125 66.39 -37.79 -52.56
N ALA R 126 66.52 -37.00 -53.63
CA ALA R 126 65.36 -36.56 -54.40
C ALA R 126 64.63 -37.74 -55.04
N GLY R 127 65.38 -38.61 -55.73
CA GLY R 127 64.76 -39.76 -56.37
C GLY R 127 64.11 -40.71 -55.39
N ALA R 128 64.79 -41.03 -54.30
CA ALA R 128 64.25 -41.93 -53.31
C ALA R 128 63.05 -41.33 -52.60
N VAL R 129 63.05 -40.02 -52.37
CA VAL R 129 61.89 -39.37 -51.78
C VAL R 129 60.69 -39.50 -52.72
N ALA R 130 60.89 -39.27 -54.01
CA ALA R 130 59.79 -39.39 -54.95
C ALA R 130 59.25 -40.81 -54.99
N VAL R 131 60.13 -41.80 -55.09
CA VAL R 131 59.67 -43.19 -55.18
C VAL R 131 58.98 -43.60 -53.88
N ALA R 132 59.48 -43.14 -52.73
CA ALA R 132 58.85 -43.47 -51.47
C ALA R 132 57.45 -42.87 -51.37
N GLU R 133 57.26 -41.62 -51.81
CA GLU R 133 55.92 -41.06 -51.78
C GLU R 133 55.00 -41.79 -52.73
N ALA R 134 55.53 -42.23 -53.88
CA ALA R 134 54.72 -43.03 -54.79
C ALA R 134 54.25 -44.32 -54.13
N TYR R 135 55.17 -45.01 -53.44
CA TYR R 135 54.82 -46.26 -52.76
C TYR R 135 53.79 -46.01 -51.67
N VAL R 136 53.93 -44.90 -50.93
CA VAL R 136 52.98 -44.62 -49.86
C VAL R 136 51.60 -44.28 -50.42
N ARG R 137 51.55 -43.57 -51.56
CA ARG R 137 50.27 -43.16 -52.12
C ARG R 137 49.43 -44.36 -52.52
N LEU R 138 50.02 -45.33 -53.20
CA LEU R 138 49.29 -46.52 -53.63
C LEU R 138 49.38 -47.67 -52.63
N GLY R 139 49.79 -47.40 -51.40
CA GLY R 139 49.66 -48.33 -50.29
C GLY R 139 50.41 -49.64 -50.38
N GLN R 140 51.65 -49.62 -50.85
CA GLN R 140 52.44 -50.84 -50.86
C GLN R 140 53.06 -51.08 -49.48
N PRO R 141 53.44 -52.33 -49.18
CA PRO R 141 53.94 -52.63 -47.83
C PRO R 141 55.27 -51.96 -47.55
N ILE R 142 55.56 -51.83 -46.25
CA ILE R 142 56.77 -51.14 -45.80
C ILE R 142 58.04 -51.93 -46.07
N ARG R 143 57.97 -53.25 -46.14
CA ARG R 143 59.14 -54.04 -46.52
C ARG R 143 59.72 -53.55 -47.84
N LEU R 144 58.85 -53.18 -48.78
CA LEU R 144 59.32 -52.73 -50.08
C LEU R 144 60.10 -51.42 -49.98
N ILE R 145 59.57 -50.46 -49.22
CA ILE R 145 60.29 -49.20 -49.02
C ILE R 145 61.63 -49.46 -48.37
N ALA R 146 61.66 -50.27 -47.31
CA ALA R 146 62.90 -50.51 -46.59
C ALA R 146 63.95 -51.18 -47.47
N GLU R 147 63.55 -52.22 -48.20
CA GLU R 147 64.50 -52.91 -49.06
C GLU R 147 64.99 -52.02 -50.19
N TYR R 148 64.08 -51.24 -50.78
CA TYR R 148 64.48 -50.32 -51.85
C TYR R 148 65.51 -49.33 -51.36
N VAL R 149 65.23 -48.66 -50.25
CA VAL R 149 66.13 -47.63 -49.74
C VAL R 149 67.48 -48.24 -49.37
N ALA R 150 67.47 -49.39 -48.69
CA ALA R 150 68.73 -50.00 -48.28
C ALA R 150 69.58 -50.37 -49.48
N GLU R 151 68.96 -50.93 -50.52
CA GLU R 151 69.75 -51.33 -51.69
C GLU R 151 70.29 -50.10 -52.43
N ARG R 152 69.50 -49.03 -52.51
CA ARG R 152 70.00 -47.81 -53.14
C ARG R 152 71.17 -47.23 -52.36
N LEU R 153 71.09 -47.25 -51.03
CA LEU R 153 72.19 -46.74 -50.22
C LEU R 153 73.46 -47.56 -50.45
N VAL R 154 73.32 -48.87 -50.54
CA VAL R 154 74.50 -49.70 -50.79
C VAL R 154 75.11 -49.38 -52.15
N GLU R 155 74.26 -49.21 -53.17
CA GLU R 155 74.77 -48.86 -54.50
C GLU R 155 75.50 -47.52 -54.50
N LEU R 156 74.94 -46.52 -53.83
CA LEU R 156 75.59 -45.22 -53.72
C LEU R 156 76.91 -45.33 -52.99
N ALA R 157 76.94 -46.13 -51.91
CA ALA R 157 78.19 -46.31 -51.18
C ALA R 157 79.26 -46.94 -52.06
N GLU R 158 78.87 -47.91 -52.88
CA GLU R 158 79.84 -48.50 -53.81
C GLU R 158 80.35 -47.45 -54.80
N LEU R 159 79.45 -46.61 -55.30
CA LEU R 159 79.86 -45.57 -56.24
C LEU R 159 80.84 -44.59 -55.60
N LEU R 160 80.51 -44.11 -54.40
CA LEU R 160 81.39 -43.16 -53.71
C LEU R 160 82.73 -43.80 -53.37
N ARG R 161 82.74 -45.08 -53.04
CA ARG R 161 84.01 -45.78 -52.85
C ARG R 161 84.80 -45.81 -54.15
N ARG R 162 84.12 -45.96 -55.29
CA ARG R 162 84.83 -45.92 -56.56
C ARG R 162 85.43 -44.55 -56.84
N LEU R 163 84.70 -43.48 -56.52
CA LEU R 163 85.22 -42.13 -56.75
C LEU R 163 86.46 -41.86 -55.91
N GLY R 164 86.37 -42.08 -54.61
CA GLY R 164 87.51 -41.85 -53.74
C GLY R 164 87.21 -41.11 -52.45
N VAL R 165 85.93 -40.85 -52.18
CA VAL R 165 85.56 -40.14 -50.95
C VAL R 165 85.95 -40.99 -49.74
N PRO R 166 86.45 -40.40 -48.66
CA PRO R 166 86.76 -41.20 -47.47
C PRO R 166 85.51 -41.77 -46.82
N LEU R 167 85.71 -42.89 -46.11
CA LEU R 167 84.60 -43.72 -45.68
C LEU R 167 83.67 -42.99 -44.70
N ARG R 168 84.24 -42.28 -43.73
CA ARG R 168 83.41 -41.62 -42.74
C ARG R 168 82.51 -40.58 -43.39
N ARG R 169 83.03 -39.87 -44.39
CA ARG R 169 82.19 -38.97 -45.16
C ARG R 169 81.08 -39.73 -45.90
N ILE R 170 81.40 -40.91 -46.40
CA ILE R 170 80.38 -41.74 -47.05
C ILE R 170 79.24 -42.00 -46.08
N ILE R 171 79.58 -42.44 -44.87
CA ILE R 171 78.53 -42.79 -43.91
C ILE R 171 77.74 -41.56 -43.50
N ARG R 172 78.41 -40.40 -43.40
CA ARG R 172 77.69 -39.18 -43.07
C ARG R 172 76.70 -38.78 -44.17
N LEU R 173 77.11 -38.91 -45.44
CA LEU R 173 76.20 -38.59 -46.53
C LEU R 173 75.02 -39.57 -46.56
N LEU R 174 75.29 -40.85 -46.32
CA LEU R 174 74.23 -41.84 -46.32
C LEU R 174 73.22 -41.56 -45.22
N GLU R 175 73.70 -41.14 -44.05
CA GLU R 175 72.78 -40.77 -42.98
C GLU R 175 71.98 -39.52 -43.32
N GLU R 176 72.58 -38.57 -44.04
CA GLU R 176 71.80 -37.41 -44.47
C GLU R 176 70.68 -37.82 -45.42
N VAL R 177 70.99 -38.72 -46.37
CA VAL R 177 69.98 -39.24 -47.29
C VAL R 177 68.86 -39.91 -46.50
N LEU R 178 69.22 -40.73 -45.52
CA LEU R 178 68.23 -41.42 -44.73
C LEU R 178 67.36 -40.44 -43.94
N ARG R 179 67.97 -39.36 -43.45
CA ARG R 179 67.19 -38.37 -42.71
C ARG R 179 66.17 -37.69 -43.61
N VAL R 180 66.57 -37.36 -44.84
CA VAL R 180 65.63 -36.76 -45.77
C VAL R 180 64.49 -37.72 -46.09
N VAL R 181 64.83 -38.99 -46.33
CA VAL R 181 63.81 -39.99 -46.65
C VAL R 181 62.84 -40.15 -45.48
N ALA R 182 63.35 -40.19 -44.25
CA ALA R 182 62.48 -40.31 -43.10
C ALA R 182 61.57 -39.09 -42.96
N GLU R 183 62.09 -37.89 -43.22
CA GLU R 183 61.25 -36.70 -43.18
C GLU R 183 60.15 -36.78 -44.24
N ALA R 184 60.48 -37.23 -45.44
CA ALA R 184 59.49 -37.37 -46.49
C ALA R 184 58.40 -38.35 -46.08
N LEU R 185 58.79 -39.49 -45.53
CA LEU R 185 57.80 -40.47 -45.10
C LEU R 185 56.95 -39.95 -43.95
N ARG R 186 57.53 -39.10 -43.09
CA ARG R 186 56.74 -38.48 -42.03
C ARG R 186 55.69 -37.54 -42.61
N ARG R 187 56.06 -36.76 -43.63
CA ARG R 187 55.09 -35.85 -44.24
C ARG R 187 53.98 -36.60 -44.95
N ALA R 188 54.24 -37.82 -45.40
CA ALA R 188 53.24 -38.63 -46.10
C ALA R 188 52.33 -39.38 -45.15
N GLY R 189 52.46 -39.18 -43.84
CA GLY R 189 51.58 -39.80 -42.87
C GLY R 189 51.96 -41.19 -42.42
N VAL R 190 53.12 -41.69 -42.83
CA VAL R 190 53.55 -43.04 -42.39
C VAL R 190 53.79 -43.02 -40.89
N PRO R 191 53.27 -43.98 -40.12
CA PRO R 191 53.46 -43.96 -38.67
C PRO R 191 54.92 -44.09 -38.28
N GLU R 192 55.26 -43.50 -37.13
CA GLU R 192 56.65 -43.42 -36.72
C GLU R 192 57.35 -44.78 -36.58
N PRO R 193 56.75 -45.81 -35.96
CA PRO R 193 57.45 -47.10 -35.86
C PRO R 193 57.88 -47.67 -37.20
N GLU R 194 57.09 -47.48 -38.25
CA GLU R 194 57.52 -47.94 -39.57
C GLU R 194 58.73 -47.17 -40.06
N ILE R 195 58.80 -45.87 -39.78
CA ILE R 195 59.97 -45.08 -40.15
C ILE R 195 61.20 -45.60 -39.43
N ARG R 196 61.06 -45.88 -38.14
CA ARG R 196 62.19 -46.42 -37.39
C ARG R 196 62.62 -47.77 -37.94
N LYS R 197 61.66 -48.61 -38.33
CA LYS R 197 62.00 -49.90 -38.92
C LYS R 197 62.75 -49.72 -40.24
N VAL R 198 62.33 -48.74 -41.03
CA VAL R 198 63.04 -48.43 -42.29
C VAL R 198 64.49 -48.07 -41.99
N GLU R 199 64.70 -47.14 -41.05
CA GLU R 199 66.05 -46.70 -40.74
C GLU R 199 66.89 -47.84 -40.20
N ALA R 200 66.34 -48.64 -39.28
CA ALA R 200 67.09 -49.74 -38.69
C ALA R 200 67.47 -50.78 -39.73
N ALA R 201 66.58 -51.08 -40.66
CA ALA R 201 66.93 -51.99 -41.74
C ALA R 201 68.05 -51.42 -42.59
N ALA R 202 68.02 -50.11 -42.86
CA ALA R 202 69.09 -49.50 -43.62
C ALA R 202 70.43 -49.61 -42.90
N TYR R 203 70.43 -49.37 -41.59
CA TYR R 203 71.67 -49.42 -40.81
C TYR R 203 72.22 -50.84 -40.73
N ILE R 204 71.34 -51.84 -40.55
CA ILE R 204 71.80 -53.22 -40.49
C ILE R 204 72.34 -53.66 -41.85
N ARG R 205 71.72 -53.21 -42.95
CA ARG R 205 72.25 -53.53 -44.27
C ARG R 205 73.62 -52.90 -44.47
N LEU R 206 73.79 -51.64 -44.07
CA LEU R 206 75.07 -50.97 -44.20
C LEU R 206 76.15 -51.64 -43.36
N ALA R 207 75.80 -52.01 -42.12
CA ALA R 207 76.76 -52.70 -41.26
C ALA R 207 77.17 -54.03 -41.86
N ALA R 208 76.21 -54.79 -42.40
CA ALA R 208 76.54 -56.06 -43.04
C ALA R 208 77.44 -55.84 -44.25
N TYR R 209 77.15 -54.82 -45.05
CA TYR R 209 77.96 -54.50 -46.22
C TYR R 209 79.39 -54.17 -45.82
N LEU R 210 79.58 -53.37 -44.77
CA LEU R 210 80.92 -53.05 -44.30
C LEU R 210 81.63 -54.29 -43.76
N LEU R 211 80.91 -55.13 -43.02
CA LEU R 211 81.52 -56.31 -42.44
C LEU R 211 81.96 -57.31 -43.50
N ARG R 212 81.28 -57.34 -44.64
CA ARG R 212 81.61 -58.34 -45.65
C ARG R 212 82.97 -58.08 -46.29
N GLN R 213 83.35 -56.80 -46.46
CA GLN R 213 84.59 -56.49 -47.16
C GLN R 213 85.81 -57.03 -46.41
N LEU R 214 85.82 -56.90 -45.09
CA LEU R 214 86.91 -57.46 -44.30
C LEU R 214 86.90 -58.98 -44.25
N GLY R 215 85.82 -59.61 -44.70
CA GLY R 215 85.79 -61.07 -44.75
C GLY R 215 85.17 -61.70 -43.53
N TYR R 216 84.04 -61.17 -43.07
CA TYR R 216 83.27 -61.76 -41.98
C TYR R 216 81.92 -62.14 -42.56
N GLU R 217 81.87 -63.32 -43.19
CA GLU R 217 80.64 -63.75 -43.85
C GLU R 217 79.59 -64.18 -42.83
N ALA R 218 80.01 -64.91 -41.80
CA ALA R 218 79.05 -65.39 -40.80
C ALA R 218 78.36 -64.23 -40.10
N LEU R 219 79.12 -63.20 -39.74
CA LEU R 219 78.54 -62.02 -39.11
C LEU R 219 77.51 -61.36 -40.00
N ALA R 220 77.83 -61.21 -41.29
CA ALA R 220 76.89 -60.57 -42.20
C ALA R 220 75.63 -61.39 -42.37
N LYS R 221 75.77 -62.72 -42.46
CA LYS R 221 74.58 -63.57 -42.57
C LYS R 221 73.70 -63.45 -41.35
N ARG R 222 74.29 -63.44 -40.15
CA ARG R 222 73.47 -63.34 -38.94
C ARG R 222 72.79 -61.98 -38.84
N LEU R 223 73.49 -60.92 -39.24
CA LEU R 223 72.86 -59.59 -39.24
C LEU R 223 71.69 -59.54 -40.21
N LEU R 224 71.84 -60.17 -41.38
CA LEU R 224 70.74 -60.12 -42.34
C LEU R 224 69.58 -61.04 -41.94
N GLU R 225 69.86 -62.12 -41.21
CA GLU R 225 68.78 -62.91 -40.62
C GLU R 225 67.99 -62.08 -39.62
N ALA R 226 68.70 -61.32 -38.76
CA ALA R 226 68.02 -60.44 -37.83
C ALA R 226 67.18 -59.40 -38.58
N ARG R 227 67.72 -58.88 -39.69
CA ARG R 227 66.96 -57.91 -40.48
C ARG R 227 65.71 -58.53 -41.07
N GLU R 228 65.81 -59.76 -41.58
CA GLU R 228 64.65 -60.44 -42.14
C GLU R 228 63.58 -60.65 -41.08
N LEU R 229 63.98 -61.07 -39.88
CA LEU R 229 63.02 -61.19 -38.80
C LEU R 229 62.40 -59.85 -38.44
N LEU R 230 63.18 -58.77 -38.55
CA LEU R 230 62.64 -57.46 -38.22
C LEU R 230 61.61 -56.99 -39.23
N LEU R 231 61.87 -57.18 -40.52
CA LEU R 231 60.97 -56.67 -41.55
C LEU R 231 59.64 -57.39 -41.57
N GLU R 232 59.58 -58.60 -41.00
CA GLU R 232 58.35 -59.38 -40.93
C GLU R 232 57.46 -59.00 -39.76
N GLY R 233 57.89 -58.06 -38.93
CA GLY R 233 57.13 -57.65 -37.78
C GLY R 233 57.54 -58.31 -36.48
N ARG R 234 58.36 -59.35 -36.53
CA ARG R 234 58.86 -60.02 -35.32
C ARG R 234 59.99 -59.18 -34.74
N VAL R 235 59.61 -58.16 -33.97
CA VAL R 235 60.60 -57.28 -33.39
C VAL R 235 61.39 -57.99 -32.29
N GLU R 236 60.73 -58.83 -31.50
CA GLU R 236 61.37 -59.40 -30.32
C GLU R 236 62.47 -60.38 -30.69
N GLU R 237 62.19 -61.28 -31.63
CA GLU R 237 63.22 -62.20 -32.09
C GLU R 237 64.35 -61.46 -32.79
N ALA R 238 64.01 -60.41 -33.54
CA ALA R 238 65.03 -59.61 -34.18
C ALA R 238 65.96 -58.97 -33.16
N ALA R 239 65.40 -58.41 -32.10
CA ALA R 239 66.22 -57.78 -31.06
C ALA R 239 67.07 -58.82 -30.32
N HIS R 240 66.51 -59.99 -30.03
CA HIS R 240 67.29 -61.00 -29.34
C HIS R 240 68.47 -61.48 -30.19
N LEU R 241 68.22 -61.80 -31.46
CA LEU R 241 69.29 -62.28 -32.31
C LEU R 241 70.30 -61.18 -32.60
N LEU R 242 69.83 -59.94 -32.71
CA LEU R 242 70.73 -58.81 -32.89
C LEU R 242 71.64 -58.62 -31.69
N GLU R 243 71.10 -58.73 -30.48
CA GLU R 243 71.94 -58.56 -29.30
C GLU R 243 72.94 -59.69 -29.17
N ASP R 244 72.56 -60.92 -29.53
CA ASP R 244 73.53 -62.01 -29.49
C ASP R 244 74.69 -61.77 -30.47
N VAL R 245 74.36 -61.42 -31.71
CA VAL R 245 75.42 -61.21 -32.69
C VAL R 245 76.27 -59.99 -32.34
N TYR R 246 75.65 -58.95 -31.78
CA TYR R 246 76.41 -57.79 -31.33
C TYR R 246 77.35 -58.14 -30.19
N ALA R 247 76.90 -58.99 -29.26
CA ALA R 247 77.78 -59.39 -28.17
C ALA R 247 79.00 -60.13 -28.69
N LEU R 248 78.80 -61.06 -29.62
CA LEU R 248 79.96 -61.77 -30.18
C LEU R 248 80.89 -60.83 -30.93
N PHE R 249 80.31 -59.93 -31.72
CA PHE R 249 81.11 -58.96 -32.47
C PHE R 249 81.89 -58.04 -31.54
N HIS R 250 81.26 -57.59 -30.45
CA HIS R 250 81.90 -56.65 -29.56
C HIS R 250 83.03 -57.32 -28.79
N ARG R 251 82.85 -58.58 -28.40
CA ARG R 251 83.96 -59.32 -27.82
C ARG R 251 85.11 -59.42 -28.81
N GLU R 252 84.80 -59.65 -30.09
CA GLU R 252 85.86 -59.71 -31.08
C GLU R 252 86.57 -58.37 -31.22
N ILE R 253 85.82 -57.27 -31.15
CA ILE R 253 86.43 -55.94 -31.23
C ILE R 253 87.37 -55.70 -30.04
N GLU R 254 86.88 -55.99 -28.84
CA GLU R 254 87.70 -55.80 -27.64
C GLU R 254 88.89 -56.75 -27.61
N ARG R 255 88.85 -57.84 -28.37
CA ARG R 255 90.01 -58.72 -28.45
C ARG R 255 91.21 -57.99 -29.02
N LEU R 256 91.00 -57.17 -30.04
CA LEU R 256 92.09 -56.48 -30.71
C LEU R 256 92.60 -55.25 -29.96
N GLY R 257 91.96 -54.89 -28.85
CA GLY R 257 92.51 -53.83 -28.00
C GLY R 257 92.44 -52.49 -28.67
N PHE R 258 93.59 -51.80 -28.70
CA PHE R 258 93.70 -50.48 -29.32
C PHE R 258 94.23 -50.59 -30.75
N GLU R 259 93.53 -51.40 -31.54
CA GLU R 259 93.82 -51.57 -32.96
C GLU R 259 92.67 -52.30 -33.60
N ALA R 260 92.19 -51.77 -34.74
CA ALA R 260 91.13 -52.38 -35.53
C ALA R 260 90.93 -51.61 -36.82
N PRO R 261 90.69 -52.29 -37.94
CA PRO R 261 90.44 -51.56 -39.20
C PRO R 261 89.25 -50.62 -39.05
N GLU R 262 89.31 -49.51 -39.78
CA GLU R 262 88.32 -48.45 -39.56
C GLU R 262 86.91 -48.91 -39.88
N GLU R 263 86.76 -49.90 -40.78
CA GLU R 263 85.43 -50.41 -41.07
C GLU R 263 84.81 -51.07 -39.85
N LEU R 264 85.60 -51.77 -39.03
CA LEU R 264 85.10 -52.30 -37.77
C LEU R 264 84.62 -51.19 -36.86
N ARG R 265 85.38 -50.11 -36.78
CA ARG R 265 85.02 -49.01 -35.89
C ARG R 265 83.72 -48.35 -36.33
N VAL R 266 83.53 -48.18 -37.65
CA VAL R 266 82.28 -47.58 -38.13
C VAL R 266 81.12 -48.54 -37.93
N ALA R 267 81.36 -49.84 -38.18
CA ALA R 267 80.30 -50.83 -38.03
C ALA R 267 79.82 -50.92 -36.60
N ASP R 268 80.71 -50.71 -35.63
CA ASP R 268 80.29 -50.75 -34.23
C ASP R 268 79.26 -49.65 -33.96
N LEU R 269 79.49 -48.45 -34.46
CA LEU R 269 78.55 -47.36 -34.24
C LEU R 269 77.25 -47.60 -35.00
N LEU R 270 77.36 -48.13 -36.22
CA LEU R 270 76.15 -48.45 -37.00
C LEU R 270 75.29 -49.48 -36.27
N LEU R 271 75.91 -50.53 -35.75
CA LEU R 271 75.18 -51.57 -35.03
C LEU R 271 74.55 -51.03 -33.76
N ALA R 272 75.28 -50.17 -33.03
CA ALA R 272 74.70 -49.57 -31.83
C ALA R 272 73.47 -48.76 -32.17
N ARG R 273 73.52 -47.96 -33.24
CA ARG R 273 72.36 -47.17 -33.61
C ARG R 273 71.20 -48.04 -34.07
N ALA R 274 71.50 -49.11 -34.81
CA ALA R 274 70.45 -50.03 -35.23
C ALA R 274 69.75 -50.65 -34.03
N ILE R 275 70.53 -51.06 -33.02
CA ILE R 275 69.95 -51.64 -31.83
C ILE R 275 69.10 -50.62 -31.09
N ALA R 276 69.58 -49.38 -31.01
CA ALA R 276 68.80 -48.34 -30.35
C ALA R 276 67.47 -48.11 -31.06
N LEU R 277 67.50 -48.06 -32.40
CA LEU R 277 66.26 -47.83 -33.15
C LEU R 277 65.28 -48.98 -32.97
N ILE R 278 65.77 -50.23 -33.04
CA ILE R 278 64.88 -51.36 -32.85
C ILE R 278 64.27 -51.34 -31.46
N LYS R 279 65.09 -51.04 -30.44
CA LYS R 279 64.57 -50.99 -29.08
C LYS R 279 63.55 -49.87 -28.90
N ALA R 280 63.68 -48.78 -29.67
CA ALA R 280 62.76 -47.67 -29.55
C ALA R 280 61.48 -47.85 -30.35
N ILE R 281 61.37 -48.88 -31.18
CA ILE R 281 60.14 -49.15 -31.93
C ILE R 281 58.98 -49.37 -30.97
N THR S 24 114.42 -17.33 -15.53
CA THR S 24 113.56 -17.20 -16.70
C THR S 24 112.09 -17.39 -16.31
N VAL S 25 111.88 -17.96 -15.12
CA VAL S 25 110.53 -18.32 -14.70
C VAL S 25 109.65 -17.06 -14.58
N VAL S 26 110.18 -16.01 -13.96
CA VAL S 26 109.42 -14.77 -13.85
C VAL S 26 109.22 -14.15 -15.23
N GLU S 27 110.21 -14.29 -16.11
CA GLU S 27 110.01 -13.85 -17.49
C GLU S 27 108.91 -14.65 -18.18
N GLU S 28 108.85 -15.95 -17.90
CA GLU S 28 107.77 -16.77 -18.47
C GLU S 28 106.41 -16.32 -17.95
N VAL S 29 106.32 -15.99 -16.66
CA VAL S 29 105.05 -15.51 -16.11
C VAL S 29 104.65 -14.18 -16.73
N ARG S 30 105.62 -13.26 -16.87
CA ARG S 30 105.33 -11.99 -17.52
C ARG S 30 104.87 -12.20 -18.95
N ARG S 31 105.57 -13.06 -19.70
CA ARG S 31 105.21 -13.31 -21.10
C ARG S 31 103.81 -13.92 -21.19
N PHE S 32 103.50 -14.86 -20.31
CA PHE S 32 102.18 -15.48 -20.29
C PHE S 32 101.10 -14.45 -20.05
N ALA S 33 101.30 -13.57 -19.05
CA ALA S 33 100.29 -12.58 -18.73
C ALA S 33 100.10 -11.58 -19.88
N GLU S 34 101.22 -11.09 -20.44
CA GLU S 34 101.10 -10.11 -21.52
C GLU S 34 100.47 -10.72 -22.76
N GLU S 35 100.82 -11.96 -23.09
CA GLU S 35 100.22 -12.61 -24.25
C GLU S 35 98.73 -12.79 -24.07
N LEU S 36 98.31 -13.22 -22.88
CA LEU S 36 96.88 -13.36 -22.63
C LEU S 36 96.16 -12.01 -22.70
N ALA S 37 96.79 -10.95 -22.18
CA ALA S 37 96.19 -9.62 -22.25
C ALA S 37 96.06 -9.12 -23.68
N GLU S 38 97.11 -9.33 -24.49
CA GLU S 38 97.04 -8.94 -25.90
C GLU S 38 95.94 -9.70 -26.62
N GLU S 39 95.81 -11.00 -26.36
CA GLU S 39 94.74 -11.76 -26.99
C GLU S 39 93.38 -11.26 -26.56
N VAL S 40 93.23 -10.90 -25.28
CA VAL S 40 91.97 -10.36 -24.80
C VAL S 40 91.62 -9.10 -25.57
N LEU S 41 92.61 -8.22 -25.75
CA LEU S 41 92.36 -6.97 -26.47
C LEU S 41 92.07 -7.20 -27.95
N ARG S 42 92.79 -8.12 -28.58
CA ARG S 42 92.55 -8.39 -30.00
C ARG S 42 91.16 -8.96 -30.23
N VAL S 43 90.74 -9.90 -29.39
CA VAL S 43 89.42 -10.49 -29.57
C VAL S 43 88.32 -9.49 -29.24
N GLY S 44 88.44 -8.80 -28.11
CA GLY S 44 87.39 -7.92 -27.65
C GLY S 44 87.57 -6.45 -27.98
N GLY S 45 88.72 -6.05 -28.49
CA GLY S 45 88.89 -4.65 -28.82
C GLY S 45 89.00 -3.78 -27.57
N GLU S 46 88.58 -2.53 -27.74
CA GLU S 46 88.53 -1.58 -26.63
C GLU S 46 87.27 -1.72 -25.81
N ALA S 47 86.36 -2.63 -26.19
CA ALA S 47 85.16 -2.83 -25.39
C ALA S 47 85.51 -3.34 -23.99
N MET S 48 86.47 -4.25 -23.90
CA MET S 48 86.93 -4.80 -22.63
C MET S 48 88.41 -4.46 -22.47
N ARG S 49 88.66 -3.24 -22.00
CA ARG S 49 89.98 -2.80 -21.55
C ARG S 49 90.24 -3.20 -20.10
N PRO S 50 89.25 -3.15 -19.20
CA PRO S 50 89.51 -3.59 -17.82
C PRO S 50 90.14 -4.97 -17.72
N TYR S 51 89.75 -5.93 -18.55
CA TYR S 51 90.26 -7.28 -18.40
C TYR S 51 91.74 -7.36 -18.76
N ALA S 52 92.19 -6.59 -19.74
CA ALA S 52 93.61 -6.55 -20.03
C ALA S 52 94.41 -6.01 -18.85
N GLU S 53 93.88 -4.96 -18.20
CA GLU S 53 94.56 -4.43 -17.03
C GLU S 53 94.56 -5.43 -15.88
N MET S 54 93.45 -6.15 -15.69
CA MET S 54 93.40 -7.15 -14.63
C MET S 54 94.40 -8.27 -14.88
N VAL S 55 94.50 -8.74 -16.12
CA VAL S 55 95.48 -9.77 -16.45
C VAL S 55 96.89 -9.25 -16.22
N ARG S 56 97.17 -8.02 -16.64
CA ARG S 56 98.52 -7.49 -16.49
C ARG S 56 98.90 -7.30 -15.01
N HIS S 57 97.96 -6.81 -14.19
CA HIS S 57 98.23 -6.67 -12.77
C HIS S 57 98.38 -8.01 -12.07
N LEU S 58 97.59 -9.02 -12.44
CA LEU S 58 97.77 -10.33 -11.82
C LEU S 58 99.10 -10.96 -12.25
N GLY S 59 99.53 -10.73 -13.48
CA GLY S 59 100.87 -11.13 -13.85
C GLY S 59 101.93 -10.44 -13.02
N GLU S 60 101.75 -9.14 -12.78
CA GLU S 60 102.69 -8.40 -11.94
C GLU S 60 102.72 -8.91 -10.51
N ALA S 61 101.55 -9.20 -9.94
CA ALA S 61 101.49 -9.74 -8.58
C ALA S 61 102.18 -11.10 -8.50
N ALA S 62 101.96 -11.95 -9.51
CA ALA S 62 102.61 -13.25 -9.53
C ALA S 62 104.13 -13.12 -9.59
N VAL S 63 104.63 -12.24 -10.46
CA VAL S 63 106.09 -12.12 -10.55
C VAL S 63 106.66 -11.46 -9.29
N ALA S 64 105.90 -10.56 -8.67
CA ALA S 64 106.31 -10.03 -7.38
C ALA S 64 106.46 -11.14 -6.35
N ALA S 65 105.48 -12.04 -6.28
CA ALA S 65 105.56 -13.15 -5.35
C ALA S 65 106.75 -14.06 -5.65
N LEU S 66 106.99 -14.34 -6.93
CA LEU S 66 108.14 -15.16 -7.28
C LEU S 66 109.47 -14.46 -7.03
N GLU S 67 109.48 -13.12 -6.91
CA GLU S 67 110.73 -12.41 -6.69
C GLU S 67 110.77 -11.74 -5.32
N GLY S 68 110.43 -12.49 -4.28
CA GLY S 68 110.36 -11.94 -2.94
C GLY S 68 108.97 -11.40 -2.65
N ARG S 69 108.92 -10.48 -1.70
CA ARG S 69 107.73 -9.67 -1.42
C ARG S 69 106.55 -10.50 -0.90
N ALA S 70 105.71 -9.85 -0.10
CA ALA S 70 104.40 -10.40 0.28
C ALA S 70 103.32 -9.34 0.36
N GLU S 71 103.67 -8.06 0.45
CA GLU S 71 102.74 -6.96 0.61
C GLU S 71 102.33 -6.36 -0.73
N GLU S 72 103.25 -6.29 -1.68
CA GLU S 72 102.90 -5.85 -3.02
C GLU S 72 101.90 -6.79 -3.67
N ALA S 73 102.08 -8.09 -3.47
CA ALA S 73 101.10 -9.06 -3.96
C ALA S 73 99.74 -8.82 -3.31
N ASP S 74 99.72 -8.59 -2.00
CA ASP S 74 98.48 -8.26 -1.31
C ASP S 74 97.79 -7.05 -1.94
N ARG S 75 98.56 -5.97 -2.15
CA ARG S 75 97.97 -4.74 -2.67
C ARG S 75 97.45 -4.93 -4.09
N LEU S 76 98.23 -5.59 -4.94
CA LEU S 76 97.80 -5.77 -6.33
C LEU S 76 96.57 -6.65 -6.41
N VAL S 77 96.51 -7.71 -5.61
CA VAL S 77 95.34 -8.59 -5.63
C VAL S 77 94.12 -7.83 -5.12
N ARG S 78 94.29 -6.97 -4.13
CA ARG S 78 93.16 -6.15 -3.66
C ARG S 78 92.70 -5.16 -4.73
N ASP S 79 93.64 -4.58 -5.47
CA ASP S 79 93.28 -3.67 -6.56
C ASP S 79 92.51 -4.40 -7.65
N VAL S 80 92.97 -5.59 -8.03
CA VAL S 80 92.27 -6.38 -9.03
C VAL S 80 90.90 -6.80 -8.51
N LEU S 81 90.79 -7.07 -7.21
CA LEU S 81 89.49 -7.38 -6.63
C LEU S 81 88.55 -6.20 -6.77
N GLU S 82 89.06 -4.98 -6.56
CA GLU S 82 88.23 -3.79 -6.74
C GLU S 82 87.79 -3.64 -8.19
N MET S 83 88.70 -3.89 -9.14
CA MET S 83 88.32 -3.83 -10.55
C MET S 83 87.22 -4.83 -10.86
N ALA S 84 87.35 -6.06 -10.35
CA ALA S 84 86.32 -7.06 -10.57
C ALA S 84 85.00 -6.64 -9.95
N ARG S 85 85.06 -5.99 -8.78
CA ARG S 85 83.84 -5.49 -8.16
C ARG S 85 83.13 -4.46 -9.04
N GLU S 86 83.90 -3.52 -9.60
CA GLU S 86 83.25 -2.45 -10.35
C GLU S 86 82.76 -2.92 -11.71
N VAL S 87 83.53 -3.77 -12.40
CA VAL S 87 83.14 -4.22 -13.73
C VAL S 87 81.85 -5.03 -13.66
N GLY S 88 81.75 -5.94 -12.69
CA GLY S 88 80.61 -6.82 -12.57
C GLY S 88 80.97 -8.29 -12.57
N ALA S 89 82.25 -8.65 -12.67
CA ALA S 89 82.65 -10.05 -12.64
C ALA S 89 82.46 -10.60 -11.23
N GLU S 90 81.53 -11.55 -11.09
CA GLU S 90 81.21 -12.08 -9.77
C GLU S 90 82.10 -13.26 -9.40
N GLY S 91 82.08 -14.32 -10.20
CA GLY S 91 82.90 -15.49 -9.89
C GLY S 91 84.37 -15.14 -9.85
N LEU S 92 84.81 -14.23 -10.73
CA LEU S 92 86.18 -13.77 -10.69
C LEU S 92 86.47 -13.05 -9.38
N ALA S 93 85.52 -12.26 -8.88
CA ALA S 93 85.72 -11.59 -7.60
C ALA S 93 85.86 -12.61 -6.47
N ARG S 94 85.01 -13.64 -6.46
CA ARG S 94 85.12 -14.66 -5.43
C ARG S 94 86.48 -15.35 -5.48
N LEU S 95 86.90 -15.75 -6.68
CA LEU S 95 88.18 -16.43 -6.80
C LEU S 95 89.31 -15.50 -6.41
N LEU S 96 89.16 -14.20 -6.61
CA LEU S 96 90.21 -13.27 -6.23
C LEU S 96 90.31 -13.11 -4.71
N GLU S 97 89.16 -13.10 -4.03
CA GLU S 97 89.21 -13.10 -2.56
C GLU S 97 89.88 -14.36 -2.04
N ARG S 98 89.51 -15.52 -2.59
CA ARG S 98 90.14 -16.77 -2.18
C ARG S 98 91.65 -16.75 -2.46
N VAL S 99 92.02 -16.23 -3.62
CA VAL S 99 93.43 -16.09 -3.97
C VAL S 99 94.14 -15.23 -2.95
N HIS S 100 93.49 -14.14 -2.52
CA HIS S 100 94.09 -13.23 -1.55
C HIS S 100 94.38 -13.94 -0.23
N ARG S 101 93.38 -14.61 0.33
CA ARG S 101 93.55 -15.26 1.63
C ARG S 101 94.60 -16.36 1.58
N GLU S 102 94.49 -17.27 0.61
CA GLU S 102 95.49 -18.34 0.52
C GLU S 102 96.87 -17.81 0.16
N ALA S 103 96.96 -16.73 -0.61
CA ALA S 103 98.26 -16.14 -0.87
C ALA S 103 98.89 -15.67 0.42
N ARG S 104 98.11 -15.01 1.27
CA ARG S 104 98.62 -14.58 2.56
C ARG S 104 99.12 -15.76 3.40
N GLU S 105 98.30 -16.81 3.49
CA GLU S 105 98.67 -17.97 4.31
C GLU S 105 99.95 -18.62 3.81
N LEU S 106 100.01 -18.90 2.50
CA LEU S 106 101.16 -19.60 1.95
C LEU S 106 102.41 -18.73 1.98
N LEU S 107 102.25 -17.42 1.85
CA LEU S 107 103.42 -16.54 1.95
C LEU S 107 103.92 -16.47 3.39
N ARG S 108 103.01 -16.53 4.36
CA ARG S 108 103.44 -16.62 5.76
C ARG S 108 104.19 -17.92 6.00
N GLU S 109 103.72 -19.03 5.42
CA GLU S 109 104.41 -20.31 5.57
C GLU S 109 105.72 -20.36 4.80
N GLY S 110 106.01 -19.37 3.95
CA GLY S 110 107.26 -19.32 3.24
C GLY S 110 107.28 -20.00 1.88
N ARG S 111 106.20 -20.65 1.48
CA ARG S 111 106.11 -21.29 0.18
C ARG S 111 105.69 -20.27 -0.86
N ARG S 112 106.47 -20.14 -1.93
CA ARG S 112 106.27 -19.09 -2.92
C ARG S 112 105.67 -19.59 -4.22
N GLU S 113 106.05 -20.79 -4.67
CA GLU S 113 105.61 -21.26 -5.98
C GLU S 113 104.10 -21.41 -6.04
N GLU S 114 103.49 -21.95 -4.99
CA GLU S 114 102.06 -22.21 -5.03
C GLU S 114 101.23 -20.93 -4.97
N ALA S 115 101.71 -19.89 -4.28
CA ALA S 115 101.00 -18.62 -4.27
C ALA S 115 100.98 -17.99 -5.66
N ALA S 116 102.14 -17.98 -6.33
CA ALA S 116 102.17 -17.54 -7.72
C ALA S 116 101.33 -18.42 -8.61
N ALA S 117 101.22 -19.71 -8.28
CA ALA S 117 100.36 -20.60 -9.04
C ALA S 117 98.91 -20.19 -8.92
N LEU S 118 98.47 -19.87 -7.70
CA LEU S 118 97.10 -19.37 -7.52
C LEU S 118 96.88 -18.07 -8.28
N VAL S 119 97.88 -17.18 -8.25
CA VAL S 119 97.73 -15.90 -8.94
C VAL S 119 97.65 -16.11 -10.45
N LEU S 120 98.48 -17.00 -11.01
CA LEU S 120 98.44 -17.28 -12.43
C LEU S 120 97.11 -17.91 -12.84
N ALA S 121 96.58 -18.81 -12.01
CA ALA S 121 95.27 -19.36 -12.28
C ALA S 121 94.21 -18.26 -12.29
N ALA S 122 94.34 -17.28 -11.38
CA ALA S 122 93.40 -16.16 -11.36
C ALA S 122 93.48 -15.32 -12.63
N ALA S 123 94.71 -15.05 -13.08
CA ALA S 123 94.89 -14.27 -14.31
C ALA S 123 94.32 -14.99 -15.51
N LEU S 124 94.55 -16.30 -15.60
CA LEU S 124 93.99 -17.09 -16.68
C LEU S 124 92.48 -17.11 -16.63
N ALA S 125 91.90 -17.21 -15.43
CA ALA S 125 90.45 -17.15 -15.32
C ALA S 125 89.92 -15.82 -15.85
N ALA S 126 90.58 -14.71 -15.49
CA ALA S 126 90.14 -13.39 -15.96
C ALA S 126 90.22 -13.28 -17.48
N GLY S 127 91.37 -13.65 -18.04
CA GLY S 127 91.54 -13.55 -19.49
C GLY S 127 90.58 -14.44 -20.25
N ALA S 128 90.43 -15.69 -19.81
CA ALA S 128 89.53 -16.61 -20.49
C ALA S 128 88.08 -16.18 -20.35
N VAL S 129 87.72 -15.58 -19.22
CA VAL S 129 86.37 -15.04 -19.07
C VAL S 129 86.14 -13.92 -20.08
N ALA S 130 87.10 -13.02 -20.23
CA ALA S 130 86.96 -11.95 -21.21
C ALA S 130 86.80 -12.50 -22.62
N VAL S 131 87.67 -13.43 -23.00
CA VAL S 131 87.63 -13.94 -24.37
C VAL S 131 86.35 -14.72 -24.63
N ALA S 132 85.90 -15.50 -23.65
CA ALA S 132 84.66 -16.26 -23.82
C ALA S 132 83.46 -15.34 -23.96
N GLU S 133 83.40 -14.27 -23.15
CA GLU S 133 82.31 -13.33 -23.30
C GLU S 133 82.35 -12.63 -24.66
N ALA S 134 83.55 -12.32 -25.14
CA ALA S 134 83.66 -11.73 -26.47
C ALA S 134 83.15 -12.67 -27.55
N TYR S 135 83.52 -13.96 -27.45
CA TYR S 135 83.05 -14.95 -28.43
C TYR S 135 81.53 -15.08 -28.38
N VAL S 136 80.96 -15.05 -27.18
CA VAL S 136 79.50 -15.18 -27.06
C VAL S 136 78.80 -13.94 -27.63
N ARG S 137 79.38 -12.76 -27.42
CA ARG S 137 78.72 -11.53 -27.89
C ARG S 137 78.60 -11.50 -29.40
N LEU S 138 79.65 -11.88 -30.12
CA LEU S 138 79.60 -11.88 -31.58
C LEU S 138 79.17 -13.23 -32.15
N GLY S 139 78.62 -14.11 -31.33
CA GLY S 139 77.95 -15.32 -31.80
C GLY S 139 78.79 -16.36 -32.52
N GLN S 140 79.99 -16.64 -32.03
CA GLN S 140 80.78 -17.70 -32.63
C GLN S 140 80.37 -19.06 -32.05
N PRO S 141 80.61 -20.14 -32.79
CA PRO S 141 80.15 -21.45 -32.34
C PRO S 141 80.92 -21.93 -31.12
N ILE S 142 80.32 -22.91 -30.44
CA ILE S 142 80.82 -23.39 -29.17
C ILE S 142 82.10 -24.23 -29.31
N ARG S 143 82.34 -24.83 -30.48
CA ARG S 143 83.58 -25.57 -30.67
C ARG S 143 84.80 -24.69 -30.41
N LEU S 144 84.75 -23.44 -30.86
CA LEU S 144 85.89 -22.55 -30.68
C LEU S 144 86.12 -22.21 -29.22
N ILE S 145 85.05 -21.95 -28.46
CA ILE S 145 85.21 -21.70 -27.03
C ILE S 145 85.80 -22.92 -26.34
N ALA S 146 85.27 -24.12 -26.64
CA ALA S 146 85.75 -25.32 -25.99
C ALA S 146 87.22 -25.59 -26.31
N GLU S 147 87.60 -25.46 -27.58
CA GLU S 147 88.98 -25.72 -27.97
C GLU S 147 89.92 -24.68 -27.38
N TYR S 148 89.50 -23.41 -27.38
CA TYR S 148 90.32 -22.36 -26.79
C TYR S 148 90.58 -22.61 -25.31
N VAL S 149 89.51 -22.87 -24.55
CA VAL S 149 89.65 -23.08 -23.12
C VAL S 149 90.52 -24.30 -22.84
N ALA S 150 90.28 -25.40 -23.55
CA ALA S 150 91.06 -26.61 -23.31
C ALA S 150 92.54 -26.39 -23.59
N GLU S 151 92.86 -25.68 -24.68
CA GLU S 151 94.26 -25.48 -25.01
C GLU S 151 94.93 -24.54 -24.00
N ARG S 152 94.22 -23.53 -23.53
CA ARG S 152 94.78 -22.66 -22.51
C ARG S 152 95.03 -23.42 -21.21
N LEU S 153 94.11 -24.32 -20.84
CA LEU S 153 94.32 -25.13 -19.64
C LEU S 153 95.54 -26.01 -19.80
N VAL S 154 95.73 -26.60 -20.98
CA VAL S 154 96.91 -27.44 -21.18
C VAL S 154 98.19 -26.62 -21.06
N GLU S 155 98.20 -25.41 -21.63
CA GLU S 155 99.38 -24.55 -21.53
C GLU S 155 99.67 -24.17 -20.07
N LEU S 156 98.63 -23.82 -19.33
CA LEU S 156 98.81 -23.48 -17.92
C LEU S 156 99.33 -24.67 -17.12
N ALA S 157 98.79 -25.86 -17.38
CA ALA S 157 99.27 -27.05 -16.69
C ALA S 157 100.73 -27.31 -17.00
N GLU S 158 101.14 -27.08 -18.24
CA GLU S 158 102.54 -27.22 -18.59
C GLU S 158 103.40 -26.23 -17.82
N LEU S 159 102.94 -24.98 -17.72
CA LEU S 159 103.70 -23.98 -16.95
C LEU S 159 103.81 -24.36 -15.49
N LEU S 160 102.69 -24.76 -14.87
CA LEU S 160 102.72 -25.12 -13.46
C LEU S 160 103.58 -26.35 -13.22
N ARG S 161 103.63 -27.28 -14.18
CA ARG S 161 104.57 -28.37 -14.08
C ARG S 161 106.01 -27.87 -14.12
N ARG S 162 106.26 -26.84 -14.95
CA ARG S 162 107.60 -26.28 -14.99
C ARG S 162 107.99 -25.63 -13.67
N LEU S 163 107.07 -24.93 -13.03
CA LEU S 163 107.38 -24.26 -11.77
C LEU S 163 107.74 -25.27 -10.68
N GLY S 164 106.89 -26.25 -10.45
CA GLY S 164 107.15 -27.25 -9.43
C GLY S 164 105.96 -27.59 -8.55
N VAL S 165 104.80 -27.05 -8.88
CA VAL S 165 103.60 -27.34 -8.09
C VAL S 165 103.25 -28.83 -8.22
N PRO S 166 102.82 -29.50 -7.16
CA PRO S 166 102.39 -30.89 -7.29
C PRO S 166 101.14 -31.03 -8.15
N LEU S 167 101.02 -32.21 -8.77
CA LEU S 167 100.05 -32.41 -9.84
C LEU S 167 98.61 -32.27 -9.35
N ARG S 168 98.31 -32.77 -8.16
CA ARG S 168 96.93 -32.70 -7.67
C ARG S 168 96.49 -31.26 -7.48
N ARG S 169 97.39 -30.41 -6.99
CA ARG S 169 97.08 -28.98 -6.91
C ARG S 169 96.89 -28.40 -8.31
N ILE S 170 97.68 -28.86 -9.28
CA ILE S 170 97.49 -28.42 -10.66
C ILE S 170 96.07 -28.70 -11.10
N ILE S 171 95.59 -29.92 -10.87
CA ILE S 171 94.26 -30.29 -11.35
C ILE S 171 93.20 -29.49 -10.60
N ARG S 172 93.42 -29.24 -9.31
CA ARG S 172 92.46 -28.46 -8.54
C ARG S 172 92.36 -27.03 -9.06
N LEU S 173 93.50 -26.40 -9.37
CA LEU S 173 93.47 -25.05 -9.92
C LEU S 173 92.80 -25.02 -11.29
N LEU S 174 93.09 -26.03 -12.13
CA LEU S 174 92.47 -26.08 -13.45
C LEU S 174 90.96 -26.21 -13.34
N GLU S 175 90.48 -27.02 -12.40
CA GLU S 175 89.05 -27.11 -12.19
C GLU S 175 88.45 -25.81 -11.69
N GLU S 176 89.18 -25.07 -10.85
CA GLU S 176 88.68 -23.75 -10.43
C GLU S 176 88.55 -22.81 -11.62
N VAL S 177 89.55 -22.81 -12.50
CA VAL S 177 89.49 -21.99 -13.71
C VAL S 177 88.28 -22.37 -14.54
N LEU S 178 88.06 -23.67 -14.71
CA LEU S 178 86.91 -24.12 -15.50
C LEU S 178 85.60 -23.72 -14.86
N ARG S 179 85.53 -23.75 -13.53
CA ARG S 179 84.30 -23.35 -12.84
C ARG S 179 84.01 -21.88 -13.07
N VAL S 180 85.03 -21.03 -12.99
CA VAL S 180 84.83 -19.61 -13.26
C VAL S 180 84.38 -19.38 -14.69
N VAL S 181 85.00 -20.08 -15.65
CA VAL S 181 84.64 -19.93 -17.04
C VAL S 181 83.19 -20.36 -17.27
N ALA S 182 82.78 -21.47 -16.65
CA ALA S 182 81.41 -21.93 -16.80
C ALA S 182 80.43 -20.92 -16.20
N GLU S 183 80.77 -20.33 -15.06
CA GLU S 183 79.90 -19.30 -14.49
C GLU S 183 79.79 -18.10 -15.41
N ALA S 184 80.91 -17.68 -16.01
CA ALA S 184 80.88 -16.56 -16.94
C ALA S 184 79.99 -16.85 -18.13
N LEU S 185 80.13 -18.05 -18.71
CA LEU S 185 79.29 -18.43 -19.83
C LEU S 185 77.82 -18.52 -19.45
N ARG S 186 77.53 -18.95 -18.23
CA ARG S 186 76.15 -18.98 -17.77
C ARG S 186 75.58 -17.57 -17.68
N ARG S 187 76.37 -16.62 -17.18
CA ARG S 187 75.89 -15.24 -17.07
C ARG S 187 75.64 -14.61 -18.44
N ALA S 188 76.33 -15.10 -19.47
CA ALA S 188 76.14 -14.58 -20.82
C ALA S 188 74.97 -15.22 -21.55
N GLY S 189 74.23 -16.11 -20.89
CA GLY S 189 73.07 -16.71 -21.48
C GLY S 189 73.31 -17.97 -22.30
N VAL S 190 74.53 -18.50 -22.31
CA VAL S 190 74.80 -19.73 -23.05
C VAL S 190 74.00 -20.87 -22.43
N PRO S 191 73.30 -21.68 -23.23
CA PRO S 191 72.48 -22.75 -22.65
C PRO S 191 73.33 -23.78 -21.93
N GLU S 192 72.74 -24.40 -20.91
CA GLU S 192 73.49 -25.30 -20.04
C GLU S 192 74.15 -26.46 -20.77
N PRO S 193 73.49 -27.17 -21.69
CA PRO S 193 74.18 -28.29 -22.37
C PRO S 193 75.47 -27.87 -23.07
N GLU S 194 75.53 -26.66 -23.61
CA GLU S 194 76.78 -26.22 -24.22
C GLU S 194 77.87 -26.00 -23.17
N ILE S 195 77.49 -25.53 -21.98
CA ILE S 195 78.46 -25.40 -20.90
C ILE S 195 79.00 -26.77 -20.50
N ARG S 196 78.12 -27.76 -20.41
CA ARG S 196 78.56 -29.11 -20.09
C ARG S 196 79.47 -29.66 -21.18
N LYS S 197 79.17 -29.35 -22.44
CA LYS S 197 80.04 -29.75 -23.54
C LYS S 197 81.43 -29.13 -23.37
N VAL S 198 81.46 -27.85 -22.99
CA VAL S 198 82.75 -27.18 -22.79
C VAL S 198 83.55 -27.90 -21.72
N GLU S 199 82.93 -28.15 -20.56
CA GLU S 199 83.66 -28.77 -19.46
C GLU S 199 84.09 -30.19 -19.79
N ALA S 200 83.21 -30.97 -20.43
CA ALA S 200 83.56 -32.35 -20.77
C ALA S 200 84.71 -32.39 -21.76
N ALA S 201 84.70 -31.49 -22.75
CA ALA S 201 85.82 -31.42 -23.67
C ALA S 201 87.10 -31.07 -22.94
N ALA S 202 87.01 -30.16 -21.96
CA ALA S 202 88.19 -29.80 -21.19
C ALA S 202 88.75 -30.98 -20.41
N TYR S 203 87.87 -31.75 -19.77
CA TYR S 203 88.33 -32.91 -18.99
C TYR S 203 88.92 -33.99 -19.88
N ILE S 204 88.32 -34.24 -21.05
CA ILE S 204 88.89 -35.25 -21.95
C ILE S 204 90.24 -34.80 -22.49
N ARG S 205 90.37 -33.50 -22.78
CA ARG S 205 91.67 -33.00 -23.21
C ARG S 205 92.72 -33.15 -22.12
N LEU S 206 92.35 -32.83 -20.87
CA LEU S 206 93.28 -32.96 -19.76
C LEU S 206 93.67 -34.41 -19.51
N ALA S 207 92.69 -35.32 -19.58
CA ALA S 207 92.98 -36.73 -19.40
C ALA S 207 93.92 -37.24 -20.49
N ALA S 208 93.69 -36.83 -21.74
CA ALA S 208 94.58 -37.24 -22.83
C ALA S 208 95.98 -36.68 -22.61
N TYR S 209 96.08 -35.42 -22.17
CA TYR S 209 97.38 -34.82 -21.92
C TYR S 209 98.14 -35.58 -20.84
N LEU S 210 97.46 -35.94 -19.75
CA LEU S 210 98.11 -36.71 -18.69
C LEU S 210 98.53 -38.08 -19.19
N LEU S 211 97.67 -38.74 -19.96
CA LEU S 211 97.97 -40.10 -20.41
C LEU S 211 99.14 -40.11 -21.39
N ARG S 212 99.35 -39.03 -22.14
CA ARG S 212 100.41 -39.06 -23.13
C ARG S 212 101.80 -39.08 -22.50
N GLN S 213 101.95 -38.47 -21.33
CA GLN S 213 103.27 -38.45 -20.69
C GLN S 213 103.73 -39.85 -20.29
N LEU S 214 102.80 -40.67 -19.79
CA LEU S 214 103.13 -42.04 -19.42
C LEU S 214 103.42 -42.92 -20.61
N GLY S 215 103.11 -42.47 -21.83
CA GLY S 215 103.41 -43.25 -23.00
C GLY S 215 102.27 -44.14 -23.44
N TYR S 216 101.05 -43.61 -23.39
CA TYR S 216 99.86 -44.31 -23.89
C TYR S 216 99.32 -43.49 -25.04
N GLU S 217 99.91 -43.68 -26.23
CA GLU S 217 99.51 -42.88 -27.38
C GLU S 217 98.17 -43.33 -27.93
N ALA S 218 97.94 -44.64 -28.00
CA ALA S 218 96.68 -45.14 -28.53
C ALA S 218 95.49 -44.67 -27.69
N LEU S 219 95.64 -44.74 -26.37
CA LEU S 219 94.57 -44.28 -25.47
C LEU S 219 94.25 -42.81 -25.69
N ALA S 220 95.29 -41.97 -25.80
CA ALA S 220 95.05 -40.55 -26.00
C ALA S 220 94.41 -40.27 -27.35
N LYS S 221 94.83 -40.99 -28.40
CA LYS S 221 94.20 -40.83 -29.69
C LYS S 221 92.73 -41.17 -29.66
N ARG S 222 92.37 -42.28 -29.00
CA ARG S 222 90.96 -42.65 -28.95
C ARG S 222 90.14 -41.66 -28.13
N LEU S 223 90.73 -41.14 -27.05
CA LEU S 223 90.03 -40.12 -26.26
C LEU S 223 89.79 -38.87 -27.08
N LEU S 224 90.77 -38.47 -27.89
CA LEU S 224 90.59 -37.26 -28.68
C LEU S 224 89.64 -37.49 -29.85
N GLU S 225 89.58 -38.71 -30.38
CA GLU S 225 88.53 -39.04 -31.34
C GLU S 225 87.15 -38.90 -30.73
N ALA S 226 86.98 -39.40 -29.51
CA ALA S 226 85.72 -39.23 -28.81
C ALA S 226 85.40 -37.75 -28.61
N ARG S 227 86.40 -36.95 -28.27
CA ARG S 227 86.17 -35.52 -28.10
C ARG S 227 85.74 -34.86 -29.41
N GLU S 228 86.38 -35.25 -30.52
CA GLU S 228 85.98 -34.70 -31.81
C GLU S 228 84.54 -35.04 -32.13
N LEU S 229 84.15 -36.29 -31.88
CA LEU S 229 82.74 -36.64 -32.09
C LEU S 229 81.83 -35.87 -31.16
N LEU S 230 82.30 -35.51 -29.96
CA LEU S 230 81.44 -34.78 -29.05
C LEU S 230 81.22 -33.35 -29.51
N LEU S 231 82.30 -32.67 -29.93
CA LEU S 231 82.19 -31.26 -30.30
C LEU S 231 81.37 -31.05 -31.57
N GLU S 232 81.20 -32.10 -32.38
CA GLU S 232 80.41 -32.03 -33.60
C GLU S 232 78.92 -32.22 -33.36
N GLY S 233 78.50 -32.43 -32.13
CA GLY S 233 77.11 -32.65 -31.82
C GLY S 233 76.68 -34.09 -31.75
N ARG S 234 77.52 -35.03 -32.21
CA ARG S 234 77.22 -36.45 -32.12
C ARG S 234 77.51 -36.92 -30.70
N VAL S 235 76.54 -36.72 -29.82
CA VAL S 235 76.73 -37.06 -28.41
C VAL S 235 76.75 -38.57 -28.22
N GLU S 236 75.90 -39.29 -28.94
CA GLU S 236 75.73 -40.72 -28.69
C GLU S 236 76.96 -41.51 -29.08
N GLU S 237 77.53 -41.23 -30.25
CA GLU S 237 78.76 -41.90 -30.64
C GLU S 237 79.90 -41.51 -29.71
N ALA S 238 79.91 -40.26 -29.24
CA ALA S 238 80.91 -39.84 -28.27
C ALA S 238 80.83 -40.66 -27.00
N ALA S 239 79.63 -40.81 -26.45
CA ALA S 239 79.47 -41.56 -25.21
C ALA S 239 79.81 -43.04 -25.41
N HIS S 240 79.42 -43.63 -26.54
CA HIS S 240 79.72 -45.04 -26.77
C HIS S 240 81.24 -45.26 -26.90
N LEU S 241 81.90 -44.44 -27.70
CA LEU S 241 83.35 -44.61 -27.88
C LEU S 241 84.11 -44.30 -26.59
N LEU S 242 83.61 -43.31 -25.83
CA LEU S 242 84.22 -43.01 -24.54
C LEU S 242 84.08 -44.17 -23.57
N GLU S 243 82.90 -44.80 -23.52
CA GLU S 243 82.72 -45.93 -22.61
C GLU S 243 83.59 -47.11 -23.02
N ASP S 244 83.79 -47.33 -24.32
CA ASP S 244 84.66 -48.42 -24.74
C ASP S 244 86.11 -48.17 -24.31
N VAL S 245 86.62 -46.97 -24.59
CA VAL S 245 88.00 -46.69 -24.21
C VAL S 245 88.15 -46.69 -22.69
N TYR S 246 87.15 -46.21 -21.96
CA TYR S 246 87.21 -46.22 -20.51
C TYR S 246 87.21 -47.64 -19.96
N ALA S 247 86.43 -48.54 -20.56
CA ALA S 247 86.43 -49.92 -20.10
C ALA S 247 87.79 -50.56 -20.29
N LEU S 248 88.42 -50.35 -21.45
CA LEU S 248 89.75 -50.91 -21.65
C LEU S 248 90.75 -50.32 -20.66
N PHE S 249 90.68 -49.00 -20.46
CA PHE S 249 91.59 -48.33 -19.54
C PHE S 249 91.40 -48.82 -18.11
N HIS S 250 90.16 -49.03 -17.69
CA HIS S 250 89.90 -49.45 -16.33
C HIS S 250 90.35 -50.88 -16.10
N ARG S 251 90.19 -51.74 -17.10
CA ARG S 251 90.78 -53.07 -16.99
C ARG S 251 92.28 -52.99 -16.83
N GLU S 252 92.92 -52.10 -17.59
CA GLU S 252 94.37 -51.94 -17.46
C GLU S 252 94.75 -51.43 -16.07
N ILE S 253 93.95 -50.52 -15.51
CA ILE S 253 94.22 -50.01 -14.16
C ILE S 253 94.09 -51.13 -13.13
N GLU S 254 92.99 -51.90 -13.20
CA GLU S 254 92.80 -53.00 -12.27
C GLU S 254 93.85 -54.08 -12.44
N ARG S 255 94.51 -54.14 -13.60
CA ARG S 255 95.59 -55.10 -13.79
C ARG S 255 96.72 -54.85 -12.79
N LEU S 256 97.04 -53.59 -12.54
CA LEU S 256 98.17 -53.25 -11.68
C LEU S 256 97.86 -53.36 -10.19
N GLY S 257 96.62 -53.66 -9.82
CA GLY S 257 96.31 -53.96 -8.43
C GLY S 257 96.44 -52.73 -7.54
N PHE S 258 97.15 -52.89 -6.43
CA PHE S 258 97.41 -51.81 -5.49
C PHE S 258 98.76 -51.15 -5.77
N GLU S 259 98.90 -50.69 -7.01
CA GLU S 259 100.07 -49.95 -7.46
C GLU S 259 99.73 -49.33 -8.81
N ALA S 260 100.02 -48.04 -8.97
CA ALA S 260 99.82 -47.33 -10.22
C ALA S 260 100.40 -45.92 -10.13
N PRO S 261 101.02 -45.42 -11.19
CA PRO S 261 101.52 -44.04 -11.15
C PRO S 261 100.39 -43.06 -10.87
N GLU S 262 100.75 -41.93 -10.26
CA GLU S 262 99.74 -40.99 -9.82
C GLU S 262 98.94 -40.42 -10.97
N GLU S 263 99.57 -40.24 -12.13
CA GLU S 263 98.86 -39.67 -13.27
C GLU S 263 97.74 -40.59 -13.76
N LEU S 264 97.93 -41.92 -13.69
CA LEU S 264 96.85 -42.83 -13.99
C LEU S 264 95.69 -42.64 -13.02
N ARG S 265 95.99 -42.48 -11.73
CA ARG S 265 94.95 -42.29 -10.74
C ARG S 265 94.17 -41.02 -10.98
N VAL S 266 94.86 -39.94 -11.34
CA VAL S 266 94.16 -38.67 -11.61
C VAL S 266 93.34 -38.77 -12.88
N ALA S 267 93.90 -39.41 -13.92
CA ALA S 267 93.18 -39.58 -15.17
C ALA S 267 91.92 -40.39 -14.98
N ASP S 268 91.94 -41.36 -14.07
CA ASP S 268 90.73 -42.15 -13.80
C ASP S 268 89.59 -41.26 -13.33
N LEU S 269 89.86 -40.36 -12.38
CA LEU S 269 88.81 -39.48 -11.89
C LEU S 269 88.39 -38.47 -12.96
N LEU S 270 89.34 -37.99 -13.75
CA LEU S 270 89.01 -37.06 -14.82
C LEU S 270 88.08 -37.70 -15.84
N LEU S 271 88.40 -38.94 -16.25
CA LEU S 271 87.56 -39.67 -17.18
C LEU S 271 86.18 -39.95 -16.62
N ALA S 272 86.10 -40.30 -15.33
CA ALA S 272 84.80 -40.52 -14.71
C ALA S 272 83.96 -39.26 -14.77
N ARG S 273 84.55 -38.10 -14.46
CA ARG S 273 83.79 -36.86 -14.50
C ARG S 273 83.38 -36.49 -15.91
N ALA S 274 84.26 -36.72 -16.89
CA ALA S 274 83.91 -36.46 -18.28
C ALA S 274 82.72 -37.30 -18.71
N ILE S 275 82.72 -38.58 -18.35
CA ILE S 275 81.62 -39.46 -18.69
C ILE S 275 80.33 -39.00 -18.02
N ALA S 276 80.42 -38.60 -16.75
CA ALA S 276 79.22 -38.12 -16.07
C ALA S 276 78.65 -36.89 -16.74
N LEU S 277 79.51 -35.94 -17.12
CA LEU S 277 79.04 -34.73 -17.77
C LEU S 277 78.41 -35.02 -19.12
N ILE S 278 79.04 -35.90 -19.91
CA ILE S 278 78.48 -36.24 -21.21
C ILE S 278 77.12 -36.90 -21.06
N LYS S 279 77.00 -37.81 -20.09
CA LYS S 279 75.71 -38.46 -19.84
C LYS S 279 74.66 -37.45 -19.39
N ALA S 280 75.07 -36.41 -18.68
CA ALA S 280 74.10 -35.42 -18.18
C ALA S 280 73.71 -34.37 -19.22
N ILE S 281 74.36 -34.33 -20.38
CA ILE S 281 74.01 -33.38 -21.43
C ILE S 281 72.55 -33.58 -21.85
N THR T 24 97.90 -52.60 35.84
CA THR T 24 97.97 -51.30 35.20
C THR T 24 96.67 -50.98 34.47
N VAL T 25 95.83 -52.01 34.28
CA VAL T 25 94.62 -51.86 33.49
C VAL T 25 93.68 -50.85 34.13
N VAL T 26 93.49 -50.95 35.45
CA VAL T 26 92.63 -49.98 36.14
C VAL T 26 93.25 -48.60 36.09
N GLU T 27 94.58 -48.52 36.15
CA GLU T 27 95.24 -47.23 35.97
C GLU T 27 95.02 -46.68 34.58
N GLU T 28 95.03 -47.56 33.56
CA GLU T 28 94.74 -47.11 32.20
C GLU T 28 93.32 -46.58 32.08
N VAL T 29 92.36 -47.26 32.72
CA VAL T 29 90.98 -46.78 32.67
C VAL T 29 90.85 -45.43 33.38
N ARG T 30 91.49 -45.28 34.54
CA ARG T 30 91.46 -44.00 35.23
C ARG T 30 92.09 -42.90 34.38
N ARG T 31 93.25 -43.18 33.78
CA ARG T 31 93.92 -42.19 32.96
C ARG T 31 93.05 -41.80 31.76
N PHE T 32 92.43 -42.79 31.12
CA PHE T 32 91.55 -42.52 29.98
C PHE T 32 90.40 -41.61 30.38
N ALA T 33 89.74 -41.92 31.51
CA ALA T 33 88.61 -41.13 31.94
C ALA T 33 89.03 -39.71 32.30
N GLU T 34 90.13 -39.56 33.05
CA GLU T 34 90.56 -38.23 33.45
C GLU T 34 91.01 -37.41 32.24
N GLU T 35 91.73 -38.02 31.29
CA GLU T 35 92.15 -37.29 30.10
C GLU T 35 90.95 -36.82 29.30
N LEU T 36 89.94 -37.68 29.13
CA LEU T 36 88.75 -37.27 28.40
C LEU T 36 88.04 -36.12 29.12
N ALA T 37 87.95 -36.20 30.46
CA ALA T 37 87.30 -35.13 31.22
C ALA T 37 88.06 -33.81 31.12
N GLU T 38 89.39 -33.87 31.19
CA GLU T 38 90.20 -32.66 31.05
C GLU T 38 90.02 -32.05 29.66
N GLU T 39 89.98 -32.88 28.62
CA GLU T 39 89.76 -32.36 27.28
C GLU T 39 88.37 -31.74 27.16
N VAL T 40 87.37 -32.35 27.79
CA VAL T 40 86.03 -31.77 27.77
C VAL T 40 86.06 -30.38 28.38
N LEU T 41 86.74 -30.25 29.52
CA LEU T 41 86.81 -28.95 30.19
C LEU T 41 87.60 -27.94 29.39
N ARG T 42 88.70 -28.36 28.77
CA ARG T 42 89.50 -27.43 27.97
C ARG T 42 88.71 -26.91 26.77
N VAL T 43 88.02 -27.81 26.06
CA VAL T 43 87.28 -27.38 24.88
C VAL T 43 86.08 -26.54 25.26
N GLY T 44 85.30 -26.98 26.25
CA GLY T 44 84.08 -26.30 26.60
C GLY T 44 84.14 -25.39 27.80
N GLY T 45 85.25 -25.38 28.53
CA GLY T 45 85.35 -24.49 29.67
C GLY T 45 84.43 -24.90 30.81
N GLU T 46 84.02 -23.89 31.56
CA GLU T 46 83.08 -24.10 32.67
C GLU T 46 81.63 -24.14 32.20
N ALA T 47 81.38 -23.97 30.90
CA ALA T 47 80.02 -24.06 30.40
C ALA T 47 79.43 -25.45 30.65
N MET T 48 80.22 -26.50 30.41
CA MET T 48 79.81 -27.88 30.63
C MET T 48 80.77 -28.51 31.65
N ARG T 49 80.47 -28.27 32.93
CA ARG T 49 81.07 -28.98 34.06
C ARG T 49 80.37 -30.32 34.31
N PRO T 50 79.04 -30.44 34.15
CA PRO T 50 78.41 -31.75 34.36
C PRO T 50 79.04 -32.89 33.58
N TYR T 51 79.45 -32.65 32.33
CA TYR T 51 79.98 -33.74 31.51
C TYR T 51 81.32 -34.24 32.05
N ALA T 52 82.13 -33.34 32.62
CA ALA T 52 83.36 -33.79 33.26
C ALA T 52 83.06 -34.69 34.44
N GLU T 53 82.03 -34.35 35.22
CA GLU T 53 81.64 -35.20 36.35
C GLU T 53 81.12 -36.55 35.87
N MET T 54 80.30 -36.56 34.81
CA MET T 54 79.82 -37.82 34.28
C MET T 54 80.97 -38.70 33.81
N VAL T 55 81.93 -38.12 33.10
CA VAL T 55 83.08 -38.89 32.64
C VAL T 55 83.86 -39.45 33.82
N ARG T 56 84.07 -38.61 34.85
CA ARG T 56 84.90 -39.07 35.97
C ARG T 56 84.21 -40.16 36.78
N HIS T 57 82.90 -40.03 37.02
CA HIS T 57 82.19 -41.10 37.72
C HIS T 57 82.05 -42.36 36.88
N LEU T 58 81.88 -42.25 35.56
CA LEU T 58 81.84 -43.46 34.75
C LEU T 58 83.20 -44.16 34.76
N GLY T 59 84.29 -43.40 34.75
CA GLY T 59 85.59 -44.00 34.95
C GLY T 59 85.72 -44.68 36.30
N GLU T 60 85.17 -44.05 37.34
CA GLU T 60 85.23 -44.66 38.67
C GLU T 60 84.41 -45.95 38.73
N ALA T 61 83.22 -45.95 38.14
CA ALA T 61 82.41 -47.17 38.11
C ALA T 61 83.12 -48.28 37.36
N ALA T 62 83.77 -47.95 36.24
CA ALA T 62 84.50 -48.95 35.49
C ALA T 62 85.65 -49.54 36.30
N VAL T 63 86.41 -48.67 36.98
CA VAL T 63 87.54 -49.21 37.73
C VAL T 63 87.07 -50.00 38.95
N ALA T 64 85.94 -49.60 39.54
CA ALA T 64 85.35 -50.40 40.60
C ALA T 64 84.98 -51.79 40.10
N ALA T 65 84.36 -51.86 38.91
CA ALA T 65 84.00 -53.15 38.34
C ALA T 65 85.23 -54.00 38.06
N LEU T 66 86.30 -53.38 37.55
CA LEU T 66 87.54 -54.12 37.33
C LEU T 66 88.23 -54.53 38.62
N GLU T 67 87.92 -53.88 39.75
CA GLU T 67 88.58 -54.23 41.01
C GLU T 67 87.61 -54.83 42.02
N GLY T 68 86.79 -55.78 41.58
CA GLY T 68 85.79 -56.36 42.44
C GLY T 68 84.47 -55.63 42.31
N ARG T 69 83.66 -55.74 43.36
CA ARG T 69 82.44 -54.94 43.53
C ARG T 69 81.38 -55.22 42.46
N ALA T 70 80.12 -55.02 42.85
CA ALA T 70 79.01 -55.02 41.91
C ALA T 70 77.94 -53.99 42.26
N GLU T 71 77.95 -53.44 43.47
CA GLU T 71 76.96 -52.49 43.95
C GLU T 71 77.40 -51.05 43.78
N GLU T 72 78.70 -50.78 43.97
CA GLU T 72 79.22 -49.44 43.73
C GLU T 72 79.06 -49.06 42.27
N ALA T 73 79.30 -50.01 41.37
CA ALA T 73 79.09 -49.76 39.95
C ALA T 73 77.63 -49.41 39.67
N ASP T 74 76.71 -50.16 40.29
CA ASP T 74 75.28 -49.85 40.17
C ASP T 74 74.98 -48.44 40.63
N ARG T 75 75.49 -48.06 41.80
CA ARG T 75 75.17 -46.75 42.35
C ARG T 75 75.74 -45.63 41.49
N LEU T 76 76.99 -45.77 41.05
CA LEU T 76 77.60 -44.73 40.23
C LEU T 76 76.89 -44.58 38.90
N VAL T 77 76.50 -45.70 38.28
CA VAL T 77 75.80 -45.62 37.01
C VAL T 77 74.42 -44.96 37.21
N ARG T 78 73.76 -45.25 38.33
CA ARG T 78 72.48 -44.60 38.61
C ARG T 78 72.65 -43.10 38.84
N ASP T 79 73.70 -42.70 39.55
CA ASP T 79 73.97 -41.29 39.75
C ASP T 79 74.23 -40.59 38.42
N VAL T 80 75.04 -41.20 37.57
CA VAL T 80 75.34 -40.62 36.26
C VAL T 80 74.08 -40.54 35.41
N LEU T 81 73.21 -41.54 35.54
CA LEU T 81 71.93 -41.47 34.84
C LEU T 81 71.10 -40.30 35.33
N GLU T 82 71.13 -40.03 36.64
CA GLU T 82 70.41 -38.87 37.18
C GLU T 82 70.96 -37.56 36.61
N MET T 83 72.29 -37.43 36.54
CA MET T 83 72.87 -36.23 35.94
C MET T 83 72.45 -36.10 34.48
N ALA T 84 72.50 -37.21 33.74
CA ALA T 84 72.08 -37.17 32.35
C ALA T 84 70.63 -36.74 32.22
N ARG T 85 69.77 -37.20 33.14
CA ARG T 85 68.37 -36.80 33.11
C ARG T 85 68.22 -35.30 33.33
N GLU T 86 68.94 -34.75 34.31
CA GLU T 86 68.73 -33.34 34.62
C GLU T 86 69.34 -32.42 33.56
N VAL T 87 70.52 -32.79 33.03
CA VAL T 87 71.19 -31.94 32.05
C VAL T 87 70.33 -31.82 30.78
N GLY T 88 69.78 -32.93 30.31
CA GLY T 88 69.00 -32.95 29.09
C GLY T 88 69.51 -33.93 28.05
N ALA T 89 70.56 -34.68 28.34
CA ALA T 89 71.08 -35.67 27.40
C ALA T 89 70.12 -36.84 27.31
N GLU T 90 69.54 -37.06 26.13
CA GLU T 90 68.57 -38.13 25.95
C GLU T 90 69.24 -39.44 25.55
N GLY T 91 69.99 -39.43 24.45
CA GLY T 91 70.67 -40.64 24.01
C GLY T 91 71.63 -41.16 25.05
N LEU T 92 72.33 -40.26 25.73
CA LEU T 92 73.23 -40.66 26.79
C LEU T 92 72.47 -41.33 27.93
N ALA T 93 71.31 -40.79 28.29
CA ALA T 93 70.51 -41.40 29.34
C ALA T 93 70.04 -42.81 28.95
N ARG T 94 69.59 -42.97 27.71
CA ARG T 94 69.15 -44.29 27.27
C ARG T 94 70.31 -45.28 27.33
N LEU T 95 71.48 -44.88 26.80
CA LEU T 95 72.61 -45.78 26.83
C LEU T 95 73.01 -46.09 28.27
N LEU T 96 72.82 -45.15 29.19
CA LEU T 96 73.20 -45.39 30.57
C LEU T 96 72.25 -46.38 31.25
N GLU T 97 70.95 -46.31 30.92
CA GLU T 97 70.04 -47.35 31.42
C GLU T 97 70.45 -48.72 30.90
N ARG T 98 70.79 -48.80 29.61
CA ARG T 98 71.21 -50.07 29.04
C ARG T 98 72.48 -50.59 29.71
N VAL T 99 73.44 -49.70 29.97
CA VAL T 99 74.62 -50.09 30.72
C VAL T 99 74.24 -50.62 32.09
N HIS T 100 73.30 -49.96 32.75
CA HIS T 100 72.89 -50.40 34.08
C HIS T 100 72.41 -51.84 34.06
N ARG T 101 71.44 -52.14 33.18
CA ARG T 101 70.86 -53.48 33.14
C ARG T 101 71.88 -54.53 32.75
N GLU T 102 72.61 -54.30 31.65
CA GLU T 102 73.59 -55.29 31.25
C GLU T 102 74.67 -55.48 32.31
N ALA T 103 75.26 -54.39 32.81
CA ALA T 103 76.30 -54.51 33.83
C ALA T 103 75.81 -55.37 34.98
N ARG T 104 74.54 -55.21 35.38
CA ARG T 104 73.98 -56.10 36.39
C ARG T 104 74.05 -57.56 35.93
N GLU T 105 73.59 -57.83 34.71
CA GLU T 105 73.51 -59.22 34.24
C GLU T 105 74.89 -59.87 34.19
N LEU T 106 75.84 -59.24 33.51
CA LEU T 106 77.16 -59.84 33.39
C LEU T 106 77.92 -59.86 34.71
N LEU T 107 77.65 -58.91 35.61
CA LEU T 107 78.30 -59.00 36.91
C LEU T 107 77.72 -60.14 37.72
N ARG T 108 76.44 -60.47 37.53
CA ARG T 108 75.89 -61.68 38.14
C ARG T 108 76.55 -62.91 37.54
N GLU T 109 76.76 -62.93 36.22
CA GLU T 109 77.39 -64.07 35.58
C GLU T 109 78.88 -64.21 35.89
N GLY T 110 79.48 -63.21 36.54
CA GLY T 110 80.87 -63.30 36.92
C GLY T 110 81.85 -62.75 35.91
N ARG T 111 81.41 -62.33 34.73
CA ARG T 111 82.29 -61.74 33.73
C ARG T 111 82.45 -60.26 34.05
N ARG T 112 83.69 -59.80 34.17
CA ARG T 112 83.97 -58.44 34.61
C ARG T 112 84.45 -57.54 33.48
N GLU T 113 85.24 -58.06 32.54
CA GLU T 113 85.83 -57.20 31.52
C GLU T 113 84.77 -56.54 30.65
N GLU T 114 83.73 -57.29 30.29
CA GLU T 114 82.73 -56.75 29.38
C GLU T 114 81.85 -55.69 30.05
N ALA T 115 81.58 -55.82 31.35
CA ALA T 115 80.83 -54.77 32.04
C ALA T 115 81.60 -53.46 32.06
N ALA T 116 82.90 -53.52 32.38
CA ALA T 116 83.73 -52.33 32.29
C ALA T 116 83.85 -51.84 30.86
N ALA T 117 83.77 -52.74 29.88
CA ALA T 117 83.78 -52.31 28.49
C ALA T 117 82.55 -51.47 28.17
N LEU T 118 81.38 -51.91 28.63
CA LEU T 118 80.17 -51.11 28.45
C LEU T 118 80.30 -49.76 29.15
N VAL T 119 80.85 -49.77 30.37
CA VAL T 119 80.99 -48.52 31.12
C VAL T 119 81.95 -47.55 30.41
N LEU T 120 83.07 -48.07 29.92
CA LEU T 120 84.04 -47.24 29.21
C LEU T 120 83.44 -46.68 27.92
N ALA T 121 82.67 -47.48 27.20
CA ALA T 121 81.96 -46.96 26.04
C ALA T 121 81.01 -45.84 26.44
N ALA T 122 80.34 -45.98 27.58
CA ALA T 122 79.44 -44.93 28.05
C ALA T 122 80.18 -43.64 28.37
N ALA T 123 81.33 -43.77 29.05
CA ALA T 123 82.14 -42.60 29.36
C ALA T 123 82.61 -41.89 28.10
N LEU T 124 83.08 -42.67 27.11
CA LEU T 124 83.51 -42.08 25.86
C LEU T 124 82.36 -41.41 25.13
N ALA T 125 81.17 -42.01 25.18
CA ALA T 125 80.02 -41.36 24.57
C ALA T 125 79.72 -40.02 25.22
N ALA T 126 79.77 -39.97 26.56
CA ALA T 126 79.53 -38.71 27.27
C ALA T 126 80.55 -37.64 26.90
N GLY T 127 81.83 -38.00 26.96
CA GLY T 127 82.88 -37.03 26.63
C GLY T 127 82.81 -36.55 25.19
N ALA T 128 82.62 -37.48 24.24
CA ALA T 128 82.55 -37.10 22.84
C ALA T 128 81.31 -36.26 22.56
N VAL T 129 80.19 -36.55 23.23
CA VAL T 129 79.01 -35.70 23.07
C VAL T 129 79.30 -34.29 23.56
N ALA T 130 79.95 -34.16 24.72
CA ALA T 130 80.29 -32.84 25.23
C ALA T 130 81.17 -32.07 24.25
N VAL T 131 82.25 -32.70 23.79
CA VAL T 131 83.20 -31.99 22.93
C VAL T 131 82.56 -31.65 21.59
N ALA T 132 81.75 -32.56 21.05
CA ALA T 132 81.10 -32.30 19.78
C ALA T 132 80.11 -31.14 19.89
N GLU T 133 79.35 -31.08 20.98
CA GLU T 133 78.44 -29.94 21.16
C GLU T 133 79.22 -28.64 21.33
N ALA T 134 80.37 -28.71 22.00
CA ALA T 134 81.21 -27.52 22.10
C ALA T 134 81.68 -27.06 20.74
N TYR T 135 82.15 -27.99 19.90
CA TYR T 135 82.61 -27.64 18.56
C TYR T 135 81.50 -27.05 17.73
N VAL T 136 80.29 -27.61 17.83
CA VAL T 136 79.16 -27.09 17.07
C VAL T 136 78.76 -25.72 17.56
N ARG T 137 78.85 -25.47 18.87
CA ARG T 137 78.40 -24.19 19.41
C ARG T 137 79.25 -23.03 18.89
N LEU T 138 80.56 -23.21 18.81
CA LEU T 138 81.45 -22.17 18.32
C LEU T 138 81.77 -22.33 16.83
N GLY T 139 81.02 -23.16 16.11
CA GLY T 139 81.06 -23.20 14.66
C GLY T 139 82.36 -23.64 14.00
N GLN T 140 82.99 -24.68 14.50
CA GLN T 140 84.16 -25.22 13.84
C GLN T 140 83.75 -26.17 12.72
N PRO T 141 84.64 -26.40 11.73
CA PRO T 141 84.27 -27.22 10.58
C PRO T 141 84.03 -28.68 10.97
N ILE T 142 83.30 -29.37 10.10
CA ILE T 142 82.91 -30.75 10.36
C ILE T 142 84.07 -31.74 10.24
N ARG T 143 85.09 -31.40 9.45
CA ARG T 143 86.27 -32.26 9.41
C ARG T 143 86.84 -32.49 10.80
N LEU T 144 86.82 -31.45 11.63
CA LEU T 144 87.40 -31.55 12.97
C LEU T 144 86.62 -32.53 13.83
N ILE T 145 85.29 -32.42 13.81
CA ILE T 145 84.45 -33.37 14.56
C ILE T 145 84.68 -34.79 14.08
N ALA T 146 84.70 -34.98 12.75
CA ALA T 146 84.86 -36.31 12.20
C ALA T 146 86.19 -36.93 12.58
N GLU T 147 87.28 -36.17 12.43
CA GLU T 147 88.60 -36.70 12.77
C GLU T 147 88.72 -36.96 14.27
N TYR T 148 88.17 -36.07 15.09
CA TYR T 148 88.21 -36.26 16.53
C TYR T 148 87.52 -37.56 16.93
N VAL T 149 86.27 -37.74 16.47
CA VAL T 149 85.50 -38.91 16.86
C VAL T 149 86.17 -40.18 16.36
N ALA T 150 86.65 -40.18 15.12
CA ALA T 150 87.28 -41.38 14.57
C ALA T 150 88.52 -41.76 15.36
N GLU T 151 89.35 -40.78 15.72
CA GLU T 151 90.56 -41.12 16.48
C GLU T 151 90.22 -41.60 17.88
N ARG T 152 89.18 -41.03 18.49
CA ARG T 152 88.76 -41.51 19.80
C ARG T 152 88.28 -42.96 19.73
N LEU T 153 87.51 -43.30 18.70
CA LEU T 153 87.05 -44.66 18.54
C LEU T 153 88.22 -45.62 18.35
N VAL T 154 89.22 -45.21 17.59
CA VAL T 154 90.38 -46.08 17.39
C VAL T 154 91.11 -46.30 18.72
N GLU T 155 91.27 -45.25 19.52
CA GLU T 155 91.94 -45.39 20.81
C GLU T 155 91.15 -46.32 21.74
N LEU T 156 89.83 -46.16 21.78
CA LEU T 156 89.01 -47.04 22.60
C LEU T 156 89.10 -48.49 22.13
N ALA T 157 89.11 -48.70 20.81
CA ALA T 157 89.22 -50.05 20.30
C ALA T 157 90.55 -50.68 20.71
N GLU T 158 91.62 -49.90 20.69
CA GLU T 158 92.91 -50.41 21.15
C GLU T 158 92.84 -50.79 22.63
N LEU T 159 92.20 -49.95 23.45
CA LEU T 159 92.08 -50.25 24.86
C LEU T 159 91.29 -51.54 25.09
N LEU T 160 90.14 -51.66 24.43
CA LEU T 160 89.31 -52.85 24.60
C LEU T 160 90.01 -54.10 24.11
N ARG T 161 90.82 -53.98 23.06
CA ARG T 161 91.66 -55.09 22.66
C ARG T 161 92.65 -55.46 23.75
N ARG T 162 93.20 -54.45 24.44
CA ARG T 162 94.12 -54.73 25.53
C ARG T 162 93.42 -55.47 26.68
N LEU T 163 92.20 -55.06 27.03
CA LEU T 163 91.49 -55.71 28.13
C LEU T 163 91.21 -57.18 27.83
N GLY T 164 90.60 -57.46 26.68
CA GLY T 164 90.30 -58.83 26.31
C GLY T 164 88.92 -59.07 25.73
N VAL T 165 88.16 -58.00 25.49
CA VAL T 165 86.82 -58.15 24.92
C VAL T 165 86.91 -58.75 23.53
N PRO T 166 86.01 -59.66 23.15
CA PRO T 166 86.01 -60.16 21.76
C PRO T 166 85.64 -59.07 20.77
N LEU T 167 86.16 -59.23 19.55
CA LEU T 167 86.18 -58.14 18.59
C LEU T 167 84.79 -57.71 18.16
N ARG T 168 83.87 -58.67 17.97
CA ARG T 168 82.54 -58.31 17.53
C ARG T 168 81.82 -57.44 18.56
N ARG T 169 82.03 -57.75 19.84
CA ARG T 169 81.52 -56.87 20.88
C ARG T 169 82.16 -55.49 20.82
N ILE T 170 83.46 -55.43 20.51
CA ILE T 170 84.13 -54.15 20.34
C ILE T 170 83.42 -53.32 19.30
N ILE T 171 83.15 -53.91 18.14
CA ILE T 171 82.54 -53.15 17.04
C ILE T 171 81.12 -52.76 17.40
N ARG T 172 80.40 -53.62 18.13
CA ARG T 172 79.05 -53.26 18.55
C ARG T 172 79.06 -52.07 19.51
N LEU T 173 79.98 -52.05 20.46
CA LEU T 173 80.07 -50.92 21.38
C LEU T 173 80.45 -49.64 20.64
N LEU T 174 81.39 -49.74 19.70
CA LEU T 174 81.80 -48.56 18.94
C LEU T 174 80.64 -48.01 18.13
N GLU T 175 79.82 -48.88 17.55
CA GLU T 175 78.64 -48.40 16.84
C GLU T 175 77.63 -47.77 17.77
N GLU T 176 77.51 -48.26 19.01
CA GLU T 176 76.64 -47.59 19.97
C GLU T 176 77.13 -46.19 20.27
N VAL T 177 78.43 -46.05 20.47
CA VAL T 177 79.02 -44.72 20.70
C VAL T 177 78.73 -43.80 19.54
N LEU T 178 78.92 -44.30 18.32
CA LEU T 178 78.67 -43.49 17.14
C LEU T 178 77.20 -43.08 17.06
N ARG T 179 76.29 -43.98 17.44
CA ARG T 179 74.88 -43.64 17.41
C ARG T 179 74.56 -42.52 18.38
N VAL T 180 75.12 -42.59 19.59
CA VAL T 180 74.89 -41.52 20.56
C VAL T 180 75.44 -40.20 20.06
N VAL T 181 76.64 -40.22 19.48
CA VAL T 181 77.25 -38.99 18.98
C VAL T 181 76.40 -38.40 17.85
N ALA T 182 75.90 -39.24 16.96
CA ALA T 182 75.05 -38.76 15.88
C ALA T 182 73.77 -38.15 16.42
N GLU T 183 73.17 -38.76 17.44
CA GLU T 183 71.97 -38.17 18.04
C GLU T 183 72.28 -36.81 18.65
N ALA T 184 73.42 -36.69 19.34
CA ALA T 184 73.81 -35.42 19.92
C ALA T 184 73.97 -34.35 18.85
N LEU T 185 74.64 -34.69 17.76
CA LEU T 185 74.83 -33.73 16.69
C LEU T 185 73.51 -33.37 16.02
N ARG T 186 72.57 -34.31 15.97
CA ARG T 186 71.25 -34.01 15.43
C ARG T 186 70.52 -33.00 16.32
N ARG T 187 70.61 -33.17 17.64
CA ARG T 187 69.94 -32.24 18.55
C ARG T 187 70.54 -30.85 18.49
N ALA T 188 71.81 -30.74 18.08
CA ALA T 188 72.47 -29.44 17.96
C ALA T 188 72.18 -28.76 16.64
N GLY T 189 71.37 -29.35 15.78
CA GLY T 189 71.00 -28.73 14.52
C GLY T 189 71.93 -28.98 13.36
N VAL T 190 72.92 -29.85 13.52
CA VAL T 190 73.84 -30.14 12.41
C VAL T 190 73.05 -30.81 11.29
N PRO T 191 73.20 -30.39 10.03
CA PRO T 191 72.42 -31.00 8.95
C PRO T 191 72.76 -32.48 8.78
N GLU T 192 71.77 -33.24 8.33
CA GLU T 192 71.91 -34.69 8.25
C GLU T 192 73.09 -35.15 7.39
N PRO T 193 73.33 -34.60 6.19
CA PRO T 193 74.48 -35.07 5.40
C PRO T 193 75.81 -34.97 6.11
N GLU T 194 76.00 -33.95 6.94
CA GLU T 194 77.25 -33.87 7.70
C GLU T 194 77.33 -34.99 8.73
N ILE T 195 76.22 -35.36 9.34
CA ILE T 195 76.21 -36.49 10.26
C ILE T 195 76.59 -37.78 9.53
N ARG T 196 76.02 -37.97 8.34
CA ARG T 196 76.37 -39.15 7.55
C ARG T 196 77.84 -39.15 7.17
N LYS T 197 78.39 -37.98 6.84
CA LYS T 197 79.81 -37.90 6.55
C LYS T 197 80.64 -38.26 7.77
N VAL T 198 80.22 -37.81 8.95
CA VAL T 198 80.95 -38.15 10.17
C VAL T 198 80.97 -39.66 10.37
N GLU T 199 79.81 -40.31 10.26
CA GLU T 199 79.74 -41.75 10.48
C GLU T 199 80.53 -42.52 9.43
N ALA T 200 80.41 -42.13 8.15
CA ALA T 200 81.13 -42.82 7.09
C ALA T 200 82.63 -42.70 7.27
N ALA T 201 83.10 -41.51 7.67
CA ALA T 201 84.51 -41.35 7.97
C ALA T 201 84.93 -42.26 9.13
N ALA T 202 84.08 -42.37 10.15
CA ALA T 202 84.39 -43.25 11.28
C ALA T 202 84.52 -44.69 10.84
N TYR T 203 83.59 -45.15 9.98
CA TYR T 203 83.61 -46.53 9.52
C TYR T 203 84.82 -46.82 8.65
N ILE T 204 85.19 -45.87 7.78
CA ILE T 204 86.37 -46.08 6.93
C ILE T 204 87.63 -46.10 7.79
N ARG T 205 87.70 -45.26 8.82
CA ARG T 205 88.85 -45.29 9.71
C ARG T 205 88.92 -46.62 10.46
N LEU T 206 87.79 -47.12 10.96
CA LEU T 206 87.79 -48.40 11.66
C LEU T 206 88.18 -49.54 10.74
N ALA T 207 87.67 -49.53 9.50
CA ALA T 207 88.00 -50.57 8.54
C ALA T 207 89.48 -50.55 8.20
N ALA T 208 90.06 -49.35 8.01
CA ALA T 208 91.49 -49.25 7.75
C ALA T 208 92.30 -49.74 8.94
N TYR T 209 91.86 -49.41 10.16
CA TYR T 209 92.53 -49.87 11.35
C TYR T 209 92.53 -51.39 11.44
N LEU T 210 91.39 -52.02 11.14
CA LEU T 210 91.33 -53.48 11.17
C LEU T 210 92.21 -54.09 10.09
N LEU T 211 92.20 -53.50 8.89
CA LEU T 211 92.98 -54.07 7.80
C LEU T 211 94.47 -53.94 8.04
N ARG T 212 94.90 -52.93 8.80
CA ARG T 212 96.34 -52.72 8.98
C ARG T 212 96.98 -53.83 9.82
N GLN T 213 96.26 -54.36 10.81
CA GLN T 213 96.85 -55.34 11.71
C GLN T 213 97.26 -56.61 10.97
N LEU T 214 96.46 -57.03 10.00
CA LEU T 214 96.72 -58.27 9.28
C LEU T 214 97.74 -58.12 8.17
N GLY T 215 98.23 -56.91 7.92
CA GLY T 215 99.29 -56.73 6.95
C GLY T 215 98.79 -56.40 5.57
N TYR T 216 97.74 -55.59 5.49
CA TYR T 216 97.25 -55.04 4.22
C TYR T 216 97.45 -53.54 4.29
N GLU T 217 98.68 -53.12 3.99
CA GLU T 217 99.00 -51.70 4.08
C GLU T 217 98.39 -50.92 2.94
N ALA T 218 98.56 -51.39 1.70
CA ALA T 218 98.08 -50.66 0.54
C ALA T 218 96.58 -50.45 0.61
N LEU T 219 95.84 -51.47 1.05
CA LEU T 219 94.40 -51.33 1.23
C LEU T 219 94.06 -50.21 2.20
N ALA T 220 94.80 -50.14 3.32
CA ALA T 220 94.53 -49.09 4.29
C ALA T 220 94.85 -47.70 3.74
N LYS T 221 95.95 -47.57 3.01
CA LYS T 221 96.28 -46.27 2.43
C LYS T 221 95.21 -45.83 1.44
N ARG T 222 94.72 -46.74 0.61
CA ARG T 222 93.69 -46.35 -0.35
C ARG T 222 92.38 -45.98 0.35
N LEU T 223 92.03 -46.71 1.41
CA LEU T 223 90.84 -46.34 2.17
C LEU T 223 90.98 -44.97 2.80
N LEU T 224 92.17 -44.66 3.29
CA LEU T 224 92.36 -43.35 3.91
C LEU T 224 92.42 -42.23 2.88
N GLU T 225 92.93 -42.50 1.67
CA GLU T 225 92.84 -41.53 0.58
C GLU T 225 91.39 -41.24 0.23
N ALA T 226 90.56 -42.28 0.13
CA ALA T 226 89.15 -42.07 -0.12
C ALA T 226 88.50 -41.26 1.00
N ARG T 227 88.90 -41.53 2.25
CA ARG T 227 88.36 -40.75 3.36
C ARG T 227 88.77 -39.29 3.28
N GLU T 228 90.02 -39.02 2.90
CA GLU T 228 90.47 -37.64 2.74
C GLU T 228 89.67 -36.93 1.67
N LEU T 229 89.44 -37.60 0.54
CA LEU T 229 88.60 -36.99 -0.49
C LEU T 229 87.18 -36.78 0.00
N LEU T 230 86.70 -37.61 0.91
CA LEU T 230 85.34 -37.45 1.41
C LEU T 230 85.23 -36.25 2.34
N LEU T 231 86.18 -36.09 3.26
CA LEU T 231 86.09 -35.02 4.25
C LEU T 231 86.23 -33.65 3.62
N GLU T 232 86.79 -33.55 2.41
CA GLU T 232 86.96 -32.30 1.70
C GLU T 232 85.73 -31.87 0.93
N GLY T 233 84.67 -32.68 0.94
CA GLY T 233 83.48 -32.36 0.19
C GLY T 233 83.39 -33.01 -1.17
N ARG T 234 84.49 -33.56 -1.68
CA ARG T 234 84.49 -34.28 -2.96
C ARG T 234 83.88 -35.66 -2.73
N VAL T 235 82.55 -35.70 -2.74
CA VAL T 235 81.84 -36.94 -2.49
C VAL T 235 82.00 -37.90 -3.67
N GLU T 236 81.96 -37.38 -4.89
CA GLU T 236 81.91 -38.25 -6.07
C GLU T 236 83.21 -39.00 -6.27
N GLU T 237 84.35 -38.30 -6.17
CA GLU T 237 85.63 -38.98 -6.29
C GLU T 237 85.84 -39.95 -5.13
N ALA T 238 85.35 -39.60 -3.94
CA ALA T 238 85.43 -40.51 -2.80
C ALA T 238 84.65 -41.79 -3.07
N ALA T 239 83.45 -41.67 -3.63
CA ALA T 239 82.65 -42.85 -3.92
C ALA T 239 83.29 -43.69 -5.01
N HIS T 240 83.84 -43.06 -6.05
CA HIS T 240 84.49 -43.83 -7.11
C HIS T 240 85.70 -44.60 -6.58
N LEU T 241 86.56 -43.93 -5.82
CA LEU T 241 87.76 -44.59 -5.32
C LEU T 241 87.41 -45.65 -4.28
N LEU T 242 86.39 -45.39 -3.47
CA LEU T 242 85.93 -46.38 -2.51
C LEU T 242 85.40 -47.62 -3.20
N GLU T 243 84.61 -47.45 -4.25
CA GLU T 243 84.07 -48.62 -4.94
C GLU T 243 85.19 -49.39 -5.64
N ASP T 244 86.21 -48.71 -6.17
CA ASP T 244 87.31 -49.45 -6.77
C ASP T 244 88.06 -50.28 -5.74
N VAL T 245 88.42 -49.68 -4.61
CA VAL T 245 89.17 -50.43 -3.60
C VAL T 245 88.30 -51.54 -3.00
N TYR T 246 87.00 -51.30 -2.84
CA TYR T 246 86.10 -52.32 -2.35
C TYR T 246 86.01 -53.49 -3.30
N ALA T 247 85.97 -53.22 -4.61
CA ALA T 247 85.92 -54.31 -5.58
C ALA T 247 87.17 -55.16 -5.51
N LEU T 248 88.34 -54.52 -5.41
CA LEU T 248 89.57 -55.31 -5.30
C LEU T 248 89.59 -56.13 -4.02
N PHE T 249 89.18 -55.51 -2.89
CA PHE T 249 89.14 -56.21 -1.62
C PHE T 249 88.18 -57.39 -1.65
N HIS T 250 87.01 -57.20 -2.27
CA HIS T 250 86.00 -58.24 -2.24
C HIS T 250 86.40 -59.40 -3.13
N ARG T 251 87.08 -59.13 -4.24
CA ARG T 251 87.67 -60.21 -5.01
C ARG T 251 88.68 -60.97 -4.17
N GLU T 252 89.48 -60.25 -3.38
CA GLU T 252 90.44 -60.94 -2.51
C GLU T 252 89.72 -61.80 -1.47
N ILE T 253 88.59 -61.32 -0.95
CA ILE T 253 87.81 -62.10 0.01
C ILE T 253 87.29 -63.38 -0.64
N GLU T 254 86.67 -63.26 -1.82
CA GLU T 254 86.13 -64.42 -2.51
C GLU T 254 87.21 -65.37 -2.98
N ARG T 255 88.46 -64.90 -3.06
CA ARG T 255 89.57 -65.82 -3.37
C ARG T 255 89.69 -66.90 -2.32
N LEU T 256 89.56 -66.54 -1.05
CA LEU T 256 89.77 -67.47 0.05
C LEU T 256 88.59 -68.40 0.31
N GLY T 257 87.48 -68.24 -0.41
CA GLY T 257 86.40 -69.20 -0.33
C GLY T 257 85.70 -69.17 1.02
N PHE T 258 85.55 -70.35 1.62
CA PHE T 258 84.94 -70.50 2.94
C PHE T 258 86.00 -70.56 4.04
N GLU T 259 86.84 -69.53 4.06
CA GLU T 259 87.87 -69.37 5.08
C GLU T 259 88.44 -67.98 4.96
N ALA T 260 88.58 -67.29 6.10
CA ALA T 260 89.19 -65.97 6.17
C ALA T 260 89.31 -65.54 7.62
N PRO T 261 90.36 -64.79 7.98
CA PRO T 261 90.45 -64.27 9.35
C PRO T 261 89.24 -63.41 9.68
N GLU T 262 88.85 -63.43 10.95
CA GLU T 262 87.59 -62.82 11.35
C GLU T 262 87.59 -61.32 11.10
N GLU T 263 88.76 -60.68 11.17
CA GLU T 263 88.82 -59.24 10.94
C GLU T 263 88.51 -58.89 9.50
N LEU T 264 88.86 -59.75 8.55
CA LEU T 264 88.39 -59.55 7.17
C LEU T 264 86.88 -59.56 7.11
N ARG T 265 86.25 -60.50 7.80
CA ARG T 265 84.80 -60.61 7.76
C ARG T 265 84.14 -59.39 8.38
N VAL T 266 84.71 -58.86 9.46
CA VAL T 266 84.14 -57.65 10.07
C VAL T 266 84.37 -56.44 9.18
N ALA T 267 85.58 -56.30 8.64
CA ALA T 267 85.89 -55.17 7.78
C ALA T 267 85.00 -55.13 6.56
N ASP T 268 84.59 -56.30 6.07
CA ASP T 268 83.69 -56.33 4.91
C ASP T 268 82.37 -55.63 5.23
N LEU T 269 81.79 -55.92 6.39
CA LEU T 269 80.55 -55.26 6.76
C LEU T 269 80.76 -53.78 7.05
N LEU T 270 81.90 -53.44 7.65
CA LEU T 270 82.20 -52.03 7.89
C LEU T 270 82.27 -51.25 6.58
N LEU T 271 82.97 -51.80 5.59
CA LEU T 271 83.10 -51.16 4.29
C LEU T 271 81.75 -51.08 3.59
N ALA T 272 80.93 -52.12 3.68
CA ALA T 272 79.61 -52.06 3.06
C ALA T 272 78.77 -50.94 3.65
N ARG T 273 78.78 -50.79 4.98
CA ARG T 273 78.00 -49.73 5.59
C ARG T 273 78.56 -48.36 5.26
N ALA T 274 79.90 -48.23 5.20
CA ALA T 274 80.50 -46.96 4.82
C ALA T 274 80.07 -46.55 3.42
N ILE T 275 80.08 -47.50 2.48
CA ILE T 275 79.67 -47.21 1.12
C ILE T 275 78.20 -46.83 1.06
N ALA T 276 77.36 -47.54 1.82
CA ALA T 276 75.93 -47.20 1.83
C ALA T 276 75.72 -45.80 2.36
N LEU T 277 76.42 -45.43 3.43
CA LEU T 277 76.27 -44.08 3.99
C LEU T 277 76.73 -43.02 3.02
N ILE T 278 77.87 -43.24 2.34
CA ILE T 278 78.34 -42.26 1.37
C ILE T 278 77.33 -42.09 0.24
N LYS T 279 76.77 -43.21 -0.25
CA LYS T 279 75.78 -43.14 -1.31
C LYS T 279 74.52 -42.41 -0.84
N ALA T 280 74.17 -42.52 0.44
CA ALA T 280 72.97 -41.89 0.94
C ALA T 280 73.13 -40.42 1.27
N ILE T 281 74.35 -39.88 1.24
CA ILE T 281 74.58 -38.45 1.47
C ILE T 281 73.80 -37.63 0.46
N THR U 24 -19.54 -68.54 -92.50
CA THR U 24 -18.50 -68.89 -91.54
C THR U 24 -18.15 -67.70 -90.66
N VAL U 25 -18.59 -66.51 -91.08
CA VAL U 25 -18.22 -65.28 -90.40
C VAL U 25 -18.72 -65.29 -88.95
N VAL U 26 -19.98 -65.68 -88.76
CA VAL U 26 -20.52 -65.77 -87.40
C VAL U 26 -19.80 -66.85 -86.61
N GLU U 27 -19.41 -67.94 -87.27
CA GLU U 27 -18.60 -68.95 -86.60
C GLU U 27 -17.24 -68.38 -86.20
N GLU U 28 -16.65 -67.55 -87.07
CA GLU U 28 -15.39 -66.92 -86.71
C GLU U 28 -15.54 -66.00 -85.51
N VAL U 29 -16.63 -65.24 -85.45
CA VAL U 29 -16.85 -64.36 -84.31
C VAL U 29 -17.04 -65.18 -83.03
N ARG U 30 -17.82 -66.26 -83.11
CA ARG U 30 -17.99 -67.13 -81.95
C ARG U 30 -16.66 -67.72 -81.50
N ARG U 31 -15.86 -68.22 -82.45
CA ARG U 31 -14.57 -68.81 -82.11
C ARG U 31 -13.65 -67.78 -81.47
N PHE U 32 -13.64 -66.57 -82.02
CA PHE U 32 -12.81 -65.50 -81.47
C PHE U 32 -13.21 -65.19 -80.03
N ALA U 33 -14.52 -65.07 -79.78
CA ALA U 33 -14.98 -64.74 -78.44
C ALA U 33 -14.65 -65.85 -77.46
N GLU U 34 -14.94 -67.10 -77.82
CA GLU U 34 -14.67 -68.20 -76.90
C GLU U 34 -13.17 -68.37 -76.65
N GLU U 35 -12.34 -68.22 -77.67
CA GLU U 35 -10.90 -68.33 -77.46
C GLU U 35 -10.40 -67.26 -76.53
N LEU U 36 -10.86 -66.02 -76.71
CA LEU U 36 -10.44 -64.96 -75.80
C LEU U 36 -10.91 -65.22 -74.38
N ALA U 37 -12.13 -65.74 -74.21
CA ALA U 37 -12.64 -66.04 -72.87
C ALA U 37 -11.84 -67.17 -72.21
N GLU U 38 -11.52 -68.22 -72.98
CA GLU U 38 -10.71 -69.30 -72.45
C GLU U 38 -9.33 -68.82 -72.03
N GLU U 39 -8.73 -67.95 -72.84
CA GLU U 39 -7.42 -67.41 -72.46
C GLU U 39 -7.52 -66.56 -71.20
N VAL U 40 -8.60 -65.79 -71.07
CA VAL U 40 -8.80 -65.01 -69.86
C VAL U 40 -8.85 -65.92 -68.65
N LEU U 41 -9.60 -67.02 -68.77
CA LEU U 41 -9.73 -67.95 -67.64
C LEU U 41 -8.40 -68.66 -67.35
N ARG U 42 -7.66 -69.04 -68.38
CA ARG U 42 -6.38 -69.71 -68.16
C ARG U 42 -5.39 -68.79 -67.47
N VAL U 43 -5.30 -67.54 -67.92
CA VAL U 43 -4.33 -66.63 -67.32
C VAL U 43 -4.74 -66.24 -65.91
N GLY U 44 -6.01 -65.90 -65.71
CA GLY U 44 -6.47 -65.40 -64.44
C GLY U 44 -7.19 -66.40 -63.56
N GLY U 45 -7.48 -67.58 -64.06
CA GLY U 45 -8.15 -68.57 -63.23
C GLY U 45 -9.58 -68.20 -62.91
N GLU U 46 -10.03 -68.66 -61.75
CA GLU U 46 -11.36 -68.34 -61.26
C GLU U 46 -11.41 -67.00 -60.56
N ALA U 47 -10.29 -66.29 -60.47
CA ALA U 47 -10.31 -64.96 -59.86
C ALA U 47 -11.20 -64.01 -60.64
N MET U 48 -11.10 -64.05 -61.97
CA MET U 48 -11.92 -63.21 -62.85
C MET U 48 -12.74 -64.13 -63.75
N ARG U 49 -13.88 -64.58 -63.24
CA ARG U 49 -14.93 -65.23 -64.00
C ARG U 49 -15.83 -64.21 -64.69
N PRO U 50 -16.15 -63.07 -64.07
CA PRO U 50 -16.99 -62.08 -64.77
C PRO U 50 -16.51 -61.71 -66.17
N TYR U 51 -15.20 -61.57 -66.36
CA TYR U 51 -14.69 -61.13 -67.66
C TYR U 51 -14.93 -62.19 -68.73
N ALA U 52 -14.86 -63.46 -68.36
CA ALA U 52 -15.19 -64.51 -69.33
C ALA U 52 -16.65 -64.41 -69.75
N GLU U 53 -17.55 -64.11 -68.80
CA GLU U 53 -18.95 -63.94 -69.13
C GLU U 53 -19.17 -62.72 -70.02
N MET U 54 -18.49 -61.61 -69.72
CA MET U 54 -18.61 -60.43 -70.58
C MET U 54 -18.15 -60.72 -71.99
N VAL U 55 -17.01 -61.41 -72.13
CA VAL U 55 -16.53 -61.74 -73.46
C VAL U 55 -17.52 -62.64 -74.19
N ARG U 56 -18.06 -63.63 -73.49
CA ARG U 56 -18.96 -64.58 -74.16
C ARG U 56 -20.28 -63.92 -74.57
N HIS U 57 -20.84 -63.07 -73.72
CA HIS U 57 -22.06 -62.35 -74.11
C HIS U 57 -21.80 -61.31 -75.18
N LEU U 58 -20.65 -60.64 -75.18
CA LEU U 58 -20.37 -59.72 -76.27
C LEU U 58 -20.21 -60.45 -77.59
N GLY U 59 -19.58 -61.63 -77.56
CA GLY U 59 -19.57 -62.46 -78.75
C GLY U 59 -20.96 -62.86 -79.20
N GLU U 60 -21.84 -63.19 -78.25
CA GLU U 60 -23.20 -63.55 -78.59
C GLU U 60 -23.97 -62.38 -79.21
N ALA U 61 -23.81 -61.18 -78.62
CA ALA U 61 -24.47 -60.00 -79.18
C ALA U 61 -23.97 -59.72 -80.59
N ALA U 62 -22.67 -59.86 -80.82
CA ALA U 62 -22.12 -59.65 -82.15
C ALA U 62 -22.69 -60.64 -83.16
N VAL U 63 -22.75 -61.92 -82.78
CA VAL U 63 -23.25 -62.90 -83.75
C VAL U 63 -24.75 -62.73 -83.97
N ALA U 64 -25.48 -62.29 -82.94
CA ALA U 64 -26.89 -61.95 -83.13
C ALA U 64 -27.05 -60.83 -84.14
N ALA U 65 -26.24 -59.78 -83.99
CA ALA U 65 -26.29 -58.66 -84.94
C ALA U 65 -25.95 -59.12 -86.36
N LEU U 66 -24.94 -59.97 -86.49
CA LEU U 66 -24.60 -60.51 -87.81
C LEU U 66 -25.69 -61.42 -88.38
N GLU U 67 -26.54 -62.00 -87.54
CA GLU U 67 -27.57 -62.91 -88.03
C GLU U 67 -28.97 -62.35 -87.86
N GLY U 68 -29.18 -61.10 -88.26
CA GLY U 68 -30.45 -60.45 -88.06
C GLY U 68 -30.48 -59.71 -86.75
N ARG U 69 -31.71 -59.50 -86.25
CA ARG U 69 -31.95 -59.00 -84.90
C ARG U 69 -31.45 -57.58 -84.68
N ALA U 70 -32.11 -56.87 -83.78
CA ALA U 70 -31.63 -55.57 -83.27
C ALA U 70 -31.90 -55.37 -81.80
N GLU U 71 -32.78 -56.17 -81.19
CA GLU U 71 -33.19 -56.04 -79.81
C GLU U 71 -32.39 -56.94 -78.88
N GLU U 72 -32.07 -58.16 -79.34
CA GLU U 72 -31.23 -59.04 -78.56
C GLU U 72 -29.84 -58.44 -78.35
N ALA U 73 -29.31 -57.79 -79.39
CA ALA U 73 -28.03 -57.10 -79.24
C ALA U 73 -28.12 -56.00 -78.20
N ASP U 74 -29.21 -55.24 -78.22
CA ASP U 74 -29.44 -54.21 -77.20
C ASP U 74 -29.44 -54.81 -75.80
N ARG U 75 -30.19 -55.90 -75.62
CA ARG U 75 -30.32 -56.49 -74.31
C ARG U 75 -28.99 -57.04 -73.81
N LEU U 76 -28.26 -57.75 -74.66
CA LEU U 76 -26.98 -58.32 -74.24
C LEU U 76 -25.97 -57.24 -73.91
N VAL U 77 -25.94 -56.16 -74.70
CA VAL U 77 -25.01 -55.07 -74.41
C VAL U 77 -25.39 -54.40 -73.09
N ARG U 78 -26.69 -54.26 -72.82
CA ARG U 78 -27.11 -53.69 -71.54
C ARG U 78 -26.72 -54.58 -70.36
N ASP U 79 -26.88 -55.90 -70.52
CA ASP U 79 -26.48 -56.84 -69.48
C ASP U 79 -24.98 -56.75 -69.22
N VAL U 80 -24.19 -56.71 -70.29
CA VAL U 80 -22.74 -56.61 -70.14
C VAL U 80 -22.36 -55.28 -69.51
N LEU U 81 -23.10 -54.21 -69.82
CA LEU U 81 -22.86 -52.94 -69.16
C LEU U 81 -23.14 -53.04 -67.67
N GLU U 82 -24.19 -53.76 -67.29
CA GLU U 82 -24.47 -53.95 -65.87
C GLU U 82 -23.35 -54.73 -65.17
N MET U 83 -22.84 -55.78 -65.82
CA MET U 83 -21.71 -56.50 -65.25
C MET U 83 -20.50 -55.59 -65.09
N ALA U 84 -20.21 -54.78 -66.11
CA ALA U 84 -19.10 -53.85 -66.01
C ALA U 84 -19.29 -52.86 -64.88
N ARG U 85 -20.53 -52.42 -64.66
CA ARG U 85 -20.82 -51.51 -63.57
C ARG U 85 -20.53 -52.16 -62.22
N GLU U 86 -20.97 -53.40 -62.04
CA GLU U 86 -20.82 -54.02 -60.72
C GLU U 86 -19.37 -54.43 -60.45
N VAL U 87 -18.66 -54.93 -61.46
CA VAL U 87 -17.29 -55.38 -61.27
C VAL U 87 -16.39 -54.20 -60.88
N GLY U 88 -16.55 -53.07 -61.54
CA GLY U 88 -15.73 -51.90 -61.29
C GLY U 88 -14.98 -51.39 -62.50
N ALA U 89 -15.16 -52.00 -63.67
CA ALA U 89 -14.50 -51.54 -64.89
C ALA U 89 -15.14 -50.23 -65.33
N GLU U 90 -14.36 -49.15 -65.36
CA GLU U 90 -14.88 -47.85 -65.73
C GLU U 90 -14.77 -47.60 -67.24
N GLY U 91 -13.56 -47.68 -67.79
CA GLY U 91 -13.40 -47.48 -69.22
C GLY U 91 -14.20 -48.46 -70.04
N LEU U 92 -14.26 -49.71 -69.59
CA LEU U 92 -15.06 -50.70 -70.28
C LEU U 92 -16.54 -50.32 -70.26
N ALA U 93 -17.03 -49.83 -69.12
CA ALA U 93 -18.43 -49.41 -69.05
C ALA U 93 -18.71 -48.25 -69.99
N ARG U 94 -17.81 -47.27 -70.04
CA ARG U 94 -18.01 -46.15 -70.95
C ARG U 94 -18.06 -46.63 -72.40
N LEU U 95 -17.11 -47.48 -72.78
CA LEU U 95 -17.12 -47.97 -74.16
C LEU U 95 -18.39 -48.79 -74.42
N LEU U 96 -18.92 -49.44 -73.39
CA LEU U 96 -20.11 -50.25 -73.59
C LEU U 96 -21.35 -49.37 -73.80
N GLU U 97 -21.45 -48.26 -73.08
CA GLU U 97 -22.50 -47.29 -73.38
C GLU U 97 -22.38 -46.78 -74.81
N ARG U 98 -21.14 -46.45 -75.23
CA ARG U 98 -20.95 -45.92 -76.57
C ARG U 98 -21.33 -46.94 -77.65
N VAL U 99 -20.92 -48.19 -77.50
CA VAL U 99 -21.30 -49.19 -78.49
C VAL U 99 -22.80 -49.40 -78.46
N HIS U 100 -23.43 -49.30 -77.29
CA HIS U 100 -24.88 -49.41 -77.20
C HIS U 100 -25.56 -48.38 -78.11
N ARG U 101 -25.23 -47.11 -77.92
CA ARG U 101 -25.88 -46.04 -78.68
C ARG U 101 -25.60 -46.18 -80.18
N GLU U 102 -24.32 -46.33 -80.54
CA GLU U 102 -24.02 -46.46 -81.97
C GLU U 102 -24.68 -47.69 -82.57
N ALA U 103 -24.55 -48.86 -81.94
CA ALA U 103 -25.17 -50.05 -82.48
C ALA U 103 -26.64 -49.83 -82.75
N ARG U 104 -27.33 -49.12 -81.86
CA ARG U 104 -28.71 -48.73 -82.15
C ARG U 104 -28.79 -47.93 -83.43
N GLU U 105 -27.95 -46.90 -83.57
CA GLU U 105 -28.05 -46.00 -84.73
C GLU U 105 -27.82 -46.76 -86.04
N LEU U 106 -26.70 -47.47 -86.14
CA LEU U 106 -26.40 -48.17 -87.38
C LEU U 106 -27.34 -49.34 -87.64
N LEU U 107 -27.87 -49.97 -86.59
CA LEU U 107 -28.86 -51.01 -86.85
C LEU U 107 -30.15 -50.42 -87.36
N ARG U 108 -30.49 -49.20 -86.95
CA ARG U 108 -31.62 -48.51 -87.56
C ARG U 108 -31.33 -48.19 -89.02
N GLU U 109 -30.10 -47.75 -89.32
CA GLU U 109 -29.72 -47.43 -90.70
C GLU U 109 -29.58 -48.67 -91.57
N GLY U 110 -29.62 -49.87 -91.01
CA GLY U 110 -29.55 -51.09 -91.79
C GLY U 110 -28.16 -51.64 -92.01
N ARG U 111 -27.11 -50.95 -91.58
CA ARG U 111 -25.75 -51.44 -91.70
C ARG U 111 -25.46 -52.36 -90.53
N ARG U 112 -25.02 -53.58 -90.83
CA ARG U 112 -24.84 -54.61 -89.80
C ARG U 112 -23.38 -54.88 -89.47
N GLU U 113 -22.48 -54.84 -90.46
CA GLU U 113 -21.10 -55.23 -90.22
C GLU U 113 -20.44 -54.31 -89.21
N GLU U 114 -20.69 -53.00 -89.30
CA GLU U 114 -20.02 -52.05 -88.42
C GLU U 114 -20.51 -52.16 -86.97
N ALA U 115 -21.78 -52.49 -86.76
CA ALA U 115 -22.27 -52.69 -85.39
C ALA U 115 -21.58 -53.89 -84.74
N ALA U 116 -21.48 -54.99 -85.46
CA ALA U 116 -20.73 -56.14 -84.96
C ALA U 116 -19.26 -55.80 -84.79
N ALA U 117 -18.73 -54.90 -85.62
CA ALA U 117 -17.35 -54.47 -85.45
C ALA U 117 -17.16 -53.75 -84.13
N LEU U 118 -18.08 -52.84 -83.79
CA LEU U 118 -18.00 -52.19 -82.50
C LEU U 118 -18.13 -53.19 -81.36
N VAL U 119 -19.02 -54.16 -81.50
CA VAL U 119 -19.21 -55.16 -80.44
C VAL U 119 -17.95 -56.02 -80.27
N LEU U 120 -17.33 -56.43 -81.39
CA LEU U 120 -16.12 -57.22 -81.32
C LEU U 120 -14.98 -56.44 -80.70
N ALA U 121 -14.87 -55.16 -81.03
CA ALA U 121 -13.88 -54.32 -80.37
C ALA U 121 -14.14 -54.26 -78.87
N ALA U 122 -15.41 -54.19 -78.46
CA ALA U 122 -15.73 -54.18 -77.04
C ALA U 122 -15.33 -55.48 -76.36
N ALA U 123 -15.60 -56.61 -77.00
CA ALA U 123 -15.23 -57.91 -76.43
C ALA U 123 -13.72 -58.01 -76.28
N LEU U 124 -12.98 -57.57 -77.30
CA LEU U 124 -11.52 -57.60 -77.23
C LEU U 124 -11.01 -56.69 -76.13
N ALA U 125 -11.63 -55.53 -75.96
CA ALA U 125 -11.21 -54.64 -74.88
C ALA U 125 -11.43 -55.30 -73.52
N ALA U 126 -12.56 -55.97 -73.33
CA ALA U 126 -12.83 -56.65 -72.06
C ALA U 126 -11.81 -57.75 -71.80
N GLY U 127 -11.58 -58.62 -72.79
CA GLY U 127 -10.63 -59.70 -72.61
C GLY U 127 -9.21 -59.22 -72.37
N ALA U 128 -8.77 -58.24 -73.15
CA ALA U 128 -7.42 -57.72 -72.98
C ALA U 128 -7.26 -57.01 -71.65
N VAL U 129 -8.29 -56.32 -71.19
CA VAL U 129 -8.23 -55.71 -69.86
C VAL U 129 -8.08 -56.77 -68.79
N ALA U 130 -8.84 -57.86 -68.90
CA ALA U 130 -8.73 -58.94 -67.91
C ALA U 130 -7.32 -59.51 -67.89
N VAL U 131 -6.80 -59.88 -69.07
CA VAL U 131 -5.50 -60.53 -69.12
C VAL U 131 -4.39 -59.59 -68.68
N ALA U 132 -4.48 -58.31 -69.05
CA ALA U 132 -3.47 -57.35 -68.64
C ALA U 132 -3.47 -57.15 -67.13
N GLU U 133 -4.65 -57.08 -66.51
CA GLU U 133 -4.70 -56.97 -65.06
C GLU U 133 -4.15 -58.22 -64.39
N ALA U 134 -4.40 -59.39 -64.99
CA ALA U 134 -3.81 -60.62 -64.46
C ALA U 134 -2.30 -60.57 -64.52
N TYR U 135 -1.74 -60.14 -65.66
CA TYR U 135 -0.29 -60.05 -65.80
C TYR U 135 0.30 -59.08 -64.80
N VAL U 136 -0.37 -57.93 -64.59
CA VAL U 136 0.14 -56.95 -63.64
C VAL U 136 0.07 -57.47 -62.22
N ARG U 137 -0.98 -58.24 -61.89
CA ARG U 137 -1.16 -58.71 -60.52
C ARG U 137 -0.02 -59.64 -60.10
N LEU U 138 0.40 -60.54 -60.99
CA LEU U 138 1.48 -61.47 -60.69
C LEU U 138 2.83 -60.98 -61.19
N GLY U 139 2.95 -59.71 -61.55
CA GLY U 139 4.23 -59.07 -61.80
C GLY U 139 5.06 -59.59 -62.96
N GLN U 140 4.45 -59.84 -64.11
CA GLN U 140 5.21 -60.21 -65.29
C GLN U 140 5.74 -58.97 -65.99
N PRO U 141 6.80 -59.10 -66.79
CA PRO U 141 7.41 -57.92 -67.42
C PRO U 141 6.50 -57.27 -68.43
N ILE U 142 6.79 -56.00 -68.73
CA ILE U 142 5.95 -55.20 -69.60
C ILE U 142 6.08 -55.61 -71.07
N ARG U 143 7.21 -56.20 -71.48
CA ARG U 143 7.32 -56.71 -72.84
C ARG U 143 6.18 -57.67 -73.14
N LEU U 144 5.80 -58.49 -72.16
CA LEU U 144 4.77 -59.49 -72.39
C LEU U 144 3.42 -58.84 -72.65
N ILE U 145 3.06 -57.85 -71.84
CA ILE U 145 1.80 -57.14 -72.06
C ILE U 145 1.81 -56.46 -73.41
N ALA U 146 2.92 -55.79 -73.76
CA ALA U 146 2.98 -55.06 -75.02
C ALA U 146 2.85 -56.00 -76.22
N GLU U 147 3.57 -57.11 -76.21
CA GLU U 147 3.50 -58.05 -77.32
C GLU U 147 2.13 -58.70 -77.40
N TYR U 148 1.54 -59.05 -76.26
CA TYR U 148 0.21 -59.63 -76.25
C TYR U 148 -0.80 -58.70 -76.88
N VAL U 149 -0.85 -57.45 -76.41
CA VAL U 149 -1.84 -56.50 -76.90
C VAL U 149 -1.63 -56.23 -78.38
N ALA U 150 -0.39 -56.04 -78.81
CA ALA U 150 -0.13 -55.75 -80.22
C ALA U 150 -0.57 -56.90 -81.10
N GLU U 151 -0.30 -58.15 -80.71
CA GLU U 151 -0.70 -59.27 -81.55
C GLU U 151 -2.21 -59.42 -81.58
N ARG U 152 -2.87 -59.15 -80.45
CA ARG U 152 -4.33 -59.19 -80.45
C ARG U 152 -4.92 -58.14 -81.38
N LEU U 153 -4.37 -56.94 -81.37
CA LEU U 153 -4.85 -55.90 -82.27
C LEU U 153 -4.66 -56.29 -83.72
N VAL U 154 -3.53 -56.91 -84.04
CA VAL U 154 -3.30 -57.33 -85.42
C VAL U 154 -4.32 -58.39 -85.83
N GLU U 155 -4.61 -59.35 -84.94
CA GLU U 155 -5.59 -60.38 -85.26
C GLU U 155 -6.98 -59.78 -85.47
N LEU U 156 -7.38 -58.85 -84.60
CA LEU U 156 -8.66 -58.19 -84.77
C LEU U 156 -8.73 -57.40 -86.07
N ALA U 157 -7.63 -56.73 -86.43
CA ALA U 157 -7.62 -55.97 -87.68
C ALA U 157 -7.79 -56.91 -88.87
N GLU U 158 -7.16 -58.08 -88.81
CA GLU U 158 -7.35 -59.06 -89.89
C GLU U 158 -8.81 -59.50 -89.96
N LEU U 159 -9.43 -59.75 -88.81
CA LEU U 159 -10.83 -60.15 -88.80
C LEU U 159 -11.73 -59.08 -89.40
N LEU U 160 -11.54 -57.83 -88.97
CA LEU U 160 -12.37 -56.74 -89.45
C LEU U 160 -12.16 -56.50 -90.93
N ARG U 161 -10.93 -56.71 -91.43
CA ARG U 161 -10.71 -56.67 -92.86
C ARG U 161 -11.49 -57.78 -93.56
N ARG U 162 -11.58 -58.95 -92.94
CA ARG U 162 -12.35 -60.04 -93.53
C ARG U 162 -13.84 -59.69 -93.61
N LEU U 163 -14.39 -59.08 -92.56
CA LEU U 163 -15.81 -58.74 -92.55
C LEU U 163 -16.15 -57.73 -93.65
N GLY U 164 -15.42 -56.62 -93.69
CA GLY U 164 -15.67 -55.61 -94.71
C GLY U 164 -15.69 -54.17 -94.22
N VAL U 165 -15.32 -53.96 -92.95
CA VAL U 165 -15.29 -52.59 -92.42
C VAL U 165 -14.24 -51.77 -93.15
N PRO U 166 -14.50 -50.50 -93.46
CA PRO U 166 -13.45 -49.65 -94.05
C PRO U 166 -12.30 -49.42 -93.08
N LEU U 167 -11.12 -49.21 -93.66
CA LEU U 167 -9.88 -49.29 -92.90
C LEU U 167 -9.78 -48.20 -91.83
N ARG U 168 -10.30 -47.03 -92.10
CA ARG U 168 -10.14 -45.92 -91.16
C ARG U 168 -11.02 -46.14 -89.96
N ARG U 169 -12.15 -46.81 -90.12
CA ARG U 169 -12.93 -47.25 -88.97
C ARG U 169 -12.19 -48.34 -88.20
N ILE U 170 -11.49 -49.23 -88.91
CA ILE U 170 -10.69 -50.24 -88.24
C ILE U 170 -9.69 -49.58 -87.30
N ILE U 171 -8.96 -48.60 -87.80
CA ILE U 171 -7.92 -47.97 -87.00
C ILE U 171 -8.54 -47.21 -85.84
N ARG U 172 -9.71 -46.59 -86.06
CA ARG U 172 -10.38 -45.89 -84.96
C ARG U 172 -10.80 -46.85 -83.85
N LEU U 173 -11.34 -48.01 -84.23
CA LEU U 173 -11.73 -48.99 -83.21
C LEU U 173 -10.52 -49.52 -82.47
N LEU U 174 -9.43 -49.78 -83.19
CA LEU U 174 -8.22 -50.28 -82.55
C LEU U 174 -7.67 -49.27 -81.55
N GLU U 175 -7.73 -47.98 -81.90
CA GLU U 175 -7.29 -46.96 -80.96
C GLU U 175 -8.21 -46.88 -79.75
N GLU U 176 -9.51 -47.11 -79.94
CA GLU U 176 -10.40 -47.17 -78.78
C GLU U 176 -10.03 -48.31 -77.85
N VAL U 177 -9.73 -49.49 -78.42
CA VAL U 177 -9.30 -50.63 -77.62
C VAL U 177 -8.03 -50.29 -76.86
N LEU U 178 -7.07 -49.66 -77.53
CA LEU U 178 -5.82 -49.30 -76.87
C LEU U 178 -6.07 -48.31 -75.75
N ARG U 179 -7.00 -47.39 -75.93
CA ARG U 179 -7.30 -46.42 -74.87
C ARG U 179 -7.88 -47.12 -73.66
N VAL U 180 -8.79 -48.07 -73.86
CA VAL U 180 -9.36 -48.80 -72.74
C VAL U 180 -8.27 -49.58 -72.00
N VAL U 181 -7.39 -50.25 -72.76
CA VAL U 181 -6.32 -51.04 -72.14
C VAL U 181 -5.40 -50.14 -71.34
N ALA U 182 -5.06 -48.97 -71.88
CA ALA U 182 -4.19 -48.04 -71.16
C ALA U 182 -4.85 -47.56 -69.87
N GLU U 183 -6.16 -47.28 -69.91
CA GLU U 183 -6.86 -46.88 -68.69
C GLU U 183 -6.83 -48.01 -67.66
N ALA U 184 -7.04 -49.25 -68.11
CA ALA U 184 -6.99 -50.39 -67.19
C ALA U 184 -5.62 -50.50 -66.54
N LEU U 185 -4.56 -50.37 -67.33
CA LEU U 185 -3.21 -50.47 -66.79
C LEU U 185 -2.90 -49.31 -65.85
N ARG U 186 -3.47 -48.13 -66.12
CA ARG U 186 -3.31 -47.01 -65.20
C ARG U 186 -3.97 -47.30 -63.86
N ARG U 187 -5.16 -47.89 -63.88
CA ARG U 187 -5.85 -48.18 -62.62
C ARG U 187 -5.12 -49.25 -61.81
N ALA U 188 -4.34 -50.09 -62.47
CA ALA U 188 -3.58 -51.13 -61.79
C ALA U 188 -2.25 -50.62 -61.24
N GLY U 189 -1.96 -49.33 -61.38
CA GLY U 189 -0.75 -48.76 -60.82
C GLY U 189 0.48 -48.85 -61.70
N VAL U 190 0.34 -49.30 -62.94
CA VAL U 190 1.52 -49.38 -63.83
C VAL U 190 2.02 -47.96 -64.11
N PRO U 191 3.32 -47.70 -64.00
CA PRO U 191 3.82 -46.34 -64.23
C PRO U 191 3.56 -45.87 -65.65
N GLU U 192 3.38 -44.56 -65.80
CA GLU U 192 2.99 -43.98 -67.08
C GLU U 192 3.96 -44.31 -68.22
N PRO U 193 5.29 -44.19 -68.06
CA PRO U 193 6.18 -44.51 -69.18
C PRO U 193 6.00 -45.91 -69.73
N GLU U 194 5.69 -46.89 -68.90
CA GLU U 194 5.44 -48.23 -69.41
C GLU U 194 4.16 -48.26 -70.25
N ILE U 195 3.14 -47.50 -69.85
CA ILE U 195 1.93 -47.41 -70.67
C ILE U 195 2.25 -46.80 -72.03
N ARG U 196 3.06 -45.74 -72.04
CA ARG U 196 3.45 -45.14 -73.31
C ARG U 196 4.24 -46.11 -74.16
N LYS U 197 5.11 -46.90 -73.54
CA LYS U 197 5.85 -47.91 -74.30
C LYS U 197 4.90 -48.94 -74.89
N VAL U 198 3.88 -49.34 -74.13
CA VAL U 198 2.91 -50.30 -74.65
C VAL U 198 2.22 -49.74 -75.88
N GLU U 199 1.72 -48.50 -75.79
CA GLU U 199 1.01 -47.91 -76.91
C GLU U 199 1.91 -47.70 -78.12
N ALA U 200 3.13 -47.21 -77.90
CA ALA U 200 4.05 -46.98 -79.01
C ALA U 200 4.41 -48.27 -79.71
N ALA U 201 4.61 -49.35 -78.94
CA ALA U 201 4.85 -50.65 -79.54
C ALA U 201 3.64 -51.09 -80.36
N ALA U 202 2.43 -50.84 -79.86
CA ALA U 202 1.22 -51.20 -80.60
C ALA U 202 1.14 -50.45 -81.92
N TYR U 203 1.46 -49.16 -81.90
CA TYR U 203 1.38 -48.35 -83.11
C TYR U 203 2.43 -48.76 -84.13
N ILE U 204 3.64 -49.08 -83.67
CA ILE U 204 4.68 -49.52 -84.60
C ILE U 204 4.33 -50.87 -85.20
N ARG U 205 3.72 -51.76 -84.40
CA ARG U 205 3.28 -53.04 -84.94
C ARG U 205 2.18 -52.84 -85.98
N LEU U 206 1.20 -51.97 -85.70
CA LEU U 206 0.14 -51.71 -86.66
C LEU U 206 0.69 -51.09 -87.94
N ALA U 207 1.62 -50.15 -87.82
CA ALA U 207 2.21 -49.51 -88.99
C ALA U 207 2.97 -50.52 -89.83
N ALA U 208 3.74 -51.40 -89.18
CA ALA U 208 4.45 -52.44 -89.92
C ALA U 208 3.48 -53.38 -90.61
N TYR U 209 2.39 -53.74 -89.94
CA TYR U 209 1.38 -54.59 -90.54
C TYR U 209 0.77 -53.95 -91.77
N LEU U 210 0.46 -52.66 -91.70
CA LEU U 210 -0.10 -51.97 -92.86
C LEU U 210 0.91 -51.89 -94.00
N LEU U 211 2.18 -51.61 -93.67
CA LEU U 211 3.19 -51.48 -94.71
C LEU U 211 3.48 -52.80 -95.39
N ARG U 212 3.30 -53.92 -94.69
CA ARG U 212 3.66 -55.21 -95.29
C ARG U 212 2.73 -55.58 -96.44
N GLN U 213 1.45 -55.22 -96.35
CA GLN U 213 0.48 -55.64 -97.38
C GLN U 213 0.83 -55.06 -98.74
N LEU U 214 1.29 -53.81 -98.78
CA LEU U 214 1.58 -53.14 -100.03
C LEU U 214 2.93 -53.51 -100.62
N GLY U 215 3.72 -54.32 -99.93
CA GLY U 215 4.96 -54.78 -100.49
C GLY U 215 6.15 -53.92 -100.12
N TYR U 216 6.17 -53.42 -98.89
CA TYR U 216 7.32 -52.72 -98.34
C TYR U 216 7.86 -53.58 -97.21
N GLU U 217 8.66 -54.58 -97.57
CA GLU U 217 9.17 -55.50 -96.57
C GLU U 217 10.26 -54.86 -95.73
N ALA U 218 11.26 -54.25 -96.38
CA ALA U 218 12.39 -53.68 -95.66
C ALA U 218 11.94 -52.64 -94.65
N LEU U 219 10.96 -51.82 -95.03
CA LEU U 219 10.40 -50.84 -94.11
C LEU U 219 9.83 -51.51 -92.87
N ALA U 220 9.08 -52.61 -93.06
CA ALA U 220 8.50 -53.30 -91.92
C ALA U 220 9.58 -53.91 -91.02
N LYS U 221 10.61 -54.51 -91.62
CA LYS U 221 11.69 -55.08 -90.81
C LYS U 221 12.37 -54.01 -89.98
N ARG U 222 12.64 -52.84 -90.58
CA ARG U 222 13.31 -51.79 -89.82
C ARG U 222 12.41 -51.25 -88.70
N LEU U 223 11.11 -51.14 -88.97
CA LEU U 223 10.19 -50.72 -87.91
C LEU U 223 10.16 -51.72 -86.77
N LEU U 224 10.21 -53.01 -87.09
CA LEU U 224 10.18 -54.02 -86.05
C LEU U 224 11.50 -54.09 -85.29
N GLU U 225 12.63 -53.82 -85.96
CA GLU U 225 13.91 -53.69 -85.25
C GLU U 225 13.87 -52.54 -84.26
N ALA U 226 13.33 -51.39 -84.67
CA ALA U 226 13.18 -50.28 -83.75
C ALA U 226 12.28 -50.64 -82.59
N ARG U 227 11.21 -51.39 -82.86
CA ARG U 227 10.32 -51.82 -81.78
C ARG U 227 11.04 -52.75 -80.81
N GLU U 228 11.85 -53.67 -81.33
CA GLU U 228 12.62 -54.56 -80.46
C GLU U 228 13.57 -53.77 -79.57
N LEU U 229 14.26 -52.79 -80.14
CA LEU U 229 15.13 -51.95 -79.32
C LEU U 229 14.32 -51.16 -78.29
N LEU U 230 13.07 -50.83 -78.60
CA LEU U 230 12.27 -50.08 -77.65
C LEU U 230 11.83 -50.94 -76.48
N LEU U 231 11.37 -52.16 -76.75
CA LEU U 231 10.84 -53.01 -75.68
C LEU U 231 11.92 -53.45 -74.70
N GLU U 232 13.19 -53.37 -75.10
CA GLU U 232 14.31 -53.75 -74.26
C GLU U 232 14.76 -52.63 -73.32
N GLY U 233 14.14 -51.46 -73.39
CA GLY U 233 14.54 -50.32 -72.59
C GLY U 233 15.50 -49.37 -73.26
N ARG U 234 16.09 -49.76 -74.39
CA ARG U 234 16.96 -48.86 -75.15
C ARG U 234 16.09 -47.88 -75.92
N VAL U 235 15.67 -46.82 -75.22
CA VAL U 235 14.79 -45.84 -75.82
C VAL U 235 15.55 -45.00 -76.86
N GLU U 236 16.80 -44.65 -76.57
CA GLU U 236 17.52 -43.69 -77.41
C GLU U 236 17.84 -44.28 -78.78
N GLU U 237 18.35 -45.52 -78.82
CA GLU U 237 18.62 -46.15 -80.09
C GLU U 237 17.32 -46.40 -80.86
N ALA U 238 16.24 -46.72 -80.14
CA ALA U 238 14.94 -46.88 -80.78
C ALA U 238 14.49 -45.60 -81.44
N ALA U 239 14.63 -44.47 -80.75
CA ALA U 239 14.24 -43.19 -81.33
C ALA U 239 15.11 -42.82 -82.52
N HIS U 240 16.41 -43.06 -82.44
CA HIS U 240 17.29 -42.74 -83.57
C HIS U 240 16.93 -43.58 -84.80
N LEU U 241 16.76 -44.89 -84.62
CA LEU U 241 16.46 -45.75 -85.76
C LEU U 241 15.06 -45.47 -86.30
N LEU U 242 14.12 -45.16 -85.41
CA LEU U 242 12.78 -44.80 -85.86
C LEU U 242 12.79 -43.52 -86.68
N GLU U 243 13.53 -42.51 -86.24
CA GLU U 243 13.57 -41.27 -87.00
C GLU U 243 14.26 -41.47 -88.34
N ASP U 244 15.27 -42.33 -88.42
CA ASP U 244 15.90 -42.58 -89.71
C ASP U 244 14.93 -43.26 -90.68
N VAL U 245 14.25 -44.31 -90.22
CA VAL U 245 13.34 -45.01 -91.12
C VAL U 245 12.15 -44.13 -91.47
N TYR U 246 11.69 -43.30 -90.54
CA TYR U 246 10.61 -42.36 -90.83
C TYR U 246 11.03 -41.34 -91.86
N ALA U 247 12.26 -40.84 -91.79
CA ALA U 247 12.71 -39.88 -92.79
C ALA U 247 12.74 -40.50 -94.17
N LEU U 248 13.24 -41.73 -94.28
CA LEU U 248 13.25 -42.39 -95.59
C LEU U 248 11.84 -42.62 -96.11
N PHE U 249 10.95 -43.08 -95.22
CA PHE U 249 9.56 -43.32 -95.61
C PHE U 249 8.87 -42.04 -96.05
N HIS U 250 9.12 -40.94 -95.34
CA HIS U 250 8.41 -39.70 -95.63
C HIS U 250 8.91 -39.09 -96.93
N ARG U 251 10.20 -39.24 -97.22
CA ARG U 251 10.69 -38.87 -98.54
C ARG U 251 9.99 -39.68 -99.62
N GLU U 252 9.80 -40.98 -99.36
CA GLU U 252 9.08 -41.80 -100.33
C GLU U 252 7.64 -41.34 -100.51
N ILE U 253 7.00 -40.91 -99.42
CA ILE U 253 5.63 -40.39 -99.52
C ILE U 253 5.60 -39.13 -100.36
N GLU U 254 6.49 -38.17 -100.07
CA GLU U 254 6.52 -36.92 -100.82
C GLU U 254 6.94 -37.13 -102.27
N ARG U 255 7.56 -38.26 -102.59
CA ARG U 255 7.86 -38.56 -103.98
C ARG U 255 6.60 -38.66 -104.81
N LEU U 256 5.55 -39.28 -104.27
CA LEU U 256 4.32 -39.53 -105.01
C LEU U 256 3.41 -38.31 -105.09
N GLY U 257 3.76 -37.20 -104.44
CA GLY U 257 3.01 -35.97 -104.62
C GLY U 257 1.61 -36.05 -104.04
N PHE U 258 0.62 -35.67 -104.85
CA PHE U 258 -0.79 -35.72 -104.46
C PHE U 258 -1.44 -37.01 -104.95
N GLU U 259 -0.84 -38.13 -104.56
CA GLU U 259 -1.36 -39.46 -104.86
C GLU U 259 -0.60 -40.46 -104.03
N ALA U 260 -1.33 -41.38 -103.38
CA ALA U 260 -0.73 -42.46 -102.60
C ALA U 260 -1.83 -43.41 -102.12
N PRO U 261 -1.56 -44.71 -102.06
CA PRO U 261 -2.57 -45.63 -101.52
C PRO U 261 -2.94 -45.24 -100.11
N GLU U 262 -4.18 -45.55 -99.73
CA GLU U 262 -4.72 -45.04 -98.47
C GLU U 262 -3.95 -45.58 -97.27
N GLU U 263 -3.43 -46.81 -97.38
CA GLU U 263 -2.71 -47.39 -96.25
C GLU U 263 -1.40 -46.65 -95.99
N LEU U 264 -0.75 -46.10 -97.02
CA LEU U 264 0.39 -45.23 -96.80
C LEU U 264 -0.02 -44.02 -95.97
N ARG U 265 -1.16 -43.43 -96.31
CA ARG U 265 -1.62 -42.24 -95.60
C ARG U 265 -1.94 -42.54 -94.15
N VAL U 266 -2.53 -43.70 -93.88
CA VAL U 266 -2.83 -44.06 -92.49
C VAL U 266 -1.56 -44.38 -91.73
N ALA U 267 -0.65 -45.13 -92.35
CA ALA U 267 0.60 -45.50 -91.70
C ALA U 267 1.42 -44.27 -91.36
N ASP U 268 1.31 -43.21 -92.16
CA ASP U 268 2.05 -41.98 -91.84
C ASP U 268 1.60 -41.42 -90.50
N LEU U 269 0.29 -41.36 -90.26
CA LEU U 269 -0.19 -40.85 -88.98
C LEU U 269 0.13 -41.81 -87.85
N LEU U 270 0.09 -43.11 -88.11
CA LEU U 270 0.46 -44.09 -87.08
C LEU U 270 1.91 -43.89 -86.65
N LEU U 271 2.81 -43.73 -87.62
CA LEU U 271 4.22 -43.54 -87.34
C LEU U 271 4.46 -42.21 -86.62
N ALA U 272 3.74 -41.16 -87.02
CA ALA U 272 3.91 -39.88 -86.32
C ALA U 272 3.52 -40.00 -84.86
N ARG U 273 2.39 -40.67 -84.57
CA ARG U 273 1.98 -40.81 -83.18
C ARG U 273 2.93 -41.72 -82.40
N ALA U 274 3.44 -42.77 -83.04
CA ALA U 274 4.41 -43.64 -82.37
C ALA U 274 5.66 -42.85 -81.98
N ILE U 275 6.16 -42.01 -82.90
CA ILE U 275 7.34 -41.21 -82.62
C ILE U 275 7.06 -40.22 -81.50
N ALA U 276 5.88 -39.59 -81.52
CA ALA U 276 5.54 -38.64 -80.46
C ALA U 276 5.50 -39.34 -79.11
N LEU U 277 4.91 -40.54 -79.05
CA LEU U 277 4.84 -41.27 -77.79
C LEU U 277 6.21 -41.66 -77.29
N ILE U 278 7.08 -42.13 -78.19
CA ILE U 278 8.43 -42.50 -77.77
C ILE U 278 9.17 -41.28 -77.23
N LYS U 279 9.04 -40.14 -77.91
CA LYS U 279 9.69 -38.92 -77.43
C LYS U 279 9.14 -38.47 -76.08
N ALA U 280 7.86 -38.74 -75.81
CA ALA U 280 7.26 -38.31 -74.55
C ALA U 280 7.54 -39.25 -73.38
N ILE U 281 8.13 -40.41 -73.63
CA ILE U 281 8.50 -41.32 -72.55
C ILE U 281 9.44 -40.63 -71.57
N THR V 24 -30.73 -8.25 -112.37
CA THR V 24 -31.00 -9.36 -111.46
C THR V 24 -30.17 -9.24 -110.19
N VAL V 25 -29.17 -8.36 -110.23
CA VAL V 25 -28.23 -8.23 -109.11
C VAL V 25 -28.95 -7.76 -107.86
N VAL V 26 -29.80 -6.73 -107.99
CA VAL V 26 -30.56 -6.25 -106.84
C VAL V 26 -31.55 -7.30 -106.38
N GLU V 27 -32.13 -8.05 -107.31
CA GLU V 27 -32.98 -9.16 -106.92
C GLU V 27 -32.19 -10.23 -106.16
N GLU V 28 -30.95 -10.48 -106.58
CA GLU V 28 -30.11 -11.43 -105.85
C GLU V 28 -29.81 -10.93 -104.44
N VAL V 29 -29.56 -9.63 -104.29
CA VAL V 29 -29.30 -9.08 -102.96
C VAL V 29 -30.55 -9.19 -102.08
N ARG V 30 -31.71 -8.87 -102.64
CA ARG V 30 -32.96 -9.00 -101.88
C ARG V 30 -33.18 -10.45 -101.48
N ARG V 31 -33.00 -11.38 -102.41
CA ARG V 31 -33.22 -12.79 -102.11
C ARG V 31 -32.25 -13.27 -101.03
N PHE V 32 -30.98 -12.86 -101.12
CA PHE V 32 -30.00 -13.24 -100.11
C PHE V 32 -30.39 -12.74 -98.74
N ALA V 33 -30.78 -11.46 -98.64
CA ALA V 33 -31.15 -10.90 -97.34
C ALA V 33 -32.40 -11.58 -96.78
N GLU V 34 -33.41 -11.79 -97.62
CA GLU V 34 -34.65 -12.40 -97.15
C GLU V 34 -34.42 -13.84 -96.72
N GLU V 35 -33.64 -14.61 -97.48
CA GLU V 35 -33.37 -15.98 -97.10
C GLU V 35 -32.61 -16.05 -95.78
N LEU V 36 -31.64 -15.16 -95.59
CA LEU V 36 -30.93 -15.14 -94.32
C LEU V 36 -31.86 -14.78 -93.17
N ALA V 37 -32.77 -13.83 -93.38
CA ALA V 37 -33.71 -13.45 -92.32
C ALA V 37 -34.66 -14.60 -91.99
N GLU V 38 -35.17 -15.29 -93.01
CA GLU V 38 -36.04 -16.43 -92.78
C GLU V 38 -35.31 -17.52 -91.99
N GLU V 39 -34.06 -17.80 -92.35
CA GLU V 39 -33.30 -18.81 -91.61
C GLU V 39 -33.07 -18.37 -90.17
N VAL V 40 -32.83 -17.08 -89.95
CA VAL V 40 -32.65 -16.58 -88.59
C VAL V 40 -33.90 -16.82 -87.78
N LEU V 41 -35.06 -16.53 -88.37
CA LEU V 41 -36.33 -16.73 -87.67
C LEU V 41 -36.61 -18.22 -87.42
N ARG V 42 -36.31 -19.07 -88.40
CA ARG V 42 -36.55 -20.50 -88.22
C ARG V 42 -35.68 -21.07 -87.11
N VAL V 43 -34.39 -20.74 -87.11
CA VAL V 43 -33.50 -21.30 -86.10
C VAL V 43 -33.82 -20.73 -84.72
N GLY V 44 -34.00 -19.41 -84.63
CA GLY V 44 -34.21 -18.77 -83.35
C GLY V 44 -35.64 -18.48 -82.96
N GLY V 45 -36.58 -18.68 -83.85
CA GLY V 45 -37.96 -18.43 -83.49
C GLY V 45 -38.26 -16.95 -83.33
N GLU V 46 -39.20 -16.67 -82.43
CA GLU V 46 -39.56 -15.29 -82.11
C GLU V 46 -38.71 -14.73 -80.97
N ALA V 47 -37.74 -15.49 -80.47
CA ALA V 47 -36.87 -14.96 -79.42
C ALA V 47 -36.07 -13.77 -79.91
N MET V 48 -35.53 -13.85 -81.13
CA MET V 48 -34.84 -12.75 -81.79
C MET V 48 -35.53 -12.44 -83.11
N ARG V 49 -36.56 -11.61 -83.03
CA ARG V 49 -37.17 -10.92 -84.17
C ARG V 49 -36.36 -9.70 -84.58
N PRO V 50 -35.71 -8.97 -83.66
CA PRO V 50 -34.88 -7.83 -84.09
C PRO V 50 -33.86 -8.16 -85.17
N TYR V 51 -33.21 -9.33 -85.09
CA TYR V 51 -32.16 -9.65 -86.04
C TYR V 51 -32.73 -9.83 -87.45
N ALA V 52 -33.95 -10.36 -87.56
CA ALA V 52 -34.58 -10.45 -88.87
C ALA V 52 -34.83 -9.07 -89.46
N GLU V 53 -35.27 -8.13 -88.64
CA GLU V 53 -35.47 -6.77 -89.12
C GLU V 53 -34.16 -6.13 -89.53
N MET V 54 -33.10 -6.36 -88.76
CA MET V 54 -31.79 -5.81 -89.08
C MET V 54 -31.28 -6.36 -90.41
N VAL V 55 -31.42 -7.67 -90.63
CA VAL V 55 -31.02 -8.25 -91.89
C VAL V 55 -31.84 -7.67 -93.03
N ARG V 56 -33.14 -7.51 -92.83
CA ARG V 56 -34.00 -7.04 -93.92
C ARG V 56 -33.70 -5.58 -94.27
N HIS V 57 -33.47 -4.72 -93.28
CA HIS V 57 -33.09 -3.35 -93.57
C HIS V 57 -31.70 -3.23 -94.17
N LEU V 58 -30.75 -4.07 -93.77
CA LEU V 58 -29.44 -4.00 -94.42
C LEU V 58 -29.54 -4.49 -95.86
N GLY V 59 -30.39 -5.47 -96.14
CA GLY V 59 -30.65 -5.82 -97.53
C GLY V 59 -31.27 -4.67 -98.30
N GLU V 60 -32.19 -3.93 -97.67
CA GLU V 60 -32.82 -2.79 -98.33
C GLU V 60 -31.81 -1.67 -98.58
N ALA V 61 -30.94 -1.39 -97.62
CA ALA V 61 -29.91 -0.37 -97.82
C ALA V 61 -28.97 -0.76 -98.94
N ALA V 62 -28.60 -2.04 -99.02
CA ALA V 62 -27.74 -2.50 -100.11
C ALA V 62 -28.41 -2.31 -101.45
N VAL V 63 -29.68 -2.69 -101.57
CA VAL V 63 -30.33 -2.56 -102.88
C VAL V 63 -30.57 -1.10 -103.22
N ALA V 64 -30.82 -0.26 -102.22
CA ALA V 64 -30.91 1.18 -102.47
C ALA V 64 -29.61 1.71 -103.04
N ALA V 65 -28.48 1.32 -102.44
CA ALA V 65 -27.19 1.76 -102.95
C ALA V 65 -26.95 1.26 -104.37
N LEU V 66 -27.31 0.01 -104.65
CA LEU V 66 -27.14 -0.51 -106.00
C LEU V 66 -28.07 0.14 -107.02
N GLU V 67 -29.17 0.74 -106.58
CA GLU V 67 -30.12 1.33 -107.52
C GLU V 67 -30.16 2.85 -107.40
N GLY V 68 -29.00 3.49 -107.36
CA GLY V 68 -28.93 4.92 -107.15
C GLY V 68 -28.78 5.24 -105.68
N ARG V 69 -29.20 6.45 -105.32
CA ARG V 69 -29.36 6.87 -103.93
C ARG V 69 -28.04 6.94 -103.16
N ALA V 70 -27.98 7.83 -102.17
CA ALA V 70 -26.91 7.86 -101.19
C ALA V 70 -27.39 8.21 -99.80
N GLU V 71 -28.58 8.77 -99.65
CA GLU V 71 -29.11 9.23 -98.37
C GLU V 71 -30.00 8.19 -97.70
N GLU V 72 -30.77 7.43 -98.49
CA GLU V 72 -31.55 6.34 -97.94
C GLU V 72 -30.64 5.28 -97.34
N ALA V 73 -29.50 5.01 -98.00
CA ALA V 73 -28.54 4.07 -97.45
C ALA V 73 -28.03 4.54 -96.08
N ASP V 74 -27.68 5.83 -95.98
CA ASP V 74 -27.22 6.38 -94.71
C ASP V 74 -28.29 6.25 -93.64
N ARG V 75 -29.54 6.57 -93.99
CA ARG V 75 -30.60 6.52 -92.99
C ARG V 75 -30.86 5.10 -92.52
N LEU V 76 -30.93 4.15 -93.44
CA LEU V 76 -31.18 2.77 -93.07
C LEU V 76 -30.04 2.22 -92.21
N VAL V 77 -28.80 2.53 -92.58
CA VAL V 77 -27.67 2.05 -91.80
C VAL V 77 -27.69 2.65 -90.40
N ARG V 78 -28.10 3.92 -90.28
CA ARG V 78 -28.23 4.52 -88.96
C ARG V 78 -29.34 3.86 -88.14
N ASP V 79 -30.44 3.51 -88.79
CA ASP V 79 -31.53 2.80 -88.11
C ASP V 79 -31.05 1.45 -87.57
N VAL V 80 -30.35 0.68 -88.40
CA VAL V 80 -29.83 -0.61 -87.96
C VAL V 80 -28.79 -0.41 -86.87
N LEU V 81 -28.01 0.66 -86.94
CA LEU V 81 -27.07 0.94 -85.87
C LEU V 81 -27.79 1.20 -84.56
N GLU V 82 -28.91 1.91 -84.61
CA GLU V 82 -29.71 2.14 -83.40
C GLU V 82 -30.26 0.82 -82.85
N MET V 83 -30.75 -0.05 -83.73
CA MET V 83 -31.24 -1.35 -83.28
C MET V 83 -30.12 -2.14 -82.61
N ALA V 84 -28.94 -2.16 -83.21
CA ALA V 84 -27.81 -2.85 -82.60
C ALA V 84 -27.46 -2.25 -81.25
N ARG V 85 -27.58 -0.93 -81.13
CA ARG V 85 -27.34 -0.28 -79.84
C ARG V 85 -28.31 -0.79 -78.79
N GLU V 86 -29.60 -0.84 -79.12
CA GLU V 86 -30.58 -1.20 -78.09
C GLU V 86 -30.54 -2.68 -77.74
N VAL V 87 -30.36 -3.55 -78.74
CA VAL V 87 -30.36 -4.99 -78.48
C VAL V 87 -29.20 -5.38 -77.58
N GLY V 88 -28.02 -4.85 -77.87
CA GLY V 88 -26.81 -5.20 -77.14
C GLY V 88 -25.70 -5.75 -78.00
N ALA V 89 -25.87 -5.84 -79.31
CA ALA V 89 -24.81 -6.31 -80.19
C ALA V 89 -23.74 -5.25 -80.29
N GLU V 90 -22.55 -5.54 -79.76
CA GLU V 90 -21.47 -4.55 -79.75
C GLU V 90 -20.64 -4.59 -81.02
N GLY V 91 -20.06 -5.75 -81.34
CA GLY V 91 -19.24 -5.84 -82.54
C GLY V 91 -20.02 -5.51 -83.79
N LEU V 92 -21.28 -5.91 -83.84
CA LEU V 92 -22.12 -5.55 -84.97
C LEU V 92 -22.34 -4.05 -85.04
N ALA V 93 -22.50 -3.39 -83.89
CA ALA V 93 -22.65 -1.94 -83.87
C ALA V 93 -21.40 -1.24 -84.40
N ARG V 94 -20.22 -1.68 -83.96
CA ARG V 94 -18.98 -1.10 -84.47
C ARG V 94 -18.87 -1.29 -85.98
N LEU V 95 -19.15 -2.51 -86.44
CA LEU V 95 -19.09 -2.76 -87.88
C LEU V 95 -20.07 -1.87 -88.61
N LEU V 96 -21.24 -1.63 -88.03
CA LEU V 96 -22.25 -0.80 -88.71
C LEU V 96 -21.82 0.65 -88.81
N GLU V 97 -21.17 1.18 -87.76
CA GLU V 97 -20.62 2.53 -87.87
C GLU V 97 -19.57 2.60 -88.98
N ARG V 98 -18.69 1.59 -89.04
CA ARG V 98 -17.68 1.57 -90.09
C ARG V 98 -18.31 1.50 -91.48
N VAL V 99 -19.34 0.68 -91.64
CA VAL V 99 -20.06 0.65 -92.91
C VAL V 99 -20.64 2.02 -93.23
N HIS V 100 -21.17 2.71 -92.23
CA HIS V 100 -21.75 4.02 -92.46
C HIS V 100 -20.72 4.97 -93.06
N ARG V 101 -19.56 5.09 -92.39
CA ARG V 101 -18.54 6.04 -92.86
C ARG V 101 -18.01 5.67 -94.24
N GLU V 102 -17.59 4.41 -94.41
CA GLU V 102 -17.03 4.01 -95.70
C GLU V 102 -18.06 4.07 -96.81
N ALA V 103 -19.33 3.76 -96.52
CA ALA V 103 -20.34 3.89 -97.55
C ALA V 103 -20.50 5.33 -97.98
N ARG V 104 -20.45 6.26 -97.02
CA ARG V 104 -20.51 7.68 -97.38
C ARG V 104 -19.33 8.07 -98.27
N GLU V 105 -18.11 7.64 -97.91
CA GLU V 105 -16.94 8.01 -98.70
C GLU V 105 -17.04 7.47 -100.12
N LEU V 106 -17.35 6.18 -100.26
CA LEU V 106 -17.38 5.60 -101.60
C LEU V 106 -18.55 6.11 -102.43
N LEU V 107 -19.67 6.44 -101.78
CA LEU V 107 -20.77 7.02 -102.53
C LEU V 107 -20.45 8.43 -102.99
N ARG V 108 -19.67 9.17 -102.20
CA ARG V 108 -19.17 10.46 -102.67
C ARG V 108 -18.24 10.27 -103.86
N GLU V 109 -17.38 9.26 -103.80
CA GLU V 109 -16.47 8.98 -104.91
C GLU V 109 -17.18 8.38 -106.13
N GLY V 110 -18.45 8.00 -105.99
CA GLY V 110 -19.20 7.51 -107.12
C GLY V 110 -19.16 6.00 -107.32
N ARG V 111 -18.38 5.27 -106.53
CA ARG V 111 -18.33 3.82 -106.63
C ARG V 111 -19.47 3.23 -105.82
N ARG V 112 -20.27 2.38 -106.45
CA ARG V 112 -21.48 1.84 -105.83
C ARG V 112 -21.34 0.40 -105.37
N GLU V 113 -20.60 -0.43 -106.13
CA GLU V 113 -20.55 -1.85 -105.82
C GLU V 113 -19.92 -2.12 -104.46
N GLU V 114 -18.85 -1.39 -104.13
CA GLU V 114 -18.16 -1.65 -102.87
C GLU V 114 -18.97 -1.22 -101.66
N ALA V 115 -19.76 -0.15 -101.76
CA ALA V 115 -20.64 0.23 -100.65
C ALA V 115 -21.70 -0.84 -100.40
N ALA V 116 -22.33 -1.33 -101.47
CA ALA V 116 -23.25 -2.45 -101.32
C ALA V 116 -22.54 -3.69 -100.79
N ALA V 117 -21.27 -3.86 -101.13
CA ALA V 117 -20.51 -4.99 -100.62
C ALA V 117 -20.34 -4.90 -99.11
N LEU V 118 -19.99 -3.71 -98.61
CA LEU V 118 -19.89 -3.56 -97.17
C LEU V 118 -21.23 -3.80 -96.49
N VAL V 119 -22.31 -3.30 -97.09
CA VAL V 119 -23.63 -3.49 -96.50
C VAL V 119 -24.02 -4.96 -96.47
N LEU V 120 -23.74 -5.69 -97.56
CA LEU V 120 -24.06 -7.12 -97.61
C LEU V 120 -23.25 -7.89 -96.59
N ALA V 121 -21.97 -7.56 -96.43
CA ALA V 121 -21.18 -8.21 -95.39
C ALA V 121 -21.77 -7.91 -94.02
N ALA V 122 -22.28 -6.70 -93.81
CA ALA V 122 -22.91 -6.37 -92.53
C ALA V 122 -24.16 -7.21 -92.29
N ALA V 123 -24.98 -7.39 -93.31
CA ALA V 123 -26.18 -8.22 -93.18
C ALA V 123 -25.81 -9.66 -92.85
N LEU V 124 -24.78 -10.19 -93.54
CA LEU V 124 -24.33 -11.54 -93.25
C LEU V 124 -23.82 -11.66 -91.83
N ALA V 125 -23.10 -10.64 -91.34
CA ALA V 125 -22.63 -10.69 -89.97
C ALA V 125 -23.80 -10.72 -88.99
N ALA V 126 -24.84 -9.90 -89.25
CA ALA V 126 -26.00 -9.88 -88.37
C ALA V 126 -26.71 -11.23 -88.34
N GLY V 127 -27.01 -11.78 -89.52
CA GLY V 127 -27.69 -13.06 -89.58
C GLY V 127 -26.88 -14.19 -88.96
N ALA V 128 -25.59 -14.27 -89.31
CA ALA V 128 -24.76 -15.32 -88.79
C ALA V 128 -24.58 -15.20 -87.28
N VAL V 129 -24.51 -13.98 -86.76
CA VAL V 129 -24.45 -13.79 -85.32
C VAL V 129 -25.72 -14.31 -84.65
N ALA V 130 -26.88 -13.96 -85.20
CA ALA V 130 -28.13 -14.43 -84.61
C ALA V 130 -28.20 -15.94 -84.59
N VAL V 131 -27.88 -16.58 -85.71
CA VAL V 131 -27.92 -18.04 -85.77
C VAL V 131 -26.88 -18.64 -84.84
N ALA V 132 -25.73 -17.99 -84.70
CA ALA V 132 -24.70 -18.51 -83.82
C ALA V 132 -25.16 -18.53 -82.37
N GLU V 133 -25.76 -17.45 -81.88
CA GLU V 133 -26.21 -17.49 -80.49
C GLU V 133 -27.43 -18.41 -80.33
N ALA V 134 -28.23 -18.56 -81.39
CA ALA V 134 -29.31 -19.54 -81.32
C ALA V 134 -28.75 -20.94 -81.13
N TYR V 135 -27.74 -21.31 -81.92
CA TYR V 135 -27.13 -22.63 -81.79
C TYR V 135 -26.47 -22.80 -80.43
N VAL V 136 -25.81 -21.76 -79.93
CA VAL V 136 -25.12 -21.86 -78.65
C VAL V 136 -26.11 -22.01 -77.49
N ARG V 137 -27.24 -21.31 -77.56
CA ARG V 137 -28.21 -21.40 -76.45
C ARG V 137 -28.78 -22.80 -76.30
N LEU V 138 -29.13 -23.44 -77.41
CA LEU V 138 -29.70 -24.79 -77.35
C LEU V 138 -28.65 -25.87 -77.45
N GLY V 139 -27.37 -25.54 -77.25
CA GLY V 139 -26.32 -26.52 -77.04
C GLY V 139 -26.02 -27.48 -78.17
N GLN V 140 -25.98 -26.99 -79.40
CA GLN V 140 -25.59 -27.85 -80.51
C GLN V 140 -24.06 -27.87 -80.65
N PRO V 141 -23.51 -28.94 -81.23
CA PRO V 141 -22.05 -29.07 -81.29
C PRO V 141 -21.43 -28.03 -82.20
N ILE V 142 -20.13 -27.79 -81.95
CA ILE V 142 -19.39 -26.73 -82.64
C ILE V 142 -19.17 -27.04 -84.12
N ARG V 143 -19.17 -28.32 -84.51
CA ARG V 143 -19.06 -28.64 -85.93
C ARG V 143 -20.14 -27.95 -86.74
N LEU V 144 -21.36 -27.88 -86.21
CA LEU V 144 -22.46 -27.26 -86.94
C LEU V 144 -22.24 -25.78 -87.14
N ILE V 145 -21.81 -25.07 -86.09
CA ILE V 145 -21.52 -23.65 -86.24
C ILE V 145 -20.41 -23.44 -87.26
N ALA V 146 -19.33 -24.21 -87.16
CA ALA V 146 -18.19 -24.03 -88.06
C ALA V 146 -18.58 -24.27 -89.51
N GLU V 147 -19.30 -25.35 -89.77
CA GLU V 147 -19.72 -25.65 -91.14
C GLU V 147 -20.69 -24.60 -91.65
N TYR V 148 -21.60 -24.13 -90.78
CA TYR V 148 -22.55 -23.11 -91.20
C TYR V 148 -21.84 -21.83 -91.64
N VAL V 149 -20.95 -21.31 -90.79
CA VAL V 149 -20.27 -20.06 -91.13
C VAL V 149 -19.38 -20.23 -92.35
N ALA V 150 -18.67 -21.36 -92.45
CA ALA V 150 -17.81 -21.55 -93.61
C ALA V 150 -18.61 -21.55 -94.90
N GLU V 151 -19.75 -22.24 -94.92
CA GLU V 151 -20.54 -22.27 -96.14
C GLU V 151 -21.13 -20.90 -96.46
N ARG V 152 -21.56 -20.16 -95.43
CA ARG V 152 -22.10 -18.83 -95.67
C ARG V 152 -21.03 -17.90 -96.24
N LEU V 153 -19.80 -17.98 -95.72
CA LEU V 153 -18.72 -17.16 -96.26
C LEU V 153 -18.44 -17.51 -97.71
N VAL V 154 -18.46 -18.79 -98.06
CA VAL V 154 -18.23 -19.17 -99.45
C VAL V 154 -19.34 -18.61 -100.35
N GLU V 155 -20.59 -18.69 -99.90
CA GLU V 155 -21.70 -18.16 -100.69
C GLU V 155 -21.57 -16.64 -100.89
N LEU V 156 -21.22 -15.93 -99.83
CA LEU V 156 -21.02 -14.49 -99.95
C LEU V 156 -19.87 -14.17 -100.88
N ALA V 157 -18.79 -14.94 -100.83
CA ALA V 157 -17.67 -14.72 -101.73
C ALA V 157 -18.11 -14.92 -103.18
N GLU V 158 -18.94 -15.92 -103.44
CA GLU V 158 -19.44 -16.11 -104.79
C GLU V 158 -20.28 -14.91 -105.22
N LEU V 159 -21.13 -14.41 -104.33
CA LEU V 159 -21.96 -13.25 -104.68
C LEU V 159 -21.10 -12.03 -104.98
N LEU V 160 -20.13 -11.73 -104.12
CA LEU V 160 -19.27 -10.57 -104.33
C LEU V 160 -18.43 -10.71 -105.58
N ARG V 161 -18.04 -11.93 -105.95
CA ARG V 161 -17.40 -12.14 -107.23
C ARG V 161 -18.35 -11.84 -108.37
N ARG V 162 -19.63 -12.18 -108.21
CA ARG V 162 -20.60 -11.87 -109.25
C ARG V 162 -20.77 -10.35 -109.42
N LEU V 163 -20.80 -9.60 -108.32
CA LEU V 163 -20.99 -8.15 -108.41
C LEU V 163 -19.81 -7.50 -109.15
N GLY V 164 -18.59 -7.77 -108.71
CA GLY V 164 -17.42 -7.20 -109.36
C GLY V 164 -16.37 -6.64 -108.42
N VAL V 165 -16.57 -6.85 -107.12
CA VAL V 165 -15.58 -6.37 -106.14
C VAL V 165 -14.26 -7.10 -106.35
N PRO V 166 -13.11 -6.45 -106.21
CA PRO V 166 -11.83 -7.16 -106.34
C PRO V 166 -11.60 -8.15 -105.20
N LEU V 167 -10.77 -9.15 -105.49
CA LEU V 167 -10.67 -10.32 -104.63
C LEU V 167 -10.13 -9.97 -103.25
N ARG V 168 -9.11 -9.12 -103.17
CA ARG V 168 -8.51 -8.82 -101.88
C ARG V 168 -9.50 -8.10 -100.96
N ARG V 169 -10.34 -7.23 -101.54
CA ARG V 169 -11.41 -6.64 -100.75
C ARG V 169 -12.41 -7.70 -100.28
N ILE V 170 -12.68 -8.68 -101.14
CA ILE V 170 -13.55 -9.78 -100.72
C ILE V 170 -12.99 -10.45 -99.48
N ILE V 171 -11.70 -10.77 -99.50
CA ILE V 171 -11.12 -11.49 -98.38
C ILE V 171 -11.11 -10.62 -97.13
N ARG V 172 -10.88 -9.32 -97.29
CA ARG V 172 -10.91 -8.43 -96.14
C ARG V 172 -12.31 -8.37 -95.51
N LEU V 173 -13.35 -8.30 -96.34
CA LEU V 173 -14.72 -8.31 -95.83
C LEU V 173 -15.02 -9.62 -95.11
N LEU V 174 -14.59 -10.74 -95.69
CA LEU V 174 -14.86 -12.04 -95.08
C LEU V 174 -14.18 -12.14 -93.72
N GLU V 175 -12.96 -11.62 -93.61
CA GLU V 175 -12.28 -11.64 -92.33
C GLU V 175 -12.97 -10.73 -91.31
N GLU V 176 -13.54 -9.60 -91.76
CA GLU V 176 -14.31 -8.77 -90.83
C GLU V 176 -15.53 -9.52 -90.32
N VAL V 177 -16.24 -10.21 -91.20
CA VAL V 177 -17.40 -11.00 -90.80
C VAL V 177 -16.99 -12.07 -89.80
N LEU V 178 -15.88 -12.75 -90.06
CA LEU V 178 -15.40 -13.77 -89.14
C LEU V 178 -15.06 -13.17 -87.79
N ARG V 179 -14.49 -11.97 -87.78
CA ARG V 179 -14.16 -11.32 -86.51
C ARG V 179 -15.41 -11.04 -85.70
N VAL V 180 -16.46 -10.54 -86.36
CA VAL V 180 -17.71 -10.27 -85.67
C VAL V 180 -18.32 -11.56 -85.12
N VAL V 181 -18.31 -12.63 -85.92
CA VAL V 181 -18.88 -13.90 -85.48
C VAL V 181 -18.10 -14.43 -84.28
N ALA V 182 -16.78 -14.33 -84.31
CA ALA V 182 -15.97 -14.78 -83.18
C ALA V 182 -16.26 -13.96 -81.93
N GLU V 183 -16.44 -12.65 -82.09
CA GLU V 183 -16.80 -11.83 -80.93
C GLU V 183 -18.14 -12.25 -80.35
N ALA V 184 -19.12 -12.52 -81.22
CA ALA V 184 -20.43 -12.96 -80.76
C ALA V 184 -20.32 -14.27 -79.98
N LEU V 185 -19.57 -15.22 -80.53
CA LEU V 185 -19.39 -16.50 -79.84
C LEU V 185 -18.65 -16.32 -78.52
N ARG V 186 -17.74 -15.35 -78.44
CA ARG V 186 -17.07 -15.09 -77.18
C ARG V 186 -18.04 -14.55 -76.14
N ARG V 187 -18.94 -13.64 -76.55
CA ARG V 187 -19.89 -13.09 -75.60
C ARG V 187 -20.88 -14.13 -75.10
N ALA V 188 -21.09 -15.21 -75.87
CA ALA V 188 -22.00 -16.27 -75.47
C ALA V 188 -21.33 -17.32 -74.59
N GLY V 189 -20.07 -17.13 -74.21
CA GLY V 189 -19.39 -18.04 -73.32
C GLY V 189 -18.71 -19.23 -73.96
N VAL V 190 -18.67 -19.29 -75.30
CA VAL V 190 -18.00 -20.42 -75.96
C VAL V 190 -16.51 -20.38 -75.64
N PRO V 191 -15.89 -21.48 -75.25
CA PRO V 191 -14.47 -21.45 -74.90
C PRO V 191 -13.60 -21.08 -76.11
N GLU V 192 -12.47 -20.45 -75.82
CA GLU V 192 -11.62 -19.89 -76.88
C GLU V 192 -11.14 -20.92 -77.88
N PRO V 193 -10.65 -22.11 -77.48
CA PRO V 193 -10.19 -23.06 -78.50
C PRO V 193 -11.25 -23.43 -79.53
N GLU V 194 -12.52 -23.48 -79.14
CA GLU V 194 -13.56 -23.75 -80.12
C GLU V 194 -13.72 -22.59 -81.09
N ILE V 195 -13.53 -21.36 -80.62
CA ILE V 195 -13.57 -20.21 -81.52
C ILE V 195 -12.43 -20.28 -82.53
N ARG V 196 -11.24 -20.66 -82.07
CA ARG V 196 -10.11 -20.82 -82.98
C ARG V 196 -10.39 -21.93 -83.98
N LYS V 197 -11.03 -23.01 -83.53
CA LYS V 197 -11.43 -24.08 -84.45
C LYS V 197 -12.38 -23.57 -85.52
N VAL V 198 -13.34 -22.74 -85.11
CA VAL V 198 -14.28 -22.16 -86.07
C VAL V 198 -13.54 -21.35 -87.12
N GLU V 199 -12.66 -20.45 -86.67
CA GLU V 199 -11.97 -19.58 -87.61
C GLU V 199 -11.06 -20.36 -88.53
N ALA V 200 -10.32 -21.33 -87.99
CA ALA V 200 -9.41 -22.14 -88.80
C ALA V 200 -10.17 -22.95 -89.84
N ALA V 201 -11.33 -23.49 -89.46
CA ALA V 201 -12.15 -24.20 -90.44
C ALA V 201 -12.60 -23.26 -91.55
N ALA V 202 -12.99 -22.03 -91.19
CA ALA V 202 -13.39 -21.05 -92.19
C ALA V 202 -12.25 -20.73 -93.15
N TYR V 203 -11.04 -20.56 -92.61
CA TYR V 203 -9.89 -20.24 -93.45
C TYR V 203 -9.54 -21.38 -94.39
N ILE V 204 -9.58 -22.62 -93.90
CA ILE V 204 -9.27 -23.78 -94.74
C ILE V 204 -10.32 -23.94 -95.83
N ARG V 205 -11.59 -23.68 -95.50
CA ARG V 205 -12.63 -23.76 -96.53
C ARG V 205 -12.44 -22.68 -97.58
N LEU V 206 -12.10 -21.46 -97.15
CA LEU V 206 -11.86 -20.37 -98.11
C LEU V 206 -10.67 -20.68 -99.00
N ALA V 207 -9.58 -21.19 -98.42
CA ALA V 207 -8.40 -21.55 -99.20
C ALA V 207 -8.73 -22.62 -100.21
N ALA V 208 -9.48 -23.65 -99.81
CA ALA V 208 -9.87 -24.69 -100.74
C ALA V 208 -10.73 -24.14 -101.87
N TYR V 209 -11.67 -23.25 -101.54
CA TYR V 209 -12.53 -22.66 -102.56
C TYR V 209 -11.73 -21.84 -103.55
N LEU V 210 -10.75 -21.07 -103.08
CA LEU V 210 -9.90 -20.32 -104.00
C LEU V 210 -9.05 -21.24 -104.86
N LEU V 211 -8.51 -22.31 -104.27
CA LEU V 211 -7.63 -23.20 -105.03
C LEU V 211 -8.39 -23.99 -106.08
N ARG V 212 -9.68 -24.26 -105.85
CA ARG V 212 -10.41 -25.10 -106.80
C ARG V 212 -10.64 -24.40 -108.13
N GLN V 213 -10.79 -23.08 -108.12
CA GLN V 213 -11.09 -22.36 -109.37
C GLN V 213 -9.95 -22.49 -110.37
N LEU V 214 -8.72 -22.43 -109.91
CA LEU V 214 -7.55 -22.47 -110.78
C LEU V 214 -7.22 -23.87 -111.27
N GLY V 215 -7.90 -24.89 -110.76
CA GLY V 215 -7.67 -26.23 -111.26
C GLY V 215 -6.66 -27.02 -110.45
N TYR V 216 -6.70 -26.87 -109.13
CA TYR V 216 -5.91 -27.68 -108.21
C TYR V 216 -6.89 -28.48 -107.37
N GLU V 217 -7.37 -29.59 -107.92
CA GLU V 217 -8.40 -30.36 -107.24
C GLU V 217 -7.82 -31.15 -106.08
N ALA V 218 -6.72 -31.87 -106.33
CA ALA V 218 -6.13 -32.72 -105.29
C ALA V 218 -5.77 -31.90 -104.06
N LEU V 219 -5.22 -30.71 -104.27
CA LEU V 219 -4.91 -29.82 -103.16
C LEU V 219 -6.16 -29.50 -102.34
N ALA V 220 -7.27 -29.20 -103.02
CA ALA V 220 -8.50 -28.90 -102.30
C ALA V 220 -9.00 -30.11 -101.51
N LYS V 221 -8.92 -31.31 -102.10
CA LYS V 221 -9.34 -32.49 -101.35
C LYS V 221 -8.49 -32.71 -100.11
N ARG V 222 -7.17 -32.54 -100.22
CA ARG V 222 -6.32 -32.73 -99.05
C ARG V 222 -6.61 -31.69 -97.98
N LEU V 223 -6.86 -30.44 -98.38
CA LEU V 223 -7.18 -29.41 -97.41
C LEU V 223 -8.50 -29.70 -96.70
N LEU V 224 -9.49 -30.20 -97.44
CA LEU V 224 -10.77 -30.51 -96.80
C LEU V 224 -10.68 -31.76 -95.94
N GLU V 225 -9.82 -32.72 -96.28
CA GLU V 225 -9.56 -33.84 -95.38
C GLU V 225 -8.96 -33.36 -94.07
N ALA V 226 -7.98 -32.45 -94.14
CA ALA V 226 -7.42 -31.89 -92.93
C ALA V 226 -8.49 -31.16 -92.13
N ARG V 227 -9.39 -30.45 -92.81
CA ARG V 227 -10.47 -29.77 -92.11
C ARG V 227 -11.39 -30.76 -91.40
N GLU V 228 -11.73 -31.87 -92.06
CA GLU V 228 -12.57 -32.89 -91.42
C GLU V 228 -11.89 -33.45 -90.19
N LEU V 229 -10.59 -33.77 -90.29
CA LEU V 229 -9.88 -34.25 -89.12
C LEU V 229 -9.84 -33.20 -88.02
N LEU V 230 -9.85 -31.92 -88.38
CA LEU V 230 -9.83 -30.87 -87.36
C LEU V 230 -11.17 -30.79 -86.63
N LEU V 231 -12.28 -30.81 -87.38
CA LEU V 231 -13.58 -30.64 -86.76
C LEU V 231 -13.96 -31.80 -85.86
N GLU V 232 -13.32 -32.95 -86.02
CA GLU V 232 -13.60 -34.14 -85.21
C GLU V 232 -12.86 -34.14 -83.89
N GLY V 233 -12.03 -33.13 -83.63
CA GLY V 233 -11.24 -33.09 -82.42
C GLY V 233 -9.85 -33.65 -82.56
N ARG V 234 -9.55 -34.36 -83.64
CA ARG V 234 -8.20 -34.85 -83.92
C ARG V 234 -7.37 -33.68 -84.42
N VAL V 235 -6.86 -32.90 -83.47
CA VAL V 235 -6.09 -31.71 -83.83
C VAL V 235 -4.74 -32.10 -84.41
N GLU V 236 -4.10 -33.13 -83.84
CA GLU V 236 -2.71 -33.44 -84.19
C GLU V 236 -2.61 -33.99 -85.61
N GLU V 237 -3.50 -34.91 -85.99
CA GLU V 237 -3.49 -35.41 -87.35
C GLU V 237 -3.86 -34.31 -88.34
N ALA V 238 -4.74 -33.39 -87.93
CA ALA V 238 -5.07 -32.25 -88.77
C ALA V 238 -3.85 -31.38 -89.01
N ALA V 239 -3.08 -31.10 -87.96
CA ALA V 239 -1.88 -30.29 -88.11
C ALA V 239 -0.84 -30.99 -88.97
N HIS V 240 -0.67 -32.30 -88.81
CA HIS V 240 0.33 -33.01 -89.60
C HIS V 240 -0.05 -33.03 -91.08
N LEU V 241 -1.30 -33.37 -91.38
CA LEU V 241 -1.71 -33.41 -92.79
C LEU V 241 -1.72 -32.01 -93.40
N LEU V 242 -2.07 -31.00 -92.60
CA LEU V 242 -2.03 -29.63 -93.07
C LEU V 242 -0.62 -29.19 -93.40
N GLU V 243 0.35 -29.51 -92.54
CA GLU V 243 1.72 -29.09 -92.84
C GLU V 243 2.29 -29.84 -94.03
N ASP V 244 1.91 -31.10 -94.23
CA ASP V 244 2.36 -31.80 -95.42
C ASP V 244 1.82 -31.15 -96.70
N VAL V 245 0.52 -30.88 -96.73
CA VAL V 245 -0.04 -30.29 -97.94
C VAL V 245 0.48 -28.87 -98.14
N TYR V 246 0.68 -28.11 -97.05
CA TYR V 246 1.25 -26.77 -97.18
C TYR V 246 2.67 -26.82 -97.71
N ALA V 247 3.46 -27.80 -97.28
CA ALA V 247 4.83 -27.91 -97.79
C ALA V 247 4.83 -28.17 -99.28
N LEU V 248 3.99 -29.08 -99.75
CA LEU V 248 3.94 -29.34 -101.19
C LEU V 248 3.46 -28.10 -101.95
N PHE V 249 2.44 -27.43 -101.43
CA PHE V 249 1.94 -26.22 -102.08
C PHE V 249 3.00 -25.13 -102.13
N HIS V 250 3.74 -24.94 -101.05
CA HIS V 250 4.73 -23.88 -101.00
C HIS V 250 5.89 -24.16 -101.95
N ARG V 251 6.28 -25.43 -102.06
CA ARG V 251 7.27 -25.78 -103.09
C ARG V 251 6.76 -25.44 -104.47
N GLU V 252 5.47 -25.69 -104.72
CA GLU V 252 4.89 -25.33 -106.01
C GLU V 252 4.90 -23.82 -106.22
N ILE V 253 4.63 -23.05 -105.15
CA ILE V 253 4.66 -21.59 -105.24
C ILE V 253 6.07 -21.10 -105.60
N GLU V 254 7.08 -21.59 -104.87
CA GLU V 254 8.45 -21.19 -105.13
C GLU V 254 8.95 -21.68 -106.49
N ARG V 255 8.30 -22.69 -107.07
CA ARG V 255 8.65 -23.10 -108.42
C ARG V 255 8.44 -21.97 -109.42
N LEU V 256 7.34 -21.24 -109.28
CA LEU V 256 6.98 -20.20 -110.23
C LEU V 256 7.76 -18.90 -110.04
N GLY V 257 8.59 -18.81 -108.99
CA GLY V 257 9.47 -17.65 -108.86
C GLY V 257 8.71 -16.37 -108.59
N PHE V 258 9.04 -15.33 -109.36
CA PHE V 258 8.40 -14.03 -109.24
C PHE V 258 7.24 -13.90 -110.25
N GLU V 259 6.33 -14.87 -110.17
CA GLU V 259 5.12 -14.87 -110.97
C GLU V 259 4.19 -15.95 -110.42
N ALA V 260 2.92 -15.58 -110.20
CA ALA V 260 1.89 -16.51 -109.76
C ALA V 260 0.55 -15.81 -109.77
N PRO V 261 -0.54 -16.49 -110.14
CA PRO V 261 -1.85 -15.86 -110.09
C PRO V 261 -2.18 -15.38 -108.68
N GLU V 262 -2.92 -14.28 -108.60
CA GLU V 262 -3.11 -13.61 -107.32
C GLU V 262 -3.83 -14.50 -106.32
N GLU V 263 -4.66 -15.44 -106.79
CA GLU V 263 -5.35 -16.32 -105.86
C GLU V 263 -4.39 -17.27 -105.16
N LEU V 264 -3.30 -17.68 -105.83
CA LEU V 264 -2.26 -18.42 -105.12
C LEU V 264 -1.67 -17.58 -104.00
N ARG V 265 -1.41 -16.31 -104.29
CA ARG V 265 -0.81 -15.44 -103.28
C ARG V 265 -1.74 -15.24 -102.09
N VAL V 266 -3.04 -15.10 -102.34
CA VAL V 266 -3.98 -14.94 -101.23
C VAL V 266 -4.13 -16.23 -100.45
N ALA V 267 -4.22 -17.37 -101.16
CA ALA V 267 -4.34 -18.66 -100.49
C ALA V 267 -3.13 -18.95 -99.63
N ASP V 268 -1.96 -18.47 -100.02
CA ASP V 268 -0.77 -18.68 -99.20
C ASP V 268 -0.95 -18.04 -97.82
N LEU V 269 -1.45 -16.81 -97.78
CA LEU V 269 -1.64 -16.15 -96.50
C LEU V 269 -2.79 -16.79 -95.72
N LEU V 270 -3.84 -17.23 -96.42
CA LEU V 270 -4.95 -17.90 -95.75
C LEU V 270 -4.47 -19.19 -95.08
N LEU V 271 -3.67 -19.98 -95.79
CA LEU V 271 -3.15 -21.22 -95.24
C LEU V 271 -2.19 -20.96 -94.09
N ALA V 272 -1.36 -19.93 -94.19
CA ALA V 272 -0.48 -19.59 -93.07
C ALA V 272 -1.29 -19.25 -91.83
N ARG V 273 -2.36 -18.46 -91.98
CA ARG V 273 -3.16 -18.10 -90.82
C ARG V 273 -3.90 -19.31 -90.26
N ALA V 274 -4.38 -20.19 -91.13
CA ALA V 274 -5.03 -21.40 -90.66
C ALA V 274 -4.08 -22.25 -89.83
N ILE V 275 -2.84 -22.41 -90.31
CA ILE V 275 -1.85 -23.19 -89.57
C ILE V 275 -1.55 -22.53 -88.23
N ALA V 276 -1.40 -21.20 -88.21
CA ALA V 276 -1.12 -20.51 -86.97
C ALA V 276 -2.25 -20.71 -85.96
N LEU V 277 -3.50 -20.60 -86.41
CA LEU V 277 -4.63 -20.79 -85.51
C LEU V 277 -4.68 -22.21 -84.98
N ILE V 278 -4.48 -23.21 -85.84
CA ILE V 278 -4.51 -24.60 -85.39
C ILE V 278 -3.41 -24.84 -84.37
N LYS V 279 -2.22 -24.32 -84.61
CA LYS V 279 -1.13 -24.50 -83.66
C LYS V 279 -1.42 -23.79 -82.35
N ALA V 280 -2.18 -22.70 -82.37
CA ALA V 280 -2.50 -21.97 -81.15
C ALA V 280 -3.67 -22.57 -80.38
N ILE V 281 -4.38 -23.55 -80.94
CA ILE V 281 -5.49 -24.21 -80.23
C ILE V 281 -5.00 -24.79 -78.91
N THR W 24 25.34 23.66 -111.51
CA THR W 24 23.94 23.59 -111.09
C THR W 24 23.81 22.89 -109.75
N VAL W 25 24.90 22.23 -109.33
CA VAL W 25 24.86 21.41 -108.11
C VAL W 25 24.57 22.29 -106.89
N VAL W 26 25.25 23.43 -106.80
CA VAL W 26 25.00 24.33 -105.67
C VAL W 26 23.59 24.90 -105.74
N GLU W 27 23.10 25.16 -106.95
CA GLU W 27 21.70 25.56 -107.10
C GLU W 27 20.76 24.47 -106.66
N GLU W 28 21.11 23.21 -106.94
CA GLU W 28 20.29 22.09 -106.48
C GLU W 28 20.26 22.01 -104.96
N VAL W 29 21.41 22.23 -104.31
CA VAL W 29 21.44 22.21 -102.86
C VAL W 29 20.62 23.36 -102.28
N ARG W 30 20.74 24.55 -102.87
CA ARG W 30 19.93 25.68 -102.43
C ARG W 30 18.44 25.39 -102.59
N ARG W 31 18.04 24.87 -103.75
CA ARG W 31 16.63 24.57 -104.00
C ARG W 31 16.12 23.52 -103.02
N PHE W 32 16.92 22.48 -102.77
CA PHE W 32 16.53 21.44 -101.82
C PHE W 32 16.31 22.02 -100.43
N ALA W 33 17.24 22.86 -99.97
CA ALA W 33 17.12 23.41 -98.62
C ALA W 33 15.92 24.34 -98.51
N GLU W 34 15.73 25.23 -99.50
CA GLU W 34 14.60 26.15 -99.44
C GLU W 34 13.27 25.42 -99.52
N GLU W 35 13.17 24.39 -100.39
CA GLU W 35 11.93 23.63 -100.47
C GLU W 35 11.62 22.93 -99.16
N LEU W 36 12.64 22.34 -98.53
CA LEU W 36 12.40 21.69 -97.24
C LEU W 36 11.97 22.70 -96.18
N ALA W 37 12.58 23.89 -96.17
CA ALA W 37 12.19 24.91 -95.19
C ALA W 37 10.78 25.41 -95.43
N GLU W 38 10.40 25.61 -96.71
CA GLU W 38 9.05 26.03 -97.02
C GLU W 38 8.04 24.98 -96.58
N GLU W 39 8.35 23.69 -96.81
CA GLU W 39 7.44 22.64 -96.37
C GLU W 39 7.34 22.60 -94.85
N VAL W 40 8.45 22.84 -94.16
CA VAL W 40 8.41 22.87 -92.70
C VAL W 40 7.48 23.98 -92.23
N LEU W 41 7.58 25.15 -92.86
CA LEU W 41 6.73 26.27 -92.48
C LEU W 41 5.27 26.02 -92.83
N ARG W 42 5.00 25.39 -93.98
CA ARG W 42 3.63 25.10 -94.35
C ARG W 42 2.99 24.11 -93.38
N VAL W 43 3.70 23.04 -93.04
CA VAL W 43 3.12 22.03 -92.16
C VAL W 43 2.98 22.58 -90.74
N GLY W 44 4.02 23.23 -90.23
CA GLY W 44 4.03 23.68 -88.85
C GLY W 44 3.72 25.14 -88.63
N GLY W 45 3.60 25.93 -89.69
CA GLY W 45 3.24 27.32 -89.50
C GLY W 45 4.35 28.14 -88.85
N GLU W 46 3.92 29.14 -88.10
CA GLU W 46 4.83 29.98 -87.35
C GLU W 46 5.19 29.37 -85.99
N ALA W 47 4.64 28.20 -85.66
CA ALA W 47 4.98 27.56 -84.40
C ALA W 47 6.45 27.20 -84.34
N MET W 48 6.99 26.63 -85.42
CA MET W 48 8.41 26.28 -85.52
C MET W 48 9.00 27.05 -86.69
N ARG W 49 9.39 28.29 -86.42
CA ARG W 49 10.21 29.13 -87.30
C ARG W 49 11.70 28.80 -87.16
N PRO W 50 12.22 28.50 -85.95
CA PRO W 50 13.64 28.16 -85.85
C PRO W 50 14.09 27.06 -86.81
N TYR W 51 13.28 26.03 -87.02
CA TYR W 51 13.71 24.92 -87.86
C TYR W 51 13.88 25.35 -89.31
N ALA W 52 13.05 26.28 -89.79
CA ALA W 52 13.25 26.83 -91.12
C ALA W 52 14.58 27.55 -91.22
N GLU W 53 14.95 28.28 -90.16
CA GLU W 53 16.24 28.96 -90.15
C GLU W 53 17.39 27.97 -90.14
N MET W 54 17.29 26.90 -89.34
CA MET W 54 18.33 25.88 -89.35
C MET W 54 18.48 25.25 -90.72
N VAL W 55 17.36 24.92 -91.37
CA VAL W 55 17.44 24.31 -92.69
C VAL W 55 18.09 25.27 -93.67
N ARG W 56 17.72 26.55 -93.62
CA ARG W 56 18.25 27.51 -94.59
C ARG W 56 19.74 27.77 -94.36
N HIS W 57 20.17 27.89 -93.10
CA HIS W 57 21.59 28.07 -92.83
C HIS W 57 22.40 26.81 -93.15
N LEU W 58 21.85 25.63 -92.94
CA LEU W 58 22.58 24.42 -93.30
C LEU W 58 22.71 24.27 -94.81
N GLY W 59 21.67 24.65 -95.55
CA GLY W 59 21.82 24.74 -96.99
C GLY W 59 22.88 25.74 -97.39
N GLU W 60 22.95 26.87 -96.68
CA GLU W 60 23.95 27.88 -96.98
C GLU W 60 25.38 27.38 -96.69
N ALA W 61 25.56 26.69 -95.57
CA ALA W 61 26.88 26.12 -95.26
C ALA W 61 27.28 25.07 -96.29
N ALA W 62 26.33 24.25 -96.72
CA ALA W 62 26.64 23.25 -97.74
C ALA W 62 27.05 23.90 -99.05
N VAL W 63 26.33 24.94 -99.49
CA VAL W 63 26.72 25.55 -100.75
C VAL W 63 28.02 26.32 -100.59
N ALA W 64 28.29 26.85 -99.41
CA ALA W 64 29.60 27.45 -99.15
C ALA W 64 30.71 26.43 -99.33
N ALA W 65 30.54 25.24 -98.74
CA ALA W 65 31.54 24.19 -98.86
C ALA W 65 31.72 23.76 -100.31
N LEU W 66 30.63 23.62 -101.05
CA LEU W 66 30.73 23.28 -102.47
C LEU W 66 31.35 24.40 -103.30
N GLU W 67 31.33 25.64 -102.82
CA GLU W 67 31.89 26.74 -103.60
C GLU W 67 33.13 27.34 -102.94
N GLY W 68 34.05 26.48 -102.51
CA GLY W 68 35.23 26.94 -101.81
C GLY W 68 35.01 26.95 -100.31
N ARG W 69 35.80 27.78 -99.63
CA ARG W 69 35.61 28.09 -98.22
C ARG W 69 35.80 26.91 -97.29
N ALA W 70 36.22 27.19 -96.06
CA ALA W 70 36.24 26.20 -95.00
C ALA W 70 35.85 26.77 -93.65
N GLU W 71 35.87 28.10 -93.49
CA GLU W 71 35.59 28.77 -92.22
C GLU W 71 34.15 29.22 -92.11
N GLU W 72 33.56 29.66 -93.23
CA GLU W 72 32.14 30.02 -93.23
C GLU W 72 31.27 28.81 -92.91
N ALA W 73 31.64 27.65 -93.45
CA ALA W 73 30.92 26.43 -93.11
C ALA W 73 30.98 26.14 -91.62
N ASP W 74 32.16 26.28 -91.03
CA ASP W 74 32.31 26.06 -89.60
C ASP W 74 31.46 27.04 -88.80
N ARG W 75 31.46 28.31 -89.20
CA ARG W 75 30.71 29.32 -88.46
C ARG W 75 29.21 29.05 -88.54
N LEU W 76 28.71 28.76 -89.74
CA LEU W 76 27.28 28.50 -89.90
C LEU W 76 26.87 27.25 -89.13
N VAL W 77 27.70 26.21 -89.16
CA VAL W 77 27.36 24.99 -88.43
C VAL W 77 27.35 25.24 -86.93
N ARG W 78 28.28 26.07 -86.44
CA ARG W 78 28.28 26.43 -85.02
C ARG W 78 27.04 27.25 -84.65
N ASP W 79 26.64 28.16 -85.53
CA ASP W 79 25.41 28.93 -85.28
C ASP W 79 24.19 28.02 -85.22
N VAL W 80 24.09 27.08 -86.16
CA VAL W 80 22.97 26.14 -86.17
C VAL W 80 23.02 25.24 -84.94
N LEU W 81 24.22 24.89 -84.49
CA LEU W 81 24.35 24.13 -83.26
C LEU W 81 23.81 24.93 -82.07
N GLU W 82 24.09 26.23 -82.04
CA GLU W 82 23.55 27.08 -80.97
C GLU W 82 22.02 27.12 -81.03
N MET W 83 21.45 27.24 -82.24
CA MET W 83 20.00 27.22 -82.36
C MET W 83 19.43 25.91 -81.84
N ALA W 84 20.05 24.80 -82.22
CA ALA W 84 19.58 23.50 -81.75
C ALA W 84 19.68 23.40 -80.24
N ARG W 85 20.72 23.98 -79.65
CA ARG W 85 20.86 23.98 -78.20
C ARG W 85 19.72 24.74 -77.54
N GLU W 86 19.38 25.92 -78.08
CA GLU W 86 18.37 26.73 -77.40
C GLU W 86 16.97 26.17 -77.60
N VAL W 87 16.66 25.65 -78.80
CA VAL W 87 15.33 25.12 -79.07
C VAL W 87 15.04 23.92 -78.17
N GLY W 88 16.01 23.04 -78.03
CA GLY W 88 15.83 21.81 -77.26
C GLY W 88 16.09 20.54 -78.04
N ALA W 89 16.46 20.64 -79.32
CA ALA W 89 16.75 19.46 -80.12
C ALA W 89 18.06 18.84 -79.65
N GLU W 90 17.99 17.62 -79.11
CA GLU W 90 19.18 16.95 -78.60
C GLU W 90 19.89 16.16 -79.69
N GLY W 91 19.19 15.21 -80.31
CA GLY W 91 19.80 14.42 -81.35
C GLY W 91 20.30 15.27 -82.50
N LEU W 92 19.54 16.31 -82.86
CA LEU W 92 19.99 17.22 -83.89
C LEU W 92 21.28 17.93 -83.48
N ALA W 93 21.38 18.33 -82.21
CA ALA W 93 22.59 18.98 -81.74
C ALA W 93 23.80 18.06 -81.80
N ARG W 94 23.62 16.81 -81.37
CA ARG W 94 24.73 15.85 -81.44
C ARG W 94 25.16 15.63 -82.88
N LEU W 95 24.20 15.41 -83.77
CA LEU W 95 24.54 15.24 -85.18
C LEU W 95 25.26 16.46 -85.71
N LEU W 96 24.88 17.64 -85.26
CA LEU W 96 25.52 18.86 -85.77
C LEU W 96 26.97 18.99 -85.28
N GLU W 97 27.24 18.59 -84.03
CA GLU W 97 28.63 18.56 -83.57
C GLU W 97 29.46 17.59 -84.40
N ARG W 98 28.92 16.40 -84.67
CA ARG W 98 29.64 15.44 -85.49
C ARG W 98 29.86 15.98 -86.90
N VAL W 99 28.85 16.62 -87.48
CA VAL W 99 29.02 17.27 -88.77
C VAL W 99 30.14 18.28 -88.72
N HIS W 100 30.23 19.04 -87.63
CA HIS W 100 31.26 20.06 -87.51
C HIS W 100 32.66 19.46 -87.55
N ARG W 101 32.90 18.45 -86.70
CA ARG W 101 34.24 17.86 -86.62
C ARG W 101 34.63 17.20 -87.94
N GLU W 102 33.77 16.34 -88.48
CA GLU W 102 34.10 15.70 -89.75
C GLU W 102 34.20 16.69 -90.89
N ALA W 103 33.41 17.76 -90.87
CA ALA W 103 33.56 18.78 -91.91
C ALA W 103 34.95 19.39 -91.85
N ARG W 104 35.43 19.69 -90.64
CA ARG W 104 36.78 20.23 -90.50
C ARG W 104 37.82 19.25 -91.04
N GLU W 105 37.73 17.99 -90.64
CA GLU W 105 38.72 17.00 -91.07
C GLU W 105 38.74 16.86 -92.58
N LEU W 106 37.57 16.68 -93.19
CA LEU W 106 37.51 16.45 -94.64
C LEU W 106 37.89 17.70 -95.42
N LEU W 107 37.58 18.89 -94.88
CA LEU W 107 37.99 20.10 -95.58
C LEU W 107 39.49 20.32 -95.48
N ARG W 108 40.11 19.90 -94.37
CA ARG W 108 41.56 19.91 -94.29
C ARG W 108 42.17 18.94 -95.31
N GLU W 109 41.57 17.76 -95.45
CA GLU W 109 42.05 16.80 -96.44
C GLU W 109 41.78 17.23 -97.87
N GLY W 110 40.98 18.28 -98.08
CA GLY W 110 40.72 18.79 -99.41
C GLY W 110 39.53 18.19 -100.13
N ARG W 111 38.84 17.21 -99.52
CA ARG W 111 37.66 16.61 -100.12
C ARG W 111 36.44 17.46 -99.78
N ARG W 112 35.72 17.90 -100.80
CA ARG W 112 34.63 18.86 -100.62
C ARG W 112 33.25 18.22 -100.70
N GLU W 113 33.05 17.24 -101.58
CA GLU W 113 31.71 16.71 -101.78
C GLU W 113 31.17 16.06 -100.52
N GLU W 114 32.00 15.30 -99.81
CA GLU W 114 31.49 14.56 -98.66
C GLU W 114 31.17 15.47 -97.48
N ALA W 115 31.89 16.58 -97.31
CA ALA W 115 31.54 17.53 -96.25
C ALA W 115 30.18 18.15 -96.51
N ALA W 116 29.94 18.60 -97.75
CA ALA W 116 28.61 19.07 -98.10
C ALA W 116 27.57 17.97 -97.97
N ALA W 117 27.97 16.73 -98.18
CA ALA W 117 27.05 15.61 -98.00
C ALA W 117 26.62 15.48 -96.55
N LEU W 118 27.57 15.58 -95.62
CA LEU W 118 27.23 15.55 -94.21
C LEU W 118 26.32 16.72 -93.85
N VAL W 119 26.61 17.90 -94.38
CA VAL W 119 25.79 19.07 -94.09
C VAL W 119 24.37 18.88 -94.63
N LEU W 120 24.24 18.36 -95.85
CA LEU W 120 22.91 18.13 -96.42
C LEU W 120 22.13 17.10 -95.62
N ALA W 121 22.79 16.04 -95.18
CA ALA W 121 22.12 15.08 -94.32
C ALA W 121 21.64 15.73 -93.02
N ALA W 122 22.45 16.63 -92.46
CA ALA W 122 22.02 17.30 -91.23
C ALA W 122 20.83 18.22 -91.48
N ALA W 123 20.83 18.93 -92.61
CA ALA W 123 19.69 19.79 -92.96
C ALA W 123 18.43 18.97 -93.13
N LEU W 124 18.53 17.84 -93.80
CA LEU W 124 17.38 16.96 -93.97
C LEU W 124 16.90 16.44 -92.63
N ALA W 125 17.82 16.10 -91.74
CA ALA W 125 17.42 15.64 -90.41
C ALA W 125 16.65 16.72 -89.68
N ALA W 126 17.12 17.97 -89.75
CA ALA W 126 16.43 19.07 -89.08
C ALA W 126 15.02 19.28 -89.64
N GLY W 127 14.91 19.38 -90.96
CA GLY W 127 13.60 19.60 -91.56
C GLY W 127 12.64 18.45 -91.30
N ALA W 128 13.12 17.22 -91.48
CA ALA W 128 12.26 16.05 -91.26
C ALA W 128 11.85 15.93 -89.81
N VAL W 129 12.74 16.28 -88.87
CA VAL W 129 12.38 16.27 -87.46
C VAL W 129 11.26 17.27 -87.19
N ALA W 130 11.39 18.48 -87.76
CA ALA W 130 10.35 19.48 -87.58
C ALA W 130 9.01 18.99 -88.10
N VAL W 131 8.99 18.46 -89.33
CA VAL W 131 7.73 18.00 -89.92
C VAL W 131 7.16 16.84 -89.12
N ALA W 132 8.01 15.95 -88.61
CA ALA W 132 7.54 14.82 -87.85
C ALA W 132 6.86 15.26 -86.55
N GLU W 133 7.47 16.21 -85.83
CA GLU W 133 6.81 16.68 -84.62
C GLU W 133 5.54 17.45 -84.94
N ALA W 134 5.51 18.14 -86.09
CA ALA W 134 4.29 18.83 -86.49
C ALA W 134 3.17 17.84 -86.72
N TYR W 135 3.45 16.73 -87.41
CA TYR W 135 2.44 15.71 -87.65
C TYR W 135 1.98 15.09 -86.34
N VAL W 136 2.92 14.79 -85.44
CA VAL W 136 2.56 14.15 -84.17
C VAL W 136 1.72 15.08 -83.32
N ARG W 137 1.99 16.40 -83.37
CA ARG W 137 1.25 17.34 -82.55
C ARG W 137 -0.23 17.35 -82.92
N LEU W 138 -0.54 17.40 -84.21
CA LEU W 138 -1.92 17.42 -84.67
C LEU W 138 -2.48 16.03 -84.92
N GLY W 139 -1.80 14.99 -84.44
CA GLY W 139 -2.37 13.64 -84.40
C GLY W 139 -2.69 12.97 -85.72
N GLN W 140 -1.82 13.10 -86.72
CA GLN W 140 -2.01 12.37 -87.95
C GLN W 140 -1.44 10.96 -87.82
N PRO W 141 -1.97 10.00 -88.59
CA PRO W 141 -1.54 8.61 -88.43
C PRO W 141 -0.12 8.39 -88.93
N ILE W 142 0.42 7.21 -88.59
CA ILE W 142 1.82 6.91 -88.79
C ILE W 142 2.15 6.61 -90.24
N ARG W 143 1.17 6.23 -91.06
CA ARG W 143 1.45 5.96 -92.47
C ARG W 143 2.04 7.18 -93.15
N LEU W 144 1.51 8.37 -92.88
CA LEU W 144 2.04 9.57 -93.52
C LEU W 144 3.47 9.87 -93.06
N ILE W 145 3.75 9.72 -91.77
CA ILE W 145 5.11 9.93 -91.30
C ILE W 145 6.08 8.99 -92.00
N ALA W 146 5.72 7.70 -92.06
CA ALA W 146 6.60 6.71 -92.67
C ALA W 146 6.81 6.99 -94.15
N GLU W 147 5.73 7.26 -94.88
CA GLU W 147 5.86 7.51 -96.32
C GLU W 147 6.62 8.80 -96.59
N TYR W 148 6.37 9.84 -95.80
CA TYR W 148 7.10 11.10 -95.96
C TYR W 148 8.59 10.90 -95.77
N VAL W 149 8.98 10.27 -94.65
CA VAL W 149 10.39 10.10 -94.35
C VAL W 149 11.06 9.23 -95.40
N ALA W 150 10.41 8.14 -95.81
CA ALA W 150 11.01 7.26 -96.80
C ALA W 150 11.22 7.98 -98.13
N GLU W 151 10.25 8.78 -98.56
CA GLU W 151 10.39 9.47 -99.83
C GLU W 151 11.48 10.54 -99.75
N ARG W 152 11.57 11.23 -98.62
CA ARG W 152 12.66 12.21 -98.46
C ARG W 152 14.02 11.53 -98.52
N LEU W 153 14.15 10.38 -97.87
CA LEU W 153 15.42 9.65 -97.91
C LEU W 153 15.77 9.22 -99.32
N VAL W 154 14.79 8.77 -100.09
CA VAL W 154 15.08 8.38 -101.47
C VAL W 154 15.52 9.58 -102.30
N GLU W 155 14.85 10.72 -102.11
CA GLU W 155 15.25 11.93 -102.84
C GLU W 155 16.67 12.37 -102.48
N LEU W 156 17.00 12.34 -101.19
CA LEU W 156 18.35 12.68 -100.76
C LEU W 156 19.37 11.71 -101.33
N ALA W 157 19.03 10.41 -101.37
CA ALA W 157 19.94 9.43 -101.95
C ALA W 157 20.19 9.71 -103.41
N GLU W 158 19.15 10.11 -104.14
CA GLU W 158 19.34 10.49 -105.54
C GLU W 158 20.25 11.69 -105.66
N LEU W 159 20.07 12.70 -104.80
CA LEU W 159 20.93 13.87 -104.84
C LEU W 159 22.39 13.51 -104.55
N LEU W 160 22.62 12.72 -103.51
CA LEU W 160 23.97 12.33 -103.15
C LEU W 160 24.62 11.47 -104.24
N ARG W 161 23.82 10.67 -104.93
CA ARG W 161 24.34 9.96 -106.10
C ARG W 161 24.76 10.94 -107.18
N ARG W 162 23.97 12.00 -107.36
CA ARG W 162 24.33 13.01 -108.37
C ARG W 162 25.64 13.71 -108.01
N LEU W 163 25.85 14.02 -106.73
CA LEU W 163 27.07 14.70 -106.32
C LEU W 163 28.30 13.84 -106.59
N GLY W 164 28.30 12.60 -106.10
CA GLY W 164 29.42 11.70 -106.33
C GLY W 164 29.90 10.94 -105.11
N VAL W 165 29.20 11.06 -103.99
CA VAL W 165 29.60 10.34 -102.79
C VAL W 165 29.48 8.85 -103.03
N PRO W 166 30.38 8.01 -102.52
CA PRO W 166 30.23 6.56 -102.67
C PRO W 166 29.02 6.03 -101.91
N LEU W 167 28.49 4.91 -102.42
CA LEU W 167 27.17 4.46 -102.02
C LEU W 167 27.12 4.08 -100.55
N ARG W 168 28.15 3.44 -100.02
CA ARG W 168 28.13 3.02 -98.64
C ARG W 168 28.06 4.21 -97.69
N ARG W 169 28.76 5.30 -98.03
CA ARG W 169 28.62 6.53 -97.26
C ARG W 169 27.20 7.07 -97.35
N ILE W 170 26.57 6.97 -98.52
CA ILE W 170 25.17 7.39 -98.66
C ILE W 170 24.31 6.64 -97.66
N ILE W 171 24.48 5.32 -97.60
CA ILE W 171 23.64 4.51 -96.72
C ILE W 171 23.92 4.86 -95.26
N ARG W 172 25.18 5.14 -94.93
CA ARG W 172 25.51 5.51 -93.56
C ARG W 172 24.86 6.83 -93.17
N LEU W 173 24.89 7.82 -94.08
CA LEU W 173 24.24 9.10 -93.78
C LEU W 173 22.73 8.93 -93.64
N LEU W 174 22.12 8.10 -94.51
CA LEU W 174 20.69 7.88 -94.43
C LEU W 174 20.31 7.23 -93.11
N GLU W 175 21.13 6.28 -92.64
CA GLU W 175 20.87 5.69 -91.34
C GLU W 175 21.02 6.70 -90.21
N GLU W 176 21.97 7.63 -90.33
CA GLU W 176 22.07 8.69 -89.31
C GLU W 176 20.83 9.55 -89.29
N VAL W 177 20.32 9.93 -90.46
CA VAL W 177 19.09 10.72 -90.54
C VAL W 177 17.94 9.97 -89.89
N LEU W 178 17.82 8.67 -90.20
CA LEU W 178 16.76 7.87 -89.62
C LEU W 178 16.89 7.79 -88.11
N ARG W 179 18.12 7.70 -87.61
CA ARG W 179 18.32 7.65 -86.16
C ARG W 179 17.86 8.94 -85.50
N VAL W 180 18.19 10.09 -86.10
CA VAL W 180 17.75 11.36 -85.54
C VAL W 180 16.23 11.45 -85.56
N VAL W 181 15.61 11.04 -86.66
CA VAL W 181 14.14 11.10 -86.77
C VAL W 181 13.48 10.21 -85.73
N ALA W 182 14.03 9.01 -85.54
CA ALA W 182 13.47 8.10 -84.54
C ALA W 182 13.61 8.68 -83.14
N GLU W 183 14.75 9.31 -82.85
CA GLU W 183 14.91 9.96 -81.55
C GLU W 183 13.88 11.08 -81.35
N ALA W 184 13.65 11.87 -82.40
CA ALA W 184 12.66 12.94 -82.32
C ALA W 184 11.28 12.39 -82.03
N LEU W 185 10.90 11.33 -82.77
CA LEU W 185 9.59 10.72 -82.54
C LEU W 185 9.49 10.12 -81.15
N ARG W 186 10.58 9.58 -80.62
CA ARG W 186 10.56 9.06 -79.26
C ARG W 186 10.32 10.19 -78.25
N ARG W 187 10.97 11.33 -78.45
CA ARG W 187 10.78 12.45 -77.53
C ARG W 187 9.37 13.01 -77.59
N ALA W 188 8.69 12.83 -78.72
CA ALA W 188 7.31 13.30 -78.88
C ALA W 188 6.28 12.32 -78.33
N GLY W 189 6.71 11.24 -77.71
CA GLY W 189 5.80 10.30 -77.10
C GLY W 189 5.23 9.23 -78.01
N VAL W 190 5.70 9.14 -79.25
CA VAL W 190 5.20 8.10 -80.16
C VAL W 190 5.59 6.74 -79.62
N PRO W 191 4.69 5.76 -79.57
CA PRO W 191 5.05 4.45 -79.01
C PRO W 191 6.11 3.76 -79.85
N GLU W 192 6.93 2.94 -79.18
CA GLU W 192 8.07 2.31 -79.84
C GLU W 192 7.70 1.48 -81.07
N PRO W 193 6.66 0.64 -81.04
CA PRO W 193 6.34 -0.14 -82.25
C PRO W 193 6.10 0.72 -83.48
N GLU W 194 5.52 1.90 -83.33
CA GLU W 194 5.34 2.76 -84.49
C GLU W 194 6.67 3.31 -85.01
N ILE W 195 7.61 3.57 -84.10
CA ILE W 195 8.95 3.98 -84.53
C ILE W 195 9.61 2.86 -85.33
N ARG W 196 9.49 1.62 -84.84
CA ARG W 196 10.05 0.49 -85.57
C ARG W 196 9.37 0.32 -86.93
N LYS W 197 8.06 0.55 -86.98
CA LYS W 197 7.36 0.49 -88.26
C LYS W 197 7.89 1.53 -89.22
N VAL W 198 8.14 2.74 -88.73
CA VAL W 198 8.69 3.80 -89.57
C VAL W 198 10.04 3.37 -90.14
N GLU W 199 10.93 2.89 -89.26
CA GLU W 199 12.27 2.53 -89.72
C GLU W 199 12.24 1.36 -90.69
N ALA W 200 11.43 0.33 -90.41
CA ALA W 200 11.34 -0.81 -91.30
C ALA W 200 10.81 -0.41 -92.66
N ALA W 201 9.80 0.47 -92.69
CA ALA W 201 9.31 0.96 -93.97
C ALA W 201 10.41 1.69 -94.73
N ALA W 202 11.20 2.50 -94.02
CA ALA W 202 12.28 3.24 -94.68
C ALA W 202 13.32 2.29 -95.27
N TYR W 203 13.67 1.24 -94.52
CA TYR W 203 14.66 0.27 -95.00
C TYR W 203 14.16 -0.49 -96.20
N ILE W 204 12.88 -0.90 -96.19
CA ILE W 204 12.33 -1.63 -97.33
C ILE W 204 12.24 -0.73 -98.56
N ARG W 205 11.92 0.55 -98.36
CA ARG W 205 11.91 1.49 -99.48
C ARG W 205 13.29 1.67 -100.06
N LEU W 206 14.31 1.82 -99.19
CA LEU W 206 15.68 1.96 -99.67
C LEU W 206 16.15 0.70 -100.40
N ALA W 207 15.81 -0.47 -99.87
CA ALA W 207 16.20 -1.73 -100.51
C ALA W 207 15.55 -1.85 -101.89
N ALA W 208 14.26 -1.51 -101.99
CA ALA W 208 13.58 -1.56 -103.28
C ALA W 208 14.19 -0.57 -104.26
N TYR W 209 14.51 0.64 -103.78
CA TYR W 209 15.12 1.64 -104.65
C TYR W 209 16.47 1.19 -105.16
N LEU W 210 17.29 0.57 -104.31
CA LEU W 210 18.57 0.04 -104.77
C LEU W 210 18.37 -1.08 -105.77
N LEU W 211 17.41 -1.98 -105.51
CA LEU W 211 17.21 -3.11 -106.39
C LEU W 211 16.73 -2.69 -107.77
N ARG W 212 15.97 -1.60 -107.84
CA ARG W 212 15.39 -1.21 -109.12
C ARG W 212 16.43 -0.77 -110.14
N GLN W 213 17.54 -0.17 -109.67
CA GLN W 213 18.53 0.36 -110.60
C GLN W 213 19.16 -0.75 -111.43
N LEU W 214 19.43 -1.90 -110.81
CA LEU W 214 20.05 -3.02 -111.51
C LEU W 214 19.07 -3.85 -112.30
N GLY W 215 17.79 -3.54 -112.24
CA GLY W 215 16.84 -4.21 -113.10
C GLY W 215 16.23 -5.44 -112.48
N TYR W 216 15.85 -5.35 -111.20
CA TYR W 216 15.08 -6.39 -110.53
C TYR W 216 13.73 -5.78 -110.21
N GLU W 217 12.86 -5.75 -111.21
CA GLU W 217 11.58 -5.07 -111.06
C GLU W 217 10.62 -5.88 -110.21
N ALA W 218 10.52 -7.18 -110.47
CA ALA W 218 9.60 -8.02 -109.71
C ALA W 218 9.95 -8.03 -108.24
N LEU W 219 11.24 -8.10 -107.93
CA LEU W 219 11.70 -8.05 -106.55
C LEU W 219 11.25 -6.77 -105.86
N ALA W 220 11.41 -5.63 -106.55
CA ALA W 220 11.00 -4.35 -105.97
C ALA W 220 9.50 -4.29 -105.75
N LYS W 221 8.72 -4.79 -106.71
CA LYS W 221 7.27 -4.79 -106.54
C LYS W 221 6.85 -5.63 -105.34
N ARG W 222 7.46 -6.80 -105.16
CA ARG W 222 7.09 -7.65 -104.04
C ARG W 222 7.51 -7.03 -102.71
N LEU W 223 8.66 -6.37 -102.68
CA LEU W 223 9.07 -5.68 -101.46
C LEU W 223 8.11 -4.56 -101.11
N LEU W 224 7.65 -3.83 -102.13
CA LEU W 224 6.72 -2.74 -101.84
C LEU W 224 5.34 -3.25 -101.46
N GLU W 225 4.93 -4.41 -102.00
CA GLU W 225 3.71 -5.06 -101.51
C GLU W 225 3.83 -5.40 -100.04
N ALA W 226 4.97 -5.97 -99.63
CA ALA W 226 5.19 -6.26 -98.23
C ALA W 226 5.14 -4.99 -97.38
N ARG W 227 5.73 -3.90 -97.88
CA ARG W 227 5.68 -2.64 -97.15
C ARG W 227 4.26 -2.13 -97.00
N GLU W 228 3.46 -2.24 -98.07
CA GLU W 228 2.07 -1.79 -98.00
C GLU W 228 1.30 -2.59 -96.97
N LEU W 229 1.48 -3.92 -96.96
CA LEU W 229 0.84 -4.72 -95.92
C LEU W 229 1.34 -4.33 -94.53
N LEU W 230 2.60 -3.91 -94.42
CA LEU W 230 3.13 -3.55 -93.10
C LEU W 230 2.52 -2.26 -92.59
N LEU W 231 2.40 -1.25 -93.46
CA LEU W 231 1.89 0.04 -93.00
C LEU W 231 0.41 -0.01 -92.64
N GLU W 232 -0.32 -1.02 -93.09
CA GLU W 232 -1.73 -1.19 -92.78
C GLU W 232 -1.98 -1.87 -91.45
N GLY W 233 -0.92 -2.27 -90.74
CA GLY W 233 -1.07 -2.98 -89.49
C GLY W 233 -1.02 -4.48 -89.60
N ARG W 234 -1.14 -5.03 -90.80
CA ARG W 234 -1.03 -6.48 -91.02
C ARG W 234 0.43 -6.87 -90.95
N VAL W 235 0.92 -7.02 -89.72
CA VAL W 235 2.33 -7.36 -89.51
C VAL W 235 2.63 -8.78 -89.95
N GLU W 236 1.71 -9.71 -89.70
CA GLU W 236 2.01 -11.12 -89.94
C GLU W 236 2.13 -11.43 -91.43
N GLU W 237 1.20 -10.91 -92.23
CA GLU W 237 1.31 -11.08 -93.67
C GLU W 237 2.53 -10.35 -94.22
N ALA W 238 2.87 -9.20 -93.65
CA ALA W 238 4.08 -8.49 -94.06
C ALA W 238 5.32 -9.34 -93.81
N ALA W 239 5.43 -9.94 -92.63
CA ALA W 239 6.59 -10.76 -92.31
C ALA W 239 6.66 -12.01 -93.17
N HIS W 240 5.51 -12.66 -93.42
CA HIS W 240 5.54 -13.86 -94.25
C HIS W 240 5.94 -13.54 -95.69
N LEU W 241 5.36 -12.50 -96.27
CA LEU W 241 5.70 -12.14 -97.64
C LEU W 241 7.13 -11.64 -97.75
N LEU W 242 7.60 -10.91 -96.73
CA LEU W 242 8.98 -10.45 -96.69
C LEU W 242 9.95 -11.63 -96.63
N GLU W 243 9.65 -12.63 -95.79
CA GLU W 243 10.56 -13.76 -95.70
C GLU W 243 10.58 -14.57 -96.98
N ASP W 244 9.44 -14.69 -97.68
CA ASP W 244 9.46 -15.41 -98.96
C ASP W 244 10.33 -14.68 -99.98
N VAL W 245 10.13 -13.36 -100.11
CA VAL W 245 10.91 -12.64 -101.11
C VAL W 245 12.40 -12.60 -100.73
N TYR W 246 12.71 -12.49 -99.43
CA TYR W 246 14.10 -12.52 -99.00
C TYR W 246 14.74 -13.87 -99.29
N ALA W 247 14.01 -14.96 -99.11
CA ALA W 247 14.56 -16.28 -99.42
C ALA W 247 14.90 -16.39 -100.90
N LEU W 248 13.99 -15.94 -101.77
CA LEU W 248 14.28 -16.02 -103.20
C LEU W 248 15.48 -15.15 -103.56
N PHE W 249 15.53 -13.94 -103.01
CA PHE W 249 16.64 -13.03 -103.27
C PHE W 249 17.96 -13.61 -102.78
N HIS W 250 17.96 -14.24 -101.60
CA HIS W 250 19.21 -14.75 -101.04
C HIS W 250 19.70 -15.94 -101.83
N ARG W 251 18.79 -16.79 -102.32
CA ARG W 251 19.20 -17.84 -103.24
C ARG W 251 19.83 -17.24 -104.49
N GLU W 252 19.27 -16.14 -104.99
CA GLU W 252 19.87 -15.49 -106.16
C GLU W 252 21.26 -14.96 -105.85
N ILE W 253 21.45 -14.42 -104.64
CA ILE W 253 22.78 -13.94 -104.25
C ILE W 253 23.78 -15.09 -104.20
N GLU W 254 23.41 -16.18 -103.52
CA GLU W 254 24.29 -17.33 -103.40
C GLU W 254 24.55 -17.99 -104.75
N ARG W 255 23.68 -17.77 -105.74
CA ARG W 255 23.94 -18.29 -107.07
C ARG W 255 25.23 -17.70 -107.64
N LEU W 256 25.46 -16.42 -107.42
CA LEU W 256 26.60 -15.73 -107.99
C LEU W 256 27.90 -15.97 -107.22
N GLY W 257 27.85 -16.70 -106.11
CA GLY W 257 29.08 -17.12 -105.44
C GLY W 257 29.82 -15.96 -104.83
N PHE W 258 31.13 -15.91 -105.11
CA PHE W 258 32.00 -14.82 -104.65
C PHE W 258 32.10 -13.72 -105.70
N GLU W 259 30.94 -13.20 -106.09
CA GLU W 259 30.83 -12.09 -107.03
C GLU W 259 29.40 -11.58 -107.01
N ALA W 260 29.24 -10.26 -106.92
CA ALA W 260 27.93 -9.62 -106.98
C ALA W 260 28.11 -8.10 -107.01
N PRO W 261 27.30 -7.37 -107.77
CA PRO W 261 27.37 -5.90 -107.73
C PRO W 261 27.13 -5.41 -106.32
N GLU W 262 27.77 -4.28 -106.00
CA GLU W 262 27.80 -3.84 -104.60
C GLU W 262 26.42 -3.47 -104.08
N GLU W 263 25.50 -3.06 -104.96
CA GLU W 263 24.17 -2.72 -104.49
C GLU W 263 23.43 -3.96 -104.00
N LEU W 264 23.67 -5.13 -104.59
CA LEU W 264 23.14 -6.36 -104.03
C LEU W 264 23.66 -6.58 -102.62
N ARG W 265 24.96 -6.34 -102.41
CA ARG W 265 25.56 -6.56 -101.10
C ARG W 265 24.97 -5.60 -100.06
N VAL W 266 24.69 -4.35 -100.46
CA VAL W 266 24.09 -3.42 -99.52
C VAL W 266 22.64 -3.78 -99.25
N ALA W 267 21.89 -4.13 -100.29
CA ALA W 267 20.49 -4.46 -100.13
C ALA W 267 20.29 -5.69 -99.28
N ASP W 268 21.23 -6.64 -99.31
CA ASP W 268 21.10 -7.83 -98.47
C ASP W 268 21.11 -7.43 -97.00
N LEU W 269 22.01 -6.53 -96.62
CA LEU W 269 22.05 -6.07 -95.23
C LEU W 269 20.83 -5.23 -94.89
N LEU W 270 20.37 -4.41 -95.83
CA LEU W 270 19.16 -3.61 -95.60
C LEU W 270 17.95 -4.50 -95.34
N LEU W 271 17.77 -5.53 -96.17
CA LEU W 271 16.65 -6.45 -96.02
C LEU W 271 16.75 -7.22 -94.71
N ALA W 272 17.97 -7.64 -94.34
CA ALA W 272 18.12 -8.33 -93.07
C ALA W 272 17.72 -7.44 -91.90
N ARG W 273 18.13 -6.17 -91.92
CA ARG W 273 17.75 -5.26 -90.84
C ARG W 273 16.24 -5.00 -90.84
N ALA W 274 15.64 -4.86 -92.01
CA ALA W 274 14.20 -4.67 -92.10
C ALA W 274 13.45 -5.84 -91.49
N ILE W 275 13.89 -7.07 -91.81
CA ILE W 275 13.26 -8.25 -91.26
C ILE W 275 13.44 -8.31 -89.75
N ALA W 276 14.63 -7.97 -89.25
CA ALA W 276 14.85 -7.96 -87.81
C ALA W 276 13.92 -6.97 -87.12
N LEU W 277 13.77 -5.77 -87.69
CA LEU W 277 12.90 -4.77 -87.09
C LEU W 277 11.44 -5.23 -87.09
N ILE W 278 10.98 -5.79 -88.20
CA ILE W 278 9.60 -6.27 -88.25
C ILE W 278 9.36 -7.36 -87.23
N LYS W 279 10.31 -8.29 -87.10
CA LYS W 279 10.19 -9.34 -86.10
C LYS W 279 10.19 -8.76 -84.69
N ALA W 280 10.89 -7.66 -84.47
CA ALA W 280 10.95 -7.07 -83.13
C ALA W 280 9.77 -6.17 -82.79
N ILE W 281 8.88 -5.89 -83.75
CA ILE W 281 7.69 -5.10 -83.48
C ILE W 281 6.85 -5.76 -82.40
N THR X 24 70.99 -16.93 -91.19
CA THR X 24 70.35 -15.64 -90.99
C THR X 24 69.20 -15.76 -89.99
N VAL X 25 68.85 -17.00 -89.65
CA VAL X 25 67.69 -17.26 -88.80
C VAL X 25 67.89 -16.64 -87.42
N VAL X 26 69.09 -16.84 -86.84
CA VAL X 26 69.36 -16.26 -85.53
C VAL X 26 69.41 -14.74 -85.62
N GLU X 27 69.92 -14.21 -86.74
CA GLU X 27 69.86 -12.77 -86.95
C GLU X 27 68.42 -12.29 -87.06
N GLU X 28 67.56 -13.07 -87.71
CA GLU X 28 66.15 -12.70 -87.80
C GLU X 28 65.50 -12.69 -86.42
N VAL X 29 65.82 -13.67 -85.58
CA VAL X 29 65.27 -13.70 -84.23
C VAL X 29 65.75 -12.50 -83.41
N ARG X 30 67.06 -12.18 -83.52
CA ARG X 30 67.58 -11.02 -82.82
C ARG X 30 66.89 -9.74 -83.30
N ARG X 31 66.75 -9.59 -84.62
CA ARG X 31 66.11 -8.39 -85.16
C ARG X 31 64.67 -8.28 -84.69
N PHE X 32 63.94 -9.41 -84.70
CA PHE X 32 62.56 -9.41 -84.25
C PHE X 32 62.45 -8.98 -82.79
N ALA X 33 63.31 -9.54 -81.94
CA ALA X 33 63.25 -9.20 -80.52
C ALA X 33 63.60 -7.74 -80.27
N GLU X 34 64.68 -7.25 -80.91
CA GLU X 34 65.09 -5.88 -80.69
C GLU X 34 64.06 -4.89 -81.24
N GLU X 35 63.48 -5.18 -82.40
CA GLU X 35 62.45 -4.30 -82.94
C GLU X 35 61.25 -4.24 -82.03
N LEU X 36 60.82 -5.39 -81.50
CA LEU X 36 59.69 -5.39 -80.57
C LEU X 36 60.03 -4.59 -79.32
N ALA X 37 61.25 -4.73 -78.80
CA ALA X 37 61.64 -3.98 -77.61
C ALA X 37 61.69 -2.47 -77.88
N GLU X 38 62.21 -2.08 -79.05
CA GLU X 38 62.22 -0.66 -79.41
C GLU X 38 60.81 -0.11 -79.49
N GLU X 39 59.88 -0.87 -80.10
CA GLU X 39 58.49 -0.40 -80.16
C GLU X 39 57.88 -0.29 -78.78
N VAL X 40 58.20 -1.22 -77.89
CA VAL X 40 57.70 -1.12 -76.52
C VAL X 40 58.18 0.17 -75.88
N LEU X 41 59.46 0.48 -76.05
CA LEU X 41 60.01 1.69 -75.45
C LEU X 41 59.44 2.96 -76.08
N ARG X 42 59.21 2.94 -77.40
CA ARG X 42 58.63 4.11 -78.05
C ARG X 42 57.20 4.35 -77.59
N VAL X 43 56.39 3.30 -77.54
CA VAL X 43 54.99 3.48 -77.17
C VAL X 43 54.87 3.85 -75.70
N GLY X 44 55.60 3.16 -74.82
CA GLY X 44 55.47 3.37 -73.39
C GLY X 44 56.54 4.22 -72.74
N GLY X 45 57.60 4.58 -73.46
CA GLY X 45 58.62 5.40 -72.84
C GLY X 45 59.43 4.64 -71.80
N GLU X 46 59.90 5.39 -70.81
CA GLU X 46 60.62 4.82 -69.68
C GLU X 46 59.69 4.30 -68.60
N ALA X 47 58.38 4.43 -68.78
CA ALA X 47 57.45 3.89 -67.79
C ALA X 47 57.58 2.38 -67.67
N MET X 48 57.70 1.68 -68.80
CA MET X 48 57.90 0.24 -68.82
C MET X 48 59.22 -0.05 -69.52
N ARG X 49 60.30 0.03 -68.74
CA ARG X 49 61.62 -0.46 -69.11
C ARG X 49 61.77 -1.95 -68.84
N PRO X 50 61.20 -2.50 -67.76
CA PRO X 50 61.30 -3.95 -67.56
C PRO X 50 60.87 -4.79 -68.75
N TYR X 51 59.82 -4.38 -69.46
CA TYR X 51 59.33 -5.20 -70.57
C TYR X 51 60.31 -5.22 -71.73
N ALA X 52 61.02 -4.11 -71.95
CA ALA X 52 62.07 -4.12 -72.96
C ALA X 52 63.17 -5.11 -72.59
N GLU X 53 63.51 -5.17 -71.29
CA GLU X 53 64.52 -6.14 -70.85
C GLU X 53 64.01 -7.57 -71.01
N MET X 54 62.75 -7.82 -70.69
CA MET X 54 62.20 -9.16 -70.88
C MET X 54 62.24 -9.57 -72.35
N VAL X 55 61.83 -8.67 -73.24
CA VAL X 55 61.85 -9.00 -74.66
C VAL X 55 63.27 -9.26 -75.13
N ARG X 56 64.21 -8.42 -74.71
CA ARG X 56 65.59 -8.59 -75.18
C ARG X 56 66.21 -9.88 -74.65
N HIS X 57 65.98 -10.21 -73.38
CA HIS X 57 66.52 -11.46 -72.84
C HIS X 57 65.86 -12.68 -73.46
N LEU X 58 64.56 -12.63 -73.74
CA LEU X 58 63.93 -13.76 -74.42
C LEU X 58 64.47 -13.91 -75.84
N GLY X 59 64.80 -12.80 -76.49
CA GLY X 59 65.50 -12.90 -77.77
C GLY X 59 66.84 -13.58 -77.64
N GLU X 60 67.61 -13.21 -76.60
CA GLU X 60 68.91 -13.86 -76.39
C GLU X 60 68.75 -15.35 -76.09
N ALA X 61 67.75 -15.70 -75.27
CA ALA X 61 67.52 -17.11 -74.96
C ALA X 61 67.15 -17.90 -76.21
N ALA X 62 66.30 -17.34 -77.06
CA ALA X 62 65.92 -18.01 -78.29
C ALA X 62 67.12 -18.22 -79.20
N VAL X 63 67.96 -17.19 -79.36
CA VAL X 63 69.10 -17.36 -80.25
C VAL X 63 70.14 -18.31 -79.64
N ALA X 64 70.24 -18.32 -78.32
CA ALA X 64 71.09 -19.32 -77.67
C ALA X 64 70.62 -20.73 -77.98
N ALA X 65 69.31 -20.96 -77.87
CA ALA X 65 68.75 -22.27 -78.19
C ALA X 65 69.00 -22.64 -79.65
N LEU X 66 68.83 -21.68 -80.57
CA LEU X 66 69.10 -21.94 -81.97
C LEU X 66 70.58 -22.17 -82.26
N GLU X 67 71.48 -21.71 -81.41
CA GLU X 67 72.92 -21.84 -81.68
C GLU X 67 73.58 -22.80 -80.70
N GLY X 68 72.96 -23.94 -80.47
CA GLY X 68 73.45 -24.88 -79.49
C GLY X 68 72.83 -24.62 -78.12
N ARG X 69 73.56 -25.04 -77.09
CA ARG X 69 73.25 -24.71 -75.70
C ARG X 69 71.93 -25.30 -75.21
N ALA X 70 71.86 -25.58 -73.91
CA ALA X 70 70.61 -25.90 -73.25
C ALA X 70 70.51 -25.31 -71.86
N GLU X 71 71.61 -24.84 -71.27
CA GLU X 71 71.65 -24.32 -69.92
C GLU X 71 71.52 -22.80 -69.88
N GLU X 72 72.12 -22.11 -70.85
CA GLU X 72 71.95 -20.67 -70.94
C GLU X 72 70.51 -20.30 -71.20
N ALA X 73 69.83 -21.08 -72.04
CA ALA X 73 68.40 -20.86 -72.27
C ALA X 73 67.63 -21.03 -70.98
N ASP X 74 67.94 -22.07 -70.20
CA ASP X 74 67.29 -22.29 -68.92
C ASP X 74 67.50 -21.09 -68.00
N ARG X 75 68.74 -20.62 -67.89
CA ARG X 75 69.05 -19.52 -66.98
C ARG X 75 68.34 -18.24 -67.39
N LEU X 76 68.39 -17.92 -68.68
CA LEU X 76 67.75 -16.69 -69.15
C LEU X 76 66.25 -16.74 -68.95
N VAL X 77 65.62 -17.88 -69.24
CA VAL X 77 64.18 -17.99 -69.04
C VAL X 77 63.83 -17.86 -67.56
N ARG X 78 64.67 -18.40 -66.68
CA ARG X 78 64.44 -18.23 -65.24
C ARG X 78 64.59 -16.77 -64.81
N ASP X 79 65.56 -16.07 -65.39
CA ASP X 79 65.74 -14.65 -65.08
C ASP X 79 64.52 -13.84 -65.51
N VAL X 80 64.03 -14.09 -66.73
CA VAL X 80 62.83 -13.40 -67.21
C VAL X 80 61.63 -13.78 -66.36
N LEU X 81 61.57 -15.02 -65.88
CA LEU X 81 60.49 -15.40 -64.98
C LEU X 81 60.55 -14.60 -63.70
N GLU X 82 61.75 -14.38 -63.17
CA GLU X 82 61.89 -13.56 -61.97
C GLU X 82 61.44 -12.12 -62.22
N MET X 83 61.81 -11.55 -63.37
CA MET X 83 61.36 -10.20 -63.70
C MET X 83 59.84 -10.14 -63.78
N ALA X 84 59.23 -11.13 -64.43
CA ALA X 84 57.78 -11.15 -64.52
C ALA X 84 57.15 -11.27 -63.15
N ARG X 85 57.79 -12.03 -62.24
CA ARG X 85 57.28 -12.14 -60.89
C ARG X 85 57.31 -10.79 -60.17
N GLU X 86 58.41 -10.05 -60.30
CA GLU X 86 58.52 -8.81 -59.54
C GLU X 86 57.66 -7.71 -60.11
N VAL X 87 57.57 -7.61 -61.45
CA VAL X 87 56.79 -6.54 -62.06
C VAL X 87 55.32 -6.68 -61.71
N GLY X 88 54.79 -7.89 -61.77
CA GLY X 88 53.38 -8.13 -61.51
C GLY X 88 52.65 -8.85 -62.62
N ALA X 89 53.33 -9.22 -63.70
CA ALA X 89 52.69 -9.93 -64.80
C ALA X 89 52.39 -11.36 -64.37
N GLU X 90 51.11 -11.71 -64.33
CA GLU X 90 50.71 -13.05 -63.91
C GLU X 90 50.69 -14.03 -65.08
N GLY X 91 49.88 -13.72 -66.10
CA GLY X 91 49.80 -14.62 -67.24
C GLY X 91 51.13 -14.80 -67.93
N LEU X 92 51.92 -13.74 -68.03
CA LEU X 92 53.26 -13.86 -68.60
C LEU X 92 54.12 -14.78 -67.76
N ALA X 93 54.03 -14.69 -66.43
CA ALA X 93 54.81 -15.57 -65.57
C ALA X 93 54.41 -17.02 -65.76
N ARG X 94 53.10 -17.29 -65.84
CA ARG X 94 52.65 -18.66 -66.06
C ARG X 94 53.17 -19.20 -67.38
N LEU X 95 53.05 -18.41 -68.46
CA LEU X 95 53.55 -18.87 -69.74
C LEU X 95 55.05 -19.08 -69.69
N LEU X 96 55.75 -18.29 -68.87
CA LEU X 96 57.20 -18.44 -68.79
C LEU X 96 57.60 -19.72 -68.08
N GLU X 97 56.89 -20.09 -67.02
CA GLU X 97 57.12 -21.41 -66.41
C GLU X 97 56.86 -22.52 -67.42
N ARG X 98 55.75 -22.42 -68.16
CA ARG X 98 55.40 -23.45 -69.12
C ARG X 98 56.47 -23.58 -70.21
N VAL X 99 56.96 -22.46 -70.74
CA VAL X 99 57.97 -22.55 -71.79
C VAL X 99 59.27 -23.07 -71.20
N HIS X 100 59.54 -22.75 -69.93
CA HIS X 100 60.73 -23.29 -69.27
C HIS X 100 60.72 -24.82 -69.28
N ARG X 101 59.63 -25.42 -68.78
CA ARG X 101 59.55 -26.87 -68.72
C ARG X 101 59.58 -27.49 -70.12
N GLU X 102 58.78 -26.96 -71.04
CA GLU X 102 58.70 -27.54 -72.37
C GLU X 102 60.04 -27.42 -73.10
N ALA X 103 60.73 -26.29 -72.94
CA ALA X 103 62.03 -26.14 -73.57
C ALA X 103 63.02 -27.14 -73.02
N ARG X 104 62.97 -27.40 -71.70
CA ARG X 104 63.83 -28.46 -71.14
C ARG X 104 63.54 -29.79 -71.81
N GLU X 105 62.26 -30.17 -71.91
CA GLU X 105 61.91 -31.47 -72.47
C GLU X 105 62.38 -31.58 -73.92
N LEU X 106 62.09 -30.57 -74.74
CA LEU X 106 62.43 -30.66 -76.15
C LEU X 106 63.93 -30.59 -76.38
N LEU X 107 64.65 -29.82 -75.56
CA LEU X 107 66.10 -29.78 -75.71
C LEU X 107 66.72 -31.11 -75.28
N ARG X 108 66.13 -31.79 -74.30
CA ARG X 108 66.56 -33.14 -73.97
C ARG X 108 66.31 -34.08 -75.15
N GLU X 109 65.16 -33.94 -75.80
CA GLU X 109 64.87 -34.74 -76.99
C GLU X 109 65.70 -34.34 -78.20
N GLY X 110 66.43 -33.22 -78.14
CA GLY X 110 67.30 -32.82 -79.21
C GLY X 110 66.70 -31.92 -80.26
N ARG X 111 65.40 -31.62 -80.16
CA ARG X 111 64.74 -30.73 -81.13
C ARG X 111 64.95 -29.29 -80.68
N ARG X 112 65.42 -28.44 -81.60
CA ARG X 112 65.80 -27.08 -81.27
C ARG X 112 64.80 -26.04 -81.78
N GLU X 113 64.20 -26.26 -82.94
CA GLU X 113 63.35 -25.23 -83.54
C GLU X 113 62.12 -24.95 -82.67
N GLU X 114 61.51 -25.99 -82.11
CA GLU X 114 60.29 -25.80 -81.33
C GLU X 114 60.55 -25.10 -80.00
N ALA X 115 61.70 -25.35 -79.37
CA ALA X 115 62.02 -24.63 -78.14
C ALA X 115 62.20 -23.15 -78.40
N ALA X 116 62.93 -22.80 -79.46
CA ALA X 116 63.03 -21.40 -79.85
C ALA X 116 61.68 -20.84 -80.25
N ALA X 117 60.80 -21.66 -80.81
CA ALA X 117 59.47 -21.19 -81.16
C ALA X 117 58.68 -20.80 -79.91
N LEU X 118 58.74 -21.63 -78.87
CA LEU X 118 58.08 -21.26 -77.62
C LEU X 118 58.69 -20.00 -77.02
N VAL X 119 60.02 -19.87 -77.09
CA VAL X 119 60.66 -18.67 -76.55
C VAL X 119 60.22 -17.42 -77.32
N LEU X 120 60.17 -17.51 -78.65
CA LEU X 120 59.74 -16.37 -79.46
C LEU X 120 58.29 -16.01 -79.16
N ALA X 121 57.43 -17.00 -79.01
CA ALA X 121 56.05 -16.71 -78.64
C ALA X 121 55.99 -16.01 -77.30
N ALA X 122 56.84 -16.43 -76.35
CA ALA X 122 56.86 -15.76 -75.03
C ALA X 122 57.32 -14.31 -75.15
N ALA X 123 58.34 -14.06 -75.96
CA ALA X 123 58.82 -12.70 -76.15
C ALA X 123 57.75 -11.83 -76.77
N LEU X 124 57.04 -12.34 -77.78
CA LEU X 124 55.97 -11.58 -78.40
C LEU X 124 54.84 -11.33 -77.42
N ALA X 125 54.53 -12.32 -76.58
CA ALA X 125 53.49 -12.09 -75.58
C ALA X 125 53.89 -10.97 -74.63
N ALA X 126 55.15 -10.94 -74.20
CA ALA X 126 55.61 -9.88 -73.31
C ALA X 126 55.54 -8.51 -73.96
N GLY X 127 56.08 -8.39 -75.18
CA GLY X 127 56.06 -7.11 -75.87
C GLY X 127 54.65 -6.62 -76.16
N ALA X 128 53.80 -7.50 -76.67
CA ALA X 128 52.43 -7.11 -76.99
C ALA X 128 51.65 -6.77 -75.74
N VAL X 129 51.91 -7.47 -74.62
CA VAL X 129 51.27 -7.12 -73.37
C VAL X 129 51.66 -5.71 -72.94
N ALA X 130 52.96 -5.38 -73.04
CA ALA X 130 53.40 -4.05 -72.67
C ALA X 130 52.75 -2.98 -73.54
N VAL X 131 52.77 -3.18 -74.85
CA VAL X 131 52.20 -2.17 -75.76
C VAL X 131 50.70 -2.04 -75.54
N ALA X 132 50.02 -3.15 -75.28
CA ALA X 132 48.58 -3.10 -75.03
C ALA X 132 48.26 -2.32 -73.76
N GLU X 133 49.04 -2.53 -72.69
CA GLU X 133 48.79 -1.74 -71.48
C GLU X 133 49.09 -0.28 -71.70
N ALA X 134 50.10 0.03 -72.52
CA ALA X 134 50.37 1.42 -72.84
C ALA X 134 49.19 2.05 -73.57
N TYR X 135 48.63 1.33 -74.55
CA TYR X 135 47.48 1.85 -75.28
C TYR X 135 46.28 2.06 -74.37
N VAL X 136 46.07 1.13 -73.44
CA VAL X 136 44.92 1.24 -72.54
C VAL X 136 45.11 2.42 -71.58
N ARG X 137 46.34 2.65 -71.12
CA ARG X 137 46.58 3.72 -70.15
C ARG X 137 46.25 5.09 -70.72
N LEU X 138 46.69 5.36 -71.95
CA LEU X 138 46.43 6.65 -72.58
C LEU X 138 45.17 6.64 -73.43
N GLY X 139 44.32 5.64 -73.28
CA GLY X 139 42.97 5.66 -73.84
C GLY X 139 42.82 5.70 -75.35
N GLN X 140 43.64 4.96 -76.07
CA GLN X 140 43.47 4.88 -77.52
C GLN X 140 42.36 3.89 -77.87
N PRO X 141 41.77 4.01 -79.05
CA PRO X 141 40.62 3.15 -79.41
C PRO X 141 41.03 1.70 -79.55
N ILE X 142 40.02 0.83 -79.44
CA ILE X 142 40.24 -0.62 -79.47
C ILE X 142 40.60 -1.13 -80.85
N ARG X 143 40.18 -0.45 -81.92
CA ARG X 143 40.60 -0.83 -83.26
C ARG X 143 42.12 -0.91 -83.35
N LEU X 144 42.81 0.02 -82.69
CA LEU X 144 44.27 0.05 -82.76
C LEU X 144 44.88 -1.18 -82.09
N ILE X 145 44.38 -1.55 -80.91
CA ILE X 145 44.86 -2.75 -80.24
C ILE X 145 44.62 -3.97 -81.10
N ALA X 146 43.41 -4.11 -81.65
CA ALA X 146 43.08 -5.28 -82.43
C ALA X 146 43.95 -5.40 -83.67
N GLU X 147 44.10 -4.30 -84.41
CA GLU X 147 44.92 -4.34 -85.62
C GLU X 147 46.38 -4.62 -85.30
N TYR X 148 46.89 -3.99 -84.24
CA TYR X 148 48.28 -4.22 -83.84
C TYR X 148 48.52 -5.69 -83.53
N VAL X 149 47.68 -6.27 -82.67
CA VAL X 149 47.88 -7.65 -82.26
C VAL X 149 47.76 -8.59 -83.45
N ALA X 150 46.75 -8.38 -84.30
CA ALA X 150 46.57 -9.27 -85.44
C ALA X 150 47.76 -9.22 -86.38
N GLU X 151 48.29 -8.03 -86.63
CA GLU X 151 49.43 -7.94 -87.55
C GLU X 151 50.68 -8.57 -86.94
N ARG X 152 50.88 -8.39 -85.63
CA ARG X 152 52.02 -9.03 -84.99
C ARG X 152 51.90 -10.55 -85.04
N LEU X 153 50.70 -11.08 -84.84
CA LEU X 153 50.50 -12.52 -84.91
C LEU X 153 50.81 -13.04 -86.32
N VAL X 154 50.39 -12.30 -87.34
CA VAL X 154 50.69 -12.74 -88.70
C VAL X 154 52.19 -12.74 -88.97
N GLU X 155 52.89 -11.71 -88.48
CA GLU X 155 54.34 -11.66 -88.65
C GLU X 155 55.04 -12.82 -87.95
N LEU X 156 54.61 -13.13 -86.73
CA LEU X 156 55.18 -14.26 -86.01
C LEU X 156 54.90 -15.58 -86.72
N ALA X 157 53.69 -15.72 -87.27
CA ALA X 157 53.37 -16.94 -88.01
C ALA X 157 54.26 -17.09 -89.23
N GLU X 158 54.53 -15.99 -89.92
CA GLU X 158 55.44 -16.05 -91.05
C GLU X 158 56.84 -16.46 -90.60
N LEU X 159 57.30 -15.91 -89.48
CA LEU X 159 58.62 -16.27 -88.97
C LEU X 159 58.70 -17.76 -88.63
N LEU X 160 57.71 -18.27 -87.89
CA LEU X 160 57.71 -19.67 -87.51
C LEU X 160 57.60 -20.58 -88.71
N ARG X 161 56.87 -20.16 -89.73
CA ARG X 161 56.85 -20.91 -90.98
C ARG X 161 58.23 -20.94 -91.63
N ARG X 162 58.97 -19.83 -91.51
CA ARG X 162 60.33 -19.82 -92.04
C ARG X 162 61.24 -20.77 -91.27
N LEU X 163 61.11 -20.83 -89.95
CA LEU X 163 61.95 -21.71 -89.15
C LEU X 163 61.69 -23.19 -89.50
N GLY X 164 60.44 -23.61 -89.47
CA GLY X 164 60.11 -24.98 -89.79
C GLY X 164 59.13 -25.66 -88.84
N VAL X 165 58.58 -24.91 -87.90
CA VAL X 165 57.62 -25.49 -86.95
C VAL X 165 56.38 -25.96 -87.71
N PRO X 166 55.79 -27.10 -87.37
CA PRO X 166 54.55 -27.53 -88.02
C PRO X 166 53.39 -26.59 -87.71
N LEU X 167 52.45 -26.54 -88.65
CA LEU X 167 51.43 -25.49 -88.67
C LEU X 167 50.53 -25.55 -87.44
N ARG X 168 50.11 -26.74 -87.04
CA ARG X 168 49.20 -26.84 -85.90
C ARG X 168 49.84 -26.32 -84.63
N ARG X 169 51.15 -26.59 -84.46
CA ARG X 169 51.88 -26.00 -83.35
C ARG X 169 51.91 -24.48 -83.46
N ILE X 170 52.05 -23.96 -84.68
CA ILE X 170 52.01 -22.51 -84.88
C ILE X 170 50.71 -21.94 -84.34
N ILE X 171 49.58 -22.55 -84.73
CA ILE X 171 48.29 -22.03 -84.32
C ILE X 171 48.11 -22.15 -82.81
N ARG X 172 48.64 -23.22 -82.22
CA ARG X 172 48.55 -23.36 -80.77
C ARG X 172 49.34 -22.28 -80.05
N LEU X 173 50.56 -21.98 -80.54
CA LEU X 173 51.34 -20.91 -79.92
C LEU X 173 50.66 -19.56 -80.07
N LEU X 174 50.09 -19.30 -81.24
CA LEU X 174 49.40 -18.04 -81.48
C LEU X 174 48.21 -17.88 -80.54
N GLU X 175 47.48 -18.96 -80.31
CA GLU X 175 46.38 -18.90 -79.36
C GLU X 175 46.86 -18.68 -77.94
N GLU X 176 48.02 -19.24 -77.58
CA GLU X 176 48.57 -18.95 -76.25
C GLU X 176 48.91 -17.48 -76.11
N VAL X 177 49.53 -16.90 -77.14
CA VAL X 177 49.84 -15.47 -77.13
C VAL X 177 48.57 -14.65 -76.96
N LEU X 178 47.53 -15.01 -77.71
CA LEU X 178 46.26 -14.29 -77.62
C LEU X 178 45.65 -14.41 -76.24
N ARG X 179 45.77 -15.58 -75.61
CA ARG X 179 45.24 -15.76 -74.27
C ARG X 179 45.95 -14.85 -73.27
N VAL X 180 47.27 -14.77 -73.38
CA VAL X 180 48.02 -13.87 -72.48
C VAL X 180 47.61 -12.43 -72.70
N VAL X 181 47.47 -12.02 -73.96
CA VAL X 181 47.09 -10.64 -74.26
C VAL X 181 45.71 -10.34 -73.71
N ALA X 182 44.77 -11.28 -73.86
CA ALA X 182 43.43 -11.07 -73.32
C ALA X 182 43.45 -10.96 -71.81
N GLU X 183 44.27 -11.78 -71.14
CA GLU X 183 44.39 -11.67 -69.69
C GLU X 183 44.95 -10.31 -69.28
N ALA X 184 45.96 -9.83 -70.00
CA ALA X 184 46.52 -8.52 -69.71
C ALA X 184 45.48 -7.43 -69.86
N LEU X 185 44.72 -7.48 -70.94
CA LEU X 185 43.68 -6.47 -71.15
C LEU X 185 42.59 -6.57 -70.10
N ARG X 186 42.30 -7.78 -69.61
CA ARG X 186 41.34 -7.91 -68.52
C ARG X 186 41.86 -7.25 -67.24
N ARG X 187 43.14 -7.43 -66.94
CA ARG X 187 43.70 -6.81 -65.74
C ARG X 187 43.71 -5.29 -65.84
N ALA X 188 43.76 -4.76 -67.05
CA ALA X 188 43.78 -3.31 -67.25
C ALA X 188 42.39 -2.69 -67.25
N GLY X 189 41.35 -3.47 -66.98
CA GLY X 189 40.01 -2.94 -66.88
C GLY X 189 39.23 -2.83 -68.18
N VAL X 190 39.78 -3.32 -69.28
CA VAL X 190 39.06 -3.26 -70.57
C VAL X 190 37.81 -4.13 -70.47
N PRO X 191 36.65 -3.64 -70.90
CA PRO X 191 35.42 -4.45 -70.79
C PRO X 191 35.49 -5.70 -71.64
N GLU X 192 34.79 -6.73 -71.20
CA GLU X 192 34.88 -8.05 -71.84
C GLU X 192 34.50 -8.04 -73.33
N PRO X 193 33.41 -7.39 -73.76
CA PRO X 193 33.09 -7.41 -75.20
C PRO X 193 34.21 -6.89 -76.08
N GLU X 194 34.96 -5.89 -75.63
CA GLU X 194 36.08 -5.42 -76.42
C GLU X 194 37.18 -6.48 -76.51
N ILE X 195 37.41 -7.23 -75.44
CA ILE X 195 38.38 -8.31 -75.49
C ILE X 195 37.94 -9.38 -76.50
N ARG X 196 36.66 -9.72 -76.49
CA ARG X 196 36.16 -10.69 -77.45
C ARG X 196 36.31 -10.17 -78.88
N LYS X 197 36.06 -8.88 -79.08
CA LYS X 197 36.23 -8.30 -80.42
C LYS X 197 37.69 -8.37 -80.85
N VAL X 198 38.62 -8.12 -79.93
CA VAL X 198 40.04 -8.24 -80.24
C VAL X 198 40.36 -9.66 -80.69
N GLU X 199 39.90 -10.64 -79.91
CA GLU X 199 40.20 -12.04 -80.23
C GLU X 199 39.61 -12.43 -81.58
N ALA X 200 38.35 -12.07 -81.81
CA ALA X 200 37.67 -12.43 -83.05
C ALA X 200 38.35 -11.81 -84.26
N ALA X 201 38.79 -10.55 -84.14
CA ALA X 201 39.53 -9.92 -85.22
C ALA X 201 40.83 -10.67 -85.49
N ALA X 202 41.51 -11.10 -84.43
CA ALA X 202 42.74 -11.87 -84.61
C ALA X 202 42.48 -13.18 -85.34
N TYR X 203 41.40 -13.88 -84.96
CA TYR X 203 41.09 -15.16 -85.60
C TYR X 203 40.69 -14.99 -87.05
N ILE X 204 39.92 -13.95 -87.36
CA ILE X 204 39.53 -13.72 -88.75
C ILE X 204 40.74 -13.34 -89.59
N ARG X 205 41.66 -12.55 -89.03
CA ARG X 205 42.88 -12.23 -89.76
C ARG X 205 43.71 -13.48 -90.02
N LEU X 206 43.86 -14.34 -89.00
CA LEU X 206 44.60 -15.58 -89.19
C LEU X 206 43.95 -16.49 -90.22
N ALA X 207 42.63 -16.62 -90.17
CA ALA X 207 41.93 -17.44 -91.16
C ALA X 207 42.12 -16.91 -92.56
N ALA X 208 42.03 -15.58 -92.73
CA ALA X 208 42.25 -14.98 -94.04
C ALA X 208 43.68 -15.23 -94.52
N TYR X 209 44.64 -15.10 -93.62
CA TYR X 209 46.04 -15.35 -93.96
C TYR X 209 46.26 -16.78 -94.42
N LEU X 210 45.67 -17.75 -93.72
CA LEU X 210 45.79 -19.14 -94.14
C LEU X 210 45.10 -19.38 -95.48
N LEU X 211 43.94 -18.78 -95.68
CA LEU X 211 43.19 -19.00 -96.91
C LEU X 211 43.90 -18.41 -98.12
N ARG X 212 44.68 -17.36 -97.93
CA ARG X 212 45.34 -16.75 -99.08
C ARG X 212 46.41 -17.63 -99.69
N GLN X 213 47.13 -18.40 -98.87
CA GLN X 213 48.26 -19.18 -99.39
C GLN X 213 47.79 -20.23 -100.40
N LEU X 214 46.67 -20.89 -100.13
CA LEU X 214 46.10 -21.82 -101.08
C LEU X 214 45.53 -21.15 -102.32
N GLY X 215 45.37 -19.84 -102.30
CA GLY X 215 44.89 -19.14 -103.48
C GLY X 215 43.39 -18.92 -103.50
N TYR X 216 42.83 -18.51 -102.38
CA TYR X 216 41.41 -18.13 -102.29
C TYR X 216 41.37 -16.64 -101.95
N GLU X 217 41.50 -15.81 -102.98
CA GLU X 217 41.54 -14.37 -102.74
C GLU X 217 40.17 -13.81 -102.39
N ALA X 218 39.12 -14.28 -103.08
CA ALA X 218 37.79 -13.79 -102.81
C ALA X 218 37.36 -14.07 -101.39
N LEU X 219 37.64 -15.29 -100.90
CA LEU X 219 37.33 -15.65 -99.53
C LEU X 219 38.03 -14.73 -98.54
N ALA X 220 39.32 -14.47 -98.76
CA ALA X 220 40.06 -13.61 -97.84
C ALA X 220 39.51 -12.19 -97.84
N LYS X 221 39.16 -11.67 -99.03
CA LYS X 221 38.59 -10.32 -99.10
C LYS X 221 37.27 -10.25 -98.34
N ARG X 222 36.41 -11.25 -98.50
CA ARG X 222 35.12 -11.21 -97.81
C ARG X 222 35.30 -11.33 -96.30
N LEU X 223 36.24 -12.16 -95.86
CA LEU X 223 36.51 -12.26 -94.43
C LEU X 223 37.01 -10.94 -93.87
N LEU X 224 37.87 -10.25 -94.61
CA LEU X 224 38.40 -8.99 -94.10
C LEU X 224 37.35 -7.88 -94.17
N GLU X 225 36.42 -7.94 -95.12
CA GLU X 225 35.27 -7.02 -95.09
C GLU X 225 34.44 -7.23 -93.84
N ALA X 226 34.18 -8.49 -93.50
CA ALA X 226 33.46 -8.78 -92.26
C ALA X 226 34.22 -8.25 -91.06
N ARG X 227 35.55 -8.40 -91.06
CA ARG X 227 36.36 -7.89 -89.96
C ARG X 227 36.26 -6.38 -89.86
N GLU X 228 36.32 -5.68 -91.00
CA GLU X 228 36.21 -4.22 -90.98
C GLU X 228 34.87 -3.78 -90.43
N LEU X 229 33.79 -4.45 -90.85
CA LEU X 229 32.49 -4.13 -90.27
C LEU X 229 32.44 -4.42 -88.77
N LEU X 230 33.17 -5.44 -88.32
CA LEU X 230 33.17 -5.77 -86.90
C LEU X 230 33.90 -4.71 -86.08
N LEU X 231 35.06 -4.26 -86.56
CA LEU X 231 35.86 -3.33 -85.77
C LEU X 231 35.21 -1.96 -85.64
N GLU X 232 34.27 -1.63 -86.52
CA GLU X 232 33.55 -0.35 -86.49
C GLU X 232 32.37 -0.37 -85.54
N GLY X 233 32.10 -1.50 -84.88
CA GLY X 233 30.97 -1.61 -83.99
C GLY X 233 29.73 -2.20 -84.60
N ARG X 234 29.67 -2.33 -85.92
CA ARG X 234 28.54 -2.96 -86.60
C ARG X 234 28.67 -4.47 -86.44
N VAL X 235 28.21 -4.97 -85.29
CA VAL X 235 28.31 -6.39 -85.01
C VAL X 235 27.36 -7.19 -85.89
N GLU X 236 26.15 -6.68 -86.11
CA GLU X 236 25.11 -7.47 -86.77
C GLU X 236 25.44 -7.71 -88.23
N GLU X 237 25.86 -6.67 -88.94
CA GLU X 237 26.27 -6.85 -90.33
C GLU X 237 27.51 -7.73 -90.44
N ALA X 238 28.42 -7.61 -89.48
CA ALA X 238 29.60 -8.48 -89.46
C ALA X 238 29.21 -9.93 -89.31
N ALA X 239 28.29 -10.23 -88.39
CA ALA X 239 27.86 -11.60 -88.19
C ALA X 239 27.10 -12.13 -89.41
N HIS X 240 26.26 -11.31 -90.04
CA HIS X 240 25.54 -11.79 -91.21
C HIS X 240 26.48 -12.10 -92.36
N LEU X 241 27.41 -11.18 -92.65
CA LEU X 241 28.33 -11.42 -93.75
C LEU X 241 29.29 -12.56 -93.44
N LEU X 242 29.67 -12.71 -92.18
CA LEU X 242 30.51 -13.82 -91.75
C LEU X 242 29.79 -15.15 -91.95
N GLU X 243 28.51 -15.23 -91.59
CA GLU X 243 27.81 -16.49 -91.75
C GLU X 243 27.60 -16.82 -93.22
N ASP X 244 27.38 -15.82 -94.07
CA ASP X 244 27.26 -16.10 -95.50
C ASP X 244 28.57 -16.66 -96.07
N VAL X 245 29.69 -16.00 -95.76
CA VAL X 245 30.96 -16.48 -96.30
C VAL X 245 31.34 -17.84 -95.72
N TYR X 246 31.02 -18.07 -94.44
CA TYR X 246 31.27 -19.38 -93.84
C TYR X 246 30.42 -20.47 -94.49
N ALA X 247 29.17 -20.16 -94.83
CA ALA X 247 28.34 -21.15 -95.50
C ALA X 247 28.92 -21.53 -96.85
N LEU X 248 29.36 -20.55 -97.63
CA LEU X 248 29.96 -20.87 -98.93
C LEU X 248 31.23 -21.68 -98.76
N PHE X 249 32.08 -21.27 -97.81
CA PHE X 249 33.33 -21.99 -97.54
C PHE X 249 33.06 -23.41 -97.09
N HIS X 250 32.07 -23.62 -96.23
CA HIS X 250 31.81 -24.94 -95.69
C HIS X 250 31.26 -25.86 -96.76
N ARG X 251 30.41 -25.34 -97.65
CA ARG X 251 29.98 -26.13 -98.80
C ARG X 251 31.18 -26.53 -99.65
N GLU X 252 32.13 -25.60 -99.83
CA GLU X 252 33.32 -25.95 -100.60
C GLU X 252 34.13 -27.03 -99.90
N ILE X 253 34.23 -26.98 -98.57
CA ILE X 253 34.95 -28.01 -97.82
C ILE X 253 34.28 -29.36 -97.98
N GLU X 254 32.96 -29.41 -97.79
CA GLU X 254 32.23 -30.67 -97.93
C GLU X 254 32.24 -31.18 -99.36
N ARG X 255 32.51 -30.32 -100.34
CA ARG X 255 32.64 -30.79 -101.71
C ARG X 255 33.77 -31.79 -101.85
N LEU X 256 34.90 -31.53 -101.20
CA LEU X 256 36.08 -32.38 -101.31
C LEU X 256 35.99 -33.65 -100.49
N GLY X 257 34.94 -33.83 -99.69
CA GLY X 257 34.73 -35.10 -99.01
C GLY X 257 35.78 -35.35 -97.94
N PHE X 258 36.40 -36.53 -98.01
CA PHE X 258 37.45 -36.93 -97.08
C PHE X 258 38.83 -36.64 -97.65
N GLU X 259 39.04 -35.38 -98.02
CA GLU X 259 40.32 -34.90 -98.52
C GLU X 259 40.27 -33.38 -98.56
N ALA X 260 41.31 -32.74 -98.02
CA ALA X 260 41.46 -31.29 -98.04
C ALA X 260 42.81 -30.90 -97.46
N PRO X 261 43.49 -29.91 -98.03
CA PRO X 261 44.77 -29.48 -97.46
C PRO X 261 44.60 -29.04 -96.02
N GLU X 262 45.64 -29.25 -95.22
CA GLU X 262 45.52 -29.06 -93.78
C GLU X 262 45.20 -27.62 -93.42
N GLU X 263 45.61 -26.66 -94.26
CA GLU X 263 45.28 -25.28 -93.98
C GLU X 263 43.78 -25.04 -94.04
N LEU X 264 43.07 -25.72 -94.94
CA LEU X 264 41.61 -25.65 -94.96
C LEU X 264 41.02 -26.17 -93.66
N ARG X 265 41.56 -27.29 -93.17
CA ARG X 265 41.04 -27.89 -91.94
C ARG X 265 41.26 -26.98 -90.75
N VAL X 266 42.42 -26.32 -90.68
CA VAL X 266 42.67 -25.41 -89.56
C VAL X 266 41.80 -24.16 -89.69
N ALA X 267 41.65 -23.66 -90.91
CA ALA X 267 40.83 -22.47 -91.14
C ALA X 267 39.39 -22.70 -90.75
N ASP X 268 38.88 -23.91 -90.95
CA ASP X 268 37.51 -24.21 -90.56
C ASP X 268 37.32 -24.01 -89.05
N LEU X 269 38.27 -24.51 -88.25
CA LEU X 269 38.15 -24.36 -86.81
C LEU X 269 38.34 -22.91 -86.39
N LEU X 270 39.26 -22.19 -87.05
CA LEU X 270 39.45 -20.77 -86.75
C LEU X 270 38.19 -19.97 -87.03
N LEU X 271 37.55 -20.22 -88.17
CA LEU X 271 36.32 -19.53 -88.53
C LEU X 271 35.20 -19.86 -87.57
N ALA X 272 35.08 -21.13 -87.16
CA ALA X 272 34.05 -21.48 -86.20
C ALA X 272 34.25 -20.74 -84.89
N ARG X 273 35.49 -20.65 -84.41
CA ARG X 273 35.74 -19.94 -83.16
C ARG X 273 35.48 -18.45 -83.30
N ALA X 274 35.85 -17.87 -84.44
CA ALA X 274 35.56 -16.46 -84.68
C ALA X 274 34.07 -16.19 -84.64
N ILE X 275 33.28 -17.06 -85.29
CA ILE X 275 31.83 -16.89 -85.29
C ILE X 275 31.28 -17.02 -83.87
N ALA X 276 31.79 -17.98 -83.10
CA ALA X 276 31.34 -18.13 -81.72
C ALA X 276 31.62 -16.88 -80.90
N LEU X 277 32.82 -16.33 -81.05
CA LEU X 277 33.18 -15.13 -80.29
C LEU X 277 32.32 -13.94 -80.67
N ILE X 278 32.09 -13.74 -81.97
CA ILE X 278 31.24 -12.64 -82.40
C ILE X 278 29.83 -12.80 -81.85
N LYS X 279 29.29 -14.02 -81.91
CA LYS X 279 27.95 -14.26 -81.38
C LYS X 279 27.89 -14.04 -79.87
N ALA X 280 28.99 -14.27 -79.16
CA ALA X 280 29.00 -14.11 -77.71
C ALA X 280 29.24 -12.67 -77.27
N ILE X 281 29.57 -11.75 -78.18
CA ILE X 281 29.74 -10.34 -77.83
C ILE X 281 28.46 -9.78 -77.26
N THR Y 24 43.34 -73.91 -79.33
CA THR Y 24 44.16 -72.78 -78.88
C THR Y 24 43.29 -71.73 -78.19
N VAL Y 25 41.97 -71.85 -78.37
CA VAL Y 25 41.05 -70.84 -77.86
C VAL Y 25 41.11 -70.77 -76.35
N VAL Y 26 41.10 -71.93 -75.68
CA VAL Y 26 41.21 -71.94 -74.22
C VAL Y 26 42.57 -71.43 -73.79
N GLU Y 27 43.62 -71.74 -74.56
CA GLU Y 27 44.92 -71.17 -74.28
C GLU Y 27 44.90 -69.64 -74.43
N GLU Y 28 44.18 -69.14 -75.43
CA GLU Y 28 44.06 -67.69 -75.58
C GLU Y 28 43.34 -67.07 -74.39
N VAL Y 29 42.29 -67.72 -73.90
CA VAL Y 29 41.57 -67.19 -72.74
C VAL Y 29 42.47 -67.21 -71.50
N ARG Y 30 43.21 -68.29 -71.29
CA ARG Y 30 44.14 -68.34 -70.17
C ARG Y 30 45.19 -67.26 -70.27
N ARG Y 31 45.77 -67.08 -71.46
CA ARG Y 31 46.80 -66.06 -71.65
C ARG Y 31 46.22 -64.67 -71.40
N PHE Y 32 45.01 -64.41 -71.89
CA PHE Y 32 44.38 -63.12 -71.69
C PHE Y 32 44.20 -62.84 -70.20
N ALA Y 33 43.68 -63.83 -69.46
CA ALA Y 33 43.43 -63.64 -68.03
C ALA Y 33 44.73 -63.43 -67.27
N GLU Y 34 45.75 -64.25 -67.55
CA GLU Y 34 47.01 -64.11 -66.82
C GLU Y 34 47.69 -62.79 -67.14
N GLU Y 35 47.66 -62.36 -68.41
CA GLU Y 35 48.27 -61.09 -68.77
C GLU Y 35 47.58 -59.93 -68.06
N LEU Y 36 46.25 -59.95 -68.02
CA LEU Y 36 45.53 -58.89 -67.32
C LEU Y 36 45.84 -58.92 -65.83
N ALA Y 37 45.96 -60.11 -65.23
CA ALA Y 37 46.29 -60.21 -63.81
C ALA Y 37 47.69 -59.68 -63.52
N GLU Y 38 48.66 -60.04 -64.37
CA GLU Y 38 50.02 -59.52 -64.20
C GLU Y 38 50.05 -58.01 -64.31
N GLU Y 39 49.32 -57.45 -65.28
CA GLU Y 39 49.28 -55.99 -65.41
C GLU Y 39 48.64 -55.35 -64.18
N VAL Y 40 47.59 -55.98 -63.64
CA VAL Y 40 46.97 -55.45 -62.43
C VAL Y 40 47.98 -55.39 -61.30
N LEU Y 41 48.76 -56.46 -61.15
CA LEU Y 41 49.75 -56.51 -60.08
C LEU Y 41 50.88 -55.51 -60.31
N ARG Y 42 51.36 -55.38 -61.55
CA ARG Y 42 52.43 -54.43 -61.82
C ARG Y 42 52.00 -53.00 -61.56
N VAL Y 43 50.80 -52.63 -62.00
CA VAL Y 43 50.34 -51.27 -61.79
C VAL Y 43 50.06 -51.01 -60.31
N GLY Y 44 49.34 -51.92 -59.66
CA GLY Y 44 48.91 -51.71 -58.30
C GLY Y 44 49.76 -52.34 -57.21
N GLY Y 45 50.72 -53.17 -57.58
CA GLY Y 45 51.54 -53.79 -56.56
C GLY Y 45 50.78 -54.82 -55.75
N GLU Y 46 51.23 -54.98 -54.50
CA GLU Y 46 50.57 -55.86 -53.56
C GLU Y 46 49.39 -55.19 -52.86
N ALA Y 47 49.13 -53.92 -53.15
CA ALA Y 47 47.98 -53.25 -52.56
C ALA Y 47 46.68 -53.93 -52.98
N MET Y 48 46.57 -54.31 -54.25
CA MET Y 48 45.41 -54.99 -54.79
C MET Y 48 45.86 -56.36 -55.30
N ARG Y 49 45.95 -57.31 -54.37
CA ARG Y 49 46.12 -58.73 -54.67
C ARG Y 49 44.79 -59.41 -54.96
N PRO Y 50 43.69 -59.07 -54.24
CA PRO Y 50 42.39 -59.69 -54.57
C PRO Y 50 42.02 -59.62 -56.04
N TYR Y 51 42.31 -58.51 -56.72
CA TYR Y 51 41.86 -58.38 -58.11
C TYR Y 51 42.61 -59.32 -59.04
N ALA Y 52 43.89 -59.57 -58.77
CA ALA Y 52 44.61 -60.55 -59.57
C ALA Y 52 44.01 -61.94 -59.40
N GLU Y 53 43.64 -62.29 -58.17
CA GLU Y 53 43.01 -63.58 -57.93
C GLU Y 53 41.65 -63.67 -58.62
N MET Y 54 40.87 -62.58 -58.57
CA MET Y 54 39.56 -62.57 -59.21
C MET Y 54 39.69 -62.73 -60.72
N VAL Y 55 40.65 -62.03 -61.33
CA VAL Y 55 40.88 -62.17 -62.76
C VAL Y 55 41.30 -63.60 -63.09
N ARG Y 56 42.19 -64.18 -62.29
CA ARG Y 56 42.66 -65.53 -62.58
C ARG Y 56 41.54 -66.56 -62.44
N HIS Y 57 40.70 -66.43 -61.40
CA HIS Y 57 39.57 -67.35 -61.25
C HIS Y 57 38.54 -67.18 -62.35
N LEU Y 58 38.26 -65.95 -62.78
CA LEU Y 58 37.31 -65.77 -63.88
C LEU Y 58 37.85 -66.33 -65.18
N GLY Y 59 39.16 -66.18 -65.42
CA GLY Y 59 39.75 -66.86 -66.56
C GLY Y 59 39.62 -68.37 -66.45
N GLU Y 60 39.80 -68.91 -65.24
CA GLU Y 60 39.64 -70.34 -65.04
C GLU Y 60 38.21 -70.80 -65.29
N ALA Y 61 37.23 -70.04 -64.80
CA ALA Y 61 35.83 -70.39 -65.04
C ALA Y 61 35.49 -70.35 -66.52
N ALA Y 62 36.02 -69.34 -67.23
CA ALA Y 62 35.78 -69.27 -68.67
C ALA Y 62 36.36 -70.47 -69.39
N VAL Y 63 37.60 -70.86 -69.06
CA VAL Y 63 38.16 -72.00 -69.78
C VAL Y 63 37.48 -73.30 -69.38
N ALA Y 64 37.00 -73.38 -68.14
CA ALA Y 64 36.18 -74.53 -67.75
C ALA Y 64 34.94 -74.62 -68.61
N ALA Y 65 34.25 -73.49 -68.81
CA ALA Y 65 33.05 -73.49 -69.65
C ALA Y 65 33.38 -73.88 -71.08
N LEU Y 66 34.48 -73.36 -71.63
CA LEU Y 66 34.88 -73.74 -72.98
C LEU Y 66 35.31 -75.20 -73.09
N GLU Y 67 35.68 -75.84 -71.98
CA GLU Y 67 36.13 -77.23 -72.05
C GLU Y 67 35.17 -78.17 -71.35
N GLY Y 68 33.88 -78.02 -71.61
CA GLY Y 68 32.87 -78.82 -70.95
C GLY Y 68 32.36 -78.11 -69.70
N ARG Y 69 31.82 -78.92 -68.79
CA ARG Y 69 31.46 -78.47 -67.43
C ARG Y 69 30.36 -77.42 -67.39
N ALA Y 70 29.61 -77.42 -66.30
CA ALA Y 70 28.68 -76.35 -65.99
C ALA Y 70 28.63 -76.01 -64.51
N GLU Y 71 29.11 -76.89 -63.64
CA GLU Y 71 29.06 -76.72 -62.20
C GLU Y 71 30.33 -76.08 -61.65
N GLU Y 72 31.48 -76.39 -62.23
CA GLU Y 72 32.72 -75.72 -61.84
C GLU Y 72 32.64 -74.22 -62.15
N ALA Y 73 32.05 -73.88 -63.30
CA ALA Y 73 31.85 -72.47 -63.62
C ALA Y 73 30.94 -71.81 -62.59
N ASP Y 74 29.86 -72.49 -62.21
CA ASP Y 74 28.98 -71.99 -61.16
C ASP Y 74 29.75 -71.71 -59.88
N ARG Y 75 30.56 -72.69 -59.44
CA ARG Y 75 31.26 -72.55 -58.18
C ARG Y 75 32.28 -71.42 -58.24
N LEU Y 76 33.05 -71.34 -59.32
CA LEU Y 76 34.08 -70.31 -59.41
C LEU Y 76 33.45 -68.92 -59.47
N VAL Y 77 32.35 -68.77 -60.21
CA VAL Y 77 31.70 -67.47 -60.28
C VAL Y 77 31.13 -67.08 -58.91
N ARG Y 78 30.60 -68.06 -58.17
CA ARG Y 78 30.13 -67.75 -56.81
C ARG Y 78 31.28 -67.34 -55.89
N ASP Y 79 32.43 -68.00 -56.02
CA ASP Y 79 33.59 -67.64 -55.22
C ASP Y 79 34.06 -66.23 -55.54
N VAL Y 80 34.12 -65.88 -56.82
CA VAL Y 80 34.51 -64.53 -57.22
C VAL Y 80 33.48 -63.52 -56.75
N LEU Y 81 32.20 -63.91 -56.75
CA LEU Y 81 31.18 -63.03 -56.21
C LEU Y 81 31.42 -62.75 -54.74
N GLU Y 82 31.81 -63.78 -53.98
CA GLU Y 82 32.13 -63.59 -52.57
C GLU Y 82 33.34 -62.66 -52.40
N MET Y 83 34.36 -62.82 -53.23
CA MET Y 83 35.52 -61.93 -53.16
C MET Y 83 35.10 -60.49 -53.42
N ALA Y 84 34.26 -60.28 -54.44
CA ALA Y 84 33.78 -58.93 -54.72
C ALA Y 84 32.97 -58.38 -53.57
N ARG Y 85 32.18 -59.23 -52.90
CA ARG Y 85 31.42 -58.79 -51.75
C ARG Y 85 32.34 -58.30 -50.63
N GLU Y 86 33.40 -59.07 -50.34
CA GLU Y 86 34.23 -58.71 -49.20
C GLU Y 86 35.12 -57.50 -49.50
N VAL Y 87 35.67 -57.42 -50.71
CA VAL Y 87 36.57 -56.32 -51.04
C VAL Y 87 35.82 -54.99 -51.00
N GLY Y 88 34.62 -54.95 -51.56
CA GLY Y 88 33.85 -53.72 -51.66
C GLY Y 88 33.45 -53.34 -53.06
N ALA Y 89 33.79 -54.14 -54.07
CA ALA Y 89 33.41 -53.85 -55.45
C ALA Y 89 31.92 -54.08 -55.60
N GLU Y 90 31.17 -53.01 -55.86
CA GLU Y 90 29.72 -53.10 -55.95
C GLU Y 90 29.26 -53.44 -57.37
N GLY Y 91 29.59 -52.58 -58.34
CA GLY Y 91 29.16 -52.84 -59.70
C GLY Y 91 29.70 -54.16 -60.23
N LEU Y 92 30.92 -54.50 -59.83
CA LEU Y 92 31.48 -55.79 -60.20
C LEU Y 92 30.67 -56.93 -59.60
N ALA Y 93 30.22 -56.77 -58.35
CA ALA Y 93 29.38 -57.79 -57.75
C ALA Y 93 28.07 -57.96 -58.50
N ARG Y 94 27.45 -56.84 -58.88
CA ARG Y 94 26.20 -56.93 -59.65
C ARG Y 94 26.44 -57.66 -60.97
N LEU Y 95 27.48 -57.27 -61.69
CA LEU Y 95 27.76 -57.90 -62.97
C LEU Y 95 28.08 -59.37 -62.78
N LEU Y 96 28.66 -59.74 -61.64
CA LEU Y 96 28.99 -61.14 -61.41
C LEU Y 96 27.73 -61.97 -61.13
N GLU Y 97 26.77 -61.40 -60.39
CA GLU Y 97 25.49 -62.10 -60.23
C GLU Y 97 24.80 -62.29 -61.57
N ARG Y 98 24.76 -61.24 -62.40
CA ARG Y 98 24.16 -61.36 -63.71
C ARG Y 98 24.88 -62.40 -64.56
N VAL Y 99 26.21 -62.41 -64.50
CA VAL Y 99 26.99 -63.39 -65.22
C VAL Y 99 26.63 -64.79 -64.75
N HIS Y 100 26.43 -64.97 -63.45
CA HIS Y 100 26.09 -66.27 -62.89
C HIS Y 100 24.77 -66.78 -63.46
N ARG Y 101 23.73 -65.96 -63.39
CA ARG Y 101 22.40 -66.39 -63.86
C ARG Y 101 22.41 -66.68 -65.35
N GLU Y 102 22.93 -65.76 -66.16
CA GLU Y 102 22.97 -65.99 -67.60
C GLU Y 102 23.86 -67.18 -67.96
N ALA Y 103 24.95 -67.39 -67.23
CA ALA Y 103 25.78 -68.54 -67.50
C ALA Y 103 25.01 -69.82 -67.27
N ARG Y 104 24.23 -69.88 -66.19
CA ARG Y 104 23.39 -71.05 -65.95
C ARG Y 104 22.41 -71.27 -67.09
N GLU Y 105 21.70 -70.21 -67.49
CA GLU Y 105 20.69 -70.36 -68.54
C GLU Y 105 21.30 -70.83 -69.85
N LEU Y 106 22.37 -70.17 -70.29
CA LEU Y 106 22.97 -70.50 -71.57
C LEU Y 106 23.64 -71.88 -71.54
N LEU Y 107 24.18 -72.28 -70.39
CA LEU Y 107 24.74 -73.62 -70.30
C LEU Y 107 23.65 -74.68 -70.32
N ARG Y 108 22.49 -74.38 -69.73
CA ARG Y 108 21.36 -75.30 -69.87
C ARG Y 108 20.92 -75.41 -71.32
N GLU Y 109 20.90 -74.29 -72.04
CA GLU Y 109 20.54 -74.33 -73.46
C GLU Y 109 21.61 -74.96 -74.32
N GLY Y 110 22.79 -75.25 -73.78
CA GLY Y 110 23.83 -75.93 -74.51
C GLY Y 110 24.80 -75.04 -75.27
N ARG Y 111 24.59 -73.72 -75.26
CA ARG Y 111 25.49 -72.79 -75.93
C ARG Y 111 26.63 -72.44 -74.98
N ARG Y 112 27.86 -72.64 -75.46
CA ARG Y 112 29.04 -72.49 -74.60
C ARG Y 112 29.83 -71.22 -74.86
N GLU Y 113 29.93 -70.78 -76.11
CA GLU Y 113 30.79 -69.64 -76.43
C GLU Y 113 30.31 -68.37 -75.74
N GLU Y 114 29.00 -68.15 -75.71
CA GLU Y 114 28.50 -66.89 -75.14
C GLU Y 114 28.64 -66.85 -73.62
N ALA Y 115 28.53 -67.99 -72.94
CA ALA Y 115 28.75 -68.01 -71.49
C ALA Y 115 30.20 -67.66 -71.15
N ALA Y 116 31.15 -68.25 -71.87
CA ALA Y 116 32.54 -67.86 -71.70
C ALA Y 116 32.76 -66.40 -72.08
N ALA Y 117 31.98 -65.90 -73.05
CA ALA Y 117 32.08 -64.49 -73.41
C ALA Y 117 31.66 -63.61 -72.25
N LEU Y 118 30.56 -63.95 -71.58
CA LEU Y 118 30.15 -63.20 -70.40
C LEU Y 118 31.21 -63.27 -69.31
N VAL Y 119 31.79 -64.45 -69.11
CA VAL Y 119 32.82 -64.60 -68.07
C VAL Y 119 34.05 -63.76 -68.40
N LEU Y 120 34.48 -63.75 -69.66
CA LEU Y 120 35.64 -62.96 -70.05
C LEU Y 120 35.35 -61.47 -69.90
N ALA Y 121 34.15 -61.03 -70.25
CA ALA Y 121 33.78 -59.65 -70.01
C ALA Y 121 33.85 -59.32 -68.52
N ALA Y 122 33.43 -60.25 -67.67
CA ALA Y 122 33.51 -60.02 -66.23
C ALA Y 122 34.96 -59.90 -65.75
N ALA Y 123 35.84 -60.77 -66.25
CA ALA Y 123 37.25 -60.71 -65.87
C ALA Y 123 37.87 -59.40 -66.32
N LEU Y 124 37.56 -58.95 -67.54
CA LEU Y 124 38.08 -57.68 -68.02
C LEU Y 124 37.55 -56.53 -67.20
N ALA Y 125 36.28 -56.58 -66.80
CA ALA Y 125 35.75 -55.53 -65.94
C ALA Y 125 36.52 -55.47 -64.63
N ALA Y 126 36.79 -56.63 -64.03
CA ALA Y 126 37.53 -56.67 -62.76
C ALA Y 126 38.94 -56.10 -62.91
N GLY Y 127 39.66 -56.57 -63.92
CA GLY Y 127 41.02 -56.10 -64.13
C GLY Y 127 41.09 -54.61 -64.44
N ALA Y 128 40.21 -54.14 -65.32
CA ALA Y 128 40.22 -52.73 -65.68
C ALA Y 128 39.79 -51.86 -64.50
N VAL Y 129 38.89 -52.36 -63.66
CA VAL Y 129 38.52 -51.62 -62.46
C VAL Y 129 39.73 -51.47 -61.54
N ALA Y 130 40.49 -52.56 -61.35
CA ALA Y 130 41.68 -52.49 -60.52
C ALA Y 130 42.68 -51.48 -61.07
N VAL Y 131 42.97 -51.57 -62.37
CA VAL Y 131 43.99 -50.70 -62.95
C VAL Y 131 43.53 -49.24 -62.92
N ALA Y 132 42.26 -48.99 -63.18
CA ALA Y 132 41.75 -47.62 -63.16
C ALA Y 132 41.83 -47.03 -61.75
N GLU Y 133 41.47 -47.81 -60.73
CA GLU Y 133 41.59 -47.32 -59.36
C GLU Y 133 43.05 -47.06 -59.00
N ALA Y 134 43.96 -47.90 -59.47
CA ALA Y 134 45.38 -47.66 -59.22
C ALA Y 134 45.84 -46.36 -59.86
N TYR Y 135 45.41 -46.12 -61.11
CA TYR Y 135 45.78 -44.88 -61.79
C TYR Y 135 45.22 -43.67 -61.06
N VAL Y 136 43.99 -43.77 -60.56
CA VAL Y 136 43.39 -42.65 -59.84
C VAL Y 136 44.10 -42.40 -58.52
N ARG Y 137 44.52 -43.46 -57.83
CA ARG Y 137 45.15 -43.29 -56.52
C ARG Y 137 46.46 -42.52 -56.63
N LEU Y 138 47.29 -42.85 -57.60
CA LEU Y 138 48.57 -42.15 -57.78
C LEU Y 138 48.46 -40.96 -58.73
N GLY Y 139 47.25 -40.53 -59.05
CA GLY Y 139 47.02 -39.26 -59.74
C GLY Y 139 47.56 -39.12 -61.14
N GLN Y 140 47.43 -40.14 -61.97
CA GLN Y 140 47.82 -40.01 -63.37
C GLN Y 140 46.71 -39.33 -64.16
N PRO Y 141 47.06 -38.70 -65.29
CA PRO Y 141 46.05 -37.96 -66.06
C PRO Y 141 45.04 -38.90 -66.72
N ILE Y 142 43.93 -38.30 -67.14
CA ILE Y 142 42.79 -39.07 -67.64
C ILE Y 142 43.03 -39.62 -69.04
N ARG Y 143 43.91 -39.02 -69.84
CA ARG Y 143 44.21 -39.56 -71.15
C ARG Y 143 44.67 -41.01 -71.06
N LEU Y 144 45.50 -41.33 -70.06
CA LEU Y 144 46.00 -42.69 -69.92
C LEU Y 144 44.89 -43.67 -69.58
N ILE Y 145 43.99 -43.29 -68.67
CA ILE Y 145 42.86 -44.16 -68.37
C ILE Y 145 42.01 -44.39 -69.60
N ALA Y 146 41.69 -43.33 -70.33
CA ALA Y 146 40.84 -43.45 -71.51
C ALA Y 146 41.48 -44.33 -72.58
N GLU Y 147 42.77 -44.11 -72.86
CA GLU Y 147 43.44 -44.89 -73.88
C GLU Y 147 43.59 -46.35 -73.46
N TYR Y 148 43.90 -46.58 -72.18
CA TYR Y 148 44.01 -47.95 -71.69
C TYR Y 148 42.70 -48.69 -71.84
N VAL Y 149 41.60 -48.10 -71.37
CA VAL Y 149 40.31 -48.77 -71.43
C VAL Y 149 39.90 -49.02 -72.87
N ALA Y 150 40.07 -48.02 -73.75
CA ALA Y 150 39.68 -48.20 -75.14
C ALA Y 150 40.47 -49.31 -75.81
N GLU Y 151 41.77 -49.39 -75.55
CA GLU Y 151 42.57 -50.42 -76.20
C GLU Y 151 42.22 -51.80 -75.66
N ARG Y 152 41.94 -51.90 -74.36
CA ARG Y 152 41.52 -53.20 -73.83
C ARG Y 152 40.18 -53.63 -74.42
N LEU Y 153 39.25 -52.69 -74.59
CA LEU Y 153 37.97 -53.03 -75.22
C LEU Y 153 38.18 -53.51 -76.65
N VAL Y 154 39.08 -52.87 -77.39
CA VAL Y 154 39.33 -53.31 -78.75
C VAL Y 154 39.91 -54.72 -78.77
N GLU Y 155 40.84 -55.02 -77.86
CA GLU Y 155 41.42 -56.36 -77.79
C GLU Y 155 40.37 -57.40 -77.44
N LEU Y 156 39.50 -57.09 -76.47
CA LEU Y 156 38.44 -58.02 -76.11
C LEU Y 156 37.48 -58.25 -77.27
N ALA Y 157 37.12 -57.19 -77.98
CA ALA Y 157 36.23 -57.35 -79.13
C ALA Y 157 36.88 -58.22 -80.19
N GLU Y 158 38.18 -58.07 -80.40
CA GLU Y 158 38.87 -58.94 -81.34
C GLU Y 158 38.81 -60.40 -80.89
N LEU Y 159 39.01 -60.64 -79.59
CA LEU Y 159 38.94 -62.01 -79.09
C LEU Y 159 37.54 -62.59 -79.27
N LEU Y 160 36.51 -61.83 -78.90
CA LEU Y 160 35.14 -62.32 -79.02
C LEU Y 160 34.77 -62.55 -80.47
N ARG Y 161 35.30 -61.74 -81.39
CA ARG Y 161 35.11 -62.03 -82.81
C ARG Y 161 35.78 -63.34 -83.18
N ARG Y 162 36.94 -63.62 -82.59
CA ARG Y 162 37.61 -64.89 -82.87
C ARG Y 162 36.79 -66.08 -82.38
N LEU Y 163 36.18 -65.96 -81.20
CA LEU Y 163 35.40 -67.07 -80.65
C LEU Y 163 34.20 -67.40 -81.54
N GLY Y 164 33.39 -66.40 -81.85
CA GLY Y 164 32.22 -66.62 -82.68
C GLY Y 164 30.95 -65.94 -82.20
N VAL Y 165 31.07 -65.14 -81.15
CA VAL Y 165 29.89 -64.43 -80.62
C VAL Y 165 29.38 -63.45 -81.68
N PRO Y 166 28.07 -63.28 -81.85
CA PRO Y 166 27.56 -62.27 -82.78
C PRO Y 166 27.88 -60.85 -82.32
N LEU Y 167 27.98 -59.96 -83.31
CA LEU Y 167 28.56 -58.64 -83.08
C LEU Y 167 27.72 -57.81 -82.11
N ARG Y 168 26.40 -57.89 -82.19
CA ARG Y 168 25.57 -57.07 -81.32
C ARG Y 168 25.77 -57.45 -79.86
N ARG Y 169 25.91 -58.75 -79.59
CA ARG Y 169 26.24 -59.19 -78.24
C ARG Y 169 27.63 -58.66 -77.84
N ILE Y 170 28.56 -58.63 -78.78
CA ILE Y 170 29.88 -58.07 -78.49
C ILE Y 170 29.73 -56.64 -78.00
N ILE Y 171 28.95 -55.83 -78.72
CA ILE Y 171 28.82 -54.43 -78.35
C ILE Y 171 28.11 -54.29 -77.01
N ARG Y 172 27.12 -55.16 -76.75
CA ARG Y 172 26.42 -55.09 -75.47
C ARG Y 172 27.34 -55.42 -74.31
N LEU Y 173 28.19 -56.44 -74.46
CA LEU Y 173 29.15 -56.77 -73.40
C LEU Y 173 30.15 -55.66 -73.20
N LEU Y 174 30.64 -55.06 -74.29
CA LEU Y 174 31.59 -53.96 -74.17
C LEU Y 174 30.98 -52.79 -73.43
N GLU Y 175 29.71 -52.48 -73.71
CA GLU Y 175 29.05 -51.41 -72.97
C GLU Y 175 28.88 -51.76 -71.50
N GLU Y 176 28.63 -53.03 -71.19
CA GLU Y 176 28.56 -53.42 -69.77
C GLU Y 176 29.91 -53.20 -69.07
N VAL Y 177 30.99 -53.59 -69.75
CA VAL Y 177 32.33 -53.36 -69.19
C VAL Y 177 32.55 -51.87 -68.95
N LEU Y 178 32.19 -51.04 -69.92
CA LEU Y 178 32.36 -49.60 -69.77
C LEU Y 178 31.53 -49.06 -68.63
N ARG Y 179 30.32 -49.58 -68.44
CA ARG Y 179 29.47 -49.12 -67.36
C ARG Y 179 30.09 -49.44 -66.00
N VAL Y 180 30.64 -50.64 -65.85
CA VAL Y 180 31.31 -51.01 -64.61
C VAL Y 180 32.51 -50.11 -64.36
N VAL Y 181 33.29 -49.85 -65.41
CA VAL Y 181 34.48 -49.01 -65.26
C VAL Y 181 34.07 -47.60 -64.86
N ALA Y 182 33.01 -47.07 -65.47
CA ALA Y 182 32.55 -45.73 -65.11
C ALA Y 182 32.07 -45.69 -63.66
N GLU Y 183 31.38 -46.74 -63.20
CA GLU Y 183 30.95 -46.77 -61.81
C GLU Y 183 32.16 -46.80 -60.87
N ALA Y 184 33.18 -47.58 -61.22
CA ALA Y 184 34.38 -47.64 -60.40
C ALA Y 184 35.06 -46.28 -60.31
N LEU Y 185 35.18 -45.60 -61.45
CA LEU Y 185 35.80 -44.28 -61.45
C LEU Y 185 34.97 -43.28 -60.67
N ARG Y 186 33.64 -43.41 -60.70
CA ARG Y 186 32.80 -42.53 -59.91
C ARG Y 186 33.03 -42.76 -58.42
N ARG Y 187 33.17 -44.01 -58.01
CA ARG Y 187 33.40 -44.30 -56.58
C ARG Y 187 34.76 -43.78 -56.12
N ALA Y 188 35.70 -43.62 -57.03
CA ALA Y 188 37.02 -43.10 -56.68
C ALA Y 188 37.08 -41.58 -56.66
N GLY Y 189 35.95 -40.91 -56.90
CA GLY Y 189 35.90 -39.47 -56.84
C GLY Y 189 36.26 -38.74 -58.11
N VAL Y 190 36.47 -39.45 -59.22
CA VAL Y 190 36.78 -38.78 -60.48
C VAL Y 190 35.59 -37.92 -60.90
N PRO Y 191 35.78 -36.67 -61.29
CA PRO Y 191 34.64 -35.81 -61.64
C PRO Y 191 33.91 -36.34 -62.87
N GLU Y 192 32.61 -36.07 -62.91
CA GLU Y 192 31.75 -36.64 -63.96
C GLU Y 192 32.19 -36.30 -65.38
N PRO Y 193 32.57 -35.06 -65.72
CA PRO Y 193 32.99 -34.79 -67.11
C PRO Y 193 34.14 -35.67 -67.56
N GLU Y 194 35.08 -36.01 -66.68
CA GLU Y 194 36.15 -36.90 -67.08
C GLU Y 194 35.64 -38.32 -67.35
N ILE Y 195 34.64 -38.76 -66.60
CA ILE Y 195 34.03 -40.06 -66.89
C ILE Y 195 33.37 -40.06 -68.26
N ARG Y 196 32.66 -38.96 -68.58
CA ARG Y 196 32.05 -38.85 -69.89
C ARG Y 196 33.11 -38.81 -70.99
N LYS Y 197 34.24 -38.15 -70.72
CA LYS Y 197 35.34 -38.17 -71.67
C LYS Y 197 35.85 -39.58 -71.90
N VAL Y 198 35.97 -40.36 -70.83
CA VAL Y 198 36.42 -41.75 -70.95
C VAL Y 198 35.48 -42.53 -71.85
N GLU Y 199 34.18 -42.45 -71.56
CA GLU Y 199 33.21 -43.24 -72.32
C GLU Y 199 33.15 -42.80 -73.78
N ALA Y 200 33.16 -41.49 -74.03
CA ALA Y 200 33.10 -40.98 -75.40
C ALA Y 200 34.31 -41.40 -76.19
N ALA Y 201 35.50 -41.35 -75.58
CA ALA Y 201 36.69 -41.84 -76.26
C ALA Y 201 36.57 -43.31 -76.58
N ALA Y 202 36.01 -44.10 -75.65
CA ALA Y 202 35.82 -45.52 -75.90
C ALA Y 202 34.89 -45.76 -77.08
N TYR Y 203 33.78 -45.03 -77.14
CA TYR Y 203 32.82 -45.21 -78.22
C TYR Y 203 33.39 -44.81 -79.57
N ILE Y 204 34.15 -43.70 -79.62
CA ILE Y 204 34.76 -43.29 -80.88
C ILE Y 204 35.82 -44.29 -81.32
N ARG Y 205 36.58 -44.84 -80.37
CA ARG Y 205 37.54 -45.88 -80.73
C ARG Y 205 36.86 -47.11 -81.27
N LEU Y 206 35.76 -47.53 -80.65
CA LEU Y 206 35.02 -48.69 -81.13
C LEU Y 206 34.41 -48.46 -82.50
N ALA Y 207 33.83 -47.26 -82.72
CA ALA Y 207 33.28 -46.94 -84.02
C ALA Y 207 34.36 -46.95 -85.09
N ALA Y 208 35.53 -46.38 -84.81
CA ALA Y 208 36.62 -46.42 -85.77
C ALA Y 208 37.06 -47.84 -86.06
N TYR Y 209 37.15 -48.68 -85.02
CA TYR Y 209 37.54 -50.06 -85.20
C TYR Y 209 36.56 -50.81 -86.09
N LEU Y 210 35.25 -50.60 -85.88
CA LEU Y 210 34.26 -51.25 -86.73
C LEU Y 210 34.35 -50.74 -88.16
N LEU Y 211 34.53 -49.43 -88.33
CA LEU Y 211 34.55 -48.86 -89.68
C LEU Y 211 35.77 -49.32 -90.46
N ARG Y 212 36.87 -49.61 -89.79
CA ARG Y 212 38.08 -49.98 -90.53
C ARG Y 212 37.94 -51.32 -91.22
N GLN Y 213 37.17 -52.25 -90.65
CA GLN Y 213 37.02 -53.56 -91.27
C GLN Y 213 36.32 -53.48 -92.62
N LEU Y 214 35.30 -52.63 -92.72
CA LEU Y 214 34.60 -52.43 -93.99
C LEU Y 214 35.44 -51.73 -95.03
N GLY Y 215 36.57 -51.15 -94.65
CA GLY Y 215 37.44 -50.50 -95.61
C GLY Y 215 37.14 -49.03 -95.78
N TYR Y 216 36.90 -48.34 -94.66
CA TYR Y 216 36.73 -46.89 -94.65
C TYR Y 216 37.87 -46.31 -93.84
N GLU Y 217 39.03 -46.15 -94.47
CA GLU Y 217 40.20 -45.67 -93.76
C GLU Y 217 40.12 -44.19 -93.45
N ALA Y 218 39.64 -43.40 -94.41
CA ALA Y 218 39.55 -41.96 -94.20
C ALA Y 218 38.61 -41.63 -93.05
N LEU Y 219 37.45 -42.30 -93.01
CA LEU Y 219 36.49 -42.09 -91.93
C LEU Y 219 37.10 -42.40 -90.57
N ALA Y 220 37.81 -43.52 -90.46
CA ALA Y 220 38.41 -43.88 -89.19
C ALA Y 220 39.51 -42.90 -88.78
N LYS Y 221 40.31 -42.43 -89.75
CA LYS Y 221 41.32 -41.45 -89.44
C LYS Y 221 40.70 -40.17 -88.91
N ARG Y 222 39.62 -39.68 -89.53
CA ARG Y 222 39.01 -38.45 -89.05
C ARG Y 222 38.37 -38.63 -87.68
N LEU Y 223 37.79 -39.80 -87.43
CA LEU Y 223 37.23 -40.06 -86.10
C LEU Y 223 38.31 -40.06 -85.05
N LEU Y 224 39.48 -40.64 -85.36
CA LEU Y 224 40.54 -40.68 -84.37
C LEU Y 224 41.20 -39.32 -84.19
N GLU Y 225 41.22 -38.49 -85.24
CA GLU Y 225 41.64 -37.09 -85.06
C GLU Y 225 40.70 -36.37 -84.09
N ALA Y 226 39.40 -36.57 -84.26
CA ALA Y 226 38.44 -35.98 -83.32
C ALA Y 226 38.68 -36.47 -81.91
N ARG Y 227 38.99 -37.77 -81.76
CA ARG Y 227 39.26 -38.30 -80.43
C ARG Y 227 40.51 -37.67 -79.83
N GLU Y 228 41.55 -37.48 -80.64
CA GLU Y 228 42.76 -36.84 -80.14
C GLU Y 228 42.48 -35.42 -79.67
N LEU Y 229 41.69 -34.67 -80.45
CA LEU Y 229 41.32 -33.33 -80.00
C LEU Y 229 40.47 -33.38 -78.74
N LEU Y 230 39.71 -34.44 -78.55
CA LEU Y 230 38.88 -34.53 -77.34
C LEU Y 230 39.72 -34.80 -76.10
N LEU Y 231 40.66 -35.73 -76.19
CA LEU Y 231 41.44 -36.11 -75.01
C LEU Y 231 42.39 -35.01 -74.57
N GLU Y 232 42.68 -34.03 -75.43
CA GLU Y 232 43.55 -32.91 -75.11
C GLU Y 232 42.80 -31.77 -74.41
N GLY Y 233 41.50 -31.91 -74.19
CA GLY Y 233 40.72 -30.88 -73.57
C GLY Y 233 40.01 -29.94 -74.51
N ARG Y 234 40.36 -29.97 -75.80
CA ARG Y 234 39.69 -29.14 -76.81
C ARG Y 234 38.37 -29.79 -77.16
N VAL Y 235 37.35 -29.53 -76.34
CA VAL Y 235 36.05 -30.16 -76.53
C VAL Y 235 35.36 -29.59 -77.77
N GLU Y 236 35.48 -28.28 -78.00
CA GLU Y 236 34.70 -27.63 -79.04
C GLU Y 236 35.15 -28.06 -80.43
N GLU Y 237 36.46 -28.09 -80.67
CA GLU Y 237 36.96 -28.58 -81.94
C GLU Y 237 36.63 -30.05 -82.13
N ALA Y 238 36.65 -30.82 -81.04
CA ALA Y 238 36.26 -32.23 -81.12
C ALA Y 238 34.82 -32.37 -81.58
N ALA Y 239 33.91 -31.61 -80.97
CA ALA Y 239 32.50 -31.70 -81.34
C ALA Y 239 32.26 -31.23 -82.77
N HIS Y 240 32.94 -30.16 -83.19
CA HIS Y 240 32.75 -29.66 -84.55
C HIS Y 240 33.24 -30.68 -85.58
N LEU Y 241 34.45 -31.21 -85.39
CA LEU Y 241 35.00 -32.16 -86.34
C LEU Y 241 34.20 -33.47 -86.33
N LEU Y 242 33.73 -33.87 -85.14
CA LEU Y 242 32.87 -35.05 -85.06
C LEU Y 242 31.58 -34.86 -85.81
N GLU Y 243 30.94 -33.70 -85.67
CA GLU Y 243 29.70 -33.48 -86.39
C GLU Y 243 29.91 -33.44 -87.89
N ASP Y 244 31.04 -32.89 -88.35
CA ASP Y 244 31.30 -32.90 -89.79
C ASP Y 244 31.47 -34.33 -90.32
N VAL Y 245 32.29 -35.13 -89.65
CA VAL Y 245 32.48 -36.50 -90.13
C VAL Y 245 31.19 -37.30 -90.01
N TYR Y 246 30.40 -37.06 -88.97
CA TYR Y 246 29.13 -37.76 -88.82
C TYR Y 246 28.15 -37.37 -89.91
N ALA Y 247 28.13 -36.11 -90.30
CA ALA Y 247 27.23 -35.69 -91.38
C ALA Y 247 27.61 -36.38 -92.69
N LEU Y 248 28.90 -36.43 -93.01
CA LEU Y 248 29.29 -37.13 -94.23
C LEU Y 248 28.94 -38.61 -94.16
N PHE Y 249 29.20 -39.23 -93.01
CA PHE Y 249 28.90 -40.65 -92.84
C PHE Y 249 27.41 -40.92 -92.94
N HIS Y 250 26.58 -40.06 -92.38
CA HIS Y 250 25.15 -40.29 -92.40
C HIS Y 250 24.59 -40.10 -93.80
N ARG Y 251 25.12 -39.14 -94.56
CA ARG Y 251 24.73 -39.05 -95.96
C ARG Y 251 25.09 -40.33 -96.70
N GLU Y 252 26.28 -40.88 -96.42
CA GLU Y 252 26.67 -42.13 -97.06
C GLU Y 252 25.74 -43.28 -96.67
N ILE Y 253 25.31 -43.31 -95.42
CA ILE Y 253 24.38 -44.35 -94.97
C ILE Y 253 23.04 -44.22 -95.67
N GLU Y 254 22.49 -43.01 -95.71
CA GLU Y 254 21.23 -42.77 -96.39
C GLU Y 254 21.32 -43.03 -97.88
N ARG Y 255 22.53 -43.00 -98.44
CA ARG Y 255 22.69 -43.32 -99.86
C ARG Y 255 22.26 -44.75 -100.14
N LEU Y 256 22.58 -45.68 -99.24
CA LEU Y 256 22.29 -47.09 -99.47
C LEU Y 256 20.84 -47.47 -99.19
N GLY Y 257 20.02 -46.54 -98.71
CA GLY Y 257 18.59 -46.79 -98.60
C GLY Y 257 18.28 -47.85 -97.54
N PHE Y 258 17.46 -48.82 -97.93
CA PHE Y 258 17.08 -49.93 -97.04
C PHE Y 258 17.99 -51.14 -97.28
N GLU Y 259 19.29 -50.89 -97.15
CA GLU Y 259 20.31 -51.92 -97.23
C GLU Y 259 21.61 -51.33 -96.72
N ALA Y 260 22.29 -52.06 -95.83
CA ALA Y 260 23.58 -51.65 -95.31
C ALA Y 260 24.17 -52.77 -94.46
N PRO Y 261 25.48 -53.01 -94.52
CA PRO Y 261 26.09 -54.02 -93.65
C PRO Y 261 25.83 -53.71 -92.20
N GLU Y 262 25.81 -54.76 -91.38
CA GLU Y 262 25.42 -54.61 -89.98
C GLU Y 262 26.41 -53.71 -89.22
N GLU Y 263 27.69 -53.75 -89.59
CA GLU Y 263 28.67 -52.94 -88.88
C GLU Y 263 28.42 -51.46 -89.07
N LEU Y 264 27.96 -51.04 -90.27
CA LEU Y 264 27.56 -49.65 -90.46
C LEU Y 264 26.42 -49.29 -89.54
N ARG Y 265 25.43 -50.17 -89.41
CA ARG Y 265 24.29 -49.88 -88.55
C ARG Y 265 24.71 -49.75 -87.10
N VAL Y 266 25.63 -50.60 -86.63
CA VAL Y 266 26.08 -50.50 -85.25
C VAL Y 266 26.92 -49.25 -85.04
N ALA Y 267 27.79 -48.93 -86.01
CA ALA Y 267 28.61 -47.74 -85.92
C ALA Y 267 27.77 -46.48 -85.86
N ASP Y 268 26.62 -46.48 -86.56
CA ASP Y 268 25.73 -45.32 -86.50
C ASP Y 268 25.28 -45.04 -85.08
N LEU Y 269 24.83 -46.08 -84.37
CA LEU Y 269 24.38 -45.87 -83.00
C LEU Y 269 25.55 -45.52 -82.07
N LEU Y 270 26.71 -46.11 -82.30
CA LEU Y 270 27.88 -45.78 -81.50
C LEU Y 270 28.27 -44.32 -81.66
N LEU Y 271 28.29 -43.83 -82.91
CA LEU Y 271 28.60 -42.44 -83.17
C LEU Y 271 27.57 -41.50 -82.56
N ALA Y 272 26.29 -41.86 -82.64
CA ALA Y 272 25.26 -41.04 -82.02
C ALA Y 272 25.49 -40.92 -80.52
N ARG Y 273 25.81 -42.04 -79.86
CA ARG Y 273 26.03 -41.98 -78.42
C ARG Y 273 27.29 -41.18 -78.08
N ALA Y 274 28.34 -41.33 -78.88
CA ALA Y 274 29.55 -40.54 -78.65
C ALA Y 274 29.27 -39.05 -78.75
N ILE Y 275 28.50 -38.66 -79.76
CA ILE Y 275 28.15 -37.25 -79.93
C ILE Y 275 27.32 -36.76 -78.75
N ALA Y 276 26.37 -37.58 -78.30
CA ALA Y 276 25.55 -37.18 -77.15
C ALA Y 276 26.40 -36.97 -75.91
N LEU Y 277 27.34 -37.89 -75.66
CA LEU Y 277 28.19 -37.77 -74.48
C LEU Y 277 29.08 -36.54 -74.57
N ILE Y 278 29.67 -36.29 -75.74
CA ILE Y 278 30.53 -35.11 -75.88
C ILE Y 278 29.73 -33.84 -75.65
N LYS Y 279 28.52 -33.78 -76.21
CA LYS Y 279 27.67 -32.61 -76.00
C LYS Y 279 27.30 -32.44 -74.53
N ALA Y 280 27.17 -33.54 -73.80
CA ALA Y 280 26.76 -33.46 -72.40
C ALA Y 280 27.92 -33.16 -71.45
N ILE Y 281 29.17 -33.15 -71.93
CA ILE Y 281 30.31 -32.82 -71.08
C ILE Y 281 30.14 -31.42 -70.51
N THR Z 24 -73.04 56.18 -71.77
CA THR Z 24 -72.40 54.95 -72.19
C THR Z 24 -71.22 54.61 -71.28
N VAL Z 25 -70.86 55.57 -70.42
CA VAL Z 25 -69.68 55.41 -69.58
C VAL Z 25 -69.85 54.22 -68.62
N VAL Z 26 -71.02 54.13 -67.99
CA VAL Z 26 -71.28 53.00 -67.08
C VAL Z 26 -71.33 51.70 -67.86
N GLU Z 27 -71.86 51.73 -69.09
CA GLU Z 27 -71.82 50.55 -69.93
C GLU Z 27 -70.38 50.18 -70.28
N GLU Z 28 -69.53 51.18 -70.52
CA GLU Z 28 -68.12 50.91 -70.79
C GLU Z 28 -67.44 50.27 -69.59
N VAL Z 29 -67.75 50.76 -68.39
CA VAL Z 29 -67.15 50.17 -67.19
C VAL Z 29 -67.64 48.73 -66.99
N ARG Z 30 -68.93 48.49 -67.20
CA ARG Z 30 -69.44 47.12 -67.11
C ARG Z 30 -68.79 46.22 -68.13
N ARG Z 31 -68.67 46.68 -69.38
CA ARG Z 31 -68.04 45.88 -70.42
C ARG Z 31 -66.59 45.57 -70.08
N PHE Z 32 -65.86 46.58 -69.59
CA PHE Z 32 -64.46 46.39 -69.21
C PHE Z 32 -64.33 45.34 -68.13
N ALA Z 33 -65.17 45.43 -67.09
CA ALA Z 33 -65.08 44.48 -65.98
C ALA Z 33 -65.43 43.07 -66.43
N GLU Z 34 -66.52 42.93 -67.20
CA GLU Z 34 -66.94 41.59 -67.62
C GLU Z 34 -65.94 40.97 -68.58
N GLU Z 35 -65.38 41.77 -69.50
CA GLU Z 35 -64.37 41.23 -70.40
C GLU Z 35 -63.13 40.77 -69.65
N LEU Z 36 -62.69 41.56 -68.66
CA LEU Z 36 -61.55 41.13 -67.86
C LEU Z 36 -61.86 39.85 -67.11
N ALA Z 37 -63.07 39.73 -66.54
CA ALA Z 37 -63.44 38.52 -65.81
C ALA Z 37 -63.50 37.30 -66.72
N GLU Z 38 -64.06 37.47 -67.93
CA GLU Z 38 -64.09 36.37 -68.89
C GLU Z 38 -62.68 35.94 -69.26
N GLU Z 39 -61.76 36.90 -69.44
CA GLU Z 39 -60.38 36.55 -69.75
C GLU Z 39 -59.74 35.80 -68.59
N VAL Z 40 -60.03 36.20 -67.36
CA VAL Z 40 -59.52 35.46 -66.21
C VAL Z 40 -60.00 34.02 -66.25
N LEU Z 41 -61.29 33.83 -66.53
CA LEU Z 41 -61.85 32.48 -66.54
C LEU Z 41 -61.30 31.65 -67.70
N ARG Z 42 -61.07 32.27 -68.86
CA ARG Z 42 -60.51 31.54 -69.98
C ARG Z 42 -59.08 31.11 -69.70
N VAL Z 43 -58.26 32.03 -69.20
CA VAL Z 43 -56.84 31.71 -68.99
C VAL Z 43 -56.69 30.71 -67.85
N GLY Z 44 -57.40 30.91 -66.74
CA GLY Z 44 -57.23 30.06 -65.58
C GLY Z 44 -58.29 29.03 -65.33
N GLY Z 45 -59.37 29.03 -66.11
CA GLY Z 45 -60.40 28.04 -65.92
C GLY Z 45 -61.16 28.23 -64.62
N GLU Z 46 -61.59 27.10 -64.07
CA GLU Z 46 -62.29 27.08 -62.79
C GLU Z 46 -61.33 27.06 -61.61
N ALA Z 47 -60.02 27.04 -61.86
CA ALA Z 47 -59.07 27.06 -60.77
C ALA Z 47 -59.19 28.35 -59.96
N MET Z 48 -59.33 29.48 -60.64
CA MET Z 48 -59.52 30.79 -60.00
C MET Z 48 -60.86 31.35 -60.46
N ARG Z 49 -61.92 30.93 -59.79
CA ARG Z 49 -63.25 31.52 -59.87
C ARG Z 49 -63.39 32.72 -58.94
N PRO Z 50 -62.78 32.72 -57.73
CA PRO Z 50 -62.87 33.92 -56.89
C PRO Z 50 -62.48 35.21 -57.58
N TYR Z 51 -61.44 35.19 -58.42
CA TYR Z 51 -60.97 36.42 -59.05
C TYR Z 51 -61.99 36.96 -60.04
N ALA Z 52 -62.72 36.08 -60.72
CA ALA Z 52 -63.79 36.54 -61.58
C ALA Z 52 -64.87 37.24 -60.77
N GLU Z 53 -65.18 36.71 -59.59
CA GLU Z 53 -66.16 37.37 -58.73
C GLU Z 53 -65.66 38.71 -58.23
N MET Z 54 -64.38 38.80 -57.85
CA MET Z 54 -63.83 40.09 -57.43
C MET Z 54 -63.91 41.11 -58.55
N VAL Z 55 -63.52 40.72 -59.76
CA VAL Z 55 -63.57 41.65 -60.88
C VAL Z 55 -65.01 42.09 -61.15
N ARG Z 56 -65.95 41.15 -61.09
CA ARG Z 56 -67.33 41.50 -61.41
C ARG Z 56 -67.93 42.41 -60.34
N HIS Z 57 -67.69 42.14 -59.06
CA HIS Z 57 -68.20 43.04 -58.03
C HIS Z 57 -67.51 44.39 -58.04
N LEU Z 58 -66.22 44.46 -58.37
CA LEU Z 58 -65.60 45.78 -58.48
C LEU Z 58 -66.17 46.55 -59.67
N GLY Z 59 -66.53 45.85 -60.75
CA GLY Z 59 -67.27 46.51 -61.81
C GLY Z 59 -68.60 47.06 -61.35
N GLU Z 60 -69.35 46.26 -60.57
CA GLU Z 60 -70.64 46.75 -60.07
C GLU Z 60 -70.45 47.92 -59.12
N ALA Z 61 -69.44 47.88 -58.26
CA ALA Z 61 -69.19 49.00 -57.34
C ALA Z 61 -68.84 50.27 -58.11
N ALA Z 62 -68.01 50.15 -59.15
CA ALA Z 62 -67.66 51.31 -59.94
C ALA Z 62 -68.88 51.90 -60.63
N VAL Z 63 -69.73 51.06 -61.22
CA VAL Z 63 -70.89 51.62 -61.91
C VAL Z 63 -71.90 52.18 -60.92
N ALA Z 64 -71.97 51.59 -59.72
CA ALA Z 64 -72.80 52.16 -58.66
C ALA Z 64 -72.33 53.57 -58.31
N ALA Z 65 -71.01 53.74 -58.14
CA ALA Z 65 -70.46 55.05 -57.84
C ALA Z 65 -70.73 56.04 -58.97
N LEU Z 66 -70.60 55.59 -60.22
CA LEU Z 66 -70.90 56.47 -61.36
C LEU Z 66 -72.39 56.81 -61.47
N GLU Z 67 -73.27 55.98 -60.90
CA GLU Z 67 -74.70 56.23 -61.04
C GLU Z 67 -75.35 56.63 -59.72
N GLY Z 68 -74.71 57.54 -58.99
CA GLY Z 68 -75.17 57.92 -57.68
C GLY Z 68 -74.53 57.07 -56.61
N ARG Z 69 -75.23 56.97 -55.48
CA ARG Z 69 -74.88 56.04 -54.40
C ARG Z 69 -73.55 56.36 -53.73
N ALA Z 70 -73.45 56.00 -52.44
CA ALA Z 70 -72.18 56.01 -51.73
C ALA Z 70 -72.04 54.84 -50.77
N GLU Z 71 -73.13 54.16 -50.42
CA GLU Z 71 -73.13 53.07 -49.45
C GLU Z 71 -73.01 51.71 -50.12
N GLU Z 72 -73.65 51.53 -51.28
CA GLU Z 72 -73.49 50.29 -52.02
C GLU Z 72 -72.05 50.09 -52.45
N ALA Z 73 -71.39 51.17 -52.86
CA ALA Z 73 -69.97 51.08 -53.21
C ALA Z 73 -69.14 50.63 -52.01
N ASP Z 74 -69.41 51.21 -50.84
CA ASP Z 74 -68.72 50.80 -49.62
C ASP Z 74 -68.94 49.32 -49.33
N ARG Z 75 -70.19 48.87 -49.42
CA ARG Z 75 -70.50 47.48 -49.10
C ARG Z 75 -69.82 46.53 -50.07
N LEU Z 76 -69.88 46.82 -51.37
CA LEU Z 76 -69.27 45.95 -52.35
C LEU Z 76 -67.76 45.90 -52.18
N VAL Z 77 -67.13 47.05 -51.92
CA VAL Z 77 -65.69 47.05 -51.74
C VAL Z 77 -65.31 46.28 -50.49
N ARG Z 78 -66.13 46.34 -49.43
CA ARG Z 78 -65.86 45.53 -48.24
C ARG Z 78 -66.02 44.04 -48.53
N ASP Z 79 -67.01 43.67 -49.34
CA ASP Z 79 -67.18 42.28 -49.73
C ASP Z 79 -65.96 41.76 -50.50
N VAL Z 80 -65.50 42.55 -51.48
CA VAL Z 80 -64.32 42.15 -52.23
C VAL Z 80 -63.08 42.12 -51.33
N LEU Z 81 -63.02 43.01 -50.35
CA LEU Z 81 -61.92 42.95 -49.39
C LEU Z 81 -61.96 41.64 -48.61
N GLU Z 82 -63.15 41.20 -48.22
CA GLU Z 82 -63.26 39.91 -47.52
C GLU Z 82 -62.83 38.75 -48.40
N MET Z 83 -63.22 38.76 -49.68
CA MET Z 83 -62.78 37.70 -50.58
C MET Z 83 -61.26 37.70 -50.73
N ALA Z 84 -60.67 38.89 -50.88
CA ALA Z 84 -59.23 38.99 -50.98
C ALA Z 84 -58.57 38.47 -49.72
N ARG Z 85 -59.17 38.71 -48.56
CA ARG Z 85 -58.63 38.20 -47.31
C ARG Z 85 -58.64 36.67 -47.30
N GLU Z 86 -59.75 36.07 -47.71
CA GLU Z 86 -59.85 34.62 -47.58
C GLU Z 86 -59.00 33.89 -48.62
N VAL Z 87 -58.96 34.41 -49.86
CA VAL Z 87 -58.20 33.74 -50.91
C VAL Z 87 -56.72 33.71 -50.58
N GLY Z 88 -56.18 34.82 -50.10
CA GLY Z 88 -54.76 34.93 -49.79
C GLY Z 88 -54.07 36.09 -50.48
N ALA Z 89 -54.77 36.90 -51.25
CA ALA Z 89 -54.17 38.04 -51.92
C ALA Z 89 -53.85 39.12 -50.89
N GLU Z 90 -52.56 39.43 -50.72
CA GLU Z 90 -52.16 40.42 -49.75
C GLU Z 90 -52.15 41.83 -50.34
N GLY Z 91 -51.37 42.03 -51.42
CA GLY Z 91 -51.31 43.35 -52.03
C GLY Z 91 -52.66 43.82 -52.52
N LEU Z 92 -53.46 42.91 -53.06
CA LEU Z 92 -54.80 43.25 -53.49
C LEU Z 92 -55.65 43.69 -52.30
N ALA Z 93 -55.53 43.01 -51.17
CA ALA Z 93 -56.28 43.39 -49.99
C ALA Z 93 -55.88 44.78 -49.49
N ARG Z 94 -54.57 45.07 -49.48
CA ARG Z 94 -54.12 46.38 -49.06
C ARG Z 94 -54.67 47.47 -49.98
N LEU Z 95 -54.57 47.25 -51.29
CA LEU Z 95 -55.10 48.24 -52.22
C LEU Z 95 -56.60 48.39 -52.05
N LEU Z 96 -57.29 47.32 -51.66
CA LEU Z 96 -58.73 47.40 -51.49
C LEU Z 96 -59.12 48.22 -50.27
N GLU Z 97 -58.38 48.07 -49.16
CA GLU Z 97 -58.59 48.96 -48.03
C GLU Z 97 -58.35 50.41 -48.43
N ARG Z 98 -57.26 50.66 -49.16
CA ARG Z 98 -56.94 52.03 -49.57
C ARG Z 98 -58.04 52.63 -50.45
N VAL Z 99 -58.52 51.86 -51.43
CA VAL Z 99 -59.56 52.40 -52.30
C VAL Z 99 -60.84 52.60 -51.51
N HIS Z 100 -61.08 51.75 -50.51
CA HIS Z 100 -62.25 51.94 -49.65
C HIS Z 100 -62.22 53.32 -48.97
N ARG Z 101 -61.12 53.61 -48.29
CA ARG Z 101 -61.03 54.87 -47.55
C ARG Z 101 -61.09 56.08 -48.49
N GLU Z 102 -60.29 56.06 -49.55
CA GLU Z 102 -60.27 57.18 -50.47
C GLU Z 102 -61.61 57.36 -51.18
N ALA Z 103 -62.30 56.27 -51.51
CA ALA Z 103 -63.61 56.40 -52.12
C ALA Z 103 -64.59 57.05 -51.16
N ARG Z 104 -64.52 56.69 -49.88
CA ARG Z 104 -65.34 57.37 -48.89
C ARG Z 104 -65.07 58.87 -48.88
N GLU Z 105 -63.80 59.25 -48.82
CA GLU Z 105 -63.46 60.67 -48.74
C GLU Z 105 -63.94 61.44 -49.97
N LEU Z 106 -63.68 60.90 -51.16
CA LEU Z 106 -64.04 61.62 -52.37
C LEU Z 106 -65.56 61.65 -52.56
N LEU Z 107 -66.26 60.59 -52.16
CA LEU Z 107 -67.71 60.61 -52.26
C LEU Z 107 -68.32 61.60 -51.27
N ARG Z 108 -67.69 61.77 -50.11
CA ARG Z 108 -68.11 62.83 -49.20
C ARG Z 108 -67.89 64.20 -49.84
N GLU Z 109 -66.75 64.37 -50.51
CA GLU Z 109 -66.47 65.63 -51.21
C GLU Z 109 -67.33 65.81 -52.45
N GLY Z 110 -68.07 64.80 -52.88
CA GLY Z 110 -68.98 64.93 -54.00
C GLY Z 110 -68.40 64.60 -55.36
N ARG Z 111 -67.11 64.29 -55.45
CA ARG Z 111 -66.47 63.93 -56.70
C ARG Z 111 -66.68 62.44 -56.96
N ARG Z 112 -67.18 62.10 -58.14
CA ARG Z 112 -67.56 60.73 -58.46
C ARG Z 112 -66.59 60.05 -59.41
N GLU Z 113 -66.01 60.78 -60.36
CA GLU Z 113 -65.18 60.13 -61.37
C GLU Z 113 -63.93 59.50 -60.76
N GLU Z 114 -63.30 60.17 -59.80
CA GLU Z 114 -62.07 59.65 -59.23
C GLU Z 114 -62.30 58.42 -58.36
N ALA Z 115 -63.43 58.34 -57.64
CA ALA Z 115 -63.72 57.14 -56.87
C ALA Z 115 -63.91 55.94 -57.79
N ALA Z 116 -64.67 56.11 -58.87
CA ALA Z 116 -64.80 55.05 -59.85
C ALA Z 116 -63.46 54.73 -60.49
N ALA Z 117 -62.58 55.72 -60.63
CA ALA Z 117 -61.26 55.48 -61.18
C ALA Z 117 -60.46 54.56 -60.28
N LEU Z 118 -60.48 54.82 -58.97
CA LEU Z 118 -59.79 53.93 -58.04
C LEU Z 118 -60.39 52.53 -58.08
N VAL Z 119 -61.73 52.43 -58.17
CA VAL Z 119 -62.35 51.13 -58.21
C VAL Z 119 -61.95 50.36 -59.48
N LEU Z 120 -61.92 51.05 -60.62
CA LEU Z 120 -61.53 50.41 -61.87
C LEU Z 120 -60.07 49.96 -61.83
N ALA Z 121 -59.20 50.78 -61.25
CA ALA Z 121 -57.81 50.37 -61.08
C ALA Z 121 -57.73 49.13 -60.20
N ALA Z 122 -58.55 49.05 -59.15
CA ALA Z 122 -58.55 47.86 -58.30
C ALA Z 122 -59.02 46.63 -59.06
N ALA Z 123 -60.06 46.77 -59.88
CA ALA Z 123 -60.55 45.64 -60.67
C ALA Z 123 -59.47 45.16 -61.64
N LEU Z 124 -58.80 46.09 -62.31
CA LEU Z 124 -57.72 45.72 -63.22
C LEU Z 124 -56.60 45.03 -62.48
N ALA Z 125 -56.26 45.52 -61.29
CA ALA Z 125 -55.21 44.86 -60.51
C ALA Z 125 -55.59 43.43 -60.18
N ALA Z 126 -56.84 43.20 -59.78
CA ALA Z 126 -57.29 41.84 -59.45
C ALA Z 126 -57.24 40.93 -60.66
N GLY Z 127 -57.81 41.37 -61.79
CA GLY Z 127 -57.80 40.55 -62.99
C GLY Z 127 -56.41 40.26 -63.50
N ALA Z 128 -55.56 41.28 -63.56
CA ALA Z 128 -54.20 41.08 -64.05
C ALA Z 128 -53.39 40.21 -63.11
N VAL Z 129 -53.61 40.32 -61.80
CA VAL Z 129 -52.95 39.44 -60.86
C VAL Z 129 -53.34 37.99 -61.11
N ALA Z 130 -54.63 37.74 -61.31
CA ALA Z 130 -55.08 36.38 -61.57
C ALA Z 130 -54.46 35.83 -62.85
N VAL Z 131 -54.52 36.60 -63.93
CA VAL Z 131 -53.98 36.12 -65.20
C VAL Z 131 -52.48 35.91 -65.11
N ALA Z 132 -51.78 36.78 -64.39
CA ALA Z 132 -50.33 36.62 -64.24
C ALA Z 132 -49.99 35.36 -63.47
N GLU Z 133 -50.74 35.07 -62.40
CA GLU Z 133 -50.46 33.82 -61.68
C GLU Z 133 -50.78 32.61 -62.54
N ALA Z 134 -51.81 32.70 -63.38
CA ALA Z 134 -52.10 31.61 -64.30
C ALA Z 134 -50.94 31.38 -65.26
N TYR Z 135 -50.40 32.46 -65.82
CA TYR Z 135 -49.27 32.34 -66.74
C TYR Z 135 -48.06 31.76 -66.05
N VAL Z 136 -47.81 32.17 -64.80
CA VAL Z 136 -46.65 31.66 -64.09
C VAL Z 136 -46.83 30.18 -63.75
N ARG Z 137 -48.04 29.75 -63.42
CA ARG Z 137 -48.26 28.36 -63.03
C ARG Z 137 -47.96 27.40 -64.18
N LEU Z 138 -48.43 27.71 -65.38
CA LEU Z 138 -48.18 26.85 -66.53
C LEU Z 138 -46.95 27.26 -67.32
N GLY Z 139 -46.09 28.08 -66.76
CA GLY Z 139 -44.75 28.32 -67.28
C GLY Z 139 -44.64 28.97 -68.65
N GLN Z 140 -45.46 29.96 -68.94
CA GLN Z 140 -45.32 30.69 -70.19
C GLN Z 140 -44.22 31.73 -70.08
N PRO Z 141 -43.66 32.18 -71.21
CA PRO Z 141 -42.52 33.10 -71.16
C PRO Z 141 -42.92 34.46 -70.62
N ILE Z 142 -41.90 35.19 -70.14
CA ILE Z 142 -42.11 36.49 -69.50
C ILE Z 142 -42.50 37.57 -70.50
N ARG Z 143 -42.11 37.46 -71.77
CA ARG Z 143 -42.56 38.41 -72.77
C ARG Z 143 -44.08 38.50 -72.78
N LEU Z 144 -44.76 37.38 -72.60
CA LEU Z 144 -46.22 37.37 -72.63
C LEU Z 144 -46.80 38.16 -71.47
N ILE Z 145 -46.27 37.94 -70.26
CA ILE Z 145 -46.74 38.71 -69.10
C ILE Z 145 -46.51 40.20 -69.32
N ALA Z 146 -45.31 40.57 -69.77
CA ALA Z 146 -44.99 41.98 -69.94
C ALA Z 146 -45.89 42.64 -70.98
N GLU Z 147 -46.07 42.00 -72.13
CA GLU Z 147 -46.91 42.58 -73.17
C GLU Z 147 -48.36 42.67 -72.73
N TYR Z 148 -48.85 41.63 -72.06
CA TYR Z 148 -50.23 41.64 -71.56
C TYR Z 148 -50.45 42.81 -70.61
N VAL Z 149 -49.59 42.94 -69.60
CA VAL Z 149 -49.77 43.97 -68.60
C VAL Z 149 -49.67 45.35 -69.24
N ALA Z 150 -48.69 45.56 -70.11
CA ALA Z 150 -48.53 46.88 -70.73
C ALA Z 150 -49.74 47.25 -71.56
N GLU Z 151 -50.29 46.30 -72.31
CA GLU Z 151 -51.45 46.63 -73.14
C GLU Z 151 -52.68 46.91 -72.29
N ARG Z 152 -52.85 46.15 -71.19
CA ARG Z 152 -53.97 46.43 -70.30
C ARG Z 152 -53.84 47.80 -69.66
N LEU Z 153 -52.63 48.19 -69.27
CA LEU Z 153 -52.43 49.51 -68.68
C LEU Z 153 -52.77 50.61 -69.69
N VAL Z 154 -52.38 50.42 -70.95
CA VAL Z 154 -52.70 51.43 -71.95
C VAL Z 154 -54.21 51.53 -72.14
N GLU Z 155 -54.90 50.40 -72.17
CA GLU Z 155 -56.36 50.42 -72.31
C GLU Z 155 -57.03 51.13 -71.15
N LEU Z 156 -56.59 50.84 -69.93
CA LEU Z 156 -57.13 51.52 -68.75
C LEU Z 156 -56.86 53.01 -68.80
N ALA Z 157 -55.66 53.41 -69.24
CA ALA Z 157 -55.35 54.82 -69.35
C ALA Z 157 -56.26 55.50 -70.35
N GLU Z 158 -56.55 54.84 -71.46
CA GLU Z 158 -57.48 55.42 -72.42
C GLU Z 158 -58.88 55.57 -71.80
N LEU Z 159 -59.31 54.57 -71.04
CA LEU Z 159 -60.62 54.65 -70.40
C LEU Z 159 -60.67 55.82 -69.42
N LEU Z 160 -59.67 55.94 -68.55
CA LEU Z 160 -59.66 57.01 -67.56
C LEU Z 160 -59.57 58.37 -68.23
N ARG Z 161 -58.86 58.47 -69.35
CA ARG Z 161 -58.86 59.71 -70.11
C ARG Z 161 -60.26 60.01 -70.65
N ARG Z 162 -61.00 58.97 -71.03
CA ARG Z 162 -62.37 59.20 -71.48
C ARG Z 162 -63.26 59.70 -70.34
N LEU Z 163 -63.10 59.14 -69.13
CA LEU Z 163 -63.92 59.56 -68.00
C LEU Z 163 -63.66 61.03 -67.65
N GLY Z 164 -62.41 61.40 -67.45
CA GLY Z 164 -62.07 62.77 -67.12
C GLY Z 164 -61.07 62.94 -65.99
N VAL Z 165 -60.51 61.83 -65.50
CA VAL Z 165 -59.53 61.92 -64.41
C VAL Z 165 -58.30 62.69 -64.89
N PRO Z 166 -57.69 63.55 -64.08
CA PRO Z 166 -56.47 64.24 -64.50
C PRO Z 166 -55.31 63.28 -64.68
N LEU Z 167 -54.39 63.69 -65.55
CA LEU Z 167 -53.37 62.77 -66.06
C LEU Z 167 -52.44 62.27 -64.97
N ARG Z 168 -51.99 63.15 -64.08
CA ARG Z 168 -51.06 62.71 -63.05
C ARG Z 168 -51.69 61.67 -62.14
N ARG Z 169 -52.97 61.83 -61.84
CA ARG Z 169 -53.69 60.79 -61.12
C ARG Z 169 -53.73 59.48 -61.91
N ILE Z 170 -53.90 59.58 -63.23
CA ILE Z 170 -53.87 58.38 -64.06
C ILE Z 170 -52.57 57.64 -63.87
N ILE Z 171 -51.45 58.36 -63.97
CA ILE Z 171 -50.15 57.72 -63.88
C ILE Z 171 -49.94 57.14 -62.49
N ARG Z 172 -50.45 57.82 -61.45
CA ARG Z 172 -50.32 57.28 -60.10
C ARG Z 172 -51.11 55.98 -59.93
N LEU Z 173 -52.33 55.93 -60.47
CA LEU Z 173 -53.11 54.70 -60.40
C LEU Z 173 -52.43 53.57 -61.16
N LEU Z 174 -51.89 53.88 -62.34
CA LEU Z 174 -51.21 52.86 -63.14
C LEU Z 174 -50.01 52.30 -62.41
N GLU Z 175 -49.27 53.16 -61.72
CA GLU Z 175 -48.14 52.69 -60.94
C GLU Z 175 -48.60 51.84 -59.76
N GLU Z 176 -49.73 52.16 -59.15
CA GLU Z 176 -50.26 51.31 -58.09
C GLU Z 176 -50.61 49.92 -58.63
N VAL Z 177 -51.25 49.87 -59.80
CA VAL Z 177 -51.57 48.60 -60.43
C VAL Z 177 -50.29 47.80 -60.69
N LEU Z 178 -49.27 48.46 -61.21
CA LEU Z 178 -48.01 47.79 -61.49
C LEU Z 178 -47.37 47.27 -60.21
N ARG Z 179 -47.47 48.03 -59.13
CA ARG Z 179 -46.90 47.57 -57.86
C ARG Z 179 -47.59 46.32 -57.37
N VAL Z 180 -48.92 46.27 -57.47
CA VAL Z 180 -49.65 45.08 -57.06
C VAL Z 180 -49.25 43.88 -57.92
N VAL Z 181 -49.16 44.10 -59.24
CA VAL Z 181 -48.79 43.01 -60.14
C VAL Z 181 -47.39 42.49 -59.82
N ALA Z 182 -46.45 43.40 -59.55
CA ALA Z 182 -45.10 42.98 -59.20
C ALA Z 182 -45.08 42.20 -57.89
N GLU Z 183 -45.89 42.62 -56.91
CA GLU Z 183 -45.97 41.86 -55.66
C GLU Z 183 -46.52 40.46 -55.91
N ALA Z 184 -47.55 40.36 -56.74
CA ALA Z 184 -48.12 39.05 -57.06
C ALA Z 184 -47.10 38.15 -57.72
N LEU Z 185 -46.34 38.69 -58.69
CA LEU Z 185 -45.32 37.90 -59.35
C LEU Z 185 -44.20 37.51 -58.40
N ARG Z 186 -43.91 38.36 -57.41
CA ARG Z 186 -42.91 38.00 -56.40
C ARG Z 186 -43.40 36.83 -55.56
N ARG Z 187 -44.68 36.84 -55.18
CA ARG Z 187 -45.20 35.74 -54.38
C ARG Z 187 -45.23 34.44 -55.15
N ALA Z 188 -45.33 34.49 -56.48
CA ALA Z 188 -45.36 33.30 -57.32
C ALA Z 188 -43.97 32.77 -57.63
N GLY Z 189 -42.92 33.34 -57.06
CA GLY Z 189 -41.58 32.84 -57.24
C GLY Z 189 -40.84 33.33 -58.47
N VAL Z 190 -41.41 34.27 -59.22
CA VAL Z 190 -40.72 34.79 -60.40
C VAL Z 190 -39.46 35.54 -59.96
N PRO Z 191 -38.31 35.30 -60.58
CA PRO Z 191 -37.07 35.97 -60.14
C PRO Z 191 -37.16 37.48 -60.33
N GLU Z 192 -36.45 38.21 -59.48
CA GLU Z 192 -36.54 39.66 -59.46
C GLU Z 192 -36.19 40.33 -60.79
N PRO Z 193 -35.11 39.96 -61.50
CA PRO Z 193 -34.83 40.64 -62.77
C PRO Z 193 -35.97 40.57 -63.77
N GLU Z 194 -36.72 39.46 -63.81
CA GLU Z 194 -37.87 39.40 -64.70
C GLU Z 194 -38.95 40.38 -64.27
N ILE Z 195 -39.15 40.57 -62.97
CA ILE Z 195 -40.11 41.55 -62.50
C ILE Z 195 -39.69 42.95 -62.92
N ARG Z 196 -38.41 43.26 -62.78
CA ARG Z 196 -37.93 44.57 -63.22
C ARG Z 196 -38.11 44.75 -64.71
N LYS Z 197 -37.88 43.71 -65.49
CA LYS Z 197 -38.09 43.79 -66.94
C LYS Z 197 -39.55 44.05 -67.26
N VAL Z 198 -40.45 43.40 -66.52
CA VAL Z 198 -41.89 43.64 -66.70
C VAL Z 198 -42.21 45.10 -66.46
N GLU Z 199 -41.75 45.64 -65.33
CA GLU Z 199 -42.05 47.02 -64.99
C GLU Z 199 -41.46 47.98 -66.01
N ALA Z 200 -40.21 47.76 -66.42
CA ALA Z 200 -39.57 48.65 -67.38
C ALA Z 200 -40.27 48.64 -68.72
N ALA Z 201 -40.71 47.47 -69.17
CA ALA Z 201 -41.48 47.40 -70.40
C ALA Z 201 -42.78 48.18 -70.27
N ALA Z 202 -43.44 48.08 -69.11
CA ALA Z 202 -44.66 48.84 -68.89
C ALA Z 202 -44.42 50.33 -68.96
N TYR Z 203 -43.33 50.79 -68.33
CA TYR Z 203 -43.02 52.23 -68.31
C TYR Z 203 -42.66 52.74 -69.70
N ILE Z 204 -41.89 51.96 -70.47
CA ILE Z 204 -41.53 52.38 -71.82
C ILE Z 204 -42.77 52.41 -72.71
N ARG Z 205 -43.69 51.46 -72.54
CA ARG Z 205 -44.93 51.50 -73.31
C ARG Z 205 -45.77 52.72 -72.95
N LEU Z 206 -45.87 53.03 -71.66
CA LEU Z 206 -46.61 54.21 -71.24
C LEU Z 206 -45.99 55.50 -71.76
N ALA Z 207 -44.66 55.60 -71.69
CA ALA Z 207 -43.98 56.78 -72.20
C ALA Z 207 -44.20 56.94 -73.69
N ALA Z 208 -44.13 55.84 -74.45
CA ALA Z 208 -44.38 55.90 -75.89
C ALA Z 208 -45.82 56.33 -76.17
N TYR Z 209 -46.76 55.80 -75.40
CA TYR Z 209 -48.17 56.17 -75.56
C TYR Z 209 -48.39 57.66 -75.31
N LEU Z 210 -47.77 58.20 -74.26
CA LEU Z 210 -47.90 59.63 -74.00
C LEU Z 210 -47.24 60.46 -75.09
N LEU Z 211 -46.08 60.02 -75.57
CA LEU Z 211 -45.36 60.79 -76.59
C LEU Z 211 -46.11 60.80 -77.90
N ARG Z 212 -46.90 59.78 -78.19
CA ARG Z 212 -47.58 59.74 -79.48
C ARG Z 212 -48.67 60.79 -79.60
N GLN Z 213 -49.36 61.11 -78.50
CA GLN Z 213 -50.49 62.03 -78.59
C GLN Z 213 -50.04 63.41 -79.04
N LEU Z 214 -48.91 63.90 -78.52
CA LEU Z 214 -48.38 65.17 -78.97
C LEU Z 214 -47.84 65.13 -80.39
N GLY Z 215 -47.68 63.94 -80.98
CA GLY Z 215 -47.24 63.87 -82.35
C GLY Z 215 -45.74 63.72 -82.49
N TYR Z 216 -45.13 62.85 -81.69
CA TYR Z 216 -43.73 62.48 -81.82
C TYR Z 216 -43.68 61.01 -82.19
N GLU Z 217 -43.84 60.73 -83.48
CA GLU Z 217 -43.88 59.34 -83.92
C GLU Z 217 -42.50 58.69 -83.88
N ALA Z 218 -41.48 59.41 -84.32
CA ALA Z 218 -40.13 58.85 -84.34
C ALA Z 218 -39.67 58.46 -82.95
N LEU Z 219 -39.93 59.32 -81.97
CA LEU Z 219 -39.59 59.02 -80.59
C LEU Z 219 -40.27 57.75 -80.10
N ALA Z 220 -41.56 57.60 -80.40
CA ALA Z 220 -42.29 56.41 -79.97
C ALA Z 220 -41.75 55.16 -80.62
N LYS Z 221 -41.43 55.23 -81.92
CA LYS Z 221 -40.86 54.07 -82.59
C LYS Z 221 -39.53 53.67 -81.98
N ARG Z 222 -38.66 54.64 -81.68
CA ARG Z 222 -37.36 54.30 -81.11
C ARG Z 222 -37.50 53.72 -79.72
N LEU Z 223 -38.44 54.26 -78.93
CA LEU Z 223 -38.67 53.69 -77.60
C LEU Z 223 -39.17 52.25 -77.70
N LEU Z 224 -40.06 51.97 -78.65
CA LEU Z 224 -40.56 50.61 -78.76
C LEU Z 224 -39.54 49.66 -79.34
N GLU Z 225 -38.63 50.15 -80.19
CA GLU Z 225 -37.50 49.32 -80.60
C GLU Z 225 -36.63 48.95 -79.42
N ALA Z 226 -36.34 49.92 -78.54
CA ALA Z 226 -35.59 49.62 -77.34
C ALA Z 226 -36.33 48.60 -76.48
N ARG Z 227 -37.65 48.72 -76.38
CA ARG Z 227 -38.43 47.76 -75.62
C ARG Z 227 -38.35 46.37 -76.22
N GLU Z 228 -38.44 46.27 -77.55
CA GLU Z 228 -38.33 44.96 -78.20
C GLU Z 228 -36.98 44.33 -77.94
N LEU Z 229 -35.91 45.11 -78.03
CA LEU Z 229 -34.59 44.57 -77.70
C LEU Z 229 -34.52 44.15 -76.24
N LEU Z 230 -35.22 44.85 -75.35
CA LEU Z 230 -35.19 44.50 -73.93
C LEU Z 230 -35.90 43.19 -73.66
N LEU Z 231 -37.08 42.98 -74.27
CA LEU Z 231 -37.87 41.79 -73.98
C LEU Z 231 -37.22 40.52 -74.51
N GLU Z 232 -36.30 40.64 -75.46
CA GLU Z 232 -35.59 39.49 -76.03
C GLU Z 232 -34.39 39.08 -75.20
N GLY Z 233 -34.09 39.77 -74.11
CA GLY Z 233 -32.94 39.47 -73.29
C GLY Z 233 -31.71 40.30 -73.59
N ARG Z 234 -31.69 41.02 -74.71
CA ARG Z 234 -30.57 41.88 -75.05
C ARG Z 234 -30.68 43.16 -74.23
N VAL Z 235 -30.19 43.08 -72.99
CA VAL Z 235 -30.29 44.22 -72.09
C VAL Z 235 -29.35 45.34 -72.52
N GLU Z 236 -28.15 44.99 -72.99
CA GLU Z 236 -27.12 46.00 -73.24
C GLU Z 236 -27.49 46.89 -74.42
N GLU Z 237 -27.93 46.27 -75.52
CA GLU Z 237 -28.36 47.06 -76.66
C GLU Z 237 -29.59 47.89 -76.32
N ALA Z 238 -30.49 47.33 -75.50
CA ALA Z 238 -31.66 48.10 -75.07
C ALA Z 238 -31.26 49.32 -74.28
N ALA Z 239 -30.32 49.18 -73.35
CA ALA Z 239 -29.87 50.31 -72.56
C ALA Z 239 -29.14 51.34 -73.42
N HIS Z 240 -28.32 50.90 -74.37
CA HIS Z 240 -27.62 51.87 -75.22
C HIS Z 240 -28.60 52.66 -76.07
N LEU Z 241 -29.54 51.97 -76.73
CA LEU Z 241 -30.48 52.68 -77.58
C LEU Z 241 -31.42 53.55 -76.76
N LEU Z 242 -31.78 53.10 -75.56
CA LEU Z 242 -32.59 53.89 -74.66
C LEU Z 242 -31.88 55.17 -74.25
N GLU Z 243 -30.59 55.08 -73.91
CA GLU Z 243 -29.88 56.28 -73.50
C GLU Z 243 -29.71 57.25 -74.67
N ASP Z 244 -29.51 56.74 -75.88
CA ASP Z 244 -29.42 57.65 -77.03
C ASP Z 244 -30.75 58.39 -77.25
N VAL Z 245 -31.86 57.66 -77.25
CA VAL Z 245 -33.14 58.32 -77.48
C VAL Z 245 -33.50 59.27 -76.33
N TYR Z 246 -33.14 58.90 -75.10
CA TYR Z 246 -33.37 59.79 -73.97
C TYR Z 246 -32.54 61.06 -74.06
N ALA Z 247 -31.30 60.95 -74.54
CA ALA Z 247 -30.47 62.14 -74.70
C ALA Z 247 -31.09 63.09 -75.72
N LEU Z 248 -31.55 62.56 -76.85
CA LEU Z 248 -32.18 63.44 -77.84
C LEU Z 248 -33.45 64.07 -77.30
N PHE Z 249 -34.27 63.27 -76.62
CA PHE Z 249 -35.50 63.78 -76.02
C PHE Z 249 -35.22 64.84 -74.98
N HIS Z 250 -34.21 64.64 -74.15
CA HIS Z 250 -33.93 65.58 -73.07
C HIS Z 250 -33.39 66.88 -73.62
N ARG Z 251 -32.57 66.82 -74.67
CA ARG Z 251 -32.17 68.06 -75.33
C ARG Z 251 -33.39 68.79 -75.88
N GLU Z 252 -34.35 68.06 -76.44
CA GLU Z 252 -35.55 68.70 -76.94
C GLU Z 252 -36.34 69.35 -75.80
N ILE Z 253 -36.40 68.69 -74.64
CA ILE Z 253 -37.10 69.26 -73.49
C ILE Z 253 -36.42 70.55 -73.03
N GLU Z 254 -35.10 70.51 -72.87
CA GLU Z 254 -34.36 71.69 -72.45
C GLU Z 254 -34.41 72.80 -73.48
N ARG Z 255 -34.71 72.48 -74.73
CA ARG Z 255 -34.86 73.52 -75.74
C ARG Z 255 -35.99 74.47 -75.38
N LEU Z 256 -37.10 73.94 -74.89
CA LEU Z 256 -38.28 74.74 -74.59
C LEU Z 256 -38.17 75.50 -73.26
N GLY Z 257 -37.09 75.30 -72.50
CA GLY Z 257 -36.86 76.11 -71.32
C GLY Z 257 -37.88 75.85 -70.23
N PHE Z 258 -38.49 76.93 -69.74
CA PHE Z 258 -39.52 76.85 -68.69
C PHE Z 258 -40.92 76.85 -69.31
N GLU Z 259 -41.14 75.89 -70.21
CA GLU Z 259 -42.43 75.68 -70.84
C GLU Z 259 -42.40 74.36 -71.57
N ALA Z 260 -43.43 73.53 -71.36
CA ALA Z 260 -43.58 72.25 -72.04
C ALA Z 260 -44.92 71.63 -71.67
N PRO Z 261 -45.62 71.00 -72.63
CA PRO Z 261 -46.89 70.35 -72.28
C PRO Z 261 -46.69 69.31 -71.20
N GLU Z 262 -47.72 69.13 -70.38
CA GLU Z 262 -47.57 68.30 -69.18
C GLU Z 262 -47.24 66.85 -69.53
N GLU Z 263 -47.67 66.38 -70.71
CA GLU Z 263 -47.34 65.02 -71.10
C GLU Z 263 -45.84 64.84 -71.29
N LEU Z 264 -45.15 65.86 -71.80
CA LEU Z 264 -43.69 65.83 -71.87
C LEU Z 264 -43.08 65.70 -70.48
N ARG Z 265 -43.60 66.47 -69.52
CA ARG Z 265 -43.06 66.46 -68.18
C ARG Z 265 -43.26 65.10 -67.51
N VAL Z 266 -44.42 64.47 -67.72
CA VAL Z 266 -44.64 63.14 -67.14
C VAL Z 266 -43.78 62.10 -67.85
N ALA Z 267 -43.65 62.21 -69.17
CA ALA Z 267 -42.86 61.26 -69.92
C ALA Z 267 -41.41 61.30 -69.51
N ASP Z 268 -40.89 62.47 -69.14
CA ASP Z 268 -39.50 62.55 -68.70
C ASP Z 268 -39.29 61.70 -67.45
N LEU Z 269 -40.21 61.78 -66.49
CA LEU Z 269 -40.06 60.98 -65.27
C LEU Z 269 -40.25 59.50 -65.57
N LEU Z 270 -41.19 59.16 -66.46
CA LEU Z 270 -41.39 57.76 -66.82
C LEU Z 270 -40.14 57.18 -67.46
N LEU Z 271 -39.52 57.93 -68.38
CA LEU Z 271 -38.30 57.48 -69.05
C LEU Z 271 -37.15 57.34 -68.08
N ALA Z 272 -37.02 58.28 -67.15
CA ALA Z 272 -35.97 58.16 -66.14
C ALA Z 272 -36.13 56.91 -65.31
N ARG Z 273 -37.37 56.60 -64.89
CA ARG Z 273 -37.59 55.40 -64.10
C ARG Z 273 -37.34 54.14 -64.91
N ALA Z 274 -37.74 54.14 -66.18
CA ALA Z 274 -37.47 52.99 -67.05
C ALA Z 274 -35.97 52.74 -67.18
N ILE Z 275 -35.20 53.81 -67.36
CA ILE Z 275 -33.76 53.67 -67.47
C ILE Z 275 -33.17 53.15 -66.18
N ALA Z 276 -33.66 53.65 -65.04
CA ALA Z 276 -33.16 53.16 -63.76
C ALA Z 276 -33.44 51.67 -63.59
N LEU Z 277 -34.65 51.24 -63.94
CA LEU Z 277 -35.00 49.83 -63.80
C LEU Z 277 -34.15 48.95 -64.70
N ILE Z 278 -33.96 49.36 -65.96
CA ILE Z 278 -33.14 48.57 -66.87
C ILE Z 278 -31.71 48.47 -66.33
N LYS Z 279 -31.17 49.60 -65.85
CA LYS Z 279 -29.80 49.59 -65.33
C LYS Z 279 -29.69 48.71 -64.08
N ALA Z 280 -30.77 48.59 -63.31
CA ALA Z 280 -30.73 47.78 -62.10
C ALA Z 280 -30.98 46.29 -62.34
N ILE Z 281 -31.36 45.89 -63.56
CA ILE Z 281 -31.55 44.48 -63.87
C ILE Z 281 -30.27 43.69 -63.65
N THR AA 24 -44.79 101.67 -35.93
CA THR AA 24 -45.60 100.46 -36.04
C THR AA 24 -44.73 99.22 -35.92
N VAL AA 25 -43.41 99.41 -36.06
CA VAL AA 25 -42.48 98.28 -36.10
C VAL AA 25 -42.51 97.53 -34.78
N VAL AA 26 -42.48 98.26 -33.66
CA VAL AA 26 -42.54 97.61 -32.35
C VAL AA 26 -43.90 96.95 -32.15
N GLU AA 27 -44.96 97.57 -32.68
CA GLU AA 27 -46.27 96.93 -32.66
C GLU AA 27 -46.26 95.64 -33.48
N GLU AA 28 -45.57 95.64 -34.62
CA GLU AA 28 -45.45 94.42 -35.42
C GLU AA 28 -44.71 93.34 -34.66
N VAL AA 29 -43.65 93.70 -33.95
CA VAL AA 29 -42.90 92.71 -33.18
C VAL AA 29 -43.77 92.15 -32.05
N ARG AA 30 -44.50 93.02 -31.35
CA ARG AA 30 -45.40 92.55 -30.31
C ARG AA 30 -46.46 91.62 -30.87
N ARG AA 31 -47.07 92.01 -32.00
CA ARG AA 31 -48.11 91.17 -32.61
C ARG AA 31 -47.54 89.83 -33.03
N PHE AA 32 -46.35 89.82 -33.61
CA PHE AA 32 -45.71 88.59 -34.03
C PHE AA 32 -45.49 87.66 -32.84
N ALA AA 33 -44.95 88.21 -31.75
CA ALA AA 33 -44.68 87.39 -30.57
C ALA AA 33 -45.95 86.84 -29.95
N GLU AA 34 -46.97 87.70 -29.80
CA GLU AA 34 -48.22 87.23 -29.18
C GLU AA 34 -48.91 86.20 -30.06
N GLU AA 35 -48.92 86.39 -31.38
CA GLU AA 35 -49.54 85.43 -32.27
C GLU AA 35 -48.84 84.08 -32.18
N LEU AA 36 -47.51 84.09 -32.17
CA LEU AA 36 -46.78 82.83 -32.04
C LEU AA 36 -47.06 82.16 -30.70
N ALA AA 37 -47.15 82.96 -29.62
CA ALA AA 37 -47.45 82.39 -28.30
C ALA AA 37 -48.84 81.79 -28.26
N GLU AA 38 -49.83 82.48 -28.83
CA GLU AA 38 -51.19 81.94 -28.87
C GLU AA 38 -51.24 80.65 -29.66
N GLU AA 39 -50.53 80.59 -30.80
CA GLU AA 39 -50.50 79.35 -31.57
C GLU AA 39 -49.84 78.23 -30.79
N VAL AA 40 -48.77 78.55 -30.04
CA VAL AA 40 -48.12 77.53 -29.23
C VAL AA 40 -49.11 76.96 -28.22
N LEU AA 41 -49.87 77.84 -27.58
CA LEU AA 41 -50.84 77.38 -26.57
C LEU AA 41 -51.99 76.59 -27.20
N ARG AA 42 -52.48 77.04 -28.36
CA ARG AA 42 -53.57 76.32 -29.01
C ARG AA 42 -53.15 74.92 -29.43
N VAL AA 43 -51.96 74.80 -30.01
CA VAL AA 43 -51.50 73.49 -30.46
C VAL AA 43 -51.19 72.59 -29.27
N GLY AA 44 -50.45 73.11 -28.29
CA GLY AA 44 -50.00 72.30 -27.18
C GLY AA 44 -50.82 72.37 -25.92
N GLY AA 45 -51.78 73.29 -25.84
CA GLY AA 45 -52.58 73.37 -24.64
C GLY AA 45 -51.79 73.92 -23.46
N GLU AA 46 -52.22 73.49 -22.27
CA GLU AA 46 -51.53 73.84 -21.04
C GLU AA 46 -50.34 72.94 -20.76
N ALA AA 47 -50.09 71.94 -21.61
CA ALA AA 47 -48.92 71.08 -21.41
C ALA AA 47 -47.64 71.87 -21.50
N MET AA 48 -47.56 72.80 -22.46
CA MET AA 48 -46.40 73.66 -22.66
C MET AA 48 -46.85 75.10 -22.48
N ARG AA 49 -46.92 75.54 -21.23
CA ARG AA 49 -47.08 76.93 -20.85
C ARG AA 49 -45.75 77.67 -20.82
N PRO AA 50 -44.64 77.05 -20.36
CA PRO AA 50 -43.36 77.76 -20.41
C PRO AA 50 -43.01 78.37 -21.76
N TYR AA 51 -43.31 77.70 -22.86
CA TYR AA 51 -42.90 78.20 -24.16
C TYR AA 51 -43.66 79.46 -24.54
N ALA AA 52 -44.94 79.55 -24.16
CA ALA AA 52 -45.67 80.79 -24.40
C ALA AA 52 -45.06 81.95 -23.63
N GLU AA 53 -44.65 81.71 -22.39
CA GLU AA 53 -43.99 82.76 -21.61
C GLU AA 53 -42.64 83.14 -22.22
N MET AA 54 -41.88 82.15 -22.69
CA MET AA 54 -40.60 82.45 -23.31
C MET AA 54 -40.78 83.28 -24.57
N VAL AA 55 -41.75 82.93 -25.40
CA VAL AA 55 -42.02 83.72 -26.60
C VAL AA 55 -42.44 85.14 -26.23
N ARG AA 56 -43.30 85.27 -25.22
CA ARG AA 56 -43.77 86.60 -24.85
C ARG AA 56 -42.65 87.47 -24.28
N HIS AA 57 -41.78 86.88 -23.45
CA HIS AA 57 -40.65 87.63 -22.92
C HIS AA 57 -39.64 87.99 -24.00
N LEU AA 58 -39.38 87.10 -24.96
CA LEU AA 58 -38.46 87.46 -26.03
C LEU AA 58 -39.05 88.54 -26.93
N GLY AA 59 -40.37 88.53 -27.14
CA GLY AA 59 -40.99 89.65 -27.81
C GLY AA 59 -40.82 90.95 -27.04
N GLU AA 60 -40.97 90.88 -25.71
CA GLU AA 60 -40.79 92.08 -24.89
C GLU AA 60 -39.35 92.58 -24.94
N ALA AA 61 -38.37 91.68 -24.88
CA ALA AA 61 -36.98 92.09 -24.98
C ALA AA 61 -36.67 92.72 -26.33
N ALA AA 62 -37.22 92.16 -27.41
CA ALA AA 62 -37.02 92.74 -28.73
C ALA AA 62 -37.60 94.14 -28.82
N VAL AA 63 -38.83 94.33 -28.31
CA VAL AA 63 -39.40 95.67 -28.43
C VAL AA 63 -38.70 96.65 -27.50
N ALA AA 64 -38.18 96.17 -26.36
CA ALA AA 64 -37.35 97.02 -25.51
C ALA AA 64 -36.12 97.49 -26.27
N ALA AA 65 -35.45 96.57 -26.97
CA ALA AA 65 -34.28 96.95 -27.75
C ALA AA 65 -34.63 97.94 -28.85
N LEU AA 66 -35.75 97.72 -29.54
CA LEU AA 66 -36.17 98.67 -30.57
C LEU AA 66 -36.60 100.02 -30.01
N GLU AA 67 -36.93 100.09 -28.72
CA GLU AA 67 -37.38 101.36 -28.13
C GLU AA 67 -36.39 101.89 -27.10
N GLY AA 68 -35.11 101.90 -27.44
CA GLY AA 68 -34.09 102.31 -26.51
C GLY AA 68 -33.55 101.12 -25.74
N ARG AA 69 -33.00 101.41 -24.56
CA ARG AA 69 -32.63 100.41 -23.56
C ARG AA 69 -31.52 99.47 -24.03
N ALA AA 70 -30.75 98.97 -23.07
CA ALA AA 70 -29.82 97.87 -23.31
C ALA AA 70 -29.75 96.90 -22.14
N GLU AA 71 -30.19 97.29 -20.95
CA GLU AA 71 -30.12 96.49 -19.73
C GLU AA 71 -31.37 95.66 -19.52
N GLU AA 72 -32.55 96.19 -19.87
CA GLU AA 72 -33.77 95.40 -19.81
C GLU AA 72 -33.70 94.22 -20.76
N ALA AA 73 -33.15 94.44 -21.95
CA ALA AA 73 -32.96 93.34 -22.89
C ALA AA 73 -32.03 92.28 -22.30
N ASP AA 74 -30.93 92.72 -21.67
CA ASP AA 74 -30.03 91.80 -20.99
C ASP AA 74 -30.76 90.97 -19.96
N ARG AA 75 -31.55 91.63 -19.10
CA ARG AA 75 -32.23 90.92 -18.03
C ARG AA 75 -33.25 89.93 -18.56
N LEU AA 76 -34.06 90.35 -19.54
CA LEU AA 76 -35.09 89.47 -20.08
C LEU AA 76 -34.48 88.28 -20.77
N VAL AA 77 -33.40 88.48 -21.52
CA VAL AA 77 -32.75 87.35 -22.20
C VAL AA 77 -32.16 86.40 -21.17
N ARG AA 78 -31.61 86.92 -20.08
CA ARG AA 78 -31.10 86.04 -19.02
C ARG AA 78 -32.23 85.26 -18.35
N ASP AA 79 -33.38 85.90 -18.14
CA ASP AA 79 -34.54 85.20 -17.56
C ASP AA 79 -35.02 84.08 -18.49
N VAL AA 80 -35.12 84.36 -19.79
CA VAL AA 80 -35.51 83.34 -20.74
C VAL AA 80 -34.48 82.23 -20.81
N LEU AA 81 -33.21 82.58 -20.65
CA LEU AA 81 -32.18 81.55 -20.61
C LEU AA 81 -32.38 80.63 -19.41
N GLU AA 82 -32.75 81.21 -18.26
CA GLU AA 82 -33.04 80.40 -17.08
C GLU AA 82 -34.23 79.49 -17.32
N MET AA 83 -35.29 80.00 -17.96
CA MET AA 83 -36.44 79.16 -18.27
C MET AA 83 -36.04 77.99 -19.17
N ALA AA 84 -35.24 78.28 -20.20
CA ALA AA 84 -34.77 77.22 -21.08
C ALA AA 84 -33.93 76.21 -20.32
N ARG AA 85 -33.14 76.67 -19.36
CA ARG AA 85 -32.34 75.76 -18.55
C ARG AA 85 -33.24 74.81 -17.76
N GLU AA 86 -34.28 75.34 -17.12
CA GLU AA 86 -35.09 74.49 -16.25
C GLU AA 86 -35.99 73.55 -17.05
N VAL AA 87 -36.57 74.02 -18.15
CA VAL AA 87 -37.47 73.18 -18.93
C VAL AA 87 -36.74 71.99 -19.51
N GLY AA 88 -35.55 72.21 -20.06
CA GLY AA 88 -34.78 71.17 -20.71
C GLY AA 88 -34.42 71.48 -22.14
N ALA AA 89 -34.78 72.64 -22.67
CA ALA AA 89 -34.44 73.00 -24.04
C ALA AA 89 -32.95 73.29 -24.11
N GLU AA 90 -32.20 72.46 -24.85
CA GLU AA 90 -30.75 72.60 -24.91
C GLU AA 90 -30.32 73.54 -26.03
N GLY AA 91 -30.68 73.23 -27.27
CA GLY AA 91 -30.29 74.08 -28.39
C GLY AA 91 -30.83 75.49 -28.25
N LEU AA 92 -32.05 75.61 -27.70
CA LEU AA 92 -32.62 76.92 -27.43
C LEU AA 92 -31.78 77.66 -26.40
N ALA AA 93 -31.29 76.96 -25.37
CA ALA AA 93 -30.42 77.60 -24.38
C ALA AA 93 -29.14 78.09 -25.02
N ARG AA 94 -28.52 77.28 -25.88
CA ARG AA 94 -27.30 77.71 -26.54
C ARG AA 94 -27.56 78.96 -27.39
N LEU AA 95 -28.63 78.94 -28.19
CA LEU AA 95 -28.92 80.08 -29.03
C LEU AA 95 -29.23 81.31 -28.18
N LEU AA 96 -29.79 81.11 -26.99
CA LEU AA 96 -30.10 82.25 -26.14
C LEU AA 96 -28.84 82.86 -25.54
N GLU AA 97 -27.86 82.03 -25.17
CA GLU AA 97 -26.58 82.58 -24.74
C GLU AA 97 -25.90 83.37 -25.86
N ARG AA 98 -25.90 82.80 -27.08
CA ARG AA 98 -25.33 83.51 -28.21
C ARG AA 98 -26.06 84.82 -28.47
N VAL AA 99 -27.39 84.79 -28.39
CA VAL AA 99 -28.19 86.00 -28.56
C VAL AA 99 -27.80 87.03 -27.52
N HIS AA 100 -27.57 86.59 -26.28
CA HIS AA 100 -27.21 87.51 -25.20
C HIS AA 100 -25.90 88.23 -25.51
N ARG AA 101 -24.86 87.46 -25.84
CA ARG AA 101 -23.55 88.08 -26.08
C ARG AA 101 -23.58 89.02 -27.28
N GLU AA 102 -24.14 88.56 -28.42
CA GLU AA 102 -24.19 89.42 -29.59
C GLU AA 102 -25.09 90.63 -29.36
N ALA AA 103 -26.16 90.48 -28.58
CA ALA AA 103 -27.00 91.63 -28.28
C ALA AA 103 -26.21 92.67 -27.51
N ARG AA 104 -25.40 92.23 -26.54
CA ARG AA 104 -24.56 93.16 -25.80
C ARG AA 104 -23.59 93.88 -26.74
N GLU AA 105 -22.90 93.13 -27.60
CA GLU AA 105 -21.91 93.74 -28.48
C GLU AA 105 -22.55 94.76 -29.42
N LEU AA 106 -23.64 94.36 -30.09
CA LEU AA 106 -24.26 95.25 -31.06
C LEU AA 106 -24.92 96.45 -30.40
N LEU AA 107 -25.43 96.27 -29.18
CA LEU AA 107 -26.00 97.42 -28.48
C LEU AA 107 -24.90 98.38 -28.04
N ARG AA 108 -23.73 97.87 -27.68
CA ARG AA 108 -22.59 98.74 -27.40
C ARG AA 108 -22.19 99.51 -28.65
N GLU AA 109 -22.20 98.85 -29.81
CA GLU AA 109 -21.87 99.52 -31.06
C GLU AA 109 -22.96 100.48 -31.52
N GLY AA 110 -24.13 100.47 -30.88
CA GLY AA 110 -25.19 101.41 -31.20
C GLY AA 110 -26.17 100.94 -32.26
N ARG AA 111 -25.97 99.77 -32.85
CA ARG AA 111 -26.88 99.24 -33.85
C ARG AA 111 -28.01 98.49 -33.13
N ARG AA 112 -29.25 98.86 -33.44
CA ARG AA 112 -30.40 98.35 -32.72
C ARG AA 112 -31.21 97.32 -33.51
N GLU AA 113 -31.34 97.51 -34.82
CA GLU AA 113 -32.21 96.63 -35.61
C GLU AA 113 -31.73 95.19 -35.57
N GLU AA 114 -30.41 94.97 -35.68
CA GLU AA 114 -29.90 93.62 -35.76
C GLU AA 114 -30.01 92.88 -34.42
N ALA AA 115 -29.88 93.59 -33.30
CA ALA AA 115 -30.06 92.94 -32.00
C ALA AA 115 -31.50 92.46 -31.82
N ALA AA 116 -32.47 93.31 -32.18
CA ALA AA 116 -33.86 92.87 -32.17
C ALA AA 116 -34.09 91.76 -33.18
N ALA AA 117 -33.34 91.75 -34.28
CA ALA AA 117 -33.46 90.66 -35.23
C ALA AA 117 -33.01 89.34 -34.62
N LEU AA 118 -31.89 89.36 -33.89
CA LEU AA 118 -31.45 88.15 -33.19
C LEU AA 118 -32.49 87.70 -32.16
N VAL AA 119 -33.07 88.67 -31.44
CA VAL AA 119 -34.06 88.31 -30.42
C VAL AA 119 -35.31 87.70 -31.06
N LEU AA 120 -35.77 88.28 -32.17
CA LEU AA 120 -36.93 87.74 -32.87
C LEU AA 120 -36.66 86.34 -33.41
N ALA AA 121 -35.46 86.12 -33.95
CA ALA AA 121 -35.10 84.78 -34.37
C ALA AA 121 -35.13 83.81 -33.20
N ALA AA 122 -34.69 84.26 -32.02
CA ALA AA 122 -34.73 83.40 -30.83
C ALA AA 122 -36.16 83.07 -30.44
N ALA AA 123 -37.05 84.06 -30.47
CA ALA AA 123 -38.45 83.82 -30.13
C ALA AA 123 -39.10 82.86 -31.10
N LEU AA 124 -38.82 83.02 -32.39
CA LEU AA 124 -39.35 82.10 -33.39
C LEU AA 124 -38.81 80.70 -33.20
N ALA AA 125 -37.53 80.57 -32.86
CA ALA AA 125 -37.00 79.25 -32.58
C ALA AA 125 -37.72 78.60 -31.41
N ALA AA 126 -37.98 79.37 -30.34
CA ALA AA 126 -38.68 78.81 -29.18
C ALA AA 126 -40.10 78.37 -29.55
N GLY AA 127 -40.86 79.24 -30.21
CA GLY AA 127 -42.22 78.90 -30.58
C GLY AA 127 -42.29 77.72 -31.53
N ALA AA 128 -41.44 77.71 -32.55
CA ALA AA 128 -41.46 76.62 -33.51
C ALA AA 128 -41.01 75.31 -32.87
N VAL AA 129 -40.09 75.38 -31.91
CA VAL AA 129 -39.70 74.17 -31.18
C VAL AA 129 -40.89 73.62 -30.40
N ALA AA 130 -41.63 74.49 -29.73
CA ALA AA 130 -42.80 74.04 -28.99
C ALA AA 130 -43.82 73.40 -29.92
N VAL AA 131 -44.14 74.06 -31.02
CA VAL AA 131 -45.18 73.54 -31.91
C VAL AA 131 -44.73 72.23 -32.56
N ALA AA 132 -43.46 72.13 -32.94
CA ALA AA 132 -42.97 70.90 -33.55
C ALA AA 132 -43.01 69.74 -32.57
N GLU AA 133 -42.63 69.99 -31.31
CA GLU AA 133 -42.72 68.92 -30.31
C GLU AA 133 -44.17 68.51 -30.07
N ALA AA 134 -45.09 69.48 -30.08
CA ALA AA 134 -46.50 69.13 -29.94
C ALA AA 134 -46.98 68.26 -31.09
N TYR AA 135 -46.60 68.61 -32.33
CA TYR AA 135 -46.97 67.82 -33.48
C TYR AA 135 -46.40 66.41 -33.40
N VAL AA 136 -45.17 66.29 -32.94
CA VAL AA 136 -44.55 64.97 -32.83
C VAL AA 136 -45.24 64.14 -31.75
N ARG AA 137 -45.63 64.76 -30.64
CA ARG AA 137 -46.23 64.01 -29.53
C ARG AA 137 -47.54 63.37 -29.95
N LEU AA 138 -48.41 64.10 -30.66
CA LEU AA 138 -49.68 63.55 -31.09
C LEU AA 138 -49.60 62.92 -32.48
N GLY AA 139 -48.41 62.69 -32.99
CA GLY AA 139 -48.21 61.88 -34.19
C GLY AA 139 -48.79 62.39 -35.50
N GLN AA 140 -48.65 63.68 -35.78
CA GLN AA 140 -49.08 64.19 -37.07
C GLN AA 140 -48.00 63.96 -38.11
N PRO AA 141 -48.38 63.91 -39.40
CA PRO AA 141 -47.40 63.62 -40.44
C PRO AA 141 -46.40 64.76 -40.63
N ILE AA 142 -45.28 64.42 -41.27
CA ILE AA 142 -44.15 65.33 -41.40
C ILE AA 142 -44.42 66.47 -42.39
N ARG AA 143 -45.33 66.27 -43.34
CA ARG AA 143 -45.66 67.36 -44.27
C ARG AA 143 -46.11 68.60 -43.52
N LEU AA 144 -46.92 68.43 -42.47
CA LEU AA 144 -47.40 69.58 -41.72
C LEU AA 144 -46.28 70.30 -40.99
N ILE AA 145 -45.36 69.55 -40.38
CA ILE AA 145 -44.21 70.19 -39.74
C ILE AA 145 -43.40 70.98 -40.74
N ALA AA 146 -43.10 70.36 -41.89
CA ALA AA 146 -42.28 71.01 -42.91
C ALA AA 146 -42.94 72.27 -43.44
N GLU AA 147 -44.23 72.19 -43.76
CA GLU AA 147 -44.93 73.35 -44.30
C GLU AA 147 -45.06 74.45 -43.26
N TYR AA 148 -45.34 74.09 -42.00
CA TYR AA 148 -45.43 75.07 -40.94
C TYR AA 148 -44.11 75.82 -40.77
N VAL AA 149 -43.00 75.07 -40.65
CA VAL AA 149 -41.71 75.70 -40.44
C VAL AA 149 -41.34 76.59 -41.62
N ALA AA 150 -41.54 76.10 -42.84
CA ALA AA 150 -41.17 76.89 -44.00
C ALA AA 150 -41.97 78.18 -44.07
N GLU AA 151 -43.27 78.12 -43.77
CA GLU AA 151 -44.07 79.33 -43.86
C GLU AA 151 -43.71 80.32 -42.77
N ARG AA 152 -43.39 79.83 -41.57
CA ARG AA 152 -42.94 80.74 -40.52
C ARG AA 152 -41.63 81.39 -40.88
N LEU AA 153 -40.71 80.65 -41.49
CA LEU AA 153 -39.44 81.24 -41.92
C LEU AA 153 -39.67 82.32 -42.96
N VAL AA 154 -40.60 82.08 -43.89
CA VAL AA 154 -40.88 83.10 -44.91
C VAL AA 154 -41.45 84.36 -44.26
N GLU AA 155 -42.36 84.19 -43.29
CA GLU AA 155 -42.93 85.35 -42.60
C GLU AA 155 -41.86 86.13 -41.84
N LEU AA 156 -40.97 85.42 -41.15
CA LEU AA 156 -39.89 86.09 -40.43
C LEU AA 156 -38.95 86.82 -41.37
N ALA AA 157 -38.63 86.20 -42.51
CA ALA AA 157 -37.78 86.87 -43.48
C ALA AA 157 -38.43 88.13 -44.02
N GLU AA 158 -39.75 88.09 -44.23
CA GLU AA 158 -40.46 89.28 -44.65
C GLU AA 158 -40.37 90.37 -43.59
N LEU AA 159 -40.55 90.00 -42.32
CA LEU AA 159 -40.44 90.99 -41.24
C LEU AA 159 -39.05 91.59 -41.18
N LEU AA 160 -38.01 90.75 -41.22
CA LEU AA 160 -36.65 91.26 -41.14
C LEU AA 160 -36.31 92.12 -42.34
N ARG AA 161 -36.87 91.82 -43.51
CA ARG AA 161 -36.73 92.72 -44.64
C ARG AA 161 -37.39 94.06 -44.36
N ARG AA 162 -38.54 94.03 -43.67
CA ARG AA 162 -39.19 95.29 -43.33
C ARG AA 162 -38.36 96.12 -42.37
N LEU AA 163 -37.72 95.49 -41.39
CA LEU AA 163 -36.92 96.23 -40.42
C LEU AA 163 -35.74 96.93 -41.08
N GLY AA 164 -34.94 96.19 -41.84
CA GLY AA 164 -33.79 96.77 -42.51
C GLY AA 164 -32.51 95.95 -42.41
N VAL AA 165 -32.61 94.75 -41.85
CA VAL AA 165 -31.43 93.89 -41.73
C VAL AA 165 -30.96 93.50 -43.12
N PRO AA 166 -29.64 93.45 -43.38
CA PRO AA 166 -29.16 92.97 -44.68
C PRO AA 166 -29.48 91.50 -44.91
N LEU AA 167 -29.61 91.15 -46.20
CA LEU AA 167 -30.19 89.87 -46.58
C LEU AA 167 -29.33 88.69 -46.12
N ARG AA 168 -28.01 88.81 -46.18
CA ARG AA 168 -27.16 87.69 -45.80
C ARG AA 168 -27.33 87.37 -44.32
N ARG AA 169 -27.45 88.39 -43.49
CA ARG AA 169 -27.75 88.16 -42.08
C ARG AA 169 -29.13 87.51 -41.93
N ILE AA 170 -30.09 87.90 -42.76
CA ILE AA 170 -31.40 87.27 -42.73
C ILE AA 170 -31.25 85.76 -42.94
N ILE AA 171 -30.49 85.37 -43.97
CA ILE AA 171 -30.36 83.96 -44.28
C ILE AA 171 -29.62 83.24 -43.17
N ARG AA 172 -28.62 83.89 -42.57
CA ARG AA 172 -27.89 83.26 -41.47
C ARG AA 172 -28.79 83.02 -40.27
N LEU AA 173 -29.63 83.99 -39.92
CA LEU AA 173 -30.55 83.80 -38.80
C LEU AA 173 -31.57 82.71 -39.10
N LEU AA 174 -32.07 82.67 -40.34
CA LEU AA 174 -33.03 81.63 -40.71
C LEU AA 174 -32.41 80.24 -40.60
N GLU AA 175 -31.15 80.10 -41.01
CA GLU AA 175 -30.47 78.83 -40.87
C GLU AA 175 -30.27 78.47 -39.41
N GLU AA 176 -30.01 79.45 -38.55
CA GLU AA 176 -29.91 79.16 -37.12
C GLU AA 176 -31.23 78.64 -36.57
N VAL AA 177 -32.33 79.28 -36.96
CA VAL AA 177 -33.66 78.82 -36.54
C VAL AA 177 -33.88 77.39 -36.99
N LEU AA 178 -33.55 77.09 -38.24
CA LEU AA 178 -33.72 75.74 -38.76
C LEU AA 178 -32.86 74.74 -38.00
N ARG AA 179 -31.65 75.13 -37.64
CA ARG AA 179 -30.78 74.22 -36.89
C ARG AA 179 -31.37 73.90 -35.53
N VAL AA 180 -31.90 74.90 -34.84
CA VAL AA 180 -32.54 74.66 -33.55
C VAL AA 180 -33.74 73.74 -33.71
N VAL AA 181 -34.56 73.98 -34.74
CA VAL AA 181 -35.74 73.15 -34.96
C VAL AA 181 -35.33 71.71 -35.25
N ALA AA 182 -34.29 71.52 -36.06
CA ALA AA 182 -33.83 70.17 -36.35
C ALA AA 182 -33.32 69.48 -35.10
N GLU AA 183 -32.60 70.21 -34.24
CA GLU AA 183 -32.16 69.61 -32.98
C GLU AA 183 -33.33 69.20 -32.11
N ALA AA 184 -34.36 70.05 -32.05
CA ALA AA 184 -35.55 69.73 -31.26
C ALA AA 184 -36.22 68.47 -31.79
N LEU AA 185 -36.38 68.38 -33.11
CA LEU AA 185 -37.00 67.20 -33.70
C LEU AA 185 -36.15 65.96 -33.46
N ARG AA 186 -34.83 66.10 -33.46
CA ARG AA 186 -33.97 64.96 -33.17
C ARG AA 186 -34.16 64.48 -31.74
N ARG AA 187 -34.29 65.42 -30.80
CA ARG AA 187 -34.49 65.02 -29.41
C ARG AA 187 -35.83 64.34 -29.18
N ALA AA 188 -36.81 64.60 -30.04
CA ALA AA 188 -38.13 63.99 -29.95
C ALA AA 188 -38.18 62.62 -30.62
N GLY AA 189 -37.06 62.13 -31.16
CA GLY AA 189 -37.03 60.82 -31.77
C GLY AA 189 -37.43 60.75 -33.22
N VAL AA 190 -37.64 61.88 -33.88
CA VAL AA 190 -37.99 61.85 -35.30
C VAL AA 190 -36.81 61.29 -36.09
N PRO AA 191 -37.02 60.34 -37.00
CA PRO AA 191 -35.89 59.76 -37.73
C PRO AA 191 -35.19 60.79 -38.61
N GLU AA 192 -33.89 60.57 -38.81
CA GLU AA 192 -33.05 61.56 -39.50
C GLU AA 192 -33.53 61.90 -40.90
N PRO AA 193 -33.92 60.95 -41.76
CA PRO AA 193 -34.38 61.34 -43.10
C PRO AA 193 -35.54 62.32 -43.09
N GLU AA 194 -36.45 62.22 -42.12
CA GLU AA 194 -37.53 63.18 -42.04
C GLU AA 194 -37.01 64.57 -41.66
N ILE AA 195 -35.99 64.64 -40.82
CA ILE AA 195 -35.38 65.93 -40.49
C ILE AA 195 -34.75 66.54 -41.73
N ARG AA 196 -34.06 65.73 -42.53
CA ARG AA 196 -33.49 66.23 -43.78
C ARG AA 196 -34.58 66.69 -44.73
N LYS AA 197 -35.70 65.97 -44.77
CA LYS AA 197 -36.82 66.41 -45.59
C LYS AA 197 -37.32 67.77 -45.13
N VAL AA 198 -37.41 67.98 -43.82
CA VAL AA 198 -37.86 69.27 -43.29
C VAL AA 198 -36.93 70.38 -43.76
N GLU AA 199 -35.62 70.18 -43.57
CA GLU AA 199 -34.67 71.23 -43.91
C GLU AA 199 -34.64 71.50 -45.41
N ALA AA 200 -34.66 70.44 -46.23
CA ALA AA 200 -34.63 70.62 -47.67
C ALA AA 200 -35.86 71.36 -48.17
N ALA AA 201 -37.03 71.02 -47.62
CA ALA AA 201 -38.25 71.75 -47.96
C ALA AA 201 -38.11 73.22 -47.58
N ALA AA 202 -37.52 73.49 -46.42
CA ALA AA 202 -37.33 74.88 -46.00
C ALA AA 202 -36.42 75.64 -46.96
N TYR AA 203 -35.31 75.02 -47.38
CA TYR AA 203 -34.39 75.70 -48.29
C TYR AA 203 -35.01 75.93 -49.66
N ILE AA 204 -35.78 74.96 -50.17
CA ILE AA 204 -36.43 75.15 -51.47
C ILE AA 204 -37.49 76.25 -51.39
N ARG AA 205 -38.22 76.30 -50.26
CA ARG AA 205 -39.18 77.38 -50.08
C ARG AA 205 -38.50 78.74 -50.03
N LEU AA 206 -37.38 78.82 -49.31
CA LEU AA 206 -36.65 80.08 -49.22
C LEU AA 206 -36.08 80.50 -50.56
N ALA AA 207 -35.52 79.55 -51.31
CA ALA AA 207 -35.00 79.85 -52.64
C ALA AA 207 -36.10 80.35 -53.56
N ALA AA 208 -37.27 79.71 -53.53
CA ALA AA 208 -38.39 80.16 -54.35
C ALA AA 208 -38.82 81.56 -53.95
N TYR AA 209 -38.88 81.82 -52.64
CA TYR AA 209 -39.27 83.14 -52.16
C TYR AA 209 -38.30 84.21 -52.65
N LEU AA 210 -37.00 83.95 -52.57
CA LEU AA 210 -36.02 84.91 -53.06
C LEU AA 210 -36.14 85.11 -54.57
N LEU AA 211 -36.33 84.02 -55.31
CA LEU AA 211 -36.39 84.13 -56.76
C LEU AA 211 -37.62 84.89 -57.23
N ARG AA 212 -38.71 84.84 -56.47
CA ARG AA 212 -39.93 85.49 -56.93
C ARG AA 212 -39.80 87.01 -56.94
N GLN AA 213 -39.01 87.57 -56.02
CA GLN AA 213 -38.87 89.03 -55.98
C GLN AA 213 -38.21 89.57 -57.24
N LEU AA 214 -37.19 88.86 -57.74
CA LEU AA 214 -36.52 89.27 -58.97
C LEU AA 214 -37.39 89.11 -60.20
N GLY AA 215 -38.52 88.41 -60.10
CA GLY AA 215 -39.40 88.28 -61.23
C GLY AA 215 -39.12 87.03 -62.06
N TYR AA 216 -38.86 85.91 -61.38
CA TYR AA 216 -38.70 84.62 -62.04
C TYR AA 216 -39.82 83.73 -61.54
N GLU AA 217 -40.99 83.87 -62.16
CA GLU AA 217 -42.16 83.12 -61.70
C GLU AA 217 -42.07 81.65 -62.11
N ALA AA 218 -41.62 81.39 -63.34
CA ALA AA 218 -41.53 80.01 -63.81
C ALA AA 218 -40.56 79.19 -62.96
N LEU AA 219 -39.41 79.79 -62.65
CA LEU AA 219 -38.42 79.11 -61.80
C LEU AA 219 -38.99 78.76 -60.44
N ALA AA 220 -39.70 79.71 -59.81
CA ALA AA 220 -40.27 79.44 -58.50
C ALA AA 220 -41.36 78.38 -58.56
N LYS AA 221 -42.18 78.40 -59.61
CA LYS AA 221 -43.19 77.37 -59.77
C LYS AA 221 -42.57 76.00 -59.89
N ARG AA 222 -41.51 75.86 -60.69
CA ARG AA 222 -40.89 74.55 -60.84
C ARG AA 222 -40.22 74.08 -59.56
N LEU AA 223 -39.63 75.02 -58.80
CA LEU AA 223 -39.03 74.64 -57.52
C LEU AA 223 -40.09 74.16 -56.56
N LEU AA 224 -41.26 74.81 -56.55
CA LEU AA 224 -42.30 74.39 -55.62
C LEU AA 224 -42.96 73.09 -56.07
N GLU AA 225 -43.01 72.83 -57.37
CA GLU AA 225 -43.42 71.51 -57.84
C GLU AA 225 -42.48 70.43 -57.33
N ALA AA 226 -41.18 70.68 -57.42
CA ALA AA 226 -40.21 69.74 -56.89
C ALA AA 226 -40.41 69.54 -55.39
N ARG AA 227 -40.70 70.62 -54.66
CA ARG AA 227 -40.94 70.48 -53.22
C ARG AA 227 -42.18 69.65 -52.95
N GLU AA 228 -43.24 69.85 -53.73
CA GLU AA 228 -44.44 69.04 -53.55
C GLU AA 228 -44.15 67.57 -53.78
N LEU AA 229 -43.40 67.26 -54.83
CA LEU AA 229 -43.02 65.86 -55.05
C LEU AA 229 -42.15 65.34 -53.92
N LEU AA 230 -41.35 66.20 -53.28
CA LEU AA 230 -40.50 65.73 -52.20
C LEU AA 230 -41.32 65.39 -50.96
N LEU AA 231 -42.25 66.26 -50.59
CA LEU AA 231 -43.01 66.06 -49.35
C LEU AA 231 -43.94 64.87 -49.44
N GLU AA 232 -44.26 64.39 -50.64
CA GLU AA 232 -45.12 63.24 -50.84
C GLU AA 232 -44.37 61.91 -50.76
N GLY AA 233 -43.07 61.94 -50.53
CA GLY AA 233 -42.27 60.75 -50.46
C GLY AA 233 -41.60 60.34 -51.75
N ARG AA 234 -41.97 60.95 -52.87
CA ARG AA 234 -41.34 60.68 -54.16
C ARG AA 234 -40.01 61.43 -54.21
N VAL AA 235 -38.98 60.82 -53.62
CA VAL AA 235 -37.68 61.48 -53.55
C VAL AA 235 -37.03 61.54 -54.91
N GLU AA 236 -37.15 60.48 -55.71
CA GLU AA 236 -36.40 60.38 -56.96
C GLU AA 236 -36.89 61.39 -57.98
N GLU AA 237 -38.20 61.52 -58.14
CA GLU AA 237 -38.73 62.53 -59.06
C GLU AA 237 -38.40 63.93 -58.56
N ALA AA 238 -38.39 64.12 -57.24
CA ALA AA 238 -37.99 65.41 -56.67
C ALA AA 238 -36.56 65.75 -57.05
N ALA AA 239 -35.64 64.81 -56.88
CA ALA AA 239 -34.24 65.07 -57.20
C ALA AA 239 -34.05 65.30 -58.69
N HIS AA 240 -34.73 64.53 -59.54
CA HIS AA 240 -34.58 64.72 -60.98
C HIS AA 240 -35.09 66.08 -61.42
N LEU AA 241 -36.29 66.46 -60.98
CA LEU AA 241 -36.85 67.74 -61.38
C LEU AA 241 -36.05 68.90 -60.79
N LEU AA 242 -35.55 68.73 -59.57
CA LEU AA 242 -34.68 69.74 -58.97
C LEU AA 242 -33.41 69.92 -59.76
N GLU AA 243 -32.77 68.82 -60.19
CA GLU AA 243 -31.54 68.95 -60.94
C GLU AA 243 -31.79 69.59 -62.30
N ASP AA 244 -32.93 69.32 -62.94
CA ASP AA 244 -33.23 69.98 -64.20
C ASP AA 244 -33.40 71.48 -64.02
N VAL AA 245 -34.20 71.89 -63.04
CA VAL AA 245 -34.40 73.33 -62.85
C VAL AA 245 -33.10 73.99 -62.40
N TYR AA 246 -32.28 73.32 -61.60
CA TYR AA 246 -31.01 73.88 -61.17
C TYR AA 246 -30.06 74.04 -62.35
N ALA AA 247 -30.05 73.08 -63.28
CA ALA AA 247 -29.19 73.22 -64.44
C ALA AA 247 -29.58 74.41 -65.29
N LEU AA 248 -30.88 74.60 -65.53
CA LEU AA 248 -31.30 75.78 -66.29
C LEU AA 248 -30.94 77.07 -65.56
N PHE AA 249 -31.17 77.10 -64.24
CA PHE AA 249 -30.86 78.28 -63.45
C PHE AA 249 -29.37 78.59 -63.45
N HIS AA 250 -28.53 77.56 -63.36
CA HIS AA 250 -27.10 77.78 -63.30
C HIS AA 250 -26.58 78.26 -64.65
N ARG AA 251 -27.13 77.75 -65.75
CA ARG AA 251 -26.77 78.30 -67.05
C ARG AA 251 -27.15 79.78 -67.12
N GLU AA 252 -28.32 80.13 -66.59
CA GLU AA 252 -28.72 81.54 -66.59
C GLU AA 252 -27.78 82.38 -65.74
N ILE AA 253 -27.32 81.85 -64.61
CA ILE AA 253 -26.38 82.57 -63.76
C ILE AA 253 -25.05 82.79 -64.48
N GLU AA 254 -24.50 81.72 -65.07
CA GLU AA 254 -23.26 81.84 -65.82
C GLU AA 254 -23.39 82.74 -67.03
N ARG AA 255 -24.61 82.95 -67.52
CA ARG AA 255 -24.81 83.90 -68.62
C ARG AA 255 -24.37 85.30 -68.24
N LEU AA 256 -24.65 85.71 -67.01
CA LEU AA 256 -24.38 87.08 -66.57
C LEU AA 256 -22.91 87.29 -66.19
N GLY AA 257 -22.08 86.25 -66.20
CA GLY AA 257 -20.65 86.44 -66.01
C GLY AA 257 -20.31 86.89 -64.61
N PHE AA 258 -19.50 87.93 -64.53
CA PHE AA 258 -19.10 88.53 -63.24
C PHE AA 258 -20.00 89.71 -62.89
N GLU AA 259 -21.30 89.42 -62.84
CA GLU AA 259 -22.32 90.37 -62.42
C GLU AA 259 -23.60 89.60 -62.21
N ALA AA 260 -24.25 89.84 -61.07
CA ALA AA 260 -25.54 89.24 -60.76
C ALA AA 260 -26.10 89.84 -59.48
N PRO AA 261 -27.41 90.07 -59.41
CA PRO AA 261 -28.00 90.57 -58.16
C PRO AA 261 -27.70 89.63 -57.00
N GLU AA 262 -27.66 90.20 -55.80
CA GLU AA 262 -27.25 89.43 -54.64
C GLU AA 262 -28.21 88.28 -54.34
N GLU AA 263 -29.50 88.48 -54.61
CA GLU AA 263 -30.47 87.43 -54.33
C GLU AA 263 -30.24 86.19 -55.19
N LEU AA 264 -29.80 86.37 -56.45
CA LEU AA 264 -29.42 85.23 -57.26
C LEU AA 264 -28.26 84.48 -56.64
N ARG AA 265 -27.26 85.22 -56.14
CA ARG AA 265 -26.10 84.59 -55.53
C ARG AA 265 -26.48 83.80 -54.29
N VAL AA 266 -27.38 84.34 -53.47
CA VAL AA 266 -27.81 83.62 -52.26
C VAL AA 266 -28.65 82.40 -52.64
N ALA AA 267 -29.54 82.56 -53.62
CA ALA AA 267 -30.37 81.45 -54.07
C ALA AA 267 -29.53 80.31 -54.61
N ASP AA 268 -28.40 80.63 -55.25
CA ASP AA 268 -27.52 79.57 -55.76
C ASP AA 268 -27.03 78.68 -54.62
N LEU AA 269 -26.56 79.28 -53.53
CA LEU AA 269 -26.08 78.48 -52.41
C LEU AA 269 -27.22 77.73 -51.73
N LEU AA 270 -28.39 78.37 -51.64
CA LEU AA 270 -29.55 77.70 -51.04
C LEU AA 270 -29.94 76.47 -51.84
N LEU AA 271 -30.00 76.60 -53.17
CA LEU AA 271 -30.32 75.48 -54.04
C LEU AA 271 -29.28 74.37 -53.95
N ALA AA 272 -28.00 74.74 -53.88
CA ALA AA 272 -26.96 73.73 -53.73
C ALA AA 272 -27.15 72.94 -52.44
N ARG AA 273 -27.45 73.62 -51.34
CA ARG AA 273 -27.65 72.92 -50.08
C ARG AA 273 -28.89 72.05 -50.10
N ALA AA 274 -29.97 72.54 -50.73
CA ALA AA 274 -31.18 71.73 -50.85
C ALA AA 274 -30.91 70.45 -51.63
N ILE AA 275 -30.17 70.55 -52.72
CA ILE AA 275 -29.83 69.38 -53.51
C ILE AA 275 -28.97 68.42 -52.72
N ALA AA 276 -28.00 68.95 -51.97
CA ALA AA 276 -27.16 68.07 -51.15
C ALA AA 276 -27.99 67.32 -50.12
N LEU AA 277 -28.91 68.01 -49.44
CA LEU AA 277 -29.73 67.37 -48.44
C LEU AA 277 -30.63 66.31 -49.04
N ILE AA 278 -31.25 66.61 -50.19
CA ILE AA 278 -32.11 65.63 -50.83
C ILE AA 278 -31.33 64.40 -51.23
N LYS AA 279 -30.13 64.60 -51.78
CA LYS AA 279 -29.28 63.47 -52.15
C LYS AA 279 -28.87 62.65 -50.93
N ALA AA 280 -28.72 63.30 -49.78
CA ALA AA 280 -28.29 62.59 -48.58
C ALA AA 280 -29.42 61.88 -47.84
N ILE AA 281 -30.68 62.09 -48.25
CA ILE AA 281 -31.81 61.40 -47.61
C ILE AA 281 -31.64 59.90 -47.74
N THR BA 24 17.74 103.24 -51.60
CA THR BA 24 16.71 103.11 -50.56
C THR BA 24 16.38 101.65 -50.32
N VAL BA 25 16.81 100.79 -51.24
CA VAL BA 25 16.44 99.37 -51.18
C VAL BA 25 16.99 98.73 -49.92
N VAL BA 26 18.25 99.00 -49.58
CA VAL BA 26 18.82 98.45 -48.35
C VAL BA 26 18.12 99.05 -47.14
N GLU BA 27 17.73 100.33 -47.21
CA GLU BA 27 16.95 100.92 -46.14
C GLU BA 27 15.59 100.22 -46.02
N GLU BA 28 14.97 99.87 -47.15
CA GLU BA 28 13.71 99.14 -47.10
C GLU BA 28 13.88 97.77 -46.46
N VAL BA 29 14.97 97.08 -46.76
CA VAL BA 29 15.22 95.78 -46.15
C VAL BA 29 15.44 95.93 -44.65
N ARG BA 30 16.22 96.93 -44.24
CA ARG BA 30 16.43 97.17 -42.82
C ARG BA 30 15.11 97.49 -42.12
N ARG BA 31 14.30 98.37 -42.71
CA ARG BA 31 13.02 98.73 -42.11
C ARG BA 31 12.11 97.51 -42.00
N PHE BA 32 12.07 96.69 -43.04
CA PHE BA 32 11.25 95.49 -43.01
C PHE BA 32 11.68 94.55 -41.89
N ALA BA 33 12.98 94.32 -41.76
CA ALA BA 33 13.47 93.41 -40.72
C ALA BA 33 13.18 93.96 -39.33
N GLU BA 34 13.46 95.26 -39.11
CA GLU BA 34 13.24 95.82 -37.78
C GLU BA 34 11.75 95.85 -37.43
N GLU BA 35 10.88 96.18 -38.39
CA GLU BA 35 9.45 96.17 -38.10
C GLU BA 35 8.96 94.78 -37.75
N LEU BA 36 9.42 93.76 -38.49
CA LEU BA 36 9.02 92.40 -38.15
C LEU BA 36 9.51 92.00 -36.77
N ALA BA 37 10.75 92.38 -36.42
CA ALA BA 37 11.29 92.04 -35.11
C ALA BA 37 10.52 92.75 -33.99
N GLU BA 38 10.18 94.03 -34.19
CA GLU BA 38 9.40 94.75 -33.20
C GLU BA 38 8.02 94.12 -33.01
N GLU BA 39 7.38 93.70 -34.11
CA GLU BA 39 6.09 93.04 -33.99
C GLU BA 39 6.21 91.72 -33.27
N VAL BA 40 7.30 90.98 -33.51
CA VAL BA 40 7.52 89.73 -32.80
C VAL BA 40 7.60 89.99 -31.31
N LEU BA 41 8.36 91.03 -30.93
CA LEU BA 41 8.51 91.36 -29.51
C LEU BA 41 7.20 91.84 -28.89
N ARG BA 42 6.44 92.65 -29.63
CA ARG BA 42 5.16 93.13 -29.09
C ARG BA 42 4.19 91.99 -28.87
N VAL BA 43 4.07 91.08 -29.84
CA VAL BA 43 3.11 90.00 -29.70
C VAL BA 43 3.56 89.01 -28.63
N GLY BA 44 4.83 88.62 -28.64
CA GLY BA 44 5.31 87.60 -27.74
C GLY BA 44 6.06 88.09 -26.52
N GLY BA 45 6.35 89.39 -26.44
CA GLY BA 45 7.04 89.88 -25.27
C GLY BA 45 8.48 89.42 -25.19
N GLU BA 46 8.96 89.30 -23.95
CA GLU BA 46 10.29 88.80 -23.69
C GLU BA 46 10.36 87.28 -23.68
N ALA BA 47 9.23 86.61 -23.89
CA ALA BA 47 9.25 85.16 -23.96
C ALA BA 47 10.12 84.66 -25.10
N MET BA 48 10.00 85.30 -26.28
CA MET BA 48 10.79 84.96 -27.46
C MET BA 48 11.59 86.19 -27.86
N ARG BA 49 12.74 86.37 -27.23
CA ARG BA 49 13.78 87.29 -27.63
C ARG BA 49 14.66 86.71 -28.73
N PRO BA 50 15.00 85.41 -28.71
CA PRO BA 50 15.82 84.85 -29.81
C PRO BA 50 15.29 85.16 -31.20
N TYR BA 51 13.98 85.11 -31.40
CA TYR BA 51 13.43 85.31 -32.75
C TYR BA 51 13.65 86.73 -33.23
N ALA BA 52 13.59 87.70 -32.33
CA ALA BA 52 13.91 89.07 -32.71
C ALA BA 52 15.36 89.19 -33.16
N GLU BA 53 16.27 88.50 -32.48
CA GLU BA 53 17.66 88.51 -32.88
C GLU BA 53 17.86 87.83 -34.23
N MET BA 54 17.18 86.70 -34.46
CA MET BA 54 17.28 86.03 -35.76
C MET BA 54 16.78 86.94 -36.87
N VAL BA 55 15.65 87.60 -36.65
CA VAL BA 55 15.13 88.50 -37.68
C VAL BA 55 16.11 89.64 -37.94
N ARG BA 56 16.68 90.21 -36.88
CA ARG BA 56 17.56 91.36 -37.07
C ARG BA 56 18.87 90.97 -37.77
N HIS BA 57 19.45 89.82 -37.40
CA HIS BA 57 20.65 89.38 -38.10
C HIS BA 57 20.37 88.94 -39.53
N LEU BA 58 19.22 88.33 -39.81
CA LEU BA 58 18.90 88.00 -41.19
C LEU BA 58 18.70 89.26 -42.02
N GLY BA 59 18.09 90.29 -41.45
CA GLY BA 59 18.05 91.57 -42.13
C GLY BA 59 19.43 92.13 -42.38
N GLU BA 60 20.33 92.00 -41.40
CA GLU BA 60 21.69 92.49 -41.58
C GLU BA 60 22.44 91.73 -42.68
N ALA BA 61 22.29 90.40 -42.70
CA ALA BA 61 22.93 89.61 -43.75
C ALA BA 61 22.40 89.99 -45.12
N ALA BA 62 21.08 90.22 -45.23
CA ALA BA 62 20.51 90.63 -46.50
C ALA BA 62 21.05 91.97 -46.96
N VAL BA 63 21.14 92.94 -46.04
CA VAL BA 63 21.62 94.26 -46.47
C VAL BA 63 23.12 94.20 -46.78
N ALA BA 64 23.87 93.37 -46.08
CA ALA BA 64 25.27 93.16 -46.44
C ALA BA 64 25.39 92.60 -47.84
N ALA BA 65 24.58 91.60 -48.18
CA ALA BA 65 24.61 91.04 -49.53
C ALA BA 65 24.23 92.08 -50.58
N LEU BA 66 23.23 92.91 -50.28
CA LEU BA 66 22.87 93.99 -51.20
C LEU BA 66 23.93 95.06 -51.32
N GLU BA 67 24.82 95.19 -50.33
CA GLU BA 67 25.83 96.24 -50.38
C GLU BA 67 27.25 95.68 -50.51
N GLY BA 68 27.42 94.74 -51.44
CA GLY BA 68 28.70 94.09 -51.60
C GLY BA 68 28.77 92.82 -50.77
N ARG BA 69 29.99 92.42 -50.44
CA ARG BA 69 30.27 91.35 -49.48
C ARG BA 69 29.77 89.98 -49.92
N ALA BA 70 30.43 88.95 -49.45
CA ALA BA 70 29.95 87.57 -49.58
C ALA BA 70 30.28 86.70 -48.38
N GLU BA 71 31.15 87.16 -47.48
CA GLU BA 71 31.60 86.42 -46.32
C GLU BA 71 30.84 86.80 -45.05
N GLU BA 72 30.51 88.09 -44.90
CA GLU BA 72 29.69 88.52 -43.78
C GLU BA 72 28.32 87.88 -43.85
N ALA BA 73 27.74 87.77 -45.05
CA ALA BA 73 26.47 87.08 -45.21
C ALA BA 73 26.58 85.64 -44.78
N ASP BA 74 27.67 84.96 -45.18
CA ASP BA 74 27.91 83.59 -44.75
C ASP BA 74 27.95 83.49 -43.23
N ARG BA 75 28.71 84.38 -42.58
CA ARG BA 75 28.88 84.29 -41.14
C ARG BA 75 27.55 84.55 -40.42
N LEU BA 76 26.81 85.57 -40.84
CA LEU BA 76 25.56 85.88 -40.18
C LEU BA 76 24.55 84.76 -40.35
N VAL BA 77 24.49 84.16 -41.55
CA VAL BA 77 23.56 83.06 -41.76
C VAL BA 77 23.96 81.85 -40.91
N ARG BA 78 25.27 81.62 -40.75
CA ARG BA 78 25.71 80.53 -39.88
C ARG BA 78 25.37 80.78 -38.42
N ASP BA 79 25.53 82.03 -37.97
CA ASP BA 79 25.15 82.38 -36.60
C ASP BA 79 23.65 82.18 -36.37
N VAL BA 80 22.84 82.62 -37.33
CA VAL BA 80 21.39 82.46 -37.21
C VAL BA 80 21.02 80.98 -37.24
N LEU BA 81 21.74 80.19 -38.01
CA LEU BA 81 21.51 78.75 -38.01
C LEU BA 81 21.83 78.16 -36.64
N GLU BA 82 22.90 78.63 -36.00
CA GLU BA 82 23.21 78.17 -34.65
C GLU BA 82 22.11 78.53 -33.67
N MET BA 83 21.59 79.75 -33.74
CA MET BA 83 20.48 80.13 -32.88
C MET BA 83 19.26 79.24 -33.12
N ALA BA 84 18.95 78.99 -34.39
CA ALA BA 84 17.83 78.11 -34.70
C ALA BA 84 18.05 76.72 -34.14
N ARG BA 85 19.29 76.23 -34.18
CA ARG BA 85 19.60 74.91 -33.63
C ARG BA 85 19.34 74.89 -32.13
N GLU BA 86 19.80 75.91 -31.42
CA GLU BA 86 19.68 75.86 -29.96
C GLU BA 86 18.24 76.09 -29.49
N VAL BA 87 17.51 76.99 -30.15
CA VAL BA 87 16.15 77.29 -29.74
C VAL BA 87 15.26 76.07 -29.89
N GLY BA 88 15.39 75.36 -31.01
CA GLY BA 88 14.57 74.20 -31.30
C GLY BA 88 13.80 74.30 -32.59
N ALA BA 89 13.95 75.37 -33.37
CA ALA BA 89 13.27 75.51 -34.65
C ALA BA 89 13.88 74.55 -35.65
N GLU BA 90 13.09 73.60 -36.14
CA GLU BA 90 13.60 72.61 -37.08
C GLU BA 90 13.46 73.07 -38.53
N GLY BA 91 12.23 73.40 -38.95
CA GLY BA 91 12.02 73.85 -40.31
C GLY BA 91 12.80 75.11 -40.62
N LEU BA 92 12.89 76.02 -39.65
CA LEU BA 92 13.68 77.22 -39.84
C LEU BA 92 15.15 76.88 -40.02
N ALA BA 93 15.67 75.93 -39.25
CA ALA BA 93 17.07 75.52 -39.41
C ALA BA 93 17.32 74.93 -40.79
N ARG BA 94 16.41 74.07 -41.26
CA ARG BA 94 16.60 73.49 -42.59
C ARG BA 94 16.60 74.57 -43.65
N LEU BA 95 15.63 75.49 -43.59
CA LEU BA 95 15.60 76.55 -44.58
C LEU BA 95 16.84 77.41 -44.48
N LEU BA 96 17.41 77.57 -43.29
CA LEU BA 96 18.60 78.40 -43.16
C LEU BA 96 19.83 77.72 -43.76
N GLU BA 97 19.94 76.40 -43.62
CA GLU BA 97 21.00 75.69 -44.33
C GLU BA 97 20.86 75.87 -45.84
N ARG BA 98 19.64 75.73 -46.35
CA ARG BA 98 19.41 75.91 -47.79
C ARG BA 98 19.77 77.33 -48.23
N VAL BA 99 19.40 78.33 -47.44
CA VAL BA 99 19.81 79.70 -47.74
C VAL BA 99 21.32 79.81 -47.77
N HIS BA 100 22.00 79.16 -46.83
CA HIS BA 100 23.45 79.22 -46.78
C HIS BA 100 24.06 78.74 -48.10
N ARG BA 101 23.68 77.52 -48.51
CA ARG BA 101 24.28 76.93 -49.71
C ARG BA 101 23.96 77.75 -50.96
N GLU BA 102 22.68 78.05 -51.17
CA GLU BA 102 22.32 78.83 -52.36
C GLU BA 102 22.99 80.19 -52.35
N ALA BA 103 22.89 80.93 -51.24
CA ALA BA 103 23.50 82.25 -51.19
C ALA BA 103 24.96 82.18 -51.58
N ARG BA 104 25.67 81.13 -51.15
CA ARG BA 104 27.03 80.94 -51.62
C ARG BA 104 27.08 80.81 -53.14
N GLU BA 105 26.23 79.95 -53.70
CA GLU BA 105 26.28 79.69 -55.14
C GLU BA 105 26.01 80.95 -55.97
N LEU BA 106 24.90 81.63 -55.69
CA LEU BA 106 24.57 82.81 -56.48
C LEU BA 106 25.51 83.98 -56.19
N LEU BA 107 26.07 84.07 -54.98
CA LEU BA 107 27.06 85.11 -54.76
C LEU BA 107 28.34 84.83 -55.52
N ARG BA 108 28.68 83.56 -55.72
CA ARG BA 108 29.79 83.23 -56.62
C ARG BA 108 29.46 83.61 -58.06
N GLU BA 109 28.23 83.36 -58.48
CA GLU BA 109 27.82 83.69 -59.85
C GLU BA 109 27.66 85.19 -60.07
N GLY BA 110 27.74 86.00 -59.01
CA GLY BA 110 27.65 87.44 -59.15
C GLY BA 110 26.26 88.03 -59.07
N ARG BA 111 25.22 87.21 -58.96
CA ARG BA 111 23.85 87.71 -58.82
C ARG BA 111 23.59 87.99 -57.35
N ARG BA 112 23.16 89.21 -57.05
CA ARG BA 112 23.01 89.64 -55.67
C ARG BA 112 21.56 89.73 -55.21
N GLU BA 113 20.64 90.13 -56.10
CA GLU BA 113 19.27 90.36 -55.67
C GLU BA 113 18.62 89.08 -55.17
N GLU BA 114 18.87 87.96 -55.85
CA GLU BA 114 18.21 86.72 -55.48
C GLU BA 114 18.73 86.14 -54.16
N ALA BA 115 20.01 86.35 -53.85
CA ALA BA 115 20.54 85.91 -52.57
C ALA BA 115 19.87 86.67 -51.42
N ALA BA 116 19.77 87.99 -51.55
CA ALA BA 116 19.04 88.77 -50.56
C ALA BA 116 17.56 88.39 -50.53
N ALA BA 117 17.02 87.96 -51.67
CA ALA BA 117 15.63 87.49 -51.68
C ALA BA 117 15.47 86.25 -50.84
N LEU BA 118 16.39 85.30 -50.96
CA LEU BA 118 16.34 84.12 -50.10
C LEU BA 118 16.50 84.50 -48.64
N VAL BA 119 17.40 85.43 -48.34
CA VAL BA 119 17.61 85.83 -46.95
C VAL BA 119 16.36 86.52 -46.38
N LEU BA 120 15.73 87.39 -47.17
CA LEU BA 120 14.51 88.06 -46.71
C LEU BA 120 13.38 87.07 -46.50
N ALA BA 121 13.26 86.09 -47.38
CA ALA BA 121 12.28 85.03 -47.15
C ALA BA 121 12.57 84.30 -45.85
N ALA BA 122 13.84 84.05 -45.55
CA ALA BA 122 14.21 83.39 -44.30
C ALA BA 122 13.83 84.23 -43.08
N ALA BA 123 14.10 85.53 -43.14
CA ALA BA 123 13.73 86.42 -42.04
C ALA BA 123 12.24 86.44 -41.82
N LEU BA 124 11.47 86.52 -42.91
CA LEU BA 124 10.01 86.50 -42.79
C LEU BA 124 9.52 85.19 -42.23
N ALA BA 125 10.14 84.08 -42.62
CA ALA BA 125 9.74 82.80 -42.05
C ALA BA 125 9.99 82.78 -40.54
N ALA BA 126 11.14 83.28 -40.10
CA ALA BA 126 11.44 83.31 -38.66
C ALA BA 126 10.44 84.17 -37.90
N GLY BA 127 10.19 85.39 -38.39
CA GLY BA 127 9.25 86.27 -37.71
C GLY BA 127 7.83 85.72 -37.68
N ALA BA 128 7.36 85.20 -38.82
CA ALA BA 128 6.02 84.65 -38.87
C ALA BA 128 5.88 83.42 -38.00
N VAL BA 129 6.92 82.59 -37.93
CA VAL BA 129 6.89 81.44 -37.02
C VAL BA 129 6.78 81.90 -35.58
N ALA BA 130 7.55 82.93 -35.20
CA ALA BA 130 7.46 83.44 -33.84
C ALA BA 130 6.06 83.94 -33.52
N VAL BA 131 5.51 84.79 -34.39
CA VAL BA 131 4.20 85.39 -34.10
C VAL BA 131 3.11 84.33 -34.12
N ALA BA 132 3.18 83.38 -35.03
CA ALA BA 132 2.17 82.33 -35.07
C ALA BA 132 2.22 81.46 -33.82
N GLU BA 133 3.41 81.13 -33.34
CA GLU BA 133 3.49 80.36 -32.10
C GLU BA 133 2.97 81.16 -30.92
N ALA BA 134 3.20 82.49 -30.93
CA ALA BA 134 2.63 83.33 -29.89
C ALA BA 134 1.11 83.29 -29.92
N TYR BA 135 0.53 83.43 -31.11
CA TYR BA 135 -0.92 83.41 -31.24
C TYR BA 135 -1.50 82.08 -30.80
N VAL BA 136 -0.83 80.98 -31.14
CA VAL BA 136 -1.32 79.67 -30.74
C VAL BA 136 -1.21 79.47 -29.24
N ARG BA 137 -0.14 80.01 -28.64
CA ARG BA 137 0.07 79.83 -27.19
C ARG BA 137 -1.05 80.48 -26.39
N LEU BA 138 -1.47 81.67 -26.78
CA LEU BA 138 -2.53 82.38 -26.07
C LEU BA 138 -3.91 82.17 -26.69
N GLY BA 139 -4.05 81.19 -27.56
CA GLY BA 139 -5.37 80.73 -28.02
C GLY BA 139 -6.21 81.70 -28.80
N GLN BA 140 -5.63 82.44 -29.73
CA GLN BA 140 -6.42 83.30 -30.59
C GLN BA 140 -6.97 82.51 -31.78
N PRO BA 141 -8.05 82.98 -32.40
CA PRO BA 141 -8.68 82.22 -33.48
C PRO BA 141 -7.79 82.11 -34.70
N ILE BA 142 -8.10 81.11 -35.53
CA ILE BA 142 -7.29 80.80 -36.70
C ILE BA 142 -7.44 81.83 -37.82
N ARG BA 143 -8.58 82.53 -37.87
CA ARG BA 143 -8.72 83.61 -38.84
C ARG BA 143 -7.59 84.61 -38.71
N LEU BA 144 -7.17 84.91 -37.47
CA LEU BA 144 -6.13 85.90 -37.24
C LEU BA 144 -4.80 85.44 -37.80
N ILE BA 145 -4.43 84.19 -37.54
CA ILE BA 145 -3.18 83.66 -38.10
C ILE BA 145 -3.23 83.68 -39.62
N ALA BA 146 -4.35 83.23 -40.19
CA ALA BA 146 -4.44 83.16 -41.65
C ALA BA 146 -4.33 84.53 -42.29
N GLU BA 147 -5.06 85.52 -41.75
CA GLU BA 147 -5.00 86.86 -42.33
C GLU BA 147 -3.63 87.48 -42.13
N TYR BA 148 -3.01 87.28 -40.96
CA TYR BA 148 -1.68 87.80 -40.72
C TYR BA 148 -0.69 87.26 -41.74
N VAL BA 149 -0.64 85.93 -41.88
CA VAL BA 149 0.34 85.32 -42.77
C VAL BA 149 0.10 85.76 -44.21
N ALA BA 150 -1.16 85.77 -44.65
CA ALA BA 150 -1.44 86.16 -46.03
C ALA BA 150 -1.02 87.59 -46.30
N GLU BA 151 -1.29 88.51 -45.38
CA GLU BA 151 -0.90 89.89 -45.63
C GLU BA 151 0.61 90.05 -45.62
N ARG BA 152 1.30 89.30 -44.76
CA ARG BA 152 2.76 89.34 -44.77
C ARG BA 152 3.32 88.84 -46.09
N LEU BA 153 2.77 87.76 -46.62
CA LEU BA 153 3.22 87.25 -47.90
C LEU BA 153 3.00 88.26 -49.01
N VAL BA 154 1.86 88.94 -48.99
CA VAL BA 154 1.60 89.95 -50.02
C VAL BA 154 2.62 91.08 -49.92
N GLU BA 155 2.93 91.53 -48.71
CA GLU BA 155 3.91 92.60 -48.54
C GLU BA 155 5.29 92.17 -49.03
N LEU BA 156 5.71 90.95 -48.70
CA LEU BA 156 6.98 90.44 -49.17
C LEU BA 156 7.01 90.33 -50.69
N ALA BA 157 5.90 89.89 -51.30
CA ALA BA 157 5.86 89.80 -52.75
C ALA BA 157 6.00 91.17 -53.39
N GLU BA 158 5.38 92.18 -52.79
CA GLU BA 158 5.55 93.54 -53.31
C GLU BA 158 7.01 93.97 -53.21
N LEU BA 159 7.66 93.67 -52.08
CA LEU BA 159 9.07 94.04 -51.92
C LEU BA 159 9.94 93.36 -52.96
N LEU BA 160 9.76 92.05 -53.14
CA LEU BA 160 10.57 91.31 -54.09
C LEU BA 160 10.32 91.77 -55.52
N ARG BA 161 9.08 92.17 -55.83
CA ARG BA 161 8.83 92.80 -57.12
C ARG BA 161 9.60 94.10 -57.25
N ARG BA 162 9.70 94.87 -56.16
CA ARG BA 162 10.47 96.10 -56.22
C ARG BA 162 11.96 95.84 -56.49
N LEU BA 163 12.53 94.82 -55.83
CA LEU BA 163 13.94 94.52 -56.02
C LEU BA 163 14.25 94.12 -57.46
N GLY BA 164 13.51 93.14 -57.99
CA GLY BA 164 13.73 92.72 -59.36
C GLY BA 164 13.75 91.22 -59.57
N VAL BA 165 13.42 90.44 -58.55
CA VAL BA 165 13.40 88.99 -58.69
C VAL BA 165 12.34 88.58 -59.70
N PRO BA 166 12.58 87.59 -60.55
CA PRO BA 166 11.52 87.10 -61.43
C PRO BA 166 10.39 86.43 -60.65
N LEU BA 167 9.20 86.48 -61.25
CA LEU BA 167 7.98 86.19 -60.51
C LEU BA 167 7.91 84.74 -60.04
N ARG BA 168 8.42 83.82 -60.82
CA ARG BA 168 8.26 82.42 -60.44
C ARG BA 168 9.18 82.08 -59.30
N ARG BA 169 10.31 82.76 -59.17
CA ARG BA 169 11.12 82.65 -57.96
C ARG BA 169 10.40 83.27 -56.77
N ILE BA 170 9.68 84.37 -56.99
CA ILE BA 170 8.89 84.96 -55.92
C ILE BA 170 7.92 83.94 -55.36
N ILE BA 171 7.16 83.29 -56.24
CA ILE BA 171 6.14 82.36 -55.78
C ILE BA 171 6.78 81.15 -55.10
N ARG BA 172 7.93 80.72 -55.60
CA ARG BA 172 8.63 79.59 -54.96
C ARG BA 172 9.09 79.94 -53.55
N LEU BA 173 9.63 81.15 -53.36
CA LEU BA 173 10.04 81.57 -52.03
C LEU BA 173 8.85 81.70 -51.10
N LEU BA 174 7.74 82.24 -51.60
CA LEU BA 174 6.54 82.38 -50.78
C LEU BA 174 6.00 81.02 -50.35
N GLU BA 175 6.06 80.04 -51.23
CA GLU BA 175 5.63 78.70 -50.86
C GLU BA 175 6.58 78.09 -49.84
N GLU BA 176 7.88 78.39 -49.93
CA GLU BA 176 8.79 77.91 -48.89
C GLU BA 176 8.44 78.50 -47.53
N VAL BA 177 8.15 79.81 -47.50
CA VAL BA 177 7.74 80.46 -46.26
C VAL BA 177 6.50 79.80 -45.70
N LEU BA 178 5.51 79.54 -46.56
CA LEU BA 178 4.28 78.92 -46.12
C LEU BA 178 4.54 77.53 -45.57
N ARG BA 179 5.47 76.79 -46.19
CA ARG BA 179 5.78 75.45 -45.69
C ARG BA 179 6.38 75.52 -44.29
N VAL BA 180 7.30 76.46 -44.07
CA VAL BA 180 7.89 76.60 -42.74
C VAL BA 180 6.83 76.96 -41.71
N VAL BA 181 5.94 77.90 -42.06
CA VAL BA 181 4.90 78.31 -41.13
C VAL BA 181 3.98 77.14 -40.81
N ALA BA 182 3.62 76.35 -41.81
CA ALA BA 182 2.77 75.18 -41.56
C ALA BA 182 3.46 74.17 -40.66
N GLU BA 183 4.77 73.95 -40.85
CA GLU BA 183 5.49 73.05 -39.96
C GLU BA 183 5.49 73.58 -38.53
N ALA BA 184 5.69 74.89 -38.37
CA ALA BA 184 5.67 75.48 -37.03
C ALA BA 184 4.32 75.28 -36.37
N LEU BA 185 3.24 75.54 -37.11
CA LEU BA 185 1.90 75.35 -36.55
C LEU BA 185 1.62 73.90 -36.24
N ARG BA 186 2.18 72.97 -37.03
CA ARG BA 186 2.03 71.56 -36.72
C ARG BA 186 2.73 71.20 -35.40
N ARG BA 187 3.92 71.74 -35.18
CA ARG BA 187 4.63 71.43 -33.94
C ARG BA 187 3.93 72.02 -32.72
N ALA BA 188 3.14 73.07 -32.91
CA ALA BA 188 2.41 73.67 -31.81
C ALA BA 188 1.08 72.97 -31.52
N GLY BA 189 0.78 71.88 -32.22
CA GLY BA 189 -0.42 71.11 -31.96
C GLY BA 189 -1.66 71.58 -32.67
N VAL BA 190 -1.56 72.56 -33.57
CA VAL BA 190 -2.75 73.01 -34.30
C VAL BA 190 -3.27 71.88 -35.18
N PRO BA 191 -4.57 71.59 -35.17
CA PRO BA 191 -5.08 70.47 -35.98
C PRO BA 191 -4.86 70.71 -37.47
N GLU BA 192 -4.70 69.61 -38.20
CA GLU BA 192 -4.33 69.69 -39.62
C GLU BA 192 -5.33 70.48 -40.46
N PRO BA 193 -6.65 70.30 -40.34
CA PRO BA 193 -7.57 71.09 -41.17
C PRO BA 193 -7.39 72.58 -41.03
N GLU BA 194 -7.05 73.08 -39.85
CA GLU BA 194 -6.81 74.51 -39.70
C GLU BA 194 -5.55 74.93 -40.46
N ILE BA 195 -4.53 74.08 -40.48
CA ILE BA 195 -3.34 74.37 -41.28
C ILE BA 195 -3.69 74.44 -42.76
N ARG BA 196 -4.50 73.50 -43.23
CA ARG BA 196 -4.93 73.54 -44.63
C ARG BA 196 -5.73 74.78 -44.93
N LYS BA 197 -6.59 75.21 -44.00
CA LYS BA 197 -7.34 76.45 -44.19
C LYS BA 197 -6.40 77.63 -44.27
N VAL BA 198 -5.36 77.66 -43.44
CA VAL BA 198 -4.39 78.75 -43.49
C VAL BA 198 -3.73 78.81 -44.86
N GLU BA 199 -3.24 77.67 -45.34
CA GLU BA 199 -2.56 77.65 -46.63
C GLU BA 199 -3.49 78.02 -47.78
N ALA BA 200 -4.71 77.47 -47.78
CA ALA BA 200 -5.65 77.77 -48.85
C ALA BA 200 -6.02 79.24 -48.87
N ALA BA 201 -6.20 79.84 -47.69
CA ALA BA 201 -6.43 81.28 -47.63
C ALA BA 201 -5.25 82.05 -48.19
N ALA BA 202 -4.03 81.60 -47.88
CA ALA BA 202 -2.84 82.27 -48.41
C ALA BA 202 -2.80 82.21 -49.92
N TYR BA 203 -3.12 81.04 -50.49
CA TYR BA 203 -3.07 80.87 -51.95
C TYR BA 203 -4.15 81.69 -52.63
N ILE BA 204 -5.35 81.76 -52.05
CA ILE BA 204 -6.41 82.57 -52.65
C ILE BA 204 -6.05 84.05 -52.58
N ARG BA 205 -5.42 84.48 -51.48
CA ARG BA 205 -4.99 85.87 -51.40
C ARG BA 205 -3.91 86.18 -52.43
N LEU BA 206 -2.94 85.27 -52.60
CA LEU BA 206 -1.90 85.49 -53.60
C LEU BA 206 -2.47 85.52 -55.01
N ALA BA 207 -3.41 84.61 -55.30
CA ALA BA 207 -4.03 84.57 -56.62
C ALA BA 207 -4.81 85.85 -56.89
N ALA BA 208 -5.56 86.34 -55.90
CA ALA BA 208 -6.28 87.60 -56.06
C ALA BA 208 -5.33 88.76 -56.27
N TYR BA 209 -4.21 88.77 -55.54
CA TYR BA 209 -3.21 89.81 -55.71
C TYR BA 209 -2.63 89.81 -57.12
N LEU BA 210 -2.33 88.62 -57.64
CA LEU BA 210 -1.81 88.55 -59.00
C LEU BA 210 -2.84 88.99 -60.03
N LEU BA 211 -4.10 88.58 -59.83
CA LEU BA 211 -5.14 88.92 -60.79
C LEU BA 211 -5.44 90.41 -60.80
N ARG BA 212 -5.24 91.09 -59.66
CA ARG BA 212 -5.60 92.51 -59.61
C ARG BA 212 -4.70 93.37 -60.48
N GLN BA 213 -3.41 93.01 -60.59
CA GLN BA 213 -2.48 93.87 -61.32
C GLN BA 213 -2.85 93.96 -62.80
N LEU BA 214 -3.30 92.86 -63.39
CA LEU BA 214 -3.64 92.82 -64.81
C LEU BA 214 -4.99 93.42 -65.12
N GLY BA 215 -5.75 93.82 -64.12
CA GLY BA 215 -7.00 94.49 -64.38
C GLY BA 215 -8.19 93.55 -64.42
N TYR BA 216 -8.20 92.55 -63.54
CA TYR BA 216 -9.36 91.68 -63.36
C TYR BA 216 -9.85 91.92 -61.95
N GLU BA 217 -10.66 92.97 -61.79
CA GLU BA 217 -11.14 93.34 -60.46
C GLU BA 217 -12.22 92.37 -59.99
N ALA BA 218 -13.21 92.11 -60.84
CA ALA BA 218 -14.33 91.27 -60.43
C ALA BA 218 -13.87 89.88 -60.01
N LEU BA 219 -12.90 89.32 -60.75
CA LEU BA 219 -12.33 88.04 -60.37
C LEU BA 219 -11.73 88.08 -58.98
N ALA BA 220 -10.99 89.14 -58.67
CA ALA BA 220 -10.38 89.25 -57.36
C ALA BA 220 -11.43 89.39 -56.25
N LYS BA 221 -12.47 90.18 -56.49
CA LYS BA 221 -13.52 90.31 -55.48
C LYS BA 221 -14.20 88.97 -55.23
N ARG BA 222 -14.49 88.21 -56.27
CA ARG BA 222 -15.14 86.91 -56.06
C ARG BA 222 -14.22 85.95 -55.34
N LEU BA 223 -12.92 85.96 -55.65
CA LEU BA 223 -11.98 85.11 -54.92
C LEU BA 223 -11.93 85.50 -53.45
N LEU BA 224 -11.97 86.79 -53.16
CA LEU BA 224 -11.91 87.20 -51.76
C LEU BA 224 -13.21 86.91 -51.02
N GLU BA 225 -14.36 86.97 -51.72
CA GLU BA 225 -15.62 86.53 -51.12
C GLU BA 225 -15.56 85.06 -50.75
N ALA BA 226 -15.05 84.23 -51.66
CA ALA BA 226 -14.88 82.81 -51.35
C ALA BA 226 -13.95 82.62 -50.17
N ARG BA 227 -12.88 83.41 -50.09
CA ARG BA 227 -11.96 83.30 -48.96
C ARG BA 227 -12.65 83.69 -47.65
N GLU BA 228 -13.47 84.74 -47.68
CA GLU BA 228 -14.22 85.14 -46.49
C GLU BA 228 -15.15 84.02 -46.03
N LEU BA 229 -15.85 83.40 -46.97
CA LEU BA 229 -16.71 82.27 -46.60
C LEU BA 229 -15.89 81.12 -46.06
N LEU BA 230 -14.64 80.96 -46.52
CA LEU BA 230 -13.82 79.86 -46.03
C LEU BA 230 -13.35 80.10 -44.61
N LEU BA 231 -12.89 81.32 -44.30
CA LEU BA 231 -12.33 81.58 -42.98
C LEU BA 231 -13.39 81.53 -41.89
N GLU BA 232 -14.67 81.63 -42.24
CA GLU BA 232 -15.76 81.57 -41.29
C GLU BA 232 -16.20 80.16 -40.97
N GLY BA 233 -15.58 79.15 -41.57
CA GLY BA 233 -15.97 77.77 -41.36
C GLY BA 233 -16.95 77.23 -42.37
N ARG BA 234 -17.56 78.07 -43.18
CA ARG BA 234 -18.46 77.61 -44.25
C ARG BA 234 -17.61 77.09 -45.40
N VAL BA 235 -17.18 75.84 -45.27
CA VAL BA 235 -16.32 75.24 -46.28
C VAL BA 235 -17.11 74.96 -47.56
N GLU BA 236 -18.35 74.51 -47.43
CA GLU BA 236 -19.11 74.05 -48.60
C GLU BA 236 -19.45 75.18 -49.54
N GLU BA 237 -19.95 76.29 -49.00
CA GLU BA 237 -20.25 77.44 -49.84
C GLU BA 237 -18.97 78.02 -50.44
N ALA BA 238 -17.87 77.98 -49.68
CA ALA BA 238 -16.58 78.42 -50.21
C ALA BA 238 -16.15 77.58 -51.39
N ALA BA 239 -16.29 76.26 -51.29
CA ALA BA 239 -15.90 75.39 -52.40
C ALA BA 239 -16.82 75.60 -53.60
N HIS BA 240 -18.12 75.77 -53.39
CA HIS BA 240 -19.02 76.00 -54.53
C HIS BA 240 -18.69 77.30 -55.24
N LEU BA 241 -18.51 78.39 -54.49
CA LEU BA 241 -18.23 79.67 -55.12
C LEU BA 241 -16.85 79.68 -55.77
N LEU BA 242 -15.88 79.01 -55.14
CA LEU BA 242 -14.55 78.89 -55.73
C LEU BA 242 -14.59 78.13 -57.04
N GLU BA 243 -15.33 77.03 -57.09
CA GLU BA 243 -15.39 76.26 -58.33
C GLU BA 243 -16.11 77.06 -59.42
N ASP BA 244 -17.12 77.85 -59.07
CA ASP BA 244 -17.78 78.66 -60.09
C ASP BA 244 -16.83 79.70 -60.67
N VAL BA 245 -16.14 80.44 -59.80
CA VAL BA 245 -15.24 81.48 -60.30
C VAL BA 245 -14.06 80.85 -61.05
N TYR BA 246 -13.58 79.69 -60.61
CA TYR BA 246 -12.52 79.00 -61.31
C TYR BA 246 -12.97 78.55 -62.70
N ALA BA 247 -14.20 78.07 -62.83
CA ALA BA 247 -14.68 77.67 -64.15
C ALA BA 247 -14.74 78.85 -65.08
N LEU BA 248 -15.24 80.00 -64.61
CA LEU BA 248 -15.27 81.17 -65.48
C LEU BA 248 -13.86 81.63 -65.87
N PHE BA 249 -12.95 81.64 -64.89
CA PHE BA 249 -11.57 82.03 -65.16
C PHE BA 249 -10.90 81.09 -66.16
N HIS BA 250 -11.14 79.79 -66.02
CA HIS BA 250 -10.45 78.83 -66.86
C HIS BA 250 -10.98 78.87 -68.27
N ARG BA 251 -12.28 79.13 -68.43
CA ARG BA 251 -12.81 79.41 -69.77
C ARG BA 251 -12.13 80.63 -70.37
N GLU BA 252 -11.92 81.66 -69.56
CA GLU BA 252 -11.21 82.84 -70.06
C GLU BA 252 -9.79 82.51 -70.47
N ILE BA 253 -9.12 81.63 -69.71
CA ILE BA 253 -7.76 81.22 -70.06
C ILE BA 253 -7.76 80.49 -71.39
N GLU BA 254 -8.64 79.51 -71.55
CA GLU BA 254 -8.70 78.74 -72.79
C GLU BA 254 -9.16 79.58 -73.97
N ARG BA 255 -9.78 80.73 -73.72
CA ARG BA 255 -10.11 81.63 -74.81
C ARG BA 255 -8.86 82.10 -75.54
N LEU BA 256 -7.80 82.41 -74.80
CA LEU BA 256 -6.59 82.98 -75.38
C LEU BA 256 -5.68 81.93 -76.02
N GLY BA 257 -6.03 80.65 -75.94
CA GLY BA 257 -5.28 79.65 -76.69
C GLY BA 257 -3.88 79.46 -76.16
N PHE BA 258 -2.91 79.51 -77.08
CA PHE BA 258 -1.49 79.38 -76.74
C PHE BA 258 -0.83 80.76 -76.60
N GLU BA 259 -1.42 81.57 -75.73
CA GLU BA 259 -0.90 82.89 -75.41
C GLU BA 259 -1.65 83.41 -74.19
N ALA BA 260 -0.91 83.96 -73.22
CA ALA BA 260 -1.49 84.57 -72.03
C ALA BA 260 -0.40 85.24 -71.21
N PRO BA 261 -0.67 86.37 -70.57
CA PRO BA 261 0.32 86.97 -69.68
C PRO BA 261 0.72 85.98 -68.59
N GLU BA 262 1.98 86.07 -68.18
CA GLU BA 262 2.56 85.00 -67.36
C GLU BA 262 1.87 84.91 -66.01
N GLU BA 263 1.38 86.03 -65.48
CA GLU BA 263 0.71 86.01 -64.19
C GLU BA 263 -0.60 85.23 -64.25
N LEU BA 264 -1.28 85.23 -65.40
CA LEU BA 264 -2.43 84.33 -65.57
C LEU BA 264 -2.00 82.88 -65.40
N ARG BA 265 -0.88 82.51 -66.00
CA ARG BA 265 -0.42 81.13 -65.93
C ARG BA 265 -0.04 80.76 -64.50
N VAL BA 266 0.55 81.68 -63.75
CA VAL BA 266 0.90 81.37 -62.36
C VAL BA 266 -0.35 81.29 -61.50
N ALA BA 267 -1.28 82.23 -61.69
CA ALA BA 267 -2.51 82.25 -60.91
C ALA BA 267 -3.32 80.99 -61.13
N ASP BA 268 -3.25 80.41 -62.33
CA ASP BA 268 -3.98 79.17 -62.59
C ASP BA 268 -3.50 78.06 -61.67
N LEU BA 269 -2.19 77.91 -61.51
CA LEU BA 269 -1.68 76.88 -60.62
C LEU BA 269 -1.98 77.21 -59.17
N LEU BA 270 -1.92 78.49 -58.80
CA LEU BA 270 -2.27 78.89 -57.43
C LEU BA 270 -3.71 78.51 -57.12
N LEU BA 271 -4.63 78.81 -58.03
CA LEU BA 271 -6.04 78.49 -57.82
C LEU BA 271 -6.26 76.99 -57.78
N ALA BA 272 -5.57 76.23 -58.63
CA ALA BA 272 -5.72 74.78 -58.59
C ALA BA 272 -5.29 74.22 -57.25
N ARG BA 273 -4.17 74.69 -56.72
CA ARG BA 273 -3.72 74.19 -55.41
C ARG BA 273 -4.65 74.62 -54.30
N ALA BA 274 -5.17 75.86 -54.36
CA ALA BA 274 -6.11 76.31 -53.36
C ALA BA 274 -7.35 75.43 -53.34
N ILE BA 275 -7.88 75.11 -54.52
CA ILE BA 275 -9.06 74.26 -54.61
C ILE BA 275 -8.76 72.86 -54.07
N ALA BA 276 -7.58 72.32 -54.41
CA ALA BA 276 -7.23 71.00 -53.89
C ALA BA 276 -7.15 71.00 -52.38
N LEU BA 277 -6.55 72.05 -51.80
CA LEU BA 277 -6.44 72.12 -50.34
C LEU BA 277 -7.80 72.23 -49.69
N ILE BA 278 -8.69 73.06 -50.25
CA ILE BA 278 -10.03 73.19 -49.68
C ILE BA 278 -10.77 71.85 -49.73
N LYS BA 279 -10.65 71.15 -50.86
CA LYS BA 279 -11.30 69.84 -50.98
C LYS BA 279 -10.72 68.84 -49.99
N ALA BA 280 -9.44 68.96 -49.66
CA ALA BA 280 -8.81 68.01 -48.75
C ALA BA 280 -9.06 68.31 -47.28
N ILE BA 281 -9.65 69.45 -46.95
CA ILE BA 281 -9.98 69.79 -45.56
C ILE BA 281 -10.90 68.73 -44.98
N THR CA 24 28.10 58.65 -97.00
CA THR CA 24 28.40 59.23 -95.70
C THR CA 24 27.59 58.55 -94.60
N VAL CA 25 26.58 57.78 -95.01
CA VAL CA 25 25.68 57.15 -94.05
C VAL CA 25 26.44 56.16 -93.16
N VAL CA 26 27.27 55.32 -93.78
CA VAL CA 26 28.04 54.36 -92.99
C VAL CA 26 29.06 55.09 -92.12
N GLU CA 27 29.62 56.19 -92.62
CA GLU CA 27 30.49 57.02 -91.79
C GLU CA 27 29.72 57.60 -90.61
N GLU CA 28 28.48 58.01 -90.84
CA GLU CA 28 27.65 58.51 -89.74
C GLU CA 28 27.39 57.43 -88.70
N VAL CA 29 27.13 56.21 -89.15
CA VAL CA 29 26.90 55.12 -88.20
C VAL CA 29 28.17 54.82 -87.41
N ARG CA 30 29.32 54.79 -88.08
CA ARG CA 30 30.57 54.57 -87.37
C ARG CA 30 30.83 55.67 -86.36
N ARG CA 31 30.62 56.93 -86.76
CA ARG CA 31 30.85 58.05 -85.86
C ARG CA 31 29.92 57.99 -84.66
N PHE CA 32 28.65 57.66 -84.89
CA PHE CA 32 27.69 57.53 -83.81
C PHE CA 32 28.12 56.46 -82.81
N ALA CA 33 28.50 55.28 -83.32
CA ALA CA 33 28.90 54.20 -82.43
C ALA CA 33 30.17 54.56 -81.65
N GLU CA 34 31.16 55.13 -82.33
CA GLU CA 34 32.42 55.47 -81.66
C GLU CA 34 32.21 56.55 -80.61
N GLU CA 35 31.41 57.57 -80.92
CA GLU CA 35 31.14 58.62 -79.95
C GLU CA 35 30.43 58.07 -78.73
N LEU CA 36 29.45 57.19 -78.94
CA LEU CA 36 28.77 56.59 -77.80
C LEU CA 36 29.72 55.76 -76.95
N ALA CA 37 30.62 55.00 -77.60
CA ALA CA 37 31.59 54.20 -76.86
C ALA CA 37 32.56 55.07 -76.06
N GLU CA 38 33.04 56.16 -76.67
CA GLU CA 38 33.93 57.08 -75.97
C GLU CA 38 33.23 57.69 -74.75
N GLU CA 39 31.97 58.09 -74.92
CA GLU CA 39 31.23 58.65 -73.78
C GLU CA 39 31.03 57.60 -72.70
N VAL CA 40 30.78 56.35 -73.09
CA VAL CA 40 30.64 55.29 -72.10
C VAL CA 40 31.91 55.14 -71.29
N LEU CA 41 33.06 55.16 -71.97
CA LEU CA 41 34.34 55.02 -71.28
C LEU CA 41 34.63 56.23 -70.40
N ARG CA 42 34.31 57.43 -70.87
CA ARG CA 42 34.56 58.63 -70.07
C ARG CA 42 33.72 58.62 -68.81
N VAL CA 43 32.43 58.32 -68.91
CA VAL CA 43 31.57 58.35 -67.73
C VAL CA 43 31.92 57.21 -66.79
N GLY CA 44 32.11 56.00 -67.30
CA GLY CA 44 32.33 54.84 -66.47
C GLY CA 44 33.77 54.41 -66.29
N GLY CA 45 34.70 54.99 -67.03
CA GLY CA 45 36.08 54.61 -66.86
C GLY CA 45 36.36 53.21 -67.38
N GLU CA 46 37.31 52.56 -66.73
CA GLU CA 46 37.67 51.19 -67.07
C GLU CA 46 36.85 50.18 -66.29
N ALA CA 47 35.90 50.62 -65.47
CA ALA CA 47 35.05 49.68 -64.75
C ALA CA 47 34.23 48.83 -65.72
N MET CA 48 33.67 49.46 -66.75
CA MET CA 48 32.95 48.78 -67.83
C MET CA 48 33.62 49.11 -69.16
N ARG CA 49 34.63 48.33 -69.51
CA ARG CA 49 35.20 48.24 -70.84
C ARG CA 49 34.37 47.34 -71.75
N PRO CA 50 33.74 46.27 -71.25
CA PRO CA 50 32.90 45.45 -72.13
C PRO CA 50 31.85 46.24 -72.92
N TYR CA 51 31.21 47.23 -72.30
CA TYR CA 51 30.13 47.95 -72.97
C TYR CA 51 30.66 48.74 -74.15
N ALA CA 52 31.88 49.27 -74.05
CA ALA CA 52 32.48 49.95 -75.19
C ALA CA 52 32.70 48.97 -76.34
N GLU CA 53 33.12 47.74 -76.03
CA GLU CA 53 33.30 46.74 -77.08
C GLU CA 53 31.97 46.37 -77.71
N MET CA 54 30.91 46.23 -76.90
CA MET CA 54 29.59 45.95 -77.44
C MET CA 54 29.13 47.05 -78.37
N VAL CA 55 29.29 48.30 -77.96
CA VAL CA 55 28.88 49.41 -78.82
C VAL CA 55 29.67 49.40 -80.12
N ARG CA 56 30.98 49.16 -80.03
CA ARG CA 56 31.81 49.21 -81.23
C ARG CA 56 31.50 48.07 -82.20
N HIS CA 57 31.29 46.86 -81.68
CA HIS CA 57 30.89 45.76 -82.56
C HIS CA 57 29.50 45.92 -83.14
N LEU CA 58 28.55 46.48 -82.37
CA LEU CA 58 27.23 46.71 -82.95
C LEU CA 58 27.29 47.80 -84.02
N GLY CA 59 28.13 48.80 -83.83
CA GLY CA 59 28.37 49.74 -84.92
C GLY CA 59 28.96 49.07 -86.15
N GLU CA 60 29.90 48.15 -85.93
CA GLU CA 60 30.49 47.43 -87.05
C GLU CA 60 29.47 46.55 -87.77
N ALA CA 61 28.62 45.85 -87.01
CA ALA CA 61 27.58 45.03 -87.63
C ALA CA 61 26.61 45.88 -88.43
N ALA CA 62 26.25 47.06 -87.90
CA ALA CA 62 25.37 47.95 -88.63
C ALA CA 62 26.01 48.40 -89.94
N VAL CA 63 27.28 48.80 -89.91
CA VAL CA 63 27.88 49.28 -91.15
C VAL CA 63 28.11 48.14 -92.13
N ALA CA 64 28.37 46.93 -91.62
CA ALA CA 64 28.44 45.76 -92.50
C ALA CA 64 27.11 45.56 -93.21
N ALA CA 65 26.00 45.63 -92.47
CA ALA CA 65 24.69 45.46 -93.09
C ALA CA 65 24.42 46.56 -94.12
N LEU CA 66 24.79 47.80 -93.82
CA LEU CA 66 24.59 48.87 -94.80
C LEU CA 66 25.50 48.75 -96.02
N GLU CA 67 26.62 48.01 -95.91
CA GLU CA 67 27.54 47.90 -97.04
C GLU CA 67 27.59 46.49 -97.61
N GLY CA 68 26.42 45.90 -97.84
CA GLY CA 68 26.35 44.53 -98.30
C GLY CA 68 26.24 43.58 -97.13
N ARG CA 69 26.66 42.34 -97.37
CA ARG CA 69 26.83 41.32 -96.33
C ARG CA 69 25.54 40.92 -95.63
N ALA CA 70 25.50 39.68 -95.15
CA ALA CA 70 24.44 39.21 -94.27
C ALA CA 70 24.95 38.27 -93.19
N GLU CA 71 26.14 37.70 -93.35
CA GLU CA 71 26.70 36.71 -92.43
C GLU CA 71 27.60 37.35 -91.37
N GLU CA 72 28.37 38.37 -91.76
CA GLU CA 72 29.15 39.11 -90.79
C GLU CA 72 28.27 39.77 -89.74
N ALA CA 73 27.12 40.31 -90.18
CA ALA CA 73 26.18 40.88 -89.24
C ALA CA 73 25.69 39.84 -88.24
N ASP CA 74 25.34 38.65 -88.72
CA ASP CA 74 24.91 37.59 -87.83
C ASP CA 74 26.00 37.22 -86.83
N ARG CA 75 27.24 37.09 -87.32
CA ARG CA 75 28.32 36.69 -86.45
C ARG CA 75 28.60 37.73 -85.38
N LEU CA 76 28.66 39.01 -85.77
CA LEU CA 76 28.93 40.06 -84.80
C LEU CA 76 27.81 40.16 -83.77
N VAL CA 77 26.55 40.04 -84.22
CA VAL CA 77 25.44 40.11 -83.27
C VAL CA 77 25.50 38.94 -82.30
N ARG CA 78 25.90 37.76 -82.78
CA ARG CA 78 26.06 36.61 -81.88
C ARG CA 78 27.20 36.84 -80.88
N ASP CA 79 28.29 37.45 -81.33
CA ASP CA 79 29.39 37.78 -80.43
C ASP CA 79 28.94 38.73 -79.32
N VAL CA 80 28.22 39.80 -79.69
CA VAL CA 80 27.73 40.73 -78.69
C VAL CA 80 26.72 40.05 -77.78
N LEU CA 81 25.93 39.13 -78.32
CA LEU CA 81 25.00 38.38 -77.48
C LEU CA 81 25.75 37.55 -76.44
N GLU CA 82 26.86 36.95 -76.84
CA GLU CA 82 27.69 36.19 -75.89
C GLU CA 82 28.25 37.11 -74.81
N MET CA 83 28.73 38.29 -75.20
CA MET CA 83 29.23 39.24 -74.20
C MET CA 83 28.13 39.63 -73.23
N ALA CA 84 26.92 39.89 -73.74
CA ALA CA 84 25.80 40.19 -72.87
C ALA CA 84 25.51 39.04 -71.92
N ARG CA 85 25.63 37.80 -72.41
CA ARG CA 85 25.42 36.64 -71.56
C ARG CA 85 26.42 36.62 -70.41
N GLU CA 86 27.70 36.86 -70.71
CA GLU CA 86 28.71 36.72 -69.65
C GLU CA 86 28.68 37.89 -68.67
N VAL CA 87 28.48 39.12 -69.17
CA VAL CA 87 28.49 40.28 -68.29
C VAL CA 87 27.34 40.22 -67.28
N GLY CA 88 26.15 39.88 -67.75
CA GLY CA 88 24.96 39.86 -66.92
C GLY CA 88 23.84 40.73 -67.41
N ALA CA 89 24.00 41.42 -68.54
CA ALA CA 89 22.93 42.24 -69.09
C ALA CA 89 21.84 41.33 -69.63
N GLU CA 90 20.67 41.35 -68.99
CA GLU CA 90 19.57 40.48 -69.41
C GLU CA 90 18.73 41.11 -70.51
N GLY CA 91 18.19 42.30 -70.26
CA GLY CA 91 17.38 42.96 -71.26
C GLY CA 91 18.13 43.21 -72.56
N LEU CA 92 19.40 43.58 -72.44
CA LEU CA 92 20.22 43.76 -73.63
C LEU CA 92 20.39 42.45 -74.38
N ALA CA 93 20.57 41.34 -73.66
CA ALA CA 93 20.70 40.04 -74.31
C ALA CA 93 19.44 39.65 -75.06
N ARG CA 94 18.28 39.84 -74.42
CA ARG CA 94 17.02 39.54 -75.11
C ARG CA 94 16.86 40.38 -76.35
N LEU CA 95 17.14 41.69 -76.23
CA LEU CA 95 17.03 42.56 -77.40
C LEU CA 95 17.98 42.10 -78.49
N LEU CA 96 19.16 41.62 -78.12
CA LEU CA 96 20.14 41.20 -79.11
C LEU CA 96 19.70 39.94 -79.84
N GLU CA 97 19.07 38.99 -79.13
CA GLU CA 97 18.50 37.84 -79.81
C GLU CA 97 17.42 38.28 -80.80
N ARG CA 98 16.56 39.20 -80.38
CA ARG CA 98 15.52 39.69 -81.29
C ARG CA 98 16.12 40.36 -82.52
N VAL CA 99 17.17 41.18 -82.31
CA VAL CA 99 17.87 41.76 -83.46
C VAL CA 99 18.41 40.68 -84.36
N HIS CA 100 18.96 39.61 -83.78
CA HIS CA 100 19.52 38.54 -84.60
C HIS CA 100 18.46 37.95 -85.53
N ARG CA 101 17.33 37.54 -84.96
CA ARG CA 101 16.28 36.89 -85.76
C ARG CA 101 15.73 37.85 -86.82
N GLU CA 102 15.31 39.04 -86.41
CA GLU CA 102 14.78 39.99 -87.38
C GLU CA 102 15.81 40.32 -88.45
N ALA CA 103 17.02 40.73 -88.07
CA ALA CA 103 18.03 41.07 -89.06
C ALA CA 103 18.19 39.96 -90.08
N ARG CA 104 18.14 38.70 -89.64
CA ARG CA 104 18.16 37.59 -90.60
C ARG CA 104 16.96 37.66 -91.55
N GLU CA 105 15.76 37.86 -91.01
CA GLU CA 105 14.57 37.87 -91.86
C GLU CA 105 14.63 39.00 -92.90
N LEU CA 106 14.90 40.22 -92.45
CA LEU CA 106 14.90 41.34 -93.39
C LEU CA 106 16.10 41.31 -94.32
N LEU CA 107 17.20 40.68 -93.92
CA LEU CA 107 18.29 40.52 -94.87
C LEU CA 107 17.95 39.48 -95.93
N ARG CA 108 17.18 38.45 -95.56
CA ARG CA 108 16.68 37.52 -96.57
C ARG CA 108 15.72 38.23 -97.53
N GLU CA 109 14.86 39.11 -97.00
CA GLU CA 109 13.93 39.84 -97.84
C GLU CA 109 14.61 40.93 -98.67
N GLY CA 110 15.88 41.23 -98.42
CA GLY CA 110 16.60 42.20 -99.22
C GLY CA 110 16.55 43.63 -98.71
N ARG CA 111 15.79 43.91 -97.66
CA ARG CA 111 15.74 45.24 -97.08
C ARG CA 111 16.90 45.40 -96.12
N ARG CA 112 17.69 46.45 -96.30
CA ARG CA 112 18.92 46.64 -95.54
C ARG CA 112 18.83 47.73 -94.49
N GLU CA 113 18.10 48.81 -94.76
CA GLU CA 113 18.08 49.95 -93.84
C GLU CA 113 17.48 49.56 -92.50
N GLU CA 114 16.41 48.78 -92.50
CA GLU CA 114 15.75 48.44 -91.25
C GLU CA 114 16.57 47.50 -90.38
N ALA CA 115 17.34 46.59 -90.97
CA ALA CA 115 18.21 45.74 -90.17
C ALA CA 115 19.30 46.56 -89.48
N ALA CA 116 19.92 47.49 -90.22
CA ALA CA 116 20.86 48.41 -89.61
C ALA CA 116 20.18 49.28 -88.56
N ALA CA 117 18.90 49.60 -88.75
CA ALA CA 117 18.17 50.38 -87.76
C ALA CA 117 18.01 49.59 -86.47
N LEU CA 118 17.66 48.32 -86.57
CA LEU CA 118 17.58 47.49 -85.36
C LEU CA 118 18.94 47.42 -84.67
N VAL CA 119 20.01 47.25 -85.44
CA VAL CA 119 21.34 47.16 -84.86
C VAL CA 119 21.73 48.46 -84.17
N LEU CA 120 21.44 49.60 -84.80
CA LEU CA 120 21.76 50.89 -84.21
C LEU CA 120 20.98 51.12 -82.92
N ALA CA 121 19.70 50.73 -82.91
CA ALA CA 121 18.95 50.82 -81.66
C ALA CA 121 19.56 49.94 -80.58
N ALA CA 122 20.07 48.77 -80.97
CA ALA CA 122 20.74 47.90 -80.00
C ALA CA 122 22.00 48.55 -79.44
N ALA CA 123 22.79 49.19 -80.30
CA ALA CA 123 23.99 49.88 -79.83
C ALA CA 123 23.63 51.01 -78.88
N LEU CA 124 22.59 51.77 -79.20
CA LEU CA 124 22.15 52.84 -78.32
C LEU CA 124 21.68 52.29 -76.99
N ALA CA 125 20.99 51.15 -77.00
CA ALA CA 125 20.57 50.55 -75.75
C ALA CA 125 21.78 50.17 -74.90
N ALA CA 126 22.83 49.60 -75.52
CA ALA CA 126 24.03 49.22 -74.78
C ALA CA 126 24.74 50.44 -74.19
N GLY CA 127 24.94 51.47 -75.00
CA GLY CA 127 25.57 52.68 -74.50
C GLY CA 127 24.77 53.31 -73.37
N ALA CA 128 23.45 53.40 -73.54
CA ALA CA 128 22.62 54.04 -72.54
C ALA CA 128 22.58 53.25 -71.25
N VAL CA 129 22.54 51.91 -71.33
CA VAL CA 129 22.55 51.12 -70.09
C VAL CA 129 23.89 51.29 -69.38
N ALA CA 130 24.99 51.34 -70.12
CA ALA CA 130 26.28 51.57 -69.48
C ALA CA 130 26.30 52.90 -68.74
N VAL CA 131 25.94 53.98 -69.45
CA VAL CA 131 26.02 55.31 -68.83
C VAL CA 131 25.03 55.42 -67.68
N ALA CA 132 23.85 54.85 -67.81
CA ALA CA 132 22.86 54.94 -66.75
C ALA CA 132 23.32 54.21 -65.49
N GLU CA 133 23.90 53.02 -65.65
CA GLU CA 133 24.42 52.32 -64.48
C GLU CA 133 25.58 53.09 -63.85
N ALA CA 134 26.41 53.72 -64.68
CA ALA CA 134 27.47 54.56 -64.13
C ALA CA 134 26.90 55.70 -63.29
N TYR CA 135 25.90 56.41 -63.83
CA TYR CA 135 25.29 57.52 -63.11
C TYR CA 135 24.66 57.05 -61.81
N VAL CA 136 24.01 55.88 -61.83
CA VAL CA 136 23.35 55.38 -60.63
C VAL CA 136 24.37 54.99 -59.57
N ARG CA 137 25.52 54.41 -59.98
CA ARG CA 137 26.50 53.99 -59.00
C ARG CA 137 27.09 55.17 -58.24
N LEU CA 138 27.42 56.26 -58.93
CA LEU CA 138 28.00 57.42 -58.27
C LEU CA 138 26.94 58.44 -57.84
N GLY CA 139 25.67 58.05 -57.80
CA GLY CA 139 24.63 58.82 -57.15
C GLY CA 139 24.31 60.19 -57.72
N GLN CA 140 24.23 60.32 -59.03
CA GLN CA 140 23.82 61.59 -59.60
C GLN CA 140 22.30 61.68 -59.68
N PRO CA 141 21.75 62.90 -59.70
CA PRO CA 141 20.28 63.04 -59.66
C PRO CA 141 19.62 62.51 -60.92
N ILE CA 142 18.35 62.15 -60.78
CA ILE CA 142 17.59 61.53 -61.85
C ILE CA 142 17.33 62.48 -63.02
N ARG CA 143 17.32 63.79 -62.79
CA ARG CA 143 17.18 64.72 -63.90
C ARG CA 143 18.24 64.47 -64.97
N LEU CA 144 19.47 64.18 -64.55
CA LEU CA 144 20.54 63.97 -65.52
C LEU CA 144 20.32 62.73 -66.36
N ILE CA 145 19.90 61.63 -65.74
CA ILE CA 145 19.60 60.42 -66.51
C ILE CA 145 18.47 60.69 -67.49
N ALA CA 146 17.40 61.34 -67.02
CA ALA CA 146 16.24 61.58 -67.88
C ALA CA 146 16.61 62.46 -69.07
N GLU CA 147 17.33 63.55 -68.82
CA GLU CA 147 17.71 64.44 -69.92
C GLU CA 147 18.66 63.74 -70.88
N TYR CA 148 19.60 62.95 -70.35
CA TYR CA 148 20.52 62.23 -71.20
C TYR CA 148 19.79 61.30 -72.15
N VAL CA 149 18.92 60.45 -71.61
CA VAL CA 149 18.23 59.47 -72.43
C VAL CA 149 17.31 60.16 -73.44
N ALA CA 150 16.59 61.21 -73.01
CA ALA CA 150 15.71 61.89 -73.94
C ALA CA 150 16.48 62.48 -75.12
N GLU CA 151 17.62 63.12 -74.84
CA GLU CA 151 18.39 63.71 -75.93
C GLU CA 151 18.96 62.64 -76.85
N ARG CA 152 19.41 61.51 -76.27
CA ARG CA 152 19.93 60.44 -77.11
C ARG CA 152 18.84 59.87 -78.02
N LEU CA 153 17.64 59.69 -77.49
CA LEU CA 153 16.53 59.20 -78.31
C LEU CA 153 16.22 60.16 -79.44
N VAL CA 154 16.24 61.46 -79.17
CA VAL CA 154 15.98 62.42 -80.23
C VAL CA 154 17.06 62.35 -81.31
N GLU CA 155 18.32 62.23 -80.90
CA GLU CA 155 19.41 62.11 -81.88
C GLU CA 155 19.27 60.87 -82.74
N LEU CA 156 18.94 59.74 -82.11
CA LEU CA 156 18.73 58.50 -82.87
C LEU CA 156 17.56 58.64 -83.82
N ALA CA 157 16.48 59.31 -83.39
CA ALA CA 157 15.34 59.51 -84.27
C ALA CA 157 15.73 60.34 -85.48
N GLU CA 158 16.56 61.36 -85.27
CA GLU CA 158 17.04 62.15 -86.41
C GLU CA 158 17.86 61.28 -87.36
N LEU CA 159 18.73 60.44 -86.81
CA LEU CA 159 19.54 59.56 -87.67
C LEU CA 159 18.67 58.61 -88.47
N LEU CA 160 17.71 57.96 -87.81
CA LEU CA 160 16.85 57.01 -88.51
C LEU CA 160 15.98 57.70 -89.54
N ARG CA 161 15.59 58.95 -89.29
CA ARG CA 161 14.91 59.71 -90.33
C ARG CA 161 15.83 59.97 -91.50
N ARG CA 162 17.11 60.20 -91.24
CA ARG CA 162 18.06 60.40 -92.33
C ARG CA 162 18.22 59.14 -93.17
N LEU CA 163 18.28 57.98 -92.54
CA LEU CA 163 18.44 56.73 -93.28
C LEU CA 163 17.25 56.47 -94.21
N GLY CA 164 16.04 56.51 -93.66
CA GLY CA 164 14.85 56.29 -94.47
C GLY CA 164 13.82 55.35 -93.85
N VAL CA 165 14.05 54.93 -92.61
CA VAL CA 165 13.09 54.05 -91.93
C VAL CA 165 11.77 54.80 -91.75
N PRO CA 166 10.62 54.15 -91.90
CA PRO CA 166 9.35 54.84 -91.67
C PRO CA 166 9.14 55.19 -90.20
N LEU CA 167 8.31 56.21 -89.98
CA LEU CA 167 8.22 56.84 -88.67
C LEU CA 167 7.69 55.88 -87.60
N ARG CA 168 6.69 55.07 -87.94
CA ARG CA 168 6.09 54.18 -86.94
C ARG CA 168 7.12 53.19 -86.43
N ARG CA 169 7.96 52.66 -87.33
CA ARG CA 169 9.05 51.81 -86.91
C ARG CA 169 10.05 52.56 -86.04
N ILE CA 170 10.31 53.82 -86.35
CA ILE CA 170 11.19 54.63 -85.52
C ILE CA 170 10.68 54.66 -84.10
N ILE CA 171 9.39 54.95 -83.93
CA ILE CA 171 8.83 55.08 -82.60
C ILE CA 171 8.85 53.74 -81.88
N ARG CA 172 8.61 52.65 -82.61
CA ARG CA 172 8.67 51.33 -82.00
C ARG CA 172 10.07 51.00 -81.50
N LEU CA 173 11.10 51.31 -82.29
CA LEU CA 173 12.47 51.09 -81.85
C LEU CA 173 12.80 51.93 -80.63
N LEU CA 174 12.37 53.20 -80.62
CA LEU CA 174 12.66 54.07 -79.49
C LEU CA 174 12.01 53.55 -78.22
N GLU CA 175 10.80 53.03 -78.34
CA GLU CA 175 10.14 52.46 -77.16
C GLU CA 175 10.86 51.20 -76.69
N GLU CA 176 11.40 50.40 -77.61
CA GLU CA 176 12.19 49.24 -77.19
C GLU CA 176 13.43 49.67 -76.42
N VAL CA 177 14.12 50.70 -76.91
CA VAL CA 177 15.29 51.21 -76.21
C VAL CA 177 14.91 51.71 -74.82
N LEU CA 178 13.81 52.43 -74.73
CA LEU CA 178 13.35 52.92 -73.43
C LEU CA 178 13.04 51.77 -72.49
N ARG CA 179 12.45 50.70 -73.01
CA ARG CA 179 12.14 49.55 -72.17
C ARG CA 179 13.40 48.92 -71.62
N VAL CA 180 14.43 48.78 -72.46
CA VAL CA 180 15.69 48.22 -71.98
C VAL CA 180 16.31 49.10 -70.90
N VAL CA 181 16.29 50.42 -71.13
CA VAL CA 181 16.87 51.34 -70.14
C VAL CA 181 16.12 51.27 -68.82
N ALA CA 182 14.78 51.19 -68.89
CA ALA CA 182 13.99 51.08 -67.67
C ALA CA 182 14.28 49.79 -66.92
N GLU CA 183 14.43 48.67 -67.65
CA GLU CA 183 14.78 47.41 -67.00
C GLU CA 183 16.15 47.52 -66.32
N ALA CA 184 17.10 48.15 -66.99
CA ALA CA 184 18.42 48.34 -66.41
C ALA CA 184 18.34 49.13 -65.12
N LEU CA 185 17.64 50.27 -65.15
CA LEU CA 185 17.52 51.10 -63.97
C LEU CA 185 16.78 50.36 -62.85
N ARG CA 186 15.87 49.45 -63.21
CA ARG CA 186 15.23 48.63 -62.18
C ARG CA 186 16.23 47.69 -61.54
N ARG CA 187 17.12 47.09 -62.33
CA ARG CA 187 18.10 46.16 -61.77
C ARG CA 187 19.11 46.88 -60.88
N ALA CA 188 19.34 48.17 -61.10
CA ALA CA 188 20.27 48.94 -60.29
C ALA CA 188 19.63 49.49 -59.02
N GLY CA 189 18.38 49.14 -58.74
CA GLY CA 189 17.74 49.55 -57.51
C GLY CA 189 17.06 50.90 -57.54
N VAL CA 190 16.99 51.56 -58.68
CA VAL CA 190 16.31 52.86 -58.74
C VAL CA 190 14.83 52.67 -58.45
N PRO CA 191 14.22 53.48 -57.58
CA PRO CA 191 12.81 53.28 -57.25
C PRO CA 191 11.91 53.50 -58.46
N GLU CA 192 10.78 52.79 -58.46
CA GLU CA 192 9.90 52.78 -59.64
C GLU CA 192 9.40 54.15 -60.06
N PRO CA 193 8.93 55.03 -59.16
CA PRO CA 193 8.45 56.34 -59.61
C PRO CA 193 9.49 57.13 -60.39
N GLU CA 194 10.77 57.01 -60.05
CA GLU CA 194 11.79 57.69 -60.82
C GLU CA 194 11.92 57.11 -62.22
N ILE CA 195 11.74 55.80 -62.36
CA ILE CA 195 11.74 55.18 -63.68
C ILE CA 195 10.58 55.70 -64.52
N ARG CA 196 9.40 55.80 -63.90
CA ARG CA 196 8.26 56.35 -64.62
C ARG CA 196 8.51 57.81 -65.02
N LYS CA 197 9.16 58.58 -64.15
CA LYS CA 197 9.53 59.94 -64.49
C LYS CA 197 10.46 59.98 -65.69
N VAL CA 198 11.43 59.08 -65.72
CA VAL CA 198 12.35 59.01 -66.85
C VAL CA 198 11.58 58.75 -68.14
N GLU CA 199 10.72 57.74 -68.13
CA GLU CA 199 10.00 57.38 -69.35
C GLU CA 199 9.07 58.50 -69.79
N ALA CA 200 8.35 59.11 -68.85
CA ALA CA 200 7.42 60.18 -69.20
C ALA CA 200 8.17 61.38 -69.77
N ALA CA 201 9.34 61.70 -69.21
CA ALA CA 201 10.14 62.78 -69.78
C ALA CA 201 10.56 62.45 -71.20
N ALA CA 202 10.95 61.20 -71.44
CA ALA CA 202 11.33 60.79 -72.80
C ALA CA 202 10.16 60.94 -73.76
N TYR CA 203 8.97 60.53 -73.33
CA TYR CA 203 7.78 60.62 -74.20
C TYR CA 203 7.42 62.06 -74.51
N ILE CA 204 7.48 62.93 -73.51
CA ILE CA 204 7.15 64.34 -73.74
C ILE CA 204 8.18 64.99 -74.66
N ARG CA 205 9.45 64.63 -74.50
CA ARG CA 205 10.47 65.16 -75.41
C ARG CA 205 10.25 64.67 -76.83
N LEU CA 206 9.92 63.39 -77.01
CA LEU CA 206 9.64 62.86 -78.33
C LEU CA 206 8.43 63.54 -78.96
N ALA CA 207 7.36 63.73 -78.18
CA ALA CA 207 6.17 64.39 -78.68
C ALA CA 207 6.48 65.82 -79.12
N ALA CA 208 7.26 66.55 -78.31
CA ALA CA 208 7.64 67.90 -78.68
C ALA CA 208 8.47 67.92 -79.95
N TYR CA 209 9.39 66.97 -80.08
CA TYR CA 209 10.23 66.89 -81.27
C TYR CA 209 9.39 66.63 -82.52
N LEU CA 210 8.41 65.73 -82.42
CA LEU CA 210 7.53 65.48 -83.56
C LEU CA 210 6.69 66.71 -83.89
N LEU CA 211 6.17 67.38 -82.87
CA LEU CA 211 5.28 68.53 -83.11
C LEU CA 211 6.03 69.70 -83.71
N ARG CA 212 7.33 69.83 -83.43
CA ARG CA 212 8.05 71.00 -83.90
C ARG CA 212 8.23 70.99 -85.42
N GLN CA 213 8.36 69.81 -86.03
CA GLN CA 213 8.62 69.74 -87.47
C GLN CA 213 7.45 70.31 -88.27
N LEU CA 214 6.22 70.03 -87.85
CA LEU CA 214 5.04 70.47 -88.56
C LEU CA 214 4.72 71.94 -88.35
N GLY CA 215 5.42 72.61 -87.45
CA GLY CA 215 5.19 74.03 -87.28
C GLY CA 215 4.20 74.36 -86.18
N TYR CA 216 4.27 73.63 -85.07
CA TYR CA 216 3.49 73.94 -83.87
C TYR CA 216 4.49 74.26 -82.78
N GLU CA 217 4.97 75.51 -82.77
CA GLU CA 217 6.02 75.88 -81.84
C GLU CA 217 5.47 76.07 -80.43
N ALA CA 218 4.37 76.82 -80.30
CA ALA CA 218 3.83 77.11 -78.98
C ALA CA 218 3.47 75.82 -78.23
N LEU CA 219 2.91 74.85 -78.95
CA LEU CA 219 2.62 73.55 -78.37
C LEU CA 219 3.88 72.90 -77.81
N ALA CA 220 4.98 72.94 -78.56
CA ALA CA 220 6.23 72.35 -78.10
C ALA CA 220 6.76 73.06 -76.86
N LYS CA 221 6.67 74.40 -76.84
CA LYS CA 221 7.12 75.11 -75.64
C LYS CA 221 6.29 74.74 -74.42
N ARG CA 222 4.98 74.63 -74.58
CA ARG CA 222 4.16 74.26 -73.41
C ARG CA 222 4.47 72.85 -72.94
N LEU CA 223 4.70 71.92 -73.88
CA LEU CA 223 5.04 70.56 -73.49
C LEU CA 223 6.37 70.52 -72.76
N LEU CA 224 7.35 71.30 -73.21
CA LEU CA 224 8.64 71.29 -72.55
C LEU CA 224 8.59 72.00 -71.20
N GLU CA 225 7.72 73.02 -71.05
CA GLU CA 225 7.50 73.60 -69.73
C GLU CA 225 6.93 72.57 -68.76
N ALA CA 226 5.94 71.80 -69.22
CA ALA CA 226 5.40 70.73 -68.38
C ALA CA 226 6.48 69.72 -68.02
N ARG CA 227 7.36 69.40 -68.97
CA ARG CA 227 8.46 68.49 -68.68
C ARG CA 227 9.40 69.05 -67.62
N GLU CA 228 9.72 70.34 -67.72
CA GLU CA 228 10.58 70.97 -66.72
C GLU CA 228 9.93 70.91 -65.34
N LEU CA 229 8.65 71.23 -65.26
CA LEU CA 229 7.97 71.12 -63.97
C LEU CA 229 7.94 69.68 -63.47
N LEU CA 230 7.94 68.71 -64.38
CA LEU CA 230 7.94 67.32 -63.94
C LEU CA 230 9.28 66.91 -63.38
N LEU CA 231 10.38 67.28 -64.05
CA LEU CA 231 11.70 66.85 -63.62
C LEU CA 231 12.11 67.48 -62.29
N GLU CA 232 11.47 68.58 -61.89
CA GLU CA 232 11.78 69.26 -60.64
C GLU CA 232 11.05 68.67 -59.45
N GLY CA 233 10.24 67.65 -59.64
CA GLY CA 233 9.48 67.06 -58.57
C GLY CA 233 8.08 67.60 -58.40
N ARG CA 234 7.77 68.73 -59.04
CA ARG CA 234 6.41 69.28 -59.03
C ARG CA 234 5.56 68.46 -59.99
N VAL CA 235 5.07 67.32 -59.49
CA VAL CA 235 4.29 66.43 -60.33
C VAL CA 235 2.92 67.03 -60.63
N GLU CA 236 2.30 67.68 -59.65
CA GLU CA 236 0.92 68.12 -59.78
C GLU CA 236 0.78 69.25 -60.79
N GLU CA 237 1.66 70.24 -60.73
CA GLU CA 237 1.62 71.31 -61.72
C GLU CA 237 1.96 70.77 -63.10
N ALA CA 238 2.85 69.78 -63.18
CA ALA CA 238 3.15 69.15 -64.46
C ALA CA 238 1.91 68.48 -65.03
N ALA CA 239 1.17 67.74 -64.21
CA ALA CA 239 -0.03 67.09 -64.69
C ALA CA 239 -1.10 68.09 -65.11
N HIS CA 240 -1.25 69.19 -64.36
CA HIS CA 240 -2.27 70.17 -64.73
C HIS CA 240 -1.93 70.87 -66.04
N LEU CA 241 -0.68 71.31 -66.19
CA LEU CA 241 -0.29 71.98 -67.42
C LEU CA 241 -0.31 71.02 -68.60
N LEU CA 242 0.07 69.76 -68.38
CA LEU CA 242 0.01 68.75 -69.43
C LEU CA 242 -1.42 68.50 -69.87
N GLU CA 243 -2.36 68.40 -68.93
CA GLU CA 243 -3.74 68.14 -69.33
C GLU CA 243 -4.33 69.36 -70.05
N ASP CA 244 -3.96 70.57 -69.66
CA ASP CA 244 -4.44 71.73 -70.41
C ASP CA 244 -3.94 71.73 -71.85
N VAL CA 245 -2.63 71.52 -72.03
CA VAL CA 245 -2.11 71.55 -73.40
C VAL CA 245 -2.64 70.37 -74.21
N TYR CA 246 -2.82 69.20 -73.59
CA TYR CA 246 -3.40 68.06 -74.29
C TYR CA 246 -4.83 68.34 -74.69
N ALA CA 247 -5.61 69.01 -73.84
CA ALA CA 247 -6.98 69.33 -74.21
C ALA CA 247 -7.03 70.24 -75.43
N LEU CA 248 -6.19 71.27 -75.45
CA LEU CA 248 -6.17 72.15 -76.62
C LEU CA 248 -5.72 71.41 -77.87
N PHE CA 249 -4.68 70.59 -77.75
CA PHE CA 249 -4.21 69.81 -78.89
C PHE CA 249 -5.27 68.85 -79.40
N HIS CA 250 -5.99 68.19 -78.50
CA HIS CA 250 -6.97 67.20 -78.92
C HIS CA 250 -8.16 67.87 -79.59
N ARG CA 251 -8.55 69.05 -79.12
CA ARG CA 251 -9.57 69.82 -79.84
C ARG CA 251 -9.08 70.15 -81.24
N GLU CA 252 -7.81 70.51 -81.38
CA GLU CA 252 -7.27 70.78 -82.71
C GLU CA 252 -7.29 69.52 -83.59
N ILE CA 253 -7.01 68.36 -82.99
CA ILE CA 253 -7.03 67.10 -83.73
C ILE CA 253 -8.45 66.81 -84.23
N GLU CA 254 -9.44 66.91 -83.34
CA GLU CA 254 -10.82 66.66 -83.73
C GLU CA 254 -11.35 67.71 -84.70
N ARG CA 255 -10.70 68.87 -84.77
CA ARG CA 255 -11.09 69.85 -85.78
C ARG CA 255 -10.91 69.30 -87.18
N LEU CA 256 -9.80 68.61 -87.43
CA LEU CA 256 -9.48 68.12 -88.76
C LEU CA 256 -10.27 66.88 -89.15
N GLY CA 257 -11.07 66.32 -88.26
CA GLY CA 257 -11.97 65.23 -88.63
C GLY CA 257 -11.21 63.97 -89.00
N PHE CA 258 -11.57 63.39 -90.14
CA PHE CA 258 -10.94 62.17 -90.65
C PHE CA 258 -9.81 62.51 -91.62
N GLU CA 259 -8.87 63.33 -91.14
CA GLU CA 259 -7.68 63.70 -91.87
C GLU CA 259 -6.73 64.42 -90.92
N ALA CA 260 -5.47 64.00 -90.92
CA ALA CA 260 -4.42 64.63 -90.15
C ALA CA 260 -3.08 64.01 -90.50
N PRO CA 261 -1.99 64.79 -90.54
CA PRO CA 261 -0.68 64.20 -90.81
C PRO CA 261 -0.33 63.14 -89.78
N GLU CA 262 0.41 62.12 -90.23
CA GLU CA 262 0.67 60.98 -89.36
C GLU CA 262 1.41 61.35 -88.09
N GLU CA 263 2.22 62.41 -88.12
CA GLU CA 263 2.94 62.79 -86.92
C GLU CA 263 2.00 63.30 -85.84
N LEU CA 264 0.90 63.97 -86.22
CA LEU CA 264 -0.13 64.29 -85.23
C LEU CA 264 -0.69 63.02 -84.61
N ARG CA 265 -0.97 62.02 -85.43
CA ARG CA 265 -1.55 60.78 -84.93
C ARG CA 265 -0.61 60.07 -83.97
N VAL CA 266 0.69 60.05 -84.28
CA VAL CA 266 1.65 59.40 -83.39
C VAL CA 266 1.84 60.22 -82.10
N ALA CA 267 1.91 61.54 -82.24
CA ALA CA 267 2.06 62.39 -81.06
C ALA CA 267 0.88 62.25 -80.12
N ASP CA 268 -0.31 61.99 -80.66
CA ASP CA 268 -1.48 61.79 -79.81
C ASP CA 268 -1.27 60.60 -78.88
N LEU CA 269 -0.77 59.49 -79.42
CA LEU CA 269 -0.54 58.31 -78.58
C LEU CA 269 0.62 58.54 -77.63
N LEU CA 270 1.65 59.25 -78.08
CA LEU CA 270 2.78 59.56 -77.19
C LEU CA 270 2.33 60.39 -76.00
N LEU CA 271 1.51 61.41 -76.26
CA LEU CA 271 1.01 62.27 -75.19
C LEU CA 271 0.08 61.50 -74.26
N ALA CA 272 -0.76 60.62 -74.80
CA ALA CA 272 -1.60 59.81 -73.94
C ALA CA 272 -0.78 58.94 -73.01
N ARG CA 273 0.28 58.31 -73.53
CA ARG CA 273 1.11 57.47 -72.69
C ARG CA 273 1.86 58.29 -71.64
N ALA CA 274 2.33 59.48 -72.03
CA ALA CA 274 3.00 60.35 -71.07
C ALA CA 274 2.07 60.72 -69.93
N ILE CA 275 0.83 61.07 -70.25
CA ILE CA 275 -0.14 61.42 -69.22
C ILE CA 275 -0.42 60.23 -68.32
N ALA CA 276 -0.57 59.04 -68.90
CA ALA CA 276 -0.82 57.85 -68.10
C ALA CA 276 0.33 57.59 -67.14
N LEU CA 277 1.56 57.70 -67.63
CA LEU CA 277 2.72 57.46 -66.76
C LEU CA 277 2.79 58.48 -65.64
N ILE CA 278 2.57 59.76 -65.95
CA ILE CA 278 2.63 60.80 -64.93
C ILE CA 278 1.56 60.55 -63.87
N LYS CA 279 0.35 60.19 -64.30
CA LYS CA 279 -0.72 59.90 -63.34
C LYS CA 279 -0.39 58.68 -62.50
N ALA CA 280 0.36 57.73 -63.05
CA ALA CA 280 0.70 56.53 -62.29
C ALA CA 280 1.90 56.71 -61.36
N ILE CA 281 2.59 57.84 -61.42
CA ILE CA 281 3.72 58.10 -60.52
C ILE CA 281 3.26 58.03 -59.07
N THR DA 24 -28.11 29.53 -109.40
CA THR DA 24 -26.70 29.41 -109.04
C THR DA 24 -26.54 29.43 -107.52
N VAL DA 25 -27.61 29.82 -106.83
CA VAL DA 25 -27.54 30.00 -105.38
C VAL DA 25 -27.23 28.67 -104.68
N VAL DA 26 -27.91 27.60 -105.10
CA VAL DA 26 -27.64 26.29 -104.51
C VAL DA 26 -26.24 25.83 -104.88
N GLU DA 27 -25.78 26.14 -106.08
CA GLU DA 27 -24.40 25.85 -106.44
C GLU DA 27 -23.43 26.64 -105.56
N GLU DA 28 -23.78 27.89 -105.23
CA GLU DA 28 -22.93 28.67 -104.34
C GLU DA 28 -22.88 28.05 -102.95
N VAL DA 29 -24.01 27.56 -102.45
CA VAL DA 29 -24.02 26.91 -101.15
C VAL DA 29 -23.17 25.63 -101.18
N ARG DA 30 -23.31 24.84 -102.24
CA ARG DA 30 -22.50 23.64 -102.36
C ARG DA 30 -21.02 23.98 -102.41
N ARG DA 31 -20.65 24.96 -103.22
CA ARG DA 31 -19.24 25.36 -103.34
C ARG DA 31 -18.70 25.86 -102.01
N PHE DA 32 -19.48 26.66 -101.29
CA PHE DA 32 -19.08 27.15 -99.99
C PHE DA 32 -18.81 26.00 -99.02
N ALA DA 33 -19.75 25.04 -98.95
CA ALA DA 33 -19.60 23.94 -98.02
C ALA DA 33 -18.39 23.07 -98.38
N GLU DA 34 -18.23 22.73 -99.66
CA GLU DA 34 -17.10 21.89 -100.05
C GLU DA 34 -15.77 22.59 -99.83
N GLU DA 35 -15.69 23.90 -100.14
CA GLU DA 35 -14.44 24.61 -99.90
C GLU DA 35 -14.10 24.64 -98.41
N LEU DA 36 -15.09 24.89 -97.56
CA LEU DA 36 -14.83 24.88 -96.12
C LEU DA 36 -14.37 23.50 -95.66
N ALA DA 37 -14.99 22.43 -96.18
CA ALA DA 37 -14.60 21.08 -95.78
C ALA DA 37 -13.19 20.73 -96.25
N GLU DA 38 -12.84 21.15 -97.47
CA GLU DA 38 -11.49 20.92 -97.97
C GLU DA 38 -10.47 21.67 -97.13
N GLU DA 39 -10.78 22.91 -96.74
CA GLU DA 39 -9.85 23.65 -95.88
C GLU DA 39 -9.72 23.00 -94.52
N VAL DA 40 -10.82 22.46 -93.99
CA VAL DA 40 -10.76 21.77 -92.71
C VAL DA 40 -9.82 20.57 -92.81
N LEU DA 41 -9.94 19.81 -93.91
CA LEU DA 41 -9.08 18.64 -94.09
C LEU DA 41 -7.62 19.04 -94.31
N ARG DA 42 -7.38 20.11 -95.05
CA ARG DA 42 -6.01 20.55 -95.28
C ARG DA 42 -5.35 20.99 -93.98
N VAL DA 43 -6.05 21.79 -93.18
CA VAL DA 43 -5.44 22.30 -91.95
C VAL DA 43 -5.30 21.18 -90.92
N GLY DA 44 -6.34 20.37 -90.73
CA GLY DA 44 -6.35 19.36 -89.70
C GLY DA 44 -6.02 17.96 -90.15
N GLY DA 45 -5.88 17.73 -91.45
CA GLY DA 45 -5.51 16.41 -91.90
C GLY DA 45 -6.61 15.38 -91.69
N GLU DA 46 -6.16 14.14 -91.48
CA GLU DA 46 -7.06 13.04 -91.18
C GLU DA 46 -7.40 12.96 -89.71
N ALA DA 47 -6.84 13.83 -88.87
CA ALA DA 47 -7.17 13.81 -87.46
C ALA DA 47 -8.64 14.11 -87.22
N MET DA 48 -9.18 15.10 -87.93
CA MET DA 48 -10.59 15.47 -87.87
C MET DA 48 -11.19 15.30 -89.26
N ARG DA 49 -11.61 14.07 -89.56
CA ARG DA 49 -12.45 13.72 -90.70
C ARG DA 49 -13.93 13.94 -90.39
N PRO DA 50 -14.41 13.67 -89.17
CA PRO DA 50 -15.83 13.93 -88.87
C PRO DA 50 -16.30 15.33 -89.23
N TYR DA 51 -15.48 16.36 -88.98
CA TYR DA 51 -15.92 17.73 -89.21
C TYR DA 51 -16.13 18.00 -90.70
N ALA DA 52 -15.32 17.39 -91.55
CA ALA DA 52 -15.56 17.52 -92.98
C ALA DA 52 -16.89 16.90 -93.37
N GLU DA 53 -17.24 15.77 -92.75
CA GLU DA 53 -18.53 15.15 -93.03
C GLU DA 53 -19.68 16.03 -92.54
N MET DA 54 -19.54 16.61 -91.35
CA MET DA 54 -20.59 17.52 -90.86
C MET DA 54 -20.76 18.71 -91.79
N VAL DA 55 -19.66 19.31 -92.24
CA VAL DA 55 -19.76 20.44 -93.14
C VAL DA 55 -20.45 20.04 -94.44
N ARG DA 56 -20.08 18.87 -94.98
CA ARG DA 56 -20.64 18.47 -96.27
C ARG DA 56 -22.12 18.12 -96.15
N HIS DA 57 -22.52 17.43 -95.07
CA HIS DA 57 -23.93 17.14 -94.88
C HIS DA 57 -24.75 18.39 -94.57
N LEU DA 58 -24.19 19.37 -93.85
CA LEU DA 58 -24.92 20.59 -93.59
C LEU DA 58 -25.08 21.41 -94.88
N GLY DA 59 -24.06 21.42 -95.73
CA GLY DA 59 -24.24 21.99 -97.05
C GLY DA 59 -25.33 21.27 -97.85
N GLU DA 60 -25.38 19.95 -97.72
CA GLU DA 60 -26.41 19.18 -98.43
C GLU DA 60 -27.81 19.48 -97.91
N ALA DA 61 -27.96 19.58 -96.59
CA ALA DA 61 -29.26 19.93 -96.02
C ALA DA 61 -29.69 21.33 -96.44
N ALA DA 62 -28.74 22.26 -96.48
CA ALA DA 62 -29.07 23.62 -96.92
C ALA DA 62 -29.54 23.63 -98.37
N VAL DA 63 -28.83 22.92 -99.26
CA VAL DA 63 -29.25 22.95 -100.66
C VAL DA 63 -30.56 22.18 -100.83
N ALA DA 64 -30.80 21.15 -100.03
CA ALA DA 64 -32.09 20.49 -100.04
C ALA DA 64 -33.20 21.47 -99.69
N ALA DA 65 -33.00 22.25 -98.63
CA ALA DA 65 -34.00 23.23 -98.22
C ALA DA 65 -34.23 24.28 -99.31
N LEU DA 66 -33.16 24.74 -99.94
CA LEU DA 66 -33.31 25.73 -101.01
C LEU DA 66 -33.96 25.14 -102.25
N GLU DA 67 -33.92 23.81 -102.43
CA GLU DA 67 -34.50 23.19 -103.61
C GLU DA 67 -35.74 22.36 -103.28
N GLY DA 68 -36.62 22.91 -102.45
CA GLY DA 68 -37.79 22.18 -102.02
C GLY DA 68 -37.54 21.48 -100.70
N ARG DA 69 -38.31 20.43 -100.46
CA ARG DA 69 -38.09 19.50 -99.35
C ARG DA 69 -38.26 20.13 -97.97
N ALA DA 70 -38.64 19.32 -97.00
CA ALA DA 70 -38.61 19.70 -95.60
C ALA DA 70 -38.23 18.57 -94.66
N GLU DA 71 -38.20 17.33 -95.15
CA GLU DA 71 -37.92 16.15 -94.34
C GLU DA 71 -36.47 15.69 -94.49
N GLU DA 72 -35.91 15.82 -95.70
CA GLU DA 72 -34.50 15.51 -95.89
C GLU DA 72 -33.62 16.43 -95.07
N ALA DA 73 -33.98 17.72 -95.01
CA ALA DA 73 -33.24 18.66 -94.18
C ALA DA 73 -33.29 18.23 -92.72
N ASP DA 74 -34.47 17.82 -92.25
CA ASP DA 74 -34.61 17.34 -90.88
C ASP DA 74 -33.72 16.14 -90.62
N ARG DA 75 -33.73 15.18 -91.55
CA ARG DA 75 -32.95 13.96 -91.35
C ARG DA 75 -31.46 14.25 -91.34
N LEU DA 76 -30.98 15.06 -92.28
CA LEU DA 76 -29.56 15.38 -92.33
C LEU DA 76 -29.12 16.16 -91.10
N VAL DA 77 -29.96 17.08 -90.63
CA VAL DA 77 -29.60 17.84 -89.43
C VAL DA 77 -29.56 16.93 -88.21
N ARG DA 78 -30.48 15.96 -88.14
CA ARG DA 78 -30.44 15.00 -87.03
C ARG DA 78 -29.20 14.12 -87.09
N ASP DA 79 -28.81 13.70 -88.29
CA ASP DA 79 -27.59 12.92 -88.44
C ASP DA 79 -26.36 13.71 -88.01
N VAL DA 80 -26.28 14.98 -88.43
CA VAL DA 80 -25.15 15.82 -88.04
C VAL DA 80 -25.17 16.06 -86.53
N LEU DA 81 -26.36 16.16 -85.95
CA LEU DA 81 -26.46 16.27 -84.50
C LEU DA 81 -25.90 15.04 -83.83
N GLU DA 82 -26.18 13.86 -84.39
CA GLU DA 82 -25.62 12.63 -83.84
C GLU DA 82 -24.10 12.62 -83.92
N MET DA 83 -23.54 13.06 -85.06
CA MET DA 83 -22.09 13.13 -85.17
C MET DA 83 -21.51 14.08 -84.13
N ALA DA 84 -22.14 15.24 -83.97
CA ALA DA 84 -21.67 16.19 -82.98
C ALA DA 84 -21.73 15.60 -81.58
N ARG DA 85 -22.76 14.81 -81.29
CA ARG DA 85 -22.87 14.15 -80.00
C ARG DA 85 -21.71 13.18 -79.78
N GLU DA 86 -21.40 12.37 -80.79
CA GLU DA 86 -20.38 11.35 -80.58
C GLU DA 86 -18.96 11.95 -80.53
N VAL DA 87 -18.68 12.95 -81.37
CA VAL DA 87 -17.35 13.54 -81.39
C VAL DA 87 -17.03 14.20 -80.06
N GLY DA 88 -18.00 14.93 -79.51
CA GLY DA 88 -17.80 15.68 -78.27
C GLY DA 88 -18.06 17.16 -78.40
N ALA DA 89 -18.47 17.65 -79.57
CA ALA DA 89 -18.77 19.07 -79.75
C ALA DA 89 -20.06 19.40 -79.02
N GLU DA 90 -19.95 20.22 -77.98
CA GLU DA 90 -21.13 20.58 -77.18
C GLU DA 90 -21.85 21.78 -77.79
N GLY DA 91 -21.16 22.91 -77.94
CA GLY DA 91 -21.79 24.09 -78.50
C GLY DA 91 -22.32 23.86 -79.90
N LEU DA 92 -21.59 23.08 -80.70
CA LEU DA 92 -22.07 22.74 -82.02
C LEU DA 92 -23.35 21.92 -81.94
N ALA DA 93 -23.42 20.99 -80.99
CA ALA DA 93 -24.63 20.18 -80.84
C ALA DA 93 -25.83 21.04 -80.44
N ARG DA 94 -25.64 21.97 -79.49
CA ARG DA 94 -26.72 22.84 -79.09
C ARG DA 94 -27.20 23.69 -80.26
N LEU DA 95 -26.27 24.29 -80.99
CA LEU DA 95 -26.64 25.08 -82.15
C LEU DA 95 -27.37 24.22 -83.16
N LEU DA 96 -27.00 22.96 -83.31
CA LEU DA 96 -27.66 22.10 -84.29
C LEU DA 96 -29.09 21.77 -83.88
N GLU DA 97 -29.33 21.56 -82.58
CA GLU DA 97 -30.70 21.37 -82.12
C GLU DA 97 -31.55 22.60 -82.40
N ARG DA 98 -31.00 23.79 -82.11
CA ARG DA 98 -31.73 25.02 -82.39
C ARG DA 98 -32.01 25.17 -83.89
N VAL DA 99 -31.02 24.85 -84.72
CA VAL DA 99 -31.22 24.87 -86.17
C VAL DA 99 -32.34 23.93 -86.54
N HIS DA 100 -32.40 22.76 -85.91
CA HIS DA 100 -33.43 21.78 -86.23
C HIS DA 100 -34.83 22.34 -85.96
N ARG DA 101 -35.04 22.86 -84.74
CA ARG DA 101 -36.38 23.33 -84.38
C ARG DA 101 -36.81 24.51 -85.25
N GLU DA 102 -35.94 25.53 -85.36
CA GLU DA 102 -36.30 26.69 -86.19
C GLU DA 102 -36.44 26.31 -87.67
N ALA DA 103 -35.66 25.35 -88.15
CA ALA DA 103 -35.84 24.90 -89.53
C ALA DA 103 -37.22 24.32 -89.71
N ARG DA 104 -37.68 23.50 -88.76
CA ARG DA 104 -39.03 22.96 -88.84
C ARG DA 104 -40.08 24.07 -88.86
N GLU DA 105 -39.96 25.02 -87.94
CA GLU DA 105 -40.96 26.09 -87.85
C GLU DA 105 -41.02 26.90 -89.15
N LEU DA 106 -39.85 27.35 -89.62
CA LEU DA 106 -39.83 28.21 -90.80
C LEU DA 106 -40.23 27.45 -92.06
N LEU DA 107 -39.92 26.15 -92.13
CA LEU DA 107 -40.34 25.39 -93.29
C LEU DA 107 -41.84 25.14 -93.26
N ARG DA 108 -42.43 25.01 -92.07
CA ARG DA 108 -43.89 24.95 -91.98
C ARG DA 108 -44.52 26.26 -92.43
N GLU DA 109 -43.91 27.39 -92.04
CA GLU DA 109 -44.42 28.69 -92.47
C GLU DA 109 -44.18 28.96 -93.95
N GLY DA 110 -43.40 28.13 -94.63
CA GLY DA 110 -43.18 28.29 -96.05
C GLY DA 110 -42.00 29.15 -96.44
N ARG DA 111 -41.30 29.74 -95.48
CA ARG DA 111 -40.13 30.56 -95.78
C ARG DA 111 -38.91 29.65 -95.89
N ARG DA 112 -38.19 29.74 -97.02
CA ARG DA 112 -37.11 28.82 -97.31
C ARG DA 112 -35.73 29.42 -97.13
N GLU DA 113 -35.55 30.71 -97.47
CA GLU DA 113 -34.21 31.29 -97.44
C GLU DA 113 -33.63 31.29 -96.04
N GLU DA 114 -34.44 31.63 -95.04
CA GLU DA 114 -33.90 31.76 -93.69
C GLU DA 114 -33.56 30.42 -93.07
N ALA DA 115 -34.28 29.35 -93.42
CA ALA DA 115 -33.91 28.02 -92.94
C ALA DA 115 -32.56 27.59 -93.49
N ALA DA 116 -32.35 27.77 -94.80
CA ALA DA 116 -31.04 27.52 -95.37
C ALA DA 116 -29.99 28.43 -94.76
N ALA DA 117 -30.37 29.64 -94.36
CA ALA DA 117 -29.44 30.55 -93.71
C ALA DA 117 -28.99 30.00 -92.37
N LEU DA 118 -29.92 29.50 -91.57
CA LEU DA 118 -29.55 28.88 -90.31
C LEU DA 118 -28.63 27.68 -90.53
N VAL DA 119 -28.94 26.87 -91.54
CA VAL DA 119 -28.12 25.70 -91.83
C VAL DA 119 -26.72 26.12 -92.25
N LEU DA 120 -26.61 27.15 -93.11
CA LEU DA 120 -25.30 27.62 -93.54
C LEU DA 120 -24.48 28.16 -92.37
N ALA DA 121 -25.13 28.90 -91.48
CA ALA DA 121 -24.43 29.37 -90.29
C ALA DA 121 -23.93 28.21 -89.45
N ALA DA 122 -24.73 27.15 -89.33
CA ALA DA 122 -24.28 25.99 -88.56
C ALA DA 122 -23.09 25.29 -89.22
N ALA DA 123 -23.12 25.18 -90.55
CA ALA DA 123 -22.01 24.57 -91.27
C ALA DA 123 -20.74 25.39 -91.08
N LEU DA 124 -20.85 26.71 -91.17
CA LEU DA 124 -19.69 27.57 -90.94
C LEU DA 124 -19.19 27.43 -89.52
N ALA DA 125 -20.09 27.31 -88.55
CA ALA DA 125 -19.65 27.12 -87.18
C ALA DA 125 -18.87 25.84 -87.03
N ALA DA 126 -19.34 24.75 -87.66
CA ALA DA 126 -18.65 23.47 -87.57
C ALA DA 126 -17.25 23.55 -88.19
N GLY DA 127 -17.17 24.05 -89.42
CA GLY DA 127 -15.87 24.15 -90.08
C GLY DA 127 -14.91 25.05 -89.35
N ALA DA 128 -15.38 26.23 -88.93
CA ALA DA 128 -14.52 27.17 -88.24
C ALA DA 128 -14.06 26.62 -86.90
N VAL DA 129 -14.94 25.88 -86.20
CA VAL DA 129 -14.54 25.24 -84.95
C VAL DA 129 -13.43 24.24 -85.20
N ALA DA 130 -13.57 23.42 -86.25
CA ALA DA 130 -12.52 22.45 -86.56
C ALA DA 130 -11.19 23.14 -86.84
N VAL DA 131 -11.20 24.16 -87.69
CA VAL DA 131 -9.96 24.85 -88.03
C VAL DA 131 -9.36 25.54 -86.81
N ALA DA 132 -10.21 26.09 -85.94
CA ALA DA 132 -9.71 26.76 -84.75
C ALA DA 132 -9.01 25.79 -83.82
N GLU DA 133 -9.59 24.60 -83.58
CA GLU DA 133 -8.90 23.64 -82.72
C GLU DA 133 -7.64 23.11 -83.40
N ALA DA 134 -7.65 23.00 -84.73
CA ALA DA 134 -6.44 22.59 -85.43
C ALA DA 134 -5.32 23.59 -85.22
N TYR DA 135 -5.61 24.88 -85.33
CA TYR DA 135 -4.60 25.91 -85.10
C TYR DA 135 -4.12 25.87 -83.66
N VAL DA 136 -5.04 25.73 -82.70
CA VAL DA 136 -4.65 25.74 -81.29
C VAL DA 136 -3.78 24.54 -80.96
N ARG DA 137 -4.05 23.38 -81.58
CA ARG DA 137 -3.28 22.18 -81.26
C ARG DA 137 -1.81 22.36 -81.63
N LEU DA 138 -1.54 22.88 -82.82
CA LEU DA 138 -0.17 23.08 -83.27
C LEU DA 138 0.38 24.46 -82.91
N GLY DA 139 -0.29 25.19 -82.01
CA GLY DA 139 0.27 26.37 -81.40
C GLY DA 139 0.57 27.57 -82.30
N GLN DA 140 -0.31 27.87 -83.23
CA GLN DA 140 -0.15 29.07 -84.03
C GLN DA 140 -0.67 30.29 -83.29
N PRO DA 141 -0.19 31.50 -83.64
CA PRO DA 141 -0.57 32.69 -82.87
C PRO DA 141 -2.03 33.06 -83.07
N ILE DA 142 -2.53 33.87 -82.14
CA ILE DA 142 -3.94 34.23 -82.11
C ILE DA 142 -4.33 35.19 -83.23
N ARG DA 143 -3.38 35.96 -83.76
CA ARG DA 143 -3.69 36.81 -84.90
C ARG DA 143 -4.28 36.00 -86.05
N LEU DA 144 -3.75 34.80 -86.28
CA LEU DA 144 -4.24 33.98 -87.38
C LEU DA 144 -5.68 33.54 -87.15
N ILE DA 145 -6.00 33.08 -85.94
CA ILE DA 145 -7.37 32.68 -85.64
C ILE DA 145 -8.32 33.85 -85.81
N ALA DA 146 -7.94 35.02 -85.28
CA ALA DA 146 -8.82 36.17 -85.35
C ALA DA 146 -9.07 36.60 -86.80
N GLU DA 147 -8.01 36.69 -87.59
CA GLU DA 147 -8.16 37.12 -88.98
C GLU DA 147 -8.94 36.09 -89.78
N TYR DA 148 -8.68 34.80 -89.55
CA TYR DA 148 -9.40 33.75 -90.26
C TYR DA 148 -10.90 33.84 -89.97
N VAL DA 149 -11.27 33.87 -88.69
CA VAL DA 149 -12.68 33.89 -88.32
C VAL DA 149 -13.36 35.14 -88.85
N ALA DA 150 -12.72 36.30 -88.72
CA ALA DA 150 -13.34 37.53 -89.20
C ALA DA 150 -13.57 37.49 -90.69
N GLU DA 151 -12.61 36.98 -91.46
CA GLU DA 151 -12.80 36.94 -92.91
C GLU DA 151 -13.89 35.95 -93.29
N ARG DA 152 -13.97 34.82 -92.60
CA ARG DA 152 -15.04 33.87 -92.88
C ARG DA 152 -16.40 34.49 -92.59
N LEU DA 153 -16.51 35.22 -91.48
CA LEU DA 153 -17.78 35.88 -91.15
C LEU DA 153 -18.16 36.89 -92.22
N VAL DA 154 -17.19 37.65 -92.72
CA VAL DA 154 -17.52 38.64 -93.75
C VAL DA 154 -17.99 37.94 -95.03
N GLU DA 155 -17.33 36.83 -95.41
CA GLU DA 155 -17.75 36.09 -96.60
C GLU DA 155 -19.16 35.53 -96.44
N LEU DA 156 -19.46 34.97 -95.27
CA LEU DA 156 -20.81 34.46 -95.02
C LEU DA 156 -21.83 35.58 -95.05
N ALA DA 157 -21.48 36.75 -94.51
CA ALA DA 157 -22.40 37.88 -94.55
C ALA DA 157 -22.68 38.30 -95.98
N GLU DA 158 -21.67 38.27 -96.83
CA GLU DA 158 -21.89 38.59 -98.24
C GLU DA 158 -22.82 37.55 -98.89
N LEU DA 159 -22.62 36.28 -98.57
CA LEU DA 159 -23.49 35.24 -99.13
C LEU DA 159 -24.93 35.43 -98.67
N LEU DA 160 -25.13 35.65 -97.37
CA LEU DA 160 -26.48 35.83 -96.85
C LEU DA 160 -27.13 37.08 -97.40
N ARG DA 161 -26.35 38.13 -97.67
CA ARG DA 161 -26.90 39.28 -98.38
C ARG DA 161 -27.35 38.89 -99.78
N ARG DA 162 -26.58 38.03 -100.45
CA ARG DA 162 -26.97 37.60 -101.79
C ARG DA 162 -28.27 36.81 -101.76
N LEU DA 163 -28.45 35.94 -100.76
CA LEU DA 163 -29.67 35.15 -100.68
C LEU DA 163 -30.90 36.02 -100.49
N GLY DA 164 -30.87 36.91 -99.49
CA GLY DA 164 -32.00 37.80 -99.27
C GLY DA 164 -32.45 37.93 -97.82
N VAL DA 165 -31.72 37.31 -96.90
CA VAL DA 165 -32.09 37.41 -95.48
C VAL DA 165 -31.96 38.85 -95.02
N PRO DA 166 -32.85 39.35 -94.17
CA PRO DA 166 -32.70 40.71 -93.65
C PRO DA 166 -31.47 40.84 -92.76
N LEU DA 167 -30.94 42.08 -92.72
CA LEU DA 167 -29.60 42.31 -92.18
C LEU DA 167 -29.52 41.97 -90.70
N ARG DA 168 -30.54 42.30 -89.92
CA ARG DA 168 -30.48 42.04 -88.49
C ARG DA 168 -30.39 40.56 -88.20
N ARG DA 169 -31.10 39.74 -88.99
CA ARG DA 169 -30.96 38.29 -88.86
C ARG DA 169 -29.54 37.86 -89.21
N ILE DA 170 -28.94 38.48 -90.23
CA ILE DA 170 -27.55 38.18 -90.57
C ILE DA 170 -26.66 38.40 -89.37
N ILE DA 171 -26.82 39.55 -88.71
CA ILE DA 171 -25.95 39.87 -87.57
C ILE DA 171 -26.20 38.89 -86.42
N ARG DA 172 -27.46 38.49 -86.23
CA ARG DA 172 -27.75 37.53 -85.17
C ARG DA 172 -27.10 36.18 -85.44
N LEU DA 173 -27.16 35.71 -86.69
CA LEU DA 173 -26.51 34.44 -87.03
C LEU DA 173 -25.00 34.53 -86.86
N LEU DA 174 -24.41 35.66 -87.27
CA LEU DA 174 -22.97 35.83 -87.13
C LEU DA 174 -22.55 35.82 -85.67
N GLU DA 175 -23.37 36.44 -84.81
CA GLU DA 175 -23.06 36.39 -83.38
C GLU DA 175 -23.19 34.97 -82.83
N GLU DA 176 -24.15 34.19 -83.34
CA GLU DA 176 -24.24 32.80 -82.92
C GLU DA 176 -22.99 32.01 -83.32
N VAL DA 177 -22.52 32.22 -84.55
CA VAL DA 177 -21.30 31.55 -85.00
C VAL DA 177 -20.13 31.94 -84.11
N LEU DA 178 -20.00 33.23 -83.80
CA LEU DA 178 -18.92 33.68 -82.95
C LEU DA 178 -19.02 33.07 -81.56
N ARG DA 179 -20.24 32.91 -81.05
CA ARG DA 179 -20.40 32.29 -79.73
C ARG DA 179 -19.93 30.85 -79.74
N VAL DA 180 -20.28 30.10 -80.79
CA VAL DA 180 -19.83 28.72 -80.89
C VAL DA 180 -18.32 28.65 -80.97
N VAL DA 181 -17.71 29.52 -81.78
CA VAL DA 181 -16.26 29.53 -81.94
C VAL DA 181 -15.58 29.86 -80.63
N ALA DA 182 -16.11 30.84 -79.89
CA ALA DA 182 -15.53 31.19 -78.60
C ALA DA 182 -15.63 30.03 -77.61
N GLU DA 183 -16.77 29.32 -77.61
CA GLU DA 183 -16.89 28.16 -76.74
C GLU DA 183 -15.87 27.09 -77.11
N ALA DA 184 -15.68 26.86 -78.41
CA ALA DA 184 -14.70 25.87 -78.84
C ALA DA 184 -13.30 26.25 -78.38
N LEU DA 185 -12.93 27.51 -78.55
CA LEU DA 185 -11.61 27.97 -78.11
C LEU DA 185 -11.47 27.87 -76.59
N ARG DA 186 -12.55 28.10 -75.85
CA ARG DA 186 -12.49 27.94 -74.40
C ARG DA 186 -12.24 26.49 -74.02
N ARG DA 187 -12.90 25.55 -74.70
CA ARG DA 187 -12.69 24.13 -74.39
C ARG DA 187 -11.28 23.68 -74.74
N ALA DA 188 -10.62 24.36 -75.67
CA ALA DA 188 -9.26 24.03 -76.06
C ALA DA 188 -8.21 24.64 -75.13
N GLY DA 189 -8.62 25.34 -74.09
CA GLY DA 189 -7.69 25.91 -73.13
C GLY DA 189 -7.14 27.27 -73.48
N VAL DA 190 -7.63 27.91 -74.54
CA VAL DA 190 -7.15 29.24 -74.88
C VAL DA 190 -7.52 30.22 -73.78
N PRO DA 191 -6.61 31.06 -73.31
CA PRO DA 191 -6.95 31.98 -72.21
C PRO DA 191 -8.04 32.96 -72.63
N GLU DA 192 -8.84 33.39 -71.64
CA GLU DA 192 -9.99 34.23 -71.91
C GLU DA 192 -9.64 35.54 -72.64
N PRO DA 193 -8.59 36.29 -72.25
CA PRO DA 193 -8.30 37.53 -72.99
C PRO DA 193 -8.09 37.33 -74.48
N GLU DA 194 -7.51 36.21 -74.90
CA GLU DA 194 -7.35 35.97 -76.33
C GLU DA 194 -8.70 35.71 -77.00
N ILE DA 195 -9.63 35.06 -76.30
CA ILE DA 195 -10.98 34.89 -76.83
C ILE DA 195 -11.65 36.23 -77.01
N ARG DA 196 -11.51 37.12 -76.03
CA ARG DA 196 -12.09 38.46 -76.15
C ARG DA 196 -11.44 39.22 -77.29
N LYS DA 197 -10.13 39.06 -77.48
CA LYS DA 197 -9.45 39.70 -78.60
C LYS DA 197 -10.02 39.20 -79.93
N VAL DA 198 -10.26 37.91 -80.03
CA VAL DA 198 -10.83 37.33 -81.24
C VAL DA 198 -12.20 37.97 -81.53
N GLU DA 199 -13.06 37.99 -80.51
CA GLU DA 199 -14.41 38.51 -80.71
C GLU DA 199 -14.39 39.99 -81.05
N ALA DA 200 -13.57 40.79 -80.35
CA ALA DA 200 -13.50 42.21 -80.62
C ALA DA 200 -13.00 42.49 -82.03
N ALA DA 201 -12.00 41.72 -82.49
CA ALA DA 201 -11.55 41.87 -83.85
C ALA DA 201 -12.66 41.55 -84.84
N ALA DA 202 -13.44 40.50 -84.56
CA ALA DA 202 -14.54 40.14 -85.45
C ALA DA 202 -15.58 41.25 -85.52
N TYR DA 203 -15.92 41.84 -84.37
CA TYR DA 203 -16.92 42.91 -84.34
C TYR DA 203 -16.43 44.14 -85.07
N ILE DA 204 -15.16 44.51 -84.90
CA ILE DA 204 -14.63 45.68 -85.59
C ILE DA 204 -14.57 45.44 -87.10
N ARG DA 205 -14.25 44.21 -87.51
CA ARG DA 205 -14.27 43.88 -88.93
C ARG DA 205 -15.67 43.98 -89.51
N LEU DA 206 -16.67 43.45 -88.78
CA LEU DA 206 -18.05 43.53 -89.24
C LEU DA 206 -18.53 44.98 -89.30
N ALA DA 207 -18.18 45.78 -88.30
CA ALA DA 207 -18.56 47.19 -88.30
C ALA DA 207 -17.95 47.93 -89.47
N ALA DA 208 -16.67 47.69 -89.75
CA ALA DA 208 -16.01 48.32 -90.90
C ALA DA 208 -16.65 47.88 -92.21
N TYR DA 209 -16.97 46.59 -92.32
CA TYR DA 209 -17.61 46.07 -93.54
C TYR DA 209 -18.97 46.71 -93.76
N LEU DA 210 -19.76 46.87 -92.70
CA LEU DA 210 -21.05 47.54 -92.83
C LEU DA 210 -20.87 49.00 -93.21
N LEU DA 211 -19.90 49.68 -92.60
CA LEU DA 211 -19.71 51.10 -92.88
C LEU DA 211 -19.27 51.35 -94.30
N ARG DA 212 -18.52 50.40 -94.89
CA ARG DA 212 -17.96 50.66 -96.21
C ARG DA 212 -19.04 50.72 -97.30
N GLN DA 213 -20.13 49.96 -97.13
CA GLN DA 213 -21.15 49.91 -98.17
C GLN DA 213 -21.79 51.27 -98.38
N LEU DA 214 -22.04 52.01 -97.31
CA LEU DA 214 -22.68 53.32 -97.40
C LEU DA 214 -21.71 54.43 -97.76
N GLY DA 215 -20.43 54.14 -97.88
CA GLY DA 215 -19.50 55.14 -98.35
C GLY DA 215 -18.86 55.95 -97.25
N TYR DA 216 -18.46 55.29 -96.17
CA TYR DA 216 -17.66 55.91 -95.12
C TYR DA 216 -16.31 55.23 -95.14
N GLU DA 217 -15.46 55.66 -96.07
CA GLU DA 217 -14.19 54.99 -96.28
C GLU DA 217 -13.20 55.33 -95.17
N ALA DA 218 -13.10 56.61 -94.81
CA ALA DA 218 -12.15 57.02 -93.78
C ALA DA 218 -12.47 56.35 -92.45
N LEU DA 219 -13.75 56.27 -92.11
CA LEU DA 219 -14.17 55.59 -90.90
C LEU DA 219 -13.71 54.14 -90.88
N ALA DA 220 -13.89 53.44 -92.00
CA ALA DA 220 -13.49 52.04 -92.08
C ALA DA 220 -11.98 51.89 -91.96
N LYS DA 221 -11.22 52.78 -92.61
CA LYS DA 221 -9.76 52.72 -92.48
C LYS DA 221 -9.32 52.92 -91.04
N ARG DA 222 -9.92 53.88 -90.34
CA ARG DA 222 -9.51 54.12 -88.95
C ARG DA 222 -9.90 52.95 -88.06
N LEU DA 223 -11.06 52.35 -88.29
CA LEU DA 223 -11.44 51.18 -87.51
C LEU DA 223 -10.48 50.02 -87.74
N LEU DA 224 -10.04 49.84 -88.98
CA LEU DA 224 -9.12 48.75 -89.24
C LEU DA 224 -7.72 49.05 -88.71
N GLU DA 225 -7.32 50.32 -88.66
CA GLU DA 225 -6.10 50.69 -87.96
C GLU DA 225 -6.17 50.32 -86.49
N ALA DA 226 -7.30 50.63 -85.85
CA ALA DA 226 -7.49 50.26 -84.46
C ALA DA 226 -7.43 48.74 -84.28
N ARG DA 227 -8.03 48.00 -85.21
CA ARG DA 227 -7.96 46.54 -85.13
C ARG DA 227 -6.54 46.04 -85.27
N GLU DA 228 -5.77 46.63 -86.19
CA GLU DA 228 -4.39 46.22 -86.36
C GLU DA 228 -3.57 46.46 -85.10
N LEU DA 229 -3.76 47.62 -84.47
CA LEU DA 229 -3.09 47.85 -83.20
C LEU DA 229 -3.56 46.86 -82.15
N LEU DA 230 -4.82 46.45 -82.19
CA LEU DA 230 -5.32 45.53 -81.18
C LEU DA 230 -4.71 44.15 -81.31
N LEU DA 231 -4.61 43.64 -82.55
CA LEU DA 231 -4.10 42.28 -82.75
C LEU DA 231 -2.61 42.16 -82.44
N GLU DA 232 -1.89 43.28 -82.37
CA GLU DA 232 -0.46 43.29 -82.06
C GLU DA 232 -0.19 43.32 -80.56
N GLY DA 233 -1.21 43.32 -79.73
CA GLY DA 233 -1.04 43.39 -78.30
C GLY DA 233 -1.07 44.78 -77.72
N ARG DA 234 -1.01 45.82 -78.55
CA ARG DA 234 -1.10 47.21 -78.08
C ARG DA 234 -2.57 47.52 -77.80
N VAL DA 235 -3.02 47.09 -76.63
CA VAL DA 235 -4.42 47.28 -76.27
C VAL DA 235 -4.72 48.74 -76.00
N GLU DA 236 -3.80 49.47 -75.37
CA GLU DA 236 -4.08 50.83 -74.94
C GLU DA 236 -4.23 51.78 -76.13
N GLU DA 237 -3.32 51.69 -77.09
CA GLU DA 237 -3.46 52.49 -78.29
C GLU DA 237 -4.71 52.09 -79.08
N ALA DA 238 -5.04 50.80 -79.09
CA ALA DA 238 -6.26 50.34 -79.75
C ALA DA 238 -7.49 50.98 -79.12
N ALA DA 239 -7.57 50.99 -77.79
CA ALA DA 239 -8.73 51.56 -77.11
C ALA DA 239 -8.80 53.07 -77.31
N HIS DA 240 -7.66 53.77 -77.26
CA HIS DA 240 -7.70 55.22 -77.46
C HIS DA 240 -8.13 55.57 -78.87
N LEU DA 241 -7.56 54.92 -79.88
CA LEU DA 241 -7.94 55.22 -81.25
C LEU DA 241 -9.38 54.81 -81.54
N LEU DA 242 -9.82 53.70 -80.95
CA LEU DA 242 -11.21 53.26 -81.08
C LEU DA 242 -12.17 54.27 -80.48
N GLU DA 243 -11.86 54.79 -79.30
CA GLU DA 243 -12.77 55.74 -78.68
C GLU DA 243 -12.81 57.05 -79.45
N ASP DA 244 -11.68 57.48 -80.03
CA ASP DA 244 -11.71 58.69 -80.84
C ASP DA 244 -12.61 58.51 -82.07
N VAL DA 245 -12.43 57.40 -82.79
CA VAL DA 245 -13.23 57.20 -83.99
C VAL DA 245 -14.70 56.99 -83.63
N TYR DA 246 -14.98 56.31 -82.52
CA TYR DA 246 -16.37 56.13 -82.09
C TYR DA 246 -17.00 57.46 -81.74
N ALA DA 247 -16.27 58.35 -81.08
CA ALA DA 247 -16.82 59.66 -80.76
C ALA DA 247 -17.19 60.43 -82.02
N LEU DA 248 -16.29 60.43 -83.02
CA LEU DA 248 -16.63 61.16 -84.25
C LEU DA 248 -17.83 60.54 -84.95
N PHE DA 249 -17.86 59.20 -85.02
CA PHE DA 249 -18.99 58.51 -85.64
C PHE DA 249 -20.29 58.80 -84.91
N HIS DA 250 -20.26 58.82 -83.58
CA HIS DA 250 -21.48 58.96 -82.81
C HIS DA 250 -22.01 60.38 -82.92
N ARG DA 251 -21.12 61.37 -82.98
CA ARG DA 251 -21.56 62.72 -83.30
C ARG DA 251 -22.21 62.77 -84.66
N GLU DA 252 -21.66 62.04 -85.63
CA GLU DA 252 -22.29 62.00 -86.95
C GLU DA 252 -23.68 61.37 -86.89
N ILE DA 253 -23.85 60.33 -86.06
CA ILE DA 253 -25.16 59.71 -85.90
C ILE DA 253 -26.15 60.71 -85.30
N GLU DA 254 -25.75 61.37 -84.22
CA GLU DA 254 -26.63 62.34 -83.56
C GLU DA 254 -26.92 63.54 -84.45
N ARG DA 255 -26.08 63.79 -85.45
CA ARG DA 255 -26.37 64.86 -86.40
C ARG DA 255 -27.67 64.60 -87.14
N LEU DA 256 -27.91 63.36 -87.52
CA LEU DA 256 -29.08 63.00 -88.32
C LEU DA 256 -30.35 62.86 -87.49
N GLY DA 257 -30.27 63.01 -86.17
CA GLY DA 257 -31.47 63.07 -85.36
C GLY DA 257 -32.22 61.76 -85.33
N PHE DA 258 -33.53 61.83 -85.57
CA PHE DA 258 -34.40 60.64 -85.63
C PHE DA 258 -34.53 60.14 -87.07
N GLU DA 259 -33.38 59.87 -87.68
CA GLU DA 259 -33.31 59.30 -89.01
C GLU DA 259 -31.88 58.86 -89.27
N ALA DA 260 -31.71 57.64 -89.79
CA ALA DA 260 -30.42 57.10 -90.18
C ALA DA 260 -30.60 55.76 -90.88
N PRO DA 261 -29.81 55.47 -91.91
CA PRO DA 261 -29.88 54.14 -92.54
C PRO DA 261 -29.63 53.05 -91.51
N GLU DA 262 -30.26 51.90 -91.72
CA GLU DA 262 -30.26 50.87 -90.69
C GLU DA 262 -28.87 50.32 -90.42
N GLU DA 263 -27.98 50.34 -91.42
CA GLU DA 263 -26.63 49.85 -91.19
C GLU DA 263 -25.87 50.72 -90.20
N LEU DA 264 -26.13 52.03 -90.20
CA LEU DA 264 -25.57 52.88 -89.15
C LEU DA 264 -26.05 52.43 -87.78
N ARG DA 265 -27.34 52.12 -87.68
CA ARG DA 265 -27.90 51.71 -86.39
C ARG DA 265 -27.30 50.40 -85.92
N VAL DA 266 -27.04 49.47 -86.84
CA VAL DA 266 -26.43 48.20 -86.45
C VAL DA 266 -24.96 48.41 -86.07
N ALA DA 267 -24.23 49.20 -86.87
CA ALA DA 267 -22.82 49.43 -86.61
C ALA DA 267 -22.60 50.14 -85.29
N ASP DA 268 -23.54 50.99 -84.87
CA ASP DA 268 -23.39 51.67 -83.59
C ASP DA 268 -23.36 50.64 -82.46
N LEU DA 269 -24.26 49.66 -82.51
CA LEU DA 269 -24.27 48.63 -81.48
C LEU DA 269 -23.05 47.72 -81.58
N LEU DA 270 -22.61 47.42 -82.81
CA LEU DA 270 -21.40 46.61 -82.99
C LEU DA 270 -20.18 47.30 -82.39
N LEU DA 271 -20.02 48.59 -82.66
CA LEU DA 271 -18.89 49.35 -82.14
C LEU DA 271 -18.95 49.45 -80.62
N ALA DA 272 -20.16 49.64 -80.06
CA ALA DA 272 -20.28 49.68 -78.61
C ALA DA 272 -19.85 48.35 -77.99
N ARG DA 273 -20.27 47.23 -78.58
CA ARG DA 273 -19.87 45.92 -78.04
C ARG DA 273 -18.37 45.70 -78.19
N ALA DA 274 -17.79 46.12 -79.32
CA ALA DA 274 -16.35 46.01 -79.52
C ALA DA 274 -15.59 46.78 -78.45
N ILE DA 275 -16.03 48.00 -78.17
CA ILE DA 275 -15.37 48.82 -77.15
C ILE DA 275 -15.51 48.17 -75.78
N ALA DA 276 -16.69 47.63 -75.47
CA ALA DA 276 -16.88 46.97 -74.19
C ALA DA 276 -15.94 45.78 -74.04
N LEU DA 277 -15.81 44.97 -75.09
CA LEU DA 277 -14.93 43.81 -75.03
C LEU DA 277 -13.48 44.22 -74.86
N ILE DA 278 -13.03 45.24 -75.60
CA ILE DA 278 -11.65 45.69 -75.46
C ILE DA 278 -11.39 46.20 -74.06
N LYS DA 279 -12.33 46.97 -73.50
CA LYS DA 279 -12.18 47.44 -72.13
C LYS DA 279 -12.14 46.29 -71.14
N ALA DA 280 -12.85 45.20 -71.43
CA ALA DA 280 -12.90 44.06 -70.51
C ALA DA 280 -11.70 43.12 -70.64
N ILE DA 281 -10.84 43.30 -71.64
CA ILE DA 281 -9.64 42.49 -71.78
C ILE DA 281 -8.79 42.59 -70.53
N THR EA 24 -96.72 30.00 58.17
CA THR EA 24 -96.81 29.11 57.02
C THR EA 24 -95.53 29.17 56.19
N VAL EA 25 -94.70 30.17 56.47
CA VAL EA 25 -93.51 30.41 55.66
C VAL EA 25 -92.55 29.23 55.75
N VAL EA 26 -92.32 28.71 56.96
CA VAL EA 26 -91.47 27.55 57.12
C VAL EA 26 -92.09 26.33 56.46
N GLU EA 27 -93.42 26.22 56.51
CA GLU EA 27 -94.10 25.15 55.79
C GLU EA 27 -93.91 25.30 54.28
N GLU EA 28 -93.93 26.54 53.79
CA GLU EA 28 -93.68 26.76 52.37
C GLU EA 28 -92.28 26.35 51.98
N VAL EA 29 -91.29 26.67 52.83
CA VAL EA 29 -89.92 26.27 52.53
C VAL EA 29 -89.78 24.75 52.54
N ARG EA 30 -90.39 24.09 53.53
CA ARG EA 30 -90.36 22.63 53.56
C ARG EA 30 -91.01 22.03 52.33
N ARG EA 31 -92.18 22.55 51.94
CA ARG EA 31 -92.88 22.04 50.77
C ARG EA 31 -92.05 22.25 49.51
N PHE EA 32 -91.43 23.42 49.37
CA PHE EA 32 -90.59 23.70 48.22
C PHE EA 32 -89.43 22.71 48.14
N ALA EA 33 -88.75 22.49 49.26
CA ALA EA 33 -87.60 21.58 49.25
C ALA EA 33 -88.03 20.15 48.94
N GLU EA 34 -89.10 19.67 49.56
CA GLU EA 34 -89.54 18.30 49.32
C GLU EA 34 -90.02 18.11 47.89
N GLU EA 35 -90.75 19.09 47.35
CA GLU EA 35 -91.20 18.97 45.96
C GLU EA 35 -90.03 18.93 45.00
N LEU EA 36 -89.02 19.78 45.22
CA LEU EA 36 -87.85 19.75 44.35
C LEU EA 36 -87.12 18.41 44.46
N ALA EA 37 -87.01 17.86 45.68
CA ALA EA 37 -86.35 16.58 45.85
C ALA EA 37 -87.12 15.44 45.19
N GLU EA 38 -88.44 15.45 45.32
CA GLU EA 38 -89.26 14.43 44.65
C GLU EA 38 -89.11 14.52 43.14
N GLU EA 39 -89.09 15.74 42.59
CA GLU EA 39 -88.91 15.88 41.15
C GLU EA 39 -87.53 15.40 40.72
N VAL EA 40 -86.51 15.65 41.54
CA VAL EA 40 -85.18 15.15 41.22
C VAL EA 40 -85.19 13.64 41.14
N LEU EA 41 -85.85 13.00 42.11
CA LEU EA 41 -85.92 11.54 42.13
C LEU EA 41 -86.73 10.99 40.96
N ARG EA 42 -87.84 11.65 40.63
CA ARG EA 42 -88.66 11.18 39.51
C ARG EA 42 -87.90 11.27 38.20
N VAL EA 43 -87.23 12.40 37.95
CA VAL EA 43 -86.53 12.56 36.69
C VAL EA 43 -85.32 11.65 36.62
N GLY EA 44 -84.52 11.58 37.67
CA GLY EA 44 -83.29 10.83 37.65
C GLY EA 44 -83.32 9.47 38.30
N GLY EA 45 -84.42 9.13 38.97
CA GLY EA 45 -84.49 7.82 39.58
C GLY EA 45 -83.55 7.67 40.76
N GLU EA 46 -83.12 6.42 40.97
CA GLU EA 46 -82.17 6.10 42.01
C GLU EA 46 -80.74 6.36 41.59
N ALA EA 47 -80.51 6.82 40.35
CA ALA EA 47 -79.16 7.13 39.92
C ALA EA 47 -78.56 8.26 40.77
N MET EA 48 -79.34 9.30 41.04
CA MET EA 48 -78.92 10.42 41.87
C MET EA 48 -79.85 10.50 43.07
N ARG EA 49 -79.52 9.73 44.10
CA ARG EA 49 -80.09 9.84 45.43
C ARG EA 49 -79.38 10.92 46.25
N PRO EA 50 -78.05 11.10 46.14
CA PRO EA 50 -77.40 12.17 46.90
C PRO EA 50 -78.04 13.55 46.74
N TYR EA 51 -78.48 13.91 45.53
CA TYR EA 51 -79.02 15.24 45.31
C TYR EA 51 -80.35 15.43 46.05
N ALA EA 52 -81.15 14.38 46.16
CA ALA EA 52 -82.36 14.47 46.96
C ALA EA 52 -82.03 14.74 48.42
N GLU EA 53 -80.98 14.09 48.94
CA GLU EA 53 -80.57 14.34 50.31
C GLU EA 53 -80.04 15.75 50.49
N MET EA 54 -79.25 16.25 49.53
CA MET EA 54 -78.78 17.63 49.62
C MET EA 54 -79.93 18.61 49.63
N VAL EA 55 -80.91 18.40 48.75
CA VAL EA 55 -82.06 19.31 48.73
C VAL EA 55 -82.82 19.25 50.05
N ARG EA 56 -83.01 18.05 50.59
CA ARG EA 56 -83.81 17.92 51.81
C ARG EA 56 -83.09 18.53 53.01
N HIS EA 57 -81.78 18.31 53.14
CA HIS EA 57 -81.05 18.95 54.23
C HIS EA 57 -80.92 20.46 54.05
N LEU EA 58 -80.79 20.97 52.84
CA LEU EA 58 -80.77 22.42 52.66
C LEU EA 58 -82.11 23.02 53.02
N GLY EA 59 -83.21 22.34 52.68
CA GLY EA 59 -84.51 22.79 53.17
C GLY EA 59 -84.60 22.78 54.68
N GLU EA 60 -84.02 21.74 55.32
CA GLU EA 60 -84.04 21.68 56.77
C GLU EA 60 -83.22 22.80 57.40
N ALA EA 61 -82.04 23.08 56.85
CA ALA EA 61 -81.21 24.18 57.35
C ALA EA 61 -81.93 25.51 57.21
N ALA EA 62 -82.61 25.72 56.07
CA ALA EA 62 -83.35 26.95 55.87
C ALA EA 62 -84.48 27.09 56.89
N VAL EA 63 -85.24 26.02 57.12
CA VAL EA 63 -86.34 26.15 58.07
C VAL EA 63 -85.83 26.29 59.50
N ALA EA 64 -84.69 25.68 59.82
CA ALA EA 64 -84.06 25.91 61.11
C ALA EA 64 -83.70 27.38 61.29
N ALA EA 65 -83.10 27.97 60.25
CA ALA EA 65 -82.74 29.39 60.33
C ALA EA 65 -83.98 30.27 60.49
N LEU EA 66 -85.05 29.95 59.76
CA LEU EA 66 -86.30 30.69 59.92
C LEU EA 66 -86.95 30.49 61.29
N GLU EA 67 -86.63 29.40 61.99
CA GLU EA 67 -87.27 29.14 63.28
C GLU EA 67 -86.26 29.23 64.43
N GLY EA 68 -85.45 30.28 64.45
CA GLY EA 68 -84.43 30.42 65.45
C GLY EA 68 -83.12 29.82 64.97
N ARG EA 69 -82.29 29.43 65.94
CA ARG EA 69 -81.08 28.65 65.70
C ARG EA 69 -80.03 29.38 64.86
N ALA EA 70 -78.77 29.04 65.08
CA ALA EA 70 -77.67 29.46 64.22
C ALA EA 70 -76.61 28.40 64.04
N GLU EA 71 -76.60 27.35 64.86
CA GLU EA 71 -75.59 26.30 64.85
C GLU EA 71 -76.05 25.09 64.05
N GLU EA 72 -77.34 24.75 64.12
CA GLU EA 72 -77.88 23.67 63.31
C GLU EA 72 -77.76 23.99 61.83
N ALA EA 73 -78.02 25.25 61.47
CA ALA EA 73 -77.83 25.68 60.08
C ALA EA 73 -76.39 25.49 59.65
N ASP EA 74 -75.45 25.89 60.51
CA ASP EA 74 -74.03 25.68 60.22
C ASP EA 74 -73.71 24.21 59.99
N ARG EA 75 -74.21 23.34 60.86
CA ARG EA 75 -73.89 21.93 60.76
C ARG EA 75 -74.49 21.32 59.50
N LEU EA 76 -75.74 21.63 59.20
CA LEU EA 76 -76.38 21.07 58.02
C LEU EA 76 -75.71 21.55 56.74
N VAL EA 77 -75.33 22.82 56.69
CA VAL EA 77 -74.65 23.33 55.51
C VAL EA 77 -73.28 22.68 55.35
N ARG EA 78 -72.59 22.42 56.47
CA ARG EA 78 -71.30 21.72 56.40
C ARG EA 78 -71.47 20.28 55.92
N ASP EA 79 -72.51 19.59 56.39
CA ASP EA 79 -72.79 18.24 55.93
C ASP EA 79 -73.09 18.22 54.43
N VAL EA 80 -73.90 19.16 53.97
CA VAL EA 80 -74.24 19.24 52.55
C VAL EA 80 -72.99 19.57 51.73
N LEU EA 81 -72.11 20.39 52.28
CA LEU EA 81 -70.84 20.67 51.60
C LEU EA 81 -70.01 19.40 51.48
N GLU EA 82 -70.00 18.57 52.52
CA GLU EA 82 -69.28 17.30 52.45
C GLU EA 82 -69.86 16.40 51.37
N MET EA 83 -71.19 16.31 51.30
CA MET EA 83 -71.81 15.52 50.24
C MET EA 83 -71.43 16.05 48.86
N ALA EA 84 -71.48 17.37 48.69
CA ALA EA 84 -71.08 17.95 47.42
C ALA EA 84 -69.64 17.63 47.08
N ARG EA 85 -68.76 17.62 48.09
CA ARG EA 85 -67.37 17.28 47.86
C ARG EA 85 -67.22 15.85 47.37
N GLU EA 86 -67.93 14.92 48.01
CA GLU EA 86 -67.73 13.51 47.64
C GLU EA 86 -68.37 13.18 46.30
N VAL EA 87 -69.56 13.74 46.02
CA VAL EA 87 -70.25 13.44 44.77
C VAL EA 87 -69.44 13.91 43.58
N GLY EA 88 -68.88 15.11 43.65
CA GLY EA 88 -68.12 15.69 42.56
C GLY EA 88 -68.64 17.03 42.09
N ALA EA 89 -69.69 17.57 42.70
CA ALA EA 89 -70.22 18.87 42.31
C ALA EA 89 -69.25 19.96 42.75
N GLU EA 90 -68.71 20.70 41.79
CA GLU EA 90 -67.73 21.74 42.09
C GLU EA 90 -68.40 23.09 42.35
N GLY EA 91 -69.18 23.58 41.38
CA GLY EA 91 -69.86 24.85 41.56
C GLY EA 91 -70.79 24.84 42.75
N LEU EA 92 -71.48 23.72 42.95
CA LEU EA 92 -72.35 23.59 44.12
C LEU EA 92 -71.56 23.67 45.40
N ALA EA 93 -70.39 23.03 45.46
CA ALA EA 93 -69.57 23.10 46.65
C ALA EA 93 -69.09 24.52 46.92
N ARG EA 94 -68.67 25.24 45.87
CA ARG EA 94 -68.25 26.62 46.07
C ARG EA 94 -69.39 27.47 46.62
N LEU EA 95 -70.57 27.34 46.01
CA LEU EA 95 -71.70 28.13 46.50
C LEU EA 95 -72.04 27.74 47.93
N LEU EA 96 -71.81 26.47 48.29
CA LEU EA 96 -72.13 26.04 49.65
C LEU EA 96 -71.16 26.63 50.66
N GLU EA 97 -69.88 26.73 50.32
CA GLU EA 97 -68.95 27.46 51.19
C GLU EA 97 -69.39 28.92 51.35
N ARG EA 98 -69.77 29.55 50.24
CA ARG EA 98 -70.17 30.95 50.29
C ARG EA 98 -71.40 31.16 51.16
N VAL EA 99 -72.43 30.30 51.01
CA VAL EA 99 -73.61 30.46 51.84
C VAL EA 99 -73.26 30.18 53.29
N HIS EA 100 -72.32 29.25 53.54
CA HIS EA 100 -71.88 29.00 54.90
C HIS EA 100 -71.36 30.28 55.57
N ARG EA 101 -70.39 30.92 54.93
CA ARG EA 101 -69.78 32.12 55.52
C ARG EA 101 -70.79 33.24 55.68
N GLU EA 102 -71.54 33.54 54.62
CA GLU EA 102 -72.52 34.62 54.73
C GLU EA 102 -73.57 34.31 55.79
N ALA EA 103 -74.16 33.11 55.75
CA ALA EA 103 -75.18 32.76 56.74
C ALA EA 103 -74.66 32.98 58.14
N ARG EA 104 -73.38 32.64 58.39
CA ARG EA 104 -72.79 32.98 59.68
C ARG EA 104 -72.86 34.47 59.94
N GLU EA 105 -72.43 35.29 58.97
CA GLU EA 105 -72.34 36.73 59.18
C GLU EA 105 -73.72 37.34 59.47
N LEU EA 106 -74.70 37.06 58.60
CA LEU EA 106 -76.01 37.66 58.81
C LEU EA 106 -76.74 37.08 60.01
N LEU EA 107 -76.46 35.82 60.37
CA LEU EA 107 -77.07 35.30 61.58
C LEU EA 107 -76.46 35.95 62.81
N ARG EA 108 -75.19 36.34 62.75
CA ARG EA 108 -74.62 37.15 63.83
C ARG EA 108 -75.29 38.52 63.88
N GLU EA 109 -75.52 39.12 62.71
CA GLU EA 109 -76.16 40.44 62.66
C GLU EA 109 -77.64 40.40 63.03
N GLY EA 110 -78.23 39.22 63.19
CA GLY EA 110 -79.61 39.10 63.59
C GLY EA 110 -80.63 39.06 62.47
N ARG EA 111 -80.20 39.24 61.22
CA ARG EA 111 -81.11 39.16 60.07
C ARG EA 111 -81.26 37.69 59.68
N ARG EA 112 -82.52 37.22 59.62
CA ARG EA 112 -82.78 35.81 59.40
C ARG EA 112 -83.30 35.51 57.99
N GLU EA 113 -84.11 36.40 57.42
CA GLU EA 113 -84.74 36.10 56.14
C GLU EA 113 -83.70 35.92 55.04
N GLU EA 114 -82.67 36.75 55.03
CA GLU EA 114 -81.69 36.68 53.95
C GLU EA 114 -80.81 35.44 54.04
N ALA EA 115 -80.51 34.96 55.25
CA ALA EA 115 -79.75 33.72 55.38
C ALA EA 115 -80.53 32.54 54.82
N ALA EA 116 -81.82 32.44 55.17
CA ALA EA 116 -82.67 31.41 54.57
C ALA EA 116 -82.81 31.62 53.07
N ALA EA 117 -82.75 32.87 52.60
CA ALA EA 117 -82.81 33.11 51.17
C ALA EA 117 -81.58 32.53 50.48
N LEU EA 118 -80.40 32.72 51.05
CA LEU EA 118 -79.20 32.10 50.49
C LEU EA 118 -79.31 30.58 50.51
N VAL EA 119 -79.83 30.02 51.61
CA VAL EA 119 -79.96 28.57 51.70
C VAL EA 119 -80.94 28.03 50.67
N LEU EA 120 -82.07 28.71 50.49
CA LEU EA 120 -83.06 28.29 49.50
C LEU EA 120 -82.49 28.37 48.09
N ALA EA 121 -81.74 29.42 47.80
CA ALA EA 121 -81.05 29.49 46.51
C ALA EA 121 -80.11 28.31 46.33
N ALA EA 122 -79.41 27.92 47.40
CA ALA EA 122 -78.50 26.78 47.31
C ALA EA 122 -79.26 25.49 47.03
N ALA EA 123 -80.38 25.28 47.71
CA ALA EA 123 -81.19 24.09 47.48
C ALA EA 123 -81.70 24.04 46.05
N LEU EA 124 -82.18 25.17 45.53
CA LEU EA 124 -82.64 25.22 44.15
C LEU EA 124 -81.52 24.96 43.18
N ALA EA 125 -80.32 25.47 43.46
CA ALA EA 125 -79.18 25.19 42.59
C ALA EA 125 -78.88 23.70 42.57
N ALA EA 126 -78.90 23.04 43.72
CA ALA EA 126 -78.63 21.60 43.78
C ALA EA 126 -79.67 20.81 42.99
N GLY EA 127 -80.96 21.11 43.23
CA GLY EA 127 -82.01 20.38 42.53
C GLY EA 127 -81.98 20.61 41.03
N ALA EA 128 -81.81 21.86 40.61
CA ALA EA 128 -81.77 22.16 39.19
C ALA EA 128 -80.56 21.55 38.52
N VAL EA 129 -79.42 21.51 39.22
CA VAL EA 129 -78.24 20.83 38.67
C VAL EA 129 -78.52 19.36 38.47
N ALA EA 130 -79.16 18.71 39.46
CA ALA EA 130 -79.48 17.29 39.31
C ALA EA 130 -80.39 17.06 38.12
N VAL EA 131 -81.49 17.81 38.02
CA VAL EA 131 -82.45 17.57 36.95
C VAL EA 131 -81.85 17.89 35.59
N ALA EA 132 -81.05 18.95 35.50
CA ALA EA 132 -80.43 19.29 34.23
C ALA EA 132 -79.45 18.23 33.79
N GLU EA 133 -78.66 17.68 34.71
CA GLU EA 133 -77.75 16.59 34.34
C GLU EA 133 -78.53 15.35 33.92
N ALA EA 134 -79.68 15.10 34.56
CA ALA EA 134 -80.52 13.99 34.13
C ALA EA 134 -81.01 14.20 32.70
N TYR EA 135 -81.49 15.41 32.39
CA TYR EA 135 -81.99 15.70 31.06
C TYR EA 135 -80.89 15.56 30.03
N VAL EA 136 -79.69 16.02 30.35
CA VAL EA 136 -78.58 15.92 29.40
C VAL EA 136 -78.17 14.47 29.20
N ARG EA 137 -78.22 13.66 30.28
CA ARG EA 137 -77.79 12.26 30.17
C ARG EA 137 -78.68 11.49 29.20
N LEU EA 138 -79.99 11.70 29.26
CA LEU EA 138 -80.91 11.00 28.38
C LEU EA 138 -81.27 11.79 27.14
N GLY EA 139 -80.52 12.84 26.83
CA GLY EA 139 -80.60 13.51 25.53
C GLY EA 139 -81.90 14.20 25.17
N GLN EA 140 -82.51 14.91 26.11
CA GLN EA 140 -83.69 15.69 25.79
C GLN EA 140 -83.30 17.05 25.22
N PRO EA 141 -84.20 17.69 24.47
CA PRO EA 141 -83.85 18.95 23.81
C PRO EA 141 -83.60 20.07 24.81
N ILE EA 142 -82.88 21.09 24.34
CA ILE EA 142 -82.46 22.20 25.19
C ILE EA 142 -83.63 23.13 25.55
N ARG EA 143 -84.68 23.18 24.73
CA ARG EA 143 -85.85 23.95 25.10
C ARG EA 143 -86.38 23.51 26.46
N LEU EA 144 -86.35 22.21 26.73
CA LEU EA 144 -86.89 21.69 27.99
C LEU EA 144 -86.08 22.17 29.17
N ILE EA 145 -84.75 22.10 29.08
CA ILE EA 145 -83.91 22.60 30.16
C ILE EA 145 -84.13 24.09 30.37
N ALA EA 146 -84.18 24.85 29.28
CA ALA EA 146 -84.33 26.29 29.40
C ALA EA 146 -85.66 26.67 30.06
N GLU EA 147 -86.76 26.05 29.61
CA GLU EA 147 -88.06 26.36 30.19
C GLU EA 147 -88.14 25.91 31.63
N TYR EA 148 -87.59 24.74 31.95
CA TYR EA 148 -87.58 24.26 33.33
C TYR EA 148 -86.88 25.24 34.24
N VAL EA 149 -85.64 25.61 33.89
CA VAL EA 149 -84.85 26.49 34.74
C VAL EA 149 -85.53 27.84 34.90
N ALA EA 150 -86.04 28.41 33.80
CA ALA EA 150 -86.67 29.71 33.89
C ALA EA 150 -87.89 29.68 34.79
N GLU EA 151 -88.72 28.64 34.68
CA GLU EA 151 -89.91 28.59 35.53
C GLU EA 151 -89.53 28.39 36.99
N ARG EA 152 -88.48 27.61 37.25
CA ARG EA 152 -88.03 27.45 38.63
C ARG EA 152 -87.55 28.76 39.20
N LEU EA 153 -86.79 29.54 38.42
CA LEU EA 153 -86.33 30.83 38.90
C LEU EA 153 -87.49 31.76 39.20
N VAL EA 154 -88.52 31.74 38.35
CA VAL EA 154 -89.68 32.60 38.60
C VAL EA 154 -90.37 32.19 39.90
N GLU EA 155 -90.53 30.88 40.13
CA GLU EA 155 -91.16 30.42 41.37
C GLU EA 155 -90.35 30.83 42.60
N LEU EA 156 -89.02 30.67 42.53
CA LEU EA 156 -88.18 31.09 43.64
C LEU EA 156 -88.27 32.59 43.88
N ALA EA 157 -88.32 33.39 42.81
CA ALA EA 157 -88.43 34.83 42.97
C ALA EA 157 -89.75 35.19 43.65
N GLU EA 158 -90.82 34.49 43.30
CA GLU EA 158 -92.09 34.73 43.98
C GLU EA 158 -91.99 34.40 45.46
N LEU EA 159 -91.33 33.27 45.79
CA LEU EA 159 -91.18 32.90 47.19
C LEU EA 159 -90.37 33.95 47.96
N LEU EA 160 -89.24 34.37 47.39
CA LEU EA 160 -88.40 35.35 48.07
C LEU EA 160 -89.10 36.69 48.22
N ARG EA 161 -89.94 37.05 47.25
CA ARG EA 161 -90.78 38.23 47.42
C ARG EA 161 -91.74 38.05 48.58
N ARG EA 162 -92.27 36.83 48.74
CA ARG EA 162 -93.17 36.58 49.87
C ARG EA 162 -92.45 36.72 51.21
N LEU EA 163 -91.22 36.20 51.31
CA LEU EA 163 -90.48 36.29 52.56
C LEU EA 163 -90.20 37.73 52.95
N GLY EA 164 -89.61 38.50 52.05
CA GLY EA 164 -89.32 39.90 52.33
C GLY EA 164 -87.94 40.37 51.90
N VAL EA 165 -87.20 39.54 51.18
CA VAL EA 165 -85.87 39.93 50.72
C VAL EA 165 -85.99 41.11 49.75
N PRO EA 166 -85.10 42.10 49.80
CA PRO EA 166 -85.13 43.17 48.81
C PRO EA 166 -84.80 42.65 47.41
N LEU EA 167 -85.34 43.36 46.42
CA LEU EA 167 -85.39 42.82 45.05
C LEU EA 167 -84.00 42.63 44.45
N ARG EA 168 -83.06 43.50 44.75
CA ARG EA 168 -81.76 43.40 44.12
C ARG EA 168 -80.99 42.24 44.66
N ARG EA 169 -81.22 41.87 45.91
CA ARG EA 169 -80.67 40.62 46.44
C ARG EA 169 -81.33 39.42 45.77
N ILE EA 170 -82.63 39.52 45.49
CA ILE EA 170 -83.32 38.45 44.77
C ILE EA 170 -82.62 38.20 43.43
N ILE EA 171 -82.40 39.26 42.66
CA ILE EA 171 -81.82 39.09 41.34
C ILE EA 171 -80.39 38.57 41.44
N ARG EA 172 -79.65 39.01 42.46
CA ARG EA 172 -78.29 38.51 42.64
C ARG EA 172 -78.28 37.01 42.95
N LEU EA 173 -79.18 36.56 43.82
CA LEU EA 173 -79.26 35.13 44.11
C LEU EA 173 -79.66 34.33 42.88
N LEU EA 174 -80.61 34.85 42.10
CA LEU EA 174 -81.05 34.15 40.90
C LEU EA 174 -79.91 34.03 39.90
N GLU EA 175 -79.10 35.08 39.78
CA GLU EA 175 -77.95 35.00 38.89
C GLU EA 175 -76.92 34.00 39.41
N GLU EA 176 -76.76 33.89 40.72
CA GLU EA 176 -75.87 32.86 41.26
C GLU EA 176 -76.36 31.46 40.91
N VAL EA 177 -77.67 31.23 41.04
CA VAL EA 177 -78.25 29.95 40.67
C VAL EA 177 -77.99 29.66 39.20
N LEU EA 178 -78.21 30.66 38.34
CA LEU EA 178 -77.99 30.47 36.91
C LEU EA 178 -76.52 30.15 36.62
N ARG EA 179 -75.62 30.78 37.35
CA ARG EA 179 -74.19 30.50 37.14
C ARG EA 179 -73.86 29.06 37.50
N VAL EA 180 -74.40 28.57 38.62
CA VAL EA 180 -74.16 27.19 39.01
C VAL EA 180 -74.72 26.23 37.96
N VAL EA 181 -75.93 26.50 37.48
CA VAL EA 181 -76.56 25.63 36.48
C VAL EA 181 -75.74 25.62 35.20
N ALA EA 182 -75.25 26.80 34.78
CA ALA EA 182 -74.44 26.86 33.57
C ALA EA 182 -73.14 26.07 33.74
N GLU EA 183 -72.51 26.16 34.91
CA GLU EA 183 -71.31 25.36 35.15
C GLU EA 183 -71.61 23.87 35.09
N ALA EA 184 -72.74 23.45 35.67
CA ALA EA 184 -73.12 22.05 35.63
C ALA EA 184 -73.31 21.59 34.19
N LEU EA 185 -74.01 22.38 33.38
CA LEU EA 185 -74.23 22.01 31.99
C LEU EA 185 -72.93 22.01 31.20
N ARG EA 186 -71.98 22.87 31.56
CA ARG EA 186 -70.67 22.85 30.91
C ARG EA 186 -69.94 21.56 31.23
N ARG EA 187 -70.00 21.10 32.48
CA ARG EA 187 -69.30 19.86 32.85
C ARG EA 187 -69.93 18.64 32.18
N ALA EA 188 -71.20 18.73 31.80
CA ALA EA 188 -71.88 17.62 31.13
C ALA EA 188 -71.63 17.62 29.62
N GLY EA 189 -70.82 18.53 29.11
CA GLY EA 189 -70.48 18.54 27.70
C GLY EA 189 -71.44 19.30 26.81
N VAL EA 190 -72.42 19.99 27.37
CA VAL EA 190 -73.36 20.76 26.52
C VAL EA 190 -72.59 21.88 25.82
N PRO EA 191 -72.77 22.06 24.51
CA PRO EA 191 -72.02 23.11 23.81
C PRO EA 191 -72.35 24.50 24.34
N GLU EA 192 -71.37 25.39 24.25
CA GLU EA 192 -71.51 26.72 24.85
C GLU EA 192 -72.70 27.51 24.32
N PRO EA 193 -72.97 27.57 22.99
CA PRO EA 193 -74.13 28.35 22.54
C PRO EA 193 -75.44 27.92 23.16
N GLU EA 194 -75.63 26.63 23.44
CA GLU EA 194 -76.85 26.21 24.10
C GLU EA 194 -76.91 26.73 25.54
N ILE EA 195 -75.77 26.80 26.22
CA ILE EA 195 -75.74 27.39 27.55
C ILE EA 195 -76.12 28.87 27.49
N ARG EA 196 -75.59 29.59 26.51
CA ARG EA 196 -75.95 30.99 26.36
C ARG EA 196 -77.42 31.15 26.05
N LYS EA 197 -77.99 30.25 25.24
CA LYS EA 197 -79.43 30.30 24.97
C LYS EA 197 -80.22 30.07 26.24
N VAL EA 198 -79.78 29.14 27.08
CA VAL EA 198 -80.46 28.88 28.34
C VAL EA 198 -80.48 30.15 29.20
N GLU EA 199 -79.31 30.76 29.37
CA GLU EA 199 -79.23 31.95 30.22
C GLU EA 199 -80.04 33.11 29.65
N ALA EA 200 -79.95 33.34 28.34
CA ALA EA 200 -80.69 34.44 27.73
C ALA EA 200 -82.18 34.24 27.86
N ALA EA 201 -82.66 33.00 27.69
CA ALA EA 201 -84.07 32.72 27.93
C ALA EA 201 -84.44 32.99 29.37
N ALA EA 202 -83.57 32.63 30.31
CA ALA EA 202 -83.85 32.90 31.73
C ALA EA 202 -83.97 34.38 31.99
N TYR EA 203 -83.07 35.18 31.41
CA TYR EA 203 -83.10 36.62 31.64
C TYR EA 203 -84.32 37.27 31.02
N ILE EA 204 -84.72 36.82 29.82
CA ILE EA 204 -85.91 37.38 29.19
C ILE EA 204 -87.16 37.00 29.99
N ARG EA 205 -87.20 35.79 30.53
CA ARG EA 205 -88.33 35.41 31.37
C ARG EA 205 -88.38 36.24 32.64
N LEU EA 206 -87.23 36.46 33.29
CA LEU EA 206 -87.21 37.28 34.49
C LEU EA 206 -87.61 38.72 34.20
N ALA EA 207 -87.13 39.27 33.08
CA ALA EA 207 -87.49 40.64 32.70
C ALA EA 207 -88.97 40.76 32.43
N ALA EA 208 -89.56 39.78 31.73
CA ALA EA 208 -90.99 39.80 31.48
C ALA EA 208 -91.77 39.70 32.79
N TYR EA 209 -91.30 38.85 33.71
CA TYR EA 209 -91.95 38.72 35.00
C TYR EA 209 -91.94 40.03 35.77
N LEU EA 210 -90.80 40.72 35.76
CA LEU EA 210 -90.73 42.01 36.45
C LEU EA 210 -91.62 43.05 35.79
N LEU EA 211 -91.66 43.07 34.46
CA LEU EA 211 -92.46 44.06 33.75
C LEU EA 211 -93.95 43.83 33.95
N ARG EA 212 -94.36 42.58 34.17
CA ARG EA 212 -95.80 42.31 34.28
C ARG EA 212 -96.40 42.91 35.54
N GLN EA 213 -95.65 42.95 36.64
CA GLN EA 213 -96.22 43.40 37.91
C GLN EA 213 -96.66 44.86 37.84
N LEU EA 214 -95.87 45.70 37.17
CA LEU EA 214 -96.16 47.13 37.10
C LEU EA 214 -97.20 47.48 36.05
N GLY EA 215 -97.69 46.50 35.29
CA GLY EA 215 -98.77 46.76 34.37
C GLY EA 215 -98.30 47.11 32.97
N TYR EA 216 -97.25 46.44 32.50
CA TYR EA 216 -96.80 46.54 31.12
C TYR EA 216 -97.02 45.17 30.50
N GLU EA 217 -98.25 44.92 30.06
CA GLU EA 217 -98.57 43.61 29.51
C GLU EA 217 -98.00 43.44 28.12
N ALA EA 218 -98.20 44.42 27.25
CA ALA EA 218 -97.75 44.30 25.86
C ALA EA 218 -96.24 44.09 25.79
N LEU EA 219 -95.50 44.80 26.63
CA LEU EA 219 -94.06 44.60 26.68
C LEU EA 219 -93.70 43.17 27.04
N ALA EA 220 -94.40 42.59 28.01
CA ALA EA 220 -94.12 41.21 28.41
C ALA EA 220 -94.46 40.23 27.29
N LYS EA 221 -95.58 40.44 26.60
CA LYS EA 221 -95.93 39.55 25.50
C LYS EA 221 -94.88 39.60 24.40
N ARG EA 222 -94.41 40.80 24.06
CA ARG EA 222 -93.40 40.90 23.00
C ARG EA 222 -92.08 40.26 23.43
N LEU EA 223 -91.70 40.42 24.70
CA LEU EA 223 -90.49 39.76 25.18
C LEU EA 223 -90.63 38.25 25.12
N LEU EA 224 -91.81 37.73 25.44
CA LEU EA 224 -91.99 36.29 25.41
C LEU EA 224 -92.08 35.76 23.97
N GLU EA 225 -92.62 36.55 23.04
CA GLU EA 225 -92.56 36.19 21.62
C GLU EA 225 -91.12 36.09 21.14
N ALA EA 226 -90.29 37.07 21.51
CA ALA EA 226 -88.88 36.99 21.15
C ALA EA 226 -88.21 35.78 21.77
N ARG EA 227 -88.58 35.44 23.01
CA ARG EA 227 -88.02 34.25 23.64
C ARG EA 227 -88.44 32.98 22.91
N GLU EA 228 -89.70 32.91 22.48
CA GLU EA 228 -90.17 31.76 21.72
C GLU EA 228 -89.39 31.61 20.42
N LEU EA 229 -89.18 32.72 19.72
CA LEU EA 229 -88.38 32.65 18.50
C LEU EA 229 -86.94 32.25 18.80
N LEU EA 230 -86.44 32.58 19.99
CA LEU EA 230 -85.07 32.21 20.32
C LEU EA 230 -84.94 30.73 20.60
N LEU EA 231 -85.87 30.16 21.37
CA LEU EA 231 -85.76 28.75 21.76
C LEU EA 231 -85.93 27.80 20.58
N GLU EA 232 -86.51 28.28 19.48
CA GLU EA 232 -86.72 27.48 18.28
C GLU EA 232 -85.50 27.47 17.37
N GLY EA 233 -84.43 28.18 17.72
CA GLY EA 233 -83.25 28.26 16.89
C GLY EA 233 -83.21 29.45 15.95
N ARG EA 234 -84.32 30.17 15.79
CA ARG EA 234 -84.35 31.38 14.98
C ARG EA 234 -83.72 32.51 15.79
N VAL EA 235 -82.39 32.56 15.77
CA VAL EA 235 -81.67 33.56 16.54
C VAL EA 235 -81.84 34.95 15.93
N GLU EA 236 -81.84 35.04 14.61
CA GLU EA 236 -81.82 36.35 13.95
C GLU EA 236 -83.11 37.11 14.14
N GLU EA 237 -84.25 36.43 13.95
CA GLU EA 237 -85.53 37.08 14.18
C GLU EA 237 -85.70 37.42 15.65
N ALA EA 238 -85.19 36.57 16.54
CA ALA EA 238 -85.24 36.85 17.97
C ALA EA 238 -84.46 38.12 18.29
N ALA EA 239 -83.27 38.28 17.73
CA ALA EA 239 -82.47 39.47 17.98
C ALA EA 239 -83.13 40.71 17.40
N HIS EA 240 -83.71 40.61 16.21
CA HIS EA 240 -84.38 41.77 15.62
C HIS EA 240 -85.57 42.21 16.47
N LEU EA 241 -86.42 41.27 16.86
CA LEU EA 241 -87.60 41.62 17.64
C LEU EA 241 -87.22 42.10 19.04
N LEU EA 242 -86.18 41.50 19.62
CA LEU EA 242 -85.70 41.95 20.92
C LEU EA 242 -85.18 43.37 20.85
N GLU EA 243 -84.41 43.70 19.82
CA GLU EA 243 -83.88 45.06 19.72
C GLU EA 243 -85.01 46.06 19.48
N ASP EA 244 -86.05 45.69 18.74
CA ASP EA 244 -87.16 46.61 18.55
C ASP EA 244 -87.88 46.88 19.87
N VAL EA 245 -88.21 45.82 20.61
CA VAL EA 245 -88.94 46.03 21.86
C VAL EA 245 -88.05 46.75 22.89
N TYR EA 246 -86.75 46.47 22.88
CA TYR EA 246 -85.83 47.16 23.77
C TYR EA 246 -85.76 48.65 23.44
N ALA EA 247 -85.73 48.99 22.15
CA ALA EA 247 -85.71 50.40 21.79
C ALA EA 247 -86.96 51.12 22.27
N LEU EA 248 -88.12 50.51 22.09
CA LEU EA 248 -89.34 51.15 22.57
C LEU EA 248 -89.33 51.30 24.10
N PHE EA 249 -88.91 50.24 24.80
CA PHE EA 249 -88.83 50.28 26.26
C PHE EA 249 -87.86 51.35 26.74
N HIS EA 250 -86.71 51.48 26.08
CA HIS EA 250 -85.70 52.40 26.56
C HIS EA 250 -86.11 53.83 26.30
N ARG EA 251 -86.81 54.08 25.18
CA ARG EA 251 -87.42 55.40 25.00
C ARG EA 251 -88.40 55.70 26.13
N GLU EA 252 -89.20 54.69 26.51
CA GLU EA 252 -90.13 54.91 27.62
C GLU EA 252 -89.40 55.21 28.92
N ILE EA 253 -88.25 54.55 29.15
CA ILE EA 253 -87.47 54.81 30.35
C ILE EA 253 -86.93 56.24 30.35
N GLU EA 254 -86.33 56.64 29.24
CA GLU EA 254 -85.79 58.00 29.13
C GLU EA 254 -86.87 59.06 29.17
N ARG EA 255 -88.12 58.68 28.91
CA ARG EA 255 -89.22 59.63 29.08
C ARG EA 255 -89.32 60.12 30.51
N LEU EA 256 -89.15 59.22 31.48
CA LEU EA 256 -89.34 59.55 32.89
C LEU EA 256 -88.14 60.26 33.50
N GLY EA 257 -87.05 60.45 32.75
CA GLY EA 257 -85.96 61.27 33.24
C GLY EA 257 -85.24 60.64 34.41
N PHE EA 258 -85.07 61.42 35.48
CA PHE EA 258 -84.42 60.96 36.71
C PHE EA 258 -85.46 60.51 37.74
N GLU EA 259 -86.31 59.57 37.31
CA GLU EA 259 -87.31 58.96 38.17
C GLU EA 259 -87.89 57.76 37.44
N ALA EA 260 -88.03 56.64 38.15
CA ALA EA 260 -88.64 55.43 37.60
C ALA EA 260 -88.76 54.38 38.70
N PRO EA 261 -89.83 53.58 38.71
CA PRO EA 261 -89.92 52.50 39.68
C PRO EA 261 -88.73 51.57 39.55
N GLU EA 262 -88.31 51.01 40.68
CA GLU EA 262 -87.01 50.35 40.73
C GLU EA 262 -86.98 49.11 39.83
N GLU EA 263 -88.13 48.47 39.64
CA GLU EA 263 -88.18 47.29 38.79
C GLU EA 263 -87.89 47.62 37.33
N LEU EA 264 -88.27 48.82 36.87
CA LEU EA 264 -87.82 49.27 35.56
C LEU EA 264 -86.30 49.30 35.48
N ARG EA 265 -85.66 49.83 36.53
CA ARG EA 265 -84.21 49.95 36.53
C ARG EA 265 -83.55 48.58 36.51
N VAL EA 266 -84.13 47.61 37.22
CA VAL EA 266 -83.55 46.27 37.22
C VAL EA 266 -83.78 45.58 35.88
N ALA EA 267 -85.00 45.70 35.35
CA ALA EA 267 -85.34 45.07 34.08
C ALA EA 267 -84.48 45.60 32.95
N ASP EA 268 -84.07 46.87 33.03
CA ASP EA 268 -83.20 47.43 32.00
C ASP EA 268 -81.88 46.67 31.92
N LEU EA 269 -81.27 46.40 33.08
CA LEU EA 269 -80.03 45.65 33.07
C LEU EA 269 -80.25 44.20 32.67
N LEU EA 270 -81.38 43.61 33.07
CA LEU EA 270 -81.70 42.25 32.65
C LEU EA 270 -81.80 42.16 31.13
N LEU EA 271 -82.51 43.10 30.52
CA LEU EA 271 -82.67 43.12 29.07
C LEU EA 271 -81.35 43.37 28.38
N ALA EA 272 -80.51 44.25 28.92
CA ALA EA 272 -79.21 44.49 28.30
C ALA EA 272 -78.37 43.24 28.30
N ARG EA 273 -78.34 42.50 29.41
CA ARG EA 273 -77.56 41.27 29.46
C ARG EA 273 -78.14 40.21 28.55
N ALA EA 274 -79.47 40.12 28.47
CA ALA EA 274 -80.10 39.16 27.56
C ALA EA 274 -79.70 39.44 26.12
N ILE EA 275 -79.73 40.71 25.72
CA ILE EA 275 -79.35 41.07 24.36
C ILE EA 275 -77.88 40.77 24.12
N ALA EA 276 -77.01 41.07 25.08
CA ALA EA 276 -75.59 40.76 24.92
C ALA EA 276 -75.37 39.26 24.74
N LEU EA 277 -76.06 38.44 25.54
CA LEU EA 277 -75.91 37.00 25.43
C LEU EA 277 -76.39 36.48 24.08
N ILE EA 278 -77.54 36.98 23.61
CA ILE EA 278 -78.05 36.55 22.31
C ILE EA 278 -77.07 36.93 21.21
N LYS EA 279 -76.51 38.14 21.26
CA LYS EA 279 -75.54 38.56 20.26
C LYS EA 279 -74.28 37.71 20.32
N ALA EA 280 -73.90 37.23 21.51
CA ALA EA 280 -72.68 36.43 21.63
C ALA EA 280 -72.86 34.97 21.26
N ILE EA 281 -74.09 34.50 21.02
CA ILE EA 281 -74.32 33.14 20.58
C ILE EA 281 -73.58 32.85 19.29
N THR FA 24 -57.67 81.20 60.98
CA THR FA 24 -57.93 79.79 61.22
C THR FA 24 -57.42 78.94 60.08
N VAL FA 25 -57.11 79.59 58.96
CA VAL FA 25 -56.71 78.86 57.75
C VAL FA 25 -55.42 78.09 57.99
N VAL FA 26 -54.42 78.74 58.60
CA VAL FA 26 -53.17 78.06 58.89
C VAL FA 26 -53.38 76.97 59.93
N GLU FA 27 -54.28 77.20 60.88
CA GLU FA 27 -54.63 76.14 61.82
C GLU FA 27 -55.29 74.97 61.11
N GLU FA 28 -56.13 75.25 60.11
CA GLU FA 28 -56.73 74.18 59.32
C GLU FA 28 -55.68 73.40 58.56
N VAL FA 29 -54.69 74.08 58.00
CA VAL FA 29 -53.63 73.38 57.28
C VAL FA 29 -52.81 72.51 58.23
N ARG FA 30 -52.48 73.04 59.40
CA ARG FA 30 -51.75 72.26 60.40
C ARG FA 30 -52.56 71.04 60.83
N ARG FA 31 -53.85 71.23 61.10
CA ARG FA 31 -54.70 70.12 61.53
C ARG FA 31 -54.80 69.07 60.43
N PHE FA 32 -54.95 69.49 59.18
CA PHE FA 32 -55.02 68.56 58.07
C PHE FA 32 -53.75 67.73 57.96
N ALA FA 33 -52.59 68.40 58.02
CA ALA FA 33 -51.32 67.67 57.89
C ALA FA 33 -51.12 66.71 59.06
N GLU FA 34 -51.39 67.17 60.28
CA GLU FA 34 -51.18 66.31 61.44
C GLU FA 34 -52.13 65.11 61.43
N GLU FA 35 -53.40 65.32 61.07
CA GLU FA 35 -54.34 64.22 61.01
C GLU FA 35 -53.92 63.20 59.96
N LEU FA 36 -53.46 63.67 58.80
CA LEU FA 36 -52.99 62.74 57.78
C LEU FA 36 -51.77 61.96 58.27
N ALA FA 37 -50.85 62.62 58.97
CA ALA FA 37 -49.66 61.93 59.49
C ALA FA 37 -50.04 60.90 60.54
N GLU FA 38 -50.97 61.24 61.44
CA GLU FA 38 -51.42 60.29 62.45
C GLU FA 38 -52.07 59.07 61.80
N GLU FA 39 -52.90 59.30 60.78
CA GLU FA 39 -53.52 58.17 60.08
C GLU FA 39 -52.47 57.31 59.38
N VAL FA 40 -51.45 57.95 58.81
CA VAL FA 40 -50.39 57.19 58.16
C VAL FA 40 -49.70 56.29 59.17
N LEU FA 41 -49.40 56.82 60.36
CA LEU FA 41 -48.75 56.03 61.39
C LEU FA 41 -49.66 54.92 61.91
N ARG FA 42 -50.95 55.20 62.07
CA ARG FA 42 -51.87 54.18 62.56
C ARG FA 42 -51.99 53.03 61.57
N VAL FA 43 -52.17 53.34 60.29
CA VAL FA 43 -52.33 52.27 59.31
C VAL FA 43 -51.04 51.51 59.11
N GLY FA 44 -49.92 52.21 58.97
CA GLY FA 44 -48.66 51.58 58.67
C GLY FA 44 -47.73 51.32 59.84
N GLY FA 45 -48.07 51.82 61.03
CA GLY FA 45 -47.22 51.55 62.17
C GLY FA 45 -45.89 52.30 62.08
N GLU FA 46 -44.87 51.67 62.66
CA GLU FA 46 -43.52 52.21 62.61
C GLU FA 46 -42.75 51.73 61.38
N ALA FA 47 -43.39 50.97 60.50
CA ALA FA 47 -42.70 50.53 59.29
C ALA FA 47 -42.32 51.72 58.41
N MET FA 48 -43.22 52.68 58.26
CA MET FA 48 -42.98 53.93 57.55
C MET FA 48 -43.23 55.10 58.49
N ARG FA 49 -42.20 55.45 59.26
CA ARG FA 49 -42.09 56.71 59.98
C ARG FA 49 -41.64 57.85 59.07
N PRO FA 50 -40.81 57.61 58.05
CA PRO FA 50 -40.45 58.72 57.14
C PRO FA 50 -41.63 59.45 56.55
N TYR FA 51 -42.70 58.74 56.17
CA TYR FA 51 -43.82 59.39 55.51
C TYR FA 51 -44.54 60.35 56.45
N ALA FA 52 -44.60 60.01 57.74
CA ALA FA 52 -45.18 60.93 58.71
C ALA FA 52 -44.36 62.21 58.81
N GLU FA 53 -43.04 62.10 58.80
CA GLU FA 53 -42.19 63.28 58.82
C GLU FA 53 -42.37 64.11 57.56
N MET FA 54 -42.48 63.45 56.40
CA MET FA 54 -42.67 64.16 55.15
C MET FA 54 -43.99 64.92 55.15
N VAL FA 55 -45.06 64.29 55.62
CA VAL FA 55 -46.34 64.97 55.72
C VAL FA 55 -46.25 66.15 56.67
N ARG FA 56 -45.58 65.97 57.80
CA ARG FA 56 -45.53 67.04 58.80
C ARG FA 56 -44.70 68.24 58.30
N HIS FA 57 -43.58 67.98 57.63
CA HIS FA 57 -42.80 69.08 57.06
C HIS FA 57 -43.52 69.75 55.90
N LEU FA 58 -44.26 69.01 55.07
CA LEU FA 58 -45.00 69.67 54.01
C LEU FA 58 -46.13 70.53 54.58
N GLY FA 59 -46.76 70.07 55.67
CA GLY FA 59 -47.70 70.95 56.36
C GLY FA 59 -47.03 72.19 56.91
N GLU FA 60 -45.82 72.03 57.45
CA GLU FA 60 -45.08 73.18 57.99
C GLU FA 60 -44.69 74.17 56.88
N ALA FA 61 -44.23 73.66 55.74
CA ALA FA 61 -43.90 74.53 54.61
C ALA FA 61 -45.14 75.27 54.12
N ALA FA 62 -46.28 74.58 54.06
CA ALA FA 62 -47.51 75.24 53.64
C ALA FA 62 -47.89 76.37 54.59
N VAL FA 63 -47.82 76.12 55.90
CA VAL FA 63 -48.23 77.17 56.83
C VAL FA 63 -47.21 78.31 56.83
N ALA FA 64 -45.93 78.00 56.60
CA ALA FA 64 -44.95 79.06 56.44
C ALA FA 64 -45.30 79.94 55.25
N ALA FA 65 -45.65 79.33 54.12
CA ALA FA 65 -46.03 80.11 52.94
C ALA FA 65 -47.28 80.95 53.21
N LEU FA 66 -48.27 80.39 53.90
CA LEU FA 66 -49.46 81.17 54.22
C LEU FA 66 -49.20 82.28 55.22
N GLU FA 67 -48.12 82.19 56.01
CA GLU FA 67 -47.87 83.22 57.02
C GLU FA 67 -46.62 84.04 56.71
N GLY FA 68 -46.50 84.49 55.47
CA GLY FA 68 -45.32 85.19 55.04
C GLY FA 68 -44.31 84.23 54.44
N ARG FA 69 -43.04 84.65 54.46
CA ARG FA 69 -41.91 83.79 54.14
C ARG FA 69 -41.87 83.34 52.68
N ALA FA 70 -40.67 83.10 52.16
CA ALA FA 70 -40.47 82.44 50.88
C ALA FA 70 -39.28 81.50 50.88
N GLU FA 71 -38.36 81.62 51.83
CA GLU FA 71 -37.14 80.85 51.89
C GLU FA 71 -37.28 79.60 52.76
N GLU FA 72 -38.02 79.71 53.87
CA GLU FA 72 -38.31 78.54 54.69
C GLU FA 72 -39.09 77.50 53.89
N ALA FA 73 -40.04 77.96 53.07
CA ALA FA 73 -40.78 77.03 52.22
C ALA FA 73 -39.84 76.30 51.27
N ASP FA 74 -38.93 77.02 50.64
CA ASP FA 74 -37.97 76.38 49.74
C ASP FA 74 -37.11 75.36 50.48
N ARG FA 75 -36.63 75.73 51.67
CA ARG FA 75 -35.77 74.82 52.41
C ARG FA 75 -36.51 73.57 52.83
N LEU FA 76 -37.72 73.72 53.36
CA LEU FA 76 -38.48 72.55 53.79
C LEU FA 76 -38.82 71.65 52.62
N VAL FA 77 -39.21 72.24 51.48
CA VAL FA 77 -39.52 71.42 50.31
C VAL FA 77 -38.29 70.67 49.83
N ARG FA 78 -37.12 71.32 49.90
CA ARG FA 78 -35.89 70.63 49.53
C ARG FA 78 -35.57 69.48 50.50
N ASP FA 79 -35.83 69.69 51.78
CA ASP FA 79 -35.63 68.62 52.77
C ASP FA 79 -36.53 67.43 52.47
N VAL FA 80 -37.82 67.68 52.22
CA VAL FA 80 -38.73 66.59 51.89
C VAL FA 80 -38.33 65.94 50.57
N LEU FA 81 -37.79 66.72 49.63
CA LEU FA 81 -37.32 66.13 48.39
C LEU FA 81 -36.17 65.16 48.66
N GLU FA 82 -35.27 65.55 49.57
CA GLU FA 82 -34.17 64.65 49.94
C GLU FA 82 -34.69 63.38 50.60
N MET FA 83 -35.68 63.50 51.49
CA MET FA 83 -36.26 62.31 52.10
C MET FA 83 -36.87 61.39 51.04
N ALA FA 84 -37.61 61.98 50.10
CA ALA FA 84 -38.18 61.17 49.03
C ALA FA 84 -37.11 60.50 48.21
N ARG FA 85 -35.98 61.19 47.99
CA ARG FA 85 -34.87 60.58 47.27
C ARG FA 85 -34.35 59.36 48.01
N GLU FA 86 -34.14 59.47 49.32
CA GLU FA 86 -33.51 58.36 50.03
C GLU FA 86 -34.47 57.19 50.24
N VAL FA 87 -35.74 57.47 50.53
CA VAL FA 87 -36.71 56.40 50.78
C VAL FA 87 -36.90 55.56 49.53
N GLY FA 88 -37.04 56.20 48.38
CA GLY FA 88 -37.32 55.50 47.13
C GLY FA 88 -38.58 55.95 46.43
N ALA FA 89 -39.33 56.92 46.98
CA ALA FA 89 -40.52 57.42 46.33
C ALA FA 89 -40.12 58.25 45.12
N GLU FA 90 -40.45 57.75 43.93
CA GLU FA 90 -40.05 58.43 42.70
C GLU FA 90 -41.05 59.50 42.28
N GLY FA 91 -42.32 59.09 42.07
CA GLY FA 91 -43.32 60.05 41.65
C GLY FA 91 -43.48 61.19 42.63
N LEU FA 92 -43.40 60.88 43.93
CA LEU FA 92 -43.45 61.92 44.93
C LEU FA 92 -42.26 62.86 44.82
N ALA FA 93 -41.08 62.32 44.52
CA ALA FA 93 -39.90 63.17 44.34
C ALA FA 93 -40.08 64.12 43.15
N ARG FA 94 -40.57 63.60 42.03
CA ARG FA 94 -40.81 64.47 40.88
C ARG FA 94 -41.83 65.56 41.23
N LEU FA 95 -42.92 65.18 41.88
CA LEU FA 95 -43.92 66.16 42.25
C LEU FA 95 -43.31 67.20 43.18
N LEU FA 96 -42.41 66.79 44.06
CA LEU FA 96 -41.82 67.73 45.01
C LEU FA 96 -40.89 68.72 44.31
N GLU FA 97 -40.13 68.26 43.32
CA GLU FA 97 -39.34 69.21 42.53
C GLU FA 97 -40.25 70.22 41.81
N ARG FA 98 -41.35 69.74 41.24
CA ARG FA 98 -42.28 70.66 40.59
C ARG FA 98 -42.87 71.66 41.57
N VAL FA 99 -43.23 71.20 42.77
CA VAL FA 99 -43.69 72.14 43.79
C VAL FA 99 -42.61 73.15 44.11
N HIS FA 100 -41.36 72.72 44.18
CA HIS FA 100 -40.28 73.64 44.49
C HIS FA 100 -40.21 74.78 43.47
N ARG FA 101 -40.15 74.42 42.19
CA ARG FA 101 -40.01 75.43 41.14
C ARG FA 101 -41.23 76.35 41.09
N GLU FA 102 -42.42 75.78 41.01
CA GLU FA 102 -43.62 76.63 40.98
C GLU FA 102 -43.71 77.51 42.22
N ALA FA 103 -43.64 76.92 43.42
CA ALA FA 103 -43.74 77.71 44.64
C ALA FA 103 -42.79 78.89 44.60
N ARG FA 104 -41.57 78.68 44.09
CA ARG FA 104 -40.66 79.83 43.91
C ARG FA 104 -41.27 80.88 42.97
N GLU FA 105 -41.78 80.45 41.82
CA GLU FA 105 -42.32 81.41 40.85
C GLU FA 105 -43.47 82.22 41.44
N LEU FA 106 -44.46 81.53 42.01
CA LEU FA 106 -45.63 82.23 42.52
C LEU FA 106 -45.31 83.03 43.79
N LEU FA 107 -44.29 82.63 44.54
CA LEU FA 107 -43.89 83.47 45.67
C LEU FA 107 -43.19 84.73 45.19
N ARG FA 108 -42.44 84.64 44.09
CA ARG FA 108 -41.88 85.85 43.48
C ARG FA 108 -42.99 86.76 42.98
N GLU FA 109 -44.03 86.19 42.36
CA GLU FA 109 -45.15 86.98 41.88
C GLU FA 109 -46.04 87.51 43.00
N GLY FA 110 -45.84 87.07 44.24
CA GLY FA 110 -46.60 87.60 45.35
C GLY FA 110 -47.87 86.85 45.69
N ARG FA 111 -48.28 85.87 44.88
CA ARG FA 111 -49.45 85.06 45.16
C ARG FA 111 -49.07 83.96 46.15
N ARG FA 112 -49.80 83.88 47.26
CA ARG FA 112 -49.46 82.96 48.34
C ARG FA 112 -50.36 81.75 48.42
N GLU FA 113 -51.66 81.91 48.14
CA GLU FA 113 -52.60 80.81 48.34
C GLU FA 113 -52.27 79.63 47.43
N GLU FA 114 -51.91 79.90 46.18
CA GLU FA 114 -51.66 78.81 45.24
C GLU FA 114 -50.40 78.03 45.56
N ALA FA 115 -49.36 78.68 46.09
CA ALA FA 115 -48.16 77.95 46.50
C ALA FA 115 -48.47 77.01 47.67
N ALA FA 116 -49.20 77.50 48.66
CA ALA FA 116 -49.67 76.63 49.73
C ALA FA 116 -50.56 75.53 49.20
N ALA FA 117 -51.33 75.80 48.14
CA ALA FA 117 -52.17 74.78 47.55
C ALA FA 117 -51.33 73.67 46.94
N LEU FA 118 -50.27 74.03 46.22
CA LEU FA 118 -49.37 73.01 45.68
C LEU FA 118 -48.74 72.19 46.80
N VAL FA 119 -48.32 72.87 47.87
CA VAL FA 119 -47.70 72.16 48.99
C VAL FA 119 -48.68 71.21 49.66
N LEU FA 120 -49.93 71.65 49.86
CA LEU FA 120 -50.95 70.80 50.48
C LEU FA 120 -51.25 69.60 49.61
N ALA FA 121 -51.34 69.79 48.30
CA ALA FA 121 -51.52 68.66 47.41
C ALA FA 121 -50.35 67.69 47.52
N ALA FA 122 -49.13 68.22 47.70
CA ALA FA 122 -47.97 67.35 47.87
C ALA FA 122 -48.06 66.53 49.16
N ALA FA 123 -48.49 67.18 50.25
CA ALA FA 123 -48.66 66.46 51.52
C ALA FA 123 -49.71 65.37 51.39
N LEU FA 124 -50.82 65.67 50.72
CA LEU FA 124 -51.85 64.67 50.50
C LEU FA 124 -51.33 63.51 49.66
N ALA FA 125 -50.51 63.81 48.65
CA ALA FA 125 -49.94 62.74 47.86
C ALA FA 125 -49.06 61.84 48.71
N ALA FA 126 -48.25 62.44 49.61
CA ALA FA 126 -47.39 61.64 50.47
C ALA FA 126 -48.18 60.76 51.43
N GLY FA 127 -49.18 61.34 52.11
CA GLY FA 127 -50.01 60.54 53.00
C GLY FA 127 -50.73 59.43 52.27
N ALA FA 128 -51.30 59.75 51.11
CA ALA FA 128 -52.06 58.77 50.35
C ALA FA 128 -51.17 57.65 49.85
N VAL FA 129 -49.97 57.94 49.37
CA VAL FA 129 -49.09 56.86 48.92
C VAL FA 129 -48.69 55.98 50.09
N ALA FA 130 -48.40 56.59 51.26
CA ALA FA 130 -48.07 55.77 52.42
C ALA FA 130 -49.19 54.81 52.77
N VAL FA 131 -50.41 55.34 52.92
CA VAL FA 131 -51.54 54.50 53.31
C VAL FA 131 -51.84 53.47 52.22
N ALA FA 132 -51.67 53.83 50.96
CA ALA FA 132 -51.95 52.90 49.88
C ALA FA 132 -51.00 51.72 49.90
N GLU FA 133 -49.70 51.96 50.07
CA GLU FA 133 -48.79 50.81 50.13
C GLU FA 133 -49.00 50.01 51.41
N ALA FA 134 -49.42 50.67 52.49
CA ALA FA 134 -49.77 49.92 53.69
C ALA FA 134 -50.91 48.97 53.42
N TYR FA 135 -51.97 49.46 52.77
CA TYR FA 135 -53.12 48.60 52.44
C TYR FA 135 -52.72 47.48 51.50
N VAL FA 136 -51.86 47.78 50.52
CA VAL FA 136 -51.48 46.76 49.54
C VAL FA 136 -50.64 45.67 50.20
N ARG FA 137 -49.74 46.03 51.13
CA ARG FA 137 -48.89 45.02 51.75
C ARG FA 137 -49.70 44.02 52.56
N LEU FA 138 -50.67 44.48 53.33
CA LEU FA 138 -51.48 43.57 54.14
C LEU FA 138 -52.73 43.10 53.41
N GLY FA 139 -52.79 43.25 52.09
CA GLY FA 139 -53.78 42.59 51.26
C GLY FA 139 -55.23 42.94 51.48
N GLN FA 140 -55.55 44.20 51.68
CA GLN FA 140 -56.95 44.60 51.80
C GLN FA 140 -57.55 44.82 50.41
N PRO FA 141 -58.88 44.68 50.29
CA PRO FA 141 -59.51 44.78 48.96
C PRO FA 141 -59.40 46.19 48.39
N ILE FA 142 -59.50 46.25 47.05
CA ILE FA 142 -59.32 47.49 46.32
C ILE FA 142 -60.43 48.50 46.58
N ARG FA 143 -61.63 48.04 46.96
CA ARG FA 143 -62.70 48.97 47.31
C ARG FA 143 -62.24 49.95 48.39
N LEU FA 144 -61.49 49.45 49.37
CA LEU FA 144 -61.06 50.32 50.47
C LEU FA 144 -60.09 51.39 50.00
N ILE FA 145 -59.13 51.03 49.16
CA ILE FA 145 -58.21 52.02 48.61
C ILE FA 145 -58.98 53.06 47.80
N ALA FA 146 -59.89 52.60 46.93
CA ALA FA 146 -60.62 53.52 46.07
C ALA FA 146 -61.47 54.49 46.89
N GLU FA 147 -62.20 53.98 47.88
CA GLU FA 147 -63.04 54.85 48.70
C GLU FA 147 -62.20 55.81 49.52
N TYR FA 148 -61.07 55.33 50.05
CA TYR FA 148 -60.19 56.18 50.82
C TYR FA 148 -59.70 57.35 50.00
N VAL FA 149 -59.14 57.07 48.82
CA VAL FA 149 -58.58 58.14 47.99
C VAL FA 149 -59.66 59.09 47.54
N ALA FA 150 -60.83 58.57 47.13
CA ALA FA 150 -61.89 59.46 46.68
C ALA FA 150 -62.33 60.42 47.77
N GLU FA 151 -62.49 59.90 49.00
CA GLU FA 151 -62.93 60.78 50.08
C GLU FA 151 -61.86 61.81 50.43
N ARG FA 152 -60.59 61.40 50.39
CA ARG FA 152 -59.51 62.35 50.66
C ARG FA 152 -59.48 63.46 49.62
N LEU FA 153 -59.66 63.11 48.35
CA LEU FA 153 -59.68 64.12 47.30
C LEU FA 153 -60.83 65.09 47.49
N VAL FA 154 -62.00 64.58 47.90
CA VAL FA 154 -63.12 65.48 48.13
C VAL FA 154 -62.82 66.43 49.29
N GLU FA 155 -62.22 65.91 50.37
CA GLU FA 155 -61.88 66.76 51.51
C GLU FA 155 -60.88 67.85 51.12
N LEU FA 156 -59.86 67.48 50.34
CA LEU FA 156 -58.89 68.46 49.87
C LEU FA 156 -59.55 69.50 48.98
N ALA FA 157 -60.47 69.07 48.12
CA ALA FA 157 -61.17 70.03 47.27
C ALA FA 157 -61.96 71.01 48.10
N GLU FA 158 -62.60 70.54 49.17
CA GLU FA 158 -63.32 71.45 50.04
C GLU FA 158 -62.37 72.45 50.69
N LEU FA 159 -61.20 71.97 51.14
CA LEU FA 159 -60.22 72.87 51.76
C LEU FA 159 -59.75 73.93 50.77
N LEU FA 160 -59.38 73.51 49.56
CA LEU FA 160 -58.88 74.45 48.56
C LEU FA 160 -59.97 75.44 48.14
N ARG FA 161 -61.22 75.01 48.15
CA ARG FA 161 -62.31 75.95 47.93
C ARG FA 161 -62.39 76.96 49.06
N ARG FA 162 -62.13 76.51 50.29
CA ARG FA 162 -62.13 77.45 51.42
C ARG FA 162 -61.01 78.48 51.30
N LEU FA 163 -59.82 78.06 50.87
CA LEU FA 163 -58.71 79.00 50.74
C LEU FA 163 -59.00 80.07 49.71
N GLY FA 164 -59.38 79.67 48.50
CA GLY FA 164 -59.68 80.62 47.45
C GLY FA 164 -59.09 80.30 46.09
N VAL FA 165 -58.45 79.14 45.96
CA VAL FA 165 -57.88 78.74 44.67
C VAL FA 165 -59.01 78.58 43.66
N PRO FA 166 -58.81 78.98 42.40
CA PRO FA 166 -59.86 78.75 41.39
C PRO FA 166 -60.07 77.28 41.08
N LEU FA 167 -61.28 76.97 40.60
CA LEU FA 167 -61.74 75.60 40.52
C LEU FA 167 -60.89 74.76 39.57
N ARG FA 168 -60.53 75.30 38.41
CA ARG FA 168 -59.80 74.52 37.44
C ARG FA 168 -58.42 74.14 37.96
N ARG FA 169 -57.78 75.05 38.70
CA ARG FA 169 -56.54 74.69 39.37
C ARG FA 169 -56.75 73.59 40.39
N ILE FA 170 -57.88 73.64 41.11
CA ILE FA 170 -58.21 72.58 42.05
C ILE FA 170 -58.23 71.24 41.34
N ILE FA 171 -58.92 71.17 40.20
CA ILE FA 171 -59.06 69.90 39.50
C ILE FA 171 -57.71 69.43 38.97
N ARG FA 172 -56.87 70.38 38.52
CA ARG FA 172 -55.54 70.00 38.04
C ARG FA 172 -54.69 69.42 39.17
N LEU FA 173 -54.74 70.03 40.36
CA LEU FA 173 -54.01 69.48 41.50
C LEU FA 173 -54.51 68.09 41.87
N LEU FA 174 -55.84 67.91 41.88
CA LEU FA 174 -56.41 66.63 42.24
C LEU FA 174 -55.98 65.55 41.26
N GLU FA 175 -55.93 65.88 39.97
CA GLU FA 175 -55.46 64.91 38.99
C GLU FA 175 -53.97 64.60 39.17
N GLU FA 176 -53.16 65.59 39.56
CA GLU FA 176 -51.77 65.29 39.86
C GLU FA 176 -51.64 64.32 41.03
N VAL FA 177 -52.42 64.54 42.08
CA VAL FA 177 -52.41 63.64 43.23
C VAL FA 177 -52.81 62.23 42.81
N LEU FA 178 -53.85 62.13 41.99
CA LEU FA 178 -54.29 60.83 41.52
C LEU FA 178 -53.21 60.15 40.69
N ARG FA 179 -52.48 60.92 39.89
CA ARG FA 179 -51.41 60.34 39.09
C ARG FA 179 -50.32 59.76 39.98
N VAL FA 180 -49.95 60.49 41.03
CA VAL FA 180 -48.93 59.99 41.95
C VAL FA 180 -49.41 58.72 42.63
N VAL FA 181 -50.66 58.69 43.08
CA VAL FA 181 -51.19 57.52 43.76
C VAL FA 181 -51.20 56.32 42.81
N ALA FA 182 -51.60 56.54 41.56
CA ALA FA 182 -51.61 55.44 40.59
C ALA FA 182 -50.21 54.93 40.32
N GLU FA 183 -49.22 55.83 40.22
CA GLU FA 183 -47.85 55.37 40.04
C GLU FA 183 -47.39 54.54 41.23
N ALA FA 184 -47.74 54.97 42.44
CA ALA FA 184 -47.38 54.22 43.64
C ALA FA 184 -47.98 52.83 43.61
N LEU FA 185 -49.27 52.73 43.30
CA LEU FA 185 -49.93 51.44 43.26
C LEU FA 185 -49.35 50.57 42.15
N ARG FA 186 -48.86 51.18 41.07
CA ARG FA 186 -48.18 50.40 40.04
C ARG FA 186 -46.87 49.83 40.57
N ARG FA 187 -46.11 50.62 41.33
CA ARG FA 187 -44.84 50.12 41.87
C ARG FA 187 -45.05 49.00 42.87
N ALA FA 188 -46.20 48.97 43.55
CA ALA FA 188 -46.49 47.93 44.53
C ALA FA 188 -47.04 46.66 43.90
N GLY FA 189 -47.12 46.59 42.58
CA GLY FA 189 -47.55 45.39 41.90
C GLY FA 189 -49.05 45.24 41.71
N VAL FA 190 -49.84 46.25 42.04
CA VAL FA 190 -51.29 46.15 41.83
C VAL FA 190 -51.58 46.05 40.34
N PRO FA 191 -52.43 45.13 39.90
CA PRO FA 191 -52.69 45.00 38.46
C PRO FA 191 -53.36 46.25 37.89
N GLU FA 192 -53.09 46.50 36.61
CA GLU FA 192 -53.52 47.74 35.98
C GLU FA 192 -55.03 47.96 36.02
N PRO FA 193 -55.89 46.98 35.72
CA PRO FA 193 -57.33 47.25 35.77
C PRO FA 193 -57.82 47.76 37.11
N GLU FA 194 -57.23 47.28 38.21
CA GLU FA 194 -57.62 47.81 39.52
C GLU FA 194 -57.20 49.27 39.67
N ILE FA 195 -56.06 49.66 39.11
CA ILE FA 195 -55.66 51.07 39.13
C ILE FA 195 -56.65 51.91 38.35
N ARG FA 196 -57.07 51.43 37.18
CA ARG FA 196 -58.07 52.16 36.41
C ARG FA 196 -59.38 52.27 37.18
N LYS FA 197 -59.77 51.20 37.87
CA LYS FA 197 -60.98 51.26 38.70
C LYS FA 197 -60.84 52.31 39.79
N VAL FA 198 -59.67 52.39 40.42
CA VAL FA 198 -59.44 53.40 41.44
C VAL FA 198 -59.63 54.80 40.86
N GLU FA 199 -58.98 55.07 39.73
CA GLU FA 199 -59.05 56.41 39.15
C GLU FA 199 -60.47 56.74 38.71
N ALA FA 200 -61.17 55.79 38.08
CA ALA FA 200 -62.53 56.04 37.62
C ALA FA 200 -63.46 56.31 38.79
N ALA FA 201 -63.29 55.56 39.89
CA ALA FA 201 -64.09 55.85 41.07
C ALA FA 201 -63.82 57.25 41.60
N ALA FA 202 -62.55 57.66 41.60
CA ALA FA 202 -62.22 59.02 42.05
C ALA FA 202 -62.89 60.07 41.17
N TYR FA 203 -62.86 59.85 39.85
CA TYR FA 203 -63.46 60.82 38.92
C TYR FA 203 -64.97 60.90 39.09
N ILE FA 204 -65.63 59.75 39.26
CA ILE FA 204 -67.08 59.77 39.45
C ILE FA 204 -67.46 60.43 40.77
N ARG FA 205 -66.66 60.20 41.81
CA ARG FA 205 -66.92 60.88 43.08
C ARG FA 205 -66.73 62.38 42.95
N LEU FA 206 -65.68 62.82 42.25
CA LEU FA 206 -65.46 64.25 42.05
C LEU FA 206 -66.58 64.87 41.24
N ALA FA 207 -67.03 64.19 40.18
CA ALA FA 207 -68.12 64.70 39.36
C ALA FA 207 -69.40 64.83 40.18
N ALA FA 208 -69.70 63.83 41.01
CA ALA FA 208 -70.88 63.90 41.85
C ALA FA 208 -70.78 65.05 42.84
N TYR FA 209 -69.60 65.24 43.42
CA TYR FA 209 -69.40 66.33 44.37
C TYR FA 209 -69.60 67.69 43.71
N LEU FA 210 -69.09 67.86 42.49
CA LEU FA 210 -69.31 69.12 41.78
C LEU FA 210 -70.78 69.32 41.45
N LEU FA 211 -71.46 68.25 41.00
CA LEU FA 211 -72.85 68.38 40.59
C LEU FA 211 -73.77 68.69 41.76
N ARG FA 212 -73.41 68.24 42.97
CA ARG FA 212 -74.31 68.41 44.10
C ARG FA 212 -74.44 69.87 44.52
N GLN FA 213 -73.37 70.66 44.36
CA GLN FA 213 -73.41 72.05 44.81
C GLN FA 213 -74.44 72.87 44.04
N LEU FA 214 -74.56 72.64 42.74
CA LEU FA 214 -75.47 73.40 41.89
C LEU FA 214 -76.91 72.96 42.02
N GLY FA 215 -77.19 71.88 42.74
CA GLY FA 215 -78.56 71.48 42.95
C GLY FA 215 -79.06 70.45 41.95
N TYR FA 216 -78.20 69.49 41.60
CA TYR FA 216 -78.60 68.35 40.77
C TYR FA 216 -78.41 67.12 41.64
N GLU FA 217 -79.41 66.83 42.47
CA GLU FA 217 -79.27 65.74 43.43
C GLU FA 217 -79.45 64.39 42.74
N ALA FA 218 -80.50 64.25 41.94
CA ALA FA 218 -80.78 62.96 41.30
C ALA FA 218 -79.61 62.51 40.44
N LEU FA 219 -79.00 63.45 39.72
CA LEU FA 219 -77.81 63.14 38.94
C LEU FA 219 -76.70 62.57 39.81
N ALA FA 220 -76.46 63.18 40.98
CA ALA FA 220 -75.42 62.69 41.87
C ALA FA 220 -75.74 61.30 42.39
N LYS FA 221 -77.01 61.04 42.74
CA LYS FA 221 -77.36 59.70 43.19
C LYS FA 221 -77.14 58.67 42.10
N ARG FA 222 -77.51 58.97 40.86
CA ARG FA 222 -77.30 58.00 39.79
C ARG FA 222 -75.81 57.76 39.55
N LEU FA 223 -75.00 58.81 39.62
CA LEU FA 223 -73.56 58.63 39.43
C LEU FA 223 -72.96 57.79 40.55
N LEU FA 224 -73.41 57.98 41.78
CA LEU FA 224 -72.88 57.19 42.87
C LEU FA 224 -73.38 55.74 42.83
N GLU FA 225 -74.60 55.51 42.32
CA GLU FA 225 -75.04 54.14 42.08
C GLU FA 225 -74.16 53.45 41.06
N ALA FA 226 -73.84 54.15 39.97
CA ALA FA 226 -72.92 53.58 38.99
C ALA FA 226 -71.56 53.29 39.61
N ARG FA 227 -71.09 54.18 40.49
CA ARG FA 227 -69.82 53.94 41.17
C ARG FA 227 -69.89 52.70 42.05
N GLU FA 228 -70.99 52.52 42.78
CA GLU FA 228 -71.14 51.33 43.62
C GLU FA 228 -71.13 50.07 42.77
N LEU FA 229 -71.86 50.08 41.66
CA LEU FA 229 -71.82 48.91 40.77
C LEU FA 229 -70.43 48.68 40.22
N LEU FA 230 -69.64 49.74 40.05
CA LEU FA 230 -68.29 49.57 39.53
C LEU FA 230 -67.37 48.93 40.56
N LEU FA 231 -67.43 49.40 41.80
CA LEU FA 231 -66.52 48.91 42.83
C LEU FA 231 -66.79 47.45 43.19
N GLU FA 232 -67.97 46.94 42.89
CA GLU FA 232 -68.35 45.57 43.19
C GLU FA 232 -67.88 44.58 42.13
N GLY FA 233 -67.23 45.05 41.07
CA GLY FA 233 -66.80 44.20 40.00
C GLY FA 233 -67.78 44.09 38.84
N ARG FA 234 -69.01 44.55 39.01
CA ARG FA 234 -69.99 44.58 37.92
C ARG FA 234 -69.65 45.76 37.02
N VAL FA 235 -68.70 45.53 36.12
CA VAL FA 235 -68.24 46.60 35.23
C VAL FA 235 -69.31 46.94 34.21
N GLU FA 236 -70.00 45.92 33.68
CA GLU FA 236 -70.90 46.13 32.55
C GLU FA 236 -72.13 46.94 32.95
N GLU FA 237 -72.74 46.59 34.08
CA GLU FA 237 -73.88 47.37 34.55
C GLU FA 237 -73.45 48.79 34.92
N ALA FA 238 -72.23 48.94 35.45
CA ALA FA 238 -71.71 50.27 35.73
C ALA FA 238 -71.58 51.09 34.46
N ALA FA 239 -71.05 50.50 33.40
CA ALA FA 239 -70.92 51.22 32.14
C ALA FA 239 -72.27 51.57 31.54
N HIS FA 240 -73.24 50.66 31.62
CA HIS FA 240 -74.55 50.94 31.05
C HIS FA 240 -75.26 52.07 31.81
N LEU FA 241 -75.26 51.99 33.14
CA LEU FA 241 -75.92 53.03 33.92
C LEU FA 241 -75.18 54.37 33.79
N LEU FA 242 -73.86 54.32 33.69
CA LEU FA 242 -73.08 55.53 33.48
C LEU FA 242 -73.39 56.18 32.14
N GLU FA 243 -73.49 55.39 31.07
CA GLU FA 243 -73.79 56.00 29.78
C GLU FA 243 -75.21 56.54 29.73
N ASP FA 244 -76.16 55.90 30.41
CA ASP FA 244 -77.51 56.46 30.46
C ASP FA 244 -77.51 57.81 31.17
N VAL FA 245 -76.90 57.89 32.35
CA VAL FA 245 -76.92 59.15 33.07
C VAL FA 245 -76.11 60.22 32.33
N TYR FA 246 -75.01 59.84 31.68
CA TYR FA 246 -74.24 60.80 30.90
C TYR FA 246 -75.05 61.31 29.72
N ALA FA 247 -75.82 60.45 29.07
CA ALA FA 247 -76.64 60.90 27.95
C ALA FA 247 -77.66 61.93 28.40
N LEU FA 248 -78.33 61.67 29.52
CA LEU FA 248 -79.31 62.65 30.00
C LEU FA 248 -78.63 63.96 30.39
N PHE FA 249 -77.48 63.87 31.07
CA PHE FA 249 -76.74 65.06 31.45
C PHE FA 249 -76.29 65.86 30.25
N HIS FA 250 -75.81 65.18 29.21
CA HIS FA 250 -75.28 65.88 28.05
C HIS FA 250 -76.40 66.55 27.26
N ARG FA 251 -77.56 65.91 27.19
CA ARG FA 251 -78.72 66.60 26.61
C ARG FA 251 -79.05 67.85 27.40
N GLU FA 252 -78.96 67.78 28.73
CA GLU FA 252 -79.19 68.98 29.54
C GLU FA 252 -78.16 70.06 29.26
N ILE FA 253 -76.90 69.66 29.06
CA ILE FA 253 -75.83 70.60 28.74
C ILE FA 253 -76.13 71.30 27.41
N GLU FA 254 -76.44 70.53 26.38
CA GLU FA 254 -76.73 71.10 25.07
C GLU FA 254 -78.01 71.92 25.08
N ARG FA 255 -78.89 71.71 26.07
CA ARG FA 255 -80.06 72.56 26.18
C ARG FA 255 -79.67 74.01 26.40
N LEU FA 256 -78.67 74.26 27.24
CA LEU FA 256 -78.28 75.60 27.61
C LEU FA 256 -77.44 76.31 26.55
N GLY FA 257 -77.08 75.61 25.47
CA GLY FA 257 -76.42 76.29 24.35
C GLY FA 257 -75.03 76.77 24.71
N PHE FA 258 -74.77 78.04 24.39
CA PHE FA 258 -73.49 78.68 24.68
C PHE FA 258 -73.55 79.45 26.00
N GLU FA 259 -73.95 78.73 27.05
CA GLU FA 259 -73.99 79.25 28.41
C GLU FA 259 -74.20 78.09 29.35
N ALA FA 260 -73.37 78.02 30.41
CA ALA FA 260 -73.50 77.02 31.45
C ALA FA 260 -72.51 77.33 32.57
N PRO FA 261 -72.88 77.12 33.84
CA PRO FA 261 -71.92 77.34 34.93
C PRO FA 261 -70.68 76.49 34.74
N GLU FA 262 -69.54 77.02 35.18
CA GLU FA 262 -68.26 76.40 34.87
C GLU FA 262 -68.15 75.00 35.47
N GLU FA 263 -68.85 74.74 36.58
CA GLU FA 263 -68.78 73.42 37.16
C GLU FA 263 -69.45 72.37 36.27
N LEU FA 264 -70.49 72.73 35.53
CA LEU FA 264 -71.02 71.82 34.52
C LEU FA 264 -69.96 71.50 33.48
N ARG FA 265 -69.23 72.51 33.03
CA ARG FA 265 -68.22 72.30 32.01
C ARG FA 265 -67.10 71.39 32.52
N VAL FA 266 -66.70 71.55 33.78
CA VAL FA 266 -65.65 70.70 34.33
C VAL FA 266 -66.16 69.29 34.54
N ALA FA 267 -67.39 69.15 35.05
CA ALA FA 267 -67.97 67.84 35.27
C ALA FA 267 -68.13 67.08 33.97
N ASP FA 268 -68.36 67.78 32.87
CA ASP FA 268 -68.47 67.10 31.57
C ASP FA 268 -67.17 66.39 31.23
N LEU FA 269 -66.04 67.05 31.43
CA LEU FA 269 -64.76 66.42 31.13
C LEU FA 269 -64.44 65.32 32.12
N LEU FA 270 -64.80 65.52 33.39
CA LEU FA 270 -64.58 64.48 34.40
C LEU FA 270 -65.36 63.22 34.04
N LEU FA 271 -66.63 63.37 33.65
CA LEU FA 271 -67.45 62.23 33.28
C LEU FA 271 -66.94 61.56 32.02
N ALA FA 272 -66.48 62.34 31.05
CA ALA FA 272 -65.90 61.74 29.85
C ALA FA 272 -64.68 60.90 30.20
N ARG FA 273 -63.81 61.39 31.07
CA ARG FA 273 -62.63 60.62 31.43
C ARG FA 273 -62.99 59.38 32.23
N ALA FA 274 -63.99 59.49 33.11
CA ALA FA 274 -64.45 58.32 33.85
C ALA FA 274 -64.95 57.24 32.91
N ILE FA 275 -65.75 57.62 31.91
CA ILE FA 275 -66.27 56.66 30.95
C ILE FA 275 -65.14 56.03 30.16
N ALA FA 276 -64.17 56.84 29.74
CA ALA FA 276 -63.03 56.30 28.99
C ALA FA 276 -62.27 55.28 29.81
N LEU FA 277 -62.01 55.59 31.09
CA LEU FA 277 -61.28 54.66 31.94
C LEU FA 277 -62.06 53.37 32.15
N ILE FA 278 -63.37 53.48 32.38
CA ILE FA 278 -64.18 52.27 32.59
C ILE FA 278 -64.17 51.40 31.34
N LYS FA 279 -64.31 52.02 30.16
CA LYS FA 279 -64.25 51.24 28.92
C LYS FA 279 -62.89 50.60 28.72
N ALA FA 280 -61.82 51.25 29.21
CA ALA FA 280 -60.49 50.69 29.04
C ALA FA 280 -60.13 49.61 30.06
N ILE FA 281 -60.96 49.39 31.08
CA ILE FA 281 -60.72 48.33 32.06
C ILE FA 281 -60.61 46.98 31.37
N THR GA 24 -51.53 104.77 1.22
CA THR GA 24 -50.89 104.27 2.43
C THR GA 24 -50.65 102.77 2.34
N VAL GA 25 -51.28 102.14 1.36
CA VAL GA 25 -51.23 100.68 1.25
C VAL GA 25 -49.80 100.21 1.01
N VAL GA 26 -49.10 100.89 0.09
CA VAL GA 26 -47.71 100.51 -0.17
C VAL GA 26 -46.84 100.80 1.04
N GLU GA 27 -47.14 101.87 1.77
CA GLU GA 27 -46.45 102.12 3.03
C GLU GA 27 -46.73 101.01 4.04
N GLU GA 28 -47.97 100.51 4.06
CA GLU GA 28 -48.29 99.40 4.95
C GLU GA 28 -47.50 98.15 4.57
N VAL GA 29 -47.37 97.88 3.28
CA VAL GA 29 -46.59 96.71 2.85
C VAL GA 29 -45.12 96.87 3.23
N ARG GA 30 -44.57 98.07 3.03
CA ARG GA 30 -43.19 98.33 3.42
C ARG GA 30 -43.00 98.15 4.92
N ARG GA 31 -43.91 98.72 5.71
CA ARG GA 31 -43.80 98.61 7.17
C ARG GA 31 -43.90 97.17 7.61
N PHE GA 32 -44.83 96.40 7.03
CA PHE GA 32 -44.98 94.99 7.36
C PHE GA 32 -43.69 94.23 7.07
N ALA GA 33 -43.11 94.43 5.89
CA ALA GA 33 -41.90 93.70 5.51
C ALA GA 33 -40.74 94.07 6.42
N GLU GA 34 -40.54 95.37 6.67
CA GLU GA 34 -39.42 95.77 7.51
C GLU GA 34 -39.58 95.29 8.94
N GLU GA 35 -40.80 95.35 9.48
CA GLU GA 35 -41.01 94.85 10.84
C GLU GA 35 -40.72 93.36 10.93
N LEU GA 36 -41.18 92.59 9.93
CA LEU GA 36 -40.89 91.16 9.95
C LEU GA 36 -39.38 90.89 9.85
N ALA GA 37 -38.67 91.66 9.02
CA ALA GA 37 -37.23 91.46 8.88
C ALA GA 37 -36.50 91.84 10.17
N GLU GA 38 -36.91 92.92 10.81
CA GLU GA 38 -36.32 93.30 12.09
C GLU GA 38 -36.54 92.23 13.14
N GLU GA 39 -37.75 91.66 13.20
CA GLU GA 39 -38.01 90.59 14.16
C GLU GA 39 -37.18 89.36 13.85
N VAL GA 40 -36.99 89.06 12.56
CA VAL GA 40 -36.15 87.92 12.19
C VAL GA 40 -34.73 88.14 12.70
N LEU GA 41 -34.21 89.36 12.52
CA LEU GA 41 -32.86 89.64 12.98
C LEU GA 41 -32.75 89.64 14.50
N ARG GA 42 -33.77 90.15 15.19
CA ARG GA 42 -33.74 90.15 16.65
C ARG GA 42 -33.75 88.73 17.20
N VAL GA 43 -34.62 87.87 16.67
CA VAL GA 43 -34.72 86.52 17.20
C VAL GA 43 -33.48 85.70 16.82
N GLY GA 44 -33.06 85.78 15.56
CA GLY GA 44 -31.96 84.97 15.07
C GLY GA 44 -30.62 85.63 15.00
N GLY GA 45 -30.54 86.94 15.25
CA GLY GA 45 -29.25 87.59 15.25
C GLY GA 45 -28.65 87.68 13.85
N GLU GA 46 -27.32 87.68 13.83
CA GLU GA 46 -26.56 87.68 12.59
C GLU GA 46 -26.42 86.28 12.01
N ALA GA 47 -26.93 85.25 12.69
CA ALA GA 47 -26.86 83.90 12.16
C ALA GA 47 -27.63 83.78 10.85
N MET GA 48 -28.83 84.38 10.79
CA MET GA 48 -29.67 84.36 9.61
C MET GA 48 -29.87 85.82 9.16
N ARG GA 49 -28.90 86.32 8.41
CA ARG GA 49 -29.00 87.58 7.69
C ARG GA 49 -29.66 87.40 6.33
N PRO GA 50 -29.41 86.31 5.59
CA PRO GA 50 -30.10 86.14 4.30
C PRO GA 50 -31.62 86.29 4.38
N TYR GA 51 -32.25 85.76 5.42
CA TYR GA 51 -33.71 85.80 5.49
C TYR GA 51 -34.23 87.22 5.63
N ALA GA 52 -33.49 88.08 6.33
CA ALA GA 52 -33.87 89.49 6.39
C ALA GA 52 -33.82 90.12 5.01
N GLU GA 53 -32.80 89.76 4.22
CA GLU GA 53 -32.71 90.28 2.86
C GLU GA 53 -33.85 89.77 1.98
N MET GA 54 -34.20 88.49 2.11
CA MET GA 54 -35.33 87.96 1.35
C MET GA 54 -36.62 88.69 1.73
N VAL GA 55 -36.86 88.89 3.01
CA VAL GA 55 -38.07 89.58 3.42
C VAL GA 55 -38.10 91.00 2.88
N ARG GA 56 -36.96 91.70 2.93
CA ARG GA 56 -36.93 93.09 2.49
C ARG GA 56 -37.10 93.20 0.98
N HIS GA 57 -36.47 92.32 0.21
CA HIS GA 57 -36.65 92.34 -1.24
C HIS GA 57 -38.06 91.90 -1.65
N LEU GA 58 -38.67 90.96 -0.93
CA LEU GA 58 -40.04 90.57 -1.25
C LEU GA 58 -41.02 91.69 -0.93
N GLY GA 59 -40.78 92.43 0.16
CA GLY GA 59 -41.56 93.63 0.39
C GLY GA 59 -41.37 94.65 -0.72
N GLU GA 60 -40.13 94.77 -1.22
CA GLU GA 60 -39.87 95.71 -2.30
C GLU GA 60 -40.56 95.30 -3.60
N ALA GA 61 -40.53 94.01 -3.94
CA ALA GA 61 -41.23 93.53 -5.12
C ALA GA 61 -42.73 93.75 -5.00
N ALA GA 62 -43.29 93.50 -3.81
CA ALA GA 62 -44.71 93.73 -3.60
C ALA GA 62 -45.07 95.19 -3.80
N VAL GA 63 -44.29 96.11 -3.23
CA VAL GA 63 -44.64 97.52 -3.38
C VAL GA 63 -44.41 97.98 -4.82
N ALA GA 64 -43.42 97.40 -5.50
CA ALA GA 64 -43.26 97.68 -6.92
C ALA GA 64 -44.50 97.27 -7.70
N ALA GA 65 -45.02 96.07 -7.44
CA ALA GA 65 -46.22 95.61 -8.12
C ALA GA 65 -47.42 96.51 -7.82
N LEU GA 66 -47.57 96.93 -6.56
CA LEU GA 66 -48.68 97.82 -6.22
C LEU GA 66 -48.51 99.21 -6.80
N GLU GA 67 -47.29 99.61 -7.18
CA GLU GA 67 -47.07 100.94 -7.72
C GLU GA 67 -46.68 100.90 -9.19
N GLY GA 68 -47.38 100.09 -9.98
CA GLY GA 68 -47.05 99.93 -11.37
C GLY GA 68 -46.13 98.74 -11.58
N ARG GA 69 -45.39 98.77 -12.68
CA ARG GA 69 -44.31 97.84 -12.96
C ARG GA 69 -44.77 96.40 -13.12
N ALA GA 70 -44.01 95.63 -13.90
CA ALA GA 70 -44.18 94.19 -13.98
C ALA GA 70 -42.87 93.44 -14.15
N GLU GA 71 -41.77 94.14 -14.44
CA GLU GA 71 -40.46 93.53 -14.68
C GLU GA 71 -39.56 93.60 -13.45
N GLU GA 72 -39.65 94.70 -12.69
CA GLU GA 72 -38.89 94.79 -11.44
C GLU GA 72 -39.35 93.73 -10.46
N ALA GA 73 -40.66 93.48 -10.39
CA ALA GA 73 -41.16 92.41 -9.54
C ALA GA 73 -40.60 91.06 -9.97
N ASP GA 74 -40.57 90.81 -11.27
CA ASP GA 74 -39.99 89.57 -11.78
C ASP GA 74 -38.53 89.43 -11.38
N ARG GA 75 -37.76 90.51 -11.54
CA ARG GA 75 -36.34 90.45 -11.25
C ARG GA 75 -36.09 90.22 -9.76
N LEU GA 76 -36.80 90.94 -8.91
CA LEU GA 76 -36.61 90.78 -7.47
C LEU GA 76 -37.03 89.39 -7.02
N VAL GA 77 -38.11 88.85 -7.57
CA VAL GA 77 -38.54 87.51 -7.18
C VAL GA 77 -37.51 86.48 -7.64
N ARG GA 78 -36.92 86.68 -8.82
CA ARG GA 78 -35.87 85.76 -9.27
C ARG GA 78 -34.63 85.85 -8.40
N ASP GA 79 -34.26 87.06 -7.96
CA ASP GA 79 -33.14 87.21 -7.06
C ASP GA 79 -33.40 86.51 -5.73
N VAL GA 80 -34.60 86.68 -5.18
CA VAL GA 80 -34.95 86.02 -3.93
C VAL GA 80 -34.98 84.51 -4.10
N LEU GA 81 -35.41 84.06 -5.28
CA LEU GA 81 -35.36 82.63 -5.57
C LEU GA 81 -33.91 82.13 -5.56
N GLU GA 82 -32.99 82.91 -6.11
CA GLU GA 82 -31.59 82.53 -6.07
C GLU GA 82 -31.07 82.46 -4.64
N MET GA 83 -31.43 83.43 -3.80
CA MET GA 83 -31.01 83.37 -2.39
C MET GA 83 -31.56 82.12 -1.72
N ALA GA 84 -32.83 81.82 -1.96
CA ALA GA 84 -33.42 80.62 -1.38
C ALA GA 84 -32.70 79.37 -1.85
N ARG GA 85 -32.29 79.35 -3.12
CA ARG GA 85 -31.55 78.21 -3.64
C ARG GA 85 -30.21 78.04 -2.91
N GLU GA 86 -29.49 79.15 -2.71
CA GLU GA 86 -28.16 79.01 -2.12
C GLU GA 86 -28.23 78.70 -0.63
N VAL GA 87 -29.17 79.31 0.10
CA VAL GA 87 -29.27 79.08 1.54
C VAL GA 87 -29.60 77.62 1.83
N GLY GA 88 -30.53 77.05 1.07
CA GLY GA 88 -30.99 75.70 1.30
C GLY GA 88 -32.47 75.58 1.54
N ALA GA 89 -33.22 76.68 1.52
CA ALA GA 89 -34.66 76.63 1.72
C ALA GA 89 -35.33 76.00 0.51
N GLU GA 90 -35.92 74.82 0.69
CA GLU GA 90 -36.56 74.12 -0.41
C GLU GA 90 -38.00 74.57 -0.62
N GLY GA 91 -38.83 74.44 0.42
CA GLY GA 91 -40.23 74.83 0.30
C GLY GA 91 -40.36 76.30 -0.05
N LEU GA 92 -39.51 77.14 0.53
CA LEU GA 92 -39.53 78.56 0.19
C LEU GA 92 -39.19 78.76 -1.28
N ALA GA 93 -38.22 78.02 -1.81
CA ALA GA 93 -37.87 78.15 -3.21
C ALA GA 93 -39.02 77.73 -4.12
N ARG GA 94 -39.69 76.63 -3.80
CA ARG GA 94 -40.82 76.19 -4.60
C ARG GA 94 -41.93 77.23 -4.59
N LEU GA 95 -42.27 77.73 -3.39
CA LEU GA 95 -43.28 78.76 -3.30
C LEU GA 95 -42.88 80.00 -4.09
N LEU GA 96 -41.59 80.32 -4.13
CA LEU GA 96 -41.15 81.50 -4.85
C LEU GA 96 -41.27 81.32 -6.36
N GLU GA 97 -40.99 80.11 -6.87
CA GLU GA 97 -41.22 79.86 -8.29
C GLU GA 97 -42.71 79.99 -8.63
N ARG GA 98 -43.58 79.44 -7.79
CA ARG GA 98 -45.01 79.57 -8.03
C ARG GA 98 -45.44 81.04 -7.99
N VAL GA 99 -44.92 81.80 -7.03
CA VAL GA 99 -45.20 83.24 -6.98
C VAL GA 99 -44.76 83.90 -8.26
N HIS GA 100 -43.60 83.49 -8.80
CA HIS GA 100 -43.09 84.09 -10.03
C HIS GA 100 -44.05 83.88 -11.19
N ARG GA 101 -44.45 82.63 -11.42
CA ARG GA 101 -45.31 82.33 -12.57
C ARG GA 101 -46.67 83.00 -12.46
N GLU GA 102 -47.33 82.85 -11.30
CA GLU GA 102 -48.64 83.49 -11.13
C GLU GA 102 -48.53 85.01 -11.14
N ALA GA 103 -47.43 85.57 -10.64
CA ALA GA 103 -47.27 87.02 -10.72
C ALA GA 103 -47.22 87.46 -12.17
N ARG GA 104 -46.50 86.73 -13.01
CA ARG GA 104 -46.45 87.05 -14.44
C ARG GA 104 -47.85 86.99 -15.05
N GLU GA 105 -48.58 85.90 -14.79
CA GLU GA 105 -49.91 85.74 -15.40
C GLU GA 105 -50.85 86.85 -14.97
N LEU GA 106 -50.93 87.12 -13.67
CA LEU GA 106 -51.87 88.11 -13.18
C LEU GA 106 -51.47 89.52 -13.59
N LEU GA 107 -50.17 89.79 -13.70
CA LEU GA 107 -49.77 91.11 -14.16
C LEU GA 107 -50.04 91.30 -15.64
N ARG GA 108 -49.96 90.22 -16.43
CA ARG GA 108 -50.40 90.30 -17.81
C ARG GA 108 -51.89 90.57 -17.90
N GLU GA 109 -52.68 89.91 -17.04
CA GLU GA 109 -54.12 90.16 -17.03
C GLU GA 109 -54.48 91.53 -16.47
N GLY GA 110 -53.54 92.26 -15.89
CA GLY GA 110 -53.78 93.59 -15.40
C GLY GA 110 -54.23 93.69 -13.96
N ARG GA 111 -54.42 92.57 -13.28
CA ARG GA 111 -54.82 92.57 -11.87
C ARG GA 111 -53.57 92.71 -11.01
N ARG GA 112 -53.56 93.73 -10.15
CA ARG GA 112 -52.36 94.06 -9.38
C ARG GA 112 -52.43 93.63 -7.92
N GLU GA 113 -53.60 93.71 -7.29
CA GLU GA 113 -53.68 93.44 -5.85
C GLU GA 113 -53.30 92.00 -5.55
N GLU GA 114 -53.76 91.05 -6.35
CA GLU GA 114 -53.52 89.65 -6.03
C GLU GA 114 -52.07 89.24 -6.25
N ALA GA 115 -51.37 89.86 -7.20
CA ALA GA 115 -49.94 89.58 -7.37
C ALA GA 115 -49.15 90.04 -6.15
N ALA GA 116 -49.42 91.27 -5.69
CA ALA GA 116 -48.80 91.73 -4.45
C ALA GA 116 -49.21 90.85 -3.27
N ALA GA 117 -50.43 90.30 -3.32
CA ALA GA 117 -50.86 89.40 -2.26
C ALA GA 117 -50.03 88.13 -2.23
N LEU GA 118 -49.76 87.54 -3.41
CA LEU GA 118 -48.89 86.37 -3.45
C LEU GA 118 -47.50 86.70 -2.95
N VAL GA 119 -46.99 87.88 -3.34
CA VAL GA 119 -45.65 88.27 -2.89
C VAL GA 119 -45.62 88.45 -1.38
N LEU GA 120 -46.64 89.09 -0.81
CA LEU GA 120 -46.69 89.29 0.64
C LEU GA 120 -46.77 87.96 1.38
N ALA GA 121 -47.56 87.02 0.86
CA ALA GA 121 -47.60 85.70 1.47
C ALA GA 121 -46.23 85.04 1.43
N ALA GA 122 -45.50 85.19 0.33
CA ALA GA 122 -44.17 84.60 0.24
C ALA GA 122 -43.20 85.24 1.23
N ALA GA 123 -43.28 86.57 1.39
CA ALA GA 123 -42.43 87.26 2.36
C ALA GA 123 -42.73 86.79 3.77
N LEU GA 124 -44.01 86.65 4.11
CA LEU GA 124 -44.38 86.15 5.42
C LEU GA 124 -43.89 84.73 5.62
N ALA GA 125 -43.96 83.90 4.58
CA ALA GA 125 -43.46 82.54 4.70
C ALA GA 125 -41.97 82.54 4.99
N ALA GA 126 -41.21 83.40 4.31
CA ALA GA 126 -39.77 83.47 4.53
C ALA GA 126 -39.44 83.90 5.96
N GLY GA 127 -40.05 85.01 6.40
CA GLY GA 127 -39.77 85.50 7.75
C GLY GA 127 -40.19 84.52 8.82
N ALA GA 128 -41.39 83.94 8.69
CA ALA GA 128 -41.87 83.00 9.68
C ALA GA 128 -41.03 81.74 9.71
N VAL GA 129 -40.55 81.29 8.54
CA VAL GA 129 -39.67 80.13 8.50
C VAL GA 129 -38.37 80.43 9.26
N ALA GA 130 -37.80 81.61 9.03
CA ALA GA 130 -36.58 81.98 9.74
C ALA GA 130 -36.79 81.98 11.24
N VAL GA 131 -37.87 82.63 11.70
CA VAL GA 131 -38.12 82.71 13.14
C VAL GA 131 -38.39 81.32 13.72
N ALA GA 132 -39.08 80.47 12.97
CA ALA GA 132 -39.37 79.13 13.46
C ALA GA 132 -38.10 78.32 13.65
N GLU GA 133 -37.18 78.37 12.68
CA GLU GA 133 -35.93 77.63 12.87
C GLU GA 133 -35.09 78.25 13.98
N ALA GA 134 -35.18 79.57 14.16
CA ALA GA 134 -34.47 80.19 15.27
C ALA GA 134 -34.97 79.68 16.60
N TYR GA 135 -36.30 79.59 16.76
CA TYR GA 135 -36.87 79.06 18.00
C TYR GA 135 -36.47 77.61 18.21
N VAL GA 136 -36.52 76.80 17.14
CA VAL GA 136 -36.19 75.39 17.28
C VAL GA 136 -34.72 75.21 17.64
N ARG GA 137 -33.84 76.06 17.11
CA ARG GA 137 -32.42 75.90 17.38
C ARG GA 137 -32.11 76.09 18.86
N LEU GA 138 -32.69 77.11 19.49
CA LEU GA 138 -32.46 77.35 20.91
C LEU GA 138 -33.49 76.67 21.79
N GLY GA 139 -34.26 75.74 21.26
CA GLY GA 139 -35.08 74.84 22.05
C GLY GA 139 -36.20 75.45 22.87
N GLN GA 140 -36.94 76.39 22.31
CA GLN GA 140 -38.10 76.92 22.99
C GLN GA 140 -39.31 76.01 22.76
N PRO GA 141 -40.29 76.03 23.65
CA PRO GA 141 -41.43 75.11 23.53
C PRO GA 141 -42.33 75.47 22.35
N ILE GA 142 -43.19 74.52 22.00
CA ILE GA 142 -44.01 74.61 20.79
C ILE GA 142 -45.16 75.59 20.93
N ARG GA 143 -45.59 75.90 22.16
CA ARG GA 143 -46.65 76.88 22.33
C ARG GA 143 -46.29 78.21 21.69
N LEU GA 144 -45.05 78.66 21.86
CA LEU GA 144 -44.64 79.93 21.27
C LEU GA 144 -44.64 79.87 19.75
N ILE GA 145 -44.16 78.79 19.16
CA ILE GA 145 -44.19 78.69 17.70
C ILE GA 145 -45.62 78.76 17.20
N ALA GA 146 -46.52 78.00 17.83
CA ALA GA 146 -47.90 77.96 17.39
C ALA GA 146 -48.57 79.32 17.53
N GLU GA 147 -48.41 79.96 18.69
CA GLU GA 147 -49.05 81.25 18.91
C GLU GA 147 -48.47 82.31 17.97
N TYR GA 148 -47.15 82.30 17.78
CA TYR GA 148 -46.52 83.25 16.87
C TYR GA 148 -47.07 83.12 15.46
N VAL GA 149 -47.06 81.89 14.93
CA VAL GA 149 -47.50 81.68 13.56
C VAL GA 149 -48.97 82.05 13.40
N ALA GA 150 -49.81 81.64 14.36
CA ALA GA 150 -51.24 81.95 14.26
C ALA GA 150 -51.48 83.45 14.26
N GLU GA 151 -50.77 84.19 15.12
CA GLU GA 151 -50.99 85.62 15.18
C GLU GA 151 -50.49 86.30 13.91
N ARG GA 152 -49.37 85.84 13.35
CA ARG GA 152 -48.90 86.39 12.09
C ARG GA 152 -49.90 86.15 10.97
N LEU GA 153 -50.49 84.95 10.93
CA LEU GA 153 -51.48 84.66 9.90
C LEU GA 153 -52.70 85.55 10.05
N VAL GA 154 -53.14 85.80 11.28
CA VAL GA 154 -54.30 86.67 11.46
C VAL GA 154 -53.97 88.10 11.01
N GLU GA 155 -52.78 88.59 11.33
CA GLU GA 155 -52.38 89.93 10.90
C GLU GA 155 -52.33 90.03 9.38
N LEU GA 156 -51.75 89.03 8.73
CA LEU GA 156 -51.71 89.02 7.26
C LEU GA 156 -53.10 88.96 6.67
N ALA GA 157 -54.01 88.18 7.29
CA ALA GA 157 -55.38 88.12 6.80
C ALA GA 157 -56.06 89.48 6.90
N GLU GA 158 -55.80 90.20 7.99
CA GLU GA 158 -56.34 91.55 8.10
C GLU GA 158 -55.79 92.46 7.02
N LEU GA 159 -54.49 92.36 6.74
CA LEU GA 159 -53.90 93.19 5.69
C LEU GA 159 -54.51 92.87 4.33
N LEU GA 160 -54.61 91.58 4.00
CA LEU GA 160 -55.17 91.19 2.72
C LEU GA 160 -56.64 91.58 2.59
N ARG GA 161 -57.37 91.56 3.70
CA ARG GA 161 -58.72 92.11 3.68
C ARG GA 161 -58.70 93.59 3.37
N ARG GA 162 -57.73 94.33 3.92
CA ARG GA 162 -57.65 95.75 3.64
C ARG GA 162 -57.34 96.01 2.16
N LEU GA 163 -56.47 95.21 1.56
CA LEU GA 163 -56.13 95.40 0.15
C LEU GA 163 -57.35 95.20 -0.74
N GLY GA 164 -58.03 94.06 -0.61
CA GLY GA 164 -59.22 93.80 -1.40
C GLY GA 164 -59.30 92.42 -2.02
N VAL GA 165 -58.35 91.54 -1.69
CA VAL GA 165 -58.38 90.18 -2.23
C VAL GA 165 -59.62 89.46 -1.73
N PRO GA 166 -60.28 88.64 -2.54
CA PRO GA 166 -61.43 87.86 -2.04
C PRO GA 166 -61.01 86.83 -1.00
N LEU GA 167 -61.96 86.52 -0.11
CA LEU GA 167 -61.65 85.81 1.12
C LEU GA 167 -61.11 84.42 0.85
N ARG GA 168 -61.67 83.70 -0.13
CA ARG GA 168 -61.23 82.34 -0.39
C ARG GA 168 -59.78 82.31 -0.84
N ARG GA 169 -59.36 83.30 -1.63
CA ARG GA 169 -57.95 83.42 -1.97
C ARG GA 169 -57.11 83.69 -0.73
N ILE GA 170 -57.61 84.51 0.19
CA ILE GA 170 -56.90 84.74 1.44
C ILE GA 170 -56.64 83.42 2.15
N ILE GA 171 -57.67 82.60 2.26
CA ILE GA 171 -57.53 81.33 2.99
C ILE GA 171 -56.56 80.41 2.26
N ARG GA 172 -56.59 80.44 0.92
CA ARG GA 172 -55.66 79.60 0.16
C ARG GA 172 -54.21 80.04 0.38
N LEU GA 173 -53.95 81.35 0.38
CA LEU GA 173 -52.60 81.84 0.64
C LEU GA 173 -52.15 81.49 2.05
N LEU GA 174 -53.05 81.62 3.02
CA LEU GA 174 -52.69 81.30 4.40
C LEU GA 174 -52.34 79.82 4.54
N GLU GA 175 -53.09 78.96 3.85
CA GLU GA 175 -52.74 77.55 3.88
C GLU GA 175 -51.40 77.27 3.21
N GLU GA 176 -51.07 78.02 2.15
CA GLU GA 176 -49.74 77.86 1.55
C GLU GA 176 -48.64 78.25 2.52
N VAL GA 177 -48.83 79.37 3.22
CA VAL GA 177 -47.85 79.80 4.23
C VAL GA 177 -47.69 78.73 5.30
N LEU GA 178 -48.81 78.19 5.78
CA LEU GA 178 -48.75 77.15 6.79
C LEU GA 178 -48.02 75.91 6.28
N ARG GA 179 -48.23 75.57 5.01
CA ARG GA 179 -47.54 74.41 4.44
C ARG GA 179 -46.04 74.63 4.42
N VAL GA 180 -45.60 75.83 4.02
CA VAL GA 180 -44.17 76.12 4.01
C VAL GA 180 -43.60 76.05 5.42
N VAL GA 181 -44.31 76.62 6.39
CA VAL GA 181 -43.84 76.62 7.78
C VAL GA 181 -43.73 75.20 8.30
N ALA GA 182 -44.72 74.36 8.01
CA ALA GA 182 -44.69 72.97 8.45
C ALA GA 182 -43.52 72.22 7.82
N GLU GA 183 -43.25 72.49 6.53
CA GLU GA 183 -42.10 71.86 5.89
C GLU GA 183 -40.80 72.29 6.56
N ALA GA 184 -40.69 73.58 6.88
CA ALA GA 184 -39.49 74.07 7.55
C ALA GA 184 -39.29 73.40 8.90
N LEU GA 185 -40.37 73.30 9.68
CA LEU GA 185 -40.28 72.64 10.98
C LEU GA 185 -39.94 71.15 10.84
N ARG GA 186 -40.43 70.51 9.78
CA ARG GA 186 -40.07 69.11 9.54
C ARG GA 186 -38.58 68.98 9.25
N ARG GA 187 -38.03 69.89 8.44
CA ARG GA 187 -36.60 69.82 8.14
C ARG GA 187 -35.74 70.09 9.36
N ALA GA 188 -36.27 70.79 10.35
CA ALA GA 188 -35.55 71.09 11.58
C ALA GA 188 -35.63 69.97 12.60
N GLY GA 189 -36.28 68.86 12.26
CA GLY GA 189 -36.35 67.72 13.16
C GLY GA 189 -37.49 67.75 14.17
N VAL GA 190 -38.38 68.72 14.09
CA VAL GA 190 -39.51 68.78 15.03
C VAL GA 190 -40.40 67.55 14.81
N PRO GA 191 -40.80 66.84 15.86
CA PRO GA 191 -41.63 65.64 15.65
C PRO GA 191 -42.97 65.99 15.03
N GLU GA 192 -43.50 65.03 14.25
CA GLU GA 192 -44.73 65.28 13.49
C GLU GA 192 -45.92 65.71 14.35
N PRO GA 193 -46.21 65.09 15.51
CA PRO GA 193 -47.36 65.55 16.31
C PRO GA 193 -47.29 67.01 16.68
N GLU GA 194 -46.11 67.56 16.93
CA GLU GA 194 -46.03 68.99 17.23
C GLU GA 194 -46.33 69.84 16.00
N ILE GA 195 -45.95 69.37 14.81
CA ILE GA 195 -46.32 70.07 13.59
C ILE GA 195 -47.84 70.09 13.42
N ARG GA 196 -48.49 68.94 13.67
CA ARG GA 196 -49.93 68.89 13.59
C ARG GA 196 -50.58 69.79 14.62
N LYS GA 197 -50.00 69.86 15.83
CA LYS GA 197 -50.50 70.77 16.84
C LYS GA 197 -50.42 72.22 16.38
N VAL GA 198 -49.30 72.58 15.75
CA VAL GA 198 -49.14 73.94 15.23
C VAL GA 198 -50.23 74.24 14.21
N GLU GA 199 -50.41 73.34 13.24
CA GLU GA 199 -51.39 73.59 12.18
C GLU GA 199 -52.81 73.66 12.73
N ALA GA 200 -53.17 72.73 13.64
CA ALA GA 200 -54.52 72.73 14.21
C ALA GA 200 -54.78 74.01 14.99
N ALA GA 201 -53.78 74.49 15.75
CA ALA GA 201 -53.93 75.75 16.45
C ALA GA 201 -54.16 76.89 15.47
N ALA GA 202 -53.40 76.90 14.36
CA ALA GA 202 -53.57 77.94 13.36
C ALA GA 202 -54.97 77.93 12.76
N TYR GA 203 -55.49 76.74 12.46
CA TYR GA 203 -56.81 76.63 11.86
C TYR GA 203 -57.89 77.06 12.82
N ILE GA 204 -57.77 76.70 14.10
CA ILE GA 204 -58.77 77.10 15.09
C ILE GA 204 -58.72 78.61 15.29
N ARG GA 205 -57.53 79.20 15.28
CA ARG GA 205 -57.42 80.65 15.39
C ARG GA 205 -58.06 81.34 14.20
N LEU GA 206 -57.83 80.84 12.99
CA LEU GA 206 -58.44 81.42 11.80
C LEU GA 206 -59.96 81.27 11.83
N ALA GA 207 -60.45 80.11 12.25
CA ALA GA 207 -61.89 79.91 12.35
C ALA GA 207 -62.52 80.87 13.36
N ALA GA 208 -61.88 81.04 14.51
CA ALA GA 208 -62.39 81.98 15.52
C ALA GA 208 -62.38 83.40 14.98
N TYR GA 209 -61.30 83.78 14.28
CA TYR GA 209 -61.22 85.11 13.69
C TYR GA 209 -62.33 85.36 12.70
N LEU GA 210 -62.60 84.38 11.84
CA LEU GA 210 -63.70 84.53 10.87
C LEU GA 210 -65.04 84.62 11.56
N LEU GA 211 -65.25 83.80 12.59
CA LEU GA 211 -66.53 83.79 13.29
C LEU GA 211 -66.79 85.11 14.02
N ARG GA 212 -65.73 85.76 14.50
CA ARG GA 212 -65.94 86.94 15.33
C ARG GA 212 -66.52 88.11 14.53
N GLN GA 213 -66.18 88.20 13.24
CA GLN GA 213 -66.61 89.35 12.46
C GLN GA 213 -68.13 89.40 12.32
N LEU GA 214 -68.76 88.24 12.15
CA LEU GA 214 -70.21 88.16 11.99
C LEU GA 214 -70.97 88.21 13.31
N GLY GA 215 -70.28 88.25 14.43
CA GLY GA 215 -70.96 88.42 15.69
C GLY GA 215 -71.33 87.14 16.37
N TYR GA 216 -70.43 86.15 16.33
CA TYR GA 216 -70.58 84.92 17.10
C TYR GA 216 -69.48 84.92 18.13
N GLU GA 217 -69.71 85.63 19.22
CA GLU GA 217 -68.67 85.81 20.23
C GLU GA 217 -68.52 84.57 21.09
N ALA GA 218 -69.62 84.00 21.54
CA ALA GA 218 -69.55 82.81 22.39
C ALA GA 218 -68.86 81.66 21.66
N LEU GA 219 -69.18 81.48 20.38
CA LEU GA 219 -68.53 80.46 19.57
C LEU GA 219 -67.02 80.67 19.53
N ALA GA 220 -66.59 81.91 19.33
CA ALA GA 220 -65.16 82.19 19.26
C ALA GA 220 -64.48 81.93 20.60
N LYS GA 221 -65.12 82.31 21.70
CA LYS GA 221 -64.54 82.04 23.01
C LYS GA 221 -64.40 80.55 23.26
N ARG GA 222 -65.41 79.76 22.90
CA ARG GA 222 -65.31 78.31 23.11
C ARG GA 222 -64.24 77.69 22.24
N LEU GA 223 -64.10 78.16 21.00
CA LEU GA 223 -63.04 77.65 20.15
C LEU GA 223 -61.67 77.98 20.71
N LEU GA 224 -61.52 79.18 21.25
CA LEU GA 224 -60.22 79.54 21.81
C LEU GA 224 -59.95 78.80 23.11
N GLU GA 225 -60.98 78.47 23.89
CA GLU GA 225 -60.79 77.59 25.04
C GLU GA 225 -60.29 76.22 24.61
N ALA GA 226 -60.88 75.66 23.55
CA ALA GA 226 -60.42 74.39 23.03
C ALA GA 226 -58.97 74.49 22.57
N ARG GA 227 -58.61 75.59 21.91
CA ARG GA 227 -57.22 75.77 21.48
C ARG GA 227 -56.28 75.83 22.68
N GLU GA 228 -56.69 76.55 23.73
CA GLU GA 228 -55.84 76.65 24.93
C GLU GA 228 -55.62 75.28 25.55
N LEU GA 229 -56.68 74.48 25.65
CA LEU GA 229 -56.50 73.12 26.14
C LEU GA 229 -55.60 72.32 25.22
N LEU GA 230 -55.66 72.56 23.91
CA LEU GA 230 -54.85 71.78 22.98
C LEU GA 230 -53.37 72.10 23.14
N LEU GA 231 -53.04 73.38 23.27
CA LEU GA 231 -51.62 73.77 23.35
C LEU GA 231 -50.96 73.32 24.65
N GLU GA 232 -51.75 73.00 25.68
CA GLU GA 232 -51.23 72.54 26.96
C GLU GA 232 -50.94 71.04 26.97
N GLY GA 233 -51.21 70.34 25.88
CA GLY GA 233 -51.01 68.91 25.83
C GLY GA 233 -52.24 68.08 26.14
N ARG GA 234 -53.30 68.70 26.70
CA ARG GA 234 -54.55 68.00 26.97
C ARG GA 234 -55.31 67.84 25.66
N VAL GA 235 -54.92 66.81 24.90
CA VAL GA 235 -55.52 66.58 23.60
C VAL GA 235 -56.96 66.09 23.74
N GLU GA 236 -57.22 65.24 24.74
CA GLU GA 236 -58.54 64.61 24.83
C GLU GA 236 -59.62 65.61 25.19
N GLU GA 237 -59.36 66.47 26.16
CA GLU GA 237 -60.31 67.52 26.49
C GLU GA 237 -60.47 68.49 25.33
N ALA GA 238 -59.38 68.77 24.61
CA ALA GA 238 -59.47 69.63 23.43
C ALA GA 238 -60.40 69.05 22.38
N ALA GA 239 -60.25 67.75 22.09
CA ALA GA 239 -61.09 67.11 21.08
C ALA GA 239 -62.55 67.03 21.54
N HIS GA 240 -62.80 66.74 22.82
CA HIS GA 240 -64.18 66.68 23.28
C HIS GA 240 -64.86 68.04 23.22
N LEU GA 241 -64.19 69.08 23.69
CA LEU GA 241 -64.78 70.41 23.67
C LEU GA 241 -64.93 70.92 22.24
N LEU GA 242 -63.97 70.59 21.37
CA LEU GA 242 -64.06 70.97 19.97
C LEU GA 242 -65.25 70.29 19.30
N GLU GA 243 -65.47 69.00 19.56
CA GLU GA 243 -66.58 68.32 18.92
C GLU GA 243 -67.91 68.86 19.43
N ASP GA 244 -68.00 69.21 20.71
CA ASP GA 244 -69.26 69.80 21.21
C ASP GA 244 -69.55 71.13 20.51
N VAL GA 245 -68.55 72.02 20.44
CA VAL GA 245 -68.81 73.31 19.82
C VAL GA 245 -69.06 73.16 18.32
N TYR GA 246 -68.38 72.23 17.65
CA TYR GA 246 -68.63 71.99 16.24
C TYR GA 246 -70.03 71.47 16.01
N ALA GA 247 -70.52 70.59 16.89
CA ALA GA 247 -71.89 70.10 16.73
C ALA GA 247 -72.90 71.23 16.84
N LEU GA 248 -72.73 72.10 17.83
CA LEU GA 248 -73.67 73.22 17.96
C LEU GA 248 -73.60 74.13 16.75
N PHE GA 249 -72.39 74.44 16.28
CA PHE GA 249 -72.21 75.29 15.12
C PHE GA 249 -72.82 74.67 13.87
N HIS GA 250 -72.66 73.36 13.69
CA HIS GA 250 -73.17 72.71 12.48
C HIS GA 250 -74.68 72.65 12.50
N ARG GA 251 -75.28 72.45 13.66
CA ARG GA 251 -76.74 72.58 13.75
C ARG GA 251 -77.18 73.98 13.37
N GLU GA 252 -76.43 74.99 13.80
CA GLU GA 252 -76.77 76.36 13.41
C GLU GA 252 -76.65 76.56 11.90
N ILE GA 253 -75.65 75.96 11.28
CA ILE GA 253 -75.50 76.05 9.82
C ILE GA 253 -76.69 75.39 9.12
N GLU GA 254 -77.02 74.18 9.53
CA GLU GA 254 -78.14 73.46 8.91
C GLU GA 254 -79.47 74.15 9.17
N ARG GA 255 -79.55 74.98 10.21
CA ARG GA 255 -80.77 75.75 10.44
C ARG GA 255 -81.06 76.67 9.25
N LEU GA 256 -80.03 77.29 8.70
CA LEU GA 256 -80.20 78.26 7.63
C LEU GA 256 -80.39 77.62 6.26
N GLY GA 257 -80.34 76.29 6.16
CA GLY GA 257 -80.70 75.62 4.92
C GLY GA 257 -79.73 75.90 3.81
N PHE GA 258 -80.28 76.27 2.65
CA PHE GA 258 -79.48 76.64 1.47
C PHE GA 258 -79.25 78.15 1.41
N GLU GA 259 -78.69 78.67 2.50
CA GLU GA 259 -78.32 80.07 2.60
C GLU GA 259 -77.45 80.25 3.83
N ALA GA 260 -76.32 80.94 3.67
CA ALA GA 260 -75.42 81.27 4.77
C ALA GA 260 -74.32 82.20 4.27
N PRO GA 261 -73.90 83.18 5.07
CA PRO GA 261 -72.78 84.03 4.67
C PRO GA 261 -71.54 83.19 4.38
N GLU GA 262 -70.71 83.69 3.46
CA GLU GA 262 -69.59 82.88 2.98
C GLU GA 262 -68.59 82.56 4.08
N GLU GA 263 -68.46 83.44 5.08
CA GLU GA 263 -67.51 83.15 6.15
C GLU GA 263 -67.93 81.95 6.99
N LEU GA 264 -69.23 81.73 7.16
CA LEU GA 264 -69.70 80.50 7.78
C LEU GA 264 -69.27 79.30 6.96
N ARG GA 265 -69.40 79.38 5.64
CA ARG GA 265 -69.04 78.27 4.78
C ARG GA 265 -67.54 77.97 4.83
N VAL GA 266 -66.71 79.02 4.93
CA VAL GA 266 -65.28 78.78 5.03
C VAL GA 266 -64.92 78.22 6.40
N ALA GA 267 -65.51 78.78 7.47
CA ALA GA 267 -65.21 78.33 8.82
C ALA GA 267 -65.62 76.89 9.03
N ASP GA 268 -66.68 76.43 8.36
CA ASP GA 268 -67.09 75.04 8.51
C ASP GA 268 -65.97 74.11 8.02
N LEU GA 269 -65.38 74.44 6.87
CA LEU GA 269 -64.28 73.62 6.37
C LEU GA 269 -63.04 73.74 7.23
N LEU GA 270 -62.77 74.95 7.75
CA LEU GA 270 -61.63 75.14 8.64
C LEU GA 270 -61.76 74.29 9.90
N LEU GA 271 -62.95 74.31 10.52
CA LEU GA 271 -63.19 73.53 11.72
C LEU GA 271 -63.11 72.04 11.44
N ALA GA 272 -63.63 71.60 10.29
CA ALA GA 272 -63.51 70.19 9.95
C ALA GA 272 -62.05 69.77 9.82
N ARG GA 273 -61.23 70.59 9.17
CA ARG GA 273 -59.80 70.26 9.04
C ARG GA 273 -59.10 70.28 10.39
N ALA GA 274 -59.44 71.24 11.24
CA ALA GA 274 -58.86 71.30 12.58
C ALA GA 274 -59.18 70.04 13.37
N ILE GA 275 -60.43 69.58 13.31
CA ILE GA 275 -60.83 68.38 14.01
C ILE GA 275 -60.11 67.17 13.45
N ALA GA 276 -59.96 67.08 12.12
CA ALA GA 276 -59.24 65.97 11.53
C ALA GA 276 -57.80 65.94 12.00
N LEU GA 277 -57.13 67.10 12.03
CA LEU GA 277 -55.74 67.15 12.47
C LEU GA 277 -55.60 66.76 13.92
N ILE GA 278 -56.50 67.25 14.78
CA ILE GA 278 -56.42 66.89 16.20
C ILE GA 278 -56.62 65.39 16.38
N LYS GA 279 -57.59 64.81 15.65
CA LYS GA 279 -57.79 63.37 15.73
C LYS GA 279 -56.58 62.60 15.24
N ALA GA 280 -55.85 63.15 14.27
CA ALA GA 280 -54.69 62.44 13.72
C ALA GA 280 -53.42 62.62 14.56
N ILE GA 281 -53.44 63.47 15.57
CA ILE GA 281 -52.28 63.63 16.45
C ILE GA 281 -51.90 62.29 17.08
N THR HA 24 -86.77 68.13 -38.31
CA THR HA 24 -85.46 68.70 -38.02
C THR HA 24 -84.62 67.75 -37.18
N VAL HA 25 -85.27 66.70 -36.68
CA VAL HA 25 -84.60 65.77 -35.77
C VAL HA 25 -83.45 65.06 -36.47
N VAL HA 26 -83.67 64.58 -37.69
CA VAL HA 26 -82.60 63.94 -38.44
C VAL HA 26 -81.50 64.94 -38.77
N GLU HA 27 -81.88 66.18 -39.07
CA GLU HA 27 -80.88 67.22 -39.26
C GLU HA 27 -80.08 67.47 -37.99
N GLU HA 28 -80.75 67.43 -36.83
CA GLU HA 28 -80.05 67.60 -35.56
C GLU HA 28 -79.06 66.46 -35.32
N VAL HA 29 -79.46 65.23 -35.64
CA VAL HA 29 -78.55 64.09 -35.49
C VAL HA 29 -77.36 64.22 -36.43
N ARG HA 30 -77.61 64.61 -37.68
CA ARG HA 30 -76.50 64.81 -38.62
C ARG HA 30 -75.56 65.91 -38.12
N ARG HA 31 -76.11 67.02 -37.66
CA ARG HA 31 -75.29 68.12 -37.16
C ARG HA 31 -74.48 67.69 -35.96
N PHE HA 32 -75.09 66.95 -35.04
CA PHE HA 32 -74.38 66.46 -33.86
C PHE HA 32 -73.21 65.58 -34.25
N ALA HA 33 -73.46 64.63 -35.16
CA ALA HA 33 -72.40 63.71 -35.57
C ALA HA 33 -71.27 64.44 -36.29
N GLU HA 34 -71.60 65.34 -37.22
CA GLU HA 34 -70.56 66.02 -37.96
C GLU HA 34 -69.77 66.98 -37.07
N GLU HA 35 -70.44 67.67 -36.15
CA GLU HA 35 -69.71 68.54 -35.23
C GLU HA 35 -68.77 67.74 -34.35
N LEU HA 36 -69.21 66.58 -33.84
CA LEU HA 36 -68.32 65.75 -33.04
C LEU HA 36 -67.12 65.28 -33.87
N ALA HA 37 -67.36 64.89 -35.13
CA ALA HA 37 -66.27 64.43 -35.98
C ALA HA 37 -65.28 65.55 -36.29
N GLU HA 38 -65.78 66.75 -36.55
CA GLU HA 38 -64.90 67.89 -36.77
C GLU HA 38 -64.06 68.18 -35.53
N GLU HA 39 -64.66 68.08 -34.34
CA GLU HA 39 -63.90 68.30 -33.12
C GLU HA 39 -62.82 67.23 -32.94
N VAL HA 40 -63.14 65.98 -33.29
CA VAL HA 40 -62.12 64.93 -33.25
C VAL HA 40 -60.95 65.28 -34.14
N LEU HA 41 -61.26 65.73 -35.37
CA LEU HA 41 -60.19 66.05 -36.33
C LEU HA 41 -59.39 67.27 -35.89
N ARG HA 42 -60.05 68.27 -35.29
CA ARG HA 42 -59.32 69.43 -34.81
C ARG HA 42 -58.40 69.07 -33.66
N VAL HA 43 -58.90 68.33 -32.68
CA VAL HA 43 -58.09 68.02 -31.50
C VAL HA 43 -56.95 67.08 -31.86
N GLY HA 44 -57.23 66.04 -32.63
CA GLY HA 44 -56.24 65.03 -32.94
C GLY HA 44 -55.61 65.09 -34.31
N GLY HA 45 -56.09 65.97 -35.18
CA GLY HA 45 -55.48 66.07 -36.49
C GLY HA 45 -55.76 64.85 -37.36
N GLU HA 46 -54.79 64.56 -38.22
CA GLU HA 46 -54.84 63.40 -39.08
C GLU HA 46 -54.33 62.14 -38.39
N ALA HA 47 -53.90 62.24 -37.13
CA ALA HA 47 -53.45 61.06 -36.41
C ALA HA 47 -54.58 60.06 -36.24
N MET HA 48 -55.78 60.54 -35.90
CA MET HA 48 -56.97 59.70 -35.75
C MET HA 48 -58.01 60.20 -36.75
N ARG HA 49 -57.89 59.72 -37.99
CA ARG HA 49 -58.91 59.84 -39.03
C ARG HA 49 -59.96 58.73 -38.92
N PRO HA 50 -59.59 57.50 -38.56
CA PRO HA 50 -60.63 56.46 -38.39
C PRO HA 50 -61.78 56.86 -37.49
N TYR HA 51 -61.52 57.57 -36.40
CA TYR HA 51 -62.58 57.91 -35.46
C TYR HA 51 -63.56 58.91 -36.07
N ALA HA 52 -63.08 59.82 -36.92
CA ALA HA 52 -63.99 60.69 -37.63
C ALA HA 52 -64.90 59.89 -38.55
N GLU HA 53 -64.36 58.86 -39.19
CA GLU HA 53 -65.19 58.00 -40.04
C GLU HA 53 -66.21 57.22 -39.23
N MET HA 54 -65.80 56.70 -38.06
CA MET HA 54 -66.76 55.99 -37.22
C MET HA 54 -67.88 56.91 -36.77
N VAL HA 55 -67.54 58.12 -36.34
CA VAL HA 55 -68.58 59.06 -35.91
C VAL HA 55 -69.50 59.39 -37.06
N ARG HA 56 -68.95 59.62 -38.25
CA ARG HA 56 -69.78 60.01 -39.38
C ARG HA 56 -70.71 58.88 -39.81
N HIS HA 57 -70.20 57.64 -39.89
CA HIS HA 57 -71.08 56.52 -40.24
C HIS HA 57 -72.11 56.23 -39.17
N LEU HA 58 -71.78 56.39 -37.89
CA LEU HA 58 -72.79 56.21 -36.86
C LEU HA 58 -73.86 57.29 -36.96
N GLY HA 59 -73.48 58.50 -37.34
CA GLY HA 59 -74.48 59.51 -37.64
C GLY HA 59 -75.39 59.11 -38.78
N GLU HA 60 -74.80 58.57 -39.87
CA GLU HA 60 -75.63 58.13 -40.99
C GLU HA 60 -76.54 56.97 -40.61
N ALA HA 61 -76.04 56.03 -39.82
CA ALA HA 61 -76.88 54.92 -39.37
C ALA HA 61 -78.03 55.39 -38.51
N ALA HA 62 -77.77 56.34 -37.60
CA ALA HA 62 -78.84 56.87 -36.77
C ALA HA 62 -79.90 57.57 -37.61
N VAL HA 63 -79.48 58.39 -38.58
CA VAL HA 63 -80.50 59.09 -39.37
C VAL HA 63 -81.23 58.12 -40.30
N ALA HA 64 -80.55 57.06 -40.75
CA ALA HA 64 -81.23 56.02 -41.51
C ALA HA 64 -82.32 55.37 -40.67
N ALA HA 65 -82.00 55.04 -39.41
CA ALA HA 65 -83.01 54.46 -38.53
C ALA HA 65 -84.17 55.42 -38.29
N LEU HA 66 -83.87 56.70 -38.09
CA LEU HA 66 -84.93 57.69 -37.91
C LEU HA 66 -85.76 57.90 -39.18
N GLU HA 67 -85.24 57.57 -40.36
CA GLU HA 67 -85.96 57.83 -41.59
C GLU HA 67 -86.37 56.53 -42.28
N GLY HA 68 -86.94 55.60 -41.52
CA GLY HA 68 -87.27 54.30 -42.05
C GLY HA 68 -86.13 53.33 -41.88
N ARG HA 69 -86.11 52.32 -42.75
CA ARG HA 69 -84.99 51.40 -42.91
C ARG HA 69 -84.74 50.53 -41.67
N ALA HA 70 -84.21 49.34 -41.90
CA ALA HA 70 -83.68 48.49 -40.84
C ALA HA 70 -82.42 47.75 -41.22
N GLU HA 71 -82.11 47.65 -42.52
CA GLU HA 71 -80.98 46.89 -43.03
C GLU HA 71 -79.76 47.78 -43.25
N GLU HA 72 -79.96 49.01 -43.71
CA GLU HA 72 -78.84 49.95 -43.84
C GLU HA 72 -78.22 50.25 -42.48
N ALA HA 73 -79.06 50.39 -41.45
CA ALA HA 73 -78.53 50.58 -40.11
C ALA HA 73 -77.67 49.40 -39.67
N ASP HA 74 -78.15 48.18 -39.94
CA ASP HA 74 -77.36 46.99 -39.62
C ASP HA 74 -76.02 46.99 -40.35
N ARG HA 75 -76.05 47.30 -41.65
CA ARG HA 75 -74.82 47.27 -42.42
C ARG HA 75 -73.83 48.31 -41.94
N LEU HA 76 -74.29 49.53 -41.69
CA LEU HA 76 -73.40 50.59 -41.24
C LEU HA 76 -72.82 50.26 -39.88
N VAL HA 77 -73.64 49.74 -38.96
CA VAL HA 77 -73.13 49.39 -37.64
C VAL HA 77 -72.10 48.26 -37.74
N ARG HA 78 -72.31 47.32 -38.66
CA ARG HA 78 -71.32 46.27 -38.87
C ARG HA 78 -70.02 46.83 -39.44
N ASP HA 79 -70.12 47.80 -40.35
CA ASP HA 79 -68.93 48.44 -40.90
C ASP HA 79 -68.13 49.14 -39.80
N VAL HA 80 -68.82 49.91 -38.95
CA VAL HA 80 -68.15 50.59 -37.85
C VAL HA 80 -67.58 49.59 -36.85
N LEU HA 81 -68.26 48.44 -36.68
CA LEU HA 81 -67.70 47.41 -35.83
C LEU HA 81 -66.40 46.88 -36.41
N GLU HA 82 -66.33 46.72 -37.73
CA GLU HA 82 -65.10 46.27 -38.36
C GLU HA 82 -63.98 47.31 -38.18
N MET HA 83 -64.30 48.59 -38.33
CA MET HA 83 -63.29 49.62 -38.09
C MET HA 83 -62.78 49.57 -36.66
N ALA HA 84 -63.70 49.45 -35.70
CA ALA HA 84 -63.28 49.37 -34.31
C ALA HA 84 -62.42 48.15 -34.07
N ARG HA 85 -62.71 47.04 -34.75
CA ARG HA 85 -61.89 45.85 -34.63
C ARG HA 85 -60.47 46.11 -35.13
N GLU HA 86 -60.34 46.75 -36.29
CA GLU HA 86 -59.00 46.90 -36.87
C GLU HA 86 -58.17 47.95 -36.13
N VAL HA 87 -58.80 49.06 -35.73
CA VAL HA 87 -58.05 50.13 -35.06
C VAL HA 87 -57.47 49.64 -33.75
N GLY HA 88 -58.26 48.91 -32.97
CA GLY HA 88 -57.84 48.45 -31.65
C GLY HA 88 -58.76 48.84 -30.53
N ALA HA 89 -59.87 49.53 -30.80
CA ALA HA 89 -60.80 49.91 -29.76
C ALA HA 89 -61.56 48.68 -29.29
N GLU HA 90 -61.39 48.31 -28.02
CA GLU HA 90 -62.05 47.13 -27.48
C GLU HA 90 -63.43 47.47 -26.92
N GLY HA 91 -63.49 48.39 -25.96
CA GLY HA 91 -64.77 48.76 -25.37
C GLY HA 91 -65.74 49.30 -26.40
N LEU HA 92 -65.24 50.09 -27.35
CA LEU HA 92 -66.08 50.58 -28.42
C LEU HA 92 -66.63 49.44 -29.27
N ALA HA 93 -65.79 48.44 -29.56
CA ALA HA 93 -66.26 47.29 -30.34
C ALA HA 93 -67.34 46.53 -29.59
N ARG HA 94 -67.16 46.31 -28.29
CA ARG HA 94 -68.18 45.61 -27.51
C ARG HA 94 -69.49 46.38 -27.52
N LEU HA 95 -69.42 47.69 -27.28
CA LEU HA 95 -70.65 48.48 -27.30
C LEU HA 95 -71.29 48.46 -28.68
N LEU HA 96 -70.47 48.35 -29.73
CA LEU HA 96 -71.02 48.33 -31.09
C LEU HA 96 -71.75 47.02 -31.37
N GLU HA 97 -71.21 45.89 -30.91
CA GLU HA 97 -71.97 44.65 -31.01
C GLU HA 97 -73.29 44.75 -30.25
N ARG HA 98 -73.24 45.30 -29.04
CA ARG HA 98 -74.46 45.42 -28.25
C ARG HA 98 -75.50 46.29 -28.93
N VAL HA 99 -75.09 47.44 -29.47
CA VAL HA 99 -76.06 48.31 -30.13
C VAL HA 99 -76.60 47.63 -31.38
N HIS HA 100 -75.76 46.84 -32.05
CA HIS HA 100 -76.22 46.10 -33.22
C HIS HA 100 -77.38 45.19 -32.86
N ARG HA 101 -77.19 44.34 -31.85
CA ARG HA 101 -78.25 43.38 -31.48
C ARG HA 101 -79.50 44.10 -30.99
N GLU HA 102 -79.34 45.06 -30.07
CA GLU HA 102 -80.50 45.75 -29.54
C GLU HA 102 -81.23 46.54 -30.62
N ALA HA 103 -80.51 47.15 -31.55
CA ALA HA 103 -81.15 47.86 -32.65
C ALA HA 103 -81.97 46.91 -33.49
N ARG HA 104 -81.43 45.70 -33.76
CA ARG HA 104 -82.22 44.71 -34.48
C ARG HA 104 -83.52 44.40 -33.75
N GLU HA 105 -83.43 44.14 -32.43
CA GLU HA 105 -84.62 43.77 -31.67
C GLU HA 105 -85.66 44.89 -31.69
N LEU HA 106 -85.22 46.11 -31.42
CA LEU HA 106 -86.18 47.22 -31.34
C LEU HA 106 -86.76 47.56 -32.70
N LEU HA 107 -85.96 47.46 -33.76
CA LEU HA 107 -86.50 47.71 -35.08
C LEU HA 107 -87.49 46.64 -35.49
N ARG HA 108 -87.27 45.39 -35.07
CA ARG HA 108 -88.27 44.35 -35.27
C ARG HA 108 -89.56 44.69 -34.52
N GLU HA 109 -89.43 45.19 -33.29
CA GLU HA 109 -90.59 45.62 -32.52
C GLU HA 109 -91.22 46.89 -33.05
N GLY HA 110 -90.58 47.56 -34.00
CA GLY HA 110 -91.16 48.74 -34.62
C GLY HA 110 -90.84 50.06 -33.97
N ARG HA 111 -90.12 50.06 -32.85
CA ARG HA 111 -89.74 51.30 -32.16
C ARG HA 111 -88.46 51.84 -32.79
N ARG HA 112 -88.48 53.11 -33.16
CA ARG HA 112 -87.38 53.71 -33.90
C ARG HA 112 -86.52 54.65 -33.06
N GLU HA 113 -87.13 55.38 -32.12
CA GLU HA 113 -86.38 56.39 -31.38
C GLU HA 113 -85.28 55.77 -30.54
N GLU HA 114 -85.56 54.63 -29.89
CA GLU HA 114 -84.58 54.03 -29.00
C GLU HA 114 -83.39 53.43 -29.76
N ALA HA 115 -83.61 52.88 -30.95
CA ALA HA 115 -82.50 52.37 -31.75
C ALA HA 115 -81.56 53.52 -32.15
N ALA HA 116 -82.14 54.62 -32.63
CA ALA HA 116 -81.33 55.79 -32.91
C ALA HA 116 -80.64 56.32 -31.66
N ALA HA 117 -81.29 56.18 -30.51
CA ALA HA 117 -80.68 56.62 -29.27
C ALA HA 117 -79.43 55.80 -28.95
N LEU HA 118 -79.51 54.48 -29.12
CA LEU HA 118 -78.32 53.66 -28.92
C LEU HA 118 -77.23 54.02 -29.92
N VAL HA 119 -77.61 54.27 -31.17
CA VAL HA 119 -76.61 54.62 -32.17
C VAL HA 119 -75.94 55.95 -31.83
N LEU HA 120 -76.72 56.94 -31.40
CA LEU HA 120 -76.15 58.24 -31.03
C LEU HA 120 -75.22 58.11 -29.83
N ALA HA 121 -75.61 57.30 -28.85
CA ALA HA 121 -74.73 57.05 -27.71
C ALA HA 121 -73.43 56.42 -28.17
N ALA HA 122 -73.50 55.50 -29.14
CA ALA HA 122 -72.29 54.88 -29.66
C ALA HA 122 -71.39 55.89 -30.37
N ALA HA 123 -71.99 56.78 -31.16
CA ALA HA 123 -71.22 57.82 -31.84
C ALA HA 123 -70.53 58.73 -30.84
N LEU HA 124 -71.26 59.15 -29.81
CA LEU HA 124 -70.65 59.98 -28.77
C LEU HA 124 -69.53 59.25 -28.06
N ALA HA 125 -69.71 57.97 -27.78
CA ALA HA 125 -68.65 57.21 -27.15
C ALA HA 125 -67.40 57.19 -28.01
N ALA HA 126 -67.56 56.97 -29.32
CA ALA HA 126 -66.42 56.94 -30.22
C ALA HA 126 -65.70 58.29 -30.28
N GLY HA 127 -66.46 59.36 -30.47
CA GLY HA 127 -65.84 60.68 -30.54
C GLY HA 127 -65.16 61.09 -29.25
N ALA HA 128 -65.83 60.87 -28.12
CA ALA HA 128 -65.24 61.23 -26.84
C ALA HA 128 -64.04 60.38 -26.51
N VAL HA 129 -64.04 59.11 -26.90
CA VAL HA 129 -62.88 58.27 -26.71
C VAL HA 129 -61.69 58.81 -27.50
N ALA HA 130 -61.93 59.20 -28.76
CA ALA HA 130 -60.85 59.75 -29.56
C ALA HA 130 -60.29 61.03 -28.97
N VAL HA 131 -61.18 61.95 -28.59
CA VAL HA 131 -60.72 63.23 -28.03
C VAL HA 131 -59.99 63.01 -26.71
N ALA HA 132 -60.47 62.07 -25.89
CA ALA HA 132 -59.80 61.79 -24.63
C ALA HA 132 -58.41 61.22 -24.84
N GLU HA 133 -58.24 60.31 -25.80
CA GLU HA 133 -56.90 59.80 -26.06
C GLU HA 133 -55.99 60.90 -26.61
N ALA HA 134 -56.54 61.81 -27.41
CA ALA HA 134 -55.74 62.94 -27.88
C ALA HA 134 -55.27 63.79 -26.71
N TYR HA 135 -56.16 64.08 -25.76
CA TYR HA 135 -55.78 64.87 -24.60
C TYR HA 135 -54.72 64.17 -23.77
N VAL HA 136 -54.85 62.86 -23.61
CA VAL HA 136 -53.88 62.11 -22.81
C VAL HA 136 -52.52 62.08 -23.50
N ARG HA 137 -52.51 61.96 -24.83
CA ARG HA 137 -51.25 61.86 -25.55
C ARG HA 137 -50.40 63.11 -25.38
N LEU HA 138 -51.00 64.29 -25.52
CA LEU HA 138 -50.28 65.54 -25.38
C LEU HA 138 -50.32 66.10 -23.97
N GLY HA 139 -50.72 65.30 -22.99
CA GLY HA 139 -50.56 65.62 -21.58
C GLY HA 139 -51.30 66.84 -21.05
N GLN HA 140 -52.54 67.04 -21.45
CA GLN HA 140 -53.34 68.11 -20.89
C GLN HA 140 -53.92 67.70 -19.54
N PRO HA 141 -54.28 68.66 -18.69
CA PRO HA 141 -54.75 68.32 -17.33
C PRO HA 141 -56.08 67.59 -17.36
N ILE HA 142 -56.35 66.88 -16.26
CA ILE HA 142 -57.54 66.04 -16.14
C ILE HA 142 -58.82 66.87 -15.99
N ARG HA 143 -58.74 68.09 -15.46
CA ARG HA 143 -59.91 68.94 -15.41
C ARG HA 143 -60.52 69.10 -16.79
N LEU HA 144 -59.68 69.20 -17.82
CA LEU HA 144 -60.19 69.41 -19.17
C LEU HA 144 -60.97 68.20 -19.66
N ILE HA 145 -60.43 66.99 -19.43
CA ILE HA 145 -61.15 65.78 -19.81
C ILE HA 145 -62.48 65.69 -19.08
N ALA HA 146 -62.48 65.94 -17.77
CA ALA HA 146 -63.70 65.82 -16.98
C ALA HA 146 -64.76 66.81 -17.45
N GLU HA 147 -64.37 68.07 -17.63
CA GLU HA 147 -65.34 69.08 -18.06
C GLU HA 147 -65.86 68.79 -19.45
N TYR HA 148 -64.98 68.38 -20.36
CA TYR HA 148 -65.39 68.04 -21.72
C TYR HA 148 -66.43 66.93 -21.71
N VAL HA 149 -66.12 65.83 -21.03
CA VAL HA 149 -67.02 64.68 -21.03
C VAL HA 149 -68.35 65.03 -20.39
N ALA HA 150 -68.32 65.74 -19.26
CA ALA HA 150 -69.57 66.10 -18.59
C ALA HA 150 -70.44 66.98 -19.46
N GLU HA 151 -69.85 67.95 -20.15
CA GLU HA 151 -70.66 68.82 -20.99
C GLU HA 151 -71.23 68.07 -22.18
N ARG HA 152 -70.44 67.16 -22.77
CA ARG HA 152 -70.96 66.35 -23.88
C ARG HA 152 -72.11 65.47 -23.43
N LEU HA 153 -72.01 64.88 -22.23
CA LEU HA 153 -73.09 64.06 -21.72
C LEU HA 153 -74.36 64.88 -21.52
N VAL HA 154 -74.21 66.10 -21.01
CA VAL HA 154 -75.40 66.94 -20.82
C VAL HA 154 -76.04 67.28 -22.16
N GLU HA 155 -75.21 67.58 -23.17
CA GLU HA 155 -75.77 67.88 -24.50
C GLU HA 155 -76.50 66.69 -25.08
N LEU HA 156 -75.92 65.49 -24.97
CA LEU HA 156 -76.59 64.28 -25.45
C LEU HA 156 -77.88 64.03 -24.71
N ALA HA 157 -77.90 64.26 -23.39
CA ALA HA 157 -79.12 64.09 -22.62
C ALA HA 157 -80.20 65.04 -23.09
N GLU HA 158 -79.83 66.28 -23.39
CA GLU HA 158 -80.81 67.22 -23.93
C GLU HA 158 -81.34 66.74 -25.27
N LEU HA 159 -80.47 66.22 -26.12
CA LEU HA 159 -80.91 65.71 -27.42
C LEU HA 159 -81.88 64.55 -27.27
N LEU HA 160 -81.53 63.58 -26.43
CA LEU HA 160 -82.40 62.41 -26.23
C LEU HA 160 -83.72 62.81 -25.61
N ARG HA 161 -83.72 63.81 -24.73
CA ARG HA 161 -84.97 64.33 -24.21
C ARG HA 161 -85.80 64.95 -25.32
N ARG HA 162 -85.14 65.61 -26.30
CA ARG HA 162 -85.88 66.15 -27.43
C ARG HA 162 -86.49 65.05 -28.29
N LEU HA 163 -85.76 63.96 -28.51
CA LEU HA 163 -86.29 62.85 -29.32
C LEU HA 163 -87.51 62.22 -28.67
N GLY HA 164 -87.40 61.82 -27.40
CA GLY HA 164 -88.52 61.21 -26.71
C GLY HA 164 -88.19 59.96 -25.91
N VAL HA 165 -86.91 59.63 -25.81
CA VAL HA 165 -86.50 58.45 -25.05
C VAL HA 165 -86.85 58.64 -23.58
N PRO HA 166 -87.34 57.62 -22.87
CA PRO HA 166 -87.62 57.78 -21.44
C PRO HA 166 -86.35 58.00 -20.63
N LEU HA 167 -86.53 58.69 -19.49
CA LEU HA 167 -85.41 59.23 -18.75
C LEU HA 167 -84.46 58.15 -18.23
N ARG HA 168 -85.01 57.07 -17.69
CA ARG HA 168 -84.16 56.04 -17.12
C ARG HA 168 -83.28 55.40 -18.19
N ARG HA 169 -83.83 55.23 -19.39
CA ARG HA 169 -83.01 54.77 -20.52
C ARG HA 169 -81.92 55.79 -20.84
N ILE HA 170 -82.24 57.08 -20.75
CA ILE HA 170 -81.23 58.11 -20.97
C ILE HA 170 -80.07 57.92 -20.02
N ILE HA 171 -80.36 57.76 -18.73
CA ILE HA 171 -79.31 57.64 -17.73
C ILE HA 171 -78.51 56.36 -17.96
N ARG HA 172 -79.17 55.28 -18.37
CA ARG HA 172 -78.46 54.04 -18.66
C ARG HA 172 -77.50 54.19 -19.83
N LEU HA 173 -77.94 54.87 -20.90
CA LEU HA 173 -77.05 55.11 -22.03
C LEU HA 173 -75.87 55.98 -21.65
N LEU HA 174 -76.13 57.02 -20.85
CA LEU HA 174 -75.06 57.91 -20.42
C LEU HA 174 -74.02 57.16 -19.59
N GLU HA 175 -74.48 56.25 -18.74
CA GLU HA 175 -73.55 55.44 -17.96
C GLU HA 175 -72.76 54.49 -18.85
N GLU HA 176 -73.38 53.97 -19.92
CA GLU HA 176 -72.62 53.15 -20.85
C GLU HA 176 -71.52 53.96 -21.54
N VAL HA 177 -71.85 55.18 -21.96
CA VAL HA 177 -70.86 56.06 -22.56
C VAL HA 177 -69.71 56.31 -21.59
N LEU HA 178 -70.05 56.59 -20.33
CA LEU HA 178 -69.02 56.85 -19.33
C LEU HA 178 -68.15 55.62 -19.10
N ARG HA 179 -68.75 54.43 -19.13
CA ARG HA 179 -67.97 53.22 -18.95
C ARG HA 179 -66.97 53.03 -20.09
N VAL HA 180 -67.40 53.29 -21.33
CA VAL HA 180 -66.48 53.18 -22.46
C VAL HA 180 -65.35 54.20 -22.33
N VAL HA 181 -65.68 55.44 -21.94
CA VAL HA 181 -64.67 56.46 -21.80
C VAL HA 181 -63.66 56.09 -20.72
N ALA HA 182 -64.15 55.56 -19.60
CA ALA HA 182 -63.25 55.14 -18.53
C ALA HA 182 -62.35 54.00 -18.99
N GLU HA 183 -62.88 53.05 -19.75
CA GLU HA 183 -62.04 51.98 -20.28
C GLU HA 183 -60.96 52.53 -21.21
N ALA HA 184 -61.33 53.49 -22.06
CA ALA HA 184 -60.36 54.09 -22.96
C ALA HA 184 -59.25 54.78 -22.18
N LEU HA 185 -59.62 55.55 -21.16
CA LEU HA 185 -58.62 56.23 -20.35
C LEU HA 185 -57.75 55.24 -19.59
N ARG HA 186 -58.31 54.10 -19.19
CA ARG HA 186 -57.50 53.07 -18.55
C ARG HA 186 -56.46 52.50 -19.51
N ARG HA 187 -56.87 52.26 -20.77
CA ARG HA 187 -55.92 51.73 -21.75
C ARG HA 187 -54.82 52.73 -22.07
N ALA HA 188 -55.08 54.03 -21.90
CA ALA HA 188 -54.09 55.06 -22.18
C ALA HA 188 -53.15 55.31 -21.01
N GLY HA 189 -53.25 54.54 -19.94
CA GLY HA 189 -52.34 54.65 -18.81
C GLY HA 189 -52.71 55.68 -17.77
N VAL HA 190 -53.88 56.30 -17.88
CA VAL HA 190 -54.29 57.29 -16.87
C VAL HA 190 -54.49 56.59 -15.53
N PRO HA 191 -53.95 57.11 -14.43
CA PRO HA 191 -54.10 56.43 -13.14
C PRO HA 191 -55.56 56.36 -12.70
N GLU HA 192 -55.88 55.31 -11.94
CA GLU HA 192 -57.27 55.04 -11.57
C GLU HA 192 -57.94 56.19 -10.81
N PRO HA 193 -57.32 56.83 -9.81
CA PRO HA 193 -58.02 57.92 -9.12
C PRO HA 193 -58.47 59.03 -10.04
N GLU HA 194 -57.71 59.35 -11.08
CA GLU HA 194 -58.16 60.37 -12.02
C GLU HA 194 -59.39 59.90 -12.80
N ILE HA 195 -59.45 58.61 -13.14
CA ILE HA 195 -60.63 58.07 -13.80
C ILE HA 195 -61.85 58.19 -12.89
N ARG HA 196 -61.68 57.87 -11.61
CA ARG HA 196 -62.79 58.00 -10.67
C ARG HA 196 -63.22 59.45 -10.55
N LYS HA 197 -62.27 60.38 -10.53
CA LYS HA 197 -62.61 61.79 -10.46
C LYS HA 197 -63.39 62.23 -11.69
N VAL HA 198 -63.00 61.73 -12.86
CA VAL HA 198 -63.74 62.02 -14.09
C VAL HA 198 -65.18 61.56 -13.96
N GLU HA 199 -65.35 60.30 -13.53
CA GLU HA 199 -66.70 59.75 -13.42
C GLU HA 199 -67.54 60.50 -12.42
N ALA HA 200 -66.97 60.81 -11.25
CA ALA HA 200 -67.70 61.51 -10.20
C ALA HA 200 -68.11 62.90 -10.65
N ALA HA 201 -67.23 63.60 -11.36
CA ALA HA 201 -67.59 64.91 -11.90
C ALA HA 201 -68.74 64.77 -12.89
N ALA HA 202 -68.72 63.73 -13.72
CA ALA HA 202 -69.82 63.52 -14.66
C ALA HA 202 -71.13 63.28 -13.93
N TYR HA 203 -71.11 62.47 -12.87
CA TYR HA 203 -72.33 62.16 -12.13
C TYR HA 203 -72.87 63.39 -11.40
N ILE HA 204 -71.98 64.19 -10.82
CA ILE HA 204 -72.42 65.40 -10.12
C ILE HA 204 -73.00 66.40 -11.11
N ARG HA 205 -72.40 66.52 -12.31
CA ARG HA 205 -72.97 67.39 -13.33
C ARG HA 205 -74.34 66.91 -13.77
N LEU HA 206 -74.50 65.61 -13.97
CA LEU HA 206 -75.80 65.06 -14.37
C LEU HA 206 -76.85 65.28 -13.28
N ALA HA 207 -76.48 65.05 -12.02
CA ALA HA 207 -77.41 65.27 -10.93
C ALA HA 207 -77.83 66.72 -10.84
N ALA HA 208 -76.87 67.66 -11.00
CA ALA HA 208 -77.21 69.07 -10.98
C ALA HA 208 -78.13 69.43 -12.14
N TYR HA 209 -77.87 68.87 -13.33
CA TYR HA 209 -78.70 69.12 -14.49
C TYR HA 209 -80.14 68.64 -14.26
N LEU HA 210 -80.30 67.45 -13.68
CA LEU HA 210 -81.64 66.96 -13.38
C LEU HA 210 -82.32 67.82 -12.33
N LEU HA 211 -81.58 68.24 -11.30
CA LEU HA 211 -82.18 69.04 -10.24
C LEU HA 211 -82.61 70.40 -10.72
N ARG HA 212 -81.94 70.95 -11.73
CA ARG HA 212 -82.31 72.30 -12.17
C ARG HA 212 -83.67 72.35 -12.83
N GLN HA 213 -84.07 71.28 -13.53
CA GLN HA 213 -85.33 71.32 -14.26
C GLN HA 213 -86.53 71.44 -13.33
N LEU HA 214 -86.51 70.72 -12.21
CA LEU HA 214 -87.58 70.85 -11.22
C LEU HA 214 -87.57 72.18 -10.49
N GLY HA 215 -86.50 72.96 -10.62
CA GLY HA 215 -86.48 74.27 -10.00
C GLY HA 215 -85.84 74.28 -8.63
N TYR HA 216 -84.70 73.59 -8.50
CA TYR HA 216 -83.89 73.63 -7.28
C TYR HA 216 -82.55 74.26 -7.65
N GLU HA 217 -82.52 75.59 -7.65
CA GLU HA 217 -81.31 76.29 -8.06
C GLU HA 217 -80.22 76.20 -7.01
N ALA HA 218 -80.60 76.36 -5.74
CA ALA HA 218 -79.61 76.34 -4.67
C ALA HA 218 -78.91 74.99 -4.59
N LEU HA 219 -79.68 73.90 -4.72
CA LEU HA 219 -79.09 72.57 -4.71
C LEU HA 219 -78.09 72.40 -5.84
N ALA HA 220 -78.44 72.84 -7.05
CA ALA HA 220 -77.53 72.70 -8.17
C ALA HA 220 -76.26 73.52 -7.97
N LYS HA 221 -76.39 74.74 -7.45
CA LYS HA 221 -75.22 75.56 -7.19
C LYS HA 221 -74.29 74.89 -6.17
N ARG HA 222 -74.85 74.34 -5.10
CA ARG HA 222 -74.00 73.70 -4.09
C ARG HA 222 -73.33 72.45 -4.64
N LEU HA 223 -74.05 71.68 -5.47
CA LEU HA 223 -73.43 70.52 -6.08
C LEU HA 223 -72.29 70.92 -7.00
N LEU HA 224 -72.45 72.00 -7.76
CA LEU HA 224 -71.40 72.42 -8.66
C LEU HA 224 -70.22 73.04 -7.91
N GLU HA 225 -70.47 73.68 -6.76
CA GLU HA 225 -69.37 74.12 -5.90
C GLU HA 225 -68.56 72.92 -5.40
N ALA HA 226 -69.25 71.87 -4.97
CA ALA HA 226 -68.55 70.65 -4.56
C ALA HA 226 -67.74 70.08 -5.72
N ARG HA 227 -68.30 70.10 -6.92
CA ARG HA 227 -67.57 69.61 -8.09
C ARG HA 227 -66.33 70.44 -8.36
N GLU HA 228 -66.45 71.76 -8.26
CA GLU HA 228 -65.28 72.63 -8.48
C GLU HA 228 -64.19 72.35 -7.46
N LEU HA 229 -64.57 72.16 -6.19
CA LEU HA 229 -63.57 71.79 -5.20
C LEU HA 229 -62.95 70.43 -5.52
N LEU HA 230 -63.74 69.51 -6.07
CA LEU HA 230 -63.21 68.19 -6.38
C LEU HA 230 -62.19 68.25 -7.52
N LEU HA 231 -62.50 69.00 -8.58
CA LEU HA 231 -61.62 69.01 -9.74
C LEU HA 231 -60.28 69.68 -9.47
N GLU HA 232 -60.19 70.49 -8.41
CA GLU HA 232 -58.96 71.16 -8.02
C GLU HA 232 -58.05 70.30 -7.18
N GLY HA 233 -58.46 69.07 -6.85
CA GLY HA 233 -57.68 68.20 -6.01
C GLY HA 233 -58.05 68.22 -4.55
N ARG HA 234 -58.86 69.19 -4.11
CA ARG HA 234 -59.33 69.24 -2.73
C ARG HA 234 -60.44 68.21 -2.57
N VAL HA 235 -60.04 66.97 -2.34
CA VAL HA 235 -61.02 65.89 -2.20
C VAL HA 235 -61.79 66.01 -0.90
N GLU HA 236 -61.10 66.39 0.18
CA GLU HA 236 -61.73 66.35 1.51
C GLU HA 236 -62.83 67.39 1.65
N GLU HA 237 -62.56 68.62 1.22
CA GLU HA 237 -63.60 69.64 1.25
C GLU HA 237 -64.75 69.29 0.32
N ALA HA 238 -64.43 68.70 -0.83
CA ALA HA 238 -65.48 68.26 -1.76
C ALA HA 238 -66.38 67.22 -1.12
N ALA HA 239 -65.79 66.24 -0.44
CA ALA HA 239 -66.60 65.21 0.21
C ALA HA 239 -67.42 65.77 1.36
N HIS HA 240 -66.85 66.69 2.15
CA HIS HA 240 -67.61 67.27 3.24
C HIS HA 240 -68.81 68.07 2.73
N LEU HA 241 -68.58 68.94 1.74
CA LEU HA 241 -69.67 69.75 1.23
C LEU HA 241 -70.69 68.90 0.49
N LEU HA 242 -70.24 67.85 -0.19
CA LEU HA 242 -71.15 66.93 -0.84
C LEU HA 242 -72.02 66.21 0.17
N GLU HA 243 -71.44 65.77 1.28
CA GLU HA 243 -72.24 65.08 2.29
C GLU HA 243 -73.25 66.01 2.94
N ASP HA 244 -72.89 67.28 3.16
CA ASP HA 244 -73.86 68.22 3.73
C ASP HA 244 -75.03 68.45 2.77
N VAL HA 245 -74.73 68.69 1.49
CA VAL HA 245 -75.82 68.95 0.55
C VAL HA 245 -76.66 67.70 0.33
N TYR HA 246 -76.04 66.51 0.34
CA TYR HA 246 -76.80 65.27 0.22
C TYR HA 246 -77.69 65.06 1.43
N ALA HA 247 -77.23 65.40 2.63
CA ALA HA 247 -78.08 65.26 3.81
C ALA HA 247 -79.30 66.14 3.70
N LEU HA 248 -79.13 67.40 3.30
CA LEU HA 248 -80.28 68.28 3.15
C LEU HA 248 -81.24 67.76 2.08
N PHE HA 249 -80.69 67.33 0.94
CA PHE HA 249 -81.52 66.81 -0.14
C PHE HA 249 -82.27 65.57 0.29
N HIS HA 250 -81.62 64.68 1.04
CA HIS HA 250 -82.25 63.43 1.42
C HIS HA 250 -83.36 63.67 2.43
N ARG HA 251 -83.16 64.62 3.35
CA ARG HA 251 -84.26 65.00 4.23
C ARG HA 251 -85.43 65.53 3.42
N GLU HA 252 -85.14 66.32 2.38
CA GLU HA 252 -86.23 66.82 1.55
C GLU HA 252 -86.95 65.69 0.83
N ILE HA 253 -86.21 64.68 0.37
CA ILE HA 253 -86.83 63.53 -0.29
C ILE HA 253 -87.73 62.78 0.69
N GLU HA 254 -87.21 62.47 1.87
CA GLU HA 254 -88.01 61.77 2.87
C GLU HA 254 -89.19 62.59 3.36
N ARG HA 255 -89.16 63.91 3.19
CA ARG HA 255 -90.32 64.72 3.54
C ARG HA 255 -91.54 64.32 2.73
N LEU HA 256 -91.36 64.05 1.44
CA LEU HA 256 -92.47 63.74 0.56
C LEU HA 256 -92.95 62.31 0.68
N GLY HA 257 -92.31 61.48 1.49
CA GLY HA 257 -92.83 60.15 1.77
C GLY HA 257 -92.79 59.26 0.56
N PHE HA 258 -93.94 58.65 0.25
CA PHE HA 258 -94.08 57.75 -0.90
C PHE HA 258 -94.64 58.51 -2.11
N GLU HA 259 -93.95 59.58 -2.46
CA GLU HA 259 -94.28 60.38 -3.64
C GLU HA 259 -93.12 61.32 -3.91
N ALA HA 260 -92.68 61.37 -5.17
CA ALA HA 260 -91.64 62.29 -5.62
C ALA HA 260 -91.48 62.19 -7.12
N PRO HA 261 -91.26 63.30 -7.83
CA PRO HA 261 -91.05 63.23 -9.28
C PRO HA 261 -89.86 62.33 -9.60
N GLU HA 262 -89.94 61.67 -10.76
CA GLU HA 262 -88.96 60.64 -11.07
C GLU HA 262 -87.55 61.21 -11.17
N GLU HA 263 -87.42 62.49 -11.54
CA GLU HA 263 -86.10 63.08 -11.60
C GLU HA 263 -85.44 63.13 -10.21
N LEU HA 264 -86.22 63.37 -9.16
CA LEU HA 264 -85.68 63.29 -7.81
C LEU HA 264 -85.18 61.88 -7.50
N ARG HA 265 -85.94 60.87 -7.90
CA ARG HA 265 -85.56 59.49 -7.62
C ARG HA 265 -84.29 59.11 -8.35
N VAL HA 266 -84.12 59.56 -9.60
CA VAL HA 266 -82.89 59.25 -10.33
C VAL HA 266 -81.72 60.02 -9.75
N ALA HA 267 -81.96 61.29 -9.37
CA ALA HA 267 -80.89 62.11 -8.82
C ALA HA 267 -80.38 61.54 -7.51
N ASP HA 268 -81.24 60.91 -6.72
CA ASP HA 268 -80.78 60.31 -5.47
C ASP HA 268 -79.75 59.21 -5.75
N LEU HA 269 -80.01 58.37 -6.74
CA LEU HA 269 -79.06 57.30 -7.06
C LEU HA 269 -77.79 57.88 -7.66
N LEU HA 270 -77.92 58.90 -8.50
CA LEU HA 270 -76.73 59.54 -9.08
C LEU HA 270 -75.84 60.14 -7.99
N LEU HA 271 -76.45 60.83 -7.02
CA LEU HA 271 -75.69 61.43 -5.92
C LEU HA 271 -75.05 60.38 -5.05
N ALA HA 272 -75.75 59.28 -4.78
CA ALA HA 272 -75.15 58.21 -4.00
C ALA HA 272 -73.93 57.63 -4.70
N ARG HA 273 -74.02 57.42 -6.01
CA ARG HA 273 -72.87 56.88 -6.73
C ARG HA 273 -71.71 57.88 -6.78
N ALA HA 274 -72.02 59.16 -6.94
CA ALA HA 274 -70.98 60.18 -6.92
C ALA HA 274 -70.26 60.19 -5.58
N ILE HA 275 -71.00 60.09 -4.48
CA ILE HA 275 -70.39 60.07 -3.17
C ILE HA 275 -69.53 58.83 -2.99
N ALA HA 276 -70.01 57.69 -3.48
CA ALA HA 276 -69.22 56.46 -3.38
C ALA HA 276 -67.91 56.59 -4.15
N LEU HA 277 -67.97 57.15 -5.36
CA LEU HA 277 -66.76 57.30 -6.16
C LEU HA 277 -65.76 58.25 -5.51
N ILE HA 278 -66.25 59.38 -4.99
CA ILE HA 278 -65.35 60.31 -4.32
C ILE HA 278 -64.70 59.66 -3.11
N LYS HA 279 -65.50 58.93 -2.32
CA LYS HA 279 -64.95 58.26 -1.14
C LYS HA 279 -63.93 57.19 -1.52
N ALA HA 280 -64.08 56.58 -2.70
CA ALA HA 280 -63.17 55.53 -3.12
C ALA HA 280 -61.90 56.05 -3.78
N ILE HA 281 -61.81 57.35 -4.05
CA ILE HA 281 -60.60 57.95 -4.62
C ILE HA 281 -59.42 57.71 -3.70
N THR IA 24 -114.66 21.85 -3.23
CA THR IA 24 -113.82 22.26 -4.34
C THR IA 24 -112.35 22.27 -3.95
N VAL IA 25 -112.10 22.23 -2.63
CA VAL IA 25 -110.73 22.36 -2.12
C VAL IA 25 -109.87 21.20 -2.61
N VAL IA 26 -110.39 19.98 -2.53
CA VAL IA 26 -109.63 18.83 -3.02
C VAL IA 26 -109.47 18.90 -4.53
N GLU IA 27 -110.47 19.43 -5.23
CA GLU IA 27 -110.31 19.66 -6.66
C GLU IA 27 -109.23 20.70 -6.93
N GLU IA 28 -109.14 21.73 -6.09
CA GLU IA 28 -108.08 22.72 -6.25
C GLU IA 28 -106.71 22.09 -6.02
N VAL IA 29 -106.58 21.22 -5.03
CA VAL IA 29 -105.31 20.55 -4.79
C VAL IA 29 -104.94 19.65 -5.96
N ARG IA 30 -105.91 18.88 -6.48
CA ARG IA 30 -105.64 18.05 -7.64
C ARG IA 30 -105.21 18.89 -8.83
N ARG IA 31 -105.93 19.98 -9.09
CA ARG IA 31 -105.59 20.85 -10.23
C ARG IA 31 -104.20 21.43 -10.06
N PHE IA 32 -103.86 21.88 -8.86
CA PHE IA 32 -102.54 22.43 -8.59
C PHE IA 32 -101.45 21.41 -8.88
N ALA IA 33 -101.64 20.18 -8.38
CA ALA IA 33 -100.62 19.15 -8.57
C ALA IA 33 -100.48 18.78 -10.05
N GLU IA 34 -101.60 18.60 -10.75
CA GLU IA 34 -101.51 18.22 -12.15
C GLU IA 34 -100.90 19.33 -13.00
N GLU IA 35 -101.27 20.59 -12.72
CA GLU IA 35 -100.70 21.69 -13.47
C GLU IA 35 -99.19 21.78 -13.26
N LEU IA 36 -98.74 21.62 -12.02
CA LEU IA 36 -97.30 21.64 -11.77
C LEU IA 36 -96.60 20.47 -12.46
N ALA IA 37 -97.23 19.30 -12.46
CA ALA IA 37 -96.64 18.14 -13.14
C ALA IA 37 -96.54 18.35 -14.64
N GLU IA 38 -97.60 18.90 -15.25
CA GLU IA 38 -97.57 19.19 -16.68
C GLU IA 38 -96.49 20.20 -17.01
N GLU IA 39 -96.35 21.24 -16.18
CA GLU IA 39 -95.28 22.22 -16.42
C GLU IA 39 -93.91 21.58 -16.30
N VAL IA 40 -93.74 20.68 -15.32
CA VAL IA 40 -92.46 19.98 -15.18
C VAL IA 40 -92.14 19.22 -16.44
N LEU IA 41 -93.14 18.51 -16.98
CA LEU IA 41 -92.92 17.72 -18.19
C LEU IA 41 -92.65 18.61 -19.41
N ARG IA 42 -93.38 19.71 -19.54
CA ARG IA 42 -93.18 20.59 -20.69
C ARG IA 42 -91.80 21.21 -20.67
N VAL IA 43 -91.34 21.68 -19.50
CA VAL IA 43 -90.03 22.30 -19.42
C VAL IA 43 -88.93 21.27 -19.61
N GLY IA 44 -89.03 20.12 -18.92
CA GLY IA 44 -87.98 19.13 -18.93
C GLY IA 44 -88.16 17.98 -19.89
N GLY IA 45 -89.32 17.85 -20.50
CA GLY IA 45 -89.51 16.74 -21.43
C GLY IA 45 -89.60 15.41 -20.71
N GLU IA 46 -89.18 14.37 -21.43
CA GLU IA 46 -89.12 13.03 -20.87
C GLU IA 46 -87.83 12.78 -20.11
N ALA IA 47 -86.93 13.76 -20.05
CA ALA IA 47 -85.71 13.58 -19.27
C ALA IA 47 -86.02 13.40 -17.80
N MET IA 48 -86.98 14.16 -17.27
CA MET IA 48 -87.40 14.08 -15.88
C MET IA 48 -88.88 13.69 -15.87
N ARG IA 49 -89.14 12.39 -16.00
CA ARG IA 49 -90.44 11.78 -15.77
C ARG IA 49 -90.66 11.48 -14.30
N PRO IA 50 -89.65 11.03 -13.54
CA PRO IA 50 -89.87 10.80 -12.10
C PRO IA 50 -90.50 11.97 -11.36
N TYR IA 51 -90.13 13.21 -11.68
CA TYR IA 51 -90.62 14.35 -10.92
C TYR IA 51 -92.11 14.57 -11.17
N ALA IA 52 -92.58 14.32 -12.38
CA ALA IA 52 -94.02 14.42 -12.63
C ALA IA 52 -94.78 13.38 -11.81
N GLU IA 53 -94.25 12.17 -11.71
CA GLU IA 53 -94.90 11.15 -10.90
C GLU IA 53 -94.88 11.52 -9.42
N MET IA 54 -93.76 12.08 -8.94
CA MET IA 54 -93.68 12.49 -7.54
C MET IA 54 -94.68 13.60 -7.24
N VAL IA 55 -94.80 14.57 -8.13
CA VAL IA 55 -95.78 15.64 -7.93
C VAL IA 55 -97.19 15.06 -7.93
N ARG IA 56 -97.49 14.16 -8.85
CA ARG IA 56 -98.84 13.60 -8.93
C ARG IA 56 -99.18 12.76 -7.70
N HIS IA 57 -98.22 11.95 -7.21
CA HIS IA 57 -98.46 11.18 -6.00
C HIS IA 57 -98.59 12.06 -4.77
N LEU IA 58 -97.80 13.13 -4.65
CA LEU IA 58 -97.96 14.02 -3.50
C LEU IA 58 -99.29 14.77 -3.56
N GLY IA 59 -99.75 15.12 -4.76
CA GLY IA 59 -101.11 15.64 -4.87
C GLY IA 59 -102.15 14.64 -4.42
N GLU IA 60 -101.96 13.36 -4.80
CA GLU IA 60 -102.90 12.33 -4.38
C GLU IA 60 -102.88 12.14 -2.86
N ALA IA 61 -101.70 12.13 -2.25
CA ALA IA 61 -101.61 12.00 -0.79
C ALA IA 61 -102.28 13.17 -0.09
N ALA IA 62 -102.08 14.39 -0.60
CA ALA IA 62 -102.72 15.55 -0.02
C ALA IA 62 -104.25 15.45 -0.09
N VAL IA 63 -104.78 15.06 -1.26
CA VAL IA 63 -106.23 14.98 -1.35
C VAL IA 63 -106.78 13.82 -0.54
N ALA IA 64 -106.01 12.74 -0.39
CA ALA IA 64 -106.39 11.67 0.51
C ALA IA 64 -106.51 12.20 1.94
N ALA IA 65 -105.53 12.98 2.38
CA ALA IA 65 -105.58 13.54 3.73
C ALA IA 65 -106.76 14.47 3.90
N LEU IA 66 -107.04 15.31 2.90
CA LEU IA 66 -108.20 16.19 2.98
C LEU IA 66 -109.52 15.44 2.92
N GLU IA 67 -109.53 14.21 2.42
CA GLU IA 67 -110.78 13.46 2.32
C GLU IA 67 -110.80 12.24 3.24
N GLY IA 68 -110.42 12.44 4.50
CA GLY IA 68 -110.32 11.34 5.42
C GLY IA 68 -108.94 10.73 5.41
N ARG IA 69 -108.86 9.48 5.84
CA ARG IA 69 -107.67 8.64 5.70
C ARG IA 69 -106.48 9.15 6.50
N ALA IA 70 -105.62 8.21 6.91
CA ALA IA 70 -104.31 8.54 7.46
C ALA IA 70 -103.23 7.57 7.03
N GLU IA 71 -103.58 6.39 6.53
CA GLU IA 71 -102.65 5.34 6.15
C GLU IA 71 -102.27 5.42 4.68
N GLU IA 72 -103.23 5.79 3.82
CA GLU IA 72 -102.90 6.00 2.42
C GLU IA 72 -101.90 7.13 2.26
N ALA IA 73 -102.08 8.21 3.03
CA ALA IA 73 -101.11 9.29 3.00
C ALA IA 73 -99.73 8.80 3.43
N ASP IA 74 -99.69 7.99 4.49
CA ASP IA 74 -98.43 7.38 4.94
C ASP IA 74 -97.76 6.61 3.82
N ARG IA 75 -98.54 5.75 3.15
CA ARG IA 75 -97.97 4.89 2.11
C ARG IA 75 -97.47 5.71 0.93
N LEU IA 76 -98.27 6.67 0.47
CA LEU IA 76 -97.88 7.47 -0.68
C LEU IA 76 -96.64 8.29 -0.38
N VAL IA 77 -96.56 8.88 0.82
CA VAL IA 77 -95.38 9.67 1.17
C VAL IA 77 -94.16 8.78 1.25
N ARG IA 78 -94.30 7.55 1.76
CA ARG IA 78 -93.18 6.63 1.79
C ARG IA 78 -92.73 6.23 0.38
N ASP IA 79 -93.68 6.01 -0.51
CA ASP IA 79 -93.34 5.68 -1.90
C ASP IA 79 -92.61 6.82 -2.59
N VAL IA 80 -93.09 8.06 -2.38
CA VAL IA 80 -92.41 9.22 -2.95
C VAL IA 80 -91.03 9.38 -2.33
N LEU IA 81 -90.90 9.05 -1.05
CA LEU IA 81 -89.58 9.08 -0.42
C LEU IA 81 -88.65 8.10 -1.10
N GLU IA 82 -89.15 6.91 -1.44
CA GLU IA 82 -88.33 5.93 -2.16
C GLU IA 82 -87.92 6.46 -3.53
N MET IA 83 -88.85 7.11 -4.24
CA MET IA 83 -88.51 7.69 -5.54
C MET IA 83 -87.40 8.73 -5.38
N ALA IA 84 -87.53 9.60 -4.38
CA ALA IA 84 -86.51 10.60 -4.14
C ALA IA 84 -85.17 9.95 -3.80
N ARG IA 85 -85.20 8.84 -3.07
CA ARG IA 85 -83.97 8.13 -2.76
C ARG IA 85 -83.29 7.62 -4.02
N GLU IA 86 -84.07 7.02 -4.93
CA GLU IA 86 -83.44 6.41 -6.10
C GLU IA 86 -82.98 7.46 -7.11
N VAL IA 87 -83.76 8.52 -7.32
CA VAL IA 87 -83.40 9.53 -8.31
C VAL IA 87 -82.11 10.23 -7.91
N GLY IA 88 -81.98 10.60 -6.64
CA GLY IA 88 -80.84 11.34 -6.16
C GLY IA 88 -81.19 12.65 -5.49
N ALA IA 89 -82.46 12.99 -5.37
CA ALA IA 89 -82.87 14.22 -4.70
C ALA IA 89 -82.63 14.08 -3.21
N GLU IA 90 -81.70 14.86 -2.67
CA GLU IA 90 -81.34 14.75 -1.26
C GLU IA 90 -82.22 15.62 -0.38
N GLY IA 91 -82.22 16.94 -0.61
CA GLY IA 91 -83.02 17.83 0.20
C GLY IA 91 -84.50 17.49 0.13
N LEU IA 92 -84.95 17.08 -1.05
CA LEU IA 92 -86.33 16.64 -1.19
C LEU IA 92 -86.60 15.41 -0.35
N ALA IA 93 -85.64 14.48 -0.29
CA ALA IA 93 -85.81 13.30 0.56
C ALA IA 93 -85.90 13.68 2.03
N ARG IA 94 -85.05 14.61 2.48
CA ARG IA 94 -85.13 15.05 3.87
C ARG IA 94 -86.48 15.67 4.16
N LEU IA 95 -86.94 16.57 3.28
CA LEU IA 95 -88.22 17.22 3.52
C LEU IA 95 -89.34 16.21 3.48
N LEU IA 96 -89.20 15.14 2.71
CA LEU IA 96 -90.26 14.13 2.64
C LEU IA 96 -90.31 13.31 3.93
N GLU IA 97 -89.14 12.98 4.50
CA GLU IA 97 -89.16 12.32 5.81
C GLU IA 97 -89.82 13.20 6.87
N ARG IA 98 -89.45 14.49 6.90
CA ARG IA 98 -90.06 15.42 7.85
C ARG IA 98 -91.56 15.51 7.62
N VAL IA 99 -91.98 15.57 6.35
CA VAL IA 99 -93.40 15.61 6.03
C VAL IA 99 -94.09 14.37 6.55
N HIS IA 100 -93.44 13.22 6.41
CA HIS IA 100 -94.03 11.95 6.87
C HIS IA 100 -94.28 11.98 8.38
N ARG IA 101 -93.26 12.33 9.16
CA ARG IA 101 -93.41 12.32 10.62
C ARG IA 101 -94.45 13.33 11.08
N GLU IA 102 -94.36 14.57 10.61
CA GLU IA 102 -95.34 15.57 11.02
C GLU IA 102 -96.75 15.22 10.54
N ALA IA 103 -96.86 14.62 9.35
CA ALA IA 103 -98.18 14.20 8.90
C ALA IA 103 -98.78 13.18 9.84
N ARG IA 104 -97.97 12.22 10.29
CA ARG IA 104 -98.44 11.24 11.27
C ARG IA 104 -98.92 11.92 12.55
N GLU IA 105 -98.09 12.82 13.09
CA GLU IA 105 -98.44 13.48 14.36
C GLU IA 105 -99.72 14.27 14.23
N LEU IA 106 -99.82 15.12 13.20
CA LEU IA 106 -100.98 15.98 13.07
C LEU IA 106 -102.24 15.18 12.73
N LEU IA 107 -102.09 14.08 12.00
CA LEU IA 107 -103.26 13.25 11.73
C LEU IA 107 -103.72 12.53 12.99
N ARG IA 108 -102.79 12.14 13.85
CA ARG IA 108 -103.18 11.59 15.14
C ARG IA 108 -103.92 12.63 15.98
N GLU IA 109 -103.45 13.88 15.96
CA GLU IA 109 -104.14 14.95 16.67
C GLU IA 109 -105.46 15.34 16.04
N GLY IA 110 -105.77 14.84 14.85
CA GLY IA 110 -107.04 15.11 14.22
C GLY IA 110 -107.09 16.33 13.32
N ARG IA 111 -106.01 17.10 13.24
CA ARG IA 111 -105.96 18.27 12.36
C ARG IA 111 -105.56 17.83 10.97
N ARG IA 112 -106.37 18.20 9.98
CA ARG IA 112 -106.20 17.72 8.61
C ARG IA 112 -105.63 18.76 7.66
N GLU IA 113 -106.01 20.03 7.82
CA GLU IA 113 -105.60 21.05 6.86
C GLU IA 113 -104.09 21.22 6.84
N GLU IA 114 -103.45 21.22 8.00
CA GLU IA 114 -102.02 21.48 8.06
C GLU IA 114 -101.20 20.32 7.50
N ALA IA 115 -101.68 19.07 7.66
CA ALA IA 115 -100.96 17.94 7.07
C ALA IA 115 -100.99 18.01 5.54
N ALA IA 116 -102.16 18.32 4.97
CA ALA IA 116 -102.22 18.55 3.54
C ALA IA 116 -101.39 19.75 3.13
N ALA IA 117 -101.27 20.74 4.00
CA ALA IA 117 -100.42 21.89 3.71
C ALA IA 117 -98.97 21.47 3.60
N LEU IA 118 -98.51 20.63 4.53
CA LEU IA 118 -97.14 20.12 4.43
C LEU IA 118 -96.95 19.31 3.15
N VAL IA 119 -97.94 18.48 2.80
CA VAL IA 119 -97.82 17.67 1.59
C VAL IA 119 -97.77 18.55 0.34
N LEU IA 120 -98.60 19.58 0.28
CA LEU IA 120 -98.60 20.48 -0.87
C LEU IA 120 -97.28 21.24 -0.97
N ALA IA 121 -96.73 21.66 0.17
CA ALA IA 121 -95.42 22.28 0.14
C ALA IA 121 -94.37 21.31 -0.39
N ALA IA 122 -94.48 20.02 -0.03
CA ALA IA 122 -93.55 19.03 -0.54
C ALA IA 122 -93.67 18.86 -2.05
N ALA IA 123 -94.91 18.81 -2.55
CA ALA IA 123 -95.12 18.67 -3.99
C ALA IA 123 -94.57 19.87 -4.75
N LEU IA 124 -94.80 21.07 -4.22
CA LEU IA 124 -94.26 22.27 -4.84
C LEU IA 124 -92.74 22.28 -4.82
N ALA IA 125 -92.14 21.82 -3.72
CA ALA IA 125 -90.69 21.72 -3.69
C ALA IA 125 -90.18 20.79 -4.78
N ALA IA 126 -90.83 19.63 -4.94
CA ALA IA 126 -90.41 18.67 -5.97
C ALA IA 126 -90.53 19.26 -7.37
N GLY IA 127 -91.69 19.83 -7.68
CA GLY IA 127 -91.90 20.41 -9.01
C GLY IA 127 -90.95 21.56 -9.30
N ALA IA 128 -90.78 22.47 -8.34
CA ALA IA 128 -89.90 23.61 -8.56
C ALA IA 128 -88.44 23.16 -8.66
N VAL IA 129 -88.06 22.11 -7.94
CA VAL IA 129 -86.71 21.57 -8.09
C VAL IA 129 -86.50 21.04 -9.49
N ALA IA 130 -87.48 20.30 -10.02
CA ALA IA 130 -87.37 19.80 -11.38
C ALA IA 130 -87.23 20.93 -12.38
N VAL IA 131 -88.12 21.93 -12.28
CA VAL IA 131 -88.10 23.00 -13.27
C VAL IA 131 -86.82 23.82 -13.17
N ALA IA 132 -86.34 24.07 -11.95
CA ALA IA 132 -85.11 24.84 -11.80
C ALA IA 132 -83.91 24.08 -12.36
N GLU IA 133 -83.84 22.77 -12.13
CA GLU IA 133 -82.75 22.00 -12.73
C GLU IA 133 -82.84 21.99 -14.25
N ALA IA 134 -84.05 21.93 -14.79
CA ALA IA 134 -84.20 22.02 -16.24
C ALA IA 134 -83.71 23.35 -16.78
N TYR IA 135 -84.06 24.45 -16.10
CA TYR IA 135 -83.61 25.77 -16.53
C TYR IA 135 -82.09 25.87 -16.46
N VAL IA 136 -81.49 25.31 -15.42
CA VAL IA 136 -80.03 25.37 -15.29
C VAL IA 136 -79.36 24.54 -16.37
N ARG IA 137 -79.93 23.38 -16.72
CA ARG IA 137 -79.29 22.50 -17.71
C ARG IA 137 -79.19 23.16 -19.07
N LEU IA 138 -80.26 23.82 -19.52
CA LEU IA 138 -80.25 24.48 -20.82
C LEU IA 138 -79.82 25.94 -20.72
N GLY IA 139 -79.27 26.36 -19.59
CA GLY IA 139 -78.60 27.66 -19.47
C GLY IA 139 -79.45 28.89 -19.62
N GLN IA 140 -80.64 28.93 -19.04
CA GLN IA 140 -81.43 30.14 -19.07
C GLN IA 140 -80.98 31.09 -17.96
N PRO IA 141 -81.23 32.40 -18.12
CA PRO IA 141 -80.76 33.37 -17.12
C PRO IA 141 -81.50 33.23 -15.81
N ILE IA 142 -80.88 33.80 -14.76
CA ILE IA 142 -81.37 33.64 -13.40
C ILE IA 142 -82.65 34.43 -13.13
N ARG IA 143 -82.91 35.50 -13.88
CA ARG IA 143 -84.14 36.25 -13.68
C ARG IA 143 -85.36 35.34 -13.82
N LEU IA 144 -85.34 34.43 -14.80
CA LEU IA 144 -86.48 33.54 -15.01
C LEU IA 144 -86.67 32.58 -13.85
N ILE IA 145 -85.57 32.02 -13.33
CA ILE IA 145 -85.69 31.15 -12.16
C ILE IA 145 -86.27 31.90 -10.99
N ALA IA 146 -85.75 33.10 -10.71
CA ALA IA 146 -86.20 33.87 -9.57
C ALA IA 146 -87.67 34.26 -9.70
N GLU IA 147 -88.08 34.73 -10.88
CA GLU IA 147 -89.47 35.12 -11.07
C GLU IA 147 -90.40 33.92 -11.00
N TYR IA 148 -89.99 32.79 -11.59
CA TYR IA 148 -90.80 31.59 -11.53
C TYR IA 148 -91.01 31.14 -10.09
N VAL IA 149 -89.93 31.03 -9.32
CA VAL IA 149 -90.05 30.57 -7.95
C VAL IA 149 -90.89 31.51 -7.12
N ALA IA 150 -90.67 32.82 -7.26
CA ALA IA 150 -91.43 33.78 -6.48
C ALA IA 150 -92.92 33.71 -6.79
N GLU IA 151 -93.27 33.57 -8.07
CA GLU IA 151 -94.68 33.53 -8.42
C GLU IA 151 -95.33 32.24 -7.94
N ARG IA 152 -94.61 31.12 -8.00
CA ARG IA 152 -95.16 29.88 -7.47
C ARG IA 152 -95.37 29.97 -5.97
N LEU IA 153 -94.43 30.59 -5.25
CA LEU IA 153 -94.61 30.77 -3.81
C LEU IA 153 -95.83 31.63 -3.50
N VAL IA 154 -96.05 32.68 -4.29
CA VAL IA 154 -97.23 33.51 -4.06
C VAL IA 154 -98.50 32.73 -4.30
N GLU IA 155 -98.54 31.91 -5.36
CA GLU IA 155 -99.72 31.09 -5.62
C GLU IA 155 -99.98 30.09 -4.50
N LEU IA 156 -98.92 29.43 -4.01
CA LEU IA 156 -99.07 28.50 -2.91
C LEU IA 156 -99.56 29.19 -1.66
N ALA IA 157 -99.03 30.38 -1.36
CA ALA IA 157 -99.48 31.10 -0.18
C ALA IA 157 -100.95 31.47 -0.31
N GLU IA 158 -101.39 31.84 -1.51
CA GLU IA 158 -102.80 32.11 -1.72
C GLU IA 158 -103.64 30.87 -1.47
N LEU IA 159 -103.19 29.71 -1.95
CA LEU IA 159 -103.93 28.48 -1.71
C LEU IA 159 -104.01 28.15 -0.24
N LEU IA 160 -102.88 28.22 0.47
CA LEU IA 160 -102.86 27.90 1.89
C LEU IA 160 -103.71 28.89 2.68
N ARG IA 161 -103.77 30.15 2.26
CA ARG IA 161 -104.71 31.08 2.86
C ARG IA 161 -106.14 30.64 2.63
N ARG IA 162 -106.43 30.09 1.44
CA ARG IA 162 -107.78 29.62 1.17
C ARG IA 162 -108.14 28.44 2.06
N LEU IA 163 -107.19 27.51 2.29
CA LEU IA 163 -107.49 26.34 3.11
C LEU IA 163 -107.81 26.74 4.55
N GLY IA 164 -106.95 27.52 5.18
CA GLY IA 164 -107.19 27.94 6.55
C GLY IA 164 -105.98 27.86 7.46
N VAL IA 165 -104.82 27.53 6.89
CA VAL IA 165 -103.60 27.44 7.70
C VAL IA 165 -103.25 28.82 8.25
N PRO IA 166 -102.78 28.93 9.49
CA PRO IA 166 -102.35 30.24 10.01
C PRO IA 166 -101.12 30.76 9.27
N LEU IA 167 -101.01 32.09 9.25
CA LEU IA 167 -100.07 32.76 8.36
C LEU IA 167 -98.62 32.43 8.71
N ARG IA 168 -98.29 32.33 9.99
CA ARG IA 168 -96.90 32.05 10.35
C ARG IA 168 -96.45 30.69 9.86
N ARG IA 169 -97.35 29.70 9.93
CA ARG IA 169 -97.05 28.41 9.34
C ARG IA 169 -96.90 28.52 7.83
N ILE IA 170 -97.70 29.37 7.20
CA ILE IA 170 -97.55 29.61 5.76
C ILE IA 170 -96.14 30.05 5.46
N ILE IA 171 -95.65 31.05 6.21
CA ILE IA 171 -94.33 31.59 5.92
C ILE IA 171 -93.26 30.55 6.20
N ARG IA 172 -93.44 29.74 7.24
CA ARG IA 172 -92.47 28.70 7.55
C ARG IA 172 -92.39 27.66 6.43
N LEU IA 173 -93.53 27.25 5.89
CA LEU IA 173 -93.53 26.29 4.79
C LEU IA 173 -92.90 26.89 3.55
N LEU IA 174 -93.20 28.16 3.26
CA LEU IA 174 -92.61 28.83 2.10
C LEU IA 174 -91.10 28.90 2.22
N GLU IA 175 -90.59 29.18 3.41
CA GLU IA 175 -89.15 29.18 3.60
C GLU IA 175 -88.55 27.81 3.45
N GLU IA 176 -89.27 26.76 3.87
CA GLU IA 176 -88.76 25.40 3.63
C GLU IA 176 -88.67 25.10 2.14
N VAL IA 177 -89.69 25.49 1.38
CA VAL IA 177 -89.67 25.31 -0.07
C VAL IA 177 -88.47 26.03 -0.66
N LEU IA 178 -88.25 27.27 -0.25
CA LEU IA 178 -87.11 28.04 -0.75
C LEU IA 178 -85.79 27.39 -0.40
N ARG IA 179 -85.69 26.82 0.80
CA ARG IA 179 -84.45 26.16 1.20
C ARG IA 179 -84.16 24.95 0.32
N VAL IA 180 -85.20 24.16 0.03
CA VAL IA 180 -85.01 23.01 -0.86
C VAL IA 180 -84.59 23.46 -2.25
N VAL IA 181 -85.23 24.52 -2.76
CA VAL IA 181 -84.90 25.02 -4.09
C VAL IA 181 -83.46 25.51 -4.12
N ALA IA 182 -83.03 26.22 -3.08
CA ALA IA 182 -81.66 26.71 -3.04
C ALA IA 182 -80.66 25.55 -2.99
N GLU IA 183 -80.99 24.49 -2.23
CA GLU IA 183 -80.11 23.33 -2.20
C GLU IA 183 -80.03 22.68 -3.59
N ALA IA 184 -81.15 22.58 -4.27
CA ALA IA 184 -81.16 21.98 -5.61
C ALA IA 184 -80.28 22.80 -6.57
N LEU IA 185 -80.43 24.13 -6.52
CA LEU IA 185 -79.63 24.98 -7.39
C LEU IA 185 -78.15 24.89 -7.04
N ARG IA 186 -77.83 24.73 -5.75
CA ARG IA 186 -76.44 24.55 -5.37
C ARG IA 186 -75.87 23.26 -5.93
N ARG IA 187 -76.66 22.18 -5.91
CA ARG IA 187 -76.17 20.90 -6.45
C ARG IA 187 -75.97 20.97 -7.96
N ALA IA 188 -76.67 21.87 -8.64
CA ALA IA 188 -76.52 22.03 -10.08
C ALA IA 188 -75.36 22.93 -10.46
N GLY IA 189 -74.60 23.43 -9.49
CA GLY IA 189 -73.45 24.24 -9.77
C GLY IA 189 -73.71 25.73 -9.92
N VAL IA 190 -74.93 26.19 -9.67
CA VAL IA 190 -75.20 27.63 -9.77
C VAL IA 190 -74.39 28.37 -8.71
N PRO IA 191 -73.69 29.46 -9.07
CA PRO IA 191 -72.86 30.15 -8.08
C PRO IA 191 -73.69 30.73 -6.95
N GLU IA 192 -73.07 30.83 -5.77
CA GLU IA 192 -73.79 31.23 -4.57
C GLU IA 192 -74.47 32.59 -4.67
N PRO IA 193 -73.82 33.65 -5.20
CA PRO IA 193 -74.52 34.94 -5.28
C PRO IA 193 -75.83 34.88 -6.05
N GLU IA 194 -75.92 34.05 -7.09
CA GLU IA 194 -77.18 33.92 -7.80
C GLU IA 194 -78.24 33.24 -6.94
N ILE IA 195 -77.85 32.29 -6.10
CA ILE IA 195 -78.79 31.67 -5.17
C ILE IA 195 -79.31 32.71 -4.18
N ARG IA 196 -78.42 33.56 -3.67
CA ARG IA 196 -78.84 34.62 -2.77
C ARG IA 196 -79.78 35.60 -3.48
N LYS IA 197 -79.50 35.88 -4.75
CA LYS IA 197 -80.40 36.73 -5.53
C LYS IA 197 -81.78 36.09 -5.63
N VAL IA 198 -81.83 34.78 -5.86
CA VAL IA 198 -83.11 34.09 -5.95
C VAL IA 198 -83.89 34.24 -4.65
N GLU IA 199 -83.23 33.94 -3.53
CA GLU IA 199 -83.92 33.98 -2.24
C GLU IA 199 -84.36 35.40 -1.89
N ALA IA 200 -83.50 36.39 -2.11
CA ALA IA 200 -83.85 37.77 -1.79
C ALA IA 200 -85.01 38.26 -2.63
N ALA IA 201 -85.03 37.90 -3.92
CA ALA IA 201 -86.17 38.25 -4.75
C ALA IA 201 -87.44 37.60 -4.23
N ALA IA 202 -87.34 36.34 -3.78
CA ALA IA 202 -88.51 35.66 -3.23
C ALA IA 202 -89.03 36.36 -1.99
N TYR IA 203 -88.13 36.77 -1.09
CA TYR IA 203 -88.55 37.42 0.15
C TYR IA 203 -89.16 38.79 -0.12
N ILE IA 204 -88.60 39.55 -1.06
CA ILE IA 204 -89.18 40.86 -1.37
C ILE IA 204 -90.54 40.70 -2.03
N ARG IA 205 -90.70 39.68 -2.88
CA ARG IA 205 -92.00 39.42 -3.47
C ARG IA 205 -93.02 39.04 -2.41
N LEU IA 206 -92.63 38.20 -1.46
CA LEU IA 206 -93.54 37.81 -0.38
C LEU IA 206 -93.91 38.99 0.52
N ALA IA 207 -92.92 39.82 0.85
CA ALA IA 207 -93.20 41.01 1.65
C ALA IA 207 -94.16 41.94 0.94
N ALA IA 208 -93.97 42.16 -0.36
CA ALA IA 208 -94.88 43.00 -1.12
C ALA IA 208 -96.28 42.41 -1.15
N TYR IA 209 -96.37 41.09 -1.33
CA TYR IA 209 -97.67 40.42 -1.34
C TYR IA 209 -98.39 40.59 -0.03
N LEU IA 210 -97.68 40.43 1.10
CA LEU IA 210 -98.31 40.63 2.40
C LEU IA 210 -98.74 42.08 2.60
N LEU IA 211 -97.89 43.02 2.19
CA LEU IA 211 -98.20 44.43 2.41
C LEU IA 211 -99.39 44.88 1.57
N ARG IA 212 -99.61 44.27 0.42
CA ARG IA 212 -100.70 44.74 -0.43
C ARG IA 212 -102.08 44.46 0.18
N GLN IA 213 -102.21 43.38 0.95
CA GLN IA 213 -103.51 43.07 1.54
C GLN IA 213 -103.95 44.12 2.54
N LEU IA 214 -103.01 44.63 3.35
CA LEU IA 214 -103.32 45.68 4.30
C LEU IA 214 -103.63 47.01 3.64
N GLY IA 215 -103.36 47.16 2.36
CA GLY IA 215 -103.68 48.39 1.67
C GLY IA 215 -102.54 49.39 1.66
N TYR IA 216 -101.32 48.90 1.43
CA TYR IA 216 -100.15 49.75 1.27
C TYR IA 216 -99.64 49.56 -0.14
N GLU IA 217 -100.25 50.26 -1.09
CA GLU IA 217 -99.89 50.07 -2.49
C GLU IA 217 -98.55 50.73 -2.81
N ALA IA 218 -98.32 51.93 -2.28
CA ALA IA 218 -97.07 52.63 -2.56
C ALA IA 218 -95.86 51.83 -2.05
N LEU IA 219 -95.98 51.29 -0.83
CA LEU IA 219 -94.90 50.48 -0.27
C LEU IA 219 -94.59 49.28 -1.14
N ALA IA 220 -95.63 48.57 -1.60
CA ALA IA 220 -95.41 47.40 -2.43
C ALA IA 220 -94.80 47.77 -3.77
N LYS IA 221 -95.24 48.88 -4.37
CA LYS IA 221 -94.66 49.33 -5.61
C LYS IA 221 -93.18 49.63 -5.46
N ARG IA 222 -92.78 50.32 -4.38
CA ARG IA 222 -91.38 50.64 -4.20
C ARG IA 222 -90.54 49.38 -3.93
N LEU IA 223 -91.11 48.42 -3.20
CA LEU IA 223 -90.39 47.16 -2.98
C LEU IA 223 -90.18 46.42 -4.29
N LEU IA 224 -91.18 46.43 -5.16
CA LEU IA 224 -91.03 45.71 -6.42
C LEU IA 224 -90.11 46.45 -7.38
N GLU IA 225 -90.06 47.78 -7.30
CA GLU IA 225 -89.02 48.53 -8.04
C GLU IA 225 -87.63 48.12 -7.58
N ALA IA 226 -87.43 48.01 -6.27
CA ALA IA 226 -86.15 47.55 -5.76
C ALA IA 226 -85.83 46.15 -6.25
N ARG IA 227 -86.84 45.28 -6.30
CA ARG IA 227 -86.61 43.92 -6.80
C ARG IA 227 -86.22 43.94 -8.27
N GLU IA 228 -86.87 44.78 -9.07
CA GLU IA 228 -86.51 44.88 -10.48
C GLU IA 228 -85.08 45.34 -10.64
N LEU IA 229 -84.66 46.34 -9.86
CA LEU IA 229 -83.26 46.76 -9.92
C LEU IA 229 -82.33 45.66 -9.47
N LEU IA 230 -82.77 44.79 -8.55
CA LEU IA 230 -81.90 43.73 -8.09
C LEU IA 230 -81.71 42.66 -9.16
N LEU IA 231 -82.79 42.25 -9.81
CA LEU IA 231 -82.70 41.15 -10.79
C LEU IA 231 -81.92 41.55 -12.03
N GLU IA 232 -81.75 42.86 -12.28
CA GLU IA 232 -81.00 43.35 -13.43
C GLU IA 232 -79.51 43.42 -13.16
N GLY IA 233 -79.05 43.05 -11.97
CA GLY IA 233 -77.65 43.11 -11.63
C GLY IA 233 -77.22 44.37 -10.92
N ARG IA 234 -78.06 45.40 -10.89
CA ARG IA 234 -77.75 46.64 -10.17
C ARG IA 234 -78.00 46.41 -8.69
N VAL IA 235 -77.01 45.82 -8.02
CA VAL IA 235 -77.16 45.48 -6.61
C VAL IA 235 -77.17 46.74 -5.75
N GLU IA 236 -76.33 47.73 -6.08
CA GLU IA 236 -76.15 48.88 -5.20
C GLU IA 236 -77.39 49.75 -5.16
N GLU IA 237 -77.98 50.03 -6.32
CA GLU IA 237 -79.22 50.80 -6.34
C GLU IA 237 -80.35 50.03 -5.67
N ALA IA 238 -80.34 48.70 -5.81
CA ALA IA 238 -81.33 47.88 -5.11
C ALA IA 238 -81.21 48.02 -3.61
N ALA IA 239 -80.00 47.92 -3.08
CA ALA IA 239 -79.80 48.04 -1.64
C ALA IA 239 -80.14 49.44 -1.14
N HIS IA 240 -79.77 50.47 -1.88
CA HIS IA 240 -80.09 51.84 -1.45
C HIS IA 240 -81.59 52.08 -1.41
N LEU IA 241 -82.29 51.71 -2.49
CA LEU IA 241 -83.73 51.94 -2.53
C LEU IA 241 -84.46 51.06 -1.51
N LEU IA 242 -83.96 49.84 -1.29
CA LEU IA 242 -84.52 48.97 -0.26
C LEU IA 242 -84.36 49.58 1.12
N GLU IA 243 -83.18 50.11 1.43
CA GLU IA 243 -82.97 50.70 2.74
C GLU IA 243 -83.83 51.94 2.93
N ASP IA 244 -84.06 52.73 1.88
CA ASP IA 244 -84.94 53.89 2.03
C ASP IA 244 -86.37 53.46 2.32
N VAL IA 245 -86.90 52.52 1.55
CA VAL IA 245 -88.28 52.09 1.79
C VAL IA 245 -88.39 51.40 3.15
N TYR IA 246 -87.38 50.64 3.56
CA TYR IA 246 -87.40 49.98 4.85
C TYR IA 246 -87.38 51.00 5.98
N ALA IA 247 -86.61 52.08 5.84
CA ALA IA 247 -86.60 53.11 6.88
C ALA IA 247 -87.96 53.75 7.03
N LEU IA 248 -88.61 54.10 5.92
CA LEU IA 248 -89.95 54.67 6.03
C LEU IA 248 -90.93 53.69 6.66
N PHE IA 249 -90.86 52.42 6.25
CA PHE IA 249 -91.75 51.40 6.78
C PHE IA 249 -91.52 51.19 8.27
N HIS IA 250 -90.27 51.19 8.71
CA HIS IA 250 -89.98 50.94 10.10
C HIS IA 250 -90.42 52.12 10.97
N ARG IA 251 -90.27 53.34 10.47
CA ARG IA 251 -90.85 54.47 11.19
C ARG IA 251 -92.35 54.32 11.33
N GLU IA 252 -93.01 53.86 10.26
CA GLU IA 252 -94.46 53.65 10.34
C GLU IA 252 -94.81 52.57 11.35
N ILE IA 253 -94.00 51.52 11.42
CA ILE IA 253 -94.24 50.45 12.40
C ILE IA 253 -94.08 50.97 13.81
N GLU IA 254 -92.98 51.68 14.08
CA GLU IA 254 -92.76 52.25 15.40
C GLU IA 254 -93.80 53.28 15.77
N ARG IA 255 -94.49 53.86 14.77
CA ARG IA 255 -95.57 54.79 15.07
C ARG IA 255 -96.68 54.11 15.87
N LEU IA 256 -97.00 52.87 15.53
CA LEU IA 256 -98.11 52.17 16.17
C LEU IA 256 -97.77 51.59 17.54
N GLY IA 257 -96.52 51.70 17.97
CA GLY IA 257 -96.18 51.33 19.34
C GLY IA 257 -96.29 49.83 19.58
N PHE IA 258 -96.97 49.48 20.66
CA PHE IA 258 -97.21 48.07 21.01
C PHE IA 258 -98.57 47.61 20.49
N GLU IA 259 -98.74 47.76 19.18
CA GLU IA 259 -99.93 47.30 18.47
C GLU IA 259 -99.63 47.37 16.98
N ALA IA 260 -99.92 46.28 16.26
CA ALA IA 260 -99.76 46.23 14.81
C ALA IA 260 -100.35 44.93 14.28
N PRO IA 261 -101.00 44.96 13.11
CA PRO IA 261 -101.50 43.71 12.53
C PRO IA 261 -100.37 42.72 12.31
N GLU IA 262 -100.73 41.44 12.34
CA GLU IA 262 -99.71 40.39 12.28
C GLU IA 262 -98.94 40.42 10.97
N GLU IA 263 -99.60 40.79 9.88
CA GLU IA 263 -98.92 40.80 8.59
C GLU IA 263 -97.80 41.85 8.55
N LEU IA 264 -98.00 42.99 9.22
CA LEU IA 264 -96.90 43.96 9.34
C LEU IA 264 -95.72 43.34 10.09
N ARG IA 265 -96.01 42.62 11.17
CA ARG IA 265 -94.94 42.01 11.95
C ARG IA 265 -94.17 40.98 11.13
N VAL IA 266 -94.87 40.18 10.33
CA VAL IA 266 -94.19 39.18 9.51
C VAL IA 266 -93.40 39.85 8.39
N ALA IA 267 -93.98 40.89 7.78
CA ALA IA 267 -93.29 41.61 6.72
C ALA IA 267 -92.01 42.25 7.23
N ASP IA 268 -92.01 42.70 8.49
CA ASP IA 268 -90.79 43.30 9.06
C ASP IA 268 -89.64 42.29 9.04
N LEU IA 269 -89.90 41.06 9.48
CA LEU IA 269 -88.84 40.06 9.50
C LEU IA 269 -88.45 39.64 8.07
N LEU IA 270 -89.42 39.57 7.17
CA LEU IA 270 -89.12 39.23 5.78
C LEU IA 270 -88.22 40.29 5.15
N LEU IA 271 -88.53 41.57 5.36
CA LEU IA 271 -87.72 42.65 4.84
C LEU IA 271 -86.32 42.64 5.44
N ALA IA 272 -86.21 42.37 6.74
CA ALA IA 272 -84.89 42.29 7.36
C ALA IA 272 -84.06 41.19 6.72
N ARG IA 273 -84.66 40.02 6.47
CA ARG IA 273 -83.90 38.94 5.86
C ARG IA 273 -83.52 39.26 4.42
N ALA IA 274 -84.42 39.90 3.68
CA ALA IA 274 -84.11 40.30 2.32
C ALA IA 274 -82.93 41.26 2.28
N ILE IA 275 -82.92 42.22 3.19
CA ILE IA 275 -81.81 43.18 3.26
C ILE IA 275 -80.51 42.47 3.62
N ALA IA 276 -80.57 41.54 4.56
CA ALA IA 276 -79.36 40.80 4.94
C ALA IA 276 -78.81 40.02 3.75
N LEU IA 277 -79.69 39.35 3.01
CA LEU IA 277 -79.24 38.56 1.87
C LEU IA 277 -78.65 39.45 0.79
N ILE IA 278 -79.29 40.58 0.49
CA ILE IA 278 -78.75 41.48 -0.53
C ILE IA 278 -77.38 42.00 -0.12
N LYS IA 279 -77.24 42.38 1.16
CA LYS IA 279 -75.94 42.85 1.64
C LYS IA 279 -74.88 41.75 1.56
N ALA IA 280 -75.28 40.49 1.72
CA ALA IA 280 -74.31 39.40 1.70
C ALA IA 280 -73.95 38.93 0.29
N ILE IA 281 -74.63 39.42 -0.74
CA ILE IA 281 -74.29 39.05 -2.12
C ILE IA 281 -72.86 39.43 -2.43
N THR JA 24 -43.39 -18.88 106.78
CA THR JA 24 -44.19 -18.16 105.79
C THR JA 24 -43.32 -17.66 104.65
N VAL JA 25 -42.01 -17.69 104.86
CA VAL JA 25 -41.07 -17.13 103.89
C VAL JA 25 -41.15 -17.90 102.57
N VAL JA 26 -41.15 -19.23 102.64
CA VAL JA 26 -41.25 -20.04 101.43
C VAL JA 26 -42.62 -19.85 100.78
N GLU JA 27 -43.67 -19.69 101.59
CA GLU JA 27 -44.97 -19.36 101.04
C GLU JA 27 -44.95 -18.02 100.34
N GLU JA 28 -44.23 -17.04 100.90
CA GLU JA 28 -44.10 -15.74 100.25
C GLU JA 28 -43.38 -15.87 98.92
N VAL JA 29 -42.33 -16.68 98.87
CA VAL JA 29 -41.61 -16.86 97.61
C VAL JA 29 -42.50 -17.55 96.57
N ARG JA 30 -43.25 -18.57 96.98
CA ARG JA 30 -44.17 -19.23 96.06
C ARG JA 30 -45.22 -18.25 95.56
N ARG JA 31 -45.80 -17.46 96.47
CA ARG JA 31 -46.84 -16.51 96.07
C ARG JA 31 -46.27 -15.46 95.11
N PHE JA 32 -45.06 -14.97 95.38
CA PHE JA 32 -44.43 -14.00 94.51
C PHE JA 32 -44.22 -14.57 93.10
N ALA JA 33 -43.69 -15.79 93.02
CA ALA JA 33 -43.43 -16.39 91.72
C ALA JA 33 -44.73 -16.65 90.96
N GLU JA 34 -45.74 -17.19 91.65
CA GLU JA 34 -47.01 -17.49 90.98
C GLU JA 34 -47.71 -16.22 90.52
N GLU JA 35 -47.70 -15.17 91.34
CA GLU JA 35 -48.34 -13.92 90.93
C GLU JA 35 -47.64 -13.33 89.73
N LEU JA 36 -46.30 -13.37 89.70
CA LEU JA 36 -45.58 -12.87 88.55
C LEU JA 36 -45.90 -13.69 87.30
N ALA JA 37 -46.01 -15.01 87.43
CA ALA JA 37 -46.34 -15.84 86.28
C ALA JA 37 -47.76 -15.57 85.78
N GLU JA 38 -48.71 -15.42 86.69
CA GLU JA 38 -50.07 -15.09 86.28
C GLU JA 38 -50.12 -13.76 85.55
N GLU JA 39 -49.40 -12.75 86.06
CA GLU JA 39 -49.38 -11.46 85.38
C GLU JA 39 -48.74 -11.57 84.01
N VAL JA 40 -47.69 -12.39 83.89
CA VAL JA 40 -47.05 -12.58 82.59
C VAL JA 40 -48.04 -13.16 81.60
N LEU JA 41 -48.81 -14.16 82.05
CA LEU JA 41 -49.80 -14.79 81.17
C LEU JA 41 -50.94 -13.82 80.83
N ARG JA 42 -51.39 -13.03 81.80
CA ARG JA 42 -52.46 -12.08 81.51
C ARG JA 42 -52.03 -11.03 80.51
N VAL JA 43 -50.85 -10.45 80.69
CA VAL JA 43 -50.40 -9.40 79.78
C VAL JA 43 -50.10 -9.98 78.40
N GLY JA 44 -49.38 -11.10 78.35
CA GLY JA 44 -48.95 -11.66 77.09
C GLY JA 44 -49.79 -12.79 76.54
N GLY JA 45 -50.76 -13.29 77.29
CA GLY JA 45 -51.59 -14.34 76.77
C GLY JA 45 -50.86 -15.67 76.65
N GLU JA 46 -51.31 -16.46 75.68
CA GLU JA 46 -50.66 -17.73 75.37
C GLU JA 46 -49.55 -17.57 74.35
N ALA JA 47 -49.23 -16.34 73.97
CA ALA JA 47 -48.14 -16.13 73.02
C ALA JA 47 -46.82 -16.61 73.59
N MET JA 48 -46.56 -16.32 74.87
CA MET JA 48 -45.35 -16.76 75.57
C MET JA 48 -45.77 -17.46 76.85
N ARG JA 49 -46.05 -18.75 76.72
CA ARG JA 49 -46.21 -19.69 77.83
C ARG JA 49 -44.87 -20.11 78.42
N PRO JA 50 -43.78 -20.19 77.63
CA PRO JA 50 -42.47 -20.52 78.24
C PRO JA 50 -42.10 -19.66 79.44
N TYR JA 51 -42.35 -18.34 79.38
CA TYR JA 51 -41.91 -17.47 80.45
C TYR JA 51 -42.63 -17.77 81.76
N ALA JA 52 -43.91 -18.15 81.68
CA ALA JA 52 -44.62 -18.54 82.89
C ALA JA 52 -43.99 -19.78 83.51
N GLU JA 53 -43.62 -20.75 82.69
CA GLU JA 53 -42.96 -21.94 83.21
C GLU JA 53 -41.60 -21.61 83.82
N MET JA 54 -40.85 -20.71 83.17
CA MET JA 54 -39.56 -20.31 83.69
C MET JA 54 -39.69 -19.63 85.05
N VAL JA 55 -40.67 -18.72 85.18
CA VAL JA 55 -40.91 -18.08 86.46
C VAL JA 55 -41.30 -19.10 87.51
N ARG JA 56 -42.16 -20.06 87.15
CA ARG JA 56 -42.64 -21.01 88.14
C ARG JA 56 -41.53 -21.96 88.59
N HIS JA 57 -40.68 -22.42 87.67
CA HIS JA 57 -39.55 -23.25 88.08
C HIS JA 57 -38.50 -22.47 88.87
N LEU JA 58 -38.26 -21.20 88.54
CA LEU JA 58 -37.32 -20.44 89.37
C LEU JA 58 -37.90 -20.21 90.76
N GLY JA 59 -39.20 -20.01 90.88
CA GLY JA 59 -39.81 -19.98 92.20
C GLY JA 59 -39.63 -21.29 92.94
N GLU JA 60 -39.78 -22.41 92.23
CA GLU JA 60 -39.60 -23.72 92.86
C GLU JA 60 -38.16 -23.94 93.30
N ALA JA 61 -37.20 -23.55 92.47
CA ALA JA 61 -35.79 -23.67 92.85
C ALA JA 61 -35.48 -22.83 94.08
N ALA JA 62 -36.03 -21.61 94.13
CA ALA JA 62 -35.82 -20.77 95.30
C ALA JA 62 -36.39 -21.40 96.56
N VAL JA 63 -37.62 -21.94 96.49
CA VAL JA 63 -38.19 -22.51 97.71
C VAL JA 63 -37.48 -23.80 98.09
N ALA JA 64 -36.99 -24.56 97.10
CA ALA JA 64 -36.17 -25.72 97.40
C ALA JA 64 -34.92 -25.32 98.17
N ALA JA 65 -34.24 -24.27 97.71
CA ALA JA 65 -33.05 -23.79 98.41
C ALA JA 65 -33.38 -23.32 99.82
N LEU JA 66 -34.49 -22.61 99.99
CA LEU JA 66 -34.88 -22.17 101.33
C LEU JA 66 -35.31 -23.33 102.24
N GLU JA 67 -35.68 -24.47 101.68
CA GLU JA 67 -36.13 -25.58 102.51
C GLU JA 67 -35.18 -26.77 102.46
N GLY JA 68 -33.89 -26.51 102.60
CA GLY JA 68 -32.88 -27.54 102.47
C GLY JA 68 -32.38 -27.62 101.04
N ARG JA 69 -31.86 -28.80 100.70
CA ARG JA 69 -31.52 -29.16 99.33
C ARG JA 69 -30.39 -28.32 98.73
N ALA JA 70 -29.65 -28.92 97.82
CA ALA JA 70 -28.69 -28.21 96.98
C ALA JA 70 -28.64 -28.72 95.55
N GLU JA 71 -29.15 -29.91 95.28
CA GLU JA 71 -29.09 -30.55 93.97
C GLU JA 71 -30.34 -30.28 93.15
N GLU JA 72 -31.51 -30.24 93.79
CA GLU JA 72 -32.73 -29.87 93.09
C GLU JA 72 -32.65 -28.45 92.57
N ALA JA 73 -32.05 -27.55 93.35
CA ALA JA 73 -31.86 -26.18 92.89
C ALA JA 73 -30.98 -26.15 91.64
N ASP JA 74 -29.89 -26.89 91.64
CA ASP JA 74 -29.01 -26.96 90.47
C ASP JA 74 -29.76 -27.49 89.26
N ARG JA 75 -30.53 -28.56 89.45
CA ARG JA 75 -31.23 -29.17 88.32
C ARG JA 75 -32.28 -28.22 87.75
N LEU JA 76 -33.08 -27.59 88.61
CA LEU JA 76 -34.10 -26.67 88.13
C LEU JA 76 -33.48 -25.48 87.42
N VAL JA 77 -32.40 -24.94 87.97
CA VAL JA 77 -31.75 -23.80 87.32
C VAL JA 77 -31.20 -24.20 85.96
N ARG JA 78 -30.67 -25.43 85.84
CA ARG JA 78 -30.20 -25.91 84.55
C ARG JA 78 -31.35 -26.08 83.57
N ASP JA 79 -32.50 -26.55 84.04
CA ASP JA 79 -33.69 -26.68 83.19
C ASP JA 79 -34.12 -25.31 82.65
N VAL JA 80 -34.21 -24.32 83.54
CA VAL JA 80 -34.58 -22.97 83.10
C VAL JA 80 -33.53 -22.40 82.17
N LEU JA 81 -32.26 -22.73 82.40
CA LEU JA 81 -31.22 -22.28 81.48
C LEU JA 81 -31.43 -22.87 80.09
N GLU JA 82 -31.82 -24.15 80.03
CA GLU JA 82 -32.12 -24.76 78.73
C GLU JA 82 -33.31 -24.08 78.05
N MET JA 83 -34.35 -23.77 78.82
CA MET JA 83 -35.50 -23.07 78.24
C MET JA 83 -35.08 -21.72 77.69
N ALA JA 84 -34.28 -20.97 78.45
CA ALA JA 84 -33.80 -19.69 77.97
C ALA JA 84 -32.96 -19.85 76.70
N ARG JA 85 -32.18 -20.93 76.63
CA ARG JA 85 -31.42 -21.21 75.42
C ARG JA 85 -32.33 -21.40 74.21
N GLU JA 86 -33.39 -22.20 74.37
CA GLU JA 86 -34.21 -22.51 73.20
C GLU JA 86 -35.09 -21.34 72.79
N VAL JA 87 -35.64 -20.61 73.77
CA VAL JA 87 -36.54 -19.49 73.45
C VAL JA 87 -35.78 -18.40 72.70
N GLY JA 88 -34.58 -18.07 73.15
CA GLY JA 88 -33.80 -16.99 72.57
C GLY JA 88 -33.41 -15.90 73.53
N ALA JA 89 -33.78 -15.99 74.81
CA ALA JA 89 -33.39 -14.99 75.80
C ALA JA 89 -31.90 -15.13 76.08
N GLU JA 90 -31.12 -14.11 75.71
CA GLU JA 90 -29.67 -14.17 75.87
C GLU JA 90 -29.24 -13.67 77.24
N GLY JA 91 -29.61 -12.43 77.58
CA GLY JA 91 -29.22 -11.89 78.87
C GLY JA 91 -29.75 -12.71 80.03
N LEU JA 92 -30.97 -13.22 79.88
CA LEU JA 92 -31.54 -14.09 80.90
C LEU JA 92 -30.75 -15.37 81.02
N ALA JA 93 -30.30 -15.94 79.91
CA ALA JA 93 -29.50 -17.16 79.96
C ALA JA 93 -28.17 -16.91 80.66
N ARG JA 94 -27.51 -15.79 80.36
CA ARG JA 94 -26.26 -15.46 81.04
C ARG JA 94 -26.49 -15.31 82.54
N LEU JA 95 -27.53 -14.58 82.91
CA LEU JA 95 -27.83 -14.41 84.33
C LEU JA 95 -28.10 -15.75 84.97
N LEU JA 96 -28.76 -16.68 84.25
CA LEU JA 96 -29.08 -17.97 84.82
C LEU JA 96 -27.82 -18.81 85.06
N GLU JA 97 -26.86 -18.77 84.14
CA GLU JA 97 -25.60 -19.44 84.38
C GLU JA 97 -24.90 -18.87 85.62
N ARG JA 98 -24.89 -17.54 85.75
CA ARG JA 98 -24.28 -16.92 86.92
C ARG JA 98 -24.98 -17.34 88.20
N VAL JA 99 -26.32 -17.39 88.19
CA VAL JA 99 -27.05 -17.88 89.35
C VAL JA 99 -26.64 -19.32 89.66
N HIS JA 100 -26.47 -20.13 88.63
CA HIS JA 100 -26.10 -21.53 88.84
C HIS JA 100 -24.79 -21.63 89.62
N ARG JA 101 -23.75 -20.95 89.12
CA ARG JA 101 -22.43 -21.03 89.75
C ARG JA 101 -22.45 -20.48 91.17
N GLU JA 102 -22.97 -19.25 91.34
CA GLU JA 102 -22.97 -18.65 92.67
C GLU JA 102 -23.86 -19.41 93.65
N ALA JA 103 -24.97 -19.96 93.18
CA ALA JA 103 -25.80 -20.77 94.06
C ALA JA 103 -25.04 -21.99 94.54
N ARG JA 104 -24.28 -22.63 93.64
CA ARG JA 104 -23.46 -23.76 94.05
C ARG JA 104 -22.45 -23.35 95.12
N GLU JA 105 -21.75 -22.23 94.89
CA GLU JA 105 -20.72 -21.80 95.85
C GLU JA 105 -21.34 -21.51 97.22
N LEU JA 106 -22.41 -20.74 97.26
CA LEU JA 106 -22.99 -20.36 98.55
C LEU JA 106 -23.64 -21.55 99.24
N LEU JA 107 -24.21 -22.49 98.46
CA LEU JA 107 -24.78 -23.68 99.09
C LEU JA 107 -23.67 -24.56 99.67
N ARG JA 108 -22.51 -24.60 99.01
CA ARG JA 108 -21.36 -25.29 99.61
C ARG JA 108 -20.94 -24.61 100.90
N GLU JA 109 -20.93 -23.27 100.91
CA GLU JA 109 -20.57 -22.53 102.11
C GLU JA 109 -21.64 -22.58 103.18
N GLY JA 110 -22.83 -23.10 102.89
CA GLY JA 110 -23.87 -23.26 103.87
C GLY JA 110 -24.83 -22.10 104.01
N ARG JA 111 -24.61 -21.00 103.28
CA ARG JA 111 -25.51 -19.86 103.31
C ARG JA 111 -26.65 -20.11 102.33
N ARG JA 112 -27.88 -19.99 102.80
CA ARG JA 112 -29.05 -20.33 102.00
C ARG JA 112 -29.82 -19.11 101.50
N GLU JA 113 -29.90 -18.04 102.30
CA GLU JA 113 -30.73 -16.91 101.94
C GLU JA 113 -30.25 -16.23 100.66
N GLU JA 114 -28.93 -16.09 100.51
CA GLU JA 114 -28.41 -15.39 99.33
C GLU JA 114 -28.58 -16.18 98.04
N ALA JA 115 -28.51 -17.51 98.10
CA ALA JA 115 -28.78 -18.31 96.91
C ALA JA 115 -30.22 -18.17 96.45
N ALA JA 116 -31.16 -18.26 97.40
CA ALA JA 116 -32.56 -17.99 97.08
C ALA JA 116 -32.74 -16.56 96.59
N ALA JA 117 -31.95 -15.63 97.10
CA ALA JA 117 -32.04 -14.24 96.64
C ALA JA 117 -31.64 -14.13 95.18
N LEU JA 118 -30.55 -14.79 94.78
CA LEU JA 118 -30.17 -14.78 93.37
C LEU JA 118 -31.26 -15.42 92.52
N VAL JA 119 -31.83 -16.52 93.00
CA VAL JA 119 -32.88 -17.19 92.23
C VAL JA 119 -34.11 -16.32 92.08
N LEU JA 120 -34.52 -15.64 93.16
CA LEU JA 120 -35.68 -14.75 93.10
C LEU JA 120 -35.43 -13.59 92.15
N ALA JA 121 -34.23 -13.01 92.19
CA ALA JA 121 -33.91 -11.97 91.22
C ALA JA 121 -33.98 -12.49 89.80
N ALA JA 122 -33.56 -13.75 89.59
CA ALA JA 122 -33.65 -14.34 88.26
C ALA JA 122 -35.10 -14.49 87.80
N ALA JA 123 -35.98 -14.94 88.71
CA ALA JA 123 -37.39 -15.06 88.37
C ALA JA 123 -37.99 -13.70 88.03
N LEU JA 124 -37.63 -12.68 88.81
CA LEU JA 124 -38.13 -11.34 88.52
C LEU JA 124 -37.63 -10.84 87.17
N ALA JA 125 -36.37 -11.13 86.85
CA ALA JA 125 -35.86 -10.73 85.55
C ALA JA 125 -36.62 -11.41 84.43
N ALA JA 126 -36.91 -12.70 84.57
CA ALA JA 126 -37.66 -13.43 83.54
C ALA JA 126 -39.07 -12.86 83.36
N GLY JA 127 -39.80 -12.68 84.46
CA GLY JA 127 -41.15 -12.16 84.37
C GLY JA 127 -41.20 -10.74 83.81
N ALA JA 128 -40.33 -9.87 84.32
CA ALA JA 128 -40.33 -8.50 83.86
C ALA JA 128 -39.91 -8.40 82.41
N VAL JA 129 -38.99 -9.26 81.97
CA VAL JA 129 -38.59 -9.28 80.56
C VAL JA 129 -39.78 -9.69 79.69
N ALA JA 130 -40.52 -10.72 80.11
CA ALA JA 130 -41.69 -11.12 79.35
C ALA JA 130 -42.72 -10.00 79.24
N VAL JA 131 -43.04 -9.38 80.37
CA VAL JA 131 -44.05 -8.31 80.36
C VAL JA 131 -43.57 -7.12 79.54
N ALA JA 132 -42.27 -6.82 79.61
CA ALA JA 132 -41.75 -5.70 78.83
C ALA JA 132 -41.85 -5.96 77.34
N GLU JA 133 -41.55 -7.19 76.90
CA GLU JA 133 -41.70 -7.48 75.47
C GLU JA 133 -43.16 -7.45 75.06
N ALA JA 134 -44.06 -7.86 75.95
CA ALA JA 134 -45.48 -7.74 75.66
C ALA JA 134 -45.87 -6.28 75.45
N TYR JA 135 -45.47 -5.41 76.38
CA TYR JA 135 -45.83 -3.99 76.28
C TYR JA 135 -45.25 -3.37 75.02
N VAL JA 136 -44.02 -3.72 74.69
CA VAL JA 136 -43.39 -3.17 73.47
C VAL JA 136 -44.10 -3.67 72.23
N ARG JA 137 -44.54 -4.93 72.24
CA ARG JA 137 -45.17 -5.51 71.04
C ARG JA 137 -46.46 -4.79 70.70
N LEU JA 138 -47.32 -4.53 71.68
CA LEU JA 138 -48.59 -3.88 71.45
C LEU JA 138 -48.52 -2.37 71.62
N GLY JA 139 -47.32 -1.79 71.61
CA GLY JA 139 -47.14 -0.35 71.49
C GLY JA 139 -47.68 0.52 72.62
N GLN JA 140 -47.50 0.11 73.86
CA GLN JA 140 -47.90 0.95 74.98
C GLN JA 140 -46.78 1.95 75.31
N PRO JA 141 -47.13 3.09 75.90
CA PRO JA 141 -46.12 4.13 76.15
C PRO JA 141 -45.08 3.69 77.18
N ILE JA 142 -43.92 4.34 77.11
CA ILE JA 142 -42.78 3.98 77.95
C ILE JA 142 -43.00 4.28 79.43
N ARG JA 143 -43.87 5.24 79.75
CA ARG JA 143 -44.18 5.49 81.16
C ARG JA 143 -44.66 4.23 81.84
N LEU JA 144 -45.48 3.42 81.17
CA LEU JA 144 -46.01 2.20 81.77
C LEU JA 144 -44.90 1.20 82.06
N ILE JA 145 -43.99 0.99 81.13
CA ILE JA 145 -42.87 0.08 81.37
C ILE JA 145 -42.03 0.58 82.55
N ALA JA 146 -41.71 1.88 82.55
CA ALA JA 146 -40.86 2.42 83.59
C ALA JA 146 -41.49 2.28 84.97
N GLU JA 147 -42.77 2.63 85.08
CA GLU JA 147 -43.45 2.52 86.37
C GLU JA 147 -43.58 1.07 86.80
N TYR JA 148 -43.84 0.17 85.85
CA TYR JA 148 -43.96 -1.24 86.17
C TYR JA 148 -42.66 -1.78 86.76
N VAL JA 149 -41.54 -1.57 86.07
CA VAL JA 149 -40.29 -2.11 86.56
C VAL JA 149 -39.87 -1.46 87.87
N ALA JA 150 -40.08 -0.15 88.02
CA ALA JA 150 -39.70 0.49 89.27
C ALA JA 150 -40.48 -0.08 90.44
N GLU JA 151 -41.79 -0.29 90.28
CA GLU JA 151 -42.57 -0.83 91.38
C GLU JA 151 -42.18 -2.27 91.68
N ARG JA 152 -41.89 -3.06 90.64
CA ARG JA 152 -41.47 -4.44 90.87
C ARG JA 152 -40.15 -4.49 91.63
N LEU JA 153 -39.20 -3.62 91.27
CA LEU JA 153 -37.93 -3.58 91.98
C LEU JA 153 -38.12 -3.20 93.44
N VAL JA 154 -39.01 -2.25 93.71
CA VAL JA 154 -39.26 -1.88 95.11
C VAL JA 154 -39.86 -3.06 95.87
N GLU JA 155 -40.80 -3.78 95.26
CA GLU JA 155 -41.40 -4.94 95.93
C GLU JA 155 -40.36 -6.02 96.21
N LEU JA 156 -39.49 -6.30 95.25
CA LEU JA 156 -38.44 -7.28 95.46
C LEU JA 156 -37.49 -6.83 96.56
N ALA JA 157 -37.16 -5.54 96.60
CA ALA JA 157 -36.30 -5.03 97.66
C ALA JA 157 -36.92 -5.23 99.02
N GLU JA 158 -38.23 -5.00 99.12
CA GLU JA 158 -38.92 -5.26 100.39
C GLU JA 158 -38.85 -6.73 100.77
N LEU JA 159 -39.04 -7.62 99.79
CA LEU JA 159 -38.97 -9.05 100.09
C LEU JA 159 -37.58 -9.44 100.56
N LEU JA 160 -36.55 -9.00 99.85
CA LEU JA 160 -35.17 -9.36 100.22
C LEU JA 160 -34.80 -8.77 101.57
N ARG JA 161 -35.35 -7.60 101.91
CA ARG JA 161 -35.16 -7.08 103.26
C ARG JA 161 -35.83 -7.98 104.28
N ARG JA 162 -36.99 -8.54 103.94
CA ARG JA 162 -37.67 -9.46 104.86
C ARG JA 162 -36.85 -10.72 105.08
N LEU JA 163 -36.24 -11.27 104.01
CA LEU JA 163 -35.46 -12.49 104.16
C LEU JA 163 -34.26 -12.28 105.07
N GLY JA 164 -33.45 -11.25 104.78
CA GLY JA 164 -32.29 -10.98 105.61
C GLY JA 164 -31.01 -10.68 104.83
N VAL JA 165 -31.11 -10.60 103.51
CA VAL JA 165 -29.93 -10.30 102.68
C VAL JA 165 -29.43 -8.89 103.03
N PRO JA 166 -28.12 -8.66 103.09
CA PRO JA 166 -27.62 -7.31 103.35
C PRO JA 166 -27.93 -6.35 102.20
N LEU JA 167 -27.99 -5.06 102.54
CA LEU JA 167 -28.52 -4.06 101.63
C LEU JA 167 -27.68 -3.91 100.37
N ARG JA 168 -26.36 -3.95 100.51
CA ARG JA 168 -25.51 -3.74 99.33
C ARG JA 168 -25.73 -4.85 98.31
N ARG JA 169 -25.89 -6.08 98.77
CA ARG JA 169 -26.24 -7.17 97.88
C ARG JA 169 -27.60 -6.94 97.24
N ILE JA 170 -28.56 -6.41 98.01
CA ILE JA 170 -29.87 -6.11 97.44
C ILE JA 170 -29.71 -5.17 96.25
N ILE JA 171 -28.94 -4.11 96.43
CA ILE JA 171 -28.81 -3.12 95.36
C ILE JA 171 -28.08 -3.74 94.16
N ARG JA 172 -27.09 -4.60 94.43
CA ARG JA 172 -26.40 -5.24 93.31
C ARG JA 172 -27.33 -6.15 92.51
N LEU JA 173 -28.18 -6.91 93.20
CA LEU JA 173 -29.16 -7.75 92.51
C LEU JA 173 -30.13 -6.91 91.70
N LEU JA 174 -30.60 -5.80 92.28
CA LEU JA 174 -31.55 -4.95 91.57
C LEU JA 174 -30.93 -4.37 90.31
N GLU JA 175 -29.66 -3.98 90.39
CA GLU JA 175 -28.99 -3.47 89.20
C GLU JA 175 -28.80 -4.56 88.15
N GLU JA 176 -28.56 -5.80 88.57
CA GLU JA 176 -28.49 -6.88 87.60
C GLU JA 176 -29.82 -7.08 86.89
N VAL JA 177 -30.92 -7.04 87.64
CA VAL JA 177 -32.25 -7.17 87.05
C VAL JA 177 -32.49 -6.04 86.06
N LEU JA 178 -32.12 -4.82 86.43
CA LEU JA 178 -32.29 -3.68 85.53
C LEU JA 178 -31.47 -3.86 84.27
N ARG JA 179 -30.27 -4.41 84.39
CA ARG JA 179 -29.44 -4.62 83.21
C ARG JA 179 -30.09 -5.62 82.26
N VAL JA 180 -30.65 -6.70 82.80
CA VAL JA 180 -31.33 -7.68 81.96
C VAL JA 180 -32.54 -7.06 81.27
N VAL JA 181 -33.32 -6.27 82.01
CA VAL JA 181 -34.51 -5.64 81.44
C VAL JA 181 -34.11 -4.68 80.33
N ALA JA 182 -33.05 -3.90 80.54
CA ALA JA 182 -32.58 -2.99 79.51
C ALA JA 182 -32.11 -3.74 78.28
N GLU JA 183 -31.42 -4.86 78.45
CA GLU JA 183 -31.02 -5.66 77.30
C GLU JA 183 -32.23 -6.18 76.54
N ALA JA 184 -33.25 -6.64 77.26
CA ALA JA 184 -34.46 -7.12 76.62
C ALA JA 184 -35.12 -6.02 75.80
N LEU JA 185 -35.22 -4.83 76.39
CA LEU JA 185 -35.82 -3.71 75.67
C LEU JA 185 -34.98 -3.31 74.47
N ARG JA 186 -33.66 -3.46 74.56
CA ARG JA 186 -32.82 -3.17 73.40
C ARG JA 186 -33.07 -4.16 72.27
N ARG JA 187 -33.22 -5.44 72.60
CA ARG JA 187 -33.46 -6.44 71.55
C ARG JA 187 -34.81 -6.24 70.88
N ALA JA 188 -35.75 -5.60 71.56
CA ALA JA 188 -37.08 -5.33 71.00
C ALA JA 188 -37.13 -4.06 70.17
N GLY JA 189 -36.00 -3.38 69.98
CA GLY JA 189 -35.95 -2.21 69.14
C GLY JA 189 -36.29 -0.90 69.81
N VAL JA 190 -36.47 -0.88 71.12
CA VAL JA 190 -36.78 0.38 71.81
C VAL JA 190 -35.58 1.31 71.70
N PRO JA 191 -35.78 2.58 71.35
CA PRO JA 191 -34.64 3.49 71.19
C PRO JA 191 -33.91 3.71 72.51
N GLU JA 192 -32.60 3.96 72.40
CA GLU JA 192 -31.75 4.02 73.59
C GLU JA 192 -32.18 5.08 74.61
N PRO JA 193 -32.52 6.31 74.23
CA PRO JA 193 -32.92 7.29 75.26
C PRO JA 193 -34.08 6.84 76.11
N GLU JA 194 -35.03 6.09 75.55
CA GLU JA 194 -36.12 5.58 76.36
C GLU JA 194 -35.62 4.54 77.36
N ILE JA 195 -34.63 3.74 76.98
CA ILE JA 195 -34.04 2.79 77.92
C ILE JA 195 -33.36 3.53 79.07
N ARG JA 196 -32.62 4.59 78.74
CA ARG JA 196 -31.99 5.39 79.80
C ARG JA 196 -33.04 6.02 80.70
N LYS JA 197 -34.15 6.47 80.12
CA LYS JA 197 -35.24 7.00 80.93
C LYS JA 197 -35.79 5.95 81.88
N VAL JA 198 -35.95 4.73 81.39
CA VAL JA 198 -36.44 3.64 82.24
C VAL JA 198 -35.49 3.43 83.41
N GLU JA 199 -34.19 3.31 83.13
CA GLU JA 199 -33.24 3.04 84.19
C GLU JA 199 -33.18 4.18 85.20
N ALA JA 200 -33.16 5.43 84.71
CA ALA JA 200 -33.10 6.57 85.60
C ALA JA 200 -34.33 6.65 86.49
N ALA JA 201 -35.51 6.35 85.94
CA ALA JA 201 -36.70 6.31 86.75
C ALA JA 201 -36.59 5.25 87.83
N ALA JA 202 -36.04 4.08 87.48
CA ALA JA 202 -35.85 3.03 88.47
C ALA JA 202 -34.92 3.46 89.58
N TYR JA 203 -33.82 4.14 89.23
CA TYR JA 203 -32.85 4.60 90.23
C TYR JA 203 -33.45 5.66 91.15
N ILE JA 204 -34.22 6.60 90.59
CA ILE JA 204 -34.83 7.63 91.42
C ILE JA 204 -35.88 7.02 92.35
N ARG JA 205 -36.63 6.04 91.86
CA ARG JA 205 -37.60 5.38 92.73
C ARG JA 205 -36.91 4.62 93.86
N LEU JA 206 -35.80 3.92 93.54
CA LEU JA 206 -35.05 3.20 94.56
C LEU JA 206 -34.47 4.16 95.59
N ALA JA 207 -33.90 5.29 95.13
CA ALA JA 207 -33.35 6.27 96.04
C ALA JA 207 -34.42 6.84 96.96
N ALA JA 208 -35.59 7.16 96.42
CA ALA JA 208 -36.69 7.65 97.24
C ALA JA 208 -37.11 6.61 98.27
N TYR JA 209 -37.20 5.35 97.85
CA TYR JA 209 -37.59 4.28 98.76
C TYR JA 209 -36.60 4.13 99.91
N LEU JA 210 -35.30 4.21 99.60
CA LEU JA 210 -34.29 4.14 100.66
C LEU JA 210 -34.37 5.35 101.59
N LEU JA 211 -34.55 6.55 101.02
CA LEU JA 211 -34.58 7.75 101.83
C LEU JA 211 -35.79 7.81 102.75
N ARG JA 212 -36.89 7.18 102.35
CA ARG JA 212 -38.10 7.28 103.16
C ARG JA 212 -37.98 6.54 104.49
N GLN JA 213 -37.22 5.44 104.52
CA GLN JA 213 -37.13 4.65 105.74
C GLN JA 213 -36.48 5.41 106.88
N LEU JA 214 -35.42 6.16 106.58
CA LEU JA 214 -34.74 6.94 107.61
C LEU JA 214 -35.49 8.19 108.03
N GLY JA 215 -36.59 8.53 107.35
CA GLY JA 215 -37.39 9.64 107.78
C GLY JA 215 -37.03 10.95 107.11
N TYR JA 216 -36.78 10.91 105.81
CA TYR JA 216 -36.59 12.11 105.00
C TYR JA 216 -37.72 12.14 103.99
N GLU JA 217 -38.88 12.64 104.42
CA GLU JA 217 -40.06 12.60 103.58
C GLU JA 217 -39.99 13.65 102.47
N ALA JA 218 -39.65 14.89 102.83
CA ALA JA 218 -39.62 15.97 101.84
C ALA JA 218 -38.65 15.65 100.71
N LEU JA 219 -37.50 15.08 101.04
CA LEU JA 219 -36.54 14.65 100.03
C LEU JA 219 -37.17 13.65 99.07
N ALA JA 220 -37.91 12.67 99.59
CA ALA JA 220 -38.55 11.69 98.75
C ALA JA 220 -39.60 12.32 97.84
N LYS JA 221 -40.39 13.26 98.37
CA LYS JA 221 -41.37 13.93 97.52
C LYS JA 221 -40.69 14.71 96.40
N ARG JA 222 -39.61 15.41 96.70
CA ARG JA 222 -38.94 16.17 95.62
C ARG JA 222 -38.35 15.23 94.58
N LEU JA 223 -37.78 14.10 95.01
CA LEU JA 223 -37.24 13.15 94.05
C LEU JA 223 -38.32 12.57 93.17
N LEU JA 224 -39.48 12.27 93.75
CA LEU JA 224 -40.56 11.72 92.94
C LEU JA 224 -41.19 12.77 92.02
N GLU JA 225 -41.20 14.03 92.43
CA GLU JA 225 -41.60 15.11 91.51
C GLU JA 225 -40.67 15.19 90.32
N ALA JA 226 -39.36 15.11 90.57
CA ALA JA 226 -38.40 15.10 89.47
C ALA JA 226 -38.63 13.90 88.56
N ARG JA 227 -38.94 12.74 89.15
CA ARG JA 227 -39.23 11.57 88.34
C ARG JA 227 -40.47 11.77 87.48
N GLU JA 228 -41.51 12.38 88.05
CA GLU JA 228 -42.72 12.65 87.26
C GLU JA 228 -42.42 13.58 86.11
N LEU JA 229 -41.65 14.64 86.35
CA LEU JA 229 -41.28 15.53 85.24
C LEU JA 229 -40.44 14.80 84.22
N LEU JA 230 -39.66 13.79 84.64
CA LEU JA 230 -38.84 13.06 83.68
C LEU JA 230 -39.70 12.17 82.79
N LEU JA 231 -40.65 11.44 83.39
CA LEU JA 231 -41.45 10.49 82.61
C LEU JA 231 -42.37 11.19 81.61
N GLU JA 232 -42.65 12.47 81.81
CA GLU JA 232 -43.51 13.24 80.91
C GLU JA 232 -42.78 13.78 79.71
N GLY JA 233 -41.48 13.55 79.60
CA GLY JA 233 -40.70 14.09 78.50
C GLY JA 233 -40.01 15.40 78.79
N ARG JA 234 -40.39 16.09 79.88
CA ARG JA 234 -39.72 17.31 80.29
C ARG JA 234 -38.41 16.93 80.97
N VAL JA 235 -37.40 16.70 80.13
CA VAL JA 235 -36.10 16.28 80.65
C VAL JA 235 -35.40 17.41 81.37
N GLU JA 236 -35.51 18.63 80.85
CA GLU JA 236 -34.71 19.75 81.36
C GLU JA 236 -35.17 20.16 82.75
N GLU JA 237 -36.48 20.28 82.96
CA GLU JA 237 -36.97 20.60 84.29
C GLU JA 237 -36.67 19.47 85.27
N ALA JA 238 -36.70 18.23 84.80
CA ALA JA 238 -36.31 17.10 85.64
C ALA JA 238 -34.87 17.21 86.08
N ALA JA 239 -33.97 17.53 85.16
CA ALA JA 239 -32.57 17.68 85.51
C ALA JA 239 -32.34 18.84 86.46
N HIS JA 240 -33.03 19.97 86.26
CA HIS JA 240 -32.84 21.11 87.14
C HIS JA 240 -33.34 20.81 88.56
N LEU JA 241 -34.54 20.25 88.68
CA LEU JA 241 -35.06 19.94 90.00
C LEU JA 241 -34.25 18.84 90.68
N LEU JA 242 -33.77 17.87 89.90
CA LEU JA 242 -32.92 16.82 90.44
C LEU JA 242 -31.61 17.38 90.97
N GLU JA 243 -30.98 18.30 90.23
CA GLU JA 243 -29.71 18.85 90.70
C GLU JA 243 -29.93 19.72 91.93
N ASP JA 244 -31.05 20.44 92.02
CA ASP JA 244 -31.30 21.21 93.23
C ASP JA 244 -31.46 20.30 94.45
N VAL JA 245 -32.27 19.26 94.33
CA VAL JA 245 -32.48 18.39 95.48
C VAL JA 245 -31.20 17.62 95.83
N TYR JA 246 -30.41 17.23 94.81
CA TYR JA 246 -29.14 16.56 95.07
C TYR JA 246 -28.18 17.49 95.78
N ALA JA 247 -28.15 18.76 95.40
CA ALA JA 247 -27.26 19.70 96.08
C ALA JA 247 -27.61 19.83 97.56
N LEU JA 248 -28.90 19.96 97.86
CA LEU JA 248 -29.29 20.06 99.27
C LEU JA 248 -28.96 18.78 100.03
N PHE JA 249 -29.24 17.62 99.41
CA PHE JA 249 -28.94 16.35 100.04
C PHE JA 249 -27.45 16.19 100.29
N HIS JA 250 -26.62 16.59 99.32
CA HIS JA 250 -25.19 16.39 99.46
C HIS JA 250 -24.61 17.31 100.51
N ARG JA 251 -25.13 18.52 100.63
CA ARG JA 251 -24.72 19.38 101.74
C ARG JA 251 -25.09 18.73 103.06
N GLU JA 252 -26.26 18.11 103.14
CA GLU JA 252 -26.63 17.40 104.37
C GLU JA 252 -25.69 16.24 104.65
N ILE JA 253 -25.27 15.53 103.60
CA ILE JA 253 -24.35 14.40 103.77
C ILE JA 253 -23.01 14.90 104.30
N GLU JA 254 -22.46 15.95 103.70
CA GLU JA 254 -21.19 16.50 104.15
C GLU JA 254 -21.29 17.13 105.53
N ARG JA 255 -22.51 17.47 105.98
CA ARG JA 255 -22.68 17.95 107.34
C ARG JA 255 -22.25 16.91 108.36
N LEU JA 256 -22.60 15.65 108.12
CA LEU JA 256 -22.33 14.58 109.07
C LEU JA 256 -20.88 14.11 109.06
N GLY JA 257 -20.06 14.62 108.14
CA GLY JA 257 -18.63 14.32 108.18
C GLY JA 257 -18.34 12.87 107.87
N PHE JA 258 -17.54 12.24 108.73
CA PHE JA 258 -17.16 10.83 108.59
C PHE JA 258 -18.08 9.94 109.43
N GLU JA 259 -19.37 10.08 109.18
CA GLU JA 259 -20.40 9.27 109.81
C GLU JA 259 -21.71 9.52 109.09
N ALA JA 260 -22.42 8.45 108.74
CA ALA JA 260 -23.76 8.51 108.15
C ALA JA 260 -24.33 7.11 108.02
N PRO JA 261 -25.63 6.93 108.20
CA PRO JA 261 -26.23 5.60 107.99
C PRO JA 261 -25.96 5.11 106.57
N GLU JA 262 -25.80 3.79 106.44
CA GLU JA 262 -25.36 3.24 105.16
C GLU JA 262 -26.37 3.49 104.05
N GLU JA 263 -27.65 3.63 104.37
CA GLU JA 263 -28.62 3.91 103.32
C GLU JA 263 -28.39 5.28 102.70
N LEU JA 264 -27.92 6.25 103.48
CA LEU JA 264 -27.48 7.52 102.89
C LEU JA 264 -26.35 7.31 101.91
N ARG JA 265 -25.38 6.48 102.29
CA ARG JA 265 -24.23 6.25 101.42
C ARG JA 265 -24.64 5.58 100.12
N VAL JA 266 -25.57 4.62 100.19
CA VAL JA 266 -26.03 3.95 98.97
C VAL JA 266 -26.87 4.88 98.11
N ALA JA 267 -27.75 5.66 98.76
CA ALA JA 267 -28.59 6.60 98.01
C ALA JA 267 -27.76 7.64 97.30
N ASP JA 268 -26.61 8.02 97.87
CA ASP JA 268 -25.74 8.97 97.20
C ASP JA 268 -25.28 8.45 95.85
N LEU JA 269 -24.87 7.18 95.80
CA LEU JA 269 -24.42 6.62 94.54
C LEU JA 269 -25.59 6.40 93.58
N LEU JA 270 -26.75 6.02 94.12
CA LEU JA 270 -27.93 5.86 93.27
C LEU JA 270 -28.31 7.19 92.61
N LEU JA 271 -28.31 8.27 93.38
CA LEU JA 271 -28.64 9.58 92.85
C LEU JA 271 -27.61 10.05 91.84
N ALA JA 272 -26.32 9.79 92.11
CA ALA JA 272 -25.30 10.15 91.13
C ALA JA 272 -25.52 9.43 89.81
N ARG JA 273 -25.84 8.13 89.86
CA ARG JA 273 -26.06 7.40 88.62
C ARG JA 273 -27.31 7.88 87.91
N ALA JA 274 -28.37 8.20 88.66
CA ALA JA 274 -29.57 8.74 88.05
C ALA JA 274 -29.29 10.04 87.31
N ILE JA 275 -28.52 10.93 87.94
CA ILE JA 275 -28.18 12.19 87.30
C ILE JA 275 -27.34 11.95 86.05
N ALA JA 276 -26.38 11.03 86.12
CA ALA JA 276 -25.57 10.74 84.95
C ALA JA 276 -26.41 10.23 83.80
N LEU JA 277 -27.34 9.31 84.09
CA LEU JA 277 -28.19 8.78 83.03
C LEU JA 277 -29.08 9.86 82.43
N ILE JA 278 -29.67 10.71 83.27
CA ILE JA 278 -30.54 11.76 82.75
C ILE JA 278 -29.74 12.72 81.87
N LYS JA 279 -28.53 13.08 82.30
CA LYS JA 279 -27.69 13.95 81.49
C LYS JA 279 -27.28 13.30 80.18
N ALA JA 280 -27.18 11.96 80.16
CA ALA JA 280 -26.79 11.26 78.94
C ALA JA 280 -27.95 11.00 78.00
N ILE JA 281 -29.19 11.29 78.40
CA ILE JA 281 -30.35 11.10 77.52
C ILE JA 281 -30.18 11.93 76.25
N THR KA 24 19.53 -7.25 114.90
CA THR KA 24 18.48 -8.07 114.29
C THR KA 24 18.11 -7.55 112.91
N VAL KA 25 18.56 -6.33 112.61
CA VAL KA 25 18.18 -5.67 111.36
C VAL KA 25 18.68 -6.46 110.16
N VAL KA 26 19.94 -6.89 110.21
CA VAL KA 26 20.48 -7.69 109.11
C VAL KA 26 19.77 -9.03 109.02
N GLU KA 27 19.40 -9.61 110.16
CA GLU KA 27 18.60 -10.82 110.15
C GLU KA 27 17.23 -10.56 109.53
N GLU KA 28 16.65 -9.39 109.79
CA GLU KA 28 15.37 -9.04 109.17
C GLU KA 28 15.51 -8.93 107.66
N VAL KA 29 16.59 -8.32 107.19
CA VAL KA 29 16.82 -8.22 105.75
C VAL KA 29 16.99 -9.60 105.12
N ARG KA 30 17.77 -10.46 105.78
CA ARG KA 30 17.95 -11.83 105.29
C ARG KA 30 16.62 -12.55 105.23
N ARG KA 31 15.83 -12.47 106.31
CA ARG KA 31 14.54 -13.15 106.35
C ARG KA 31 13.61 -12.64 105.27
N PHE KA 32 13.58 -11.32 105.07
CA PHE KA 32 12.75 -10.73 104.03
C PHE KA 32 13.14 -11.25 102.66
N ALA KA 33 14.44 -11.26 102.35
CA ALA KA 33 14.88 -11.70 101.03
C ALA KA 33 14.58 -13.18 100.82
N GLU KA 34 14.87 -14.02 101.81
CA GLU KA 34 14.63 -15.45 101.64
C GLU KA 34 13.13 -15.75 101.52
N GLU KA 35 12.29 -15.07 102.30
CA GLU KA 35 10.86 -15.30 102.19
C GLU KA 35 10.35 -14.89 100.82
N LEU KA 36 10.81 -13.75 100.30
CA LEU KA 36 10.40 -13.34 98.96
C LEU KA 36 10.85 -14.35 97.91
N ALA KA 37 12.08 -14.86 98.03
CA ALA KA 37 12.57 -15.84 97.06
C ALA KA 37 11.80 -17.16 97.14
N GLU KA 38 11.48 -17.60 98.35
CA GLU KA 38 10.68 -18.80 98.50
C GLU KA 38 9.30 -18.63 97.88
N GLU KA 39 8.68 -17.46 98.09
CA GLU KA 39 7.38 -17.22 97.49
C GLU KA 39 7.48 -17.17 95.96
N VAL KA 40 8.56 -16.61 95.44
CA VAL KA 40 8.75 -16.60 93.99
C VAL KA 40 8.82 -18.02 93.46
N LEU KA 41 9.56 -18.88 94.15
CA LEU KA 41 9.69 -20.27 93.71
C LEU KA 41 8.37 -21.02 93.85
N ARG KA 42 7.62 -20.77 94.93
CA ARG KA 42 6.34 -21.45 95.09
C ARG KA 42 5.36 -21.05 94.01
N VAL KA 43 5.25 -19.77 93.71
CA VAL KA 43 4.28 -19.32 92.71
C VAL KA 43 4.72 -19.76 91.31
N GLY KA 44 5.98 -19.56 90.97
CA GLY KA 44 6.47 -19.84 89.64
C GLY KA 44 7.20 -21.15 89.44
N GLY KA 45 7.47 -21.88 90.52
CA GLY KA 45 8.11 -23.16 90.35
C GLY KA 45 9.56 -23.04 89.89
N GLU KA 46 9.99 -24.05 89.14
CA GLU KA 46 11.32 -24.06 88.55
C GLU KA 46 11.37 -23.30 87.24
N ALA KA 47 10.25 -22.74 86.78
CA ALA KA 47 10.26 -21.98 85.54
C ALA KA 47 11.15 -20.74 85.66
N MET KA 48 11.05 -20.02 86.78
CA MET KA 48 11.88 -18.86 87.06
C MET KA 48 12.66 -19.12 88.33
N ARG KA 49 13.80 -19.80 88.16
CA ARG KA 49 14.84 -19.96 89.18
C ARG KA 49 15.77 -18.74 89.23
N PRO KA 50 16.13 -18.13 88.08
CA PRO KA 50 16.99 -16.94 88.16
C PRO KA 50 16.50 -15.86 89.12
N TYR KA 51 15.20 -15.61 89.18
CA TYR KA 51 14.70 -14.52 90.01
C TYR KA 51 14.92 -14.81 91.49
N ALA KA 52 14.82 -16.08 91.88
CA ALA KA 52 15.14 -16.44 93.27
C ALA KA 52 16.61 -16.13 93.57
N GLU KA 53 17.49 -16.41 92.62
CA GLU KA 53 18.90 -16.09 92.82
C GLU KA 53 19.14 -14.59 92.90
N MET KA 54 18.46 -13.80 92.05
CA MET KA 54 18.60 -12.36 92.14
C MET KA 54 18.12 -11.85 93.49
N VAL KA 55 16.98 -12.34 93.96
CA VAL KA 55 16.48 -11.88 95.26
C VAL KA 55 17.46 -12.25 96.36
N ARG KA 56 18.01 -13.47 96.32
CA ARG KA 56 18.90 -13.91 97.40
C ARG KA 56 20.21 -13.15 97.38
N HIS KA 57 20.79 -12.90 96.20
CA HIS KA 57 22.01 -12.10 96.13
C HIS KA 57 21.78 -10.65 96.50
N LEU KA 58 20.62 -10.07 96.15
CA LEU KA 58 20.35 -8.70 96.54
C LEU KA 58 20.15 -8.59 98.06
N GLY KA 59 19.50 -9.58 98.67
CA GLY KA 59 19.48 -9.62 100.12
C GLY KA 59 20.89 -9.72 100.70
N GLU KA 60 21.75 -10.51 100.06
CA GLU KA 60 23.13 -10.65 100.54
C GLU KA 60 23.90 -9.34 100.42
N ALA KA 61 23.76 -8.63 99.30
CA ALA KA 61 24.42 -7.34 99.14
C ALA KA 61 23.92 -6.33 100.16
N ALA KA 62 22.61 -6.33 100.42
CA ALA KA 62 22.06 -5.42 101.42
C ALA KA 62 22.63 -5.72 102.81
N VAL KA 63 22.70 -6.99 103.19
CA VAL KA 63 23.22 -7.28 104.52
C VAL KA 63 24.72 -7.02 104.59
N ALA KA 64 25.42 -7.20 103.47
CA ALA KA 64 26.83 -6.81 103.41
C ALA KA 64 26.98 -5.31 103.69
N ALA KA 65 26.16 -4.49 103.02
CA ALA KA 65 26.23 -3.04 103.23
C ALA KA 65 25.91 -2.68 104.67
N LEU KA 66 24.89 -3.31 105.25
CA LEU KA 66 24.56 -3.06 106.66
C LEU KA 66 25.64 -3.54 107.61
N GLU KA 67 26.50 -4.49 107.19
CA GLU KA 67 27.52 -5.01 108.08
C GLU KA 67 28.92 -4.63 107.63
N GLY KA 68 29.12 -3.36 107.30
CA GLY KA 68 30.39 -2.91 106.78
C GLY KA 68 30.43 -3.00 105.27
N ARG KA 69 31.65 -3.09 104.75
CA ARG KA 69 31.90 -3.40 103.33
C ARG KA 69 31.40 -2.32 102.38
N ALA KA 70 32.06 -2.21 101.23
CA ALA KA 70 31.57 -1.40 100.13
C ALA KA 70 31.85 -2.02 98.77
N GLU KA 71 32.70 -3.05 98.70
CA GLU KA 71 33.11 -3.68 97.45
C GLU KA 71 32.33 -4.96 97.18
N GLU KA 72 32.01 -5.73 98.23
CA GLU KA 72 31.19 -6.91 98.05
C GLU KA 72 29.80 -6.54 97.56
N ALA KA 73 29.24 -5.45 98.09
CA ALA KA 73 27.96 -4.96 97.60
C ALA KA 73 28.06 -4.60 96.12
N ASP KA 74 29.14 -3.93 95.73
CA ASP KA 74 29.35 -3.57 94.33
C ASP KA 74 29.38 -4.82 93.46
N ARG KA 75 30.14 -5.83 93.88
CA ARG KA 75 30.29 -7.04 93.08
C ARG KA 75 28.97 -7.79 92.95
N LEU KA 76 28.24 -7.95 94.07
CA LEU KA 76 26.98 -8.66 94.01
C LEU KA 76 25.97 -7.93 93.15
N VAL KA 77 25.93 -6.60 93.24
CA VAL KA 77 24.99 -5.83 92.41
C VAL KA 77 25.35 -5.96 90.94
N ARG KA 78 26.65 -5.98 90.62
CA ARG KA 78 27.06 -6.18 89.23
C ARG KA 78 26.69 -7.57 88.73
N ASP KA 79 26.85 -8.59 89.58
CA ASP KA 79 26.46 -9.94 89.20
C ASP KA 79 24.96 -10.02 88.95
N VAL KA 80 24.16 -9.41 89.82
CA VAL KA 80 22.70 -9.42 89.64
C VAL KA 80 22.33 -8.64 88.38
N LEU KA 81 23.07 -7.57 88.08
CA LEU KA 81 22.85 -6.85 86.84
C LEU KA 81 23.11 -7.75 85.64
N GLU KA 82 24.16 -8.56 85.70
CA GLU KA 82 24.43 -9.50 84.62
C GLU KA 82 23.30 -10.52 84.47
N MET KA 83 22.79 -11.04 85.58
CA MET KA 83 21.66 -11.96 85.51
C MET KA 83 20.45 -11.30 84.86
N ALA KA 84 20.16 -10.07 85.26
CA ALA KA 84 19.04 -9.36 84.68
C ALA KA 84 19.24 -9.14 83.18
N ARG KA 85 20.48 -8.89 82.77
CA ARG KA 85 20.79 -8.72 81.35
C ARG KA 85 20.50 -10.01 80.59
N GLU KA 86 20.92 -11.16 81.13
CA GLU KA 86 20.77 -12.39 80.37
C GLU KA 86 19.32 -12.87 80.35
N VAL KA 87 18.61 -12.74 81.47
CA VAL KA 87 17.22 -13.21 81.53
C VAL KA 87 16.34 -12.43 80.54
N GLY KA 88 16.53 -11.12 80.48
CA GLY KA 88 15.71 -10.27 79.63
C GLY KA 88 14.99 -9.16 80.38
N ALA KA 89 15.16 -9.06 81.70
CA ALA KA 89 14.51 -8.02 82.47
C ALA KA 89 15.16 -6.68 82.15
N GLU KA 90 14.39 -5.77 81.56
CA GLU KA 90 14.92 -4.46 81.16
C GLU KA 90 14.81 -3.45 82.30
N GLY KA 91 13.59 -3.22 82.79
CA GLY KA 91 13.41 -2.25 83.87
C GLY KA 91 14.18 -2.63 85.11
N LEU KA 92 14.23 -3.93 85.41
CA LEU KA 92 15.02 -4.40 86.54
C LEU KA 92 16.50 -4.09 86.33
N ALA KA 93 17.01 -4.28 85.11
CA ALA KA 93 18.40 -3.98 84.84
C ALA KA 93 18.70 -2.50 85.00
N ARG KA 94 17.83 -1.63 84.48
CA ARG KA 94 18.03 -0.19 84.64
C ARG KA 94 18.05 0.20 86.11
N LEU KA 95 17.06 -0.30 86.86
CA LEU KA 95 17.01 0.02 88.28
C LEU KA 95 18.24 -0.50 88.99
N LEU KA 96 18.80 -1.62 88.54
CA LEU KA 96 19.99 -2.16 89.19
C LEU KA 96 21.22 -1.32 88.90
N GLU KA 97 21.35 -0.78 87.68
CA GLU KA 97 22.44 0.14 87.40
C GLU KA 97 22.34 1.39 88.29
N ARG KA 98 21.12 1.92 88.43
CA ARG KA 98 20.92 3.09 89.29
C ARG KA 98 21.29 2.76 90.74
N VAL KA 99 20.87 1.58 91.22
CA VAL KA 99 21.27 1.14 92.54
C VAL KA 99 22.78 1.08 92.66
N HIS KA 100 23.45 0.60 91.62
CA HIS KA 100 24.91 0.48 91.64
C HIS KA 100 25.56 1.84 91.86
N ARG KA 101 25.20 2.82 91.03
CA ARG KA 101 25.83 4.14 91.12
C ARG KA 101 25.53 4.82 92.45
N GLU KA 102 24.26 4.86 92.85
CA GLU KA 102 23.91 5.51 94.11
C GLU KA 102 24.50 4.77 95.30
N ALA KA 103 24.59 3.45 95.24
CA ALA KA 103 25.22 2.72 96.33
C ALA KA 103 26.68 3.15 96.47
N ARG KA 104 27.38 3.28 95.35
CA ARG KA 104 28.76 3.74 95.40
C ARG KA 104 28.85 5.12 96.04
N GLU KA 105 28.02 6.06 95.59
CA GLU KA 105 28.08 7.43 96.10
C GLU KA 105 27.81 7.47 97.60
N LEU KA 106 26.72 6.84 98.03
CA LEU KA 106 26.33 6.91 99.44
C LEU KA 106 27.31 6.16 100.32
N LEU KA 107 27.90 5.07 99.83
CA LEU KA 107 28.88 4.37 100.63
C LEU KA 107 30.17 5.17 100.74
N ARG KA 108 30.52 5.95 99.70
CA ARG KA 108 31.64 6.86 99.82
C ARG KA 108 31.35 7.94 100.86
N GLU KA 109 30.11 8.46 100.87
CA GLU KA 109 29.74 9.45 101.87
C GLU KA 109 29.62 8.88 103.27
N GLY KA 110 29.68 7.55 103.43
CA GLY KA 110 29.62 6.94 104.73
C GLY KA 110 28.25 6.59 105.25
N ARG KA 111 27.18 6.93 104.51
CA ARG KA 111 25.82 6.60 104.92
C ARG KA 111 25.50 5.19 104.46
N ARG KA 112 25.08 4.34 105.41
CA ARG KA 112 24.90 2.92 105.13
C ARG KA 112 23.44 2.52 104.99
N GLU KA 113 22.54 3.11 105.79
CA GLU KA 113 21.15 2.65 105.79
C GLU KA 113 20.50 2.85 104.44
N GLU KA 114 20.73 4.00 103.80
CA GLU KA 114 20.03 4.30 102.55
C GLU KA 114 20.53 3.46 101.38
N ALA KA 115 21.81 3.07 101.39
CA ALA KA 115 22.30 2.18 100.34
C ALA KA 115 21.64 0.80 100.44
N ALA KA 116 21.57 0.25 101.66
CA ALA KA 116 20.82 -0.98 101.85
C ALA KA 116 19.35 -0.80 101.54
N ALA KA 117 18.82 0.40 101.73
CA ALA KA 117 17.44 0.67 101.37
C ALA KA 117 17.24 0.57 99.86
N LEU KA 118 18.15 1.15 99.09
CA LEU KA 118 18.05 1.01 97.64
C LEU KA 118 18.16 -0.45 97.22
N VAL KA 119 19.07 -1.19 97.85
CA VAL KA 119 19.24 -2.60 97.51
C VAL KA 119 17.97 -3.39 97.85
N LEU KA 120 17.36 -3.13 99.01
CA LEU KA 120 16.14 -3.83 99.40
C LEU KA 120 15.00 -3.51 98.44
N ALA KA 121 14.89 -2.26 98.02
CA ALA KA 121 13.88 -1.92 97.03
C ALA KA 121 14.12 -2.67 95.73
N ALA KA 122 15.39 -2.82 95.34
CA ALA KA 122 15.70 -3.57 94.12
C ALA KA 122 15.31 -5.04 94.25
N ALA KA 123 15.60 -5.64 95.41
CA ALA KA 123 15.23 -7.04 95.63
C ALA KA 123 13.72 -7.22 95.58
N LEU KA 124 12.98 -6.31 96.23
CA LEU KA 124 11.53 -6.37 96.18
C LEU KA 124 11.02 -6.22 94.75
N ALA KA 125 11.64 -5.33 93.98
CA ALA KA 125 11.23 -5.17 92.59
C ALA KA 125 11.42 -6.45 91.82
N ALA KA 126 12.56 -7.13 92.01
CA ALA KA 126 12.83 -8.38 91.30
C ALA KA 126 11.82 -9.46 91.67
N GLY KA 127 11.63 -9.68 92.97
CA GLY KA 127 10.69 -10.71 93.41
C GLY KA 127 9.27 -10.42 92.97
N ALA KA 128 8.81 -9.19 93.14
CA ALA KA 128 7.46 -8.82 92.75
C ALA KA 128 7.26 -8.94 91.25
N VAL KA 129 8.28 -8.58 90.47
CA VAL KA 129 8.19 -8.74 89.01
C VAL KA 129 8.03 -10.21 88.65
N ALA KA 130 8.83 -11.08 89.29
CA ALA KA 130 8.71 -12.50 89.02
C ALA KA 130 7.31 -13.02 89.33
N VAL KA 131 6.79 -12.69 90.52
CA VAL KA 131 5.47 -13.17 90.90
C VAL KA 131 4.39 -12.60 89.98
N ALA KA 132 4.55 -11.35 89.56
CA ALA KA 132 3.55 -10.75 88.68
C ALA KA 132 3.51 -11.45 87.34
N GLU KA 133 4.66 -11.76 86.74
CA GLU KA 133 4.62 -12.48 85.47
C GLU KA 133 4.12 -13.91 85.67
N ALA KA 134 4.39 -14.51 86.83
CA ALA KA 134 3.86 -15.83 87.10
C ALA KA 134 2.34 -15.81 87.13
N TYR KA 135 1.75 -14.82 87.81
CA TYR KA 135 0.30 -14.70 87.84
C TYR KA 135 -0.27 -14.46 86.46
N VAL KA 136 0.37 -13.58 85.68
CA VAL KA 136 -0.14 -13.27 84.36
C VAL KA 136 -0.07 -14.48 83.44
N ARG KA 137 0.98 -15.30 83.59
CA ARG KA 137 1.13 -16.46 82.72
C ARG KA 137 -0.02 -17.44 82.89
N LEU KA 138 -0.40 -17.74 84.13
CA LEU KA 138 -1.48 -18.66 84.40
C LEU KA 138 -2.84 -17.96 84.52
N GLY KA 139 -2.93 -16.71 84.10
CA GLY KA 139 -4.21 -16.04 83.91
C GLY KA 139 -5.06 -15.80 85.14
N GLN KA 140 -4.47 -15.41 86.26
CA GLN KA 140 -5.25 -15.04 87.43
C GLN KA 140 -5.73 -13.60 87.30
N PRO KA 141 -6.82 -13.24 87.98
CA PRO KA 141 -7.39 -11.90 87.83
C PRO KA 141 -6.50 -10.83 88.46
N ILE KA 142 -6.80 -9.58 88.10
CA ILE KA 142 -5.95 -8.46 88.47
C ILE KA 142 -6.09 -8.06 89.94
N ARG KA 143 -7.21 -8.41 90.58
CA ARG KA 143 -7.34 -8.10 92.01
C ARG KA 143 -6.20 -8.68 92.82
N LEU KA 144 -5.81 -9.92 92.53
CA LEU KA 144 -4.71 -10.54 93.27
C LEU KA 144 -3.39 -9.83 93.03
N ILE KA 145 -3.09 -9.46 91.79
CA ILE KA 145 -1.85 -8.73 91.53
C ILE KA 145 -1.84 -7.42 92.31
N ALA KA 146 -2.94 -6.68 92.25
CA ALA KA 146 -2.99 -5.38 92.94
C ALA KA 146 -2.85 -5.54 94.44
N GLU KA 147 -3.60 -6.47 95.04
CA GLU KA 147 -3.52 -6.65 96.47
C GLU KA 147 -2.16 -7.15 96.91
N TYR KA 148 -1.58 -8.08 96.15
CA TYR KA 148 -0.24 -8.59 96.46
C TYR KA 148 0.78 -7.47 96.46
N VAL KA 149 0.82 -6.68 95.38
CA VAL KA 149 1.82 -5.62 95.27
C VAL KA 149 1.62 -4.58 96.36
N ALA KA 150 0.38 -4.19 96.62
CA ALA KA 150 0.13 -3.17 97.64
C ALA KA 150 0.58 -3.65 99.02
N GLU KA 151 0.30 -4.92 99.34
CA GLU KA 151 0.68 -5.41 100.66
C GLU KA 151 2.20 -5.53 100.78
N ARG KA 152 2.87 -5.94 99.70
CA ARG KA 152 4.33 -5.98 99.74
C ARG KA 152 4.92 -4.60 99.94
N LEU KA 153 4.36 -3.59 99.26
CA LEU KA 153 4.85 -2.23 99.43
C LEU KA 153 4.65 -1.75 100.85
N VAL KA 154 3.52 -2.07 101.47
CA VAL KA 154 3.30 -1.65 102.85
C VAL KA 154 4.30 -2.33 103.78
N GLU KA 155 4.56 -3.63 103.57
CA GLU KA 155 5.53 -4.33 104.41
C GLU KA 155 6.94 -3.73 104.26
N LEU KA 156 7.34 -3.43 103.02
CA LEU KA 156 8.63 -2.80 102.79
C LEU KA 156 8.69 -1.42 103.44
N ALA KA 157 7.61 -0.66 103.38
CA ALA KA 157 7.58 0.65 104.02
C ALA KA 157 7.76 0.52 105.53
N GLU KA 158 7.14 -0.49 106.12
CA GLU KA 158 7.34 -0.72 107.55
C GLU KA 158 8.78 -1.07 107.86
N LEU KA 159 9.40 -1.91 107.02
CA LEU KA 159 10.80 -2.26 107.24
C LEU KA 159 11.71 -1.03 107.13
N LEU KA 160 11.52 -0.23 106.08
CA LEU KA 160 12.33 0.96 105.89
C LEU KA 160 12.12 1.98 107.01
N ARG KA 161 10.91 2.05 107.54
CA ARG KA 161 10.70 2.86 108.74
C ARG KA 161 11.50 2.33 109.92
N ARG KA 162 11.57 1.00 110.05
CA ARG KA 162 12.35 0.42 111.13
C ARG KA 162 13.83 0.74 111.00
N LEU KA 163 14.36 0.70 109.77
CA LEU KA 163 15.78 0.98 109.56
C LEU KA 163 16.12 2.42 109.94
N GLY KA 164 15.38 3.39 109.40
CA GLY KA 164 15.62 4.78 109.73
C GLY KA 164 15.66 5.74 108.57
N VAL KA 165 15.36 5.25 107.36
CA VAL KA 165 15.36 6.11 106.18
C VAL KA 165 14.29 7.17 106.35
N PRO KA 166 14.51 8.42 105.92
CA PRO KA 166 13.45 9.43 105.99
C PRO KA 166 12.31 9.11 105.05
N LEU KA 167 11.12 9.60 105.43
CA LEU KA 167 9.88 9.13 104.82
C LEU KA 167 9.81 9.46 103.32
N ARG KA 168 10.29 10.64 102.93
CA ARG KA 168 10.19 11.03 101.53
C ARG KA 168 10.99 10.09 100.64
N ARG KA 169 12.17 9.66 101.12
CA ARG KA 169 12.93 8.65 100.40
C ARG KA 169 12.19 7.32 100.33
N ILE KA 170 11.50 6.95 101.41
CA ILE KA 170 10.69 5.73 101.39
C ILE KA 170 9.68 5.81 100.26
N ILE KA 171 8.97 6.93 100.17
CA ILE KA 171 7.95 7.06 99.14
C ILE KA 171 8.59 7.01 97.76
N ARG KA 172 9.75 7.64 97.59
CA ARG KA 172 10.39 7.64 96.28
C ARG KA 172 10.80 6.23 95.87
N LEU KA 173 11.33 5.44 96.80
CA LEU KA 173 11.68 4.06 96.50
C LEU KA 173 10.44 3.24 96.14
N LEU KA 174 9.34 3.48 96.86
CA LEU KA 174 8.11 2.75 96.57
C LEU KA 174 7.58 3.07 95.18
N GLU KA 175 7.67 4.33 94.77
CA GLU KA 175 7.29 4.66 93.39
C GLU KA 175 8.22 4.00 92.38
N GLU KA 176 9.51 3.89 92.69
CA GLU KA 176 10.40 3.19 91.76
C GLU KA 176 10.00 1.72 91.60
N VAL KA 177 9.70 1.06 92.72
CA VAL KA 177 9.26 -0.33 92.67
C VAL KA 177 7.98 -0.46 91.85
N LEU KA 178 7.02 0.45 92.09
CA LEU KA 178 5.79 0.41 91.33
C LEU KA 178 6.05 0.62 89.85
N ARG KA 179 6.99 1.49 89.51
CA ARG KA 179 7.28 1.75 88.10
C ARG KA 179 7.84 0.52 87.41
N VAL KA 180 8.78 -0.18 88.05
CA VAL KA 180 9.35 -1.37 87.42
C VAL KA 180 8.30 -2.47 87.33
N VAL KA 181 7.45 -2.60 88.36
CA VAL KA 181 6.37 -3.60 88.31
C VAL KA 181 5.42 -3.30 87.16
N ALA KA 182 5.06 -2.03 86.98
CA ALA KA 182 4.17 -1.66 85.88
C ALA KA 182 4.82 -1.94 84.53
N GLU KA 183 6.13 -1.68 84.41
CA GLU KA 183 6.82 -2.01 83.16
C GLU KA 183 6.79 -3.50 82.90
N ALA KA 184 7.01 -4.32 83.94
CA ALA KA 184 6.96 -5.76 83.78
C ALA KA 184 5.59 -6.21 83.31
N LEU KA 185 4.53 -5.68 83.93
CA LEU KA 185 3.18 -6.04 83.52
C LEU KA 185 2.90 -5.59 82.08
N ARG KA 186 3.45 -4.45 81.67
CA ARG KA 186 3.28 -4.01 80.30
C ARG KA 186 3.94 -4.98 79.32
N ARG KA 187 5.15 -5.44 79.65
CA ARG KA 187 5.84 -6.37 78.76
C ARG KA 187 5.12 -7.72 78.68
N ALA KA 188 4.34 -8.06 79.69
CA ALA KA 188 3.58 -9.31 79.71
C ALA KA 188 2.26 -9.20 78.96
N GLY KA 189 1.96 -8.05 78.35
CA GLY KA 189 0.75 -7.89 77.59
C GLY KA 189 -0.48 -7.48 78.36
N VAL KA 190 -0.35 -7.18 79.64
CA VAL KA 190 -1.52 -6.75 80.43
C VAL KA 190 -2.02 -5.42 79.88
N PRO KA 191 -3.32 -5.25 79.65
CA PRO KA 191 -3.81 -3.99 79.10
C PRO KA 191 -3.57 -2.82 80.03
N GLU KA 192 -3.38 -1.64 79.44
CA GLU KA 192 -3.01 -0.46 80.21
C GLU KA 192 -3.99 -0.11 81.34
N PRO KA 193 -5.32 -0.14 81.14
CA PRO KA 193 -6.21 0.19 82.26
C PRO KA 193 -6.01 -0.67 83.48
N GLU KA 194 -5.67 -1.95 83.31
CA GLU KA 194 -5.41 -2.78 84.49
C GLU KA 194 -4.12 -2.36 85.19
N ILE KA 195 -3.12 -1.92 84.44
CA ILE KA 195 -1.90 -1.40 85.06
C ILE KA 195 -2.23 -0.15 85.87
N ARG KA 196 -3.05 0.74 85.33
CA ARG KA 196 -3.45 1.92 86.07
C ARG KA 196 -4.24 1.56 87.31
N LYS KA 197 -5.10 0.54 87.21
CA LYS KA 197 -5.84 0.07 88.37
C LYS KA 197 -4.90 -0.43 89.45
N VAL KA 198 -3.87 -1.18 89.05
CA VAL KA 198 -2.88 -1.67 90.01
C VAL KA 198 -2.21 -0.50 90.73
N GLU KA 199 -1.73 0.48 89.95
CA GLU KA 199 -1.01 1.59 90.56
C GLU KA 199 -1.92 2.42 91.47
N ALA KA 200 -3.15 2.70 91.03
CA ALA KA 200 -4.07 3.48 91.84
C ALA KA 200 -4.40 2.76 93.15
N ALA KA 201 -4.60 1.44 93.09
CA ALA KA 201 -4.82 0.68 94.31
C ALA KA 201 -3.62 0.78 95.24
N ALA KA 202 -2.41 0.70 94.68
CA ALA KA 202 -1.21 0.82 95.51
C ALA KA 202 -1.12 2.18 96.18
N TYR KA 203 -1.42 3.25 95.45
CA TYR KA 203 -1.35 4.59 96.01
C TYR KA 203 -2.39 4.80 97.09
N ILE KA 204 -3.61 4.29 96.89
CA ILE KA 204 -4.65 4.45 97.91
C ILE KA 204 -4.29 3.64 99.15
N ARG KA 205 -3.70 2.46 98.97
CA ARG KA 205 -3.25 1.68 100.12
C ARG KA 205 -2.16 2.41 100.89
N LEU KA 206 -1.20 2.99 100.19
CA LEU KA 206 -0.13 3.75 100.84
C LEU KA 206 -0.68 4.98 101.56
N ALA KA 207 -1.62 5.68 100.93
CA ALA KA 207 -2.23 6.84 101.57
C ALA KA 207 -2.97 6.45 102.84
N ALA KA 208 -3.73 5.36 102.78
CA ALA KA 208 -4.45 4.88 103.97
C ALA KA 208 -3.47 4.47 105.07
N TYR KA 209 -2.38 3.79 104.69
CA TYR KA 209 -1.37 3.39 105.67
C TYR KA 209 -0.76 4.61 106.35
N LEU KA 210 -0.42 5.64 105.58
CA LEU KA 210 0.14 6.85 106.18
C LEU KA 210 -0.86 7.54 107.08
N LEU KA 211 -2.12 7.60 106.66
CA LEU KA 211 -3.14 8.29 107.45
C LEU KA 211 -3.40 7.57 108.77
N ARG KA 212 -3.27 6.25 108.79
CA ARG KA 212 -3.66 5.51 109.99
C ARG KA 212 -2.72 5.80 111.17
N GLN KA 213 -1.44 6.06 110.89
CA GLN KA 213 -0.48 6.25 111.97
C GLN KA 213 -0.82 7.47 112.82
N LEU KA 214 -1.27 8.54 112.19
CA LEU KA 214 -1.61 9.77 112.90
C LEU KA 214 -2.99 9.75 113.52
N GLY KA 215 -3.75 8.68 113.34
CA GLY KA 215 -5.02 8.57 114.02
C GLY KA 215 -6.18 9.13 113.25
N TYR KA 216 -6.22 8.89 111.95
CA TYR KA 216 -7.37 9.21 111.11
C TYR KA 216 -7.94 7.89 110.64
N GLU KA 217 -8.72 7.25 111.51
CA GLU KA 217 -9.23 5.92 111.22
C GLU KA 217 -10.37 5.96 110.21
N ALA KA 218 -11.32 6.88 110.41
CA ALA KA 218 -12.46 6.97 109.50
C ALA KA 218 -12.01 7.27 108.09
N LEU KA 219 -11.03 8.17 107.95
CA LEU KA 219 -10.47 8.49 106.64
C LEU KA 219 -9.90 7.25 105.97
N ALA KA 220 -9.15 6.45 106.74
CA ALA KA 220 -8.55 5.25 106.17
C ALA KA 220 -9.61 4.24 105.76
N LYS KA 221 -10.65 4.08 106.57
CA LYS KA 221 -11.73 3.16 106.20
C LYS KA 221 -12.42 3.59 104.93
N ARG KA 222 -12.69 4.89 104.78
CA ARG KA 222 -13.36 5.36 103.56
C ARG KA 222 -12.47 5.20 102.34
N LEU KA 223 -11.16 5.44 102.50
CA LEU KA 223 -10.26 5.23 101.37
C LEU KA 223 -10.21 3.77 100.97
N LEU KA 224 -10.22 2.87 101.95
CA LEU KA 224 -10.19 1.45 101.60
C LEU KA 224 -11.51 0.99 101.02
N GLU KA 225 -12.64 1.59 101.41
CA GLU KA 225 -13.90 1.31 100.73
C GLU KA 225 -13.84 1.73 99.28
N ALA KA 226 -13.29 2.91 99.00
CA ALA KA 226 -13.13 3.35 97.62
C ALA KA 226 -12.23 2.39 96.85
N ARG KA 227 -11.16 1.92 97.47
CA ARG KA 227 -10.28 0.96 96.80
C ARG KA 227 -11.02 -0.34 96.49
N GLU KA 228 -11.82 -0.83 97.44
CA GLU KA 228 -12.59 -2.05 97.22
C GLU KA 228 -13.55 -1.90 96.06
N LEU KA 229 -14.25 -0.76 95.99
CA LEU KA 229 -15.10 -0.52 94.83
C LEU KA 229 -14.29 -0.45 93.56
N LEU KA 230 -13.07 0.09 93.62
CA LEU KA 230 -12.26 0.22 92.41
C LEU KA 230 -11.82 -1.14 91.88
N LEU KA 231 -11.39 -2.04 92.77
CA LEU KA 231 -10.88 -3.33 92.32
C LEU KA 231 -11.98 -4.23 91.75
N GLU KA 232 -13.25 -3.93 92.05
CA GLU KA 232 -14.38 -4.71 91.55
C GLU KA 232 -14.83 -4.26 90.17
N GLY KA 233 -14.19 -3.26 89.59
CA GLY KA 233 -14.59 -2.75 88.30
C GLY KA 233 -15.55 -1.57 88.34
N ARG KA 234 -16.13 -1.28 89.50
CA ARG KA 234 -17.01 -0.12 89.66
C ARG KA 234 -16.16 1.13 89.75
N VAL KA 235 -15.72 1.62 88.60
CA VAL KA 235 -14.84 2.78 88.57
C VAL KA 235 -15.58 4.04 88.97
N GLU KA 236 -16.84 4.18 88.54
CA GLU KA 236 -17.56 5.43 88.75
C GLU KA 236 -17.86 5.67 90.23
N GLU KA 237 -18.33 4.64 90.92
CA GLU KA 237 -18.56 4.77 92.36
C GLU KA 237 -17.24 4.97 93.10
N ALA KA 238 -16.17 4.33 92.63
CA ALA KA 238 -14.85 4.55 93.23
C ALA KA 238 -14.43 6.01 93.12
N ALA KA 239 -14.57 6.59 91.93
CA ALA KA 239 -14.17 7.98 91.74
C ALA KA 239 -15.05 8.93 92.53
N HIS KA 240 -16.36 8.69 92.60
CA HIS KA 240 -17.23 9.58 93.36
C HIS KA 240 -16.90 9.53 94.86
N LEU KA 241 -16.75 8.32 95.41
CA LEU KA 241 -16.45 8.21 96.83
C LEU KA 241 -15.06 8.73 97.14
N LEU KA 242 -14.10 8.53 96.23
CA LEU KA 242 -12.76 9.07 96.40
C LEU KA 242 -12.78 10.59 96.41
N GLU KA 243 -13.53 11.21 95.50
CA GLU KA 243 -13.56 12.66 95.47
C GLU KA 243 -14.24 13.23 96.72
N ASP KA 244 -15.27 12.56 97.24
CA ASP KA 244 -15.88 13.05 98.47
C ASP KA 244 -14.89 13.00 99.63
N VAL KA 245 -14.21 11.86 99.80
CA VAL KA 245 -13.29 11.76 100.93
C VAL KA 245 -12.10 12.70 100.75
N TYR KA 246 -11.63 12.89 99.51
CA TYR KA 246 -10.53 13.82 99.27
C TYR KA 246 -10.95 15.24 99.60
N ALA KA 247 -12.18 15.62 99.25
CA ALA KA 247 -12.65 16.96 99.58
C ALA KA 247 -12.67 17.19 101.07
N LEU KA 248 -13.19 16.22 101.84
CA LEU KA 248 -13.21 16.41 103.29
C LEU KA 248 -11.79 16.48 103.87
N PHE KA 249 -10.91 15.60 103.39
CA PHE KA 249 -9.53 15.61 103.84
C PHE KA 249 -8.83 16.93 103.51
N HIS KA 250 -9.07 17.46 102.32
CA HIS KA 250 -8.36 18.64 101.87
C HIS KA 250 -8.85 19.86 102.63
N ARG KA 251 -10.15 19.91 102.94
CA ARG KA 251 -10.63 20.95 103.85
C ARG KA 251 -9.95 20.85 105.20
N GLU KA 252 -9.75 19.62 105.69
CA GLU KA 252 -9.04 19.46 106.96
C GLU KA 252 -7.60 19.96 106.86
N ILE KA 253 -6.94 19.73 105.73
CA ILE KA 253 -5.58 20.22 105.53
C ILE KA 253 -5.56 21.75 105.55
N GLU KA 254 -6.46 22.37 104.77
CA GLU KA 254 -6.50 23.82 104.72
C GLU KA 254 -6.92 24.44 106.05
N ARG KA 255 -7.55 23.66 106.93
CA ARG KA 255 -7.87 24.17 108.26
C ARG KA 255 -6.60 24.52 109.03
N LEU KA 256 -5.57 23.70 108.90
CA LEU KA 256 -4.35 23.88 109.66
C LEU KA 256 -3.42 24.93 109.07
N GLY KA 257 -3.78 25.52 107.93
CA GLY KA 257 -3.03 26.66 107.41
C GLY KA 257 -1.64 26.28 106.96
N PHE KA 258 -0.65 27.05 107.40
CA PHE KA 258 0.76 26.80 107.10
C PHE KA 258 1.41 25.98 108.21
N GLU KA 259 0.81 24.82 108.48
CA GLU KA 259 1.32 23.86 109.45
C GLU KA 259 0.55 22.56 109.28
N ALA KA 260 1.28 21.44 109.26
CA ALA KA 260 0.71 20.10 109.20
C ALA KA 260 1.81 19.06 109.33
N PRO KA 261 1.56 17.94 110.00
CA PRO KA 261 2.55 16.86 110.02
C PRO KA 261 2.88 16.41 108.61
N GLU KA 262 4.13 15.99 108.42
CA GLU KA 262 4.62 15.73 107.07
C GLU KA 262 3.86 14.59 106.39
N GLU KA 263 3.34 13.62 107.15
CA GLU KA 263 2.61 12.54 106.52
C GLU KA 263 1.32 13.03 105.87
N LEU KA 264 0.68 14.06 106.44
CA LEU KA 264 -0.44 14.70 105.74
C LEU KA 264 0.01 15.27 104.40
N ARG KA 265 1.17 15.93 104.39
CA ARG KA 265 1.66 16.53 103.16
C ARG KA 265 1.97 15.48 102.10
N VAL KA 266 2.50 14.33 102.52
CA VAL KA 266 2.79 13.27 101.56
C VAL KA 266 1.49 12.62 101.07
N ALA KA 267 0.56 12.35 102.00
CA ALA KA 267 -0.69 11.70 101.63
C ALA KA 267 -1.52 12.57 100.70
N ASP KA 268 -1.41 13.89 100.81
CA ASP KA 268 -2.16 14.76 99.91
C ASP KA 268 -1.71 14.54 98.47
N LEU KA 269 -0.40 14.45 98.25
CA LEU KA 269 0.11 14.19 96.91
C LEU KA 269 -0.24 12.78 96.45
N LEU KA 270 -0.17 11.81 97.36
CA LEU KA 270 -0.54 10.43 97.01
C LEU KA 270 -1.99 10.35 96.55
N LEU KA 271 -2.90 10.97 97.31
CA LEU KA 271 -4.31 10.97 96.95
C LEU KA 271 -4.56 11.70 95.65
N ALA KA 272 -3.86 12.81 95.41
CA ALA KA 272 -4.02 13.50 94.14
C ALA KA 272 -3.61 12.62 92.98
N ARG KA 273 -2.48 11.91 93.10
CA ARG KA 273 -2.06 11.02 92.03
C ARG KA 273 -3.02 9.85 91.84
N ALA KA 274 -3.54 9.30 92.94
CA ALA KA 274 -4.52 8.22 92.85
C ALA KA 274 -5.75 8.67 92.09
N ILE KA 275 -6.25 9.87 92.39
CA ILE KA 275 -7.41 10.40 91.70
C ILE KA 275 -7.11 10.63 90.23
N ALA KA 276 -5.92 11.15 89.92
CA ALA KA 276 -5.55 11.36 88.52
C ALA KA 276 -5.53 10.04 87.75
N LEU KA 277 -4.95 9.01 88.36
CA LEU KA 277 -4.88 7.70 87.69
C LEU KA 277 -6.27 7.12 87.48
N ILE KA 278 -7.14 7.20 88.49
CA ILE KA 278 -8.49 6.67 88.34
C ILE KA 278 -9.23 7.41 87.23
N LYS KA 279 -9.09 8.73 87.18
CA LYS KA 279 -9.72 9.51 86.12
C LYS KA 279 -9.17 9.14 84.75
N ALA KA 280 -7.89 8.74 84.68
CA ALA KA 280 -7.28 8.40 83.41
C ALA KA 280 -7.58 6.98 82.96
N ILE KA 281 -8.18 6.15 83.79
CA ILE KA 281 -8.55 4.78 83.41
C ILE KA 281 -9.45 4.82 82.18
N THR LA 24 30.58 54.10 98.88
CA THR LA 24 30.95 52.71 98.66
C THR LA 24 30.14 52.10 97.53
N VAL LA 25 29.11 52.84 97.09
CA VAL LA 25 28.21 52.33 96.05
C VAL LA 25 28.96 52.10 94.75
N VAL LA 26 29.81 53.05 94.37
CA VAL LA 26 30.62 52.89 93.16
C VAL LA 26 31.58 51.72 93.31
N GLU LA 27 32.18 51.56 94.50
CA GLU LA 27 33.02 50.41 94.75
C GLU LA 27 32.21 49.12 94.68
N GLU LA 28 30.97 49.15 95.17
CA GLU LA 28 30.12 47.95 95.09
C GLU LA 28 29.82 47.59 93.65
N VAL LA 29 29.54 48.58 92.80
CA VAL LA 29 29.29 48.32 91.39
C VAL LA 29 30.52 47.76 90.72
N ARG LA 30 31.70 48.35 91.01
CA ARG LA 30 32.93 47.82 90.44
C ARG LA 30 33.17 46.39 90.88
N ARG LA 31 32.99 46.10 92.17
CA ARG LA 31 33.18 44.75 92.68
C ARG LA 31 32.23 43.77 92.03
N PHE LA 32 30.96 44.17 91.88
CA PHE LA 32 29.97 43.30 91.24
C PHE LA 32 30.38 42.98 89.81
N ALA LA 33 30.78 43.99 89.05
CA ALA LA 33 31.15 43.76 87.66
C ALA LA 33 32.38 42.88 87.54
N GLU LA 34 33.41 43.16 88.35
CA GLU LA 34 34.64 42.37 88.26
C GLU LA 34 34.43 40.94 88.71
N GLU LA 35 33.65 40.73 89.77
CA GLU LA 35 33.37 39.37 90.20
C GLU LA 35 32.61 38.59 89.14
N LEU LA 36 31.62 39.23 88.50
CA LEU LA 36 30.91 38.55 87.43
C LEU LA 36 31.84 38.21 86.27
N ALA LA 37 32.74 39.14 85.92
CA ALA LA 37 33.68 38.88 84.82
C ALA LA 37 34.64 37.75 85.16
N GLU LA 38 35.14 37.71 86.40
CA GLU LA 38 36.00 36.62 86.82
C GLU LA 38 35.27 35.29 86.76
N GLU LA 39 34.00 35.26 87.17
CA GLU LA 39 33.23 34.03 87.09
C GLU LA 39 33.05 33.60 85.64
N VAL LA 40 32.81 34.55 84.73
CA VAL LA 40 32.72 34.21 83.32
C VAL LA 40 34.01 33.56 82.85
N LEU LA 41 35.15 34.13 83.22
CA LEU LA 41 36.43 33.61 82.77
C LEU LA 41 36.73 32.24 83.38
N ARG LA 42 36.34 32.03 84.64
CA ARG LA 42 36.56 30.73 85.27
C ARG LA 42 35.70 29.66 84.62
N VAL LA 43 34.42 29.94 84.41
CA VAL LA 43 33.53 28.92 83.88
C VAL LA 43 33.87 28.61 82.42
N GLY LA 44 34.09 29.65 81.61
CA GLY LA 44 34.32 29.47 80.19
C GLY LA 44 35.75 29.56 79.73
N GLY LA 45 36.68 29.94 80.60
CA GLY LA 45 38.06 30.01 80.17
C GLY LA 45 38.31 31.16 79.20
N GLU LA 46 39.28 30.92 78.32
CA GLU LA 46 39.61 31.87 77.27
C GLU LA 46 38.72 31.73 76.05
N ALA LA 47 37.78 30.78 76.06
CA ALA LA 47 36.88 30.63 74.93
C ALA LA 47 36.02 31.87 74.75
N MET LA 48 35.52 32.43 75.85
CA MET LA 48 34.72 33.67 75.83
C MET LA 48 35.45 34.70 76.69
N ARG LA 49 36.42 35.38 76.07
CA ARG LA 49 37.06 36.58 76.59
C ARG LA 49 36.24 37.83 76.27
N PRO LA 50 35.61 37.93 75.09
CA PRO LA 50 34.78 39.13 74.83
C PRO LA 50 33.76 39.44 75.92
N TYR LA 51 33.13 38.41 76.50
CA TYR LA 51 32.08 38.67 77.49
C TYR LA 51 32.66 39.26 78.77
N ALA LA 52 33.88 38.86 79.14
CA ALA LA 52 34.53 39.50 80.27
C ALA LA 52 34.78 40.97 80.00
N GLU LA 53 35.16 41.30 78.76
CA GLU LA 53 35.35 42.71 78.40
C GLU LA 53 34.03 43.47 78.44
N MET LA 54 32.96 42.88 77.93
CA MET LA 54 31.66 43.54 77.98
C MET LA 54 31.24 43.81 79.42
N VAL LA 55 31.39 42.81 80.28
CA VAL LA 55 31.00 42.99 81.68
C VAL LA 55 31.84 44.08 82.32
N ARG LA 56 33.16 44.07 82.08
CA ARG LA 56 34.02 45.06 82.71
C ARG LA 56 33.73 46.47 82.22
N HIS LA 57 33.52 46.65 80.91
CA HIS LA 57 33.19 47.97 80.39
C HIS LA 57 31.83 48.45 80.86
N LEU LA 58 30.83 47.57 80.96
CA LEU LA 58 29.54 48.00 81.50
C LEU LA 58 29.67 48.38 82.96
N GLY LA 59 30.54 47.71 83.71
CA GLY LA 59 30.85 48.16 85.06
C GLY LA 59 31.43 49.56 85.08
N GLU LA 60 32.39 49.83 84.18
CA GLU LA 60 32.98 51.17 84.12
C GLU LA 60 31.94 52.21 83.72
N ALA LA 61 31.06 51.89 82.76
CA ALA LA 61 30.03 52.83 82.36
C ALA LA 61 29.08 53.14 83.51
N ALA LA 62 28.68 52.11 84.27
CA ALA LA 62 27.80 52.33 85.40
C ALA LA 62 28.46 53.21 86.46
N VAL LA 63 29.73 52.95 86.77
CA VAL LA 63 30.36 53.77 87.80
C VAL LA 63 30.61 55.19 87.29
N ALA LA 64 30.85 55.34 85.99
CA ALA LA 64 30.93 56.68 85.41
C ALA LA 64 29.61 57.42 85.61
N ALA LA 65 28.49 56.75 85.34
CA ALA LA 65 27.19 57.39 85.54
C ALA LA 65 26.97 57.76 87.00
N LEU LA 66 27.34 56.88 87.92
CA LEU LA 66 27.23 57.22 89.34
C LEU LA 66 28.18 58.32 89.78
N GLU LA 67 29.25 58.58 89.04
CA GLU LA 67 30.22 59.59 89.45
C GLU LA 67 30.22 60.79 88.52
N GLY LA 68 29.04 61.29 88.17
CA GLY LA 68 28.93 62.37 87.23
C GLY LA 68 28.80 61.84 85.82
N ARG LA 69 29.22 62.67 84.86
CA ARG LA 69 29.39 62.28 83.46
C ARG LA 69 28.07 61.91 82.78
N ALA LA 70 28.02 62.14 81.46
CA ALA LA 70 26.95 61.62 80.62
C ALA LA 70 27.43 61.15 79.26
N GLU LA 71 28.63 61.54 78.84
CA GLU LA 71 29.18 61.24 77.53
C GLU LA 71 30.06 59.99 77.55
N GLU LA 72 30.84 59.81 78.63
CA GLU LA 72 31.62 58.59 78.76
C GLU LA 72 30.72 57.37 78.84
N ALA LA 73 29.60 57.49 79.55
CA ALA LA 73 28.64 56.39 79.61
C ALA LA 73 28.12 56.06 78.22
N ASP LA 74 27.77 57.08 77.44
CA ASP LA 74 27.32 56.86 76.07
C ASP LA 74 28.37 56.15 75.24
N ARG LA 75 29.63 56.62 75.32
CA ARG LA 75 30.68 56.03 74.52
C ARG LA 75 30.93 54.58 74.90
N LEU LA 76 31.00 54.30 76.21
CA LEU LA 76 31.25 52.93 76.63
C LEU LA 76 30.12 52.01 76.22
N VAL LA 77 28.87 52.46 76.37
CA VAL LA 77 27.73 51.62 75.98
C VAL LA 77 27.76 51.37 74.48
N ARG LA 78 28.17 52.37 73.69
CA ARG LA 78 28.29 52.16 72.25
C ARG LA 78 29.41 51.16 71.92
N ASP LA 79 30.51 51.22 72.65
CA ASP LA 79 31.59 50.27 72.45
C ASP LA 79 31.13 48.84 72.75
N VAL LA 80 30.44 48.65 73.88
CA VAL LA 80 29.92 47.34 74.21
C VAL LA 80 28.87 46.89 73.20
N LEU LA 81 28.10 47.84 72.67
CA LEU LA 81 27.16 47.49 71.61
C LEU LA 81 27.89 46.97 70.39
N GLU LA 82 29.01 47.60 70.03
CA GLU LA 82 29.80 47.11 68.90
C GLU LA 82 30.35 45.71 69.16
N MET LA 83 30.84 45.47 70.38
CA MET LA 83 31.33 44.12 70.71
C MET LA 83 30.21 43.09 70.60
N ALA LA 84 29.02 43.43 71.11
CA ALA LA 84 27.89 42.52 71.00
C ALA LA 84 27.54 42.27 69.55
N ARG LA 85 27.64 43.30 68.70
CA ARG LA 85 27.36 43.12 67.28
C ARG LA 85 28.34 42.15 66.65
N GLU LA 86 29.64 42.28 66.96
CA GLU LA 86 30.62 41.44 66.27
C GLU LA 86 30.60 40.01 66.79
N VAL LA 87 30.42 39.82 68.10
CA VAL LA 87 30.44 38.47 68.66
C VAL LA 87 29.29 37.64 68.10
N GLY LA 88 28.09 38.23 68.04
CA GLY LA 88 26.91 37.52 67.59
C GLY LA 88 25.76 37.55 68.57
N ALA LA 89 25.89 38.22 69.70
CA ALA LA 89 24.80 38.30 70.67
C ALA LA 89 23.72 39.23 70.14
N GLU LA 90 22.53 38.67 69.91
CA GLU LA 90 21.43 39.46 69.36
C GLU LA 90 20.62 40.14 70.48
N GLY LA 91 20.08 39.34 71.39
CA GLY LA 91 19.28 39.91 72.48
C GLY LA 91 20.08 40.88 73.32
N LEU LA 92 21.35 40.56 73.56
CA LEU LA 92 22.21 41.48 74.30
C LEU LA 92 22.39 42.79 73.54
N ALA LA 93 22.54 42.72 72.23
CA ALA LA 93 22.69 43.94 71.43
C ALA LA 93 21.42 44.79 71.50
N ARG LA 94 20.25 44.15 71.39
CA ARG LA 94 19.01 44.90 71.48
C ARG LA 94 18.88 45.58 72.83
N LEU LA 95 19.15 44.84 73.91
CA LEU LA 95 19.06 45.45 75.23
C LEU LA 95 20.07 46.57 75.38
N LEU LA 96 21.21 46.46 74.70
CA LEU LA 96 22.23 47.51 74.80
C LEU LA 96 21.80 48.78 74.09
N GLU LA 97 21.16 48.66 72.92
CA GLU LA 97 20.58 49.84 72.30
C GLU LA 97 19.53 50.48 73.21
N ARG LA 98 18.67 49.66 73.80
CA ARG LA 98 17.62 50.19 74.67
C ARG LA 98 18.21 50.91 75.88
N VAL LA 99 19.21 50.32 76.53
CA VAL LA 99 19.80 50.98 77.69
C VAL LA 99 20.50 52.25 77.26
N HIS LA 100 21.08 52.27 76.06
CA HIS LA 100 21.71 53.48 75.55
C HIS LA 100 20.71 54.63 75.49
N ARG LA 101 19.57 54.41 74.81
CA ARG LA 101 18.59 55.48 74.65
C ARG LA 101 18.01 55.91 76.00
N GLU LA 102 17.58 54.95 76.82
CA GLU LA 102 17.00 55.32 78.11
C GLU LA 102 18.01 56.00 79.02
N ALA LA 103 19.27 55.58 78.99
CA ALA LA 103 20.29 56.26 79.78
C ALA LA 103 20.45 57.69 79.35
N ARG LA 104 20.43 57.93 78.03
CA ARG LA 104 20.47 59.32 77.55
C ARG LA 104 19.31 60.12 78.09
N GLU LA 105 18.08 59.58 78.00
CA GLU LA 105 16.91 60.33 78.45
C GLU LA 105 16.99 60.64 79.95
N LEU LA 106 17.32 59.64 80.76
CA LEU LA 106 17.32 59.85 82.20
C LEU LA 106 18.48 60.76 82.62
N LEU LA 107 19.62 60.67 81.95
CA LEU LA 107 20.72 61.56 82.28
C LEU LA 107 20.39 62.99 81.88
N ARG LA 108 19.64 63.18 80.79
CA ARG LA 108 19.14 64.52 80.47
C ARG LA 108 18.21 65.01 81.55
N GLU LA 109 17.34 64.14 82.05
CA GLU LA 109 16.43 64.51 83.15
C GLU LA 109 17.16 64.67 84.47
N GLY LA 110 18.43 64.30 84.56
CA GLY LA 110 19.21 64.51 85.77
C GLY LA 110 19.19 63.37 86.77
N ARG LA 111 18.43 62.31 86.51
CA ARG LA 111 18.36 61.16 87.41
C ARG LA 111 19.50 60.21 87.07
N ARG LA 112 20.29 59.82 88.08
CA ARG LA 112 21.49 59.03 87.86
C ARG LA 112 21.35 57.58 88.28
N GLU LA 113 20.59 57.30 89.34
CA GLU LA 113 20.53 55.94 89.87
C GLU LA 113 19.89 54.99 88.86
N GLU LA 114 18.84 55.41 88.18
CA GLU LA 114 18.14 54.52 87.26
C GLU LA 114 18.95 54.20 86.01
N ALA LA 115 19.73 55.16 85.51
CA ALA LA 115 20.58 54.88 84.36
C ALA LA 115 21.64 53.84 84.70
N ALA LA 116 22.30 54.00 85.86
CA ALA LA 116 23.22 52.98 86.31
C ALA LA 116 22.52 51.66 86.58
N ALA LA 117 21.26 51.70 87.00
CA ALA LA 117 20.51 50.48 87.20
C ALA LA 117 20.32 49.73 85.89
N LEU LA 118 19.98 50.45 84.82
CA LEU LA 118 19.89 49.80 83.50
C LEU LA 118 21.23 49.25 83.07
N VAL LA 119 22.31 50.00 83.32
CA VAL LA 119 23.64 49.52 82.92
C VAL LA 119 24.01 48.25 83.69
N LEU LA 120 23.73 48.22 85.00
CA LEU LA 120 24.04 47.04 85.80
C LEU LA 120 23.22 45.84 85.35
N ALA LA 121 21.95 46.06 85.02
CA ALA LA 121 21.13 44.97 84.48
C ALA LA 121 21.72 44.46 83.18
N ALA LA 122 22.24 45.36 82.33
CA ALA LA 122 22.86 44.92 81.09
C ALA LA 122 24.12 44.10 81.34
N ALA LA 123 24.94 44.54 82.29
CA ALA LA 123 26.15 43.78 82.62
C ALA LA 123 25.81 42.40 83.14
N LEU LA 124 24.81 42.30 84.02
CA LEU LA 124 24.38 41.00 84.51
C LEU LA 124 23.84 40.13 83.39
N ALA LA 125 23.09 40.72 82.47
CA ALA LA 125 22.59 39.94 81.34
C ALA LA 125 23.74 39.38 80.52
N ALA LA 126 24.77 40.19 80.26
CA ALA LA 126 25.92 39.72 79.49
C ALA LA 126 26.66 38.59 80.19
N GLY LA 127 26.97 38.79 81.48
CA GLY LA 127 27.68 37.76 82.22
C GLY LA 127 26.90 36.47 82.34
N ALA LA 128 25.62 36.57 82.68
CA ALA LA 128 24.79 35.39 82.83
C ALA LA 128 24.58 34.68 81.51
N VAL LA 129 24.48 35.43 80.40
CA VAL LA 129 24.39 34.81 79.09
C VAL LA 129 25.64 34.00 78.79
N ALA LA 130 26.81 34.58 79.07
CA ALA LA 130 28.06 33.87 78.82
C ALA LA 130 28.14 32.60 79.66
N VAL LA 131 27.87 32.70 80.95
CA VAL LA 131 27.97 31.53 81.82
C VAL LA 131 26.95 30.47 81.41
N ALA LA 132 25.74 30.88 81.01
CA ALA LA 132 24.74 29.92 80.59
C ALA LA 132 25.17 29.19 79.33
N GLU LA 133 25.75 29.90 78.35
CA GLU LA 133 26.22 29.21 77.16
C GLU LA 133 27.37 28.26 77.49
N ALA LA 134 28.22 28.65 78.45
CA ALA LA 134 29.28 27.74 78.87
C ALA LA 134 28.70 26.46 79.47
N TYR LA 135 27.69 26.60 80.33
CA TYR LA 135 27.05 25.43 80.93
C TYR LA 135 26.40 24.55 79.88
N VAL LA 136 25.76 25.17 78.88
CA VAL LA 136 25.10 24.39 77.84
C VAL LA 136 26.11 23.65 76.97
N ARG LA 137 27.26 24.29 76.69
CA ARG LA 137 28.25 23.68 75.81
C ARG LA 137 28.80 22.39 76.41
N LEU LA 138 29.15 22.40 77.69
CA LEU LA 138 29.70 21.22 78.34
C LEU LA 138 28.63 20.37 79.02
N GLY LA 139 27.36 20.59 78.71
CA GLY LA 139 26.28 19.69 79.07
C GLY LA 139 26.00 19.49 80.55
N GLN LA 140 26.03 20.54 81.35
CA GLN LA 140 25.66 20.42 82.74
C GLN LA 140 24.15 20.45 82.90
N PRO LA 141 23.62 19.93 84.01
CA PRO LA 141 22.17 19.83 84.17
C PRO LA 141 21.52 21.20 84.29
N ILE LA 142 20.21 21.22 83.99
CA ILE LA 142 19.44 22.46 83.98
C ILE LA 142 19.20 23.01 85.38
N ARG LA 143 19.17 22.17 86.41
CA ARG LA 143 19.07 22.67 87.77
C ARG LA 143 20.15 23.70 88.06
N LEU LA 144 21.36 23.47 87.54
CA LEU LA 144 22.47 24.38 87.80
C LEU LA 144 22.23 25.74 87.16
N ILE LA 145 21.77 25.76 85.91
CA ILE LA 145 21.46 27.03 85.25
C ILE LA 145 20.37 27.76 86.02
N ALA LA 146 19.30 27.06 86.39
CA ALA LA 146 18.19 27.71 87.06
C ALA LA 146 18.61 28.30 88.40
N GLU LA 147 19.33 27.52 89.20
CA GLU LA 147 19.76 28.02 90.51
C GLU LA 147 20.73 29.18 90.39
N TYR LA 148 21.66 29.08 89.42
CA TYR LA 148 22.61 30.17 89.20
C TYR LA 148 21.89 31.46 88.85
N VAL LA 149 21.00 31.41 87.86
CA VAL LA 149 20.32 32.61 87.41
C VAL LA 149 19.46 33.19 88.53
N ALA LA 150 18.72 32.35 89.25
CA ALA LA 150 17.86 32.85 90.31
C ALA LA 150 18.67 33.54 91.40
N GLU LA 151 19.81 32.95 91.78
CA GLU LA 151 20.60 33.57 92.84
C GLU LA 151 21.22 34.88 92.37
N ARG LA 152 21.66 34.94 91.11
CA ARG LA 152 22.19 36.20 90.60
C ARG LA 152 21.12 37.28 90.56
N LEU LA 153 19.89 36.92 90.17
CA LEU LA 153 18.81 37.90 90.15
C LEU LA 153 18.53 38.42 91.56
N VAL LA 154 18.55 37.53 92.56
CA VAL LA 154 18.31 38.00 93.92
C VAL LA 154 19.41 38.95 94.38
N GLU LA 155 20.67 38.62 94.04
CA GLU LA 155 21.77 39.52 94.41
C GLU LA 155 21.64 40.88 93.75
N LEU LA 156 21.30 40.91 92.46
CA LEU LA 156 21.09 42.18 91.77
C LEU LA 156 19.95 42.96 92.38
N ALA LA 157 18.86 42.28 92.74
CA ALA LA 157 17.74 42.96 93.37
C ALA LA 157 18.15 43.58 94.69
N GLU LA 158 18.97 42.88 95.47
CA GLU LA 158 19.46 43.47 96.71
C GLU LA 158 20.31 44.70 96.43
N LEU LA 159 21.16 44.63 95.41
CA LEU LA 159 21.99 45.78 95.07
C LEU LA 159 21.15 46.98 94.67
N LEU LA 160 20.17 46.76 93.77
CA LEU LA 160 19.32 47.87 93.33
C LEU LA 160 18.50 48.43 94.46
N ARG LA 161 18.07 47.59 95.40
CA ARG LA 161 17.41 48.10 96.60
C ARG LA 161 18.36 48.96 97.41
N ARG LA 162 19.64 48.60 97.45
CA ARG LA 162 20.60 49.44 98.17
C ARG LA 162 20.78 50.79 97.48
N LEU LA 163 20.82 50.82 96.14
CA LEU LA 163 20.98 52.08 95.42
C LEU LA 163 19.81 53.01 95.66
N GLY LA 164 18.59 52.53 95.44
CA GLY LA 164 17.42 53.36 95.64
C GLY LA 164 16.37 53.29 94.54
N VAL LA 165 16.57 52.41 93.56
CA VAL LA 165 15.60 52.28 92.48
C VAL LA 165 14.27 51.81 93.03
N PRO LA 166 13.13 52.32 92.55
CA PRO LA 166 11.83 51.82 93.02
C PRO LA 166 11.60 50.37 92.60
N LEU LA 167 10.78 49.70 93.42
CA LEU LA 167 10.66 48.25 93.34
C LEU LA 167 10.12 47.77 92.00
N ARG LA 168 9.08 48.43 91.48
CA ARG LA 168 8.49 47.97 90.24
C ARG LA 168 9.49 48.05 89.09
N ARG LA 169 10.32 49.09 89.09
CA ARG LA 169 11.40 49.16 88.13
C ARG LA 169 12.39 48.01 88.31
N ILE LA 170 12.66 47.65 89.56
CA ILE LA 170 13.54 46.51 89.84
C ILE LA 170 12.99 45.27 89.15
N ILE LA 171 11.70 44.99 89.36
CA ILE LA 171 11.12 43.78 88.81
C ILE LA 171 11.11 43.83 87.29
N ARG LA 172 10.89 45.02 86.71
CA ARG LA 172 10.93 45.14 85.26
C ARG LA 172 12.32 44.85 84.70
N LEU LA 173 13.37 45.37 85.36
CA LEU LA 173 14.73 45.09 84.91
C LEU LA 173 15.06 43.61 85.04
N LEU LA 174 14.64 42.99 86.15
CA LEU LA 174 14.91 41.57 86.35
C LEU LA 174 14.24 40.73 85.27
N GLU LA 175 13.01 41.10 84.89
CA GLU LA 175 12.35 40.39 83.80
C GLU LA 175 13.04 40.61 82.47
N GLU LA 176 13.61 41.80 82.23
CA GLU LA 176 14.37 42.00 81.00
C GLU LA 176 15.60 41.09 80.99
N VAL LA 177 16.31 41.00 82.12
CA VAL LA 177 17.46 40.11 82.22
C VAL LA 177 17.04 38.67 81.92
N LEU LA 178 15.93 38.24 82.51
CA LEU LA 178 15.44 36.88 82.29
C LEU LA 178 15.10 36.65 80.83
N ARG LA 179 14.52 37.65 80.17
CA ARG LA 179 14.18 37.51 78.76
C ARG LA 179 15.42 37.32 77.91
N VAL LA 180 16.47 38.10 78.20
CA VAL LA 180 17.72 37.94 77.45
C VAL LA 180 18.31 36.56 77.68
N VAL LA 181 18.31 36.11 78.94
CA VAL LA 181 18.86 34.79 79.25
C VAL LA 181 18.08 33.69 78.53
N ALA LA 182 16.75 33.80 78.51
CA ALA LA 182 15.95 32.80 77.81
C ALA LA 182 16.23 32.82 76.32
N GLU LA 183 16.42 34.00 75.73
CA GLU LA 183 16.77 34.07 74.31
C GLU LA 183 18.11 33.39 74.05
N ALA LA 184 19.09 33.64 74.92
CA ALA LA 184 20.41 33.02 74.76
C ALA LA 184 20.29 31.51 74.83
N LEU LA 185 19.54 30.99 75.81
CA LEU LA 185 19.38 29.55 75.93
C LEU LA 185 18.63 28.98 74.73
N ARG LA 186 17.70 29.74 74.14
CA ARG LA 186 17.03 29.28 72.94
C ARG LA 186 18.02 29.17 71.78
N ARG LA 187 18.91 30.15 71.63
CA ARG LA 187 19.89 30.09 70.55
C ARG LA 187 20.86 28.93 70.72
N ALA LA 188 21.09 28.49 71.96
CA ALA LA 188 22.01 27.39 72.23
C ALA LA 188 21.36 26.02 72.08
N GLY LA 189 20.11 25.97 71.64
CA GLY LA 189 19.44 24.71 71.39
C GLY LA 189 18.76 24.07 72.57
N VAL LA 190 18.71 24.74 73.72
CA VAL LA 190 18.04 24.16 74.89
C VAL LA 190 16.55 24.03 74.59
N PRO LA 191 15.92 22.88 74.88
CA PRO LA 191 14.50 22.72 74.56
C PRO LA 191 13.64 23.68 75.37
N GLU LA 192 12.49 24.04 74.77
CA GLU LA 192 11.63 25.07 75.37
C GLU LA 192 11.16 24.75 76.78
N PRO LA 193 10.69 23.54 77.10
CA PRO LA 193 10.24 23.27 78.48
C PRO LA 193 11.31 23.55 79.52
N GLU LA 194 12.58 23.29 79.23
CA GLU LA 194 13.63 23.61 80.18
C GLU LA 194 13.76 25.12 80.36
N ILE LA 195 13.59 25.89 79.29
CA ILE LA 195 13.61 27.34 79.42
C ILE LA 195 12.47 27.83 80.31
N ARG LA 196 11.28 27.27 80.12
CA ARG LA 196 10.15 27.64 80.96
C ARG LA 196 10.41 27.27 82.41
N LYS LA 197 11.03 26.12 82.65
CA LYS LA 197 11.35 25.72 84.01
C LYS LA 197 12.35 26.68 84.64
N VAL LA 198 13.33 27.14 83.86
CA VAL LA 198 14.29 28.13 84.35
C VAL LA 198 13.56 29.39 84.77
N GLU LA 199 12.69 29.89 83.89
CA GLU LA 199 11.98 31.14 84.18
C GLU LA 199 11.09 30.99 85.41
N ALA LA 200 10.34 29.89 85.49
CA ALA LA 200 9.44 29.68 86.61
C ALA LA 200 10.19 29.58 87.93
N ALA LA 201 11.34 28.90 87.93
CA ALA LA 201 12.16 28.84 89.13
C ALA LA 201 12.62 30.24 89.53
N ALA LA 202 13.01 31.06 88.54
CA ALA LA 202 13.41 32.43 88.84
C ALA LA 202 12.28 33.22 89.48
N TYR LA 203 11.06 33.08 88.93
CA TYR LA 203 9.92 33.84 89.45
C TYR LA 203 9.54 33.38 90.85
N ILE LA 204 9.58 32.07 91.10
CA ILE LA 204 9.26 31.57 92.43
C ILE LA 204 10.30 32.01 93.45
N ARG LA 205 11.58 32.04 93.05
CA ARG LA 205 12.61 32.54 93.95
C ARG LA 205 12.40 34.01 94.26
N LEU LA 206 12.09 34.82 93.23
CA LEU LA 206 11.83 36.24 93.45
C LEU LA 206 10.62 36.46 94.35
N ALA LA 207 9.54 35.72 94.12
CA ALA LA 207 8.35 35.85 94.96
C ALA LA 207 8.65 35.49 96.40
N ALA LA 208 9.42 34.41 96.62
CA ALA LA 208 9.79 34.03 97.98
C ALA LA 208 10.65 35.12 98.63
N TYR LA 209 11.58 35.68 97.87
CA TYR LA 209 12.43 36.75 98.38
C TYR LA 209 11.61 37.96 98.80
N LEU LA 210 10.63 38.36 97.98
CA LEU LA 210 9.78 39.48 98.34
C LEU LA 210 8.93 39.16 99.56
N LEU LA 211 8.40 37.94 99.63
CA LEU LA 211 7.53 37.56 100.75
C LEU LA 211 8.29 37.52 102.07
N ARG LA 212 9.60 37.23 102.02
CA ARG LA 212 10.33 37.10 103.28
C ARG LA 212 10.50 38.44 103.98
N GLN LA 213 10.66 39.53 103.23
CA GLN LA 213 10.94 40.82 103.87
C GLN LA 213 9.79 41.27 104.76
N LEU LA 214 8.55 41.08 104.31
CA LEU LA 214 7.40 41.39 105.15
C LEU LA 214 7.25 40.43 106.33
N GLY LA 215 7.96 39.32 106.34
CA GLY LA 215 7.89 38.43 107.48
C GLY LA 215 6.88 37.32 107.31
N TYR LA 216 6.86 36.69 106.14
CA TYR LA 216 6.04 35.50 105.89
C TYR LA 216 7.01 34.35 105.61
N GLU LA 217 7.50 33.74 106.68
CA GLU LA 217 8.50 32.69 106.53
C GLU LA 217 7.87 31.39 106.02
N ALA LA 218 6.68 31.05 106.55
CA ALA LA 218 6.03 29.82 106.12
C ALA LA 218 5.71 29.84 104.64
N LEU LA 219 5.21 30.97 104.15
CA LEU LA 219 4.92 31.11 102.73
C LEU LA 219 6.17 30.91 101.88
N ALA LA 220 7.28 31.53 102.28
CA ALA LA 220 8.51 31.39 101.51
C ALA LA 220 9.01 29.95 101.52
N LYS LA 221 8.93 29.27 102.66
CA LYS LA 221 9.34 27.87 102.72
C LYS LA 221 8.50 27.00 101.80
N ARG LA 222 7.18 27.21 101.80
CA ARG LA 222 6.34 26.38 100.93
C ARG LA 222 6.59 26.67 99.46
N LEU LA 223 6.83 27.93 99.12
CA LEU LA 223 7.16 28.25 97.73
C LEU LA 223 8.47 27.59 97.31
N LEU LA 224 9.46 27.58 98.19
CA LEU LA 224 10.73 26.97 97.82
C LEU LA 224 10.65 25.45 97.80
N GLU LA 225 9.79 24.85 98.62
CA GLU LA 225 9.52 23.42 98.48
C GLU LA 225 8.92 23.10 97.12
N ALA LA 226 7.95 23.91 96.68
CA ALA LA 226 7.38 23.73 95.35
C ALA LA 226 8.45 23.87 94.28
N ARG LA 227 9.36 24.84 94.45
CA ARG LA 227 10.44 25.02 93.49
C ARG LA 227 11.36 23.81 93.46
N GLU LA 228 11.70 23.26 94.63
CA GLU LA 228 12.55 22.07 94.67
C GLU LA 228 11.89 20.90 93.97
N LEU LA 229 10.60 20.69 94.20
CA LEU LA 229 9.89 19.65 93.47
C LEU LA 229 9.88 19.91 91.98
N LEU LA 230 9.84 21.18 91.58
CA LEU LA 230 9.82 21.50 90.15
C LEU LA 230 11.15 21.20 89.49
N LEU LA 231 12.26 21.57 90.13
CA LEU LA 231 13.57 21.42 89.51
C LEU LA 231 13.96 19.96 89.36
N GLU LA 232 13.35 19.06 90.13
CA GLU LA 232 13.62 17.62 90.06
C GLU LA 232 12.85 16.93 88.95
N GLY LA 233 12.02 17.63 88.22
CA GLY LA 233 11.21 17.04 87.18
C GLY LA 233 9.80 16.67 87.59
N ARG LA 234 9.50 16.68 88.88
CA ARG LA 234 8.16 16.39 89.37
C ARG LA 234 7.30 17.63 89.16
N VAL LA 235 6.80 17.78 87.94
CA VAL LA 235 6.00 18.95 87.60
C VAL LA 235 4.65 18.91 88.30
N GLU LA 236 4.03 17.73 88.39
CA GLU LA 236 2.66 17.63 88.87
C GLU LA 236 2.56 17.96 90.35
N GLU LA 237 3.45 17.40 91.16
CA GLU LA 237 3.44 17.73 92.58
C GLU LA 237 3.79 19.19 92.80
N ALA LA 238 4.70 19.74 91.99
CA ALA LA 238 5.04 21.16 92.08
C ALA LA 238 3.82 22.02 91.81
N ALA LA 239 3.07 21.70 90.75
CA ALA LA 239 1.88 22.49 90.43
C ALA LA 239 0.81 22.35 91.51
N HIS LA 240 0.61 21.15 92.06
CA HIS LA 240 -0.40 20.99 93.09
C HIS LA 240 -0.03 21.79 94.35
N LEU LA 241 1.20 21.67 94.80
CA LEU LA 241 1.60 22.38 96.02
C LEU LA 241 1.64 23.89 95.78
N LEU LA 242 2.03 24.31 94.57
CA LEU LA 242 1.99 25.72 94.22
C LEU LA 242 0.58 26.26 94.25
N GLU LA 243 -0.39 25.52 93.71
CA GLU LA 243 -1.76 26.00 93.71
C GLU LA 243 -2.32 26.07 95.12
N ASP LA 244 -1.96 25.12 96.00
CA ASP LA 244 -2.43 25.19 97.38
C ASP LA 244 -1.88 26.43 98.08
N VAL LA 245 -0.57 26.67 97.96
CA VAL LA 245 0.02 27.81 98.64
C VAL LA 245 -0.50 29.12 98.05
N TYR LA 246 -0.72 29.16 96.73
CA TYR LA 246 -1.29 30.35 96.11
C TYR LA 246 -2.71 30.60 96.59
N ALA LA 247 -3.50 29.55 96.77
CA ALA LA 247 -4.86 29.74 97.27
C ALA LA 247 -4.85 30.34 98.67
N LEU LA 248 -3.99 29.83 99.55
CA LEU LA 248 -3.93 30.40 100.90
C LEU LA 248 -3.45 31.85 100.86
N PHE LA 249 -2.42 32.12 100.05
CA PHE LA 249 -1.91 33.49 99.92
C PHE LA 249 -2.96 34.43 99.36
N HIS LA 250 -3.73 33.99 98.37
CA HIS LA 250 -4.70 34.86 97.74
C HIS LA 250 -5.85 35.15 98.68
N ARG LA 251 -6.27 34.16 99.47
CA ARG LA 251 -7.26 34.45 100.51
C ARG LA 251 -6.72 35.48 101.50
N GLU LA 252 -5.45 35.38 101.85
CA GLU LA 252 -4.86 36.37 102.75
C GLU LA 252 -4.85 37.76 102.11
N ILE LA 253 -4.57 37.84 100.81
CA ILE LA 253 -4.58 39.13 100.11
C ILE LA 253 -5.99 39.73 100.12
N GLU LA 254 -6.98 38.92 99.76
CA GLU LA 254 -8.36 39.40 99.73
C GLU LA 254 -8.88 39.73 101.13
N ARG LA 255 -8.25 39.20 102.17
CA ARG LA 255 -8.64 39.58 103.52
C ARG LA 255 -8.44 41.06 103.77
N LEU LA 256 -7.34 41.62 103.28
CA LEU LA 256 -7.01 43.02 103.51
C LEU LA 256 -7.78 43.98 102.62
N GLY LA 257 -8.58 43.48 101.69
CA GLY LA 257 -9.46 44.35 100.92
C GLY LA 257 -8.69 45.26 99.99
N PHE LA 258 -8.98 46.56 100.09
CA PHE LA 258 -8.32 47.59 99.28
C PHE LA 258 -7.17 48.23 100.04
N GLU LA 259 -6.26 47.38 100.51
CA GLU LA 259 -5.05 47.81 101.18
C GLU LA 259 -4.11 46.61 101.29
N ALA LA 260 -2.85 46.82 100.93
CA ALA LA 260 -1.81 45.79 101.05
C ALA LA 260 -0.46 46.40 100.67
N PRO LA 261 0.61 46.04 101.39
CA PRO LA 261 1.93 46.57 101.01
C PRO LA 261 2.27 46.19 99.58
N GLU LA 262 3.04 47.06 98.93
CA GLU LA 262 3.26 46.90 97.49
C GLU LA 262 3.99 45.61 97.17
N GLU LA 263 4.80 45.10 98.10
CA GLU LA 263 5.47 43.82 97.85
C GLU LA 263 4.48 42.69 97.70
N LEU LA 264 3.38 42.70 98.48
CA LEU LA 264 2.32 41.72 98.29
C LEU LA 264 1.73 41.83 96.89
N ARG LA 265 1.49 43.05 96.43
CA ARG LA 265 0.87 43.24 95.12
C ARG LA 265 1.79 42.75 94.00
N VAL LA 266 3.09 42.99 94.12
CA VAL LA 266 4.01 42.50 93.09
C VAL LA 266 4.14 40.98 93.16
N ALA LA 267 4.18 40.43 94.38
CA ALA LA 267 4.30 38.99 94.55
C ALA LA 267 3.12 38.26 93.97
N ASP LA 268 1.92 38.86 94.03
CA ASP LA 268 0.75 38.21 93.44
C ASP LA 268 0.93 38.02 91.94
N LEU LA 269 1.43 39.04 91.25
CA LEU LA 269 1.64 38.93 89.81
C LEU LA 269 2.76 37.95 89.49
N LEU LA 270 3.83 37.97 90.31
CA LEU LA 270 4.93 37.03 90.11
C LEU LA 270 4.45 35.59 90.25
N LEU LA 271 3.66 35.32 91.29
CA LEU LA 271 3.13 33.97 91.51
C LEU LA 271 2.20 33.55 90.39
N ALA LA 272 1.34 34.46 89.92
CA ALA LA 272 0.47 34.12 88.81
C ALA LA 272 1.27 33.74 87.57
N ARG LA 273 2.33 34.50 87.27
CA ARG LA 273 3.14 34.17 86.10
C ARG LA 273 3.88 32.85 86.28
N ALA LA 274 4.38 32.59 87.48
CA ALA LA 274 5.05 31.32 87.76
C ALA LA 274 4.09 30.15 87.54
N ILE LA 275 2.86 30.28 88.02
CA ILE LA 275 1.88 29.23 87.84
C ILE LA 275 1.56 29.04 86.36
N ALA LA 276 1.43 30.14 85.62
CA ALA LA 276 1.17 30.02 84.19
C ALA LA 276 2.30 29.30 83.48
N LEU LA 277 3.55 29.64 83.81
CA LEU LA 277 4.69 28.99 83.16
C LEU LA 277 4.75 27.51 83.48
N ILE LA 278 4.54 27.15 84.75
CA ILE LA 278 4.56 25.74 85.11
C ILE LA 278 3.46 24.98 84.39
N LYS LA 279 2.26 25.56 84.31
CA LYS LA 279 1.16 24.91 83.63
C LYS LA 279 1.43 24.76 82.13
N ALA LA 280 2.21 25.69 81.56
CA ALA LA 280 2.50 25.63 80.13
C ALA LA 280 3.66 24.70 79.78
N ILE LA 281 4.39 24.18 80.77
CA ILE LA 281 5.48 23.24 80.51
C ILE LA 281 4.95 22.01 79.79
N THR MA 24 -25.27 80.52 80.69
CA THR MA 24 -23.88 80.20 80.42
C THR MA 24 -23.77 78.88 79.67
N VAL MA 25 -24.87 78.12 79.67
CA VAL MA 25 -24.85 76.77 79.10
C VAL MA 25 -24.55 76.82 77.60
N VAL MA 26 -25.22 77.74 76.89
CA VAL MA 26 -24.96 77.88 75.46
C VAL MA 26 -23.54 78.41 75.23
N GLU MA 27 -23.06 79.27 76.12
CA GLU MA 27 -21.66 79.68 76.04
C GLU MA 27 -20.72 78.51 76.26
N GLU MA 28 -21.07 77.61 77.17
CA GLU MA 28 -20.25 76.41 77.38
C GLU MA 28 -20.24 75.53 76.14
N VAL MA 29 -21.39 75.38 75.48
CA VAL MA 29 -21.43 74.57 74.27
C VAL MA 29 -20.60 75.21 73.16
N ARG MA 30 -20.71 76.54 73.00
CA ARG MA 30 -19.90 77.23 72.01
C ARG MA 30 -18.41 77.05 72.31
N ARG MA 31 -18.03 77.24 73.57
CA ARG MA 31 -16.62 77.11 73.94
C ARG MA 31 -16.12 75.69 73.69
N PHE MA 32 -16.93 74.69 74.02
CA PHE MA 32 -16.56 73.30 73.79
C PHE MA 32 -16.32 73.05 72.30
N ALA MA 33 -17.25 73.51 71.46
CA ALA MA 33 -17.12 73.26 70.03
C ALA MA 33 -15.90 73.98 69.45
N GLU MA 34 -15.70 75.24 69.83
CA GLU MA 34 -14.56 75.98 69.28
C GLU MA 34 -13.24 75.40 69.76
N GLU MA 35 -13.16 74.99 71.03
CA GLU MA 35 -11.93 74.39 71.51
C GLU MA 35 -11.61 73.10 70.79
N LEU MA 36 -12.62 72.26 70.58
CA LEU MA 36 -12.39 71.03 69.83
C LEU MA 36 -11.97 71.31 68.40
N ALA MA 37 -12.57 72.33 67.76
CA ALA MA 37 -12.20 72.69 66.39
C ALA MA 37 -10.77 73.20 66.31
N GLU MA 38 -10.37 74.04 67.27
CA GLU MA 38 -8.99 74.54 67.30
C GLU MA 38 -8.01 73.40 67.50
N GLU MA 39 -8.33 72.45 68.39
CA GLU MA 39 -7.45 71.31 68.57
C GLU MA 39 -7.35 70.47 67.31
N VAL MA 40 -8.47 70.30 66.60
CA VAL MA 40 -8.45 69.55 65.35
C VAL MA 40 -7.50 70.22 64.37
N LEU MA 41 -7.58 71.54 64.27
CA LEU MA 41 -6.72 72.27 63.33
C LEU MA 41 -5.25 72.22 63.76
N ARG MA 42 -4.98 72.36 65.05
CA ARG MA 42 -3.59 72.32 65.52
C ARG MA 42 -2.96 70.96 65.27
N VAL MA 43 -3.69 69.89 65.56
CA VAL MA 43 -3.13 68.55 65.36
C VAL MA 43 -2.98 68.25 63.87
N GLY MA 44 -4.02 68.52 63.08
CA GLY MA 44 -4.03 68.15 61.68
C GLY MA 44 -3.65 69.23 60.70
N GLY MA 45 -3.52 70.47 61.15
CA GLY MA 45 -3.15 71.52 60.23
C GLY MA 45 -4.28 71.87 59.27
N GLU MA 46 -3.88 72.32 58.09
CA GLU MA 46 -4.81 72.62 57.02
C GLU MA 46 -5.18 71.39 56.21
N ALA MA 47 -4.59 70.23 56.53
CA ALA MA 47 -4.96 69.01 55.81
C ALA MA 47 -6.43 68.67 56.02
N MET MA 48 -6.92 68.84 57.25
CA MET MA 48 -8.32 68.58 57.60
C MET MA 48 -8.92 69.89 58.10
N ARG MA 49 -9.34 70.72 57.15
CA ARG MA 49 -10.16 71.90 57.39
C ARG MA 49 -11.65 71.54 57.46
N PRO MA 50 -12.15 70.62 56.63
CA PRO MA 50 -13.57 70.25 56.75
C PRO MA 50 -14.00 69.88 58.16
N TYR MA 51 -13.18 69.18 58.93
CA TYR MA 51 -13.61 68.73 60.24
C TYR MA 51 -13.78 69.88 61.22
N ALA MA 52 -12.93 70.91 61.11
CA ALA MA 52 -13.13 72.09 61.95
C ALA MA 52 -14.45 72.77 61.63
N GLU MA 53 -14.78 72.87 60.35
CA GLU MA 53 -16.07 73.46 59.96
C GLU MA 53 -17.24 72.61 60.45
N MET MA 54 -17.11 71.29 60.36
CA MET MA 54 -18.19 70.41 60.82
C MET MA 54 -18.39 70.54 62.32
N VAL MA 55 -17.30 70.59 63.08
CA VAL MA 55 -17.41 70.79 64.53
C VAL MA 55 -18.05 72.12 64.84
N ARG MA 56 -17.65 73.18 64.13
CA ARG MA 56 -18.20 74.50 64.42
C ARG MA 56 -19.68 74.59 64.07
N HIS MA 57 -20.09 73.99 62.94
CA HIS MA 57 -21.50 73.96 62.59
C HIS MA 57 -22.33 73.14 63.55
N LEU MA 58 -21.82 71.99 64.02
CA LEU MA 58 -22.57 71.21 65.00
C LEU MA 58 -22.67 71.93 66.33
N GLY MA 59 -21.63 72.67 66.71
CA GLY MA 59 -21.77 73.53 67.88
C GLY MA 59 -22.84 74.59 67.69
N GLU MA 60 -22.89 75.18 66.48
CA GLU MA 60 -23.93 76.18 66.20
C GLU MA 60 -25.32 75.57 66.23
N ALA MA 61 -25.49 74.37 65.66
CA ALA MA 61 -26.79 73.72 65.69
C ALA MA 61 -27.22 73.39 67.12
N ALA MA 62 -26.28 72.93 67.95
CA ALA MA 62 -26.59 72.65 69.34
C ALA MA 62 -27.03 73.90 70.08
N VAL MA 63 -26.31 75.02 69.90
CA VAL MA 63 -26.70 76.21 70.63
C VAL MA 63 -28.00 76.78 70.08
N ALA MA 64 -28.26 76.60 68.78
CA ALA MA 64 -29.57 76.97 68.24
C ALA MA 64 -30.68 76.19 68.92
N ALA MA 65 -30.49 74.89 69.08
CA ALA MA 65 -31.49 74.06 69.74
C ALA MA 65 -31.69 74.49 71.20
N LEU MA 66 -30.60 74.78 71.90
CA LEU MA 66 -30.72 75.25 73.28
C LEU MA 66 -31.34 76.63 73.39
N GLU MA 67 -31.34 77.41 72.31
CA GLU MA 67 -31.90 78.76 72.37
C GLU MA 67 -33.15 78.91 71.50
N GLY MA 68 -34.06 77.95 71.62
CA GLY MA 68 -35.25 77.95 70.78
C GLY MA 68 -35.01 77.15 69.52
N ARG MA 69 -35.81 77.47 68.50
CA ARG MA 69 -35.61 76.97 67.13
C ARG MA 69 -35.77 75.45 67.00
N ALA MA 70 -36.18 75.02 65.82
CA ALA MA 70 -36.14 73.62 65.44
C ALA MA 70 -35.77 73.40 63.98
N GLU MA 71 -35.86 74.43 63.14
CA GLU MA 71 -35.60 74.34 61.71
C GLU MA 71 -34.16 74.70 61.36
N GLU MA 72 -33.56 75.65 62.09
CA GLU MA 72 -32.14 75.94 61.89
C GLU MA 72 -31.29 74.73 62.26
N ALA MA 73 -31.66 74.04 63.34
CA ALA MA 73 -30.96 72.82 63.70
C ALA MA 73 -31.08 71.78 62.60
N ASP MA 74 -32.28 71.62 62.05
CA ASP MA 74 -32.49 70.72 60.92
C ASP MA 74 -31.56 71.05 59.76
N ARG MA 75 -31.52 72.34 59.38
CA ARG MA 75 -30.73 72.74 58.23
C ARG MA 75 -29.24 72.54 58.48
N LEU MA 76 -28.75 72.93 59.65
CA LEU MA 76 -27.33 72.79 59.93
C LEU MA 76 -26.92 71.33 59.97
N VAL MA 77 -27.75 70.47 60.57
CA VAL MA 77 -27.41 69.05 60.63
C VAL MA 77 -27.41 68.45 59.23
N ARG MA 78 -28.34 68.89 58.36
CA ARG MA 78 -28.32 68.41 56.98
C ARG MA 78 -27.08 68.88 56.23
N ASP MA 79 -26.66 70.12 56.46
CA ASP MA 79 -25.45 70.64 55.82
C ASP MA 79 -24.21 69.87 56.28
N VAL MA 80 -24.11 69.59 57.58
CA VAL MA 80 -23.00 68.79 58.09
C VAL MA 80 -23.06 67.37 57.54
N LEU MA 81 -24.28 66.84 57.35
CA LEU MA 81 -24.40 65.53 56.73
C LEU MA 81 -23.85 65.55 55.32
N GLU MA 82 -24.12 66.63 54.57
CA GLU MA 82 -23.56 66.77 53.23
C GLU MA 82 -22.03 66.83 53.27
N MET MA 83 -21.48 67.58 54.22
CA MET MA 83 -20.02 67.63 54.37
C MET MA 83 -19.45 66.25 54.62
N ALA MA 84 -20.08 65.49 55.52
CA ALA MA 84 -19.62 64.15 55.80
C ALA MA 84 -19.73 63.25 54.57
N ARG MA 85 -20.77 63.44 53.76
CA ARG MA 85 -20.91 62.67 52.54
C ARG MA 85 -19.76 62.95 51.58
N GLU MA 86 -19.41 64.23 51.40
CA GLU MA 86 -18.39 64.54 50.41
C GLU MA 86 -16.99 64.18 50.88
N VAL MA 87 -16.68 64.40 52.16
CA VAL MA 87 -15.34 64.11 52.66
C VAL MA 87 -15.05 62.62 52.59
N GLY MA 88 -16.01 61.79 52.98
CA GLY MA 88 -15.82 60.35 53.02
C GLY MA 88 -16.06 59.73 54.37
N ALA MA 89 -16.44 60.51 55.39
CA ALA MA 89 -16.73 59.97 56.70
C ALA MA 89 -18.02 59.18 56.65
N GLU MA 90 -17.93 57.86 56.86
CA GLU MA 90 -19.10 56.99 56.75
C GLU MA 90 -19.85 56.89 58.08
N GLY MA 91 -19.18 56.41 59.13
CA GLY MA 91 -19.84 56.26 60.40
C GLY MA 91 -20.35 57.58 60.93
N LEU MA 92 -19.61 58.65 60.69
CA LEU MA 92 -20.06 59.98 61.07
C LEU MA 92 -21.32 60.36 60.31
N ALA MA 93 -21.39 60.01 59.02
CA ALA MA 93 -22.61 60.28 58.26
C ALA MA 93 -23.80 59.53 58.82
N ARG MA 94 -23.61 58.25 59.17
CA ARG MA 94 -24.71 57.49 59.76
C ARG MA 94 -25.17 58.12 61.07
N LEU MA 95 -24.23 58.47 61.94
CA LEU MA 95 -24.60 59.07 63.21
C LEU MA 95 -25.27 60.41 63.00
N LEU MA 96 -24.92 61.12 61.93
CA LEU MA 96 -25.54 62.41 61.68
C LEU MA 96 -26.98 62.24 61.19
N GLU MA 97 -27.24 61.23 60.37
CA GLU MA 97 -28.64 60.95 60.00
C GLU MA 97 -29.46 60.59 61.23
N ARG MA 98 -28.92 59.72 62.08
CA ARG MA 98 -29.63 59.35 63.31
C ARG MA 98 -29.86 60.57 64.19
N VAL MA 99 -28.86 61.44 64.30
CA VAL MA 99 -29.00 62.67 65.07
C VAL MA 99 -30.11 63.52 64.49
N HIS MA 100 -30.20 63.59 63.16
CA HIS MA 100 -31.22 64.40 62.52
C HIS MA 100 -32.62 63.91 62.88
N ARG MA 101 -32.87 62.61 62.70
CA ARG MA 101 -34.21 62.07 62.96
C ARG MA 101 -34.60 62.22 64.42
N GLU MA 102 -33.72 61.80 65.35
CA GLU MA 102 -34.05 61.94 66.76
C GLU MA 102 -34.17 63.39 67.18
N ALA MA 103 -33.37 64.30 66.58
CA ALA MA 103 -33.52 65.70 66.91
C ALA MA 103 -34.90 66.20 66.53
N ARG MA 104 -35.38 65.80 65.36
CA ARG MA 104 -36.73 66.17 64.94
C ARG MA 104 -37.77 65.65 65.93
N GLU MA 105 -37.68 64.36 66.28
CA GLU MA 105 -38.67 63.77 67.18
C GLU MA 105 -38.69 64.47 68.53
N LEU MA 106 -37.51 64.63 69.14
CA LEU MA 106 -37.45 65.21 70.49
C LEU MA 106 -37.82 66.69 70.47
N LEU MA 107 -37.51 67.39 69.38
CA LEU MA 107 -37.93 68.79 69.30
C LEU MA 107 -39.44 68.90 69.13
N ARG MA 108 -40.06 67.95 68.41
CA ARG MA 108 -41.52 67.92 68.34
C ARG MA 108 -42.11 67.66 69.72
N GLU MA 109 -41.51 66.75 70.49
CA GLU MA 109 -41.99 66.48 71.84
C GLU MA 109 -41.71 67.61 72.80
N GLY MA 110 -40.92 68.61 72.41
CA GLY MA 110 -40.67 69.77 73.25
C GLY MA 110 -39.47 69.67 74.16
N ARG MA 111 -38.78 68.53 74.19
CA ARG MA 111 -37.59 68.36 75.01
C ARG MA 111 -36.39 68.87 74.25
N ARG MA 112 -35.64 69.79 74.87
CA ARG MA 112 -34.54 70.48 74.19
C ARG MA 112 -33.16 70.00 74.61
N GLU MA 113 -32.97 69.67 75.88
CA GLU MA 113 -31.63 69.33 76.37
C GLU MA 113 -31.09 68.10 75.68
N GLU MA 114 -31.91 67.08 75.49
CA GLU MA 114 -31.42 65.82 74.92
C GLU MA 114 -31.08 65.96 73.44
N ALA MA 115 -31.81 66.81 72.69
CA ALA MA 115 -31.46 67.03 71.29
C ALA MA 115 -30.10 67.70 71.16
N ALA MA 116 -29.85 68.73 71.97
CA ALA MA 116 -28.52 69.32 72.01
C ALA MA 116 -27.48 68.33 72.49
N ALA MA 117 -27.87 67.41 73.36
CA ALA MA 117 -26.95 66.37 73.80
C ALA MA 117 -26.54 65.48 72.64
N LEU MA 118 -27.51 65.08 71.81
CA LEU MA 118 -27.17 64.29 70.63
C LEU MA 118 -26.27 65.08 69.69
N VAL MA 119 -26.56 66.37 69.51
CA VAL MA 119 -25.74 67.18 68.61
C VAL MA 119 -24.32 67.32 69.14
N LEU MA 120 -24.16 67.53 70.45
CA LEU MA 120 -22.83 67.64 71.03
C LEU MA 120 -22.06 66.33 70.91
N ALA MA 121 -22.74 65.21 71.11
CA ALA MA 121 -22.10 63.92 70.90
C ALA MA 121 -21.64 63.79 69.45
N ALA MA 122 -22.44 64.27 68.50
CA ALA MA 122 -22.05 64.23 67.09
C ALA MA 122 -20.81 65.08 66.82
N ALA MA 123 -20.77 66.28 67.40
CA ALA MA 123 -19.62 67.16 67.21
C ALA MA 123 -18.36 66.54 67.79
N LEU MA 124 -18.47 65.94 68.98
CA LEU MA 124 -17.34 65.27 69.59
C LEU MA 124 -16.88 64.09 68.77
N ALA MA 125 -17.82 63.33 68.20
CA ALA MA 125 -17.43 62.23 67.33
C ALA MA 125 -16.64 62.74 66.13
N ALA MA 126 -17.10 63.84 65.52
CA ALA MA 126 -16.40 64.40 64.36
C ALA MA 126 -14.99 64.87 64.72
N GLY MA 127 -14.87 65.65 65.80
CA GLY MA 127 -13.57 66.15 66.21
C GLY MA 127 -12.61 65.04 66.59
N ALA MA 128 -13.09 64.07 67.37
CA ALA MA 128 -12.23 62.97 67.80
C ALA MA 128 -11.84 62.10 66.62
N VAL MA 129 -12.72 61.94 65.63
CA VAL MA 129 -12.36 61.20 64.43
C VAL MA 129 -11.24 61.90 63.69
N ALA MA 130 -11.34 63.23 63.55
CA ALA MA 130 -10.28 63.98 62.90
C ALA MA 130 -8.96 63.83 63.62
N VAL MA 131 -8.97 64.02 64.94
CA VAL MA 131 -7.71 63.97 65.69
C VAL MA 131 -7.11 62.57 65.67
N ALA MA 132 -7.95 61.54 65.78
CA ALA MA 132 -7.44 60.18 65.75
C ALA MA 132 -6.83 59.84 64.40
N GLU MA 133 -7.47 60.27 63.30
CA GLU MA 133 -6.88 60.03 61.98
C GLU MA 133 -5.56 60.78 61.83
N ALA MA 134 -5.48 61.99 62.38
CA ALA MA 134 -4.22 62.73 62.33
C ALA MA 134 -3.12 62.00 63.09
N TYR MA 135 -3.44 61.48 64.29
CA TYR MA 135 -2.47 60.73 65.06
C TYR MA 135 -2.02 59.48 64.32
N VAL MA 136 -2.95 58.80 63.66
CA VAL MA 136 -2.59 57.59 62.94
C VAL MA 136 -1.71 57.92 61.73
N ARG MA 137 -1.98 59.03 61.04
CA ARG MA 137 -1.22 59.37 59.84
C ARG MA 137 0.26 59.62 60.16
N LEU MA 138 0.54 60.36 61.22
CA LEU MA 138 1.92 60.63 61.60
C LEU MA 138 2.48 59.60 62.58
N GLY MA 139 1.81 58.49 62.76
CA GLY MA 139 2.36 57.34 63.47
C GLY MA 139 2.67 57.51 64.94
N GLN MA 140 1.79 58.15 65.70
CA GLN MA 140 1.99 58.24 67.13
C GLN MA 140 1.49 56.98 67.82
N PRO MA 141 2.01 56.65 69.01
CA PRO MA 141 1.61 55.41 69.68
C PRO MA 141 0.17 55.46 70.15
N ILE MA 142 -0.36 54.26 70.42
CA ILE MA 142 -1.77 54.08 70.73
C ILE MA 142 -2.14 54.60 72.13
N ARG MA 143 -1.18 54.67 73.05
CA ARG MA 143 -1.48 55.21 74.37
C ARG MA 143 -2.05 56.61 74.28
N LEU MA 144 -1.50 57.44 73.39
CA LEU MA 144 -1.98 58.82 73.25
C LEU MA 144 -3.40 58.86 72.72
N ILE MA 145 -3.71 58.03 71.72
CA ILE MA 145 -5.09 57.99 71.22
C ILE MA 145 -6.04 57.57 72.32
N ALA MA 146 -5.70 56.51 73.05
CA ALA MA 146 -6.58 56.00 74.10
C ALA MA 146 -6.79 57.04 75.20
N GLU MA 147 -5.71 57.67 75.66
CA GLU MA 147 -5.84 58.66 76.72
C GLU MA 147 -6.61 59.88 76.25
N TYR MA 148 -6.36 60.33 75.02
CA TYR MA 148 -7.09 61.46 74.48
C TYR MA 148 -8.58 61.19 74.43
N VAL MA 149 -8.96 60.04 73.84
CA VAL MA 149 -10.37 59.72 73.70
C VAL MA 149 -11.03 59.59 75.05
N ALA MA 150 -10.38 58.89 75.99
CA ALA MA 150 -10.98 58.70 77.31
C ALA MA 150 -11.18 60.03 78.02
N GLU MA 151 -10.22 60.94 77.93
CA GLU MA 151 -10.36 62.21 78.63
C GLU MA 151 -11.44 63.07 78.00
N ARG MA 152 -11.55 63.04 76.66
CA ARG MA 152 -12.63 63.77 76.01
C ARG MA 152 -13.99 63.22 76.40
N LEU MA 153 -14.11 61.90 76.49
CA LEU MA 153 -15.38 61.30 76.93
C LEU MA 153 -15.73 61.73 78.35
N VAL MA 154 -14.74 61.78 79.23
CA VAL MA 154 -15.01 62.22 80.60
C VAL MA 154 -15.48 63.67 80.62
N GLU MA 155 -14.84 64.54 79.82
CA GLU MA 155 -15.25 65.94 79.76
C GLU MA 155 -16.68 66.07 79.23
N LEU MA 156 -17.00 65.33 78.18
CA LEU MA 156 -18.35 65.37 77.63
C LEU MA 156 -19.38 64.87 78.63
N ALA MA 157 -19.06 63.80 79.36
CA ALA MA 157 -19.99 63.29 80.36
C ALA MA 157 -20.20 64.32 81.46
N GLU MA 158 -19.15 65.04 81.84
CA GLU MA 158 -19.31 66.10 82.82
C GLU MA 158 -20.23 67.20 82.29
N LEU MA 159 -20.07 67.58 81.02
CA LEU MA 159 -20.94 68.60 80.45
C LEU MA 159 -22.39 68.13 80.41
N LEU MA 160 -22.62 66.91 79.95
CA LEU MA 160 -23.99 66.40 79.86
C LEU MA 160 -24.61 66.26 81.25
N ARG MA 161 -23.81 65.95 82.26
CA ARG MA 161 -24.32 65.98 83.62
C ARG MA 161 -24.71 67.39 84.02
N ARG MA 162 -23.94 68.38 83.58
CA ARG MA 162 -24.29 69.76 83.88
C ARG MA 162 -25.61 70.18 83.23
N LEU MA 163 -25.83 69.74 81.99
CA LEU MA 163 -27.06 70.13 81.28
C LEU MA 163 -28.30 69.56 81.98
N GLY MA 164 -28.31 68.26 82.25
CA GLY MA 164 -29.44 67.64 82.89
C GLY MA 164 -29.90 66.33 82.27
N VAL MA 165 -29.15 65.83 81.29
CA VAL MA 165 -29.52 64.57 80.65
C VAL MA 165 -29.41 63.43 81.67
N PRO MA 166 -30.32 62.46 81.68
CA PRO MA 166 -30.18 61.31 82.58
C PRO MA 166 -28.97 60.46 82.24
N LEU MA 167 -28.45 59.79 83.27
CA LEU MA 167 -27.13 59.17 83.19
C LEU MA 167 -27.10 58.04 82.16
N ARG MA 168 -28.16 57.24 82.07
CA ARG MA 168 -28.15 56.13 81.12
C ARG MA 168 -28.05 56.62 79.69
N ARG MA 169 -28.74 57.72 79.37
CA ARG MA 169 -28.59 58.33 78.07
C ARG MA 169 -27.16 58.84 77.87
N ILE MA 170 -26.56 59.37 78.93
CA ILE MA 170 -25.16 59.79 78.85
C ILE MA 170 -24.29 58.63 78.41
N ILE MA 171 -24.45 57.48 79.06
CA ILE MA 171 -23.60 56.34 78.74
C ILE MA 171 -23.87 55.85 77.33
N ARG MA 172 -25.13 55.89 76.90
CA ARG MA 172 -25.46 55.45 75.55
C ARG MA 172 -24.81 56.34 74.50
N LEU MA 173 -24.85 57.66 74.71
CA LEU MA 173 -24.21 58.58 73.77
C LEU MA 173 -22.70 58.39 73.76
N LEU MA 174 -22.10 58.18 74.94
CA LEU MA 174 -20.66 57.96 75.00
C LEU MA 174 -20.26 56.71 74.24
N GLU MA 175 -21.06 55.65 74.37
CA GLU MA 175 -20.78 54.43 73.61
C GLU MA 175 -20.93 54.66 72.11
N GLU MA 176 -21.89 55.50 71.70
CA GLU MA 176 -22.01 55.81 70.27
C GLU MA 176 -20.76 56.55 69.77
N VAL MA 177 -20.28 57.51 70.56
CA VAL MA 177 -19.05 58.22 70.20
C VAL MA 177 -17.89 57.24 70.06
N LEU MA 178 -17.76 56.32 71.01
CA LEU MA 178 -16.69 55.33 70.96
C LEU MA 178 -16.82 54.44 69.74
N ARG MA 179 -18.04 54.07 69.37
CA ARG MA 179 -18.24 53.23 68.20
C ARG MA 179 -17.79 53.95 66.93
N VAL MA 180 -18.14 55.23 66.81
CA VAL MA 180 -17.71 55.99 65.64
C VAL MA 180 -16.19 56.09 65.60
N VAL MA 181 -15.57 56.35 66.75
CA VAL MA 181 -14.12 56.47 66.80
C VAL MA 181 -13.46 55.15 66.41
N ALA MA 182 -13.99 54.03 66.90
CA ALA MA 182 -13.44 52.73 66.55
C ALA MA 182 -13.58 52.45 65.06
N GLU MA 183 -14.71 52.84 64.46
CA GLU MA 183 -14.87 52.67 63.03
C GLU MA 183 -13.86 53.51 62.26
N ALA MA 184 -13.63 54.74 62.71
CA ALA MA 184 -12.66 55.61 62.04
C ALA MA 184 -11.27 55.00 62.11
N LEU MA 185 -10.89 54.50 63.30
CA LEU MA 185 -9.57 53.89 63.44
C LEU MA 185 -9.45 52.62 62.60
N ARG MA 186 -10.53 51.87 62.45
CA ARG MA 186 -10.51 50.70 61.59
C ARG MA 186 -10.28 51.08 60.14
N ARG MA 187 -10.92 52.17 59.69
CA ARG MA 187 -10.74 52.60 58.30
C ARG MA 187 -9.34 53.10 58.04
N ALA MA 188 -8.63 53.55 59.08
CA ALA MA 188 -7.25 54.02 58.94
C ALA MA 188 -6.25 52.89 58.99
N GLY MA 189 -6.69 51.64 59.12
CA GLY MA 189 -5.79 50.50 59.12
C GLY MA 189 -5.22 50.12 60.46
N VAL MA 190 -5.66 50.73 61.55
CA VAL MA 190 -5.17 50.36 62.87
C VAL MA 190 -5.58 48.92 63.17
N PRO MA 191 -4.67 48.06 63.64
CA PRO MA 191 -5.03 46.66 63.88
C PRO MA 191 -6.08 46.53 64.98
N GLU MA 192 -6.89 45.48 64.86
CA GLU MA 192 -8.05 45.31 65.75
C GLU MA 192 -7.68 45.27 67.24
N PRO MA 193 -6.66 44.55 67.68
CA PRO MA 193 -6.34 44.56 69.12
C PRO MA 193 -6.10 45.94 69.69
N GLU MA 194 -5.50 46.84 68.91
CA GLU MA 194 -5.31 48.20 69.41
C GLU MA 194 -6.64 48.93 69.55
N ILE MA 195 -7.59 48.68 68.65
CA ILE MA 195 -8.92 49.26 68.79
C ILE MA 195 -9.60 48.76 70.05
N ARG MA 196 -9.47 47.45 70.32
CA ARG MA 196 -10.03 46.91 71.56
C ARG MA 196 -9.36 47.52 72.79
N LYS MA 197 -8.05 47.74 72.71
CA LYS MA 197 -7.35 48.42 73.80
C LYS MA 197 -7.91 49.82 74.02
N VAL MA 198 -8.17 50.54 72.93
CA VAL MA 198 -8.73 51.88 73.05
C VAL MA 198 -10.06 51.83 73.77
N GLU MA 199 -10.96 50.95 73.31
CA GLU MA 199 -12.30 50.89 73.90
C GLU MA 199 -12.25 50.45 75.36
N ALA MA 200 -11.44 49.44 75.67
CA ALA MA 200 -11.35 48.95 77.04
C ALA MA 200 -10.81 50.02 77.97
N ALA MA 201 -9.79 50.76 77.53
CA ALA MA 201 -9.30 51.86 78.33
C ALA MA 201 -10.38 52.90 78.56
N ALA MA 202 -11.18 53.18 77.53
CA ALA MA 202 -12.27 54.14 77.68
C ALA MA 202 -13.29 53.68 78.71
N TYR MA 203 -13.66 52.39 78.66
CA TYR MA 203 -14.66 51.87 79.60
C TYR MA 203 -14.13 51.86 81.03
N ILE MA 204 -12.86 51.51 81.23
CA ILE MA 204 -12.30 51.51 82.58
C ILE MA 204 -12.20 52.94 83.11
N ARG MA 205 -11.85 53.90 82.24
CA ARG MA 205 -11.83 55.29 82.67
C ARG MA 205 -13.22 55.77 83.06
N LEU MA 206 -14.23 55.40 82.28
CA LEU MA 206 -15.61 55.80 82.59
C LEU MA 206 -16.10 55.16 83.89
N ALA MA 207 -15.80 53.88 84.08
CA ALA MA 207 -16.17 53.20 85.32
C ALA MA 207 -15.52 53.86 86.52
N ALA MA 208 -14.23 54.18 86.41
CA ALA MA 208 -13.56 54.86 87.52
C ALA MA 208 -14.17 56.23 87.79
N TYR MA 209 -14.50 56.97 86.73
CA TYR MA 209 -15.12 58.27 86.90
C TYR MA 209 -16.46 58.16 87.61
N LEU MA 210 -17.29 57.18 87.24
CA LEU MA 210 -18.56 56.99 87.92
C LEU MA 210 -18.36 56.59 89.37
N LEU MA 211 -17.41 55.70 89.63
CA LEU MA 211 -17.20 55.21 90.99
C LEU MA 211 -16.68 56.31 91.91
N ARG MA 212 -15.95 57.27 91.38
CA ARG MA 212 -15.37 58.29 92.24
C ARG MA 212 -16.43 59.21 92.85
N GLN MA 213 -17.53 59.44 92.14
CA GLN MA 213 -18.57 60.32 92.67
C GLN MA 213 -19.22 59.74 93.92
N LEU MA 214 -19.46 58.42 93.92
CA LEU MA 214 -20.04 57.76 95.09
C LEU MA 214 -19.08 57.72 96.28
N GLY MA 215 -17.80 58.02 96.07
CA GLY MA 215 -16.87 58.03 97.17
C GLY MA 215 -16.16 56.71 97.36
N TYR MA 216 -15.75 56.08 96.26
CA TYR MA 216 -14.95 54.86 96.30
C TYR MA 216 -13.61 55.19 95.67
N GLU MA 217 -12.71 55.78 96.46
CA GLU MA 217 -11.43 56.21 95.92
C GLU MA 217 -10.50 55.03 95.69
N ALA MA 218 -10.47 54.07 96.62
CA ALA MA 218 -9.59 52.92 96.46
C ALA MA 218 -9.95 52.11 95.21
N LEU MA 219 -11.24 51.90 94.98
CA LEU MA 219 -11.69 51.17 93.80
C LEU MA 219 -11.24 51.86 92.53
N ALA MA 220 -11.41 53.19 92.46
CA ALA MA 220 -11.02 53.91 91.25
C ALA MA 220 -9.51 53.88 91.05
N LYS MA 221 -8.74 54.00 92.13
CA LYS MA 221 -7.29 53.89 92.01
C LYS MA 221 -6.87 52.55 91.46
N ARG MA 222 -7.46 51.46 91.96
CA ARG MA 222 -7.07 50.14 91.47
C ARG MA 222 -7.48 49.93 90.02
N LEU MA 223 -8.64 50.47 89.63
CA LEU MA 223 -9.05 50.37 88.23
C LEU MA 223 -8.09 51.13 87.33
N LEU MA 224 -7.63 52.30 87.76
CA LEU MA 224 -6.72 53.06 86.93
C LEU MA 224 -5.32 52.45 86.90
N GLU MA 225 -4.92 51.78 87.98
CA GLU MA 225 -3.69 50.98 87.93
C GLU MA 225 -3.79 49.88 86.89
N ALA MA 226 -4.93 49.18 86.86
CA ALA MA 226 -5.15 48.16 85.85
C ALA MA 226 -5.09 48.77 84.45
N ARG MA 227 -5.67 49.95 84.28
CA ARG MA 227 -5.62 50.61 82.97
C ARG MA 227 -4.20 50.96 82.57
N GLU MA 228 -3.41 51.45 83.52
CA GLU MA 228 -2.02 51.76 83.22
C GLU MA 228 -1.26 50.52 82.79
N LEU MA 229 -1.47 49.40 83.49
CA LEU MA 229 -0.84 48.16 83.06
C LEU MA 229 -1.33 47.72 81.69
N LEU MA 230 -2.58 48.03 81.34
CA LEU MA 230 -3.09 47.63 80.05
C LEU MA 230 -2.46 48.44 78.92
N LEU MA 231 -2.37 49.75 79.09
CA LEU MA 231 -1.86 50.60 78.00
C LEU MA 231 -0.37 50.38 77.75
N GLU MA 232 0.35 49.78 78.69
CA GLU MA 232 1.77 49.50 78.53
C GLU MA 232 2.03 48.19 77.80
N GLY MA 233 0.99 47.46 77.41
CA GLY MA 233 1.15 46.21 76.73
C GLY MA 233 1.09 44.99 77.62
N ARG MA 234 1.17 45.17 78.94
CA ARG MA 234 1.06 44.05 79.89
C ARG MA 234 -0.41 43.68 80.03
N VAL MA 235 -0.90 42.87 79.09
CA VAL MA 235 -2.31 42.51 79.08
C VAL MA 235 -2.63 41.57 80.24
N GLU MA 236 -1.73 40.63 80.55
CA GLU MA 236 -2.04 39.58 81.51
C GLU MA 236 -2.16 40.14 82.92
N GLU MA 237 -1.22 40.99 83.33
CA GLU MA 237 -1.33 41.62 84.64
C GLU MA 237 -2.55 42.53 84.71
N ALA MA 238 -2.88 43.19 83.59
CA ALA MA 238 -4.09 44.00 83.55
C ALA MA 238 -5.33 43.16 83.80
N ALA MA 239 -5.45 42.03 83.12
CA ALA MA 239 -6.62 41.18 83.29
C ALA MA 239 -6.69 40.59 84.70
N HIS MA 240 -5.55 40.18 85.26
CA HIS MA 240 -5.55 39.62 86.61
C HIS MA 240 -5.97 40.67 87.64
N LEU MA 241 -5.37 41.85 87.58
CA LEU MA 241 -5.70 42.89 88.56
C LEU MA 241 -7.13 43.38 88.37
N LEU MA 242 -7.59 43.44 87.12
CA LEU MA 242 -8.99 43.80 86.85
C LEU MA 242 -9.94 42.78 87.44
N GLU MA 243 -9.65 41.49 87.28
CA GLU MA 243 -10.54 40.48 87.83
C GLU MA 243 -10.56 40.52 89.35
N ASP MA 244 -9.42 40.82 89.99
CA ASP MA 244 -9.42 40.91 91.44
C ASP MA 244 -10.28 42.08 91.92
N VAL MA 245 -10.09 43.26 91.32
CA VAL MA 245 -10.88 44.40 91.76
C VAL MA 245 -12.36 44.19 91.43
N TYR MA 246 -12.66 43.55 90.31
CA TYR MA 246 -14.05 43.28 89.95
C TYR MA 246 -14.68 42.30 90.93
N ALA MA 247 -13.94 41.29 91.37
CA ALA MA 247 -14.49 40.35 92.35
C ALA MA 247 -14.82 41.05 93.65
N LEU MA 248 -13.93 41.91 94.14
CA LEU MA 248 -14.24 42.63 95.37
C LEU MA 248 -15.45 43.55 95.19
N PHE MA 249 -15.50 44.24 94.05
CA PHE MA 249 -16.61 45.15 93.76
C PHE MA 249 -17.93 44.39 93.66
N HIS MA 250 -17.92 43.23 93.03
CA HIS MA 250 -19.15 42.48 92.85
C HIS MA 250 -19.64 41.92 94.17
N ARG MA 251 -18.73 41.48 95.04
CA ARG MA 251 -19.15 41.09 96.38
C ARG MA 251 -19.79 42.27 97.10
N GLU MA 252 -19.21 43.46 96.95
CA GLU MA 252 -19.81 44.64 97.58
C GLU MA 252 -21.19 44.94 97.01
N ILE MA 253 -21.37 44.75 95.71
CA ILE MA 253 -22.68 44.97 95.09
C ILE MA 253 -23.71 43.98 95.62
N GLU MA 254 -23.35 42.69 95.64
CA GLU MA 254 -24.24 41.67 96.16
C GLU MA 254 -24.53 41.86 97.64
N ARG MA 255 -23.67 42.58 98.36
CA ARG MA 255 -23.95 42.87 99.76
C ARG MA 255 -25.23 43.66 99.91
N LEU MA 256 -25.46 44.62 99.02
CA LEU MA 256 -26.62 45.51 99.14
C LEU MA 256 -27.92 44.88 98.65
N GLY MA 257 -27.87 43.66 98.12
CA GLY MA 257 -29.10 42.95 97.80
C GLY MA 257 -29.87 43.59 96.66
N PHE MA 258 -31.17 43.79 96.89
CA PHE MA 258 -32.05 44.45 95.91
C PHE MA 258 -32.17 45.94 96.21
N GLU MA 259 -31.01 46.59 96.26
CA GLU MA 259 -30.92 48.04 96.43
C GLU MA 259 -29.49 48.44 96.12
N ALA MA 260 -29.33 49.48 95.30
CA ALA MA 260 -28.02 50.03 94.97
C ALA MA 260 -28.18 51.30 94.16
N PRO MA 261 -27.35 52.32 94.38
CA PRO MA 261 -27.42 53.53 93.55
C PRO MA 261 -27.23 53.19 92.09
N GLU MA 262 -27.81 54.03 91.23
CA GLU MA 262 -27.82 53.73 89.80
C GLU MA 262 -26.40 53.71 89.22
N GLU MA 263 -25.51 54.55 89.75
CA GLU MA 263 -24.16 54.60 89.21
C GLU MA 263 -23.42 53.29 89.45
N LEU MA 264 -23.65 52.62 90.59
CA LEU MA 264 -23.09 51.29 90.80
C LEU MA 264 -23.59 50.32 89.75
N ARG MA 265 -24.89 50.37 89.45
CA ARG MA 265 -25.45 49.46 88.46
C ARG MA 265 -24.86 49.70 87.08
N VAL MA 266 -24.65 50.96 86.71
CA VAL MA 266 -24.07 51.24 85.40
C VAL MA 266 -22.59 50.84 85.36
N ALA MA 267 -21.87 51.10 86.46
CA ALA MA 267 -20.46 50.72 86.53
C ALA MA 267 -20.29 49.22 86.43
N ASP MA 268 -21.24 48.45 86.96
CA ASP MA 268 -21.16 46.99 86.85
C ASP MA 268 -21.14 46.55 85.40
N LEU MA 269 -22.04 47.10 84.58
CA LEU MA 269 -22.07 46.72 83.17
C LEU MA 269 -20.84 47.24 82.43
N LEU MA 270 -20.38 48.43 82.78
CA LEU MA 270 -19.17 48.97 82.16
C LEU MA 270 -17.96 48.09 82.44
N LEU MA 271 -17.80 47.67 83.70
CA LEU MA 271 -16.70 46.79 84.07
C LEU MA 271 -16.81 45.44 83.38
N ALA MA 272 -18.01 44.89 83.27
CA ALA MA 272 -18.18 43.63 82.56
C ALA MA 272 -17.73 43.76 81.11
N ARG MA 273 -18.11 44.85 80.44
CA ARG MA 273 -17.71 45.02 79.05
C ARG MA 273 -16.21 45.23 78.92
N ALA MA 274 -15.62 45.98 79.84
CA ALA MA 274 -14.17 46.17 79.82
C ALA MA 274 -13.44 44.85 79.95
N ILE MA 275 -13.90 44.00 80.86
CA ILE MA 275 -13.28 42.69 81.05
C ILE MA 275 -13.44 41.84 79.80
N ALA MA 276 -14.62 41.88 79.19
CA ALA MA 276 -14.83 41.10 77.96
C ALA MA 276 -13.89 41.56 76.86
N LEU MA 277 -13.74 42.86 76.69
CA LEU MA 277 -12.86 43.38 75.64
C LEU MA 277 -11.41 43.02 75.90
N ILE MA 278 -10.96 43.14 77.15
CA ILE MA 278 -9.57 42.79 77.47
C ILE MA 278 -9.33 41.31 77.20
N LYS MA 279 -10.28 40.46 77.59
CA LYS MA 279 -10.14 39.03 77.32
C LYS MA 279 -10.12 38.73 75.83
N ALA MA 280 -10.83 39.52 75.03
CA ALA MA 280 -10.88 39.27 73.60
C ALA MA 280 -9.70 39.83 72.83
N ILE MA 281 -8.81 40.60 73.47
CA ILE MA 281 -7.63 41.12 72.80
C ILE MA 281 -6.78 39.99 72.28
N THR NA 24 -71.05 35.40 85.63
CA THR NA 24 -70.35 36.37 84.82
C THR NA 24 -69.20 35.73 84.05
N VAL NA 25 -68.84 34.51 84.46
CA VAL NA 25 -67.67 33.84 83.90
C VAL NA 25 -67.87 33.59 82.40
N VAL NA 26 -69.05 33.10 82.02
CA VAL NA 26 -69.33 32.88 80.60
C VAL NA 26 -69.36 34.21 79.86
N GLU NA 27 -69.87 35.25 80.51
CA GLU NA 27 -69.81 36.58 79.90
C GLU NA 27 -68.37 37.04 79.73
N GLU NA 28 -67.50 36.74 80.69
CA GLU NA 28 -66.09 37.09 80.54
C GLU NA 28 -65.46 36.35 79.38
N VAL NA 29 -65.79 35.06 79.22
CA VAL NA 29 -65.24 34.31 78.09
C VAL NA 29 -65.74 34.87 76.76
N ARG NA 30 -67.03 35.21 76.69
CA ARG NA 30 -67.57 35.81 75.47
C ARG NA 30 -66.88 37.13 75.17
N ARG NA 31 -66.73 37.98 76.19
CA ARG NA 31 -66.09 39.28 76.00
C ARG NA 31 -64.65 39.11 75.54
N PHE NA 32 -63.93 38.17 76.15
CA PHE NA 32 -62.54 37.91 75.77
C PHE NA 32 -62.45 37.49 74.31
N ALA NA 33 -63.31 36.55 73.89
CA ALA NA 33 -63.27 36.07 72.52
C ALA NA 33 -63.62 37.18 71.52
N GLU NA 34 -64.68 37.95 71.81
CA GLU NA 34 -65.08 39.00 70.88
C GLU NA 34 -64.03 40.10 70.81
N GLU NA 35 -63.43 40.48 71.95
CA GLU NA 35 -62.39 41.50 71.92
C GLU NA 35 -61.19 41.04 71.11
N LEU NA 36 -60.78 39.79 71.28
CA LEU NA 36 -59.66 39.29 70.50
C LEU NA 36 -59.99 39.27 69.01
N ALA NA 37 -61.22 38.87 68.66
CA ALA NA 37 -61.62 38.86 67.25
C ALA NA 37 -61.67 40.26 66.65
N GLU NA 38 -62.19 41.23 67.41
CA GLU NA 38 -62.22 42.61 66.93
C GLU NA 38 -60.80 43.14 66.72
N GLU NA 39 -59.89 42.84 67.64
CA GLU NA 39 -58.51 43.27 67.47
C GLU NA 39 -57.87 42.61 66.26
N VAL NA 40 -58.18 41.33 66.01
CA VAL NA 40 -57.66 40.67 64.83
C VAL NA 40 -58.12 41.39 63.58
N LEU NA 41 -59.41 41.75 63.54
CA LEU NA 41 -59.95 42.43 62.37
C LEU NA 41 -59.37 43.84 62.22
N ARG NA 42 -59.20 44.56 63.32
CA ARG NA 42 -58.63 45.91 63.24
C ARG NA 42 -57.20 45.87 62.72
N VAL NA 43 -56.38 44.95 63.24
CA VAL NA 43 -54.99 44.90 62.82
C VAL NA 43 -54.87 44.41 61.40
N GLY NA 44 -55.58 43.33 61.04
CA GLY NA 44 -55.43 42.73 59.74
C GLY NA 44 -56.50 43.07 58.73
N GLY NA 45 -57.56 43.77 59.14
CA GLY NA 45 -58.58 44.13 58.18
C GLY NA 45 -59.38 42.94 57.69
N GLU NA 46 -59.85 43.06 56.45
CA GLU NA 46 -60.59 41.99 55.80
C GLU NA 46 -59.68 40.95 55.18
N ALA NA 47 -58.36 41.13 55.26
CA ALA NA 47 -57.44 40.14 54.73
C ALA NA 47 -57.61 38.81 55.43
N MET NA 48 -57.73 38.83 56.77
CA MET NA 48 -57.94 37.63 57.57
C MET NA 48 -59.26 37.76 58.31
N ARG NA 49 -60.33 37.40 57.62
CA ARG NA 49 -61.65 37.18 58.20
C ARG NA 49 -61.78 35.79 58.82
N PRO NA 50 -61.18 34.74 58.22
CA PRO NA 50 -61.28 33.41 58.85
C PRO NA 50 -60.87 33.38 60.31
N TYR NA 51 -59.81 34.10 60.68
CA TYR NA 51 -59.33 34.03 62.06
C TYR NA 51 -60.32 34.63 63.04
N ALA NA 52 -61.04 35.67 62.62
CA ALA NA 52 -62.09 36.21 63.47
C ALA NA 52 -63.19 35.17 63.70
N GLU NA 53 -63.54 34.42 62.66
CA GLU NA 53 -64.54 33.38 62.81
C GLU NA 53 -64.03 32.25 63.72
N MET NA 54 -62.77 31.86 63.57
CA MET NA 54 -62.22 30.83 64.45
C MET NA 54 -62.24 31.29 65.90
N VAL NA 55 -61.85 32.53 66.15
CA VAL NA 55 -61.87 33.03 67.52
C VAL NA 55 -63.30 33.05 68.06
N ARG NA 56 -64.25 33.49 67.26
CA ARG NA 56 -65.63 33.61 67.76
C ARG NA 56 -66.25 32.24 68.02
N HIS NA 57 -66.02 31.26 67.13
CA HIS NA 57 -66.53 29.92 67.40
C HIS NA 57 -65.81 29.23 68.56
N LEU NA 58 -64.51 29.46 68.73
CA LEU NA 58 -63.85 28.87 69.88
C LEU NA 58 -64.37 29.48 71.18
N GLY NA 59 -64.65 30.78 71.18
CA GLY NA 59 -65.32 31.37 72.33
C GLY NA 59 -66.70 30.77 72.56
N GLU NA 60 -67.44 30.50 71.48
CA GLU NA 60 -68.76 29.88 71.63
C GLU NA 60 -68.66 28.47 72.18
N ALA NA 61 -67.70 27.68 71.69
CA ALA NA 61 -67.51 26.32 72.22
C ALA NA 61 -67.14 26.36 73.69
N ALA NA 62 -66.28 27.30 74.08
CA ALA NA 62 -65.90 27.42 75.49
C ALA NA 62 -67.11 27.77 76.36
N VAL NA 63 -67.93 28.73 75.92
CA VAL NA 63 -69.06 29.10 76.76
C VAL NA 63 -70.11 27.99 76.79
N ALA NA 64 -70.25 27.25 75.68
CA ALA NA 64 -71.12 26.08 75.70
C ALA NA 64 -70.65 25.07 76.73
N ALA NA 65 -69.34 24.78 76.76
CA ALA NA 65 -68.81 23.85 77.74
C ALA NA 65 -69.02 24.35 79.16
N LEU NA 66 -68.83 25.65 79.39
CA LEU NA 66 -69.09 26.22 80.71
C LEU NA 66 -70.57 26.19 81.09
N GLU NA 67 -71.47 26.12 80.12
CA GLU NA 67 -72.90 26.14 80.43
C GLU NA 67 -73.58 24.82 80.10
N GLY NA 68 -72.98 23.71 80.52
CA GLY NA 68 -73.50 22.40 80.20
C GLY NA 68 -72.88 21.87 78.93
N ARG NA 69 -73.60 20.96 78.28
CA ARG NA 69 -73.28 20.48 76.93
C ARG NA 69 -71.96 19.72 76.86
N ALA NA 70 -71.87 18.80 75.90
CA ALA NA 70 -70.61 18.15 75.54
C ALA NA 70 -70.50 17.86 74.05
N GLU NA 71 -71.58 17.97 73.30
CA GLU NA 71 -71.63 17.66 71.87
C GLU NA 71 -71.49 18.91 71.02
N GLU NA 72 -72.08 20.03 71.46
CA GLU NA 72 -71.91 21.28 70.75
C GLU NA 72 -70.45 21.72 70.77
N ALA NA 73 -69.76 21.52 71.89
CA ALA NA 73 -68.34 21.81 71.95
C ALA NA 73 -67.57 20.96 70.96
N ASP NA 74 -67.90 19.68 70.87
CA ASP NA 74 -67.29 18.79 69.89
C ASP NA 74 -67.49 19.32 68.47
N ARG NA 75 -68.72 19.68 68.14
CA ARG NA 75 -69.02 20.11 66.78
C ARG NA 75 -68.30 21.41 66.44
N LEU NA 76 -68.31 22.37 67.36
CA LEU NA 76 -67.67 23.66 67.08
C LEU NA 76 -66.17 23.49 66.94
N VAL NA 77 -65.56 22.66 67.78
CA VAL NA 77 -64.12 22.44 67.67
C VAL NA 77 -63.79 21.73 66.35
N ARG NA 78 -64.64 20.81 65.92
CA ARG NA 78 -64.41 20.16 64.63
C ARG NA 78 -64.55 21.14 63.46
N ASP NA 79 -65.54 22.03 63.53
CA ASP NA 79 -65.70 23.05 62.49
C ASP NA 79 -64.49 23.97 62.44
N VAL NA 80 -64.01 24.40 63.61
CA VAL NA 80 -62.84 25.28 63.66
C VAL NA 80 -61.62 24.54 63.15
N LEU NA 81 -61.51 23.24 63.42
CA LEU NA 81 -60.43 22.46 62.86
C LEU NA 81 -60.51 22.42 61.34
N GLU NA 82 -61.73 22.33 60.79
CA GLU NA 82 -61.89 22.36 59.34
C GLU NA 82 -61.42 23.69 58.75
N MET NA 83 -61.79 24.81 59.39
CA MET NA 83 -61.31 26.11 58.91
C MET NA 83 -59.80 26.19 58.98
N ALA NA 84 -59.23 25.71 60.09
CA ALA NA 84 -57.78 25.71 60.21
C ALA NA 84 -57.12 24.89 59.12
N ARG NA 85 -57.73 23.75 58.76
CA ARG NA 85 -57.20 22.93 57.68
C ARG NA 85 -57.22 23.67 56.36
N GLU NA 86 -58.33 24.34 56.05
CA GLU NA 86 -58.42 24.97 54.73
C GLU NA 86 -57.56 26.22 54.62
N VAL NA 87 -57.49 27.02 55.70
CA VAL NA 87 -56.71 28.25 55.66
C VAL NA 87 -55.23 27.95 55.44
N GLY NA 88 -54.71 26.95 56.14
CA GLY NA 88 -53.30 26.61 56.06
C GLY NA 88 -52.58 26.63 57.39
N ALA NA 89 -53.27 26.92 58.49
CA ALA NA 89 -52.64 26.93 59.81
C ALA NA 89 -52.34 25.50 60.24
N GLU NA 90 -51.06 25.18 60.41
CA GLU NA 90 -50.67 23.82 60.78
C GLU NA 90 -50.63 23.64 62.29
N GLY NA 91 -49.85 24.46 62.99
CA GLY NA 91 -49.78 24.34 64.44
C GLY NA 91 -51.12 24.54 65.10
N LEU NA 92 -51.91 25.47 64.58
CA LEU NA 92 -53.25 25.69 65.11
C LEU NA 92 -54.12 24.46 64.91
N ALA NA 93 -54.02 23.81 63.75
CA ALA NA 93 -54.80 22.60 63.51
C ALA NA 93 -54.39 21.48 64.47
N ARG NA 94 -53.09 21.30 64.69
CA ARG NA 94 -52.65 20.27 65.61
C ARG NA 94 -53.17 20.54 67.01
N LEU NA 95 -53.04 21.79 67.49
CA LEU NA 95 -53.53 22.11 68.82
C LEU NA 95 -55.04 21.92 68.88
N LEU NA 96 -55.75 22.14 67.78
CA LEU NA 96 -57.20 21.99 67.80
C LEU NA 96 -57.61 20.51 67.89
N GLU NA 97 -56.86 19.64 67.21
CA GLU NA 97 -57.11 18.20 67.40
C GLU NA 97 -56.87 17.79 68.85
N ARG NA 98 -55.79 18.28 69.45
CA ARG NA 98 -55.51 17.96 70.84
C ARG NA 98 -56.61 18.47 71.76
N VAL NA 99 -57.10 19.69 71.51
CA VAL NA 99 -58.23 20.20 72.27
C VAL NA 99 -59.44 19.30 72.11
N HIS NA 100 -59.68 18.82 70.90
CA HIS NA 100 -60.83 17.96 70.65
C HIS NA 100 -60.77 16.72 71.54
N ARG NA 101 -59.65 15.99 71.48
CA ARG NA 101 -59.54 14.74 72.23
C ARG NA 101 -59.61 14.98 73.74
N GLU NA 102 -58.80 15.91 74.24
CA GLU NA 102 -58.84 16.15 75.68
C GLU NA 102 -60.21 16.63 76.13
N ALA NA 103 -60.79 17.63 75.45
CA ALA NA 103 -62.10 18.13 75.84
C ALA NA 103 -63.09 16.99 75.94
N ARG NA 104 -63.03 16.03 75.01
CA ARG NA 104 -63.86 14.84 75.15
C ARG NA 104 -63.59 14.12 76.45
N GLU NA 105 -62.30 13.87 76.75
CA GLU NA 105 -61.96 13.07 77.93
C GLU NA 105 -62.43 13.73 79.22
N LEU NA 106 -62.06 15.00 79.42
CA LEU NA 106 -62.45 15.67 80.66
C LEU NA 106 -63.93 15.96 80.73
N LEU NA 107 -64.60 16.12 79.59
CA LEU NA 107 -66.05 16.28 79.66
C LEU NA 107 -66.72 14.97 80.04
N ARG NA 108 -66.14 13.84 79.65
CA ARG NA 108 -66.63 12.55 80.13
C ARG NA 108 -66.40 12.44 81.64
N GLU NA 109 -65.23 12.88 82.12
CA GLU NA 109 -64.94 12.80 83.55
C GLU NA 109 -65.74 13.80 84.38
N GLY NA 110 -66.46 14.72 83.75
CA GLY NA 110 -67.30 15.65 84.47
C GLY NA 110 -66.64 16.96 84.86
N ARG NA 111 -65.34 17.12 84.59
CA ARG NA 111 -64.64 18.37 84.87
C ARG NA 111 -64.86 19.32 83.71
N ARG NA 112 -65.36 20.52 84.00
CA ARG NA 112 -65.74 21.46 82.96
C ARG NA 112 -64.77 22.63 82.80
N GLU NA 113 -64.19 23.11 83.91
CA GLU NA 113 -63.36 24.31 83.84
C GLU NA 113 -62.13 24.08 82.97
N GLU NA 114 -61.51 22.91 83.08
CA GLU NA 114 -60.28 22.66 82.35
C GLU NA 114 -60.52 22.50 80.85
N ALA NA 115 -61.66 21.95 80.45
CA ALA NA 115 -61.98 21.85 79.02
C ALA NA 115 -62.14 23.23 78.41
N ALA NA 116 -62.88 24.11 79.09
CA ALA NA 116 -62.97 25.50 78.63
C ALA NA 116 -61.63 26.19 78.67
N ALA NA 117 -60.76 25.80 79.61
CA ALA NA 117 -59.42 26.37 79.65
C ALA NA 117 -58.64 26.00 78.40
N LEU NA 118 -58.71 24.73 77.99
CA LEU NA 118 -58.05 24.34 76.73
C LEU NA 118 -58.64 25.08 75.55
N VAL NA 119 -59.96 25.25 75.53
CA VAL NA 119 -60.60 25.94 74.41
C VAL NA 119 -60.18 27.41 74.36
N LEU NA 120 -60.13 28.07 75.52
CA LEU NA 120 -59.71 29.47 75.58
C LEU NA 120 -58.27 29.62 75.16
N ALA NA 121 -57.39 28.70 75.56
CA ALA NA 121 -56.02 28.73 75.08
C ALA NA 121 -55.99 28.59 73.57
N ALA NA 122 -56.84 27.74 73.00
CA ALA NA 122 -56.89 27.59 71.56
C ALA NA 122 -57.32 28.86 70.86
N ALA NA 123 -58.35 29.53 71.40
CA ALA NA 123 -58.81 30.78 70.83
C ALA NA 123 -57.72 31.85 70.87
N LEU NA 124 -57.03 31.95 72.01
CA LEU NA 124 -55.94 32.91 72.13
C LEU NA 124 -54.82 32.59 71.15
N ALA NA 125 -54.51 31.31 70.96
CA ALA NA 125 -53.49 30.95 69.99
C ALA NA 125 -53.90 31.39 68.59
N ALA NA 126 -55.16 31.17 68.21
CA ALA NA 126 -55.62 31.58 66.89
C ALA NA 126 -55.54 33.10 66.70
N GLY NA 127 -56.05 33.85 67.67
CA GLY NA 127 -56.00 35.30 67.57
C GLY NA 127 -54.59 35.86 67.54
N ALA NA 128 -53.73 35.35 68.42
CA ALA NA 128 -52.35 35.84 68.47
C ALA NA 128 -51.60 35.46 67.20
N VAL NA 129 -51.88 34.28 66.63
CA VAL NA 129 -51.26 33.92 65.37
C VAL NA 129 -51.68 34.88 64.27
N ALA NA 130 -52.97 35.21 64.22
CA ALA NA 130 -53.45 36.17 63.21
C ALA NA 130 -52.76 37.51 63.35
N VAL NA 131 -52.75 38.07 64.56
CA VAL NA 131 -52.20 39.40 64.75
C VAL NA 131 -50.70 39.40 64.50
N ALA NA 132 -49.99 38.35 64.92
CA ALA NA 132 -48.55 38.29 64.69
C ALA NA 132 -48.23 38.21 63.21
N GLU NA 133 -48.99 37.42 62.46
CA GLU NA 133 -48.77 37.36 61.01
C GLU NA 133 -49.07 38.71 60.36
N ALA NA 134 -50.09 39.42 60.87
CA ALA NA 134 -50.36 40.76 60.36
C ALA NA 134 -49.18 41.69 60.61
N TYR NA 135 -48.63 41.67 61.83
CA TYR NA 135 -47.51 42.53 62.17
C TYR NA 135 -46.30 42.21 61.31
N VAL NA 136 -46.04 40.91 61.08
CA VAL NA 136 -44.90 40.53 60.27
C VAL NA 136 -45.11 40.94 58.81
N ARG NA 137 -46.34 40.86 58.32
CA ARG NA 137 -46.61 41.20 56.92
C ARG NA 137 -46.30 42.65 56.63
N LEU NA 138 -46.68 43.56 57.53
CA LEU NA 138 -46.44 44.98 57.34
C LEU NA 138 -45.18 45.47 58.03
N GLY NA 139 -44.29 44.56 58.44
CA GLY NA 139 -42.95 44.91 58.87
C GLY NA 139 -42.80 45.77 60.10
N GLN NA 140 -43.57 45.50 61.15
CA GLN NA 140 -43.39 46.22 62.40
C GLN NA 140 -42.28 45.57 63.23
N PRO NA 141 -41.68 46.32 64.16
CA PRO NA 141 -40.54 45.78 64.91
C PRO NA 141 -40.96 44.64 65.83
N ILE NA 142 -39.96 43.85 66.22
CA ILE NA 142 -40.19 42.65 67.02
C ILE NA 142 -40.55 42.97 68.46
N ARG NA 143 -40.14 44.13 68.98
CA ARG NA 143 -40.57 44.53 70.32
C ARG NA 143 -42.08 44.53 70.43
N LEU NA 144 -42.77 44.96 69.37
CA LEU NA 144 -44.22 45.04 69.41
C LEU NA 144 -44.85 43.66 69.52
N ILE NA 145 -44.38 42.71 68.71
CA ILE NA 145 -44.89 41.35 68.79
C ILE NA 145 -44.63 40.77 70.17
N ALA NA 146 -43.42 40.96 70.70
CA ALA NA 146 -43.07 40.38 71.98
C ALA NA 146 -43.93 40.95 73.10
N GLU NA 147 -44.08 42.28 73.14
CA GLU NA 147 -44.89 42.89 74.18
C GLU NA 147 -46.36 42.50 74.06
N TYR NA 148 -46.87 42.45 72.83
CA TYR NA 148 -48.25 42.04 72.61
C TYR NA 148 -48.51 40.65 73.15
N VAL NA 149 -47.67 39.69 72.74
CA VAL NA 149 -47.88 38.30 73.14
C VAL NA 149 -47.75 38.16 74.64
N ALA NA 150 -46.75 38.79 75.24
CA ALA NA 150 -46.55 38.66 76.69
C ALA NA 150 -47.74 39.22 77.45
N GLU NA 151 -48.28 40.37 77.03
CA GLU NA 151 -49.42 40.93 77.75
C GLU NA 151 -50.66 40.07 77.58
N ARG NA 152 -50.84 39.49 76.38
CA ARG NA 152 -51.96 38.59 76.18
C ARG NA 152 -51.86 37.36 77.09
N LEU NA 153 -50.67 36.79 77.21
CA LEU NA 153 -50.49 35.64 78.09
C LEU NA 153 -50.79 36.00 79.53
N VAL NA 154 -50.37 37.18 79.97
CA VAL NA 154 -50.65 37.58 81.34
C VAL NA 154 -52.16 37.72 81.56
N GLU NA 155 -52.87 38.31 80.60
CA GLU NA 155 -54.32 38.45 80.73
C GLU NA 155 -55.01 37.09 80.78
N LEU NA 156 -54.58 36.17 79.92
CA LEU NA 156 -55.16 34.83 79.94
C LEU NA 156 -54.88 34.12 81.26
N ALA NA 157 -53.66 34.29 81.79
CA ALA NA 157 -53.34 33.66 83.07
C ALA NA 157 -54.22 34.21 84.17
N GLU NA 158 -54.49 35.51 84.15
CA GLU NA 158 -55.40 36.08 85.13
C GLU NA 158 -56.80 35.48 85.00
N LEU NA 159 -57.28 35.33 83.76
CA LEU NA 159 -58.60 34.74 83.56
C LEU NA 159 -58.65 33.30 84.07
N LEU NA 160 -57.66 32.50 83.72
CA LEU NA 160 -57.65 31.11 84.15
C LEU NA 160 -57.53 30.99 85.66
N ARG NA 161 -56.81 31.92 86.30
CA ARG NA 161 -56.81 31.96 87.75
C ARG NA 161 -58.20 32.27 88.28
N ARG NA 162 -58.94 33.14 87.60
CA ARG NA 162 -60.30 33.45 88.04
C ARG NA 162 -61.21 32.22 87.93
N LEU NA 163 -61.09 31.46 86.84
CA LEU NA 163 -61.94 30.28 86.67
C LEU NA 163 -61.69 29.24 87.75
N GLY NA 164 -60.44 28.85 87.95
CA GLY NA 164 -60.11 27.87 88.98
C GLY NA 164 -59.14 26.79 88.56
N VAL NA 165 -58.56 26.91 87.37
CA VAL NA 165 -57.59 25.92 86.90
C VAL NA 165 -56.37 25.93 87.82
N PRO NA 166 -55.78 24.78 88.15
CA PRO NA 166 -54.53 24.78 88.90
C PRO NA 166 -53.38 25.39 88.11
N LEU NA 167 -52.43 25.95 88.86
CA LEU NA 167 -51.44 26.84 88.26
C LEU NA 167 -50.53 26.12 87.27
N ARG NA 168 -50.21 24.88 87.53
CA ARG NA 168 -49.26 24.18 86.66
C ARG NA 168 -49.90 23.84 85.35
N ARG NA 169 -51.19 23.62 85.32
CA ARG NA 169 -51.92 23.52 84.06
C ARG NA 169 -51.95 24.86 83.35
N ILE NA 170 -52.09 25.95 84.10
CA ILE NA 170 -52.05 27.28 83.49
C ILE NA 170 -50.75 27.45 82.72
N ILE NA 171 -49.63 27.16 83.38
CA ILE NA 171 -48.34 27.38 82.74
C ILE NA 171 -48.15 26.46 81.54
N ARG NA 172 -48.67 25.22 81.63
CA ARG NA 172 -48.58 24.32 80.50
C ARG NA 172 -49.37 24.82 79.30
N LEU NA 173 -50.58 25.34 79.53
CA LEU NA 173 -51.36 25.90 78.43
C LEU NA 173 -50.69 27.12 77.84
N LEU NA 174 -50.13 27.98 78.68
CA LEU NA 174 -49.45 29.17 78.18
C LEU NA 174 -48.24 28.80 77.32
N GLU NA 175 -47.52 27.76 77.72
CA GLU NA 175 -46.40 27.30 76.90
C GLU NA 175 -46.88 26.72 75.58
N GLU NA 176 -48.04 26.05 75.58
CA GLU NA 176 -48.60 25.58 74.31
C GLU NA 176 -48.92 26.74 73.38
N VAL NA 177 -49.53 27.79 73.93
CA VAL NA 177 -49.83 28.99 73.14
C VAL NA 177 -48.56 29.57 72.57
N LEU NA 178 -47.52 29.68 73.39
CA LEU NA 178 -46.26 30.23 72.93
C LEU NA 178 -45.65 29.38 71.83
N ARG NA 179 -45.78 28.07 71.94
CA ARG NA 179 -45.26 27.18 70.90
C ARG NA 179 -45.96 27.40 69.58
N VAL NA 180 -47.29 27.53 69.61
CA VAL NA 180 -48.04 27.79 68.39
C VAL NA 180 -47.63 29.12 67.78
N VAL NA 181 -47.49 30.15 68.60
CA VAL NA 181 -47.11 31.47 68.10
C VAL NA 181 -45.72 31.42 67.47
N ALA NA 182 -44.80 30.72 68.11
CA ALA NA 182 -43.45 30.59 67.55
C ALA NA 182 -43.47 29.87 66.22
N GLU NA 183 -44.28 28.82 66.10
CA GLU NA 183 -44.39 28.12 64.81
C GLU NA 183 -44.96 29.05 63.73
N ALA NA 184 -45.97 29.85 64.09
CA ALA NA 184 -46.54 30.79 63.13
C ALA NA 184 -45.49 31.78 62.66
N LEU NA 185 -44.72 32.34 63.61
CA LEU NA 185 -43.69 33.30 63.23
C LEU NA 185 -42.59 32.65 62.41
N ARG NA 186 -42.31 31.37 62.65
CA ARG NA 186 -41.34 30.66 61.82
C ARG NA 186 -41.83 30.51 60.40
N ARG NA 187 -43.12 30.19 60.22
CA ARG NA 187 -43.66 30.04 58.87
C ARG NA 187 -43.69 31.36 58.11
N ALA NA 188 -43.72 32.48 58.83
CA ALA NA 188 -43.72 33.80 58.20
C ALA NA 188 -42.32 34.28 57.84
N GLY NA 189 -41.29 33.48 58.10
CA GLY NA 189 -39.93 33.84 57.75
C GLY NA 189 -39.17 34.66 58.78
N VAL NA 190 -39.73 34.87 59.96
CA VAL NA 190 -39.01 35.63 60.99
C VAL NA 190 -37.77 34.86 61.40
N PRO NA 191 -36.60 35.50 61.48
CA PRO NA 191 -35.38 34.77 61.83
C PRO NA 191 -35.47 34.17 63.23
N GLU NA 192 -34.78 33.05 63.42
CA GLU NA 192 -34.88 32.30 64.67
C GLU NA 192 -34.51 33.12 65.91
N PRO NA 193 -33.41 33.89 65.93
CA PRO NA 193 -33.10 34.65 67.15
C PRO NA 193 -34.21 35.57 67.60
N GLU NA 194 -34.96 36.17 66.68
CA GLU NA 194 -36.08 37.00 67.09
C GLU NA 194 -37.17 36.18 67.75
N ILE NA 195 -37.41 34.96 67.26
CA ILE NA 195 -38.37 34.07 67.91
C ILE NA 195 -37.92 33.73 69.33
N ARG NA 196 -36.63 33.45 69.50
CA ARG NA 196 -36.11 33.17 70.83
C ARG NA 196 -36.25 34.39 71.74
N LYS NA 197 -36.02 35.58 71.20
CA LYS NA 197 -36.21 36.79 72.00
C LYS NA 197 -37.67 36.94 72.42
N VAL NA 198 -38.60 36.63 71.51
CA VAL NA 198 -40.02 36.72 71.85
C VAL NA 198 -40.34 35.78 73.00
N GLU NA 199 -39.90 34.52 72.90
CA GLU NA 199 -40.22 33.55 73.95
C GLU NA 199 -39.56 33.92 75.27
N ALA NA 200 -38.29 34.34 75.24
CA ALA NA 200 -37.60 34.70 76.47
C ALA NA 200 -38.26 35.88 77.15
N ALA NA 201 -38.69 36.88 76.36
CA ALA NA 201 -39.43 37.99 76.93
C ALA NA 201 -40.73 37.51 77.56
N ALA NA 202 -41.42 36.57 76.91
CA ALA NA 202 -42.66 36.03 77.46
C ALA NA 202 -42.41 35.35 78.80
N TYR NA 203 -41.34 34.56 78.88
CA TYR NA 203 -41.04 33.83 80.11
C TYR NA 203 -40.65 34.77 81.23
N ILE NA 204 -39.87 35.82 80.93
CA ILE NA 204 -39.49 36.78 81.95
C ILE NA 204 -40.71 37.55 82.44
N ARG NA 205 -41.64 37.88 81.54
CA ARG NA 205 -42.86 38.55 81.95
C ARG NA 205 -43.71 37.64 82.84
N LEU NA 206 -43.84 36.36 82.47
CA LEU NA 206 -44.61 35.42 83.30
C LEU NA 206 -43.96 35.25 84.67
N ALA NA 207 -42.64 35.12 84.71
CA ALA NA 207 -41.94 34.97 85.98
C ALA NA 207 -42.12 36.19 86.87
N ALA NA 208 -42.03 37.39 86.29
CA ALA NA 208 -42.26 38.60 87.06
C ALA NA 208 -43.68 38.67 87.57
N TYR NA 209 -44.65 38.27 86.74
CA TYR NA 209 -46.04 38.25 87.15
C TYR NA 209 -46.25 37.30 88.33
N LEU NA 210 -45.64 36.12 88.28
CA LEU NA 210 -45.78 35.17 89.39
C LEU NA 210 -45.12 35.71 90.65
N LEU NA 211 -43.95 36.33 90.51
CA LEU NA 211 -43.22 36.82 91.68
C LEU NA 211 -43.94 37.99 92.33
N ARG NA 212 -44.70 38.77 91.56
CA ARG NA 212 -45.34 39.95 92.14
C ARG NA 212 -46.44 39.58 93.14
N GLN NA 213 -47.17 38.48 92.89
CA GLN NA 213 -48.29 38.14 93.76
C GLN NA 213 -47.83 37.85 95.18
N LEU NA 214 -46.70 37.18 95.33
CA LEU NA 214 -46.21 36.78 96.65
C LEU NA 214 -45.52 37.91 97.38
N GLY NA 215 -45.35 39.07 96.77
CA GLY NA 215 -44.79 40.21 97.46
C GLY NA 215 -43.30 40.33 97.30
N TYR NA 216 -42.79 40.03 96.11
CA TYR NA 216 -41.39 40.26 95.77
C TYR NA 216 -41.39 41.32 94.68
N GLU NA 217 -41.48 42.58 95.08
CA GLU NA 217 -41.54 43.66 94.11
C GLU NA 217 -40.20 43.91 93.46
N ALA NA 218 -39.14 44.03 94.27
CA ALA NA 218 -37.82 44.36 93.75
C ALA NA 218 -37.37 43.32 92.73
N LEU NA 219 -37.62 42.05 93.01
CA LEU NA 219 -37.29 40.99 92.07
C LEU NA 219 -37.99 41.20 90.74
N ALA NA 220 -39.28 41.55 90.78
CA ALA NA 220 -40.01 41.77 89.54
C ALA NA 220 -39.48 42.98 88.77
N LYS NA 221 -39.16 44.06 89.47
CA LYS NA 221 -38.61 45.23 88.77
C LYS NA 221 -37.28 44.89 88.10
N ARG NA 222 -36.42 44.14 88.78
CA ARG NA 222 -35.13 43.80 88.17
C ARG NA 222 -35.32 42.87 86.97
N LEU NA 223 -36.27 41.93 87.06
CA LEU NA 223 -36.55 41.07 85.91
C LEU NA 223 -37.06 41.88 84.74
N LEU NA 224 -37.90 42.87 85.01
CA LEU NA 224 -38.43 43.67 83.91
C LEU NA 224 -37.37 44.62 83.33
N GLU NA 225 -36.44 45.10 84.16
CA GLU NA 225 -35.30 45.86 83.64
C GLU NA 225 -34.46 45.00 82.70
N ALA NA 226 -34.18 43.76 83.10
CA ALA NA 226 -33.45 42.86 82.22
C ALA NA 226 -34.22 42.61 80.93
N ARG NA 227 -35.54 42.48 81.02
CA ARG NA 227 -36.34 42.30 79.81
C ARG NA 227 -36.27 43.51 78.90
N GLU NA 228 -36.31 44.72 79.48
CA GLU NA 228 -36.19 45.93 78.69
C GLU NA 228 -34.85 45.98 77.96
N LEU NA 229 -33.78 45.64 78.67
CA LEU NA 229 -32.47 45.60 78.00
C LEU NA 229 -32.44 44.53 76.92
N LEU NA 230 -33.21 43.46 77.09
CA LEU NA 230 -33.21 42.41 76.07
C LEU NA 230 -33.94 42.85 74.81
N LEU NA 231 -35.10 43.47 74.95
CA LEU NA 231 -35.91 43.83 73.79
C LEU NA 231 -35.24 44.91 72.94
N GLU NA 232 -34.29 45.65 73.50
CA GLU NA 232 -33.57 46.70 72.79
C GLU NA 232 -32.39 46.18 71.99
N GLY NA 233 -32.12 44.88 72.04
CA GLY NA 233 -30.99 44.31 71.35
C GLY NA 233 -29.74 44.15 72.19
N ARG NA 234 -29.67 44.78 73.36
CA ARG NA 234 -28.55 44.62 74.27
C ARG NA 234 -28.68 43.27 74.97
N VAL NA 235 -28.22 42.23 74.27
CA VAL NA 235 -28.33 40.87 74.80
C VAL NA 235 -27.37 40.67 75.96
N GLU NA 236 -26.16 41.22 75.86
CA GLU NA 236 -25.11 40.92 76.84
C GLU NA 236 -25.43 41.50 78.20
N GLU NA 237 -25.84 42.76 78.25
CA GLU NA 237 -26.22 43.37 79.52
C GLU NA 237 -27.46 42.69 80.09
N ALA NA 238 -28.38 42.27 79.22
CA ALA NA 238 -29.55 41.53 79.67
C ALA NA 238 -29.16 40.23 80.33
N ALA NA 239 -28.22 39.49 79.73
CA ALA NA 239 -27.78 38.23 80.31
C ALA NA 239 -27.04 38.45 81.61
N HIS NA 240 -26.21 39.48 81.70
CA HIS NA 240 -25.49 39.74 82.96
C HIS NA 240 -26.46 40.09 84.08
N LEU NA 241 -27.40 40.99 83.82
CA LEU NA 241 -28.34 41.40 84.86
C LEU NA 241 -29.28 40.26 85.23
N LEU NA 242 -29.68 39.46 84.25
CA LEU NA 242 -30.52 38.30 84.51
C LEU NA 242 -29.80 37.30 85.39
N GLU NA 243 -28.53 37.02 85.11
CA GLU NA 243 -27.81 36.05 85.92
C GLU NA 243 -27.59 36.58 87.33
N ASP NA 244 -27.38 37.90 87.50
CA ASP NA 244 -27.25 38.43 88.85
C ASP NA 244 -28.54 38.26 89.65
N VAL NA 245 -29.67 38.67 89.06
CA VAL NA 245 -30.93 38.56 89.79
C VAL NA 245 -31.31 37.11 90.03
N TYR NA 246 -31.00 36.22 89.08
CA TYR NA 246 -31.25 34.80 89.26
C TYR NA 246 -30.42 34.23 90.40
N ALA NA 247 -29.16 34.64 90.51
CA ALA NA 247 -28.33 34.15 91.60
C ALA NA 247 -28.89 34.58 92.95
N LEU NA 248 -29.31 35.84 93.07
CA LEU NA 248 -29.90 36.28 94.34
C LEU NA 248 -31.19 35.52 94.64
N PHE NA 249 -32.04 35.35 93.63
CA PHE NA 249 -33.29 34.62 93.81
C PHE NA 249 -33.05 33.17 94.22
N HIS NA 250 -32.06 32.53 93.60
CA HIS NA 250 -31.83 31.11 93.88
C HIS NA 250 -31.23 30.92 95.25
N ARG NA 251 -30.39 31.85 95.70
CA ARG NA 251 -29.97 31.82 97.10
C ARG NA 251 -31.17 31.95 98.03
N GLU NA 252 -32.11 32.82 97.69
CA GLU NA 252 -33.32 32.94 98.50
C GLU NA 252 -34.11 31.64 98.52
N ILE NA 253 -34.18 30.95 97.38
CA ILE NA 253 -34.88 29.68 97.30
C ILE NA 253 -34.22 28.65 98.21
N GLU NA 254 -32.90 28.51 98.09
CA GLU NA 254 -32.17 27.54 98.89
C GLU NA 254 -32.18 27.90 100.37
N ARG NA 255 -32.48 29.15 100.72
CA ARG NA 255 -32.63 29.50 102.12
C ARG NA 255 -33.76 28.72 102.77
N LEU NA 256 -34.88 28.56 102.05
CA LEU NA 256 -36.06 27.92 102.62
C LEU NA 256 -35.98 26.40 102.63
N GLY NA 257 -34.92 25.81 102.09
CA GLY NA 257 -34.71 24.37 102.24
C GLY NA 257 -35.75 23.56 101.47
N PHE NA 258 -36.36 22.61 102.16
CA PHE NA 258 -37.40 21.76 101.59
C PHE NA 258 -38.80 22.29 101.92
N GLU NA 259 -39.01 23.55 101.56
CA GLU NA 259 -40.30 24.21 101.72
C GLU NA 259 -40.26 25.52 100.96
N ALA NA 260 -41.30 25.79 100.17
CA ALA NA 260 -41.45 27.03 99.42
C ALA NA 260 -42.82 27.08 98.76
N PRO NA 261 -43.44 28.25 98.67
CA PRO NA 261 -44.72 28.34 97.95
C PRO NA 261 -44.56 27.87 96.52
N GLU NA 262 -45.65 27.31 95.98
CA GLU NA 262 -45.55 26.65 94.68
C GLU NA 262 -45.16 27.61 93.57
N GLU NA 263 -45.58 28.88 93.68
CA GLU NA 263 -45.25 29.84 92.63
C GLU NA 263 -43.75 30.12 92.57
N LEU NA 264 -43.06 30.08 93.71
CA LEU NA 264 -41.60 30.15 93.69
C LEU NA 264 -41.03 29.00 92.87
N ARG NA 265 -41.55 27.79 93.09
CA ARG NA 265 -41.03 26.62 92.39
C ARG NA 265 -41.28 26.72 90.89
N VAL NA 266 -42.44 27.25 90.48
CA VAL NA 266 -42.71 27.40 89.06
C VAL NA 266 -41.85 28.50 88.45
N ALA NA 267 -41.73 29.63 89.15
CA ALA NA 267 -40.94 30.74 88.66
C ALA NA 267 -39.49 30.34 88.48
N ASP NA 268 -38.99 29.42 89.31
CA ASP NA 268 -37.61 28.96 89.15
C ASP NA 268 -37.40 28.31 87.79
N LEU NA 269 -38.33 27.44 87.39
CA LEU NA 269 -38.19 26.80 86.08
C LEU NA 269 -38.41 27.80 84.95
N LEU NA 270 -39.32 28.75 85.14
CA LEU NA 270 -39.52 29.79 84.13
C LEU NA 270 -38.25 30.59 83.90
N LEU NA 271 -37.60 31.00 84.99
CA LEU NA 271 -36.37 31.77 84.91
C LEU NA 271 -35.25 30.94 84.29
N ALA NA 272 -35.16 29.66 84.64
CA ALA NA 272 -34.12 28.82 84.04
C ALA NA 272 -34.30 28.73 82.53
N ARG NA 273 -35.53 28.53 82.07
CA ARG NA 273 -35.76 28.45 80.62
C ARG NA 273 -35.51 29.78 79.94
N ALA NA 274 -35.89 30.89 80.58
CA ALA NA 274 -35.62 32.20 80.01
C ALA NA 274 -34.13 32.42 79.83
N ILE NA 275 -33.34 32.06 80.85
CA ILE NA 275 -31.89 32.22 80.75
C ILE NA 275 -31.31 31.33 79.67
N ALA NA 276 -31.81 30.10 79.57
CA ALA NA 276 -31.31 29.20 78.52
C ALA NA 276 -31.61 29.78 77.14
N LEU NA 277 -32.82 30.32 76.94
CA LEU NA 277 -33.18 30.89 75.64
C LEU NA 277 -32.32 32.10 75.32
N ILE NA 278 -32.09 32.97 76.30
CA ILE NA 278 -31.25 34.14 76.04
C ILE NA 278 -29.84 33.71 75.66
N LYS NA 279 -29.29 32.72 76.37
CA LYS NA 279 -27.96 32.23 76.06
C LYS NA 279 -27.91 31.60 74.67
N ALA NA 280 -29.01 30.99 74.22
CA ALA NA 280 -29.01 30.33 72.92
C ALA NA 280 -29.25 31.29 71.75
N ILE NA 281 -29.58 32.55 72.01
CA ILE NA 281 -29.74 33.54 70.94
C ILE NA 281 -28.46 33.65 70.13
N THR OA 24 -28.55 -93.37 64.11
CA THR OA 24 -28.92 -92.04 64.54
C THR OA 24 -28.14 -90.98 63.78
N VAL OA 25 -27.14 -91.43 63.01
CA VAL OA 25 -26.25 -90.51 62.32
C VAL OA 25 -27.02 -89.69 61.29
N VAL OA 26 -27.89 -90.33 60.51
CA VAL OA 26 -28.68 -89.60 59.53
C VAL OA 26 -29.65 -88.66 60.25
N GLU OA 27 -30.19 -89.08 61.38
CA GLU OA 27 -31.03 -88.19 62.18
C GLU OA 27 -30.22 -87.01 62.69
N GLU OA 28 -28.97 -87.24 63.08
CA GLU OA 28 -28.13 -86.13 63.53
C GLU OA 28 -27.85 -85.15 62.39
N VAL OA 29 -27.61 -85.66 61.19
CA VAL OA 29 -27.39 -84.77 60.05
C VAL OA 29 -28.65 -83.98 59.72
N ARG OA 30 -29.81 -84.63 59.75
CA ARG OA 30 -31.06 -83.91 59.51
C ARG OA 30 -31.28 -82.83 60.57
N ARG OA 31 -31.05 -83.18 61.84
CA ARG OA 31 -31.23 -82.21 62.92
C ARG OA 31 -30.29 -81.04 62.76
N PHE OA 32 -29.03 -81.31 62.42
CA PHE OA 32 -28.04 -80.25 62.22
C PHE OA 32 -28.48 -79.31 61.10
N ALA OA 33 -28.91 -79.87 59.98
CA ALA OA 33 -29.30 -79.03 58.85
C ALA OA 33 -30.54 -78.20 59.18
N GLU OA 34 -31.55 -78.83 59.79
CA GLU OA 34 -32.79 -78.09 60.08
C GLU OA 34 -32.55 -77.02 61.14
N GLU OA 35 -31.74 -77.31 62.16
CA GLU OA 35 -31.44 -76.30 63.17
C GLU OA 35 -30.70 -75.12 62.55
N LEU OA 36 -29.74 -75.39 61.67
CA LEU OA 36 -29.04 -74.29 61.01
C LEU OA 36 -30.00 -73.47 60.16
N ALA OA 37 -30.91 -74.13 59.44
CA ALA OA 37 -31.88 -73.41 58.61
C ALA OA 37 -32.83 -72.56 59.44
N GLU OA 38 -33.29 -73.10 60.57
CA GLU OA 38 -34.14 -72.33 61.47
C GLU OA 38 -33.40 -71.11 62.00
N GLU OA 39 -32.12 -71.26 62.35
CA GLU OA 39 -31.36 -70.13 62.82
C GLU OA 39 -31.20 -69.08 61.72
N VAL OA 40 -31.00 -69.52 60.48
CA VAL OA 40 -30.93 -68.57 59.37
C VAL OA 40 -32.23 -67.78 59.28
N LEU OA 41 -33.36 -68.47 59.38
CA LEU OA 41 -34.65 -67.80 59.25
C LEU OA 41 -34.92 -66.87 60.43
N ARG OA 42 -34.51 -67.26 61.63
CA ARG OA 42 -34.70 -66.38 62.78
C ARG OA 42 -33.85 -65.13 62.67
N VAL OA 43 -32.57 -65.28 62.33
CA VAL OA 43 -31.69 -64.12 62.29
C VAL OA 43 -32.07 -63.20 61.14
N GLY OA 44 -32.31 -63.75 59.96
CA GLY OA 44 -32.57 -62.95 58.79
C GLY OA 44 -34.01 -62.82 58.36
N GLY OA 45 -34.92 -63.56 58.98
CA GLY OA 45 -36.32 -63.44 58.60
C GLY OA 45 -36.60 -64.01 57.23
N GLU OA 46 -37.59 -63.41 56.58
CA GLU OA 46 -37.95 -63.78 55.22
C GLU OA 46 -37.09 -63.09 54.18
N ALA OA 47 -36.15 -62.25 54.60
CA ALA OA 47 -35.26 -61.60 53.65
C ALA OA 47 -34.42 -62.62 52.90
N MET OA 48 -33.89 -63.61 53.60
CA MET OA 48 -33.11 -64.70 52.99
C MET OA 48 -33.82 -66.00 53.30
N ARG OA 49 -34.80 -66.33 52.47
CA ARG OA 49 -35.44 -67.64 52.40
C ARG OA 49 -34.65 -68.61 51.53
N PRO OA 50 -34.03 -68.17 50.41
CA PRO OA 50 -33.21 -69.10 49.62
C PRO OA 50 -32.18 -69.87 50.43
N TYR OA 51 -31.52 -69.22 51.39
CA TYR OA 51 -30.46 -69.90 52.13
C TYR OA 51 -31.02 -71.01 53.01
N ALA OA 52 -32.22 -70.84 53.55
CA ALA OA 52 -32.85 -71.92 54.28
C ALA OA 52 -33.12 -73.11 53.38
N GLU OA 53 -33.52 -72.85 52.13
CA GLU OA 53 -33.73 -73.93 51.18
C GLU OA 53 -32.42 -74.63 50.82
N MET OA 54 -31.35 -73.84 50.62
CA MET OA 54 -30.06 -74.45 50.33
C MET OA 54 -29.61 -75.34 51.48
N VAL OA 55 -29.73 -74.86 52.71
CA VAL OA 55 -29.31 -75.66 53.86
C VAL OA 55 -30.14 -76.92 53.95
N ARG OA 56 -31.45 -76.80 53.73
CA ARG OA 56 -32.31 -77.97 53.87
C ARG OA 56 -32.04 -79.02 52.79
N HIS OA 57 -31.87 -78.59 51.54
CA HIS OA 57 -31.53 -79.56 50.49
C HIS OA 57 -30.14 -80.15 50.67
N LEU OA 58 -29.17 -79.39 51.16
CA LEU OA 58 -27.87 -79.99 51.42
C LEU OA 58 -27.96 -81.01 52.55
N GLY OA 59 -28.82 -80.77 53.54
CA GLY OA 59 -29.10 -81.79 54.53
C GLY OA 59 -29.69 -83.05 53.92
N GLU OA 60 -30.67 -82.88 53.02
CA GLU OA 60 -31.26 -84.05 52.37
C GLU OA 60 -30.24 -84.79 51.51
N ALA OA 61 -29.39 -84.07 50.78
CA ALA OA 61 -28.37 -84.72 49.98
C ALA OA 61 -27.39 -85.50 50.84
N ALA OA 62 -26.97 -84.92 51.97
CA ALA OA 62 -26.06 -85.63 52.86
C ALA OA 62 -26.70 -86.89 53.42
N VAL OA 63 -27.97 -86.81 53.85
CA VAL OA 63 -28.57 -88.02 54.41
C VAL OA 63 -28.84 -89.05 53.32
N ALA OA 64 -29.11 -88.60 52.08
CA ALA OA 64 -29.20 -89.53 50.97
C ALA OA 64 -27.90 -90.27 50.77
N ALA OA 65 -26.78 -89.56 50.81
CA ALA OA 65 -25.47 -90.20 50.67
C ALA OA 65 -25.22 -91.19 51.79
N LEU OA 66 -25.55 -90.82 53.03
CA LEU OA 66 -25.41 -91.75 54.14
C LEU OA 66 -26.35 -92.95 54.05
N GLU OA 67 -27.45 -92.84 53.30
CA GLU OA 67 -28.41 -93.95 53.24
C GLU OA 67 -28.46 -94.58 51.85
N GLY OA 68 -27.30 -94.87 51.28
CA GLY OA 68 -27.23 -95.40 49.95
C GLY OA 68 -27.12 -94.29 48.92
N ARG OA 69 -27.56 -94.59 47.71
CA ARG OA 69 -27.75 -93.61 46.64
C ARG OA 69 -26.46 -92.96 46.17
N ALA OA 70 -26.43 -92.57 44.90
CA ALA OA 70 -25.38 -91.71 44.37
C ALA OA 70 -25.90 -90.68 43.38
N GLU OA 71 -27.11 -90.86 42.84
CA GLU OA 71 -27.68 -89.98 41.83
C GLU OA 71 -28.55 -88.89 42.44
N GLU OA 72 -29.29 -89.21 43.49
CA GLU OA 72 -30.07 -88.20 44.19
C GLU OA 72 -29.17 -87.14 44.80
N ALA OA 73 -28.03 -87.57 45.36
CA ALA OA 73 -27.07 -86.60 45.88
C ALA OA 73 -26.57 -85.66 44.78
N ASP OA 74 -26.25 -86.22 43.61
CA ASP OA 74 -25.83 -85.41 42.47
C ASP OA 74 -26.90 -84.40 42.08
N ARG OA 75 -28.15 -84.87 41.98
CA ARG OA 75 -29.23 -83.98 41.56
C ARG OA 75 -29.45 -82.87 42.57
N LEU OA 76 -29.49 -83.20 43.85
CA LEU OA 76 -29.72 -82.18 44.86
C LEU OA 76 -28.60 -81.18 44.90
N VAL OA 77 -27.34 -81.63 44.79
CA VAL OA 77 -26.22 -80.70 44.80
C VAL OA 77 -26.28 -79.79 43.57
N ARG OA 78 -26.71 -80.33 42.42
CA ARG OA 78 -26.88 -79.48 41.24
C ARG OA 78 -27.99 -78.45 41.43
N ASP OA 79 -29.08 -78.84 42.08
CA ASP OA 79 -30.16 -77.90 42.37
C ASP OA 79 -29.67 -76.77 43.27
N VAL OA 80 -28.94 -77.11 44.34
CA VAL OA 80 -28.40 -76.09 45.22
C VAL OA 80 -27.38 -75.23 44.49
N LEU OA 81 -26.62 -75.82 43.57
CA LEU OA 81 -25.71 -75.02 42.76
C LEU OA 81 -26.47 -74.01 41.93
N GLU OA 82 -27.60 -74.42 41.36
CA GLU OA 82 -28.42 -73.48 40.59
C GLU OA 82 -28.95 -72.35 41.46
N MET OA 83 -29.42 -72.67 42.68
CA MET OA 83 -29.88 -71.62 43.57
C MET OA 83 -28.75 -70.65 43.92
N ALA OA 84 -27.57 -71.19 44.21
CA ALA OA 84 -26.43 -70.34 44.51
C ALA OA 84 -26.09 -69.46 43.32
N ARG OA 85 -26.24 -69.98 42.10
CA ARG OA 85 -25.99 -69.17 40.91
C ARG OA 85 -26.98 -68.01 40.83
N GLU OA 86 -28.26 -68.29 41.05
CA GLU OA 86 -29.25 -67.22 40.85
C GLU OA 86 -29.22 -66.18 41.96
N VAL OA 87 -29.02 -66.61 43.21
CA VAL OA 87 -29.01 -65.66 44.33
C VAL OA 87 -27.87 -64.66 44.18
N GLY OA 88 -26.68 -65.15 43.83
CA GLY OA 88 -25.51 -64.31 43.72
C GLY OA 88 -24.33 -64.79 44.55
N ALA OA 89 -24.45 -65.90 45.27
CA ALA OA 89 -23.34 -66.42 46.07
C ALA OA 89 -22.28 -66.99 45.15
N GLU OA 90 -21.09 -66.38 45.16
CA GLU OA 90 -20.00 -66.84 44.29
C GLU OA 90 -19.17 -67.94 44.95
N GLY OA 91 -18.60 -67.64 46.13
CA GLY OA 91 -17.79 -68.64 46.80
C GLY OA 91 -18.57 -69.89 47.14
N LEU OA 92 -19.83 -69.72 47.52
CA LEU OA 92 -20.68 -70.88 47.78
C LEU OA 92 -20.88 -71.70 46.53
N ALA OA 93 -21.08 -71.05 45.38
CA ALA OA 93 -21.24 -71.77 44.13
C ALA OA 93 -19.98 -72.55 43.76
N ARG OA 94 -18.81 -71.92 43.94
CA ARG OA 94 -17.56 -72.62 43.64
C ARG OA 94 -17.40 -73.85 44.54
N LEU OA 95 -17.65 -73.69 45.83
CA LEU OA 95 -17.53 -74.83 46.73
C LEU OA 95 -18.55 -75.89 46.37
N LEU OA 96 -19.70 -75.50 45.84
CA LEU OA 96 -20.72 -76.48 45.50
C LEU OA 96 -20.32 -77.30 44.27
N GLU OA 97 -19.71 -76.65 43.26
CA GLU OA 97 -19.14 -77.42 42.16
C GLU OA 97 -18.08 -78.39 42.65
N ARG OA 98 -17.20 -77.92 43.53
CA ARG OA 98 -16.14 -78.78 44.04
C ARG OA 98 -16.69 -79.98 44.80
N VAL OA 99 -17.69 -79.75 45.67
CA VAL OA 99 -18.24 -80.88 46.42
C VAL OA 99 -18.97 -81.81 45.48
N HIS OA 100 -19.56 -81.28 44.41
CA HIS OA 100 -20.21 -82.13 43.42
C HIS OA 100 -19.22 -83.12 42.82
N ARG OA 101 -18.10 -82.61 42.30
CA ARG OA 101 -17.12 -83.49 41.64
C ARG OA 101 -16.52 -84.49 42.62
N GLU OA 102 -16.07 -84.01 43.78
CA GLU OA 102 -15.46 -84.90 44.76
C GLU OA 102 -16.45 -85.94 45.27
N ALA OA 103 -17.71 -85.56 45.46
CA ALA OA 103 -18.71 -86.52 45.90
C ALA OA 103 -18.89 -87.61 44.85
N ARG OA 104 -18.90 -87.22 43.58
CA ARG OA 104 -18.96 -88.23 42.51
C ARG OA 104 -17.79 -89.20 42.61
N GLU OA 105 -16.57 -88.67 42.74
CA GLU OA 105 -15.39 -89.54 42.78
C GLU OA 105 -15.44 -90.48 43.97
N LEU OA 106 -15.74 -89.97 45.16
CA LEU OA 106 -15.71 -90.81 46.34
C LEU OA 106 -16.85 -91.82 46.33
N LEU OA 107 -18.02 -91.44 45.80
CA LEU OA 107 -19.11 -92.39 45.71
C LEU OA 107 -18.80 -93.49 44.70
N ARG OA 108 -18.07 -93.16 43.63
CA ARG OA 108 -17.58 -94.20 42.73
C ARG OA 108 -16.62 -95.13 43.45
N GLU OA 109 -15.74 -94.57 44.28
CA GLU OA 109 -14.81 -95.38 45.07
C GLU OA 109 -15.51 -96.15 46.20
N GLY OA 110 -16.78 -95.86 46.47
CA GLY OA 110 -17.52 -96.59 47.46
C GLY OA 110 -17.48 -96.04 48.87
N ARG OA 111 -16.71 -94.97 49.11
CA ARG OA 111 -16.63 -94.35 50.42
C ARG OA 111 -17.78 -93.36 50.57
N ARG OA 112 -18.53 -93.48 51.66
CA ARG OA 112 -19.73 -92.68 51.86
C ARG OA 112 -19.58 -91.57 52.89
N GLU OA 113 -18.79 -91.80 53.94
CA GLU OA 113 -18.71 -90.83 55.02
C GLU OA 113 -18.09 -89.52 54.54
N GLU OA 114 -17.06 -89.59 53.71
CA GLU OA 114 -16.37 -88.36 53.30
C GLU OA 114 -17.22 -87.52 52.34
N ALA OA 115 -18.01 -88.15 51.47
CA ALA OA 115 -18.90 -87.38 50.59
C ALA OA 115 -19.94 -86.62 51.41
N ALA OA 116 -20.56 -87.30 52.37
CA ALA OA 116 -21.48 -86.61 53.27
C ALA OA 116 -20.75 -85.54 54.10
N ALA OA 117 -19.48 -85.76 54.41
CA ALA OA 117 -18.72 -84.75 55.12
C ALA OA 117 -18.57 -83.49 54.30
N LEU OA 118 -18.25 -83.64 53.01
CA LEU OA 118 -18.19 -82.47 52.14
C LEU OA 118 -19.54 -81.79 52.03
N VAL OA 119 -20.61 -82.57 51.94
CA VAL OA 119 -21.94 -81.98 51.83
C VAL OA 119 -22.29 -81.19 53.10
N LEU OA 120 -21.98 -81.76 54.27
CA LEU OA 120 -22.26 -81.08 55.53
C LEU OA 120 -21.45 -79.79 55.65
N ALA OA 121 -20.19 -79.83 55.24
CA ALA OA 121 -19.39 -78.62 55.23
C ALA OA 121 -20.00 -77.57 54.32
N ALA OA 122 -20.53 -77.99 53.18
CA ALA OA 122 -21.18 -77.05 52.27
C ALA OA 122 -22.44 -76.43 52.90
N ALA OA 123 -23.23 -77.26 53.58
CA ALA OA 123 -24.43 -76.75 54.24
C ALA OA 123 -24.06 -75.74 55.32
N LEU OA 124 -23.05 -76.05 56.12
CA LEU OA 124 -22.59 -75.11 57.14
C LEU OA 124 -22.09 -73.82 56.52
N ALA OA 125 -21.36 -73.93 55.42
CA ALA OA 125 -20.89 -72.72 54.76
C ALA OA 125 -22.05 -71.85 54.31
N ALA OA 126 -23.08 -72.45 53.74
CA ALA OA 126 -24.26 -71.70 53.29
C ALA OA 126 -24.97 -71.01 54.46
N GLY OA 127 -25.26 -71.78 55.51
CA GLY OA 127 -25.94 -71.20 56.66
C GLY OA 127 -25.14 -70.11 57.33
N ALA OA 128 -23.86 -70.34 57.56
CA ALA OA 128 -23.02 -69.35 58.22
C ALA OA 128 -22.84 -68.12 57.35
N VAL OA 129 -22.77 -68.28 56.02
CA VAL OA 129 -22.70 -67.13 55.14
C VAL OA 129 -23.96 -66.29 55.26
N ALA OA 130 -25.12 -66.93 55.28
CA ALA OA 130 -26.38 -66.20 55.41
C ALA OA 130 -26.43 -65.44 56.73
N VAL OA 131 -26.13 -66.12 57.83
CA VAL OA 131 -26.20 -65.47 59.14
C VAL OA 131 -25.19 -64.34 59.25
N ALA OA 132 -24.00 -64.52 58.66
CA ALA OA 132 -22.99 -63.46 58.70
C ALA OA 132 -23.44 -62.24 57.92
N GLU OA 133 -24.05 -62.44 56.75
CA GLU OA 133 -24.55 -61.28 56.01
C GLU OA 133 -25.68 -60.60 56.77
N ALA OA 134 -26.51 -61.38 57.46
CA ALA OA 134 -27.55 -60.77 58.27
C ALA OA 134 -26.95 -59.89 59.37
N TYR OA 135 -25.92 -60.41 60.05
CA TYR OA 135 -25.27 -59.63 61.11
C TYR OA 135 -24.64 -58.37 60.55
N VAL OA 136 -24.02 -58.46 59.37
CA VAL OA 136 -23.38 -57.29 58.79
C VAL OA 136 -24.42 -56.26 58.37
N ARG OA 137 -25.57 -56.69 57.85
CA ARG OA 137 -26.58 -55.75 57.38
C ARG OA 137 -27.11 -54.88 58.50
N LEU OA 138 -27.43 -55.48 59.65
CA LEU OA 138 -27.96 -54.73 60.78
C LEU OA 138 -26.87 -54.28 61.74
N GLY OA 139 -25.61 -54.33 61.33
CA GLY OA 139 -24.51 -53.68 62.04
C GLY OA 139 -24.20 -54.16 63.44
N GLN OA 140 -24.21 -55.47 63.67
CA GLN OA 140 -23.82 -55.99 64.96
C GLN OA 140 -22.29 -56.08 65.06
N PRO OA 141 -21.74 -56.12 66.26
CA PRO OA 141 -20.27 -56.09 66.42
C PRO OA 141 -19.63 -57.36 65.89
N ILE OA 142 -18.33 -57.23 65.58
CA ILE OA 142 -17.57 -58.34 64.99
C ILE OA 142 -17.31 -59.47 65.98
N ARG OA 143 -17.24 -59.18 67.28
CA ARG OA 143 -17.11 -60.25 68.26
C ARG OA 143 -18.19 -61.30 68.07
N LEU OA 144 -19.41 -60.86 67.75
CA LEU OA 144 -20.51 -61.80 67.59
C LEU OA 144 -20.30 -62.72 66.40
N ILE OA 145 -19.88 -62.16 65.27
CA ILE OA 145 -19.58 -62.99 64.09
C ILE OA 145 -18.48 -63.99 64.41
N ALA OA 146 -17.39 -63.52 65.03
CA ALA OA 146 -16.27 -64.40 65.31
C ALA OA 146 -16.66 -65.54 66.25
N GLU OA 147 -17.37 -65.22 67.33
CA GLU OA 147 -17.76 -66.25 68.28
C GLU OA 147 -18.74 -67.24 67.66
N TYR OA 148 -19.70 -66.72 66.88
CA TYR OA 148 -20.66 -67.59 66.20
C TYR OA 148 -19.95 -68.58 65.30
N VAL OA 149 -19.09 -68.08 64.41
CA VAL OA 149 -18.42 -68.94 63.44
C VAL OA 149 -17.55 -69.96 64.15
N ALA OA 150 -16.79 -69.53 65.16
CA ALA OA 150 -15.90 -70.46 65.85
C ALA OA 150 -16.69 -71.57 66.53
N GLU OA 151 -17.81 -71.23 67.16
CA GLU OA 151 -18.58 -72.27 67.85
C GLU OA 151 -19.21 -73.23 66.85
N ARG OA 152 -19.69 -72.71 65.71
CA ARG OA 152 -20.24 -73.59 64.69
C ARG OA 152 -19.18 -74.53 64.14
N LEU OA 153 -17.96 -74.03 63.93
CA LEU OA 153 -16.88 -74.88 63.44
C LEU OA 153 -16.57 -75.99 64.45
N VAL OA 154 -16.56 -75.66 65.74
CA VAL OA 154 -16.29 -76.69 66.74
C VAL OA 154 -17.39 -77.75 66.74
N GLU OA 155 -18.65 -77.31 66.62
CA GLU OA 155 -19.75 -78.28 66.57
C GLU OA 155 -19.65 -79.20 65.35
N LEU OA 156 -19.34 -78.64 64.19
CA LEU OA 156 -19.15 -79.45 62.99
C LEU OA 156 -18.00 -80.42 63.14
N ALA OA 157 -16.89 -79.97 63.76
CA ALA OA 157 -15.77 -80.85 63.98
C ALA OA 157 -16.15 -82.01 64.88
N GLU OA 158 -16.94 -81.74 65.91
CA GLU OA 158 -17.41 -82.84 66.76
C GLU OA 158 -18.27 -83.81 65.98
N LEU OA 159 -19.14 -83.29 65.11
CA LEU OA 159 -19.99 -84.16 64.30
C LEU OA 159 -19.16 -85.04 63.38
N LEU OA 160 -18.21 -84.43 62.66
CA LEU OA 160 -17.38 -85.21 61.75
C LEU OA 160 -16.52 -86.23 62.48
N ARG OA 161 -16.07 -85.90 63.68
CA ARG OA 161 -15.38 -86.89 64.50
C ARG OA 161 -16.31 -88.04 64.86
N ARG OA 162 -17.59 -87.74 65.10
CA ARG OA 162 -18.54 -88.82 65.36
C ARG OA 162 -18.75 -89.71 64.14
N LEU OA 163 -18.82 -89.13 62.95
CA LEU OA 163 -19.01 -89.92 61.73
C LEU OA 163 -17.83 -90.86 61.50
N GLY OA 164 -16.61 -90.32 61.48
CA GLY OA 164 -15.44 -91.15 61.27
C GLY OA 164 -14.42 -90.59 60.30
N VAL OA 165 -14.62 -89.35 59.84
CA VAL OA 165 -13.68 -88.74 58.90
C VAL OA 165 -12.33 -88.56 59.59
N PRO OA 166 -11.21 -88.80 58.91
CA PRO OA 166 -9.91 -88.55 59.53
C PRO OA 166 -9.67 -87.08 59.80
N LEU OA 167 -8.83 -86.83 60.82
CA LEU OA 167 -8.74 -85.50 61.41
C LEU OA 167 -8.22 -84.46 60.43
N ARG OA 168 -7.21 -84.81 59.63
CA ARG OA 168 -6.63 -83.84 58.72
C ARG OA 168 -7.65 -83.39 57.68
N ARG OA 169 -8.48 -84.33 57.23
CA ARG OA 169 -9.59 -83.95 56.34
C ARG OA 169 -10.57 -83.02 57.06
N ILE OA 170 -10.81 -83.27 58.35
CA ILE OA 170 -11.67 -82.37 59.12
C ILE OA 170 -11.13 -80.96 59.07
N ILE OA 171 -9.84 -80.80 59.35
CA ILE OA 171 -9.25 -79.46 59.40
C ILE OA 171 -9.29 -78.82 58.02
N ARG OA 172 -9.09 -79.62 56.96
CA ARG OA 172 -9.16 -79.07 55.61
C ARG OA 172 -10.57 -78.56 55.28
N LEU OA 173 -11.59 -79.33 55.65
CA LEU OA 173 -12.96 -78.89 55.40
C LEU OA 173 -13.28 -77.62 56.21
N LEU OA 174 -12.83 -77.57 57.46
CA LEU OA 174 -13.08 -76.40 58.29
C LEU OA 174 -12.43 -75.16 57.68
N GLU OA 175 -11.23 -75.31 57.15
CA GLU OA 175 -10.57 -74.18 56.50
C GLU OA 175 -11.30 -73.76 55.23
N GLU OA 176 -11.88 -74.72 54.50
CA GLU OA 176 -12.69 -74.35 53.34
C GLU OA 176 -13.91 -73.54 53.75
N VAL OA 177 -14.58 -73.97 54.82
CA VAL OA 177 -15.73 -73.23 55.34
C VAL OA 177 -15.31 -71.82 55.73
N LEU OA 178 -14.18 -71.69 56.41
CA LEU OA 178 -13.70 -70.37 56.83
C LEU OA 178 -13.38 -69.51 55.62
N ARG OA 179 -12.83 -70.10 54.57
CA ARG OA 179 -12.52 -69.32 53.37
C ARG OA 179 -13.78 -68.78 52.73
N VAL OA 180 -14.83 -69.61 52.65
CA VAL OA 180 -16.09 -69.14 52.09
C VAL OA 180 -16.67 -68.02 52.93
N VAL OA 181 -16.64 -68.18 54.26
CA VAL OA 181 -17.18 -67.16 55.16
C VAL OA 181 -16.42 -65.85 55.00
N ALA OA 182 -15.09 -65.93 54.90
CA ALA OA 182 -14.29 -64.72 54.71
C ALA OA 182 -14.61 -64.04 53.38
N GLU OA 183 -14.81 -64.84 52.32
CA GLU OA 183 -15.20 -64.24 51.04
C GLU OA 183 -16.54 -63.54 51.14
N ALA OA 184 -17.50 -64.17 51.84
CA ALA OA 184 -18.81 -63.55 52.00
C ALA OA 184 -18.70 -62.24 52.75
N LEU OA 185 -17.91 -62.21 53.83
CA LEU OA 185 -17.74 -60.98 54.59
C LEU OA 185 -17.02 -59.92 53.77
N ARG OA 186 -16.12 -60.33 52.88
CA ARG OA 186 -15.48 -59.36 52.00
C ARG OA 186 -16.47 -58.74 51.04
N ARG OA 187 -17.39 -59.55 50.49
CA ARG OA 187 -18.39 -59.02 49.57
C ARG OA 187 -19.35 -58.07 50.27
N ALA OA 188 -19.55 -58.24 51.58
CA ALA OA 188 -20.45 -57.40 52.35
C ALA OA 188 -19.80 -56.10 52.82
N GLY OA 189 -18.55 -55.85 52.42
CA GLY OA 189 -17.88 -54.61 52.76
C GLY OA 189 -17.18 -54.57 54.09
N VAL OA 190 -17.10 -55.69 54.81
CA VAL OA 190 -16.40 -55.71 56.09
C VAL OA 190 -14.91 -55.44 55.85
N PRO OA 191 -14.28 -54.55 56.61
CA PRO OA 191 -12.86 -54.26 56.38
C PRO OA 191 -11.98 -55.46 56.63
N GLU OA 192 -10.85 -55.51 55.91
CA GLU OA 192 -9.99 -56.70 55.95
C GLU OA 192 -9.48 -57.04 57.34
N PRO OA 193 -8.99 -56.10 58.17
CA PRO OA 193 -8.52 -56.50 59.50
C PRO OA 193 -9.55 -57.23 60.33
N GLU OA 194 -10.83 -56.87 60.22
CA GLU OA 194 -11.86 -57.60 60.95
C GLU OA 194 -11.99 -59.02 60.42
N ILE OA 195 -11.85 -59.22 59.12
CA ILE OA 195 -11.88 -60.57 58.57
C ILE OA 195 -10.72 -61.40 59.11
N ARG OA 196 -9.53 -60.81 59.17
CA ARG OA 196 -8.39 -61.51 59.73
C ARG OA 196 -8.61 -61.85 61.19
N LYS OA 197 -9.22 -60.94 61.94
CA LYS OA 197 -9.50 -61.20 63.34
C LYS OA 197 -10.49 -62.36 63.49
N VAL OA 198 -11.49 -62.40 62.61
CA VAL OA 198 -12.44 -63.52 62.62
C VAL OA 198 -11.71 -64.83 62.39
N GLU OA 199 -10.87 -64.87 61.37
CA GLU OA 199 -10.15 -66.11 61.04
C GLU OA 199 -9.23 -66.53 62.17
N ALA OA 200 -8.48 -65.59 62.74
CA ALA OA 200 -7.55 -65.90 63.81
C ALA OA 200 -8.27 -66.41 65.05
N ALA OA 201 -9.42 -65.82 65.38
CA ALA OA 201 -10.21 -66.32 66.49
C ALA OA 201 -10.67 -67.75 66.23
N ALA OA 202 -11.08 -68.03 64.98
CA ALA OA 202 -11.48 -69.38 64.64
C ALA OA 202 -10.34 -70.38 64.82
N TYR OA 203 -9.13 -70.00 64.36
CA TYR OA 203 -7.99 -70.90 64.45
C TYR OA 203 -7.57 -71.12 65.90
N ILE OA 204 -7.60 -70.07 66.72
CA ILE OA 204 -7.23 -70.23 68.12
C ILE OA 204 -8.26 -71.09 68.85
N ARG OA 205 -9.55 -70.95 68.52
CA ARG OA 205 -10.56 -71.81 69.11
C ARG OA 205 -10.35 -73.26 68.71
N LEU OA 206 -10.07 -73.50 67.42
CA LEU OA 206 -9.81 -74.88 66.97
C LEU OA 206 -8.59 -75.47 67.63
N ALA OA 207 -7.51 -74.70 67.74
CA ALA OA 207 -6.30 -75.19 68.40
C ALA OA 207 -6.57 -75.52 69.86
N ALA OA 208 -7.32 -74.67 70.57
CA ALA OA 208 -7.66 -74.95 71.95
C ALA OA 208 -8.51 -76.21 72.06
N TYR OA 209 -9.46 -76.38 71.15
CA TYR OA 209 -10.30 -77.57 71.14
C TYR OA 209 -9.48 -78.84 70.94
N LEU OA 210 -8.52 -78.81 70.01
CA LEU OA 210 -7.67 -79.97 69.80
C LEU OA 210 -6.79 -80.23 71.01
N LEU OA 211 -6.25 -79.18 71.62
CA LEU OA 211 -5.36 -79.34 72.76
C LEU OA 211 -6.09 -79.90 73.97
N ARG OA 212 -7.38 -79.64 74.09
CA ARG OA 212 -8.09 -80.10 75.27
C ARG OA 212 -8.25 -81.61 75.30
N GLN OA 213 -8.43 -82.24 74.14
CA GLN OA 213 -8.69 -83.69 74.11
C GLN OA 213 -7.51 -84.47 74.66
N LEU OA 214 -6.29 -84.07 74.31
CA LEU OA 214 -5.10 -84.73 74.85
C LEU OA 214 -4.90 -84.45 76.33
N GLY OA 215 -5.61 -83.49 76.90
CA GLY OA 215 -5.50 -83.23 78.32
C GLY OA 215 -4.51 -82.14 78.67
N TYR OA 216 -4.54 -81.04 77.93
CA TYR OA 216 -3.73 -79.85 78.22
C TYR OA 216 -4.71 -78.72 78.53
N GLU OA 217 -5.17 -78.65 79.77
CA GLU OA 217 -6.15 -77.65 80.14
C GLU OA 217 -5.52 -76.27 80.26
N ALA OA 218 -4.33 -76.19 80.85
CA ALA OA 218 -3.68 -74.89 81.03
C ALA OA 218 -3.39 -74.23 79.68
N LEU OA 219 -2.91 -75.01 78.72
CA LEU OA 219 -2.66 -74.48 77.38
C LEU OA 219 -3.92 -73.93 76.76
N ALA OA 220 -5.03 -74.67 76.86
CA ALA OA 220 -6.29 -74.20 76.27
C ALA OA 220 -6.77 -72.93 76.94
N LYS OA 221 -6.66 -72.84 78.27
CA LYS OA 221 -7.06 -71.63 78.97
C LYS OA 221 -6.23 -70.44 78.52
N ARG OA 222 -4.91 -70.60 78.40
CA ARG OA 222 -4.09 -69.47 77.99
C ARG OA 222 -4.38 -69.05 76.55
N LEU OA 223 -4.64 -70.02 75.67
CA LEU OA 223 -5.00 -69.67 74.31
C LEU OA 223 -6.31 -68.90 74.26
N LEU OA 224 -7.28 -69.30 75.08
CA LEU OA 224 -8.56 -68.61 75.04
C LEU OA 224 -8.47 -67.24 75.72
N GLU OA 225 -7.58 -67.07 76.70
CA GLU OA 225 -7.31 -65.73 77.22
C GLU OA 225 -6.74 -64.83 76.15
N ALA OA 226 -5.79 -65.34 75.36
CA ALA OA 226 -5.25 -64.57 74.26
C ALA OA 226 -6.35 -64.22 73.26
N ARG OA 227 -7.25 -65.16 73.00
CA ARG OA 227 -8.36 -64.89 72.08
C ARG OA 227 -9.27 -63.80 72.62
N GLU OA 228 -9.58 -63.84 73.92
CA GLU OA 228 -10.43 -62.81 74.52
C GLU OA 228 -9.78 -61.45 74.41
N LEU OA 229 -8.47 -61.36 74.68
CA LEU OA 229 -7.78 -60.10 74.50
C LEU OA 229 -7.80 -59.65 73.05
N LEU OA 230 -7.78 -60.60 72.11
CA LEU OA 230 -7.80 -60.23 70.69
C LEU OA 230 -9.15 -59.67 70.27
N LEU OA 231 -10.24 -60.30 70.70
CA LEU OA 231 -11.56 -59.89 70.25
C LEU OA 231 -11.95 -58.52 70.79
N GLU OA 232 -11.31 -58.07 71.87
CA GLU OA 232 -11.58 -56.76 72.47
C GLU OA 232 -10.84 -55.64 71.79
N GLY OA 233 -10.02 -55.92 70.78
CA GLY OA 233 -9.24 -54.92 70.11
C GLY OA 233 -7.83 -54.76 70.61
N ARG OA 234 -7.48 -55.36 71.75
CA ARG OA 234 -6.13 -55.32 72.28
C ARG OA 234 -5.29 -56.32 71.51
N VAL OA 235 -4.81 -55.89 70.35
CA VAL OA 235 -4.02 -56.78 69.49
C VAL OA 235 -2.65 -57.04 70.10
N GLU OA 236 -2.03 -56.03 70.71
CA GLU OA 236 -0.65 -56.16 71.14
C GLU OA 236 -0.51 -57.12 72.31
N GLU OA 237 -1.37 -57.00 73.31
CA GLU OA 237 -1.34 -57.94 74.42
C GLU OA 237 -1.70 -59.35 73.96
N ALA OA 238 -2.63 -59.46 73.01
CA ALA OA 238 -2.97 -60.76 72.45
C ALA OA 238 -1.77 -61.41 71.78
N ALA OA 239 -1.04 -60.65 70.97
CA ALA OA 239 0.14 -61.19 70.30
C ALA OA 239 1.24 -61.55 71.29
N HIS OA 240 1.46 -60.73 72.32
CA HIS OA 240 2.48 -61.06 73.30
C HIS OA 240 2.15 -62.34 74.05
N LEU OA 241 0.91 -62.46 74.55
CA LEU OA 241 0.54 -63.64 75.30
C LEU OA 241 0.49 -64.87 74.41
N LEU OA 242 0.08 -64.70 73.15
CA LEU OA 242 0.10 -65.80 72.21
C LEU OA 242 1.52 -66.28 71.94
N GLU OA 243 2.46 -65.36 71.79
CA GLU OA 243 3.84 -65.77 71.54
C GLU OA 243 4.43 -66.48 72.75
N ASP OA 244 4.09 -66.04 73.96
CA ASP OA 244 4.60 -66.74 75.14
C ASP OA 244 4.05 -68.17 75.23
N VAL OA 245 2.73 -68.32 75.03
CA VAL OA 245 2.16 -69.66 75.14
C VAL OA 245 2.66 -70.54 74.00
N TYR OA 246 2.85 -69.99 72.80
CA TYR OA 246 3.40 -70.76 71.69
C TYR OA 246 4.83 -71.19 71.97
N ALA OA 247 5.63 -70.33 72.60
CA ALA OA 247 7.00 -70.72 72.93
C ALA OA 247 7.01 -71.89 73.89
N LEU OA 248 6.18 -71.85 74.93
CA LEU OA 248 6.14 -72.96 75.87
C LEU OA 248 5.66 -74.24 75.19
N PHE OA 249 4.61 -74.12 74.36
CA PHE OA 249 4.09 -75.28 73.65
C PHE OA 249 5.12 -75.86 72.70
N HIS OA 250 5.87 -75.02 72.00
CA HIS OA 250 6.82 -75.50 71.02
C HIS OA 250 7.99 -76.18 71.70
N ARG OA 251 8.44 -75.66 72.85
CA ARG OA 251 9.44 -76.38 73.62
C ARG OA 251 8.93 -77.74 74.02
N GLU OA 252 7.66 -77.82 74.42
CA GLU OA 252 7.09 -79.12 74.78
C GLU OA 252 7.06 -80.06 73.59
N ILE OA 253 6.75 -79.55 72.40
CA ILE OA 253 6.74 -80.38 71.20
C ILE OA 253 8.13 -80.90 70.90
N GLU OA 254 9.12 -80.01 70.90
CA GLU OA 254 10.50 -80.42 70.64
C GLU OA 254 11.05 -81.35 71.71
N ARG OA 255 10.45 -81.36 72.91
CA ARG OA 255 10.86 -82.31 73.93
C ARG OA 255 10.68 -83.74 73.46
N LEU OA 256 9.56 -84.02 72.80
CA LEU OA 256 9.22 -85.38 72.39
C LEU OA 256 9.97 -85.81 71.13
N GLY OA 257 10.75 -84.94 70.51
CA GLY OA 257 11.61 -85.35 69.41
C GLY OA 257 10.81 -85.76 68.19
N PHE OA 258 11.11 -86.96 67.67
CA PHE OA 258 10.41 -87.50 66.50
C PHE OA 258 9.28 -88.43 66.93
N GLU OA 259 8.38 -87.89 67.74
CA GLU OA 259 7.18 -88.59 68.18
C GLU OA 259 6.26 -87.58 68.85
N ALA OA 260 4.98 -87.60 68.45
CA ALA OA 260 3.96 -86.75 69.05
C ALA OA 260 2.60 -87.12 68.47
N PRO OA 261 1.54 -87.14 69.28
CA PRO OA 261 0.21 -87.44 68.74
C PRO OA 261 -0.16 -86.47 67.64
N GLU OA 262 -0.95 -86.95 66.67
CA GLU OA 262 -1.20 -86.16 65.48
C GLU OA 262 -1.94 -84.86 65.80
N GLU OA 263 -2.73 -84.85 66.87
CA GLU OA 263 -3.41 -83.62 67.25
C GLU OA 263 -2.41 -82.52 67.62
N LEU OA 264 -1.30 -82.87 68.27
CA LEU OA 264 -0.25 -81.90 68.54
C LEU OA 264 0.32 -81.36 67.24
N ARG OA 265 0.57 -82.23 66.27
CA ARG OA 265 1.14 -81.80 65.01
C ARG OA 265 0.21 -80.86 64.26
N VAL OA 266 -1.09 -81.13 64.28
CA VAL OA 266 -2.04 -80.24 63.61
C VAL OA 266 -2.15 -78.92 64.36
N ALA OA 267 -2.17 -78.99 65.70
CA ALA OA 267 -2.28 -77.78 66.51
C ALA OA 267 -1.10 -76.86 66.30
N ASP OA 268 0.09 -77.41 66.06
CA ASP OA 268 1.25 -76.56 65.81
C ASP OA 268 1.03 -75.71 64.55
N LEU OA 269 0.51 -76.31 63.49
CA LEU OA 269 0.27 -75.55 62.27
C LEU OA 269 -0.86 -74.54 62.45
N LEU OA 270 -1.90 -74.93 63.19
CA LEU OA 270 -3.01 -74.02 63.47
C LEU OA 270 -2.52 -72.80 64.24
N LEU OA 271 -1.69 -73.02 65.27
CA LEU OA 271 -1.15 -71.92 66.07
C LEU OA 271 -0.24 -71.03 65.24
N ALA OA 272 0.58 -71.62 64.38
CA ALA OA 272 1.44 -70.80 63.53
C ALA OA 272 0.62 -69.90 62.62
N ARG OA 273 -0.45 -70.45 62.03
CA ARG OA 273 -1.29 -69.63 61.16
C ARG OA 273 -2.02 -68.54 61.93
N ALA OA 274 -2.49 -68.87 63.15
CA ALA OA 274 -3.14 -67.86 63.97
C ALA OA 274 -2.19 -66.71 64.29
N ILE OA 275 -0.94 -67.04 64.63
CA ILE OA 275 0.04 -66.01 64.92
C ILE OA 275 0.33 -65.17 63.69
N ALA OA 276 0.43 -65.81 62.53
CA ALA OA 276 0.66 -65.06 61.30
C ALA OA 276 -0.49 -64.09 61.02
N LEU OA 277 -1.73 -64.56 61.19
CA LEU OA 277 -2.88 -63.69 60.93
C LEU OA 277 -2.92 -62.52 61.90
N ILE OA 278 -2.68 -62.77 63.19
CA ILE OA 278 -2.68 -61.68 64.16
C ILE OA 278 -1.60 -60.67 63.83
N LYS OA 279 -0.40 -61.15 63.47
CA LYS OA 279 0.69 -60.24 63.13
C LYS OA 279 0.37 -59.44 61.86
N ALA OA 280 -0.42 -60.00 60.96
CA ALA OA 280 -0.74 -59.30 59.72
C ALA OA 280 -1.91 -58.33 59.86
N ILE OA 281 -2.61 -58.32 60.99
CA ILE OA 281 -3.70 -57.37 61.21
C ILE OA 281 -3.18 -55.94 61.13
N THR PA 24 26.73 -108.29 34.58
CA THR PA 24 25.33 -107.88 34.52
C THR PA 24 25.20 -106.36 34.45
N VAL PA 25 26.31 -105.67 34.77
CA VAL PA 25 26.28 -104.22 34.87
C VAL PA 25 25.95 -103.59 33.52
N VAL PA 26 26.59 -104.07 32.46
CA VAL PA 26 26.30 -103.55 31.13
C VAL PA 26 24.87 -103.92 30.71
N GLU PA 27 24.40 -105.10 31.13
CA GLU PA 27 23.00 -105.43 30.90
C GLU PA 27 22.07 -104.49 31.65
N GLU PA 28 22.45 -104.11 32.87
CA GLU PA 28 21.64 -103.14 33.62
C GLU PA 28 21.61 -101.79 32.91
N VAL PA 29 22.74 -101.35 32.37
CA VAL PA 29 22.77 -100.08 31.66
C VAL PA 29 21.90 -100.15 30.40
N ARG PA 30 22.00 -101.26 29.65
CA ARG PA 30 21.16 -101.42 28.47
C ARG PA 30 19.69 -101.42 28.85
N ARG PA 31 19.32 -102.16 29.90
CA ARG PA 31 17.93 -102.22 30.33
C ARG PA 31 17.43 -100.85 30.76
N PHE PA 32 18.25 -100.11 31.49
CA PHE PA 32 17.88 -98.76 31.92
C PHE PA 32 17.62 -97.87 30.73
N ALA PA 33 18.52 -97.88 29.74
CA ALA PA 33 18.35 -97.02 28.58
C ALA PA 33 17.12 -97.40 27.77
N GLU PA 34 16.92 -98.69 27.54
CA GLU PA 34 15.77 -99.10 26.74
C GLU PA 34 14.46 -98.81 27.46
N GLU PA 35 14.41 -99.03 28.77
CA GLU PA 35 13.19 -98.72 29.52
C GLU PA 35 12.87 -97.24 29.46
N LEU PA 36 13.88 -96.39 29.63
CA LEU PA 36 13.64 -94.96 29.54
C LEU PA 36 13.18 -94.56 28.14
N ALA PA 37 13.76 -95.17 27.10
CA ALA PA 37 13.35 -94.87 25.72
C ALA PA 37 11.91 -95.31 25.46
N GLU PA 38 11.54 -96.50 25.93
CA GLU PA 38 10.16 -96.95 25.77
C GLU PA 38 9.19 -96.03 26.49
N GLU PA 39 9.54 -95.59 27.70
CA GLU PA 39 8.66 -94.66 28.41
C GLU PA 39 8.55 -93.34 27.67
N VAL PA 40 9.65 -92.86 27.09
CA VAL PA 40 9.60 -91.62 26.32
C VAL PA 40 8.62 -91.78 25.16
N LEU PA 41 8.70 -92.91 24.47
CA LEU PA 41 7.81 -93.14 23.32
C LEU PA 41 6.35 -93.30 23.75
N ARG PA 42 6.11 -94.00 24.85
CA ARG PA 42 4.73 -94.19 25.32
C ARG PA 42 4.10 -92.88 25.72
N VAL PA 43 4.84 -92.04 26.45
CA VAL PA 43 4.29 -90.76 26.89
C VAL PA 43 4.11 -89.82 25.71
N GLY PA 44 5.13 -89.70 24.86
CA GLY PA 44 5.10 -88.73 23.79
C GLY PA 44 4.69 -89.26 22.43
N GLY PA 45 4.56 -90.56 22.27
CA GLY PA 45 4.17 -91.08 20.98
C GLY PA 45 5.27 -90.94 19.94
N GLU PA 46 4.83 -90.82 18.69
CA GLU PA 46 5.74 -90.60 17.58
C GLU PA 46 6.09 -89.12 17.41
N ALA PA 47 5.54 -88.24 18.23
CA ALA PA 47 5.89 -86.83 18.15
C ALA PA 47 7.36 -86.62 18.46
N MET PA 48 7.88 -87.32 19.46
CA MET PA 48 9.29 -87.24 19.86
C MET PA 48 9.90 -88.63 19.69
N ARG PA 49 10.29 -88.93 18.46
CA ARG PA 49 11.11 -90.09 18.13
C ARG PA 49 12.60 -89.80 18.31
N PRO PA 50 13.09 -88.59 17.98
CA PRO PA 50 14.52 -88.31 18.23
C PRO PA 50 14.99 -88.62 19.64
N TYR PA 51 14.18 -88.35 20.66
CA TYR PA 51 14.65 -88.54 22.03
C TYR PA 51 14.83 -90.01 22.36
N ALA PA 52 13.98 -90.88 21.81
CA ALA PA 52 14.18 -92.31 22.02
C ALA PA 52 15.50 -92.76 21.39
N GLU PA 53 15.81 -92.26 20.20
CA GLU PA 53 17.08 -92.59 19.57
C GLU PA 53 18.27 -92.06 20.37
N MET PA 54 18.15 -90.84 20.90
CA MET PA 54 19.22 -90.27 21.70
C MET PA 54 19.46 -91.08 22.96
N VAL PA 55 18.39 -91.49 23.64
CA VAL PA 55 18.53 -92.32 24.82
C VAL PA 55 19.17 -93.65 24.46
N ARG PA 56 18.74 -94.26 23.37
CA ARG PA 56 19.29 -95.57 23.00
C ARG PA 56 20.77 -95.48 22.63
N HIS PA 57 21.16 -94.43 21.89
CA HIS PA 57 22.57 -94.25 21.55
C HIS PA 57 23.42 -93.93 22.77
N LEU PA 58 22.91 -93.13 23.71
CA LEU PA 58 23.70 -92.87 24.91
C LEU PA 58 23.82 -94.12 25.77
N GLY PA 59 22.80 -94.96 25.81
CA GLY PA 59 22.95 -96.26 26.44
C GLY PA 59 24.01 -97.10 25.76
N GLU PA 60 24.04 -97.08 24.43
CA GLU PA 60 25.05 -97.83 23.69
C GLU PA 60 26.46 -97.30 23.97
N ALA PA 61 26.62 -95.97 24.00
CA ALA PA 61 27.93 -95.40 24.29
C ALA PA 61 28.39 -95.75 25.70
N ALA PA 62 27.46 -95.73 26.67
CA ALA PA 62 27.82 -96.11 28.03
C ALA PA 62 28.27 -97.56 28.11
N VAL PA 63 27.53 -98.46 27.46
CA VAL PA 63 27.94 -99.86 27.55
C VAL PA 63 29.22 -100.11 26.77
N ALA PA 64 29.45 -99.36 25.70
CA ALA PA 64 30.74 -99.44 25.01
C ALA PA 64 31.87 -99.05 25.95
N ALA PA 65 31.69 -97.95 26.69
CA ALA PA 65 32.72 -97.52 27.63
C ALA PA 65 32.94 -98.56 28.73
N LEU PA 66 31.87 -99.14 29.25
CA LEU PA 66 32.02 -100.18 30.26
C LEU PA 66 32.64 -101.46 29.71
N GLU PA 67 32.61 -101.67 28.39
CA GLU PA 67 33.16 -102.89 27.81
C GLU PA 67 34.38 -102.61 26.95
N GLY PA 68 35.31 -101.82 27.46
CA GLY PA 68 36.47 -101.43 26.69
C GLY PA 68 36.21 -100.14 25.94
N ARG PA 69 36.97 -99.95 24.86
CA ARG PA 69 36.74 -98.89 23.88
C ARG PA 69 36.91 -97.49 24.44
N ALA PA 70 37.30 -96.56 23.57
CA ALA PA 70 37.27 -95.14 23.87
C ALA PA 70 36.86 -94.29 22.69
N GLU PA 71 36.92 -94.82 21.46
CA GLU PA 71 36.63 -94.09 20.24
C GLU PA 71 35.17 -94.25 19.82
N GLU PA 72 34.59 -95.43 20.04
CA GLU PA 72 33.17 -95.61 19.76
C GLU PA 72 32.33 -94.71 20.66
N ALA PA 73 32.73 -94.58 21.93
CA ALA PA 73 32.03 -93.65 22.82
C ALA PA 73 32.14 -92.22 22.31
N ASP PA 74 33.33 -91.83 21.85
CA ASP PA 74 33.52 -90.52 21.25
C ASP PA 74 32.56 -90.30 20.09
N ARG PA 75 32.50 -91.27 19.17
CA ARG PA 75 31.68 -91.11 17.99
C ARG PA 75 30.20 -91.04 18.34
N LEU PA 76 29.74 -91.93 19.21
CA LEU PA 76 28.32 -91.94 19.57
C LEU PA 76 27.92 -90.66 20.27
N VAL PA 77 28.77 -90.17 21.18
CA VAL PA 77 28.44 -88.92 21.88
C VAL PA 77 28.41 -87.76 20.89
N ARG PA 78 29.30 -87.75 19.90
CA ARG PA 78 29.27 -86.71 18.88
C ARG PA 78 28.00 -86.80 18.03
N ASP PA 79 27.57 -88.01 17.70
CA ASP PA 79 26.34 -88.19 16.95
C ASP PA 79 25.12 -87.69 17.73
N VAL PA 80 25.06 -88.03 19.03
CA VAL PA 80 23.97 -87.55 19.86
C VAL PA 80 24.03 -86.05 20.01
N LEU PA 81 25.24 -85.48 20.05
CA LEU PA 81 25.37 -84.04 20.09
C LEU PA 81 24.77 -83.41 18.84
N GLU PA 82 25.02 -84.03 17.68
CA GLU PA 82 24.43 -83.53 16.43
C GLU PA 82 22.92 -83.62 16.45
N MET PA 83 22.37 -84.71 16.98
CA MET PA 83 20.91 -84.83 17.10
C MET PA 83 20.35 -83.72 17.98
N ALA PA 84 21.01 -83.48 19.12
CA ALA PA 84 20.56 -82.41 20.00
C ALA PA 84 20.65 -81.06 19.32
N ARG PA 85 21.68 -80.86 18.49
CA ARG PA 85 21.78 -79.60 17.75
C ARG PA 85 20.62 -79.42 16.80
N GLU PA 86 20.25 -80.47 16.06
CA GLU PA 86 19.21 -80.30 15.05
C GLU PA 86 17.83 -80.19 15.68
N VAL PA 87 17.54 -80.98 16.72
CA VAL PA 87 16.21 -80.97 17.32
C VAL PA 87 15.92 -79.60 17.94
N GLY PA 88 16.89 -79.04 18.65
CA GLY PA 88 16.71 -77.78 19.36
C GLY PA 88 16.99 -77.85 20.84
N ALA PA 89 17.40 -79.00 21.37
CA ALA PA 89 17.72 -79.12 22.79
C ALA PA 89 19.02 -78.39 23.07
N GLU PA 90 18.94 -77.31 23.85
CA GLU PA 90 20.11 -76.49 24.12
C GLU PA 90 20.90 -77.00 25.33
N GLY PA 91 20.25 -77.05 26.49
CA GLY PA 91 20.95 -77.50 27.68
C GLY PA 91 21.46 -78.92 27.54
N LEU PA 92 20.70 -79.76 26.84
CA LEU PA 92 21.15 -81.12 26.56
C LEU PA 92 22.39 -81.09 25.69
N ALA PA 93 22.45 -80.19 24.70
CA ALA PA 93 23.63 -80.07 23.87
C ALA PA 93 24.85 -79.65 24.69
N ARG PA 94 24.67 -78.68 25.59
CA ARG PA 94 25.79 -78.27 26.43
C ARG PA 94 26.28 -79.42 27.29
N LEU PA 95 25.35 -80.13 27.93
CA LEU PA 95 25.76 -81.24 28.78
C LEU PA 95 26.42 -82.33 27.96
N LEU PA 96 26.03 -82.49 26.71
CA LEU PA 96 26.65 -83.52 25.87
C LEU PA 96 28.07 -83.14 25.48
N GLU PA 97 28.32 -81.85 25.20
CA GLU PA 97 29.70 -81.42 24.96
C GLU PA 97 30.57 -81.65 26.19
N ARG PA 98 30.04 -81.28 27.37
CA ARG PA 98 30.79 -81.51 28.61
C ARG PA 98 31.04 -83.00 28.82
N VAL PA 99 30.03 -83.82 28.56
CA VAL PA 99 30.19 -85.27 28.68
C VAL PA 99 31.29 -85.74 27.75
N HIS PA 100 31.35 -85.19 26.53
CA HIS PA 100 32.35 -85.60 25.57
C HIS PA 100 33.76 -85.30 26.07
N ARG PA 101 34.01 -84.06 26.49
CA ARG PA 101 35.35 -83.68 26.92
C ARG PA 101 35.80 -84.48 28.14
N GLU PA 102 34.97 -84.49 29.19
CA GLU PA 102 35.33 -85.30 30.36
C GLU PA 102 35.52 -86.77 30.00
N ALA PA 103 34.55 -87.38 29.33
CA ALA PA 103 34.69 -88.79 28.99
C ALA PA 103 36.03 -89.06 28.31
N ARG PA 104 36.47 -88.15 27.43
CA ARG PA 104 37.80 -88.29 26.85
C ARG PA 104 38.88 -88.28 27.93
N GLU PA 105 38.83 -87.30 28.83
CA GLU PA 105 39.88 -87.17 29.85
C GLU PA 105 39.95 -88.42 30.73
N LEU PA 106 38.81 -88.84 31.28
CA LEU PA 106 38.83 -89.98 32.19
C LEU PA 106 39.10 -91.29 31.46
N LEU PA 107 38.77 -91.38 30.18
CA LEU PA 107 39.16 -92.57 29.44
C LEU PA 107 40.66 -92.59 29.19
N ARG PA 108 41.28 -91.43 28.99
CA ARG PA 108 42.73 -91.37 28.91
C ARG PA 108 43.36 -91.78 30.23
N GLU PA 109 42.78 -91.33 31.35
CA GLU PA 109 43.31 -91.69 32.67
C GLU PA 109 43.03 -93.15 33.03
N GLY PA 110 42.24 -93.87 32.24
CA GLY PA 110 42.00 -95.27 32.48
C GLY PA 110 40.81 -95.60 33.36
N ARG PA 111 40.14 -94.61 33.93
CA ARG PA 111 38.97 -94.84 34.76
C ARG PA 111 37.75 -94.97 33.85
N ARG PA 112 36.99 -96.05 34.03
CA ARG PA 112 35.87 -96.36 33.14
C ARG PA 112 34.50 -96.13 33.77
N GLU PA 113 34.34 -96.40 35.06
CA GLU PA 113 33.03 -96.31 35.68
C GLU PA 113 32.49 -94.89 35.63
N GLU PA 114 33.34 -93.90 35.89
CA GLU PA 114 32.86 -92.53 35.95
C GLU PA 114 32.46 -91.98 34.58
N ALA PA 115 33.16 -92.40 33.52
CA ALA PA 115 32.77 -91.96 32.18
C ALA PA 115 31.39 -92.50 31.80
N ALA PA 116 31.16 -93.78 32.07
CA ALA PA 116 29.83 -94.34 31.87
C ALA PA 116 28.80 -93.68 32.77
N ALA PA 117 29.22 -93.26 33.97
CA ALA PA 117 28.32 -92.54 34.85
C ALA PA 117 27.89 -91.21 34.23
N LEU PA 118 28.84 -90.48 33.66
CA LEU PA 118 28.48 -89.25 32.96
C LEU PA 118 27.55 -89.52 31.78
N VAL PA 119 27.82 -90.58 31.03
CA VAL PA 119 26.98 -90.90 29.88
C VAL PA 119 25.57 -91.27 30.33
N LEU PA 120 25.43 -92.06 31.39
CA LEU PA 120 24.12 -92.43 31.90
C LEU PA 120 23.36 -91.21 32.41
N ALA PA 121 24.05 -90.30 33.08
CA ALA PA 121 23.42 -89.06 33.49
C ALA PA 121 22.92 -88.28 32.27
N ALA PA 122 23.69 -88.29 31.18
CA ALA PA 122 23.27 -87.60 29.96
C ALA PA 122 22.02 -88.24 29.37
N ALA PA 123 21.99 -89.58 29.33
CA ALA PA 123 20.82 -90.28 28.79
C ALA PA 123 19.58 -90.00 29.63
N LEU PA 124 19.73 -90.01 30.95
CA LEU PA 124 18.61 -89.70 31.82
C LEU PA 124 18.14 -88.27 31.64
N ALA PA 125 19.07 -87.33 31.46
CA ALA PA 125 18.67 -85.96 31.19
C ALA PA 125 17.85 -85.87 29.91
N ALA PA 126 18.28 -86.58 28.85
CA ALA PA 126 17.55 -86.55 27.59
C ALA PA 126 16.15 -87.13 27.74
N GLY PA 127 16.05 -88.32 28.34
CA GLY PA 127 14.76 -88.95 28.50
C GLY PA 127 13.82 -88.15 29.38
N ALA PA 128 14.32 -87.64 30.51
CA ALA PA 128 13.47 -86.86 31.40
C ALA PA 128 13.06 -85.54 30.75
N VAL PA 129 13.92 -84.95 29.93
CA VAL PA 129 13.54 -83.75 29.20
C VAL PA 129 12.39 -84.05 28.25
N ALA PA 130 12.48 -85.16 27.53
CA ALA PA 130 11.41 -85.54 26.62
C ALA PA 130 10.10 -85.73 27.37
N VAL PA 131 10.14 -86.51 28.46
CA VAL PA 131 8.91 -86.82 29.17
C VAL PA 131 8.31 -85.56 29.81
N ALA PA 132 9.16 -84.69 30.35
CA ALA PA 132 8.66 -83.46 30.96
C ALA PA 132 8.01 -82.55 29.92
N GLU PA 133 8.63 -82.43 28.74
CA GLU PA 133 8.00 -81.62 27.69
C GLU PA 133 6.68 -82.23 27.24
N ALA PA 134 6.60 -83.55 27.18
CA ALA PA 134 5.34 -84.20 26.83
C ALA PA 134 4.26 -83.90 27.87
N TYR PA 135 4.62 -83.98 29.16
CA TYR PA 135 3.66 -83.67 30.21
C TYR PA 135 3.20 -82.22 30.13
N VAL PA 136 4.12 -81.32 29.84
CA VAL PA 136 3.75 -79.90 29.75
C VAL PA 136 2.84 -79.65 28.54
N ARG PA 137 3.10 -80.33 27.42
CA ARG PA 137 2.30 -80.09 26.22
C ARG PA 137 0.84 -80.46 26.42
N LEU PA 138 0.56 -81.61 27.04
CA LEU PA 138 -0.81 -82.03 27.28
C LEU PA 138 -1.33 -81.57 28.63
N GLY PA 139 -0.64 -80.64 29.30
CA GLY PA 139 -1.18 -79.95 30.46
C GLY PA 139 -1.45 -80.78 31.70
N GLN PA 140 -0.55 -81.69 32.06
CA GLN PA 140 -0.72 -82.43 33.30
C GLN PA 140 -0.19 -81.62 34.48
N PRO PA 141 -0.68 -81.88 35.68
CA PRO PA 141 -0.27 -81.07 36.84
C PRO PA 141 1.19 -81.31 37.21
N ILE PA 142 1.72 -80.36 37.98
CA ILE PA 142 3.14 -80.33 38.30
C ILE PA 142 3.54 -81.41 39.30
N ARG PA 143 2.60 -81.90 40.12
CA ARG PA 143 2.92 -82.99 41.04
C ARG PA 143 3.48 -84.19 40.30
N LEU PA 144 2.91 -84.52 39.14
CA LEU PA 144 3.37 -85.68 38.39
C LEU PA 144 4.78 -85.48 37.86
N ILE PA 145 5.09 -84.29 37.34
CA ILE PA 145 6.45 -84.03 36.88
C ILE PA 145 7.44 -84.14 38.03
N ALA PA 146 7.11 -83.53 39.18
CA ALA PA 146 8.01 -83.55 40.32
C ALA PA 146 8.24 -84.97 40.82
N GLU PA 147 7.17 -85.74 40.96
CA GLU PA 147 7.32 -87.12 41.45
C GLU PA 147 8.07 -87.98 40.46
N TYR PA 148 7.79 -87.82 39.17
CA TYR PA 148 8.50 -88.59 38.15
C TYR PA 148 9.99 -88.30 38.19
N VAL PA 149 10.37 -87.02 38.18
CA VAL PA 149 11.78 -86.66 38.16
C VAL PA 149 12.47 -87.15 39.42
N ALA PA 150 11.84 -86.96 40.59
CA ALA PA 150 12.47 -87.39 41.83
C ALA PA 150 12.69 -88.90 41.85
N GLU PA 151 11.71 -89.68 41.39
CA GLU PA 151 11.86 -91.12 41.43
C GLU PA 151 12.93 -91.59 40.44
N ARG PA 152 13.01 -90.95 39.27
CA ARG PA 152 14.06 -91.31 38.33
C ARG PA 152 15.44 -90.98 38.90
N LEU PA 153 15.57 -89.85 39.58
CA LEU PA 153 16.85 -89.51 40.21
C LEU PA 153 17.22 -90.54 41.26
N VAL PA 154 16.25 -90.99 42.05
CA VAL PA 154 16.56 -92.00 43.07
C VAL PA 154 17.02 -93.29 42.41
N GLU PA 155 16.35 -93.71 41.32
CA GLU PA 155 16.76 -94.93 40.62
C GLU PA 155 18.17 -94.80 40.05
N LEU PA 156 18.48 -93.65 39.45
CA LEU PA 156 19.82 -93.43 38.91
C LEU PA 156 20.87 -93.44 40.01
N ALA PA 157 20.57 -92.81 41.15
CA ALA PA 157 21.53 -92.82 42.25
C ALA PA 157 21.76 -94.24 42.76
N GLU PA 158 20.71 -95.05 42.79
CA GLU PA 158 20.88 -96.44 43.17
C GLU PA 158 21.79 -97.17 42.18
N LEU PA 159 21.59 -96.94 40.88
CA LEU PA 159 22.45 -97.57 39.89
C LEU PA 159 23.90 -97.14 40.03
N LEU PA 160 24.13 -95.83 40.17
CA LEU PA 160 25.50 -95.34 40.29
C LEU PA 160 26.15 -95.84 41.57
N ARG PA 161 25.38 -96.02 42.64
CA ARG PA 161 25.91 -96.67 43.82
C ARG PA 161 26.31 -98.10 43.53
N ARG PA 162 25.53 -98.80 42.70
CA ARG PA 162 25.88 -100.17 42.33
C ARG PA 162 27.17 -100.22 41.53
N LEU PA 163 27.37 -99.27 40.61
CA LEU PA 163 28.58 -99.28 39.79
C LEU PA 163 29.84 -99.09 40.64
N GLY PA 164 29.86 -98.05 41.46
CA GLY PA 164 31.02 -97.79 42.30
C GLY PA 164 31.47 -96.34 42.33
N VAL PA 165 30.70 -95.45 41.70
CA VAL PA 165 31.05 -94.03 41.70
C VAL PA 165 30.98 -93.49 43.13
N PRO PA 166 31.89 -92.61 43.55
CA PRO PA 166 31.78 -92.01 44.88
C PRO PA 166 30.57 -91.10 44.99
N LEU PA 167 30.08 -90.98 46.23
CA LEU PA 167 28.76 -90.39 46.47
C LEU PA 167 28.71 -88.91 46.07
N ARG PA 168 29.77 -88.16 46.32
CA ARG PA 168 29.75 -86.74 45.99
C ARG PA 168 29.61 -86.52 44.49
N ARG PA 169 30.28 -87.35 43.70
CA ARG PA 169 30.10 -87.30 42.25
C ARG PA 169 28.66 -87.68 41.89
N ILE PA 170 28.08 -88.63 42.61
CA ILE PA 170 26.68 -88.99 42.37
C ILE PA 170 25.81 -87.75 42.53
N ILE PA 171 25.99 -87.02 43.63
CA ILE PA 171 25.14 -85.87 43.88
C ILE PA 171 25.38 -84.78 42.85
N ARG PA 172 26.64 -84.62 42.42
CA ARG PA 172 26.93 -83.61 41.40
C ARG PA 172 26.26 -83.94 40.07
N LEU PA 173 26.28 -85.21 39.67
CA LEU PA 173 25.61 -85.61 38.43
C LEU PA 173 24.11 -85.44 38.54
N LEU PA 174 23.53 -85.79 39.70
CA LEU PA 174 22.10 -85.63 39.89
C LEU PA 174 21.70 -84.17 39.79
N GLU PA 175 22.50 -83.27 40.37
CA GLU PA 175 22.20 -81.86 40.24
C GLU PA 175 22.33 -81.37 38.80
N GLU PA 176 23.28 -81.92 38.04
CA GLU PA 176 23.35 -81.55 36.61
C GLU PA 176 22.09 -81.99 35.87
N VAL PA 177 21.62 -83.20 36.15
CA VAL PA 177 20.38 -83.68 35.53
C VAL PA 177 19.23 -82.75 35.88
N LEU PA 178 19.12 -82.37 37.15
CA LEU PA 178 18.06 -81.47 37.57
C LEU PA 178 18.16 -80.12 36.90
N ARG PA 179 19.38 -79.62 36.71
CA ARG PA 179 19.55 -78.33 36.05
C ARG PA 179 19.08 -78.39 34.60
N VAL PA 180 19.41 -79.48 33.89
CA VAL PA 180 18.94 -79.63 32.52
C VAL PA 180 17.42 -79.70 32.47
N VAL PA 181 16.83 -80.47 33.40
CA VAL PA 181 15.37 -80.60 33.42
C VAL PA 181 14.72 -79.25 33.70
N ALA PA 182 15.26 -78.48 34.63
CA ALA PA 182 14.72 -77.17 34.92
C ALA PA 182 14.83 -76.25 33.71
N GLU PA 183 15.94 -76.30 32.98
CA GLU PA 183 16.06 -75.49 31.77
C GLU PA 183 15.03 -75.90 30.73
N ALA PA 184 14.82 -77.21 30.57
CA ALA PA 184 13.81 -77.68 29.61
C ALA PA 184 12.43 -77.18 29.99
N LEU PA 185 12.08 -77.28 31.26
CA LEU PA 185 10.77 -76.80 31.71
C LEU PA 185 10.64 -75.29 31.53
N ARG PA 186 11.73 -74.55 31.72
CA ARG PA 186 11.68 -73.11 31.49
C ARG PA 186 11.42 -72.80 30.02
N ARG PA 187 12.05 -73.55 29.12
CA ARG PA 187 11.84 -73.31 27.69
C ARG PA 187 10.41 -73.64 27.27
N ALA PA 188 9.72 -74.52 28.01
CA ALA PA 188 8.35 -74.88 27.70
C ALA PA 188 7.34 -73.90 28.29
N GLY PA 189 7.80 -72.85 28.96
CA GLY PA 189 6.91 -71.84 29.49
C GLY PA 189 6.36 -72.11 30.88
N VAL PA 190 6.84 -73.15 31.55
CA VAL PA 190 6.36 -73.42 32.92
C VAL PA 190 6.80 -72.28 33.83
N PRO PA 191 5.90 -71.72 34.65
CA PRO PA 191 6.29 -70.58 35.50
C PRO PA 191 7.36 -70.97 36.50
N GLU PA 192 8.18 -69.97 36.87
CA GLU PA 192 9.35 -70.22 37.71
C GLU PA 192 9.02 -70.86 39.05
N PRO PA 193 8.01 -70.43 39.80
CA PRO PA 193 7.73 -71.08 41.09
C PRO PA 193 7.49 -72.58 40.97
N GLU PA 194 6.87 -73.04 39.88
CA GLU PA 194 6.68 -74.47 39.72
C GLU PA 194 8.01 -75.18 39.47
N ILE PA 195 8.94 -74.53 38.77
CA ILE PA 195 10.27 -75.11 38.60
C ILE PA 195 10.98 -75.24 39.93
N ARG PA 196 10.87 -74.21 40.77
CA ARG PA 196 11.46 -74.28 42.10
C ARG PA 196 10.81 -75.37 42.93
N LYS PA 197 9.50 -75.55 42.79
CA LYS PA 197 8.81 -76.65 43.47
C LYS PA 197 9.37 -77.99 43.02
N VAL PA 198 9.61 -78.14 41.71
CA VAL PA 198 10.17 -79.39 41.20
C VAL PA 198 11.52 -79.67 41.83
N GLU PA 199 12.41 -78.67 41.81
CA GLU PA 199 13.76 -78.88 42.32
C GLU PA 199 13.75 -79.14 43.83
N ALA PA 200 12.95 -78.39 44.58
CA ALA PA 200 12.89 -78.58 46.02
C ALA PA 200 12.36 -79.96 46.38
N ALA PA 201 11.34 -80.43 45.67
CA ALA PA 201 10.84 -81.77 45.88
C ALA PA 201 11.94 -82.80 45.60
N ALA PA 202 12.72 -82.58 44.53
CA ALA PA 202 13.80 -83.49 44.21
C ALA PA 202 14.84 -83.53 45.32
N TYR PA 203 15.22 -82.37 45.85
CA TYR PA 203 16.23 -82.32 46.90
C TYR PA 203 15.74 -82.97 48.18
N ILE PA 204 14.48 -82.75 48.55
CA ILE PA 204 13.96 -83.37 49.76
C ILE PA 204 13.86 -84.88 49.59
N ARG PA 205 13.49 -85.35 48.39
CA ARG PA 205 13.48 -86.77 48.13
C ARG PA 205 14.86 -87.37 48.24
N LEU PA 206 15.87 -86.70 47.67
CA LEU PA 206 17.24 -87.18 47.74
C LEU PA 206 17.77 -87.19 49.17
N ALA PA 207 17.48 -86.14 49.94
CA ALA PA 207 17.89 -86.10 51.34
C ALA PA 207 17.26 -87.23 52.13
N ALA PA 208 15.96 -87.48 51.91
CA ALA PA 208 15.31 -88.58 52.60
C ALA PA 208 15.92 -89.92 52.21
N TYR PA 209 16.22 -90.10 50.93
CA TYR PA 209 16.85 -91.34 50.47
C TYR PA 209 18.20 -91.56 51.13
N LEU PA 210 19.02 -90.51 51.22
CA LEU PA 210 20.31 -90.65 51.88
C LEU PA 210 20.15 -90.94 53.36
N LEU PA 211 19.23 -90.25 54.03
CA LEU PA 211 19.04 -90.44 55.46
C LEU PA 211 18.52 -91.83 55.78
N ARG PA 212 17.80 -92.45 54.86
CA ARG PA 212 17.21 -93.75 55.15
C ARG PA 212 18.28 -94.83 55.33
N GLN PA 213 19.36 -94.75 54.55
CA GLN PA 213 20.39 -95.79 54.61
C GLN PA 213 21.07 -95.83 55.97
N LEU PA 214 21.34 -94.67 56.56
CA LEU PA 214 21.95 -94.61 57.89
C LEU PA 214 21.03 -95.11 58.98
N GLY PA 215 19.75 -95.29 58.70
CA GLY PA 215 18.83 -95.80 59.70
C GLY PA 215 18.13 -94.72 60.48
N TYR PA 216 17.70 -93.66 59.79
CA TYR PA 216 16.91 -92.59 60.39
C TYR PA 216 15.55 -92.61 59.71
N GLU PA 217 14.67 -93.49 60.18
CA GLU PA 217 13.37 -93.65 59.54
C GLU PA 217 12.45 -92.48 59.89
N ALA PA 218 12.45 -92.06 61.15
CA ALA PA 218 11.57 -90.96 61.55
C ALA PA 218 11.91 -89.68 60.79
N LEU PA 219 13.20 -89.37 60.66
CA LEU PA 219 13.62 -88.19 59.93
C LEU PA 219 13.14 -88.22 58.49
N ALA PA 220 13.30 -89.37 57.82
CA ALA PA 220 12.88 -89.48 56.43
C ALA PA 220 11.36 -89.36 56.30
N LYS PA 221 10.62 -89.95 57.23
CA LYS PA 221 9.17 -89.83 57.19
C LYS PA 221 8.74 -88.38 57.32
N ARG PA 222 9.35 -87.62 58.25
CA ARG PA 222 8.95 -86.24 58.42
C ARG PA 222 9.33 -85.39 57.21
N LEU PA 223 10.48 -85.69 56.60
CA LEU PA 223 10.86 -84.96 55.39
C LEU PA 223 9.87 -85.23 54.26
N LEU PA 224 9.41 -86.48 54.13
CA LEU PA 224 8.48 -86.78 53.06
C LEU PA 224 7.09 -86.22 53.34
N GLU PA 225 6.71 -86.12 54.62
CA GLU PA 225 5.48 -85.39 54.96
C GLU PA 225 5.57 -83.94 54.54
N ALA PA 226 6.72 -83.30 54.82
CA ALA PA 226 6.91 -81.93 54.36
C ALA PA 226 6.83 -81.83 52.84
N ARG PA 227 7.39 -82.80 52.14
CA ARG PA 227 7.31 -82.79 50.68
C ARG PA 227 5.87 -82.93 50.20
N GLU PA 228 5.10 -83.80 50.85
CA GLU PA 228 3.70 -83.95 50.47
C GLU PA 228 2.94 -82.65 50.67
N LEU PA 229 3.17 -81.97 51.79
CA LEU PA 229 2.53 -80.67 51.99
C LEU PA 229 3.00 -79.66 50.96
N LEU PA 230 4.24 -79.78 50.48
CA LEU PA 230 4.72 -78.82 49.49
C LEU PA 230 4.06 -79.03 48.14
N LEU PA 231 3.96 -80.28 47.69
CA LEU PA 231 3.42 -80.54 46.36
C LEU PA 231 1.94 -80.24 46.25
N GLU PA 232 1.23 -80.14 47.38
CA GLU PA 232 -0.18 -79.82 47.42
C GLU PA 232 -0.46 -78.32 47.37
N GLY PA 233 0.58 -77.50 47.32
CA GLY PA 233 0.42 -76.07 47.30
C GLY PA 233 0.50 -75.39 48.64
N ARG PA 234 0.46 -76.15 49.73
CA ARG PA 234 0.59 -75.59 51.08
C ARG PA 234 2.06 -75.32 51.34
N VAL PA 235 2.53 -74.17 50.86
CA VAL PA 235 3.94 -73.83 50.99
C VAL PA 235 4.30 -73.52 52.44
N GLU PA 236 3.41 -72.83 53.16
CA GLU PA 236 3.75 -72.33 54.49
C GLU PA 236 3.90 -73.47 55.49
N GLU PA 237 2.97 -74.42 55.48
CA GLU PA 237 3.10 -75.57 56.36
C GLU PA 237 4.32 -76.41 55.98
N ALA PA 238 4.62 -76.48 54.68
CA ALA PA 238 5.82 -77.18 54.24
C ALA PA 238 7.07 -76.55 54.82
N ALA PA 239 7.18 -75.23 54.73
CA ALA PA 239 8.37 -74.55 55.25
C ALA PA 239 8.47 -74.66 56.76
N HIS PA 240 7.35 -74.55 57.47
CA HIS PA 240 7.39 -74.66 58.92
C HIS PA 240 7.81 -76.07 59.36
N LEU PA 241 7.21 -77.10 58.78
CA LEU PA 241 7.55 -78.46 59.17
C LEU PA 241 8.98 -78.81 58.75
N LEU PA 242 9.41 -78.29 57.59
CA LEU PA 242 10.80 -78.48 57.16
C LEU PA 242 11.77 -77.84 58.12
N GLU PA 243 11.49 -76.61 58.58
CA GLU PA 243 12.40 -75.97 59.50
C GLU PA 243 12.45 -76.69 60.84
N ASP PA 244 11.32 -77.24 61.30
CA ASP PA 244 11.35 -77.99 62.55
C ASP PA 244 12.22 -79.25 62.42
N VAL PA 245 12.00 -80.02 61.36
CA VAL PA 245 12.80 -81.24 61.21
C VAL PA 245 14.27 -80.89 60.98
N TYR PA 246 14.55 -79.81 60.26
CA TYR PA 246 15.93 -79.40 60.03
C TYR PA 246 16.59 -78.97 61.33
N ALA PA 247 15.87 -78.27 62.21
CA ALA PA 247 16.45 -77.88 63.49
C ALA PA 247 16.81 -79.10 64.32
N LEU PA 248 15.92 -80.09 64.39
CA LEU PA 248 16.26 -81.29 65.15
C LEU PA 248 17.45 -82.01 64.54
N PHE PA 249 17.47 -82.11 63.21
CA PHE PA 249 18.57 -82.78 62.52
C PHE PA 249 19.89 -82.06 62.74
N HIS PA 250 19.88 -80.73 62.70
CA HIS PA 250 21.11 -79.98 62.85
C HIS PA 250 21.63 -80.07 64.27
N ARG PA 251 20.74 -80.09 65.27
CA ARG PA 251 21.19 -80.35 66.63
C ARG PA 251 21.85 -81.72 66.72
N GLU PA 252 21.26 -82.72 66.06
CA GLU PA 252 21.86 -84.05 66.07
C GLU PA 252 23.23 -84.05 65.39
N ILE PA 253 23.38 -83.29 64.31
CA ILE PA 253 24.67 -83.19 63.63
C ILE PA 253 25.72 -82.54 64.53
N GLU PA 254 25.37 -81.41 65.14
CA GLU PA 254 26.28 -80.73 66.05
C GLU PA 254 26.61 -81.57 67.28
N ARG PA 255 25.75 -82.54 67.61
CA ARG PA 255 26.06 -83.43 68.72
C ARG PA 255 27.35 -84.21 68.46
N LEU PA 256 27.56 -84.65 67.23
CA LEU PA 256 28.70 -85.48 66.90
C LEU PA 256 30.00 -84.70 66.72
N GLY PA 257 29.95 -83.37 66.80
CA GLY PA 257 31.18 -82.58 66.81
C GLY PA 257 31.91 -82.64 65.49
N PHE PA 258 33.21 -82.91 65.56
CA PHE PA 258 34.06 -83.04 64.38
C PHE PA 258 34.19 -84.51 63.96
N GLU PA 259 33.03 -85.11 63.73
CA GLU PA 259 32.93 -86.47 63.23
C GLU PA 259 31.49 -86.71 62.81
N ALA PA 260 31.30 -87.26 61.60
CA ALA PA 260 29.98 -87.61 61.09
C ALA PA 260 30.11 -88.37 59.78
N PRO PA 261 29.29 -89.39 59.55
CA PRO PA 261 29.33 -90.09 58.26
C PRO PA 261 29.11 -89.12 57.11
N GLU PA 262 29.66 -89.47 55.95
CA GLU PA 262 29.64 -88.55 54.82
C GLU PA 262 28.21 -88.29 54.34
N GLU PA 263 27.32 -89.28 54.45
CA GLU PA 263 25.95 -89.08 53.98
C GLU PA 263 25.23 -88.03 54.81
N LEU PA 264 25.50 -87.96 56.11
CA LEU PA 264 24.95 -86.87 56.92
C LEU PA 264 25.43 -85.52 56.42
N ARG PA 265 26.72 -85.43 56.10
CA ARG PA 265 27.27 -84.17 55.62
C ARG PA 265 26.63 -83.74 54.30
N VAL PA 266 26.41 -84.70 53.40
CA VAL PA 266 25.79 -84.36 52.12
C VAL PA 266 24.32 -83.99 52.31
N ALA PA 267 23.62 -84.73 53.18
CA ALA PA 267 22.23 -84.43 53.45
C ALA PA 267 22.06 -83.04 54.05
N ASP PA 268 23.02 -82.60 54.85
CA ASP PA 268 22.95 -81.25 55.42
C ASP PA 268 22.89 -80.20 54.32
N LEU PA 269 23.77 -80.31 53.33
CA LEU PA 269 23.77 -79.33 52.25
C LEU PA 269 22.52 -79.46 51.37
N LEU PA 270 22.06 -80.69 51.16
CA LEU PA 270 20.84 -80.89 50.38
C LEU PA 270 19.64 -80.24 51.07
N LEU PA 271 19.51 -80.44 52.38
CA LEU PA 271 18.43 -79.83 53.14
C LEU PA 271 18.52 -78.31 53.13
N ALA PA 272 19.73 -77.77 53.26
CA ALA PA 272 19.88 -76.32 53.19
C ALA PA 272 19.40 -75.78 51.86
N ARG PA 273 19.76 -76.45 50.76
CA ARG PA 273 19.33 -75.96 49.45
C ARG PA 273 17.82 -76.10 49.27
N ALA PA 274 17.25 -77.19 49.77
CA ALA PA 274 15.80 -77.36 49.69
C ALA PA 274 15.08 -76.25 50.43
N ILE PA 275 15.57 -75.91 51.62
CA ILE PA 275 14.95 -74.83 52.39
C ILE PA 275 15.09 -73.50 51.67
N ALA PA 276 16.26 -73.25 51.08
CA ALA PA 276 16.44 -71.99 50.34
C ALA PA 276 15.47 -71.90 49.17
N LEU PA 277 15.31 -72.99 48.42
CA LEU PA 277 14.41 -72.98 47.28
C LEU PA 277 12.97 -72.78 47.71
N ILE PA 278 12.54 -73.46 48.78
CA ILE PA 278 11.16 -73.30 49.25
C ILE PA 278 10.93 -71.87 49.69
N LYS PA 279 11.88 -71.28 50.40
CA LYS PA 279 11.75 -69.88 50.82
C LYS PA 279 11.69 -68.94 49.63
N ALA PA 280 12.38 -69.28 48.53
CA ALA PA 280 12.40 -68.40 47.38
C ALA PA 280 11.19 -68.55 46.46
N ILE PA 281 10.33 -69.54 46.70
CA ILE PA 281 9.12 -69.71 45.90
C ILE PA 281 8.26 -68.46 45.96
N THR QA 24 72.87 -70.08 58.44
CA THR QA 24 72.14 -70.59 57.28
C THR QA 24 70.98 -69.67 56.92
N VAL QA 25 70.63 -68.77 57.85
CA VAL QA 25 69.46 -67.92 57.67
C VAL QA 25 69.63 -67.02 56.45
N VAL QA 26 70.80 -66.40 56.31
CA VAL QA 26 71.05 -65.57 55.14
C VAL QA 26 71.06 -66.41 53.87
N GLU QA 27 71.56 -67.64 53.95
CA GLU QA 27 71.49 -68.54 52.81
C GLU QA 27 70.04 -68.89 52.48
N GLU QA 28 69.20 -69.06 53.51
CA GLU QA 28 67.78 -69.31 53.25
C GLU QA 28 67.12 -68.12 52.57
N VAL QA 29 67.46 -66.91 52.99
CA VAL QA 29 66.89 -65.72 52.35
C VAL QA 29 67.36 -65.62 50.90
N ARG QA 30 68.64 -65.87 50.65
CA ARG QA 30 69.15 -65.85 49.28
C ARG QA 30 68.44 -66.90 48.43
N ARG QA 31 68.32 -68.12 48.95
CA ARG QA 31 67.66 -69.19 48.21
C ARG QA 31 66.20 -68.85 47.91
N PHE QA 32 65.51 -68.29 48.90
CA PHE QA 32 64.12 -67.89 48.70
C PHE QA 32 64.00 -66.85 47.60
N ALA QA 33 64.86 -65.83 47.63
CA ALA QA 33 64.79 -64.78 46.62
C ALA QA 33 65.10 -65.31 45.24
N GLU QA 34 66.17 -66.10 45.10
CA GLU QA 34 66.52 -66.62 43.78
C GLU QA 34 65.46 -67.58 43.26
N GLU QA 35 64.90 -68.43 44.11
CA GLU QA 35 63.85 -69.33 43.65
C GLU QA 35 62.64 -68.57 43.17
N LEU QA 36 62.23 -67.53 43.90
CA LEU QA 36 61.09 -66.74 43.45
C LEU QA 36 61.39 -66.03 42.14
N ALA QA 37 62.62 -65.52 41.97
CA ALA QA 37 62.98 -64.85 40.71
C ALA QA 37 63.00 -65.83 39.54
N GLU QA 38 63.54 -67.04 39.76
CA GLU QA 38 63.55 -68.05 38.71
C GLU QA 38 62.14 -68.44 38.32
N GLU QA 39 61.24 -68.59 39.30
CA GLU QA 39 59.86 -68.91 38.97
C GLU QA 39 59.19 -67.77 38.21
N VAL QA 40 59.50 -66.52 38.57
CA VAL QA 40 58.96 -65.40 37.83
C VAL QA 40 59.39 -65.47 36.37
N LEU QA 41 60.67 -65.76 36.14
CA LEU QA 41 61.18 -65.84 34.78
C LEU QA 41 60.60 -67.02 34.02
N ARG QA 42 60.43 -68.17 34.68
CA ARG QA 42 59.86 -69.33 34.01
C ARG QA 42 58.42 -69.07 33.60
N VAL QA 43 57.62 -68.50 34.49
CA VAL QA 43 56.22 -68.27 34.18
C VAL QA 43 56.06 -67.18 33.13
N GLY QA 44 56.77 -66.06 33.30
CA GLY QA 44 56.60 -64.93 32.41
C GLY QA 44 57.64 -64.77 31.34
N GLY QA 45 58.70 -65.57 31.36
CA GLY QA 45 59.69 -65.45 30.30
C GLY QA 45 60.49 -64.16 30.40
N GLU QA 46 60.94 -63.71 29.24
CA GLU QA 46 61.67 -62.46 29.13
C GLU QA 46 60.74 -61.26 29.06
N ALA QA 47 59.43 -61.46 29.09
CA ALA QA 47 58.50 -60.34 29.08
C ALA QA 47 58.70 -59.46 30.31
N MET QA 48 58.85 -60.09 31.48
CA MET QA 48 59.07 -59.39 32.74
C MET QA 48 60.42 -59.83 33.30
N ARG QA 49 61.48 -59.20 32.84
CA ARG QA 49 62.81 -59.26 33.42
C ARG QA 49 62.95 -58.30 34.60
N PRO QA 50 62.38 -57.09 34.56
CA PRO QA 50 62.49 -56.19 35.73
C PRO QA 50 62.10 -56.83 37.05
N TYR QA 51 61.05 -57.65 37.08
CA TYR QA 51 60.59 -58.21 38.34
C TYR QA 51 61.61 -59.18 38.92
N ALA QA 52 62.31 -59.92 38.06
CA ALA QA 52 63.37 -60.79 38.56
C ALA QA 52 64.48 -59.96 39.20
N GLU QA 53 64.82 -58.82 38.61
CA GLU QA 53 65.83 -57.94 39.19
C GLU QA 53 65.36 -57.36 40.52
N MET QA 54 64.09 -56.95 40.61
CA MET QA 54 63.56 -56.44 41.87
C MET QA 54 63.62 -57.51 42.95
N VAL QA 55 63.23 -58.73 42.63
CA VAL QA 55 63.27 -59.80 43.61
C VAL QA 55 64.71 -60.05 44.06
N ARG QA 56 65.65 -60.09 43.10
CA ARG QA 56 67.03 -60.40 43.47
C ARG QA 56 67.67 -59.30 44.31
N HIS QA 57 67.42 -58.03 43.97
CA HIS QA 57 67.94 -56.95 44.80
C HIS QA 57 67.27 -56.87 46.15
N LEU QA 58 65.97 -57.16 46.25
CA LEU QA 58 65.34 -57.17 47.57
C LEU QA 58 65.89 -58.30 48.43
N GLY QA 59 66.16 -59.45 47.82
CA GLY QA 59 66.85 -60.49 48.56
C GLY QA 59 68.24 -60.05 49.02
N GLU QA 60 68.95 -59.32 48.16
CA GLU QA 60 70.28 -58.83 48.54
C GLU QA 60 70.20 -57.82 49.69
N ALA QA 61 69.23 -56.91 49.64
CA ALA QA 61 69.06 -55.94 50.72
C ALA QA 61 68.73 -56.64 52.02
N ALA QA 62 67.87 -57.66 51.96
CA ALA QA 62 67.53 -58.40 53.16
C ALA QA 62 68.74 -59.11 53.75
N VAL QA 63 69.55 -59.76 52.91
CA VAL QA 63 70.70 -60.47 53.46
C VAL QA 63 71.76 -59.49 53.96
N ALA QA 64 71.87 -58.32 53.33
CA ALA QA 64 72.74 -57.28 53.86
C ALA QA 64 72.29 -56.87 55.26
N ALA QA 65 70.97 -56.66 55.43
CA ALA QA 65 70.46 -56.29 56.74
C ALA QA 65 70.73 -57.37 57.79
N LEU QA 66 70.55 -58.64 57.41
CA LEU QA 66 70.88 -59.73 58.32
C LEU QA 66 72.36 -59.86 58.60
N GLU QA 67 73.22 -59.31 57.73
CA GLU QA 67 74.67 -59.46 57.94
C GLU QA 67 75.33 -58.12 58.25
N GLY QA 68 74.75 -57.35 59.14
CA GLY QA 68 75.26 -56.02 59.44
C GLY QA 68 74.61 -54.98 58.57
N ARG QA 69 75.31 -53.86 58.40
CA ARG QA 69 74.96 -52.82 57.43
C ARG QA 69 73.64 -52.12 57.74
N ALA QA 70 73.54 -50.87 57.31
CA ALA QA 70 72.28 -50.13 57.31
C ALA QA 70 72.12 -49.21 56.12
N GLU QA 71 73.19 -48.96 55.37
CA GLU QA 71 73.20 -48.03 54.24
C GLU QA 71 73.04 -48.76 52.91
N GLU QA 72 73.65 -49.94 52.78
CA GLU QA 72 73.45 -50.75 51.58
C GLU QA 72 71.99 -51.14 51.43
N ALA QA 73 71.34 -51.49 52.54
CA ALA QA 73 69.91 -51.78 52.49
C ALA QA 73 69.11 -50.58 52.02
N ASP QA 74 69.46 -49.39 52.52
CA ASP QA 74 68.82 -48.16 52.07
C ASP QA 74 68.99 -47.98 50.56
N ARG QA 75 70.22 -48.14 50.07
CA ARG QA 75 70.47 -47.91 48.65
C ARG QA 75 69.73 -48.91 47.78
N LEU QA 76 69.77 -50.20 48.15
CA LEU QA 76 69.11 -51.21 47.35
C LEU QA 76 67.61 -51.01 47.33
N VAL QA 77 67.02 -50.65 48.47
CA VAL QA 77 65.58 -50.43 48.51
C VAL QA 77 65.22 -49.20 47.66
N ARG QA 78 66.07 -48.16 47.68
CA ARG QA 78 65.81 -47.00 46.83
C ARG QA 78 65.91 -47.34 45.35
N ASP QA 79 66.90 -48.16 44.97
CA ASP QA 79 67.03 -48.58 43.58
C ASP QA 79 65.83 -49.38 43.14
N VAL QA 80 65.38 -50.32 43.98
CA VAL QA 80 64.22 -51.14 43.65
C VAL QA 80 62.97 -50.27 43.57
N LEU QA 81 62.88 -49.25 44.42
CA LEU QA 81 61.78 -48.31 44.33
C LEU QA 81 61.80 -47.58 43.00
N GLU QA 82 63.00 -47.22 42.52
CA GLU QA 82 63.11 -46.57 41.22
C GLU QA 82 62.64 -47.49 40.10
N MET QA 83 63.04 -48.76 40.12
CA MET QA 83 62.55 -49.70 39.11
C MET QA 83 61.05 -49.83 39.18
N ALA QA 84 60.49 -49.91 40.39
CA ALA QA 84 59.05 -49.99 40.53
C ALA QA 84 58.37 -48.75 39.95
N ARG QA 85 58.98 -47.59 40.13
CA ARG QA 85 58.43 -46.37 39.54
C ARG QA 85 58.42 -46.44 38.03
N GLU QA 86 59.52 -46.89 37.42
CA GLU QA 86 59.59 -46.84 35.96
C GLU QA 86 58.71 -47.91 35.32
N VAL QA 87 58.66 -49.11 35.91
CA VAL QA 87 57.87 -50.20 35.33
C VAL QA 87 56.40 -49.84 35.31
N GLY QA 88 55.90 -49.26 36.40
CA GLY QA 88 54.50 -48.92 36.52
C GLY QA 88 53.80 -49.54 37.72
N ALA QA 89 54.51 -50.30 38.55
CA ALA QA 89 53.91 -50.91 39.73
C ALA QA 89 53.63 -49.83 40.77
N GLU QA 90 52.36 -49.63 41.09
CA GLU QA 90 51.98 -48.59 42.04
C GLU QA 90 51.97 -49.11 43.48
N GLY QA 91 51.20 -50.17 43.74
CA GLY QA 91 51.16 -50.72 45.09
C GLY QA 91 52.52 -51.19 45.55
N LEU QA 92 53.29 -51.79 44.65
CA LEU QA 92 54.63 -52.21 44.99
C LEU QA 92 55.51 -51.02 45.36
N ALA QA 93 55.38 -49.92 44.62
CA ALA QA 93 56.16 -48.73 44.94
C ALA QA 93 55.79 -48.17 46.30
N ARG QA 94 54.50 -48.11 46.61
CA ARG QA 94 54.08 -47.63 47.93
C ARG QA 94 54.64 -48.49 49.04
N LEU QA 95 54.51 -49.82 48.88
CA LEU QA 95 55.03 -50.71 49.92
C LEU QA 95 56.53 -50.56 50.03
N LEU QA 96 57.22 -50.27 48.93
CA LEU QA 96 58.68 -50.14 48.99
C LEU QA 96 59.09 -48.86 49.72
N GLU QA 97 58.35 -47.77 49.52
CA GLU QA 97 58.61 -46.58 50.33
C GLU QA 97 58.42 -46.86 51.82
N ARG QA 98 57.33 -47.57 52.16
CA ARG QA 98 57.08 -47.91 53.55
C ARG QA 98 58.20 -48.78 54.12
N VAL QA 99 58.67 -49.76 53.33
CA VAL QA 99 59.81 -50.56 53.75
C VAL QA 99 61.02 -49.67 53.99
N HIS QA 100 61.24 -48.69 53.12
CA HIS QA 100 62.39 -47.80 53.27
C HIS QA 100 62.36 -47.10 54.63
N ARG QA 101 61.24 -46.44 54.93
CA ARG QA 101 61.15 -45.66 56.17
C ARG QA 101 61.25 -46.54 57.40
N GLU QA 102 60.46 -47.62 57.44
CA GLU QA 102 60.53 -48.49 58.61
C GLU QA 102 61.91 -49.11 58.76
N ALA QA 103 62.47 -49.69 57.69
CA ALA QA 103 63.77 -50.31 57.78
C ALA QA 103 64.78 -49.33 58.37
N ARG QA 104 64.70 -48.06 57.98
CA ARG QA 104 65.55 -47.05 58.62
C ARG QA 104 65.30 -47.00 60.12
N GLU QA 105 64.03 -46.91 60.52
CA GLU QA 105 63.71 -46.74 61.95
C GLU QA 105 64.21 -47.92 62.78
N LEU QA 106 63.84 -49.14 62.40
CA LEU QA 106 64.25 -50.30 63.18
C LEU QA 106 65.74 -50.57 63.08
N LEU QA 107 66.38 -50.21 61.97
CA LEU QA 107 67.83 -50.37 61.94
C LEU QA 107 68.51 -49.37 62.85
N ARG QA 108 67.93 -48.19 63.03
CA ARG QA 108 68.43 -47.26 64.04
C ARG QA 108 68.24 -47.84 65.44
N GLU QA 109 67.08 -48.46 65.69
CA GLU QA 109 66.82 -49.05 67.00
C GLU QA 109 67.64 -50.31 67.27
N GLY QA 110 68.34 -50.83 66.28
CA GLY QA 110 69.19 -51.99 66.48
C GLY QA 110 68.52 -53.33 66.24
N ARG QA 111 67.22 -53.37 65.96
CA ARG QA 111 66.52 -54.61 65.66
C ARG QA 111 66.71 -54.92 64.18
N ARG QA 112 67.20 -56.12 63.88
CA ARG QA 112 67.56 -56.48 62.51
C ARG QA 112 66.57 -57.45 61.87
N GLU QA 113 66.02 -58.39 62.64
CA GLU QA 113 65.19 -59.42 62.05
C GLU QA 113 63.94 -58.83 61.41
N GLU QA 114 63.32 -57.85 62.06
CA GLU QA 114 62.07 -57.31 61.54
C GLU QA 114 62.28 -56.47 60.29
N ALA QA 115 63.41 -55.78 60.16
CA ALA QA 115 63.68 -55.04 58.93
C ALA QA 115 63.82 -55.99 57.74
N ALA QA 116 64.58 -57.08 57.91
CA ALA QA 116 64.64 -58.09 56.88
C ALA QA 116 63.30 -58.75 56.64
N ALA QA 117 62.46 -58.83 57.68
CA ALA QA 117 61.11 -59.37 57.49
C ALA QA 117 60.31 -58.49 56.56
N LEU QA 118 60.38 -57.17 56.76
CA LEU QA 118 59.70 -56.26 55.85
C LEU QA 118 60.26 -56.38 54.43
N VAL QA 119 61.58 -56.51 54.30
CA VAL QA 119 62.19 -56.61 52.99
C VAL QA 119 61.76 -57.90 52.29
N LEU QA 120 61.74 -59.01 53.02
CA LEU QA 120 61.32 -60.29 52.45
C LEU QA 120 59.85 -60.25 52.03
N ALA QA 121 59.00 -59.61 52.84
CA ALA QA 121 57.62 -59.43 52.43
C ALA QA 121 57.54 -58.62 51.14
N ALA QA 122 58.39 -57.59 51.01
CA ALA QA 122 58.41 -56.79 49.78
C ALA QA 122 58.82 -57.62 48.57
N ALA QA 123 59.85 -58.45 48.73
CA ALA QA 123 60.30 -59.31 47.64
C ALA QA 123 59.21 -60.29 47.22
N LEU QA 124 58.54 -60.89 48.20
CA LEU QA 124 57.45 -61.81 47.89
C LEU QA 124 56.30 -61.09 47.20
N ALA QA 125 56.00 -59.86 47.62
CA ALA QA 125 54.96 -59.10 46.93
C ALA QA 125 55.32 -58.86 45.48
N ALA QA 126 56.59 -58.49 45.22
CA ALA QA 126 57.02 -58.25 43.84
C ALA QA 126 56.91 -59.51 42.99
N GLY QA 127 57.45 -60.63 43.50
CA GLY QA 127 57.39 -61.88 42.75
C GLY QA 127 55.98 -62.36 42.50
N ALA QA 128 55.14 -62.32 43.53
CA ALA QA 128 53.75 -62.77 43.39
C ALA QA 128 52.98 -61.87 42.45
N VAL QA 129 53.25 -60.57 42.48
CA VAL QA 129 52.61 -59.67 41.52
C VAL QA 129 53.00 -60.02 40.10
N ALA QA 130 54.29 -60.30 39.87
CA ALA QA 130 54.73 -60.68 38.53
C ALA QA 130 54.03 -61.94 38.06
N VAL QA 131 54.06 -62.99 38.89
CA VAL QA 131 53.50 -64.27 38.46
C VAL QA 131 51.99 -64.17 38.28
N ALA QA 132 51.30 -63.43 39.15
CA ALA QA 132 49.87 -63.28 39.00
C ALA QA 132 49.50 -62.53 37.73
N GLU QA 133 50.25 -61.48 37.39
CA GLU QA 133 49.99 -60.79 36.13
C GLU QA 133 50.27 -61.69 34.94
N ALA QA 134 51.30 -62.54 35.04
CA ALA QA 134 51.55 -63.51 33.97
C ALA QA 134 50.38 -64.47 33.81
N TYR QA 135 49.87 -64.99 34.91
CA TYR QA 135 48.74 -65.92 34.86
C TYR QA 135 47.51 -65.24 34.26
N VAL QA 136 47.26 -63.99 34.64
CA VAL QA 136 46.10 -63.28 34.11
C VAL QA 136 46.27 -63.00 32.62
N ARG QA 137 47.50 -62.70 32.18
CA ARG QA 137 47.72 -62.34 30.78
C ARG QA 137 47.38 -63.50 29.85
N LEU QA 138 47.77 -64.72 30.22
CA LEU QA 138 47.51 -65.89 29.40
C LEU QA 138 46.25 -66.64 29.85
N GLY QA 139 45.41 -66.03 30.67
CA GLY QA 139 44.08 -66.53 30.95
C GLY QA 139 43.96 -67.87 31.66
N GLN QA 140 44.76 -68.11 32.68
CA GLN QA 140 44.61 -69.31 33.47
C GLN QA 140 43.52 -69.12 34.53
N PRO QA 141 42.93 -70.21 35.03
CA PRO QA 141 41.82 -70.08 35.98
C PRO QA 141 42.26 -69.49 37.31
N ILE QA 142 41.28 -68.96 38.03
CA ILE QA 142 41.54 -68.26 39.29
C ILE QA 142 41.93 -69.21 40.41
N ARG QA 143 41.51 -70.47 40.36
CA ARG QA 143 41.97 -71.43 41.36
C ARG QA 143 43.49 -71.47 41.42
N LEU QA 144 44.16 -71.37 40.27
CA LEU QA 144 45.61 -71.45 40.23
C LEU QA 144 46.24 -70.27 40.94
N ILE QA 145 45.76 -69.06 40.67
CA ILE QA 145 46.29 -67.88 41.35
C ILE QA 145 46.06 -68.00 42.85
N ALA QA 146 44.85 -68.41 43.25
CA ALA QA 146 44.54 -68.48 44.67
C ALA QA 146 45.42 -69.49 45.39
N GLU QA 147 45.58 -70.69 44.81
CA GLU QA 147 46.40 -71.70 45.45
C GLU QA 147 47.86 -71.29 45.47
N TYR QA 148 48.35 -70.68 44.39
CA TYR QA 148 49.73 -70.21 44.35
C TYR QA 148 50.00 -69.21 45.46
N VAL QA 149 49.16 -68.17 45.55
CA VAL QA 149 49.38 -67.12 46.53
C VAL QA 149 49.29 -67.68 47.94
N ALA QA 150 48.30 -68.52 48.21
CA ALA QA 150 48.14 -69.06 49.56
C ALA QA 150 49.34 -69.90 49.96
N GLU QA 151 49.86 -70.73 49.05
CA GLU QA 151 51.01 -71.55 49.41
C GLU QA 151 52.25 -70.69 49.62
N ARG QA 152 52.41 -69.64 48.82
CA ARG QA 152 53.54 -68.74 49.02
C ARG QA 152 53.46 -68.05 50.38
N LEU QA 153 52.27 -67.61 50.78
CA LEU QA 153 52.12 -66.99 52.08
C LEU QA 153 52.45 -67.96 53.20
N VAL QA 154 52.04 -69.22 53.06
CA VAL QA 154 52.35 -70.20 54.10
C VAL QA 154 53.86 -70.41 54.19
N GLU QA 155 54.55 -70.49 53.05
CA GLU QA 155 56.00 -70.67 53.07
C GLU QA 155 56.70 -69.48 53.72
N LEU QA 156 56.27 -68.26 53.38
CA LEU QA 156 56.84 -67.07 54.00
C LEU QA 156 56.59 -67.05 55.50
N ALA QA 157 55.39 -67.45 55.92
CA ALA QA 157 55.10 -67.48 57.36
C ALA QA 157 56.01 -68.47 58.08
N GLU QA 158 56.27 -69.61 57.45
CA GLU QA 158 57.21 -70.56 58.05
C GLU QA 158 58.60 -69.96 58.17
N LEU QA 159 59.05 -69.25 57.12
CA LEU QA 159 60.36 -68.63 57.17
C LEU QA 159 60.45 -67.59 58.28
N LEU QA 160 59.44 -66.71 58.36
CA LEU QA 160 59.46 -65.67 59.38
C LEU QA 160 59.37 -66.26 60.78
N ARG QA 161 58.66 -67.37 60.94
CA ARG QA 161 58.69 -68.07 62.22
C ARG QA 161 60.09 -68.59 62.52
N ARG QA 162 60.81 -69.05 61.50
CA ARG QA 162 62.18 -69.51 61.71
C ARG QA 162 63.09 -68.36 62.16
N LEU QA 163 62.95 -67.19 61.54
CA LEU QA 163 63.81 -66.06 61.89
C LEU QA 163 63.59 -65.63 63.35
N GLY QA 164 62.34 -65.38 63.72
CA GLY QA 164 62.05 -64.97 65.09
C GLY QA 164 61.06 -63.82 65.23
N VAL QA 165 60.45 -63.40 64.14
CA VAL QA 165 59.48 -62.31 64.20
C VAL QA 165 58.27 -62.73 65.02
N PRO QA 166 57.71 -61.87 65.86
CA PRO QA 166 56.48 -62.22 66.57
C PRO QA 166 55.30 -62.41 65.62
N LEU QA 167 54.35 -63.23 66.06
CA LEU QA 167 53.33 -63.75 65.15
C LEU QA 167 52.43 -62.66 64.60
N ARG QA 168 52.11 -61.66 65.39
CA ARG QA 168 51.16 -60.66 64.94
C ARG QA 168 51.79 -59.77 63.91
N ARG QA 169 53.09 -59.55 63.96
CA ARG QA 169 53.80 -58.89 62.87
C ARG QA 169 53.81 -59.77 61.62
N ILE QA 170 53.94 -61.08 61.80
CA ILE QA 170 53.87 -61.99 60.65
C ILE QA 170 52.54 -61.81 59.93
N ILE QA 171 51.44 -61.83 60.67
CA ILE QA 171 50.14 -61.76 60.03
C ILE QA 171 49.93 -60.39 59.39
N ARG QA 172 50.46 -59.33 60.01
CA ARG QA 172 50.35 -58.00 59.41
C ARG QA 172 51.11 -57.91 58.10
N LEU QA 173 52.32 -58.47 58.04
CA LEU QA 173 53.08 -58.47 56.80
C LEU QA 173 52.38 -59.28 55.71
N LEU QA 174 51.82 -60.44 56.10
CA LEU QA 174 51.12 -61.27 55.13
C LEU QA 174 49.90 -60.56 54.57
N GLU QA 175 49.19 -59.82 55.41
CA GLU QA 175 48.06 -59.04 54.91
C GLU QA 175 48.51 -57.92 53.99
N GLU QA 176 49.68 -57.32 54.27
CA GLU QA 176 50.20 -56.32 53.34
C GLU QA 176 50.49 -56.93 51.99
N VAL QA 177 51.11 -58.11 51.97
CA VAL QA 177 51.39 -58.81 50.73
C VAL QA 177 50.09 -59.08 49.98
N LEU QA 178 49.08 -59.56 50.69
CA LEU QA 178 47.79 -59.86 50.06
C LEU QA 178 47.17 -58.59 49.48
N ARG QA 179 47.33 -57.47 50.17
CA ARG QA 179 46.77 -56.22 49.66
C ARG QA 179 47.45 -55.81 48.36
N VAL QA 180 48.78 -55.94 48.31
CA VAL QA 180 49.49 -55.59 47.07
C VAL QA 180 49.06 -56.50 45.93
N VAL QA 181 48.94 -57.80 46.21
CA VAL QA 181 48.54 -58.75 45.17
C VAL QA 181 47.14 -58.43 44.67
N ALA QA 182 46.23 -58.09 45.58
CA ALA QA 182 44.87 -57.74 45.16
C ALA QA 182 44.86 -56.48 44.31
N GLU QA 183 45.68 -55.48 44.66
CA GLU QA 183 45.77 -54.28 43.84
C GLU QA 183 46.30 -54.63 42.44
N ALA QA 184 47.31 -55.48 42.37
CA ALA QA 184 47.85 -55.89 41.08
C ALA QA 184 46.79 -56.56 40.23
N LEU QA 185 46.03 -57.49 40.83
CA LEU QA 185 44.99 -58.19 40.10
C LEU QA 185 43.88 -57.24 39.67
N ARG QA 186 43.61 -56.21 40.48
CA ARG QA 186 42.63 -55.21 40.09
C ARG QA 186 43.09 -54.42 38.87
N ARG QA 187 44.37 -54.05 38.84
CA ARG QA 187 44.88 -53.30 37.68
C ARG QA 187 44.90 -54.13 36.41
N ALA QA 188 44.93 -55.46 36.54
CA ALA QA 188 44.91 -56.35 35.39
C ALA QA 188 43.50 -56.63 34.88
N GLY QA 189 42.49 -56.03 35.50
CA GLY QA 189 41.12 -56.21 35.05
C GLY QA 189 40.39 -57.40 35.61
N VAL QA 190 40.96 -58.12 36.55
CA VAL QA 190 40.27 -59.28 37.15
C VAL QA 190 39.03 -58.78 37.89
N PRO QA 191 37.86 -59.40 37.69
CA PRO QA 191 36.66 -58.90 38.37
C PRO QA 191 36.78 -59.02 39.89
N GLU QA 192 36.10 -58.10 40.58
CA GLU QA 192 36.23 -58.00 42.03
C GLU QA 192 35.88 -59.29 42.77
N PRO QA 193 34.79 -59.99 42.46
CA PRO QA 193 34.49 -61.23 43.21
C PRO QA 193 35.60 -62.26 43.16
N GLU QA 194 36.33 -62.35 42.06
CA GLU QA 194 37.46 -63.29 42.02
C GLU QA 194 38.58 -62.84 42.95
N ILE QA 195 38.79 -61.53 43.07
CA ILE QA 195 39.78 -61.03 44.03
C ILE QA 195 39.36 -61.39 45.46
N ARG QA 196 38.08 -61.21 45.77
CA ARG QA 196 37.60 -61.58 47.10
C ARG QA 196 37.75 -63.06 47.35
N LYS QA 197 37.50 -63.89 46.33
CA LYS QA 197 37.70 -65.32 46.48
C LYS QA 197 39.16 -65.64 46.75
N VAL QA 198 40.08 -64.95 46.07
CA VAL QA 198 41.50 -65.17 46.30
C VAL QA 198 41.86 -64.86 47.75
N GLU QA 199 41.43 -63.69 48.23
CA GLU QA 199 41.77 -63.30 49.59
C GLU QA 199 41.14 -64.23 50.62
N ALA QA 200 39.87 -64.60 50.44
CA ALA QA 200 39.21 -65.48 51.38
C ALA QA 200 39.87 -66.84 51.43
N ALA QA 201 40.28 -67.37 50.27
CA ALA QA 201 41.04 -68.61 50.25
C ALA QA 201 42.35 -68.47 51.00
N ALA QA 202 43.02 -67.33 50.83
CA ALA QA 202 44.28 -67.10 51.55
C ALA QA 202 44.07 -67.09 53.04
N TYR QA 203 43.00 -66.44 53.50
CA TYR QA 203 42.74 -66.35 54.94
C TYR QA 203 42.36 -67.70 55.52
N ILE QA 204 41.58 -68.50 54.78
CA ILE QA 204 41.22 -69.82 55.28
C ILE QA 204 42.45 -70.72 55.33
N ARG QA 205 43.34 -70.60 54.35
CA ARG QA 205 44.57 -71.38 54.38
C ARG QA 205 45.45 -70.97 55.57
N LEU QA 206 45.58 -69.66 55.82
CA LEU QA 206 46.37 -69.21 56.96
C LEU QA 206 45.77 -69.67 58.28
N ALA QA 207 44.44 -69.59 58.40
CA ALA QA 207 43.77 -70.03 59.62
C ALA QA 207 43.97 -71.52 59.85
N ALA QA 208 43.85 -72.32 58.79
CA ALA QA 208 44.09 -73.76 58.92
C ALA QA 208 45.53 -74.05 59.31
N TYR QA 209 46.48 -73.30 58.73
CA TYR QA 209 47.88 -73.46 59.08
C TYR QA 209 48.12 -73.16 60.55
N LEU QA 210 47.52 -72.08 61.06
CA LEU QA 210 47.69 -71.75 62.47
C LEU QA 210 47.05 -72.80 63.37
N LEU QA 211 45.87 -73.29 62.99
CA LEU QA 211 45.18 -74.27 63.82
C LEU QA 211 45.91 -75.60 63.85
N ARG QA 212 46.64 -75.94 62.79
CA ARG QA 212 47.30 -77.25 62.76
C ARG QA 212 48.42 -77.37 63.79
N GLN QA 213 49.13 -76.28 64.06
CA GLN QA 213 50.29 -76.36 64.95
C GLN QA 213 49.88 -76.76 66.36
N LEU QA 214 48.75 -76.24 66.84
CA LEU QA 214 48.30 -76.49 68.19
C LEU QA 214 47.60 -77.83 68.35
N GLY QA 215 47.41 -78.59 67.27
CA GLY QA 215 46.86 -79.92 67.39
C GLY QA 215 45.36 -79.96 67.22
N TYR QA 216 44.82 -79.15 66.31
CA TYR QA 216 43.42 -79.20 65.94
C TYR QA 216 43.38 -79.64 64.48
N GLU QA 217 43.47 -80.95 64.27
CA GLU QA 217 43.52 -81.48 62.92
C GLU QA 217 42.15 -81.41 62.25
N ALA QA 218 41.12 -81.90 62.94
CA ALA QA 218 39.79 -81.96 62.35
C ALA QA 218 39.31 -80.58 61.93
N LEU QA 219 39.58 -79.57 62.76
CA LEU QA 219 39.23 -78.20 62.41
C LEU QA 219 39.91 -77.77 61.11
N ALA QA 220 41.18 -78.10 60.95
CA ALA QA 220 41.89 -77.72 59.74
C ALA QA 220 41.33 -78.44 58.51
N LYS QA 221 41.01 -79.73 58.65
CA LYS QA 221 40.44 -80.45 57.51
C LYS QA 221 39.10 -79.86 57.10
N ARG QA 222 38.26 -79.50 58.07
CA ARG QA 222 36.97 -78.93 57.71
C ARG QA 222 37.13 -77.55 57.06
N LEU QA 223 38.08 -76.75 57.55
CA LEU QA 223 38.34 -75.46 56.91
C LEU QA 223 38.82 -75.64 55.48
N LEU QA 224 39.66 -76.65 55.25
CA LEU QA 224 40.16 -76.86 53.90
C LEU QA 224 39.09 -77.44 52.98
N GLU QA 225 38.17 -78.26 53.52
CA GLU QA 225 37.01 -78.70 52.73
C GLU QA 225 36.16 -77.51 52.31
N ALA QA 226 35.89 -76.59 53.24
CA ALA QA 226 35.15 -75.39 52.88
C ALA QA 226 35.88 -74.58 51.83
N ARG QA 227 37.22 -74.50 51.93
CA ARG QA 227 37.99 -73.77 50.92
C ARG QA 227 37.89 -74.45 49.56
N GLU QA 228 37.94 -75.78 49.53
CA GLU QA 228 37.78 -76.50 48.27
C GLU QA 228 36.43 -76.23 47.64
N LEU QA 229 35.37 -76.25 48.45
CA LEU QA 229 34.06 -75.92 47.91
C LEU QA 229 34.00 -74.47 47.43
N LEU QA 230 34.78 -73.59 48.05
CA LEU QA 230 34.76 -72.19 47.61
C LEU QA 230 35.46 -72.00 46.28
N LEU QA 231 36.62 -72.62 46.10
CA LEU QA 231 37.40 -72.41 44.87
C LEU QA 231 36.71 -72.99 43.64
N GLU QA 232 35.76 -73.91 43.83
CA GLU QA 232 35.02 -74.52 42.75
C GLU QA 232 33.83 -73.70 42.30
N GLY QA 233 33.56 -72.56 42.93
CA GLY QA 233 32.42 -71.74 42.61
C GLY QA 233 31.19 -72.00 43.44
N ARG QA 234 31.16 -73.09 44.21
CA ARG QA 234 30.05 -73.37 45.12
C ARG QA 234 30.20 -72.48 46.35
N VAL QA 235 29.74 -71.24 46.22
CA VAL QA 235 29.87 -70.28 47.30
C VAL QA 235 28.93 -70.63 48.45
N GLU QA 236 27.72 -71.09 48.14
CA GLU QA 236 26.69 -71.26 49.17
C GLU QA 236 27.04 -72.40 50.12
N GLU QA 237 27.45 -73.55 49.57
CA GLU QA 237 27.85 -74.66 50.42
C GLU QA 237 29.10 -74.31 51.21
N ALA QA 238 30.02 -73.53 50.60
CA ALA QA 238 31.20 -73.08 51.32
C ALA QA 238 30.82 -72.22 52.51
N ALA QA 239 29.89 -71.29 52.32
CA ALA QA 239 29.47 -70.42 53.42
C ALA QA 239 28.76 -71.22 54.50
N HIS QA 240 27.91 -72.18 54.13
CA HIS QA 240 27.23 -72.99 55.14
C HIS QA 240 28.22 -73.81 55.96
N LEU QA 241 29.15 -74.49 55.30
CA LEU QA 241 30.11 -75.32 56.02
C LEU QA 241 31.07 -74.47 56.84
N LEU QA 242 31.45 -73.31 56.32
CA LEU QA 242 32.30 -72.40 57.07
C LEU QA 242 31.61 -71.91 58.33
N GLU QA 243 30.33 -71.53 58.23
CA GLU QA 243 29.63 -71.05 59.41
C GLU QA 243 29.45 -72.16 60.43
N ASP QA 244 29.23 -73.41 59.99
CA ASP QA 244 29.13 -74.50 60.95
C ASP QA 244 30.44 -74.71 61.71
N VAL QA 245 31.56 -74.79 60.96
CA VAL QA 245 32.83 -75.03 61.63
C VAL QA 245 33.22 -73.84 62.50
N TYR QA 246 32.90 -72.61 62.07
CA TYR QA 246 33.16 -71.43 62.87
C TYR QA 246 32.36 -71.46 64.16
N ALA QA 247 31.09 -71.87 64.11
CA ALA QA 247 30.30 -71.94 65.33
C ALA QA 247 30.89 -72.93 66.32
N LEU QA 248 31.30 -74.11 65.83
CA LEU QA 248 31.92 -75.07 66.75
C LEU QA 248 33.22 -74.53 67.33
N PHE QA 249 34.05 -73.91 66.50
CA PHE QA 249 35.31 -73.33 66.96
C PHE QA 249 35.08 -72.23 67.99
N HIS QA 250 34.08 -71.38 67.76
CA HIS QA 250 33.87 -70.25 68.65
C HIS QA 250 33.30 -70.71 69.98
N ARG QA 251 32.46 -71.75 69.98
CA ARG QA 251 32.08 -72.37 71.24
C ARG QA 251 33.29 -72.89 71.97
N GLU QA 252 34.23 -73.51 71.25
CA GLU QA 252 35.45 -73.99 71.90
C GLU QA 252 36.26 -72.83 72.48
N ILE QA 253 36.31 -71.70 71.78
CA ILE QA 253 37.02 -70.53 72.28
C ILE QA 253 36.39 -70.03 73.57
N GLU QA 254 35.06 -69.84 73.55
CA GLU QA 254 34.35 -69.35 74.73
C GLU QA 254 34.39 -70.34 75.88
N ARG QA 255 34.70 -71.61 75.61
CA ARG QA 255 34.88 -72.56 76.69
C ARG QA 255 36.02 -72.15 77.60
N LEU QA 256 37.12 -71.67 77.02
CA LEU QA 256 38.32 -71.35 77.78
C LEU QA 256 38.26 -70.00 78.48
N GLY QA 257 37.18 -69.24 78.30
CA GLY QA 257 37.00 -68.03 79.08
C GLY QA 257 38.01 -66.96 78.74
N PHE QA 258 38.65 -66.42 79.77
CA PHE QA 258 39.68 -65.39 79.63
C PHE QA 258 41.08 -66.01 79.64
N GLU QA 259 41.28 -66.97 78.74
CA GLU QA 259 42.56 -67.64 78.56
C GLU QA 259 42.49 -68.45 77.28
N ALA QA 260 43.53 -68.36 76.45
CA ALA QA 260 43.64 -69.13 75.22
C ALA QA 260 45.00 -68.90 74.58
N PRO QA 261 45.60 -69.91 73.96
CA PRO QA 261 46.86 -69.69 73.23
C PRO QA 261 46.68 -68.63 72.17
N GLU QA 262 47.74 -67.87 71.93
CA GLU QA 262 47.59 -66.64 71.15
C GLU QA 262 47.20 -66.95 69.70
N GLU QA 263 47.61 -68.11 69.18
CA GLU QA 263 47.25 -68.46 67.82
C GLU QA 263 45.75 -68.69 67.67
N LEU QA 264 45.08 -69.18 68.71
CA LEU QA 264 43.63 -69.23 68.68
C LEU QA 264 43.04 -67.84 68.50
N ARG QA 265 43.57 -66.87 69.23
CA ARG QA 265 43.07 -65.51 69.16
C ARG QA 265 43.28 -64.92 67.77
N VAL QA 266 44.43 -65.21 67.14
CA VAL QA 266 44.68 -64.68 65.80
C VAL QA 266 43.79 -65.38 64.77
N ALA QA 267 43.67 -66.71 64.89
CA ALA QA 267 42.86 -67.47 63.95
C ALA QA 267 41.41 -67.05 64.01
N ASP QA 268 40.93 -66.62 65.18
CA ASP QA 268 39.55 -66.15 65.28
C ASP QA 268 39.32 -64.94 64.37
N LEU QA 269 40.23 -63.97 64.39
CA LEU QA 269 40.07 -62.81 63.52
C LEU QA 269 40.25 -63.20 62.05
N LEU QA 270 41.17 -64.13 61.77
CA LEU QA 270 41.34 -64.58 60.39
C LEU QA 270 40.05 -65.21 59.85
N LEU QA 271 39.44 -66.07 60.65
CA LEU QA 271 38.19 -66.72 60.25
C LEU QA 271 37.06 -65.72 60.11
N ALA QA 272 36.99 -64.73 60.99
CA ALA QA 272 35.95 -63.72 60.88
C ALA QA 272 36.08 -62.95 59.57
N ARG QA 273 37.31 -62.56 59.22
CA ARG QA 273 37.50 -61.82 57.96
C ARG QA 273 37.23 -62.70 56.76
N ALA QA 274 37.62 -63.98 56.82
CA ALA QA 274 37.33 -64.89 55.72
C ALA QA 274 35.83 -65.01 55.49
N ILE QA 275 35.06 -65.15 56.58
CA ILE QA 275 33.62 -65.27 56.46
C ILE QA 275 33.02 -63.98 55.91
N ALA QA 276 33.51 -62.83 56.37
CA ALA QA 276 33.01 -61.57 55.84
C ALA QA 276 33.26 -61.44 54.35
N LEU QA 277 34.46 -61.83 53.91
CA LEU QA 277 34.79 -61.75 52.48
C LEU QA 277 33.92 -62.67 51.66
N ILE QA 278 33.70 -63.91 52.14
CA ILE QA 278 32.85 -64.83 51.40
C ILE QA 278 31.44 -64.28 51.30
N LYS QA 279 30.92 -63.73 52.39
CA LYS QA 279 29.57 -63.16 52.36
C LYS QA 279 29.50 -61.97 51.41
N ALA QA 280 30.59 -61.22 51.26
CA ALA QA 280 30.56 -60.04 50.40
C ALA QA 280 30.77 -60.36 48.93
N ILE QA 281 31.10 -61.59 48.57
CA ILE QA 281 31.24 -61.99 47.17
C ILE QA 281 29.95 -61.74 46.43
N THR RA 24 46.01 -31.51 102.60
CA THR RA 24 46.78 -31.71 101.38
C THR RA 24 45.88 -31.64 100.15
N VAL RA 25 44.57 -31.72 100.39
CA VAL RA 25 43.62 -31.78 99.28
C VAL RA 25 43.67 -30.50 98.46
N VAL RA 26 43.67 -29.34 99.13
CA VAL RA 26 43.75 -28.08 98.41
C VAL RA 26 45.10 -27.94 97.73
N GLU RA 27 46.16 -28.45 98.36
CA GLU RA 27 47.46 -28.48 97.68
C GLU RA 27 47.41 -29.36 96.44
N GLU RA 28 46.71 -30.49 96.52
CA GLU RA 28 46.55 -31.35 95.35
C GLU RA 28 45.80 -30.64 94.23
N VAL RA 29 44.76 -29.89 94.58
CA VAL RA 29 44.01 -29.16 93.56
C VAL RA 29 44.88 -28.08 92.93
N ARG RA 30 45.64 -27.35 93.75
CA ARG RA 30 46.54 -26.34 93.21
C ARG RA 30 47.57 -26.97 92.30
N ARG RA 31 48.18 -28.09 92.72
CA ARG RA 31 49.19 -28.75 91.92
C ARG RA 31 48.61 -29.25 90.59
N PHE RA 32 47.41 -29.82 90.65
CA PHE RA 32 46.74 -30.28 89.43
C PHE RA 32 46.51 -29.14 88.45
N ALA RA 33 45.97 -28.02 88.95
CA ALA RA 33 45.70 -26.89 88.07
C ALA RA 33 46.98 -26.32 87.48
N GLU RA 34 48.01 -26.15 88.31
CA GLU RA 34 49.27 -25.57 87.83
C GLU RA 34 49.94 -26.48 86.82
N GLU RA 35 49.95 -27.79 87.08
CA GLU RA 35 50.56 -28.72 86.13
C GLU RA 35 49.83 -28.69 84.80
N LEU RA 36 48.50 -28.65 84.83
CA LEU RA 36 47.74 -28.58 83.58
C LEU RA 36 48.05 -27.29 82.83
N ALA RA 37 48.15 -26.16 83.56
CA ALA RA 37 48.46 -24.90 82.91
C ALA RA 37 49.87 -24.90 82.30
N GLU RA 38 50.85 -25.46 83.01
CA GLU RA 38 52.20 -25.55 82.48
C GLU RA 38 52.22 -26.40 81.22
N GLU RA 39 51.51 -27.53 81.23
CA GLU RA 39 51.46 -28.38 80.04
C GLU RA 39 50.78 -27.66 78.88
N VAL RA 40 49.75 -26.87 79.18
CA VAL RA 40 49.08 -26.11 78.12
C VAL RA 40 50.05 -25.14 77.48
N LEU RA 41 50.84 -24.45 78.32
CA LEU RA 41 51.80 -23.49 77.79
C LEU RA 41 52.92 -24.19 77.02
N ARG RA 42 53.39 -25.34 77.51
CA ARG RA 42 54.45 -26.04 76.80
C ARG RA 42 53.99 -26.52 75.43
N VAL RA 43 52.80 -27.12 75.36
CA VAL RA 43 52.32 -27.63 74.08
C VAL RA 43 52.00 -26.49 73.13
N GLY RA 44 51.28 -25.47 73.60
CA GLY RA 44 50.82 -24.41 72.75
C GLY RA 44 51.64 -23.15 72.75
N GLY RA 45 52.63 -23.04 73.63
CA GLY RA 45 53.45 -21.84 73.62
C GLY RA 45 52.70 -20.61 74.12
N GLU RA 46 53.08 -19.47 73.56
CA GLU RA 46 52.42 -18.22 73.87
C GLU RA 46 51.26 -17.93 72.95
N ALA RA 47 50.93 -18.84 72.04
CA ALA RA 47 49.78 -18.63 71.16
C ALA RA 47 48.48 -18.55 71.97
N MET RA 48 48.33 -19.45 72.95
CA MET RA 48 47.21 -19.44 73.88
C MET RA 48 47.74 -19.34 75.31
N ARG RA 49 47.97 -18.10 75.74
CA ARG RA 49 48.17 -17.73 77.14
C ARG RA 49 46.84 -17.62 77.89
N PRO RA 50 45.74 -17.18 77.25
CA PRO RA 50 44.46 -17.14 77.99
C PRO RA 50 44.08 -18.45 78.66
N TYR RA 51 44.31 -19.59 78.01
CA TYR RA 51 43.87 -20.86 78.57
C TYR RA 51 44.62 -21.19 79.85
N ALA RA 52 45.89 -20.80 79.93
CA ALA RA 52 46.63 -20.99 81.17
C ALA RA 52 46.02 -20.16 82.30
N GLU RA 53 45.58 -18.93 81.99
CA GLU RA 53 44.94 -18.11 82.99
C GLU RA 53 43.60 -18.71 83.42
N MET RA 54 42.83 -19.24 82.48
CA MET RA 54 41.58 -19.90 82.83
C MET RA 54 41.82 -21.09 83.75
N VAL RA 55 42.80 -21.92 83.42
CA VAL RA 55 43.09 -23.07 84.26
C VAL RA 55 43.50 -22.62 85.65
N ARG RA 56 44.35 -21.59 85.73
CA ARG RA 56 44.85 -21.16 87.04
C ARG RA 56 43.76 -20.53 87.89
N HIS RA 57 42.88 -19.71 87.29
CA HIS RA 57 41.76 -19.17 88.06
C HIS RA 57 40.74 -20.23 88.44
N LEU RA 58 40.49 -21.22 87.60
CA LEU RA 58 39.56 -22.28 88.00
C LEU RA 58 40.16 -23.12 89.13
N GLY RA 59 41.48 -23.33 89.10
CA GLY RA 59 42.12 -23.95 90.25
C GLY RA 59 41.97 -23.12 91.51
N GLU RA 60 42.10 -21.80 91.38
CA GLU RA 60 41.94 -20.92 92.54
C GLU RA 60 40.51 -20.93 93.06
N ALA RA 61 39.53 -20.91 92.16
CA ALA RA 61 38.13 -20.97 92.59
C ALA RA 61 37.84 -22.29 93.30
N ALA RA 62 38.38 -23.40 92.79
CA ALA RA 62 38.19 -24.68 93.45
C ALA RA 62 38.79 -24.68 94.84
N VAL RA 63 40.01 -24.17 95.00
CA VAL RA 63 40.61 -24.21 96.33
C VAL RA 63 39.91 -23.23 97.28
N ALA RA 64 39.42 -22.11 96.75
CA ALA RA 64 38.61 -21.21 97.56
C ALA RA 64 37.37 -21.93 98.08
N ALA RA 65 36.68 -22.66 97.21
CA ALA RA 65 35.50 -23.41 97.64
C ALA RA 65 35.85 -24.46 98.67
N LEU RA 66 36.97 -25.16 98.48
CA LEU RA 66 37.38 -26.17 99.46
C LEU RA 66 37.83 -25.56 100.78
N GLU RA 67 38.20 -24.28 100.81
CA GLU RA 67 38.68 -23.67 102.04
C GLU RA 67 37.73 -22.59 102.56
N GLY RA 68 36.44 -22.90 102.59
CA GLY RA 68 35.45 -21.93 102.97
C GLY RA 68 34.91 -21.21 101.75
N ARG RA 69 34.39 -20.00 101.99
CA ARG RA 69 34.02 -19.06 100.93
C ARG RA 69 32.87 -19.55 100.05
N ALA RA 70 32.11 -18.60 99.52
CA ALA RA 70 31.13 -18.87 98.48
C ALA RA 70 31.05 -17.77 97.44
N GLU RA 71 31.58 -16.58 97.71
CA GLU RA 71 31.49 -15.42 96.83
C GLU RA 71 32.71 -15.28 95.94
N GLU RA 72 33.89 -15.59 96.46
CA GLU RA 72 35.09 -15.59 95.65
C GLU RA 72 34.98 -16.62 94.53
N ALA RA 73 34.41 -17.79 94.83
CA ALA RA 73 34.19 -18.80 93.81
C ALA RA 73 33.29 -18.25 92.70
N ASP RA 74 32.20 -17.59 93.07
CA ASP RA 74 31.29 -17.01 92.08
C ASP RA 74 32.01 -15.98 91.23
N ARG RA 75 32.81 -15.11 91.86
CA ARG RA 75 33.49 -14.06 91.12
C ARG RA 75 34.51 -14.64 90.14
N LEU RA 76 35.31 -15.59 90.60
CA LEU RA 76 36.32 -16.18 89.74
C LEU RA 76 35.68 -16.93 88.58
N VAL RA 77 34.60 -17.66 88.84
CA VAL RA 77 33.93 -18.38 87.76
C VAL RA 77 33.35 -17.39 86.75
N ARG RA 78 32.83 -16.26 87.22
CA ARG RA 78 32.33 -15.24 86.30
C ARG RA 78 33.46 -14.63 85.47
N ASP RA 79 34.63 -14.42 86.09
CA ASP RA 79 35.78 -13.92 85.35
C ASP RA 79 36.20 -14.88 84.24
N VAL RA 80 36.31 -16.17 84.57
CA VAL RA 80 36.66 -17.16 83.55
C VAL RA 80 35.58 -17.25 82.49
N LEU RA 81 34.32 -17.07 82.87
CA LEU RA 81 33.25 -17.06 81.88
C LEU RA 81 33.42 -15.89 80.92
N GLU RA 82 33.82 -14.74 81.44
CA GLU RA 82 34.08 -13.59 80.57
C GLU RA 82 35.24 -13.87 79.61
N MET RA 83 36.31 -14.49 80.12
CA MET RA 83 37.43 -14.84 79.24
C MET RA 83 36.98 -15.80 78.15
N ALA RA 84 36.17 -16.79 78.50
CA ALA RA 84 35.63 -17.70 77.51
C ALA RA 84 34.79 -16.96 76.48
N ARG RA 85 34.02 -15.97 76.92
CA ARG RA 85 33.24 -15.17 75.99
C ARG RA 85 34.13 -14.46 74.99
N GLU RA 86 35.21 -13.83 75.46
CA GLU RA 86 36.02 -13.03 74.55
C GLU RA 86 36.88 -13.90 73.63
N VAL RA 87 37.45 -14.99 74.15
CA VAL RA 87 38.32 -15.83 73.33
C VAL RA 87 37.54 -16.47 72.20
N GLY RA 88 36.36 -17.00 72.49
CA GLY RA 88 35.56 -17.70 71.49
C GLY RA 88 35.20 -19.12 71.89
N ALA RA 89 35.63 -19.60 73.05
CA ALA RA 89 35.28 -20.94 73.50
C ALA RA 89 33.80 -20.97 73.87
N GLU RA 90 33.01 -21.70 73.07
CA GLU RA 90 31.57 -21.75 73.28
C GLU RA 90 31.19 -22.83 74.30
N GLY RA 91 31.58 -24.08 74.03
CA GLY RA 91 31.26 -25.15 74.95
C GLY RA 91 31.81 -24.92 76.34
N LEU RA 92 33.03 -24.38 76.42
CA LEU RA 92 33.60 -24.06 77.70
C LEU RA 92 32.79 -22.98 78.41
N ALA RA 93 32.31 -21.98 77.67
CA ALA RA 93 31.49 -20.93 78.28
C ALA RA 93 30.19 -21.49 78.83
N ARG RA 94 29.52 -22.35 78.05
CA ARG RA 94 28.28 -22.96 78.55
C ARG RA 94 28.54 -23.77 79.80
N LEU RA 95 29.60 -24.59 79.77
CA LEU RA 95 29.92 -25.37 80.96
C LEU RA 95 30.21 -24.47 82.14
N LEU RA 96 30.85 -23.33 81.90
CA LEU RA 96 31.19 -22.43 83.01
C LEU RA 96 29.94 -21.80 83.62
N GLU RA 97 28.96 -21.43 82.79
CA GLU RA 97 27.70 -20.96 83.35
C GLU RA 97 27.03 -22.04 84.20
N ARG RA 98 27.02 -23.27 83.70
CA ARG RA 98 26.43 -24.36 84.48
C ARG RA 98 27.17 -24.57 85.81
N VAL RA 99 28.49 -24.51 85.78
CA VAL RA 99 29.26 -24.58 87.02
C VAL RA 99 28.87 -23.45 87.96
N HIS RA 100 28.66 -22.25 87.42
CA HIS RA 100 28.31 -21.11 88.25
C HIS RA 100 27.02 -21.39 89.01
N ARG RA 101 25.97 -21.78 88.28
CA ARG RA 101 24.67 -21.99 88.92
C ARG RA 101 24.72 -23.13 89.93
N GLU RA 102 25.23 -24.30 89.52
CA GLU RA 102 25.26 -25.44 90.42
C GLU RA 102 26.17 -25.20 91.61
N ALA RA 103 27.28 -24.48 91.42
CA ALA RA 103 28.13 -24.15 92.56
C ALA RA 103 27.38 -23.29 93.56
N ARG RA 104 26.60 -22.31 93.07
CA ARG RA 104 25.79 -21.51 93.97
C ARG RA 104 24.81 -22.37 94.75
N GLU RA 105 24.10 -23.27 94.06
CA GLU RA 105 23.11 -24.10 94.74
C GLU RA 105 23.75 -24.97 95.82
N LEU RA 106 24.83 -25.67 95.47
CA LEU RA 106 25.44 -26.58 96.43
C LEU RA 106 26.11 -25.83 97.57
N LEU RA 107 26.66 -24.64 97.30
CA LEU RA 107 27.24 -23.87 98.39
C LEU RA 107 26.17 -23.34 99.32
N ARG RA 108 24.98 -23.02 98.79
CA ARG RA 108 23.85 -22.69 99.65
C ARG RA 108 23.46 -23.89 100.50
N GLU RA 109 23.44 -25.08 99.91
CA GLU RA 109 23.11 -26.29 100.65
C GLU RA 109 24.21 -26.72 101.60
N GLY RA 110 25.38 -26.12 101.55
CA GLY RA 110 26.45 -26.43 102.47
C GLY RA 110 27.40 -27.52 102.04
N ARG RA 111 27.16 -28.17 100.91
CA ARG RA 111 28.06 -29.19 100.38
C ARG RA 111 29.17 -28.51 99.59
N ARG RA 112 30.41 -28.83 99.92
CA ARG RA 112 31.56 -28.16 99.33
C ARG RA 112 32.32 -29.01 98.32
N GLU RA 113 32.40 -30.32 98.54
CA GLU RA 113 33.23 -31.16 97.68
C GLU RA 113 32.72 -31.18 96.25
N GLU RA 114 31.40 -31.24 96.08
CA GLU RA 114 30.84 -31.35 94.72
C GLU RA 114 30.99 -30.05 93.93
N ALA RA 115 30.94 -28.89 94.59
CA ALA RA 115 31.18 -27.63 93.89
C ALA RA 115 32.62 -27.55 93.39
N ALA RA 116 33.57 -27.91 94.25
CA ALA RA 116 34.96 -28.00 93.82
C ALA RA 116 35.13 -29.04 92.74
N ALA RA 117 34.33 -30.10 92.76
CA ALA RA 117 34.39 -31.12 91.72
C ALA RA 117 33.97 -30.56 90.38
N LEU RA 118 32.88 -29.79 90.35
CA LEU RA 118 32.47 -29.16 89.10
C LEU RA 118 33.54 -28.20 88.61
N VAL RA 119 34.14 -27.43 89.53
CA VAL RA 119 35.16 -26.47 89.13
C VAL RA 119 36.39 -27.19 88.56
N LEU RA 120 36.81 -28.28 89.21
CA LEU RA 120 37.96 -29.04 88.72
C LEU RA 120 37.68 -29.64 87.36
N ALA RA 121 36.48 -30.16 87.15
CA ALA RA 121 36.12 -30.67 85.82
C ALA RA 121 36.17 -29.55 84.79
N ALA RA 122 35.76 -28.33 85.18
CA ALA RA 122 35.83 -27.20 84.27
C ALA RA 122 37.28 -26.85 83.91
N ALA RA 123 38.16 -26.88 84.90
CA ALA RA 123 39.58 -26.62 84.63
C ALA RA 123 40.16 -27.66 83.70
N LEU RA 124 39.81 -28.93 83.92
CA LEU RA 124 40.28 -29.99 83.04
C LEU RA 124 39.75 -29.81 81.63
N ALA RA 125 38.50 -29.37 81.49
CA ALA RA 125 37.96 -29.12 80.16
C ALA RA 125 38.73 -28.02 79.47
N ALA RA 126 39.08 -26.95 80.20
CA ALA RA 126 39.84 -25.84 79.61
C ALA RA 126 41.24 -26.29 79.18
N GLY RA 127 41.95 -26.99 80.06
CA GLY RA 127 43.27 -27.49 79.70
C GLY RA 127 43.23 -28.43 78.50
N ALA RA 128 42.26 -29.35 78.50
CA ALA RA 128 42.16 -30.33 77.43
C ALA RA 128 41.79 -29.68 76.11
N VAL RA 129 40.90 -28.69 76.12
CA VAL RA 129 40.56 -28.01 74.86
C VAL RA 129 41.78 -27.26 74.34
N ALA RA 130 42.54 -26.62 75.23
CA ALA RA 130 43.75 -25.93 74.77
C ALA RA 130 44.72 -26.90 74.11
N VAL RA 131 45.04 -27.99 74.81
CA VAL RA 131 46.03 -28.93 74.28
C VAL RA 131 45.52 -29.61 73.01
N ALA RA 132 44.24 -29.93 72.96
CA ALA RA 132 43.69 -30.58 71.78
C ALA RA 132 43.73 -29.66 70.56
N GLU RA 133 43.39 -28.39 70.74
CA GLU RA 133 43.49 -27.46 69.61
C GLU RA 133 44.94 -27.27 69.19
N ALA RA 134 45.87 -27.27 70.14
CA ALA RA 134 47.28 -27.20 69.78
C ALA RA 134 47.69 -28.40 68.93
N TYR RA 135 47.32 -29.61 69.36
CA TYR RA 135 47.67 -30.82 68.62
C TYR RA 135 47.06 -30.80 67.23
N VAL RA 136 45.81 -30.33 67.11
CA VAL RA 136 45.16 -30.30 65.81
C VAL RA 136 45.82 -29.29 64.88
N ARG RA 137 46.26 -28.14 65.42
CA ARG RA 137 46.86 -27.13 64.56
C ARG RA 137 48.16 -27.62 63.93
N LEU RA 138 49.01 -28.27 64.71
CA LEU RA 138 50.29 -28.76 64.20
C LEU RA 138 50.21 -30.19 63.67
N GLY RA 139 49.01 -30.70 63.44
CA GLY RA 139 48.81 -31.93 62.69
C GLY RA 139 49.37 -33.21 63.27
N GLN RA 140 49.20 -33.44 64.56
CA GLN RA 140 49.62 -34.70 65.15
C GLN RA 140 48.52 -35.74 65.02
N PRO RA 141 48.88 -37.03 65.03
CA PRO RA 141 47.88 -38.07 64.80
C PRO RA 141 46.87 -38.15 65.94
N ILE RA 142 45.70 -38.72 65.62
CA ILE RA 142 44.58 -38.77 66.55
C ILE RA 142 44.84 -39.72 67.73
N ARG RA 143 45.72 -40.72 67.56
CA ARG RA 143 46.07 -41.57 68.68
C ARG RA 143 46.56 -40.76 69.87
N LEU RA 144 47.36 -39.72 69.60
CA LEU RA 144 47.91 -38.92 70.69
C LEU RA 144 46.83 -38.16 71.44
N ILE RA 145 45.89 -37.54 70.71
CA ILE RA 145 44.79 -36.85 71.37
C ILE RA 145 43.97 -37.83 72.21
N ALA RA 146 43.64 -39.00 71.64
CA ALA RA 146 42.81 -39.97 72.35
C ALA RA 146 43.49 -40.46 73.62
N GLU RA 147 44.77 -40.82 73.53
CA GLU RA 147 45.48 -41.31 74.70
C GLU RA 147 45.63 -40.21 75.74
N TYR RA 148 45.90 -38.98 75.30
CA TYR RA 148 46.02 -37.87 76.23
C TYR RA 148 44.75 -37.68 77.03
N VAL RA 149 43.61 -37.55 76.32
CA VAL RA 149 42.35 -37.30 77.01
C VAL RA 149 41.97 -38.46 77.92
N ALA RA 150 42.16 -39.70 77.45
CA ALA RA 150 41.80 -40.83 78.29
C ALA RA 150 42.61 -40.85 79.58
N GLU RA 151 43.92 -40.59 79.50
CA GLU RA 151 44.73 -40.61 80.71
C GLU RA 151 44.36 -39.45 81.64
N ARG RA 152 44.04 -38.28 81.08
CA ARG RA 152 43.63 -37.16 81.92
C ARG RA 152 42.33 -37.47 82.64
N LEU RA 153 41.38 -38.09 81.95
CA LEU RA 153 40.12 -38.46 82.59
C LEU RA 153 40.34 -39.45 83.71
N VAL RA 154 41.25 -40.42 83.51
CA VAL RA 154 41.52 -41.38 84.57
C VAL RA 154 42.14 -40.68 85.78
N GLU RA 155 43.07 -39.75 85.54
CA GLU RA 155 43.69 -39.02 86.65
C GLU RA 155 42.67 -38.19 87.42
N LEU RA 156 41.78 -37.51 86.70
CA LEU RA 156 40.73 -36.74 87.37
C LEU RA 156 39.80 -37.64 88.16
N ALA RA 157 39.48 -38.82 87.62
CA ALA RA 157 38.63 -39.76 88.35
C ALA RA 157 39.30 -40.19 89.64
N GLU RA 158 40.61 -40.43 89.60
CA GLU RA 158 41.32 -40.78 90.82
C GLU RA 158 41.26 -39.64 91.83
N LEU RA 159 41.44 -38.40 91.36
CA LEU RA 159 41.38 -37.26 92.27
C LEU RA 159 40.01 -37.14 92.92
N LEU RA 160 38.95 -37.21 92.10
CA LEU RA 160 37.60 -37.08 92.62
C LEU RA 160 37.25 -38.22 93.57
N ARG RA 161 37.79 -39.41 93.32
CA ARG RA 161 37.62 -40.48 94.30
C ARG RA 161 38.33 -40.14 95.60
N ARG RA 162 39.49 -39.48 95.52
CA ARG RA 162 40.19 -39.08 96.74
C ARG RA 162 39.39 -38.06 97.54
N LEU RA 163 38.76 -37.09 96.85
CA LEU RA 163 37.99 -36.07 97.55
C LEU RA 163 36.81 -36.69 98.30
N GLY RA 164 35.99 -37.47 97.60
CA GLY RA 164 34.84 -38.09 98.23
C GLY RA 164 33.55 -38.01 97.44
N VAL RA 165 33.61 -37.48 96.22
CA VAL RA 165 32.41 -37.40 95.38
C VAL RA 165 31.93 -38.81 95.06
N PRO RA 166 30.61 -39.06 95.03
CA PRO RA 166 30.13 -40.40 94.65
C PRO RA 166 30.40 -40.72 93.19
N LEU RA 167 30.46 -42.03 92.92
CA LEU RA 167 30.99 -42.52 91.65
C LEU RA 167 30.15 -42.06 90.47
N ARG RA 168 28.82 -42.12 90.58
CA ARG RA 168 27.98 -41.78 89.45
C ARG RA 168 28.13 -40.31 89.07
N ARG RA 169 28.29 -39.44 90.07
CA ARG RA 169 28.60 -38.05 89.78
C ARG RA 169 29.94 -37.92 89.07
N ILE RA 170 30.92 -38.73 89.48
CA ILE RA 170 32.21 -38.73 88.80
C ILE RA 170 32.02 -39.02 87.33
N ILE RA 171 31.27 -40.07 87.01
CA ILE RA 171 31.10 -40.46 85.61
C ILE RA 171 30.35 -39.39 84.84
N ARG RA 172 29.37 -38.74 85.48
CA ARG RA 172 28.64 -37.67 84.81
C ARG RA 172 29.56 -36.49 84.49
N LEU RA 173 30.43 -36.11 85.43
CA LEU RA 173 31.38 -35.04 85.17
C LEU RA 173 32.33 -35.41 84.04
N LEU RA 174 32.82 -36.65 84.04
CA LEU RA 174 33.75 -37.08 83.00
C LEU RA 174 33.10 -37.05 81.64
N GLU RA 175 31.82 -37.43 81.56
CA GLU RA 175 31.12 -37.35 80.28
C GLU RA 175 30.91 -35.91 79.85
N GLU RA 176 30.68 -35.00 80.79
CA GLU RA 176 30.59 -33.58 80.43
C GLU RA 176 31.91 -33.07 79.84
N VAL RA 177 33.02 -33.45 80.47
CA VAL RA 177 34.33 -33.05 79.96
C VAL RA 177 34.55 -33.60 78.56
N LEU RA 178 34.19 -34.86 78.35
CA LEU RA 178 34.34 -35.46 77.04
C LEU RA 178 33.48 -34.75 76.01
N ARG RA 179 32.29 -34.33 76.40
CA ARG RA 179 31.42 -33.61 75.47
C ARG RA 179 32.03 -32.29 75.05
N VAL RA 180 32.61 -31.56 76.01
CA VAL RA 180 33.27 -30.30 75.68
C VAL RA 180 34.45 -30.53 74.73
N VAL RA 181 35.26 -31.56 75.02
CA VAL RA 181 36.41 -31.84 74.18
C VAL RA 181 35.98 -32.20 72.77
N ALA RA 182 34.91 -33.01 72.64
CA ALA RA 182 34.42 -33.38 71.32
C ALA RA 182 33.90 -32.16 70.56
N GLU RA 183 33.19 -31.25 71.25
CA GLU RA 183 32.73 -30.03 70.60
C GLU RA 183 33.91 -29.21 70.11
N ALA RA 184 34.95 -29.10 70.94
CA ALA RA 184 36.15 -28.36 70.53
C ALA RA 184 36.77 -28.97 69.28
N LEU RA 185 36.96 -30.28 69.28
CA LEU RA 185 37.56 -30.94 68.12
C LEU RA 185 36.67 -30.79 66.89
N ARG RA 186 35.37 -30.71 67.08
CA ARG RA 186 34.48 -30.43 65.95
C ARG RA 186 34.71 -29.04 65.39
N ARG RA 187 34.89 -28.05 66.27
CA ARG RA 187 35.12 -26.68 65.81
C ARG RA 187 36.46 -26.54 65.08
N ALA RA 188 37.43 -27.39 65.39
CA ALA RA 188 38.74 -27.33 64.75
C ALA RA 188 38.78 -28.09 63.44
N GLY RA 189 37.65 -28.63 62.98
CA GLY RA 189 37.59 -29.30 61.70
C GLY RA 189 37.94 -30.77 61.69
N VAL RA 190 38.15 -31.38 62.85
CA VAL RA 190 38.47 -32.81 62.88
C VAL RA 190 37.27 -33.60 62.38
N PRO RA 191 37.45 -34.57 61.48
CA PRO RA 191 36.30 -35.31 60.96
C PRO RA 191 35.60 -36.11 62.05
N GLU RA 192 34.29 -36.29 61.87
CA GLU RA 192 33.47 -36.90 62.91
C GLU RA 192 33.91 -38.29 63.33
N PRO RA 193 34.23 -39.22 62.42
CA PRO RA 193 34.66 -40.55 62.88
C PRO RA 193 35.84 -40.54 63.82
N GLU RA 194 36.79 -39.61 63.63
CA GLU RA 194 37.90 -39.52 64.58
C GLU RA 194 37.42 -39.05 65.94
N ILE RA 195 36.43 -38.16 65.99
CA ILE RA 195 35.86 -37.75 67.27
C ILE RA 195 35.21 -38.93 67.97
N ARG RA 196 34.46 -39.75 67.22
CA ARG RA 196 33.86 -40.93 67.80
C ARG RA 196 34.92 -41.90 68.31
N LYS RA 197 36.01 -42.04 67.56
CA LYS RA 197 37.12 -42.88 68.02
C LYS RA 197 37.70 -42.36 69.32
N VAL RA 198 37.85 -41.05 69.43
CA VAL RA 198 38.35 -40.45 70.67
C VAL RA 198 37.44 -40.81 71.84
N GLU RA 199 36.14 -40.58 71.67
CA GLU RA 199 35.21 -40.83 72.77
C GLU RA 199 35.16 -42.31 73.13
N ALA RA 200 35.14 -43.19 72.14
CA ALA RA 200 35.08 -44.62 72.41
C ALA RA 200 36.34 -45.09 73.14
N ALA RA 201 37.50 -44.57 72.75
CA ALA RA 201 38.72 -44.90 73.47
C ALA RA 201 38.64 -44.44 74.91
N ALA RA 202 38.10 -43.24 75.15
CA ALA RA 202 37.94 -42.75 76.52
C ALA RA 202 37.03 -43.66 77.32
N TYR RA 203 35.92 -44.10 76.73
CA TYR RA 203 34.97 -44.97 77.43
C TYR RA 203 35.58 -46.32 77.76
N ILE RA 204 36.32 -46.90 76.82
CA ILE RA 204 36.95 -48.20 77.07
C ILE RA 204 38.02 -48.07 78.15
N ARG RA 205 38.76 -46.97 78.15
CA ARG RA 205 39.75 -46.77 79.20
C ARG RA 205 39.09 -46.61 80.56
N LEU RA 206 37.99 -45.85 80.62
CA LEU RA 206 37.27 -45.69 81.88
C LEU RA 206 36.70 -47.01 82.37
N ALA RA 207 36.12 -47.80 81.46
CA ALA RA 207 35.57 -49.10 81.84
C ALA RA 207 36.67 -50.01 82.37
N ALA RA 208 37.83 -50.04 81.71
CA ALA RA 208 38.93 -50.85 82.18
C ALA RA 208 39.40 -50.41 83.56
N TYR RA 209 39.49 -49.09 83.77
CA TYR RA 209 39.93 -48.57 85.06
C TYR RA 209 38.95 -48.95 86.17
N LEU RA 210 37.65 -48.87 85.90
CA LEU RA 210 36.67 -49.30 86.89
C LEU RA 210 36.76 -50.79 87.17
N LEU RA 211 36.93 -51.60 86.12
CA LEU RA 211 36.96 -53.05 86.28
C LEU RA 211 38.20 -53.50 87.04
N ARG RA 212 39.31 -52.77 86.93
CA ARG RA 212 40.53 -53.25 87.55
C ARG RA 212 40.48 -53.18 89.07
N GLN RA 213 39.74 -52.22 89.63
CA GLN RA 213 39.71 -52.06 91.09
C GLN RA 213 39.09 -53.27 91.76
N LEU RA 214 38.04 -53.83 91.17
CA LEU RA 214 37.33 -54.95 91.76
C LEU RA 214 38.04 -56.28 91.58
N GLY RA 215 39.13 -56.32 90.81
CA GLY RA 215 39.89 -57.54 90.68
C GLY RA 215 39.50 -58.36 89.48
N TYR RA 216 39.23 -57.70 88.35
CA TYR RA 216 39.01 -58.38 87.07
C TYR RA 216 40.12 -57.93 86.15
N GLU RA 217 41.28 -58.58 86.28
CA GLU RA 217 42.44 -58.16 85.51
C GLU RA 217 42.33 -58.57 84.05
N ALA RA 218 41.99 -59.84 83.81
CA ALA RA 218 41.94 -60.34 82.43
C ALA RA 218 40.94 -59.55 81.59
N LEU RA 219 39.80 -59.19 82.19
CA LEU RA 219 38.83 -58.36 81.51
C LEU RA 219 39.43 -57.02 81.09
N ALA RA 220 40.19 -56.39 81.99
CA ALA RA 220 40.82 -55.12 81.66
C ALA RA 220 41.84 -55.28 80.54
N LYS RA 221 42.64 -56.35 80.56
CA LYS RA 221 43.59 -56.55 79.48
C LYS RA 221 42.89 -56.74 78.14
N ARG RA 222 41.80 -57.51 78.11
CA ARG RA 222 41.10 -57.69 76.83
C ARG RA 222 40.49 -56.39 76.34
N LEU RA 223 39.95 -55.58 77.25
CA LEU RA 223 39.38 -54.30 76.85
C LEU RA 223 40.45 -53.37 76.29
N LEU RA 224 41.63 -53.37 76.91
CA LEU RA 224 42.69 -52.50 76.42
C LEU RA 224 43.29 -53.01 75.11
N GLU RA 225 43.31 -54.34 74.90
CA GLU RA 225 43.68 -54.87 73.59
C GLU RA 225 42.71 -54.40 72.51
N ALA RA 226 41.41 -54.47 72.80
CA ALA RA 226 40.43 -53.95 71.85
C ALA RA 226 40.65 -52.47 71.59
N ARG RA 227 40.99 -51.70 72.63
CA ARG RA 227 41.27 -50.29 72.44
C ARG RA 227 42.48 -50.06 71.55
N GLU RA 228 43.54 -50.85 71.74
CA GLU RA 228 44.72 -50.72 70.90
C GLU RA 228 44.38 -51.03 69.45
N LEU RA 229 43.62 -52.09 69.21
CA LEU RA 229 43.21 -52.39 67.84
C LEU RA 229 42.34 -51.28 67.27
N LEU RA 230 41.58 -50.58 68.12
CA LEU RA 230 40.74 -49.50 67.62
C LEU RA 230 41.58 -48.30 67.21
N LEU RA 231 42.55 -47.90 68.04
CA LEU RA 231 43.33 -46.71 67.77
C LEU RA 231 44.21 -46.86 66.54
N GLU RA 232 44.51 -48.09 66.12
CA GLU RA 232 45.34 -48.36 64.96
C GLU RA 232 44.57 -48.31 63.65
N GLY RA 233 43.27 -48.06 63.69
CA GLY RA 233 42.45 -48.04 62.50
C GLY RA 233 41.77 -49.35 62.17
N ARG RA 234 42.18 -50.44 62.82
CA ARG RA 234 41.51 -51.73 62.65
C ARG RA 234 40.21 -51.71 63.45
N VAL RA 235 39.18 -51.13 62.83
CA VAL RA 235 37.91 -50.99 63.52
C VAL RA 235 37.21 -52.34 63.67
N GLU RA 236 37.30 -53.19 62.64
CA GLU RA 236 36.52 -54.42 62.61
C GLU RA 236 37.00 -55.42 63.65
N GLU RA 237 38.32 -55.61 63.75
CA GLU RA 237 38.84 -56.49 64.78
C GLU RA 237 38.57 -55.94 66.17
N ALA RA 238 38.59 -54.61 66.31
CA ALA RA 238 38.24 -54.00 67.59
C ALA RA 238 36.81 -54.31 67.97
N ALA RA 239 35.88 -54.18 67.02
CA ALA RA 239 34.49 -54.48 67.29
C ALA RA 239 34.27 -55.95 67.62
N HIS RA 240 34.96 -56.85 66.91
CA HIS RA 240 34.78 -58.28 67.19
C HIS RA 240 35.31 -58.65 68.56
N LEU RA 241 36.52 -58.19 68.90
CA LEU RA 241 37.07 -58.52 70.20
C LEU RA 241 36.28 -57.85 71.32
N LEU RA 242 35.79 -56.63 71.09
CA LEU RA 242 34.96 -55.95 72.06
C LEU RA 242 33.66 -56.70 72.31
N GLU RA 243 33.01 -57.18 71.25
CA GLU RA 243 31.75 -57.89 71.45
C GLU RA 243 31.99 -59.24 72.14
N ASP RA 244 33.11 -59.90 71.87
CA ASP RA 244 33.39 -61.14 72.59
C ASP RA 244 33.57 -60.88 74.09
N VAL RA 245 34.40 -59.89 74.43
CA VAL RA 245 34.63 -59.65 75.86
C VAL RA 245 33.36 -59.12 76.54
N TYR RA 246 32.56 -58.32 75.83
CA TYR RA 246 31.30 -57.85 76.39
C TYR RA 246 30.35 -59.00 76.62
N ALA RA 247 30.30 -59.97 75.71
CA ALA RA 247 29.42 -61.11 75.91
C ALA RA 247 29.81 -61.90 77.16
N LEU RA 248 31.10 -62.15 77.34
CA LEU RA 248 31.52 -62.87 78.53
C LEU RA 248 31.22 -62.07 79.80
N PHE RA 249 31.49 -60.77 79.77
CA PHE RA 249 31.20 -59.92 80.92
C PHE RA 249 29.73 -59.90 81.25
N HIS RA 250 28.87 -59.82 80.23
CA HIS RA 250 27.44 -59.71 80.47
C HIS RA 250 26.89 -61.01 81.02
N ARG RA 251 27.40 -62.15 80.54
CA ARG RA 251 27.03 -63.42 81.16
C ARG RA 251 27.43 -63.43 82.63
N GLU RA 252 28.60 -62.89 82.95
CA GLU RA 252 29.00 -62.81 84.35
C GLU RA 252 28.07 -61.92 85.16
N ILE RA 253 27.62 -60.81 84.55
CA ILE RA 253 26.68 -59.90 85.22
C ILE RA 253 25.37 -60.61 85.51
N GLU RA 254 24.81 -61.29 84.51
CA GLU RA 254 23.55 -62.00 84.70
C GLU RA 254 23.70 -63.19 85.63
N ARG RA 255 24.92 -63.67 85.85
CA ARG RA 255 25.13 -64.72 86.84
C ARG RA 255 24.73 -64.25 88.23
N LEU RA 256 25.07 -63.02 88.58
CA LEU RA 256 24.82 -62.50 89.92
C LEU RA 256 23.38 -62.07 90.15
N GLY RA 257 22.53 -62.11 89.13
CA GLY RA 257 21.11 -61.87 89.33
C GLY RA 257 20.83 -60.44 89.73
N PHE RA 258 20.04 -60.28 90.79
CA PHE RA 258 19.68 -58.96 91.32
C PHE RA 258 20.61 -58.55 92.45
N GLU RA 259 21.91 -58.57 92.14
CA GLU RA 259 22.96 -58.13 93.04
C GLU RA 259 24.25 -58.02 92.25
N ALA RA 260 24.94 -56.89 92.40
CA ALA RA 260 26.24 -56.65 91.78
C ALA RA 260 26.82 -55.34 92.29
N PRO RA 261 28.12 -55.25 92.52
CA PRO RA 261 28.71 -53.97 92.93
C PRO RA 261 28.43 -52.89 91.91
N GLU RA 262 28.28 -51.66 92.41
CA GLU RA 262 27.80 -50.58 91.55
C GLU RA 262 28.75 -50.29 90.40
N GLU RA 263 30.05 -50.57 90.59
CA GLU RA 263 30.98 -50.33 89.49
C GLU RA 263 30.75 -51.28 88.33
N LEU RA 264 30.30 -52.51 88.59
CA LEU RA 264 29.88 -53.37 87.49
C LEU RA 264 28.72 -52.74 86.73
N ARG RA 265 27.76 -52.19 87.46
CA ARG RA 265 26.60 -51.59 86.82
C ARG RA 265 26.98 -50.39 85.97
N VAL RA 266 27.91 -49.58 86.45
CA VAL RA 266 28.35 -48.41 85.67
C VAL RA 266 29.16 -48.85 84.46
N ALA RA 267 30.06 -49.83 84.66
CA ALA RA 267 30.87 -50.32 83.55
C ALA RA 267 30.01 -50.93 82.46
N ASP RA 268 28.88 -51.52 82.82
CA ASP RA 268 27.99 -52.08 81.82
C ASP RA 268 27.50 -50.99 80.86
N LEU RA 269 27.09 -49.85 81.41
CA LEU RA 269 26.62 -48.77 80.55
C LEU RA 269 27.76 -48.14 79.77
N LEU RA 270 28.94 -48.04 80.39
CA LEU RA 270 30.11 -47.51 79.68
C LEU RA 270 30.47 -48.38 78.48
N LEU RA 271 30.47 -49.71 78.67
CA LEU RA 271 30.78 -50.63 77.59
C LEU RA 271 29.71 -50.60 76.51
N ALA RA 272 28.45 -50.49 76.90
CA ALA RA 272 27.40 -50.37 75.89
C ALA RA 272 27.59 -49.13 75.04
N ARG RA 273 27.92 -47.99 75.66
CA ARG RA 273 28.11 -46.77 74.89
C ARG RA 273 29.35 -46.87 74.00
N ALA RA 274 30.41 -47.49 74.51
CA ALA RA 274 31.60 -47.68 73.68
C ALA RA 274 31.29 -48.51 72.45
N ILE RA 275 30.53 -49.59 72.62
CA ILE RA 275 30.17 -50.43 71.49
C ILE RA 275 29.31 -49.65 70.50
N ALA RA 276 28.35 -48.87 71.00
CA ALA RA 276 27.51 -48.07 70.12
C ALA RA 276 28.33 -47.08 69.30
N LEU RA 277 29.27 -46.41 69.96
CA LEU RA 277 30.10 -45.44 69.24
C LEU RA 277 30.97 -46.12 68.18
N ILE RA 278 31.58 -47.26 68.53
CA ILE RA 278 32.42 -47.96 67.57
C ILE RA 278 31.60 -48.41 66.37
N LYS RA 279 30.39 -48.93 66.62
CA LYS RA 279 29.53 -49.35 65.52
C LYS RA 279 29.10 -48.17 64.67
N ALA RA 280 28.99 -46.98 65.27
CA ALA RA 280 28.58 -45.81 64.50
C ALA RA 280 29.72 -45.13 63.75
N ILE RA 281 30.96 -45.56 63.96
CA ILE RA 281 32.10 -44.99 63.23
C ILE RA 281 31.90 -45.15 61.73
N THR SA 24 -16.76 -45.95 106.02
CA THR SA 24 -15.73 -44.93 105.83
C THR SA 24 -15.39 -44.78 104.36
N VAL SA 25 -15.86 -45.72 103.54
CA VAL SA 25 -15.49 -45.75 102.13
C VAL SA 25 -16.02 -44.51 101.42
N VAL SA 26 -17.28 -44.14 101.69
CA VAL SA 26 -17.84 -42.94 101.07
C VAL SA 26 -17.13 -41.70 101.60
N GLU SA 27 -16.73 -41.71 102.88
CA GLU SA 27 -15.92 -40.61 103.39
C GLU SA 27 -14.58 -40.55 102.70
N GLU SA 28 -13.99 -41.71 102.38
CA GLU SA 28 -12.74 -41.73 101.64
C GLU SA 28 -12.90 -41.15 100.25
N VAL SA 29 -14.02 -41.48 99.58
CA VAL SA 29 -14.27 -40.92 98.25
C VAL SA 29 -14.45 -39.40 98.33
N ARG SA 30 -15.21 -38.93 99.33
CA ARG SA 30 -15.38 -37.49 99.51
C ARG SA 30 -14.05 -36.81 99.76
N ARG SA 31 -13.24 -37.37 100.67
CA ARG SA 31 -11.95 -36.78 100.98
C ARG SA 31 -11.03 -36.74 99.76
N PHE SA 32 -11.02 -37.82 98.99
CA PHE SA 32 -10.22 -37.87 97.77
C PHE SA 32 -10.64 -36.78 96.80
N ALA SA 33 -11.94 -36.64 96.57
CA ALA SA 33 -12.42 -35.66 95.60
C ALA SA 33 -12.11 -34.24 96.07
N GLU SA 34 -12.38 -33.94 97.35
CA GLU SA 34 -12.12 -32.59 97.85
C GLU SA 34 -10.64 -32.26 97.83
N GLU SA 35 -9.77 -33.21 98.21
CA GLU SA 35 -8.34 -32.96 98.17
C GLU SA 35 -7.87 -32.69 96.76
N LEU SA 36 -8.36 -33.47 95.79
CA LEU SA 36 -7.97 -33.22 94.40
C LEU SA 36 -8.44 -31.85 93.93
N ALA SA 37 -9.66 -31.46 94.31
CA ALA SA 37 -10.18 -30.15 93.90
C ALA SA 37 -9.39 -29.01 94.55
N GLU SA 38 -9.04 -29.16 95.82
CA GLU SA 38 -8.23 -28.15 96.49
C GLU SA 38 -6.86 -28.02 95.82
N GLU SA 39 -6.25 -29.15 95.46
CA GLU SA 39 -4.96 -29.08 94.77
C GLU SA 39 -5.10 -28.43 93.41
N VAL SA 40 -6.20 -28.70 92.71
CA VAL SA 40 -6.42 -28.05 91.42
C VAL SA 40 -6.49 -26.55 91.60
N LEU SA 41 -7.22 -26.10 92.62
CA LEU SA 41 -7.35 -24.66 92.86
C LEU SA 41 -6.02 -24.05 93.29
N ARG SA 42 -5.25 -24.75 94.12
CA ARG SA 42 -3.96 -24.22 94.55
C ARG SA 42 -3.01 -24.07 93.38
N VAL SA 43 -2.92 -25.08 92.53
CA VAL SA 43 -1.97 -25.02 91.41
C VAL SA 43 -2.44 -24.00 90.38
N GLY SA 44 -3.71 -24.02 90.02
CA GLY SA 44 -4.21 -23.17 88.97
C GLY SA 44 -4.96 -21.92 89.41
N GLY SA 45 -5.19 -21.76 90.70
CA GLY SA 45 -5.84 -20.54 91.14
C GLY SA 45 -7.29 -20.45 90.72
N GLU SA 46 -7.73 -19.21 90.51
CA GLU SA 46 -9.07 -18.95 90.02
C GLU SA 46 -9.16 -19.03 88.50
N ALA SA 47 -8.05 -19.31 87.82
CA ALA SA 47 -8.10 -19.43 86.37
C ALA SA 47 -8.98 -20.59 85.93
N MET SA 48 -8.86 -21.73 86.60
CA MET SA 48 -9.69 -22.90 86.33
C MET SA 48 -10.46 -23.24 87.61
N ARG SA 49 -11.59 -22.57 87.80
CA ARG SA 49 -12.60 -22.90 88.80
C ARG SA 49 -13.54 -24.01 88.31
N PRO SA 50 -13.92 -24.04 87.02
CA PRO SA 50 -14.80 -25.14 86.56
C PRO SA 50 -14.29 -26.53 86.92
N TYR SA 51 -12.99 -26.78 86.82
CA TYR SA 51 -12.46 -28.11 87.07
C TYR SA 51 -12.65 -28.53 88.51
N ALA SA 52 -12.54 -27.59 89.45
CA ALA SA 52 -12.83 -27.90 90.84
C ALA SA 52 -14.28 -28.31 91.01
N GLU SA 53 -15.19 -27.64 90.30
CA GLU SA 53 -16.60 -28.01 90.37
C GLU SA 53 -16.84 -29.40 89.77
N MET SA 54 -16.20 -29.70 88.65
CA MET SA 54 -16.34 -31.04 88.07
C MET SA 54 -15.83 -32.10 89.03
N VAL SA 55 -14.68 -31.88 89.64
CA VAL SA 55 -14.14 -32.85 90.57
C VAL SA 55 -15.09 -33.05 91.75
N ARG SA 56 -15.63 -31.94 92.28
CA ARG SA 56 -16.49 -32.05 93.46
C ARG SA 56 -17.81 -32.74 93.13
N HIS SA 57 -18.41 -32.41 91.98
CA HIS SA 57 -19.64 -33.10 91.59
C HIS SA 57 -19.41 -34.56 91.24
N LEU SA 58 -18.27 -34.90 90.65
CA LEU SA 58 -18.00 -36.31 90.36
C LEU SA 58 -17.76 -37.09 91.64
N GLY SA 59 -17.10 -36.49 92.63
CA GLY SA 59 -17.05 -37.11 93.94
C GLY SA 59 -18.42 -37.29 94.54
N GLU SA 60 -19.30 -36.30 94.35
CA GLU SA 60 -20.66 -36.41 94.87
C GLU SA 60 -21.46 -37.51 94.18
N ALA SA 61 -21.34 -37.63 92.86
CA ALA SA 61 -22.03 -38.70 92.15
C ALA SA 61 -21.51 -40.07 92.58
N ALA SA 62 -20.19 -40.19 92.78
CA ALA SA 62 -19.62 -41.44 93.25
C ALA SA 62 -20.17 -41.81 94.61
N VAL SA 63 -20.20 -40.87 95.55
CA VAL SA 63 -20.69 -41.23 96.88
C VAL SA 63 -22.19 -41.49 96.86
N ALA SA 64 -22.92 -40.81 95.97
CA ALA SA 64 -24.34 -41.14 95.78
C ALA SA 64 -24.49 -42.58 95.34
N ALA SA 65 -23.69 -43.01 94.35
CA ALA SA 65 -23.77 -44.38 93.87
C ALA SA 65 -23.42 -45.38 94.96
N LEU SA 66 -22.38 -45.08 95.75
CA LEU SA 66 -22.01 -45.98 96.83
C LEU SA 66 -23.05 -46.00 97.95
N GLU SA 67 -23.90 -44.97 98.07
CA GLU SA 67 -24.88 -44.92 99.13
C GLU SA 67 -26.30 -45.06 98.60
N GLY SA 68 -26.52 -46.01 97.69
CA GLY SA 68 -27.81 -46.18 97.07
C GLY SA 68 -27.89 -45.42 95.77
N ARG SA 69 -29.12 -45.10 95.37
CA ARG SA 69 -29.41 -44.20 94.26
C ARG SA 69 -28.94 -44.73 92.91
N ALA SA 70 -29.64 -44.30 91.85
CA ALA SA 70 -29.19 -44.52 90.48
C ALA SA 70 -29.47 -43.36 89.56
N GLU SA 71 -30.35 -42.43 89.95
CA GLU SA 71 -30.77 -41.30 89.13
C GLU SA 71 -29.98 -40.04 89.44
N GLU SA 72 -29.63 -39.83 90.72
CA GLU SA 72 -28.80 -38.69 91.08
C GLU SA 72 -27.42 -38.81 90.44
N ALA SA 73 -26.88 -40.02 90.39
CA ALA SA 73 -25.60 -40.23 89.72
C ALA SA 73 -25.70 -39.85 88.24
N ASP SA 74 -26.78 -40.27 87.58
CA ASP SA 74 -26.98 -39.92 86.17
C ASP SA 74 -27.08 -38.42 85.99
N ARG SA 75 -27.83 -37.75 86.87
CA ARG SA 75 -28.01 -36.31 86.73
C ARG SA 75 -26.70 -35.56 86.93
N LEU SA 76 -25.95 -35.92 87.97
CA LEU SA 76 -24.68 -35.24 88.23
C LEU SA 76 -23.69 -35.49 87.10
N VAL SA 77 -23.66 -36.72 86.57
CA VAL SA 77 -22.74 -36.99 85.47
C VAL SA 77 -23.13 -36.21 84.22
N ARG SA 78 -24.44 -36.06 83.98
CA ARG SA 78 -24.87 -35.25 82.84
C ARG SA 78 -24.52 -33.77 83.03
N ASP SA 79 -24.66 -33.27 84.25
CA ASP SA 79 -24.27 -31.89 84.54
C ASP SA 79 -22.77 -31.69 84.31
N VAL SA 80 -21.95 -32.62 84.79
CA VAL SA 80 -20.51 -32.52 84.59
C VAL SA 80 -20.16 -32.64 83.12
N LEU SA 81 -20.91 -33.46 82.38
CA LEU SA 81 -20.72 -33.53 80.94
C LEU SA 81 -21.01 -32.20 80.29
N GLU SA 82 -22.06 -31.51 80.74
CA GLU SA 82 -22.35 -30.18 80.21
C GLU SA 82 -21.22 -29.20 80.50
N MET SA 83 -20.67 -29.23 81.73
CA MET SA 83 -19.54 -28.36 82.04
C MET SA 83 -18.36 -28.66 81.13
N ALA SA 84 -18.06 -29.95 80.93
CA ALA SA 84 -16.97 -30.31 80.06
C ALA SA 84 -17.21 -29.84 78.64
N ARG SA 85 -18.46 -29.88 78.19
CA ARG SA 85 -18.78 -29.38 76.85
C ARG SA 85 -18.51 -27.88 76.75
N GLU SA 86 -18.92 -27.11 77.76
CA GLU SA 86 -18.78 -25.66 77.63
C GLU SA 86 -17.33 -25.21 77.80
N VAL SA 87 -16.58 -25.84 78.72
CA VAL SA 87 -15.19 -25.43 78.95
C VAL SA 87 -14.35 -25.69 77.71
N GLY SA 88 -14.55 -26.83 77.05
CA GLY SA 88 -13.75 -27.21 75.90
C GLY SA 88 -13.02 -28.52 76.06
N ALA SA 89 -13.16 -29.21 77.18
CA ALA SA 89 -12.51 -30.49 77.39
C ALA SA 89 -13.18 -31.55 76.52
N GLU SA 90 -12.43 -32.08 75.55
CA GLU SA 90 -12.98 -33.06 74.63
C GLU SA 90 -12.84 -34.49 75.18
N GLY SA 91 -11.61 -34.91 75.46
CA GLY SA 91 -11.40 -36.24 75.99
C GLY SA 91 -12.14 -36.47 77.29
N LEU SA 92 -12.18 -35.45 78.15
CA LEU SA 92 -12.94 -35.56 79.39
C LEU SA 92 -14.42 -35.74 79.09
N ALA SA 93 -14.95 -35.04 78.10
CA ALA SA 93 -16.36 -35.18 77.75
C ALA SA 93 -16.67 -36.59 77.24
N ARG SA 94 -15.80 -37.12 76.37
CA ARG SA 94 -16.02 -38.47 75.87
C ARG SA 94 -15.99 -39.49 77.01
N LEU SA 95 -14.98 -39.37 77.89
CA LEU SA 95 -14.91 -40.28 79.01
C LEU SA 95 -16.14 -40.15 79.89
N LEU SA 96 -16.69 -38.95 80.02
CA LEU SA 96 -17.87 -38.76 80.86
C LEU SA 96 -19.11 -39.41 80.24
N GLU SA 97 -19.26 -39.33 78.93
CA GLU SA 97 -20.36 -40.04 78.29
C GLU SA 97 -20.24 -41.55 78.51
N ARG SA 98 -19.03 -42.08 78.34
CA ARG SA 98 -18.83 -43.51 78.58
C ARG SA 98 -19.14 -43.88 80.02
N VAL SA 99 -18.70 -43.04 80.97
CA VAL SA 99 -19.03 -43.26 82.37
C VAL SA 99 -20.54 -43.28 82.56
N HIS SA 100 -21.25 -42.39 81.88
CA HIS SA 100 -22.69 -42.32 82.03
C HIS SA 100 -23.36 -43.62 81.60
N ARG SA 101 -23.04 -44.10 80.39
CA ARG SA 101 -23.68 -45.31 79.88
C ARG SA 101 -23.35 -46.52 80.73
N GLU SA 102 -22.06 -46.73 81.02
CA GLU SA 102 -21.69 -47.89 81.83
C GLU SA 102 -22.24 -47.78 83.26
N ALA SA 103 -22.34 -46.58 83.80
CA ALA SA 103 -22.94 -46.43 85.12
C ALA SA 103 -24.38 -46.88 85.09
N ARG SA 104 -25.12 -46.49 84.06
CA ARG SA 104 -26.50 -46.94 83.92
C ARG SA 104 -26.59 -48.47 83.85
N GLU SA 105 -25.77 -49.07 83.00
CA GLU SA 105 -25.82 -50.52 82.82
C GLU SA 105 -25.51 -51.25 84.14
N LEU SA 106 -24.42 -50.87 84.78
CA LEU SA 106 -24.00 -51.57 86.00
C LEU SA 106 -24.96 -51.31 87.15
N LEU SA 107 -25.56 -50.12 87.21
CA LEU SA 107 -26.53 -49.88 88.27
C LEU SA 107 -27.81 -50.65 88.02
N ARG SA 108 -28.18 -50.87 86.75
CA ARG SA 108 -29.31 -51.75 86.46
C ARG SA 108 -28.99 -53.18 86.89
N GLU SA 109 -27.76 -53.63 86.64
CA GLU SA 109 -27.37 -54.97 87.06
C GLU SA 109 -27.20 -55.09 88.57
N GLY SA 110 -27.25 -53.98 89.30
CA GLY SA 110 -27.17 -54.03 90.75
C GLY SA 110 -25.78 -53.95 91.34
N ARG SA 111 -24.74 -53.91 90.51
CA ARG SA 111 -23.37 -53.79 90.99
C ARG SA 111 -23.05 -52.32 91.22
N ARG SA 112 -22.61 -52.00 92.43
CA ARG SA 112 -22.42 -50.61 92.82
C ARG SA 112 -20.96 -50.17 92.86
N GLU SA 113 -20.04 -51.05 93.28
CA GLU SA 113 -18.66 -50.63 93.46
C GLU SA 113 -18.02 -50.20 92.15
N GLU SA 114 -18.28 -50.93 91.07
CA GLU SA 114 -17.62 -50.62 89.81
C GLU SA 114 -18.14 -49.35 89.16
N ALA SA 115 -19.41 -49.01 89.37
CA ALA SA 115 -19.93 -47.73 88.87
C ALA SA 115 -19.26 -46.56 89.57
N ALA SA 116 -19.15 -46.62 90.90
CA ALA SA 116 -18.40 -45.61 91.63
C ALA SA 116 -16.94 -45.61 91.21
N ALA SA 117 -16.40 -46.77 90.83
CA ALA SA 117 -15.03 -46.83 90.36
C ALA SA 117 -14.86 -46.06 89.06
N LEU SA 118 -15.80 -46.23 88.12
CA LEU SA 118 -15.73 -45.45 86.88
C LEU SA 118 -15.84 -43.96 87.17
N VAL SA 119 -16.74 -43.60 88.08
CA VAL SA 119 -16.90 -42.18 88.43
C VAL SA 119 -15.62 -41.62 89.05
N LEU SA 120 -15.00 -42.38 89.96
CA LEU SA 120 -13.76 -41.91 90.59
C LEU SA 120 -12.64 -41.76 89.56
N ALA SA 121 -12.55 -42.70 88.63
CA ALA SA 121 -11.55 -42.55 87.57
C ALA SA 121 -11.81 -41.30 86.75
N ALA SA 122 -13.08 -40.99 86.47
CA ALA SA 122 -13.39 -39.78 85.71
C ALA SA 122 -13.03 -38.51 86.49
N ALA SA 123 -13.29 -38.51 87.80
CA ALA SA 123 -12.93 -37.36 88.63
C ALA SA 123 -11.43 -37.17 88.66
N LEU SA 124 -10.68 -38.25 88.79
CA LEU SA 124 -9.23 -38.16 88.76
C LEU SA 124 -8.74 -37.65 87.41
N ALA SA 125 -9.36 -38.10 86.33
CA ALA SA 125 -8.97 -37.60 85.02
C ALA SA 125 -9.19 -36.11 84.90
N ALA SA 126 -10.33 -35.62 85.42
CA ALA SA 126 -10.61 -34.19 85.37
C ALA SA 126 -9.59 -33.37 86.16
N GLY SA 127 -9.36 -33.77 87.41
CA GLY SA 127 -8.42 -33.04 88.25
C GLY SA 127 -7.01 -33.08 87.71
N ALA SA 128 -6.56 -34.26 87.28
CA ALA SA 128 -5.21 -34.39 86.75
C ALA SA 128 -5.04 -33.61 85.45
N VAL SA 129 -6.08 -33.58 84.62
CA VAL SA 129 -6.03 -32.78 83.40
C VAL SA 129 -5.87 -31.30 83.74
N ALA SA 130 -6.64 -30.82 84.72
CA ALA SA 130 -6.52 -29.43 85.12
C ALA SA 130 -5.11 -29.11 85.60
N VAL SA 131 -4.57 -29.94 86.50
CA VAL SA 131 -3.24 -29.68 87.04
C VAL SA 131 -2.18 -29.76 85.93
N ALA SA 132 -2.35 -30.68 84.99
CA ALA SA 132 -1.38 -30.80 83.91
C ALA SA 132 -1.36 -29.57 83.04
N GLU SA 133 -2.53 -29.04 82.67
CA GLU SA 133 -2.52 -27.82 81.87
C GLU SA 133 -2.01 -26.63 82.68
N ALA SA 134 -2.25 -26.63 83.99
CA ALA SA 134 -1.70 -25.57 84.83
C ALA SA 134 -0.18 -25.59 84.80
N TYR SA 135 0.42 -26.78 84.93
CA TYR SA 135 1.87 -26.89 84.89
C TYR SA 135 2.41 -26.47 83.53
N VAL SA 136 1.74 -26.91 82.46
CA VAL SA 136 2.22 -26.58 81.11
C VAL SA 136 2.13 -25.09 80.85
N ARG SA 137 1.09 -24.42 81.39
CA ARG SA 137 0.93 -22.99 81.15
C ARG SA 137 2.09 -22.19 81.72
N LEU SA 138 2.50 -22.49 82.95
CA LEU SA 138 3.60 -21.79 83.58
C LEU SA 138 4.94 -22.46 83.33
N GLY SA 139 5.03 -23.39 82.39
CA GLY SA 139 6.29 -23.91 81.89
C GLY SA 139 7.17 -24.66 82.86
N GLN SA 140 6.59 -25.53 83.69
CA GLN SA 140 7.41 -26.38 84.54
C GLN SA 140 7.89 -27.61 83.76
N PRO SA 141 9.00 -28.22 84.18
CA PRO SA 141 9.55 -29.35 83.43
C PRO SA 141 8.67 -30.59 83.53
N ILE SA 142 8.94 -31.53 82.61
CA ILE SA 142 8.10 -32.70 82.44
C ILE SA 142 8.27 -33.72 83.57
N ARG SA 143 9.39 -33.70 84.28
CA ARG SA 143 9.56 -34.62 85.40
C ARG SA 143 8.45 -34.48 86.42
N LEU SA 144 8.05 -33.23 86.74
CA LEU SA 144 6.98 -33.04 87.70
C LEU SA 144 5.64 -33.57 87.20
N ILE SA 145 5.32 -33.34 85.93
CA ILE SA 145 4.07 -33.88 85.40
C ILE SA 145 4.06 -35.39 85.50
N ALA SA 146 5.17 -36.03 85.08
CA ALA SA 146 5.23 -37.48 85.09
C ALA SA 146 5.12 -38.03 86.51
N GLU SA 147 5.89 -37.46 87.44
CA GLU SA 147 5.85 -37.97 88.82
C GLU SA 147 4.50 -37.73 89.46
N TYR SA 148 3.91 -36.56 89.21
CA TYR SA 148 2.58 -36.26 89.76
C TYR SA 148 1.55 -37.26 89.28
N VAL SA 149 1.48 -37.47 87.96
CA VAL SA 149 0.48 -38.37 87.40
C VAL SA 149 0.69 -39.79 87.90
N ALA SA 150 1.94 -40.25 87.91
CA ALA SA 150 2.20 -41.62 88.35
C ALA SA 150 1.79 -41.82 89.81
N GLU SA 151 2.08 -40.84 90.67
CA GLU SA 151 1.74 -41.00 92.08
C GLU SA 151 0.22 -40.96 92.27
N ARG SA 152 -0.47 -40.10 91.52
CA ARG SA 152 -1.93 -40.09 91.60
C ARG SA 152 -2.52 -41.42 91.16
N LEU SA 153 -1.98 -42.01 90.09
CA LEU SA 153 -2.48 -43.29 89.63
C LEU SA 153 -2.25 -44.37 90.68
N VAL SA 154 -1.10 -44.36 91.34
CA VAL SA 154 -0.85 -45.36 92.37
C VAL SA 154 -1.81 -45.19 93.54
N GLU SA 155 -2.08 -43.94 93.95
CA GLU SA 155 -3.03 -43.70 95.03
C GLU SA 155 -4.44 -44.17 94.66
N LEU SA 156 -4.87 -43.87 93.43
CA LEU SA 156 -6.17 -44.35 92.97
C LEU SA 156 -6.23 -45.87 92.93
N ALA SA 157 -5.15 -46.51 92.50
CA ALA SA 157 -5.12 -47.96 92.47
C ALA SA 157 -5.26 -48.54 93.88
N GLU SA 158 -4.61 -47.90 94.85
CA GLU SA 158 -4.78 -48.35 96.23
C GLU SA 158 -6.22 -48.19 96.70
N LEU SA 159 -6.85 -47.07 96.35
CA LEU SA 159 -8.24 -46.86 96.74
C LEU SA 159 -9.16 -47.91 96.10
N LEU SA 160 -8.99 -48.15 94.80
CA LEU SA 160 -9.82 -49.12 94.11
C LEU SA 160 -9.59 -50.53 94.64
N ARG SA 161 -8.37 -50.84 95.05
CA ARG SA 161 -8.13 -52.10 95.74
C ARG SA 161 -8.90 -52.16 97.04
N ARG SA 162 -8.96 -51.04 97.77
CA ARG SA 162 -9.71 -51.03 99.02
C ARG SA 162 -11.20 -51.26 98.78
N LEU SA 163 -11.75 -50.66 97.73
CA LEU SA 163 -13.18 -50.82 97.44
C LEU SA 163 -13.52 -52.29 97.14
N GLY SA 164 -12.80 -52.90 96.20
CA GLY SA 164 -13.05 -54.29 95.87
C GLY SA 164 -13.12 -54.61 94.40
N VAL SA 165 -12.84 -53.63 93.54
CA VAL SA 165 -12.87 -53.85 92.10
C VAL SA 165 -11.80 -54.87 91.73
N PRO SA 166 -12.04 -55.79 90.80
CA PRO SA 166 -10.99 -56.72 90.36
C PRO SA 166 -9.85 -55.99 89.65
N LEU SA 167 -8.67 -56.59 89.74
CA LEU SA 167 -7.44 -55.89 89.38
C LEU SA 167 -7.41 -55.50 87.90
N ARG SA 168 -7.90 -56.38 87.02
CA ARG SA 168 -7.83 -56.09 85.59
C ARG SA 168 -8.65 -54.86 85.25
N ARG SA 169 -9.82 -54.71 85.90
CA ARG SA 169 -10.59 -53.48 85.74
C ARG SA 169 -9.84 -52.27 86.26
N ILE SA 170 -9.12 -52.42 87.37
CA ILE SA 170 -8.32 -51.31 87.89
C ILE SA 170 -7.33 -50.86 86.83
N ILE SA 171 -6.62 -51.81 86.22
CA ILE SA 171 -5.64 -51.45 85.22
C ILE SA 171 -6.30 -50.79 84.03
N ARG SA 172 -7.47 -51.28 83.62
CA ARG SA 172 -8.15 -50.68 82.47
C ARG SA 172 -8.56 -49.24 82.75
N LEU SA 173 -9.07 -48.97 83.96
CA LEU SA 173 -9.41 -47.60 84.32
C LEU SA 173 -8.18 -46.71 84.35
N LEU SA 174 -7.07 -47.24 84.84
CA LEU SA 174 -5.84 -46.44 84.90
C LEU SA 174 -5.35 -46.08 83.50
N GLU SA 175 -5.44 -47.03 82.56
CA GLU SA 175 -5.10 -46.69 81.17
C GLU SA 175 -6.05 -45.65 80.60
N GLU SA 176 -7.34 -45.71 80.97
CA GLU SA 176 -8.25 -44.68 80.48
C GLU SA 176 -7.86 -43.29 81.00
N VAL SA 177 -7.52 -43.21 82.29
CA VAL SA 177 -7.08 -41.94 82.87
C VAL SA 177 -5.84 -41.44 82.16
N LEU SA 178 -4.87 -42.33 81.92
CA LEU SA 178 -3.65 -41.94 81.24
C LEU SA 178 -3.94 -41.46 79.83
N ARG SA 179 -4.89 -42.10 79.14
CA ARG SA 179 -5.23 -41.66 77.79
C ARG SA 179 -5.81 -40.25 77.80
N VAL SA 180 -6.70 -39.97 78.76
CA VAL SA 180 -7.26 -38.62 78.85
C VAL SA 180 -6.16 -37.60 79.13
N VAL SA 181 -5.25 -37.93 80.05
CA VAL SA 181 -4.18 -37.01 80.40
C VAL SA 181 -3.27 -36.75 79.20
N ALA SA 182 -2.95 -37.81 78.45
CA ALA SA 182 -2.11 -37.64 77.27
C ALA SA 182 -2.80 -36.78 76.22
N GLU SA 183 -4.11 -36.96 76.04
CA GLU SA 183 -4.84 -36.11 75.11
C GLU SA 183 -4.81 -34.65 75.55
N ALA SA 184 -4.98 -34.41 76.85
CA ALA SA 184 -4.93 -33.05 77.37
C ALA SA 184 -3.57 -32.42 77.10
N LEU SA 185 -2.50 -33.16 77.38
CA LEU SA 185 -1.15 -32.64 77.14
C LEU SA 185 -0.92 -32.40 75.65
N ARG SA 186 -1.48 -33.23 74.79
CA ARG SA 186 -1.35 -33.00 73.35
C ARG SA 186 -2.04 -31.71 72.94
N ARG SA 187 -3.23 -31.45 73.48
CA ARG SA 187 -3.95 -30.22 73.13
C ARG SA 187 -3.22 -28.98 73.65
N ALA SA 188 -2.40 -29.13 74.69
CA ALA SA 188 -1.64 -28.02 75.25
C ALA SA 188 -0.34 -27.76 74.50
N GLY SA 189 -0.06 -28.52 73.44
CA GLY SA 189 1.13 -28.30 72.64
C GLY SA 189 2.38 -29.01 73.13
N VAL SA 190 2.28 -29.87 74.14
CA VAL SA 190 3.46 -30.60 74.61
C VAL SA 190 3.94 -31.52 73.51
N PRO SA 191 5.24 -31.56 73.21
CA PRO SA 191 5.72 -32.43 72.12
C PRO SA 191 5.48 -33.90 72.44
N GLU SA 192 5.28 -34.68 71.38
CA GLU SA 192 4.92 -36.09 71.53
C GLU SA 192 5.92 -36.90 72.36
N PRO SA 193 7.24 -36.78 72.15
CA PRO SA 193 8.16 -37.57 72.98
C PRO SA 193 8.00 -37.37 74.47
N GLU SA 194 7.66 -36.15 74.91
CA GLU SA 194 7.43 -35.94 76.33
C GLU SA 194 6.17 -36.64 76.81
N ILE SA 195 5.14 -36.70 75.96
CA ILE SA 195 3.94 -37.46 76.30
C ILE SA 195 4.27 -38.94 76.45
N ARG SA 196 5.07 -39.48 75.53
CA ARG SA 196 5.48 -40.88 75.64
C ARG SA 196 6.30 -41.11 76.89
N LYS SA 197 7.16 -40.16 77.24
CA LYS SA 197 7.94 -40.29 78.48
C LYS SA 197 7.03 -40.32 79.70
N VAL SA 198 5.99 -39.48 79.70
CA VAL SA 198 5.04 -39.46 80.80
C VAL SA 198 4.37 -40.83 80.93
N GLU SA 199 3.86 -41.35 79.81
CA GLU SA 199 3.15 -42.63 79.86
C GLU SA 199 4.07 -43.77 80.27
N ALA SA 200 5.29 -43.82 79.72
CA ALA SA 200 6.23 -44.88 80.07
C ALA SA 200 6.59 -44.83 81.55
N ALA SA 201 6.80 -43.62 82.09
CA ALA SA 201 7.05 -43.51 83.51
C ALA SA 201 5.88 -44.03 84.33
N ALA SA 202 4.65 -43.72 83.90
CA ALA SA 202 3.47 -44.19 84.61
C ALA SA 202 3.39 -45.71 84.59
N TYR SA 203 3.67 -46.33 83.45
CA TYR SA 203 3.60 -47.78 83.33
C TYR SA 203 4.67 -48.45 84.18
N ILE SA 204 5.88 -47.90 84.20
CA ILE SA 204 6.95 -48.49 85.01
C ILE SA 204 6.62 -48.35 86.50
N ARG SA 205 6.03 -47.22 86.88
CA ARG SA 205 5.62 -47.05 88.28
C ARG SA 205 4.54 -48.05 88.66
N LEU SA 206 3.56 -48.26 87.79
CA LEU SA 206 2.51 -49.23 88.05
C LEU SA 206 3.06 -50.64 88.12
N ALA SA 207 3.98 -50.99 87.22
CA ALA SA 207 4.60 -52.31 87.24
C ALA SA 207 5.37 -52.54 88.53
N ALA SA 208 6.14 -51.53 88.96
CA ALA SA 208 6.89 -51.64 90.22
C ALA SA 208 5.94 -51.78 91.40
N TYR SA 209 4.85 -51.01 91.41
CA TYR SA 209 3.86 -51.11 92.48
C TYR SA 209 3.25 -52.50 92.55
N LEU SA 210 2.89 -53.07 91.40
CA LEU SA 210 2.34 -54.43 91.40
C LEU SA 210 3.36 -55.45 91.87
N LEU SA 211 4.61 -55.30 91.43
CA LEU SA 211 5.64 -56.27 91.80
C LEU SA 211 5.93 -56.24 93.28
N ARG SA 212 5.82 -55.06 93.92
CA ARG SA 212 6.24 -54.95 95.31
C ARG SA 212 5.32 -55.74 96.25
N GLN SA 213 4.04 -55.86 95.91
CA GLN SA 213 3.10 -56.52 96.81
C GLN SA 213 3.45 -57.99 97.00
N LEU SA 214 3.89 -58.66 95.94
CA LEU SA 214 4.22 -60.08 96.01
C LEU SA 214 5.62 -60.34 96.55
N GLY SA 215 6.39 -59.29 96.83
CA GLY SA 215 7.66 -59.50 97.47
C GLY SA 215 8.82 -59.64 96.50
N TYR SA 216 8.82 -58.83 95.45
CA TYR SA 216 9.95 -58.73 94.53
C TYR SA 216 10.52 -57.34 94.70
N GLU SA 217 11.33 -57.17 95.75
CA GLU SA 217 11.83 -55.84 96.08
C GLU SA 217 12.96 -55.42 95.14
N ALA SA 218 13.90 -56.32 94.88
CA ALA SA 218 15.02 -55.97 94.00
C ALA SA 218 14.53 -55.60 92.62
N LEU SA 219 13.55 -56.35 92.10
CA LEU SA 219 12.95 -56.04 90.80
C LEU SA 219 12.37 -54.63 90.79
N ALA SA 220 11.64 -54.27 91.85
CA ALA SA 220 11.03 -52.95 91.91
C ALA SA 220 12.09 -51.85 91.98
N LYS SA 221 13.15 -52.08 92.75
CA LYS SA 221 14.22 -51.09 92.82
C LYS SA 221 14.88 -50.88 91.46
N ARG SA 222 15.14 -51.97 90.74
CA ARG SA 222 15.78 -51.83 89.43
C ARG SA 222 14.86 -51.14 88.43
N LEU SA 223 13.57 -51.43 88.49
CA LEU SA 223 12.63 -50.74 87.61
C LEU SA 223 12.58 -49.25 87.92
N LEU SA 224 12.62 -48.90 89.19
CA LEU SA 224 12.59 -47.48 89.54
C LEU SA 224 13.90 -46.79 89.19
N GLU SA 225 15.03 -47.50 89.24
CA GLU SA 225 16.29 -46.95 88.73
C GLU SA 225 16.18 -46.65 87.25
N ALA SA 226 15.62 -47.58 86.48
CA ALA SA 226 15.43 -47.34 85.06
C ALA SA 226 14.52 -46.15 84.82
N ARG SA 227 13.45 -46.01 85.62
CA ARG SA 227 12.58 -44.85 85.48
C ARG SA 227 13.31 -43.55 85.79
N GLU SA 228 14.15 -43.56 86.83
CA GLU SA 228 14.91 -42.35 87.17
C GLU SA 228 15.84 -41.96 86.03
N LEU SA 229 16.53 -42.93 85.44
CA LEU SA 229 17.36 -42.63 84.28
C LEU SA 229 16.52 -42.12 83.12
N LEU SA 230 15.30 -42.62 82.98
CA LEU SA 230 14.46 -42.18 81.86
C LEU SA 230 14.02 -40.74 82.02
N LEU SA 231 13.60 -40.35 83.23
CA LEU SA 231 13.09 -38.99 83.43
C LEU SA 231 14.18 -37.93 83.32
N GLU SA 232 15.45 -38.32 83.41
CA GLU SA 232 16.57 -37.40 83.29
C GLU SA 232 16.99 -37.16 81.85
N GLY SA 233 16.33 -37.79 80.89
CA GLY SA 233 16.69 -37.65 79.50
C GLY SA 233 17.64 -38.72 78.98
N ARG SA 234 18.26 -39.50 79.86
CA ARG SA 234 19.13 -40.59 79.45
C ARG SA 234 18.26 -41.76 78.99
N VAL SA 235 17.81 -41.67 77.74
CA VAL SA 235 16.91 -42.70 77.21
C VAL SA 235 17.67 -44.00 76.99
N GLU SA 236 18.91 -43.93 76.52
CA GLU SA 236 19.63 -45.13 76.12
C GLU SA 236 19.97 -46.01 77.32
N GLU SA 237 20.46 -45.41 78.39
CA GLU SA 237 20.72 -46.18 79.60
C GLU SA 237 19.42 -46.71 80.19
N ALA SA 238 18.34 -45.93 80.10
CA ALA SA 238 17.04 -46.41 80.56
C ALA SA 238 16.60 -47.65 79.82
N ALA SA 239 16.72 -47.64 78.48
CA ALA SA 239 16.30 -48.78 77.69
C ALA SA 239 17.19 -49.99 77.94
N HIS SA 240 18.51 -49.80 78.08
CA HIS SA 240 19.39 -50.94 78.34
C HIS SA 240 19.10 -51.56 79.70
N LEU SA 241 18.96 -50.75 80.74
CA LEU SA 241 18.70 -51.28 82.06
C LEU SA 241 17.31 -51.91 82.13
N LEU SA 242 16.33 -51.32 81.44
CA LEU SA 242 15.00 -51.88 81.37
C LEU SA 242 15.00 -53.24 80.69
N GLU SA 243 15.72 -53.38 79.58
CA GLU SA 243 15.74 -54.65 78.89
C GLU SA 243 16.44 -55.72 79.73
N ASP SA 244 17.49 -55.36 80.46
CA ASP SA 244 18.14 -56.35 81.32
C ASP SA 244 17.18 -56.84 82.41
N VAL SA 245 16.51 -55.92 83.09
CA VAL SA 245 15.62 -56.34 84.17
C VAL SA 245 14.41 -57.10 83.61
N TYR SA 246 13.91 -56.71 82.43
CA TYR SA 246 12.81 -57.43 81.82
C TYR SA 246 13.23 -58.84 81.44
N ALA SA 247 14.45 -59.02 80.93
CA ALA SA 247 14.91 -60.36 80.60
C ALA SA 247 14.96 -61.25 81.83
N LEU SA 248 15.51 -60.74 82.93
CA LEU SA 248 15.55 -61.55 84.15
C LEU SA 248 14.15 -61.89 84.64
N PHE SA 249 13.25 -60.90 84.63
CA PHE SA 249 11.88 -61.12 85.06
C PHE SA 249 11.18 -62.15 84.17
N HIS SA 250 11.39 -62.07 82.86
CA HIS SA 250 10.69 -62.98 81.95
C HIS SA 250 11.20 -64.40 82.09
N ARG SA 251 12.50 -64.56 82.34
CA ARG SA 251 13.00 -65.89 82.67
C ARG SA 251 12.35 -66.41 83.94
N GLU SA 252 12.16 -65.54 84.93
CA GLU SA 252 11.47 -65.97 86.15
C GLU SA 252 10.03 -66.38 85.87
N ILE SA 253 9.35 -65.66 84.97
CA ILE SA 253 7.97 -66.03 84.60
C ILE SA 253 7.95 -67.40 83.93
N GLU SA 254 8.82 -67.59 82.94
CA GLU SA 254 8.86 -68.87 82.23
C GLU SA 254 9.30 -70.01 83.13
N ARG SA 255 9.97 -69.71 84.25
CA ARG SA 255 10.31 -70.76 85.19
C ARG SA 255 9.06 -71.43 85.75
N LEU SA 256 8.03 -70.64 86.03
CA LEU SA 256 6.81 -71.15 86.65
C LEU SA 256 5.87 -71.82 85.66
N GLY SA 257 6.20 -71.83 84.37
CA GLY SA 257 5.44 -72.61 83.42
C GLY SA 257 4.02 -72.07 83.22
N PHE SA 258 3.05 -72.98 83.29
CA PHE SA 258 1.64 -72.63 83.17
C PHE SA 258 1.01 -72.39 84.55
N GLU SA 259 1.64 -71.49 85.29
CA GLU SA 259 1.15 -71.07 86.60
C GLU SA 259 1.91 -69.83 87.02
N ALA SA 260 1.19 -68.83 87.53
CA ALA SA 260 1.77 -67.60 88.07
C ALA SA 260 0.68 -66.75 88.69
N PRO SA 261 0.95 -66.05 89.79
CA PRO SA 261 -0.04 -65.10 90.33
C PRO SA 261 -0.39 -64.06 89.29
N GLU SA 262 -1.64 -63.61 89.33
CA GLU SA 262 -2.17 -62.77 88.26
C GLU SA 262 -1.41 -61.44 88.15
N GLU SA 263 -0.87 -60.93 89.25
CA GLU SA 263 -0.16 -59.67 89.17
C GLU SA 263 1.12 -59.80 88.34
N LEU SA 264 1.76 -60.97 88.36
CA LEU SA 264 2.86 -61.22 87.43
C LEU SA 264 2.38 -61.12 85.99
N ARG SA 265 1.22 -61.70 85.70
CA ARG SA 265 0.69 -61.68 84.34
C ARG SA 265 0.37 -60.27 83.88
N VAL SA 266 -0.15 -59.44 84.79
CA VAL SA 266 -0.45 -58.05 84.43
C VAL SA 266 0.83 -57.26 84.25
N ALA SA 267 1.78 -57.42 85.18
CA ALA SA 267 3.03 -56.68 85.12
C ALA SA 267 3.82 -57.02 83.87
N ASP SA 268 3.71 -58.25 83.37
CA ASP SA 268 4.44 -58.61 82.17
C ASP SA 268 3.96 -57.76 81.00
N LEU SA 269 2.65 -57.58 80.87
CA LEU SA 269 2.11 -56.75 79.80
C LEU SA 269 2.45 -55.28 80.03
N LEU SA 270 2.42 -54.83 81.29
CA LEU SA 270 2.78 -53.44 81.59
C LEU SA 270 4.21 -53.16 81.19
N LEU SA 271 5.14 -54.04 81.55
CA LEU SA 271 6.55 -53.87 81.21
C LEU SA 271 6.76 -53.92 79.71
N ALA SA 272 6.05 -54.81 79.01
CA ALA SA 272 6.18 -54.85 77.56
C ALA SA 272 5.74 -53.53 76.93
N ARG SA 273 4.62 -52.97 77.39
CA ARG SA 273 4.18 -51.68 76.85
C ARG SA 273 5.14 -50.55 77.19
N ALA SA 274 5.69 -50.57 78.42
CA ALA SA 274 6.67 -49.55 78.79
C ALA SA 274 7.88 -49.60 77.88
N ILE SA 275 8.38 -50.81 77.61
CA ILE SA 275 9.52 -50.96 76.71
C ILE SA 275 9.19 -50.49 75.31
N ALA SA 276 7.99 -50.82 74.82
CA ALA SA 276 7.59 -50.37 73.49
C ALA SA 276 7.55 -48.85 73.42
N LEU SA 277 6.99 -48.21 74.43
CA LEU SA 277 6.91 -46.74 74.44
C LEU SA 277 8.29 -46.11 74.48
N ILE SA 278 9.19 -46.64 75.33
CA ILE SA 278 10.54 -46.09 75.40
C ILE SA 278 11.25 -46.25 74.06
N LYS SA 279 11.10 -47.40 73.42
CA LYS SA 279 11.71 -47.60 72.11
C LYS SA 279 11.14 -46.66 71.07
N ALA SA 280 9.86 -46.29 71.21
CA ALA SA 280 9.22 -45.42 70.23
C ALA SA 280 9.49 -43.93 70.47
N ILE SA 281 10.13 -43.58 71.59
CA ILE SA 281 10.49 -42.18 71.85
C ILE SA 281 11.37 -41.64 70.73
N THR TA 24 -72.94 -90.53 -10.97
CA THR TA 24 -72.19 -90.36 -9.72
C THR TA 24 -71.02 -89.41 -9.92
N VAL TA 25 -70.70 -89.14 -11.19
CA VAL TA 25 -69.51 -88.35 -11.50
C VAL TA 25 -69.66 -86.93 -10.97
N VAL TA 26 -70.83 -86.31 -11.18
CA VAL TA 26 -71.06 -84.97 -10.65
C VAL TA 26 -71.09 -85.01 -9.13
N GLU TA 27 -71.60 -86.08 -8.55
CA GLU TA 27 -71.53 -86.23 -7.10
C GLU TA 27 -70.08 -86.34 -6.63
N GLU TA 28 -69.23 -87.04 -7.41
CA GLU TA 28 -67.82 -87.12 -7.06
C GLU TA 28 -67.16 -85.75 -7.12
N VAL TA 29 -67.50 -84.95 -8.14
CA VAL TA 29 -66.93 -83.60 -8.23
C VAL TA 29 -67.39 -82.74 -7.07
N ARG TA 30 -68.67 -82.80 -6.73
CA ARG TA 30 -69.16 -82.05 -5.58
C ARG TA 30 -68.46 -82.48 -4.30
N ARG TA 31 -68.34 -83.78 -4.08
CA ARG TA 31 -67.68 -84.29 -2.88
C ARG TA 31 -66.23 -83.83 -2.81
N PHE TA 32 -65.52 -83.90 -3.95
CA PHE TA 32 -64.14 -83.46 -4.02
C PHE TA 32 -64.01 -81.99 -3.63
N ALA TA 33 -64.88 -81.14 -4.21
CA ALA TA 33 -64.80 -79.71 -3.93
C ALA TA 33 -65.12 -79.41 -2.47
N GLU TA 34 -66.17 -80.03 -1.93
CA GLU TA 34 -66.54 -79.74 -0.54
C GLU TA 34 -65.48 -80.25 0.42
N GLU TA 35 -64.91 -81.43 0.16
CA GLU TA 35 -63.86 -81.94 1.04
C GLU TA 35 -62.65 -81.02 1.03
N LEU TA 36 -62.24 -80.55 -0.15
CA LEU TA 36 -61.11 -79.63 -0.21
C LEU TA 36 -61.43 -78.33 0.51
N ALA TA 37 -62.66 -77.82 0.38
CA ALA TA 37 -63.03 -76.59 1.07
C ALA TA 37 -63.04 -76.77 2.58
N GLU TA 38 -63.56 -77.90 3.07
CA GLU TA 38 -63.55 -78.18 4.50
C GLU TA 38 -62.12 -78.26 5.02
N GLU TA 39 -61.24 -78.92 4.27
CA GLU TA 39 -59.84 -79.01 4.70
C GLU TA 39 -59.20 -77.62 4.72
N VAL TA 40 -59.52 -76.78 3.75
CA VAL TA 40 -58.97 -75.43 3.73
C VAL TA 40 -59.39 -74.69 4.99
N LEU TA 41 -60.67 -74.82 5.35
CA LEU TA 41 -61.17 -74.13 6.55
C LEU TA 41 -60.57 -74.69 7.82
N ARG TA 42 -60.43 -76.01 7.91
CA ARG TA 42 -59.86 -76.62 9.12
C ARG TA 42 -58.41 -76.20 9.31
N VAL TA 43 -57.62 -76.21 8.24
CA VAL TA 43 -56.22 -75.84 8.37
C VAL TA 43 -56.08 -74.34 8.64
N GLY TA 44 -56.80 -73.50 7.90
CA GLY TA 44 -56.64 -72.07 8.00
C GLY TA 44 -57.65 -71.35 8.87
N GLY TA 45 -58.70 -72.03 9.31
CA GLY TA 45 -59.67 -71.36 10.15
C GLY TA 45 -60.50 -70.35 9.37
N GLU TA 46 -60.95 -69.34 10.08
CA GLU TA 46 -61.69 -68.23 9.48
C GLU TA 46 -60.78 -67.19 8.89
N ALA TA 47 -59.46 -67.35 9.00
CA ALA TA 47 -58.54 -66.39 8.39
C ALA TA 47 -58.70 -66.38 6.87
N MET TA 48 -58.87 -67.56 6.27
CA MET TA 48 -59.06 -67.69 4.82
C MET TA 48 -60.41 -68.34 4.60
N ARG TA 49 -61.46 -67.52 4.62
CA ARG TA 49 -62.80 -67.89 4.19
C ARG TA 49 -62.97 -67.73 2.69
N PRO TA 50 -62.40 -66.69 2.06
CA PRO TA 50 -62.53 -66.59 0.59
C PRO TA 50 -62.15 -67.85 -0.17
N TYR TA 51 -61.11 -68.57 0.26
CA TYR TA 51 -60.66 -69.72 -0.51
C TYR TA 51 -61.66 -70.87 -0.45
N ALA TA 52 -62.35 -71.04 0.68
CA ALA TA 52 -63.40 -72.04 0.74
C ALA TA 52 -64.53 -71.71 -0.23
N GLU TA 53 -64.89 -70.43 -0.32
CA GLU TA 53 -65.93 -70.03 -1.26
C GLU TA 53 -65.47 -70.23 -2.71
N MET TA 54 -64.21 -69.92 -3.00
CA MET TA 54 -63.68 -70.11 -4.35
C MET TA 54 -63.71 -71.57 -4.73
N VAL TA 55 -63.28 -72.45 -3.81
CA VAL TA 55 -63.32 -73.88 -4.10
C VAL TA 55 -64.75 -74.35 -4.32
N ARG TA 56 -65.68 -73.88 -3.48
CA ARG TA 56 -67.06 -74.34 -3.61
C ARG TA 56 -67.69 -73.85 -4.92
N HIS TA 57 -67.42 -72.60 -5.31
CA HIS TA 57 -67.94 -72.11 -6.59
C HIS TA 57 -67.31 -72.80 -7.79
N LEU TA 58 -66.01 -73.09 -7.74
CA LEU TA 58 -65.41 -73.83 -8.85
C LEU TA 58 -65.94 -75.25 -8.93
N GLY TA 59 -66.22 -75.88 -7.79
CA GLY TA 59 -66.92 -77.15 -7.83
C GLY TA 59 -68.30 -77.03 -8.46
N GLU TA 60 -69.03 -75.96 -8.13
CA GLU TA 60 -70.34 -75.75 -8.73
C GLU TA 60 -70.25 -75.52 -10.23
N ALA TA 61 -69.28 -74.73 -10.68
CA ALA TA 61 -69.10 -74.50 -12.11
C ALA TA 61 -68.76 -75.79 -12.84
N ALA TA 62 -67.90 -76.62 -12.25
CA ALA TA 62 -67.56 -77.89 -12.86
C ALA TA 62 -68.78 -78.79 -12.99
N VAL TA 63 -69.59 -78.90 -11.92
CA VAL TA 63 -70.74 -79.78 -12.03
C VAL TA 63 -71.79 -79.20 -12.97
N ALA TA 64 -71.88 -77.87 -13.06
CA ALA TA 64 -72.75 -77.27 -14.06
C ALA TA 64 -72.31 -77.67 -15.46
N ALA TA 65 -71.00 -77.60 -15.73
CA ALA TA 65 -70.50 -78.00 -17.04
C ALA TA 65 -70.77 -79.48 -17.32
N LEU TA 66 -70.57 -80.34 -16.33
CA LEU TA 66 -70.87 -81.76 -16.52
C LEU TA 66 -72.36 -82.03 -16.67
N GLU TA 67 -73.23 -81.12 -16.24
CA GLU TA 67 -74.68 -81.35 -16.34
C GLU TA 67 -75.34 -80.39 -17.31
N GLY TA 68 -74.76 -80.23 -18.49
CA GLY TA 68 -75.27 -79.28 -19.46
C GLY TA 68 -74.62 -77.93 -19.29
N ARG TA 69 -75.31 -76.90 -19.76
CA ARG TA 69 -74.97 -75.50 -19.50
C ARG TA 69 -73.63 -75.08 -20.12
N ALA TA 70 -73.53 -73.79 -20.46
CA ALA TA 70 -72.26 -73.17 -20.81
C ALA TA 70 -72.12 -71.76 -20.28
N GLU TA 71 -73.22 -71.11 -19.91
CA GLU TA 71 -73.24 -69.72 -19.45
C GLU TA 71 -73.11 -69.62 -17.93
N GLU TA 72 -73.70 -70.55 -17.20
CA GLU TA 72 -73.51 -70.57 -15.75
C GLU TA 72 -72.05 -70.81 -15.41
N ALA TA 73 -71.38 -71.70 -16.14
CA ALA TA 73 -69.95 -71.91 -15.93
C ALA TA 73 -69.17 -70.63 -16.20
N ASP TA 74 -69.52 -69.92 -17.28
CA ASP TA 74 -68.90 -68.64 -17.58
C ASP TA 74 -69.05 -67.67 -16.42
N ARG TA 75 -70.29 -67.53 -15.91
CA ARG TA 75 -70.55 -66.58 -14.85
C ARG TA 75 -69.80 -66.94 -13.57
N LEU TA 76 -69.85 -68.21 -13.17
CA LEU TA 76 -69.19 -68.63 -11.94
C LEU TA 76 -67.68 -68.45 -12.03
N VAL TA 77 -67.09 -68.79 -13.18
CA VAL TA 77 -65.65 -68.62 -13.33
C VAL TA 77 -65.28 -67.13 -13.29
N ARG TA 78 -66.12 -66.27 -13.86
CA ARG TA 78 -65.86 -64.83 -13.78
C ARG TA 78 -65.98 -64.32 -12.34
N ASP TA 79 -66.95 -64.84 -11.58
CA ASP TA 79 -67.08 -64.46 -10.17
C ASP TA 79 -65.87 -64.89 -9.37
N VAL TA 80 -65.40 -66.12 -9.58
CA VAL TA 80 -64.21 -66.60 -8.90
C VAL TA 80 -62.99 -65.80 -9.31
N LEU TA 81 -62.94 -65.37 -10.58
CA LEU TA 81 -61.85 -64.52 -11.02
C LEU TA 81 -61.87 -63.20 -10.27
N GLU TA 82 -63.06 -62.64 -10.04
CA GLU TA 82 -63.17 -61.40 -9.27
C GLU TA 82 -62.70 -61.61 -7.83
N MET TA 83 -63.08 -62.74 -7.22
CA MET TA 83 -62.60 -63.03 -5.87
C MET TA 83 -61.09 -63.11 -5.82
N ALA TA 84 -60.50 -63.80 -6.80
CA ALA TA 84 -59.04 -63.90 -6.85
C ALA TA 84 -58.41 -62.52 -7.03
N ARG TA 85 -59.05 -61.65 -7.81
CA ARG TA 85 -58.53 -60.30 -7.99
C ARG TA 85 -58.53 -59.54 -6.67
N GLU TA 86 -59.62 -59.62 -5.90
CA GLU TA 86 -59.69 -58.82 -4.69
C GLU TA 86 -58.80 -59.37 -3.59
N VAL TA 87 -58.74 -60.70 -3.43
CA VAL TA 87 -57.95 -61.28 -2.35
C VAL TA 87 -56.47 -60.97 -2.55
N GLY TA 88 -55.98 -61.10 -3.77
CA GLY TA 88 -54.57 -60.90 -4.06
C GLY TA 88 -53.90 -62.10 -4.71
N ALA TA 89 -54.63 -63.19 -4.97
CA ALA TA 89 -54.05 -64.35 -5.63
C ALA TA 89 -53.77 -64.01 -7.09
N GLU TA 90 -52.49 -63.98 -7.47
CA GLU TA 90 -52.11 -63.59 -8.82
C GLU TA 90 -52.09 -64.78 -9.77
N GLY TA 91 -51.28 -65.79 -9.47
CA GLY TA 91 -51.20 -66.96 -10.35
C GLY TA 91 -52.53 -67.66 -10.48
N LEU TA 92 -53.30 -67.69 -9.40
CA LEU TA 92 -54.64 -68.24 -9.45
C LEU TA 92 -55.53 -67.42 -10.40
N ALA TA 93 -55.40 -66.10 -10.37
CA ALA TA 93 -56.17 -65.26 -11.29
C ALA TA 93 -55.79 -65.55 -12.73
N ARG TA 94 -54.49 -65.69 -13.02
CA ARG TA 94 -54.08 -66.01 -14.38
C ARG TA 94 -54.66 -67.34 -14.83
N LEU TA 95 -54.54 -68.36 -13.98
CA LEU TA 95 -55.06 -69.67 -14.35
C LEU TA 95 -56.57 -69.62 -14.51
N LEU TA 96 -57.26 -68.75 -13.78
CA LEU TA 96 -58.70 -68.66 -13.90
C LEU TA 96 -59.11 -68.00 -15.21
N GLU TA 97 -58.36 -66.98 -15.65
CA GLU TA 97 -58.62 -66.42 -16.99
C GLU TA 97 -58.41 -67.46 -18.07
N ARG TA 98 -57.30 -68.20 -17.99
CA ARG TA 98 -57.04 -69.25 -18.96
C ARG TA 98 -58.14 -70.31 -18.94
N VAL TA 99 -58.58 -70.69 -17.74
CA VAL TA 99 -59.67 -71.65 -17.61
C VAL TA 99 -60.92 -71.11 -18.27
N HIS TA 100 -61.19 -69.82 -18.10
CA HIS TA 100 -62.38 -69.22 -18.69
C HIS TA 100 -62.36 -69.33 -20.22
N ARG TA 101 -61.26 -68.90 -20.84
CA ARG TA 101 -61.19 -68.90 -22.31
C ARG TA 101 -61.27 -70.33 -22.85
N GLU TA 102 -60.46 -71.24 -22.31
CA GLU TA 102 -60.50 -72.62 -22.81
C GLU TA 102 -61.84 -73.28 -22.53
N ALA TA 103 -62.49 -72.94 -21.41
CA ALA TA 103 -63.80 -73.51 -21.15
C ALA TA 103 -64.79 -73.06 -22.21
N ARG TA 104 -64.73 -71.79 -22.60
CA ARG TA 104 -65.60 -71.30 -23.67
C ARG TA 104 -65.34 -72.05 -24.96
N GLU TA 105 -64.07 -72.18 -25.35
CA GLU TA 105 -63.74 -72.84 -26.62
C GLU TA 105 -64.22 -74.28 -26.63
N LEU TA 106 -63.88 -75.04 -25.58
CA LEU TA 106 -64.22 -76.46 -25.56
C LEU TA 106 -65.72 -76.67 -25.43
N LEU TA 107 -66.42 -75.77 -24.74
CA LEU TA 107 -67.88 -75.90 -24.68
C LEU TA 107 -68.52 -75.58 -26.01
N ARG TA 108 -67.94 -74.64 -26.77
CA ARG TA 108 -68.41 -74.41 -28.13
C ARG TA 108 -68.20 -75.64 -28.99
N GLU TA 109 -67.04 -76.30 -28.86
CA GLU TA 109 -66.77 -77.51 -29.61
C GLU TA 109 -67.61 -78.70 -29.14
N GLY TA 110 -68.33 -78.58 -28.02
CA GLY TA 110 -69.20 -79.62 -27.55
C GLY TA 110 -68.57 -80.63 -26.61
N ARG TA 111 -67.27 -80.53 -26.34
CA ARG TA 111 -66.59 -81.44 -25.42
C ARG TA 111 -66.77 -80.91 -24.01
N ARG TA 112 -67.28 -81.76 -23.11
CA ARG TA 112 -67.63 -81.35 -21.77
C ARG TA 112 -66.66 -81.82 -20.70
N GLU TA 113 -66.12 -83.04 -20.83
CA GLU TA 113 -65.28 -83.60 -19.77
C GLU TA 113 -64.03 -82.76 -19.55
N GLU TA 114 -63.40 -82.29 -20.62
CA GLU TA 114 -62.13 -81.57 -20.47
C GLU TA 114 -62.34 -80.18 -19.86
N ALA TA 115 -63.47 -79.53 -20.15
CA ALA TA 115 -63.75 -78.23 -19.52
C ALA TA 115 -63.91 -78.38 -18.01
N ALA TA 116 -64.68 -79.39 -17.59
CA ALA TA 116 -64.78 -79.68 -16.16
C ALA TA 116 -63.43 -80.09 -15.59
N ALA TA 117 -62.59 -80.73 -16.39
CA ALA TA 117 -61.25 -81.07 -15.93
C ALA TA 117 -60.44 -79.82 -15.66
N LEU TA 118 -60.51 -78.84 -16.55
CA LEU TA 118 -59.81 -77.57 -16.29
C LEU TA 118 -60.36 -76.89 -15.04
N VAL TA 119 -61.69 -76.92 -14.87
CA VAL TA 119 -62.28 -76.27 -13.70
C VAL TA 119 -61.84 -76.97 -12.41
N LEU TA 120 -61.81 -78.31 -12.40
CA LEU TA 120 -61.39 -79.04 -11.23
C LEU TA 120 -59.92 -78.78 -10.91
N ALA TA 121 -59.08 -78.71 -11.95
CA ALA TA 121 -57.69 -78.33 -11.72
C ALA TA 121 -57.60 -76.94 -11.10
N ALA TA 122 -58.46 -76.01 -11.53
CA ALA TA 122 -58.46 -74.67 -10.95
C ALA TA 122 -58.87 -74.70 -9.48
N ALA TA 123 -59.89 -75.47 -9.15
CA ALA TA 123 -60.34 -75.58 -7.76
C ALA TA 123 -59.25 -76.18 -6.88
N LEU TA 124 -58.58 -77.22 -7.38
CA LEU TA 124 -57.49 -77.82 -6.63
C LEU TA 124 -56.34 -76.85 -6.45
N ALA TA 125 -56.03 -76.06 -7.48
CA ALA TA 125 -54.99 -75.05 -7.32
C ALA TA 125 -55.35 -74.06 -6.23
N ALA TA 126 -56.62 -73.61 -6.20
CA ALA TA 126 -57.04 -72.65 -5.18
C ALA TA 126 -56.94 -73.25 -3.78
N GLY TA 127 -57.50 -74.46 -3.59
CA GLY TA 127 -57.45 -75.08 -2.28
C GLY TA 127 -56.04 -75.37 -1.81
N ALA TA 128 -55.20 -75.90 -2.69
CA ALA TA 128 -53.83 -76.22 -2.31
C ALA TA 128 -53.03 -74.95 -2.03
N VAL TA 129 -53.32 -73.86 -2.75
CA VAL TA 129 -52.67 -72.59 -2.46
C VAL TA 129 -53.04 -72.12 -1.06
N ALA TA 130 -54.32 -72.22 -0.70
CA ALA TA 130 -54.74 -71.82 0.63
C ALA TA 130 -54.05 -72.65 1.70
N VAL TA 131 -54.06 -73.96 1.54
CA VAL TA 131 -53.49 -74.83 2.57
C VAL TA 131 -51.98 -74.63 2.68
N ALA TA 132 -51.30 -74.46 1.55
CA ALA TA 132 -49.86 -74.24 1.59
C ALA TA 132 -49.51 -72.92 2.28
N GLU TA 133 -50.27 -71.86 2.00
CA GLU TA 133 -50.03 -70.60 2.69
C GLU TA 133 -50.29 -70.72 4.18
N ALA TA 134 -51.32 -71.49 4.56
CA ALA TA 134 -51.57 -71.71 5.98
C ALA TA 134 -50.41 -72.44 6.64
N TYR TA 135 -49.88 -73.48 5.98
CA TYR TA 135 -48.76 -74.22 6.52
C TYR TA 135 -47.54 -73.32 6.67
N VAL TA 136 -47.30 -72.45 5.68
CA VAL TA 136 -46.15 -71.56 5.75
C VAL TA 136 -46.31 -70.54 6.87
N ARG TA 137 -47.54 -70.04 7.09
CA ARG TA 137 -47.74 -69.01 8.10
C ARG TA 137 -47.43 -69.52 9.50
N LEU TA 138 -47.87 -70.73 9.84
CA LEU TA 138 -47.61 -71.29 11.15
C LEU TA 138 -46.33 -72.13 11.19
N GLY TA 139 -45.50 -72.04 10.16
CA GLY TA 139 -44.16 -72.59 10.18
C GLY TA 139 -44.02 -74.10 10.30
N GLN TA 140 -44.82 -74.86 9.57
CA GLN TA 140 -44.64 -76.30 9.55
C GLN TA 140 -43.54 -76.68 8.56
N PRO TA 141 -42.91 -77.85 8.75
CA PRO TA 141 -41.81 -78.24 7.87
C PRO TA 141 -42.27 -78.54 6.46
N ILE TA 142 -41.31 -78.51 5.54
CA ILE TA 142 -41.59 -78.65 4.11
C ILE TA 142 -42.03 -80.05 3.72
N ARG TA 143 -41.63 -81.09 4.46
CA ARG TA 143 -42.06 -82.44 4.13
C ARG TA 143 -43.57 -82.53 4.07
N LEU TA 144 -44.27 -81.87 5.00
CA LEU TA 144 -45.72 -81.94 5.02
C LEU TA 144 -46.33 -81.26 3.80
N ILE TA 145 -45.80 -80.10 3.39
CA ILE TA 145 -46.30 -79.46 2.18
C ILE TA 145 -46.08 -80.36 0.98
N ALA TA 146 -44.89 -80.92 0.85
CA ALA TA 146 -44.58 -81.76 -0.31
C ALA TA 146 -45.47 -82.99 -0.36
N GLU TA 147 -45.62 -83.67 0.77
CA GLU TA 147 -46.46 -84.87 0.79
C GLU TA 147 -47.91 -84.55 0.55
N TYR TA 148 -48.41 -83.45 1.13
CA TYR TA 148 -49.79 -83.05 0.90
C TYR TA 148 -50.04 -82.78 -0.57
N VAL TA 149 -49.20 -81.96 -1.20
CA VAL TA 149 -49.39 -81.61 -2.59
C VAL TA 149 -49.31 -82.84 -3.48
N ALA TA 150 -48.32 -83.71 -3.25
CA ALA TA 150 -48.17 -84.89 -4.08
C ALA TA 150 -49.40 -85.80 -3.96
N GLU TA 151 -49.91 -85.98 -2.76
CA GLU TA 151 -51.05 -86.87 -2.60
C GLU TA 151 -52.31 -86.29 -3.22
N ARG TA 152 -52.49 -84.97 -3.12
CA ARG TA 152 -53.63 -84.34 -3.78
C ARG TA 152 -53.54 -84.48 -5.29
N LEU TA 153 -52.32 -84.32 -5.84
CA LEU TA 153 -52.15 -84.50 -7.29
C LEU TA 153 -52.49 -85.92 -7.71
N VAL TA 154 -52.08 -86.90 -6.91
CA VAL TA 154 -52.40 -88.29 -7.25
C VAL TA 154 -53.91 -88.52 -7.23
N GLU TA 155 -54.59 -87.97 -6.22
CA GLU TA 155 -56.05 -88.12 -6.15
C GLU TA 155 -56.74 -87.46 -7.34
N LEU TA 156 -56.29 -86.26 -7.71
CA LEU TA 156 -56.87 -85.58 -8.87
C LEU TA 156 -56.62 -86.36 -10.15
N ALA TA 157 -55.43 -86.91 -10.32
CA ALA TA 157 -55.14 -87.70 -11.51
C ALA TA 157 -56.02 -88.94 -11.56
N GLU TA 158 -56.28 -89.55 -10.41
CA GLU TA 158 -57.19 -90.68 -10.37
C GLU TA 158 -58.60 -90.26 -10.79
N LEU TA 159 -59.07 -89.10 -10.32
CA LEU TA 159 -60.39 -88.63 -10.71
C LEU TA 159 -60.46 -88.35 -12.21
N LEU TA 160 -59.46 -87.66 -12.74
CA LEU TA 160 -59.47 -87.33 -14.16
C LEU TA 160 -59.37 -88.58 -15.01
N ARG TA 161 -58.67 -89.61 -14.54
CA ARG TA 161 -58.69 -90.90 -15.23
C ARG TA 161 -60.08 -91.50 -15.20
N ARG TA 162 -60.81 -91.32 -14.09
CA ARG TA 162 -62.18 -91.83 -14.02
C ARG TA 162 -63.09 -91.12 -15.01
N LEU TA 163 -62.93 -89.80 -15.16
CA LEU TA 163 -63.80 -89.05 -16.07
C LEU TA 163 -63.60 -89.50 -17.51
N GLY TA 164 -62.36 -89.51 -17.98
CA GLY TA 164 -62.09 -89.92 -19.35
C GLY TA 164 -61.11 -89.03 -20.10
N VAL TA 165 -60.52 -88.06 -19.40
CA VAL TA 165 -59.55 -87.17 -20.04
C VAL TA 165 -58.33 -87.96 -20.47
N PRO TA 166 -57.73 -87.69 -21.63
CA PRO TA 166 -56.50 -88.39 -22.02
C PRO TA 166 -55.34 -88.03 -21.10
N LEU TA 167 -54.41 -88.98 -21.00
CA LEU TA 167 -53.38 -88.93 -19.96
C LEU TA 167 -52.45 -87.73 -20.13
N ARG TA 168 -52.09 -87.38 -21.36
CA ARG TA 168 -51.17 -86.27 -21.55
C ARG TA 168 -51.78 -84.96 -21.06
N ARG TA 169 -53.09 -84.77 -21.30
CA ARG TA 169 -53.77 -83.62 -20.75
C ARG TA 169 -53.78 -83.68 -19.22
N ILE TA 170 -53.93 -84.87 -18.66
CA ILE TA 170 -53.85 -85.03 -17.21
C ILE TA 170 -52.53 -84.48 -16.70
N ILE TA 171 -51.43 -84.89 -17.33
CA ILE TA 171 -50.13 -84.47 -16.84
C ILE TA 171 -49.95 -82.97 -17.03
N ARG TA 172 -50.47 -82.42 -18.11
CA ARG TA 172 -50.36 -80.98 -18.34
C ARG TA 172 -51.11 -80.19 -17.28
N LEU TA 173 -52.32 -80.63 -16.92
CA LEU TA 173 -53.08 -79.95 -15.87
C LEU TA 173 -52.38 -80.07 -14.53
N LEU TA 174 -51.82 -81.25 -14.22
CA LEU TA 174 -51.11 -81.44 -12.96
C LEU TA 174 -49.91 -80.51 -12.88
N GLU TA 175 -49.18 -80.35 -13.98
CA GLU TA 175 -48.07 -79.42 -13.97
C GLU TA 175 -48.52 -77.98 -13.81
N GLU TA 176 -49.68 -77.62 -14.37
CA GLU TA 176 -50.20 -76.27 -14.14
C GLU TA 176 -50.52 -76.05 -12.66
N VAL TA 177 -51.15 -77.04 -12.03
CA VAL TA 177 -51.44 -76.96 -10.59
C VAL TA 177 -50.15 -76.78 -9.80
N LEU TA 178 -49.13 -77.55 -10.14
CA LEU TA 178 -47.84 -77.45 -9.45
C LEU TA 178 -47.22 -76.08 -9.65
N ARG TA 179 -47.34 -75.52 -10.85
CA ARG TA 179 -46.78 -74.20 -11.11
C ARG TA 179 -47.46 -73.14 -10.26
N VAL TA 180 -48.79 -73.21 -10.16
CA VAL TA 180 -49.50 -72.25 -9.31
C VAL TA 180 -49.08 -72.39 -7.86
N VAL TA 181 -48.96 -73.64 -7.38
CA VAL TA 181 -48.56 -73.87 -6.00
C VAL TA 181 -47.17 -73.33 -5.74
N ALA TA 182 -46.25 -73.55 -6.68
CA ALA TA 182 -44.89 -73.03 -6.52
C ALA TA 182 -44.88 -71.51 -6.49
N GLU TA 183 -45.69 -70.87 -7.34
CA GLU TA 183 -45.78 -69.41 -7.30
C GLU TA 183 -46.32 -68.93 -5.96
N ALA TA 184 -47.33 -69.61 -5.43
CA ALA TA 184 -47.88 -69.23 -4.14
C ALA TA 184 -46.83 -69.34 -3.04
N LEU TA 185 -46.09 -70.45 -3.03
CA LEU TA 185 -45.04 -70.62 -2.03
C LEU TA 185 -43.95 -69.59 -2.19
N ARG TA 186 -43.64 -69.19 -3.42
CA ARG TA 186 -42.65 -68.14 -3.63
C ARG TA 186 -43.12 -66.82 -3.05
N ARG TA 187 -44.41 -66.50 -3.24
CA ARG TA 187 -44.93 -65.24 -2.70
C ARG TA 187 -44.94 -65.23 -1.17
N ALA TA 188 -44.99 -66.40 -0.54
CA ALA TA 188 -44.97 -66.51 0.90
C ALA TA 188 -43.56 -66.47 1.48
N GLY TA 189 -42.54 -66.32 0.65
CA GLY TA 189 -41.17 -66.21 1.12
C GLY TA 189 -40.44 -67.52 1.31
N VAL TA 190 -41.02 -68.64 0.91
CA VAL TA 190 -40.32 -69.93 1.04
C VAL TA 190 -39.08 -69.91 0.15
N PRO TA 191 -37.91 -70.32 0.64
CA PRO TA 191 -36.71 -70.26 -0.20
C PRO TA 191 -36.80 -71.18 -1.39
N GLU TA 192 -36.12 -70.79 -2.47
CA GLU TA 192 -36.24 -71.51 -3.74
C GLU TA 192 -35.90 -72.99 -3.66
N PRO TA 193 -34.80 -73.41 -3.01
CA PRO TA 193 -34.51 -74.85 -2.95
C PRO TA 193 -35.63 -75.68 -2.38
N GLU TA 194 -36.37 -75.16 -1.40
CA GLU TA 194 -37.50 -75.91 -0.88
C GLU TA 194 -38.62 -76.02 -1.90
N ILE TA 195 -38.83 -75.00 -2.72
CA ILE TA 195 -39.82 -75.08 -3.80
C ILE TA 195 -39.41 -76.16 -4.79
N ARG TA 196 -38.13 -76.21 -5.14
CA ARG TA 196 -37.65 -77.26 -6.03
C ARG TA 196 -37.82 -78.63 -5.41
N LYS TA 197 -37.59 -78.74 -4.10
CA LYS TA 197 -37.83 -80.01 -3.41
C LYS TA 197 -39.30 -80.41 -3.52
N VAL TA 198 -40.21 -79.45 -3.36
CA VAL TA 198 -41.64 -79.74 -3.48
C VAL TA 198 -41.95 -80.30 -4.86
N GLU TA 199 -41.49 -79.59 -5.90
CA GLU TA 199 -41.82 -80.01 -7.26
C GLU TA 199 -41.20 -81.35 -7.59
N ALA TA 200 -39.94 -81.58 -7.21
CA ALA TA 200 -39.27 -82.83 -7.51
C ALA TA 200 -39.95 -84.00 -6.82
N ALA TA 201 -40.36 -83.80 -5.56
CA ALA TA 201 -41.11 -84.84 -4.87
C ALA TA 201 -42.41 -85.13 -5.59
N ALA TA 202 -43.08 -84.09 -6.07
CA ALA TA 202 -44.32 -84.28 -6.81
C ALA TA 202 -44.10 -85.10 -8.08
N TYR TA 203 -43.04 -84.78 -8.83
CA TYR TA 203 -42.77 -85.49 -10.07
C TYR TA 203 -42.40 -86.94 -9.83
N ILE TA 204 -41.61 -87.22 -8.78
CA ILE TA 204 -41.24 -88.59 -8.48
C ILE TA 204 -42.46 -89.38 -8.02
N ARG TA 205 -43.35 -88.75 -7.25
CA ARG TA 205 -44.59 -89.42 -6.86
C ARG TA 205 -45.45 -89.73 -8.07
N LEU TA 206 -45.58 -88.78 -8.99
CA LEU TA 206 -46.37 -89.01 -10.20
C LEU TA 206 -45.77 -90.10 -11.07
N ALA TA 207 -44.44 -90.10 -11.24
CA ALA TA 207 -43.79 -91.15 -12.01
C ALA TA 207 -44.01 -92.51 -11.39
N ALA TA 208 -43.88 -92.61 -10.05
CA ALA TA 208 -44.13 -93.88 -9.39
C ALA TA 208 -45.58 -94.32 -9.57
N TYR TA 209 -46.51 -93.39 -9.47
CA TYR TA 209 -47.92 -93.72 -9.66
C TYR TA 209 -48.19 -94.26 -11.06
N LEU TA 210 -47.61 -93.62 -12.08
CA LEU TA 210 -47.78 -94.12 -13.44
C LEU TA 210 -47.14 -95.48 -13.63
N LEU TA 211 -45.94 -95.67 -13.09
CA LEU TA 211 -45.24 -96.93 -13.26
C LEU TA 211 -45.95 -98.08 -12.56
N ARG TA 212 -46.69 -97.78 -11.50
CA ARG TA 212 -47.33 -98.86 -10.75
C ARG TA 212 -48.41 -99.55 -11.57
N GLN TA 213 -49.14 -98.80 -12.39
CA GLN TA 213 -50.26 -99.38 -13.14
C GLN TA 213 -49.77 -100.42 -14.13
N LEU TA 214 -48.65 -100.17 -14.80
CA LEU TA 214 -48.07 -101.12 -15.74
C LEU TA 214 -47.54 -102.37 -15.06
N GLY TA 215 -47.40 -102.37 -13.75
CA GLY TA 215 -46.95 -103.56 -13.05
C GLY TA 215 -45.45 -103.57 -12.84
N TYR TA 216 -44.88 -102.43 -12.49
CA TYR TA 216 -43.46 -102.32 -12.13
C TYR TA 216 -43.40 -101.92 -10.67
N GLU TA 217 -43.53 -102.90 -9.78
CA GLU TA 217 -43.55 -102.60 -8.35
C GLU TA 217 -42.16 -102.25 -7.83
N ALA TA 218 -41.14 -102.99 -8.27
CA ALA TA 218 -39.79 -102.73 -7.79
C ALA TA 218 -39.34 -101.33 -8.18
N LEU TA 219 -39.61 -100.91 -9.41
CA LEU TA 219 -39.24 -99.58 -9.87
C LEU TA 219 -39.90 -98.51 -9.02
N ALA TA 220 -41.20 -98.66 -8.75
CA ALA TA 220 -41.90 -97.66 -7.95
C ALA TA 220 -41.37 -97.62 -6.53
N LYS TA 221 -41.07 -98.78 -5.95
CA LYS TA 221 -40.51 -98.80 -4.60
C LYS TA 221 -39.18 -98.07 -4.55
N ARG TA 222 -38.30 -98.29 -5.53
CA ARG TA 222 -37.01 -97.62 -5.50
C ARG TA 222 -37.15 -96.12 -5.72
N LEU TA 223 -38.10 -95.71 -6.56
CA LEU TA 223 -38.33 -94.28 -6.75
C LEU TA 223 -38.83 -93.64 -5.46
N LEU TA 224 -39.70 -94.33 -4.73
CA LEU TA 224 -40.21 -93.75 -3.49
C LEU TA 224 -39.16 -93.76 -2.39
N GLU TA 225 -38.26 -94.74 -2.40
CA GLU TA 225 -37.09 -94.69 -1.51
C GLU TA 225 -36.24 -93.46 -1.79
N ALA TA 226 -35.99 -93.19 -3.06
CA ALA TA 226 -35.25 -91.99 -3.43
C ALA TA 226 -35.98 -90.73 -2.96
N ARG TA 227 -37.30 -90.71 -3.09
CA ARG TA 227 -38.07 -89.56 -2.62
C ARG TA 227 -37.95 -89.39 -1.11
N GLU TA 228 -38.01 -90.49 -0.37
CA GLU TA 228 -37.86 -90.41 1.08
C GLU TA 228 -36.51 -89.85 1.45
N LEU TA 229 -35.44 -90.31 0.78
CA LEU TA 229 -34.13 -89.73 1.05
C LEU TA 229 -34.08 -88.27 0.67
N LEU TA 230 -34.84 -87.84 -0.34
CA LEU TA 230 -34.81 -86.44 -0.73
C LEU TA 230 -35.49 -85.56 0.30
N LEU TA 231 -36.66 -85.97 0.78
CA LEU TA 231 -37.42 -85.12 1.71
C LEU TA 231 -36.74 -84.99 3.07
N GLU TA 232 -35.82 -85.88 3.40
CA GLU TA 232 -35.08 -85.84 4.65
C GLU TA 232 -33.87 -84.92 4.60
N GLY TA 233 -33.61 -84.29 3.45
CA GLY TA 233 -32.47 -83.42 3.31
C GLY TA 233 -31.24 -84.07 2.73
N ARG TA 234 -31.20 -85.39 2.63
CA ARG TA 234 -30.08 -86.11 2.02
C ARG TA 234 -30.23 -86.03 0.50
N VAL TA 235 -29.76 -84.90 -0.05
CA VAL TA 235 -29.90 -84.68 -1.49
C VAL TA 235 -28.99 -85.60 -2.28
N GLU TA 236 -27.77 -85.83 -1.79
CA GLU TA 236 -26.77 -86.55 -2.58
C GLU TA 236 -27.14 -88.02 -2.74
N GLU TA 237 -27.56 -88.68 -1.66
CA GLU TA 237 -28.01 -90.05 -1.77
C GLU TA 237 -29.27 -90.15 -2.63
N ALA TA 238 -30.14 -89.14 -2.54
CA ALA TA 238 -31.32 -89.11 -3.40
C ALA TA 238 -30.93 -89.07 -4.87
N ALA TA 239 -30.01 -88.19 -5.24
CA ALA TA 239 -29.60 -88.09 -6.63
C ALA TA 239 -28.89 -89.34 -7.11
N HIS TA 240 -28.04 -89.94 -6.27
CA HIS TA 240 -27.34 -91.15 -6.67
C HIS TA 240 -28.32 -92.31 -6.90
N LEU TA 241 -29.23 -92.53 -5.95
CA LEU TA 241 -30.18 -93.63 -6.08
C LEU TA 241 -31.15 -93.38 -7.23
N LEU TA 242 -31.53 -92.12 -7.44
CA LEU TA 242 -32.38 -91.77 -8.57
C LEU TA 242 -31.68 -92.05 -9.89
N GLU TA 243 -30.40 -91.70 -10.00
CA GLU TA 243 -29.69 -91.95 -11.26
C GLU TA 243 -29.53 -93.45 -11.51
N ASP TA 244 -29.33 -94.24 -10.46
CA ASP TA 244 -29.24 -95.68 -10.66
C ASP TA 244 -30.56 -96.27 -11.16
N VAL TA 245 -31.66 -95.92 -10.51
CA VAL TA 245 -32.94 -96.47 -10.96
C VAL TA 245 -33.30 -95.94 -12.35
N TYR TA 246 -32.95 -94.69 -12.65
CA TYR TA 246 -33.22 -94.14 -13.97
C TYR TA 246 -32.40 -94.85 -15.04
N ALA TA 247 -31.15 -95.19 -14.74
CA ALA TA 247 -30.34 -95.91 -15.72
C ALA TA 247 -30.94 -97.28 -16.02
N LEU TA 248 -31.36 -98.01 -14.99
CA LEU TA 248 -31.97 -99.30 -15.25
C LEU TA 248 -33.26 -99.15 -16.05
N PHE TA 249 -34.08 -98.16 -15.69
CA PHE TA 249 -35.34 -97.92 -16.39
C PHE TA 249 -35.10 -97.54 -17.84
N HIS TA 250 -34.10 -96.72 -18.11
CA HIS TA 250 -33.86 -96.27 -19.46
C HIS TA 250 -33.32 -97.40 -20.32
N ARG TA 251 -32.49 -98.28 -19.75
CA ARG TA 251 -32.09 -99.47 -20.49
C ARG TA 251 -33.32 -100.32 -20.83
N GLU TA 252 -34.25 -100.45 -19.88
CA GLU TA 252 -35.46 -101.21 -20.16
C GLU TA 252 -36.29 -100.55 -21.26
N ILE TA 253 -36.35 -99.23 -21.28
CA ILE TA 253 -37.09 -98.52 -22.32
C ILE TA 253 -36.44 -98.74 -23.69
N GLU TA 254 -35.12 -98.57 -23.77
CA GLU TA 254 -34.41 -98.80 -25.02
C GLU TA 254 -34.49 -100.24 -25.47
N ARG TA 255 -34.77 -101.17 -24.55
CA ARG TA 255 -34.94 -102.57 -24.95
C ARG TA 255 -36.11 -102.72 -25.92
N LEU TA 256 -37.19 -101.98 -25.70
CA LEU TA 256 -38.39 -102.13 -26.50
C LEU TA 256 -38.32 -101.40 -27.84
N GLY TA 257 -37.24 -100.67 -28.10
CA GLY TA 257 -37.04 -100.09 -29.43
C GLY TA 257 -38.05 -99.01 -29.74
N PHE TA 258 -38.66 -99.11 -30.92
CA PHE TA 258 -39.70 -98.18 -31.37
C PHE TA 258 -41.09 -98.73 -31.06
N GLU TA 259 -41.30 -99.01 -29.77
CA GLU TA 259 -42.58 -99.45 -29.25
C GLU TA 259 -42.51 -99.39 -27.74
N ALA TA 260 -43.53 -98.78 -27.12
CA ALA TA 260 -43.63 -98.70 -25.67
C ALA TA 260 -44.98 -98.12 -25.27
N PRO TA 261 -45.61 -98.62 -24.21
CA PRO TA 261 -46.87 -98.03 -23.76
C PRO TA 261 -46.69 -96.55 -23.44
N GLU TA 262 -47.78 -95.80 -23.57
CA GLU TA 262 -47.69 -94.34 -23.44
C GLU TA 262 -47.26 -93.93 -22.03
N GLU TA 263 -47.67 -94.70 -21.01
CA GLU TA 263 -47.32 -94.34 -19.65
C GLU TA 263 -45.81 -94.41 -19.41
N LEU TA 264 -45.12 -95.38 -20.03
CA LEU TA 264 -43.67 -95.41 -19.97
C LEU TA 264 -43.08 -94.15 -20.58
N ARG TA 265 -43.62 -93.73 -21.72
CA ARG TA 265 -43.09 -92.54 -22.38
C ARG TA 265 -43.28 -91.29 -21.52
N VAL TA 266 -44.43 -91.17 -20.86
CA VAL TA 266 -44.67 -90.01 -20.01
C VAL TA 266 -43.79 -90.07 -18.76
N ALA TA 267 -43.64 -91.27 -18.18
CA ALA TA 267 -42.80 -91.42 -17.01
C ALA TA 267 -41.35 -91.07 -17.32
N ASP TA 268 -40.89 -91.35 -18.53
CA ASP TA 268 -39.52 -90.99 -18.90
C ASP TA 268 -39.30 -89.49 -18.78
N LEU TA 269 -40.23 -88.69 -19.32
CA LEU TA 269 -40.07 -87.24 -19.24
C LEU TA 269 -40.22 -86.74 -17.81
N LEU TA 270 -41.13 -87.36 -17.04
CA LEU TA 270 -41.30 -86.98 -15.64
C LEU TA 270 -40.04 -87.22 -14.84
N LEU TA 271 -39.42 -88.40 -15.04
CA LEU TA 271 -38.18 -88.73 -14.36
C LEU TA 271 -37.05 -87.80 -14.77
N ALA TA 272 -36.98 -87.45 -16.06
CA ALA TA 272 -35.95 -86.52 -16.50
C ALA TA 272 -36.09 -85.18 -15.80
N ARG TA 273 -37.33 -84.68 -15.69
CA ARG TA 273 -37.54 -83.39 -15.04
C ARG TA 273 -37.24 -83.46 -13.55
N ALA TA 274 -37.61 -84.57 -12.91
CA ALA TA 274 -37.29 -84.74 -11.49
C ALA TA 274 -35.79 -84.71 -11.26
N ILE TA 275 -35.04 -85.40 -12.10
CA ILE TA 275 -33.59 -85.42 -11.98
C ILE TA 275 -33.01 -84.03 -12.20
N ALA TA 276 -33.53 -83.31 -13.19
CA ALA TA 276 -33.04 -81.95 -13.42
C ALA TA 276 -33.29 -81.05 -12.22
N LEU TA 277 -34.48 -81.14 -11.64
CA LEU TA 277 -34.80 -80.30 -10.49
C LEU TA 277 -33.92 -80.65 -9.29
N ILE TA 278 -33.72 -81.95 -9.03
CA ILE TA 278 -32.87 -82.35 -7.91
C ILE TA 278 -31.45 -81.84 -8.11
N LYS TA 279 -30.93 -81.97 -9.33
CA LYS TA 279 -29.59 -81.47 -9.61
C LYS TA 279 -29.50 -79.96 -9.44
N ALA TA 280 -30.59 -79.24 -9.73
CA ALA TA 280 -30.56 -77.78 -9.62
C ALA TA 280 -30.77 -77.27 -8.20
N ILE TA 281 -31.11 -78.13 -7.24
CA ILE TA 281 -31.28 -77.70 -5.85
C ILE TA 281 -29.99 -77.08 -5.34
N THR UA 24 -46.03 -82.21 -68.97
CA THR UA 24 -46.82 -81.67 -67.87
C THR UA 24 -45.92 -80.93 -66.88
N VAL UA 25 -44.60 -81.15 -67.00
CA VAL UA 25 -43.66 -80.61 -66.03
C VAL UA 25 -43.69 -79.09 -66.04
N VAL UA 26 -43.69 -78.49 -67.24
CA VAL UA 26 -43.77 -77.04 -67.34
C VAL UA 26 -45.12 -76.54 -66.83
N GLU UA 27 -46.18 -77.31 -67.06
CA GLU UA 27 -47.47 -76.96 -66.49
C GLU UA 27 -47.43 -77.03 -64.96
N GLU UA 28 -46.73 -78.02 -64.42
CA GLU UA 28 -46.58 -78.10 -62.97
C GLU UA 28 -45.82 -76.90 -62.42
N VAL UA 29 -44.78 -76.47 -63.11
CA VAL UA 29 -44.03 -75.29 -62.65
C VAL UA 29 -44.90 -74.04 -62.72
N ARG UA 30 -45.66 -73.88 -63.81
CA ARG UA 30 -46.56 -72.73 -63.92
C ARG UA 30 -47.60 -72.76 -62.80
N ARG UA 31 -48.21 -73.92 -62.56
CA ARG UA 31 -49.21 -74.04 -61.51
C ARG UA 31 -48.63 -73.73 -60.14
N PHE UA 32 -47.42 -74.22 -59.88
CA PHE UA 32 -46.76 -73.96 -58.61
C PHE UA 32 -46.52 -72.46 -58.42
N ALA UA 33 -46.02 -71.80 -59.46
CA ALA UA 33 -45.75 -70.37 -59.35
C ALA UA 33 -47.02 -69.56 -59.15
N GLU UA 34 -48.06 -69.86 -59.94
CA GLU UA 34 -49.30 -69.09 -59.81
C GLU UA 34 -49.97 -69.34 -58.46
N GLU UA 35 -49.95 -70.58 -57.98
CA GLU UA 35 -50.55 -70.86 -56.67
C GLU UA 35 -49.81 -70.12 -55.57
N LEU UA 36 -48.49 -70.11 -55.61
CA LEU UA 36 -47.74 -69.37 -54.60
C LEU UA 36 -48.04 -67.88 -54.68
N ALA UA 37 -48.14 -67.33 -55.89
CA ALA UA 37 -48.44 -65.91 -56.04
C ALA UA 37 -49.84 -65.57 -55.53
N GLU UA 38 -50.82 -66.42 -55.83
CA GLU UA 38 -52.18 -66.20 -55.33
C GLU UA 38 -52.21 -66.25 -53.81
N GLU UA 39 -51.49 -67.19 -53.20
CA GLU UA 39 -51.45 -67.26 -51.75
C GLU UA 39 -50.77 -66.02 -51.17
N VAL UA 40 -49.73 -65.52 -51.83
CA VAL UA 40 -49.08 -64.30 -51.36
C VAL UA 40 -50.09 -63.16 -51.36
N LEU UA 41 -50.86 -63.04 -52.44
CA LEU UA 41 -51.85 -61.96 -52.54
C LEU UA 41 -52.96 -62.13 -51.51
N ARG UA 42 -53.43 -63.36 -51.30
CA ARG UA 42 -54.49 -63.58 -50.33
C ARG UA 42 -54.04 -63.22 -48.91
N VAL UA 43 -52.84 -63.66 -48.54
CA VAL UA 43 -52.36 -63.40 -47.18
C VAL UA 43 -52.06 -61.92 -46.99
N GLY UA 44 -51.35 -61.32 -47.94
CA GLY UA 44 -50.91 -59.95 -47.79
C GLY UA 44 -51.72 -58.90 -48.51
N GLY UA 45 -52.69 -59.30 -49.33
CA GLY UA 45 -53.50 -58.32 -50.01
C GLY UA 45 -52.73 -57.54 -51.07
N GLU UA 46 -53.17 -56.31 -51.27
CA GLU UA 46 -52.51 -55.40 -52.19
C GLU UA 46 -51.32 -54.70 -51.57
N ALA UA 47 -51.03 -54.97 -50.30
CA ALA UA 47 -49.86 -54.36 -49.66
C ALA UA 47 -48.58 -54.79 -50.37
N MET UA 48 -48.47 -56.08 -50.69
CA MET UA 48 -47.32 -56.63 -51.40
C MET UA 48 -47.80 -57.23 -52.71
N ARG UA 49 -47.92 -56.37 -53.72
CA ARG UA 49 -48.10 -56.77 -55.12
C ARG UA 49 -46.76 -57.10 -55.78
N PRO UA 50 -45.66 -56.39 -55.48
CA PRO UA 50 -44.38 -56.75 -56.10
C PRO UA 50 -44.01 -58.22 -55.96
N TYR UA 51 -44.27 -58.83 -54.80
CA TYR UA 51 -43.85 -60.22 -54.59
C TYR UA 51 -44.62 -61.18 -55.48
N ALA UA 52 -45.89 -60.88 -55.76
CA ALA UA 52 -46.64 -61.70 -56.70
C ALA UA 52 -46.02 -61.61 -58.09
N GLU UA 53 -45.59 -60.41 -58.49
CA GLU UA 53 -44.94 -60.26 -59.79
C GLU UA 53 -43.61 -61.01 -59.83
N MET UA 54 -42.82 -60.93 -58.75
CA MET UA 54 -41.56 -61.67 -58.72
C MET UA 54 -41.80 -63.16 -58.84
N VAL UA 55 -42.79 -63.68 -58.11
CA VAL UA 55 -43.08 -65.11 -58.19
C VAL UA 55 -43.51 -65.49 -59.60
N ARG UA 56 -44.37 -64.67 -60.21
CA ARG UA 56 -44.88 -65.02 -61.54
C ARG UA 56 -43.78 -64.96 -62.61
N HIS UA 57 -42.91 -63.95 -62.55
CA HIS UA 57 -41.81 -63.90 -63.51
C HIS UA 57 -40.77 -64.98 -63.26
N LEU UA 58 -40.50 -65.36 -62.00
CA LEU UA 58 -39.58 -66.45 -61.76
C LEU UA 58 -40.16 -67.77 -62.26
N GLY UA 59 -41.46 -67.96 -62.10
CA GLY UA 59 -42.10 -69.11 -62.73
C GLY UA 59 -41.97 -69.09 -64.25
N GLU UA 60 -42.12 -67.91 -64.85
CA GLU UA 60 -41.97 -67.80 -66.31
C GLU UA 60 -40.55 -68.10 -66.76
N ALA UA 61 -39.55 -67.59 -66.03
CA ALA UA 61 -38.17 -67.87 -66.37
C ALA UA 61 -37.87 -69.36 -66.26
N ALA UA 62 -38.40 -70.00 -65.22
CA ALA UA 62 -38.20 -71.43 -65.06
C ALA UA 62 -38.82 -72.22 -66.21
N VAL UA 63 -40.05 -71.87 -66.60
CA VAL UA 63 -40.67 -72.63 -67.67
C VAL UA 63 -40.00 -72.34 -69.01
N ALA UA 64 -39.49 -71.12 -69.21
CA ALA UA 64 -38.71 -70.84 -70.39
C ALA UA 64 -37.47 -71.71 -70.44
N ALA UA 65 -36.76 -71.83 -69.32
CA ALA UA 65 -35.56 -72.68 -69.27
C ALA UA 65 -35.92 -74.14 -69.55
N LEU UA 66 -37.03 -74.61 -69.00
CA LEU UA 66 -37.47 -75.98 -69.28
C LEU UA 66 -37.91 -76.18 -70.72
N GLU UA 67 -38.28 -75.11 -71.43
CA GLU UA 67 -38.75 -75.26 -72.80
C GLU UA 67 -37.79 -74.64 -73.81
N GLY UA 68 -36.50 -74.92 -73.68
CA GLY UA 68 -35.51 -74.31 -74.53
C GLY UA 68 -34.97 -73.04 -73.91
N ARG UA 69 -34.45 -72.16 -74.77
CA ARG UA 69 -34.07 -70.80 -74.40
C ARG UA 69 -32.92 -70.73 -73.40
N ALA UA 70 -32.18 -69.64 -73.46
CA ALA UA 70 -31.19 -69.30 -72.43
C ALA UA 70 -31.07 -67.81 -72.19
N GLU UA 71 -31.66 -66.98 -73.04
CA GLU UA 71 -31.58 -65.52 -72.95
C GLU UA 71 -32.81 -64.93 -72.28
N GLU UA 72 -33.99 -65.49 -72.55
CA GLU UA 72 -35.19 -65.04 -71.86
C GLU UA 72 -35.08 -65.28 -70.37
N ALA UA 73 -34.52 -66.44 -69.98
CA ALA UA 73 -34.29 -66.71 -68.57
C ALA UA 73 -33.37 -65.67 -67.95
N ASP UA 74 -32.29 -65.32 -68.66
CA ASP UA 74 -31.39 -64.27 -68.21
C ASP UA 74 -32.13 -62.96 -68.00
N ARG UA 75 -32.94 -62.56 -68.97
CA ARG UA 75 -33.62 -61.27 -68.89
C ARG UA 75 -34.62 -61.25 -67.74
N LEU UA 76 -35.41 -62.32 -67.60
CA LEU UA 76 -36.40 -62.36 -66.54
C LEU UA 76 -35.76 -62.36 -65.17
N VAL UA 77 -34.66 -63.10 -65.00
CA VAL UA 77 -33.97 -63.10 -63.71
C VAL UA 77 -33.39 -61.73 -63.41
N ARG UA 78 -32.87 -61.04 -64.43
CA ARG UA 78 -32.36 -59.69 -64.23
C ARG UA 78 -33.48 -58.72 -63.85
N ASP UA 79 -34.63 -58.83 -64.50
CA ASP UA 79 -35.77 -57.98 -64.14
C ASP UA 79 -36.22 -58.21 -62.71
N VAL UA 80 -36.31 -59.49 -62.32
CA VAL UA 80 -36.71 -59.82 -60.96
C VAL UA 80 -35.67 -59.33 -59.96
N LEU UA 81 -34.40 -59.37 -60.34
CA LEU UA 81 -33.37 -58.80 -59.48
C LEU UA 81 -33.56 -57.31 -59.31
N GLU UA 82 -33.96 -56.62 -60.38
CA GLU UA 82 -34.23 -55.19 -60.28
C GLU UA 82 -35.38 -54.90 -59.33
N MET UA 83 -36.47 -55.68 -59.44
CA MET UA 83 -37.58 -55.51 -58.51
C MET UA 83 -37.13 -55.76 -57.07
N ALA UA 84 -36.35 -56.81 -56.86
CA ALA UA 84 -35.85 -57.09 -55.51
C ALA UA 84 -35.00 -55.95 -54.99
N ARG UA 85 -34.21 -55.33 -55.87
CA ARG UA 85 -33.40 -54.18 -55.46
C ARG UA 85 -34.27 -53.02 -55.03
N GLU UA 86 -35.32 -52.72 -55.80
CA GLU UA 86 -36.11 -51.53 -55.48
C GLU UA 86 -36.99 -51.75 -54.24
N VAL UA 87 -37.56 -52.95 -54.11
CA VAL UA 87 -38.44 -53.22 -52.98
C VAL UA 87 -37.68 -53.12 -51.65
N GLY UA 88 -36.49 -53.68 -51.61
CA GLY UA 88 -35.68 -53.70 -50.40
C GLY UA 88 -35.28 -55.08 -49.93
N ALA UA 89 -35.64 -56.14 -50.66
CA ALA UA 89 -35.26 -57.49 -50.28
C ALA UA 89 -33.77 -57.68 -50.54
N GLU UA 90 -33.01 -57.91 -49.47
CA GLU UA 90 -31.57 -58.09 -49.59
C GLU UA 90 -31.18 -59.53 -49.87
N GLY UA 91 -31.58 -60.45 -48.99
CA GLY UA 91 -31.25 -61.85 -49.20
C GLY UA 91 -31.81 -62.39 -50.49
N LEU UA 92 -33.02 -61.96 -50.85
CA LEU UA 92 -33.61 -62.37 -52.11
C LEU UA 92 -32.79 -61.87 -53.29
N ALA UA 93 -32.31 -60.63 -53.21
CA ALA UA 93 -31.48 -60.09 -54.28
C ALA UA 93 -30.17 -60.87 -54.43
N ARG UA 94 -29.53 -61.18 -53.30
CA ARG UA 94 -28.29 -61.97 -53.37
C ARG UA 94 -28.55 -63.33 -54.01
N LEU UA 95 -29.59 -64.01 -53.56
CA LEU UA 95 -29.88 -65.31 -54.13
C LEU UA 95 -30.21 -65.19 -55.61
N LEU UA 96 -30.81 -64.08 -56.02
CA LEU UA 96 -31.16 -63.91 -57.42
C LEU UA 96 -29.92 -63.68 -58.29
N GLU UA 97 -28.94 -62.95 -57.77
CA GLU UA 97 -27.66 -62.84 -58.48
C GLU UA 97 -27.01 -64.21 -58.64
N ARG UA 98 -27.01 -65.01 -57.56
CA ARG UA 98 -26.43 -66.35 -57.64
C ARG UA 98 -27.17 -67.22 -58.65
N VAL UA 99 -28.50 -67.14 -58.67
CA VAL UA 99 -29.27 -67.86 -59.69
C VAL UA 99 -28.86 -67.40 -61.08
N HIS UA 100 -28.66 -66.10 -61.26
CA HIS UA 100 -28.28 -65.58 -62.57
C HIS UA 100 -26.99 -66.23 -63.06
N ARG UA 101 -25.94 -66.16 -62.24
CA ARG UA 101 -24.64 -66.68 -62.65
C ARG UA 101 -24.69 -68.19 -62.89
N GLU UA 102 -25.21 -68.95 -61.93
CA GLU UA 102 -25.25 -70.39 -62.11
C GLU UA 102 -26.12 -70.77 -63.31
N ALA UA 103 -27.33 -70.22 -63.41
CA ALA UA 103 -28.19 -70.56 -64.53
C ALA UA 103 -27.46 -70.33 -65.85
N ARG UA 104 -26.68 -69.25 -65.94
CA ARG UA 104 -25.85 -69.08 -67.14
C ARG UA 104 -24.90 -70.26 -67.33
N GLU UA 105 -24.19 -70.64 -66.26
CA GLU UA 105 -23.17 -71.69 -66.39
C GLU UA 105 -23.79 -73.02 -66.83
N LEU UA 106 -24.80 -73.48 -66.11
CA LEU UA 106 -25.40 -74.76 -66.45
C LEU UA 106 -26.16 -74.72 -67.77
N LEU UA 107 -26.71 -73.57 -68.15
CA LEU UA 107 -27.34 -73.51 -69.46
C LEU UA 107 -26.29 -73.56 -70.57
N ARG UA 108 -25.10 -73.04 -70.32
CA ARG UA 108 -24.00 -73.23 -71.27
C ARG UA 108 -23.62 -74.70 -71.35
N GLU UA 109 -23.56 -75.38 -70.20
CA GLU UA 109 -23.21 -76.80 -70.18
C GLU UA 109 -24.29 -77.71 -70.75
N GLY UA 110 -25.48 -77.17 -71.02
CA GLY UA 110 -26.54 -77.95 -71.61
C GLY UA 110 -27.48 -78.64 -70.64
N ARG UA 111 -27.22 -78.55 -69.34
CA ARG UA 111 -28.11 -79.13 -68.33
C ARG UA 111 -29.21 -78.13 -68.04
N ARG UA 112 -30.47 -78.58 -68.16
CA ARG UA 112 -31.61 -77.68 -68.04
C ARG UA 112 -32.38 -77.85 -66.74
N GLU UA 113 -32.49 -79.09 -66.23
CA GLU UA 113 -33.32 -79.32 -65.07
C GLU UA 113 -32.81 -78.56 -63.85
N GLU UA 114 -31.49 -78.54 -63.66
CA GLU UA 114 -30.93 -77.91 -62.46
C GLU UA 114 -31.06 -76.39 -62.49
N ALA UA 115 -30.99 -75.77 -63.67
CA ALA UA 115 -31.19 -74.32 -63.77
C ALA UA 115 -32.62 -73.96 -63.37
N ALA UA 116 -33.60 -74.69 -63.89
CA ALA UA 116 -34.97 -74.48 -63.46
C ALA UA 116 -35.16 -74.80 -61.99
N ALA UA 117 -34.37 -75.74 -61.45
CA ALA UA 117 -34.44 -76.03 -60.03
C ALA UA 117 -33.99 -74.83 -59.21
N LEU UA 118 -32.89 -74.19 -59.62
CA LEU UA 118 -32.47 -72.98 -58.93
C LEU UA 118 -33.52 -71.88 -59.04
N VAL UA 119 -34.13 -71.74 -60.22
CA VAL UA 119 -35.14 -70.70 -60.40
C VAL UA 119 -36.36 -70.96 -59.54
N LEU UA 120 -36.80 -72.23 -59.47
CA LEU UA 120 -37.95 -72.58 -58.64
C LEU UA 120 -37.67 -72.35 -57.17
N ALA UA 121 -36.46 -72.68 -56.73
CA ALA UA 121 -36.07 -72.37 -55.35
C ALA UA 121 -36.12 -70.87 -55.12
N ALA UA 122 -35.70 -70.06 -56.09
CA ALA UA 122 -35.77 -68.62 -55.95
C ALA UA 122 -37.20 -68.12 -55.83
N ALA UA 123 -38.10 -68.65 -56.67
CA ALA UA 123 -39.50 -68.26 -56.60
C ALA UA 123 -40.11 -68.62 -55.25
N LEU UA 124 -39.81 -69.83 -54.76
CA LEU UA 124 -40.32 -70.23 -53.45
C LEU UA 124 -39.76 -69.34 -52.35
N ALA UA 125 -38.50 -68.97 -52.44
CA ALA UA 125 -37.93 -68.06 -51.44
C ALA UA 125 -38.67 -66.72 -51.45
N ALA UA 126 -38.96 -66.18 -52.63
CA ALA UA 126 -39.67 -64.91 -52.72
C ALA UA 126 -41.07 -65.01 -52.12
N GLY UA 127 -41.82 -66.04 -52.51
CA GLY UA 127 -43.17 -66.20 -51.99
C GLY UA 127 -43.20 -66.43 -50.49
N ALA UA 128 -42.32 -67.30 -49.99
CA ALA UA 128 -42.29 -67.57 -48.57
C ALA UA 128 -41.84 -66.35 -47.77
N VAL UA 129 -40.92 -65.56 -48.31
CA VAL UA 129 -40.54 -64.31 -47.65
C VAL UA 129 -41.73 -63.38 -47.55
N ALA UA 130 -42.49 -63.25 -48.64
CA ALA UA 130 -43.66 -62.37 -48.62
C ALA UA 130 -44.67 -62.83 -47.57
N VAL UA 131 -45.02 -64.12 -47.58
CA VAL UA 131 -46.04 -64.60 -46.66
C VAL UA 131 -45.57 -64.52 -45.22
N ALA UA 132 -44.29 -64.82 -44.97
CA ALA UA 132 -43.77 -64.75 -43.62
C ALA UA 132 -43.77 -63.32 -43.09
N GLU UA 133 -43.40 -62.36 -43.94
CA GLU UA 133 -43.47 -60.96 -43.50
C GLU UA 133 -44.90 -60.53 -43.25
N ALA UA 134 -45.84 -61.04 -44.05
CA ALA UA 134 -47.26 -60.75 -43.79
C ALA UA 134 -47.69 -61.30 -42.43
N TYR UA 135 -47.32 -62.55 -42.13
CA TYR UA 135 -47.68 -63.15 -40.86
C TYR UA 135 -47.08 -62.39 -39.70
N VAL UA 136 -45.82 -61.97 -39.83
CA VAL UA 136 -45.17 -61.22 -38.75
C VAL UA 136 -45.82 -59.85 -38.58
N ARG UA 137 -46.24 -59.22 -39.68
CA ARG UA 137 -46.82 -57.88 -39.59
C ARG UA 137 -48.12 -57.89 -38.79
N LEU UA 138 -48.96 -58.89 -39.00
CA LEU UA 138 -50.23 -58.99 -38.29
C LEU UA 138 -50.15 -59.89 -37.06
N GLY UA 139 -48.96 -60.23 -36.60
CA GLY UA 139 -48.76 -60.85 -35.30
C GLY UA 139 -49.35 -62.23 -35.09
N GLN UA 140 -49.23 -63.12 -36.07
CA GLN UA 140 -49.67 -64.49 -35.87
C GLN UA 140 -48.57 -65.31 -35.19
N PRO UA 141 -48.94 -66.42 -34.53
CA PRO UA 141 -47.95 -67.18 -33.77
C PRO UA 141 -46.91 -67.84 -34.67
N ILE UA 142 -45.78 -68.18 -34.06
CA ILE UA 142 -44.64 -68.72 -34.80
C ILE UA 142 -44.88 -70.15 -35.27
N ARG UA 143 -45.74 -70.91 -34.58
CA ARG UA 143 -46.08 -72.25 -35.08
C ARG UA 143 -46.58 -72.19 -36.51
N LEU UA 144 -47.36 -71.15 -36.84
CA LEU UA 144 -47.93 -71.04 -38.17
C LEU UA 144 -46.86 -70.83 -39.22
N ILE UA 145 -45.91 -69.93 -38.96
CA ILE UA 145 -44.81 -69.71 -39.89
C ILE UA 145 -44.00 -70.98 -40.06
N ALA UA 146 -43.69 -71.66 -38.95
CA ALA UA 146 -42.87 -72.86 -39.02
C ALA UA 146 -43.55 -73.95 -39.82
N GLU UA 147 -44.82 -74.21 -39.55
CA GLU UA 147 -45.54 -75.26 -40.27
C GLU UA 147 -45.69 -74.90 -41.75
N TYR UA 148 -45.98 -73.63 -42.04
CA TYR UA 148 -46.11 -73.19 -43.43
C TYR UA 148 -44.82 -73.45 -44.20
N VAL UA 149 -43.70 -72.96 -43.66
CA VAL UA 149 -42.43 -73.08 -44.37
C VAL UA 149 -42.05 -74.54 -44.55
N ALA UA 150 -42.22 -75.34 -43.49
CA ALA UA 150 -41.84 -76.76 -43.59
C ALA UA 150 -42.66 -77.47 -44.65
N GLU UA 151 -43.97 -77.21 -44.71
CA GLU UA 151 -44.79 -77.90 -45.71
C GLU UA 151 -44.44 -77.43 -47.12
N ARG UA 152 -44.12 -76.14 -47.27
CA ARG UA 152 -43.69 -75.66 -48.58
C ARG UA 152 -42.40 -76.33 -49.03
N LEU UA 153 -41.44 -76.48 -48.12
CA LEU UA 153 -40.20 -77.15 -48.46
C LEU UA 153 -40.44 -78.59 -48.87
N VAL UA 154 -41.34 -79.28 -48.17
CA VAL UA 154 -41.63 -80.66 -48.53
C VAL UA 154 -42.25 -80.73 -49.93
N GLU UA 155 -43.17 -79.82 -50.24
CA GLU UA 155 -43.78 -79.82 -51.57
C GLU UA 155 -42.74 -79.55 -52.66
N LEU UA 156 -41.85 -78.58 -52.43
CA LEU UA 156 -40.80 -78.30 -53.39
C LEU UA 156 -39.87 -79.50 -53.57
N ALA UA 157 -39.55 -80.18 -52.47
CA ALA UA 157 -38.68 -81.35 -52.58
C ALA UA 157 -39.35 -82.44 -53.41
N GLU UA 158 -40.66 -82.62 -53.24
CA GLU UA 158 -41.37 -83.59 -54.07
C GLU UA 158 -41.31 -83.18 -55.54
N LEU UA 159 -41.49 -81.89 -55.83
CA LEU UA 159 -41.43 -81.44 -57.21
C LEU UA 159 -40.05 -81.69 -57.82
N LEU UA 160 -39.00 -81.31 -57.09
CA LEU UA 160 -37.64 -81.48 -57.60
C LEU UA 160 -37.30 -82.95 -57.77
N ARG UA 161 -37.83 -83.81 -56.90
CA ARG UA 161 -37.67 -85.25 -57.13
C ARG UA 161 -38.37 -85.66 -58.41
N ARG UA 162 -39.53 -85.07 -58.71
CA ARG UA 162 -40.22 -85.40 -59.95
C ARG UA 162 -39.41 -84.98 -61.18
N LEU UA 163 -38.79 -83.80 -61.14
CA LEU UA 163 -38.02 -83.32 -62.28
C LEU UA 163 -36.82 -84.23 -62.55
N GLY UA 164 -35.99 -84.48 -61.54
CA GLY UA 164 -34.84 -85.34 -61.71
C GLY UA 164 -33.56 -84.85 -61.09
N VAL UA 165 -33.63 -83.77 -60.31
CA VAL UA 165 -32.43 -83.24 -59.65
C VAL UA 165 -31.90 -84.26 -58.66
N PRO UA 166 -30.58 -84.44 -58.54
CA PRO UA 166 -30.03 -85.32 -57.50
C PRO UA 166 -30.31 -84.78 -56.10
N LEU UA 167 -30.40 -85.71 -55.15
CA LEU UA 167 -30.98 -85.39 -53.84
C LEU UA 167 -30.12 -84.41 -53.07
N ARG UA 168 -28.80 -84.53 -53.15
CA ARG UA 168 -27.93 -83.63 -52.39
C ARG UA 168 -28.12 -82.18 -52.86
N ARG UA 169 -28.28 -81.99 -54.17
CA ARG UA 169 -28.61 -80.67 -54.67
C ARG UA 169 -29.97 -80.21 -54.15
N ILE UA 170 -30.94 -81.12 -54.05
CA ILE UA 170 -32.24 -80.77 -53.48
C ILE UA 170 -32.06 -80.20 -52.09
N ILE UA 171 -31.31 -80.89 -51.25
CA ILE UA 171 -31.16 -80.45 -49.87
C ILE UA 171 -30.39 -79.14 -49.80
N ARG UA 172 -29.41 -78.95 -50.70
CA ARG UA 172 -28.69 -77.69 -50.72
C ARG UA 172 -29.60 -76.52 -51.09
N LEU UA 173 -30.46 -76.71 -52.10
CA LEU UA 173 -31.39 -75.65 -52.47
C LEU UA 173 -32.38 -75.36 -51.35
N LEU UA 174 -32.87 -76.40 -50.69
CA LEU UA 174 -33.81 -76.20 -49.59
C LEU UA 174 -33.17 -75.43 -48.45
N GLU UA 175 -31.90 -75.71 -48.16
CA GLU UA 175 -31.20 -74.94 -47.14
C GLU UA 175 -30.99 -73.50 -47.56
N GLU UA 176 -30.78 -73.24 -48.85
CA GLU UA 176 -30.69 -71.86 -49.31
C GLU UA 176 -32.00 -71.13 -49.10
N VAL UA 177 -33.11 -71.78 -49.42
CA VAL UA 177 -34.44 -71.19 -49.19
C VAL UA 177 -34.62 -70.88 -47.71
N LEU UA 178 -34.26 -71.82 -46.84
CA LEU UA 178 -34.40 -71.61 -45.41
C LEU UA 178 -33.54 -70.44 -44.94
N ARG UA 179 -32.34 -70.30 -45.51
CA ARG UA 179 -31.48 -69.19 -45.12
C ARG UA 179 -32.11 -67.85 -45.49
N VAL UA 180 -32.68 -67.76 -46.70
CA VAL UA 180 -33.34 -66.52 -47.11
C VAL UA 180 -34.51 -66.21 -46.20
N VAL UA 181 -35.32 -67.22 -45.87
CA VAL UA 181 -36.48 -67.01 -45.02
C VAL UA 181 -36.03 -66.54 -43.63
N ALA UA 182 -34.98 -67.14 -43.09
CA ALA UA 182 -34.48 -66.72 -41.79
C ALA UA 182 -33.98 -65.29 -41.82
N GLU UA 183 -33.30 -64.89 -42.90
CA GLU UA 183 -32.86 -63.50 -43.01
C GLU UA 183 -34.06 -62.55 -43.07
N ALA UA 184 -35.10 -62.93 -43.81
CA ALA UA 184 -36.30 -62.10 -43.89
C ALA UA 184 -36.93 -61.93 -42.51
N LEU UA 185 -37.06 -63.03 -41.77
CA LEU UA 185 -37.64 -62.96 -40.44
C LEU UA 185 -36.76 -62.15 -39.49
N ARG UA 186 -35.45 -62.19 -39.67
CA ARG UA 186 -34.57 -61.36 -38.86
C ARG UA 186 -34.79 -59.88 -39.13
N ARG UA 187 -34.95 -59.52 -40.41
CA ARG UA 187 -35.18 -58.11 -40.74
C ARG UA 187 -36.52 -57.61 -40.22
N ALA UA 188 -37.48 -58.50 -40.01
CA ALA UA 188 -38.78 -58.12 -39.48
C ALA UA 188 -38.80 -58.03 -37.97
N GLY UA 189 -37.67 -58.23 -37.30
CA GLY UA 189 -37.59 -58.10 -35.86
C GLY UA 189 -37.95 -59.34 -35.07
N VAL UA 190 -38.17 -60.47 -35.72
CA VAL UA 190 -38.50 -61.69 -34.98
C VAL UA 190 -37.30 -62.09 -34.12
N PRO UA 191 -37.48 -62.42 -32.84
CA PRO UA 191 -36.34 -62.77 -31.99
C PRO UA 191 -35.63 -64.02 -32.50
N GLU UA 192 -34.33 -64.08 -32.25
CA GLU UA 192 -33.50 -65.15 -32.79
C GLU UA 192 -33.97 -66.56 -32.38
N PRO UA 193 -34.30 -66.83 -31.11
CA PRO UA 193 -34.75 -68.20 -30.77
C PRO UA 193 -35.93 -68.68 -31.58
N GLU UA 194 -36.86 -67.81 -31.94
CA GLU UA 194 -37.96 -68.24 -32.78
C GLU UA 194 -37.49 -68.61 -34.19
N ILE UA 195 -36.49 -67.89 -34.71
CA ILE UA 195 -35.91 -68.26 -35.99
C ILE UA 195 -35.26 -69.64 -35.91
N ARG UA 196 -34.53 -69.90 -34.83
CA ARG UA 196 -33.92 -71.21 -34.66
C ARG UA 196 -34.98 -72.29 -34.55
N LYS UA 197 -36.08 -72.01 -33.86
CA LYS UA 197 -37.17 -72.98 -33.78
C LYS UA 197 -37.75 -73.25 -35.16
N VAL UA 198 -37.90 -72.21 -35.97
CA VAL UA 198 -38.42 -72.40 -37.33
C VAL UA 198 -37.50 -73.32 -38.12
N GLU UA 199 -36.20 -73.04 -38.10
CA GLU UA 199 -35.26 -73.86 -38.87
C GLU UA 199 -35.21 -75.29 -38.36
N ALA UA 200 -35.16 -75.48 -37.04
CA ALA UA 200 -35.10 -76.82 -36.48
C ALA UA 200 -36.35 -77.63 -36.82
N ALA UA 201 -37.51 -76.99 -36.78
CA ALA UA 201 -38.73 -77.66 -37.20
C ALA UA 201 -38.66 -78.05 -38.68
N ALA UA 202 -38.10 -77.17 -39.51
CA ALA UA 202 -37.96 -77.48 -40.93
C ALA UA 202 -37.05 -78.68 -41.14
N TYR UA 203 -35.94 -78.74 -40.41
CA TYR UA 203 -34.99 -79.85 -40.57
C TYR UA 203 -35.60 -81.16 -40.08
N ILE UA 204 -36.34 -81.13 -38.97
CA ILE UA 204 -36.97 -82.35 -38.48
C ILE UA 204 -38.03 -82.83 -39.45
N ARG UA 205 -38.79 -81.90 -40.06
CA ARG UA 205 -39.77 -82.29 -41.05
C ARG UA 205 -39.10 -82.91 -42.28
N LEU UA 206 -38.01 -82.30 -42.75
CA LEU UA 206 -37.30 -82.86 -43.91
C LEU UA 206 -36.73 -84.23 -43.59
N ALA UA 207 -36.15 -84.40 -42.40
CA ALA UA 207 -35.60 -85.69 -42.01
C ALA UA 207 -36.68 -86.75 -41.93
N ALA UA 208 -37.84 -86.42 -41.35
CA ALA UA 208 -38.95 -87.36 -41.31
C ALA UA 208 -39.42 -87.72 -42.70
N TYR UA 209 -39.50 -86.73 -43.59
CA TYR UA 209 -39.90 -86.98 -44.97
C TYR UA 209 -38.94 -87.93 -45.66
N LEU UA 210 -37.64 -87.74 -45.47
CA LEU UA 210 -36.66 -88.63 -46.07
C LEU UA 210 -36.76 -90.03 -45.50
N LEU UA 211 -36.95 -90.14 -44.17
CA LEU UA 211 -37.01 -91.45 -43.54
C LEU UA 211 -38.26 -92.23 -43.95
N ARG UA 212 -39.34 -91.52 -44.28
CA ARG UA 212 -40.58 -92.23 -44.59
C ARG UA 212 -40.49 -93.02 -45.89
N GLN UA 213 -39.76 -92.50 -46.89
CA GLN UA 213 -39.72 -93.16 -48.19
C GLN UA 213 -39.09 -94.55 -48.09
N LEU UA 214 -38.04 -94.69 -47.29
CA LEU UA 214 -37.33 -95.95 -47.16
C LEU UA 214 -38.05 -96.96 -46.28
N GLY UA 215 -39.15 -96.57 -45.65
CA GLY UA 215 -39.92 -97.52 -44.88
C GLY UA 215 -39.55 -97.56 -43.42
N TYR UA 216 -39.26 -96.40 -42.84
CA TYR UA 216 -39.04 -96.27 -41.40
C TYR UA 216 -40.16 -95.39 -40.88
N GLU UA 217 -41.31 -96.00 -40.62
CA GLU UA 217 -42.47 -95.25 -40.19
C GLU UA 217 -42.33 -94.80 -38.74
N ALA UA 218 -41.97 -95.73 -37.85
CA ALA UA 218 -41.90 -95.41 -36.43
C ALA UA 218 -40.91 -94.29 -36.16
N LEU UA 219 -39.77 -94.31 -36.86
CA LEU UA 219 -38.80 -93.23 -36.74
C LEU UA 219 -39.41 -91.89 -37.10
N ALA UA 220 -40.17 -91.85 -38.20
CA ALA UA 220 -40.79 -90.60 -38.61
C ALA UA 220 -41.83 -90.12 -37.59
N LYS UA 221 -42.64 -91.03 -37.06
CA LYS UA 221 -43.62 -90.63 -36.06
C LYS UA 221 -42.94 -90.05 -34.83
N ARG UA 222 -41.86 -90.68 -34.37
CA ARG UA 222 -41.18 -90.16 -33.18
C ARG UA 222 -40.54 -88.80 -33.46
N LEU UA 223 -39.98 -88.62 -34.65
CA LEU UA 223 -39.43 -87.31 -35.00
C LEU UA 223 -40.51 -86.25 -35.03
N LEU UA 224 -41.69 -86.60 -35.53
CA LEU UA 224 -42.76 -85.62 -35.59
C LEU UA 224 -43.35 -85.34 -34.21
N GLU UA 225 -43.37 -86.33 -33.32
CA GLU UA 225 -43.75 -86.08 -31.93
C GLU UA 225 -42.79 -85.11 -31.27
N ALA UA 226 -41.49 -85.30 -31.47
CA ALA UA 226 -40.52 -84.36 -30.94
C ALA UA 226 -40.72 -82.97 -31.52
N ARG UA 227 -41.04 -82.89 -32.82
CA ARG UA 227 -41.30 -81.59 -33.42
C ARG UA 227 -42.53 -80.92 -32.81
N GLU UA 228 -43.59 -81.70 -32.56
CA GLU UA 228 -44.78 -81.15 -31.92
C GLU UA 228 -44.46 -80.61 -30.54
N LEU UA 229 -43.68 -81.36 -29.76
CA LEU UA 229 -43.28 -80.84 -28.45
C LEU UA 229 -42.42 -79.60 -28.58
N LEU UA 230 -41.67 -79.47 -29.67
CA LEU UA 230 -40.83 -78.29 -29.84
C LEU UA 230 -41.65 -77.06 -30.17
N LEU UA 231 -42.61 -77.19 -31.09
CA LEU UA 231 -43.38 -76.02 -31.53
C LEU UA 231 -44.26 -75.46 -30.42
N GLU UA 232 -44.54 -76.25 -29.39
CA GLU UA 232 -45.36 -75.82 -28.26
C GLU UA 232 -44.57 -75.07 -27.20
N GLY UA 233 -43.26 -74.91 -27.37
CA GLY UA 233 -42.43 -74.26 -26.39
C GLY UA 233 -41.76 -75.19 -25.40
N ARG UA 234 -42.17 -76.46 -25.35
CA ARG UA 234 -41.52 -77.45 -24.50
C ARG UA 234 -40.21 -77.87 -25.17
N VAL UA 235 -39.17 -77.05 -24.96
CA VAL UA 235 -37.89 -77.32 -25.58
C VAL UA 235 -37.20 -78.52 -24.93
N GLU UA 236 -37.33 -78.66 -23.62
CA GLU UA 236 -36.55 -79.68 -22.89
C GLU UA 236 -37.03 -81.08 -23.23
N GLU UA 237 -38.33 -81.30 -23.21
CA GLU UA 237 -38.86 -82.61 -23.58
C GLU UA 237 -38.58 -82.91 -25.05
N ALA UA 238 -38.62 -81.89 -25.90
CA ALA UA 238 -38.28 -82.07 -27.31
C ALA UA 238 -36.84 -82.52 -27.46
N ALA UA 239 -35.92 -81.89 -26.74
CA ALA UA 239 -34.52 -82.29 -26.83
C ALA UA 239 -34.29 -83.69 -26.28
N HIS UA 240 -34.95 -84.05 -25.18
CA HIS UA 240 -34.79 -85.40 -24.63
C HIS UA 240 -35.30 -86.45 -25.61
N LEU UA 241 -36.49 -86.26 -26.16
CA LEU UA 241 -37.05 -87.25 -27.07
C LEU UA 241 -36.27 -87.30 -28.38
N LEU UA 242 -35.80 -86.14 -28.84
CA LEU UA 242 -34.97 -86.12 -30.04
C LEU UA 242 -33.67 -86.87 -29.84
N GLU UA 243 -33.02 -86.68 -28.70
CA GLU UA 243 -31.76 -87.39 -28.46
C GLU UA 243 -32.00 -88.89 -28.34
N ASP UA 244 -33.12 -89.31 -27.75
CA ASP UA 244 -33.39 -90.74 -27.67
C ASP UA 244 -33.59 -91.34 -29.05
N VAL UA 245 -34.42 -90.71 -29.88
CA VAL UA 245 -34.67 -91.28 -31.20
C VAL UA 245 -33.41 -91.21 -32.07
N TYR UA 246 -32.61 -90.16 -31.90
CA TYR UA 246 -31.35 -90.05 -32.63
C TYR UA 246 -30.39 -91.15 -32.22
N ALA UA 247 -30.31 -91.47 -30.93
CA ALA UA 247 -29.43 -92.55 -30.50
C ALA UA 247 -29.85 -93.88 -31.10
N LEU UA 248 -31.15 -94.17 -31.11
CA LEU UA 248 -31.59 -95.43 -31.73
C LEU UA 248 -31.29 -95.45 -33.22
N PHE UA 249 -31.55 -94.34 -33.91
CA PHE UA 249 -31.28 -94.25 -35.34
C PHE UA 249 -29.80 -94.40 -35.64
N HIS UA 250 -28.94 -93.80 -34.83
CA HIS UA 250 -27.52 -93.82 -35.12
C HIS UA 250 -26.93 -95.20 -34.85
N ARG UA 251 -27.45 -95.90 -33.84
CA ARG UA 251 -27.09 -97.30 -33.68
C ARG UA 251 -27.49 -98.10 -34.90
N GLU UA 252 -28.67 -97.82 -35.45
CA GLU UA 252 -29.09 -98.52 -36.67
C GLU UA 252 -28.16 -98.20 -37.83
N ILE UA 253 -27.70 -96.96 -37.93
CA ILE UA 253 -26.76 -96.58 -38.99
C ILE UA 253 -25.46 -97.36 -38.84
N GLU UA 254 -24.89 -97.36 -37.64
CA GLU UA 254 -23.63 -98.05 -37.39
C GLU UA 254 -23.77 -99.56 -37.53
N ARG UA 255 -24.99 -100.08 -37.47
CA ARG UA 255 -25.19 -101.50 -37.73
C ARG UA 255 -24.76 -101.87 -39.14
N LEU UA 256 -25.09 -101.03 -40.11
CA LEU UA 256 -24.83 -101.34 -41.52
C LEU UA 256 -23.38 -101.09 -41.93
N GLY UA 257 -22.54 -100.57 -41.04
CA GLY UA 257 -21.12 -100.47 -41.34
C GLY UA 257 -20.82 -99.46 -42.43
N PHE UA 258 -20.06 -99.90 -43.43
CA PHE UA 258 -19.70 -99.06 -44.58
C PHE UA 258 -20.64 -99.33 -45.76
N GLU UA 259 -21.93 -99.19 -45.50
CA GLU UA 259 -22.97 -99.33 -46.51
C GLU UA 259 -24.28 -98.83 -45.93
N ALA UA 260 -24.99 -98.00 -46.70
CA ALA UA 260 -26.30 -97.49 -46.31
C ALA UA 260 -26.89 -96.70 -47.47
N PRO UA 261 -28.21 -96.73 -47.66
CA PRO UA 261 -28.83 -95.89 -48.68
C PRO UA 261 -28.51 -94.42 -48.45
N GLU UA 262 -28.41 -93.67 -49.55
CA GLU UA 262 -27.93 -92.30 -49.45
C GLU UA 262 -28.86 -91.42 -48.62
N GLU UA 263 -30.15 -91.72 -48.63
CA GLU UA 263 -31.08 -90.91 -47.85
C GLU UA 263 -30.85 -91.06 -46.35
N LEU UA 264 -30.40 -92.25 -45.90
CA LEU UA 264 -29.98 -92.39 -44.51
C LEU UA 264 -28.81 -91.46 -44.21
N ARG UA 265 -27.84 -91.39 -45.11
CA ARG UA 265 -26.68 -90.56 -44.89
C ARG UA 265 -27.05 -89.08 -44.84
N VAL UA 266 -27.99 -88.66 -45.69
CA VAL UA 266 -28.42 -87.25 -45.66
C VAL UA 266 -29.23 -86.96 -44.41
N ALA UA 267 -30.14 -87.86 -44.05
CA ALA UA 267 -30.96 -87.67 -42.87
C ALA UA 267 -30.12 -87.57 -41.61
N ASP UA 268 -28.99 -88.28 -41.58
CA ASP UA 268 -28.12 -88.20 -40.42
C ASP UA 268 -27.61 -86.77 -40.22
N LEU UA 269 -27.17 -86.11 -41.29
CA LEU UA 269 -26.70 -84.75 -41.15
C LEU UA 269 -27.85 -83.79 -40.84
N LEU UA 270 -29.03 -84.05 -41.42
CA LEU UA 270 -30.20 -83.22 -41.11
C LEU UA 270 -30.53 -83.28 -39.63
N LEU UA 271 -30.54 -84.50 -39.07
CA LEU UA 271 -30.85 -84.68 -37.66
C LEU UA 271 -29.78 -84.06 -36.78
N ALA UA 272 -28.51 -84.18 -37.16
CA ALA UA 272 -27.45 -83.56 -36.37
C ALA UA 272 -27.62 -82.04 -36.32
N ARG UA 273 -27.93 -81.42 -37.45
CA ARG UA 273 -28.12 -79.97 -37.45
C ARG UA 273 -29.36 -79.57 -36.68
N ALA UA 274 -30.44 -80.35 -36.78
CA ALA UA 274 -31.64 -80.06 -36.02
C ALA UA 274 -31.36 -80.09 -34.53
N ILE UA 275 -30.62 -81.10 -34.07
CA ILE UA 275 -30.28 -81.21 -32.66
C ILE UA 275 -29.39 -80.04 -32.23
N ALA UA 276 -28.42 -79.67 -33.06
CA ALA UA 276 -27.57 -78.53 -32.72
C ALA UA 276 -28.39 -77.25 -32.59
N LEU UA 277 -29.32 -77.02 -33.51
CA LEU UA 277 -30.15 -75.83 -33.45
C LEU UA 277 -31.03 -75.81 -32.21
N ILE UA 278 -31.63 -76.95 -31.87
CA ILE UA 278 -32.47 -77.01 -30.67
C ILE UA 278 -31.63 -76.72 -29.42
N LYS UA 279 -30.42 -77.29 -29.35
CA LYS UA 279 -29.56 -77.03 -28.21
C LYS UA 279 -29.14 -75.57 -28.14
N ALA UA 280 -29.01 -74.91 -29.29
CA ALA UA 280 -28.57 -73.51 -29.30
C ALA UA 280 -29.69 -72.52 -29.02
N ILE UA 281 -30.94 -72.96 -28.96
CA ILE UA 281 -32.06 -72.08 -28.63
C ILE UA 281 -31.84 -71.45 -27.27
N THR VA 24 16.74 -96.20 -64.07
CA THR VA 24 15.66 -95.28 -64.42
C THR VA 24 15.34 -94.35 -63.26
N VAL VA 25 15.85 -94.70 -62.07
CA VAL VA 25 15.51 -93.94 -60.87
C VAL VA 25 16.03 -92.51 -60.97
N VAL VA 26 17.29 -92.34 -61.41
CA VAL VA 26 17.83 -91.00 -61.56
C VAL VA 26 17.11 -90.25 -62.67
N GLU VA 27 16.70 -90.97 -63.72
CA GLU VA 27 15.88 -90.34 -64.76
C GLU VA 27 14.54 -89.90 -64.19
N GLU VA 28 13.96 -90.71 -63.30
CA GLU VA 28 12.71 -90.31 -62.65
C GLU VA 28 12.89 -89.07 -61.80
N VAL VA 29 14.00 -88.98 -61.07
CA VAL VA 29 14.25 -87.80 -60.26
C VAL VA 29 14.45 -86.57 -61.13
N ARG VA 30 15.20 -86.70 -62.23
CA ARG VA 30 15.37 -85.59 -63.14
C ARG VA 30 14.03 -85.16 -63.73
N ARG VA 31 13.22 -86.12 -64.17
CA ARG VA 31 11.93 -85.79 -64.76
C ARG VA 31 11.02 -85.10 -63.75
N PHE VA 32 11.01 -85.58 -62.51
CA PHE VA 32 10.20 -84.98 -61.46
C PHE VA 32 10.63 -83.53 -61.23
N ALA VA 33 11.93 -83.29 -61.10
CA ALA VA 33 12.41 -81.93 -60.84
C ALA VA 33 12.10 -81.00 -62.02
N GLU VA 34 12.34 -81.47 -63.25
CA GLU VA 34 12.11 -80.62 -64.40
C GLU VA 34 10.63 -80.32 -64.58
N GLU VA 35 9.76 -81.32 -64.38
CA GLU VA 35 8.32 -81.07 -64.50
C GLU VA 35 7.85 -80.07 -63.45
N LEU VA 36 8.35 -80.19 -62.22
CA LEU VA 36 7.97 -79.23 -61.20
C LEU VA 36 8.45 -77.82 -61.56
N ALA VA 37 9.67 -77.70 -62.10
CA ALA VA 37 10.18 -76.40 -62.49
C ALA VA 37 9.38 -75.80 -63.64
N GLU VA 38 9.02 -76.62 -64.63
CA GLU VA 38 8.19 -76.12 -65.73
C GLU VA 38 6.84 -75.65 -65.23
N GLU VA 39 6.22 -76.41 -64.33
CA GLU VA 39 4.94 -75.97 -63.78
C GLU VA 39 5.08 -74.68 -62.99
N VAL VA 40 6.19 -74.53 -62.26
CA VAL VA 40 6.42 -73.31 -61.51
C VAL VA 40 6.48 -72.12 -62.46
N LEU VA 41 7.21 -72.28 -63.57
CA LEU VA 41 7.33 -71.21 -64.55
C LEU VA 41 6.01 -70.92 -65.24
N ARG VA 42 5.23 -71.95 -65.55
CA ARG VA 42 3.95 -71.74 -66.21
C ARG VA 42 2.98 -70.99 -65.30
N VAL VA 43 2.88 -71.40 -64.04
CA VAL VA 43 1.94 -70.75 -63.14
C VAL VA 43 2.40 -69.33 -62.82
N GLY VA 44 3.68 -69.15 -62.50
CA GLY VA 44 4.18 -67.86 -62.07
C GLY VA 44 4.88 -67.03 -63.11
N GLY VA 45 5.11 -67.57 -64.31
CA GLY VA 45 5.74 -66.79 -65.35
C GLY VA 45 7.21 -66.51 -65.06
N GLU VA 46 7.66 -65.37 -65.56
CA GLU VA 46 9.01 -64.90 -65.31
C GLU VA 46 9.11 -64.06 -64.05
N ALA VA 47 8.02 -63.93 -63.30
CA ALA VA 47 8.07 -63.17 -62.06
C ALA VA 47 9.06 -63.79 -61.08
N MET VA 48 9.04 -65.12 -60.96
CA MET VA 48 9.95 -65.85 -60.08
C MET VA 48 10.64 -66.94 -60.91
N ARG VA 49 11.72 -66.55 -61.57
CA ARG VA 49 12.68 -67.45 -62.20
C ARG VA 49 13.61 -68.10 -61.18
N PRO VA 50 13.95 -67.44 -60.06
CA PRO VA 50 14.79 -68.13 -59.05
C PRO VA 50 14.27 -69.49 -58.64
N TYR VA 51 12.96 -69.64 -58.41
CA TYR VA 51 12.44 -70.89 -57.88
C TYR VA 51 12.64 -72.04 -58.86
N ALA VA 52 12.56 -71.76 -60.16
CA ALA VA 52 12.85 -72.79 -61.14
C ALA VA 52 14.31 -73.24 -61.03
N GLU VA 53 15.22 -72.29 -60.80
CA GLU VA 53 16.63 -72.65 -60.63
C GLU VA 53 16.84 -73.47 -59.37
N MET VA 54 16.17 -73.10 -58.27
CA MET VA 54 16.28 -73.87 -57.04
C MET VA 54 15.79 -75.30 -57.25
N VAL VA 55 14.65 -75.45 -57.92
CA VAL VA 55 14.12 -76.79 -58.17
C VAL VA 55 15.09 -77.59 -59.03
N ARG VA 56 15.65 -76.96 -60.07
CA ARG VA 56 16.51 -77.69 -60.99
C ARG VA 56 17.84 -78.09 -60.33
N HIS VA 57 18.43 -77.20 -59.53
CA HIS VA 57 19.64 -77.58 -58.81
C HIS VA 57 19.38 -78.62 -57.72
N LEU VA 58 18.23 -78.56 -57.04
CA LEU VA 58 17.95 -79.61 -56.06
C LEU VA 58 17.73 -80.95 -56.75
N GLY VA 59 17.10 -80.95 -57.92
CA GLY VA 59 17.05 -82.17 -58.70
C GLY VA 59 18.43 -82.68 -59.08
N GLU VA 60 19.33 -81.76 -59.45
CA GLU VA 60 20.69 -82.16 -59.80
C GLU VA 60 21.45 -82.71 -58.61
N ALA VA 61 21.31 -82.08 -57.43
CA ALA VA 61 21.95 -82.59 -56.24
C ALA VA 61 21.44 -83.97 -55.88
N ALA VA 62 20.12 -84.18 -56.00
CA ALA VA 62 19.56 -85.50 -55.73
C ALA VA 62 20.12 -86.55 -56.68
N VAL VA 63 20.19 -86.24 -57.97
CA VAL VA 63 20.70 -87.28 -58.88
C VAL VA 63 22.19 -87.49 -58.71
N ALA VA 64 22.93 -86.44 -58.33
CA ALA VA 64 24.33 -86.61 -57.99
C ALA VA 64 24.48 -87.58 -56.82
N ALA VA 65 23.68 -87.39 -55.77
CA ALA VA 65 23.74 -88.29 -54.62
C ALA VA 65 23.38 -89.72 -55.01
N LEU VA 66 22.35 -89.89 -55.84
CA LEU VA 66 21.99 -91.23 -56.28
C LEU VA 66 23.03 -91.87 -57.19
N GLU VA 67 23.90 -91.08 -57.82
CA GLU VA 67 24.88 -91.64 -58.73
C GLU VA 67 26.31 -91.48 -58.22
N GLY VA 68 26.52 -91.81 -56.95
CA GLY VA 68 27.81 -91.61 -56.33
C GLY VA 68 27.87 -90.26 -55.65
N ARG VA 69 29.10 -89.77 -55.50
CA ARG VA 69 29.38 -88.40 -55.06
C ARG VA 69 28.91 -88.10 -53.64
N ALA VA 70 29.59 -87.17 -52.98
CA ALA VA 70 29.15 -86.59 -51.73
C ALA VA 70 29.44 -85.11 -51.61
N GLU VA 71 30.34 -84.57 -52.44
CA GLU VA 71 30.78 -83.18 -52.37
C GLU VA 71 29.99 -82.28 -53.30
N GLU VA 72 29.64 -82.78 -54.49
CA GLU VA 72 28.78 -82.03 -55.40
C GLU VA 72 27.43 -81.78 -54.78
N ALA VA 73 26.89 -82.77 -54.06
CA ALA VA 73 25.63 -82.58 -53.36
C ALA VA 73 25.74 -81.46 -52.33
N ASP VA 74 26.82 -81.46 -51.55
CA ASP VA 74 27.02 -80.40 -50.57
C ASP VA 74 27.11 -79.04 -51.24
N ARG VA 75 27.85 -78.95 -52.34
CA ARG VA 75 28.02 -77.66 -53.00
C ARG VA 75 26.70 -77.16 -53.57
N LEU VA 76 25.96 -78.03 -54.25
CA LEU VA 76 24.69 -77.61 -54.84
C LEU VA 76 23.70 -77.19 -53.77
N VAL VA 77 23.64 -77.94 -52.66
CA VAL VA 77 22.72 -77.57 -51.58
C VAL VA 77 23.11 -76.23 -50.98
N ARG VA 78 24.41 -75.97 -50.86
CA ARG VA 78 24.85 -74.67 -50.37
C ARG VA 78 24.48 -73.54 -51.33
N ASP VA 79 24.59 -73.81 -52.63
CA ASP VA 79 24.19 -72.82 -53.64
C ASP VA 79 22.70 -72.49 -53.52
N VAL VA 80 21.86 -73.53 -53.44
CA VAL VA 80 20.43 -73.29 -53.29
C VAL VA 80 20.13 -72.60 -51.97
N LEU VA 81 20.90 -72.91 -50.93
CA LEU VA 81 20.72 -72.21 -49.66
C LEU VA 81 21.01 -70.72 -49.81
N GLU VA 82 22.05 -70.39 -50.58
CA GLU VA 82 22.36 -68.98 -50.84
C GLU VA 82 21.23 -68.30 -51.62
N MET VA 83 20.68 -68.99 -52.62
CA MET VA 83 19.55 -68.43 -53.36
C MET VA 83 18.37 -68.18 -52.44
N ALA VA 84 18.07 -69.14 -51.56
CA ALA VA 84 16.98 -68.94 -50.62
C ALA VA 84 17.26 -67.76 -49.70
N ARG VA 85 18.53 -67.58 -49.30
CA ARG VA 85 18.88 -66.44 -48.47
C ARG VA 85 18.58 -65.13 -49.20
N GLU VA 86 18.98 -65.02 -50.47
CA GLU VA 86 18.84 -63.73 -51.14
C GLU VA 86 17.38 -63.45 -51.52
N VAL VA 87 16.64 -64.47 -51.96
CA VAL VA 87 15.26 -64.26 -52.38
C VAL VA 87 14.41 -63.80 -51.21
N GLY VA 88 14.56 -64.44 -50.06
CA GLY VA 88 13.74 -64.16 -48.90
C GLY VA 88 12.99 -65.34 -48.34
N ALA VA 89 13.13 -66.53 -48.94
CA ALA VA 89 12.46 -67.72 -48.43
C ALA VA 89 13.13 -68.14 -47.14
N GLU VA 90 12.41 -68.05 -46.02
CA GLU VA 90 12.97 -68.37 -44.72
C GLU VA 90 12.83 -69.86 -44.40
N GLY VA 91 11.60 -70.37 -44.42
CA GLY VA 91 11.39 -71.77 -44.13
C GLY VA 91 12.14 -72.68 -45.08
N LEU VA 92 12.18 -72.31 -46.36
CA LEU VA 92 12.95 -73.08 -47.32
C LEU VA 92 14.43 -73.06 -46.99
N ALA VA 93 14.95 -71.91 -46.54
CA ALA VA 93 16.35 -71.83 -46.17
C ALA VA 93 16.67 -72.72 -44.97
N ARG VA 94 15.82 -72.69 -43.94
CA ARG VA 94 16.04 -73.56 -42.79
C ARG VA 94 16.01 -75.01 -43.20
N LEU VA 95 15.02 -75.40 -44.01
CA LEU VA 95 14.95 -76.78 -44.46
C LEU VA 95 16.20 -77.14 -45.25
N LEU VA 96 16.73 -76.21 -46.04
CA LEU VA 96 17.91 -76.51 -46.83
C LEU VA 96 19.14 -76.71 -45.97
N GLU VA 97 19.30 -75.92 -44.91
CA GLU VA 97 20.40 -76.18 -43.97
C GLU VA 97 20.26 -77.58 -43.35
N ARG VA 98 19.05 -77.93 -42.94
CA ARG VA 98 18.84 -79.26 -42.35
C ARG VA 98 19.16 -80.36 -43.35
N VAL VA 99 18.74 -80.20 -44.62
CA VAL VA 99 19.11 -81.16 -45.64
C VAL VA 99 20.62 -81.25 -45.78
N HIS VA 100 21.30 -80.11 -45.71
CA HIS VA 100 22.76 -80.12 -45.84
C HIS VA 100 23.40 -81.00 -44.77
N ARG VA 101 23.06 -80.75 -43.51
CA ARG VA 101 23.67 -81.50 -42.41
C ARG VA 101 23.34 -82.98 -42.48
N GLU VA 102 22.05 -83.31 -42.60
CA GLU VA 102 21.66 -84.71 -42.62
C GLU VA 102 22.19 -85.43 -43.86
N ALA VA 103 22.27 -84.75 -45.00
CA ALA VA 103 22.86 -85.38 -46.17
C ALA VA 103 24.32 -85.70 -45.93
N ARG VA 104 25.05 -84.80 -45.29
CA ARG VA 104 26.44 -85.09 -44.95
C ARG VA 104 26.54 -86.32 -44.05
N GLU VA 105 25.71 -86.38 -43.00
CA GLU VA 105 25.78 -87.51 -42.07
C GLU VA 105 25.48 -88.83 -42.77
N LEU VA 106 24.39 -88.89 -43.54
CA LEU VA 106 24.03 -90.15 -44.17
C LEU VA 106 25.00 -90.53 -45.27
N LEU VA 107 25.58 -89.55 -45.97
CA LEU VA 107 26.57 -89.89 -46.98
C LEU VA 107 27.85 -90.40 -46.33
N ARG VA 108 28.20 -89.90 -45.15
CA ARG VA 108 29.30 -90.48 -44.41
C ARG VA 108 28.98 -91.91 -44.00
N GLU VA 109 27.74 -92.16 -43.56
CA GLU VA 109 27.33 -93.51 -43.19
C GLU VA 109 27.15 -94.43 -44.39
N GLY VA 110 27.20 -93.91 -45.61
CA GLY VA 110 27.11 -94.74 -46.78
C GLY VA 110 25.72 -94.97 -47.32
N ARG VA 111 24.68 -94.49 -46.65
CA ARG VA 111 23.31 -94.62 -47.13
C ARG VA 111 23.03 -93.48 -48.11
N ARG VA 112 22.55 -93.83 -49.29
CA ARG VA 112 22.36 -92.85 -50.36
C ARG VA 112 20.89 -92.50 -50.61
N GLU VA 113 19.99 -93.46 -50.47
CA GLU VA 113 18.59 -93.21 -50.82
C GLU VA 113 17.97 -92.14 -49.95
N GLU VA 114 18.26 -92.16 -48.65
CA GLU VA 114 17.63 -91.20 -47.75
C GLU VA 114 18.13 -89.77 -47.95
N ALA VA 115 19.40 -89.60 -48.33
CA ALA VA 115 19.89 -88.26 -48.63
C ALA VA 115 19.20 -87.69 -49.87
N ALA VA 116 19.09 -88.50 -50.92
CA ALA VA 116 18.32 -88.09 -52.09
C ALA VA 116 16.86 -87.85 -51.72
N ALA VA 117 16.33 -88.59 -50.75
CA ALA VA 117 14.96 -88.38 -50.31
C ALA VA 117 14.80 -87.01 -49.67
N LEU VA 118 15.73 -86.63 -48.81
CA LEU VA 118 15.67 -85.28 -48.23
C LEU VA 118 15.78 -84.22 -49.30
N VAL VA 119 16.67 -84.42 -50.28
CA VAL VA 119 16.84 -83.44 -51.34
C VAL VA 119 15.58 -83.32 -52.18
N LEU VA 120 14.95 -84.45 -52.51
CA LEU VA 120 13.72 -84.42 -53.30
C LEU VA 120 12.60 -83.73 -52.54
N ALA VA 121 12.49 -83.99 -51.24
CA ALA VA 121 11.50 -83.28 -50.45
C ALA VA 121 11.77 -81.78 -50.44
N ALA VA 122 13.06 -81.40 -50.43
CA ALA VA 122 13.40 -79.98 -50.49
C ALA VA 122 12.98 -79.36 -51.83
N ALA VA 123 13.21 -80.08 -52.93
CA ALA VA 123 12.79 -79.59 -54.24
C ALA VA 123 11.28 -79.43 -54.30
N LEU VA 124 10.55 -80.40 -53.76
CA LEU VA 124 9.09 -80.30 -53.74
C LEU VA 124 8.64 -79.12 -52.89
N ALA VA 125 9.32 -78.87 -51.78
CA ALA VA 125 8.96 -77.71 -50.97
C ALA VA 125 9.17 -76.42 -51.75
N ALA VA 126 10.27 -76.32 -52.51
CA ALA VA 126 10.53 -75.12 -53.30
C ALA VA 126 9.48 -74.93 -54.40
N GLY VA 127 9.19 -75.99 -55.15
CA GLY VA 127 8.17 -75.88 -56.18
C GLY VA 127 6.81 -75.52 -55.61
N ALA VA 128 6.43 -76.15 -54.50
CA ALA VA 128 5.12 -75.91 -53.93
C ALA VA 128 5.02 -74.50 -53.36
N VAL VA 129 6.09 -73.98 -52.73
CA VAL VA 129 6.03 -72.61 -52.24
C VAL VA 129 5.92 -71.63 -53.40
N ALA VA 130 6.63 -71.89 -54.50
CA ALA VA 130 6.50 -71.01 -55.65
C ALA VA 130 5.07 -70.99 -56.17
N VAL VA 131 4.50 -72.17 -56.42
CA VAL VA 131 3.16 -72.23 -57.01
C VAL VA 131 2.12 -71.68 -56.04
N ALA VA 132 2.28 -71.93 -54.74
CA ALA VA 132 1.32 -71.44 -53.77
C ALA VA 132 1.35 -69.92 -53.68
N GLU VA 133 2.54 -69.33 -53.70
CA GLU VA 133 2.61 -67.87 -53.69
C GLU VA 133 2.03 -67.29 -54.97
N ALA VA 134 2.21 -67.98 -56.09
CA ALA VA 134 1.56 -67.54 -57.33
C ALA VA 134 0.04 -67.55 -57.17
N TYR VA 135 -0.52 -68.66 -56.70
CA TYR VA 135 -1.97 -68.78 -56.56
C TYR VA 135 -2.52 -67.73 -55.61
N VAL VA 136 -1.81 -67.47 -54.51
CA VAL VA 136 -2.28 -66.46 -53.56
C VAL VA 136 -2.18 -65.06 -54.17
N ARG VA 137 -1.16 -64.81 -54.99
CA ARG VA 137 -1.00 -63.48 -55.58
C ARG VA 137 -2.16 -63.12 -56.49
N LEU VA 138 -2.57 -64.05 -57.36
CA LEU VA 138 -3.65 -63.79 -58.30
C LEU VA 138 -5.01 -64.23 -57.78
N GLY VA 139 -5.14 -64.45 -56.48
CA GLY VA 139 -6.43 -64.61 -55.83
C GLY VA 139 -7.28 -65.80 -56.23
N GLN VA 140 -6.69 -66.98 -56.38
CA GLN VA 140 -7.46 -68.17 -56.67
C GLN VA 140 -7.97 -68.80 -55.36
N PRO VA 141 -9.06 -69.55 -55.42
CA PRO VA 141 -9.65 -70.10 -54.18
C PRO VA 141 -8.74 -71.14 -53.53
N ILE VA 142 -8.96 -71.32 -52.23
CA ILE VA 142 -8.12 -72.20 -51.41
C ILE VA 142 -8.29 -73.67 -51.78
N ARG VA 143 -9.44 -74.06 -52.33
CA ARG VA 143 -9.59 -75.44 -52.77
C ARG VA 143 -8.49 -75.84 -53.74
N LEU VA 144 -8.10 -74.93 -54.63
CA LEU VA 144 -7.07 -75.26 -55.62
C LEU VA 144 -5.72 -75.49 -54.97
N ILE VA 145 -5.34 -74.63 -54.03
CA ILE VA 145 -4.08 -74.82 -53.32
C ILE VA 145 -4.10 -76.15 -52.57
N ALA VA 146 -5.19 -76.44 -51.86
CA ALA VA 146 -5.26 -77.65 -51.06
C ALA VA 146 -5.18 -78.90 -51.93
N GLU VA 147 -5.93 -78.93 -53.03
CA GLU VA 147 -5.90 -80.08 -53.91
C GLU VA 147 -4.54 -80.25 -54.57
N TYR VA 148 -3.93 -79.12 -54.97
CA TYR VA 148 -2.60 -79.18 -55.58
C TYR VA 148 -1.59 -79.80 -54.63
N VAL VA 149 -1.50 -79.28 -53.41
CA VAL VA 149 -0.50 -79.77 -52.47
C VAL VA 149 -0.77 -81.22 -52.11
N ALA VA 150 -2.04 -81.59 -51.89
CA ALA VA 150 -2.33 -82.97 -51.53
C ALA VA 150 -1.91 -83.93 -52.63
N GLU VA 151 -2.19 -83.59 -53.89
CA GLU VA 151 -1.81 -84.48 -54.98
C GLU VA 151 -0.30 -84.56 -55.13
N ARG VA 152 0.39 -83.44 -54.94
CA ARG VA 152 1.85 -83.46 -55.02
C ARG VA 152 2.45 -84.33 -53.93
N LEU VA 153 1.92 -84.24 -52.71
CA LEU VA 153 2.41 -85.09 -51.63
C LEU VA 153 2.19 -86.55 -51.93
N VAL VA 154 1.04 -86.90 -52.51
CA VAL VA 154 0.80 -88.30 -52.84
C VAL VA 154 1.79 -88.77 -53.91
N GLU VA 155 2.05 -87.94 -54.92
CA GLU VA 155 3.01 -88.32 -55.96
C GLU VA 155 4.41 -88.52 -55.39
N LEU VA 156 4.84 -87.62 -54.50
CA LEU VA 156 6.14 -87.77 -53.86
C LEU VA 156 6.19 -89.03 -53.02
N ALA VA 157 5.11 -89.34 -52.30
CA ALA VA 157 5.08 -90.56 -51.51
C ALA VA 157 5.22 -91.79 -52.39
N GLU VA 158 4.58 -91.77 -53.55
CA GLU VA 158 4.74 -92.89 -54.47
C GLU VA 158 6.18 -93.01 -54.94
N LEU VA 159 6.82 -91.88 -55.25
CA LEU VA 159 8.22 -91.91 -55.69
C LEU VA 159 9.13 -92.46 -54.60
N LEU VA 160 8.97 -91.96 -53.38
CA LEU VA 160 9.82 -92.41 -52.27
C LEU VA 160 9.58 -93.88 -51.95
N ARG VA 161 8.36 -94.36 -52.14
CA ARG VA 161 8.11 -95.79 -52.02
C ARG VA 161 8.85 -96.56 -53.11
N ARG VA 162 8.93 -95.99 -54.31
CA ARG VA 162 9.67 -96.65 -55.39
C ARG VA 162 11.16 -96.73 -55.06
N LEU VA 163 11.73 -95.66 -54.51
CA LEU VA 163 13.16 -95.67 -54.19
C LEU VA 163 13.50 -96.73 -53.15
N GLY VA 164 12.79 -96.72 -52.02
CA GLY VA 164 13.04 -97.70 -50.98
C GLY VA 164 13.10 -97.14 -49.57
N VAL VA 165 12.82 -95.85 -49.41
CA VAL VA 165 12.81 -95.24 -48.08
C VAL VA 165 11.72 -95.89 -47.24
N PRO VA 166 11.95 -96.13 -45.94
CA PRO VA 166 10.89 -96.68 -45.09
C PRO VA 166 9.75 -95.70 -44.88
N LEU VA 167 8.58 -96.27 -44.58
CA LEU VA 167 7.33 -95.51 -44.63
C LEU VA 167 7.30 -94.38 -43.62
N ARG VA 168 7.77 -94.63 -42.40
CA ARG VA 168 7.70 -93.59 -41.38
C ARG VA 168 8.56 -92.39 -41.73
N ARG VA 169 9.73 -92.64 -42.33
CA ARG VA 169 10.53 -91.53 -42.85
C ARG VA 169 9.79 -90.78 -43.95
N ILE VA 170 9.06 -91.51 -44.80
CA ILE VA 170 8.26 -90.86 -45.84
C ILE VA 170 7.29 -89.88 -45.19
N ILE VA 171 6.57 -90.34 -44.17
CA ILE VA 171 5.56 -89.48 -43.55
C ILE VA 171 6.21 -88.29 -42.87
N ARG VA 172 7.38 -88.49 -42.26
CA ARG VA 172 8.08 -87.38 -41.63
C ARG VA 172 8.50 -86.32 -42.66
N LEU VA 173 9.01 -86.77 -43.81
CA LEU VA 173 9.37 -85.82 -44.87
C LEU VA 173 8.15 -85.07 -45.38
N LEU VA 174 7.03 -85.78 -45.57
CA LEU VA 174 5.82 -85.14 -46.07
C LEU VA 174 5.32 -84.09 -45.09
N GLU VA 175 5.40 -84.38 -43.79
CA GLU VA 175 5.01 -83.38 -42.80
C GLU VA 175 5.95 -82.18 -42.80
N GLU VA 176 7.25 -82.39 -43.04
CA GLU VA 176 8.15 -81.26 -43.15
C GLU VA 176 7.78 -80.37 -44.35
N VAL VA 177 7.46 -81.00 -45.48
CA VAL VA 177 7.05 -80.24 -46.66
C VAL VA 177 5.79 -79.44 -46.36
N LEU VA 178 4.83 -80.08 -45.70
CA LEU VA 178 3.60 -79.38 -45.35
C LEU VA 178 3.87 -78.21 -44.42
N ARG VA 179 4.81 -78.37 -43.50
CA ARG VA 179 5.13 -77.28 -42.59
C ARG VA 179 5.71 -76.09 -43.34
N VAL VA 180 6.60 -76.36 -44.30
CA VAL VA 180 7.17 -75.28 -45.11
C VAL VA 180 6.07 -74.57 -45.90
N VAL VA 181 5.18 -75.34 -46.52
CA VAL VA 181 4.11 -74.75 -47.31
C VAL VA 181 3.21 -73.89 -46.44
N ALA VA 182 2.88 -74.38 -45.24
CA ALA VA 182 2.03 -73.59 -44.34
C ALA VA 182 2.73 -72.31 -43.90
N GLU VA 183 4.04 -72.37 -43.63
CA GLU VA 183 4.76 -71.14 -43.28
C GLU VA 183 4.73 -70.16 -44.44
N ALA VA 184 4.92 -70.65 -45.66
CA ALA VA 184 4.86 -69.78 -46.83
C ALA VA 184 3.51 -69.10 -46.94
N LEU VA 185 2.43 -69.88 -46.84
CA LEU VA 185 1.09 -69.31 -46.95
C LEU VA 185 0.83 -68.33 -45.82
N ARG VA 186 1.43 -68.54 -44.66
CA ARG VA 186 1.32 -67.55 -43.59
C ARG VA 186 2.00 -66.25 -43.96
N ARG VA 187 3.19 -66.34 -44.58
CA ARG VA 187 3.90 -65.12 -44.96
C ARG VA 187 3.16 -64.34 -46.04
N ALA VA 188 2.36 -65.02 -46.87
CA ALA VA 188 1.60 -64.36 -47.92
C ALA VA 188 0.29 -63.77 -47.43
N GLY VA 189 0.01 -63.84 -46.14
CA GLY VA 189 -1.18 -63.22 -45.59
C GLY VA 189 -2.43 -64.08 -45.60
N VAL VA 190 -2.33 -65.35 -45.98
CA VAL VA 190 -3.52 -66.21 -45.98
C VAL VA 190 -4.00 -66.40 -44.55
N PRO VA 191 -5.29 -66.26 -44.26
CA PRO VA 191 -5.76 -66.40 -42.88
C PRO VA 191 -5.54 -67.81 -42.35
N GLU VA 192 -5.34 -67.89 -41.03
CA GLU VA 192 -4.96 -69.16 -40.41
C GLU VA 192 -5.95 -70.29 -40.64
N PRO VA 193 -7.27 -70.10 -40.49
CA PRO VA 193 -8.18 -71.23 -40.72
C PRO VA 193 -8.05 -71.87 -42.09
N GLU VA 194 -7.75 -71.08 -43.13
CA GLU VA 194 -7.54 -71.67 -44.43
C GLU VA 194 -6.27 -72.51 -44.47
N ILE VA 195 -5.23 -72.10 -43.74
CA ILE VA 195 -4.02 -72.92 -43.65
C ILE VA 195 -4.32 -74.24 -42.96
N ARG VA 196 -5.11 -74.19 -41.88
CA ARG VA 196 -5.50 -75.43 -41.21
C ARG VA 196 -6.32 -76.32 -42.13
N LYS VA 197 -7.19 -75.72 -42.93
CA LYS VA 197 -7.96 -76.49 -43.90
C LYS VA 197 -7.05 -77.16 -44.92
N VAL VA 198 -6.03 -76.45 -45.38
CA VAL VA 198 -5.07 -77.03 -46.32
C VAL VA 198 -4.40 -78.24 -45.70
N GLU VA 199 -3.87 -78.08 -44.48
CA GLU VA 199 -3.15 -79.18 -43.85
C GLU VA 199 -4.06 -80.37 -43.59
N ALA VA 200 -5.28 -80.12 -43.09
CA ALA VA 200 -6.21 -81.20 -42.82
C ALA VA 200 -6.59 -81.95 -44.08
N ALA VA 201 -6.78 -81.22 -45.19
CA ALA VA 201 -7.05 -81.89 -46.45
C ALA VA 201 -5.88 -82.77 -46.86
N ALA VA 202 -4.65 -82.27 -46.67
CA ALA VA 202 -3.48 -83.07 -47.00
C ALA VA 202 -3.42 -84.34 -46.17
N TYR VA 203 -3.71 -84.24 -44.86
CA TYR VA 203 -3.67 -85.41 -43.98
C TYR VA 203 -4.75 -86.42 -44.35
N ILE VA 204 -5.96 -85.96 -44.68
CA ILE VA 204 -7.02 -86.89 -45.05
C ILE VA 204 -6.69 -87.57 -46.37
N ARG VA 205 -6.10 -86.84 -47.31
CA ARG VA 205 -5.70 -87.47 -48.57
C ARG VA 205 -4.61 -88.51 -48.35
N LEU VA 206 -3.63 -88.20 -47.50
CA LEU VA 206 -2.56 -89.15 -47.19
C LEU VA 206 -3.11 -90.38 -46.51
N ALA VA 207 -4.02 -90.20 -45.55
CA ALA VA 207 -4.63 -91.33 -44.86
C ALA VA 207 -5.41 -92.21 -45.83
N ALA VA 208 -6.18 -91.60 -46.73
CA ALA VA 208 -6.92 -92.37 -47.73
C ALA VA 208 -5.97 -93.14 -48.63
N TYR VA 209 -4.88 -92.50 -49.05
CA TYR VA 209 -3.92 -93.17 -49.93
C TYR VA 209 -3.27 -94.36 -49.23
N LEU VA 210 -2.92 -94.22 -47.95
CA LEU VA 210 -2.37 -95.36 -47.21
C LEU VA 210 -3.40 -96.46 -47.04
N LEU VA 211 -4.65 -96.11 -46.74
CA LEU VA 211 -5.68 -97.12 -46.50
C LEU VA 211 -6.03 -97.88 -47.77
N ARG VA 212 -5.90 -97.25 -48.94
CA ARG VA 212 -6.34 -97.92 -50.15
C ARG VA 212 -5.43 -99.09 -50.53
N GLN VA 213 -4.14 -99.01 -50.21
CA GLN VA 213 -3.21 -100.07 -50.60
C GLN VA 213 -3.56 -101.40 -49.94
N LEU VA 214 -3.96 -101.36 -48.67
CA LEU VA 214 -4.26 -102.57 -47.91
C LEU VA 214 -5.62 -103.16 -48.26
N GLY VA 215 -6.42 -102.49 -49.05
CA GLY VA 215 -7.68 -103.04 -49.47
C GLY VA 215 -8.85 -102.63 -48.59
N TYR VA 216 -8.87 -101.37 -48.18
CA TYR VA 216 -10.01 -100.79 -47.49
C TYR VA 216 -10.55 -99.68 -48.37
N GLU VA 217 -11.37 -100.07 -49.35
CA GLU VA 217 -11.85 -99.11 -50.33
C GLU VA 217 -12.93 -98.21 -49.74
N ALA VA 218 -13.92 -98.81 -49.08
CA ALA VA 218 -15.05 -98.04 -48.55
C ALA VA 218 -14.57 -96.98 -47.56
N LEU VA 219 -13.60 -97.34 -46.72
CA LEU VA 219 -13.00 -96.38 -45.81
C LEU VA 219 -12.41 -95.19 -46.55
N ALA VA 220 -11.69 -95.46 -47.64
CA ALA VA 220 -11.10 -94.37 -48.42
C ALA VA 220 -12.17 -93.49 -49.04
N LYS VA 221 -13.25 -94.08 -49.56
CA LYS VA 221 -14.32 -93.27 -50.13
C LYS VA 221 -14.96 -92.38 -49.06
N ARG VA 222 -15.20 -92.92 -47.87
CA ARG VA 222 -15.81 -92.08 -46.83
C ARG VA 222 -14.88 -90.96 -46.40
N LEU VA 223 -13.57 -91.25 -46.31
CA LEU VA 223 -12.63 -90.19 -45.94
C LEU VA 223 -12.58 -89.10 -46.99
N LEU VA 224 -12.63 -89.49 -48.27
CA LEU VA 224 -12.58 -88.47 -49.31
C LEU VA 224 -13.89 -87.70 -49.42
N GLU VA 225 -15.03 -88.33 -49.09
CA GLU VA 225 -16.28 -87.59 -48.98
C GLU VA 225 -16.19 -86.54 -47.88
N ALA VA 226 -15.64 -86.91 -46.73
CA ALA VA 226 -15.45 -85.93 -45.66
C ALA VA 226 -14.52 -84.81 -46.11
N ARG VA 227 -13.48 -85.15 -46.87
CA ARG VA 227 -12.59 -84.11 -47.39
C ARG VA 227 -13.32 -83.16 -48.33
N GLU VA 228 -14.16 -83.69 -49.21
CA GLU VA 228 -14.93 -82.84 -50.12
C GLU VA 228 -15.85 -81.92 -49.34
N LEU VA 229 -16.55 -82.44 -48.33
CA LEU VA 229 -17.39 -81.57 -47.52
C LEU VA 229 -16.55 -80.52 -46.79
N LEU VA 230 -15.30 -80.84 -46.46
CA LEU VA 230 -14.47 -79.86 -45.78
C LEU VA 230 -14.05 -78.73 -46.71
N LEU VA 231 -13.62 -79.08 -47.93
CA LEU VA 231 -13.11 -78.07 -48.86
C LEU VA 231 -14.20 -77.11 -49.32
N GLU VA 232 -15.47 -77.49 -49.20
CA GLU VA 232 -16.59 -76.67 -49.62
C GLU VA 232 -17.02 -75.66 -48.56
N GLY VA 233 -16.37 -75.66 -47.40
CA GLY VA 233 -16.74 -74.78 -46.32
C GLY VA 233 -17.69 -75.37 -45.31
N ARG VA 234 -18.32 -76.51 -45.62
CA ARG VA 234 -19.16 -77.21 -44.67
C ARG VA 234 -18.27 -77.95 -43.67
N VAL VA 235 -17.82 -77.20 -42.66
CA VAL VA 235 -16.91 -77.77 -41.68
C VAL VA 235 -17.63 -78.76 -40.79
N GLU VA 236 -18.87 -78.46 -40.40
CA GLU VA 236 -19.56 -79.26 -39.39
C GLU VA 236 -19.93 -80.63 -39.91
N GLU VA 237 -20.46 -80.71 -41.13
CA GLU VA 237 -20.75 -82.01 -41.71
C GLU VA 237 -19.47 -82.80 -41.95
N ALA VA 238 -18.38 -82.11 -42.31
CA ALA VA 238 -17.09 -82.78 -42.44
C ALA VA 238 -16.64 -83.40 -41.14
N ALA VA 239 -16.76 -82.65 -40.04
CA ALA VA 239 -16.37 -83.17 -38.74
C ALA VA 239 -17.24 -84.33 -38.31
N HIS VA 240 -18.55 -84.26 -38.56
CA HIS VA 240 -19.43 -85.35 -38.17
C HIS VA 240 -19.13 -86.62 -38.96
N LEU VA 241 -19.01 -86.51 -40.27
CA LEU VA 241 -18.73 -87.69 -41.07
C LEU VA 241 -17.34 -88.25 -40.78
N LEU VA 242 -16.37 -87.36 -40.52
CA LEU VA 242 -15.03 -87.80 -40.15
C LEU VA 242 -15.04 -88.56 -38.84
N GLU VA 243 -15.76 -88.06 -37.84
CA GLU VA 243 -15.78 -88.77 -36.56
C GLU VA 243 -16.50 -90.10 -36.67
N ASP VA 244 -17.54 -90.19 -37.50
CA ASP VA 244 -18.19 -91.49 -37.70
C ASP VA 244 -17.23 -92.50 -38.32
N VAL VA 245 -16.55 -92.11 -39.41
CA VAL VA 245 -15.67 -93.05 -40.08
C VAL VA 245 -14.48 -93.40 -39.19
N TYR VA 246 -13.99 -92.42 -38.42
CA TYR VA 246 -12.90 -92.69 -37.49
C TYR VA 246 -13.33 -93.66 -36.40
N ALA VA 247 -14.56 -93.52 -35.90
CA ALA VA 247 -15.03 -94.45 -34.87
C ALA VA 247 -15.07 -95.88 -35.41
N LEU VA 248 -15.60 -96.06 -36.62
CA LEU VA 248 -15.64 -97.41 -37.18
C LEU VA 248 -14.23 -97.95 -37.40
N PHE VA 249 -13.33 -97.11 -37.93
CA PHE VA 249 -11.95 -97.53 -38.15
C PHE VA 249 -11.26 -97.90 -36.85
N HIS VA 250 -11.47 -97.12 -35.79
CA HIS VA 250 -10.79 -97.39 -34.54
C HIS VA 250 -11.31 -98.66 -33.89
N ARG VA 251 -12.61 -98.93 -34.01
CA ARG VA 251 -13.12 -100.22 -33.57
C ARG VA 251 -12.45 -101.36 -34.32
N GLU VA 252 -12.25 -101.18 -35.63
CA GLU VA 252 -11.56 -102.20 -36.41
C GLU VA 252 -10.12 -102.37 -35.94
N ILE VA 253 -9.46 -101.27 -35.58
CA ILE VA 253 -8.08 -101.33 -35.09
C ILE VA 253 -8.02 -102.12 -33.78
N GLU VA 254 -8.89 -101.77 -32.83
CA GLU VA 254 -8.93 -102.46 -31.55
C GLU VA 254 -9.37 -103.92 -31.69
N ARG VA 255 -10.02 -104.26 -32.79
CA ARG VA 255 -10.35 -105.67 -33.03
C ARG VA 255 -9.10 -106.51 -33.13
N LEU VA 256 -8.08 -106.01 -33.81
CA LEU VA 256 -6.86 -106.78 -34.05
C LEU VA 256 -5.92 -106.83 -32.85
N GLY VA 257 -6.23 -106.12 -31.77
CA GLY VA 257 -5.46 -106.26 -30.55
C GLY VA 257 -4.05 -105.73 -30.70
N PHE VA 258 -3.08 -106.55 -30.28
CA PHE VA 258 -1.66 -106.20 -30.37
C PHE VA 258 -1.04 -106.76 -31.64
N GLU VA 259 -1.66 -106.41 -32.76
CA GLU VA 259 -1.17 -106.77 -34.09
C GLU VA 259 -1.95 -105.97 -35.11
N ALA VA 260 -1.23 -105.34 -36.05
CA ALA VA 260 -1.83 -104.60 -37.15
C ALA VA 260 -0.74 -104.14 -38.11
N PRO VA 261 -0.99 -104.16 -39.42
CA PRO VA 261 0.02 -103.66 -40.36
C PRO VA 261 0.38 -102.22 -40.05
N GLU VA 262 1.64 -101.88 -40.31
CA GLU VA 262 2.17 -100.59 -39.87
C GLU VA 262 1.44 -99.43 -40.51
N GLU VA 263 0.89 -99.63 -41.72
CA GLU VA 263 0.16 -98.53 -42.35
C GLU VA 263 -1.12 -98.21 -41.62
N LEU VA 264 -1.78 -99.19 -41.00
CA LEU VA 264 -2.90 -98.88 -40.12
C LEU VA 264 -2.44 -98.00 -38.96
N ARG VA 265 -1.30 -98.33 -38.37
CA ARG VA 265 -0.80 -97.56 -37.24
C ARG VA 265 -0.47 -96.13 -37.63
N VAL VA 266 0.10 -95.94 -38.81
CA VAL VA 266 0.42 -94.58 -39.26
C VAL VA 266 -0.85 -93.82 -39.61
N ALA VA 267 -1.79 -94.48 -40.29
CA ALA VA 267 -3.05 -93.83 -40.64
C ALA VA 267 -3.83 -93.42 -39.41
N ASP VA 268 -3.70 -94.16 -38.32
CA ASP VA 268 -4.39 -93.78 -37.08
C ASP VA 268 -3.91 -92.41 -36.61
N LEU VA 269 -2.60 -92.19 -36.62
CA LEU VA 269 -2.08 -90.90 -36.17
C LEU VA 269 -2.41 -89.80 -37.18
N LEU VA 270 -2.40 -90.13 -38.47
CA LEU VA 270 -2.76 -89.14 -39.48
C LEU VA 270 -4.21 -88.68 -39.31
N LEU VA 271 -5.12 -89.64 -39.08
CA LEU VA 271 -6.53 -89.32 -38.88
C LEU VA 271 -6.74 -88.54 -37.59
N ALA VA 272 -6.01 -88.88 -36.53
CA ALA VA 272 -6.12 -88.12 -35.30
C ALA VA 272 -5.71 -86.66 -35.52
N ARG VA 273 -4.60 -86.45 -36.24
CA ARG VA 273 -4.16 -85.08 -36.48
C ARG VA 273 -5.13 -84.32 -37.38
N ALA VA 274 -5.69 -85.01 -38.38
CA ALA VA 274 -6.69 -84.37 -39.23
C ALA VA 274 -7.89 -83.92 -38.43
N ILE VA 275 -8.37 -84.78 -37.53
CA ILE VA 275 -9.52 -84.42 -36.70
C ILE VA 275 -9.17 -83.24 -35.79
N ALA VA 276 -7.98 -83.25 -35.20
CA ALA VA 276 -7.58 -82.14 -34.34
C ALA VA 276 -7.55 -80.83 -35.11
N LEU VA 277 -6.98 -80.84 -36.31
CA LEU VA 277 -6.91 -79.62 -37.11
C LEU VA 277 -8.30 -79.13 -37.49
N ILE VA 278 -9.18 -80.04 -37.91
CA ILE VA 278 -10.53 -79.63 -38.29
C ILE VA 278 -11.26 -79.02 -37.10
N LYS VA 279 -11.12 -79.64 -35.92
CA LYS VA 279 -11.75 -79.10 -34.72
C LYS VA 279 -11.17 -77.75 -34.34
N ALA VA 280 -9.89 -77.51 -34.67
CA ALA VA 280 -9.28 -76.24 -34.33
C ALA VA 280 -9.56 -75.13 -35.35
N ILE VA 281 -10.19 -75.43 -36.47
CA ILE VA 281 -10.54 -74.42 -37.47
C ILE VA 281 -11.41 -73.35 -36.84
N THR WA 24 28.57 -113.18 -2.96
CA THR WA 24 28.90 -112.32 -4.10
C THR WA 24 28.11 -111.03 -4.06
N VAL WA 25 27.08 -111.00 -3.19
CA VAL WA 25 26.17 -109.86 -3.14
C VAL WA 25 26.91 -108.59 -2.74
N VAL WA 26 27.76 -108.70 -1.70
CA VAL WA 26 28.53 -107.53 -1.28
C VAL WA 26 29.53 -107.13 -2.35
N GLU WA 27 30.09 -108.11 -3.06
CA GLU WA 27 30.95 -107.79 -4.20
C GLU WA 27 30.15 -107.08 -5.29
N GLU WA 28 28.90 -107.49 -5.51
CA GLU WA 28 28.07 -106.80 -6.49
C GLU WA 28 27.79 -105.36 -6.06
N VAL WA 29 27.55 -105.12 -4.78
CA VAL WA 29 27.33 -103.76 -4.30
C VAL WA 29 28.60 -102.93 -4.48
N ARG WA 30 29.76 -103.50 -4.15
CA ARG WA 30 31.01 -102.79 -4.34
C ARG WA 30 31.24 -102.45 -5.81
N ARG WA 31 31.03 -103.43 -6.69
CA ARG WA 31 31.23 -103.21 -8.12
C ARG WA 31 30.28 -102.14 -8.64
N PHE WA 32 29.02 -102.18 -8.22
CA PHE WA 32 28.05 -101.19 -8.64
C PHE WA 32 28.48 -99.79 -8.22
N ALA WA 33 28.90 -99.64 -6.95
CA ALA WA 33 29.29 -98.32 -6.46
C ALA WA 33 30.54 -97.81 -7.19
N GLU WA 34 31.54 -98.66 -7.34
CA GLU WA 34 32.77 -98.21 -8.01
C GLU WA 34 32.52 -97.87 -9.47
N GLU WA 35 31.71 -98.67 -10.17
CA GLU WA 35 31.40 -98.37 -11.56
C GLU WA 35 30.68 -97.03 -11.69
N LEU WA 36 29.71 -96.78 -10.80
CA LEU WA 36 29.01 -95.50 -10.84
C LEU WA 36 29.96 -94.34 -10.57
N ALA WA 37 30.88 -94.51 -9.61
CA ALA WA 37 31.83 -93.44 -9.29
C ALA WA 37 32.79 -93.19 -10.45
N GLU WA 38 33.26 -94.26 -11.09
CA GLU WA 38 34.12 -94.10 -12.26
C GLU WA 38 33.41 -93.38 -13.38
N GLU WA 39 32.13 -93.72 -13.62
CA GLU WA 39 31.38 -93.02 -14.66
C GLU WA 39 31.17 -91.56 -14.30
N VAL WA 40 30.95 -91.27 -13.02
CA VAL WA 40 30.81 -89.88 -12.60
C VAL WA 40 32.09 -89.10 -12.90
N LEU WA 41 33.24 -89.71 -12.60
CA LEU WA 41 34.50 -89.04 -12.85
C LEU WA 41 34.78 -88.90 -14.35
N ARG WA 42 34.43 -89.91 -15.14
CA ARG WA 42 34.64 -89.81 -16.58
C ARG WA 42 33.80 -88.71 -17.20
N VAL WA 43 32.52 -88.64 -16.83
CA VAL WA 43 31.64 -87.63 -17.43
C VAL WA 43 32.01 -86.24 -16.93
N GLY WA 44 32.21 -86.09 -15.62
CA GLY WA 44 32.45 -84.79 -15.03
C GLY WA 44 33.89 -84.44 -14.75
N GLY WA 45 34.82 -85.38 -14.92
CA GLY WA 45 36.21 -85.05 -14.70
C GLY WA 45 36.54 -84.80 -13.25
N GLU WA 46 37.53 -83.94 -13.05
CA GLU WA 46 37.94 -83.51 -11.73
C GLU WA 46 37.07 -82.37 -11.21
N ALA WA 47 36.12 -81.89 -12.00
CA ALA WA 47 35.23 -80.84 -11.51
C ALA WA 47 34.40 -81.30 -10.34
N MET WA 48 33.87 -82.53 -10.41
CA MET WA 48 33.07 -83.12 -9.34
C MET WA 48 33.79 -84.37 -8.86
N ARG WA 49 34.75 -84.18 -7.97
CA ARG WA 49 35.39 -85.24 -7.21
C ARG WA 49 34.59 -85.60 -5.96
N PRO WA 50 33.98 -84.64 -5.24
CA PRO WA 50 33.17 -85.01 -4.07
C PRO WA 50 32.14 -86.09 -4.33
N TYR WA 51 31.47 -86.05 -5.48
CA TYR WA 51 30.40 -87.02 -5.74
C TYR WA 51 30.94 -88.42 -5.87
N ALA WA 52 32.14 -88.57 -6.44
CA ALA WA 52 32.76 -89.89 -6.47
C ALA WA 52 33.03 -90.41 -5.07
N GLU WA 53 33.46 -89.52 -4.16
CA GLU WA 53 33.68 -89.93 -2.78
C GLU WA 53 32.38 -90.30 -2.09
N MET WA 54 31.31 -89.55 -2.33
CA MET WA 54 30.01 -89.91 -1.75
C MET WA 54 29.55 -91.26 -2.26
N VAL WA 55 29.69 -91.52 -3.56
CA VAL WA 55 29.26 -92.80 -4.09
C VAL WA 55 30.09 -93.93 -3.48
N ARG WA 56 31.39 -93.73 -3.36
CA ARG WA 56 32.25 -94.81 -2.85
C ARG WA 56 31.99 -95.07 -1.36
N HIS WA 57 31.81 -94.02 -0.56
CA HIS WA 57 31.48 -94.23 0.85
C HIS WA 57 30.09 -94.81 1.05
N LEU WA 58 29.11 -94.45 0.21
CA LEU WA 58 27.80 -95.06 0.34
C LEU WA 58 27.82 -96.52 -0.07
N GLY WA 59 28.60 -96.87 -1.08
CA GLY WA 59 28.83 -98.28 -1.35
C GLY WA 59 29.48 -99.00 -0.18
N GLU WA 60 30.43 -98.33 0.48
CA GLU WA 60 31.09 -98.92 1.64
C GLU WA 60 30.12 -99.11 2.81
N ALA WA 61 29.27 -98.13 3.09
CA ALA WA 61 28.28 -98.27 4.15
C ALA WA 61 27.30 -99.40 3.83
N ALA WA 62 26.88 -99.51 2.57
CA ALA WA 62 25.98 -100.59 2.19
C ALA WA 62 26.62 -101.95 2.41
N VAL WA 63 27.88 -102.12 1.99
CA VAL WA 63 28.49 -103.43 2.16
C VAL WA 63 28.78 -103.70 3.63
N ALA WA 64 29.06 -102.66 4.42
CA ALA WA 64 29.18 -102.83 5.85
C ALA WA 64 27.88 -103.35 6.44
N ALA WA 65 26.75 -102.76 6.06
CA ALA WA 65 25.45 -103.22 6.55
C ALA WA 65 25.17 -104.66 6.13
N LEU WA 66 25.48 -105.01 4.89
CA LEU WA 66 25.27 -106.38 4.44
C LEU WA 66 26.21 -107.37 5.12
N GLU WA 67 27.34 -106.91 5.66
CA GLU WA 67 28.29 -107.82 6.29
C GLU WA 67 28.37 -107.60 7.80
N GLY WA 68 27.22 -107.48 8.44
CA GLY WA 68 27.17 -107.20 9.87
C GLY WA 68 27.07 -105.73 10.13
N ARG WA 69 27.51 -105.32 11.32
CA ARG WA 69 27.69 -103.92 11.69
C ARG WA 69 26.39 -103.13 11.73
N ALA WA 70 26.37 -102.10 12.58
CA ALA WA 70 25.30 -101.10 12.57
C ALA WA 70 25.79 -99.70 12.83
N GLU WA 71 27.01 -99.53 13.35
CA GLU WA 71 27.56 -98.23 13.72
C GLU WA 71 28.44 -97.65 12.62
N GLU WA 72 29.19 -98.50 11.92
CA GLU WA 72 29.98 -98.03 10.79
C GLU WA 72 29.08 -97.47 9.69
N ALA WA 73 27.94 -98.11 9.45
CA ALA WA 73 26.99 -97.59 8.48
C ALA WA 73 26.51 -96.21 8.89
N ASP WA 74 26.17 -96.03 10.17
CA ASP WA 74 25.73 -94.73 10.67
C ASP WA 74 26.81 -93.68 10.49
N ARG WA 75 28.06 -94.03 10.81
CA ARG WA 75 29.15 -93.07 10.70
C ARG WA 75 29.40 -92.66 9.26
N LEU WA 76 29.44 -93.64 8.34
CA LEU WA 76 29.67 -93.31 6.95
C LEU WA 76 28.54 -92.49 6.37
N VAL WA 77 27.29 -92.80 6.75
CA VAL WA 77 26.17 -92.02 6.24
C VAL WA 77 26.21 -90.60 6.78
N ARG WA 78 26.63 -90.43 8.04
CA ARG WA 78 26.78 -89.08 8.58
C ARG WA 78 27.89 -88.30 7.89
N ASP WA 79 29.00 -88.98 7.57
CA ASP WA 79 30.08 -88.33 6.82
C ASP WA 79 29.61 -87.90 5.43
N VAL WA 80 28.88 -88.77 4.75
CA VAL WA 80 28.36 -88.43 3.42
C VAL WA 80 27.35 -87.31 3.53
N LEU WA 81 26.56 -87.28 4.60
CA LEU WA 81 25.66 -86.17 4.83
C LEU WA 81 26.42 -84.87 4.99
N GLU WA 82 27.55 -84.91 5.70
CA GLU WA 82 28.38 -83.71 5.83
C GLU WA 82 28.91 -83.24 4.48
N MET WA 83 29.38 -84.18 3.64
CA MET WA 83 29.84 -83.80 2.30
C MET WA 83 28.71 -83.17 1.50
N ALA WA 84 27.52 -83.76 1.56
CA ALA WA 84 26.39 -83.20 0.85
C ALA WA 84 26.06 -81.80 1.35
N ARG WA 85 26.19 -81.57 2.66
CA ARG WA 85 25.95 -80.25 3.22
C ARG WA 85 26.95 -79.24 2.67
N GLU WA 86 28.23 -79.61 2.60
CA GLU WA 86 29.22 -78.62 2.19
C GLU WA 86 29.17 -78.35 0.69
N VAL WA 87 28.95 -79.39 -0.12
CA VAL WA 87 28.91 -79.21 -1.57
C VAL WA 87 27.76 -78.29 -1.97
N GLY WA 88 26.59 -78.49 -1.37
CA GLY WA 88 25.41 -77.74 -1.72
C GLY WA 88 24.24 -78.59 -2.16
N ALA WA 89 24.38 -79.92 -2.18
CA ALA WA 89 23.29 -80.80 -2.57
C ALA WA 89 22.22 -80.79 -1.49
N GLU WA 90 21.04 -80.28 -1.81
CA GLU WA 90 19.96 -80.20 -0.83
C GLU WA 90 19.13 -81.48 -0.81
N GLY WA 91 18.55 -81.86 -1.95
CA GLY WA 91 17.74 -83.06 -2.00
C GLY WA 91 18.53 -84.30 -1.60
N LEU WA 92 19.79 -84.37 -2.03
CA LEU WA 92 20.65 -85.47 -1.62
C LEU WA 92 20.84 -85.49 -0.11
N ALA WA 93 21.02 -84.32 0.51
CA ALA WA 93 21.18 -84.26 1.95
C ALA WA 93 19.92 -84.72 2.68
N ARG WA 94 18.75 -84.28 2.22
CA ARG WA 94 17.51 -84.73 2.84
C ARG WA 94 17.35 -86.23 2.73
N LEU WA 95 17.58 -86.77 1.53
CA LEU WA 95 17.49 -88.21 1.36
C LEU WA 95 18.47 -88.93 2.26
N LEU WA 96 19.65 -88.35 2.48
CA LEU WA 96 20.65 -89.01 3.30
C LEU WA 96 20.24 -89.02 4.78
N GLU WA 97 19.62 -87.94 5.26
CA GLU WA 97 19.09 -87.97 6.62
C GLU WA 97 18.01 -89.05 6.77
N ARG WA 98 17.11 -89.13 5.80
CA ARG WA 98 16.08 -90.16 5.85
C ARG WA 98 16.70 -91.56 5.84
N VAL WA 99 17.70 -91.76 4.98
CA VAL WA 99 18.42 -93.03 4.97
C VAL WA 99 19.01 -93.33 6.33
N HIS WA 100 19.56 -92.31 6.99
CA HIS WA 100 20.18 -92.51 8.29
C HIS WA 100 19.17 -93.02 9.31
N ARG WA 101 18.04 -92.32 9.44
CA ARG WA 101 17.04 -92.70 10.44
C ARG WA 101 16.46 -94.08 10.17
N GLU WA 102 16.04 -94.33 8.92
CA GLU WA 102 15.47 -95.64 8.60
C GLU WA 102 16.52 -96.74 8.71
N ALA WA 103 17.78 -96.46 8.40
CA ALA WA 103 18.81 -97.47 8.57
C ALA WA 103 18.93 -97.85 10.03
N ARG WA 104 18.90 -96.85 10.93
CA ARG WA 104 18.95 -97.15 12.36
C ARG WA 104 17.78 -98.01 12.78
N GLU WA 105 16.56 -97.63 12.38
CA GLU WA 105 15.37 -98.39 12.79
C GLU WA 105 15.44 -99.83 12.29
N LEU WA 106 15.72 -100.02 11.01
CA LEU WA 106 15.70 -101.36 10.44
C LEU WA 106 16.85 -102.20 10.98
N LEU WA 107 17.99 -101.59 11.26
CA LEU WA 107 19.09 -102.36 11.83
C LEU WA 107 18.79 -102.76 13.28
N ARG WA 108 18.06 -101.91 14.01
CA ARG WA 108 17.60 -102.31 15.34
C ARG WA 108 16.63 -103.49 15.24
N GLU WA 109 15.73 -103.45 14.25
CA GLU WA 109 14.80 -104.56 14.05
C GLU WA 109 15.48 -105.81 13.52
N GLY WA 110 16.76 -105.73 13.12
CA GLY WA 110 17.48 -106.89 12.67
C GLY WA 110 17.40 -107.19 11.19
N ARG WA 111 16.63 -106.42 10.43
CA ARG WA 111 16.52 -106.61 8.98
C ARG WA 111 17.67 -105.87 8.30
N ARG WA 112 18.44 -106.59 7.49
CA ARG WA 112 19.66 -106.05 6.91
C ARG WA 112 19.53 -105.68 5.43
N GLU WA 113 18.78 -106.47 4.66
CA GLU WA 113 18.73 -106.23 3.21
C GLU WA 113 18.13 -104.88 2.89
N GLU WA 114 17.06 -104.49 3.57
CA GLU WA 114 16.39 -103.24 3.22
C GLU WA 114 17.19 -102.02 3.61
N ALA WA 115 17.99 -102.08 4.67
CA ALA WA 115 18.87 -100.96 5.01
C ALA WA 115 19.92 -100.74 3.94
N ALA WA 116 20.57 -101.83 3.51
CA ALA WA 116 21.49 -101.72 2.38
C ALA WA 116 20.78 -101.26 1.12
N ALA WA 117 19.50 -101.62 0.97
CA ALA WA 117 18.73 -101.16 -0.17
C ALA WA 117 18.55 -99.65 -0.15
N LEU WA 118 18.22 -99.09 1.02
CA LEU WA 118 18.11 -97.64 1.12
C LEU WA 118 19.45 -96.97 0.82
N VAL WA 119 20.54 -97.56 1.34
CA VAL WA 119 21.86 -96.98 1.09
C VAL WA 119 22.21 -97.02 -0.39
N LEU WA 120 21.91 -98.14 -1.06
CA LEU WA 120 22.20 -98.25 -2.49
C LEU WA 120 21.38 -97.25 -3.30
N ALA WA 121 20.11 -97.07 -2.94
CA ALA WA 121 19.31 -96.05 -3.61
C ALA WA 121 19.91 -94.67 -3.42
N ALA WA 122 20.42 -94.38 -2.22
CA ALA WA 122 21.03 -93.07 -1.99
C ALA WA 122 22.31 -92.89 -2.81
N ALA WA 123 23.12 -93.95 -2.92
CA ALA WA 123 24.33 -93.88 -3.73
C ALA WA 123 24.00 -93.65 -5.19
N LEU WA 124 22.99 -94.34 -5.69
CA LEU WA 124 22.56 -94.13 -7.07
C LEU WA 124 22.04 -92.72 -7.27
N ALA WA 125 21.31 -92.19 -6.30
CA ALA WA 125 20.83 -90.81 -6.41
C ALA WA 125 22.00 -89.85 -6.50
N ALA WA 126 23.04 -90.05 -5.68
CA ALA WA 126 24.20 -89.17 -5.71
C ALA WA 126 24.92 -89.22 -7.05
N GLY WA 127 25.23 -90.44 -7.52
CA GLY WA 127 25.92 -90.56 -8.79
C GLY WA 127 25.12 -90.03 -9.96
N ALA WA 128 23.83 -90.37 -10.02
CA ALA WA 128 22.99 -89.91 -11.11
C ALA WA 128 22.82 -88.41 -11.08
N VAL WA 129 22.74 -87.81 -9.89
CA VAL WA 129 22.66 -86.36 -9.79
C VAL WA 129 23.92 -85.72 -10.34
N ALA WA 130 25.08 -86.27 -9.99
CA ALA WA 130 26.34 -85.73 -10.51
C ALA WA 130 26.38 -85.79 -12.03
N VAL WA 131 26.05 -86.96 -12.60
CA VAL WA 131 26.10 -87.11 -14.05
C VAL WA 131 25.07 -86.20 -14.72
N ALA WA 132 23.91 -86.02 -14.11
CA ALA WA 132 22.90 -85.16 -14.70
C ALA WA 132 23.36 -83.71 -14.76
N GLU WA 133 23.95 -83.20 -13.67
CA GLU WA 133 24.45 -81.83 -13.74
C GLU WA 133 25.63 -81.71 -14.69
N ALA WA 134 26.43 -82.77 -14.82
CA ALA WA 134 27.52 -82.74 -15.80
C ALA WA 134 26.99 -82.60 -17.20
N TYR WA 135 25.95 -83.37 -17.54
CA TYR WA 135 25.35 -83.28 -18.87
C TYR WA 135 24.74 -81.90 -19.10
N VAL WA 136 24.04 -81.37 -18.09
CA VAL WA 136 23.40 -80.07 -18.25
C VAL WA 136 24.44 -78.96 -18.42
N ARG WA 137 25.58 -79.09 -17.73
CA ARG WA 137 26.59 -78.04 -17.82
C ARG WA 137 27.14 -77.90 -19.23
N LEU WA 138 27.44 -79.02 -19.89
CA LEU WA 138 27.96 -79.00 -21.25
C LEU WA 138 26.86 -79.10 -22.30
N GLY WA 139 25.60 -78.90 -21.90
CA GLY WA 139 24.51 -78.70 -22.85
C GLY WA 139 24.17 -79.85 -23.78
N GLN WA 140 24.15 -81.08 -23.27
CA GLN WA 140 23.70 -82.20 -24.08
C GLN WA 140 22.17 -82.28 -24.05
N PRO WA 141 21.56 -82.89 -25.07
CA PRO WA 141 20.09 -82.92 -25.14
C PRO WA 141 19.49 -83.83 -24.07
N ILE WA 142 18.18 -83.66 -23.89
CA ILE WA 142 17.46 -84.32 -22.80
C ILE WA 142 17.25 -85.81 -23.04
N ARG WA 143 17.28 -86.26 -24.30
CA ARG WA 143 17.13 -87.68 -24.56
C ARG WA 143 18.17 -88.50 -23.81
N LEU WA 144 19.42 -88.03 -23.80
CA LEU WA 144 20.47 -88.78 -23.10
C LEU WA 144 20.23 -88.81 -21.60
N ILE WA 145 19.82 -87.70 -21.00
CA ILE WA 145 19.54 -87.72 -19.57
C ILE WA 145 18.43 -88.70 -19.26
N ALA WA 146 17.35 -88.67 -20.04
CA ALA WA 146 16.22 -89.56 -19.78
C ALA WA 146 16.61 -91.02 -19.95
N GLU WA 147 17.30 -91.35 -21.04
CA GLU WA 147 17.67 -92.74 -21.28
C GLU WA 147 18.67 -93.22 -20.22
N TYR WA 148 19.63 -92.37 -19.86
CA TYR WA 148 20.60 -92.73 -18.82
C TYR WA 148 19.91 -93.06 -17.52
N VAL WA 149 19.06 -92.14 -17.05
CA VAL WA 149 18.41 -92.33 -15.76
C VAL WA 149 17.52 -93.56 -15.79
N ALA WA 150 16.75 -93.74 -16.86
CA ALA WA 150 15.85 -94.90 -16.93
C ALA WA 150 16.64 -96.21 -16.90
N GLU WA 151 17.76 -96.27 -17.61
CA GLU WA 151 18.53 -97.51 -17.63
C GLU WA 151 19.17 -97.77 -16.28
N ARG WA 152 19.64 -96.72 -15.60
CA ARG WA 152 20.19 -96.91 -14.26
C ARG WA 152 19.13 -97.42 -13.30
N LEU WA 153 17.91 -96.88 -13.39
CA LEU WA 153 16.84 -97.34 -12.52
C LEU WA 153 16.50 -98.79 -12.79
N VAL WA 154 16.50 -99.21 -14.05
CA VAL WA 154 16.21 -100.61 -14.34
C VAL WA 154 17.31 -101.52 -13.78
N GLU WA 155 18.58 -101.10 -13.92
CA GLU WA 155 19.67 -101.90 -13.38
C GLU WA 155 19.58 -102.02 -11.85
N LEU WA 156 19.28 -100.91 -11.18
CA LEU WA 156 19.11 -100.95 -9.73
C LEU WA 156 17.94 -101.83 -9.34
N ALA WA 157 16.84 -101.79 -10.10
CA ALA WA 157 15.70 -102.64 -9.80
C ALA WA 157 16.08 -104.11 -9.93
N GLU WA 158 16.89 -104.45 -10.93
CA GLU WA 158 17.35 -105.82 -11.05
C GLU WA 158 18.21 -106.22 -9.86
N LEU WA 159 19.10 -105.32 -9.42
CA LEU WA 159 19.93 -105.62 -8.26
C LEU WA 159 19.08 -105.84 -7.01
N LEU WA 160 18.14 -104.94 -6.75
CA LEU WA 160 17.29 -105.06 -5.58
C LEU WA 160 16.43 -106.30 -5.63
N ARG WA 161 16.00 -106.71 -6.83
CA ARG WA 161 15.33 -108.00 -6.96
C ARG WA 161 16.25 -109.13 -6.58
N ARG WA 162 17.53 -109.04 -6.96
CA ARG WA 162 18.48 -110.08 -6.60
C ARG WA 162 18.67 -110.16 -5.09
N LEU WA 163 18.74 -109.02 -4.41
CA LEU WA 163 18.93 -109.01 -2.96
C LEU WA 163 17.76 -109.68 -2.25
N GLY WA 164 16.54 -109.25 -2.54
CA GLY WA 164 15.36 -109.85 -1.93
C GLY WA 164 14.34 -108.88 -1.39
N VAL WA 165 14.53 -107.58 -1.63
CA VAL WA 165 13.58 -106.58 -1.16
C VAL WA 165 12.24 -106.80 -1.85
N PRO WA 166 11.10 -106.64 -1.17
CA PRO WA 166 9.81 -106.76 -1.85
C PRO WA 166 9.60 -105.65 -2.89
N LEU WA 167 8.79 -105.99 -3.91
CA LEU WA 167 8.73 -105.18 -5.12
C LEU WA 167 8.21 -103.77 -4.85
N ARG WA 168 7.21 -103.64 -3.99
CA ARG WA 168 6.63 -102.32 -3.74
C ARG WA 168 7.65 -101.39 -3.11
N ARG WA 169 8.49 -101.92 -2.22
CA ARG WA 169 9.59 -101.13 -1.68
C ARG WA 169 10.57 -100.73 -2.78
N ILE WA 170 10.83 -101.63 -3.73
CA ILE WA 170 11.69 -101.30 -4.86
C ILE WA 170 11.13 -100.08 -5.59
N ILE WA 171 9.83 -100.11 -5.88
CA ILE WA 171 9.22 -99.02 -6.63
C ILE WA 171 9.27 -97.73 -5.82
N ARG WA 172 9.09 -97.82 -4.51
CA ARG WA 172 9.15 -96.63 -3.67
C ARG WA 172 10.55 -96.01 -3.68
N LEU WA 173 11.58 -96.86 -3.59
CA LEU WA 173 12.95 -96.35 -3.63
C LEU WA 173 13.26 -95.73 -4.98
N LEU WA 174 12.80 -96.35 -6.06
CA LEU WA 174 13.04 -95.81 -7.39
C LEU WA 174 12.37 -94.46 -7.56
N GLU WA 175 11.16 -94.30 -7.01
CA GLU WA 175 10.51 -93.00 -7.07
C GLU WA 175 11.26 -91.97 -6.24
N GLU WA 176 11.86 -92.38 -5.11
CA GLU WA 176 12.67 -91.44 -4.35
C GLU WA 176 13.89 -90.97 -5.15
N VAL WA 177 14.55 -91.91 -5.83
CA VAL WA 177 15.70 -91.56 -6.66
C VAL WA 177 15.28 -90.60 -7.75
N LEU WA 178 14.15 -90.87 -8.40
CA LEU WA 178 13.66 -89.98 -9.44
C LEU WA 178 13.35 -88.61 -8.90
N ARG WA 179 12.80 -88.53 -7.69
CA ARG WA 179 12.50 -87.23 -7.09
C ARG WA 179 13.78 -86.44 -6.85
N VAL WA 180 14.82 -87.10 -6.35
CA VAL WA 180 16.09 -86.40 -6.13
C VAL WA 180 16.66 -85.91 -7.45
N VAL WA 181 16.62 -86.76 -8.48
CA VAL WA 181 17.16 -86.38 -9.79
C VAL WA 181 16.39 -85.20 -10.36
N ALA WA 182 15.07 -85.22 -10.25
CA ALA WA 182 14.26 -84.11 -10.75
C ALA WA 182 14.58 -82.82 -10.00
N GLU WA 183 14.78 -82.90 -8.68
CA GLU WA 183 15.16 -81.72 -7.93
C GLU WA 183 16.52 -81.18 -8.40
N ALA WA 184 17.47 -82.08 -8.64
CA ALA WA 184 18.78 -81.66 -9.12
C ALA WA 184 18.67 -80.95 -10.46
N LEU WA 185 17.89 -81.52 -11.38
CA LEU WA 185 17.71 -80.89 -12.69
C LEU WA 185 16.99 -79.56 -12.57
N ARG WA 186 16.07 -79.43 -11.62
CA ARG WA 186 15.42 -78.14 -11.41
C ARG WA 186 16.42 -77.09 -10.92
N ARG WA 187 17.31 -77.47 -10.01
CA ARG WA 187 18.30 -76.52 -9.52
C ARG WA 187 19.29 -76.11 -10.61
N ALA WA 188 19.47 -76.95 -11.61
CA ALA WA 188 20.37 -76.65 -12.73
C ALA WA 188 19.72 -75.80 -13.80
N GLY WA 189 18.48 -75.38 -13.61
CA GLY WA 189 17.81 -74.51 -14.57
C GLY WA 189 17.11 -75.21 -15.71
N VAL WA 190 17.04 -76.54 -15.70
CA VAL WA 190 16.35 -77.25 -16.78
C VAL WA 190 14.86 -76.90 -16.74
N PRO WA 191 14.24 -76.57 -17.87
CA PRO WA 191 12.82 -76.19 -17.83
C PRO WA 191 11.94 -77.34 -17.37
N GLU WA 192 10.83 -76.99 -16.73
CA GLU WA 192 9.96 -78.00 -16.13
C GLU WA 192 9.45 -79.06 -17.11
N PRO WA 193 8.99 -78.71 -18.33
CA PRO WA 193 8.52 -79.77 -19.24
C PRO WA 193 9.55 -80.83 -19.52
N GLU WA 194 10.84 -80.47 -19.60
CA GLU WA 194 11.86 -81.50 -19.82
C GLU WA 194 12.00 -82.40 -18.60
N ILE WA 195 11.84 -81.86 -17.39
CA ILE WA 195 11.84 -82.69 -16.19
C ILE WA 195 10.69 -83.68 -16.23
N ARG WA 196 9.50 -83.21 -16.62
CA ARG WA 196 8.35 -84.10 -16.73
C ARG WA 196 8.59 -85.17 -17.79
N LYS WA 197 9.22 -84.80 -18.90
CA LYS WA 197 9.53 -85.77 -19.93
C LYS WA 197 10.48 -86.84 -19.40
N VAL WA 198 11.48 -86.41 -18.61
CA VAL WA 198 12.41 -87.37 -18.01
C VAL WA 198 11.66 -88.36 -17.12
N GLU WA 199 10.81 -87.84 -16.24
CA GLU WA 199 10.10 -88.71 -15.31
C GLU WA 199 9.14 -89.64 -16.03
N ALA WA 200 8.40 -89.13 -17.02
CA ALA WA 200 7.46 -89.97 -17.76
C ALA WA 200 8.18 -91.07 -18.51
N ALA WA 201 9.34 -90.75 -19.10
CA ALA WA 201 10.12 -91.79 -19.76
C ALA WA 201 10.56 -92.85 -18.77
N ALA WA 202 10.98 -92.42 -17.57
CA ALA WA 202 11.40 -93.38 -16.55
C ALA WA 202 10.25 -94.30 -16.14
N TYR WA 203 9.06 -93.73 -15.96
CA TYR WA 203 7.91 -94.53 -15.55
C TYR WA 203 7.50 -95.51 -16.63
N ILE WA 204 7.53 -95.09 -17.90
CA ILE WA 204 7.17 -96.00 -18.99
C ILE WA 204 8.20 -97.11 -19.12
N ARG WA 205 9.48 -96.79 -18.91
CA ARG WA 205 10.50 -97.83 -18.94
C ARG WA 205 10.31 -98.83 -17.81
N LEU WA 206 10.01 -98.34 -16.61
CA LEU WA 206 9.76 -99.24 -15.47
C LEU WA 206 8.52 -100.10 -15.72
N ALA WA 207 7.47 -99.52 -16.25
CA ALA WA 207 6.25 -100.27 -16.55
C ALA WA 207 6.52 -101.36 -17.58
N ALA WA 208 7.27 -101.03 -18.64
CA ALA WA 208 7.61 -102.03 -19.64
C ALA WA 208 8.47 -103.14 -19.06
N TYR WA 209 9.43 -102.78 -18.21
CA TYR WA 209 10.29 -103.78 -17.59
C TYR WA 209 9.50 -104.72 -16.70
N LEU WA 210 8.55 -104.17 -15.92
CA LEU WA 210 7.69 -105.03 -15.10
C LEU WA 210 6.83 -105.93 -15.97
N LEU WA 211 6.27 -105.40 -17.06
CA LEU WA 211 5.37 -106.18 -17.89
C LEU WA 211 6.10 -107.32 -18.59
N ARG WA 212 7.37 -107.12 -18.93
CA ARG WA 212 8.08 -108.14 -19.69
C ARG WA 212 8.27 -109.43 -18.90
N GLN WA 213 8.45 -109.33 -17.59
CA GLN WA 213 8.75 -110.52 -16.80
C GLN WA 213 7.62 -111.54 -16.85
N LEU WA 214 6.38 -111.06 -16.84
CA LEU WA 214 5.22 -111.94 -16.88
C LEU WA 214 4.85 -112.38 -18.28
N GLY WA 215 5.55 -111.91 -19.29
CA GLY WA 215 5.34 -112.42 -20.63
C GLY WA 215 4.31 -111.64 -21.41
N TYR WA 216 4.35 -110.32 -21.33
CA TYR WA 216 3.53 -109.45 -22.17
C TYR WA 216 4.51 -108.69 -23.06
N GLU WA 217 4.96 -109.35 -24.12
CA GLU WA 217 5.99 -108.76 -24.96
C GLU WA 217 5.42 -107.66 -25.85
N ALA WA 218 4.27 -107.92 -26.47
CA ALA WA 218 3.67 -106.92 -27.36
C ALA WA 218 3.36 -105.64 -26.60
N LEU WA 219 2.83 -105.77 -25.38
CA LEU WA 219 2.56 -104.61 -24.55
C LEU WA 219 3.82 -103.79 -24.30
N ALA WA 220 4.93 -104.47 -23.97
CA ALA WA 220 6.18 -103.76 -23.72
C ALA WA 220 6.69 -103.06 -24.97
N LYS WA 221 6.59 -103.73 -26.13
CA LYS WA 221 7.03 -103.09 -27.37
C LYS WA 221 6.21 -101.84 -27.67
N ARG WA 222 4.89 -101.90 -27.47
CA ARG WA 222 4.07 -100.73 -27.75
C ARG WA 222 4.35 -99.60 -26.76
N LEU WA 223 4.60 -99.93 -25.50
CA LEU WA 223 4.95 -98.90 -24.54
C LEU WA 223 6.26 -98.24 -24.90
N LEU WA 224 7.24 -99.01 -25.37
CA LEU WA 224 8.51 -98.42 -25.73
C LEU WA 224 8.42 -97.62 -27.03
N GLU WA 225 7.52 -98.02 -27.95
CA GLU WA 225 7.24 -97.17 -29.11
C GLU WA 225 6.69 -95.82 -28.67
N ALA WA 226 5.75 -95.83 -27.73
CA ALA WA 226 5.23 -94.58 -27.20
C ALA WA 226 6.31 -93.75 -26.55
N ARG WA 227 7.22 -94.40 -25.81
CA ARG WA 227 8.33 -93.66 -25.19
C ARG WA 227 9.24 -93.05 -26.25
N GLU WA 228 9.53 -93.80 -27.31
CA GLU WA 228 10.39 -93.27 -28.37
C GLU WA 228 9.75 -92.06 -29.03
N LEU WA 229 8.45 -92.12 -29.30
CA LEU WA 229 7.78 -90.94 -29.84
C LEU WA 229 7.80 -89.79 -28.84
N LEU WA 230 7.76 -90.09 -27.54
CA LEU WA 230 7.75 -89.02 -26.55
C LEU WA 230 9.10 -88.31 -26.49
N LEU WA 231 10.20 -89.06 -26.51
CA LEU WA 231 11.51 -88.45 -26.38
C LEU WA 231 11.90 -87.62 -27.60
N GLU WA 232 11.24 -87.82 -28.74
CA GLU WA 232 11.49 -87.07 -29.96
C GLU WA 232 10.76 -85.75 -30.01
N GLY WA 233 9.95 -85.43 -29.00
CA GLY WA 233 9.17 -84.22 -29.00
C GLY WA 233 7.76 -84.37 -29.51
N ARG WA 234 7.44 -85.48 -30.16
CA ARG WA 234 6.08 -85.75 -30.63
C ARG WA 234 5.23 -86.16 -29.44
N VAL WA 235 4.77 -85.17 -28.70
CA VAL WA 235 3.99 -85.44 -27.50
C VAL WA 235 2.61 -85.98 -27.85
N GLU WA 236 1.98 -85.46 -28.92
CA GLU WA 236 0.61 -85.81 -29.21
C GLU WA 236 0.48 -87.26 -29.66
N GLU WA 237 1.36 -87.70 -30.55
CA GLU WA 237 1.36 -89.10 -30.95
C GLU WA 237 1.71 -90.01 -29.77
N ALA WA 238 2.62 -89.55 -28.90
CA ALA WA 238 2.95 -90.32 -27.70
C ALA WA 238 1.73 -90.52 -26.82
N ALA WA 239 0.98 -89.45 -26.57
CA ALA WA 239 -0.21 -89.55 -25.72
C ALA WA 239 -1.29 -90.41 -26.36
N HIS WA 240 -1.51 -90.28 -27.68
CA HIS WA 240 -2.53 -91.10 -28.32
C HIS WA 240 -2.17 -92.58 -28.28
N LEU WA 241 -0.93 -92.92 -28.62
CA LEU WA 241 -0.53 -94.31 -28.61
C LEU WA 241 -0.51 -94.87 -27.19
N LEU WA 242 -0.10 -94.04 -26.23
CA LEU WA 242 -0.12 -94.46 -24.82
C LEU WA 242 -1.54 -94.74 -24.35
N GLU WA 243 -2.49 -93.88 -24.69
CA GLU WA 243 -3.86 -94.11 -24.25
C GLU WA 243 -4.45 -95.35 -24.90
N ASP WA 244 -4.12 -95.63 -26.16
CA ASP WA 244 -4.62 -96.85 -26.79
C ASP WA 244 -4.08 -98.08 -26.08
N VAL WA 245 -2.77 -98.13 -25.84
CA VAL WA 245 -2.21 -99.31 -25.19
C VAL WA 245 -2.69 -99.44 -23.76
N TYR WA 246 -2.87 -98.32 -23.05
CA TYR WA 246 -3.39 -98.36 -21.69
C TYR WA 246 -4.82 -98.89 -21.68
N ALA WA 247 -5.65 -98.48 -22.65
CA ALA WA 247 -7.00 -98.99 -22.70
C ALA WA 247 -7.02 -100.50 -22.89
N LEU WA 248 -6.20 -101.01 -23.82
CA LEU WA 248 -6.19 -102.47 -24.01
C LEU WA 248 -5.70 -103.19 -22.76
N PHE WA 249 -4.63 -102.67 -22.15
CA PHE WA 249 -4.11 -103.26 -20.92
C PHE WA 249 -5.14 -103.25 -19.80
N HIS WA 250 -5.87 -102.15 -19.66
CA HIS WA 250 -6.79 -102.01 -18.54
C HIS WA 250 -7.99 -102.91 -18.73
N ARG WA 251 -8.44 -103.09 -19.97
CA ARG WA 251 -9.46 -104.11 -20.23
C ARG WA 251 -8.95 -105.49 -19.86
N GLU WA 252 -7.68 -105.76 -20.15
CA GLU WA 252 -7.12 -107.05 -19.74
C GLU WA 252 -7.09 -107.20 -18.23
N ILE WA 253 -6.80 -106.13 -17.51
CA ILE WA 253 -6.82 -106.18 -16.04
C ILE WA 253 -8.23 -106.47 -15.54
N GLU WA 254 -9.22 -105.72 -16.04
CA GLU WA 254 -10.59 -105.93 -15.61
C GLU WA 254 -11.13 -107.30 -16.02
N ARG WA 255 -10.51 -107.94 -17.00
CA ARG WA 255 -10.91 -109.31 -17.36
C ARG WA 255 -10.71 -110.25 -16.19
N LEU WA 256 -9.60 -110.10 -15.47
CA LEU WA 256 -9.26 -111.00 -14.38
C LEU WA 256 -10.00 -110.71 -13.09
N GLY WA 257 -10.81 -109.65 -13.05
CA GLY WA 257 -11.68 -109.43 -11.91
C GLY WA 257 -10.91 -109.08 -10.65
N PHE WA 258 -11.24 -109.77 -9.57
CA PHE WA 258 -10.56 -109.60 -8.28
C PHE WA 258 -9.43 -110.61 -8.11
N GLU WA 259 -8.52 -110.59 -9.09
CA GLU WA 259 -7.32 -111.42 -9.08
C GLU WA 259 -6.39 -110.92 -10.17
N ALA WA 260 -5.11 -110.76 -9.84
CA ALA WA 260 -4.07 -110.38 -10.80
C ALA WA 260 -2.71 -110.43 -10.13
N PRO WA 261 -1.66 -110.87 -10.83
CA PRO WA 261 -0.32 -110.83 -10.25
C PRO WA 261 0.04 -109.41 -9.86
N GLU WA 262 0.85 -109.29 -8.80
CA GLU WA 262 1.07 -107.98 -8.20
C GLU WA 262 1.79 -107.03 -9.14
N GLU WA 263 2.59 -107.55 -10.07
CA GLU WA 263 3.27 -106.66 -11.01
C GLU WA 263 2.29 -105.98 -11.95
N LEU WA 264 1.19 -106.65 -12.31
CA LEU WA 264 0.13 -105.96 -13.04
C LEU WA 264 -0.43 -104.81 -12.23
N ARG WA 265 -0.64 -105.03 -10.93
CA ARG WA 265 -1.20 -103.98 -10.08
C ARG WA 265 -0.25 -102.80 -9.96
N VAL WA 266 1.06 -103.06 -9.90
CA VAL WA 266 2.00 -101.96 -9.82
C VAL WA 266 2.09 -101.22 -11.15
N ALA WA 267 2.14 -101.98 -12.25
CA ALA WA 267 2.26 -101.38 -13.57
C ALA WA 267 1.06 -100.51 -13.91
N ASP WA 268 -0.13 -100.88 -13.41
CA ASP WA 268 -1.31 -100.07 -13.68
C ASP WA 268 -1.13 -98.68 -13.09
N LEU WA 269 -0.62 -98.60 -11.86
CA LEU WA 269 -0.39 -97.29 -11.25
C LEU WA 269 0.75 -96.55 -11.95
N LEU WA 270 1.79 -97.27 -12.36
CA LEU WA 270 2.90 -96.65 -13.08
C LEU WA 270 2.41 -96.02 -14.39
N LEU WA 271 1.61 -96.76 -15.15
CA LEU WA 271 1.09 -96.27 -16.42
C LEU WA 271 0.16 -95.09 -16.20
N ALA WA 272 -0.67 -95.13 -15.15
CA ALA WA 272 -1.53 -94.00 -14.87
C ALA WA 272 -0.71 -92.74 -14.57
N ARG WA 273 0.34 -92.88 -13.77
CA ARG WA 273 1.19 -91.71 -13.47
C ARG WA 273 1.91 -91.22 -14.72
N ALA WA 274 2.38 -92.13 -15.56
CA ALA WA 274 3.04 -91.73 -16.80
C ALA WA 274 2.09 -90.93 -17.69
N ILE WA 275 0.84 -91.39 -17.81
CA ILE WA 275 -0.13 -90.69 -18.62
C ILE WA 275 -0.44 -89.33 -18.03
N ALA WA 276 -0.56 -89.24 -16.70
CA ALA WA 276 -0.82 -87.95 -16.07
C ALA WA 276 0.32 -86.98 -16.34
N LEU WA 277 1.57 -87.44 -16.23
CA LEU WA 277 2.71 -86.56 -16.48
C LEU WA 277 2.76 -86.10 -17.92
N ILE WA 278 2.52 -87.01 -18.86
CA ILE WA 278 2.52 -86.61 -20.27
C ILE WA 278 1.43 -85.59 -20.56
N LYS WA 279 0.25 -85.80 -19.99
CA LYS WA 279 -0.83 -84.83 -20.16
C LYS WA 279 -0.48 -83.48 -19.55
N ALA WA 280 0.30 -83.48 -18.47
CA ALA WA 280 0.65 -82.24 -17.81
C ALA WA 280 1.83 -81.50 -18.46
N ILE WA 281 2.50 -82.12 -19.43
CA ILE WA 281 3.60 -81.45 -20.13
C ILE WA 281 3.11 -80.17 -20.77
N THR XA 24 -26.79 -109.72 29.71
CA THR XA 24 -25.40 -109.30 29.64
C THR XA 24 -25.28 -107.98 28.87
N VAL XA 25 -26.37 -107.58 28.23
CA VAL XA 25 -26.35 -106.39 27.38
C VAL XA 25 -26.02 -105.14 28.19
N VAL XA 26 -26.66 -104.98 29.35
CA VAL XA 26 -26.37 -103.82 30.19
C VAL XA 26 -24.94 -103.91 30.72
N GLU XA 27 -24.46 -105.12 31.02
CA GLU XA 27 -23.07 -105.27 31.40
C GLU XA 27 -22.14 -104.89 30.26
N GLU XA 28 -22.52 -105.23 29.02
CA GLU XA 28 -21.71 -104.85 27.87
C GLU XA 28 -21.67 -103.33 27.71
N VAL XA 29 -22.81 -102.66 27.91
CA VAL XA 29 -22.83 -101.21 27.82
C VAL XA 29 -21.97 -100.58 28.92
N ARG XA 30 -22.07 -101.09 30.14
CA ARG XA 30 -21.24 -100.59 31.23
C ARG XA 30 -19.76 -100.79 30.91
N ARG XA 31 -19.39 -101.98 30.44
CA ARG XA 31 -18.01 -102.27 30.11
C ARG XA 31 -17.50 -101.34 29.00
N PHE XA 32 -18.32 -101.13 27.97
CA PHE XA 32 -17.95 -100.24 26.88
C PHE XA 32 -17.69 -98.83 27.38
N ALA XA 33 -18.60 -98.32 28.21
CA ALA XA 33 -18.45 -96.95 28.71
C ALA XA 33 -17.22 -96.82 29.60
N GLU XA 34 -17.03 -97.76 30.52
CA GLU XA 34 -15.89 -97.66 31.44
C GLU XA 34 -14.57 -97.83 30.71
N GLU XA 35 -14.50 -98.75 29.73
CA GLU XA 35 -13.28 -98.90 28.96
C GLU XA 35 -12.96 -97.64 28.19
N LEU XA 36 -13.97 -97.02 27.57
CA LEU XA 36 -13.71 -95.77 26.86
C LEU XA 36 -13.23 -94.68 27.80
N ALA XA 37 -13.82 -94.59 28.99
CA ALA XA 37 -13.40 -93.59 29.97
C ALA XA 37 -11.97 -93.83 30.44
N GLU XA 38 -11.61 -95.09 30.69
CA GLU XA 38 -10.25 -95.41 31.07
C GLU XA 38 -9.26 -95.03 29.98
N GLU XA 39 -9.60 -95.30 28.72
CA GLU XA 39 -8.71 -94.91 27.63
C GLU XA 39 -8.59 -93.39 27.54
N VAL XA 40 -9.69 -92.67 27.77
CA VAL XA 40 -9.61 -91.21 27.78
C VAL XA 40 -8.62 -90.74 28.84
N LEU XA 41 -8.72 -91.33 30.03
CA LEU XA 41 -7.84 -90.91 31.13
C LEU XA 41 -6.39 -91.30 30.86
N ARG XA 42 -6.17 -92.47 30.26
CA ARG XA 42 -4.80 -92.88 29.95
C ARG XA 42 -4.17 -91.97 28.91
N VAL XA 43 -4.90 -91.67 27.84
CA VAL XA 43 -4.33 -90.86 26.77
C VAL XA 43 -4.13 -89.41 27.23
N GLY XA 44 -5.13 -88.84 27.90
CA GLY XA 44 -5.07 -87.45 28.30
C GLY XA 44 -4.72 -87.16 29.73
N GLY XA 45 -4.62 -88.18 30.58
CA GLY XA 45 -4.26 -87.93 31.96
C GLY XA 45 -5.37 -87.22 32.72
N GLU XA 46 -4.94 -86.43 33.70
CA GLU XA 46 -5.86 -85.61 34.48
C GLU XA 46 -6.19 -84.30 33.80
N ALA XA 47 -5.62 -84.03 32.63
CA ALA XA 47 -5.96 -82.80 31.92
C ALA XA 47 -7.43 -82.75 31.56
N MET XA 48 -7.98 -83.88 31.08
CA MET XA 48 -9.39 -83.99 30.74
C MET XA 48 -10.00 -85.08 31.62
N ARG XA 49 -10.37 -84.71 32.83
CA ARG XA 49 -11.20 -85.49 33.73
C ARG XA 49 -12.69 -85.32 33.43
N PRO XA 50 -13.16 -84.11 33.05
CA PRO XA 50 -14.58 -83.98 32.70
C PRO XA 50 -15.08 -84.99 31.68
N TYR XA 51 -14.27 -85.31 30.67
CA TYR XA 51 -14.73 -86.21 29.61
C TYR XA 51 -14.92 -87.62 30.13
N ALA XA 52 -14.08 -88.05 31.08
CA ALA XA 52 -14.31 -89.35 31.71
C ALA XA 52 -15.63 -89.37 32.45
N GLU XA 53 -15.97 -88.27 33.12
CA GLU XA 53 -17.25 -88.18 33.82
C GLU XA 53 -18.42 -88.20 32.83
N MET XA 54 -18.29 -87.48 31.71
CA MET XA 54 -19.35 -87.50 30.71
C MET XA 54 -19.55 -88.91 30.17
N VAL XA 55 -18.46 -89.60 29.84
CA VAL XA 55 -18.59 -90.95 29.31
C VAL XA 55 -19.22 -91.87 30.34
N ARG XA 56 -18.81 -91.74 31.61
CA ARG XA 56 -19.34 -92.63 32.64
C ARG XA 56 -20.83 -92.39 32.89
N HIS XA 57 -21.25 -91.12 32.98
CA HIS XA 57 -22.67 -90.84 33.15
C HIS XA 57 -23.50 -91.22 31.94
N LEU XA 58 -22.98 -91.07 30.73
CA LEU XA 58 -23.73 -91.53 29.57
C LEU XA 58 -23.86 -93.04 29.56
N GLY XA 59 -22.84 -93.75 30.06
CA GLY XA 59 -22.99 -95.18 30.26
C GLY XA 59 -24.08 -95.51 31.27
N GLU XA 60 -24.12 -94.78 32.39
CA GLU XA 60 -25.17 -95.02 33.37
C GLU XA 60 -26.56 -94.71 32.81
N ALA XA 61 -26.68 -93.63 32.05
CA ALA XA 61 -27.97 -93.28 31.45
C ALA XA 61 -28.42 -94.36 30.47
N ALA XA 62 -27.50 -94.87 29.65
CA ALA XA 62 -27.86 -95.92 28.71
C ALA XA 62 -28.32 -97.18 29.44
N VAL XA 63 -27.59 -97.58 30.48
CA VAL XA 63 -28.02 -98.81 31.17
C VAL XA 63 -29.31 -98.58 31.94
N ALA XA 64 -29.54 -97.36 32.43
CA ALA XA 64 -30.83 -97.04 33.05
C ALA XA 64 -31.95 -97.20 32.04
N ALA XA 65 -31.76 -96.69 30.82
CA ALA XA 65 -32.78 -96.84 29.79
C ALA XA 65 -33.01 -98.30 29.44
N LEU XA 66 -31.93 -99.09 29.35
CA LEU XA 66 -32.08 -100.52 29.08
C LEU XA 66 -32.74 -101.28 30.22
N GLU XA 67 -32.70 -100.75 31.44
CA GLU XA 67 -33.25 -101.47 32.59
C GLU XA 67 -34.49 -100.79 33.15
N GLY XA 68 -35.39 -100.39 32.27
CA GLY XA 68 -36.56 -99.64 32.68
C GLY XA 68 -36.31 -98.14 32.63
N ARG XA 69 -37.06 -97.41 33.44
CA ARG XA 69 -36.83 -95.99 33.70
C ARG XA 69 -37.02 -95.10 32.47
N ALA XA 70 -37.42 -93.86 32.70
CA ALA XA 70 -37.41 -92.83 31.68
C ALA XA 70 -37.01 -91.47 32.21
N GLU XA 71 -36.99 -91.26 33.53
CA GLU XA 71 -36.69 -89.99 34.15
C GLU XA 71 -35.24 -89.89 34.58
N GLU XA 72 -34.66 -90.98 35.06
CA GLU XA 72 -33.23 -90.99 35.38
C GLU XA 72 -32.39 -90.75 34.13
N ALA XA 73 -32.79 -91.34 33.01
CA ALA XA 73 -32.11 -91.09 31.75
C ALA XA 73 -32.17 -89.61 31.39
N ASP XA 74 -33.36 -89.01 31.55
CA ASP XA 74 -33.52 -87.59 31.30
C ASP XA 74 -32.58 -86.76 32.16
N ARG XA 75 -32.55 -87.05 33.46
CA ARG XA 75 -31.74 -86.27 34.39
C ARG XA 75 -30.26 -86.41 34.07
N LEU XA 76 -29.80 -87.64 33.83
CA LEU XA 76 -28.38 -87.85 33.56
C LEU XA 76 -27.98 -87.16 32.27
N VAL XA 77 -28.81 -87.25 31.23
CA VAL XA 77 -28.48 -86.58 29.96
C VAL XA 77 -28.43 -85.08 30.15
N ARG XA 78 -29.33 -84.52 30.98
CA ARG XA 78 -29.28 -83.09 31.27
C ARG XA 78 -28.01 -82.71 32.03
N ASP XA 79 -27.58 -83.57 32.96
CA ASP XA 79 -26.34 -83.31 33.69
C ASP XA 79 -25.14 -83.29 32.74
N VAL XA 80 -25.06 -84.28 31.85
CA VAL XA 80 -23.97 -84.32 30.88
C VAL XA 80 -24.05 -83.14 29.92
N LEU XA 81 -25.27 -82.69 29.61
CA LEU XA 81 -25.41 -81.50 28.79
C LEU XA 81 -24.83 -80.28 29.51
N GLU XA 82 -25.07 -80.19 30.81
CA GLU XA 82 -24.51 -79.08 31.59
C GLU XA 82 -22.98 -79.12 31.60
N MET XA 83 -22.41 -80.32 31.79
CA MET XA 83 -20.95 -80.44 31.75
C MET XA 83 -20.40 -80.03 30.39
N ALA XA 84 -21.05 -80.48 29.32
CA ALA XA 84 -20.61 -80.09 27.98
C ALA XA 84 -20.70 -78.59 27.80
N ARG XA 85 -21.72 -77.96 28.38
CA ARG XA 85 -21.84 -76.51 28.28
C ARG XA 85 -20.68 -75.83 28.99
N GLU XA 86 -20.32 -76.29 30.19
CA GLU XA 86 -19.30 -75.57 30.95
C GLU XA 86 -17.90 -75.80 30.38
N VAL XA 87 -17.60 -77.04 29.96
CA VAL XA 87 -16.27 -77.34 29.44
C VAL XA 87 -15.96 -76.53 28.19
N GLY XA 88 -16.93 -76.45 27.28
CA GLY XA 88 -16.74 -75.75 26.02
C GLY XA 88 -17.03 -76.58 24.80
N ALA XA 89 -17.47 -77.83 24.95
CA ALA XA 89 -17.79 -78.68 23.81
C ALA XA 89 -19.09 -78.20 23.18
N GLU XA 90 -19.02 -77.74 21.93
CA GLU XA 90 -20.20 -77.24 21.25
C GLU XA 90 -20.95 -78.36 20.53
N GLY XA 91 -20.27 -79.07 19.63
CA GLY XA 91 -20.94 -80.13 18.89
C GLY XA 91 -21.46 -81.23 19.81
N LEU XA 92 -20.70 -81.54 20.85
CA LEU XA 92 -21.16 -82.52 21.83
C LEU XA 92 -22.42 -82.03 22.53
N ALA XA 93 -22.46 -80.75 22.88
CA ALA XA 93 -23.66 -80.21 23.53
C ALA XA 93 -24.87 -80.28 22.60
N ARG XA 94 -24.69 -79.94 21.33
CA ARG XA 94 -25.80 -80.02 20.39
C ARG XA 94 -26.30 -81.45 20.27
N LEU XA 95 -25.39 -82.40 20.11
CA LEU XA 95 -25.81 -83.79 20.01
C LEU XA 95 -26.49 -84.24 21.29
N LEU XA 96 -26.09 -83.68 22.42
CA LEU XA 96 -26.70 -84.08 23.69
C LEU XA 96 -28.13 -83.57 23.81
N GLU XA 97 -28.38 -82.33 23.36
CA GLU XA 97 -29.77 -81.86 23.31
C GLU XA 97 -30.60 -82.75 22.39
N ARG XA 98 -30.05 -83.08 21.22
CA ARG XA 98 -30.78 -83.91 20.26
C ARG XA 98 -31.11 -85.28 20.84
N VAL XA 99 -30.13 -85.93 21.49
CA VAL XA 99 -30.41 -87.25 22.06
C VAL XA 99 -31.40 -87.12 23.20
N HIS XA 100 -31.35 -86.01 23.93
CA HIS XA 100 -32.32 -85.79 25.00
C HIS XA 100 -33.75 -85.83 24.46
N ARG XA 101 -34.03 -85.01 23.44
CA ARG XA 101 -35.38 -84.95 22.88
C ARG XA 101 -35.79 -86.29 22.28
N GLU XA 102 -34.91 -86.88 21.46
CA GLU XA 102 -35.26 -88.13 20.80
C GLU XA 102 -35.48 -89.25 21.81
N ALA XA 103 -34.66 -89.30 22.87
CA ALA XA 103 -34.86 -90.33 23.89
C ALA XA 103 -36.18 -90.14 24.58
N ARG XA 104 -36.58 -88.90 24.85
CA ARG XA 104 -37.92 -88.67 25.40
C ARG XA 104 -39.00 -89.23 24.49
N GLU XA 105 -38.92 -88.91 23.20
CA GLU XA 105 -39.96 -89.35 22.27
C GLU XA 105 -40.02 -90.88 22.20
N LEU XA 106 -38.88 -91.53 22.05
CA LEU XA 106 -38.88 -92.98 21.89
C LEU XA 106 -39.27 -93.69 23.18
N LEU XA 107 -38.88 -93.14 24.33
CA LEU XA 107 -39.29 -93.75 25.59
C LEU XA 107 -40.79 -93.58 25.81
N ARG XA 108 -41.37 -92.46 25.35
CA ARG XA 108 -42.82 -92.32 25.37
C ARG XA 108 -43.47 -93.38 24.47
N GLU XA 109 -42.89 -93.61 23.30
CA GLU XA 109 -43.39 -94.65 22.40
C GLU XA 109 -43.12 -96.05 22.91
N GLY XA 110 -42.31 -96.21 23.96
CA GLY XA 110 -42.09 -97.52 24.56
C GLY XA 110 -40.90 -98.29 24.01
N ARG XA 111 -40.21 -97.77 22.99
CA ARG XA 111 -39.05 -98.44 22.43
C ARG XA 111 -37.82 -98.06 23.24
N ARG XA 112 -37.06 -99.07 23.67
CA ARG XA 112 -35.94 -98.85 24.58
C ARG XA 112 -34.58 -98.99 23.91
N GLU XA 113 -34.44 -99.89 22.93
CA GLU XA 113 -33.14 -100.16 22.36
C GLU XA 113 -32.59 -98.94 21.63
N GLU XA 114 -33.45 -98.23 20.90
CA GLU XA 114 -32.96 -97.09 20.11
C GLU XA 114 -32.56 -95.91 20.98
N ALA XA 115 -33.25 -95.68 22.10
CA ALA XA 115 -32.84 -94.61 23.01
C ALA XA 115 -31.47 -94.89 23.60
N ALA XA 116 -31.24 -96.13 24.06
CA ALA XA 116 -29.92 -96.52 24.51
C ALA XA 116 -28.89 -96.43 23.38
N ALA XA 117 -29.31 -96.68 22.15
CA ALA XA 117 -28.41 -96.56 21.02
C ALA XA 117 -27.95 -95.12 20.83
N LEU XA 118 -28.88 -94.18 20.92
CA LEU XA 118 -28.48 -92.76 20.83
C LEU XA 118 -27.56 -92.39 21.99
N VAL XA 119 -27.86 -92.88 23.19
CA VAL XA 119 -27.01 -92.55 24.34
C VAL XA 119 -25.60 -93.12 24.16
N LEU XA 120 -25.50 -94.36 23.67
CA LEU XA 120 -24.19 -94.96 23.44
C LEU XA 120 -23.41 -94.21 22.36
N ALA XA 121 -24.09 -93.80 21.31
CA ALA XA 121 -23.44 -92.99 20.29
C ALA XA 121 -22.92 -91.68 20.88
N ALA XA 122 -23.69 -91.08 21.78
CA ALA XA 122 -23.25 -89.85 22.44
C ALA XA 122 -22.02 -90.08 23.30
N ALA XA 123 -22.01 -91.19 24.05
CA ALA XA 123 -20.85 -91.52 24.88
C ALA XA 123 -19.61 -91.73 24.02
N LEU XA 124 -19.75 -92.46 22.93
CA LEU XA 124 -18.62 -92.66 22.03
C LEU XA 124 -18.15 -91.34 21.44
N ALA XA 125 -19.08 -90.46 21.07
CA ALA XA 125 -18.67 -89.17 20.55
C ALA XA 125 -17.86 -88.40 21.57
N ALA XA 126 -18.29 -88.40 22.83
CA ALA XA 126 -17.57 -87.69 23.88
C ALA XA 126 -16.16 -88.26 24.09
N GLY XA 127 -16.08 -89.59 24.23
CA GLY XA 127 -14.78 -90.20 24.44
C GLY XA 127 -13.83 -90.01 23.28
N ALA XA 128 -14.32 -90.21 22.05
CA ALA XA 128 -13.48 -90.05 20.88
C ALA XA 128 -13.07 -88.60 20.68
N VAL XA 129 -13.94 -87.66 21.02
CA VAL XA 129 -13.57 -86.24 20.95
C VAL XA 129 -12.44 -85.96 21.92
N ALA XA 130 -12.53 -86.47 23.14
CA ALA XA 130 -11.47 -86.25 24.12
C ALA XA 130 -10.15 -86.83 23.64
N VAL XA 131 -10.17 -88.08 23.19
CA VAL XA 131 -8.92 -88.73 22.76
C VAL XA 131 -8.35 -88.02 21.55
N ALA XA 132 -9.21 -87.57 20.63
CA ALA XA 132 -8.72 -86.88 19.44
C ALA XA 132 -8.06 -85.55 19.81
N GLU XA 133 -8.65 -84.80 20.74
CA GLU XA 133 -7.99 -83.56 21.16
C GLU XA 133 -6.68 -83.84 21.86
N ALA XA 134 -6.62 -84.93 22.64
CA ALA XA 134 -5.36 -85.30 23.26
C ALA XA 134 -4.29 -85.58 22.22
N TYR XA 135 -4.65 -86.33 21.18
CA TYR XA 135 -3.69 -86.64 20.11
C TYR XA 135 -3.25 -85.38 19.39
N VAL XA 136 -4.17 -84.44 19.17
CA VAL XA 136 -3.81 -83.21 18.46
C VAL XA 136 -2.90 -82.34 19.33
N ARG XA 137 -3.13 -82.31 20.65
CA ARG XA 137 -2.32 -81.46 21.52
C ARG XA 137 -0.85 -81.88 21.50
N LEU XA 138 -0.58 -83.18 21.62
CA LEU XA 138 0.79 -83.66 21.64
C LEU XA 138 1.30 -84.06 20.26
N GLY XA 139 0.61 -83.65 19.19
CA GLY XA 139 1.13 -83.73 17.84
C GLY XA 139 1.42 -85.10 17.27
N GLN XA 140 0.55 -86.07 17.51
CA GLN XA 140 0.72 -87.38 16.91
C GLN XA 140 0.18 -87.37 15.47
N PRO XA 141 0.64 -88.29 14.63
CA PRO XA 141 0.26 -88.27 13.21
C PRO XA 141 -1.23 -88.57 13.02
N ILE XA 142 -1.73 -88.13 11.86
CA ILE XA 142 -3.15 -88.26 11.55
C ILE XA 142 -3.57 -89.70 11.28
N ARG XA 143 -2.65 -90.56 10.81
CA ARG XA 143 -2.98 -91.96 10.65
C ARG XA 143 -3.53 -92.55 11.94
N LEU XA 144 -2.96 -92.14 13.08
CA LEU XA 144 -3.40 -92.67 14.37
C LEU XA 144 -4.82 -92.28 14.69
N ILE XA 145 -5.16 -91.00 14.47
CA ILE XA 145 -6.53 -90.55 14.69
C ILE XA 145 -7.49 -91.31 13.79
N ALA XA 146 -7.16 -91.43 12.50
CA ALA XA 146 -8.05 -92.08 11.55
C ALA XA 146 -8.28 -93.55 11.92
N GLU XA 147 -7.21 -94.27 12.22
CA GLU XA 147 -7.35 -95.68 12.55
C GLU XA 147 -8.10 -95.87 13.86
N TYR XA 148 -7.83 -95.02 14.85
CA TYR XA 148 -8.53 -95.10 16.12
C TYR XA 148 -10.03 -94.91 15.93
N VAL XA 149 -10.41 -93.84 15.24
CA VAL XA 149 -11.83 -93.54 15.07
C VAL XA 149 -12.53 -94.63 14.28
N ALA XA 150 -11.90 -95.11 13.20
CA ALA XA 150 -12.52 -96.15 12.38
C ALA XA 150 -12.74 -97.41 13.18
N GLU XA 151 -11.75 -97.82 13.98
CA GLU XA 151 -11.91 -99.05 14.75
C GLU XA 151 -12.98 -98.89 15.82
N ARG XA 152 -13.05 -97.72 16.45
CA ARG XA 152 -14.11 -97.50 17.44
C ARG XA 152 -15.48 -97.55 16.80
N LEU XA 153 -15.63 -96.96 15.61
CA LEU XA 153 -16.91 -97.00 14.91
C LEU XA 153 -17.31 -98.44 14.58
N VAL XA 154 -16.35 -99.25 14.16
CA VAL XA 154 -16.68 -100.65 13.86
C VAL XA 154 -17.11 -101.38 15.12
N GLU XA 155 -16.43 -101.14 16.24
CA GLU XA 155 -16.83 -101.77 17.50
C GLU XA 155 -18.24 -101.37 17.92
N LEU XA 156 -18.54 -100.07 17.83
CA LEU XA 156 -19.89 -99.59 18.15
C LEU XA 156 -20.93 -100.21 17.24
N ALA XA 157 -20.62 -100.32 15.94
CA ALA XA 157 -21.56 -100.94 15.01
C ALA XA 157 -21.82 -102.38 15.38
N GLU XA 158 -20.79 -103.11 15.79
CA GLU XA 158 -20.99 -104.48 16.23
C GLU XA 158 -21.88 -104.52 17.46
N LEU XA 159 -21.66 -103.60 18.40
CA LEU XA 159 -22.50 -103.56 19.61
C LEU XA 159 -23.96 -103.29 19.27
N LEU XA 160 -24.21 -102.28 18.44
CA LEU XA 160 -25.58 -101.94 18.07
C LEU XA 160 -26.24 -103.07 17.29
N ARG XA 161 -25.48 -103.79 16.47
CA ARG XA 161 -26.03 -104.97 15.83
C ARG XA 161 -26.40 -106.02 16.85
N ARG XA 162 -25.61 -106.15 17.92
CA ARG XA 162 -25.97 -107.09 18.98
C ARG XA 162 -27.26 -106.69 19.69
N LEU XA 163 -27.43 -105.39 19.95
CA LEU XA 163 -28.64 -104.93 20.63
C LEU XA 163 -29.89 -105.21 19.80
N GLY XA 164 -29.90 -104.76 18.54
CA GLY XA 164 -31.04 -104.99 17.67
C GLY XA 164 -31.48 -103.78 16.86
N VAL XA 165 -30.72 -102.69 16.93
CA VAL XA 165 -31.08 -101.49 16.16
C VAL XA 165 -31.03 -101.80 14.68
N PRO XA 166 -31.95 -101.30 13.86
CA PRO XA 166 -31.88 -101.52 12.41
C PRO XA 166 -30.66 -100.83 11.79
N LEU XA 167 -30.22 -101.41 10.68
CA LEU XA 167 -28.91 -101.07 10.11
C LEU XA 167 -28.82 -99.62 9.67
N ARG XA 168 -29.86 -99.12 9.00
CA ARG XA 168 -29.80 -97.75 8.51
C ARG XA 168 -29.69 -96.75 9.65
N ARG XA 169 -30.37 -97.03 10.77
CA ARG XA 169 -30.20 -96.21 11.96
C ARG XA 169 -28.76 -96.30 12.47
N ILE XA 170 -28.16 -97.50 12.41
CA ILE XA 170 -26.77 -97.64 12.81
C ILE XA 170 -25.89 -96.70 12.01
N ILE XA 171 -26.05 -96.70 10.69
CA ILE XA 171 -25.19 -95.89 9.84
C ILE XA 171 -25.44 -94.41 10.10
N ARG XA 172 -26.69 -94.04 10.38
CA ARG XA 172 -26.99 -92.64 10.69
C ARG XA 172 -26.32 -92.20 11.99
N LEU XA 173 -26.35 -93.05 13.02
CA LEU XA 173 -25.69 -92.72 14.28
C LEU XA 173 -24.18 -92.62 14.09
N LEU XA 174 -23.60 -93.54 13.31
CA LEU XA 174 -22.17 -93.51 13.07
C LEU XA 174 -21.76 -92.22 12.36
N GLU XA 175 -22.57 -91.79 11.40
CA GLU XA 175 -22.28 -90.52 10.72
C GLU XA 175 -22.42 -89.34 11.67
N GLU XA 176 -23.36 -89.38 12.60
CA GLU XA 176 -23.45 -88.30 13.59
C GLU XA 176 -22.19 -88.25 14.45
N VAL XA 177 -21.71 -89.41 14.89
CA VAL XA 177 -20.47 -89.49 15.66
C VAL XA 177 -19.32 -88.89 14.86
N LEU XA 178 -19.22 -89.27 13.59
CA LEU XA 178 -18.15 -88.76 12.74
C LEU XA 178 -18.25 -87.25 12.57
N ARG XA 179 -19.47 -86.72 12.46
CA ARG XA 179 -19.63 -85.28 12.33
C ARG XA 179 -19.15 -84.56 13.58
N VAL XA 180 -19.47 -85.09 14.76
CA VAL XA 180 -18.99 -84.46 15.99
C VAL XA 180 -17.48 -84.51 16.07
N VAL XA 181 -16.88 -85.66 15.70
CA VAL XA 181 -15.44 -85.79 15.74
C VAL XA 181 -14.77 -84.81 14.79
N ALA XA 182 -15.33 -84.66 13.59
CA ALA XA 182 -14.78 -83.71 12.63
C ALA XA 182 -14.88 -82.28 13.15
N GLU XA 183 -16.00 -81.94 13.79
CA GLU XA 183 -16.12 -80.60 14.37
C GLU XA 183 -15.08 -80.37 15.45
N ALA XA 184 -14.86 -81.38 16.30
CA ALA XA 184 -13.87 -81.25 17.35
C ALA XA 184 -12.48 -81.04 16.76
N LEU XA 185 -12.13 -81.81 15.73
CA LEU XA 185 -10.83 -81.65 15.10
C LEU XA 185 -10.70 -80.30 14.41
N ARG XA 186 -11.81 -79.77 13.89
CA ARG XA 186 -11.78 -78.43 13.32
C ARG XA 186 -11.49 -77.38 14.38
N ARG XA 187 -12.11 -77.51 15.56
CA ARG XA 187 -11.86 -76.55 16.63
C ARG XA 187 -10.43 -76.62 17.14
N ALA XA 188 -9.78 -77.77 16.99
CA ALA XA 188 -8.41 -77.93 17.44
C ALA XA 188 -7.38 -77.47 16.43
N GLY XA 189 -7.81 -76.88 15.31
CA GLY XA 189 -6.90 -76.34 14.33
C GLY XA 189 -6.38 -77.31 13.30
N VAL XA 190 -6.86 -78.55 13.29
CA VAL XA 190 -6.41 -79.51 12.28
C VAL XA 190 -6.84 -79.04 10.89
N PRO XA 191 -5.95 -79.05 9.89
CA PRO XA 191 -6.33 -78.56 8.57
C PRO XA 191 -7.42 -79.42 7.94
N GLU XA 192 -8.23 -78.78 7.08
CA GLU XA 192 -9.40 -79.45 6.53
C GLU XA 192 -9.07 -80.72 5.74
N PRO XA 193 -8.06 -80.77 4.87
CA PRO XA 193 -7.79 -82.01 4.14
C PRO XA 193 -7.54 -83.21 5.05
N GLU XA 194 -6.91 -83.00 6.20
CA GLU XA 194 -6.72 -84.12 7.13
C GLU XA 194 -8.04 -84.58 7.70
N ILE XA 195 -8.97 -83.65 7.97
CA ILE XA 195 -10.29 -84.04 8.44
C ILE XA 195 -11.01 -84.87 7.38
N ARG XA 196 -10.92 -84.45 6.12
CA ARG XA 196 -11.53 -85.23 5.05
C ARG XA 196 -10.91 -86.61 4.94
N LYS XA 197 -9.59 -86.69 5.11
CA LYS XA 197 -8.94 -88.00 5.07
C LYS XA 197 -9.43 -88.89 6.21
N VAL XA 198 -9.60 -88.30 7.40
CA VAL XA 198 -10.15 -89.06 8.52
C VAL XA 198 -11.52 -89.63 8.18
N GLU XA 199 -12.39 -88.76 7.67
CA GLU XA 199 -13.75 -89.19 7.35
C GLU XA 199 -13.77 -90.27 6.27
N ALA XA 200 -12.98 -90.07 5.21
CA ALA XA 200 -12.95 -91.04 4.11
C ALA XA 200 -12.41 -92.38 4.57
N ALA XA 201 -11.39 -92.38 5.43
CA ALA XA 201 -10.90 -93.64 5.97
C ALA XA 201 -12.00 -94.33 6.78
N ALA XA 202 -12.75 -93.56 7.56
CA ALA XA 202 -13.85 -94.14 8.33
C ALA XA 202 -14.89 -94.78 7.43
N TYR XA 203 -15.24 -94.08 6.35
CA TYR XA 203 -16.28 -94.60 5.43
C TYR XA 203 -15.80 -95.85 4.70
N ILE XA 204 -14.53 -95.86 4.28
CA ILE XA 204 -14.00 -97.04 3.59
C ILE XA 204 -13.92 -98.22 4.54
N ARG XA 205 -13.56 -97.99 5.81
CA ARG XA 205 -13.56 -99.07 6.78
C ARG XA 205 -14.96 -99.61 7.01
N LEU XA 206 -15.95 -98.72 7.14
CA LEU XA 206 -17.33 -99.16 7.32
C LEU XA 206 -17.84 -99.94 6.12
N ALA XA 207 -17.54 -99.46 4.92
CA ALA XA 207 -17.96 -100.18 3.71
C ALA XA 207 -17.33 -101.55 3.64
N ALA XA 208 -16.04 -101.66 3.97
CA ALA XA 208 -15.38 -102.96 3.97
C ALA XA 208 -16.01 -103.89 5.01
N TYR XA 209 -16.32 -103.34 6.19
CA TYR XA 209 -16.95 -104.14 7.24
C TYR XA 209 -18.30 -104.67 6.80
N LEU XA 210 -19.11 -103.83 6.15
CA LEU XA 210 -20.40 -104.29 5.65
C LEU XA 210 -20.24 -105.34 4.55
N LEU XA 211 -19.27 -105.13 3.66
CA LEU XA 211 -19.07 -106.06 2.56
C LEU XA 211 -18.60 -107.41 3.04
N ARG XA 212 -17.89 -107.47 4.16
CA ARG XA 212 -17.35 -108.74 4.60
C ARG XA 212 -18.44 -109.70 5.08
N GLN XA 213 -19.51 -109.17 5.69
CA GLN XA 213 -20.53 -110.05 6.26
C GLN XA 213 -21.22 -110.89 5.18
N LEU XA 214 -21.53 -110.28 4.04
CA LEU XA 214 -22.10 -111.03 2.92
C LEU XA 214 -21.11 -111.99 2.28
N GLY XA 215 -19.82 -111.89 2.59
CA GLY XA 215 -18.87 -112.83 2.05
C GLY XA 215 -18.20 -112.35 0.78
N TYR XA 216 -17.79 -111.10 0.75
CA TYR XA 216 -16.99 -110.54 -0.35
C TYR XA 216 -15.64 -110.18 0.22
N GLU XA 217 -14.75 -111.16 0.32
CA GLU XA 217 -13.45 -110.94 0.93
C GLU XA 217 -12.54 -110.14 0.01
N ALA XA 218 -12.55 -110.46 -1.29
CA ALA XA 218 -11.68 -109.76 -2.22
C ALA XA 218 -12.00 -108.27 -2.27
N LEU XA 219 -13.29 -107.94 -2.30
CA LEU XA 219 -13.71 -106.54 -2.29
C LEU XA 219 -13.21 -105.82 -1.05
N ALA XA 220 -13.34 -106.44 0.12
CA ALA XA 220 -12.88 -105.80 1.35
C ALA XA 220 -11.38 -105.60 1.35
N LYS XA 221 -10.63 -106.59 0.87
CA LYS XA 221 -9.18 -106.45 0.80
C LYS XA 221 -8.79 -105.29 -0.11
N ARG XA 222 -9.42 -105.17 -1.28
CA ARG XA 222 -9.07 -104.10 -2.19
C ARG XA 222 -9.43 -102.74 -1.62
N LEU XA 223 -10.56 -102.65 -0.94
CA LEU XA 223 -10.94 -101.39 -0.30
C LEU XA 223 -9.93 -101.01 0.78
N LEU XA 224 -9.46 -101.97 1.56
CA LEU XA 224 -8.51 -101.64 2.61
C LEU XA 224 -7.13 -101.34 2.05
N GLU XA 225 -6.76 -101.94 0.91
CA GLU XA 225 -5.54 -101.51 0.23
C GLU XA 225 -5.63 -100.06 -0.21
N ALA XA 226 -6.77 -99.68 -0.78
CA ALA XA 226 -6.97 -98.28 -1.15
C ALA XA 226 -6.88 -97.38 0.07
N ARG XA 227 -7.44 -97.82 1.19
CA ARG XA 227 -7.37 -97.04 2.42
C ARG XA 227 -5.93 -96.88 2.89
N GLU XA 228 -5.15 -97.96 2.83
CA GLU XA 228 -3.75 -97.88 3.24
C GLU XA 228 -2.98 -96.91 2.37
N LEU XA 229 -3.20 -96.96 1.05
CA LEU XA 229 -2.56 -95.98 0.18
C LEU XA 229 -3.02 -94.57 0.49
N LEU XA 230 -4.26 -94.40 0.93
CA LEU XA 230 -4.75 -93.06 1.25
C LEU XA 230 -4.10 -92.50 2.50
N LEU XA 231 -3.99 -93.32 3.55
CA LEU XA 231 -3.47 -92.83 4.82
C LEU XA 231 -2.00 -92.47 4.76
N GLU XA 232 -1.27 -92.99 3.76
CA GLU XA 232 0.15 -92.69 3.58
C GLU XA 232 0.39 -91.40 2.82
N GLY XA 233 -0.67 -90.71 2.38
CA GLY XA 233 -0.53 -89.50 1.61
C GLY XA 233 -0.60 -89.69 0.11
N ARG XA 234 -0.53 -90.93 -0.38
CA ARG XA 234 -0.67 -91.20 -1.80
C ARG XA 234 -2.14 -91.13 -2.17
N VAL XA 235 -2.61 -89.90 -2.40
CA VAL XA 235 -4.03 -89.70 -2.71
C VAL XA 235 -4.36 -90.22 -4.10
N GLU XA 236 -3.45 -90.03 -5.07
CA GLU XA 236 -3.78 -90.33 -6.46
C GLU XA 236 -3.92 -91.82 -6.69
N GLU XA 237 -2.99 -92.61 -6.18
CA GLU XA 237 -3.11 -94.06 -6.30
C GLU XA 237 -4.32 -94.57 -5.54
N ALA XA 238 -4.62 -93.98 -4.39
CA ALA XA 238 -5.82 -94.36 -3.64
C ALA XA 238 -7.08 -94.11 -4.44
N ALA XA 239 -7.18 -92.95 -5.07
CA ALA XA 239 -8.36 -92.64 -5.88
C ALA XA 239 -8.46 -93.55 -7.09
N HIS XA 240 -7.34 -93.84 -7.76
CA HIS XA 240 -7.40 -94.72 -8.92
C HIS XA 240 -7.85 -96.13 -8.53
N LEU XA 241 -7.25 -96.70 -7.48
CA LEU XA 241 -7.62 -98.05 -7.08
C LEU XA 241 -9.04 -98.09 -6.51
N LEU XA 242 -9.46 -97.02 -5.83
CA LEU XA 242 -10.83 -96.93 -5.36
C LEU XA 242 -11.81 -96.89 -6.51
N GLU XA 243 -11.51 -96.14 -7.56
CA GLU XA 243 -12.42 -96.07 -8.69
C GLU XA 243 -12.50 -97.40 -9.42
N ASP XA 244 -11.38 -98.13 -9.53
CA ASP XA 244 -11.44 -99.44 -10.17
C ASP XA 244 -12.30 -100.42 -9.37
N VAL XA 245 -12.09 -100.47 -8.06
CA VAL XA 245 -12.87 -101.41 -7.26
C VAL XA 245 -14.34 -101.00 -7.21
N TYR XA 246 -14.63 -99.70 -7.19
CA TYR XA 246 -16.01 -99.24 -7.24
C TYR XA 246 -16.67 -99.60 -8.56
N ALA XA 247 -15.94 -99.51 -9.67
CA ALA XA 247 -16.51 -99.88 -10.96
C ALA XA 247 -16.89 -101.35 -10.98
N LEU XA 248 -16.00 -102.22 -10.49
CA LEU XA 248 -16.34 -103.64 -10.46
C LEU XA 248 -17.52 -103.92 -9.54
N PHE XA 249 -17.53 -103.29 -8.37
CA PHE XA 249 -18.64 -103.47 -7.43
C PHE XA 249 -19.94 -102.98 -8.02
N HIS XA 250 -19.92 -101.85 -8.71
CA HIS XA 250 -21.16 -101.28 -9.24
C HIS XA 250 -21.70 -102.12 -10.37
N ARG XA 251 -20.82 -102.68 -11.21
CA ARG XA 251 -21.29 -103.63 -12.21
C ARG XA 251 -21.93 -104.84 -11.54
N GLU XA 252 -21.35 -105.30 -10.43
CA GLU XA 252 -21.96 -106.43 -9.72
C GLU XA 252 -23.32 -106.05 -9.17
N ILE XA 253 -23.48 -104.83 -8.67
CA ILE XA 253 -24.77 -104.38 -8.15
C ILE XA 253 -25.80 -104.33 -9.27
N GLU XA 254 -25.45 -103.72 -10.39
CA GLU XA 254 -26.38 -103.64 -11.52
C GLU XA 254 -26.68 -105.00 -12.12
N ARG XA 255 -25.83 -106.00 -11.87
CA ARG XA 255 -26.13 -107.35 -12.35
C ARG XA 255 -27.42 -107.87 -11.72
N LEU XA 256 -27.62 -107.62 -10.44
CA LEU XA 256 -28.77 -108.14 -9.71
C LEU XA 256 -30.05 -107.34 -9.98
N GLY XA 257 -29.99 -106.26 -10.73
CA GLY XA 257 -31.19 -105.56 -11.15
C GLY XA 257 -31.90 -104.90 -9.99
N PHE XA 258 -33.20 -105.20 -9.86
CA PHE XA 258 -34.04 -104.66 -8.78
C PHE XA 258 -34.13 -105.65 -7.63
N GLU XA 259 -32.97 -106.06 -7.12
CA GLU XA 259 -32.86 -106.94 -5.97
C GLU XA 259 -31.42 -106.92 -5.50
N ALA XA 260 -31.21 -106.74 -4.19
CA ALA XA 260 -29.89 -106.79 -3.56
C ALA XA 260 -30.05 -106.68 -2.06
N PRO XA 261 -29.26 -107.43 -1.29
CA PRO XA 261 -29.33 -107.31 0.17
C PRO XA 261 -29.06 -105.88 0.61
N GLU XA 262 -29.70 -105.47 1.71
CA GLU XA 262 -29.66 -104.07 2.11
C GLU XA 262 -28.24 -103.60 2.42
N GLU XA 263 -27.37 -104.51 2.85
CA GLU XA 263 -25.99 -104.11 3.11
C GLU XA 263 -25.29 -103.66 1.84
N LEU XA 264 -25.58 -104.29 0.71
CA LEU XA 264 -25.06 -103.82 -0.57
C LEU XA 264 -25.54 -102.41 -0.87
N ARG XA 265 -26.82 -102.14 -0.62
CA ARG XA 265 -27.39 -100.83 -0.92
C ARG XA 265 -26.76 -99.76 -0.05
N VAL XA 266 -26.52 -100.06 1.24
CA VAL XA 266 -25.88 -99.07 2.10
C VAL XA 266 -24.41 -98.88 1.72
N ALA XA 267 -23.73 -99.98 1.38
CA ALA XA 267 -22.33 -99.90 1.01
C ALA XA 267 -22.14 -99.06 -0.24
N ASP XA 268 -23.09 -99.10 -1.17
CA ASP XA 268 -22.96 -98.29 -2.37
C ASP XA 268 -22.93 -96.80 -2.02
N LEU XA 269 -23.80 -96.37 -1.11
CA LEU XA 269 -23.81 -94.96 -0.72
C LEU XA 269 -22.55 -94.61 0.07
N LEU XA 270 -22.10 -95.51 0.94
CA LEU XA 270 -20.87 -95.27 1.70
C LEU XA 270 -19.68 -95.10 0.76
N LEU XA 271 -19.56 -95.98 -0.24
CA LEU XA 271 -18.46 -95.90 -1.20
C LEU XA 271 -18.53 -94.63 -2.02
N ALA XA 272 -19.73 -94.24 -2.44
CA ALA XA 272 -19.87 -92.98 -3.18
C ALA XA 272 -19.41 -91.80 -2.36
N ARG XA 273 -19.79 -91.75 -1.08
CA ARG XA 273 -19.36 -90.64 -0.24
C ARG XA 273 -17.85 -90.66 0.00
N ALA XA 274 -17.28 -91.85 0.18
CA ALA XA 274 -15.84 -91.96 0.36
C ALA XA 274 -15.10 -91.43 -0.87
N ILE XA 275 -15.59 -91.79 -2.06
CA ILE XA 275 -14.96 -91.31 -3.29
C ILE XA 275 -15.09 -89.81 -3.40
N ALA XA 276 -16.26 -89.26 -3.04
CA ALA XA 276 -16.43 -87.81 -3.09
C ALA XA 276 -15.46 -87.11 -2.15
N LEU XA 277 -15.30 -87.64 -0.93
CA LEU XA 277 -14.40 -87.01 0.03
C LEU XA 277 -12.96 -87.06 -0.45
N ILE XA 278 -12.53 -88.22 -0.97
CA ILE XA 278 -11.16 -88.32 -1.46
C ILE XA 278 -10.93 -87.34 -2.61
N LYS XA 279 -11.89 -87.26 -3.53
CA LYS XA 279 -11.75 -86.33 -4.66
C LYS XA 279 -11.73 -84.89 -4.20
N ALA XA 280 -12.40 -84.57 -3.08
CA ALA XA 280 -12.43 -83.20 -2.60
C ALA XA 280 -11.22 -82.82 -1.76
N ILE XA 281 -10.35 -83.77 -1.40
CA ILE XA 281 -9.13 -83.46 -0.66
C ILE XA 281 -8.27 -82.48 -1.43
N THR YA 24 -114.97 -14.29 -14.62
CA THR YA 24 -114.13 -15.46 -14.37
C THR YA 24 -112.66 -15.13 -14.61
N VAL YA 25 -112.41 -13.98 -15.26
CA VAL YA 25 -111.06 -13.61 -15.65
C VAL YA 25 -110.16 -13.45 -14.43
N VAL YA 26 -110.66 -12.76 -13.40
CA VAL YA 26 -109.88 -12.58 -12.18
C VAL YA 26 -109.69 -13.92 -11.48
N GLU YA 27 -110.69 -14.79 -11.53
CA GLU YA 27 -110.51 -16.13 -11.02
C GLU YA 27 -109.46 -16.90 -11.80
N GLU YA 28 -109.40 -16.69 -13.12
CA GLU YA 28 -108.36 -17.33 -13.92
C GLU YA 28 -106.98 -16.83 -13.53
N VAL YA 29 -106.85 -15.52 -13.28
CA VAL YA 29 -105.57 -14.98 -12.86
C VAL YA 29 -105.16 -15.55 -11.51
N ARG YA 30 -106.11 -15.62 -10.57
CA ARG YA 30 -105.82 -16.20 -9.26
C ARG YA 30 -105.39 -17.65 -9.39
N ARG YA 31 -106.13 -18.44 -10.19
CA ARG YA 31 -105.80 -19.84 -10.36
C ARG YA 31 -104.43 -20.02 -10.99
N PHE YA 32 -104.12 -19.20 -12.00
CA PHE YA 32 -102.81 -19.26 -12.65
C PHE YA 32 -101.70 -18.97 -11.65
N ALA YA 33 -101.84 -17.92 -10.84
CA ALA YA 33 -100.80 -17.56 -9.89
C ALA YA 33 -100.62 -18.64 -8.82
N GLU YA 34 -101.73 -19.14 -8.27
CA GLU YA 34 -101.62 -20.16 -7.23
C GLU YA 34 -101.03 -21.45 -7.78
N GLU YA 35 -101.43 -21.87 -8.98
CA GLU YA 35 -100.85 -23.07 -9.57
C GLU YA 35 -99.36 -22.92 -9.79
N LEU YA 36 -98.93 -21.76 -10.29
CA LEU YA 36 -97.50 -21.55 -10.49
C LEU YA 36 -96.76 -21.58 -9.16
N ALA YA 37 -97.32 -20.97 -8.11
CA ALA YA 37 -96.68 -20.97 -6.80
C ALA YA 37 -96.59 -22.37 -6.21
N GLU YA 38 -97.67 -23.16 -6.36
CA GLU YA 38 -97.65 -24.54 -5.89
C GLU YA 38 -96.59 -25.35 -6.62
N GLU YA 39 -96.48 -25.17 -7.94
CA GLU YA 39 -95.44 -25.88 -8.68
C GLU YA 39 -94.05 -25.45 -8.25
N VAL YA 40 -93.87 -24.17 -7.95
CA VAL YA 40 -92.57 -23.70 -7.48
C VAL YA 40 -92.23 -24.39 -6.17
N LEU YA 41 -93.20 -24.49 -5.26
CA LEU YA 41 -92.95 -25.14 -3.98
C LEU YA 41 -92.71 -26.64 -4.14
N ARG YA 42 -93.44 -27.29 -5.04
CA ARG YA 42 -93.23 -28.72 -5.25
C ARG YA 42 -91.85 -29.00 -5.81
N VAL YA 43 -91.42 -28.23 -6.81
CA VAL YA 43 -90.12 -28.50 -7.42
C VAL YA 43 -88.99 -28.12 -6.46
N GLY YA 44 -89.08 -26.96 -5.83
CA GLY YA 44 -88.01 -26.47 -4.98
C GLY YA 44 -88.19 -26.66 -3.49
N GLY YA 45 -89.36 -27.13 -3.06
CA GLY YA 45 -89.52 -27.38 -1.64
C GLY YA 45 -89.57 -26.09 -0.82
N GLU YA 46 -89.10 -26.21 0.41
CA GLU YA 46 -88.98 -25.08 1.31
C GLU YA 46 -87.71 -24.30 1.09
N ALA YA 47 -86.85 -24.72 0.16
CA ALA YA 47 -85.63 -23.97 -0.10
C ALA YA 47 -85.92 -22.57 -0.62
N MET YA 48 -86.88 -22.45 -1.55
CA MET YA 48 -87.31 -21.16 -2.09
C MET YA 48 -88.79 -21.01 -1.78
N ARG YA 49 -89.08 -20.51 -0.59
CA ARG YA 49 -90.40 -20.03 -0.17
C ARG YA 49 -90.65 -18.60 -0.62
N PRO YA 50 -89.64 -17.70 -0.62
CA PRO YA 50 -89.89 -16.33 -1.10
C PRO YA 50 -90.53 -16.26 -2.48
N TYR YA 51 -90.12 -17.12 -3.41
CA TYR YA 51 -90.64 -17.03 -4.77
C TYR YA 51 -92.13 -17.35 -4.82
N ALA YA 52 -92.58 -18.28 -3.98
CA ALA YA 52 -94.01 -18.55 -3.89
C ALA YA 52 -94.76 -17.32 -3.41
N GLU YA 53 -94.18 -16.58 -2.45
CA GLU YA 53 -94.81 -15.36 -1.97
C GLU YA 53 -94.85 -14.29 -3.06
N MET YA 54 -93.75 -14.15 -3.81
CA MET YA 54 -93.75 -13.19 -4.92
C MET YA 54 -94.82 -13.54 -5.95
N VAL YA 55 -94.92 -14.81 -6.30
CA VAL YA 55 -95.93 -15.20 -7.29
C VAL YA 55 -97.33 -14.92 -6.77
N ARG YA 56 -97.58 -15.22 -5.50
CA ARG YA 56 -98.92 -15.04 -4.95
C ARG YA 56 -99.28 -13.56 -4.84
N HIS YA 57 -98.34 -12.73 -4.39
CA HIS YA 57 -98.61 -11.29 -4.33
C HIS YA 57 -98.75 -10.66 -5.71
N LEU YA 58 -97.99 -11.13 -6.70
CA LEU YA 58 -98.14 -10.59 -8.05
C LEU YA 58 -99.47 -10.99 -8.65
N GLY YA 59 -99.93 -12.22 -8.37
CA GLY YA 59 -101.29 -12.57 -8.75
C GLY YA 59 -102.31 -11.69 -8.06
N GLU YA 60 -102.08 -11.37 -6.79
CA GLU YA 60 -103.01 -10.51 -6.06
C GLU YA 60 -103.03 -9.09 -6.63
N ALA YA 61 -101.87 -8.53 -6.96
CA ALA YA 61 -101.82 -7.21 -7.57
C ALA YA 61 -102.51 -7.19 -8.92
N ALA YA 62 -102.32 -8.26 -9.71
CA ALA YA 62 -102.99 -8.34 -11.00
C ALA YA 62 -104.51 -8.37 -10.84
N VAL YA 63 -105.01 -9.19 -9.91
CA VAL YA 63 -106.47 -9.25 -9.76
C VAL YA 63 -107.01 -7.95 -9.16
N ALA YA 64 -106.22 -7.29 -8.31
CA ALA YA 64 -106.61 -5.97 -7.83
C ALA YA 64 -106.76 -5.01 -8.99
N ALA YA 65 -105.78 -4.99 -9.90
CA ALA YA 65 -105.86 -4.10 -11.07
C ALA YA 65 -107.07 -4.43 -11.94
N LEU YA 66 -107.34 -5.72 -12.16
CA LEU YA 66 -108.50 -6.09 -12.96
C LEU YA 66 -109.82 -5.78 -12.26
N GLU YA 67 -109.82 -5.63 -10.93
CA GLU YA 67 -111.06 -5.36 -10.20
C GLU YA 67 -111.07 -3.96 -9.61
N GLY YA 68 -110.67 -2.97 -10.39
CA GLY YA 68 -110.58 -1.62 -9.90
C GLY YA 68 -109.19 -1.30 -9.40
N ARG YA 69 -109.12 -0.30 -8.52
CA ARG YA 69 -107.90 0.01 -7.77
C ARG YA 69 -106.74 0.49 -8.63
N ALA YA 70 -105.88 1.32 -8.04
CA ALA YA 70 -104.62 1.69 -8.66
C ALA YA 70 -103.48 1.80 -7.66
N GLU YA 71 -103.78 1.89 -6.36
CA GLU YA 71 -102.78 2.08 -5.32
C GLU YA 71 -102.36 0.77 -4.67
N GLU YA 72 -103.32 -0.16 -4.51
CA GLU YA 72 -102.98 -1.48 -3.98
C GLU YA 72 -102.01 -2.20 -4.92
N ALA YA 73 -102.23 -2.08 -6.22
CA ALA YA 73 -101.30 -2.66 -7.19
C ALA YA 73 -99.90 -2.08 -7.01
N ASP YA 74 -99.80 -0.76 -6.86
CA ASP YA 74 -98.51 -0.12 -6.65
C ASP YA 74 -97.84 -0.64 -5.39
N ARG YA 75 -98.62 -0.75 -4.30
CA ARG YA 75 -98.05 -1.19 -3.04
C ARG YA 75 -97.55 -2.63 -3.11
N LEU YA 76 -98.37 -3.53 -3.67
CA LEU YA 76 -97.97 -4.92 -3.78
C LEU YA 76 -96.75 -5.08 -4.68
N VAL YA 77 -96.69 -4.31 -5.77
CA VAL YA 77 -95.53 -4.41 -6.66
C VAL YA 77 -94.29 -3.90 -5.97
N ARG YA 78 -94.42 -2.84 -5.16
CA ARG YA 78 -93.27 -2.34 -4.39
C ARG YA 78 -92.81 -3.36 -3.35
N ASP YA 79 -93.76 -4.04 -2.70
CA ASP YA 79 -93.40 -5.07 -1.74
C ASP YA 79 -92.67 -6.23 -2.41
N VAL YA 80 -93.16 -6.66 -3.58
CA VAL YA 80 -92.51 -7.73 -4.31
C VAL YA 80 -91.13 -7.28 -4.80
N LEU YA 81 -91.01 -6.00 -5.15
CA LEU YA 81 -89.70 -5.47 -5.51
C LEU YA 81 -88.74 -5.55 -4.33
N GLU YA 82 -89.23 -5.26 -3.13
CA GLU YA 82 -88.39 -5.38 -1.94
C GLU YA 82 -87.95 -6.83 -1.71
N MET YA 83 -88.87 -7.78 -1.88
CA MET YA 83 -88.49 -9.18 -1.74
C MET YA 83 -87.43 -9.56 -2.77
N ALA YA 84 -87.61 -9.12 -4.01
CA ALA YA 84 -86.63 -9.42 -5.04
C ALA YA 84 -85.27 -8.81 -4.69
N ARG YA 85 -85.27 -7.62 -4.10
CA ARG YA 85 -84.03 -6.99 -3.68
C ARG YA 85 -83.33 -7.82 -2.62
N GLU YA 86 -84.08 -8.30 -1.62
CA GLU YA 86 -83.42 -9.01 -0.53
C GLU YA 86 -82.96 -10.40 -0.93
N VAL YA 87 -83.76 -11.11 -1.73
CA VAL YA 87 -83.39 -12.47 -2.14
C VAL YA 87 -82.12 -12.45 -2.97
N GLY YA 88 -82.00 -11.50 -3.89
CA GLY YA 88 -80.87 -11.43 -4.79
C GLY YA 88 -81.23 -11.47 -6.26
N ALA YA 89 -82.52 -11.56 -6.59
CA ALA YA 89 -82.95 -11.60 -7.99
C ALA YA 89 -82.75 -10.21 -8.60
N GLU YA 90 -81.84 -10.12 -9.58
CA GLU YA 90 -81.55 -8.84 -10.21
C GLU YA 90 -82.49 -8.56 -11.39
N GLY YA 91 -82.50 -9.46 -12.37
CA GLY YA 91 -83.38 -9.26 -13.53
C GLY YA 91 -84.84 -9.17 -13.14
N LEU YA 92 -85.24 -9.98 -12.16
CA LEU YA 92 -86.61 -9.90 -11.67
C LEU YA 92 -86.88 -8.53 -11.04
N ALA YA 93 -85.93 -8.00 -10.29
CA ALA YA 93 -86.11 -6.68 -9.68
C ALA YA 93 -86.25 -5.59 -10.74
N ARG YA 94 -85.39 -5.63 -11.76
CA ARG YA 94 -85.50 -4.63 -12.83
C ARG YA 94 -86.85 -4.72 -13.53
N LEU YA 95 -87.26 -5.94 -13.88
CA LEU YA 95 -88.55 -6.10 -14.51
C LEU YA 95 -89.67 -5.60 -13.62
N LEU YA 96 -89.53 -5.77 -12.30
CA LEU YA 96 -90.58 -5.32 -11.39
C LEU YA 96 -90.65 -3.80 -11.32
N GLU YA 97 -89.50 -3.12 -11.35
CA GLU YA 97 -89.53 -1.66 -11.41
C GLU YA 97 -90.22 -1.18 -12.69
N ARG YA 98 -89.88 -1.80 -13.82
CA ARG YA 98 -90.52 -1.42 -15.08
C ARG YA 98 -92.02 -1.68 -15.02
N VAL YA 99 -92.43 -2.82 -14.44
CA VAL YA 99 -93.85 -3.10 -14.26
C VAL YA 99 -94.50 -2.02 -13.43
N HIS YA 100 -93.81 -1.55 -12.38
CA HIS YA 100 -94.37 -0.52 -11.51
C HIS YA 100 -94.66 0.76 -12.29
N ARG YA 101 -93.65 1.26 -13.01
CA ARG YA 101 -93.81 2.53 -13.73
C ARG YA 101 -94.89 2.44 -14.80
N GLU YA 102 -94.82 1.39 -15.64
CA GLU YA 102 -95.83 1.25 -16.69
C GLU YA 102 -97.21 0.99 -16.11
N ALA YA 103 -97.31 0.29 -14.99
CA ALA YA 103 -98.61 0.10 -14.37
C ALA YA 103 -99.20 1.43 -13.95
N ARG YA 104 -98.37 2.30 -13.36
CA ARG YA 104 -98.85 3.63 -12.99
C ARG YA 104 -99.35 4.40 -14.20
N GLU YA 105 -98.54 4.42 -15.28
CA GLU YA 105 -98.92 5.20 -16.47
C GLU YA 105 -100.22 4.68 -17.06
N LEU YA 106 -100.32 3.37 -17.26
CA LEU YA 106 -101.50 2.81 -17.91
C LEU YA 106 -102.74 2.92 -17.03
N LEU YA 107 -102.56 2.84 -15.70
CA LEU YA 107 -103.71 3.00 -14.82
C LEU YA 107 -104.17 4.46 -14.79
N ARG YA 108 -103.25 5.41 -14.93
CA ARG YA 108 -103.64 6.80 -15.08
C ARG YA 108 -104.42 7.01 -16.38
N GLU YA 109 -103.96 6.36 -17.47
CA GLU YA 109 -104.68 6.45 -18.73
C GLU YA 109 -106.01 5.71 -18.72
N GLY YA 110 -106.29 4.91 -17.69
CA GLY YA 110 -107.55 4.22 -17.57
C GLY YA 110 -107.60 2.83 -18.20
N ARG YA 111 -106.53 2.39 -18.85
CA ARG YA 111 -106.48 1.06 -19.44
C ARG YA 111 -106.07 0.06 -18.37
N ARG YA 112 -106.90 -0.97 -18.18
CA ARG YA 112 -106.70 -1.91 -17.08
C ARG YA 112 -106.12 -3.25 -17.52
N GLU YA 113 -106.52 -3.75 -18.69
CA GLU YA 113 -106.10 -5.10 -19.09
C GLU YA 113 -104.59 -5.18 -19.24
N GLU YA 114 -103.97 -4.18 -19.85
CA GLU YA 114 -102.54 -4.27 -20.13
C GLU YA 114 -101.69 -4.14 -18.87
N ALA YA 115 -102.15 -3.40 -17.87
CA ALA YA 115 -101.43 -3.34 -16.60
C ALA YA 115 -101.43 -4.70 -15.91
N ALA YA 116 -102.60 -5.34 -15.84
CA ALA YA 116 -102.65 -6.71 -15.33
C ALA YA 116 -101.82 -7.65 -16.18
N ALA YA 117 -101.72 -7.37 -17.48
CA ALA YA 117 -100.89 -8.20 -18.35
C ALA YA 117 -99.43 -8.09 -17.98
N LEU YA 118 -98.94 -6.87 -17.73
CA LEU YA 118 -97.56 -6.71 -17.29
C LEU YA 118 -97.33 -7.42 -15.96
N VAL YA 119 -98.29 -7.30 -15.05
CA VAL YA 119 -98.15 -7.96 -13.75
C VAL YA 119 -98.10 -9.47 -13.91
N LEU YA 120 -98.97 -10.03 -14.75
CA LEU YA 120 -98.98 -11.47 -14.97
C LEU YA 120 -97.68 -11.95 -15.59
N ALA YA 121 -97.14 -11.18 -16.54
CA ALA YA 121 -95.85 -11.55 -17.11
C ALA YA 121 -94.77 -11.54 -16.04
N ALA YA 122 -94.81 -10.57 -15.13
CA ALA YA 122 -93.80 -10.52 -14.06
C ALA YA 122 -93.94 -11.71 -13.11
N ALA YA 123 -95.18 -12.10 -12.79
CA ALA YA 123 -95.41 -13.26 -11.93
C ALA YA 123 -94.88 -14.53 -12.59
N LEU YA 124 -95.15 -14.69 -13.88
CA LEU YA 124 -94.63 -15.84 -14.61
C LEU YA 124 -93.12 -15.83 -14.64
N ALA YA 125 -92.51 -14.66 -14.81
CA ALA YA 125 -91.05 -14.59 -14.79
C ALA YA 125 -90.51 -15.04 -13.45
N ALA YA 126 -91.14 -14.61 -12.35
CA ALA YA 126 -90.68 -15.00 -11.02
C ALA YA 126 -90.79 -16.51 -10.81
N GLY YA 127 -91.96 -17.07 -11.09
CA GLY YA 127 -92.14 -18.51 -10.90
C GLY YA 127 -91.23 -19.33 -11.78
N ALA YA 128 -91.13 -18.97 -13.06
CA ALA YA 128 -90.28 -19.72 -13.98
C ALA YA 128 -88.82 -19.61 -13.61
N VAL YA 129 -88.39 -18.44 -13.11
CA VAL YA 129 -87.02 -18.29 -12.64
C VAL YA 129 -86.76 -19.23 -11.47
N ALA YA 130 -87.69 -19.28 -10.52
CA ALA YA 130 -87.53 -20.18 -9.38
C ALA YA 130 -87.40 -21.63 -9.83
N VAL YA 131 -88.31 -22.08 -10.69
CA VAL YA 131 -88.27 -23.46 -11.15
C VAL YA 131 -87.01 -23.75 -11.94
N ALA YA 132 -86.54 -22.79 -12.72
CA ALA YA 132 -85.33 -22.99 -13.51
C ALA YA 132 -84.11 -23.18 -12.61
N GLU YA 133 -83.97 -22.34 -11.58
CA GLU YA 133 -82.83 -22.54 -10.68
C GLU YA 133 -82.97 -23.82 -9.88
N ALA YA 134 -84.22 -24.22 -9.58
CA ALA YA 134 -84.41 -25.50 -8.90
C ALA YA 134 -83.92 -26.65 -9.75
N TYR YA 135 -84.27 -26.64 -11.05
CA TYR YA 135 -83.81 -27.70 -11.94
C TYR YA 135 -82.30 -27.69 -12.07
N VAL YA 136 -81.70 -26.49 -12.20
CA VAL YA 136 -80.26 -26.41 -12.38
C VAL YA 136 -79.54 -26.89 -11.12
N ARG YA 137 -80.10 -26.63 -9.94
CA ARG YA 137 -79.44 -27.02 -8.71
C ARG YA 137 -79.30 -28.53 -8.60
N LEU YA 138 -80.36 -29.27 -8.92
CA LEU YA 138 -80.33 -30.72 -8.86
C LEU YA 138 -79.93 -31.35 -10.19
N GLY YA 139 -79.39 -30.58 -11.12
CA GLY YA 139 -78.74 -31.10 -12.30
C GLY YA 139 -79.58 -31.89 -13.28
N GLN YA 140 -80.79 -31.42 -13.58
CA GLN YA 140 -81.59 -32.06 -14.61
C GLN YA 140 -81.19 -31.53 -15.99
N PRO YA 141 -81.43 -32.30 -17.04
CA PRO YA 141 -80.98 -31.89 -18.38
C PRO YA 141 -81.77 -30.70 -18.91
N ILE YA 142 -81.23 -30.10 -19.96
CA ILE YA 142 -81.75 -28.85 -20.50
C ILE YA 142 -83.05 -29.02 -21.27
N ARG YA 143 -83.31 -30.23 -21.79
CA ARG YA 143 -84.58 -30.46 -22.48
C ARG YA 143 -85.77 -30.11 -21.61
N LEU YA 144 -85.74 -30.50 -20.34
CA LEU YA 144 -86.86 -30.19 -19.45
C LEU YA 144 -87.01 -28.70 -19.22
N ILE YA 145 -85.91 -27.97 -19.02
CA ILE YA 145 -86.02 -26.53 -18.85
C ILE YA 145 -86.64 -25.90 -20.07
N ALA YA 146 -86.16 -26.28 -21.26
CA ALA YA 146 -86.66 -25.68 -22.49
C ALA YA 146 -88.14 -25.99 -22.70
N GLU YA 147 -88.52 -27.26 -22.54
CA GLU YA 147 -89.92 -27.63 -22.76
C GLU YA 147 -90.82 -26.97 -21.72
N TYR YA 148 -90.38 -26.92 -20.46
CA TYR YA 148 -91.17 -26.27 -19.41
C TYR YA 148 -91.42 -24.82 -19.74
N VAL YA 149 -90.34 -24.08 -20.04
CA VAL YA 149 -90.48 -22.65 -20.29
C VAL YA 149 -91.35 -22.40 -21.52
N ALA YA 150 -91.13 -23.17 -22.59
CA ALA YA 150 -91.93 -22.97 -23.81
C ALA YA 150 -93.40 -23.21 -23.55
N GLU YA 151 -93.73 -24.26 -22.80
CA GLU YA 151 -95.13 -24.56 -22.55
C GLU YA 151 -95.77 -23.49 -21.66
N ARG YA 152 -95.02 -22.99 -20.67
CA ARG YA 152 -95.55 -21.91 -19.85
C ARG YA 152 -95.81 -20.66 -20.67
N LEU YA 153 -94.89 -20.33 -21.59
CA LEU YA 153 -95.10 -19.17 -22.44
C LEU YA 153 -96.32 -19.34 -23.32
N VAL YA 154 -96.55 -20.54 -23.85
CA VAL YA 154 -97.74 -20.74 -24.68
C VAL YA 154 -99.01 -20.59 -23.85
N GLU YA 155 -99.01 -21.13 -22.63
CA GLU YA 155 -100.18 -20.99 -21.76
C GLU YA 155 -100.46 -19.53 -21.42
N LEU YA 156 -99.41 -18.77 -21.10
CA LEU YA 156 -99.58 -17.35 -20.83
C LEU YA 156 -100.09 -16.61 -22.05
N ALA YA 157 -99.59 -16.96 -23.24
CA ALA YA 157 -100.06 -16.33 -24.46
C ALA YA 157 -101.55 -16.60 -24.67
N GLU YA 158 -101.99 -17.82 -24.38
CA GLU YA 158 -103.41 -18.11 -24.47
C GLU YA 158 -104.22 -17.28 -23.49
N LEU YA 159 -103.71 -17.13 -22.26
CA LEU YA 159 -104.42 -16.32 -21.27
C LEU YA 159 -104.51 -14.86 -21.72
N LEU YA 160 -103.39 -14.29 -22.17
CA LEU YA 160 -103.39 -12.91 -22.61
C LEU YA 160 -104.27 -12.69 -23.83
N ARG YA 161 -104.36 -13.69 -24.71
CA ARG YA 161 -105.34 -13.62 -25.79
C ARG YA 161 -106.75 -13.59 -25.24
N ARG YA 162 -107.02 -14.37 -24.19
CA ARG YA 162 -108.35 -14.35 -23.61
C ARG YA 162 -108.69 -13.00 -23.00
N LEU YA 163 -107.72 -12.35 -22.34
CA LEU YA 163 -107.98 -11.05 -21.74
C LEU YA 163 -108.32 -10.00 -22.78
N GLY YA 164 -107.48 -9.86 -23.81
CA GLY YA 164 -107.74 -8.91 -24.87
C GLY YA 164 -106.58 -8.05 -25.29
N VAL YA 165 -105.40 -8.32 -24.74
CA VAL YA 165 -104.20 -7.54 -25.11
C VAL YA 165 -103.89 -7.76 -26.58
N PRO YA 166 -103.46 -6.75 -27.33
CA PRO YA 166 -103.07 -6.97 -28.74
C PRO YA 166 -101.84 -7.86 -28.85
N LEU YA 167 -101.75 -8.55 -29.99
CA LEU YA 167 -100.81 -9.67 -30.12
C LEU YA 167 -99.36 -9.21 -30.02
N ARG YA 168 -99.03 -8.07 -30.60
CA ARG YA 168 -97.64 -7.62 -30.58
C ARG YA 168 -97.18 -7.34 -29.16
N ARG YA 169 -98.06 -6.78 -28.33
CA ARG YA 169 -97.74 -6.63 -26.92
C ARG YA 169 -97.54 -7.97 -26.25
N ILE YA 170 -98.34 -8.97 -26.61
CA ILE YA 170 -98.16 -10.32 -26.07
C ILE YA 170 -96.74 -10.80 -26.37
N ILE YA 171 -96.32 -10.65 -27.63
CA ILE YA 171 -95.00 -11.15 -28.01
C ILE YA 171 -93.90 -10.38 -27.28
N ARG YA 172 -94.11 -9.07 -27.08
CA ARG YA 172 -93.12 -8.28 -26.36
C ARG YA 172 -93.00 -8.73 -24.90
N LEU YA 173 -94.12 -9.00 -24.25
CA LEU YA 173 -94.08 -9.49 -22.87
C LEU YA 173 -93.42 -10.85 -22.80
N LEU YA 174 -93.72 -11.73 -23.75
CA LEU YA 174 -93.12 -13.05 -23.75
C LEU YA 174 -91.61 -12.97 -23.92
N GLU YA 175 -91.15 -12.05 -24.78
CA GLU YA 175 -89.71 -11.86 -24.92
C GLU YA 175 -89.09 -11.31 -23.64
N GLU YA 176 -89.81 -10.45 -22.92
CA GLU YA 176 -89.28 -9.98 -21.63
C GLU YA 176 -89.14 -11.12 -20.64
N VAL YA 177 -90.14 -12.00 -20.58
CA VAL YA 177 -90.08 -13.16 -19.69
C VAL YA 177 -88.90 -14.03 -20.06
N LEU YA 178 -88.71 -14.28 -21.35
CA LEU YA 178 -87.59 -15.09 -21.80
C LEU YA 178 -86.26 -14.45 -21.44
N ARG YA 179 -86.17 -13.11 -21.53
CA ARG YA 179 -84.94 -12.43 -21.16
C ARG YA 179 -84.63 -12.61 -19.69
N VAL YA 180 -85.65 -12.49 -18.83
CA VAL YA 180 -85.42 -12.69 -17.40
C VAL YA 180 -84.98 -14.11 -17.12
N VAL YA 181 -85.63 -15.09 -17.76
CA VAL YA 181 -85.28 -16.50 -17.55
C VAL YA 181 -83.85 -16.77 -17.99
N ALA YA 182 -83.46 -16.22 -19.14
CA ALA YA 182 -82.09 -16.41 -19.63
C ALA YA 182 -81.09 -15.78 -18.68
N GLU YA 183 -81.40 -14.61 -18.13
CA GLU YA 183 -80.50 -14.00 -17.15
C GLU YA 183 -80.37 -14.87 -15.90
N ALA YA 184 -81.49 -15.44 -15.44
CA ALA YA 184 -81.45 -16.31 -14.27
C ALA YA 184 -80.57 -17.53 -14.53
N LEU YA 185 -80.74 -18.15 -15.70
CA LEU YA 185 -79.93 -19.32 -16.04
C LEU YA 185 -78.47 -18.94 -16.18
N ARG YA 186 -78.17 -17.74 -16.66
CA ARG YA 186 -76.78 -17.30 -16.73
C ARG YA 186 -76.18 -17.16 -15.34
N ARG YA 187 -76.94 -16.59 -14.40
CA ARG YA 187 -76.42 -16.43 -13.04
C ARG YA 187 -76.22 -17.77 -12.35
N ALA YA 188 -76.93 -18.81 -12.79
CA ALA YA 188 -76.80 -20.14 -12.22
C ALA YA 188 -75.66 -20.93 -12.82
N GLY YA 189 -74.88 -20.34 -13.73
CA GLY YA 189 -73.73 -21.00 -14.31
C GLY YA 189 -74.02 -21.87 -15.52
N VAL YA 190 -75.24 -21.86 -16.04
CA VAL YA 190 -75.54 -22.66 -17.22
C VAL YA 190 -74.75 -22.13 -18.41
N PRO YA 191 -74.08 -22.98 -19.19
CA PRO YA 191 -73.28 -22.47 -20.31
C PRO YA 191 -74.14 -21.78 -21.35
N GLU YA 192 -73.54 -20.80 -22.03
CA GLU YA 192 -74.28 -19.96 -22.97
C GLU YA 192 -74.98 -20.75 -24.08
N PRO YA 193 -74.35 -21.73 -24.73
CA PRO YA 193 -75.07 -22.46 -25.79
C PRO YA 193 -76.37 -23.10 -25.32
N GLU YA 194 -76.44 -23.57 -24.08
CA GLU YA 194 -77.69 -24.13 -23.60
C GLU YA 194 -78.75 -23.04 -23.41
N ILE YA 195 -78.34 -21.84 -23.01
CA ILE YA 195 -79.29 -20.73 -22.92
C ILE YA 195 -79.84 -20.40 -24.31
N ARG YA 196 -78.96 -20.37 -25.32
CA ARG YA 196 -79.42 -20.12 -26.68
C ARG YA 196 -80.35 -21.23 -27.16
N LYS YA 197 -80.05 -22.47 -26.79
CA LYS YA 197 -80.94 -23.57 -27.14
C LYS YA 197 -82.31 -23.39 -26.52
N VAL YA 198 -82.35 -22.96 -25.25
CA VAL YA 198 -83.62 -22.72 -24.58
C VAL YA 198 -84.42 -21.65 -25.33
N GLU YA 199 -83.77 -20.52 -25.64
CA GLU YA 199 -84.48 -19.43 -26.29
C GLU YA 199 -84.95 -19.82 -27.68
N ALA YA 200 -84.10 -20.50 -28.46
CA ALA YA 200 -84.49 -20.91 -29.81
C ALA YA 200 -85.66 -21.87 -29.78
N ALA YA 201 -85.66 -22.81 -28.82
CA ALA YA 201 -86.80 -23.70 -28.68
C ALA YA 201 -88.06 -22.93 -28.35
N ALA YA 202 -87.95 -21.92 -27.47
CA ALA YA 202 -89.12 -21.12 -27.12
C ALA YA 202 -89.66 -20.37 -28.33
N TYR YA 203 -88.78 -19.80 -29.14
CA TYR YA 203 -89.21 -19.05 -30.33
C TYR YA 203 -89.85 -19.96 -31.35
N ILE YA 204 -89.30 -21.15 -31.56
CA ILE YA 204 -89.90 -22.08 -32.53
C ILE YA 204 -91.26 -22.56 -32.03
N ARG YA 205 -91.39 -22.78 -30.72
CA ARG YA 205 -92.69 -23.16 -30.17
C ARG YA 205 -93.72 -22.06 -30.36
N LEU YA 206 -93.32 -20.81 -30.09
CA LEU YA 206 -94.23 -19.68 -30.28
C LEU YA 206 -94.62 -19.51 -31.75
N ALA YA 207 -93.65 -19.67 -32.65
CA ALA YA 207 -93.95 -19.56 -34.07
C ALA YA 207 -94.92 -20.64 -34.53
N ALA YA 208 -94.70 -21.88 -34.08
CA ALA YA 208 -95.61 -22.97 -34.42
C ALA YA 208 -97.00 -22.72 -33.86
N TYR YA 209 -97.07 -22.22 -32.62
CA TYR YA 209 -98.37 -21.93 -32.00
C TYR YA 209 -99.11 -20.85 -32.76
N LEU YA 210 -98.42 -19.80 -33.20
CA LEU YA 210 -99.06 -18.77 -34.00
C LEU YA 210 -99.51 -19.32 -35.34
N LEU YA 211 -98.68 -20.14 -35.98
CA LEU YA 211 -99.03 -20.66 -37.30
C LEU YA 211 -100.24 -21.58 -37.25
N ARG YA 212 -100.42 -22.30 -36.13
CA ARG YA 212 -101.49 -23.29 -36.09
C ARG YA 212 -102.88 -22.64 -36.11
N GLN YA 213 -103.01 -21.43 -35.55
CA GLN YA 213 -104.34 -20.81 -35.46
C GLN YA 213 -104.90 -20.53 -36.84
N LEU YA 214 -104.07 -20.08 -37.77
CA LEU YA 214 -104.51 -19.76 -39.12
C LEU YA 214 -104.64 -20.97 -40.03
N GLY YA 215 -104.28 -22.15 -39.55
CA GLY YA 215 -104.51 -23.35 -40.32
C GLY YA 215 -103.36 -23.73 -41.21
N TYR YA 216 -102.14 -23.64 -40.69
CA TYR YA 216 -100.95 -24.15 -41.36
C TYR YA 216 -100.44 -25.29 -40.51
N GLU YA 217 -101.05 -26.46 -40.67
CA GLU YA 217 -100.74 -27.59 -39.82
C GLU YA 217 -99.40 -28.21 -40.20
N ALA YA 218 -99.17 -28.42 -41.50
CA ALA YA 218 -97.93 -29.04 -41.94
C ALA YA 218 -96.73 -28.21 -41.55
N LEU YA 219 -96.85 -26.89 -41.69
CA LEU YA 219 -95.78 -25.99 -41.30
C LEU YA 219 -95.45 -26.14 -39.81
N ALA YA 220 -96.48 -26.21 -38.98
CA ALA YA 220 -96.26 -26.36 -37.54
C ALA YA 220 -95.61 -27.70 -37.21
N LYS YA 221 -96.04 -28.77 -37.87
CA LYS YA 221 -95.42 -30.07 -37.63
C LYS YA 221 -93.95 -30.06 -38.01
N ARG YA 222 -93.60 -29.45 -39.14
CA ARG YA 222 -92.20 -29.43 -39.56
C ARG YA 222 -91.36 -28.57 -38.62
N LEU YA 223 -91.92 -27.46 -38.14
CA LEU YA 223 -91.19 -26.65 -37.17
C LEU YA 223 -90.95 -27.40 -35.87
N LEU YA 224 -91.94 -28.18 -35.43
CA LEU YA 224 -91.75 -28.92 -34.20
C LEU YA 224 -90.80 -30.10 -34.40
N GLU YA 225 -90.76 -30.68 -35.60
CA GLU YA 225 -89.73 -31.67 -35.91
C GLU YA 225 -88.34 -31.06 -35.81
N ALA YA 226 -88.17 -29.86 -36.36
CA ALA YA 226 -86.88 -29.17 -36.25
C ALA YA 226 -86.54 -28.89 -34.79
N ARG YA 227 -87.53 -28.50 -33.99
CA ARG YA 227 -87.27 -28.28 -32.56
C ARG YA 227 -86.86 -29.56 -31.87
N GLU YA 228 -87.51 -30.68 -32.19
CA GLU YA 228 -87.16 -31.94 -31.57
C GLU YA 228 -85.74 -32.35 -31.92
N LEU YA 229 -85.33 -32.17 -33.17
CA LEU YA 229 -83.94 -32.43 -33.52
C LEU YA 229 -83.01 -31.48 -32.79
N LEU YA 230 -83.44 -30.24 -32.54
CA LEU YA 230 -82.57 -29.29 -31.88
C LEU YA 230 -82.34 -29.66 -30.42
N LEU YA 231 -83.39 -30.05 -29.72
CA LEU YA 231 -83.25 -30.35 -28.29
C LEU YA 231 -82.44 -31.62 -28.03
N GLU YA 232 -82.27 -32.47 -29.04
CA GLU YA 232 -81.49 -33.69 -28.91
C GLU YA 232 -80.00 -33.47 -29.13
N GLY YA 233 -79.58 -32.25 -29.42
CA GLY YA 233 -78.18 -31.97 -29.69
C GLY YA 233 -77.81 -31.99 -31.15
N ARG YA 234 -78.67 -32.52 -32.02
CA ARG YA 234 -78.42 -32.53 -33.46
C ARG YA 234 -78.69 -31.14 -34.00
N VAL YA 235 -77.71 -30.26 -33.85
CA VAL YA 235 -77.87 -28.87 -34.27
C VAL YA 235 -77.89 -28.76 -35.79
N GLU YA 236 -77.06 -29.55 -36.47
CA GLU YA 236 -76.91 -29.39 -37.92
C GLU YA 236 -78.17 -29.80 -38.67
N GLU YA 237 -78.75 -30.94 -38.30
CA GLU YA 237 -80.01 -31.34 -38.91
C GLU YA 237 -81.13 -30.36 -38.55
N ALA YA 238 -81.10 -29.83 -37.33
CA ALA YA 238 -82.09 -28.82 -36.94
C ALA YA 238 -82.00 -27.59 -37.83
N ALA YA 239 -80.79 -27.09 -38.06
CA ALA YA 239 -80.61 -25.90 -38.88
C ALA YA 239 -80.98 -26.16 -40.34
N HIS YA 240 -80.63 -27.33 -40.87
CA HIS YA 240 -80.98 -27.62 -42.27
C HIS YA 240 -82.49 -27.73 -42.45
N LEU YA 241 -83.16 -28.46 -41.56
CA LEU YA 241 -84.60 -28.61 -41.69
C LEU YA 241 -85.32 -27.29 -41.43
N LEU YA 242 -84.80 -26.48 -40.49
CA LEU YA 242 -85.36 -25.17 -40.23
C LEU YA 242 -85.23 -24.26 -41.44
N GLU YA 243 -84.07 -24.26 -42.10
CA GLU YA 243 -83.91 -23.39 -43.26
C GLU YA 243 -84.79 -23.85 -44.42
N ASP YA 244 -85.00 -25.15 -44.59
CA ASP YA 244 -85.91 -25.60 -45.65
C ASP YA 244 -87.34 -25.13 -45.38
N VAL YA 245 -87.83 -25.33 -44.16
CA VAL YA 245 -89.19 -24.93 -43.87
C VAL YA 245 -89.35 -23.41 -43.91
N TYR YA 246 -88.33 -22.67 -43.47
CA TYR YA 246 -88.38 -21.21 -43.54
C TYR YA 246 -88.42 -20.75 -44.99
N ALA YA 247 -87.65 -21.38 -45.87
CA ALA YA 247 -87.68 -20.99 -47.27
C ALA YA 247 -89.07 -21.19 -47.87
N LEU YA 248 -89.69 -22.34 -47.59
CA LEU YA 248 -91.03 -22.56 -48.14
C LEU YA 248 -92.03 -21.56 -47.58
N PHE YA 249 -91.97 -21.31 -46.27
CA PHE YA 249 -92.85 -20.34 -45.64
C PHE YA 249 -92.65 -18.94 -46.21
N HIS YA 250 -91.41 -18.55 -46.44
CA HIS YA 250 -91.12 -17.19 -46.87
C HIS YA 250 -91.56 -16.99 -48.31
N ARG YA 251 -91.42 -18.01 -49.15
CA ARG YA 251 -92.02 -17.95 -50.48
C ARG YA 251 -93.52 -17.79 -50.39
N GLU YA 252 -94.15 -18.48 -49.44
CA GLU YA 252 -95.59 -18.31 -49.26
C GLU YA 252 -95.94 -16.89 -48.84
N ILE YA 253 -95.12 -16.28 -47.99
CA ILE YA 253 -95.34 -14.89 -47.58
C ILE YA 253 -95.24 -13.96 -48.79
N GLU YA 254 -94.15 -14.10 -49.55
CA GLU YA 254 -93.96 -13.25 -50.72
C GLU YA 254 -95.01 -13.48 -51.79
N ARG YA 255 -95.70 -14.63 -51.76
CA ARG YA 255 -96.79 -14.86 -52.70
C ARG YA 255 -97.91 -13.84 -52.49
N LEU YA 256 -98.20 -13.51 -51.24
CA LEU YA 256 -99.31 -12.62 -50.91
C LEU YA 256 -98.96 -11.15 -51.09
N GLY YA 257 -97.72 -10.83 -51.44
CA GLY YA 257 -97.37 -9.45 -51.79
C GLY YA 257 -97.46 -8.52 -50.61
N PHE YA 258 -98.15 -7.40 -50.81
CA PHE YA 258 -98.37 -6.40 -49.75
C PHE YA 258 -99.70 -6.64 -49.04
N GLU YA 259 -99.84 -7.85 -48.52
CA GLU YA 259 -101.00 -8.25 -47.74
C GLU YA 259 -100.70 -9.58 -47.08
N ALA YA 260 -101.00 -9.68 -45.78
CA ALA YA 260 -100.85 -10.91 -45.02
C ALA YA 260 -101.43 -10.73 -43.62
N PRO YA 261 -102.08 -11.75 -43.05
CA PRO YA 261 -102.55 -11.64 -41.67
C PRO YA 261 -101.38 -11.35 -40.74
N GLU YA 262 -101.67 -10.63 -39.66
CA GLU YA 262 -100.59 -10.10 -38.82
C GLU YA 262 -99.81 -11.22 -38.14
N GLU YA 263 -100.43 -12.37 -37.90
CA GLU YA 263 -99.70 -13.45 -37.26
C GLU YA 263 -98.62 -14.01 -38.18
N LEU YA 264 -98.85 -14.01 -39.49
CA LEU YA 264 -97.77 -14.34 -40.42
C LEU YA 264 -96.61 -13.37 -40.27
N ARG YA 265 -96.92 -12.08 -40.15
CA ARG YA 265 -95.87 -11.07 -40.04
C ARG YA 265 -95.08 -11.24 -38.75
N VAL YA 266 -95.74 -11.60 -37.66
CA VAL YA 266 -95.03 -11.82 -36.40
C VAL YA 266 -94.20 -13.10 -36.47
N ALA YA 267 -94.78 -14.17 -37.01
CA ALA YA 267 -94.08 -15.44 -37.09
C ALA YA 267 -92.85 -15.36 -37.98
N ASP YA 268 -92.87 -14.50 -39.00
CA ASP YA 268 -91.70 -14.37 -39.85
C ASP YA 268 -90.52 -13.84 -39.04
N LEU YA 269 -90.77 -12.84 -38.20
CA LEU YA 269 -89.70 -12.31 -37.36
C LEU YA 269 -89.28 -13.33 -36.30
N LEU YA 270 -90.24 -14.08 -35.75
CA LEU YA 270 -89.91 -15.11 -34.77
C LEU YA 270 -89.00 -16.16 -35.37
N LEU YA 271 -89.34 -16.65 -36.57
CA LEU YA 271 -88.54 -17.66 -37.24
C LEU YA 271 -87.16 -17.13 -37.60
N ALA YA 272 -87.08 -15.87 -38.03
CA ALA YA 272 -85.77 -15.30 -38.32
C ALA YA 272 -84.90 -15.26 -37.08
N ARG YA 273 -85.46 -14.85 -35.94
CA ARG YA 273 -84.68 -14.82 -34.69
C ARG YA 273 -84.28 -16.23 -34.26
N ALA YA 274 -85.18 -17.20 -34.42
CA ALA YA 274 -84.86 -18.57 -34.07
C ALA YA 274 -83.68 -19.08 -34.90
N ILE YA 275 -83.71 -18.81 -36.20
CA ILE YA 275 -82.63 -19.24 -37.08
C ILE YA 275 -81.32 -18.55 -36.69
N ALA YA 276 -81.38 -17.25 -36.37
CA ALA YA 276 -80.17 -16.55 -35.96
C ALA YA 276 -79.59 -17.16 -34.69
N LEU YA 277 -80.43 -17.48 -33.71
CA LEU YA 277 -79.95 -18.07 -32.47
C LEU YA 277 -79.33 -19.43 -32.71
N ILE YA 278 -79.99 -20.28 -33.52
CA ILE YA 278 -79.44 -21.60 -33.81
C ILE YA 278 -78.08 -21.48 -34.50
N LYS YA 279 -77.97 -20.56 -35.46
CA LYS YA 279 -76.70 -20.35 -36.12
C LYS YA 279 -75.63 -19.86 -35.16
N ALA YA 280 -76.03 -19.10 -34.13
CA ALA YA 280 -75.07 -18.57 -33.18
C ALA YA 280 -74.66 -19.55 -32.09
N ILE YA 281 -75.33 -20.69 -32.00
CA ILE YA 281 -74.96 -21.72 -31.01
C ILE YA 281 -73.51 -22.13 -31.21
N THR ZA 24 -98.22 34.76 -52.74
CA THR ZA 24 -98.26 34.24 -51.38
C THR ZA 24 -96.98 33.50 -51.04
N VAL ZA 25 -96.16 33.25 -52.06
CA VAL ZA 25 -94.94 32.48 -51.88
C VAL ZA 25 -93.98 33.20 -50.94
N VAL ZA 26 -93.83 34.51 -51.12
CA VAL ZA 26 -92.98 35.29 -50.22
C VAL ZA 26 -93.55 35.28 -48.81
N GLU ZA 27 -94.87 35.39 -48.68
CA GLU ZA 27 -95.49 35.28 -47.38
C GLU ZA 27 -95.27 33.90 -46.78
N GLU ZA 28 -95.32 32.85 -47.60
CA GLU ZA 28 -95.05 31.50 -47.11
C GLU ZA 28 -93.63 31.36 -46.59
N VAL ZA 29 -92.66 31.93 -47.31
CA VAL ZA 29 -91.28 31.88 -46.86
C VAL ZA 29 -91.10 32.65 -45.55
N ARG ZA 30 -91.72 33.83 -45.45
CA ARG ZA 30 -91.65 34.58 -44.21
C ARG ZA 30 -92.27 33.80 -43.05
N ARG ZA 31 -93.44 33.20 -43.28
CA ARG ZA 31 -94.10 32.43 -42.25
C ARG ZA 31 -93.25 31.24 -41.81
N PHE ZA 32 -92.66 30.55 -42.78
CA PHE ZA 32 -91.81 29.40 -42.47
C PHE ZA 32 -90.64 29.82 -41.60
N ALA ZA 33 -89.96 30.92 -41.99
CA ALA ZA 33 -88.79 31.36 -41.22
C ALA ZA 33 -89.19 31.79 -39.82
N GLU ZA 34 -90.26 32.58 -39.69
CA GLU ZA 34 -90.65 33.07 -38.37
C GLU ZA 34 -91.14 31.94 -37.48
N GLU ZA 35 -91.88 30.97 -38.03
CA GLU ZA 35 -92.32 29.84 -37.23
C GLU ZA 35 -91.13 29.02 -36.74
N LEU ZA 36 -90.14 28.79 -37.61
CA LEU ZA 36 -88.96 28.06 -37.17
C LEU ZA 36 -88.22 28.83 -36.08
N ALA ZA 37 -88.10 30.15 -36.22
CA ALA ZA 37 -87.41 30.94 -35.20
C ALA ZA 37 -88.16 30.93 -33.87
N GLU ZA 38 -89.49 31.03 -33.91
CA GLU ZA 38 -90.27 30.94 -32.69
C GLU ZA 38 -90.08 29.59 -32.02
N GLU ZA 39 -90.04 28.51 -32.80
CA GLU ZA 39 -89.81 27.19 -32.22
C GLU ZA 39 -88.43 27.10 -31.60
N VAL ZA 40 -87.43 27.69 -32.23
CA VAL ZA 40 -86.09 27.71 -31.62
C VAL ZA 40 -86.14 28.42 -30.28
N LEU ZA 41 -86.83 29.56 -30.21
CA LEU ZA 41 -86.88 30.32 -28.96
C LEU ZA 41 -87.68 29.58 -27.89
N ARG ZA 42 -88.75 28.89 -28.28
CA ARG ZA 42 -89.52 28.14 -27.30
C ARG ZA 42 -88.72 26.97 -26.75
N VAL ZA 43 -88.07 26.20 -27.62
CA VAL ZA 43 -87.35 25.02 -27.15
C VAL ZA 43 -86.13 25.41 -26.33
N GLY ZA 44 -85.35 26.39 -26.81
CA GLY ZA 44 -84.12 26.76 -26.16
C GLY ZA 44 -84.15 28.01 -25.32
N GLY ZA 45 -85.25 28.76 -25.34
CA GLY ZA 45 -85.31 29.95 -24.53
C GLY ZA 45 -84.38 31.05 -25.03
N GLU ZA 46 -83.90 31.84 -24.08
CA GLU ZA 46 -82.94 32.89 -24.37
C GLU ZA 46 -81.51 32.38 -24.42
N ALA ZA 47 -81.29 31.09 -24.18
CA ALA ZA 47 -79.95 30.55 -24.26
C ALA ZA 47 -79.38 30.69 -25.66
N MET ZA 48 -80.18 30.40 -26.69
CA MET ZA 48 -79.79 30.56 -28.09
C MET ZA 48 -80.73 31.55 -28.73
N ARG ZA 49 -80.43 32.83 -28.56
CA ARG ZA 49 -81.02 33.93 -29.30
C ARG ZA 49 -80.34 34.14 -30.66
N PRO ZA 50 -79.01 33.97 -30.77
CA PRO ZA 50 -78.38 34.11 -32.10
C PRO ZA 50 -79.04 33.28 -33.20
N TYR ZA 51 -79.47 32.05 -32.89
CA TYR ZA 51 -80.03 31.19 -33.94
C TYR ZA 51 -81.37 31.72 -34.43
N ALA ZA 52 -82.16 32.33 -33.54
CA ALA ZA 52 -83.38 32.97 -33.99
C ALA ZA 52 -83.08 34.11 -34.96
N GLU ZA 53 -82.01 34.87 -34.67
CA GLU ZA 53 -81.62 35.95 -35.58
C GLU ZA 53 -81.14 35.40 -36.92
N MET ZA 54 -80.36 34.32 -36.90
CA MET ZA 54 -79.92 33.72 -38.16
C MET ZA 54 -81.10 33.24 -38.98
N VAL ZA 55 -82.05 32.56 -38.36
CA VAL ZA 55 -83.22 32.07 -39.09
C VAL ZA 55 -84.01 33.24 -39.66
N ARG ZA 56 -84.21 34.29 -38.86
CA ARG ZA 56 -85.01 35.41 -39.34
C ARG ZA 56 -84.33 36.15 -40.49
N HIS ZA 57 -83.01 36.38 -40.39
CA HIS ZA 57 -82.30 37.04 -41.47
C HIS ZA 57 -82.24 36.19 -42.73
N LEU ZA 58 -82.08 34.87 -42.60
CA LEU ZA 58 -82.11 34.02 -43.78
C LEU ZA 58 -83.50 34.03 -44.42
N GLY ZA 59 -84.56 34.13 -43.61
CA GLY ZA 59 -85.88 34.35 -44.17
C GLY ZA 59 -85.97 35.65 -44.95
N GLU ZA 60 -85.42 36.74 -44.39
CA GLU ZA 60 -85.43 38.01 -45.12
C GLU ZA 60 -84.63 37.93 -46.41
N ALA ZA 61 -83.47 37.27 -46.38
CA ALA ZA 61 -82.66 37.14 -47.58
C ALA ZA 61 -83.38 36.35 -48.66
N ALA ZA 62 -84.05 35.27 -48.26
CA ALA ZA 62 -84.81 34.47 -49.23
C ALA ZA 62 -85.95 35.28 -49.85
N VAL ZA 63 -86.69 36.03 -49.03
CA VAL ZA 63 -87.80 36.79 -49.61
C VAL ZA 63 -87.27 37.94 -50.46
N ALA ZA 64 -86.11 38.50 -50.10
CA ALA ZA 64 -85.47 39.49 -50.95
C ALA ZA 64 -85.15 38.91 -52.31
N ALA ZA 65 -84.59 37.69 -52.33
CA ALA ZA 65 -84.28 37.04 -53.60
C ALA ZA 65 -85.54 36.78 -54.41
N LEU ZA 66 -86.62 36.33 -53.77
CA LEU ZA 66 -87.88 36.13 -54.48
C LEU ZA 66 -88.52 37.44 -54.95
N GLU ZA 67 -88.16 38.57 -54.35
CA GLU ZA 67 -88.78 39.83 -54.74
C GLU ZA 67 -87.79 40.78 -55.43
N GLY ZA 68 -87.05 40.25 -56.39
CA GLY ZA 68 -86.02 41.02 -57.05
C GLY ZA 68 -84.70 40.91 -56.32
N ARG ZA 69 -83.87 41.93 -56.48
CA ARG ZA 69 -82.65 42.12 -55.71
C ARG ZA 69 -81.60 41.05 -55.94
N ALA ZA 70 -80.33 41.42 -55.80
CA ALA ZA 70 -79.23 40.48 -55.74
C ALA ZA 70 -78.16 40.87 -54.73
N GLU ZA 71 -78.13 42.12 -54.29
CA GLU ZA 71 -77.12 42.64 -53.38
C GLU ZA 71 -77.55 42.56 -51.93
N GLU ZA 72 -78.84 42.80 -51.65
CA GLU ZA 72 -79.34 42.62 -50.28
C GLU ZA 72 -79.21 41.18 -49.84
N ALA ZA 73 -79.49 40.23 -50.74
CA ALA ZA 73 -79.30 38.83 -50.42
C ALA ZA 73 -77.85 38.54 -50.08
N ASP ZA 74 -76.92 39.09 -50.87
CA ASP ZA 74 -75.50 38.94 -50.60
C ASP ZA 74 -75.14 39.46 -49.22
N ARG ZA 75 -75.60 40.68 -48.91
CA ARG ZA 75 -75.25 41.29 -47.63
C ARG ZA 75 -75.81 40.51 -46.46
N LEU ZA 76 -77.09 40.11 -46.55
CA LEU ZA 76 -77.70 39.37 -45.45
C LEU ZA 76 -77.01 38.04 -45.24
N VAL ZA 77 -76.69 37.33 -46.33
CA VAL ZA 77 -76.02 36.04 -46.18
C VAL ZA 77 -74.64 36.22 -45.56
N ARG ZA 78 -73.94 37.32 -45.92
CA ARG ZA 78 -72.65 37.59 -45.30
C ARG ZA 78 -72.80 37.91 -43.81
N ASP ZA 79 -73.86 38.64 -43.44
CA ASP ZA 79 -74.10 38.94 -42.03
C ASP ZA 79 -74.36 37.66 -41.24
N VAL ZA 80 -75.20 36.77 -41.78
CA VAL ZA 80 -75.47 35.49 -41.11
C VAL ZA 80 -74.21 34.65 -41.06
N LEU ZA 81 -73.36 34.74 -42.09
CA LEU ZA 81 -72.09 34.03 -42.04
C LEU ZA 81 -71.23 34.54 -40.89
N GLU ZA 82 -71.21 35.86 -40.68
CA GLU ZA 82 -70.45 36.41 -39.56
C GLU ZA 82 -71.01 35.94 -38.23
N MET ZA 83 -72.34 35.89 -38.09
CA MET ZA 83 -72.93 35.39 -36.85
C MET ZA 83 -72.53 33.94 -36.62
N ALA ZA 84 -72.60 33.11 -37.66
CA ALA ZA 84 -72.20 31.73 -37.53
C ALA ZA 84 -70.74 31.61 -37.14
N ARG ZA 85 -69.89 32.51 -37.67
CA ARG ZA 85 -68.48 32.49 -37.30
C ARG ZA 85 -68.30 32.80 -35.82
N GLU ZA 86 -69.02 33.80 -35.30
CA GLU ZA 86 -68.77 34.19 -33.91
C GLU ZA 86 -69.38 33.19 -32.93
N VAL ZA 87 -70.56 32.66 -33.22
CA VAL ZA 87 -71.22 31.73 -32.29
C VAL ZA 87 -70.38 30.47 -32.12
N GLY ZA 88 -69.87 29.93 -33.22
CA GLY ZA 88 -69.10 28.69 -33.20
C GLY ZA 88 -69.63 27.61 -34.11
N ALA ZA 89 -70.69 27.86 -34.87
CA ALA ZA 89 -71.23 26.87 -35.79
C ALA ZA 89 -70.28 26.71 -36.97
N GLU ZA 90 -69.70 25.52 -37.13
CA GLU ZA 90 -68.76 25.27 -38.21
C GLU ZA 90 -69.47 24.82 -39.48
N GLY ZA 91 -70.23 23.72 -39.40
CA GLY ZA 91 -70.92 23.23 -40.58
C GLY ZA 91 -71.90 24.24 -41.15
N LEU ZA 92 -72.58 24.96 -40.26
CA LEU ZA 92 -73.48 26.02 -40.72
C LEU ZA 92 -72.71 27.11 -41.45
N ALA ZA 93 -71.53 27.48 -40.94
CA ALA ZA 93 -70.73 28.50 -41.63
C ALA ZA 93 -70.29 28.02 -43.00
N ARG ZA 94 -69.86 26.77 -43.11
CA ARG ZA 94 -69.45 26.24 -44.42
C ARG ZA 94 -70.61 26.27 -45.39
N LEU ZA 95 -71.77 25.79 -44.95
CA LEU ZA 95 -72.92 25.80 -45.84
C LEU ZA 95 -73.31 27.22 -46.21
N LEU ZA 96 -73.08 28.18 -45.31
CA LEU ZA 96 -73.43 29.56 -45.62
C LEU ZA 96 -72.51 30.16 -46.67
N GLU ZA 97 -71.20 29.85 -46.60
CA GLU ZA 97 -70.32 30.26 -47.70
C GLU ZA 97 -70.76 29.65 -49.02
N ARG ZA 98 -71.10 28.36 -48.99
CA ARG ZA 98 -71.51 27.68 -50.22
C ARG ZA 98 -72.76 28.31 -50.81
N VAL ZA 99 -73.78 28.58 -49.98
CA VAL ZA 99 -75.00 29.19 -50.50
C VAL ZA 99 -74.72 30.59 -51.00
N HIS ZA 100 -73.79 31.30 -50.35
CA HIS ZA 100 -73.40 32.63 -50.81
C HIS ZA 100 -72.91 32.59 -52.25
N ARG ZA 101 -71.92 31.73 -52.52
CA ARG ZA 101 -71.36 31.66 -53.87
C ARG ZA 101 -72.40 31.19 -54.89
N GLU ZA 102 -73.13 30.12 -54.56
CA GLU ZA 102 -74.10 29.58 -55.50
C GLU ZA 102 -75.22 30.59 -55.78
N ALA ZA 103 -75.67 31.31 -54.75
CA ALA ZA 103 -76.69 32.32 -54.97
C ALA ZA 103 -76.19 33.41 -55.89
N ARG ZA 104 -74.92 33.82 -55.72
CA ARG ZA 104 -74.35 34.79 -56.66
C ARG ZA 104 -74.42 34.27 -58.09
N GLU ZA 105 -73.97 33.03 -58.30
CA GLU ZA 105 -73.93 32.49 -59.67
C GLU ZA 105 -75.33 32.41 -60.26
N LEU ZA 106 -76.30 31.88 -59.51
CA LEU ZA 106 -77.63 31.70 -60.07
C LEU ZA 106 -78.34 33.03 -60.27
N LEU ZA 107 -78.10 34.00 -59.39
CA LEU ZA 107 -78.69 35.32 -59.59
C LEU ZA 107 -78.09 36.02 -60.80
N ARG ZA 108 -76.80 35.79 -61.07
CA ARG ZA 108 -76.22 36.27 -62.32
C ARG ZA 108 -76.88 35.62 -63.51
N GLU ZA 109 -77.14 34.31 -63.42
CA GLU ZA 109 -77.83 33.60 -64.50
C GLU ZA 109 -79.31 33.97 -64.59
N GLY ZA 110 -79.85 34.71 -63.62
CA GLY ZA 110 -81.22 35.17 -63.68
C GLY ZA 110 -82.25 34.24 -63.06
N ARG ZA 111 -81.85 33.08 -62.57
CA ARG ZA 111 -82.78 32.15 -61.93
C ARG ZA 111 -82.92 32.52 -60.46
N ARG ZA 112 -84.16 32.67 -60.01
CA ARG ZA 112 -84.43 33.16 -58.66
C ARG ZA 112 -84.89 32.07 -57.70
N GLU ZA 113 -85.66 31.09 -58.18
CA GLU ZA 113 -86.25 30.11 -57.28
C GLU ZA 113 -85.18 29.26 -56.60
N GLU ZA 114 -84.14 28.87 -57.33
CA GLU ZA 114 -83.13 27.99 -56.75
C GLU ZA 114 -82.26 28.69 -55.73
N ALA ZA 115 -81.96 29.99 -55.93
CA ALA ZA 115 -81.19 30.72 -54.92
C ALA ZA 115 -81.97 30.82 -53.61
N ALA ZA 116 -83.25 31.16 -53.70
CA ALA ZA 116 -84.09 31.16 -52.50
C ALA ZA 116 -84.22 29.76 -51.92
N ALA ZA 117 -84.17 28.73 -52.76
CA ALA ZA 117 -84.21 27.37 -52.25
C ALA ZA 117 -82.98 27.06 -51.40
N LEU ZA 118 -81.80 27.46 -51.88
CA LEU ZA 118 -80.60 27.29 -51.06
C LEU ZA 118 -80.70 28.08 -49.77
N VAL ZA 119 -81.22 29.30 -49.83
CA VAL ZA 119 -81.34 30.11 -48.62
C VAL ZA 119 -82.29 29.47 -47.62
N LEU ZA 120 -83.43 28.95 -48.10
CA LEU ZA 120 -84.39 28.30 -47.21
C LEU ZA 120 -83.80 27.04 -46.60
N ALA ZA 121 -83.05 26.27 -47.38
CA ALA ZA 121 -82.37 25.11 -46.82
C ALA ZA 121 -81.39 25.53 -45.74
N ALA ZA 122 -80.68 26.65 -45.94
CA ALA ZA 122 -79.76 27.14 -44.92
C ALA ZA 122 -80.49 27.55 -43.65
N ALA ZA 123 -81.63 28.23 -43.79
CA ALA ZA 123 -82.41 28.63 -42.62
C ALA ZA 123 -82.89 27.41 -41.85
N LEU ZA 124 -83.40 26.40 -42.56
CA LEU ZA 124 -83.83 25.17 -41.90
C LEU ZA 124 -82.67 24.49 -41.21
N ALA ZA 125 -81.50 24.47 -41.83
CA ALA ZA 125 -80.35 23.86 -41.18
C ALA ZA 125 -80.01 24.58 -39.89
N ALA ZA 126 -80.04 25.91 -39.90
CA ALA ZA 126 -79.75 26.68 -38.69
C ALA ZA 126 -80.75 26.41 -37.58
N GLY ZA 127 -82.04 26.49 -37.91
CA GLY ZA 127 -83.07 26.25 -36.90
C GLY ZA 127 -83.04 24.84 -36.34
N ALA ZA 128 -82.92 23.84 -37.23
CA ALA ZA 128 -82.88 22.46 -36.77
C ALA ZA 128 -81.63 22.17 -35.98
N VAL ZA 129 -80.50 22.78 -36.33
CA VAL ZA 129 -79.28 22.61 -35.54
C VAL ZA 129 -79.49 23.15 -34.13
N ALA ZA 130 -80.11 24.34 -34.02
CA ALA ZA 130 -80.35 24.91 -32.70
C ALA ZA 130 -81.27 24.04 -31.87
N VAL ZA 131 -82.39 23.60 -32.46
CA VAL ZA 131 -83.34 22.77 -31.71
C VAL ZA 131 -82.71 21.44 -31.32
N ALA ZA 132 -81.90 20.86 -32.20
CA ALA ZA 132 -81.23 19.60 -31.88
C ALA ZA 132 -80.26 19.76 -30.73
N GLU ZA 133 -79.48 20.84 -30.71
CA GLU ZA 133 -78.57 21.05 -29.58
C GLU ZA 133 -79.36 21.28 -28.29
N ALA ZA 134 -80.51 21.96 -28.38
CA ALA ZA 134 -81.34 22.12 -27.20
C ALA ZA 134 -81.81 20.78 -26.67
N TYR ZA 135 -82.27 19.90 -27.57
CA TYR ZA 135 -82.72 18.58 -27.15
C TYR ZA 135 -81.59 17.77 -26.52
N VAL ZA 136 -80.40 17.88 -27.09
CA VAL ZA 136 -79.26 17.11 -26.56
C VAL ZA 136 -78.86 17.65 -25.19
N ARG ZA 137 -78.92 18.96 -24.99
CA ARG ZA 137 -78.48 19.55 -23.73
C ARG ZA 137 -79.34 19.06 -22.57
N LEU ZA 138 -80.66 19.06 -22.73
CA LEU ZA 138 -81.55 18.62 -21.67
C LEU ZA 138 -81.91 17.14 -21.76
N GLY ZA 139 -81.17 16.37 -22.55
CA GLY ZA 139 -81.23 14.92 -22.52
C GLY ZA 139 -82.54 14.27 -22.91
N GLN ZA 140 -83.21 14.76 -23.95
CA GLN ZA 140 -84.41 14.10 -24.44
C GLN ZA 140 -84.05 12.92 -25.34
N PRO ZA 141 -84.95 11.95 -25.51
CA PRO ZA 141 -84.61 10.75 -26.27
C PRO ZA 141 -84.39 11.05 -27.75
N ILE ZA 142 -83.68 10.13 -28.40
CA ILE ZA 142 -83.30 10.29 -29.80
C ILE ZA 142 -84.49 10.14 -30.75
N ARG ZA 143 -85.52 9.39 -30.37
CA ARG ZA 143 -86.71 9.32 -31.20
C ARG ZA 143 -87.25 10.70 -31.50
N LEU ZA 144 -87.20 11.60 -30.51
CA LEU ZA 144 -87.73 12.95 -30.69
C LEU ZA 144 -86.94 13.73 -31.73
N ILE ZA 145 -85.61 13.66 -31.65
CA ILE ZA 145 -84.78 14.33 -32.65
C ILE ZA 145 -85.06 13.78 -34.04
N ALA ZA 146 -85.12 12.45 -34.17
CA ALA ZA 146 -85.31 11.83 -35.48
C ALA ZA 146 -86.66 12.23 -36.07
N GLU ZA 147 -87.73 12.14 -35.28
CA GLU ZA 147 -89.05 12.48 -35.79
C GLU ZA 147 -89.15 13.96 -36.13
N TYR ZA 148 -88.58 14.82 -35.29
CA TYR ZA 148 -88.59 16.25 -35.57
C TYR ZA 148 -87.91 16.56 -36.89
N VAL ZA 149 -86.69 16.06 -37.07
CA VAL ZA 149 -85.93 16.36 -38.28
C VAL ZA 149 -86.63 15.82 -39.51
N ALA ZA 150 -87.14 14.59 -39.44
CA ALA ZA 150 -87.80 14.00 -40.60
C ALA ZA 150 -89.03 14.80 -40.99
N GLU ZA 151 -89.83 15.24 -40.01
CA GLU ZA 151 -91.03 15.99 -40.35
C GLU ZA 151 -90.68 17.35 -40.92
N ARG ZA 152 -89.65 18.00 -40.39
CA ARG ZA 152 -89.22 19.28 -40.95
C ARG ZA 152 -88.73 19.13 -42.38
N LEU ZA 153 -87.99 18.06 -42.67
CA LEU ZA 153 -87.53 17.82 -44.03
C LEU ZA 153 -88.70 17.61 -44.98
N VAL ZA 154 -89.72 16.88 -44.53
CA VAL ZA 154 -90.89 16.68 -45.40
C VAL ZA 154 -91.60 18.00 -45.66
N GLU ZA 155 -91.72 18.84 -44.63
CA GLU ZA 155 -92.37 20.15 -44.83
C GLU ZA 155 -91.59 21.02 -45.81
N LEU ZA 156 -90.26 21.05 -45.66
CA LEU ZA 156 -89.43 21.81 -46.59
C LEU ZA 156 -89.54 21.28 -48.01
N ALA ZA 157 -89.59 19.94 -48.16
CA ALA ZA 157 -89.75 19.37 -49.49
C ALA ZA 157 -91.06 19.77 -50.12
N GLU ZA 158 -92.13 19.80 -49.32
CA GLU ZA 158 -93.41 20.26 -49.85
C GLU ZA 158 -93.32 21.72 -50.28
N LEU ZA 159 -92.65 22.55 -49.48
CA LEU ZA 159 -92.50 23.97 -49.85
C LEU ZA 159 -91.74 24.13 -51.16
N LEU ZA 160 -90.60 23.44 -51.28
CA LEU ZA 160 -89.79 23.56 -52.48
C LEU ZA 160 -90.54 23.02 -53.70
N ARG ZA 161 -91.35 21.98 -53.52
CA ARG ZA 161 -92.20 21.53 -54.61
C ARG ZA 161 -93.20 22.60 -55.00
N ARG ZA 162 -93.71 23.35 -54.02
CA ARG ZA 162 -94.62 24.44 -54.34
C ARG ZA 162 -93.92 25.54 -55.13
N LEU ZA 163 -92.68 25.87 -54.76
CA LEU ZA 163 -91.95 26.92 -55.47
C LEU ZA 163 -91.70 26.54 -56.92
N GLY ZA 164 -91.11 25.36 -57.15
CA GLY ZA 164 -90.85 24.92 -58.51
C GLY ZA 164 -89.47 24.32 -58.73
N VAL ZA 165 -88.70 24.15 -57.66
CA VAL ZA 165 -87.36 23.56 -57.79
C VAL ZA 165 -87.47 22.14 -58.30
N PRO ZA 166 -86.59 21.69 -59.20
CA PRO ZA 166 -86.64 20.28 -59.65
C PRO ZA 166 -86.30 19.32 -58.53
N LEU ZA 167 -86.85 18.10 -58.66
CA LEU ZA 167 -86.88 17.16 -57.55
C LEU ZA 167 -85.48 16.73 -57.11
N ARG ZA 168 -84.59 16.46 -58.05
CA ARG ZA 168 -83.26 15.99 -57.68
C ARG ZA 168 -82.51 17.05 -56.89
N ARG ZA 169 -82.70 18.32 -57.26
CA ARG ZA 169 -82.14 19.41 -56.46
C ARG ZA 169 -82.76 19.42 -55.06
N ILE ZA 170 -84.06 19.14 -54.96
CA ILE ZA 170 -84.69 19.05 -53.65
C ILE ZA 170 -83.99 18.03 -52.78
N ILE ZA 171 -83.77 16.83 -53.32
CA ILE ZA 171 -83.17 15.77 -52.54
C ILE ZA 171 -81.74 16.12 -52.17
N ARG ZA 172 -81.02 16.81 -53.07
CA ARG ZA 172 -79.66 17.22 -52.76
C ARG ZA 172 -79.63 18.24 -51.62
N LEU ZA 173 -80.55 19.21 -51.63
CA LEU ZA 173 -80.61 20.18 -50.54
C LEU ZA 173 -80.98 19.51 -49.23
N LEU ZA 174 -81.92 18.57 -49.27
CA LEU ZA 174 -82.33 17.87 -48.05
C LEU ZA 174 -81.17 17.09 -47.46
N GLU ZA 175 -80.37 16.45 -48.32
CA GLU ZA 175 -79.19 15.75 -47.83
C GLU ZA 175 -78.15 16.71 -47.26
N GLU ZA 176 -78.01 17.91 -47.83
CA GLU ZA 176 -77.10 18.89 -47.23
C GLU ZA 176 -77.57 19.28 -45.84
N VAL ZA 177 -78.88 19.52 -45.68
CA VAL ZA 177 -79.44 19.84 -44.37
C VAL ZA 177 -79.14 18.71 -43.38
N LEU ZA 178 -79.36 17.47 -43.81
CA LEU ZA 178 -79.11 16.33 -42.94
C LEU ZA 178 -77.65 16.24 -42.56
N ARG ZA 179 -76.75 16.55 -43.49
CA ARG ZA 179 -75.33 16.50 -43.18
C ARG ZA 179 -74.96 17.53 -42.13
N VAL ZA 180 -75.50 18.74 -42.24
CA VAL ZA 180 -75.24 19.76 -41.23
C VAL ZA 180 -75.78 19.33 -39.87
N VAL ZA 181 -77.00 18.77 -39.86
CA VAL ZA 181 -77.59 18.33 -38.60
C VAL ZA 181 -76.75 17.23 -37.96
N ALA ZA 182 -76.28 16.28 -38.77
CA ALA ZA 182 -75.44 15.21 -38.24
C ALA ZA 182 -74.13 15.77 -37.68
N GLU ZA 183 -73.53 16.75 -38.36
CA GLU ZA 183 -72.32 17.36 -37.84
C GLU ZA 183 -72.58 18.05 -36.50
N ALA ZA 184 -73.71 18.75 -36.39
CA ALA ZA 184 -74.05 19.42 -35.15
C ALA ZA 184 -74.22 18.41 -34.02
N LEU ZA 185 -74.92 17.31 -34.29
CA LEU ZA 185 -75.10 16.29 -33.27
C LEU ZA 185 -73.79 15.62 -32.90
N ARG ZA 186 -72.86 15.50 -33.86
CA ARG ZA 186 -71.54 14.97 -33.54
C ARG ZA 186 -70.78 15.90 -32.60
N ARG ZA 187 -70.86 17.22 -32.84
CA ARG ZA 187 -70.18 18.17 -31.96
C ARG ZA 187 -70.77 18.18 -30.56
N ALA ZA 188 -72.04 17.82 -30.42
CA ALA ZA 188 -72.70 17.79 -29.12
C ALA ZA 188 -72.46 16.50 -28.35
N GLY ZA 189 -71.63 15.60 -28.88
CA GLY ZA 189 -71.28 14.38 -28.18
C GLY ZA 189 -72.23 13.22 -28.36
N VAL ZA 190 -73.23 13.33 -29.23
CA VAL ZA 190 -74.14 12.21 -29.46
C VAL ZA 190 -73.37 11.06 -30.09
N PRO ZA 191 -73.54 9.83 -29.61
CA PRO ZA 191 -72.77 8.71 -30.18
C PRO ZA 191 -73.16 8.45 -31.63
N GLU ZA 192 -72.20 7.93 -32.38
CA GLU ZA 192 -72.38 7.77 -33.83
C GLU ZA 192 -73.57 6.90 -34.21
N PRO ZA 193 -73.82 5.73 -33.59
CA PRO ZA 193 -74.98 4.94 -34.01
C PRO ZA 193 -76.30 5.70 -33.92
N GLU ZA 194 -76.47 6.57 -32.94
CA GLU ZA 194 -77.68 7.36 -32.88
C GLU ZA 194 -77.77 8.34 -34.04
N ILE ZA 195 -76.64 8.91 -34.46
CA ILE ZA 195 -76.64 9.78 -35.63
C ILE ZA 195 -77.05 9.00 -36.87
N ARG ZA 196 -76.53 7.79 -37.02
CA ARG ZA 196 -76.91 6.97 -38.17
C ARG ZA 196 -78.39 6.63 -38.12
N LYS ZA 197 -78.93 6.35 -36.93
CA LYS ZA 197 -80.35 6.08 -36.81
C LYS ZA 197 -81.19 7.30 -37.21
N VAL ZA 198 -80.74 8.49 -36.80
CA VAL ZA 198 -81.42 9.71 -37.21
C VAL ZA 198 -81.46 9.83 -38.72
N GLU ZA 199 -80.30 9.65 -39.36
CA GLU ZA 199 -80.23 9.79 -40.81
C GLU ZA 199 -81.09 8.75 -41.52
N ALA ZA 200 -81.03 7.49 -41.07
CA ALA ZA 200 -81.79 6.43 -41.71
C ALA ZA 200 -83.28 6.66 -41.56
N ALA ZA 201 -83.73 7.13 -40.39
CA ALA ZA 201 -85.13 7.47 -40.23
C ALA ZA 201 -85.54 8.58 -41.19
N ALA ZA 202 -84.67 9.58 -41.37
CA ALA ZA 202 -84.97 10.65 -42.31
C ALA ZA 202 -85.12 10.13 -43.73
N TYR ZA 203 -84.21 9.23 -44.13
CA TYR ZA 203 -84.25 8.71 -45.50
C TYR ZA 203 -85.47 7.83 -45.73
N ILE ZA 204 -85.84 7.01 -44.74
CA ILE ZA 204 -87.02 6.16 -44.88
C ILE ZA 204 -88.28 7.02 -44.93
N ARG ZA 205 -88.33 8.11 -44.13
CA ARG ZA 205 -89.48 9.01 -44.22
C ARG ZA 205 -89.57 9.67 -45.58
N LEU ZA 206 -88.43 10.13 -46.12
CA LEU ZA 206 -88.42 10.75 -47.44
C LEU ZA 206 -88.85 9.77 -48.52
N ALA ZA 207 -88.34 8.54 -48.46
CA ALA ZA 207 -88.71 7.53 -49.44
C ALA ZA 207 -90.20 7.23 -49.37
N ALA ZA 208 -90.76 7.12 -48.16
CA ALA ZA 208 -92.19 6.88 -48.02
C ALA ZA 208 -93.00 8.05 -48.57
N TYR ZA 209 -92.54 9.28 -48.32
CA TYR ZA 209 -93.21 10.46 -48.82
C TYR ZA 209 -93.23 10.48 -50.35
N LEU ZA 210 -92.10 10.15 -50.98
CA LEU ZA 210 -92.06 10.09 -52.44
C LEU ZA 210 -92.95 8.98 -52.97
N LEU ZA 211 -92.96 7.83 -52.31
CA LEU ZA 211 -93.76 6.71 -52.79
C LEU ZA 211 -95.25 6.98 -52.67
N ARG ZA 212 -95.67 7.80 -51.72
CA ARG ZA 212 -97.09 8.02 -51.53
C ARG ZA 212 -97.70 8.81 -52.69
N GLN ZA 213 -96.95 9.73 -53.29
CA GLN ZA 213 -97.51 10.59 -54.34
C GLN ZA 213 -97.94 9.78 -55.55
N LEU ZA 214 -97.11 8.81 -55.97
CA LEU ZA 214 -97.48 7.94 -57.08
C LEU ZA 214 -98.62 7.00 -56.75
N GLY ZA 215 -98.98 6.86 -55.48
CA GLY ZA 215 -100.10 6.01 -55.13
C GLY ZA 215 -99.70 4.60 -54.76
N TYR ZA 216 -98.64 4.46 -53.95
CA TYR ZA 216 -98.23 3.18 -53.40
C TYR ZA 216 -98.41 3.28 -51.89
N GLU ZA 217 -99.64 3.04 -51.42
CA GLU ZA 217 -99.93 3.19 -50.01
C GLU ZA 217 -99.32 2.05 -49.20
N ALA ZA 218 -99.44 0.81 -49.70
CA ALA ZA 218 -98.94 -0.33 -48.95
C ALA ZA 218 -97.43 -0.24 -48.76
N LEU ZA 219 -96.70 0.16 -49.79
CA LEU ZA 219 -95.27 0.34 -49.68
C LEU ZA 219 -94.91 1.36 -48.61
N ALA ZA 220 -95.60 2.49 -48.59
CA ALA ZA 220 -95.31 3.52 -47.60
C ALA ZA 220 -95.61 3.03 -46.19
N LYS ZA 221 -96.72 2.31 -46.01
CA LYS ZA 221 -97.04 1.78 -44.70
C LYS ZA 221 -95.97 0.80 -44.21
N ARG ZA 222 -95.50 -0.08 -45.09
CA ARG ZA 222 -94.48 -1.04 -44.67
C ARG ZA 222 -93.16 -0.36 -44.36
N LEU ZA 223 -92.80 0.67 -45.13
CA LEU ZA 223 -91.59 1.42 -44.83
C LEU ZA 223 -91.70 2.11 -43.49
N LEU ZA 224 -92.86 2.68 -43.17
CA LEU ZA 224 -93.00 3.37 -41.90
C LEU ZA 224 -93.08 2.40 -40.73
N GLU ZA 225 -93.60 1.18 -40.94
CA GLU ZA 225 -93.50 0.15 -39.92
C GLU ZA 225 -92.06 -0.21 -39.63
N ALA ZA 226 -91.26 -0.37 -40.69
CA ALA ZA 226 -89.83 -0.63 -40.49
C ALA ZA 226 -89.17 0.50 -39.73
N ARG ZA 227 -89.55 1.74 -40.05
CA ARG ZA 227 -89.00 2.89 -39.33
C ARG ZA 227 -89.37 2.87 -37.86
N GLU ZA 228 -90.63 2.54 -37.56
CA GLU ZA 228 -91.07 2.47 -36.17
C GLU ZA 228 -90.28 1.41 -35.40
N LEU ZA 229 -90.08 0.24 -36.02
CA LEU ZA 229 -89.26 -0.77 -35.37
C LEU ZA 229 -87.84 -0.30 -35.19
N LEU ZA 230 -87.32 0.51 -36.12
CA LEU ZA 230 -85.95 1.00 -36.00
C LEU ZA 230 -85.80 1.98 -34.85
N LEU ZA 231 -86.75 2.92 -34.72
CA LEU ZA 231 -86.61 3.96 -33.70
C LEU ZA 231 -86.74 3.42 -32.28
N GLU ZA 232 -87.33 2.23 -32.12
CA GLU ZA 232 -87.48 1.60 -30.81
C GLU ZA 232 -86.25 0.82 -30.38
N GLY ZA 233 -85.21 0.77 -31.21
CA GLY ZA 233 -84.02 0.02 -30.90
C GLY ZA 233 -83.97 -1.37 -31.49
N ARG ZA 234 -85.08 -1.88 -32.00
CA ARG ZA 234 -85.12 -3.20 -32.65
C ARG ZA 234 -84.52 -3.05 -34.04
N VAL ZA 235 -83.20 -3.09 -34.11
CA VAL ZA 235 -82.52 -2.92 -35.38
C VAL ZA 235 -82.72 -4.13 -36.28
N GLU ZA 236 -82.70 -5.33 -35.70
CA GLU ZA 236 -82.69 -6.55 -36.51
C GLU ZA 236 -84.03 -6.75 -37.22
N GLU ZA 237 -85.14 -6.58 -36.51
CA GLU ZA 237 -86.44 -6.69 -37.16
C GLU ZA 237 -86.62 -5.58 -38.18
N ALA ZA 238 -86.12 -4.38 -37.89
CA ALA ZA 238 -86.20 -3.28 -38.86
C ALA ZA 238 -85.45 -3.63 -40.14
N ALA ZA 239 -84.25 -4.17 -40.02
CA ALA ZA 239 -83.48 -4.54 -41.20
C ALA ZA 239 -84.15 -5.68 -41.97
N HIS ZA 240 -84.70 -6.67 -41.28
CA HIS ZA 240 -85.36 -7.76 -41.99
C HIS ZA 240 -86.58 -7.27 -42.75
N LEU ZA 241 -87.44 -6.48 -42.10
CA LEU ZA 241 -88.63 -6.01 -42.78
C LEU ZA 241 -88.29 -5.02 -43.88
N LEU ZA 242 -87.24 -4.22 -43.68
CA LEU ZA 242 -86.78 -3.31 -44.72
C LEU ZA 242 -86.28 -4.07 -45.94
N GLU ZA 243 -85.52 -5.15 -45.73
CA GLU ZA 243 -85.03 -5.91 -46.86
C GLU ZA 243 -86.15 -6.61 -47.60
N ASP ZA 244 -87.17 -7.09 -46.89
CA ASP ZA 244 -88.31 -7.71 -47.58
C ASP ZA 244 -89.05 -6.69 -48.45
N VAL ZA 245 -89.34 -5.52 -47.89
CA VAL ZA 245 -90.09 -4.52 -48.65
C VAL ZA 245 -89.25 -4.00 -49.81
N TYR ZA 246 -87.94 -3.86 -49.61
CA TYR ZA 246 -87.05 -3.44 -50.69
C TYR ZA 246 -87.00 -4.48 -51.80
N ALA ZA 247 -87.01 -5.77 -51.45
CA ALA ZA 247 -87.00 -6.80 -52.48
C ALA ZA 247 -88.26 -6.72 -53.33
N LEU ZA 248 -89.42 -6.56 -52.69
CA LEU ZA 248 -90.66 -6.45 -53.47
C LEU ZA 248 -90.65 -5.21 -54.35
N PHE ZA 249 -90.21 -4.08 -53.78
CA PHE ZA 249 -90.14 -2.84 -54.54
C PHE ZA 249 -89.19 -2.95 -55.72
N HIS ZA 250 -88.04 -3.59 -55.52
CA HIS ZA 250 -87.04 -3.68 -56.57
C HIS ZA 250 -87.51 -4.58 -57.69
N ARG ZA 251 -88.20 -5.68 -57.35
CA ARG ZA 251 -88.82 -6.48 -58.40
C ARG ZA 251 -89.83 -5.66 -59.19
N GLU ZA 252 -90.60 -4.82 -58.49
CA GLU ZA 252 -91.55 -3.97 -59.21
C GLU ZA 252 -90.84 -2.99 -60.14
N ILE ZA 253 -89.70 -2.44 -59.69
CA ILE ZA 253 -88.93 -1.52 -60.53
C ILE ZA 253 -88.42 -2.24 -61.77
N GLU ZA 254 -87.80 -3.40 -61.58
CA GLU ZA 254 -87.29 -4.16 -62.71
C GLU ZA 254 -88.38 -4.65 -63.63
N ARG ZA 255 -89.62 -4.72 -63.15
CA ARG ZA 255 -90.73 -5.09 -64.03
C ARG ZA 255 -90.88 -4.10 -65.17
N LEU ZA 256 -90.75 -2.81 -64.87
CA LEU ZA 256 -90.95 -1.76 -65.86
C LEU ZA 256 -89.76 -1.57 -66.79
N GLY ZA 257 -88.66 -2.28 -66.58
CA GLY ZA 257 -87.57 -2.27 -67.54
C GLY ZA 257 -86.87 -0.92 -67.60
N PHE ZA 258 -86.77 -0.39 -68.81
CA PHE ZA 258 -86.14 0.91 -69.05
C PHE ZA 258 -87.19 2.02 -69.13
N GLU ZA 259 -88.00 2.10 -68.08
CA GLU ZA 259 -89.00 3.14 -67.94
C GLU ZA 259 -89.53 3.12 -66.51
N ALA ZA 260 -89.59 4.29 -65.88
CA ALA ZA 260 -90.14 4.44 -64.54
C ALA ZA 260 -90.18 5.92 -64.17
N PRO ZA 261 -91.25 6.38 -63.49
CA PRO ZA 261 -91.29 7.79 -63.08
C PRO ZA 261 -90.09 8.13 -62.21
N GLU ZA 262 -89.66 9.39 -62.30
CA GLU ZA 262 -88.40 9.77 -61.67
C GLU ZA 262 -88.46 9.62 -60.15
N GLU ZA 263 -89.65 9.72 -59.56
CA GLU ZA 263 -89.75 9.52 -58.12
C GLU ZA 263 -89.38 8.11 -57.72
N LEU ZA 264 -89.74 7.11 -58.54
CA LEU ZA 264 -89.29 5.74 -58.30
C LEU ZA 264 -87.78 5.65 -58.33
N ARG ZA 265 -87.16 6.30 -59.30
CA ARG ZA 265 -85.70 6.24 -59.44
C ARG ZA 265 -85.01 6.87 -58.25
N VAL ZA 266 -85.54 8.00 -57.74
CA VAL ZA 266 -84.93 8.63 -56.58
C VAL ZA 266 -85.17 7.79 -55.33
N ALA ZA 267 -86.38 7.23 -55.20
CA ALA ZA 267 -86.70 6.41 -54.04
C ALA ZA 267 -85.81 5.19 -53.95
N ASP ZA 268 -85.43 4.62 -55.10
CA ASP ZA 268 -84.54 3.46 -55.07
C ASP ZA 268 -83.21 3.81 -54.42
N LEU ZA 269 -82.64 4.96 -54.77
CA LEU ZA 269 -81.37 5.36 -54.17
C LEU ZA 269 -81.53 5.70 -52.70
N LEU ZA 270 -82.65 6.35 -52.34
CA LEU ZA 270 -82.92 6.67 -50.94
C LEU ZA 270 -83.02 5.40 -50.11
N LEU ZA 271 -83.75 4.40 -50.61
CA LEU ZA 271 -83.90 3.13 -49.89
C LEU ZA 271 -82.58 2.40 -49.77
N ALA ZA 272 -81.76 2.41 -50.83
CA ALA ZA 272 -80.46 1.78 -50.74
C ALA ZA 272 -79.60 2.42 -49.67
N ARG ZA 273 -79.60 3.76 -49.60
CA ARG ZA 273 -78.81 4.43 -48.58
C ARG ZA 273 -79.34 4.17 -47.18
N ALA ZA 274 -80.66 4.13 -47.03
CA ALA ZA 274 -81.24 3.82 -45.73
C ALA ZA 274 -80.82 2.43 -45.27
N ILE ZA 275 -80.85 1.45 -46.18
CA ILE ZA 275 -80.45 0.10 -45.83
C ILE ZA 275 -78.98 0.06 -45.46
N ALA ZA 276 -78.14 0.80 -46.20
CA ALA ZA 276 -76.71 0.83 -45.87
C ALA ZA 276 -76.50 1.41 -44.48
N LEU ZA 277 -77.19 2.50 -44.15
CA LEU ZA 277 -77.01 3.13 -42.84
C LEU ZA 277 -77.47 2.20 -41.72
N ILE ZA 278 -78.62 1.54 -41.90
CA ILE ZA 278 -79.10 0.62 -40.87
C ILE ZA 278 -78.11 -0.51 -40.67
N LYS ZA 279 -77.59 -1.06 -41.78
CA LYS ZA 279 -76.63 -2.16 -41.67
C LYS ZA 279 -75.33 -1.70 -41.00
N ALA ZA 280 -74.97 -0.43 -41.15
CA ALA ZA 280 -73.74 0.07 -40.56
C ALA ZA 280 -73.88 0.48 -39.11
N ILE ZA 281 -75.10 0.51 -38.56
CA ILE ZA 281 -75.30 0.82 -37.14
C ILE ZA 281 -74.55 -0.18 -36.27
N THR AB 24 -60.11 11.89 -99.39
CA THR AB 24 -60.37 12.82 -98.29
C THR AB 24 -59.82 12.27 -96.99
N VAL AB 25 -59.52 10.97 -96.98
CA VAL AB 25 -59.11 10.29 -95.76
C VAL AB 25 -57.80 10.88 -95.23
N VAL AB 26 -56.82 11.07 -96.12
CA VAL AB 26 -55.56 11.67 -95.71
C VAL AB 26 -55.77 13.12 -95.28
N GLU AB 27 -56.69 13.82 -95.94
CA GLU AB 27 -57.05 15.16 -95.48
C GLU AB 27 -57.67 15.12 -94.10
N GLU AB 28 -58.50 14.11 -93.82
CA GLU AB 28 -59.07 13.96 -92.49
C GLU AB 28 -57.99 13.71 -91.44
N VAL AB 29 -57.00 12.89 -91.77
CA VAL AB 29 -55.91 12.62 -90.83
C VAL AB 29 -55.10 13.89 -90.59
N ARG AB 30 -54.80 14.64 -91.65
CA ARG AB 30 -54.08 15.90 -91.48
C ARG AB 30 -54.87 16.86 -90.62
N ARG AB 31 -56.17 17.01 -90.89
CA ARG AB 31 -57.00 17.92 -90.12
C ARG AB 31 -57.06 17.51 -88.66
N PHE AB 32 -57.19 16.21 -88.39
CA PHE AB 32 -57.22 15.69 -87.03
C PHE AB 32 -55.93 16.04 -86.30
N ALA AB 33 -54.79 15.79 -86.94
CA ALA AB 33 -53.50 16.06 -86.29
C ALA AB 33 -53.31 17.55 -86.03
N GLU AB 34 -53.62 18.39 -87.03
CA GLU AB 34 -53.42 19.82 -86.84
C GLU AB 34 -54.35 20.38 -85.78
N GLU AB 35 -55.61 19.92 -85.76
CA GLU AB 35 -56.54 20.39 -84.74
C GLU AB 35 -56.07 20.01 -83.34
N LEU AB 36 -55.61 18.77 -83.17
CA LEU AB 36 -55.10 18.36 -81.87
C LEU AB 36 -53.86 19.17 -81.49
N ALA AB 37 -52.98 19.46 -82.44
CA ALA AB 37 -51.79 20.26 -82.14
C ALA AB 37 -52.16 21.69 -81.75
N GLU AB 38 -53.11 22.30 -82.46
CA GLU AB 38 -53.56 23.63 -82.11
C GLU AB 38 -54.17 23.66 -80.72
N GLU AB 39 -54.97 22.65 -80.39
CA GLU AB 39 -55.55 22.60 -79.04
C GLU AB 39 -54.47 22.43 -77.99
N VAL AB 40 -53.45 21.63 -78.27
CA VAL AB 40 -52.35 21.46 -77.33
C VAL AB 40 -51.68 22.81 -77.07
N LEU AB 41 -51.44 23.57 -78.14
CA LEU AB 41 -50.79 24.87 -77.99
C LEU AB 41 -51.68 25.87 -77.26
N ARG AB 42 -52.98 25.88 -77.57
CA ARG AB 42 -53.88 26.82 -76.91
C ARG AB 42 -53.98 26.54 -75.42
N VAL AB 43 -54.10 25.27 -75.04
CA VAL AB 43 -54.21 24.94 -73.62
C VAL AB 43 -52.89 25.19 -72.90
N GLY AB 44 -51.78 24.72 -73.48
CA GLY AB 44 -50.50 24.80 -72.81
C GLY AB 44 -49.62 25.96 -73.20
N GLY AB 45 -49.98 26.71 -74.23
CA GLY AB 45 -49.14 27.83 -74.60
C GLY AB 45 -47.83 27.39 -75.23
N GLU AB 46 -46.82 28.23 -75.06
CA GLU AB 46 -45.48 27.93 -75.52
C GLU AB 46 -44.71 27.07 -74.52
N ALA AB 47 -45.30 26.75 -73.38
CA ALA AB 47 -44.61 25.89 -72.42
C ALA AB 47 -44.35 24.51 -73.02
N MET AB 48 -45.33 23.97 -73.74
CA MET AB 48 -45.20 22.67 -74.41
C MET AB 48 -45.35 22.89 -75.90
N ARG AB 49 -44.25 23.27 -76.54
CA ARG AB 49 -44.11 23.30 -77.99
C ARG AB 49 -43.71 21.94 -78.54
N PRO AB 50 -42.84 21.17 -77.86
CA PRO AB 50 -42.51 19.83 -78.37
C PRO AB 50 -43.72 18.96 -78.71
N TYR AB 51 -44.78 19.02 -77.90
CA TYR AB 51 -45.91 18.12 -78.13
C TYR AB 51 -46.67 18.48 -79.41
N ALA AB 52 -46.75 19.77 -79.72
CA ALA AB 52 -47.36 20.16 -80.99
C ALA AB 52 -46.57 19.62 -82.17
N GLU AB 53 -45.24 19.68 -82.09
CA GLU AB 53 -44.40 19.13 -83.15
C GLU AB 53 -44.54 17.62 -83.24
N MET AB 54 -44.62 16.93 -82.10
CA MET AB 54 -44.79 15.49 -82.12
C MET AB 54 -46.12 15.10 -82.76
N VAL AB 55 -47.19 15.80 -82.40
CA VAL AB 55 -48.48 15.53 -83.02
C VAL AB 55 -48.44 15.78 -84.51
N ARG AB 56 -47.81 16.88 -84.93
CA ARG AB 56 -47.78 17.20 -86.36
C ARG AB 56 -46.95 16.18 -87.14
N HIS AB 57 -45.81 15.75 -86.59
CA HIS AB 57 -45.01 14.73 -87.25
C HIS AB 57 -45.71 13.38 -87.30
N LEU AB 58 -46.42 12.99 -86.24
CA LEU AB 58 -47.14 11.73 -86.29
C LEU AB 58 -48.30 11.80 -87.28
N GLY AB 59 -48.95 12.95 -87.41
CA GLY AB 59 -49.91 13.12 -88.47
C GLY AB 59 -49.28 12.98 -89.84
N GLU AB 60 -48.09 13.56 -90.03
CA GLU AB 60 -47.39 13.43 -91.30
C GLU AB 60 -47.01 11.98 -91.59
N ALA AB 61 -46.52 11.25 -90.59
CA ALA AB 61 -46.16 9.86 -90.79
C ALA AB 61 -47.39 9.02 -91.15
N ALA AB 62 -48.52 9.29 -90.49
CA ALA AB 62 -49.75 8.57 -90.82
C ALA AB 62 -50.18 8.83 -92.25
N VAL AB 63 -50.17 10.10 -92.69
CA VAL AB 63 -50.61 10.36 -94.05
C VAL AB 63 -49.61 9.82 -95.06
N ALA AB 64 -48.32 9.80 -94.71
CA ALA AB 64 -47.34 9.15 -95.57
C ALA AB 64 -47.68 7.68 -95.75
N ALA AB 65 -48.00 6.99 -94.64
CA ALA AB 65 -48.37 5.58 -94.73
C ALA AB 65 -49.62 5.38 -95.57
N LEU AB 66 -50.63 6.23 -95.39
CA LEU AB 66 -51.84 6.12 -96.20
C LEU AB 66 -51.60 6.47 -97.67
N GLU AB 67 -50.52 7.18 -97.99
CA GLU AB 67 -50.26 7.55 -99.38
C GLU AB 67 -49.02 6.87 -99.94
N GLY AB 68 -48.90 5.57 -99.73
CA GLY AB 68 -47.73 4.84 -100.15
C GLY AB 68 -46.69 4.81 -99.04
N ARG AB 69 -45.43 4.61 -99.45
CA ARG AB 69 -44.27 4.76 -98.58
C ARG AB 69 -44.21 3.75 -97.44
N ALA AB 70 -43.01 3.43 -97.01
CA ALA AB 70 -42.79 2.69 -95.77
C ALA AB 70 -41.57 3.17 -95.00
N GLU AB 71 -40.66 3.91 -95.63
CA GLU AB 71 -39.41 4.36 -95.04
C GLU AB 71 -39.55 5.75 -94.42
N GLU AB 72 -40.33 6.63 -95.06
CA GLU AB 72 -40.60 7.93 -94.45
C GLU AB 72 -41.34 7.78 -93.13
N ALA AB 73 -42.29 6.85 -93.07
CA ALA AB 73 -42.97 6.57 -91.82
C ALA AB 73 -41.99 6.08 -90.76
N ASP AB 74 -41.07 5.19 -91.15
CA ASP AB 74 -40.02 4.73 -90.25
C ASP AB 74 -39.22 5.89 -89.70
N ARG AB 75 -38.76 6.78 -90.58
CA ARG AB 75 -37.92 7.88 -90.16
C ARG AB 75 -38.67 8.84 -89.25
N LEU AB 76 -39.89 9.20 -89.61
CA LEU AB 76 -40.65 10.14 -88.79
C LEU AB 76 -40.96 9.57 -87.42
N VAL AB 77 -41.32 8.28 -87.35
CA VAL AB 77 -41.60 7.67 -86.07
C VAL AB 77 -40.33 7.62 -85.21
N ARG AB 78 -39.18 7.37 -85.83
CA ARG AB 78 -37.92 7.39 -85.08
C ARG AB 78 -37.60 8.80 -84.57
N ASP AB 79 -37.87 9.82 -85.38
CA ASP AB 79 -37.64 11.19 -84.95
C ASP AB 79 -38.55 11.55 -83.77
N VAL AB 80 -39.82 11.17 -83.85
CA VAL AB 80 -40.75 11.42 -82.74
C VAL AB 80 -40.33 10.64 -81.51
N LEU AB 81 -39.78 9.44 -81.70
CA LEU AB 81 -39.27 8.68 -80.57
C LEU AB 81 -38.13 9.43 -79.90
N GLU AB 82 -37.24 10.03 -80.71
CA GLU AB 82 -36.15 10.82 -80.14
C GLU AB 82 -36.68 12.03 -79.36
N MET AB 83 -37.69 12.70 -79.90
CA MET AB 83 -38.30 13.83 -79.18
C MET AB 83 -38.86 13.37 -77.84
N ALA AB 84 -39.58 12.24 -77.85
CA ALA AB 84 -40.12 11.72 -76.60
C ALA AB 84 -39.02 11.36 -75.63
N ARG AB 85 -37.89 10.84 -76.13
CA ARG AB 85 -36.77 10.53 -75.26
C ARG AB 85 -36.24 11.79 -74.59
N GLU AB 86 -36.06 12.87 -75.36
CA GLU AB 86 -35.43 14.05 -74.77
C GLU AB 86 -36.38 14.80 -73.84
N VAL AB 87 -37.66 14.90 -74.20
CA VAL AB 87 -38.60 15.65 -73.37
C VAL AB 87 -38.76 14.99 -72.00
N GLY AB 88 -38.89 13.67 -71.98
CA GLY AB 88 -39.13 12.94 -70.76
C GLY AB 88 -40.37 12.08 -70.77
N ALA AB 89 -41.12 12.04 -71.87
CA ALA AB 89 -42.31 11.20 -71.96
C ALA AB 89 -41.89 9.75 -72.02
N GLU AB 90 -42.23 8.98 -70.99
CA GLU AB 90 -41.82 7.58 -70.92
C GLU AB 90 -42.82 6.65 -71.62
N GLY AB 91 -44.07 6.65 -71.14
CA GLY AB 91 -45.06 5.78 -71.75
C GLY AB 91 -45.27 6.08 -73.21
N LEU AB 92 -45.20 7.35 -73.58
CA LEU AB 92 -45.28 7.72 -74.98
C LEU AB 92 -44.11 7.14 -75.77
N ALA AB 93 -42.91 7.15 -75.19
CA ALA AB 93 -41.77 6.55 -75.86
C ALA AB 93 -41.96 5.05 -76.07
N ARG AB 94 -42.47 4.35 -75.04
CA ARG AB 94 -42.72 2.92 -75.21
C ARG AB 94 -43.73 2.67 -76.32
N LEU AB 95 -44.84 3.42 -76.30
CA LEU AB 95 -45.85 3.22 -77.32
C LEU AB 95 -45.30 3.56 -78.70
N LEU AB 96 -44.36 4.49 -78.78
CA LEU AB 96 -43.79 4.85 -80.07
C LEU AB 96 -42.87 3.76 -80.60
N GLU AB 97 -42.10 3.12 -79.72
CA GLU AB 97 -41.32 1.95 -80.16
C GLU AB 97 -42.22 0.84 -80.66
N ARG AB 98 -43.29 0.54 -79.91
CA ARG AB 98 -44.23 -0.49 -80.33
C ARG AB 98 -44.87 -0.12 -81.67
N VAL AB 99 -45.24 1.15 -81.83
CA VAL AB 99 -45.81 1.61 -83.09
C VAL AB 99 -44.81 1.41 -84.22
N HIS AB 100 -43.54 1.68 -83.96
CA HIS AB 100 -42.51 1.52 -84.98
C HIS AB 100 -42.43 0.07 -85.47
N ARG AB 101 -42.28 -0.86 -84.53
CA ARG AB 101 -42.13 -2.28 -84.90
C ARG AB 101 -43.37 -2.79 -85.64
N GLU AB 102 -44.56 -2.56 -85.08
CA GLU AB 102 -45.78 -3.03 -85.73
C GLU AB 102 -45.99 -2.35 -87.07
N ALA AB 103 -45.62 -1.08 -87.19
CA ALA AB 103 -45.76 -0.41 -88.48
C ALA AB 103 -44.89 -1.08 -89.52
N ARG AB 104 -43.66 -1.44 -89.14
CA ARG AB 104 -42.78 -2.16 -90.06
C ARG AB 104 -43.41 -3.48 -90.49
N GLU AB 105 -43.89 -4.27 -89.52
CA GLU AB 105 -44.45 -5.58 -89.84
C GLU AB 105 -45.65 -5.46 -90.76
N LEU AB 106 -46.60 -4.60 -90.41
CA LEU AB 106 -47.82 -4.49 -91.20
C LEU AB 106 -47.56 -3.87 -92.57
N LEU AB 107 -46.57 -2.98 -92.67
CA LEU AB 107 -46.25 -2.44 -93.98
C LEU AB 107 -45.57 -3.50 -94.85
N ARG AB 108 -44.77 -4.38 -94.25
CA ARG AB 108 -44.22 -5.50 -94.99
C ARG AB 108 -45.33 -6.41 -95.49
N GLU AB 109 -46.34 -6.67 -94.64
CA GLU AB 109 -47.47 -7.48 -95.06
C GLU AB 109 -48.38 -6.79 -96.07
N GLY AB 110 -48.17 -5.51 -96.33
CA GLY AB 110 -48.94 -4.79 -97.32
C GLY AB 110 -50.21 -4.14 -96.82
N ARG AB 111 -50.57 -4.30 -95.55
CA ARG AB 111 -51.75 -3.67 -94.99
C ARG AB 111 -51.39 -2.26 -94.53
N ARG AB 112 -52.15 -1.27 -95.00
CA ARG AB 112 -51.81 0.13 -94.77
C ARG AB 112 -52.71 0.81 -93.75
N GLU AB 113 -54.01 0.47 -93.72
CA GLU AB 113 -54.94 1.18 -92.86
C GLU AB 113 -54.58 1.01 -91.39
N GLU AB 114 -54.21 -0.20 -90.98
CA GLU AB 114 -53.95 -0.46 -89.58
C GLU AB 114 -52.66 0.20 -89.09
N ALA AB 115 -51.66 0.32 -89.96
CA ALA AB 115 -50.43 1.02 -89.56
C ALA AB 115 -50.70 2.50 -89.31
N ALA AB 116 -51.46 3.13 -90.21
CA ALA AB 116 -51.89 4.50 -89.96
C ALA AB 116 -52.78 4.60 -88.74
N ALA AB 117 -53.55 3.55 -88.45
CA ALA AB 117 -54.36 3.55 -87.25
C ALA AB 117 -53.49 3.56 -86.00
N LEU AB 118 -52.42 2.75 -85.99
CA LEU AB 118 -51.49 2.79 -84.86
C LEU AB 118 -50.83 4.16 -84.74
N VAL AB 119 -50.47 4.76 -85.87
CA VAL AB 119 -49.82 6.07 -85.82
C VAL AB 119 -50.78 7.13 -85.29
N LEU AB 120 -52.04 7.11 -85.72
CA LEU AB 120 -53.02 8.06 -85.24
C LEU AB 120 -53.28 7.88 -83.75
N ALA AB 121 -53.35 6.63 -83.29
CA ALA AB 121 -53.47 6.40 -81.86
C ALA AB 121 -52.28 6.98 -81.11
N ALA AB 122 -51.07 6.87 -81.68
CA ALA AB 122 -49.89 7.45 -81.05
C ALA AB 122 -49.98 8.96 -80.97
N ALA AB 123 -50.42 9.60 -82.05
CA ALA AB 123 -50.56 11.06 -82.07
C ALA AB 123 -51.59 11.52 -81.04
N LEU AB 124 -52.71 10.81 -80.95
CA LEU AB 124 -53.72 11.15 -79.96
C LEU AB 124 -53.20 10.96 -78.55
N ALA AB 125 -52.43 9.90 -78.32
CA ALA AB 125 -51.84 9.74 -76.99
C ALA AB 125 -50.93 10.90 -76.64
N ALA AB 126 -50.11 11.35 -77.60
CA ALA AB 126 -49.20 12.47 -77.34
C ALA AB 126 -49.98 13.75 -77.04
N GLY AB 127 -50.96 14.09 -77.89
CA GLY AB 127 -51.73 15.30 -77.67
C GLY AB 127 -52.51 15.27 -76.37
N ALA AB 128 -53.17 14.15 -76.08
CA ALA AB 128 -53.95 14.06 -74.86
C ALA AB 128 -53.06 14.08 -73.63
N VAL AB 129 -51.86 13.52 -73.73
CA VAL AB 129 -50.90 13.60 -72.62
C VAL AB 129 -50.53 15.06 -72.36
N ALA AB 130 -50.25 15.81 -73.42
CA ALA AB 130 -49.92 17.22 -73.26
C ALA AB 130 -51.06 17.98 -72.61
N VAL AB 131 -52.27 17.81 -73.12
CA VAL AB 131 -53.40 18.58 -72.60
C VAL AB 131 -53.71 18.19 -71.16
N ALA AB 132 -53.61 16.90 -70.83
CA ALA AB 132 -53.88 16.48 -69.47
C ALA AB 132 -52.84 17.03 -68.50
N GLU AB 133 -51.57 17.04 -68.89
CA GLU AB 133 -50.55 17.64 -68.03
C GLU AB 133 -50.78 19.13 -67.85
N ALA AB 134 -51.21 19.81 -68.92
CA ALA AB 134 -51.53 21.23 -68.79
C ALA AB 134 -52.67 21.46 -67.81
N TYR AB 135 -53.73 20.65 -67.90
CA TYR AB 135 -54.86 20.77 -66.99
C TYR AB 135 -54.43 20.52 -65.55
N VAL AB 136 -53.55 19.54 -65.34
CA VAL AB 136 -53.10 19.24 -63.98
C VAL AB 136 -52.23 20.36 -63.44
N ARG AB 137 -51.40 20.97 -64.29
CA ARG AB 137 -50.50 22.03 -63.82
C ARG AB 137 -51.26 23.23 -63.29
N LEU AB 138 -52.30 23.68 -64.00
CA LEU AB 138 -53.08 24.82 -63.56
C LEU AB 138 -54.28 24.42 -62.71
N GLY AB 139 -54.33 23.17 -62.24
CA GLY AB 139 -55.28 22.74 -61.23
C GLY AB 139 -56.75 22.77 -61.59
N GLN AB 140 -57.11 22.32 -62.79
CA GLN AB 140 -58.51 22.22 -63.14
C GLN AB 140 -59.10 20.92 -62.61
N PRO AB 141 -60.42 20.87 -62.39
CA PRO AB 141 -61.03 19.68 -61.80
C PRO AB 141 -60.99 18.49 -62.75
N ILE AB 142 -61.15 17.30 -62.16
CA ILE AB 142 -60.99 16.05 -62.88
C ILE AB 142 -62.13 15.77 -63.86
N ARG AB 143 -63.32 16.35 -63.63
CA ARG AB 143 -64.41 16.17 -64.59
C ARG AB 143 -64.00 16.60 -65.98
N LEU AB 144 -63.27 17.71 -66.09
CA LEU AB 144 -62.87 18.21 -67.41
C LEU AB 144 -61.89 17.27 -68.09
N ILE AB 145 -60.91 16.74 -67.35
CA ILE AB 145 -59.99 15.77 -67.93
C ILE AB 145 -60.74 14.54 -68.41
N ALA AB 146 -61.65 14.01 -67.58
CA ALA AB 146 -62.38 12.80 -67.95
C ALA AB 146 -63.25 13.02 -69.17
N GLU AB 147 -63.98 14.14 -69.21
CA GLU AB 147 -64.84 14.41 -70.35
C GLU AB 147 -64.04 14.66 -71.61
N TYR AB 148 -62.93 15.39 -71.50
CA TYR AB 148 -62.08 15.63 -72.65
C TYR AB 148 -61.55 14.33 -73.23
N VAL AB 149 -60.96 13.48 -72.39
CA VAL AB 149 -60.40 12.23 -72.86
C VAL AB 149 -61.47 11.35 -73.48
N ALA AB 150 -62.62 11.23 -72.83
CA ALA AB 150 -63.67 10.37 -73.37
C ALA AB 150 -64.15 10.86 -74.73
N GLU AB 151 -64.31 12.18 -74.88
CA GLU AB 151 -64.81 12.69 -76.16
C GLU AB 151 -63.77 12.51 -77.26
N ARG AB 152 -62.49 12.69 -76.93
CA ARG AB 152 -61.45 12.46 -77.93
C ARG AB 152 -61.41 10.99 -78.35
N LEU AB 153 -61.58 10.07 -77.39
CA LEU AB 153 -61.61 8.65 -77.73
C LEU AB 153 -62.79 8.35 -78.64
N VAL AB 154 -63.95 8.95 -78.38
CA VAL AB 154 -65.10 8.70 -79.25
C VAL AB 154 -64.83 9.21 -80.66
N GLU AB 155 -64.22 10.40 -80.77
CA GLU AB 155 -63.90 10.93 -82.10
C GLU AB 155 -62.91 10.05 -82.84
N LEU AB 156 -61.88 9.57 -82.14
CA LEU AB 156 -60.91 8.68 -82.77
C LEU AB 156 -61.55 7.37 -83.21
N ALA AB 157 -62.44 6.82 -82.38
CA ALA AB 157 -63.12 5.59 -82.76
C ALA AB 157 -63.98 5.81 -83.99
N GLU AB 158 -64.62 6.97 -84.08
CA GLU AB 158 -65.40 7.28 -85.28
C GLU AB 158 -64.50 7.35 -86.51
N LEU AB 159 -63.33 7.98 -86.38
CA LEU AB 159 -62.39 8.05 -87.50
C LEU AB 159 -61.93 6.66 -87.93
N LEU AB 160 -61.52 5.85 -86.96
CA LEU AB 160 -61.03 4.51 -87.28
C LEU AB 160 -62.13 3.65 -87.89
N ARG AB 161 -63.38 3.86 -87.48
CA ARG AB 161 -64.48 3.19 -88.15
C ARG AB 161 -64.60 3.67 -89.59
N ARG AB 162 -64.35 4.96 -89.84
CA ARG AB 162 -64.41 5.45 -91.21
C ARG AB 162 -63.31 4.83 -92.07
N LEU AB 163 -62.10 4.66 -91.52
CA LEU AB 163 -61.00 4.10 -92.30
C LEU AB 163 -61.30 2.66 -92.72
N GLY AB 164 -61.65 1.81 -91.76
CA GLY AB 164 -61.94 0.42 -92.07
C GLY AB 164 -61.32 -0.59 -91.12
N VAL AB 165 -60.69 -0.10 -90.05
CA VAL AB 165 -60.08 -1.01 -89.07
C VAL AB 165 -61.18 -1.83 -88.40
N PRO AB 166 -60.96 -3.12 -88.13
CA PRO AB 166 -61.96 -3.90 -87.39
C PRO AB 166 -62.11 -3.41 -85.96
N LEU AB 167 -63.32 -3.65 -85.42
CA LEU AB 167 -63.73 -3.00 -84.18
C LEU AB 167 -62.88 -3.44 -83.00
N ARG AB 168 -62.51 -4.71 -82.93
CA ARG AB 168 -61.73 -5.17 -81.78
C ARG AB 168 -60.38 -4.49 -81.73
N ARG AB 169 -59.74 -4.28 -82.88
CA ARG AB 169 -58.52 -3.51 -82.93
C ARG AB 169 -58.77 -2.07 -82.50
N ILE AB 170 -59.92 -1.51 -82.88
CA ILE AB 170 -60.28 -0.17 -82.43
C ILE AB 170 -60.26 -0.11 -80.92
N ILE AB 171 -60.90 -1.07 -80.26
CA ILE AB 171 -60.99 -1.04 -78.80
C ILE AB 171 -59.62 -1.24 -78.18
N ARG AB 172 -58.79 -2.09 -78.79
CA ARG AB 172 -57.45 -2.31 -78.26
C ARG AB 172 -56.61 -1.05 -78.34
N LEU AB 173 -56.68 -0.32 -79.46
CA LEU AB 173 -55.94 0.93 -79.58
C LEU AB 173 -56.44 1.97 -78.59
N LEU AB 174 -57.77 2.05 -78.41
CA LEU AB 174 -58.34 3.01 -77.46
C LEU AB 174 -57.87 2.71 -76.05
N GLU AB 175 -57.80 1.44 -75.69
CA GLU AB 175 -57.28 1.09 -74.37
C GLU AB 175 -55.82 1.43 -74.23
N GLU AB 176 -55.03 1.28 -75.30
CA GLU AB 176 -53.63 1.70 -75.23
C GLU AB 176 -53.51 3.20 -74.99
N VAL AB 177 -54.32 3.99 -75.69
CA VAL AB 177 -54.34 5.44 -75.49
C VAL AB 177 -54.68 5.75 -74.05
N LEU AB 178 -55.70 5.10 -73.51
CA LEU AB 178 -56.10 5.33 -72.13
C LEU AB 178 -54.99 4.96 -71.15
N ARG AB 179 -54.26 3.87 -71.43
CA ARG AB 179 -53.18 3.47 -70.55
C ARG AB 179 -52.07 4.52 -70.53
N VAL AB 180 -51.73 5.05 -71.70
CA VAL AB 180 -50.71 6.10 -71.75
C VAL AB 180 -51.17 7.33 -70.99
N VAL AB 181 -52.44 7.72 -71.17
CA VAL AB 181 -52.96 8.89 -70.48
C VAL AB 181 -52.93 8.69 -68.97
N ALA AB 182 -53.31 7.49 -68.51
CA ALA AB 182 -53.28 7.21 -67.08
C ALA AB 182 -51.86 7.26 -66.54
N GLU AB 183 -50.89 6.74 -67.30
CA GLU AB 183 -49.50 6.83 -66.86
C GLU AB 183 -49.04 8.28 -66.76
N ALA AB 184 -49.43 9.10 -67.74
CA ALA AB 184 -49.06 10.51 -67.71
C ALA AB 184 -49.64 11.20 -66.49
N LEU AB 185 -50.93 10.94 -66.20
CA LEU AB 185 -51.55 11.54 -65.03
C LEU AB 185 -50.92 11.06 -63.75
N ARG AB 186 -50.48 9.80 -63.71
CA ARG AB 186 -49.79 9.29 -62.53
C ARG AB 186 -48.47 10.02 -62.32
N ARG AB 187 -47.73 10.27 -63.41
CA ARG AB 187 -46.45 10.98 -63.28
C ARG AB 187 -46.64 12.42 -62.82
N ALA AB 188 -47.81 13.01 -63.07
CA ALA AB 188 -48.10 14.37 -62.66
C ALA AB 188 -48.60 14.45 -61.22
N GLY AB 189 -48.66 13.33 -60.51
CA GLY AB 189 -49.07 13.33 -59.12
C GLY AB 189 -50.55 13.25 -58.86
N VAL AB 190 -51.37 13.04 -59.89
CA VAL AB 190 -52.81 12.90 -59.67
C VAL AB 190 -53.08 11.66 -58.84
N PRO AB 191 -53.90 11.73 -57.79
CA PRO AB 191 -54.13 10.55 -56.95
C PRO AB 191 -54.81 9.43 -57.72
N GLU AB 192 -54.52 8.20 -57.30
CA GLU AB 192 -54.99 7.02 -58.04
C GLU AB 192 -56.50 6.96 -58.21
N PRO AB 193 -57.33 7.20 -57.19
CA PRO AB 193 -58.78 7.14 -57.41
C PRO AB 193 -59.28 8.04 -58.52
N GLU AB 194 -58.67 9.21 -58.70
CA GLU AB 194 -59.09 10.07 -59.81
C GLU AB 194 -58.70 9.46 -61.15
N ILE AB 195 -57.57 8.77 -61.23
CA ILE AB 195 -57.20 8.08 -62.46
C ILE AB 195 -58.20 6.98 -62.77
N ARG AB 196 -58.61 6.23 -61.76
CA ARG AB 196 -59.63 5.21 -61.96
C ARG AB 196 -60.95 5.83 -62.39
N LYS AB 197 -61.30 6.99 -61.84
CA LYS AB 197 -62.50 7.70 -62.28
C LYS AB 197 -62.39 8.07 -63.76
N VAL AB 198 -61.22 8.53 -64.18
CA VAL AB 198 -61.02 8.89 -65.59
C VAL AB 198 -61.27 7.67 -66.47
N GLU AB 199 -60.62 6.55 -66.14
CA GLU AB 199 -60.72 5.37 -66.99
C GLU AB 199 -62.14 4.81 -66.99
N ALA AB 200 -62.79 4.76 -65.83
CA ALA AB 200 -64.15 4.23 -65.76
C ALA AB 200 -65.11 5.09 -66.56
N ALA AB 201 -64.97 6.41 -66.48
CA ALA AB 201 -65.79 7.30 -67.29
C ALA AB 201 -65.55 7.04 -68.77
N ALA AB 202 -64.29 6.80 -69.15
CA ALA AB 202 -63.98 6.52 -70.55
C ALA AB 202 -64.65 5.23 -71.03
N TYR AB 203 -64.60 4.17 -70.21
CA TYR AB 203 -65.21 2.90 -70.60
C TYR AB 203 -66.72 3.01 -70.68
N ILE AB 204 -67.35 3.72 -69.74
CA ILE AB 204 -68.81 3.87 -69.80
C ILE AB 204 -69.21 4.69 -71.03
N ARG AB 205 -68.43 5.72 -71.36
CA ARG AB 205 -68.71 6.48 -72.58
C ARG AB 205 -68.57 5.62 -73.81
N LEU AB 206 -67.53 4.80 -73.88
CA LEU AB 206 -67.32 3.92 -75.03
C LEU AB 206 -68.44 2.88 -75.15
N ALA AB 207 -68.83 2.28 -74.02
CA ALA AB 207 -69.93 1.32 -74.02
C ALA AB 207 -71.21 1.96 -74.50
N ALA AB 208 -71.51 3.17 -74.02
CA ALA AB 208 -72.71 3.87 -74.47
C ALA AB 208 -72.64 4.15 -75.97
N TYR AB 209 -71.48 4.57 -76.46
CA TYR AB 209 -71.31 4.85 -77.87
C TYR AB 209 -71.55 3.60 -78.72
N LEU AB 210 -71.01 2.46 -78.29
CA LEU AB 210 -71.24 1.21 -79.03
C LEU AB 210 -72.70 0.82 -78.99
N LEU AB 211 -73.34 0.92 -77.82
CA LEU AB 211 -74.72 0.51 -77.69
C LEU AB 211 -75.65 1.39 -78.51
N ARG AB 212 -75.28 2.64 -78.74
CA ARG AB 212 -76.18 3.54 -79.46
C ARG AB 212 -76.38 3.10 -80.90
N GLN AB 213 -75.33 2.58 -81.54
CA GLN AB 213 -75.42 2.22 -82.95
C GLN AB 213 -76.42 1.10 -83.18
N LEU AB 214 -76.45 0.11 -82.29
CA LEU AB 214 -77.42 -0.98 -82.39
C LEU AB 214 -78.85 -0.53 -82.15
N GLY AB 215 -79.05 0.67 -81.63
CA GLY AB 215 -80.39 1.17 -81.41
C GLY AB 215 -80.92 0.87 -80.03
N TYR AB 216 -80.09 1.04 -79.01
CA TYR AB 216 -80.50 0.91 -77.62
C TYR AB 216 -80.33 2.28 -76.97
N GLU AB 217 -81.33 3.14 -77.16
CA GLU AB 217 -81.23 4.50 -76.65
C GLU AB 217 -81.42 4.54 -75.15
N ALA AB 218 -82.37 3.78 -74.63
CA ALA AB 218 -82.62 3.78 -73.19
C ALA AB 218 -81.40 3.29 -72.42
N LEU AB 219 -80.77 2.22 -72.90
CA LEU AB 219 -79.58 1.69 -72.25
C LEU AB 219 -78.45 2.72 -72.21
N ALA AB 220 -78.21 3.40 -73.33
CA ALA AB 220 -77.15 4.41 -73.36
C ALA AB 220 -77.47 5.58 -72.46
N LYS AB 221 -78.73 6.00 -72.41
CA LYS AB 221 -79.12 7.09 -71.52
C LYS AB 221 -78.86 6.72 -70.07
N ARG AB 222 -79.23 5.50 -69.67
CA ARG AB 222 -79.01 5.12 -68.27
C ARG AB 222 -77.53 5.00 -67.95
N LEU AB 223 -76.74 4.51 -68.90
CA LEU AB 223 -75.30 4.44 -68.67
C LEU AB 223 -74.71 5.83 -68.50
N LEU AB 224 -75.16 6.80 -69.29
CA LEU AB 224 -74.62 8.14 -69.17
C LEU AB 224 -75.11 8.84 -67.91
N GLU AB 225 -76.31 8.52 -67.44
CA GLU AB 225 -76.75 8.98 -66.13
C GLU AB 225 -75.84 8.46 -65.04
N ALA AB 226 -75.50 7.18 -65.09
CA ALA AB 226 -74.57 6.62 -64.13
C ALA AB 226 -73.22 7.32 -64.20
N ARG AB 227 -72.75 7.63 -65.41
CA ARG AB 227 -71.48 8.34 -65.55
C ARG AB 227 -71.56 9.73 -64.94
N GLU AB 228 -72.67 10.43 -65.16
CA GLU AB 228 -72.83 11.75 -64.56
C GLU AB 228 -72.79 11.67 -63.04
N LEU AB 229 -73.47 10.69 -62.46
CA LEU AB 229 -73.39 10.51 -61.01
C LEU AB 229 -71.98 10.17 -60.57
N LEU AB 230 -71.21 9.48 -61.41
CA LEU AB 230 -69.85 9.13 -61.01
C LEU AB 230 -68.94 10.33 -61.00
N LEU AB 231 -69.01 11.16 -62.04
CA LEU AB 231 -68.10 12.30 -62.14
C LEU AB 231 -68.36 13.37 -61.09
N GLU AB 232 -69.55 13.35 -60.47
CA GLU AB 232 -69.90 14.30 -59.42
C GLU AB 232 -69.43 13.87 -58.04
N GLY AB 233 -68.76 12.73 -57.94
CA GLY AB 233 -68.29 12.22 -56.66
C GLY AB 233 -69.22 11.26 -55.98
N ARG AB 234 -70.47 11.13 -56.43
CA ARG AB 234 -71.41 10.17 -55.87
C ARG AB 234 -71.09 8.79 -56.43
N VAL AB 235 -70.12 8.12 -55.79
CA VAL AB 235 -69.67 6.82 -56.27
C VAL AB 235 -70.73 5.76 -56.02
N GLU AB 236 -71.40 5.81 -54.87
CA GLU AB 236 -72.30 4.73 -54.47
C GLU AB 236 -73.54 4.67 -55.35
N GLU AB 237 -74.15 5.82 -55.62
CA GLU AB 237 -75.28 5.84 -56.53
C GLU AB 237 -74.86 5.44 -57.94
N ALA AB 238 -73.65 5.82 -58.33
CA ALA AB 238 -73.13 5.40 -59.64
C ALA AB 238 -73.02 3.89 -59.72
N ALA AB 239 -72.44 3.26 -58.71
CA ALA AB 239 -72.29 1.80 -58.73
C ALA AB 239 -73.64 1.09 -58.68
N HIS AB 240 -74.58 1.60 -57.88
CA HIS AB 240 -75.89 0.97 -57.80
C HIS AB 240 -76.63 1.06 -59.14
N LEU AB 241 -76.67 2.24 -59.73
CA LEU AB 241 -77.39 2.41 -60.99
C LEU AB 241 -76.69 1.65 -62.12
N LEU AB 242 -75.35 1.60 -62.09
CA LEU AB 242 -74.61 0.81 -63.06
C LEU AB 242 -74.93 -0.66 -62.93
N GLU AB 243 -74.99 -1.19 -61.71
CA GLU AB 243 -75.29 -2.61 -61.55
C GLU AB 243 -76.71 -2.92 -62.00
N ASP AB 244 -77.66 -2.01 -61.78
CA ASP AB 244 -79.02 -2.26 -62.25
C ASP AB 244 -79.07 -2.32 -63.77
N VAL AB 245 -78.48 -1.33 -64.44
CA VAL AB 245 -78.52 -1.34 -65.90
C VAL AB 245 -77.74 -2.53 -66.46
N TYR AB 246 -76.64 -2.90 -65.81
CA TYR AB 246 -75.87 -4.06 -66.26
C TYR AB 246 -76.65 -5.34 -66.10
N ALA AB 247 -77.41 -5.48 -65.01
CA ALA AB 247 -78.22 -6.68 -64.84
C ALA AB 247 -79.27 -6.80 -65.93
N LEU AB 248 -79.96 -5.70 -66.24
CA LEU AB 248 -80.94 -5.77 -67.32
C LEU AB 248 -80.28 -6.10 -68.65
N PHE AB 249 -79.13 -5.47 -68.93
CA PHE AB 249 -78.42 -5.71 -70.18
C PHE AB 249 -77.94 -7.16 -70.27
N HIS AB 250 -77.46 -7.72 -69.18
CA HIS AB 250 -76.95 -9.08 -69.21
C HIS AB 250 -78.07 -10.08 -69.39
N ARG AB 251 -79.22 -9.83 -68.78
CA ARG AB 251 -80.38 -10.67 -69.07
C ARG AB 251 -80.74 -10.61 -70.55
N GLU AB 252 -80.68 -9.41 -71.13
CA GLU AB 252 -80.97 -9.30 -72.56
C GLU AB 252 -79.95 -10.05 -73.40
N ILE AB 253 -78.67 -10.02 -73.00
CA ILE AB 253 -77.64 -10.75 -73.72
C ILE AB 253 -77.88 -12.25 -73.64
N GLU AB 254 -78.14 -12.76 -72.43
CA GLU AB 254 -78.41 -14.18 -72.27
C GLU AB 254 -79.70 -14.61 -72.96
N ARG AB 255 -80.59 -13.66 -73.26
CA ARG AB 255 -81.79 -14.00 -74.01
C ARG AB 255 -81.44 -14.55 -75.39
N LEU AB 256 -80.43 -13.95 -76.03
CA LEU AB 256 -80.08 -14.32 -77.40
C LEU AB 256 -79.25 -15.60 -77.49
N GLY AB 257 -78.86 -16.18 -76.35
CA GLY AB 257 -78.22 -17.49 -76.38
C GLY AB 257 -76.84 -17.44 -77.01
N PHE AB 258 -76.59 -18.36 -77.95
CA PHE AB 258 -75.32 -18.43 -78.68
C PHE AB 258 -75.43 -17.68 -80.01
N GLU AB 259 -75.80 -16.41 -79.90
CA GLU AB 259 -75.87 -15.50 -81.03
C GLU AB 259 -76.03 -14.09 -80.49
N ALA AB 260 -75.21 -13.17 -80.99
CA ALA AB 260 -75.30 -11.75 -80.62
C ALA AB 260 -74.37 -10.93 -81.50
N PRO AB 261 -74.76 -9.73 -81.91
CA PRO AB 261 -73.86 -8.88 -82.68
C PRO AB 261 -72.58 -8.61 -81.91
N GLU AB 262 -71.50 -8.37 -82.66
CA GLU AB 262 -70.19 -8.24 -82.04
C GLU AB 262 -70.12 -7.05 -81.09
N GLU AB 263 -70.83 -5.97 -81.41
CA GLU AB 263 -70.78 -4.79 -80.56
C GLU AB 263 -71.38 -5.06 -79.18
N LEU AB 264 -72.42 -5.90 -79.10
CA LEU AB 264 -72.92 -6.31 -77.80
C LEU AB 264 -71.85 -7.06 -77.01
N ARG AB 265 -71.13 -7.96 -77.69
CA ARG AB 265 -70.10 -8.73 -77.01
C ARG AB 265 -68.98 -7.83 -76.49
N VAL AB 266 -68.59 -6.83 -77.27
CA VAL AB 266 -67.54 -5.92 -76.82
C VAL AB 266 -68.03 -5.03 -75.69
N ALA AB 267 -69.28 -4.55 -75.79
CA ALA AB 267 -69.85 -3.72 -74.74
C ALA AB 267 -69.94 -4.48 -73.43
N ASP AB 268 -70.19 -5.79 -73.49
CA ASP AB 268 -70.24 -6.58 -72.26
C ASP AB 268 -68.92 -6.52 -71.51
N LEU AB 269 -67.81 -6.70 -72.21
CA LEU AB 269 -66.51 -6.65 -71.55
C LEU AB 269 -66.18 -5.24 -71.08
N LEU AB 270 -66.56 -4.23 -71.87
CA LEU AB 270 -66.33 -2.85 -71.47
C LEU AB 270 -67.07 -2.51 -70.19
N LEU AB 271 -68.35 -2.91 -70.10
CA LEU AB 271 -69.14 -2.69 -68.91
C LEU AB 271 -68.58 -3.43 -67.70
N ALA AB 272 -68.11 -4.66 -67.91
CA ALA AB 272 -67.51 -5.40 -66.81
C ALA AB 272 -66.29 -4.67 -66.26
N ARG AB 273 -65.44 -4.16 -67.16
CA ARG AB 273 -64.25 -3.45 -66.70
C ARG AB 273 -64.61 -2.14 -66.01
N ALA AB 274 -65.61 -1.42 -66.53
CA ALA AB 274 -66.06 -0.20 -65.88
C ALA AB 274 -66.55 -0.47 -64.46
N ILE AB 275 -67.32 -1.53 -64.29
CA ILE AB 275 -67.83 -1.89 -62.97
C ILE AB 275 -66.67 -2.26 -62.04
N ALA AB 276 -65.70 -3.01 -62.56
CA ALA AB 276 -64.55 -3.37 -61.72
C ALA AB 276 -63.79 -2.13 -61.27
N LEU AB 277 -63.55 -1.19 -62.18
CA LEU AB 277 -62.82 0.01 -61.82
C LEU AB 277 -63.59 0.85 -60.81
N ILE AB 278 -64.90 1.00 -60.99
CA ILE AB 278 -65.70 1.78 -60.04
C ILE AB 278 -65.65 1.13 -58.67
N LYS AB 279 -65.79 -0.20 -58.62
CA LYS AB 279 -65.70 -0.89 -57.33
C LYS AB 279 -64.34 -0.73 -56.69
N ALA AB 280 -63.28 -0.62 -57.49
CA ALA AB 280 -61.94 -0.51 -56.93
C ALA AB 280 -61.57 0.91 -56.51
N ILE AB 281 -62.39 1.91 -56.82
CA ILE AB 281 -62.11 3.29 -56.40
C ILE AB 281 -62.01 3.36 -54.89
N THR BB 24 -53.42 -51.56 -90.13
CA THR BB 24 -52.80 -50.25 -90.30
C THR BB 24 -52.52 -49.60 -88.95
N VAL BB 25 -53.13 -50.15 -87.90
CA VAL BB 25 -53.05 -49.54 -86.57
C VAL BB 25 -51.61 -49.51 -86.08
N VAL BB 26 -50.90 -50.64 -86.24
CA VAL BB 26 -49.50 -50.67 -85.83
C VAL BB 26 -48.66 -49.74 -86.71
N GLU BB 27 -49.01 -49.64 -87.98
CA GLU BB 27 -48.35 -48.65 -88.85
C GLU BB 27 -48.62 -47.24 -88.37
N GLU BB 28 -49.85 -46.96 -87.92
CA GLU BB 28 -50.16 -45.64 -87.38
C GLU BB 28 -49.34 -45.35 -86.12
N VAL BB 29 -49.19 -46.34 -85.25
CA VAL BB 29 -48.38 -46.13 -84.05
C VAL BB 29 -46.92 -45.89 -84.41
N ARG BB 30 -46.39 -46.67 -85.36
CA ARG BB 30 -45.01 -46.45 -85.79
C ARG BB 30 -44.84 -45.05 -86.39
N ARG BB 31 -45.78 -44.65 -87.26
CA ARG BB 31 -45.70 -43.32 -87.87
C ARG BB 31 -45.77 -42.22 -86.84
N PHE BB 32 -46.67 -42.37 -85.85
CA PHE BB 32 -46.80 -41.38 -84.79
C PHE BB 32 -45.49 -41.26 -84.01
N ALA BB 33 -44.90 -42.39 -83.63
CA ALA BB 33 -43.66 -42.34 -82.86
C ALA BB 33 -42.52 -41.73 -83.66
N GLU BB 34 -42.36 -42.15 -84.92
CA GLU BB 34 -41.26 -41.61 -85.73
C GLU BB 34 -41.45 -40.13 -85.99
N GLU BB 35 -42.67 -39.68 -86.27
CA GLU BB 35 -42.91 -38.27 -86.51
C GLU BB 35 -42.59 -37.45 -85.26
N LEU BB 36 -43.01 -37.92 -84.10
CA LEU BB 36 -42.69 -37.20 -82.87
C LEU BB 36 -41.18 -37.14 -82.64
N ALA BB 37 -40.48 -38.25 -82.91
CA ALA BB 37 -39.02 -38.26 -82.73
C ALA BB 37 -38.32 -37.31 -83.70
N GLU BB 38 -38.77 -37.30 -84.97
CA GLU BB 38 -38.20 -36.39 -85.94
C GLU BB 38 -38.43 -34.94 -85.52
N GLU BB 39 -39.62 -34.62 -85.03
CA GLU BB 39 -39.88 -33.26 -84.58
C GLU BB 39 -39.01 -32.90 -83.37
N VAL BB 40 -38.80 -33.85 -82.47
CA VAL BB 40 -37.92 -33.61 -81.33
C VAL BB 40 -36.52 -33.26 -81.83
N LEU BB 41 -36.02 -34.01 -82.80
CA LEU BB 41 -34.69 -33.76 -83.33
C LEU BB 41 -34.62 -32.43 -84.07
N ARG BB 42 -35.65 -32.10 -84.85
CA ARG BB 42 -35.64 -30.84 -85.58
C ARG BB 42 -35.65 -29.65 -84.62
N VAL BB 43 -36.48 -29.69 -83.60
CA VAL BB 43 -36.56 -28.57 -82.68
C VAL BB 43 -35.30 -28.45 -81.83
N GLY BB 44 -34.84 -29.58 -81.28
CA GLY BB 44 -33.71 -29.55 -80.38
C GLY BB 44 -32.38 -29.94 -80.96
N GLY BB 45 -32.33 -30.42 -82.20
CA GLY BB 45 -31.06 -30.77 -82.78
C GLY BB 45 -30.45 -32.00 -82.15
N GLU BB 46 -29.12 -32.03 -82.17
CA GLU BB 46 -28.36 -33.10 -81.55
C GLU BB 46 -28.17 -32.88 -80.07
N ALA BB 47 -28.68 -31.78 -79.52
CA ALA BB 47 -28.57 -31.56 -78.07
C ALA BB 47 -29.28 -32.65 -77.30
N MET BB 48 -30.48 -33.01 -77.74
CA MET BB 48 -31.28 -34.08 -77.12
C MET BB 48 -31.52 -35.17 -78.16
N ARG BB 49 -30.55 -36.06 -78.27
CA ARG BB 49 -30.67 -37.33 -78.99
C ARG BB 49 -31.32 -38.40 -78.11
N PRO BB 50 -31.05 -38.46 -76.80
CA PRO BB 50 -31.73 -39.48 -75.97
C PRO BB 50 -33.24 -39.50 -76.11
N TYR BB 51 -33.89 -38.33 -76.20
CA TYR BB 51 -35.35 -38.30 -76.25
C TYR BB 51 -35.88 -38.90 -77.53
N ALA BB 52 -35.16 -38.73 -78.64
CA ALA BB 52 -35.56 -39.40 -79.87
C ALA BB 52 -35.49 -40.92 -79.73
N GLU BB 53 -34.46 -41.42 -79.04
CA GLU BB 53 -34.37 -42.84 -78.80
C GLU BB 53 -35.48 -43.33 -77.88
N MET BB 54 -35.80 -42.57 -76.83
CA MET BB 54 -36.90 -42.97 -75.96
C MET BB 54 -38.22 -43.02 -76.72
N VAL BB 55 -38.47 -42.02 -77.56
CA VAL BB 55 -39.72 -42.02 -78.34
C VAL BB 55 -39.74 -43.22 -79.27
N ARG BB 56 -38.63 -43.51 -79.94
CA ARG BB 56 -38.63 -44.60 -80.91
C ARG BB 56 -38.78 -45.97 -80.24
N HIS BB 57 -38.12 -46.18 -79.11
CA HIS BB 57 -38.30 -47.44 -78.39
C HIS BB 57 -39.67 -47.58 -77.77
N LEU BB 58 -40.27 -46.48 -77.28
CA LEU BB 58 -41.63 -46.59 -76.76
C LEU BB 58 -42.61 -46.89 -77.88
N GLY BB 59 -42.40 -46.32 -79.07
CA GLY BB 59 -43.19 -46.73 -80.21
C GLY BB 59 -43.01 -48.20 -80.54
N GLU BB 60 -41.77 -48.69 -80.46
CA GLU BB 60 -41.53 -50.10 -80.73
C GLU BB 60 -42.21 -51.01 -79.71
N ALA BB 61 -42.14 -50.64 -78.43
CA ALA BB 61 -42.81 -51.43 -77.39
C ALA BB 61 -44.31 -51.45 -77.61
N ALA BB 62 -44.88 -50.30 -77.98
CA ALA BB 62 -46.32 -50.25 -78.25
C ALA BB 62 -46.71 -51.14 -79.43
N VAL BB 63 -45.93 -51.10 -80.52
CA VAL BB 63 -46.32 -51.93 -81.66
C VAL BB 63 -46.08 -53.40 -81.37
N ALA BB 64 -45.07 -53.73 -80.55
CA ALA BB 64 -44.90 -55.10 -80.11
C ALA BB 64 -46.11 -55.57 -79.33
N ALA BB 65 -46.60 -54.75 -78.39
CA ALA BB 65 -47.78 -55.12 -77.62
C ALA BB 65 -48.99 -55.29 -78.52
N LEU BB 66 -49.16 -54.40 -79.51
CA LEU BB 66 -50.26 -54.54 -80.45
C LEU BB 66 -50.13 -55.78 -81.34
N GLU BB 67 -48.92 -56.30 -81.52
CA GLU BB 67 -48.73 -57.45 -82.40
C GLU BB 67 -48.32 -58.70 -81.65
N GLY BB 68 -49.01 -59.00 -80.56
CA GLY BB 68 -48.65 -60.13 -79.71
C GLY BB 68 -47.71 -59.69 -78.61
N ARG BB 69 -46.94 -60.65 -78.11
CA ARG BB 69 -45.83 -60.41 -77.19
C ARG BB 69 -46.26 -59.84 -75.85
N ALA BB 70 -45.48 -60.12 -74.81
CA ALA BB 70 -45.61 -59.47 -73.51
C ALA BB 70 -44.28 -59.24 -72.83
N GLU BB 71 -43.20 -59.83 -73.30
CA GLU BB 71 -41.88 -59.75 -72.70
C GLU BB 71 -41.01 -58.71 -73.39
N GLU BB 72 -41.13 -58.58 -74.71
CA GLU BB 72 -40.41 -57.53 -75.43
C GLU BB 72 -40.86 -56.15 -74.97
N ALA BB 73 -42.18 -56.00 -74.75
CA ALA BB 73 -42.69 -54.74 -74.21
C ALA BB 73 -42.08 -54.45 -72.84
N ASP BB 74 -42.01 -55.46 -71.99
CA ASP BB 74 -41.37 -55.31 -70.68
C ASP BB 74 -39.93 -54.84 -70.83
N ARG BB 75 -39.16 -55.50 -71.70
CA ARG BB 75 -37.76 -55.17 -71.85
C ARG BB 75 -37.56 -53.76 -72.38
N LEU BB 76 -38.33 -53.39 -73.41
CA LEU BB 76 -38.18 -52.06 -73.98
C LEU BB 76 -38.56 -50.97 -73.00
N VAL BB 77 -39.63 -51.20 -72.22
CA VAL BB 77 -40.02 -50.20 -71.23
C VAL BB 77 -38.95 -50.09 -70.14
N ARG BB 78 -38.34 -51.21 -69.75
CA ARG BB 78 -37.26 -51.15 -68.78
C ARG BB 78 -36.04 -50.41 -69.31
N ASP BB 79 -35.69 -50.64 -70.58
CA ASP BB 79 -34.58 -49.92 -71.20
C ASP BB 79 -34.86 -48.43 -71.25
N VAL BB 80 -36.08 -48.05 -71.62
CA VAL BB 80 -36.45 -46.64 -71.69
C VAL BB 80 -36.45 -46.03 -70.31
N LEU BB 81 -36.84 -46.80 -69.30
CA LEU BB 81 -36.75 -46.31 -67.93
C LEU BB 81 -35.30 -46.07 -67.53
N GLU BB 82 -34.39 -46.94 -67.95
CA GLU BB 82 -32.97 -46.72 -67.67
C GLU BB 82 -32.47 -45.44 -68.34
N MET BB 83 -32.85 -45.20 -69.59
CA MET BB 83 -32.47 -43.96 -70.25
C MET BB 83 -33.01 -42.76 -69.50
N ALA BB 84 -34.27 -42.83 -69.08
CA ALA BB 84 -34.86 -41.73 -68.33
C ALA BB 84 -34.12 -41.49 -67.03
N ARG BB 85 -33.67 -42.57 -66.37
CA ARG BB 85 -32.91 -42.44 -65.14
C ARG BB 85 -31.59 -41.72 -65.38
N GLU BB 86 -30.88 -42.11 -66.45
CA GLU BB 86 -29.56 -41.51 -66.66
C GLU BB 86 -29.64 -40.07 -67.14
N VAL BB 87 -30.60 -39.77 -68.02
CA VAL BB 87 -30.73 -38.41 -68.55
C VAL BB 87 -31.05 -37.42 -67.44
N GLY BB 88 -31.97 -37.78 -66.55
CA GLY BB 88 -32.39 -36.90 -65.48
C GLY BB 88 -33.87 -36.62 -65.45
N ALA BB 89 -34.66 -37.21 -66.36
CA ALA BB 89 -36.10 -36.99 -66.37
C ALA BB 89 -36.73 -37.72 -65.19
N GLU BB 90 -37.33 -36.97 -64.27
CA GLU BB 90 -37.92 -37.56 -63.08
C GLU BB 90 -39.37 -37.98 -63.33
N GLY BB 91 -40.23 -37.03 -63.72
CA GLY BB 91 -41.61 -37.36 -63.98
C GLY BB 91 -41.77 -38.42 -65.06
N LEU BB 92 -40.95 -38.34 -66.09
CA LEU BB 92 -40.98 -39.35 -67.13
C LEU BB 92 -40.61 -40.72 -66.58
N ALA BB 93 -39.61 -40.78 -65.70
CA ALA BB 93 -39.23 -42.05 -65.11
C ALA BB 93 -40.37 -42.63 -64.26
N ARG BB 94 -41.01 -41.79 -63.46
CA ARG BB 94 -42.13 -42.28 -62.66
C ARG BB 94 -43.25 -42.82 -63.54
N LEU BB 95 -43.62 -42.06 -64.56
CA LEU BB 95 -44.67 -42.53 -65.46
C LEU BB 95 -44.25 -43.82 -66.14
N LEU BB 96 -42.96 -43.99 -66.41
CA LEU BB 96 -42.51 -45.20 -67.09
C LEU BB 96 -42.59 -46.41 -66.18
N GLU BB 97 -42.28 -46.24 -64.89
CA GLU BB 97 -42.49 -47.33 -63.93
C GLU BB 97 -43.97 -47.72 -63.88
N ARG BB 98 -44.85 -46.71 -63.84
CA ARG BB 98 -46.29 -47.00 -63.81
C ARG BB 98 -46.73 -47.73 -65.07
N VAL BB 99 -46.22 -47.31 -66.23
CA VAL BB 99 -46.52 -48.04 -67.46
C VAL BB 99 -46.04 -49.47 -67.36
N HIS BB 100 -44.85 -49.68 -66.78
CA HIS BB 100 -44.32 -51.04 -66.67
C HIS BB 100 -45.28 -51.94 -65.90
N ARG BB 101 -45.67 -51.50 -64.69
CA ARG BB 101 -46.52 -52.33 -63.84
C ARG BB 101 -47.88 -52.57 -64.47
N GLU BB 102 -48.55 -51.50 -64.91
CA GLU BB 102 -49.86 -51.69 -65.51
C GLU BB 102 -49.78 -52.55 -66.77
N ALA BB 103 -48.87 -52.24 -67.69
CA ALA BB 103 -48.75 -53.03 -68.91
C ALA BB 103 -48.62 -54.50 -68.57
N ARG BB 104 -47.85 -54.83 -67.53
CA ARG BB 104 -47.79 -56.21 -67.09
C ARG BB 104 -49.18 -56.73 -66.71
N GLU BB 105 -49.91 -55.96 -65.89
CA GLU BB 105 -51.20 -56.44 -65.39
C GLU BB 105 -52.19 -56.67 -66.52
N LEU BB 106 -52.39 -55.67 -67.37
CA LEU BB 106 -53.37 -55.83 -68.45
C LEU BB 106 -52.91 -56.81 -69.51
N LEU BB 107 -51.61 -56.97 -69.71
CA LEU BB 107 -51.17 -58.00 -70.64
C LEU BB 107 -51.42 -59.39 -70.07
N ARG BB 108 -51.33 -59.54 -68.75
CA ARG BB 108 -51.75 -60.80 -68.13
C ARG BB 108 -53.25 -61.03 -68.32
N GLU BB 109 -54.05 -59.97 -68.16
CA GLU BB 109 -55.50 -60.10 -68.32
C GLU BB 109 -55.92 -60.28 -69.77
N GLY BB 110 -55.01 -60.16 -70.73
CA GLY BB 110 -55.32 -60.38 -72.12
C GLY BB 110 -55.79 -59.17 -72.89
N ARG BB 111 -55.96 -58.02 -72.24
CA ARG BB 111 -56.35 -56.80 -72.93
C ARG BB 111 -55.10 -56.13 -73.49
N ARG BB 112 -55.09 -55.85 -74.79
CA ARG BB 112 -53.91 -55.35 -75.46
C ARG BB 112 -53.99 -53.86 -75.81
N GLU BB 113 -55.18 -53.37 -76.18
CA GLU BB 113 -55.27 -51.99 -76.65
C GLU BB 113 -54.89 -51.01 -75.57
N GLU BB 114 -55.32 -51.26 -74.32
CA GLU BB 114 -55.06 -50.30 -73.25
C GLU BB 114 -53.59 -50.26 -72.85
N ALA BB 115 -52.88 -51.38 -72.94
CA ALA BB 115 -51.45 -51.38 -72.64
C ALA BB 115 -50.70 -50.53 -73.67
N ALA BB 116 -51.01 -50.71 -74.95
CA ALA BB 116 -50.42 -49.84 -75.97
C ALA BB 116 -50.85 -48.41 -75.79
N ALA BB 117 -52.06 -48.18 -75.26
CA ALA BB 117 -52.49 -46.81 -74.99
C ALA BB 117 -51.61 -46.17 -73.93
N LEU BB 118 -51.32 -46.90 -72.85
CA LEU BB 118 -50.40 -46.37 -71.85
C LEU BB 118 -49.02 -46.11 -72.44
N VAL BB 119 -48.54 -47.01 -73.29
CA VAL BB 119 -47.22 -46.84 -73.88
C VAL BB 119 -47.19 -45.62 -74.80
N LEU BB 120 -48.24 -45.44 -75.61
CA LEU BB 120 -48.31 -44.28 -76.50
C LEU BB 120 -48.38 -42.99 -75.72
N ALA BB 121 -49.13 -42.97 -74.63
CA ALA BB 121 -49.15 -41.80 -73.76
C ALA BB 121 -47.75 -41.52 -73.22
N ALA BB 122 -47.00 -42.57 -72.86
CA ALA BB 122 -45.64 -42.38 -72.37
C ALA BB 122 -44.73 -41.79 -73.43
N ALA BB 123 -44.84 -42.30 -74.67
CA ALA BB 123 -44.03 -41.77 -75.76
C ALA BB 123 -44.34 -40.31 -76.02
N LEU BB 124 -45.64 -39.96 -76.03
CA LEU BB 124 -46.02 -38.56 -76.22
C LEU BB 124 -45.51 -37.69 -75.09
N ALA BB 125 -45.55 -38.19 -73.85
CA ALA BB 125 -45.01 -37.41 -72.75
C ALA BB 125 -43.52 -37.15 -72.94
N ALA BB 126 -42.77 -38.17 -73.36
CA ALA BB 126 -41.33 -37.99 -73.59
C ALA BB 126 -41.06 -36.96 -74.68
N GLY BB 127 -41.73 -37.11 -75.82
CA GLY BB 127 -41.52 -36.17 -76.92
C GLY BB 127 -41.92 -34.75 -76.58
N ALA BB 128 -43.08 -34.58 -75.95
CA ALA BB 128 -43.53 -33.25 -75.58
C ALA BB 128 -42.63 -32.63 -74.52
N VAL BB 129 -42.11 -33.43 -73.59
CA VAL BB 129 -41.15 -32.90 -72.62
C VAL BB 129 -39.90 -32.40 -73.33
N ALA BB 130 -39.40 -33.18 -74.29
CA ALA BB 130 -38.20 -32.76 -75.02
C ALA BB 130 -38.45 -31.44 -75.75
N VAL BB 131 -39.54 -31.36 -76.51
CA VAL BB 131 -39.79 -30.17 -77.32
C VAL BB 131 -40.05 -28.96 -76.43
N ALA BB 132 -40.77 -29.15 -75.33
CA ALA BB 132 -41.05 -28.04 -74.43
C ALA BB 132 -39.78 -27.51 -73.78
N GLU BB 133 -38.88 -28.42 -73.37
CA GLU BB 133 -37.61 -27.96 -72.82
C GLU BB 133 -36.78 -27.24 -73.87
N ALA BB 134 -36.85 -27.69 -75.13
CA ALA BB 134 -36.16 -26.98 -76.20
C ALA BB 134 -36.71 -25.57 -76.36
N TYR BB 135 -38.04 -25.44 -76.37
CA TYR BB 135 -38.67 -24.13 -76.53
C TYR BB 135 -38.29 -23.21 -75.38
N VAL BB 136 -38.27 -23.74 -74.15
CA VAL BB 136 -37.92 -22.92 -73.00
C VAL BB 136 -36.45 -22.52 -73.04
N ARG BB 137 -35.58 -23.41 -73.53
CA ARG BB 137 -34.15 -23.11 -73.55
C ARG BB 137 -33.85 -21.92 -74.47
N LEU BB 138 -34.50 -21.87 -75.63
CA LEU BB 138 -34.28 -20.79 -76.57
C LEU BB 138 -35.30 -19.66 -76.45
N GLY BB 139 -36.07 -19.63 -75.37
CA GLY BB 139 -36.88 -18.48 -75.02
C GLY BB 139 -38.01 -18.11 -75.95
N GLN BB 140 -38.75 -19.09 -76.45
CA GLN BB 140 -39.93 -18.78 -77.24
C GLN BB 140 -41.14 -18.51 -76.35
N PRO BB 141 -42.14 -17.80 -76.86
CA PRO BB 141 -43.28 -17.42 -76.02
C PRO BB 141 -44.10 -18.62 -75.59
N ILE BB 142 -44.87 -18.42 -74.51
CA ILE BB 142 -45.65 -19.50 -73.92
C ILE BB 142 -46.85 -19.88 -74.76
N ARG BB 143 -47.38 -18.98 -75.58
CA ARG BB 143 -48.45 -19.36 -76.49
C ARG BB 143 -48.05 -20.54 -77.35
N LEU BB 144 -46.79 -20.58 -77.78
CA LEU BB 144 -46.33 -21.65 -78.66
C LEU BB 144 -46.34 -22.99 -77.95
N ILE BB 145 -45.83 -23.03 -76.71
CA ILE BB 145 -45.85 -24.27 -75.94
C ILE BB 145 -47.29 -24.72 -75.71
N ALA BB 146 -48.17 -23.79 -75.33
CA ALA BB 146 -49.54 -24.15 -75.04
C ALA BB 146 -50.25 -24.70 -76.26
N GLU BB 147 -50.12 -24.03 -77.40
CA GLU BB 147 -50.78 -24.50 -78.62
C GLU BB 147 -50.20 -25.84 -79.08
N TYR BB 148 -48.88 -26.00 -78.98
CA TYR BB 148 -48.25 -27.26 -79.36
C TYR BB 148 -48.80 -28.41 -78.54
N VAL BB 149 -48.77 -28.26 -77.21
CA VAL BB 149 -49.20 -29.34 -76.34
C VAL BB 149 -50.66 -29.67 -76.56
N ALA BB 150 -51.50 -28.63 -76.67
CA ALA BB 150 -52.93 -28.88 -76.86
C ALA BB 150 -53.21 -29.62 -78.15
N GLU BB 151 -52.54 -29.24 -79.24
CA GLU BB 151 -52.79 -29.93 -80.51
C GLU BB 151 -52.28 -31.36 -80.46
N ARG BB 152 -51.16 -31.59 -79.77
CA ARG BB 152 -50.67 -32.96 -79.63
C ARG BB 152 -51.65 -33.82 -78.84
N LEU BB 153 -52.22 -33.28 -77.77
CA LEU BB 153 -53.20 -34.02 -77.00
C LEU BB 153 -54.42 -34.35 -77.84
N VAL BB 154 -54.87 -33.41 -78.66
CA VAL BB 154 -56.03 -33.68 -79.51
C VAL BB 154 -55.71 -34.80 -80.50
N GLU BB 155 -54.52 -34.78 -81.10
CA GLU BB 155 -54.14 -35.82 -82.04
C GLU BB 155 -54.09 -37.19 -81.35
N LEU BB 156 -53.50 -37.25 -80.16
CA LEU BB 156 -53.45 -38.50 -79.42
C LEU BB 156 -54.84 -38.99 -79.06
N ALA BB 157 -55.73 -38.08 -78.68
CA ALA BB 157 -57.09 -38.48 -78.35
C ALA BB 157 -57.79 -39.07 -79.57
N GLU BB 158 -57.56 -38.48 -80.74
CA GLU BB 158 -58.13 -39.05 -81.96
C GLU BB 158 -57.58 -40.45 -82.21
N LEU BB 159 -56.28 -40.64 -82.01
CA LEU BB 159 -55.69 -41.96 -82.21
C LEU BB 159 -56.29 -42.99 -81.26
N LEU BB 160 -56.36 -42.64 -79.97
CA LEU BB 160 -56.90 -43.57 -78.99
C LEU BB 160 -58.36 -43.87 -79.24
N ARG BB 161 -59.12 -42.90 -79.74
CA ARG BB 161 -60.47 -43.18 -80.17
C ARG BB 161 -60.48 -44.18 -81.32
N ARG BB 162 -59.51 -44.07 -82.23
CA ARG BB 162 -59.44 -45.02 -83.34
C ARG BB 162 -59.15 -46.44 -82.84
N LEU BB 163 -58.24 -46.58 -81.87
CA LEU BB 163 -57.89 -47.90 -81.36
C LEU BB 163 -59.08 -48.56 -80.70
N GLY BB 164 -59.73 -47.88 -79.74
CA GLY BB 164 -60.88 -48.45 -79.07
C GLY BB 164 -60.91 -48.27 -77.57
N VAL BB 165 -59.98 -47.49 -77.03
CA VAL BB 165 -59.95 -47.25 -75.58
C VAL BB 165 -61.20 -46.51 -75.16
N PRO BB 166 -61.82 -46.83 -74.01
CA PRO BB 166 -62.95 -46.04 -73.53
C PRO BB 166 -62.54 -44.62 -73.16
N LEU BB 167 -63.50 -43.71 -73.29
CA LEU BB 167 -63.20 -42.28 -73.29
C LEU BB 167 -62.65 -41.81 -71.95
N ARG BB 168 -63.17 -42.32 -70.84
CA ARG BB 168 -62.70 -41.87 -69.53
C ARG BB 168 -61.23 -42.23 -69.34
N ARG BB 169 -60.82 -43.41 -69.81
CA ARG BB 169 -59.41 -43.75 -69.80
C ARG BB 169 -58.61 -42.80 -70.68
N ILE BB 170 -59.17 -42.41 -71.83
CA ILE BB 170 -58.49 -41.44 -72.69
C ILE BB 170 -58.19 -40.18 -71.92
N ILE BB 171 -59.20 -39.64 -71.23
CA ILE BB 171 -59.02 -38.38 -70.53
C ILE BB 171 -58.04 -38.54 -69.38
N ARG BB 172 -58.06 -39.70 -68.72
CA ARG BB 172 -57.10 -39.94 -67.64
C ARG BB 172 -55.66 -39.97 -68.16
N LEU BB 173 -55.44 -40.63 -69.30
CA LEU BB 173 -54.09 -40.66 -69.87
C LEU BB 173 -53.65 -39.28 -70.30
N LEU BB 174 -54.56 -38.51 -70.91
CA LEU BB 174 -54.21 -37.16 -71.34
C LEU BB 174 -53.84 -36.29 -70.15
N GLU BB 175 -54.55 -36.43 -69.04
CA GLU BB 175 -54.18 -35.68 -67.84
C GLU BB 175 -52.84 -36.12 -67.29
N GLU BB 176 -52.51 -37.41 -67.40
CA GLU BB 176 -51.18 -37.85 -66.98
C GLU BB 176 -50.10 -37.19 -67.82
N VAL BB 177 -50.31 -37.15 -69.14
CA VAL BB 177 -49.36 -36.48 -70.04
C VAL BB 177 -49.20 -35.02 -69.65
N LEU BB 178 -50.32 -34.34 -69.39
CA LEU BB 178 -50.26 -32.94 -69.01
C LEU BB 178 -49.50 -32.75 -67.71
N ARG BB 179 -49.68 -33.68 -66.77
CA ARG BB 179 -48.96 -33.57 -65.50
C ARG BB 179 -47.46 -33.70 -65.70
N VAL BB 180 -47.04 -34.65 -66.54
CA VAL BB 180 -45.61 -34.79 -66.82
C VAL BB 180 -45.05 -33.54 -67.48
N VAL BB 181 -45.79 -32.99 -68.45
CA VAL BB 181 -45.33 -31.80 -69.16
C VAL BB 181 -45.21 -30.63 -68.19
N ALA BB 182 -46.18 -30.47 -67.29
CA ALA BB 182 -46.11 -29.40 -66.31
C ALA BB 182 -44.93 -29.57 -65.38
N GLU BB 183 -44.63 -30.80 -64.96
CA GLU BB 183 -43.45 -31.03 -64.12
C GLU BB 183 -42.17 -30.66 -64.88
N ALA BB 184 -42.10 -31.04 -66.16
CA ALA BB 184 -40.92 -30.70 -66.95
C ALA BB 184 -40.74 -29.19 -67.04
N LEU BB 185 -41.84 -28.47 -67.31
CA LEU BB 185 -41.76 -27.02 -67.40
C LEU BB 185 -41.39 -26.39 -66.06
N ARG BB 186 -41.83 -27.00 -64.96
CA ARG BB 186 -41.44 -26.51 -63.65
C ARG BB 186 -39.95 -26.66 -63.42
N ARG BB 187 -39.38 -27.81 -63.83
CA ARG BB 187 -37.95 -28.02 -63.64
C ARG BB 187 -37.12 -27.08 -64.49
N ALA BB 188 -37.67 -26.58 -65.60
CA ALA BB 188 -36.97 -25.65 -66.47
C ALA BB 188 -37.08 -24.20 -65.99
N GLY BB 189 -37.72 -23.96 -64.86
CA GLY BB 189 -37.81 -22.62 -64.30
C GLY BB 189 -38.95 -21.77 -64.82
N VAL BB 190 -39.86 -22.33 -65.60
CA VAL BB 190 -41.00 -21.55 -66.10
C VAL BB 190 -41.87 -21.13 -64.90
N PRO BB 191 -42.28 -19.88 -64.80
CA PRO BB 191 -43.09 -19.46 -63.65
C PRO BB 191 -44.43 -20.18 -63.61
N GLU BB 192 -44.93 -20.37 -62.39
CA GLU BB 192 -46.14 -21.17 -62.19
C GLU BB 192 -47.35 -20.67 -62.95
N PRO BB 193 -47.67 -19.36 -62.98
CA PRO BB 193 -48.85 -18.92 -63.73
C PRO BB 193 -48.82 -19.31 -65.19
N GLU BB 194 -47.66 -19.33 -65.82
CA GLU BB 194 -47.59 -19.78 -67.21
C GLU BB 194 -47.92 -21.26 -67.34
N ILE BB 195 -47.49 -22.07 -66.37
CA ILE BB 195 -47.85 -23.48 -66.36
C ILE BB 195 -49.37 -23.65 -66.24
N ARG BB 196 -49.97 -22.87 -65.34
CA ARG BB 196 -51.42 -22.93 -65.20
C ARG BB 196 -52.13 -22.50 -66.48
N LYS BB 197 -51.60 -21.49 -67.16
CA LYS BB 197 -52.18 -21.08 -68.43
C LYS BB 197 -52.06 -22.19 -69.46
N VAL BB 198 -50.93 -22.89 -69.49
CA VAL BB 198 -50.76 -24.00 -70.42
C VAL BB 198 -51.82 -25.05 -70.17
N GLU BB 199 -51.98 -25.47 -68.91
CA GLU BB 199 -52.94 -26.52 -68.59
C GLU BB 199 -54.37 -26.09 -68.88
N ALA BB 200 -54.73 -24.85 -68.51
CA ALA BB 200 -56.09 -24.37 -68.75
C ALA BB 200 -56.39 -24.30 -70.23
N ALA BB 201 -55.43 -23.86 -71.04
CA ALA BB 201 -55.61 -23.88 -72.48
C ALA BB 201 -55.81 -25.30 -72.99
N ALA BB 202 -55.05 -26.25 -72.44
CA ALA BB 202 -55.20 -27.65 -72.85
C ALA BB 202 -56.60 -28.17 -72.52
N TYR BB 203 -57.11 -27.84 -71.34
CA TYR BB 203 -58.43 -28.32 -70.93
C TYR BB 203 -59.53 -27.69 -71.77
N ILE BB 204 -59.40 -26.40 -72.08
CA ILE BB 204 -60.42 -25.75 -72.91
C ILE BB 204 -60.39 -26.33 -74.33
N ARG BB 205 -59.20 -26.63 -74.85
CA ARG BB 205 -59.12 -27.26 -76.16
C ARG BB 205 -59.76 -28.65 -76.15
N LEU BB 206 -59.48 -29.45 -75.11
CA LEU BB 206 -60.08 -30.77 -75.02
C LEU BB 206 -61.59 -30.70 -74.89
N ALA BB 207 -62.09 -29.76 -74.08
CA ALA BB 207 -63.53 -29.59 -73.91
C ALA BB 207 -64.19 -29.19 -75.22
N ALA BB 208 -63.57 -28.26 -75.96
CA ALA BB 208 -64.11 -27.86 -77.25
C ALA BB 208 -64.11 -29.03 -78.22
N TYR BB 209 -63.04 -29.83 -78.21
CA TYR BB 209 -62.98 -31.00 -79.07
C TYR BB 209 -64.08 -31.99 -78.76
N LEU BB 210 -64.35 -32.23 -77.48
CA LEU BB 210 -65.43 -33.14 -77.11
C LEU BB 210 -66.78 -32.59 -77.50
N LEU BB 211 -66.99 -31.29 -77.31
CA LEU BB 211 -68.28 -30.69 -77.62
C LEU BB 211 -68.55 -30.67 -79.12
N ARG BB 212 -67.50 -30.62 -79.94
CA ARG BB 212 -67.72 -30.51 -81.38
C ARG BB 212 -68.32 -31.79 -81.97
N GLN BB 213 -67.96 -32.95 -81.43
CA GLN BB 213 -68.41 -34.21 -82.03
C GLN BB 213 -69.92 -34.36 -81.96
N LEU BB 214 -70.53 -33.93 -80.86
CA LEU BB 214 -71.96 -34.09 -80.66
C LEU BB 214 -72.78 -33.01 -81.34
N GLY BB 215 -72.15 -32.04 -81.97
CA GLY BB 215 -72.88 -31.06 -82.75
C GLY BB 215 -73.22 -29.81 -81.97
N TYR BB 216 -72.30 -29.36 -81.13
CA TYR BB 216 -72.42 -28.07 -80.45
C TYR BB 216 -71.30 -27.20 -80.98
N GLU BB 217 -71.55 -26.59 -82.14
CA GLU BB 217 -70.52 -25.78 -82.78
C GLU BB 217 -70.35 -24.45 -82.06
N ALA BB 218 -71.44 -23.75 -81.80
CA ALA BB 218 -71.36 -22.43 -81.18
C ALA BB 218 -70.65 -22.49 -79.84
N LEU BB 219 -70.95 -23.52 -79.05
CA LEU BB 219 -70.26 -23.71 -77.77
C LEU BB 219 -68.76 -23.83 -77.97
N ALA BB 220 -68.34 -24.60 -78.96
CA ALA BB 220 -66.91 -24.77 -79.21
C ALA BB 220 -66.26 -23.46 -79.65
N LYS BB 221 -66.93 -22.70 -80.52
CA LYS BB 221 -66.35 -21.43 -80.95
C LYS BB 221 -66.20 -20.47 -79.78
N ARG BB 222 -67.20 -20.41 -78.90
CA ARG BB 222 -67.08 -19.51 -77.75
C ARG BB 222 -65.98 -19.95 -76.80
N LEU BB 223 -65.83 -21.27 -76.60
CA LEU BB 223 -64.73 -21.75 -75.76
C LEU BB 223 -63.38 -21.41 -76.37
N LEU BB 224 -63.26 -21.50 -77.68
CA LEU BB 224 -61.99 -21.18 -78.31
C LEU BB 224 -61.72 -19.68 -78.33
N GLU BB 225 -62.77 -18.85 -78.42
CA GLU BB 225 -62.59 -17.41 -78.25
C GLU BB 225 -62.07 -17.07 -76.86
N ALA BB 226 -62.65 -17.70 -75.83
CA ALA BB 226 -62.14 -17.50 -74.48
C ALA BB 226 -60.70 -17.95 -74.35
N ARG BB 227 -60.35 -19.08 -75.01
CA ARG BB 227 -58.97 -19.53 -74.97
C ARG BB 227 -58.03 -18.54 -75.65
N GLU BB 228 -58.45 -17.98 -76.78
CA GLU BB 228 -57.63 -16.97 -77.46
C GLU BB 228 -57.41 -15.76 -76.57
N LEU BB 229 -58.46 -15.29 -75.90
CA LEU BB 229 -58.28 -14.18 -74.98
C LEU BB 229 -57.37 -14.56 -73.82
N LEU BB 230 -57.35 -15.84 -73.43
CA LEU BB 230 -56.49 -16.25 -72.33
C LEU BB 230 -55.03 -16.27 -72.73
N LEU BB 231 -54.72 -16.82 -73.91
CA LEU BB 231 -53.33 -16.96 -74.32
C LEU BB 231 -52.66 -15.62 -74.58
N GLU BB 232 -53.44 -14.56 -74.79
CA GLU BB 232 -52.93 -13.23 -75.04
C GLU BB 232 -52.62 -12.47 -73.76
N GLY BB 233 -52.86 -13.05 -72.59
CA GLY BB 233 -52.65 -12.38 -71.33
C GLY BB 233 -53.86 -11.69 -70.76
N ARG BB 234 -54.93 -11.53 -71.54
CA ARG BB 234 -56.18 -10.96 -71.04
C ARG BB 234 -56.91 -12.02 -70.23
N VAL BB 235 -56.49 -12.15 -68.97
CA VAL BB 235 -57.07 -13.17 -68.10
C VAL BB 235 -58.51 -12.80 -67.72
N GLU BB 236 -58.77 -11.53 -67.47
CA GLU BB 236 -60.06 -11.12 -66.91
C GLU BB 236 -61.19 -11.30 -67.92
N GLU BB 237 -60.98 -10.86 -69.16
CA GLU BB 237 -61.99 -11.06 -70.19
C GLU BB 237 -62.17 -12.55 -70.48
N ALA BB 238 -61.08 -13.32 -70.42
CA ALA BB 238 -61.18 -14.76 -70.61
C ALA BB 238 -62.05 -15.39 -69.53
N ALA BB 239 -61.86 -15.00 -68.28
CA ALA BB 239 -62.66 -15.54 -67.20
C ALA BB 239 -64.11 -15.13 -67.31
N HIS BB 240 -64.38 -13.87 -67.69
CA HIS BB 240 -65.78 -13.45 -67.85
C HIS BB 240 -66.48 -14.22 -68.96
N LEU BB 241 -65.83 -14.34 -70.12
CA LEU BB 241 -66.47 -15.04 -71.23
C LEU BB 241 -66.59 -16.53 -70.95
N LEU BB 242 -65.60 -17.10 -70.27
CA LEU BB 242 -65.68 -18.51 -69.89
C LEU BB 242 -66.84 -18.75 -68.94
N GLU BB 243 -67.02 -17.89 -67.94
CA GLU BB 243 -68.11 -18.09 -67.00
C GLU BB 243 -69.46 -17.91 -67.69
N ASP BB 244 -69.57 -17.01 -68.66
CA ASP BB 244 -70.84 -16.87 -69.37
C ASP BB 244 -71.16 -18.12 -70.17
N VAL BB 245 -70.20 -18.62 -70.94
CA VAL BB 245 -70.47 -19.80 -71.75
C VAL BB 245 -70.70 -21.03 -70.87
N TYR BB 246 -69.99 -21.12 -69.74
CA TYR BB 246 -70.20 -22.21 -68.81
C TYR BB 246 -71.60 -22.16 -68.21
N ALA BB 247 -72.09 -20.97 -67.87
CA ALA BB 247 -73.43 -20.87 -67.33
C ALA BB 247 -74.47 -21.33 -68.34
N LEU BB 248 -74.32 -20.92 -69.59
CA LEU BB 248 -75.28 -21.37 -70.60
C LEU BB 248 -75.21 -22.89 -70.80
N PHE BB 249 -73.99 -23.43 -70.86
CA PHE BB 249 -73.81 -24.87 -71.01
C PHE BB 249 -74.40 -25.64 -69.84
N HIS BB 250 -74.20 -25.15 -68.62
CA HIS BB 250 -74.66 -25.90 -67.46
C HIS BB 250 -76.17 -25.85 -67.34
N ARG BB 251 -76.79 -24.74 -67.73
CA ARG BB 251 -78.24 -24.73 -67.84
C ARG BB 251 -78.71 -25.76 -68.85
N GLU BB 252 -78.00 -25.87 -69.97
CA GLU BB 252 -78.37 -26.89 -70.97
C GLU BB 252 -78.23 -28.30 -70.39
N ILE BB 253 -77.20 -28.53 -69.58
CA ILE BB 253 -77.01 -29.84 -68.96
C ILE BB 253 -78.15 -30.15 -68.00
N GLU BB 254 -78.47 -29.20 -67.12
CA GLU BB 254 -79.56 -29.40 -66.16
C GLU BB 254 -80.91 -29.51 -66.84
N ARG BB 255 -81.03 -29.05 -68.09
CA ARG BB 255 -82.26 -29.26 -68.83
C ARG BB 255 -82.56 -30.74 -69.01
N LEU BB 256 -81.54 -31.54 -69.31
CA LEU BB 256 -81.72 -32.96 -69.61
C LEU BB 256 -81.90 -33.81 -68.36
N GLY BB 257 -81.80 -33.24 -67.17
CA GLY BB 257 -82.12 -33.99 -65.96
C GLY BB 257 -81.13 -35.10 -65.69
N PHE BB 258 -81.66 -36.30 -65.46
CA PHE BB 258 -80.84 -37.49 -65.20
C PHE BB 258 -80.64 -38.31 -66.48
N GLU BB 259 -80.12 -37.63 -67.50
CA GLU BB 259 -79.79 -38.24 -68.77
C GLU BB 259 -78.98 -37.26 -69.59
N ALA BB 260 -77.87 -37.73 -70.17
CA ALA BB 260 -77.01 -36.93 -71.03
C ALA BB 260 -75.93 -37.80 -71.64
N PRO BB 261 -75.51 -37.55 -72.88
CA PRO BB 261 -74.39 -38.32 -73.44
C PRO BB 261 -73.16 -38.16 -72.58
N GLU BB 262 -72.34 -39.22 -72.55
CA GLU BB 262 -71.22 -39.26 -71.62
C GLU BB 262 -70.21 -38.15 -71.89
N GLU BB 263 -70.10 -37.71 -73.13
CA GLU BB 263 -69.14 -36.65 -73.43
C GLU BB 263 -69.55 -35.32 -72.82
N LEU BB 264 -70.86 -35.05 -72.70
CA LEU BB 264 -71.29 -33.89 -71.92
C LEU BB 264 -70.80 -33.99 -70.48
N ARG BB 265 -70.94 -35.18 -69.89
CA ARG BB 265 -70.55 -35.36 -68.50
C ARG BB 265 -69.06 -35.16 -68.31
N VAL BB 266 -68.25 -35.63 -69.27
CA VAL BB 266 -66.80 -35.44 -69.16
C VAL BB 266 -66.43 -33.98 -69.39
N ALA BB 267 -67.03 -33.35 -70.41
CA ALA BB 267 -66.75 -31.97 -70.72
C ALA BB 267 -67.09 -31.05 -69.56
N ASP BB 268 -68.11 -31.41 -68.78
CA ASP BB 268 -68.46 -30.60 -67.62
C ASP BB 268 -67.31 -30.53 -66.62
N LEU BB 269 -66.70 -31.69 -66.33
CA LEU BB 269 -65.58 -31.68 -65.41
C LEU BB 269 -64.36 -31.00 -66.01
N LEU BB 270 -64.15 -31.16 -67.33
CA LEU BB 270 -63.04 -30.46 -67.99
C LEU BB 270 -63.19 -28.96 -67.86
N LEU BB 271 -64.41 -28.45 -68.12
CA LEU BB 271 -64.66 -27.02 -68.02
C LEU BB 271 -64.53 -26.53 -66.60
N ALA BB 272 -65.00 -27.31 -65.63
CA ALA BB 272 -64.85 -26.90 -64.23
C ALA BB 272 -63.40 -26.76 -63.85
N ARG BB 273 -62.56 -27.73 -64.25
CA ARG BB 273 -61.14 -27.63 -63.91
C ARG BB 273 -60.47 -26.49 -64.66
N ALA BB 274 -60.84 -26.25 -65.91
CA ALA BB 274 -60.29 -25.12 -66.64
C ALA BB 274 -60.60 -23.81 -65.95
N ILE BB 275 -61.85 -23.65 -65.51
CA ILE BB 275 -62.23 -22.42 -64.81
C ILE BB 275 -61.48 -22.29 -63.50
N ALA BB 276 -61.33 -23.38 -62.75
CA ALA BB 276 -60.58 -23.32 -61.50
C ALA BB 276 -59.14 -22.90 -61.75
N LEU BB 277 -58.50 -23.46 -62.79
CA LEU BB 277 -57.13 -23.11 -63.09
C LEU BB 277 -56.99 -21.65 -63.48
N ILE BB 278 -57.91 -21.15 -64.32
CA ILE BB 278 -57.86 -19.74 -64.72
C ILE BB 278 -58.02 -18.84 -63.50
N LYS BB 279 -58.94 -19.18 -62.60
CA LYS BB 279 -59.13 -18.38 -61.39
C LYS BB 279 -57.90 -18.42 -60.50
N ALA BB 280 -57.17 -19.53 -60.50
CA ALA BB 280 -56.00 -19.65 -59.63
C ALA BB 280 -54.74 -19.01 -60.20
N ILE BB 281 -54.76 -18.55 -61.45
CA ILE BB 281 -53.63 -17.85 -62.04
C ILE BB 281 -53.28 -16.62 -61.22
N THR CB 24 -87.28 -67.80 -37.71
CA THR CB 24 -86.02 -67.76 -38.44
C THR CB 24 -85.20 -66.54 -38.07
N VAL CB 25 -85.83 -65.61 -37.36
CA VAL CB 25 -85.18 -64.34 -37.03
C VAL CB 25 -83.99 -64.57 -36.12
N VAL CB 26 -84.16 -65.39 -35.08
CA VAL CB 26 -83.06 -65.68 -34.18
C VAL CB 26 -81.98 -66.49 -34.91
N GLU CB 27 -82.39 -67.36 -35.82
CA GLU CB 27 -81.41 -68.06 -36.65
C GLU CB 27 -80.64 -67.07 -37.52
N GLU CB 28 -81.33 -66.05 -38.05
CA GLU CB 28 -80.64 -65.03 -38.83
C GLU CB 28 -79.64 -64.26 -37.97
N VAL CB 29 -80.01 -63.95 -36.73
CA VAL CB 29 -79.08 -63.25 -35.85
C VAL CB 29 -77.87 -64.11 -35.54
N ARG CB 30 -78.08 -65.39 -35.26
CA ARG CB 30 -76.97 -66.30 -35.01
C ARG CB 30 -76.07 -66.41 -36.23
N ARG CB 31 -76.66 -66.55 -37.42
CA ARG CB 31 -75.88 -66.65 -38.63
C ARG CB 31 -75.07 -65.38 -38.87
N PHE CB 32 -75.68 -64.22 -38.66
CA PHE CB 32 -74.99 -62.95 -38.83
C PHE CB 32 -73.80 -62.84 -37.90
N ALA CB 33 -74.01 -63.12 -36.60
CA ALA CB 33 -72.92 -63.01 -35.64
C ALA CB 33 -71.81 -64.00 -35.93
N GLU CB 34 -72.17 -65.25 -36.23
CA GLU CB 34 -71.16 -66.26 -36.50
C GLU CB 34 -70.37 -65.96 -37.76
N GLU CB 35 -71.05 -65.50 -38.83
CA GLU CB 35 -70.34 -65.15 -40.05
C GLU CB 35 -69.38 -63.99 -39.82
N LEU CB 36 -69.82 -62.99 -39.05
CA LEU CB 36 -68.92 -61.88 -38.75
C LEU CB 36 -67.71 -62.35 -37.95
N ALA CB 37 -67.92 -63.25 -36.98
CA ALA CB 37 -66.81 -63.77 -36.19
C ALA CB 37 -65.84 -64.58 -37.05
N GLU CB 38 -66.36 -65.41 -37.95
CA GLU CB 38 -65.51 -66.17 -38.84
C GLU CB 38 -64.68 -65.25 -39.73
N GLU CB 39 -65.30 -64.20 -40.26
CA GLU CB 39 -64.56 -63.25 -41.10
C GLU CB 39 -63.50 -62.53 -40.28
N VAL CB 40 -63.81 -62.20 -39.03
CA VAL CB 40 -62.82 -61.56 -38.17
C VAL CB 40 -61.61 -62.45 -38.00
N LEU CB 41 -61.86 -63.74 -37.74
CA LEU CB 41 -60.76 -64.68 -37.56
C LEU CB 41 -59.97 -64.90 -38.84
N ARG CB 42 -60.66 -64.95 -39.99
CA ARG CB 42 -59.96 -65.14 -41.25
C ARG CB 42 -59.06 -63.96 -41.57
N VAL CB 43 -59.57 -62.74 -41.42
CA VAL CB 43 -58.77 -61.57 -41.75
C VAL CB 43 -57.63 -61.39 -40.75
N GLY CB 44 -57.92 -61.50 -39.46
CA GLY CB 44 -56.93 -61.24 -38.44
C GLY CB 44 -56.23 -62.43 -37.86
N GLY CB 45 -56.66 -63.64 -38.19
CA GLY CB 45 -55.99 -64.80 -37.67
C GLY CB 45 -56.22 -64.98 -36.17
N GLU CB 46 -55.21 -65.55 -35.52
CA GLU CB 46 -55.24 -65.74 -34.07
C GLU CB 46 -54.70 -64.54 -33.32
N ALA CB 47 -54.32 -63.46 -34.01
CA ALA CB 47 -53.83 -62.28 -33.32
C ALA CB 47 -54.92 -61.67 -32.44
N MET CB 48 -56.14 -61.61 -32.96
CA MET CB 48 -57.33 -61.16 -32.22
C MET CB 48 -58.37 -62.26 -32.22
N ARG CB 49 -58.25 -63.18 -31.28
CA ARG CB 49 -59.28 -64.14 -30.89
C ARG CB 49 -60.31 -63.50 -29.96
N PRO CB 50 -59.93 -62.56 -29.08
CA PRO CB 50 -60.96 -61.91 -28.25
C PRO CB 50 -62.13 -61.34 -29.02
N TYR CB 51 -61.89 -60.71 -30.17
CA TYR CB 51 -62.97 -60.07 -30.90
C TYR CB 51 -63.98 -61.09 -31.43
N ALA CB 52 -63.51 -62.28 -31.80
CA ALA CB 52 -64.43 -63.32 -32.21
C ALA CB 52 -65.34 -63.74 -31.05
N GLU CB 53 -64.77 -63.85 -29.85
CA GLU CB 53 -65.59 -64.18 -28.68
C GLU CB 53 -66.59 -63.08 -28.38
N MET CB 54 -66.15 -61.82 -28.50
CA MET CB 54 -67.05 -60.70 -28.25
C MET CB 54 -68.22 -60.70 -29.23
N VAL CB 55 -67.93 -60.92 -30.51
CA VAL CB 55 -68.99 -61.00 -31.50
C VAL CB 55 -69.94 -62.15 -31.20
N ARG CB 56 -69.38 -63.31 -30.81
CA ARG CB 56 -70.23 -64.47 -30.59
C ARG CB 56 -71.12 -64.30 -29.35
N HIS CB 57 -70.58 -63.72 -28.28
CA HIS CB 57 -71.42 -63.44 -27.11
C HIS CB 57 -72.44 -62.34 -27.36
N LEU CB 58 -72.12 -61.32 -28.16
CA LEU CB 58 -73.13 -60.32 -28.46
C LEU CB 58 -74.23 -60.92 -29.33
N GLY CB 59 -73.89 -61.83 -30.23
CA GLY CB 59 -74.93 -62.56 -30.94
C GLY CB 59 -75.79 -63.39 -30.01
N GLU CB 60 -75.15 -64.03 -29.02
CA GLU CB 60 -75.89 -64.83 -28.05
C GLU CB 60 -76.81 -63.96 -27.19
N ALA CB 61 -76.34 -62.80 -26.75
CA ALA CB 61 -77.18 -61.90 -25.97
C ALA CB 61 -78.36 -61.41 -26.81
N ALA CB 62 -78.12 -61.11 -28.08
CA ALA CB 62 -79.22 -60.68 -28.96
C ALA CB 62 -80.27 -61.78 -29.10
N VAL CB 63 -79.84 -63.02 -29.34
CA VAL CB 63 -80.84 -64.06 -29.52
C VAL CB 63 -81.55 -64.38 -28.21
N ALA CB 64 -80.85 -64.25 -27.08
CA ALA CB 64 -81.51 -64.38 -25.78
C ALA CB 64 -82.61 -63.34 -25.65
N ALA CB 65 -82.31 -62.08 -25.98
CA ALA CB 65 -83.32 -61.03 -25.89
C ALA CB 65 -84.51 -61.31 -26.82
N LEU CB 66 -84.23 -61.77 -28.04
CA LEU CB 66 -85.33 -62.09 -28.96
C LEU CB 66 -86.13 -63.31 -28.53
N GLU CB 67 -85.58 -64.17 -27.69
CA GLU CB 67 -86.31 -65.38 -27.28
C GLU CB 67 -86.68 -65.35 -25.80
N GLY CB 68 -87.23 -64.24 -25.34
CA GLY CB 68 -87.54 -64.07 -23.94
C GLY CB 68 -86.38 -63.42 -23.21
N ARG CB 69 -86.33 -63.66 -21.90
CA ARG CB 69 -85.18 -63.30 -21.06
C ARG CB 69 -84.94 -61.81 -20.95
N ALA CB 70 -84.38 -61.40 -19.81
CA ALA CB 70 -83.86 -60.05 -19.63
C ALA CB 70 -82.58 -60.00 -18.82
N GLU CB 71 -82.25 -61.06 -18.08
CA GLU CB 71 -81.09 -61.11 -17.19
C GLU CB 71 -79.88 -61.73 -17.86
N GLU CB 72 -80.08 -62.73 -18.71
CA GLU CB 72 -78.99 -63.30 -19.49
C GLU CB 72 -78.39 -62.26 -20.42
N ALA CB 73 -79.25 -61.43 -21.02
CA ALA CB 73 -78.76 -60.34 -21.86
C ALA CB 73 -77.87 -59.39 -21.07
N ASP CB 74 -78.32 -59.01 -19.87
CA ASP CB 74 -77.52 -58.12 -19.03
C ASP CB 74 -76.17 -58.76 -18.69
N ARG CB 75 -76.19 -60.04 -18.33
CA ARG CB 75 -74.95 -60.70 -17.93
C ARG CB 75 -73.97 -60.79 -19.10
N LEU CB 76 -74.46 -61.21 -20.27
CA LEU CB 76 -73.59 -61.34 -21.43
C LEU CB 76 -73.03 -59.99 -21.84
N VAL CB 77 -73.85 -58.94 -21.81
CA VAL CB 77 -73.35 -57.62 -22.18
C VAL CB 77 -72.31 -57.15 -21.19
N ARG CB 78 -72.49 -57.45 -19.90
CA ARG CB 78 -71.47 -57.11 -18.91
C ARG CB 78 -70.17 -57.88 -19.15
N ASP CB 79 -70.29 -59.15 -19.53
CA ASP CB 79 -69.10 -59.94 -19.85
C ASP CB 79 -68.33 -59.34 -21.02
N VAL CB 80 -69.04 -58.99 -22.10
CA VAL CB 80 -68.39 -58.37 -23.25
C VAL CB 80 -67.81 -57.01 -22.87
N LEU CB 81 -68.48 -56.29 -21.97
CA LEU CB 81 -67.93 -55.03 -21.51
C LEU CB 81 -66.61 -55.25 -20.79
N GLU CB 82 -66.52 -56.30 -19.98
CA GLU CB 82 -65.27 -56.63 -19.30
C GLU CB 82 -64.18 -56.98 -20.30
N MET CB 83 -64.52 -57.76 -21.33
CA MET CB 83 -63.52 -58.08 -22.36
C MET CB 83 -63.02 -56.82 -23.04
N ALA CB 84 -63.95 -55.92 -23.39
CA ALA CB 84 -63.54 -54.67 -24.02
C ALA CB 84 -62.65 -53.85 -23.10
N ARG CB 85 -62.94 -53.89 -21.78
CA ARG CB 85 -62.08 -53.20 -20.83
C ARG CB 85 -60.67 -53.75 -20.85
N GLU CB 86 -60.53 -55.08 -20.84
CA GLU CB 86 -59.19 -55.64 -20.72
C GLU CB 86 -58.41 -55.53 -22.03
N VAL CB 87 -59.06 -55.73 -23.17
CA VAL CB 87 -58.37 -55.66 -24.46
C VAL CB 87 -57.81 -54.27 -24.71
N GLY CB 88 -58.62 -53.25 -24.44
CA GLY CB 88 -58.23 -51.87 -24.71
C GLY CB 88 -59.18 -51.13 -25.62
N ALA CB 89 -60.26 -51.75 -26.09
CA ALA CB 89 -61.23 -51.06 -26.94
C ALA CB 89 -62.01 -50.07 -26.09
N GLU CB 90 -61.82 -48.78 -26.37
CA GLU CB 90 -62.47 -47.73 -25.58
C GLU CB 90 -63.86 -47.40 -26.13
N GLY CB 91 -63.94 -47.02 -27.40
CA GLY CB 91 -65.24 -46.69 -27.97
C GLY CB 91 -66.21 -47.84 -27.91
N LEU CB 92 -65.73 -49.06 -28.14
CA LEU CB 92 -66.58 -50.23 -28.03
C LEU CB 92 -67.06 -50.42 -26.60
N ALA CB 93 -66.19 -50.17 -25.61
CA ALA CB 93 -66.62 -50.29 -24.21
C ALA CB 93 -67.70 -49.27 -23.87
N ARG CB 94 -67.53 -48.03 -24.32
CA ARG CB 94 -68.57 -47.03 -24.07
C ARG CB 94 -69.88 -47.43 -24.72
N LEU CB 95 -69.82 -47.88 -25.97
CA LEU CB 95 -71.04 -48.30 -26.64
C LEU CB 95 -71.67 -49.47 -25.90
N LEU CB 96 -70.86 -50.36 -25.34
CA LEU CB 96 -71.41 -51.51 -24.63
C LEU CB 96 -72.10 -51.12 -23.34
N GLU CB 97 -71.56 -50.14 -22.61
CA GLU CB 97 -72.26 -49.62 -21.44
C GLU CB 97 -73.60 -49.02 -21.85
N ARG CB 98 -73.61 -48.25 -22.94
CA ARG CB 98 -74.87 -47.66 -23.41
C ARG CB 98 -75.88 -48.73 -23.79
N VAL CB 99 -75.42 -49.79 -24.47
CA VAL CB 99 -76.31 -50.91 -24.77
C VAL CB 99 -76.85 -51.52 -23.49
N HIS CB 100 -76.00 -51.64 -22.47
CA HIS CB 100 -76.46 -52.24 -21.21
C HIS CB 100 -77.62 -51.45 -20.62
N ARG CB 101 -77.43 -50.14 -20.46
CA ARG CB 101 -78.46 -49.31 -19.84
C ARG CB 101 -79.75 -49.29 -20.67
N GLU CB 102 -79.64 -48.99 -21.96
CA GLU CB 102 -80.84 -48.98 -22.80
C GLU CB 102 -81.51 -50.34 -22.81
N ALA CB 103 -80.79 -51.41 -23.12
CA ALA CB 103 -81.40 -52.73 -23.16
C ALA CB 103 -82.18 -53.01 -21.89
N ARG CB 104 -81.64 -52.60 -20.73
CA ARG CB 104 -82.41 -52.73 -19.49
C ARG CB 104 -83.71 -51.95 -19.55
N GLU CB 105 -83.65 -50.69 -19.99
CA GLU CB 105 -84.86 -49.86 -20.02
C GLU CB 105 -85.93 -50.45 -20.94
N LEU CB 106 -85.55 -50.76 -22.18
CA LEU CB 106 -86.54 -51.27 -23.12
C LEU CB 106 -87.00 -52.68 -22.77
N LEU CB 107 -86.18 -53.47 -22.08
CA LEU CB 107 -86.67 -54.75 -21.62
C LEU CB 107 -87.66 -54.58 -20.49
N ARG CB 108 -87.47 -53.57 -19.63
CA ARG CB 108 -88.48 -53.26 -18.63
C ARG CB 108 -89.78 -52.82 -19.30
N GLU CB 109 -89.68 -51.99 -20.34
CA GLU CB 109 -90.87 -51.53 -21.05
C GLU CB 109 -91.53 -52.62 -21.89
N GLY CB 110 -90.89 -53.78 -22.05
CA GLY CB 110 -91.48 -54.88 -22.78
C GLY CB 110 -91.19 -54.94 -24.25
N ARG CB 111 -90.51 -53.93 -24.81
CA ARG CB 111 -90.12 -53.93 -26.23
C ARG CB 111 -88.84 -54.74 -26.38
N ARG CB 112 -88.87 -55.72 -27.27
CA ARG CB 112 -87.76 -56.65 -27.42
C ARG CB 112 -86.93 -56.42 -28.67
N GLU CB 113 -87.55 -56.03 -29.78
CA GLU CB 113 -86.82 -55.92 -31.04
C GLU CB 113 -85.73 -54.86 -30.96
N GLU CB 114 -86.02 -53.73 -30.33
CA GLU CB 114 -85.05 -52.64 -30.30
C GLU CB 114 -83.85 -52.95 -29.41
N ALA CB 115 -84.04 -53.71 -28.33
CA ALA CB 115 -82.89 -54.11 -27.51
C ALA CB 115 -81.97 -55.05 -28.29
N ALA CB 116 -82.55 -56.02 -29.00
CA ALA CB 116 -81.75 -56.86 -29.88
C ALA CB 116 -81.10 -56.04 -30.98
N ALA CB 117 -81.76 -54.98 -31.43
CA ALA CB 117 -81.18 -54.11 -32.44
C ALA CB 117 -79.94 -53.41 -31.92
N LEU CB 118 -80.01 -52.89 -30.69
CA LEU CB 118 -78.82 -52.28 -30.10
C LEU CB 118 -77.70 -53.30 -29.96
N VAL CB 119 -78.04 -54.52 -29.52
CA VAL CB 119 -77.02 -55.55 -29.35
C VAL CB 119 -76.38 -55.93 -30.69
N LEU CB 120 -77.20 -56.07 -31.74
CA LEU CB 120 -76.67 -56.40 -33.06
C LEU CB 120 -75.77 -55.31 -33.59
N ALA CB 121 -76.16 -54.04 -33.38
CA ALA CB 121 -75.26 -52.96 -33.78
C ALA CB 121 -73.95 -53.03 -33.01
N ALA CB 122 -74.01 -53.42 -31.74
CA ALA CB 122 -72.78 -53.57 -30.96
C ALA CB 122 -71.89 -54.68 -31.52
N ALA CB 123 -72.49 -55.80 -31.90
CA ALA CB 123 -71.72 -56.89 -32.50
C ALA CB 123 -71.08 -56.45 -33.80
N LEU CB 124 -71.83 -55.72 -34.62
CA LEU CB 124 -71.27 -55.23 -35.88
C LEU CB 124 -70.13 -54.26 -35.62
N ALA CB 125 -70.25 -53.42 -34.59
CA ALA CB 125 -69.15 -52.52 -34.27
C ALA CB 125 -67.91 -53.30 -33.87
N ALA CB 126 -68.07 -54.37 -33.09
CA ALA CB 126 -66.93 -55.19 -32.67
C ALA CB 126 -66.27 -55.88 -33.88
N GLY CB 127 -67.07 -56.51 -34.73
CA GLY CB 127 -66.50 -57.14 -35.91
C GLY CB 127 -65.80 -56.16 -36.82
N ALA CB 128 -66.42 -55.00 -37.05
CA ALA CB 128 -65.85 -54.01 -37.94
C ALA CB 128 -64.57 -53.42 -37.38
N VAL CB 129 -64.51 -53.17 -36.07
CA VAL CB 129 -63.27 -52.65 -35.49
C VAL CB 129 -62.15 -53.69 -35.60
N ALA CB 130 -62.48 -54.97 -35.38
CA ALA CB 130 -61.46 -56.00 -35.54
C ALA CB 130 -60.92 -56.02 -36.96
N VAL CB 131 -61.81 -56.09 -37.94
CA VAL CB 131 -61.37 -56.21 -39.33
C VAL CB 131 -60.64 -54.95 -39.77
N ALA CB 132 -61.10 -53.77 -39.34
CA ALA CB 132 -60.46 -52.54 -39.74
C ALA CB 132 -59.06 -52.43 -39.16
N GLU CB 133 -58.87 -52.80 -37.90
CA GLU CB 133 -57.53 -52.79 -37.34
C GLU CB 133 -56.62 -53.80 -38.03
N ALA CB 134 -57.18 -54.95 -38.42
CA ALA CB 134 -56.39 -55.91 -39.18
C ALA CB 134 -55.94 -55.31 -40.51
N TYR CB 135 -56.86 -54.68 -41.25
CA TYR CB 135 -56.52 -54.09 -42.53
C TYR CB 135 -55.47 -53.00 -42.36
N VAL CB 136 -55.59 -52.19 -41.31
CA VAL CB 136 -54.63 -51.10 -41.10
C VAL CB 136 -53.25 -51.66 -40.76
N ARG CB 137 -53.18 -52.74 -39.98
CA ARG CB 137 -51.87 -53.27 -39.60
C ARG CB 137 -51.09 -53.78 -40.80
N LEU CB 138 -51.75 -54.51 -41.70
CA LEU CB 138 -51.07 -55.05 -42.87
C LEU CB 138 -51.14 -54.12 -44.07
N GLY CB 139 -51.49 -52.85 -43.87
CA GLY CB 139 -51.32 -51.81 -44.86
C GLY CB 139 -52.10 -51.93 -46.16
N GLN CB 140 -53.38 -52.28 -46.08
CA GLN CB 140 -54.20 -52.32 -47.27
C GLN CB 140 -54.80 -50.95 -47.55
N PRO CB 141 -55.15 -50.65 -48.80
CA PRO CB 141 -55.63 -49.31 -49.15
C PRO CB 141 -56.98 -49.02 -48.52
N ILE CB 142 -57.25 -47.72 -48.36
CA ILE CB 142 -58.44 -47.24 -47.67
C ILE CB 142 -59.72 -47.56 -48.43
N ARG CB 143 -59.65 -47.71 -49.76
CA ARG CB 143 -60.84 -48.10 -50.52
C ARG CB 143 -61.45 -49.38 -49.95
N LEU CB 144 -60.60 -50.34 -49.58
CA LEU CB 144 -61.11 -51.61 -49.07
C LEU CB 144 -61.84 -51.45 -47.75
N ILE CB 145 -61.28 -50.67 -46.83
CA ILE CB 145 -61.97 -50.42 -45.57
C ILE CB 145 -63.30 -49.73 -45.82
N ALA CB 146 -63.30 -48.70 -46.67
CA ALA CB 146 -64.52 -47.94 -46.91
C ALA CB 146 -65.61 -48.82 -47.53
N GLU CB 147 -65.25 -49.61 -48.54
CA GLU CB 147 -66.24 -50.47 -49.18
C GLU CB 147 -66.73 -51.55 -48.22
N TYR CB 148 -65.82 -52.10 -47.40
CA TYR CB 148 -66.22 -53.11 -46.44
C TYR CB 148 -67.25 -52.57 -45.47
N VAL CB 149 -66.95 -51.43 -44.84
CA VAL CB 149 -67.86 -50.88 -43.84
C VAL CB 149 -69.19 -50.47 -44.47
N ALA CB 150 -69.15 -49.85 -45.66
CA ALA CB 150 -70.40 -49.45 -46.29
C ALA CB 150 -71.29 -50.65 -46.57
N GLU CB 151 -70.71 -51.73 -47.09
CA GLU CB 151 -71.53 -52.90 -47.39
C GLU CB 151 -72.08 -53.55 -46.12
N ARG CB 152 -71.26 -53.57 -45.05
CA ARG CB 152 -71.75 -54.13 -43.80
C ARG CB 152 -72.90 -53.32 -43.23
N LEU CB 153 -72.81 -51.99 -43.31
CA LEU CB 153 -73.89 -51.14 -42.83
C LEU CB 153 -75.16 -51.38 -43.63
N VAL CB 154 -75.03 -51.54 -44.94
CA VAL CB 154 -76.23 -51.82 -45.74
C VAL CB 154 -76.86 -53.16 -45.35
N GLU CB 155 -76.03 -54.18 -45.13
CA GLU CB 155 -76.56 -55.48 -44.73
C GLU CB 155 -77.27 -55.41 -43.38
N LEU CB 156 -76.67 -54.70 -42.42
CA LEU CB 156 -77.32 -54.53 -41.12
C LEU CB 156 -78.62 -53.76 -41.25
N ALA CB 157 -78.66 -52.74 -42.11
CA ALA CB 157 -79.90 -52.00 -42.32
C ALA CB 157 -80.98 -52.91 -42.88
N GLU CB 158 -80.62 -53.80 -43.80
CA GLU CB 158 -81.60 -54.74 -44.32
C GLU CB 158 -82.10 -55.65 -43.22
N LEU CB 159 -81.20 -56.13 -42.36
CA LEU CB 159 -81.63 -57.01 -41.26
C LEU CB 159 -82.57 -56.28 -40.31
N LEU CB 160 -82.22 -55.07 -39.90
CA LEU CB 160 -83.05 -54.31 -38.98
C LEU CB 160 -84.40 -53.96 -39.61
N ARG CB 161 -84.44 -53.75 -40.91
CA ARG CB 161 -85.72 -53.59 -41.59
C ARG CB 161 -86.52 -54.87 -41.53
N ARG CB 162 -85.86 -56.02 -41.63
CA ARG CB 162 -86.58 -57.29 -41.51
C ARG CB 162 -87.17 -57.47 -40.12
N LEU CB 163 -86.43 -57.12 -39.07
CA LEU CB 163 -86.93 -57.28 -37.71
C LEU CB 163 -88.17 -56.43 -37.47
N GLY CB 164 -88.08 -55.13 -37.75
CA GLY CB 164 -89.22 -54.25 -37.56
C GLY CB 164 -88.89 -52.93 -36.88
N VAL CB 165 -87.61 -52.67 -36.64
CA VAL CB 165 -87.20 -51.40 -36.02
C VAL CB 165 -87.58 -50.25 -36.94
N PRO CB 166 -88.04 -49.11 -36.44
CA PRO CB 166 -88.34 -47.97 -37.31
C PRO CB 166 -87.07 -47.37 -37.91
N LEU CB 167 -87.27 -46.71 -39.06
CA LEU CB 167 -86.15 -46.32 -39.90
C LEU CB 167 -85.23 -45.32 -39.22
N ARG CB 168 -85.80 -44.35 -38.50
CA ARG CB 168 -84.97 -43.32 -37.88
C ARG CB 168 -84.03 -43.94 -36.85
N ARG CB 169 -84.53 -44.91 -36.09
CA ARG CB 169 -83.66 -45.65 -35.16
C ARG CB 169 -82.59 -46.41 -35.92
N ILE CB 170 -82.93 -46.98 -37.08
CA ILE CB 170 -81.95 -47.68 -37.89
C ILE CB 170 -80.79 -46.74 -38.22
N ILE CB 171 -81.12 -45.54 -38.69
CA ILE CB 171 -80.08 -44.62 -39.11
C ILE CB 171 -79.26 -44.16 -37.91
N ARG CB 172 -79.90 -43.98 -36.76
CA ARG CB 172 -79.15 -43.60 -35.55
C ARG CB 172 -78.17 -44.68 -35.14
N LEU CB 173 -78.60 -45.95 -35.19
CA LEU CB 173 -77.69 -47.05 -34.87
C LEU CB 173 -76.53 -47.12 -35.85
N LEU CB 174 -76.82 -46.95 -37.14
CA LEU CB 174 -75.76 -47.01 -38.14
C LEU CB 174 -74.74 -45.90 -37.93
N GLU CB 175 -75.20 -44.70 -37.56
CA GLU CB 175 -74.27 -43.63 -37.27
C GLU CB 175 -73.45 -43.92 -36.02
N GLU CB 176 -74.03 -44.57 -35.02
CA GLU CB 176 -73.23 -44.96 -33.85
C GLU CB 176 -72.13 -45.93 -34.24
N VAL CB 177 -72.48 -46.92 -35.07
CA VAL CB 177 -71.48 -47.88 -35.54
C VAL CB 177 -70.37 -47.17 -36.29
N LEU CB 178 -70.74 -46.24 -37.17
CA LEU CB 178 -69.74 -45.49 -37.91
C LEU CB 178 -68.85 -44.69 -36.99
N ARG CB 179 -69.41 -44.12 -35.93
CA ARG CB 179 -68.61 -43.35 -34.99
C ARG CB 179 -67.59 -44.23 -34.29
N VAL CB 180 -68.00 -45.43 -33.89
CA VAL CB 180 -67.05 -46.36 -33.25
C VAL CB 180 -65.95 -46.74 -34.22
N VAL CB 181 -66.30 -47.04 -35.47
CA VAL CB 181 -65.29 -47.42 -36.45
C VAL CB 181 -64.31 -46.28 -36.69
N ALA CB 182 -64.82 -45.06 -36.79
CA ALA CB 182 -63.93 -43.90 -37.00
C ALA CB 182 -63.01 -43.70 -35.81
N GLU CB 183 -63.52 -43.87 -34.59
CA GLU CB 183 -62.65 -43.77 -33.41
C GLU CB 183 -61.56 -44.82 -33.44
N ALA CB 184 -61.93 -46.05 -33.83
CA ALA CB 184 -60.95 -47.12 -33.93
C ALA CB 184 -59.85 -46.77 -34.93
N LEU CB 185 -60.25 -46.33 -36.12
CA LEU CB 185 -59.28 -45.98 -37.15
C LEU CB 185 -58.41 -44.81 -36.71
N ARG CB 186 -58.95 -43.91 -35.88
CA ARG CB 186 -58.14 -42.85 -35.33
C ARG CB 186 -57.08 -43.39 -34.38
N ARG CB 187 -57.46 -44.36 -33.54
CA ARG CB 187 -56.49 -44.94 -32.60
C ARG CB 187 -55.39 -45.70 -33.31
N ALA CB 188 -55.66 -46.23 -34.50
CA ALA CB 188 -54.67 -46.98 -35.27
C ALA CB 188 -53.76 -46.07 -36.10
N GLY CB 189 -53.90 -44.76 -35.97
CA GLY CB 189 -53.02 -43.84 -36.66
C GLY CB 189 -53.42 -43.45 -38.07
N VAL CB 190 -54.59 -43.88 -38.53
CA VAL CB 190 -55.02 -43.51 -39.88
C VAL CB 190 -55.23 -41.99 -39.94
N PRO CB 191 -54.72 -41.30 -40.96
CA PRO CB 191 -54.88 -39.84 -41.01
C PRO CB 191 -56.34 -39.43 -41.13
N GLU CB 192 -56.65 -38.26 -40.59
CA GLU CB 192 -58.04 -37.81 -40.49
C GLU CB 192 -58.76 -37.73 -41.84
N PRO CB 193 -58.18 -37.16 -42.90
CA PRO CB 193 -58.92 -37.09 -44.18
C PRO CB 193 -59.38 -38.45 -44.68
N GLU CB 194 -58.60 -39.50 -44.46
CA GLU CB 194 -59.05 -40.83 -44.87
C GLU CB 194 -60.24 -41.29 -44.05
N ILE CB 195 -60.28 -40.93 -42.76
CA ILE CB 195 -61.44 -41.26 -41.94
C ILE CB 195 -62.68 -40.54 -42.46
N ARG CB 196 -62.53 -39.27 -42.81
CA ARG CB 196 -63.66 -38.53 -43.38
C ARG CB 196 -64.11 -39.15 -44.70
N LYS CB 197 -63.16 -39.60 -45.51
CA LYS CB 197 -63.51 -40.28 -46.75
C LYS CB 197 -64.29 -41.55 -46.48
N VAL CB 198 -63.89 -42.30 -45.46
CA VAL CB 198 -64.61 -43.52 -45.10
C VAL CB 198 -66.06 -43.19 -44.73
N GLU CB 199 -66.23 -42.20 -43.84
CA GLU CB 199 -67.58 -41.86 -43.38
C GLU CB 199 -68.43 -41.33 -44.53
N ALA CB 200 -67.88 -40.46 -45.38
CA ALA CB 200 -68.63 -39.92 -46.49
C ALA CB 200 -69.04 -41.00 -47.47
N ALA CB 201 -68.15 -41.97 -47.72
CA ALA CB 201 -68.54 -43.08 -48.58
C ALA CB 201 -69.67 -43.88 -47.97
N ALA CB 202 -69.62 -44.10 -46.65
CA ALA CB 202 -70.71 -44.81 -45.98
C ALA CB 202 -72.02 -44.06 -46.12
N TYR CB 203 -72.00 -42.73 -45.95
CA TYR CB 203 -73.22 -41.93 -46.05
C TYR CB 203 -73.80 -41.95 -47.45
N ILE CB 204 -72.94 -41.85 -48.47
CA ILE CB 204 -73.42 -41.87 -49.84
C ILE CB 204 -73.99 -43.24 -50.20
N ARG CB 205 -73.37 -44.31 -49.70
CA ARG CB 205 -73.92 -45.64 -49.93
C ARG CB 205 -75.27 -45.79 -49.26
N LEU CB 206 -75.41 -45.31 -48.03
CA LEU CB 206 -76.69 -45.40 -47.32
C LEU CB 206 -77.76 -44.58 -48.04
N ALA CB 207 -77.41 -43.38 -48.49
CA ALA CB 207 -78.37 -42.54 -49.21
C ALA CB 207 -78.82 -43.22 -50.49
N ALA CB 208 -77.89 -43.81 -51.24
CA ALA CB 208 -78.25 -44.52 -52.46
C ALA CB 208 -79.17 -45.70 -52.16
N TYR CB 209 -78.86 -46.43 -51.08
CA TYR CB 209 -79.68 -47.57 -50.70
C TYR CB 209 -81.11 -47.13 -50.36
N LEU CB 210 -81.26 -46.04 -49.61
CA LEU CB 210 -82.59 -45.54 -49.30
C LEU CB 210 -83.33 -45.08 -50.54
N LEU CB 211 -82.62 -44.38 -51.43
CA LEU CB 211 -83.26 -43.84 -52.63
C LEU CB 211 -83.70 -44.94 -53.58
N ARG CB 212 -83.02 -46.07 -53.59
CA ARG CB 212 -83.37 -47.12 -54.55
C ARG CB 212 -84.72 -47.75 -54.25
N GLN CB 213 -85.10 -47.85 -52.97
CA GLN CB 213 -86.34 -48.53 -52.62
C GLN CB 213 -87.56 -47.82 -53.19
N LEU CB 214 -87.57 -46.49 -53.12
CA LEU CB 214 -88.70 -45.72 -53.63
C LEU CB 214 -88.73 -45.64 -55.16
N GLY CB 215 -87.69 -46.12 -55.83
CA GLY CB 215 -87.73 -46.15 -57.28
C GLY CB 215 -87.11 -44.94 -57.93
N TYR CB 216 -85.97 -44.49 -57.41
CA TYR CB 216 -85.17 -43.44 -58.04
C TYR CB 216 -83.85 -44.08 -58.40
N GLU CB 217 -83.82 -44.75 -59.56
CA GLU CB 217 -82.64 -45.50 -59.94
C GLU CB 217 -81.53 -44.57 -60.43
N ALA CB 218 -81.87 -43.63 -61.32
CA ALA CB 218 -80.86 -42.74 -61.89
C ALA CB 218 -80.14 -41.95 -60.81
N LEU CB 219 -80.90 -41.49 -59.81
CA LEU CB 219 -80.30 -40.80 -58.68
C LEU CB 219 -79.29 -41.67 -57.96
N ALA CB 220 -79.62 -42.94 -57.74
CA ALA CB 220 -78.68 -43.84 -57.08
C ALA CB 220 -77.43 -44.07 -57.92
N LYS CB 221 -77.58 -44.22 -59.24
CA LYS CB 221 -76.39 -44.38 -60.07
C LYS CB 221 -75.50 -43.15 -60.01
N ARG CB 222 -76.08 -41.96 -60.06
CA ARG CB 222 -75.24 -40.76 -60.00
C ARG CB 222 -74.54 -40.64 -58.65
N LEU CB 223 -75.23 -40.99 -57.56
CA LEU CB 223 -74.59 -40.93 -56.25
C LEU CB 223 -73.45 -41.94 -56.15
N LEU CB 224 -73.63 -43.13 -56.71
CA LEU CB 224 -72.56 -44.12 -56.64
C LEU CB 224 -71.40 -43.77 -57.57
N GLU CB 225 -71.67 -43.09 -58.70
CA GLU CB 225 -70.58 -42.56 -59.51
C GLU CB 225 -69.77 -41.53 -58.74
N ALA CB 226 -70.45 -40.63 -58.04
CA ALA CB 226 -69.73 -39.67 -57.20
C ALA CB 226 -68.91 -40.37 -56.13
N ARG CB 227 -69.46 -41.44 -55.55
CA ARG CB 227 -68.72 -42.20 -54.56
C ARG CB 227 -67.47 -42.84 -55.16
N GLU CB 228 -67.59 -43.40 -56.37
CA GLU CB 228 -66.42 -43.99 -57.03
C GLU CB 228 -65.36 -42.93 -57.28
N LEU CB 229 -65.76 -41.77 -57.78
CA LEU CB 229 -64.78 -40.70 -57.97
C LEU CB 229 -64.16 -40.27 -56.65
N LEU CB 230 -64.90 -40.38 -55.55
CA LEU CB 230 -64.34 -39.98 -54.27
C LEU CB 230 -63.31 -40.98 -53.78
N LEU CB 231 -63.59 -42.28 -53.88
CA LEU CB 231 -62.68 -43.29 -53.37
C LEU CB 231 -61.37 -43.36 -54.14
N GLU CB 232 -61.34 -42.84 -55.36
CA GLU CB 232 -60.16 -42.85 -56.20
C GLU CB 232 -59.22 -41.68 -55.91
N GLY CB 233 -59.58 -40.80 -54.99
CA GLY CB 233 -58.77 -39.64 -54.68
C GLY CB 233 -59.16 -38.39 -55.42
N ARG CB 234 -59.98 -38.49 -56.46
CA ARG CB 234 -60.50 -37.33 -57.18
C ARG CB 234 -61.59 -36.70 -56.34
N VAL CB 235 -61.17 -35.89 -55.38
CA VAL CB 235 -62.13 -35.26 -54.46
C VAL CB 235 -62.95 -34.20 -55.19
N GLU CB 236 -62.31 -33.43 -56.07
CA GLU CB 236 -62.96 -32.26 -56.65
C GLU CB 236 -64.08 -32.66 -57.61
N GLU CB 237 -63.81 -33.64 -58.48
CA GLU CB 237 -64.88 -34.11 -59.36
C GLU CB 237 -66.00 -34.76 -58.56
N ALA CB 238 -65.65 -35.45 -57.47
CA ALA CB 238 -66.67 -36.02 -56.60
C ALA CB 238 -67.56 -34.95 -56.01
N ALA CB 239 -66.97 -33.86 -55.53
CA ALA CB 239 -67.75 -32.77 -54.97
C ALA CB 239 -68.62 -32.10 -56.02
N HIS CB 240 -68.10 -31.91 -57.23
CA HIS CB 240 -68.89 -31.25 -58.27
C HIS CB 240 -70.07 -32.12 -58.69
N LEU CB 241 -69.83 -33.41 -58.93
CA LEU CB 241 -70.92 -34.28 -59.34
C LEU CB 241 -71.93 -34.47 -58.20
N LEU CB 242 -71.44 -34.51 -56.97
CA LEU CB 242 -72.33 -34.61 -55.81
C LEU CB 242 -73.21 -33.39 -55.68
N GLU CB 243 -72.66 -32.19 -55.85
CA GLU CB 243 -73.50 -31.00 -55.72
C GLU CB 243 -74.49 -30.90 -56.87
N ASP CB 244 -74.12 -31.34 -58.07
CA ASP CB 244 -75.11 -31.34 -59.15
C ASP CB 244 -76.28 -32.27 -58.84
N VAL CB 245 -75.98 -33.51 -58.44
CA VAL CB 245 -77.07 -34.44 -58.17
C VAL CB 245 -77.88 -33.99 -56.95
N TYR CB 246 -77.23 -33.41 -55.94
CA TYR CB 246 -77.97 -32.90 -54.79
C TYR CB 246 -78.88 -31.75 -55.18
N ALA CB 247 -78.43 -30.88 -56.07
CA ALA CB 247 -79.28 -29.77 -56.51
C ALA CB 247 -80.52 -30.29 -57.20
N LEU CB 248 -80.36 -31.26 -58.11
CA LEU CB 248 -81.55 -31.80 -58.77
C LEU CB 248 -82.48 -32.49 -57.78
N PHE CB 249 -81.91 -33.26 -56.85
CA PHE CB 249 -82.71 -33.94 -55.84
C PHE CB 249 -83.46 -32.94 -54.97
N HIS CB 250 -82.80 -31.87 -54.56
CA HIS CB 250 -83.43 -30.90 -53.66
C HIS CB 250 -84.54 -30.15 -54.37
N ARG CB 251 -84.36 -29.83 -55.66
CA ARG CB 251 -85.46 -29.26 -56.41
C ARG CB 251 -86.64 -30.22 -56.45
N GLU CB 252 -86.37 -31.51 -56.62
CA GLU CB 252 -87.46 -32.49 -56.60
C GLU CB 252 -88.13 -32.53 -55.23
N ILE CB 253 -87.36 -32.40 -54.15
CA ILE CB 253 -87.93 -32.41 -52.81
C ILE CB 253 -88.85 -31.21 -52.60
N GLU CB 254 -88.37 -30.02 -52.97
CA GLU CB 254 -89.17 -28.81 -52.84
C GLU CB 254 -90.37 -28.82 -53.77
N ARG CB 255 -90.34 -29.64 -54.82
CA ARG CB 255 -91.52 -29.77 -55.66
C ARG CB 255 -92.72 -30.29 -54.87
N LEU CB 256 -92.49 -31.27 -54.01
CA LEU CB 256 -93.57 -31.92 -53.26
C LEU CB 256 -94.07 -31.09 -52.09
N GLY CB 257 -93.45 -29.95 -51.81
CA GLY CB 257 -93.98 -29.05 -50.79
C GLY CB 257 -93.92 -29.64 -49.40
N PHE CB 258 -95.05 -29.58 -48.69
CA PHE CB 258 -95.17 -30.12 -47.34
C PHE CB 258 -95.72 -31.54 -47.37
N GLU CB 259 -95.04 -32.39 -48.12
CA GLU CB 259 -95.36 -33.81 -48.22
C GLU CB 259 -94.23 -34.51 -48.93
N ALA CB 260 -93.76 -35.63 -48.38
CA ALA CB 260 -92.75 -36.48 -48.99
C ALA CB 260 -92.56 -37.74 -48.17
N PRO CB 261 -92.30 -38.89 -48.79
CA PRO CB 261 -92.02 -40.09 -48.00
C PRO CB 261 -90.83 -39.89 -47.09
N GLU CB 262 -90.86 -40.53 -45.92
CA GLU CB 262 -89.87 -40.25 -44.90
C GLU CB 262 -88.46 -40.63 -45.34
N GLU CB 263 -88.32 -41.59 -46.25
CA GLU CB 263 -86.99 -41.93 -46.72
C GLU CB 263 -86.36 -40.79 -47.51
N LEU CB 264 -87.17 -40.01 -48.24
CA LEU CB 264 -86.66 -38.79 -48.84
C LEU CB 264 -86.13 -37.83 -47.78
N ARG CB 265 -86.87 -37.67 -46.69
CA ARG CB 265 -86.47 -36.74 -45.65
C ARG CB 265 -85.18 -37.18 -44.99
N VAL CB 266 -85.01 -38.49 -44.76
CA VAL CB 266 -83.78 -38.99 -44.15
C VAL CB 266 -82.61 -38.88 -45.12
N ALA CB 267 -82.84 -39.22 -46.39
CA ALA CB 267 -81.79 -39.14 -47.40
C ALA CB 267 -81.31 -37.71 -47.57
N ASP CB 268 -82.19 -36.73 -47.40
CA ASP CB 268 -81.78 -35.34 -47.49
C ASP CB 268 -80.70 -35.02 -46.46
N LEU CB 269 -80.90 -35.45 -45.21
CA LEU CB 269 -79.92 -35.18 -44.18
C LEU CB 269 -78.65 -36.00 -44.39
N LEU CB 270 -78.79 -37.23 -44.88
CA LEU CB 270 -77.62 -38.05 -45.18
C LEU CB 270 -76.76 -37.40 -46.25
N LEU CB 271 -77.38 -36.90 -47.31
CA LEU CB 271 -76.66 -36.25 -48.39
C LEU CB 271 -76.03 -34.95 -47.92
N ALA CB 272 -76.72 -34.19 -47.08
CA ALA CB 272 -76.13 -32.97 -46.54
C ALA CB 272 -74.87 -33.29 -45.73
N ARG CB 273 -74.92 -34.33 -44.89
CA ARG CB 273 -73.75 -34.68 -44.10
C ARG CB 273 -72.61 -35.19 -44.98
N ALA CB 274 -72.95 -35.97 -46.01
CA ALA CB 274 -71.92 -36.43 -46.93
C ALA CB 274 -71.21 -35.26 -47.59
N ILE CB 275 -71.97 -34.27 -48.05
CA ILE CB 275 -71.38 -33.10 -48.70
C ILE CB 275 -70.51 -32.34 -47.71
N ALA CB 276 -70.98 -32.18 -46.47
CA ALA CB 276 -70.19 -31.48 -45.47
C ALA CB 276 -68.86 -32.18 -45.21
N LEU CB 277 -68.90 -33.51 -45.08
CA LEU CB 277 -67.67 -34.26 -44.84
C LEU CB 277 -66.72 -34.14 -46.02
N ILE CB 278 -67.23 -34.25 -47.24
CA ILE CB 278 -66.36 -34.14 -48.42
C ILE CB 278 -65.71 -32.76 -48.49
N LYS CB 279 -66.49 -31.71 -48.22
CA LYS CB 279 -65.91 -30.37 -48.22
C LYS CB 279 -64.89 -30.20 -47.11
N ALA CB 280 -65.04 -30.92 -46.01
CA ALA CB 280 -64.09 -30.79 -44.91
C ALA CB 280 -62.83 -31.63 -45.09
N ILE CB 281 -62.78 -32.50 -46.10
CA ILE CB 281 -61.58 -33.30 -46.37
C ILE CB 281 -60.37 -32.40 -46.59
N THR DB 24 -85.42 0.74 79.62
CA THR DB 24 -84.12 0.13 79.95
C THR DB 24 -83.31 -0.12 78.68
N VAL DB 25 -83.99 -0.05 77.53
CA VAL DB 25 -83.36 -0.39 76.26
C VAL DB 25 -82.18 0.54 75.96
N VAL DB 26 -82.39 1.84 76.16
CA VAL DB 26 -81.30 2.79 75.94
C VAL DB 26 -80.20 2.57 76.97
N GLU DB 27 -80.56 2.20 78.20
CA GLU DB 27 -79.54 1.84 79.18
C GLU DB 27 -78.77 0.60 78.74
N GLU DB 28 -79.46 -0.38 78.14
CA GLU DB 28 -78.77 -1.56 77.63
C GLU DB 28 -77.80 -1.20 76.51
N VAL DB 29 -78.20 -0.29 75.62
CA VAL DB 29 -77.31 0.12 74.55
C VAL DB 29 -76.10 0.86 75.11
N ARG DB 30 -76.32 1.75 76.08
CA ARG DB 30 -75.20 2.44 76.71
C ARG DB 30 -74.26 1.45 77.39
N ARG DB 31 -74.81 0.51 78.15
CA ARG DB 31 -73.99 -0.49 78.83
C ARG DB 31 -73.19 -1.32 77.84
N PHE DB 32 -73.83 -1.74 76.75
CA PHE DB 32 -73.15 -2.51 75.72
C PHE DB 32 -71.98 -1.74 75.13
N ALA DB 33 -72.21 -0.46 74.80
CA ALA DB 33 -71.15 0.33 74.19
C ALA DB 33 -69.99 0.55 75.17
N GLU DB 34 -70.30 0.92 76.41
CA GLU DB 34 -69.23 1.16 77.37
C GLU DB 34 -68.46 -0.12 77.69
N GLU DB 35 -69.15 -1.25 77.82
CA GLU DB 35 -68.44 -2.50 78.08
C GLU DB 35 -67.52 -2.86 76.95
N LEU DB 36 -67.98 -2.71 75.70
CA LEU DB 36 -67.11 -3.00 74.57
C LEU DB 36 -65.91 -2.06 74.54
N ALA DB 37 -66.12 -0.77 74.85
CA ALA DB 37 -65.01 0.18 74.86
C ALA DB 37 -64.00 -0.14 75.96
N GLU DB 38 -64.49 -0.50 77.16
CA GLU DB 38 -63.60 -0.89 78.24
C GLU DB 38 -62.79 -2.13 77.88
N GLU DB 39 -63.43 -3.10 77.24
CA GLU DB 39 -62.68 -4.30 76.82
C GLU DB 39 -61.64 -3.95 75.77
N VAL DB 40 -61.97 -3.03 74.85
CA VAL DB 40 -61.00 -2.60 73.86
C VAL DB 40 -59.78 -2.01 74.55
N LEU DB 41 -60.03 -1.15 75.55
CA LEU DB 41 -58.93 -0.50 76.26
C LEU DB 41 -58.12 -1.51 77.07
N ARG DB 42 -58.79 -2.47 77.71
CA ARG DB 42 -58.07 -3.46 78.51
C ARG DB 42 -57.18 -4.33 77.62
N VAL DB 43 -57.71 -4.79 76.48
CA VAL DB 43 -56.92 -5.65 75.62
C VAL DB 43 -55.78 -4.89 74.95
N GLY DB 44 -56.08 -3.70 74.41
CA GLY DB 44 -55.10 -2.96 73.66
C GLY DB 44 -54.41 -1.83 74.40
N GLY DB 45 -54.85 -1.50 75.60
CA GLY DB 45 -54.19 -0.44 76.34
C GLY DB 45 -54.43 0.92 75.74
N GLU DB 46 -53.46 1.80 75.94
CA GLU DB 46 -53.49 3.13 75.38
C GLU DB 46 -53.01 3.18 73.94
N ALA DB 47 -52.61 2.03 73.37
CA ALA DB 47 -52.20 2.00 71.98
C ALA DB 47 -53.34 2.41 71.07
N MET DB 48 -54.54 1.90 71.32
CA MET DB 48 -55.74 2.22 70.55
C MET DB 48 -56.76 2.87 71.48
N ARG DB 49 -56.62 4.16 71.69
CA ARG DB 49 -57.62 5.01 72.31
C ARG DB 49 -58.69 5.46 71.31
N PRO DB 50 -58.34 5.75 70.05
CA PRO DB 50 -59.40 6.13 69.08
C PRO DB 50 -60.57 5.16 69.02
N TYR DB 51 -60.31 3.86 69.08
CA TYR DB 51 -61.40 2.89 68.94
C TYR DB 51 -62.36 2.95 70.11
N ALA DB 52 -61.85 3.23 71.31
CA ALA DB 52 -62.75 3.43 72.45
C ALA DB 52 -63.66 4.62 72.23
N GLU DB 53 -63.12 5.71 71.66
CA GLU DB 53 -63.94 6.87 71.37
C GLU DB 53 -64.96 6.58 70.29
N MET DB 54 -64.57 5.84 69.24
CA MET DB 54 -65.54 5.47 68.22
C MET DB 54 -66.67 4.64 68.80
N VAL DB 55 -66.33 3.66 69.64
CA VAL DB 55 -67.37 2.84 70.24
C VAL DB 55 -68.29 3.69 71.11
N ARG DB 56 -67.72 4.59 71.89
CA ARG DB 56 -68.55 5.38 72.81
C ARG DB 56 -69.46 6.35 72.07
N HIS DB 57 -68.95 7.01 71.02
CA HIS DB 57 -69.81 7.88 70.23
C HIS DB 57 -70.85 7.12 69.42
N LEU DB 58 -70.52 5.93 68.92
CA LEU DB 58 -71.53 5.15 68.22
C LEU DB 58 -72.63 4.70 69.17
N GLY DB 59 -72.26 4.34 70.41
CA GLY DB 59 -73.28 4.09 71.41
C GLY DB 59 -74.12 5.31 71.70
N GLU DB 60 -73.50 6.50 71.75
CA GLU DB 60 -74.25 7.72 71.98
C GLU DB 60 -75.22 8.03 70.83
N ALA DB 61 -74.75 7.85 69.59
CA ALA DB 61 -75.63 8.07 68.44
C ALA DB 61 -76.81 7.11 68.46
N ALA DB 62 -76.55 5.85 68.81
CA ALA DB 62 -77.63 4.87 68.89
C ALA DB 62 -78.65 5.25 69.95
N VAL DB 63 -78.18 5.66 71.13
CA VAL DB 63 -79.16 5.99 72.18
C VAL DB 63 -79.89 7.29 71.85
N ALA DB 64 -79.23 8.23 71.17
CA ALA DB 64 -79.93 9.41 70.68
C ALA DB 64 -81.04 9.03 69.72
N ALA DB 65 -80.75 8.13 68.77
CA ALA DB 65 -81.77 7.68 67.84
C ALA DB 65 -82.93 6.99 68.55
N LEU DB 66 -82.61 6.16 69.55
CA LEU DB 66 -83.67 5.52 70.33
C LEU DB 66 -84.47 6.51 71.18
N GLU DB 67 -83.91 7.68 71.48
CA GLU DB 67 -84.63 8.63 72.33
C GLU DB 67 -85.01 9.89 71.57
N GLY DB 68 -85.59 9.73 70.38
CA GLY DB 68 -85.93 10.86 69.55
C GLY DB 68 -84.79 11.19 68.61
N ARG DB 69 -84.76 12.45 68.16
CA ARG DB 69 -83.65 13.01 67.41
C ARG DB 69 -83.43 12.36 66.05
N ALA DB 70 -82.88 13.13 65.12
CA ALA DB 70 -82.39 12.61 63.85
C ALA DB 70 -81.15 13.32 63.34
N GLU DB 71 -80.78 14.45 63.94
CA GLU DB 71 -79.64 15.27 63.53
C GLU DB 71 -78.40 15.00 64.37
N GLU DB 72 -78.58 14.76 65.67
CA GLU DB 72 -77.47 14.39 66.52
C GLU DB 72 -76.87 13.06 66.08
N ALA DB 73 -77.72 12.11 65.69
CA ALA DB 73 -77.23 10.85 65.16
C ALA DB 73 -76.41 11.07 63.91
N ASP DB 74 -76.89 11.94 63.01
CA ASP DB 74 -76.14 12.30 61.81
C ASP DB 74 -74.77 12.86 62.16
N ARG DB 75 -74.73 13.81 63.10
CA ARG DB 75 -73.47 14.46 63.44
C ARG DB 75 -72.49 13.47 64.06
N LEU DB 76 -72.97 12.65 64.99
CA LEU DB 76 -72.07 11.71 65.66
C LEU DB 76 -71.54 10.68 64.67
N VAL DB 77 -72.38 10.20 63.76
CA VAL DB 77 -71.91 9.23 62.77
C VAL DB 77 -70.89 9.88 61.84
N ARG DB 78 -71.10 11.15 61.49
CA ARG DB 78 -70.11 11.85 60.66
C ARG DB 78 -68.78 12.03 61.40
N ASP DB 79 -68.84 12.37 62.68
CA ASP DB 79 -67.62 12.49 63.48
C ASP DB 79 -66.87 11.18 63.55
N VAL DB 80 -67.59 10.08 63.79
CA VAL DB 80 -66.98 8.77 63.87
C VAL DB 80 -66.39 8.38 62.52
N LEU DB 81 -67.07 8.76 61.44
CA LEU DB 81 -66.51 8.52 60.11
C LEU DB 81 -65.20 9.28 59.93
N GLU DB 82 -65.13 10.51 60.44
CA GLU DB 82 -63.88 11.27 60.37
C GLU DB 82 -62.76 10.58 61.14
N MET DB 83 -63.04 10.09 62.35
CA MET DB 83 -62.03 9.35 63.08
C MET DB 83 -61.58 8.12 62.33
N ALA DB 84 -62.54 7.38 61.75
CA ALA DB 84 -62.19 6.20 60.97
C ALA DB 84 -61.32 6.57 59.79
N ARG DB 85 -61.58 7.71 59.15
CA ARG DB 85 -60.76 8.16 58.04
C ARG DB 85 -59.33 8.43 58.50
N GLU DB 86 -59.17 9.13 59.62
CA GLU DB 86 -57.82 9.52 60.02
C GLU DB 86 -57.01 8.33 60.55
N VAL DB 87 -57.66 7.44 61.31
CA VAL DB 87 -56.95 6.30 61.89
C VAL DB 87 -56.40 5.40 60.80
N GLY DB 88 -57.22 5.12 59.78
CA GLY DB 88 -56.84 4.22 58.71
C GLY DB 88 -57.79 3.05 58.52
N ALA DB 89 -58.87 2.96 59.28
CA ALA DB 89 -59.83 1.88 59.13
C ALA DB 89 -60.62 2.09 57.84
N GLU DB 90 -60.46 1.18 56.89
CA GLU DB 90 -61.14 1.31 55.60
C GLU DB 90 -62.52 0.69 55.62
N GLY DB 91 -62.61 -0.61 55.96
CA GLY DB 91 -63.90 -1.26 56.02
C GLY DB 91 -64.84 -0.61 57.01
N LEU DB 92 -64.31 -0.18 58.14
CA LEU DB 92 -65.12 0.52 59.12
C LEU DB 92 -65.65 1.83 58.56
N ALA DB 93 -64.81 2.56 57.82
CA ALA DB 93 -65.27 3.81 57.22
C ALA DB 93 -66.38 3.57 56.20
N ARG DB 94 -66.22 2.54 55.36
CA ARG DB 94 -67.27 2.23 54.39
C ARG DB 94 -68.58 1.89 55.09
N LEU DB 95 -68.51 1.02 56.10
CA LEU DB 95 -69.73 0.67 56.81
C LEU DB 95 -70.33 1.88 57.49
N LEU DB 96 -69.50 2.82 57.92
CA LEU DB 96 -70.02 4.01 58.59
C LEU DB 96 -70.74 4.94 57.61
N GLU DB 97 -70.22 5.06 56.39
CA GLU DB 97 -70.96 5.80 55.37
C GLU DB 97 -72.32 5.16 55.11
N ARG DB 98 -72.33 3.82 54.98
CA ARG DB 98 -73.59 3.12 54.74
C ARG DB 98 -74.57 3.33 55.90
N VAL DB 99 -74.08 3.28 57.13
CA VAL DB 99 -74.93 3.58 58.28
C VAL DB 99 -75.47 4.99 58.18
N HIS DB 100 -74.63 5.95 57.76
CA HIS DB 100 -75.09 7.33 57.65
C HIS DB 100 -76.28 7.44 56.71
N ARG DB 101 -76.14 6.91 55.48
CA ARG DB 101 -77.20 7.05 54.49
C ARG DB 101 -78.48 6.33 54.93
N GLU DB 102 -78.34 5.05 55.32
CA GLU DB 102 -79.53 4.33 55.73
C GLU DB 102 -80.19 4.97 56.95
N ALA DB 103 -79.42 5.28 57.99
CA ALA DB 103 -80.00 5.89 59.17
C ALA DB 103 -80.80 7.12 58.80
N ARG DB 104 -80.29 7.92 57.85
CA ARG DB 104 -81.09 9.04 57.35
C ARG DB 104 -82.41 8.56 56.77
N GLU DB 105 -82.36 7.54 55.90
CA GLU DB 105 -83.57 7.10 55.20
C GLU DB 105 -84.63 6.59 56.18
N LEU DB 106 -84.25 5.65 57.05
CA LEU DB 106 -85.23 5.08 57.96
C LEU DB 106 -85.65 6.09 59.04
N LEU DB 107 -84.80 7.04 59.40
CA LEU DB 107 -85.26 8.06 60.33
C LEU DB 107 -86.27 8.99 59.67
N ARG DB 108 -86.13 9.23 58.36
CA ARG DB 108 -87.17 9.95 57.64
C ARG DB 108 -88.46 9.15 57.61
N GLU DB 109 -88.36 7.83 57.39
CA GLU DB 109 -89.56 7.00 57.36
C GLU DB 109 -90.20 6.80 58.73
N GLY DB 110 -89.54 7.24 59.80
CA GLY DB 110 -90.11 7.14 61.14
C GLY DB 110 -89.79 5.87 61.89
N ARG DB 111 -89.09 4.91 61.29
CA ARG DB 111 -88.69 3.69 61.96
C ARG DB 111 -87.39 3.97 62.71
N ARG DB 112 -87.39 3.69 64.01
CA ARG DB 112 -86.25 4.03 64.86
C ARG DB 112 -85.41 2.83 65.27
N GLU DB 113 -86.04 1.68 65.51
CA GLU DB 113 -85.29 0.53 66.02
C GLU DB 113 -84.22 0.07 65.05
N GLU DB 114 -84.54 0.06 63.75
CA GLU DB 114 -83.59 -0.46 62.77
C GLU DB 114 -82.40 0.48 62.57
N ALA DB 115 -82.60 1.79 62.69
CA ALA DB 115 -81.47 2.72 62.60
C ALA DB 115 -80.50 2.51 63.74
N ALA DB 116 -81.01 2.38 64.97
CA ALA DB 116 -80.16 2.05 66.10
C ALA DB 116 -79.53 0.68 65.94
N ALA DB 117 -80.22 -0.25 65.26
CA ALA DB 117 -79.64 -1.55 65.00
C ALA DB 117 -78.42 -1.43 64.10
N LEU DB 118 -78.53 -0.63 63.04
CA LEU DB 118 -77.36 -0.40 62.19
C LEU DB 118 -76.23 0.26 62.97
N VAL DB 119 -76.56 1.22 63.83
CA VAL DB 119 -75.53 1.91 64.60
C VAL DB 119 -74.85 0.95 65.57
N LEU DB 120 -75.63 0.10 66.24
CA LEU DB 120 -75.06 -0.87 67.17
C LEU DB 120 -74.18 -1.88 66.46
N ALA DB 121 -74.59 -2.32 65.26
CA ALA DB 121 -73.72 -3.18 64.47
C ALA DB 121 -72.42 -2.46 64.13
N ALA DB 122 -72.49 -1.17 63.83
CA ALA DB 122 -71.28 -0.41 63.53
C ALA DB 122 -70.35 -0.33 64.74
N ALA DB 123 -70.92 -0.07 65.92
CA ALA DB 123 -70.12 -0.02 67.14
C ALA DB 123 -69.45 -1.35 67.42
N LEU DB 124 -70.20 -2.45 67.27
CA LEU DB 124 -69.62 -3.77 67.48
C LEU DB 124 -68.52 -4.06 66.47
N ALA DB 125 -68.71 -3.64 65.22
CA ALA DB 125 -67.66 -3.83 64.23
C ALA DB 125 -66.39 -3.08 64.63
N ALA DB 126 -66.53 -1.84 65.10
CA ALA DB 126 -65.36 -1.07 65.52
C ALA DB 126 -64.64 -1.73 66.69
N GLY DB 127 -65.39 -2.11 67.73
CA GLY DB 127 -64.78 -2.74 68.89
C GLY DB 127 -64.12 -4.06 68.56
N ALA DB 128 -64.81 -4.91 67.79
CA ALA DB 128 -64.24 -6.21 67.43
C ALA DB 128 -63.03 -6.05 66.55
N VAL DB 129 -63.02 -5.06 65.65
CA VAL DB 129 -61.83 -4.80 64.85
C VAL DB 129 -60.66 -4.41 65.73
N ALA DB 130 -60.90 -3.53 66.71
CA ALA DB 130 -59.83 -3.14 67.62
C ALA DB 130 -59.26 -4.33 68.36
N VAL DB 131 -60.14 -5.13 68.98
CA VAL DB 131 -59.67 -6.24 69.80
C VAL DB 131 -58.98 -7.30 68.95
N ALA DB 132 -59.50 -7.56 67.75
CA ALA DB 132 -58.87 -8.54 66.88
C ALA DB 132 -57.49 -8.09 66.44
N GLU DB 133 -57.33 -6.81 66.11
CA GLU DB 133 -55.99 -6.32 65.76
C GLU DB 133 -55.05 -6.39 66.94
N ALA DB 134 -55.57 -6.14 68.15
CA ALA DB 134 -54.74 -6.30 69.35
C ALA DB 134 -54.28 -7.73 69.50
N TYR DB 135 -55.18 -8.69 69.34
CA TYR DB 135 -54.84 -10.10 69.47
C TYR DB 135 -53.81 -10.51 68.43
N VAL DB 136 -53.97 -10.02 67.19
CA VAL DB 136 -53.02 -10.37 66.14
C VAL DB 136 -51.66 -9.75 66.41
N ARG DB 137 -51.62 -8.53 66.97
CA ARG DB 137 -50.35 -7.85 67.19
C ARG DB 137 -49.48 -8.60 68.17
N LEU DB 138 -50.05 -9.10 69.26
CA LEU DB 138 -49.31 -9.85 70.25
C LEU DB 138 -49.36 -11.36 70.04
N GLY DB 139 -49.80 -11.81 68.87
CA GLY DB 139 -49.66 -13.19 68.45
C GLY DB 139 -50.40 -14.25 69.25
N GLN DB 140 -51.65 -13.99 69.61
CA GLN DB 140 -52.44 -15.02 70.27
C GLN DB 140 -53.06 -15.97 69.24
N PRO DB 141 -53.42 -17.18 69.64
CA PRO DB 141 -53.93 -18.17 68.68
C PRO DB 141 -55.26 -17.74 68.09
N ILE DB 142 -55.57 -18.34 66.93
CA ILE DB 142 -56.78 -18.00 66.18
C ILE DB 142 -58.06 -18.51 66.84
N ARG DB 143 -57.98 -19.59 67.63
CA ARG DB 143 -59.16 -20.03 68.37
C ARG DB 143 -59.73 -18.91 69.21
N LEU DB 144 -58.85 -18.10 69.81
CA LEU DB 144 -59.31 -17.02 70.68
C LEU DB 144 -60.09 -15.97 69.90
N ILE DB 145 -59.57 -15.55 68.75
CA ILE DB 145 -60.29 -14.58 67.93
C ILE DB 145 -61.61 -15.15 67.49
N ALA DB 146 -61.63 -16.41 67.04
CA ALA DB 146 -62.86 -17.00 66.54
C ALA DB 146 -63.92 -17.09 67.63
N GLU DB 147 -63.54 -17.57 68.82
CA GLU DB 147 -64.51 -17.69 69.90
C GLU DB 147 -64.98 -16.32 70.37
N TYR DB 148 -64.07 -15.35 70.45
CA TYR DB 148 -64.46 -14.00 70.84
C TYR DB 148 -65.50 -13.43 69.90
N VAL DB 149 -65.21 -13.46 68.60
CA VAL DB 149 -66.11 -12.86 67.62
C VAL DB 149 -67.45 -13.57 67.63
N ALA DB 150 -67.45 -14.91 67.68
CA ALA DB 150 -68.71 -15.64 67.66
C ALA DB 150 -69.56 -15.32 68.87
N GLU DB 151 -68.95 -15.23 70.06
CA GLU DB 151 -69.75 -14.92 71.24
C GLU DB 151 -70.28 -13.50 71.19
N ARG DB 152 -69.49 -12.57 70.65
CA ARG DB 152 -69.98 -11.20 70.51
C ARG DB 152 -71.17 -11.14 69.56
N LEU DB 153 -71.11 -11.87 68.45
CA LEU DB 153 -72.23 -11.90 67.52
C LEU DB 153 -73.47 -12.47 68.17
N VAL DB 154 -73.31 -13.51 68.97
CA VAL DB 154 -74.47 -14.09 69.64
C VAL DB 154 -75.09 -13.08 70.61
N GLU DB 155 -74.25 -12.37 71.37
CA GLU DB 155 -74.77 -11.37 72.30
C GLU DB 155 -75.51 -10.25 71.56
N LEU DB 156 -74.94 -9.77 70.45
CA LEU DB 156 -75.61 -8.74 69.67
C LEU DB 156 -76.93 -9.24 69.10
N ALA DB 157 -76.97 -10.50 68.64
CA ALA DB 157 -78.22 -11.05 68.12
C ALA DB 157 -79.28 -11.11 69.21
N GLU DB 158 -78.88 -11.46 70.42
CA GLU DB 158 -79.84 -11.45 71.53
C GLU DB 158 -80.36 -10.05 71.78
N LEU DB 159 -79.47 -9.05 71.75
CA LEU DB 159 -79.90 -7.67 71.96
C LEU DB 159 -80.88 -7.22 70.89
N LEU DB 160 -80.55 -7.48 69.62
CA LEU DB 160 -81.41 -7.06 68.53
C LEU DB 160 -82.75 -7.78 68.57
N ARG DB 161 -82.77 -9.04 69.02
CA ARG DB 161 -84.03 -9.71 69.24
C ARG DB 161 -84.83 -9.01 70.33
N ARG DB 162 -84.15 -8.52 71.37
CA ARG DB 162 -84.85 -7.80 72.43
C ARG DB 162 -85.47 -6.50 71.90
N LEU DB 163 -84.74 -5.76 71.07
CA LEU DB 163 -85.26 -4.50 70.54
C LEU DB 163 -86.51 -4.72 69.69
N GLY DB 164 -86.42 -5.61 68.71
CA GLY DB 164 -87.57 -5.88 67.85
C GLY DB 164 -87.28 -5.97 66.37
N VAL DB 165 -86.00 -5.95 66.00
CA VAL DB 165 -85.63 -6.04 64.58
C VAL DB 165 -86.05 -7.40 64.03
N PRO DB 166 -86.57 -7.49 62.80
CA PRO DB 166 -86.85 -8.81 62.21
C PRO DB 166 -85.58 -9.60 61.98
N LEU DB 167 -85.74 -10.93 62.03
CA LEU DB 167 -84.59 -11.82 62.14
C LEU DB 167 -83.69 -11.77 60.91
N ARG DB 168 -84.24 -11.58 59.74
CA ARG DB 168 -83.43 -11.62 58.53
C ARG DB 168 -82.59 -10.38 58.43
N ARG DB 169 -83.06 -9.26 58.96
CA ARG DB 169 -82.20 -8.09 59.11
C ARG DB 169 -81.11 -8.33 60.13
N ILE DB 170 -81.44 -9.05 61.21
CA ILE DB 170 -80.42 -9.40 62.19
C ILE DB 170 -79.28 -10.14 61.53
N ILE DB 171 -79.60 -11.17 60.75
CA ILE DB 171 -78.56 -11.98 60.14
C ILE DB 171 -77.78 -11.17 59.12
N ARG DB 172 -78.44 -10.26 58.40
CA ARG DB 172 -77.73 -9.43 57.45
C ARG DB 172 -76.74 -8.49 58.15
N LEU DB 173 -77.14 -7.89 59.27
CA LEU DB 173 -76.23 -7.04 60.01
C LEU DB 173 -75.05 -7.83 60.57
N LEU DB 174 -75.33 -9.03 61.09
CA LEU DB 174 -74.25 -9.86 61.62
C LEU DB 174 -73.25 -10.24 60.54
N GLU DB 175 -73.74 -10.52 59.34
CA GLU DB 175 -72.83 -10.81 58.24
C GLU DB 175 -72.02 -9.59 57.85
N GLU DB 176 -72.61 -8.39 57.94
CA GLU DB 176 -71.84 -7.18 57.68
C GLU DB 176 -70.71 -7.03 58.69
N VAL DB 177 -71.01 -7.27 59.96
CA VAL DB 177 -70.00 -7.21 61.02
C VAL DB 177 -68.88 -8.20 60.72
N LEU DB 178 -69.25 -9.43 60.35
CA LEU DB 178 -68.25 -10.44 60.05
C LEU DB 178 -67.39 -10.03 58.87
N ARG DB 179 -67.99 -9.39 57.87
CA ARG DB 179 -67.22 -8.95 56.71
C ARG DB 179 -66.19 -7.91 57.12
N VAL DB 180 -66.60 -6.95 57.96
CA VAL DB 180 -65.65 -5.93 58.41
C VAL DB 180 -64.51 -6.57 59.20
N VAL DB 181 -64.84 -7.49 60.10
CA VAL DB 181 -63.81 -8.16 60.91
C VAL DB 181 -62.85 -8.92 60.02
N ALA DB 182 -63.37 -9.62 59.01
CA ALA DB 182 -62.50 -10.36 58.10
C ALA DB 182 -61.58 -9.41 57.33
N GLU DB 183 -62.10 -8.26 56.89
CA GLU DB 183 -61.24 -7.29 56.22
C GLU DB 183 -60.14 -6.78 57.15
N ALA DB 184 -60.49 -6.51 58.40
CA ALA DB 184 -59.49 -6.06 59.37
C ALA DB 184 -58.41 -7.10 59.55
N LEU DB 185 -58.80 -8.37 59.71
CA LEU DB 185 -57.81 -9.43 59.89
C LEU DB 185 -56.97 -9.62 58.64
N ARG DB 186 -57.54 -9.38 57.46
CA ARG DB 186 -56.76 -9.44 56.23
C ARG DB 186 -55.70 -8.34 56.19
N ARG DB 187 -56.06 -7.13 56.62
CA ARG DB 187 -55.08 -6.04 56.61
C ARG DB 187 -53.97 -6.26 57.62
N ALA DB 188 -54.22 -7.06 58.65
CA ALA DB 188 -53.21 -7.36 59.66
C ALA DB 188 -52.30 -8.51 59.25
N GLY DB 189 -52.47 -9.06 58.05
CA GLY DB 189 -51.60 -10.10 57.56
C GLY DB 189 -51.99 -11.51 57.94
N VAL DB 190 -53.14 -11.70 58.58
CA VAL DB 190 -53.56 -13.06 58.95
C VAL DB 190 -53.80 -13.88 57.68
N PRO DB 191 -53.28 -15.09 57.58
CA PRO DB 191 -53.47 -15.88 56.36
C PRO DB 191 -54.94 -16.18 56.10
N GLU DB 192 -55.28 -16.30 54.81
CA GLU DB 192 -56.68 -16.45 54.41
C GLU DB 192 -57.37 -17.66 55.03
N PRO DB 193 -56.78 -18.86 55.07
CA PRO DB 193 -57.49 -19.99 55.68
C PRO DB 193 -57.91 -19.75 57.12
N GLU DB 194 -57.13 -19.01 57.90
CA GLU DB 194 -57.54 -18.71 59.26
C GLU DB 194 -58.76 -17.79 59.26
N ILE DB 195 -58.83 -16.85 58.32
CA ILE DB 195 -60.01 -16.00 58.21
C ILE DB 195 -61.24 -16.84 57.87
N ARG DB 196 -61.09 -17.79 56.95
CA ARG DB 196 -62.21 -18.66 56.61
C ARG DB 196 -62.62 -19.50 57.81
N LYS DB 197 -61.65 -19.97 58.60
CA LYS DB 197 -62.00 -20.72 59.80
C LYS DB 197 -62.76 -19.84 60.78
N VAL DB 198 -62.36 -18.58 60.92
CA VAL DB 198 -63.07 -17.67 61.82
C VAL DB 198 -64.52 -17.52 61.38
N GLU DB 199 -64.73 -17.26 60.08
CA GLU DB 199 -66.10 -17.05 59.59
C GLU DB 199 -66.93 -18.32 59.71
N ALA DB 200 -66.37 -19.47 59.35
CA ALA DB 200 -67.11 -20.72 59.43
C ALA DB 200 -67.49 -21.05 60.86
N ALA DB 201 -66.59 -20.80 61.82
CA ALA DB 201 -66.93 -20.98 63.22
C ALA DB 201 -68.06 -20.04 63.62
N ALA DB 202 -68.03 -18.80 63.14
CA ALA DB 202 -69.10 -17.85 63.45
C ALA DB 202 -70.44 -18.33 62.92
N TYR DB 203 -70.45 -18.85 61.70
CA TYR DB 203 -71.70 -19.31 61.10
C TYR DB 203 -72.24 -20.54 61.80
N ILE DB 204 -71.36 -21.47 62.20
CA ILE DB 204 -71.82 -22.66 62.92
C ILE DB 204 -72.35 -22.27 64.29
N ARG DB 205 -71.73 -21.29 64.95
CA ARG DB 205 -72.24 -20.83 66.23
C ARG DB 205 -73.61 -20.17 66.07
N LEU DB 206 -73.78 -19.33 65.04
CA LEU DB 206 -75.07 -18.70 64.80
C LEU DB 206 -76.14 -19.72 64.48
N ALA DB 207 -75.81 -20.72 63.66
CA ALA DB 207 -76.77 -21.76 63.31
C ALA DB 207 -77.18 -22.56 64.53
N ALA DB 208 -76.22 -22.91 65.39
CA ALA DB 208 -76.54 -23.62 66.62
C ALA DB 208 -77.42 -22.78 67.53
N TYR DB 209 -77.13 -21.47 67.62
CA TYR DB 209 -77.94 -20.58 68.42
C TYR DB 209 -79.37 -20.52 67.92
N LEU DB 210 -79.55 -20.44 66.60
CA LEU DB 210 -80.91 -20.42 66.05
C LEU DB 210 -81.63 -21.74 66.29
N LEU DB 211 -80.92 -22.85 66.13
CA LEU DB 211 -81.55 -24.16 66.30
C LEU DB 211 -81.94 -24.41 67.74
N ARG DB 212 -81.23 -23.82 68.70
CA ARG DB 212 -81.51 -24.11 70.10
C ARG DB 212 -82.86 -23.55 70.53
N GLN DB 213 -83.27 -22.40 70.00
CA GLN DB 213 -84.50 -21.76 70.46
C GLN DB 213 -85.72 -22.61 70.17
N LEU DB 214 -85.74 -23.29 69.02
CA LEU DB 214 -86.89 -24.08 68.61
C LEU DB 214 -86.92 -25.46 69.23
N GLY DB 215 -85.91 -25.82 70.02
CA GLY DB 215 -85.96 -27.08 70.73
C GLY DB 215 -85.31 -28.21 69.98
N TYR DB 216 -84.21 -27.93 69.28
CA TYR DB 216 -83.38 -28.96 68.65
C TYR DB 216 -82.04 -28.93 69.38
N GLU DB 217 -82.00 -29.62 70.52
CA GLU DB 217 -80.79 -29.60 71.32
C GLU DB 217 -79.69 -30.47 70.71
N ALA DB 218 -80.04 -31.71 70.34
CA ALA DB 218 -79.04 -32.62 69.82
C ALA DB 218 -78.37 -32.07 68.57
N LEU DB 219 -79.15 -31.43 67.70
CA LEU DB 219 -78.58 -30.79 66.52
C LEU DB 219 -77.55 -29.74 66.90
N ALA DB 220 -77.86 -28.92 67.91
CA ALA DB 220 -76.93 -27.88 68.33
C ALA DB 220 -75.65 -28.48 68.93
N LYS DB 221 -75.79 -29.54 69.73
CA LYS DB 221 -74.60 -30.16 70.30
C LYS DB 221 -73.71 -30.74 69.20
N ARG DB 222 -74.30 -31.38 68.20
CA ARG DB 222 -73.48 -31.95 67.13
C ARG DB 222 -72.81 -30.85 66.30
N LEU DB 223 -73.51 -29.74 66.07
CA LEU DB 223 -72.89 -28.62 65.36
C LEU DB 223 -71.73 -28.05 66.15
N LEU DB 224 -71.88 -27.97 67.47
CA LEU DB 224 -70.79 -27.42 68.28
C LEU DB 224 -69.62 -28.40 68.40
N GLU DB 225 -69.89 -29.71 68.39
CA GLU DB 225 -68.81 -30.69 68.32
C GLU DB 225 -68.02 -30.54 67.03
N ALA DB 226 -68.72 -30.38 65.90
CA ALA DB 226 -68.03 -30.15 64.64
C ALA DB 226 -67.22 -28.87 64.68
N ARG DB 227 -67.75 -27.83 65.32
CA ARG DB 227 -67.00 -26.58 65.45
C ARG DB 227 -65.75 -26.77 66.29
N GLU DB 228 -65.85 -27.52 67.39
CA GLU DB 228 -64.68 -27.80 68.21
C GLU DB 228 -63.61 -28.54 67.42
N LEU DB 229 -64.02 -29.54 66.64
CA LEU DB 229 -63.04 -30.23 65.81
C LEU DB 229 -62.45 -29.30 64.76
N LEU DB 230 -63.20 -28.29 64.32
CA LEU DB 230 -62.68 -27.37 63.32
C LEU DB 230 -61.64 -26.44 63.91
N LEU DB 231 -61.92 -25.88 65.09
CA LEU DB 231 -61.01 -24.89 65.68
C LEU DB 231 -59.67 -25.50 66.09
N GLU DB 232 -59.62 -26.82 66.24
CA GLU DB 232 -58.40 -27.53 66.62
C GLU DB 232 -57.50 -27.85 65.44
N GLY DB 233 -57.91 -27.50 64.22
CA GLY DB 233 -57.15 -27.81 63.03
C GLY DB 233 -57.55 -29.09 62.34
N ARG DB 234 -58.36 -29.94 62.98
CA ARG DB 234 -58.87 -31.15 62.34
C ARG DB 234 -59.99 -30.77 61.39
N VAL DB 235 -59.60 -30.34 60.19
CA VAL DB 235 -60.58 -29.90 59.21
C VAL DB 235 -61.37 -31.08 58.66
N GLU DB 236 -60.72 -32.21 58.44
CA GLU DB 236 -61.35 -33.33 57.74
C GLU DB 236 -62.46 -33.96 58.57
N GLU DB 237 -62.18 -34.22 59.86
CA GLU DB 237 -63.21 -34.76 60.72
C GLU DB 237 -64.34 -33.76 60.92
N ALA DB 238 -64.00 -32.47 60.97
CA ALA DB 238 -65.03 -31.44 61.07
C ALA DB 238 -65.94 -31.46 59.86
N ALA DB 239 -65.38 -31.57 58.66
CA ALA DB 239 -66.19 -31.63 57.46
C ALA DB 239 -67.04 -32.88 57.40
N HIS DB 240 -66.49 -34.02 57.80
CA HIS DB 240 -67.28 -35.26 57.79
C HIS DB 240 -68.46 -35.17 58.76
N LEU DB 241 -68.21 -34.72 59.98
CA LEU DB 241 -69.28 -34.65 60.97
C LEU DB 241 -70.30 -33.58 60.61
N LEU DB 242 -69.83 -32.47 60.03
CA LEU DB 242 -70.74 -31.43 59.58
C LEU DB 242 -71.64 -31.94 58.47
N GLU DB 243 -71.09 -32.66 57.50
CA GLU DB 243 -71.92 -33.17 56.42
C GLU DB 243 -72.92 -34.20 56.93
N ASP DB 244 -72.55 -35.02 57.91
CA ASP DB 244 -73.51 -35.97 58.46
C ASP DB 244 -74.67 -35.25 59.15
N VAL DB 245 -74.36 -34.29 60.01
CA VAL DB 245 -75.43 -33.61 60.73
C VAL DB 245 -76.26 -32.77 59.76
N TYR DB 246 -75.65 -32.19 58.73
CA TYR DB 246 -76.39 -31.45 57.73
C TYR DB 246 -77.33 -32.35 56.95
N ALA DB 247 -76.89 -33.56 56.61
CA ALA DB 247 -77.78 -34.48 55.90
C ALA DB 247 -78.98 -34.84 56.74
N LEU DB 248 -78.77 -35.12 58.03
CA LEU DB 248 -79.92 -35.43 58.88
C LEU DB 248 -80.87 -34.24 59.00
N PHE DB 249 -80.30 -33.04 59.20
CA PHE DB 249 -81.11 -31.84 59.31
C PHE DB 249 -81.89 -31.56 58.04
N HIS DB 250 -81.27 -31.76 56.88
CA HIS DB 250 -81.92 -31.42 55.62
C HIS DB 250 -83.03 -32.42 55.31
N ARG DB 251 -82.83 -33.68 55.67
CA ARG DB 251 -83.94 -34.63 55.59
C ARG DB 251 -85.09 -34.18 56.47
N GLU DB 252 -84.78 -33.68 57.67
CA GLU DB 252 -85.84 -33.18 58.54
C GLU DB 252 -86.55 -31.99 57.92
N ILE DB 253 -85.81 -31.11 57.24
CA ILE DB 253 -86.42 -29.96 56.57
C ILE DB 253 -87.36 -30.43 55.48
N GLU DB 254 -86.89 -31.33 54.61
CA GLU DB 254 -87.72 -31.83 53.51
C GLU DB 254 -88.90 -32.65 54.01
N ARG DB 255 -88.86 -33.13 55.25
CA ARG DB 255 -90.02 -33.80 55.81
C ARG DB 255 -91.22 -32.87 55.87
N LEU DB 256 -91.00 -31.62 56.26
CA LEU DB 256 -92.09 -30.67 56.46
C LEU DB 256 -92.62 -30.07 55.16
N GLY DB 257 -92.00 -30.37 54.02
CA GLY DB 257 -92.57 -29.96 52.75
C GLY DB 257 -92.49 -28.46 52.54
N PHE DB 258 -93.64 -27.87 52.18
CA PHE DB 258 -93.75 -26.42 51.97
C PHE DB 258 -94.29 -25.74 53.23
N GLU DB 259 -93.61 -25.97 54.34
CA GLU DB 259 -93.91 -25.34 55.61
C GLU DB 259 -92.77 -25.61 56.56
N ALA DB 260 -92.31 -24.56 57.25
CA ALA DB 260 -91.26 -24.67 58.26
C ALA DB 260 -91.09 -23.33 58.96
N PRO DB 261 -90.79 -23.32 60.26
CA PRO DB 261 -90.53 -22.04 60.94
C PRO DB 261 -89.38 -21.31 60.28
N GLU DB 262 -89.42 -19.98 60.36
CA GLU DB 262 -88.50 -19.17 59.57
C GLU DB 262 -87.05 -19.40 60.01
N GLU DB 263 -86.83 -19.71 61.29
CA GLU DB 263 -85.47 -19.92 61.76
C GLU DB 263 -84.85 -21.17 61.17
N LEU DB 264 -85.65 -22.20 60.90
CA LEU DB 264 -85.14 -23.35 60.14
C LEU DB 264 -84.65 -22.91 58.78
N ARG DB 265 -85.42 -22.07 58.11
CA ARG DB 265 -85.06 -21.63 56.77
C ARG DB 265 -83.78 -20.81 56.78
N VAL DB 266 -83.60 -19.97 57.81
CA VAL DB 266 -82.37 -19.18 57.89
C VAL DB 266 -81.18 -20.06 58.25
N ALA DB 267 -81.37 -20.97 59.20
CA ALA DB 267 -80.30 -21.86 59.61
C ALA DB 267 -79.83 -22.73 58.46
N ASP DB 268 -80.72 -23.09 57.54
CA ASP DB 268 -80.32 -23.88 56.39
C ASP DB 268 -79.28 -23.13 55.55
N LEU DB 269 -79.52 -21.85 55.29
CA LEU DB 269 -78.54 -21.08 54.51
C LEU DB 269 -77.27 -20.85 55.30
N LEU DB 270 -77.38 -20.66 56.63
CA LEU DB 270 -76.18 -20.49 57.45
C LEU DB 270 -75.32 -21.74 57.39
N LEU DB 271 -75.93 -22.92 57.51
CA LEU DB 271 -75.20 -24.17 57.46
C LEU DB 271 -74.59 -24.41 56.08
N ALA DB 272 -75.32 -24.05 55.02
CA ALA DB 272 -74.76 -24.21 53.68
C ALA DB 272 -73.52 -23.36 53.50
N ARG DB 273 -73.56 -22.10 53.96
CA ARG DB 273 -72.39 -21.24 53.82
C ARG DB 273 -71.23 -21.72 54.70
N ALA DB 274 -71.54 -22.21 55.90
CA ALA DB 274 -70.49 -22.74 56.76
C ALA DB 274 -69.79 -23.91 56.10
N ILE DB 275 -70.56 -24.82 55.50
CA ILE DB 275 -69.98 -25.97 54.82
C ILE DB 275 -69.15 -25.53 53.62
N ALA DB 276 -69.64 -24.56 52.86
CA ALA DB 276 -68.87 -24.07 51.72
C ALA DB 276 -67.54 -23.47 52.17
N LEU DB 277 -67.57 -22.69 53.26
CA LEU DB 277 -66.33 -22.09 53.76
C LEU DB 277 -65.35 -23.13 54.23
N ILE DB 278 -65.84 -24.15 54.96
CA ILE DB 278 -64.94 -25.20 55.43
C ILE DB 278 -64.32 -25.94 54.24
N LYS DB 279 -65.12 -26.24 53.22
CA LYS DB 279 -64.59 -26.91 52.04
C LYS DB 279 -63.57 -26.04 51.31
N ALA DB 280 -63.73 -24.71 51.35
CA ALA DB 280 -62.81 -23.84 50.65
C ALA DB 280 -61.52 -23.55 51.41
N ILE DB 281 -61.42 -23.97 52.66
CA ILE DB 281 -60.18 -23.81 53.43
C ILE DB 281 -59.01 -24.48 52.72
N THR EB 24 -114.44 -6.04 22.47
CA THR EB 24 -113.58 -5.30 23.37
C THR EB 24 -112.12 -5.69 23.15
N VAL EB 25 -111.90 -6.79 22.43
CA VAL EB 25 -110.55 -7.32 22.24
C VAL EB 25 -109.68 -6.33 21.48
N VAL EB 26 -110.21 -5.77 20.39
CA VAL EB 26 -109.46 -4.79 19.63
C VAL EB 26 -109.24 -3.52 20.45
N GLU EB 27 -110.23 -3.15 21.26
CA GLU EB 27 -110.04 -2.03 22.18
C GLU EB 27 -108.94 -2.33 23.19
N GLU EB 28 -108.87 -3.58 23.67
CA GLU EB 28 -107.80 -3.95 24.59
C GLU EB 28 -106.45 -3.86 23.91
N VAL EB 29 -106.35 -4.29 22.65
CA VAL EB 29 -105.08 -4.20 21.93
C VAL EB 29 -104.68 -2.74 21.73
N ARG EB 30 -105.64 -1.89 21.35
CA ARG EB 30 -105.35 -0.47 21.20
C ARG EB 30 -104.89 0.14 22.51
N ARG EB 31 -105.60 -0.17 23.60
CA ARG EB 31 -105.23 0.38 24.91
C ARG EB 31 -103.85 -0.08 25.32
N PHE EB 32 -103.53 -1.36 25.10
CA PHE EB 32 -102.22 -1.89 25.43
C PHE EB 32 -101.12 -1.17 24.67
N ALA EB 33 -101.31 -1.01 23.35
CA ALA EB 33 -100.28 -0.35 22.54
C ALA EB 33 -100.11 1.11 22.95
N GLU EB 34 -101.23 1.82 23.16
CA GLU EB 34 -101.14 3.24 23.51
C GLU EB 34 -100.50 3.43 24.88
N GLU EB 35 -100.86 2.58 25.86
CA GLU EB 35 -100.26 2.70 27.17
C GLU EB 35 -98.76 2.43 27.12
N LEU EB 36 -98.34 1.43 26.35
CA LEU EB 36 -96.92 1.17 26.22
C LEU EB 36 -96.20 2.35 25.56
N ALA EB 37 -96.82 2.96 24.54
CA ALA EB 37 -96.20 4.10 23.88
C ALA EB 37 -96.10 5.30 24.81
N GLU EB 38 -97.15 5.56 25.59
CA GLU EB 38 -97.10 6.65 26.55
C GLU EB 38 -95.99 6.43 27.58
N GLU EB 39 -95.87 5.20 28.08
CA GLU EB 39 -94.80 4.91 29.05
C GLU EB 39 -93.43 5.08 28.41
N VAL EB 40 -93.29 4.70 27.14
CA VAL EB 40 -92.02 4.87 26.46
C VAL EB 40 -91.66 6.35 26.40
N LEU EB 41 -92.64 7.18 26.06
CA LEU EB 41 -92.39 8.63 25.97
C LEU EB 41 -92.10 9.23 27.35
N ARG EB 42 -92.82 8.78 28.38
CA ARG EB 42 -92.58 9.32 29.72
C ARG EB 42 -91.18 8.97 30.22
N VAL EB 43 -90.76 7.71 30.05
CA VAL EB 43 -89.46 7.32 30.55
C VAL EB 43 -88.34 7.96 29.72
N GLY EB 44 -88.46 7.92 28.39
CA GLY EB 44 -87.41 8.40 27.53
C GLY EB 44 -87.57 9.80 26.99
N GLY EB 45 -88.72 10.43 27.20
CA GLY EB 45 -88.89 11.78 26.71
C GLY EB 45 -89.00 11.84 25.19
N GLU EB 46 -88.51 12.95 24.65
CA GLU EB 46 -88.47 13.14 23.21
C GLU EB 46 -87.19 12.63 22.59
N ALA EB 47 -86.30 12.02 23.38
CA ALA EB 47 -85.08 11.46 22.82
C ALA EB 47 -85.39 10.34 21.83
N MET EB 48 -86.34 9.47 22.19
CA MET EB 48 -86.84 8.40 21.31
C MET EB 48 -88.35 8.57 21.13
N ARG EB 49 -88.72 9.41 20.17
CA ARG EB 49 -90.06 9.47 19.60
C ARG EB 49 -90.30 8.38 18.58
N PRO EB 50 -89.30 7.94 17.81
CA PRO EB 50 -89.54 6.83 16.87
C PRO EB 50 -90.17 5.60 17.51
N TYR EB 51 -89.73 5.22 18.72
CA TYR EB 51 -90.23 4.00 19.33
C TYR EB 51 -91.71 4.11 19.66
N ALA EB 52 -92.18 5.30 20.03
CA ALA EB 52 -93.61 5.48 20.26
C ALA EB 52 -94.41 5.27 18.97
N GLU EB 53 -93.89 5.78 17.86
CA GLU EB 53 -94.56 5.57 16.58
C GLU EB 53 -94.56 4.10 16.20
N MET EB 54 -93.45 3.41 16.44
CA MET EB 54 -93.36 1.99 16.12
C MET EB 54 -94.37 1.19 16.94
N VAL EB 55 -94.47 1.48 18.24
CA VAL EB 55 -95.45 0.80 19.07
C VAL EB 55 -96.86 1.09 18.59
N ARG EB 56 -97.13 2.34 18.22
CA ARG EB 56 -98.49 2.70 17.83
C ARG EB 56 -98.88 2.06 16.50
N HIS EB 57 -97.97 2.01 15.53
CA HIS EB 57 -98.27 1.31 14.28
C HIS EB 57 -98.36 -0.20 14.46
N LEU EB 58 -97.57 -0.80 15.33
CA LEU EB 58 -97.73 -2.23 15.55
C LEU EB 58 -99.07 -2.52 16.24
N GLY EB 59 -99.50 -1.64 17.14
CA GLY EB 59 -100.84 -1.78 17.67
C GLY EB 59 -101.90 -1.66 16.59
N GLU EB 60 -101.71 -0.73 15.66
CA GLU EB 60 -102.67 -0.57 14.56
C GLU EB 60 -102.69 -1.79 13.64
N ALA EB 61 -101.52 -2.34 13.32
CA ALA EB 61 -101.46 -3.54 12.50
C ALA EB 61 -102.15 -4.71 13.18
N ALA EB 62 -101.95 -4.85 14.49
CA ALA EB 62 -102.62 -5.91 15.23
C ALA EB 62 -104.13 -5.76 15.19
N VAL EB 63 -104.63 -4.54 15.40
CA VAL EB 63 -106.08 -4.39 15.41
C VAL EB 63 -106.66 -4.54 14.00
N ALA EB 64 -105.90 -4.13 12.98
CA ALA EB 64 -106.32 -4.38 11.61
C ALA EB 64 -106.46 -5.87 11.35
N ALA EB 65 -105.47 -6.66 11.79
CA ALA EB 65 -105.55 -8.11 11.61
C ALA EB 65 -106.74 -8.70 12.36
N LEU EB 66 -106.98 -8.22 13.59
CA LEU EB 66 -108.14 -8.73 14.35
C LEU EB 66 -109.47 -8.30 13.76
N GLU EB 67 -109.50 -7.24 12.94
CA GLU EB 67 -110.77 -6.77 12.38
C GLU EB 67 -110.84 -6.96 10.88
N GLY EB 68 -110.48 -8.15 10.40
CA GLY EB 68 -110.41 -8.40 8.98
C GLY EB 68 -109.02 -8.12 8.45
N ARG EB 69 -108.97 -7.83 7.15
CA ARG EB 69 -107.77 -7.32 6.48
C ARG EB 69 -106.61 -8.31 6.47
N ALA EB 70 -105.77 -8.20 5.43
CA ALA EB 70 -104.49 -8.89 5.38
C ALA EB 70 -103.39 -8.06 4.76
N GLU EB 71 -103.72 -7.00 4.02
CA GLU EB 71 -102.76 -6.18 3.29
C GLU EB 71 -102.33 -4.96 4.09
N GLU EB 72 -103.25 -4.36 4.84
CA GLU EB 72 -102.88 -3.26 5.73
C GLU EB 72 -101.89 -3.73 6.79
N ALA EB 73 -102.08 -4.94 7.31
CA ALA EB 73 -101.13 -5.49 8.27
C ALA EB 73 -99.75 -5.62 7.65
N ASP EB 74 -99.67 -6.13 6.43
CA ASP EB 74 -98.39 -6.26 5.74
C ASP EB 74 -97.74 -4.90 5.55
N ARG EB 75 -98.53 -3.91 5.12
CA ARG EB 75 -97.97 -2.59 4.86
C ARG EB 75 -97.45 -1.94 6.14
N LEU EB 76 -98.23 -1.99 7.21
CA LEU EB 76 -97.81 -1.39 8.46
C LEU EB 76 -96.57 -2.08 9.01
N VAL EB 77 -96.52 -3.41 8.94
CA VAL EB 77 -95.35 -4.12 9.43
C VAL EB 77 -94.12 -3.76 8.61
N ARG EB 78 -94.29 -3.57 7.30
CA ARG EB 78 -93.16 -3.14 6.47
C ARG EB 78 -92.71 -1.73 6.84
N ASP EB 79 -93.66 -0.85 7.14
CA ASP EB 79 -93.31 0.50 7.58
C ASP EB 79 -92.50 0.47 8.87
N VAL EB 80 -92.96 -0.30 9.86
CA VAL EB 80 -92.21 -0.41 11.11
C VAL EB 80 -90.86 -1.06 10.87
N LEU EB 81 -90.78 -1.99 9.93
CA LEU EB 81 -89.49 -2.58 9.61
C LEU EB 81 -88.54 -1.53 9.05
N GLU EB 82 -89.05 -0.63 8.22
CA GLU EB 82 -88.22 0.45 7.70
C GLU EB 82 -87.75 1.38 8.82
N MET EB 83 -88.65 1.71 9.75
CA MET EB 83 -88.25 2.54 10.88
C MET EB 83 -87.15 1.86 11.69
N ALA EB 84 -87.31 0.57 11.96
CA ALA EB 84 -86.27 -0.16 12.69
C ALA EB 84 -84.97 -0.16 11.92
N ARG EB 85 -85.03 -0.25 10.59
CA ARG EB 85 -83.82 -0.17 9.79
C ARG EB 85 -83.12 1.16 9.97
N GLU EB 86 -83.87 2.26 9.92
CA GLU EB 86 -83.20 3.56 9.96
C GLU EB 86 -82.70 3.91 11.36
N VAL EB 87 -83.48 3.57 12.40
CA VAL EB 87 -83.08 3.92 13.76
C VAL EB 87 -81.80 3.19 14.15
N GLY EB 88 -81.71 1.90 13.84
CA GLY EB 88 -80.58 1.08 14.22
C GLY EB 88 -80.93 -0.13 15.05
N ALA EB 89 -82.21 -0.38 15.33
CA ALA EB 89 -82.61 -1.56 16.07
C ALA EB 89 -82.45 -2.78 15.19
N GLU EB 90 -81.53 -3.66 15.54
CA GLU EB 90 -81.25 -4.83 14.72
C GLU EB 90 -82.14 -6.01 15.07
N GLY EB 91 -82.12 -6.46 16.34
CA GLY EB 91 -82.95 -7.58 16.73
C GLY EB 91 -84.41 -7.32 16.51
N LEU EB 92 -84.85 -6.09 16.75
CA LEU EB 92 -86.23 -5.73 16.47
C LEU EB 92 -86.53 -5.81 14.98
N ALA EB 93 -85.59 -5.41 14.13
CA ALA EB 93 -85.79 -5.53 12.69
C ALA EB 93 -85.93 -6.99 12.25
N ARG EB 94 -85.06 -7.87 12.77
CA ARG EB 94 -85.19 -9.29 12.44
C ARG EB 94 -86.53 -9.83 12.89
N LEU EB 95 -86.93 -9.51 14.13
CA LEU EB 95 -88.21 -9.98 14.62
C LEU EB 95 -89.34 -9.46 13.74
N LEU EB 96 -89.22 -8.23 13.25
CA LEU EB 96 -90.29 -7.66 12.42
C LEU EB 96 -90.39 -8.36 11.08
N GLU EB 97 -89.25 -8.72 10.47
CA GLU EB 97 -89.32 -9.51 9.24
C GLU EB 97 -90.00 -10.85 9.49
N ARG EB 98 -89.64 -11.50 10.61
CA ARG EB 98 -90.27 -12.78 10.93
C ARG EB 98 -91.78 -12.63 11.14
N VAL EB 99 -92.20 -11.57 11.84
CA VAL EB 99 -93.62 -11.30 11.98
C VAL EB 99 -94.26 -11.12 10.62
N HIS EB 100 -93.59 -10.43 9.71
CA HIS EB 100 -94.15 -10.20 8.39
C HIS EB 100 -94.45 -11.52 7.69
N ARG EB 101 -93.45 -12.40 7.61
CA ARG EB 101 -93.64 -13.67 6.90
C ARG EB 101 -94.70 -14.54 7.56
N GLU EB 102 -94.58 -14.76 8.88
CA GLU EB 102 -95.55 -15.62 9.56
C GLU EB 102 -96.96 -15.03 9.54
N ALA EB 103 -97.09 -13.71 9.63
CA ALA EB 103 -98.40 -13.10 9.54
C ALA EB 103 -99.01 -13.37 8.18
N ARG EB 104 -98.20 -13.27 7.11
CA ARG EB 104 -98.70 -13.60 5.78
C ARG EB 104 -99.19 -15.04 5.71
N GLU EB 105 -98.38 -15.97 6.21
CA GLU EB 105 -98.75 -17.39 6.15
C GLU EB 105 -100.06 -17.65 6.89
N LEU EB 106 -100.15 -17.18 8.14
CA LEU EB 106 -101.34 -17.48 8.92
C LEU EB 106 -102.57 -16.75 8.40
N LEU EB 107 -102.39 -15.56 7.82
CA LEU EB 107 -103.53 -14.88 7.24
C LEU EB 107 -104.00 -15.58 5.98
N ARG EB 108 -103.08 -16.19 5.22
CA ARG EB 108 -103.50 -17.03 4.11
C ARG EB 108 -104.27 -18.25 4.61
N GLU EB 109 -103.80 -18.85 5.71
CA GLU EB 109 -104.50 -20.00 6.29
C GLU EB 109 -105.80 -19.62 6.98
N GLY EB 110 -106.08 -18.33 7.15
CA GLY EB 110 -107.34 -17.90 7.72
C GLY EB 110 -107.35 -17.74 9.24
N ARG EB 111 -106.26 -18.08 9.92
CA ARG EB 111 -106.17 -17.89 11.36
C ARG EB 111 -105.73 -16.46 11.65
N ARG EB 112 -106.50 -15.77 12.50
CA ARG EB 112 -106.27 -14.36 12.75
C ARG EB 112 -105.65 -14.08 14.12
N GLU EB 113 -106.01 -14.86 15.14
CA GLU EB 113 -105.55 -14.55 16.49
C GLU EB 113 -104.03 -14.66 16.61
N GLU EB 114 -103.44 -15.67 15.98
CA GLU EB 114 -102.00 -15.86 16.12
C GLU EB 114 -101.18 -14.79 15.39
N ALA EB 115 -101.68 -14.28 14.25
CA ALA EB 115 -100.98 -13.18 13.59
C ALA EB 115 -100.99 -11.92 14.44
N ALA EB 116 -102.14 -11.59 15.02
CA ALA EB 116 -102.20 -10.49 15.97
C ALA EB 116 -101.33 -10.76 17.18
N ALA EB 117 -101.20 -12.01 17.58
CA ALA EB 117 -100.34 -12.35 18.70
C ALA EB 117 -98.88 -12.04 18.39
N LEU EB 118 -98.43 -12.42 17.19
CA LEU EB 118 -97.05 -12.09 16.81
C LEU EB 118 -96.86 -10.57 16.76
N VAL EB 119 -97.85 -9.86 16.23
CA VAL EB 119 -97.73 -8.40 16.15
C VAL EB 119 -97.67 -7.76 17.53
N LEU EB 120 -98.52 -8.24 18.46
CA LEU EB 120 -98.52 -7.71 19.82
C LEU EB 120 -97.19 -7.99 20.52
N ALA EB 121 -96.65 -9.19 20.33
CA ALA EB 121 -95.34 -9.47 20.90
C ALA EB 121 -94.29 -8.54 20.31
N ALA EB 122 -94.41 -8.21 19.02
CA ALA EB 122 -93.46 -7.27 18.41
C ALA EB 122 -93.57 -5.88 19.02
N ALA EB 123 -94.79 -5.42 19.25
CA ALA EB 123 -94.99 -4.11 19.89
C ALA EB 123 -94.40 -4.10 21.30
N LEU EB 124 -94.63 -5.18 22.06
CA LEU EB 124 -94.05 -5.26 23.39
C LEU EB 124 -92.54 -5.26 23.34
N ALA EB 125 -91.95 -5.95 22.36
CA ALA EB 125 -90.50 -5.94 22.24
C ALA EB 125 -89.99 -4.53 21.96
N ALA EB 126 -90.67 -3.79 21.06
CA ALA EB 126 -90.26 -2.44 20.75
C ALA EB 126 -90.33 -1.52 21.97
N GLY EB 127 -91.47 -1.53 22.66
CA GLY EB 127 -91.61 -0.68 23.83
C GLY EB 127 -90.64 -1.04 24.94
N ALA EB 128 -90.51 -2.33 25.24
CA ALA EB 128 -89.62 -2.75 26.30
C ALA EB 128 -88.17 -2.45 25.96
N VAL EB 129 -87.79 -2.57 24.69
CA VAL EB 129 -86.45 -2.20 24.28
C VAL EB 129 -86.20 -0.71 24.51
N ALA EB 130 -87.16 0.13 24.10
CA ALA EB 130 -86.98 1.57 24.30
C ALA EB 130 -86.81 1.91 25.76
N VAL EB 131 -87.68 1.37 26.61
CA VAL EB 131 -87.59 1.64 28.04
C VAL EB 131 -86.30 1.09 28.61
N ALA EB 132 -85.84 -0.05 28.11
CA ALA EB 132 -84.61 -0.64 28.61
C ALA EB 132 -83.41 0.26 28.33
N GLU EB 133 -83.29 0.78 27.11
CA GLU EB 133 -82.13 1.65 26.87
C GLU EB 133 -82.31 2.99 27.57
N ALA EB 134 -83.55 3.43 27.79
CA ALA EB 134 -83.75 4.63 28.59
C ALA EB 134 -83.23 4.43 30.01
N TYR EB 135 -83.58 3.30 30.64
CA TYR EB 135 -83.10 3.01 31.98
C TYR EB 135 -81.58 2.87 32.01
N VAL EB 136 -81.01 2.23 30.99
CA VAL EB 136 -79.57 2.01 30.98
C VAL EB 136 -78.81 3.33 30.82
N ARG EB 137 -79.34 4.24 30.00
CA ARG EB 137 -78.63 5.50 29.77
C ARG EB 137 -78.53 6.34 31.04
N LEU EB 138 -79.61 6.43 31.79
CA LEU EB 138 -79.61 7.22 33.02
C LEU EB 138 -79.22 6.39 34.25
N GLY EB 139 -78.62 5.23 34.05
CA GLY EB 139 -77.95 4.50 35.12
C GLY EB 139 -78.81 4.02 36.28
N GLN EB 140 -79.98 3.48 36.00
CA GLN EB 140 -80.79 2.91 37.07
C GLN EB 140 -80.39 1.46 37.32
N PRO EB 141 -80.64 0.95 38.53
CA PRO EB 141 -80.18 -0.40 38.87
C PRO EB 141 -80.92 -1.47 38.07
N ILE EB 142 -80.28 -2.63 37.97
CA ILE EB 142 -80.79 -3.72 37.15
C ILE EB 142 -82.05 -4.35 37.72
N ARG EB 143 -82.28 -4.25 39.04
CA ARG EB 143 -83.52 -4.74 39.60
C ARG EB 143 -84.73 -4.13 38.91
N LEU EB 144 -84.66 -2.83 38.60
CA LEU EB 144 -85.79 -2.16 37.97
C LEU EB 144 -86.06 -2.69 36.58
N ILE EB 145 -85.02 -2.88 35.78
CA ILE EB 145 -85.21 -3.45 34.45
C ILE EB 145 -85.80 -4.85 34.55
N ALA EB 146 -85.26 -5.68 35.44
CA ALA EB 146 -85.72 -7.07 35.55
C ALA EB 146 -87.18 -7.12 35.98
N GLU EB 147 -87.56 -6.34 36.98
CA GLU EB 147 -88.95 -6.34 37.44
C GLU EB 147 -89.87 -5.79 36.38
N TYR EB 148 -89.42 -4.76 35.65
CA TYR EB 148 -90.25 -4.19 34.60
C TYR EB 148 -90.56 -5.22 33.52
N VAL EB 149 -89.52 -5.86 32.98
CA VAL EB 149 -89.75 -6.83 31.91
C VAL EB 149 -90.56 -8.02 32.39
N ALA EB 150 -90.28 -8.51 33.61
CA ALA EB 150 -91.04 -9.64 34.09
C ALA EB 150 -92.52 -9.32 34.20
N GLU EB 151 -92.87 -8.14 34.73
CA GLU EB 151 -94.27 -7.79 34.86
C GLU EB 151 -94.92 -7.58 33.50
N ARG EB 152 -94.19 -6.99 32.55
CA ARG EB 152 -94.74 -6.81 31.21
C ARG EB 152 -95.01 -8.15 30.54
N LEU EB 153 -94.09 -9.11 30.69
CA LEU EB 153 -94.31 -10.43 30.12
C LEU EB 153 -95.52 -11.10 30.73
N VAL EB 154 -95.72 -10.96 32.03
CA VAL EB 154 -96.89 -11.56 32.67
C VAL EB 154 -98.18 -10.92 32.13
N GLU EB 155 -98.18 -9.59 31.96
CA GLU EB 155 -99.36 -8.91 31.43
C GLU EB 155 -99.67 -9.36 30.00
N LEU EB 156 -98.64 -9.48 29.17
CA LEU EB 156 -98.84 -9.96 27.81
C LEU EB 156 -99.36 -11.39 27.80
N ALA EB 157 -98.84 -12.23 28.69
CA ALA EB 157 -99.33 -13.60 28.77
C ALA EB 157 -100.81 -13.64 29.14
N GLU EB 158 -101.22 -12.76 30.05
CA GLU EB 158 -102.63 -12.70 30.40
C GLU EB 158 -103.47 -12.27 29.19
N LEU EB 159 -102.98 -11.29 28.44
CA LEU EB 159 -103.71 -10.83 27.25
C LEU EB 159 -103.84 -11.95 26.22
N LEU EB 160 -102.74 -12.63 25.93
CA LEU EB 160 -102.76 -13.69 24.93
C LEU EB 160 -103.62 -14.86 25.39
N ARG EB 161 -103.69 -15.11 26.69
CA ARG EB 161 -104.64 -16.08 27.20
C ARG EB 161 -106.07 -15.63 26.97
N ARG EB 162 -106.32 -14.32 27.10
CA ARG EB 162 -107.67 -13.81 26.83
C ARG EB 162 -108.05 -13.98 25.36
N LEU EB 163 -107.11 -13.73 24.44
CA LEU EB 163 -107.42 -13.85 23.02
C LEU EB 163 -107.78 -15.30 22.66
N GLY EB 164 -106.92 -16.24 23.01
CA GLY EB 164 -107.18 -17.64 22.70
C GLY EB 164 -106.00 -18.41 22.14
N VAL EB 165 -104.83 -17.78 22.11
CA VAL EB 165 -103.64 -18.47 21.60
C VAL EB 165 -103.30 -19.63 22.53
N PRO EB 166 -102.85 -20.77 22.02
CA PRO EB 166 -102.44 -21.88 22.90
C PRO EB 166 -101.20 -21.54 23.70
N LEU EB 167 -101.08 -22.23 24.85
CA LEU EB 167 -100.11 -21.84 25.87
C LEU EB 167 -98.67 -21.96 25.37
N ARG EB 168 -98.35 -23.03 24.66
CA ARG EB 168 -96.97 -23.22 24.23
C ARG EB 168 -96.53 -22.14 23.25
N ARG EB 169 -97.45 -21.71 22.38
CA ARG EB 169 -97.15 -20.56 21.53
C ARG EB 169 -96.94 -19.31 22.36
N ILE EB 170 -97.72 -19.14 23.43
CA ILE EB 170 -97.51 -18.00 24.31
C ILE EB 170 -96.09 -18.00 24.84
N ILE EB 171 -95.63 -19.15 25.33
CA ILE EB 171 -94.30 -19.20 25.93
C ILE EB 171 -93.23 -18.96 24.87
N ARG EB 172 -93.45 -19.46 23.65
CA ARG EB 172 -92.48 -19.22 22.59
C ARG EB 172 -92.38 -17.74 22.25
N LEU EB 173 -93.52 -17.05 22.18
CA LEU EB 173 -93.51 -15.61 21.92
C LEU EB 173 -92.80 -14.86 23.05
N LEU EB 174 -93.07 -15.24 24.29
CA LEU EB 174 -92.45 -14.56 25.43
C LEU EB 174 -90.94 -14.75 25.40
N GLU EB 175 -90.47 -15.94 25.03
CA GLU EB 175 -89.04 -16.15 24.92
C GLU EB 175 -88.43 -15.34 23.78
N GLU EB 176 -89.17 -15.17 22.68
CA GLU EB 176 -88.66 -14.30 21.62
C GLU EB 176 -88.52 -12.86 22.10
N VAL EB 177 -89.51 -12.37 22.83
CA VAL EB 177 -89.45 -11.02 23.37
C VAL EB 177 -88.25 -10.88 24.31
N LEU EB 178 -88.04 -11.88 25.16
CA LEU EB 178 -86.91 -11.84 26.07
C LEU EB 178 -85.59 -11.83 25.31
N ARG EB 179 -85.52 -12.58 24.21
CA ARG EB 179 -84.29 -12.60 23.42
C ARG EB 179 -84.01 -11.22 22.83
N VAL EB 180 -85.04 -10.54 22.32
CA VAL EB 180 -84.85 -9.20 21.78
C VAL EB 180 -84.40 -8.23 22.87
N VAL EB 181 -85.04 -8.31 24.04
CA VAL EB 181 -84.67 -7.41 25.14
C VAL EB 181 -83.22 -7.65 25.57
N ALA EB 182 -82.82 -8.92 25.65
CA ALA EB 182 -81.43 -9.22 26.02
C ALA EB 182 -80.46 -8.70 24.97
N GLU EB 183 -80.81 -8.81 23.68
CA GLU EB 183 -79.94 -8.27 22.65
C GLU EB 183 -79.82 -6.75 22.79
N ALA EB 184 -80.93 -6.08 23.06
CA ALA EB 184 -80.90 -4.63 23.24
C ALA EB 184 -79.99 -4.25 24.40
N LEU EB 185 -80.14 -4.94 25.53
CA LEU EB 185 -79.30 -4.66 26.69
C LEU EB 185 -77.84 -4.95 26.40
N ARG EB 186 -77.56 -5.95 25.56
CA ARG EB 186 -76.18 -6.22 25.17
C ARG EB 186 -75.60 -5.08 24.35
N ARG EB 187 -76.39 -4.53 23.42
CA ARG EB 187 -75.89 -3.44 22.59
C ARG EB 187 -75.65 -2.18 23.41
N ALA EB 188 -76.32 -2.03 24.54
CA ALA EB 188 -76.15 -0.87 25.40
C ALA EB 188 -74.98 -1.02 26.37
N GLY EB 189 -74.23 -2.11 26.28
CA GLY EB 189 -73.05 -2.29 27.11
C GLY EB 189 -73.29 -2.91 28.47
N VAL EB 190 -74.51 -3.37 28.76
CA VAL EB 190 -74.77 -4.00 30.05
C VAL EB 190 -73.96 -5.29 30.16
N PRO EB 191 -73.27 -5.54 31.27
CA PRO EB 191 -72.46 -6.76 31.36
C PRO EB 191 -73.33 -8.02 31.32
N GLU EB 192 -72.74 -9.09 30.80
CA GLU EB 192 -73.49 -10.32 30.53
C GLU EB 192 -74.15 -10.91 31.78
N PRO EB 193 -73.48 -11.03 32.93
CA PRO EB 193 -74.17 -11.61 34.10
C PRO EB 193 -75.45 -10.89 34.48
N GLU EB 194 -75.52 -9.57 34.31
CA GLU EB 194 -76.76 -8.87 34.58
C GLU EB 194 -77.85 -9.24 33.59
N ILE EB 195 -77.48 -9.48 32.34
CA ILE EB 195 -78.46 -9.95 31.35
C ILE EB 195 -79.00 -11.32 31.74
N ARG EB 196 -78.12 -12.21 32.19
CA ARG EB 196 -78.57 -13.52 32.65
C ARG EB 196 -79.47 -13.38 33.86
N LYS EB 197 -79.15 -12.45 34.76
CA LYS EB 197 -80.03 -12.19 35.90
C LYS EB 197 -81.40 -11.73 35.45
N VAL EB 198 -81.45 -10.86 34.45
CA VAL EB 198 -82.73 -10.40 33.92
C VAL EB 198 -83.55 -11.57 33.40
N GLU EB 199 -82.92 -12.40 32.56
CA GLU EB 199 -83.66 -13.50 31.95
C GLU EB 199 -84.12 -14.50 32.99
N ALA EB 200 -83.25 -14.85 33.95
CA ALA EB 200 -83.61 -15.81 34.98
C ALA EB 200 -84.75 -15.28 35.84
N ALA EB 201 -84.74 -13.99 36.17
CA ALA EB 201 -85.85 -13.42 36.91
C ALA EB 201 -87.15 -13.52 36.11
N ALA EB 202 -87.08 -13.26 34.80
CA ALA EB 202 -88.26 -13.39 33.96
C ALA EB 202 -88.79 -14.81 33.95
N TYR EB 203 -87.89 -15.80 33.86
CA TYR EB 203 -88.32 -17.20 33.83
C TYR EB 203 -88.95 -17.62 35.15
N ILE EB 204 -88.36 -17.20 36.27
CA ILE EB 204 -88.92 -17.56 37.58
C ILE EB 204 -90.28 -16.89 37.78
N ARG EB 205 -90.44 -15.66 37.32
CA ARG EB 205 -91.74 -15.01 37.42
C ARG EB 205 -92.77 -15.71 36.56
N LEU EB 206 -92.40 -16.11 35.34
CA LEU EB 206 -93.32 -16.84 34.47
C LEU EB 206 -93.71 -18.18 35.07
N ALA EB 207 -92.74 -18.91 35.62
CA ALA EB 207 -93.02 -20.19 36.25
C ALA EB 207 -93.96 -20.02 37.42
N ALA EB 208 -93.74 -19.00 38.26
CA ALA EB 208 -94.62 -18.75 39.38
C ALA EB 208 -96.03 -18.42 38.91
N TYR EB 209 -96.14 -17.60 37.87
CA TYR EB 209 -97.45 -17.23 37.35
C TYR EB 209 -98.20 -18.44 36.81
N LEU EB 210 -97.51 -19.34 36.11
CA LEU EB 210 -98.15 -20.56 35.64
C LEU EB 210 -98.57 -21.46 36.79
N LEU EB 211 -97.71 -21.59 37.81
CA LEU EB 211 -98.01 -22.48 38.93
C LEU EB 211 -99.17 -21.97 39.77
N ARG EB 212 -99.37 -20.65 39.83
CA ARG EB 212 -100.41 -20.13 40.71
C ARG EB 212 -101.80 -20.46 40.21
N GLN EB 213 -102.00 -20.56 38.90
CA GLN EB 213 -103.34 -20.81 38.36
C GLN EB 213 -103.87 -22.17 38.80
N LEU EB 214 -103.02 -23.18 38.82
CA LEU EB 214 -103.43 -24.54 39.17
C LEU EB 214 -103.62 -24.75 40.65
N GLY EB 215 -103.26 -23.77 41.48
CA GLY EB 215 -103.50 -23.90 42.90
C GLY EB 215 -102.32 -24.45 43.67
N TYR EB 216 -101.12 -24.01 43.31
CA TYR EB 216 -99.90 -24.30 44.06
C TYR EB 216 -99.36 -22.98 44.56
N GLU EB 217 -99.92 -22.51 45.68
CA GLU EB 217 -99.55 -21.20 46.19
C GLU EB 217 -98.19 -21.22 46.85
N ALA EB 218 -97.95 -22.19 47.73
CA ALA EB 218 -96.69 -22.25 48.46
C ALA EB 218 -95.51 -22.34 47.52
N LEU EB 219 -95.65 -23.14 46.46
CA LEU EB 219 -94.61 -23.23 45.44
C LEU EB 219 -94.31 -21.86 44.83
N ALA EB 220 -95.34 -21.09 44.51
CA ALA EB 220 -95.14 -19.77 43.94
C ALA EB 220 -94.44 -18.84 44.92
N LYS EB 221 -94.83 -18.89 46.20
CA LYS EB 221 -94.14 -18.04 47.18
C LYS EB 221 -92.67 -18.41 47.29
N ARG EB 222 -92.34 -19.69 47.33
CA ARG EB 222 -90.93 -20.07 47.42
C ARG EB 222 -90.15 -19.64 46.20
N LEU EB 223 -90.75 -19.77 45.01
CA LEU EB 223 -90.07 -19.34 43.80
C LEU EB 223 -89.82 -17.84 43.80
N LEU EB 224 -90.80 -17.07 44.28
CA LEU EB 224 -90.61 -15.61 44.30
C LEU EB 224 -89.64 -15.19 45.39
N GLU EB 225 -89.56 -15.93 46.51
CA GLU EB 225 -88.51 -15.69 47.49
C GLU EB 225 -87.13 -15.91 46.88
N ALA EB 226 -86.96 -17.00 46.14
CA ALA EB 226 -85.70 -17.24 45.46
C ALA EB 226 -85.40 -16.11 44.47
N ARG EB 227 -86.42 -15.62 43.77
CA ARG EB 227 -86.21 -14.51 42.85
C ARG EB 227 -85.76 -13.25 43.58
N GLU EB 228 -86.37 -12.96 44.73
CA GLU EB 228 -85.95 -11.79 45.51
C GLU EB 228 -84.50 -11.92 45.95
N LEU EB 229 -84.12 -13.10 46.44
CA LEU EB 229 -82.73 -13.30 46.82
C LEU EB 229 -81.81 -13.18 45.61
N LEU EB 230 -82.29 -13.51 44.42
CA LEU EB 230 -81.45 -13.39 43.23
C LEU EB 230 -81.24 -11.93 42.85
N LEU EB 231 -82.31 -11.13 42.85
CA LEU EB 231 -82.20 -9.75 42.41
C LEU EB 231 -81.36 -8.90 43.35
N GLU EB 232 -81.16 -9.34 44.60
CA GLU EB 232 -80.37 -8.60 45.58
C GLU EB 232 -78.89 -8.87 45.46
N GLY EB 233 -78.47 -9.74 44.54
CA GLY EB 233 -77.07 -10.09 44.41
C GLY EB 233 -76.66 -11.34 45.16
N ARG EB 234 -77.49 -11.83 46.07
CA ARG EB 234 -77.23 -13.09 46.77
C ARG EB 234 -77.54 -14.24 45.82
N VAL EB 235 -76.58 -14.53 44.96
CA VAL EB 235 -76.78 -15.59 43.96
C VAL EB 235 -76.81 -16.96 44.62
N GLU EB 236 -75.95 -17.18 45.62
CA GLU EB 236 -75.76 -18.53 46.16
C GLU EB 236 -76.99 -18.98 46.94
N GLU EB 237 -77.53 -18.10 47.79
CA GLU EB 237 -78.76 -18.46 48.50
C GLU EB 237 -79.92 -18.64 47.54
N ALA EB 238 -79.95 -17.85 46.46
CA ALA EB 238 -80.97 -18.02 45.43
C ALA EB 238 -80.87 -19.39 44.79
N ALA EB 239 -79.66 -19.81 44.44
CA ALA EB 239 -79.48 -21.12 43.83
C ALA EB 239 -79.85 -22.25 44.79
N HIS EB 240 -79.49 -22.12 46.08
CA HIS EB 240 -79.80 -23.17 47.03
C HIS EB 240 -81.32 -23.29 47.25
N LEU EB 241 -81.99 -22.16 47.45
CA LEU EB 241 -83.44 -22.22 47.67
C LEU EB 241 -84.16 -22.66 46.40
N LEU EB 242 -83.66 -22.26 45.24
CA LEU EB 242 -84.23 -22.70 43.98
C LEU EB 242 -84.10 -24.20 43.79
N GLU EB 243 -82.93 -24.77 44.09
CA GLU EB 243 -82.79 -26.21 43.91
C GLU EB 243 -83.62 -26.98 44.92
N ASP EB 244 -83.79 -26.47 46.13
CA ASP EB 244 -84.67 -27.15 47.08
C ASP EB 244 -86.12 -27.17 46.57
N VAL EB 245 -86.63 -26.01 46.14
CA VAL EB 245 -88.01 -25.99 45.69
C VAL EB 245 -88.18 -26.79 44.40
N TYR EB 246 -87.18 -26.77 43.51
CA TYR EB 246 -87.25 -27.57 42.30
C TYR EB 246 -87.26 -29.06 42.62
N ALA EB 247 -86.47 -29.48 43.61
CA ALA EB 247 -86.46 -30.89 43.98
C ALA EB 247 -87.82 -31.34 44.47
N LEU EB 248 -88.45 -30.53 45.33
CA LEU EB 248 -89.78 -30.90 45.82
C LEU EB 248 -90.79 -30.94 44.68
N PHE EB 249 -90.74 -29.93 43.80
CA PHE EB 249 -91.65 -29.89 42.66
C PHE EB 249 -91.46 -31.07 41.74
N HIS EB 250 -90.21 -31.46 41.48
CA HIS EB 250 -89.95 -32.54 40.55
C HIS EB 250 -90.39 -33.88 41.13
N ARG EB 251 -90.21 -34.06 42.44
CA ARG EB 251 -90.79 -35.25 43.07
C ARG EB 251 -92.30 -35.28 42.90
N GLU EB 252 -92.94 -34.12 43.04
CA GLU EB 252 -94.38 -34.07 42.81
C GLU EB 252 -94.75 -34.41 41.37
N ILE EB 253 -93.93 -33.95 40.41
CA ILE EB 253 -94.16 -34.27 39.00
C ILE EB 253 -94.07 -35.77 38.77
N GLU EB 254 -93.00 -36.39 39.26
CA GLU EB 254 -92.81 -37.82 39.09
C GLU EB 254 -93.84 -38.64 39.85
N ARG EB 255 -94.50 -38.04 40.85
CA ARG EB 255 -95.59 -38.73 41.52
C ARG EB 255 -96.72 -39.05 40.55
N LEU EB 256 -97.05 -38.11 39.67
CA LEU EB 256 -98.17 -38.28 38.77
C LEU EB 256 -97.87 -39.18 37.57
N GLY EB 257 -96.63 -39.63 37.41
CA GLY EB 257 -96.33 -40.61 36.38
C GLY EB 257 -96.48 -40.05 34.99
N PHE EB 258 -97.19 -40.79 34.14
CA PHE EB 258 -97.46 -40.39 32.76
C PHE EB 258 -98.80 -39.65 32.64
N GLU EB 259 -98.93 -38.61 33.46
CA GLU EB 259 -100.10 -37.74 33.44
C GLU EB 259 -99.78 -36.51 34.28
N ALA EB 260 -100.05 -35.33 33.71
CA ALA EB 260 -99.89 -34.06 34.42
C ALA EB 260 -100.44 -32.93 33.55
N PRO EB 261 -101.09 -31.93 34.14
CA PRO EB 261 -101.56 -30.80 33.34
C PRO EB 261 -100.41 -30.13 32.60
N GLU EB 262 -100.71 -29.61 31.41
CA GLU EB 262 -99.66 -29.14 30.52
C GLU EB 262 -98.88 -27.99 31.13
N GLU EB 263 -99.50 -27.20 32.02
CA GLU EB 263 -98.77 -26.11 32.63
C GLU EB 263 -97.68 -26.60 33.57
N LEU EB 264 -97.88 -27.75 34.23
CA LEU EB 264 -96.79 -28.36 34.98
C LEU EB 264 -95.63 -28.70 34.05
N ARG EB 265 -95.95 -29.26 32.89
CA ARG EB 265 -94.90 -29.65 31.95
C ARG EB 265 -94.13 -28.45 31.43
N VAL EB 266 -94.82 -27.34 31.16
CA VAL EB 266 -94.13 -26.14 30.71
C VAL EB 266 -93.31 -25.51 31.82
N ALA EB 267 -93.88 -25.46 33.04
CA ALA EB 267 -93.16 -24.90 34.17
C ALA EB 267 -91.90 -25.69 34.48
N ASP EB 268 -91.91 -27.00 34.23
CA ASP EB 268 -90.72 -27.80 34.45
C ASP EB 268 -89.56 -27.31 33.58
N LEU EB 269 -89.84 -27.05 32.31
CA LEU EB 269 -88.78 -26.57 31.42
C LEU EB 269 -88.38 -25.14 31.77
N LEU EB 270 -89.35 -24.31 32.16
CA LEU EB 270 -89.02 -22.95 32.57
C LEU EB 270 -88.09 -22.93 33.79
N LEU EB 271 -88.39 -23.78 34.78
CA LEU EB 271 -87.57 -23.86 35.97
C LEU EB 271 -86.19 -24.43 35.66
N ALA EB 272 -86.12 -25.42 34.77
CA ALA EB 272 -84.81 -25.94 34.37
C ALA EB 272 -83.96 -24.85 33.73
N ARG EB 273 -84.56 -24.05 32.84
CA ARG EB 273 -83.79 -22.99 32.19
C ARG EB 273 -83.38 -21.91 33.18
N ALA EB 274 -84.27 -21.58 34.13
CA ALA EB 274 -83.91 -20.61 35.15
C ALA EB 274 -82.73 -21.08 35.97
N ILE EB 275 -82.73 -22.35 36.36
CA ILE EB 275 -81.62 -22.89 37.13
C ILE EB 275 -80.33 -22.87 36.31
N ALA EB 276 -80.41 -23.23 35.03
CA ALA EB 276 -79.23 -23.22 34.17
C ALA EB 276 -78.65 -21.81 34.06
N LEU EB 277 -79.52 -20.81 33.87
CA LEU EB 277 -79.05 -19.44 33.75
C LEU EB 277 -78.41 -18.96 35.05
N ILE EB 278 -79.03 -19.25 36.20
CA ILE EB 278 -78.48 -18.82 37.48
C ILE EB 278 -77.11 -19.47 37.69
N LYS EB 279 -76.99 -20.76 37.38
CA LYS EB 279 -75.71 -21.44 37.54
C LYS EB 279 -74.66 -20.87 36.60
N ALA EB 280 -75.07 -20.36 35.44
CA ALA EB 280 -74.12 -19.81 34.48
C ALA EB 280 -73.73 -18.36 34.78
N ILE EB 281 -74.39 -17.70 35.74
CA ILE EB 281 -74.03 -16.33 36.12
C ILE EB 281 -72.58 -16.25 36.53
N THR FB 24 -97.90 -63.63 -1.48
CA THR FB 24 -97.98 -62.18 -1.67
C THR FB 24 -96.70 -61.50 -1.22
N VAL FB 25 -95.86 -62.26 -0.50
CA VAL FB 25 -94.66 -61.69 0.10
C VAL FB 25 -93.71 -61.18 -0.99
N VAL FB 26 -93.50 -61.98 -2.03
CA VAL FB 26 -92.64 -61.55 -3.13
C VAL FB 26 -93.26 -60.37 -3.86
N GLU FB 27 -94.58 -60.35 -3.98
CA GLU FB 27 -95.24 -59.18 -4.55
C GLU FB 27 -95.04 -57.96 -3.66
N GLU FB 28 -95.04 -58.14 -2.34
CA GLU FB 28 -94.77 -57.03 -1.43
C GLU FB 28 -93.36 -56.52 -1.62
N VAL FB 29 -92.39 -57.41 -1.78
CA VAL FB 29 -91.01 -56.98 -2.00
C VAL FB 29 -90.89 -56.22 -3.33
N ARG FB 30 -91.53 -56.73 -4.38
CA ARG FB 30 -91.51 -56.03 -5.66
C ARG FB 30 -92.14 -54.65 -5.54
N ARG FB 31 -93.31 -54.57 -4.89
CA ARG FB 31 -93.99 -53.29 -4.74
C ARG FB 31 -93.14 -52.30 -3.95
N PHE FB 32 -92.52 -52.77 -2.87
CA PHE FB 32 -91.65 -51.93 -2.05
C PHE FB 32 -90.50 -51.38 -2.88
N ALA FB 33 -89.83 -52.24 -3.65
CA ALA FB 33 -88.68 -51.80 -4.44
C ALA FB 33 -89.10 -50.81 -5.52
N GLU FB 34 -90.18 -51.11 -6.24
CA GLU FB 34 -90.61 -50.21 -7.30
C GLU FB 34 -91.07 -48.87 -6.75
N GLU FB 35 -91.80 -48.86 -5.63
CA GLU FB 35 -92.22 -47.61 -5.03
C GLU FB 35 -91.02 -46.77 -4.61
N LEU FB 36 -90.02 -47.41 -3.99
CA LEU FB 36 -88.83 -46.66 -3.60
C LEU FB 36 -88.11 -46.09 -4.82
N ALA FB 37 -88.01 -46.87 -5.90
CA ALA FB 37 -87.35 -46.39 -7.11
C ALA FB 37 -88.11 -45.24 -7.75
N GLU FB 38 -89.44 -45.34 -7.79
CA GLU FB 38 -90.25 -44.24 -8.32
C GLU FB 38 -90.07 -42.98 -7.49
N GLU FB 39 -90.04 -43.11 -6.16
CA GLU FB 39 -89.82 -41.93 -5.33
C GLU FB 39 -88.44 -41.35 -5.54
N VAL FB 40 -87.44 -42.20 -5.75
CA VAL FB 40 -86.09 -41.70 -6.03
C VAL FB 40 -86.10 -40.88 -7.31
N LEU FB 41 -86.78 -41.39 -8.34
CA LEU FB 41 -86.84 -40.67 -9.61
C LEU FB 41 -87.64 -39.38 -9.49
N ARG FB 42 -88.74 -39.39 -8.73
CA ARG FB 42 -89.52 -38.18 -8.56
C ARG FB 42 -88.73 -37.10 -7.84
N VAL FB 43 -88.05 -37.46 -6.75
CA VAL FB 43 -87.31 -36.45 -5.99
C VAL FB 43 -86.10 -35.97 -6.78
N GLY FB 44 -85.33 -36.88 -7.36
CA GLY FB 44 -84.10 -36.53 -8.03
C GLY FB 44 -84.16 -36.44 -9.53
N GLY FB 45 -85.28 -36.79 -10.15
CA GLY FB 45 -85.38 -36.64 -11.58
C GLY FB 45 -84.48 -37.62 -12.34
N GLU FB 46 -84.04 -37.16 -13.50
CA GLU FB 46 -83.12 -37.91 -14.32
C GLU FB 46 -81.66 -37.71 -13.90
N ALA FB 47 -81.42 -36.88 -12.88
CA ALA FB 47 -80.05 -36.67 -12.42
C ALA FB 47 -79.45 -37.96 -11.89
N MET FB 48 -80.21 -38.71 -11.09
CA MET FB 48 -79.78 -40.00 -10.54
C MET FB 48 -80.75 -41.06 -11.03
N ARG FB 49 -80.50 -41.56 -12.24
CA ARG FB 49 -81.13 -42.76 -12.80
C ARG FB 49 -80.45 -44.03 -12.31
N PRO FB 50 -79.12 -44.07 -12.15
CA PRO FB 50 -78.49 -45.30 -11.63
C PRO FB 50 -79.11 -45.84 -10.34
N TYR FB 51 -79.48 -44.96 -9.41
CA TYR FB 51 -79.99 -45.43 -8.13
C TYR FB 51 -81.33 -46.14 -8.29
N ALA FB 52 -82.15 -45.68 -9.23
CA ALA FB 52 -83.40 -46.39 -9.52
C ALA FB 52 -83.10 -47.80 -10.04
N GLU FB 53 -82.07 -47.93 -10.87
CA GLU FB 53 -81.70 -49.25 -11.37
C GLU FB 53 -81.18 -50.14 -10.25
N MET FB 54 -80.36 -49.59 -9.35
CA MET FB 54 -79.89 -50.38 -8.21
C MET FB 54 -81.06 -50.84 -7.35
N VAL FB 55 -82.00 -49.95 -7.07
CA VAL FB 55 -83.15 -50.35 -6.25
C VAL FB 55 -83.95 -51.44 -6.93
N ARG FB 56 -84.16 -51.30 -8.24
CA ARG FB 56 -84.99 -52.28 -8.95
C ARG FB 56 -84.30 -53.64 -9.05
N HIS FB 57 -83.00 -53.65 -9.32
CA HIS FB 57 -82.27 -54.92 -9.35
C HIS FB 57 -82.15 -55.55 -7.98
N LEU FB 58 -82.00 -54.76 -6.91
CA LEU FB 58 -81.95 -55.34 -5.58
C LEU FB 58 -83.31 -55.91 -5.17
N GLY FB 59 -84.39 -55.25 -5.56
CA GLY FB 59 -85.69 -55.87 -5.38
C GLY FB 59 -85.81 -57.17 -6.16
N GLU FB 60 -85.26 -57.21 -7.37
CA GLU FB 60 -85.31 -58.43 -8.17
C GLU FB 60 -84.49 -59.55 -7.55
N ALA FB 61 -83.30 -59.25 -7.04
CA ALA FB 61 -82.49 -60.26 -6.37
C ALA FB 61 -83.19 -60.78 -5.12
N ALA FB 62 -83.83 -59.88 -4.37
CA ALA FB 62 -84.57 -60.31 -3.18
C ALA FB 62 -85.70 -61.25 -3.54
N VAL FB 63 -86.49 -60.91 -4.57
CA VAL FB 63 -87.60 -61.79 -4.91
C VAL FB 63 -87.10 -63.10 -5.52
N ALA FB 64 -85.97 -63.06 -6.22
CA ALA FB 64 -85.34 -64.29 -6.69
C ALA FB 64 -85.00 -65.18 -5.51
N ALA FB 65 -84.38 -64.62 -4.47
CA ALA FB 65 -84.02 -65.41 -3.29
C ALA FB 65 -85.25 -65.97 -2.61
N LEU FB 66 -86.31 -65.17 -2.48
CA LEU FB 66 -87.53 -65.68 -1.86
C LEU FB 66 -88.24 -66.72 -2.72
N GLU FB 67 -87.97 -66.77 -4.02
CA GLU FB 67 -88.63 -67.73 -4.89
C GLU FB 67 -87.66 -68.78 -5.41
N GLY FB 68 -86.83 -69.33 -4.54
CA GLY FB 68 -85.83 -70.28 -4.94
C GLY FB 68 -84.51 -69.60 -5.24
N ARG FB 69 -83.70 -70.28 -6.06
CA ARG FB 69 -82.48 -69.70 -6.63
C ARG FB 69 -81.41 -69.37 -5.60
N ALA FB 70 -80.16 -69.41 -6.03
CA ALA FB 70 -79.04 -68.88 -5.25
C ALA FB 70 -77.97 -68.23 -6.09
N GLU FB 71 -78.00 -68.39 -7.40
CA GLU FB 71 -76.99 -67.87 -8.32
C GLU FB 71 -77.44 -66.57 -8.98
N GLU FB 72 -78.74 -66.46 -9.31
CA GLU FB 72 -79.26 -65.21 -9.84
C GLU FB 72 -79.12 -64.08 -8.83
N ALA FB 73 -79.38 -64.39 -7.56
CA ALA FB 73 -79.17 -63.39 -6.51
C ALA FB 73 -77.72 -62.93 -6.46
N ASP FB 74 -76.79 -63.88 -6.54
CA ASP FB 74 -75.38 -63.54 -6.56
C ASP FB 74 -75.03 -62.65 -7.75
N ARG FB 75 -75.54 -62.99 -8.92
CA ARG FB 75 -75.21 -62.22 -10.12
C ARG FB 75 -75.77 -60.81 -10.03
N LEU FB 76 -77.03 -60.68 -9.62
CA LEU FB 76 -77.64 -59.36 -9.51
C LEU FB 76 -76.93 -58.50 -8.47
N VAL FB 77 -76.55 -59.11 -7.35
CA VAL FB 77 -75.86 -58.34 -6.31
C VAL FB 77 -74.49 -57.90 -6.80
N ARG FB 78 -73.80 -58.75 -7.58
CA ARG FB 78 -72.52 -58.36 -8.15
C ARG FB 78 -72.68 -57.23 -9.18
N ASP FB 79 -73.74 -57.28 -9.98
CA ASP FB 79 -74.01 -56.21 -10.93
C ASP FB 79 -74.28 -54.89 -10.21
N VAL FB 80 -75.09 -54.94 -9.15
CA VAL FB 80 -75.38 -53.73 -8.38
C VAL FB 80 -74.12 -53.22 -7.70
N LEU FB 81 -73.25 -54.13 -7.26
CA LEU FB 81 -71.97 -53.72 -6.71
C LEU FB 81 -71.14 -52.99 -7.75
N GLU FB 82 -71.16 -53.47 -9.00
CA GLU FB 82 -70.45 -52.77 -10.07
C GLU FB 82 -71.01 -51.37 -10.30
N MET FB 83 -72.34 -51.24 -10.30
CA MET FB 83 -72.94 -49.92 -10.47
C MET FB 83 -72.52 -49.00 -9.33
N ALA FB 84 -72.54 -49.50 -8.10
CA ALA FB 84 -72.12 -48.70 -6.96
C ALA FB 84 -70.67 -48.28 -7.10
N ARG FB 85 -69.83 -49.17 -7.63
CA ARG FB 85 -68.42 -48.83 -7.84
C ARG FB 85 -68.28 -47.69 -8.85
N GLU FB 86 -69.03 -47.76 -9.96
CA GLU FB 86 -68.83 -46.74 -10.99
C GLU FB 86 -69.44 -45.40 -10.60
N VAL FB 87 -70.61 -45.40 -9.94
CA VAL FB 87 -71.24 -44.15 -9.55
C VAL FB 87 -70.38 -43.38 -8.56
N GLY FB 88 -69.81 -44.08 -7.60
CA GLY FB 88 -69.02 -43.44 -6.55
C GLY FB 88 -69.53 -43.71 -5.15
N ALA FB 89 -70.60 -44.48 -4.99
CA ALA FB 89 -71.12 -44.80 -3.66
C ALA FB 89 -70.17 -45.75 -2.97
N GLU FB 90 -69.56 -45.29 -1.88
CA GLU FB 90 -68.60 -46.11 -1.15
C GLU FB 90 -69.28 -46.98 -0.10
N GLY FB 91 -70.01 -46.36 0.84
CA GLY FB 91 -70.68 -47.12 1.87
C GLY FB 91 -71.67 -48.11 1.30
N LEU FB 92 -72.37 -47.71 0.24
CA LEU FB 92 -73.29 -48.63 -0.43
C LEU FB 92 -72.53 -49.81 -1.00
N ALA FB 93 -71.36 -49.58 -1.60
CA ALA FB 93 -70.58 -50.67 -2.16
C ALA FB 93 -70.12 -51.63 -1.07
N ARG FB 94 -69.64 -51.11 0.06
CA ARG FB 94 -69.22 -51.99 1.15
C ARG FB 94 -70.38 -52.82 1.66
N LEU FB 95 -71.52 -52.17 1.88
CA LEU FB 95 -72.69 -52.91 2.34
C LEU FB 95 -73.08 -53.97 1.32
N LEU FB 96 -72.92 -53.69 0.03
CA LEU FB 96 -73.30 -54.66 -0.99
C LEU FB 96 -72.37 -55.86 -0.99
N GLU FB 97 -71.06 -55.65 -0.77
CA GLU FB 97 -70.15 -56.79 -0.65
C GLU FB 97 -70.53 -57.66 0.56
N ARG FB 98 -70.84 -57.02 1.68
CA ARG FB 98 -71.26 -57.78 2.86
C ARG FB 98 -72.55 -58.55 2.59
N VAL FB 99 -73.51 -57.91 1.91
CA VAL FB 99 -74.73 -58.60 1.53
C VAL FB 99 -74.40 -59.80 0.67
N HIS FB 100 -73.44 -59.66 -0.24
CA HIS FB 100 -73.06 -60.76 -1.12
C HIS FB 100 -72.56 -61.96 -0.34
N ARG FB 101 -71.58 -61.74 0.55
CA ARG FB 101 -70.98 -62.85 1.29
C ARG FB 101 -72.01 -63.53 2.20
N GLU FB 102 -72.72 -62.74 3.00
CA GLU FB 102 -73.72 -63.35 3.89
C GLU FB 102 -74.87 -63.99 3.11
N ALA FB 103 -75.23 -63.44 1.96
CA ALA FB 103 -76.25 -64.08 1.15
C ALA FB 103 -75.79 -65.47 0.72
N ARG FB 104 -74.53 -65.57 0.30
CA ARG FB 104 -74.00 -66.88 -0.08
C ARG FB 104 -74.04 -67.86 1.10
N GLU FB 105 -73.56 -67.41 2.27
CA GLU FB 105 -73.51 -68.30 3.42
C GLU FB 105 -74.91 -68.78 3.82
N LEU FB 106 -75.85 -67.84 3.94
CA LEU FB 106 -77.19 -68.22 4.40
C LEU FB 106 -77.93 -69.04 3.35
N LEU FB 107 -77.66 -68.80 2.07
CA LEU FB 107 -78.31 -69.61 1.06
C LEU FB 107 -77.72 -71.02 1.02
N ARG FB 108 -76.43 -71.15 1.33
CA ARG FB 108 -75.86 -72.49 1.50
C ARG FB 108 -76.49 -73.21 2.68
N GLU FB 109 -76.71 -72.49 3.79
CA GLU FB 109 -77.36 -73.09 4.95
C GLU FB 109 -78.84 -73.36 4.73
N GLY FB 110 -79.42 -72.88 3.64
CA GLY FB 110 -80.80 -73.16 3.32
C GLY FB 110 -81.81 -72.17 3.86
N ARG FB 111 -81.38 -71.17 4.62
CA ARG FB 111 -82.28 -70.16 5.16
C ARG FB 111 -82.48 -69.07 4.11
N ARG FB 112 -83.73 -68.81 3.76
CA ARG FB 112 -84.04 -67.91 2.65
C ARG FB 112 -84.53 -66.53 3.10
N GLU FB 113 -85.31 -66.46 4.18
CA GLU FB 113 -85.90 -65.18 4.57
C GLU FB 113 -84.84 -64.15 4.91
N GLU FB 114 -83.81 -64.56 5.65
CA GLU FB 114 -82.82 -63.59 6.12
C GLU FB 114 -81.93 -63.08 4.99
N ALA FB 115 -81.67 -63.89 3.96
CA ALA FB 115 -80.91 -63.40 2.81
C ALA FB 115 -81.69 -62.33 2.06
N ALA FB 116 -82.98 -62.59 1.81
CA ALA FB 116 -83.83 -61.55 1.23
C ALA FB 116 -83.92 -60.34 2.14
N ALA FB 117 -83.84 -60.55 3.44
CA ALA FB 117 -83.86 -59.43 4.38
C ALA FB 117 -82.63 -58.55 4.22
N LEU FB 118 -81.46 -59.17 4.10
CA LEU FB 118 -80.25 -58.38 3.85
C LEU FB 118 -80.35 -57.63 2.53
N VAL FB 119 -80.88 -58.29 1.50
CA VAL FB 119 -81.02 -57.63 0.20
C VAL FB 119 -81.98 -56.45 0.29
N LEU FB 120 -83.11 -56.62 0.99
CA LEU FB 120 -84.07 -55.53 1.14
C LEU FB 120 -83.48 -54.37 1.89
N ALA FB 121 -82.70 -54.65 2.95
CA ALA FB 121 -82.04 -53.57 3.66
C ALA FB 121 -81.07 -52.83 2.75
N ALA FB 122 -80.36 -53.55 1.89
CA ALA FB 122 -79.44 -52.90 0.96
C ALA FB 122 -80.17 -52.03 -0.05
N ALA FB 123 -81.31 -52.51 -0.56
CA ALA FB 123 -82.12 -51.72 -1.49
C ALA FB 123 -82.62 -50.45 -0.82
N LEU FB 124 -83.10 -50.56 0.41
CA LEU FB 124 -83.55 -49.38 1.14
C LEU FB 124 -82.40 -48.42 1.37
N ALA FB 125 -81.21 -48.93 1.68
CA ALA FB 125 -80.07 -48.05 1.86
C ALA FB 125 -79.77 -47.29 0.58
N ALA FB 126 -79.81 -47.97 -0.57
CA ALA FB 126 -79.54 -47.31 -1.85
C ALA FB 126 -80.57 -46.22 -2.15
N GLY FB 127 -81.85 -46.55 -2.05
CA GLY FB 127 -82.89 -45.56 -2.33
C GLY FB 127 -82.85 -44.39 -1.38
N ALA FB 128 -82.71 -44.67 -0.08
CA ALA FB 128 -82.68 -43.60 0.91
C ALA FB 128 -81.45 -42.73 0.73
N VAL FB 129 -80.32 -43.31 0.36
CA VAL FB 129 -79.11 -42.52 0.08
C VAL FB 129 -79.36 -41.59 -1.09
N ALA FB 130 -79.98 -42.09 -2.15
CA ALA FB 130 -80.28 -41.24 -3.30
C ALA FB 130 -81.17 -40.08 -2.91
N VAL FB 131 -82.26 -40.37 -2.20
CA VAL FB 131 -83.19 -39.30 -1.82
C VAL FB 131 -82.52 -38.30 -0.88
N ALA FB 132 -81.66 -38.78 0.02
CA ALA FB 132 -80.98 -37.88 0.94
C ALA FB 132 -80.05 -36.92 0.20
N GLU FB 133 -79.27 -37.42 -0.76
CA GLU FB 133 -78.42 -36.50 -1.51
C GLU FB 133 -79.25 -35.57 -2.38
N ALA FB 134 -80.40 -36.03 -2.87
CA ALA FB 134 -81.27 -35.15 -3.63
C ALA FB 134 -81.76 -34.00 -2.78
N TYR FB 135 -82.19 -34.29 -1.54
CA TYR FB 135 -82.64 -33.23 -0.64
C TYR FB 135 -81.51 -32.27 -0.31
N VAL FB 136 -80.32 -32.82 -0.04
CA VAL FB 136 -79.19 -31.95 0.32
C VAL FB 136 -78.79 -31.06 -0.84
N ARG FB 137 -78.88 -31.58 -2.08
CA ARG FB 137 -78.47 -30.78 -3.23
C ARG FB 137 -79.32 -29.53 -3.39
N LEU FB 138 -80.64 -29.67 -3.25
CA LEU FB 138 -81.54 -28.54 -3.38
C LEU FB 138 -81.83 -27.86 -2.04
N GLY FB 139 -81.04 -28.16 -1.01
CA GLY FB 139 -81.04 -27.39 0.22
C GLY FB 139 -82.32 -27.38 1.04
N GLN FB 140 -82.98 -28.53 1.20
CA GLN FB 140 -84.12 -28.60 2.08
C GLN FB 140 -83.66 -28.81 3.52
N PRO FB 141 -84.48 -28.43 4.50
CA PRO FB 141 -84.05 -28.52 5.90
C PRO FB 141 -83.96 -29.97 6.38
N ILE FB 142 -83.29 -30.13 7.52
CA ILE FB 142 -82.97 -31.45 8.04
C ILE FB 142 -84.17 -32.17 8.64
N ARG FB 143 -85.21 -31.45 9.04
CA ARG FB 143 -86.39 -32.12 9.56
C ARG FB 143 -86.95 -33.12 8.56
N LEU FB 144 -87.02 -32.74 7.28
CA LEU FB 144 -87.55 -33.65 6.27
C LEU FB 144 -86.67 -34.87 6.09
N ILE FB 145 -85.35 -34.71 6.07
CA ILE FB 145 -84.48 -35.88 5.96
C ILE FB 145 -84.70 -36.82 7.12
N ALA FB 146 -84.73 -36.28 8.34
CA ALA FB 146 -84.90 -37.12 9.52
C ALA FB 146 -86.24 -37.84 9.52
N GLU FB 147 -87.32 -37.11 9.25
CA GLU FB 147 -88.64 -37.74 9.25
C GLU FB 147 -88.77 -38.77 8.14
N TYR FB 148 -88.23 -38.46 6.96
CA TYR FB 148 -88.27 -39.41 5.85
C TYR FB 148 -87.57 -40.70 6.21
N VAL FB 149 -86.33 -40.59 6.69
CA VAL FB 149 -85.54 -41.79 7.00
C VAL FB 149 -86.19 -42.60 8.11
N ALA FB 150 -86.67 -41.91 9.15
CA ALA FB 150 -87.30 -42.64 10.26
C ALA FB 150 -88.54 -43.39 9.80
N GLU FB 151 -89.36 -42.76 8.96
CA GLU FB 151 -90.57 -43.43 8.50
C GLU FB 151 -90.26 -44.61 7.60
N ARG FB 152 -89.24 -44.46 6.74
CA ARG FB 152 -88.83 -45.59 5.91
C ARG FB 152 -88.33 -46.75 6.75
N LEU FB 153 -87.56 -46.45 7.80
CA LEU FB 153 -87.08 -47.52 8.67
C LEU FB 153 -88.23 -48.22 9.37
N VAL FB 154 -89.24 -47.47 9.81
CA VAL FB 154 -90.37 -48.11 10.46
C VAL FB 154 -91.13 -49.01 9.47
N GLU FB 155 -91.31 -48.54 8.24
CA GLU FB 155 -91.99 -49.36 7.23
C GLU FB 155 -91.22 -50.64 6.93
N LEU FB 156 -89.90 -50.52 6.79
CA LEU FB 156 -89.07 -51.71 6.56
C LEU FB 156 -89.14 -52.67 7.74
N ALA FB 157 -89.16 -52.13 8.98
CA ALA FB 157 -89.27 -52.98 10.15
C ALA FB 157 -90.59 -53.73 10.15
N GLU FB 158 -91.66 -53.07 9.74
CA GLU FB 158 -92.95 -53.77 9.63
C GLU FB 158 -92.88 -54.87 8.59
N LEU FB 159 -92.25 -54.60 7.44
CA LEU FB 159 -92.12 -55.63 6.41
C LEU FB 159 -91.31 -56.83 6.91
N LEU FB 160 -90.17 -56.56 7.54
CA LEU FB 160 -89.33 -57.64 8.04
C LEU FB 160 -90.03 -58.43 9.15
N ARG FB 161 -90.86 -57.77 9.95
CA ARG FB 161 -91.69 -58.49 10.89
C ARG FB 161 -92.66 -59.41 10.17
N ARG FB 162 -93.22 -58.93 9.05
CA ARG FB 162 -94.15 -59.77 8.29
C ARG FB 162 -93.45 -61.00 7.72
N LEU FB 163 -92.21 -60.83 7.23
CA LEU FB 163 -91.49 -61.96 6.66
C LEU FB 163 -91.21 -63.04 7.70
N GLY FB 164 -90.63 -62.65 8.84
CA GLY FB 164 -90.36 -63.61 9.90
C GLY FB 164 -88.97 -63.53 10.51
N VAL FB 165 -88.18 -62.54 10.11
CA VAL FB 165 -86.84 -62.39 10.67
C VAL FB 165 -86.94 -62.09 12.16
N PRO FB 166 -86.07 -62.62 13.00
CA PRO FB 166 -86.09 -62.27 14.44
C PRO FB 166 -85.75 -60.81 14.67
N LEU FB 167 -86.28 -60.27 15.76
CA LEU FB 167 -86.31 -58.83 15.98
C LEU FB 167 -84.91 -58.24 16.08
N ARG FB 168 -84.00 -58.93 16.77
CA ARG FB 168 -82.66 -58.38 16.95
C ARG FB 168 -81.94 -58.23 15.62
N ARG FB 169 -82.15 -59.18 14.71
CA ARG FB 169 -81.61 -59.03 13.36
C ARG FB 169 -82.23 -57.83 12.66
N ILE FB 170 -83.54 -57.60 12.86
CA ILE FB 170 -84.18 -56.42 12.29
C ILE FB 170 -83.47 -55.16 12.75
N ILE FB 171 -83.21 -55.07 14.06
CA ILE FB 171 -82.58 -53.86 14.60
C ILE FB 171 -81.16 -53.72 14.05
N ARG FB 172 -80.45 -54.83 13.88
CA ARG FB 172 -79.10 -54.76 13.34
C ARG FB 172 -79.11 -54.27 11.89
N LEU FB 173 -80.06 -54.76 11.09
CA LEU FB 173 -80.14 -54.29 9.70
C LEU FB 173 -80.51 -52.81 9.65
N LEU FB 174 -81.43 -52.39 10.51
CA LEU FB 174 -81.83 -50.99 10.53
C LEU FB 174 -80.66 -50.09 10.90
N GLU FB 175 -79.83 -50.53 11.85
CA GLU FB 175 -78.65 -49.76 12.19
C GLU FB 175 -77.66 -49.73 11.03
N GLU FB 176 -77.54 -50.81 10.27
CA GLU FB 176 -76.68 -50.77 9.08
C GLU FB 176 -77.17 -49.76 8.07
N VAL FB 177 -78.49 -49.73 7.82
CA VAL FB 177 -79.06 -48.76 6.90
C VAL FB 177 -78.77 -47.35 7.38
N LEU FB 178 -78.96 -47.10 8.68
CA LEU FB 178 -78.70 -45.78 9.23
C LEU FB 178 -77.23 -45.40 9.08
N ARG FB 179 -76.34 -46.37 9.24
CA ARG FB 179 -74.91 -46.08 9.08
C ARG FB 179 -74.59 -45.67 7.65
N VAL FB 180 -75.17 -46.38 6.68
CA VAL FB 180 -74.95 -46.02 5.28
C VAL FB 180 -75.49 -44.63 4.99
N VAL FB 181 -76.69 -44.33 5.49
CA VAL FB 181 -77.31 -43.02 5.26
C VAL FB 181 -76.45 -41.92 5.87
N ALA FB 182 -75.96 -42.14 7.09
CA ALA FB 182 -75.12 -41.14 7.74
C ALA FB 182 -73.82 -40.92 6.97
N GLU FB 183 -73.23 -41.99 6.44
CA GLU FB 183 -72.04 -41.85 5.62
C GLU FB 183 -72.33 -41.03 4.36
N ALA FB 184 -73.47 -41.30 3.72
CA ALA FB 184 -73.85 -40.54 2.53
C ALA FB 184 -74.00 -39.06 2.85
N LEU FB 185 -74.70 -38.75 3.95
CA LEU FB 185 -74.87 -37.35 4.34
C LEU FB 185 -73.54 -36.70 4.69
N ARG FB 186 -72.62 -37.46 5.26
CA ARG FB 186 -71.29 -36.90 5.54
C ARG FB 186 -70.56 -36.56 4.25
N ARG FB 187 -70.65 -37.43 3.24
CA ARG FB 187 -69.98 -37.16 1.97
C ARG FB 187 -70.59 -35.97 1.26
N ALA FB 188 -71.85 -35.65 1.53
CA ALA FB 188 -72.54 -34.52 0.92
C ALA FB 188 -72.25 -33.21 1.63
N GLY FB 189 -71.41 -33.22 2.67
CA GLY FB 189 -71.05 -32.00 3.36
C GLY FB 189 -71.98 -31.58 4.48
N VAL FB 190 -72.96 -32.39 4.83
CA VAL FB 190 -73.87 -32.03 5.93
C VAL FB 190 -73.08 -31.98 7.23
N PRO FB 191 -73.22 -30.94 8.05
CA PRO FB 191 -72.45 -30.87 9.30
C PRO FB 191 -72.79 -32.01 10.24
N GLU FB 192 -71.80 -32.40 11.04
CA GLU FB 192 -71.94 -33.56 11.91
C GLU FB 192 -73.12 -33.46 12.88
N PRO FB 193 -73.36 -32.34 13.56
CA PRO FB 193 -74.52 -32.30 14.48
C PRO FB 193 -75.84 -32.62 13.81
N GLU FB 194 -76.04 -32.24 12.55
CA GLU FB 194 -77.28 -32.60 11.88
C GLU FB 194 -77.36 -34.10 11.60
N ILE FB 195 -76.22 -34.73 11.32
CA ILE FB 195 -76.21 -36.19 11.17
C ILE FB 195 -76.59 -36.86 12.48
N ARG FB 196 -76.05 -36.37 13.60
CA ARG FB 196 -76.41 -36.92 14.90
C ARG FB 196 -77.89 -36.69 15.19
N LYS FB 197 -78.42 -35.54 14.81
CA LYS FB 197 -79.84 -35.28 14.98
C LYS FB 197 -80.67 -36.27 14.20
N VAL FB 198 -80.26 -36.56 12.96
CA VAL FB 198 -80.97 -37.53 12.14
C VAL FB 198 -80.99 -38.90 12.83
N GLU FB 199 -79.82 -39.36 13.27
CA GLU FB 199 -79.74 -40.68 13.88
C GLU FB 199 -80.53 -40.76 15.17
N ALA FB 200 -80.42 -39.73 16.03
CA ALA FB 200 -81.16 -39.73 17.29
C ALA FB 200 -82.66 -39.74 17.05
N ALA FB 201 -83.13 -38.98 16.06
CA ALA FB 201 -84.55 -39.02 15.72
C ALA FB 201 -84.96 -40.41 15.27
N ALA FB 202 -84.12 -41.06 14.47
CA ALA FB 202 -84.43 -42.41 14.00
C ALA FB 202 -84.53 -43.39 15.17
N TYR FB 203 -83.60 -43.30 16.11
CA TYR FB 203 -83.60 -44.20 17.26
C TYR FB 203 -84.80 -43.98 18.16
N ILE FB 204 -85.19 -42.71 18.38
CA ILE FB 204 -86.35 -42.44 19.20
C ILE FB 204 -87.62 -42.91 18.51
N ARG FB 205 -87.69 -42.77 17.19
CA ARG FB 205 -88.84 -43.29 16.45
C ARG FB 205 -88.93 -44.81 16.55
N LEU FB 206 -87.80 -45.49 16.41
CA LEU FB 206 -87.79 -46.95 16.53
C LEU FB 206 -88.16 -47.39 17.94
N ALA FB 207 -87.66 -46.70 18.95
CA ALA FB 207 -87.99 -47.03 20.33
C ALA FB 207 -89.49 -46.85 20.59
N ALA FB 208 -90.06 -45.75 20.10
CA ALA FB 208 -91.50 -45.52 20.25
C ALA FB 208 -92.30 -46.59 19.53
N TYR FB 209 -91.87 -46.96 18.33
CA TYR FB 209 -92.55 -48.00 17.57
C TYR FB 209 -92.54 -49.32 18.31
N LEU FB 210 -91.39 -49.69 18.89
CA LEU FB 210 -91.32 -50.94 19.65
C LEU FB 210 -92.20 -50.88 20.89
N LEU FB 211 -92.19 -49.74 21.58
CA LEU FB 211 -92.97 -49.61 22.81
C LEU FB 211 -94.47 -49.69 22.54
N ARG FB 212 -94.91 -49.21 21.37
CA ARG FB 212 -96.34 -49.12 21.14
C ARG FB 212 -96.99 -50.50 21.02
N GLN FB 213 -96.25 -51.49 20.50
CA GLN FB 213 -96.85 -52.80 20.27
C GLN FB 213 -97.28 -53.45 21.57
N LEU FB 214 -96.49 -53.31 22.62
CA LEU FB 214 -96.79 -53.92 23.91
C LEU FB 214 -97.78 -53.11 24.74
N GLY FB 215 -98.21 -51.95 24.25
CA GLY FB 215 -99.26 -51.24 24.94
C GLY FB 215 -98.75 -50.24 25.95
N TYR FB 216 -97.69 -49.52 25.59
CA TYR FB 216 -97.20 -48.39 26.38
C TYR FB 216 -97.42 -47.15 25.54
N GLU FB 217 -98.66 -46.65 25.56
CA GLU FB 217 -99.02 -45.54 24.71
C GLU FB 217 -98.48 -44.22 25.23
N ALA FB 218 -98.63 -43.98 26.54
CA ALA FB 218 -98.15 -42.73 27.12
C ALA FB 218 -96.65 -42.58 26.93
N LEU FB 219 -95.91 -43.67 27.12
CA LEU FB 219 -94.46 -43.66 26.90
C LEU FB 219 -94.13 -43.25 25.47
N ALA FB 220 -94.85 -43.82 24.50
CA ALA FB 220 -94.59 -43.50 23.11
C ALA FB 220 -94.91 -42.04 22.80
N LYS FB 221 -96.01 -41.53 23.35
CA LYS FB 221 -96.34 -40.12 23.14
C LYS FB 221 -95.28 -39.20 23.71
N ARG FB 222 -94.78 -39.50 24.90
CA ARG FB 222 -93.75 -38.65 25.50
C ARG FB 222 -92.45 -38.71 24.71
N LEU FB 223 -92.09 -39.90 24.22
CA LEU FB 223 -90.89 -40.00 23.40
C LEU FB 223 -91.03 -39.21 22.11
N LEU FB 224 -92.21 -39.24 21.51
CA LEU FB 224 -92.40 -38.48 20.27
C LEU FB 224 -92.45 -36.99 20.54
N GLU FB 225 -92.94 -36.56 21.71
CA GLU FB 225 -92.84 -35.15 22.09
C GLU FB 225 -91.39 -34.73 22.20
N ALA FB 226 -90.56 -35.56 22.84
CA ALA FB 226 -89.14 -35.26 22.93
C ALA FB 226 -88.51 -35.18 21.55
N ARG FB 227 -88.89 -36.08 20.64
CA ARG FB 227 -88.36 -36.03 19.28
C ARG FB 227 -88.78 -34.74 18.58
N GLU FB 228 -90.03 -34.33 18.75
CA GLU FB 228 -90.50 -33.09 18.12
C GLU FB 228 -89.72 -31.89 18.63
N LEU FB 229 -89.48 -31.83 19.94
CA LEU FB 229 -88.64 -30.75 20.45
C LEU FB 229 -87.23 -30.84 19.90
N LEU FB 230 -86.72 -32.05 19.67
CA LEU FB 230 -85.35 -32.19 19.18
C LEU FB 230 -85.23 -31.69 17.75
N LEU FB 231 -86.19 -32.02 16.89
CA LEU FB 231 -86.09 -31.64 15.49
C LEU FB 231 -86.26 -30.13 15.27
N GLU FB 232 -86.82 -29.42 16.24
CA GLU FB 232 -87.00 -27.98 16.17
C GLU FB 232 -85.77 -27.20 16.59
N GLY FB 233 -84.69 -27.88 17.00
CA GLY FB 233 -83.50 -27.22 17.46
C GLY FB 233 -83.43 -27.02 18.96
N ARG FB 234 -84.53 -27.21 19.69
CA ARG FB 234 -84.53 -27.12 21.14
C ARG FB 234 -83.92 -28.38 21.70
N VAL FB 235 -82.58 -28.42 21.73
CA VAL FB 235 -81.87 -29.60 22.20
C VAL FB 235 -82.03 -29.77 23.70
N GLU FB 236 -82.00 -28.66 24.45
CA GLU FB 236 -81.97 -28.76 25.91
C GLU FB 236 -83.29 -29.30 26.46
N GLU FB 237 -84.41 -28.79 25.97
CA GLU FB 237 -85.69 -29.32 26.39
C GLU FB 237 -85.86 -30.77 25.94
N ALA FB 238 -85.33 -31.10 24.75
CA ALA FB 238 -85.38 -32.48 24.28
C ALA FB 238 -84.64 -33.41 25.23
N ALA FB 239 -83.43 -33.02 25.64
CA ALA FB 239 -82.65 -33.87 26.54
C ALA FB 239 -83.29 -33.97 27.92
N HIS FB 240 -83.84 -32.87 28.45
CA HIS FB 240 -84.48 -32.94 29.76
C HIS FB 240 -85.71 -33.84 29.73
N LEU FB 241 -86.57 -33.67 28.73
CA LEU FB 241 -87.77 -34.49 28.66
C LEU FB 241 -87.43 -35.95 28.37
N LEU FB 242 -86.39 -36.18 27.55
CA LEU FB 242 -85.94 -37.54 27.28
C LEU FB 242 -85.42 -38.20 28.54
N GLU FB 243 -84.63 -37.50 29.35
CA GLU FB 243 -84.10 -38.10 30.56
C GLU FB 243 -85.21 -38.39 31.56
N ASP FB 244 -86.22 -37.53 31.65
CA ASP FB 244 -87.34 -37.82 32.56
C ASP FB 244 -88.08 -39.09 32.13
N VAL FB 245 -88.41 -39.18 30.84
CA VAL FB 245 -89.16 -40.36 30.40
C VAL FB 245 -88.29 -41.63 30.49
N TYR FB 246 -86.99 -41.52 30.21
CA TYR FB 246 -86.11 -42.67 30.36
C TYR FB 246 -86.01 -43.11 31.80
N ALA FB 247 -85.97 -42.18 32.75
CA ALA FB 247 -85.93 -42.56 34.16
C ALA FB 247 -87.18 -43.33 34.55
N LEU FB 248 -88.35 -42.84 34.14
CA LEU FB 248 -89.58 -43.56 34.49
C LEU FB 248 -89.61 -44.94 33.85
N PHE FB 249 -89.20 -45.03 32.59
CA PHE FB 249 -89.16 -46.31 31.88
C PHE FB 249 -88.20 -47.28 32.54
N HIS FB 250 -87.03 -46.79 32.97
CA HIS FB 250 -86.01 -47.67 33.53
C HIS FB 250 -86.45 -48.18 34.90
N ARG FB 251 -87.12 -47.33 35.69
CA ARG FB 251 -87.72 -47.82 36.92
C ARG FB 251 -88.74 -48.92 36.63
N GLU FB 252 -89.53 -48.75 35.56
CA GLU FB 252 -90.47 -49.80 35.20
C GLU FB 252 -89.77 -51.09 34.81
N ILE FB 253 -88.64 -50.98 34.11
CA ILE FB 253 -87.86 -52.17 33.75
C ILE FB 253 -87.35 -52.87 34.99
N GLU FB 254 -86.72 -52.12 35.90
CA GLU FB 254 -86.18 -52.70 37.12
C GLU FB 254 -87.28 -53.25 38.02
N ARG FB 255 -88.52 -52.80 37.85
CA ARG FB 255 -89.62 -53.37 38.61
C ARG FB 255 -89.77 -54.86 38.31
N LEU FB 256 -89.63 -55.23 37.05
CA LEU FB 256 -89.84 -56.61 36.61
C LEU FB 256 -88.65 -57.52 36.89
N GLY FB 257 -87.55 -56.99 37.42
CA GLY FB 257 -86.46 -57.84 37.88
C GLY FB 257 -85.77 -58.55 36.75
N PHE FB 258 -85.59 -59.86 36.91
CA PHE FB 258 -84.97 -60.71 35.88
C PHE FB 258 -86.04 -61.34 34.99
N GLU FB 259 -86.86 -60.49 34.40
CA GLU FB 259 -87.89 -60.89 33.45
C GLU FB 259 -88.43 -59.65 32.77
N ALA FB 260 -88.54 -59.70 31.44
CA ALA FB 260 -89.12 -58.61 30.65
C ALA FB 260 -89.26 -59.06 29.20
N PRO FB 261 -90.32 -58.68 28.50
CA PRO FB 261 -90.42 -58.99 27.08
C PRO FB 261 -89.24 -58.41 26.32
N GLU FB 262 -88.84 -59.10 25.25
CA GLU FB 262 -87.58 -58.77 24.60
C GLU FB 262 -87.61 -57.38 23.97
N GLU FB 263 -88.79 -56.89 23.58
CA GLU FB 263 -88.85 -55.55 23.00
C GLU FB 263 -88.51 -54.48 24.03
N LEU FB 264 -88.85 -54.69 25.31
CA LEU FB 264 -88.37 -53.80 26.35
C LEU FB 264 -86.85 -53.79 26.40
N ARG FB 265 -86.24 -54.97 26.31
CA ARG FB 265 -84.80 -55.06 26.38
C ARG FB 265 -84.13 -54.35 25.19
N VAL FB 266 -84.73 -54.45 24.01
CA VAL FB 266 -84.16 -53.76 22.86
C VAL FB 266 -84.37 -52.25 22.98
N ALA FB 267 -85.57 -51.84 23.39
CA ALA FB 267 -85.86 -50.42 23.50
C ALA FB 267 -84.99 -49.73 24.54
N ASP FB 268 -84.60 -50.45 25.59
CA ASP FB 268 -83.73 -49.85 26.60
C ASP FB 268 -82.40 -49.46 25.97
N LEU FB 269 -81.83 -50.33 25.15
CA LEU FB 269 -80.58 -50.01 24.48
C LEU FB 269 -80.77 -48.91 23.44
N LEU FB 270 -81.90 -48.93 22.73
CA LEU FB 270 -82.18 -47.88 21.75
C LEU FB 270 -82.25 -46.52 22.42
N LEU FB 271 -82.98 -46.43 23.54
CA LEU FB 271 -83.12 -45.17 24.27
C LEU FB 271 -81.78 -44.71 24.82
N ALA FB 272 -80.97 -45.64 25.33
CA ALA FB 272 -79.65 -45.26 25.82
C ALA FB 272 -78.80 -44.66 24.69
N ARG FB 273 -78.81 -45.29 23.51
CA ARG FB 273 -78.04 -44.74 22.39
C ARG FB 273 -78.59 -43.39 21.94
N ALA FB 274 -79.91 -43.23 21.93
CA ALA FB 274 -80.51 -41.95 21.56
C ALA FB 274 -80.06 -40.85 22.51
N ILE FB 275 -80.08 -41.15 23.82
CA ILE FB 275 -79.64 -40.17 24.80
C ILE FB 275 -78.17 -39.83 24.64
N ALA FB 276 -77.35 -40.85 24.37
CA ALA FB 276 -75.92 -40.59 24.16
C ALA FB 276 -75.70 -39.68 22.95
N LEU FB 277 -76.42 -39.94 21.85
CA LEU FB 277 -76.27 -39.11 20.66
C LEU FB 277 -76.72 -37.68 20.92
N ILE FB 278 -77.85 -37.50 21.59
CA ILE FB 278 -78.32 -36.15 21.88
C ILE FB 278 -77.32 -35.41 22.75
N LYS FB 279 -76.78 -36.08 23.76
CA LYS FB 279 -75.77 -35.46 24.61
C LYS FB 279 -74.52 -35.09 23.82
N ALA FB 280 -74.20 -35.88 22.79
CA ALA FB 280 -72.99 -35.62 22.00
C ALA FB 280 -73.18 -34.56 20.92
N ILE FB 281 -74.41 -34.11 20.68
CA ILE FB 281 -74.66 -33.05 19.70
C ILE FB 281 -73.86 -31.81 20.06
N THR GB 24 -58.82 -92.23 40.88
CA THR GB 24 -59.00 -91.81 39.49
C THR GB 24 -58.46 -90.39 39.29
N VAL GB 25 -58.14 -89.73 40.40
CA VAL GB 25 -57.69 -88.34 40.35
C VAL GB 25 -56.38 -88.23 39.58
N VAL GB 26 -55.44 -89.15 39.84
CA VAL GB 26 -54.19 -89.15 39.10
C VAL GB 26 -54.43 -89.45 37.62
N GLU GB 27 -55.34 -90.37 37.33
CA GLU GB 27 -55.71 -90.62 35.95
C GLU GB 27 -56.34 -89.40 35.31
N GLU GB 28 -57.16 -88.67 36.08
CA GLU GB 28 -57.77 -87.44 35.56
C GLU GB 28 -56.71 -86.40 35.24
N VAL GB 29 -55.71 -86.24 36.10
CA VAL GB 29 -54.64 -85.29 35.83
C VAL GB 29 -53.84 -85.71 34.60
N ARG GB 30 -53.53 -87.00 34.48
CA ARG GB 30 -52.83 -87.47 33.29
C ARG GB 30 -53.65 -87.21 32.03
N ARG GB 31 -54.95 -87.52 32.07
CA ARG GB 31 -55.81 -87.30 30.91
C ARG GB 31 -55.87 -85.83 30.55
N PHE GB 32 -56.00 -84.96 31.55
CA PHE GB 32 -56.04 -83.52 31.30
C PHE GB 32 -54.78 -83.06 30.62
N ALA GB 33 -53.62 -83.47 31.13
CA ALA GB 33 -52.35 -83.02 30.56
C ALA GB 33 -52.17 -83.54 29.13
N GLU GB 34 -52.46 -84.83 28.91
CA GLU GB 34 -52.26 -85.40 27.58
C GLU GB 34 -53.23 -84.80 26.57
N GLU GB 35 -54.49 -84.58 26.97
CA GLU GB 35 -55.44 -83.96 26.06
C GLU GB 35 -55.00 -82.54 25.68
N LEU GB 36 -54.54 -81.77 26.67
CA LEU GB 36 -54.06 -80.43 26.37
C LEU GB 36 -52.87 -80.47 25.41
N ALA GB 37 -51.94 -81.41 25.63
CA ALA GB 37 -50.77 -81.53 24.75
C ALA GB 37 -51.18 -81.93 23.34
N GLU GB 38 -52.13 -82.86 23.21
CA GLU GB 38 -52.62 -83.24 21.89
C GLU GB 38 -53.25 -82.05 21.17
N GLU GB 39 -54.03 -81.23 21.90
CA GLU GB 39 -54.62 -80.05 21.27
C GLU GB 39 -53.54 -79.06 20.85
N VAL GB 40 -52.49 -78.91 21.65
CA VAL GB 40 -51.38 -78.05 21.24
C VAL GB 40 -50.79 -78.53 19.93
N LEU GB 41 -50.56 -79.85 19.83
CA LEU GB 41 -49.95 -80.40 18.62
C LEU GB 41 -50.88 -80.29 17.42
N ARG GB 42 -52.19 -80.47 17.63
CA ARG GB 42 -53.12 -80.34 16.52
C ARG GB 42 -53.20 -78.91 16.02
N VAL GB 43 -53.32 -77.94 16.93
CA VAL GB 43 -53.46 -76.56 16.51
C VAL GB 43 -52.17 -76.04 15.88
N GLY GB 44 -51.04 -76.30 16.51
CA GLY GB 44 -49.78 -75.77 16.05
C GLY GB 44 -48.89 -76.70 15.27
N GLY GB 45 -49.23 -77.98 15.18
CA GLY GB 45 -48.40 -78.89 14.42
C GLY GB 45 -47.07 -79.16 15.09
N GLU GB 46 -46.07 -79.43 14.26
CA GLU GB 46 -44.71 -79.63 14.71
C GLU GB 46 -43.97 -78.32 14.93
N ALA GB 47 -44.60 -77.18 14.67
CA ALA GB 47 -43.94 -75.90 14.89
C ALA GB 47 -43.61 -75.71 16.36
N MET GB 48 -44.53 -76.05 17.25
CA MET GB 48 -44.33 -75.99 18.69
C MET GB 48 -44.48 -77.39 19.26
N ARG GB 49 -43.41 -78.16 19.20
CA ARG GB 49 -43.24 -79.43 19.91
C ARG GB 49 -42.77 -79.21 21.35
N PRO GB 50 -41.90 -78.23 21.63
CA PRO GB 50 -41.52 -77.99 23.03
C PRO GB 50 -42.68 -77.83 23.99
N TYR GB 51 -43.75 -77.15 23.58
CA TYR GB 51 -44.87 -76.90 24.49
C TYR GB 51 -45.60 -78.19 24.82
N ALA GB 52 -45.69 -79.13 23.88
CA ALA GB 52 -46.27 -80.43 24.19
C ALA GB 52 -45.44 -81.15 25.23
N GLU GB 53 -44.12 -81.04 25.14
CA GLU GB 53 -43.24 -81.65 26.13
C GLU GB 53 -43.42 -80.99 27.50
N MET GB 54 -43.51 -79.66 27.53
CA MET GB 54 -43.73 -78.96 28.80
C MET GB 54 -45.04 -79.41 29.44
N VAL GB 55 -46.11 -79.47 28.66
CA VAL GB 55 -47.39 -79.88 29.20
C VAL GB 55 -47.32 -81.31 29.72
N ARG GB 56 -46.69 -82.20 28.96
CA ARG GB 56 -46.64 -83.60 29.38
C ARG GB 56 -45.79 -83.77 30.64
N HIS GB 57 -44.65 -83.10 30.73
CA HIS GB 57 -43.83 -83.20 31.94
C HIS GB 57 -44.49 -82.57 33.15
N LEU GB 58 -45.21 -81.46 32.97
CA LEU GB 58 -45.93 -80.89 34.10
C LEU GB 58 -47.05 -81.81 34.56
N GLY GB 59 -47.67 -82.53 33.62
CA GLY GB 59 -48.61 -83.57 34.01
C GLY GB 59 -47.95 -84.66 34.83
N GLU GB 60 -46.77 -85.12 34.40
CA GLU GB 60 -46.06 -86.13 35.18
C GLU GB 60 -45.66 -85.62 36.56
N ALA GB 61 -45.21 -84.37 36.64
CA ALA GB 61 -44.84 -83.80 37.95
C ALA GB 61 -46.05 -83.72 38.87
N ALA GB 62 -47.20 -83.30 38.34
CA ALA GB 62 -48.40 -83.23 39.16
C ALA GB 62 -48.82 -84.60 39.66
N VAL GB 63 -48.79 -85.62 38.78
CA VAL GB 63 -49.22 -86.93 39.25
C VAL GB 63 -48.20 -87.53 40.21
N ALA GB 64 -46.91 -87.19 40.04
CA ALA GB 64 -45.91 -87.59 41.02
C ALA GB 64 -46.23 -86.99 42.38
N ALA GB 65 -46.58 -85.70 42.42
CA ALA GB 65 -46.94 -85.06 43.68
C ALA GB 65 -48.16 -85.72 44.31
N LEU GB 66 -49.17 -86.03 43.49
CA LEU GB 66 -50.35 -86.73 44.02
C LEU GB 66 -50.05 -88.15 44.46
N GLU GB 67 -48.97 -88.76 43.98
CA GLU GB 67 -48.69 -90.15 44.34
C GLU GB 67 -47.43 -90.27 45.21
N GLY GB 68 -47.33 -89.42 46.23
CA GLY GB 68 -46.14 -89.39 47.06
C GLY GB 68 -45.12 -88.42 46.51
N ARG GB 69 -43.86 -88.69 46.83
CA ARG GB 69 -42.71 -88.01 46.24
C ARG GB 69 -42.65 -86.52 46.55
N ALA GB 70 -41.43 -85.99 46.59
CA ALA GB 70 -41.20 -84.55 46.65
C ALA GB 70 -40.01 -84.11 45.82
N GLU GB 71 -39.13 -85.02 45.42
CA GLU GB 71 -37.90 -84.73 44.69
C GLU GB 71 -38.09 -84.87 43.19
N GLU GB 72 -38.86 -85.87 42.75
CA GLU GB 72 -39.17 -86.00 41.33
C GLU GB 72 -39.94 -84.79 40.82
N ALA GB 73 -40.88 -84.31 41.63
CA ALA GB 73 -41.61 -83.09 41.27
C ALA GB 73 -40.65 -81.91 41.12
N ASP GB 74 -39.70 -81.77 42.05
CA ASP GB 74 -38.70 -80.73 41.96
C ASP GB 74 -37.90 -80.83 40.67
N ARG GB 75 -37.43 -82.04 40.36
CA ARG GB 75 -36.59 -82.22 39.18
C ARG GB 75 -37.37 -81.93 37.90
N LEU GB 76 -38.59 -82.44 37.80
CA LEU GB 76 -39.38 -82.23 36.60
C LEU GB 76 -39.70 -80.76 36.41
N VAL GB 77 -40.06 -80.06 37.49
CA VAL GB 77 -40.36 -78.63 37.38
C VAL GB 77 -39.11 -77.86 36.96
N ARG GB 78 -37.94 -78.27 37.45
CA ARG GB 78 -36.70 -77.62 37.02
C ARG GB 78 -36.42 -77.88 35.54
N ASP GB 79 -36.70 -79.10 35.08
CA ASP GB 79 -36.50 -79.41 33.66
C ASP GB 79 -37.41 -78.57 32.79
N VAL GB 80 -38.69 -78.45 33.16
CA VAL GB 80 -39.62 -77.62 32.41
C VAL GB 80 -39.21 -76.15 32.49
N LEU GB 81 -38.65 -75.73 33.61
CA LEU GB 81 -38.14 -74.37 33.69
C LEU GB 81 -37.00 -74.15 32.70
N GLU GB 82 -36.12 -75.14 32.56
CA GLU GB 82 -35.05 -75.03 31.58
C GLU GB 82 -35.60 -74.96 30.16
N MET GB 83 -36.61 -75.77 29.84
CA MET GB 83 -37.22 -75.70 28.52
C MET GB 83 -37.82 -74.32 28.27
N ALA GB 84 -38.53 -73.79 29.26
CA ALA GB 84 -39.10 -72.46 29.12
C ALA GB 84 -38.02 -71.41 28.92
N ARG GB 85 -36.88 -71.58 29.59
CA ARG GB 85 -35.77 -70.65 29.41
C ARG GB 85 -35.25 -70.69 27.98
N GLU GB 86 -35.07 -71.89 27.43
CA GLU GB 86 -34.45 -71.97 26.11
C GLU GB 86 -35.42 -71.55 25.00
N VAL GB 87 -36.69 -71.91 25.11
CA VAL GB 87 -37.66 -71.57 24.06
C VAL GB 87 -37.81 -70.07 23.95
N GLY GB 88 -37.93 -69.38 25.07
CA GLY GB 88 -38.13 -67.94 25.08
C GLY GB 88 -39.35 -67.49 25.87
N ALA GB 89 -40.09 -68.40 26.50
CA ALA GB 89 -41.26 -68.04 27.30
C ALA GB 89 -40.79 -67.37 28.57
N GLU GB 90 -41.15 -66.10 28.75
CA GLU GB 90 -40.74 -65.35 29.93
C GLU GB 90 -41.75 -65.53 31.08
N GLY GB 91 -43.00 -65.17 30.84
CA GLY GB 91 -44.00 -65.30 31.89
C GLY GB 91 -44.17 -66.72 32.37
N LEU GB 92 -44.09 -67.67 31.44
CA LEU GB 92 -44.15 -69.08 31.82
C LEU GB 92 -42.97 -69.45 32.71
N ALA GB 93 -41.78 -68.96 32.39
CA ALA GB 93 -40.61 -69.25 33.21
C ALA GB 93 -40.77 -68.67 34.61
N ARG GB 94 -41.27 -67.43 34.71
CA ARG GB 94 -41.47 -66.83 36.02
C ARG GB 94 -42.46 -67.65 36.84
N LEU GB 95 -43.59 -68.02 36.23
CA LEU GB 95 -44.57 -68.81 36.95
C LEU GB 95 -43.98 -70.16 37.34
N LEU GB 96 -43.06 -70.69 36.54
CA LEU GB 96 -42.48 -71.99 36.86
C LEU GB 96 -41.53 -71.90 38.06
N GLU GB 97 -40.75 -70.82 38.14
CA GLU GB 97 -39.95 -70.62 39.35
C GLU GB 97 -40.86 -70.49 40.58
N ARG GB 98 -41.95 -69.72 40.45
CA ARG GB 98 -42.86 -69.53 41.57
C ARG GB 98 -43.47 -70.85 42.03
N VAL GB 99 -43.95 -71.67 41.08
CA VAL GB 99 -44.55 -72.94 41.46
C VAL GB 99 -43.50 -73.85 42.05
N HIS GB 100 -42.26 -73.76 41.58
CA HIS GB 100 -41.18 -74.55 42.14
C HIS GB 100 -41.03 -74.27 43.64
N ARG GB 101 -40.87 -73.00 44.00
CA ARG GB 101 -40.67 -72.64 45.41
C ARG GB 101 -41.89 -73.00 46.25
N GLU GB 102 -43.09 -72.64 45.77
CA GLU GB 102 -44.29 -72.91 46.54
C GLU GB 102 -44.53 -74.40 46.72
N ALA GB 103 -44.26 -75.20 45.69
CA ALA GB 103 -44.42 -76.64 45.81
C ALA GB 103 -43.46 -77.19 46.84
N ARG GB 104 -42.23 -76.69 46.86
CA ARG GB 104 -41.30 -77.11 47.91
C ARG GB 104 -41.87 -76.82 49.29
N GLU GB 105 -42.35 -75.59 49.51
CA GLU GB 105 -42.86 -75.22 50.83
C GLU GB 105 -44.04 -76.10 51.24
N LEU GB 106 -45.01 -76.27 50.34
CA LEU GB 106 -46.21 -77.02 50.70
C LEU GB 106 -45.90 -78.50 50.87
N LEU GB 107 -44.98 -79.04 50.08
CA LEU GB 107 -44.61 -80.44 50.26
C LEU GB 107 -43.87 -80.64 51.57
N ARG GB 108 -43.09 -79.66 52.00
CA ARG GB 108 -42.49 -79.71 53.33
C ARG GB 108 -43.58 -79.70 54.40
N GLU GB 109 -44.60 -78.86 54.21
CA GLU GB 109 -45.72 -78.83 55.15
C GLU GB 109 -46.62 -80.06 55.07
N GLY GB 110 -46.42 -80.92 54.07
CA GLY GB 110 -47.17 -82.15 53.98
C GLY GB 110 -48.45 -82.08 53.18
N ARG GB 111 -48.84 -80.91 52.69
CA ARG GB 111 -50.05 -80.75 51.89
C ARG GB 111 -49.71 -81.06 50.44
N ARG GB 112 -50.50 -81.95 49.82
CA ARG GB 112 -50.21 -82.43 48.49
C ARG GB 112 -51.14 -81.86 47.42
N GLU GB 113 -52.41 -81.62 47.74
CA GLU GB 113 -53.36 -81.20 46.73
C GLU GB 113 -53.00 -79.85 46.15
N GLU GB 114 -52.58 -78.91 47.00
CA GLU GB 114 -52.30 -77.56 46.52
C GLU GB 114 -51.06 -77.48 45.66
N ALA GB 115 -50.03 -78.29 45.95
CA ALA GB 115 -48.84 -78.31 45.10
C ALA GB 115 -49.18 -78.82 43.71
N ALA GB 116 -49.94 -79.91 43.63
CA ALA GB 116 -50.42 -80.39 42.34
C ALA GB 116 -51.33 -79.38 41.68
N ALA GB 117 -52.08 -78.61 42.46
CA ALA GB 117 -52.92 -77.57 41.88
C ALA GB 117 -52.07 -76.50 41.19
N LEU GB 118 -51.00 -76.07 41.84
CA LEU GB 118 -50.10 -75.12 41.18
C LEU GB 118 -49.48 -75.72 39.93
N VAL GB 119 -49.10 -77.00 39.99
CA VAL GB 119 -48.51 -77.64 38.81
C VAL GB 119 -49.51 -77.70 37.66
N LEU GB 120 -50.75 -78.07 37.96
CA LEU GB 120 -51.78 -78.14 36.92
C LEU GB 120 -52.07 -76.76 36.33
N ALA GB 121 -52.09 -75.74 37.16
CA ALA GB 121 -52.26 -74.39 36.64
C ALA GB 121 -51.10 -74.02 35.72
N ALA GB 122 -49.88 -74.43 36.07
CA ALA GB 122 -48.73 -74.16 35.20
C ALA GB 122 -48.84 -74.89 33.87
N ALA GB 123 -49.29 -76.15 33.90
CA ALA GB 123 -49.47 -76.90 32.65
C ALA GB 123 -50.51 -76.24 31.76
N LEU GB 124 -51.63 -75.83 32.36
CA LEU GB 124 -52.66 -75.15 31.58
C LEU GB 124 -52.14 -73.84 31.01
N ALA GB 125 -51.35 -73.10 31.79
CA ALA GB 125 -50.79 -71.87 31.28
C ALA GB 125 -49.90 -72.13 30.07
N ALA GB 126 -49.06 -73.17 30.14
CA ALA GB 126 -48.18 -73.50 29.02
C ALA GB 126 -48.98 -73.89 27.77
N GLY GB 127 -49.94 -74.80 27.94
CA GLY GB 127 -50.73 -75.23 26.79
C GLY GB 127 -51.55 -74.10 26.17
N ALA GB 128 -52.20 -73.31 27.01
CA ALA GB 128 -53.01 -72.21 26.50
C ALA GB 128 -52.15 -71.14 25.86
N VAL GB 129 -50.95 -70.90 26.39
CA VAL GB 129 -50.03 -69.96 25.76
C VAL GB 129 -49.66 -70.44 24.37
N ALA GB 130 -49.35 -71.73 24.24
CA ALA GB 130 -48.99 -72.26 22.93
C ALA GB 130 -50.13 -72.13 21.94
N VAL GB 131 -51.34 -72.55 22.36
CA VAL GB 131 -52.48 -72.50 21.45
C VAL GB 131 -52.81 -71.05 21.08
N ALA GB 132 -52.69 -70.13 22.03
CA ALA GB 132 -52.95 -68.73 21.73
C ALA GB 132 -51.97 -68.16 20.74
N GLU GB 133 -50.68 -68.49 20.87
CA GLU GB 133 -49.73 -68.01 19.88
C GLU GB 133 -49.99 -68.63 18.51
N ALA GB 134 -50.43 -69.89 18.48
CA ALA GB 134 -50.79 -70.50 17.21
C ALA GB 134 -51.94 -69.75 16.56
N TYR GB 135 -52.97 -69.41 17.34
CA TYR GB 135 -54.12 -68.68 16.80
C TYR GB 135 -53.69 -67.30 16.29
N VAL GB 136 -52.80 -66.63 17.02
CA VAL GB 136 -52.37 -65.31 16.61
C VAL GB 136 -51.54 -65.38 15.33
N ARG GB 137 -50.70 -66.42 15.19
CA ARG GB 137 -49.84 -66.52 14.03
C ARG GB 137 -50.64 -66.64 12.73
N LEU GB 138 -51.66 -67.49 12.73
CA LEU GB 138 -52.47 -67.68 11.54
C LEU GB 138 -53.71 -66.78 11.51
N GLY GB 139 -53.75 -65.76 12.36
CA GLY GB 139 -54.73 -64.69 12.26
C GLY GB 139 -56.19 -65.05 12.43
N GLN GB 140 -56.51 -65.90 13.39
CA GLN GB 140 -57.91 -66.19 13.68
C GLN GB 140 -58.50 -65.10 14.56
N PRO GB 141 -59.83 -64.95 14.56
CA PRO GB 141 -60.46 -63.85 15.31
C PRO GB 141 -60.29 -64.01 16.81
N ILE GB 142 -60.43 -62.88 17.50
CA ILE GB 142 -60.23 -62.83 18.95
C ILE GB 142 -61.34 -63.52 19.73
N ARG GB 143 -62.55 -63.59 19.18
CA ARG GB 143 -63.62 -64.35 19.83
C ARG GB 143 -63.17 -65.78 20.12
N LEU GB 144 -62.42 -66.37 19.20
CA LEU GB 144 -61.98 -67.75 19.38
C LEU GB 144 -61.02 -67.89 20.54
N ILE GB 145 -60.05 -66.98 20.64
CA ILE GB 145 -59.12 -67.00 21.77
C ILE GB 145 -59.87 -66.83 23.08
N ALA GB 146 -60.79 -65.85 23.14
CA ALA GB 146 -61.50 -65.58 24.38
C ALA GB 146 -62.35 -66.78 24.81
N GLU GB 147 -63.10 -67.35 23.88
CA GLU GB 147 -63.95 -68.49 24.22
C GLU GB 147 -63.12 -69.70 24.62
N TYR GB 148 -62.02 -69.95 23.91
CA TYR GB 148 -61.15 -71.07 24.24
C TYR GB 148 -60.61 -70.92 25.66
N VAL GB 149 -60.04 -69.77 25.97
CA VAL GB 149 -59.43 -69.57 27.29
C VAL GB 149 -60.47 -69.67 28.39
N ALA GB 150 -61.63 -69.05 28.19
CA ALA GB 150 -62.67 -69.08 29.23
C ALA GB 150 -63.14 -70.51 29.49
N GLU GB 151 -63.32 -71.30 28.43
CA GLU GB 151 -63.80 -72.66 28.65
C GLU GB 151 -62.73 -73.51 29.32
N ARG GB 152 -61.46 -73.32 28.96
CA ARG GB 152 -60.39 -74.05 29.64
C ARG GB 152 -60.31 -73.69 31.11
N LEU GB 153 -60.48 -72.40 31.44
CA LEU GB 153 -60.47 -71.99 32.84
C LEU GB 153 -61.61 -72.64 33.61
N VAL GB 154 -62.79 -72.71 33.00
CA VAL GB 154 -63.91 -73.34 33.70
C VAL GB 154 -63.64 -74.82 33.94
N GLU GB 155 -63.07 -75.50 32.93
CA GLU GB 155 -62.73 -76.92 33.11
C GLU GB 155 -61.71 -77.13 34.22
N LEU GB 156 -60.67 -76.30 34.25
CA LEU GB 156 -59.68 -76.39 35.33
C LEU GB 156 -60.30 -76.13 36.69
N ALA GB 157 -61.20 -75.14 36.76
CA ALA GB 157 -61.87 -74.86 38.03
C ALA GB 157 -62.69 -76.05 38.49
N GLU GB 158 -63.36 -76.72 37.57
CA GLU GB 158 -64.11 -77.92 37.94
C GLU GB 158 -63.16 -79.00 38.45
N LEU GB 159 -62.01 -79.17 37.80
CA LEU GB 159 -61.04 -80.17 38.24
C LEU GB 159 -60.53 -79.87 39.65
N LEU GB 160 -60.13 -78.62 39.88
CA LEU GB 160 -59.61 -78.25 41.20
C LEU GB 160 -60.68 -78.37 42.27
N ARG GB 161 -61.93 -78.09 41.93
CA ARG GB 161 -63.01 -78.34 42.87
C ARG GB 161 -63.13 -79.82 43.18
N ARG GB 162 -62.91 -80.68 42.18
CA ARG GB 162 -62.93 -82.11 42.43
C ARG GB 162 -61.80 -82.54 43.36
N LEU GB 163 -60.60 -81.98 43.17
CA LEU GB 163 -59.47 -82.35 44.02
C LEU GB 163 -59.72 -81.97 45.48
N GLY GB 164 -60.08 -80.71 45.73
CA GLY GB 164 -60.34 -80.26 47.08
C GLY GB 164 -59.71 -78.93 47.46
N VAL GB 165 -59.11 -78.25 46.50
CA VAL GB 165 -58.49 -76.95 46.78
C VAL GB 165 -59.57 -75.96 47.20
N PRO GB 166 -59.33 -75.10 48.19
CA PRO GB 166 -60.32 -74.07 48.55
C PRO GB 166 -60.53 -73.05 47.44
N LEU GB 167 -61.74 -72.49 47.41
CA LEU GB 167 -62.21 -71.74 46.25
C LEU GB 167 -61.38 -70.50 45.99
N ARG GB 168 -61.01 -69.76 47.04
CA ARG GB 168 -60.26 -68.53 46.83
C ARG GB 168 -58.90 -68.81 46.20
N ARG GB 169 -58.27 -69.92 46.60
CA ARG GB 169 -57.05 -70.35 45.94
C ARG GB 169 -57.31 -70.69 44.47
N ILE GB 170 -58.46 -71.30 44.18
CA ILE GB 170 -58.81 -71.59 42.79
C ILE GB 170 -58.83 -70.31 41.99
N ILE GB 171 -59.51 -69.29 42.49
CA ILE GB 171 -59.63 -68.04 41.74
C ILE GB 171 -58.27 -67.37 41.59
N ARG GB 172 -57.41 -67.48 42.61
CA ARG GB 172 -56.08 -66.91 42.50
C ARG GB 172 -55.25 -67.61 41.42
N LEU GB 173 -55.32 -68.94 41.36
CA LEU GB 173 -54.59 -69.66 40.33
C LEU GB 173 -55.13 -69.33 38.94
N LEU GB 174 -56.45 -69.22 38.81
CA LEU GB 174 -57.04 -68.89 37.51
C LEU GB 174 -56.59 -67.51 37.05
N GLU GB 175 -56.50 -66.55 37.98
CA GLU GB 175 -56.00 -65.23 37.61
C GLU GB 175 -54.53 -65.27 37.23
N GLU GB 176 -53.73 -66.12 37.87
CA GLU GB 176 -52.33 -66.26 37.45
C GLU GB 176 -52.24 -66.80 36.02
N VAL GB 177 -53.07 -67.81 35.71
CA VAL GB 177 -53.11 -68.35 34.35
C VAL GB 177 -53.48 -67.26 33.36
N LEU GB 178 -54.49 -66.47 33.69
CA LEU GB 178 -54.93 -65.39 32.82
C LEU GB 178 -53.83 -64.35 32.62
N ARG GB 179 -53.08 -64.06 33.68
CA ARG GB 179 -51.99 -63.10 33.56
C ARG GB 179 -50.91 -63.60 32.61
N VAL GB 180 -50.57 -64.88 32.71
CA VAL GB 180 -49.57 -65.45 31.80
C VAL GB 180 -50.08 -65.40 30.36
N VAL GB 181 -51.35 -65.75 30.14
CA VAL GB 181 -51.92 -65.74 28.81
C VAL GB 181 -51.91 -64.33 28.23
N ALA GB 182 -52.27 -63.34 29.05
CA ALA GB 182 -52.25 -61.95 28.58
C ALA GB 182 -50.84 -61.51 28.23
N GLU GB 183 -49.84 -61.91 29.03
CA GLU GB 183 -48.46 -61.57 28.70
C GLU GB 183 -48.04 -62.20 27.38
N ALA GB 184 -48.42 -63.46 27.16
CA ALA GB 184 -48.09 -64.12 25.91
C ALA GB 184 -48.71 -63.40 24.73
N LEU GB 185 -49.98 -63.03 24.85
CA LEU GB 185 -50.64 -62.31 23.76
C LEU GB 185 -50.03 -60.95 23.54
N ARG GB 186 -49.53 -60.30 24.60
CA ARG GB 186 -48.83 -59.03 24.43
C ARG GB 186 -47.54 -59.22 23.64
N ARG GB 187 -46.80 -60.28 23.94
CA ARG GB 187 -45.55 -60.53 23.21
C ARG GB 187 -45.80 -60.86 21.74
N ALA GB 188 -46.99 -61.38 21.42
CA ALA GB 188 -47.32 -61.72 20.05
C ALA GB 188 -47.87 -60.54 19.26
N GLY GB 189 -47.89 -59.34 19.83
CA GLY GB 189 -48.31 -58.16 19.13
C GLY GB 189 -49.80 -57.88 19.13
N VAL GB 190 -50.60 -58.66 19.87
CA VAL GB 190 -52.04 -58.41 19.92
C VAL GB 190 -52.29 -57.06 20.59
N PRO GB 191 -53.13 -56.20 20.03
CA PRO GB 191 -53.36 -54.89 20.64
C PRO GB 191 -54.00 -55.00 22.01
N GLU GB 192 -53.71 -54.02 22.86
CA GLU GB 192 -54.14 -54.08 24.26
C GLU GB 192 -55.65 -54.20 24.44
N PRO GB 193 -56.50 -53.44 23.74
CA PRO GB 193 -57.96 -53.60 23.95
C PRO GB 193 -58.45 -55.01 23.74
N GLU GB 194 -57.88 -55.75 22.78
CA GLU GB 194 -58.28 -57.13 22.60
C GLU GB 194 -57.87 -57.99 23.79
N ILE GB 195 -56.71 -57.72 24.38
CA ILE GB 195 -56.31 -58.44 25.58
C ILE GB 195 -57.28 -58.18 26.72
N ARG GB 196 -57.68 -56.92 26.89
CA ARG GB 196 -58.65 -56.59 27.93
C ARG GB 196 -59.98 -57.28 27.67
N LYS GB 197 -60.40 -57.34 26.42
CA LYS GB 197 -61.64 -58.04 26.09
C LYS GB 197 -61.54 -59.52 26.42
N VAL GB 198 -60.39 -60.13 26.15
CA VAL GB 198 -60.18 -61.53 26.51
C VAL GB 198 -60.33 -61.72 28.01
N GLU GB 199 -59.65 -60.88 28.78
CA GLU GB 199 -59.69 -61.00 30.23
C GLU GB 199 -61.11 -60.81 30.77
N ALA GB 200 -61.80 -59.77 30.27
CA ALA GB 200 -63.15 -59.49 30.75
C ALA GB 200 -64.11 -60.61 30.43
N ALA GB 201 -63.98 -61.21 29.24
CA ALA GB 201 -64.81 -62.35 28.90
C ALA GB 201 -64.53 -63.51 29.85
N ALA GB 202 -63.25 -63.73 30.18
CA ALA GB 202 -62.91 -64.79 31.13
C ALA GB 202 -63.54 -64.54 32.49
N TYR GB 203 -63.49 -63.30 32.98
CA TYR GB 203 -64.04 -62.99 34.29
C TYR GB 203 -65.56 -63.11 34.31
N ILE GB 204 -66.22 -62.68 33.24
CA ILE GB 204 -67.68 -62.80 33.19
C ILE GB 204 -68.09 -64.26 33.11
N ARG GB 205 -67.34 -65.09 32.38
CA ARG GB 205 -67.63 -66.52 32.35
C ARG GB 205 -67.45 -67.15 33.71
N LEU GB 206 -66.36 -66.80 34.41
CA LEU GB 206 -66.14 -67.33 35.75
C LEU GB 206 -67.23 -66.90 36.72
N ALA GB 207 -67.62 -65.63 36.67
CA ALA GB 207 -68.69 -65.14 37.54
C ALA GB 207 -70.00 -65.87 37.27
N ALA GB 208 -70.33 -66.08 35.99
CA ALA GB 208 -71.54 -66.81 35.66
C ALA GB 208 -71.47 -68.25 36.16
N TYR GB 209 -70.31 -68.88 36.02
CA TYR GB 209 -70.13 -70.24 36.50
C TYR GB 209 -70.32 -70.34 38.00
N LEU GB 210 -69.77 -69.39 38.76
CA LEU GB 210 -69.96 -69.39 40.20
C LEU GB 210 -71.42 -69.13 40.57
N LEU GB 211 -72.08 -68.21 39.86
CA LEU GB 211 -73.46 -67.88 40.19
C LEU GB 211 -74.39 -69.04 39.90
N ARG GB 212 -74.06 -69.89 38.94
CA ARG GB 212 -74.97 -70.97 38.60
C ARG GB 212 -75.08 -72.02 39.70
N GLN GB 213 -73.99 -72.29 40.41
CA GLN GB 213 -74.01 -73.36 41.41
C GLN GB 213 -74.99 -73.07 42.53
N LEU GB 214 -75.05 -71.82 42.99
CA LEU GB 214 -76.02 -71.43 44.00
C LEU GB 214 -77.45 -71.42 43.48
N GLY GB 215 -77.64 -71.50 42.16
CA GLY GB 215 -78.99 -71.56 41.62
C GLY GB 215 -79.55 -70.21 41.22
N TYR GB 216 -78.74 -69.40 40.55
CA TYR GB 216 -79.19 -68.12 39.98
C TYR GB 216 -79.04 -68.24 38.47
N GLU GB 217 -80.04 -68.84 37.84
CA GLU GB 217 -79.97 -69.06 36.39
C GLU GB 217 -80.17 -67.76 35.62
N ALA GB 218 -81.12 -66.93 36.06
CA ALA GB 218 -81.39 -65.69 35.34
C ALA GB 218 -80.16 -64.78 35.33
N LEU GB 219 -79.49 -64.67 36.48
CA LEU GB 219 -78.28 -63.88 36.56
C LEU GB 219 -77.22 -64.37 35.59
N ALA GB 220 -77.01 -65.69 35.54
CA ALA GB 220 -75.99 -66.24 34.65
C ALA GB 220 -76.34 -65.98 33.19
N LYS GB 221 -77.62 -66.14 32.83
CA LYS GB 221 -78.02 -65.86 31.46
C LYS GB 221 -77.79 -64.42 31.09
N ARG GB 222 -78.12 -63.48 31.97
CA ARG GB 222 -77.92 -62.07 31.64
C ARG GB 222 -76.44 -61.72 31.54
N LEU GB 223 -75.61 -62.32 32.41
CA LEU GB 223 -74.17 -62.09 32.30
C LEU GB 223 -73.62 -62.62 30.98
N LEU GB 224 -74.09 -63.78 30.54
CA LEU GB 224 -73.58 -64.33 29.29
C LEU GB 224 -74.13 -63.58 28.08
N GLU GB 225 -75.33 -63.01 28.17
CA GLU GB 225 -75.79 -62.11 27.12
C GLU GB 225 -74.89 -60.88 27.01
N ALA GB 226 -74.52 -60.30 28.16
CA ALA GB 226 -73.60 -59.18 28.14
C ALA GB 226 -72.26 -59.59 27.53
N ARG GB 227 -71.80 -60.80 27.85
CA ARG GB 227 -70.54 -61.29 27.27
C ARG GB 227 -70.65 -61.44 25.77
N GLU GB 228 -71.77 -61.99 25.28
CA GLU GB 228 -71.95 -62.14 23.83
C GLU GB 228 -71.95 -60.79 23.14
N LEU GB 229 -72.63 -59.80 23.72
CA LEU GB 229 -72.58 -58.46 23.13
C LEU GB 229 -71.16 -57.90 23.17
N LEU GB 230 -70.39 -58.24 24.19
CA LEU GB 230 -69.02 -57.73 24.27
C LEU GB 230 -68.13 -58.33 23.20
N LEU GB 231 -68.22 -59.64 22.99
CA LEU GB 231 -67.31 -60.31 22.06
C LEU GB 231 -67.57 -59.90 20.62
N GLU GB 232 -68.75 -59.37 20.32
CA GLU GB 232 -69.11 -58.92 18.97
C GLU GB 232 -68.61 -57.51 18.67
N GLY GB 233 -67.97 -56.85 19.62
CA GLY GB 233 -67.51 -55.48 19.44
C GLY GB 233 -68.45 -54.42 19.96
N ARG GB 234 -69.69 -54.77 20.30
CA ARG GB 234 -70.64 -53.83 20.87
C ARG GB 234 -70.28 -53.62 22.34
N VAL GB 235 -69.31 -52.75 22.58
CA VAL GB 235 -68.86 -52.49 23.94
C VAL GB 235 -69.92 -51.74 24.74
N GLU GB 236 -70.59 -50.78 24.12
CA GLU GB 236 -71.48 -49.89 24.86
C GLU GB 236 -72.70 -50.62 25.37
N GLU GB 237 -73.34 -51.42 24.53
CA GLU GB 237 -74.47 -52.21 24.99
C GLU GB 237 -74.04 -53.24 26.04
N ALA GB 238 -72.85 -53.81 25.87
CA ALA GB 238 -72.33 -54.74 26.88
C ALA GB 238 -72.17 -54.07 28.22
N ALA GB 239 -71.60 -52.86 28.25
CA ALA GB 239 -71.41 -52.15 29.49
C ALA GB 239 -72.74 -51.74 30.11
N HIS GB 240 -73.71 -51.31 29.30
CA HIS GB 240 -75.00 -50.92 29.87
C HIS GB 240 -75.71 -52.13 30.48
N LEU GB 241 -75.77 -53.25 29.76
CA LEU GB 241 -76.45 -54.41 30.29
C LEU GB 241 -75.70 -55.00 31.49
N LEU GB 242 -74.37 -54.92 31.47
CA LEU GB 242 -73.57 -55.36 32.60
C LEU GB 242 -73.85 -54.52 33.83
N GLU GB 243 -73.94 -53.20 33.69
CA GLU GB 243 -74.19 -52.37 34.85
C GLU GB 243 -75.61 -52.60 35.39
N ASP GB 244 -76.58 -52.84 34.52
CA ASP GB 244 -77.93 -53.14 35.02
C ASP GB 244 -77.94 -54.44 35.82
N VAL GB 245 -77.34 -55.49 35.28
CA VAL GB 245 -77.36 -56.77 36.00
C VAL GB 245 -76.54 -56.69 37.28
N TYR GB 246 -75.43 -55.94 37.26
CA TYR GB 246 -74.64 -55.75 38.47
C TYR GB 246 -75.42 -54.98 39.53
N ALA GB 247 -76.20 -53.98 39.12
CA ALA GB 247 -77.00 -53.24 40.09
C ALA GB 247 -78.02 -54.14 40.76
N LEU GB 248 -78.70 -54.98 39.98
CA LEU GB 248 -79.67 -55.89 40.60
C LEU GB 248 -78.99 -56.88 41.53
N PHE GB 249 -77.85 -57.43 41.08
CA PHE GB 249 -77.10 -58.38 41.90
C PHE GB 249 -76.61 -57.74 43.18
N HIS GB 250 -76.13 -56.50 43.11
CA HIS GB 250 -75.58 -55.85 44.28
C HIS GB 250 -76.66 -55.51 45.28
N ARG GB 251 -77.84 -55.10 44.81
CA ARG GB 251 -78.96 -54.93 45.72
C ARG GB 251 -79.30 -56.25 46.40
N GLU GB 252 -79.24 -57.36 45.66
CA GLU GB 252 -79.51 -58.65 46.28
C GLU GB 252 -78.46 -58.98 47.33
N ILE GB 253 -77.20 -58.65 47.07
CA ILE GB 253 -76.14 -58.91 48.05
C ILE GB 253 -76.37 -58.09 49.32
N GLU GB 254 -76.64 -56.79 49.15
CA GLU GB 254 -76.88 -55.93 50.31
C GLU GB 254 -78.15 -56.31 51.04
N ARG GB 255 -79.07 -57.04 50.40
CA ARG GB 255 -80.25 -57.50 51.10
C ARG GB 255 -79.88 -58.42 52.25
N LEU GB 256 -78.92 -59.30 52.04
CA LEU GB 256 -78.52 -60.29 53.04
C LEU GB 256 -77.64 -59.71 54.14
N GLY GB 257 -77.24 -58.45 54.04
CA GLY GB 257 -76.54 -57.81 55.14
C GLY GB 257 -75.15 -58.40 55.35
N PHE GB 258 -74.88 -58.78 56.60
CA PHE GB 258 -73.60 -59.38 56.97
C PHE GB 258 -73.69 -60.91 56.97
N GLU GB 259 -74.11 -61.45 55.82
CA GLU GB 259 -74.18 -62.88 55.60
C GLU GB 259 -74.41 -63.13 54.12
N ALA GB 260 -73.61 -64.03 53.54
CA ALA GB 260 -73.75 -64.43 52.15
C ALA GB 260 -72.79 -65.58 51.85
N PRO GB 261 -73.20 -66.57 51.06
CA PRO GB 261 -72.28 -67.66 50.72
C PRO GB 261 -71.04 -67.11 50.03
N GLU GB 262 -69.91 -67.79 50.24
CA GLU GB 262 -68.62 -67.24 49.80
C GLU GB 262 -68.57 -67.09 48.30
N GLU GB 263 -69.31 -67.92 47.55
CA GLU GB 263 -69.31 -67.76 46.10
C GLU GB 263 -69.90 -66.42 45.69
N LEU GB 264 -70.92 -65.93 46.40
CA LEU GB 264 -71.44 -64.59 46.15
C LEU GB 264 -70.36 -63.54 46.38
N ARG GB 265 -69.61 -63.68 47.45
CA ARG GB 265 -68.57 -62.70 47.77
C ARG GB 265 -67.49 -62.68 46.72
N VAL GB 266 -67.09 -63.86 46.21
CA VAL GB 266 -66.07 -63.90 45.17
C VAL GB 266 -66.62 -63.35 43.86
N ALA GB 267 -67.87 -63.69 43.54
CA ALA GB 267 -68.49 -63.22 42.32
C ALA GB 267 -68.60 -61.70 42.28
N ASP GB 268 -68.82 -61.08 43.44
CA ASP GB 268 -68.89 -59.62 43.48
C ASP GB 268 -67.57 -59.00 43.02
N LEU GB 269 -66.45 -59.53 43.50
CA LEU GB 269 -65.16 -58.99 43.09
C LEU GB 269 -64.87 -59.30 41.63
N LEU GB 270 -65.25 -60.49 41.16
CA LEU GB 270 -65.06 -60.84 39.75
C LEU GB 270 -65.84 -59.89 38.86
N LEU GB 271 -67.10 -59.62 39.20
CA LEU GB 271 -67.94 -58.72 38.41
C LEU GB 271 -67.39 -57.30 38.43
N ALA GB 272 -66.91 -56.83 39.59
CA ALA GB 272 -66.32 -55.50 39.64
C ALA GB 272 -65.12 -55.40 38.72
N ARG GB 273 -64.25 -56.42 38.73
CA ARG GB 273 -63.08 -56.37 37.86
C ARG GB 273 -63.47 -56.44 36.38
N ALA GB 274 -64.47 -57.25 36.06
CA ALA GB 274 -64.95 -57.33 34.68
C ALA GB 274 -65.46 -55.97 34.21
N ILE GB 275 -66.23 -55.29 35.06
CA ILE GB 275 -66.74 -53.98 34.70
C ILE GB 275 -65.61 -52.99 34.53
N ALA GB 276 -64.61 -53.05 35.41
CA ALA GB 276 -63.46 -52.15 35.27
C ALA GB 276 -62.74 -52.38 33.95
N LEU GB 277 -62.52 -53.64 33.58
CA LEU GB 277 -61.82 -53.95 32.35
C LEU GB 277 -62.60 -53.49 31.13
N ILE GB 278 -63.92 -53.73 31.12
CA ILE GB 278 -64.73 -53.28 29.99
C ILE GB 278 -64.69 -51.76 29.87
N LYS GB 279 -64.81 -51.06 31.00
CA LYS GB 279 -64.77 -49.61 30.98
C LYS GB 279 -63.41 -49.09 30.51
N ALA GB 280 -62.34 -49.84 30.77
CA ALA GB 280 -61.01 -49.38 30.38
C ALA GB 280 -60.66 -49.72 28.94
N ILE GB 281 -61.48 -50.50 28.23
CA ILE GB 281 -61.24 -50.81 26.82
C ILE GB 281 -61.20 -49.53 26.01
N THR HB 24 -50.94 -52.55 90.99
CA THR HB 24 -50.38 -53.36 89.91
C THR HB 24 -50.13 -52.52 88.67
N VAL HB 25 -50.75 -51.33 88.63
CA VAL HB 25 -50.70 -50.49 87.45
C VAL HB 25 -49.27 -50.07 87.13
N VAL HB 26 -48.52 -49.64 88.16
CA VAL HB 26 -47.13 -49.27 87.94
C VAL HB 26 -46.31 -50.49 87.56
N GLU HB 27 -46.64 -51.65 88.12
CA GLU HB 27 -45.98 -52.89 87.68
C GLU HB 27 -46.30 -53.18 86.22
N GLU HB 28 -47.54 -52.92 85.79
CA GLU HB 28 -47.88 -53.12 84.39
C GLU HB 28 -47.09 -52.17 83.49
N VAL HB 29 -46.92 -50.92 83.91
CA VAL HB 29 -46.15 -49.98 83.11
C VAL HB 29 -44.68 -50.41 83.04
N ARG HB 30 -44.11 -50.84 84.16
CA ARG HB 30 -42.74 -51.33 84.15
C ARG HB 30 -42.60 -52.54 83.24
N ARG HB 31 -43.52 -53.49 83.34
CA ARG HB 31 -43.46 -54.69 82.51
C ARG HB 31 -43.58 -54.33 81.03
N PHE HB 32 -44.48 -53.41 80.70
CA PHE HB 32 -44.65 -52.98 79.31
C PHE HB 32 -43.35 -52.38 78.78
N ALA HB 33 -42.73 -51.49 79.55
CA ALA HB 33 -41.51 -50.83 79.10
C ALA HB 33 -40.37 -51.84 78.95
N GLU HB 34 -40.20 -52.72 79.92
CA GLU HB 34 -39.10 -53.69 79.83
C GLU HB 34 -39.31 -54.66 78.69
N GLU HB 35 -40.54 -55.12 78.48
CA GLU HB 35 -40.81 -56.03 77.37
C GLU HB 35 -40.51 -55.36 76.03
N LEU HB 36 -40.94 -54.11 75.87
CA LEU HB 36 -40.64 -53.41 74.62
C LEU HB 36 -39.14 -53.21 74.44
N ALA HB 37 -38.42 -52.92 75.53
CA ALA HB 37 -36.96 -52.75 75.43
C ALA HB 37 -36.28 -54.06 75.06
N GLU HB 38 -36.69 -55.17 75.66
CA GLU HB 38 -36.13 -56.47 75.32
C GLU HB 38 -36.39 -56.80 73.86
N GLU HB 39 -37.60 -56.54 73.38
CA GLU HB 39 -37.90 -56.80 71.97
C GLU HB 39 -37.04 -55.93 71.06
N VAL HB 40 -36.84 -54.67 71.44
CA VAL HB 40 -35.98 -53.79 70.65
C VAL HB 40 -34.58 -54.38 70.54
N LEU HB 41 -34.05 -54.86 71.67
CA LEU HB 41 -32.71 -55.43 71.66
C LEU HB 41 -32.64 -56.74 70.87
N ARG HB 42 -33.65 -57.60 71.01
CA ARG HB 42 -33.64 -58.86 70.27
C ARG HB 42 -33.70 -58.63 68.77
N VAL HB 43 -34.56 -57.72 68.32
CA VAL HB 43 -34.68 -57.47 66.89
C VAL HB 43 -33.43 -56.78 66.36
N GLY HB 44 -32.95 -55.73 67.05
CA GLY HB 44 -31.85 -54.94 66.56
C GLY HB 44 -30.49 -55.27 67.12
N GLY HB 45 -30.41 -56.13 68.13
CA GLY HB 45 -29.11 -56.47 68.67
C GLY HB 45 -28.50 -55.31 69.44
N GLU HB 46 -27.17 -55.30 69.45
CA GLU HB 46 -26.41 -54.22 70.07
C GLU HB 46 -26.23 -53.03 69.14
N ALA HB 47 -26.74 -53.11 67.92
CA ALA HB 47 -26.66 -51.96 67.01
C ALA HB 47 -27.42 -50.77 67.56
N MET HB 48 -28.60 -51.02 68.13
CA MET HB 48 -29.43 -49.98 68.74
C MET HB 48 -29.60 -50.31 70.22
N ARG HB 49 -28.60 -49.92 71.01
CA ARG HB 49 -28.67 -49.92 72.46
C ARG HB 49 -29.31 -48.65 72.99
N PRO HB 50 -29.06 -47.47 72.40
CA PRO HB 50 -29.74 -46.26 72.89
C PRO HB 50 -31.25 -46.39 73.03
N TYR HB 51 -31.91 -47.07 72.09
CA TYR HB 51 -33.37 -47.13 72.12
C TYR HB 51 -33.88 -47.95 73.30
N ALA HB 52 -33.16 -49.02 73.66
CA ALA HB 52 -33.54 -49.76 74.86
C ALA HB 52 -33.44 -48.90 76.10
N GLU HB 53 -32.38 -48.10 76.20
CA GLU HB 53 -32.24 -47.20 77.34
C GLU HB 53 -33.33 -46.14 77.35
N MET HB 54 -33.68 -45.60 76.18
CA MET HB 54 -34.73 -44.59 76.11
C MET HB 54 -36.07 -45.17 76.52
N VAL HB 55 -36.38 -46.39 76.06
CA VAL HB 55 -37.63 -47.03 76.47
C VAL HB 55 -37.64 -47.27 77.98
N ARG HB 56 -36.51 -47.73 78.53
CA ARG HB 56 -36.47 -48.03 79.96
C ARG HB 56 -36.62 -46.76 80.79
N HIS HB 57 -35.95 -45.66 80.39
CA HIS HB 57 -36.09 -44.40 81.11
C HIS HB 57 -37.50 -43.82 80.98
N LEU HB 58 -38.13 -43.92 79.82
CA LEU HB 58 -39.50 -43.42 79.70
C LEU HB 58 -40.47 -44.26 80.53
N GLY HB 59 -40.26 -45.57 80.60
CA GLY HB 59 -41.04 -46.36 81.53
C GLY HB 59 -40.82 -45.93 82.97
N GLU HB 60 -39.57 -45.61 83.32
CA GLU HB 60 -39.28 -45.15 84.67
C GLU HB 60 -39.95 -43.81 84.97
N ALA HB 61 -39.91 -42.88 84.02
CA ALA HB 61 -40.57 -41.59 84.22
C ALA HB 61 -42.08 -41.76 84.37
N ALA HB 62 -42.67 -42.66 83.57
CA ALA HB 62 -44.11 -42.91 83.71
C ALA HB 62 -44.45 -43.47 85.08
N VAL HB 63 -43.67 -44.44 85.56
CA VAL HB 63 -44.02 -45.00 86.87
C VAL HB 63 -43.74 -44.00 87.99
N ALA HB 64 -42.73 -43.14 87.80
CA ALA HB 64 -42.53 -42.05 88.75
C ALA HB 64 -43.75 -41.15 88.82
N ALA HB 65 -44.30 -40.78 87.66
CA ALA HB 65 -45.49 -39.94 87.64
C ALA HB 65 -46.67 -40.63 88.29
N LEU HB 66 -46.86 -41.92 88.02
CA LEU HB 66 -47.95 -42.66 88.67
C LEU HB 66 -47.74 -42.84 90.17
N GLU HB 67 -46.51 -42.71 90.66
CA GLU HB 67 -46.26 -42.90 92.09
C GLU HB 67 -45.83 -41.61 92.77
N GLY HB 68 -46.54 -40.52 92.49
CA GLY HB 68 -46.18 -39.23 93.03
C GLY HB 68 -45.27 -38.48 92.07
N ARG HB 69 -44.51 -37.54 92.64
CA ARG HB 69 -43.42 -36.86 91.94
C ARG HB 69 -43.88 -36.01 90.77
N ALA HB 70 -43.12 -34.95 90.48
CA ALA HB 70 -43.27 -34.18 89.25
C ALA HB 70 -41.95 -33.73 88.67
N GLU HB 71 -40.86 -33.73 89.45
CA GLU HB 71 -39.56 -33.25 89.04
C GLU HB 71 -38.68 -34.37 88.48
N GLU HB 72 -38.79 -35.57 89.05
CA GLU HB 72 -38.08 -36.71 88.48
C GLU HB 72 -38.57 -37.01 87.06
N ALA HB 73 -39.87 -36.89 86.83
CA ALA HB 73 -40.40 -37.06 85.49
C ALA HB 73 -39.82 -36.01 84.54
N ASP HB 74 -39.77 -34.76 85.01
CA ASP HB 74 -39.14 -33.69 84.24
C ASP HB 74 -37.71 -34.05 83.86
N ARG HB 75 -36.92 -34.48 84.84
CA ARG HB 75 -35.51 -34.76 84.59
C ARG HB 75 -35.34 -35.92 83.62
N LEU HB 76 -36.09 -37.00 83.83
CA LEU HB 76 -35.95 -38.17 82.98
C LEU HB 76 -36.37 -37.85 81.54
N VAL HB 77 -37.45 -37.10 81.37
CA VAL HB 77 -37.88 -36.75 80.03
C VAL HB 77 -36.85 -35.85 79.35
N ARG HB 78 -36.22 -34.95 80.10
CA ARG HB 78 -35.16 -34.12 79.53
C ARG HB 78 -33.95 -34.97 79.13
N ASP HB 79 -33.60 -35.96 79.95
CA ASP HB 79 -32.50 -36.85 79.62
C ASP HB 79 -32.78 -37.65 78.35
N VAL HB 80 -34.00 -38.18 78.24
CA VAL HB 80 -34.39 -38.91 77.03
C VAL HB 80 -34.42 -37.97 75.82
N LEU HB 81 -34.80 -36.72 76.04
CA LEU HB 81 -34.76 -35.76 74.95
C LEU HB 81 -33.33 -35.55 74.47
N GLU HB 82 -32.38 -35.48 75.41
CA GLU HB 82 -30.98 -35.37 75.03
C GLU HB 82 -30.50 -36.60 74.24
N MET HB 83 -30.91 -37.79 74.68
CA MET HB 83 -30.55 -39.00 73.95
C MET HB 83 -31.09 -38.95 72.53
N ALA HB 84 -32.34 -38.55 72.38
CA ALA HB 84 -32.93 -38.43 71.05
C ALA HB 84 -32.20 -37.40 70.21
N ARG HB 85 -31.74 -36.31 70.83
CA ARG HB 85 -30.98 -35.31 70.10
C ARG HB 85 -29.68 -35.89 69.57
N GLU HB 86 -28.95 -36.64 70.41
CA GLU HB 86 -27.65 -37.12 69.98
C GLU HB 86 -27.75 -38.25 68.96
N VAL HB 87 -28.70 -39.17 69.16
CA VAL HB 87 -28.84 -40.31 68.25
C VAL HB 87 -29.20 -39.84 66.85
N GLY HB 88 -30.13 -38.91 66.75
CA GLY HB 88 -30.62 -38.44 65.46
C GLY HB 88 -32.11 -38.59 65.27
N ALA HB 89 -32.84 -39.10 66.26
CA ALA HB 89 -34.29 -39.23 66.15
C ALA HB 89 -34.93 -37.85 66.20
N GLU HB 90 -35.53 -37.43 65.10
CA GLU HB 90 -36.11 -36.09 65.01
C GLU HB 90 -37.55 -36.05 65.51
N GLY HB 91 -38.44 -36.83 64.88
CA GLY HB 91 -39.83 -36.84 65.30
C GLY HB 91 -39.99 -37.26 66.74
N LEU HB 92 -39.16 -38.22 67.18
CA LEU HB 92 -39.17 -38.62 68.58
C LEU HB 92 -38.76 -37.47 69.49
N ALA HB 93 -37.77 -36.68 69.06
CA ALA HB 93 -37.37 -35.51 69.85
C ALA HB 93 -38.52 -34.51 69.96
N ARG HB 94 -39.21 -34.25 68.85
CA ARG HB 94 -40.35 -33.32 68.91
C ARG HB 94 -41.42 -33.84 69.86
N LEU HB 95 -41.77 -35.12 69.74
CA LEU HB 95 -42.80 -35.66 70.61
C LEU HB 95 -42.34 -35.64 72.06
N LEU HB 96 -41.05 -35.75 72.31
CA LEU HB 96 -40.57 -35.72 73.68
C LEU HB 96 -40.64 -34.31 74.27
N GLU HB 97 -40.34 -33.29 73.47
CA GLU HB 97 -40.55 -31.92 73.95
C GLU HB 97 -42.01 -31.66 74.27
N ARG HB 98 -42.91 -32.09 73.38
CA ARG HB 98 -44.34 -31.93 73.64
C ARG HB 98 -44.76 -32.69 74.89
N VAL HB 99 -44.24 -33.90 75.06
CA VAL HB 99 -44.54 -34.68 76.26
C VAL HB 99 -44.08 -33.92 77.49
N HIS HB 100 -42.90 -33.28 77.41
CA HIS HB 100 -42.37 -32.55 78.55
C HIS HB 100 -43.30 -31.41 78.96
N ARG HB 101 -43.65 -30.55 77.99
CA ARG HB 101 -44.48 -29.37 78.31
C ARG HB 101 -45.84 -29.78 78.85
N GLU HB 102 -46.55 -30.65 78.13
CA GLU HB 102 -47.84 -31.12 78.65
C GLU HB 102 -47.69 -31.78 80.01
N ALA HB 103 -46.79 -32.75 80.16
CA ALA HB 103 -46.64 -33.43 81.44
C ALA HB 103 -46.48 -32.42 82.57
N ARG HB 104 -45.73 -31.34 82.33
CA ARG HB 104 -45.64 -30.27 83.33
C ARG HB 104 -47.01 -29.66 83.62
N GLU HB 105 -47.76 -29.32 82.56
CA GLU HB 105 -49.05 -28.65 82.77
C GLU HB 105 -50.01 -29.55 83.55
N LEU HB 106 -50.18 -30.79 83.11
CA LEU HB 106 -51.14 -31.66 83.78
C LEU HB 106 -50.67 -32.08 85.16
N LEU HB 107 -49.34 -32.13 85.40
CA LEU HB 107 -48.90 -32.39 86.75
C LEU HB 107 -49.17 -31.20 87.67
N ARG HB 108 -49.09 -29.98 87.13
CA ARG HB 108 -49.49 -28.81 87.91
C ARG HB 108 -50.98 -28.85 88.21
N GLU HB 109 -51.80 -29.27 87.24
CA GLU HB 109 -53.23 -29.38 87.46
C GLU HB 109 -53.62 -30.54 88.37
N GLY HB 110 -52.67 -31.42 88.71
CA GLY HB 110 -52.94 -32.51 89.62
C GLY HB 110 -53.40 -33.81 89.01
N ARG HB 111 -53.62 -33.84 87.69
CA ARG HB 111 -54.03 -35.06 87.01
C ARG HB 111 -52.77 -35.88 86.68
N ARG HB 112 -52.78 -37.15 87.08
CA ARG HB 112 -51.60 -38.00 86.96
C ARG HB 112 -51.71 -39.03 85.86
N GLU HB 113 -52.90 -39.61 85.64
CA GLU HB 113 -53.03 -40.70 84.68
C GLU HB 113 -52.68 -40.25 83.27
N GLU HB 114 -53.12 -39.05 82.88
CA GLU HB 114 -52.90 -38.60 81.51
C GLU HB 114 -51.43 -38.27 81.23
N ALA HB 115 -50.70 -37.76 82.23
CA ALA HB 115 -49.28 -37.51 82.03
C ALA HB 115 -48.50 -38.80 81.81
N ALA HB 116 -48.79 -39.82 82.63
CA ALA HB 116 -48.20 -41.13 82.40
C ALA HB 116 -48.65 -41.71 81.07
N ALA HB 117 -49.87 -41.40 80.63
CA ALA HB 117 -50.33 -41.85 79.33
C ALA HB 117 -49.49 -41.25 78.22
N LEU HB 118 -49.20 -39.95 78.31
CA LEU HB 118 -48.33 -39.33 77.32
C LEU HB 118 -46.94 -39.94 77.35
N VAL HB 119 -46.42 -40.21 78.54
CA VAL HB 119 -45.08 -40.80 78.65
C VAL HB 119 -45.06 -42.20 78.04
N LEU HB 120 -46.08 -43.02 78.31
CA LEU HB 120 -46.14 -44.36 77.74
C LEU HB 120 -46.26 -44.31 76.24
N ALA HB 121 -47.05 -43.39 75.71
CA ALA HB 121 -47.10 -43.21 74.26
C ALA HB 121 -45.73 -42.86 73.70
N ALA HB 122 -44.98 -42.02 74.43
CA ALA HB 122 -43.63 -41.68 73.98
C ALA HB 122 -42.70 -42.89 73.96
N ALA HB 123 -42.77 -43.71 75.01
CA ALA HB 123 -41.94 -44.91 75.07
C ALA HB 123 -42.28 -45.87 73.95
N LEU HB 124 -43.59 -46.05 73.67
CA LEU HB 124 -44.00 -46.92 72.58
C LEU HB 124 -43.54 -46.37 71.24
N ALA HB 125 -43.60 -45.05 71.06
CA ALA HB 125 -43.09 -44.47 69.82
C ALA HB 125 -41.61 -44.78 69.65
N ALA HB 126 -40.83 -44.63 70.72
CA ALA HB 126 -39.39 -44.90 70.65
C ALA HB 126 -39.12 -46.36 70.30
N GLY HB 127 -39.75 -47.29 71.02
CA GLY HB 127 -39.52 -48.70 70.77
C GLY HB 127 -39.96 -49.12 69.38
N ALA HB 128 -41.14 -48.67 68.95
CA ALA HB 128 -41.63 -49.04 67.62
C ALA HB 128 -40.78 -48.43 66.53
N VAL HB 129 -40.24 -47.23 66.76
CA VAL HB 129 -39.32 -46.63 65.80
C VAL HB 129 -38.07 -47.49 65.66
N ALA HB 130 -37.51 -47.93 66.79
CA ALA HB 130 -36.34 -48.79 66.74
C ALA HB 130 -36.62 -50.08 65.97
N VAL HB 131 -37.71 -50.75 66.32
CA VAL HB 131 -38.01 -52.03 65.69
C VAL HB 131 -38.30 -51.87 64.20
N ALA HB 132 -39.01 -50.81 63.82
CA ALA HB 132 -39.31 -50.58 62.42
C ALA HB 132 -38.03 -50.30 61.63
N GLU HB 133 -37.12 -49.50 62.18
CA GLU HB 133 -35.85 -49.26 61.49
C GLU HB 133 -35.04 -50.55 61.36
N ALA HB 134 -35.08 -51.39 62.39
CA ALA HB 134 -34.39 -52.68 62.29
C ALA HB 134 -34.97 -53.54 61.18
N TYR HB 135 -36.31 -53.59 61.10
CA TYR HB 135 -36.95 -54.37 60.05
C TYR HB 135 -36.59 -53.83 58.67
N VAL HB 136 -36.54 -52.52 58.53
CA VAL HB 136 -36.20 -51.92 57.23
C VAL HB 136 -34.75 -52.21 56.87
N ARG HB 137 -33.85 -52.18 57.85
CA ARG HB 137 -32.43 -52.38 57.55
C ARG HB 137 -32.16 -53.77 56.98
N LEU HB 138 -32.75 -54.80 57.57
CA LEU HB 138 -32.55 -56.17 57.09
C LEU HB 138 -33.60 -56.58 56.07
N GLY HB 139 -34.37 -55.64 55.54
CA GLY HB 139 -35.23 -55.87 54.39
C GLY HB 139 -36.37 -56.85 54.55
N GLN HB 140 -37.08 -56.82 55.66
CA GLN HB 140 -38.26 -57.65 55.82
C GLN HB 140 -39.46 -57.00 55.13
N PRO HB 141 -40.46 -57.80 54.75
CA PRO HB 141 -41.60 -57.24 54.02
C PRO HB 141 -42.46 -56.34 54.92
N ILE HB 142 -43.31 -55.55 54.26
CA ILE HB 142 -44.08 -54.52 54.94
C ILE HB 142 -45.24 -55.09 55.74
N ARG HB 143 -45.74 -56.27 55.40
CA ARG HB 143 -46.81 -56.88 56.18
C ARG HB 143 -46.40 -57.01 57.65
N LEU HB 144 -45.15 -57.41 57.90
CA LEU HB 144 -44.70 -57.58 59.28
C LEU HB 144 -44.65 -56.27 60.04
N ILE HB 145 -44.16 -55.21 59.39
CA ILE HB 145 -44.17 -53.90 60.04
C ILE HB 145 -45.59 -53.47 60.36
N ALA HB 146 -46.49 -53.59 59.40
CA ALA HB 146 -47.87 -53.16 59.60
C ALA HB 146 -48.55 -53.94 60.72
N GLU HB 147 -48.39 -55.27 60.71
CA GLU HB 147 -49.02 -56.08 61.74
C GLU HB 147 -48.42 -55.82 63.11
N TYR HB 148 -47.10 -55.66 63.17
CA TYR HB 148 -46.45 -55.36 64.44
C TYR HB 148 -46.96 -54.05 65.02
N VAL HB 149 -46.96 -52.98 64.22
CA VAL HB 149 -47.39 -51.69 64.71
C VAL HB 149 -48.85 -51.73 65.14
N ALA HB 150 -49.71 -52.35 64.33
CA ALA HB 150 -51.13 -52.39 64.68
C ALA HB 150 -51.36 -53.14 65.98
N GLU HB 151 -50.66 -54.25 66.19
CA GLU HB 151 -50.88 -55.02 67.41
C GLU HB 151 -50.34 -54.28 68.63
N ARG HB 152 -49.22 -53.58 68.49
CA ARG HB 152 -48.72 -52.78 69.60
C ARG HB 152 -49.68 -51.66 69.94
N LEU HB 153 -50.27 -51.02 68.93
CA LEU HB 153 -51.26 -49.97 69.20
C LEU HB 153 -52.46 -50.54 69.93
N VAL HB 154 -52.92 -51.73 69.54
CA VAL HB 154 -54.06 -52.31 70.23
C VAL HB 154 -53.72 -52.60 71.69
N GLU HB 155 -52.51 -53.13 71.95
CA GLU HB 155 -52.10 -53.40 73.32
C GLU HB 155 -52.02 -52.13 74.15
N LEU HB 156 -51.46 -51.07 73.57
CA LEU HB 156 -51.38 -49.79 74.28
C LEU HB 156 -52.76 -49.23 74.57
N ALA HB 157 -53.67 -49.32 73.60
CA ALA HB 157 -55.03 -48.83 73.83
C ALA HB 157 -55.70 -49.61 74.94
N GLU HB 158 -55.46 -50.92 75.00
CA GLU HB 158 -56.00 -51.71 76.10
C GLU HB 158 -55.44 -51.25 77.44
N LEU HB 159 -54.14 -50.97 77.50
CA LEU HB 159 -53.54 -50.49 78.74
C LEU HB 159 -54.13 -49.15 79.15
N LEU HB 160 -54.22 -48.21 78.20
CA LEU HB 160 -54.75 -46.89 78.53
C LEU HB 160 -56.20 -46.97 78.94
N ARG HB 161 -56.97 -47.90 78.38
CA ARG HB 161 -58.32 -48.13 78.86
C ARG HB 161 -58.30 -48.64 80.29
N ARG HB 162 -57.31 -49.48 80.62
CA ARG HB 162 -57.21 -49.96 82.00
C ARG HB 162 -56.90 -48.83 82.98
N LEU HB 163 -56.02 -47.90 82.58
CA LEU HB 163 -55.66 -46.80 83.48
C LEU HB 163 -56.86 -45.91 83.78
N GLY HB 164 -57.54 -45.44 82.75
CA GLY HB 164 -58.69 -44.58 82.95
C GLY HB 164 -58.75 -43.36 82.04
N VAL HB 165 -57.82 -43.28 81.09
CA VAL HB 165 -57.81 -42.15 80.16
C VAL HB 165 -59.08 -42.18 79.31
N PRO HB 166 -59.71 -41.05 79.00
CA PRO HB 166 -60.87 -41.06 78.11
C PRO HB 166 -60.48 -41.46 76.69
N LEU HB 167 -61.47 -42.03 75.99
CA LEU HB 167 -61.20 -42.73 74.74
C LEU HB 167 -60.68 -41.79 73.65
N ARG HB 168 -61.20 -40.58 73.57
CA ARG HB 168 -60.76 -39.66 72.52
C ARG HB 168 -59.29 -39.31 72.68
N ARG HB 169 -58.84 -39.13 73.92
CA ARG HB 169 -57.42 -38.93 74.16
C ARG HB 169 -56.63 -40.18 73.77
N ILE HB 170 -57.19 -41.35 74.02
CA ILE HB 170 -56.54 -42.59 73.59
C ILE HB 170 -56.28 -42.54 72.10
N ILE HB 171 -57.31 -42.20 71.32
CA ILE HB 171 -57.16 -42.21 69.87
C ILE HB 171 -56.17 -41.14 69.42
N ARG HB 172 -56.18 -39.99 70.10
CA ARG HB 172 -55.23 -38.93 69.73
C ARG HB 172 -53.79 -39.36 69.98
N LEU HB 173 -53.53 -40.02 71.12
CA LEU HB 173 -52.18 -40.51 71.39
C LEU HB 173 -51.76 -41.58 70.40
N LEU HB 174 -52.69 -42.49 70.06
CA LEU HB 174 -52.37 -43.53 69.09
C LEU HB 174 -52.02 -42.93 67.74
N GLU HB 175 -52.75 -41.90 67.32
CA GLU HB 175 -52.40 -41.24 66.07
C GLU HB 175 -51.05 -40.54 66.14
N GLU HB 176 -50.71 -39.98 67.30
CA GLU HB 176 -49.36 -39.40 67.44
C GLU HB 176 -48.28 -40.46 67.29
N VAL HB 177 -48.49 -41.62 67.92
CA VAL HB 177 -47.54 -42.73 67.79
C VAL HB 177 -47.40 -43.12 66.32
N LEU HB 178 -48.52 -43.24 65.62
CA LEU HB 178 -48.48 -43.61 64.21
C LEU HB 178 -47.76 -42.57 63.38
N ARG HB 179 -47.95 -41.29 63.70
CA ARG HB 179 -47.27 -40.24 62.96
C ARG HB 179 -45.76 -40.32 63.14
N VAL HB 180 -45.31 -40.57 64.37
CA VAL HB 180 -43.88 -40.72 64.60
C VAL HB 180 -43.33 -41.92 63.84
N VAL HB 181 -44.07 -43.04 63.87
CA VAL HB 181 -43.61 -44.24 63.17
C VAL HB 181 -43.53 -43.98 61.67
N ALA HB 182 -44.52 -43.29 61.11
CA ALA HB 182 -44.49 -42.99 59.68
C ALA HB 182 -43.31 -42.08 59.34
N GLU HB 183 -43.01 -41.10 60.20
CA GLU HB 183 -41.85 -40.25 59.95
C GLU HB 183 -40.56 -41.07 59.98
N ALA HB 184 -40.45 -41.99 60.94
CA ALA HB 184 -39.26 -42.83 61.02
C ALA HB 184 -39.10 -43.68 59.77
N LEU HB 185 -40.19 -44.28 59.31
CA LEU HB 185 -40.13 -45.09 58.09
C LEU HB 185 -39.79 -44.25 56.88
N ARG HB 186 -40.27 -43.00 56.84
CA ARG HB 186 -39.91 -42.12 55.74
C ARG HB 186 -38.42 -41.81 55.74
N ARG HB 187 -37.85 -41.59 56.92
CA ARG HB 187 -36.41 -41.29 57.00
C ARG HB 187 -35.57 -42.50 56.59
N ALA HB 188 -36.10 -43.71 56.72
CA ALA HB 188 -35.39 -44.91 56.32
C ALA HB 188 -35.51 -45.22 54.83
N GLY HB 189 -36.20 -44.38 54.07
CA GLY HB 189 -36.33 -44.57 52.65
C GLY HB 189 -37.46 -45.44 52.19
N VAL HB 190 -38.35 -45.86 53.09
CA VAL HB 190 -39.50 -46.67 52.67
C VAL HB 190 -40.39 -45.86 51.76
N PRO HB 191 -40.82 -46.39 50.61
CA PRO HB 191 -41.64 -45.59 49.69
C PRO HB 191 -42.97 -45.21 50.31
N GLU HB 192 -43.50 -44.06 49.88
CA GLU HB 192 -44.70 -43.50 50.49
C GLU HB 192 -45.90 -44.43 50.46
N PRO HB 193 -46.23 -45.11 49.35
CA PRO HB 193 -47.41 -45.99 49.38
C PRO HB 193 -47.34 -47.06 50.46
N GLU HB 194 -46.16 -47.57 50.77
CA GLU HB 194 -46.06 -48.55 51.85
C GLU HB 194 -46.34 -47.91 53.20
N ILE HB 195 -45.93 -46.65 53.40
CA ILE HB 195 -46.26 -45.94 54.63
C ILE HB 195 -47.78 -45.77 54.75
N ARG HB 196 -48.43 -45.42 53.65
CA ARG HB 196 -49.89 -45.29 53.68
C ARG HB 196 -50.54 -46.63 53.96
N LYS HB 197 -49.99 -47.71 53.42
CA LYS HB 197 -50.48 -49.05 53.73
C LYS HB 197 -50.37 -49.34 55.22
N VAL HB 198 -49.24 -48.96 55.82
CA VAL HB 198 -49.05 -49.17 57.25
C VAL HB 198 -50.13 -48.45 58.05
N GLU HB 199 -50.31 -47.17 57.75
CA GLU HB 199 -51.26 -46.37 58.52
C GLU HB 199 -52.69 -46.86 58.32
N ALA HB 200 -53.07 -47.17 57.08
CA ALA HB 200 -54.42 -47.65 56.80
C ALA HB 200 -54.71 -48.96 57.50
N ALA HB 201 -53.73 -49.87 57.50
CA ALA HB 201 -53.90 -51.12 58.24
C ALA HB 201 -54.08 -50.85 59.72
N ALA HB 202 -53.32 -49.88 60.26
CA ALA HB 202 -53.45 -49.54 61.67
C ALA HB 202 -54.84 -49.00 61.98
N TYR HB 203 -55.37 -48.13 61.12
CA TYR HB 203 -56.69 -47.54 61.36
C TYR HB 203 -57.79 -48.58 61.26
N ILE HB 204 -57.70 -49.50 60.29
CA ILE HB 204 -58.71 -50.54 60.17
C ILE HB 204 -58.65 -51.49 61.36
N ARG HB 205 -57.45 -51.80 61.85
CA ARG HB 205 -57.32 -52.62 63.04
C ARG HB 205 -57.94 -51.94 64.25
N LEU HB 206 -57.68 -50.64 64.41
CA LEU HB 206 -58.25 -49.89 65.54
C LEU HB 206 -59.77 -49.81 65.44
N ALA HB 207 -60.30 -49.55 64.25
CA ALA HB 207 -61.75 -49.51 64.07
C ALA HB 207 -62.37 -50.85 64.39
N ALA HB 208 -61.76 -51.95 63.94
CA ALA HB 208 -62.29 -53.27 64.27
C ALA HB 208 -62.24 -53.53 65.76
N TYR HB 209 -61.15 -53.12 66.42
CA TYR HB 209 -61.04 -53.31 67.87
C TYR HB 209 -62.13 -52.55 68.61
N LEU HB 210 -62.40 -51.30 68.20
CA LEU HB 210 -63.47 -50.53 68.84
C LEU HB 210 -64.83 -51.16 68.59
N LEU HB 211 -65.09 -51.59 67.35
CA LEU HB 211 -66.38 -52.16 67.02
C LEU HB 211 -66.63 -53.47 67.74
N ARG HB 212 -65.58 -54.19 68.09
CA ARG HB 212 -65.77 -55.50 68.72
C ARG HB 212 -66.39 -55.36 70.10
N GLN HB 213 -66.02 -54.31 70.84
CA GLN HB 213 -66.51 -54.18 72.21
C GLN HB 213 -68.01 -53.98 72.26
N LEU HB 214 -68.56 -53.20 71.32
CA LEU HB 214 -70.00 -52.98 71.25
C LEU HB 214 -70.76 -54.22 70.84
N GLY HB 215 -70.08 -55.25 70.36
CA GLY HB 215 -70.76 -56.48 69.99
C GLY HB 215 -71.16 -56.53 68.54
N TYR HB 216 -70.28 -56.07 67.66
CA TYR HB 216 -70.48 -56.16 66.21
C TYR HB 216 -69.39 -57.07 65.67
N GLU HB 217 -69.62 -58.37 65.76
CA GLU HB 217 -68.60 -59.33 65.34
C GLU HB 217 -68.51 -59.40 63.82
N ALA HB 218 -69.66 -59.42 63.14
CA ALA HB 218 -69.64 -59.51 61.69
C ALA HB 218 -68.93 -58.32 61.06
N LEU HB 219 -69.20 -57.12 61.56
CA LEU HB 219 -68.56 -55.92 61.05
C LEU HB 219 -67.05 -55.99 61.21
N ALA HB 220 -66.58 -56.42 62.38
CA ALA HB 220 -65.14 -56.50 62.61
C ALA HB 220 -64.49 -57.56 61.72
N LYS HB 221 -65.18 -58.69 61.53
CA LYS HB 221 -64.65 -59.72 60.64
C LYS HB 221 -64.50 -59.20 59.22
N ARG HB 222 -65.50 -58.49 58.71
CA ARG HB 222 -65.41 -57.99 57.35
C ARG HB 222 -64.33 -56.92 57.21
N LEU HB 223 -64.16 -56.09 58.25
CA LEU HB 223 -63.09 -55.10 58.20
C LEU HB 223 -61.72 -55.77 58.19
N LEU HB 224 -61.56 -56.85 58.96
CA LEU HB 224 -60.27 -57.52 58.97
C LEU HB 224 -60.02 -58.31 57.69
N GLU HB 225 -61.08 -58.81 57.06
CA GLU HB 225 -60.93 -59.38 55.72
C GLU HB 225 -60.44 -58.34 54.72
N ALA HB 226 -61.02 -57.14 54.77
CA ALA HB 226 -60.54 -56.06 53.92
C ALA HB 226 -59.08 -55.73 54.20
N ARG HB 227 -58.69 -55.74 55.47
CA ARG HB 227 -57.30 -55.48 55.82
C ARG HB 227 -56.38 -56.56 55.27
N GLU HB 228 -56.79 -57.82 55.36
CA GLU HB 228 -55.99 -58.90 54.81
C GLU HB 228 -55.81 -58.74 53.31
N LEU HB 229 -56.88 -58.40 52.60
CA LEU HB 229 -56.74 -58.14 51.17
C LEU HB 229 -55.84 -56.94 50.90
N LEU HB 230 -55.81 -55.97 51.80
CA LEU HB 230 -54.96 -54.80 51.58
C LEU HB 230 -53.49 -55.15 51.74
N LEU HB 231 -53.14 -55.88 52.80
CA LEU HB 231 -51.74 -56.16 53.07
C LEU HB 231 -51.11 -57.10 52.05
N GLU HB 232 -51.93 -57.82 51.28
CA GLU HB 232 -51.46 -58.72 50.24
C GLU HB 232 -51.19 -58.01 48.92
N GLY HB 233 -51.42 -56.70 48.84
CA GLY HB 233 -51.21 -55.97 47.63
C GLY HB 233 -52.45 -55.78 46.78
N ARG HB 234 -53.53 -56.50 47.06
CA ARG HB 234 -54.78 -56.36 46.33
C ARG HB 234 -55.50 -55.12 46.85
N VAL HB 235 -55.10 -53.96 46.32
CA VAL HB 235 -55.67 -52.70 46.80
C VAL HB 235 -57.12 -52.56 46.35
N GLU HB 236 -57.44 -52.97 45.13
CA GLU HB 236 -58.75 -52.70 44.56
C GLU HB 236 -59.84 -53.49 45.27
N GLU HB 237 -59.60 -54.78 45.51
CA GLU HB 237 -60.58 -55.57 46.26
C GLU HB 237 -60.70 -55.06 47.69
N ALA HB 238 -59.59 -54.60 48.27
CA ALA HB 238 -59.64 -54.00 49.60
C ALA HB 238 -60.55 -52.78 49.63
N ALA HB 239 -60.38 -51.88 48.67
CA ALA HB 239 -61.20 -50.67 48.63
C ALA HB 239 -62.67 -50.99 48.38
N HIS HB 240 -62.95 -51.94 47.48
CA HIS HB 240 -64.33 -52.30 47.21
C HIS HB 240 -65.01 -52.91 48.43
N LEU HB 241 -64.35 -53.88 49.07
CA LEU HB 241 -64.96 -54.51 50.23
C LEU HB 241 -65.07 -53.54 51.40
N LEU HB 242 -64.09 -52.64 51.54
CA LEU HB 242 -64.16 -51.60 52.57
C LEU HB 242 -65.33 -50.68 52.33
N GLU HB 243 -65.56 -50.25 51.09
CA GLU HB 243 -66.67 -49.36 50.82
C GLU HB 243 -68.01 -50.05 51.06
N ASP HB 244 -68.11 -51.35 50.76
CA ASP HB 244 -69.36 -52.05 51.03
C ASP HB 244 -69.64 -52.12 52.53
N VAL HB 245 -68.64 -52.52 53.32
CA VAL HB 245 -68.88 -52.62 54.76
C VAL HB 245 -69.12 -51.23 55.35
N TYR HB 246 -68.44 -50.20 54.84
CA TYR HB 246 -68.66 -48.85 55.33
C TYR HB 246 -70.06 -48.36 55.01
N ALA HB 247 -70.57 -48.69 53.82
CA ALA HB 247 -71.94 -48.28 53.49
C ALA HB 247 -72.95 -48.92 54.41
N LEU HB 248 -72.80 -50.22 54.70
CA LEU HB 248 -73.73 -50.85 55.63
C LEU HB 248 -73.62 -50.24 57.02
N PHE HB 249 -72.39 -49.99 57.47
CA PHE HB 249 -72.17 -49.41 58.79
C PHE HB 249 -72.75 -48.01 58.88
N HIS HB 250 -72.60 -47.21 57.84
CA HIS HB 250 -73.09 -45.85 57.87
C HIS HB 250 -74.61 -45.81 57.85
N ARG HB 251 -75.24 -46.71 57.10
CA ARG HB 251 -76.69 -46.82 57.19
C ARG HB 251 -77.12 -47.17 58.61
N GLU HB 252 -76.39 -48.08 59.26
CA GLU HB 252 -76.72 -48.42 60.64
C GLU HB 252 -76.54 -47.23 61.57
N ILE HB 253 -75.52 -46.42 61.34
CA ILE HB 253 -75.30 -45.23 62.16
C ILE HB 253 -76.43 -44.22 61.98
N GLU HB 254 -76.79 -43.95 60.72
CA GLU HB 254 -77.88 -43.03 60.44
C GLU HB 254 -79.21 -43.56 60.95
N ARG HB 255 -79.33 -44.87 61.17
CA ARG HB 255 -80.56 -45.41 61.74
C ARG HB 255 -80.81 -44.84 63.13
N LEU HB 256 -79.76 -44.69 63.92
CA LEU HB 256 -79.91 -44.24 65.31
C LEU HB 256 -80.11 -42.73 65.44
N GLY HB 257 -80.05 -41.99 64.34
CA GLY HB 257 -80.41 -40.57 64.39
C GLY HB 257 -79.41 -39.75 65.20
N PHE HB 258 -79.95 -38.94 66.10
CA PHE HB 258 -79.13 -38.11 67.00
C PHE HB 258 -78.90 -38.81 68.34
N GLU HB 259 -78.36 -40.02 68.25
CA GLU HB 259 -77.97 -40.82 69.40
C GLU HB 259 -77.11 -41.97 68.91
N ALA HB 260 -75.97 -42.17 69.56
CA ALA HB 260 -75.08 -43.28 69.25
C ALA HB 260 -73.97 -43.36 70.28
N PRO HB 261 -73.55 -44.56 70.70
CA PRO HB 261 -72.42 -44.67 71.62
C PRO HB 261 -71.19 -44.01 71.05
N GLU HB 262 -70.32 -43.54 71.94
CA GLU HB 262 -69.16 -42.76 71.51
C GLU HB 262 -68.21 -43.59 70.64
N GLU HB 263 -68.10 -44.89 70.91
CA GLU HB 263 -67.19 -45.72 70.13
C GLU HB 263 -67.63 -45.82 68.67
N LEU HB 264 -68.95 -45.85 68.41
CA LEU HB 264 -69.42 -45.79 67.03
C LEU HB 264 -68.99 -44.50 66.36
N ARG HB 265 -69.11 -43.38 67.08
CA ARG HB 265 -68.74 -42.09 66.52
C ARG HB 265 -67.25 -42.04 66.19
N VAL HB 266 -66.41 -42.59 67.07
CA VAL HB 266 -64.97 -42.59 66.80
C VAL HB 266 -64.63 -43.52 65.66
N ALA HB 267 -65.27 -44.70 65.62
CA ALA HB 267 -65.03 -45.65 64.55
C ALA HB 267 -65.41 -45.07 63.20
N ASP HB 268 -66.45 -44.23 63.16
CA ASP HB 268 -66.84 -43.59 61.90
C ASP HB 268 -65.70 -42.76 61.33
N LEU HB 269 -65.07 -41.94 62.17
CA LEU HB 269 -63.97 -41.11 61.69
C LEU HB 269 -62.75 -41.96 61.34
N LEU HB 270 -62.50 -43.01 62.11
CA LEU HB 270 -61.38 -43.90 61.81
C LEU HB 270 -61.55 -44.57 60.46
N LEU HB 271 -62.77 -45.08 60.19
CA LEU HB 271 -63.06 -45.71 58.91
C LEU HB 271 -62.95 -44.72 57.76
N ALA HB 272 -63.43 -43.49 57.96
CA ALA HB 272 -63.29 -42.48 56.91
C ALA HB 272 -61.83 -42.23 56.58
N ARG HB 273 -60.98 -42.12 57.61
CA ARG HB 273 -59.56 -41.87 57.34
C ARG HB 273 -58.90 -43.07 56.67
N ALA HB 274 -59.27 -44.28 57.09
CA ALA HB 274 -58.73 -45.48 56.44
C ALA HB 274 -59.09 -45.52 54.97
N ILE HB 275 -60.33 -45.19 54.64
CA ILE HB 275 -60.76 -45.18 53.25
C ILE HB 275 -60.01 -44.11 52.47
N ALA HB 276 -59.82 -42.93 53.06
CA ALA HB 276 -59.08 -41.88 52.38
C ALA HB 276 -57.65 -42.31 52.09
N LEU HB 277 -56.99 -42.93 53.06
CA LEU HB 277 -55.61 -43.37 52.87
C LEU HB 277 -55.52 -44.44 51.80
N ILE HB 278 -56.44 -45.42 51.82
CA ILE HB 278 -56.40 -46.47 50.80
C ILE HB 278 -56.61 -45.88 49.42
N LYS HB 279 -57.55 -44.95 49.29
CA LYS HB 279 -57.78 -44.30 48.00
C LYS HB 279 -56.56 -43.51 47.55
N ALA HB 280 -55.80 -42.96 48.49
CA ALA HB 280 -54.63 -42.14 48.12
C ALA HB 280 -53.39 -42.97 47.81
N ILE HB 281 -53.40 -44.28 48.06
CA ILE HB 281 -52.26 -45.14 47.75
C ILE HB 281 -51.94 -45.05 46.27
#